data_8IPB
#
_entry.id   8IPB
#
loop_
_entity.id
_entity.type
_entity.pdbx_description
1 polymer '18S ribosomal RNA'
2 polymer '40S ribosomal protein eS24'
3 polymer '40S ribosomal protein eS8'
4 polymer '40S ribosomal protein eS10'
5 polymer '40S ribosomal protein uS12'
6 polymer RACK1
7 polymer '40S ribosomal protein uS3'
8 polymer '40S ribosomal protein eS4'
9 polymer '40S ribosomal protein uS7'
10 polymer '40S ribosomal protein uS9'
11 polymer '40S ribosomal protein uS10'
12 polymer '40S ribosomal protein uS11'
13 polymer '40S ribosomal protein uS13'
14 polymer '40S ribosomal protein uS15'
15 polymer '40S ribosomal protein eS17'
16 polymer '40S ribosomal protein eS19'
17 polymer '40S ribosomal protein uS19'
18 polymer '40S ribosomal protein eS25'
19 polymer '40S ribosomal protein eS28'
20 polymer '40S ribosomal protein uS8'
21 polymer '40S ribosomal protein uS14'
22 polymer '40S ribosomal protein eS27'
23 polymer '40S ribosomal protein eS30'
24 polymer '40S ribosomal protein uS2'
25 polymer '40S ribosomal protein eS1'
26 polymer '40S ribosomal protein eS21'
27 polymer '40S ribosomal protein eS26'
28 polymer '40S ribosomal protein uS4'
29 polymer '40S ribosomal protein uS5'
30 polymer '40S ribosomal protein eS6'
31 polymer '40S ribosomal protein eS7'
32 polymer '40S ribosomal protein uS17'
33 polymer '40S ribosomal protein eL8'
34 polymer '60S ribosomal protein eL21'
35 polymer '60S ribosomal protein eL27'
36 polymer '60S ribosomal protein uL2'
37 polymer '60S ribosomal protein uL5'
38 polymer '60S ribosomal protein uL6'
39 polymer '60S ribosomal protein uL14'
40 polymer '60S ribosomal protein eL15'
41 polymer '60S ribosomal protein uL15'
42 polymer '60S ribosomal protein eL18'
43 polymer '60S ribosomal protein uL18'
44 polymer '60S ribosomal protein eL19'
45 polymer '60S ribosomal protein uL22'
46 polymer '60S ribosomal protein uL23'
47 polymer '60S ribosomal protein eL24'
48 polymer '60S ribosomal protein uL24'
49 polymer '60S ribosomal protein eL28'
50 polymer '60S ribosomal protein eL30'
51 polymer '60S ribosomal protein eL31'
52 polymer '60S ribosomal protein eL32'
53 polymer '60S ribosomal protein eL37'
54 polymer '60S ribosomal protein eL39'
55 polymer '60S ribosomal protein eL42'
56 polymer '60S ribosomal protein eL14'
57 polymer '60S ribosomal protein eL20'
58 polymer '60S ribosomal protein eL22'
59 polymer '60S ribosomal protein eL36'
60 polymer '60S ribosomal protein uL29'
61 polymer '60S ribosomal protein uL30'
62 polymer '60S ribosomal protein uL3'
63 polymer '60S ribosomal protein uL4'
64 polymer '60S ribosomal protein uL13'
65 polymer '60S ribosomal protein eL43'
66 polymer '60S ribosomal protein uL16'
67 polymer '60S ribosomal protein eL41'
68 polymer '60S ribosomal protein eL40'
69 polymer '60S ribosomal protein eL13'
70 polymer '60S ribosomal protein eL6'
71 polymer '60S ribosomal protein eL33'
72 polymer '60S ribosomal protein eL38'
73 polymer '60S ribosomal protein eL29'
74 polymer '60S ribosomal protein eL34'
75 polymer '60S ribosomal RNA'
76 polymer '5.8S ribosomal RNA'
77 polymer '5S ribosomal RNA'
78 polymer mRNA
79 polymer tRNAi
80 non-polymer 'MAGNESIUM ION'
81 non-polymer 'ZINC ION'
82 non-polymer 4-{(2R)-2-[(1S,3S,5S)-3,5-dimethyl-2-oxocyclohexyl]-2-hydroxyethyl}piperidine-2,6-dione
#
loop_
_entity_poly.entity_id
_entity_poly.type
_entity_poly.pdbx_seq_one_letter_code
_entity_poly.pdbx_strand_id
1 'polyribonucleotide'
;UACCUGGUUGAUCCUGCCAGUAGUCAUAUGCUUGUCUCAAAGAUUAAGCCAUGCAUGUGCAAGUAUGAACCAAUUUGAAC
UGUGAAACUGCGAAUGGCUCAUUAAAUCAGUUAUAGUUUGUUUGAUGGUACGUGCUACUCGGAUAACCGUAGUAAUUCUA
GAGCUAAUACGUGCAACAAACCCCGACUUCUGGGAGGGGCGCAUUUAUUAGAUAAAAGGCUGACGCGGGCUCUGCUCGCU
GAUCCGAUGAUUCAUGAUAACUCGACGGAUCGCACGGCCUUCGUGCCGGCGACGCAUCAUUCAAAUUUCUGCCCUAUCAA
CUUUCGAUGGUAGGAUAGGGGCCUACCAUGGUGGUGACGGGUGACGGAGAAUUAGGGUUCGAUUCCGGAGAGGGAGCCUG
AGAAACGGCUACCACAUCCAAGGAAGGCAGCAGGCGCGCAAAUUACCCAAUCCUGACACGGGGAGGUAGUGACAAUAAAU
AACAAUACCGGGCGCAUUAGUGUCUGGUAAUUGGAAUGAGUACAAUCUAAAUCCCUUAACGAGGAUCCAUUGGAGGGCAA
GUCUGGUGCCAGCAGCCGCGGUAAUUCCAGCUCCAAUAGCGUAUAUUUAAGUUGUUGCAGUUAAAAAGCUCGUAGUUGGA
CCUUGGGCCGGGUCGGCCGGUCCGCCUCACGGCGAGCACCGACCUACUCGACCCUUCGGCCGGCAUCGCGCUCCUAGCCU
UAAUUGGCCGGGUCGUGUUUCCGGCAUCGUUACUUUGAAGAAAUUAGAGUGCUCAAAGCAAGCCAUCGCUCUGGAUACAU
UAGCAUGGGAUAACAUCAUAGGAUUCCGGUCCUAUUGUGUUGGCCUUCGGGAUCGGAGUAAUGAUUAAUAGGGACAGUCG
GGGGCAUUCGUAUUUCAUAGUCAGAGGUGAAAUUCUUGGAUUUAUGAAAGACGAACAACUGCGAAAGCAUUUGCCAAGGA
UGUUUUCAUUAAUCAAGAACGAAAGUUGGGGGCUCGAAGACGAUCAGAUACCGUCCUAGUCUCAACCAUAAACGAUGCCG
ACCAGGGAUCGGCGGAUGUUGCUUAUAGGACUCCGCCGGCACCUUAUGAGAAAUCAAAGUCUUUGGGUUCCGGGGGGAGU
AUGGUCGCAAGGCUGAAACUUAAAGGAAUUGACGGAAGGGCACCACCAGGCGUGGAGCCUGCGCUUAAUUUGACUCAACA
CGGGGAAACUUACCAGGUCCAGACAUAGCAAGGAUUGACAGACUGAGAGCUCUUUCUUGAUUCUAUGGGUGGUGGUGCAU
GGCCGUUCUUAGUUGGUGGAGCGAUUUGUCUGGUUAAUUCCGUUAACGAACGAGACCUCAGCCUGCUAACUAGCUAUGCG
GAGCCAUCCCUCCGCAGCUAGCUUCUUAGAGGGACUAUGGCCGUUUAGGCCACGGAAGUUUGAGGCAAUAACAGGUCUGU
CAUGCCCUUAGAUGUUCUGGGCCGCACGCGCGCUACACUGAUGUAUUCAACGAGUAUAUAGCCUUGGCCGACAGGCCCGG
GUAAUCUUGGGAAAUUUCAUCGUGAUGGGGAUAGAUCAUUGCAAUUGUUGGUCUUCAACGAGGAAUGCCUAGUAAGCGCG
AGUCAUCAGCUCGCGUUGACUACGUCCCUGCCCUUUGUACACACCGCCCGUCGCUCCUACCGAUUGAAUGGUCCGGUGAA
GUGUUCGGAUCGCGGCGACGGGGGCGGUUCGCCGCCCCCGACGUCGCGAGAAGUCCAUUGAACCUUAUCAUUUAGAGGAA
GCAGAAGUCGUAACAAGGUUUCCGUAGGUGAACCUGCGGAAGGAUCAUUG
;
aa
2 'polypeptide(L)'
;MADAKTAPAVTLRTRKFMTNRLLSRKQFVLEVIHPGRANVSKADLKERLAKIYEVKDSNCIFVFKFRTHFGGGKSTGFGL
IYDNLEAAKKFEPKYRLIRNGLATKVEKSRKQIKERKNRTKKIRGVKKTKAGDAKKK
;
ba
3 'polypeptide(L)'
;MGISRDSMHKRRATGGKQKAWRKKRKYELGRQPANTKLSSNKTVRRVRVRGGNVKWRALRLDTGNFSWGSEAVTRKTRLL
DVVYNSSNNELVRTQTLVKNAIVQVDAAPFKQWYLTHYGVEIGRKKKAAAAAKKEPAEGQEAEVAAAATEEAKKSNNVQR
KLEKRQQGRTLDSHIEEQFSGGRLLACISSRPGQCGRADGYILEGKELEFYMRKLQKKKGKGATA
;
ca
4 'polypeptide(L)'
;MIISKKNRNEICKYLFQEGVLYAKKDYNLAKHPQIDVPNLQVIKLMQSFKSKEYVRETFSWQHYYWYLTNDGIEFLRNFL
NLPSEIVPATLKKSARPPGRPLGSGPPGDRPRGPPRFEGDRPRYGDRDGYRGGPRGAPGDFGGEKGGAPAEFQPSFRSSG
GGGFGRGGGGGFGRGGGGGGGFGASPME
;
da
5 'polypeptide(L)'
;MGKTRGMGAGRKLKTHRRNQRWADKAYKKSHLGNEWKKPFAGSSHAKGIVLEKIGIEAKQPNSAIRKCARVQLVKNGKKI
AAFVPNDGCLNFIEENDEVLIAGFGRKGHAVGDIPGVRFKVVKVSGVSLLALFKEKKEKPRS
;
ga
6 'polypeptide(L)'
;MAGAQESLVYAGVMRGHNDVVTAIATPIDNSPFIVSSSRDKSLLVWDLTNPIQATQDSSSEYGVPFRRLTGHGHFVQDVV
LSSDGQFALSGSWDGELRLWDLSTGVTTRRFVGHEKDVLSVAFSIDNRQIVSASRDRTIKLWNTLGECKYTIGGDLGGGE
GHTGWVSCVRFSPNNFAPTIVSGSWDRSVKVWNLTNCKLRCTLDGHGGYVSAVAVSPDGSLCASGGKDGVTLLWDLTEGK
RLYSLDAGSIINSLCFSPNRYWLCAATQDSIKIWDLESKHIVQDLRPEVPVSTKQMLYCTCLSWSADGSTLYAGYTDGTI
RIYKISGFSYSS
;
ha
7 'polypeptide(L)'
;MATQISKKKKFVSDGVFYAELNEMLTRELAEDGYSGVEVRVTPMRTEIIIRATRTQNVLGEKGRRIRELTSVVQKRFNFL
ENGVELYAEKVVNRGLCAIAQAESLRYKLLGGLAVRRACYGVLRFVMESGAKGCEVIVSGKLRAQRAKSMKFKDGYMISS
GQPVNEYIDAAVRHVLLRQGVLGIKVKIMLDWDPKGKLGPTTPLPDLVTIHPPKEENELRPPALVEV
;
ia
8 'polypeptide(L)'
;MARGLKKHLKRLNAPSHWMLDKLGGAFAPKPSSGPHKARECLPLILILRNRLKYALTYREVQSILMQRHIMVDGKVRTDK
TYPAGFMDIISIPKTGENYRLLYDTKGRFRLHSVRDEDAKFKLCKVRSVQFGQKGIPYLNTYDGRTIRYPDPLIKANDTI
KLDLETNKIVDFIKFDVGNVVMVTGGRNTGRVGVIKNREKHKGTFETIHVEDAQGHQFATRLGNVFTIGKGTKPWVSLPK
GKGIKLTIIEEQRKRDAAAQAAAKA
;
ja
9 'polypeptide(L)'
;MAVVEPVPGGDVKLFNRWTFEDVQVSDISLNDYLAVTSMKHYTFLPHSAGRYSAKRFRKAQCPIIERLTNSLMMHGRNNG
KKIMAVRIIKHTMEIIHLLTDANPIQIIVDAIINSGPREDATRIGSAGVVRRQAVDISPLRRVNQAIYLLTTGARESAFR
NVKTIAECLADELINAAKGSSNSYAIKKKDEIERVAKANR
;
ka
10 'polypeptide(L)'
;MAAVLTRPTPGTVQCFGRKKTAVAVAYCKPGRGLIKVNGAPIELIRPEMLRLKAFEPILLAGRSRFKDIDMRIRVRGGGK
TSQIYSIRQAIAKSLVAYYQKYVDEAAKKEVKEIFARYDRTLLVADPRRCEPKKFGGRGARARFQKSYR
;
la
11 'polypeptide(L)'
;MATELAYAPPMKSGKLGFEGTQEVQHRIRITLSSKSVKNLEKVCSDLVKGAKEKQLKVKGPVRMPTKVLNITTRKSPCGE
GTNTWDRFEMRVHKRVIDLVSSPDVVKQITSITIEPGVEVEVTISDQ
;
ma
12 'polypeptide(L)'
;MSSKRKTREPKEENVTLGPAVREGEHVFGVAHIFASFNDTFIHVTDLSGRETLVRITGGMKVKADRDESSPYAAMLASQD
VATRCKELGITALHIKLRATGGNKTKTPGPGAQSALRALARSGMKIGRIEDVTPVPTDSTRRKGGRRGRRL
;
na
13 'polypeptide(L)'
;MSLIAGEEFQHILRVLNTNVDGKQKIMFALTSIKGVGRRFSNIVCKKADIDMNKRAGELSAEEMDRLMAVVHNPRQFKVP
DWFLNRKKDYKDGRFSQVVSNAVDMKLRDDLERLKKIRNHRGLRHYWGVRVRGQHTKTTGRRGKTVGVSKKR
;
oa
14 'polypeptide(L)'
;MGRMHSRGKGISSSALPYKRTPPSWVKTAVADVDELITKAAKKGQMPSQIGVLLRDQHGIPLVKSVTGSKILRILKAHGL
APEIPEDLYFLIKKAVAIRKHLERNRKDKDSKFRLILVESRIHRLARYYKRTKKLPPTWKYESATASTLVA
;
pa
15 'polypeptide(L)'
;MGRVRTKTVKKTSRQVIEKYYSRMTLDFHTNKKVLEEVSILQSKRLRNKVAGFTTHLMRRIQRGPVRGISLKLQEEERER
RMDFVPEKSALEVDEIRVDKETMDMLAFLGMADLPGVERAPEVTSSAAPYRQPFNGPRGGNRA
;
qa
16 'polypeptide(L)'
;MATVPAPAAETAASTARTVKDVNPHEFVKAYSAHLKRSGKMELPEWVDIVKTARFKELPPSDADWYYIRAASMARKIYLR
QGIGIGGFQKIYGGRQRNGSRPPHFCKSSGAVSRNILQELQKMGIIDVDPKGGRLITSQGRRDLDQVAGTVPAEF
;
ra
17 'polypeptide(L)'
;MADVDVDTEVAAGAQPKKRTFRKFSYRGVDLDALLDMSTDDLVQMFPARARRRFKRGLKRKPMALVKKLRKAKKDAPAGE
KPEPVRTHLRNMIIVPEMIGSLIGVYNGKTFNQVEIKPEMIGHYLAEFSISYKPVKHGRPGIGATHSSRFIPLK
;
sa
18 'polypeptide(L)'
;MAPKKEKAPAASSKPAKSGGGKQKKKKWSKGKQKEKVNNAVLFDQATYDKLLTEVPKYKQITPSVLSERLRINGSLARRA
IKDLMERGLIRMVSIHSSQQIFTRATNT
;
ta
19 'polypeptide(L)'
;RGRLHRCSRSSDPPSPTPQESMDTQVKLAVVVKVMGRTGSRGQVTQVRVKFLDDQNRLIMRNVKGPVREGDILTLLESER
EARRLR
;
ua
20 'polypeptide(L)'
;MGRRILNDALRTMVNAERRGKATAQLQPISGVMISFLNIMKHRGYIKNFEVFDPHRVGKITVELQGRIKDCKALTYRQDL
RATEIEKYRTRMLPTRQWGYVVVTTPNGVLDHEEAIRQNVGGQVLGYFH
;
va
21 'polypeptide(L)' MGHSNVWNSHPKNYGAGSRVCRVCGNSHGLIRKYGLMCCRQCFRSNAKDIGFIKYR wa
22 'polypeptide(L)'
;MVLQNDIDLLNPPAELEKLKHKKKRLVQSPNSFFMDVKCQGCFNITTVFSHSQTVVVCPGCQTVLCQPTGGKARLTEGCS
FRRKGD
;
xa
23 'polypeptide(L)' MGKVHGSLARAGKVRGQTPKVAKQDKKKQPRGRAHKRIQYNRRFVTAVVGFGKKRGPNSSEK ya
24 'polypeptide(L)'
;MAAAAGEAPRALSQKEQDIQMMLAADVHLGTKNCDFQMERYAYKRRSDGIYIINLGKTWEKLQLAARVIVAIENPQDIIV
QSARPYGQRAVLKFAQHTGANAIAGRHTPGTFTNQMQTSFSEPRLLILTDPRTDHQPIKESALGNIPTIAFCDTDSPMRY
VDIGIPANNKGRNSIGCLYWLLARMVLQMRGTILPGHKWDVMVDLFFYRDPEEAKEQEDEAAGAPEYAAITDYGAAAGQW
GGDQWTSDAPAPPPVTGGEWPMAEAPVAGGDGWDAAGAPVAVEGAVPAPVVAATGWDAAVQPPAQGWE
;
za
25 'polypeptide(L)'
;MAVGKNKRISKGRKGSKKKAVDPFTKKQWYDIKAPLLFTSRNVGKTLVSRTQGTKIASEGLKHRVFEVSLADLQNDEDQA
YRKIRLRAEDVQGMNVLTNFWGMDFTTDKLRSLVRKWQTLIEAHVDVKTTDNYMLRMFAIGFTKRRPNQVKRTCYAQASQ
IRQIRRKMVEIMVNQAASCDLKELVNKFIPEVIGKEIEKATSSIFPLQNVYVRKVKILKAPKFDLGKLMEVHGDYKEDVG
VKLDRPADGDEVIPGAEEVAAAE
;
bb
26 'polypeptide(L)'
;MQNEVGDMVDLYVPRKCSATNRIITAKDHASVQINIGHVDENGLYDGRFTTFALSGFVRAQGDADGSLDRLWQKRKAEIK
QL
;
cb
27 'polypeptide(L)'
;MTFKRRNGGRNKHGRGHVKYIRCSNCAKCCPKDKAIKRFLVRNIVEQAAVRDVQEACVHDGYVLPKLYAKVHHCVSCAIH
AHIVRVRSRENRRNREPPQRFRRRDDGPRPGQGGPPRAGGPGAPGGAPAGAGAVPGAPGGAPAGAGAVPGAPAPRV
;
db
28 'polypeptide(L)'
;MVHVNFYRNYGKTFKKPRRPYEKERLDAELKLVGEYGLRCKRELWRVQYALSRIRNAARHLLTLDEKNPRRIFEGAALLR
RMNRYGLLAEGQDKLDYVLALTAENFLARRLQTLVFKAGMAKSIHHARVLIRQRHIRVGRQIVNVPSFMVRVESEKHIDF
SLTSPFGGGPAGRVKRKNQKKASGGGDAGGDEEEE
;
eb
29 'polypeptide(L)'
;MADRGGERGVDRGGFGRGFGRGGRGDRGGRRGGRRGPRQEEEKWVPVTKLGRLVKEGRFTKMEEIYLHSLPVKEHQIVET
LCPGLKDEVMKITPVQKQTRAGQRTRFKAFVVVGDSNGHVGLGVKCAKEVATAIRGAIILAKLSIVPVRRGYWGNKIGLP
HTVPCKVTGKCGSVTVRMVPAPRGSGIVAARVPKKVLQFAGIDDVFTSSRGSTKTLGNFVKATFDCLMKTYGFLTPDFWR
ETTFTKAPYQEFTDILAKPTKALMLDAPAEKVEA
;
fb
30 'polypeptide(L)'
;MKLNIANPTTGCQKKVEIDDDMKLRNLYDKRISQEVVGDLLGEEFEGYIFKIMGGCDKQGFPMKQGVLTPGRVRLLLHRG
TSCFRGHGRRVGERRRKSVRGCIVSQDLSVINLVIVKKGKNDLPGLTDTEKPRMRGPKRASKIKKLFNLGKDDDVRQYVN
TYRRSFTNKKGKTVSKAPKIQRLVTPLTLQRKRARIADKKKRIAKKKSEAAEYQKLLAQRLKEQRDRRSESMAKRRSKLS
AATKAPAASA
;
gb
31 'polypeptide(L)'
;MYTARKKIQKDKGVEPSEFEDTVAQAFFDLENGNQELKSDLKDLYINTAIQMDVVGNRKAVVIHVPYRLRKPFRKIHVRL
VRELEKKFSGKDVVFVATRRIVRPPKKGSAVQRPRTRTLTAVHDGILEDVVYPAEIVGKRVRYRLDGAKVIKIYLDPKER
NNTEYKLETFSAVYRRLCGKDVVFEYPVTETA
;
hb
32 'polypeptide(L)'
;MAEQTEKSFLKQPKVFLSTKKADKAKRPGKAGNRFWKSVGLGFKTPREAIDGTYIDKKCPFTGTVAIRGRIIAGTCHSAK
MNRTIIVRRNYLHFVKKYQRYEKRHSNIPAHISPCFRVKEGDHVIIGQCRPLSKTVRFNVLKVVPAGTTGGGKKAFIAA
;
ib
33 'polypeptide(L)'
;MAPKRGGKAPVPAKKKTDKVTNPLFEKRPKQFGIGGALPPKKDLHRFVKWPKVVRIQRQRRILKQRLKVPPALHQFTRTL
DKNLATNLFKMLLKYRPEDKAAKKERLLKRAQAEAEGKTVEAKKPIVVKYGLNHVTYLIEQSKAQLVVIAHDVDPIELVV
WLPALCRKMEVPYCIVKGKSRLGSIVHKKTASVLCLTTVKNEDKLEFSKILEAIKANFNDKFDEVRKKWGGGVMGSKSQA
KTKARERLIAKEAAQRMN
;
AA
34 'polypeptide(L)'
;MPAGHGLRSRTRDLFARPFRKKGYIPLTTYLRTYKVGEHVDVKVNGAVHKGMPHKFYHGRTGRVWNVTKRAIGVEINKQV
GNRIIKKRIHVRVEHVQPSRCNEEFLQRKLNNDKLKAEAKVRGEVISTKRQPAGPKPGFMVEGTTIETVTPIPYDVVNDL
KGGY
;
BA
35 'polypeptide(L)'
;MVKFLKPGKAVILLQGRFAGRKAVIVRVFEEGTRDRPYGHCLVAGLAKYPKKVIRKDSAKKTAKKSRVKCFLKLVNFTHI
MPTRYTLDVDFKDVASGGPDALATRDKKVASCKAAKARLEERFKTGKNRWFFTKLRF
;
CA
36 'polypeptide(L)'
;MGRVIRAQRKGAGSVFKSHTHHRKGPARFRSLDFGERNGYLKGVVTDVIHDPGRGAPLAKVTFRHPFRYKHQKELFVAAE
GMYTGQFVYCGRRATLSVGNVLPLRSVPEGGVICNVEHHVGDRGVFARASGDYAIVISHNPDNGTSRIKLPSGAKKIVPS
SCRAMIGQVAGGGRTEKPMLKAGNAYHKYRVKRNSWPKVRGVAMNPVEHPHGGGNHQHIGHASTVRRDAPPGQKVGLIAA
RRTGRLRGQAAASAAKADKAT
;
DA
37 'polypeptide(L)'
;MSTEKKQLNPMREIKVQKLVLNISVGESGDRLTRAAKVLEQLSGQSPVFSKARYTVRSFGIRRNEKIACYVTIRGEKAMQ
LLESGLKVKEYELLRRNFSDTGCFGFGIQEHIDLGMKYDPSTGIYGMDFFVVLERAGYRVSRRRRCKARVGIHQRVTKED
AMKWFQVKYEGVILNKSHAS
;
EA
38 'polypeptide(L)'
;MKTILASETMEIPEEVTVKVSAKMISVTGPRGTLTRNFKHLNLDFQLQEGGRKLKVDAWFGTRKTMAAIRTAISHVQNLI
TGVTKGFRYKMRFVYAHFPINASITAANRGIEIRNFLGEKKVRKVDMLDGVTILRSEKVKDEIVLDGNDIELVSRSAALI
NQKCHVKNKDIRKFLDGIYVSDKGAIKEE
;
FA
39 'polypeptide(L)'
;MSKRGRGGSAGNKFRMSLGLPVAATVNCADNTGAKNLYIISVKGIKGRLNRLPSACVGDMVMATVKKGKPDLRKKVMPAV
IVRQRKPWRRKDGVFMYFEDNAGVIVNPKGEMKGSAITGPIGKECADLWPRIASAANAIV
;
GA
40 'polypeptide(L)'
;MGAYKFVSELWRRKQSDVMRFVQRVRCWEYRQQPAIVRITRPTRPDRARRLGFKAKQGYVVYRIRVRRGGRKRPVPKGIV
YGKPKHQGITQLKFQRNKRSVAEERAGRRLGGLRVLNSYWVNEDSTYKYFEVILVDVAHSAVRNDPRINWLCKPVHKHRE
LRGLTSAGKKFRGLRGKGHRHHKNRPSRRATWKRNQTVSLRRYR
;
HA
41 'polypeptide(L)'
;MTTRFKKNRKKRGHVSAGHGRVGKHRKHPGGRGNAGGMHHHRILFDKYHPGYFGKVGMRYFHKLSNRFYTPTVNVERLWS
MVPSDKAAEAGGDKAPVVDVSQFGYFKVLGKGMLPEKPIVVKAKLISKIAEKKIKAAGGAVVLVA
;
IA
42 'polypeptide(L)'
;MGIDLVAGGRNKRTKRTAPKSDDVYLKLLVKLYRFLVRRTKSQFNAVILKRLFMSKTNRPPLSMRRLVRFMEGKEDKIAV
IVGTITDDQRVYEIPAMKVAALRFTETARARIVNAGGECLTFDQLALRAPLGQNTLLLRGPKNAREAVRHFGKAPGVPHS
HTKPYVRSKGRKFEKARGRRNSRGFKV
;
JA
43 'polypeptide(L)'
;MVFVKNQKTRAYSKRFQVKFKRRRQGKTDYRARLRLTNQDKNKYNTPKYRFVVRFTNKDVTAQIVYATIAGDIVMAAAYS
HELPRYGLEVGLTNYAAAYCTGLLLARRVLKCRDLDQEYEGNVEATGEDFSVEPADERRPFRALLDVGLIRTTTGNRVFG
ALKGALDGGLDIPHSDKRFAGFKKDEKQLDAEIHRKYIYGGHVADYMKSLADEEPEKYQSHFSEYIKKGIEADNMEALYK
KVHAAIRADPTMAKSTKEPPKTHKRYNPKKLTYEQRKASLVERLNALNSSAGADVDEDDDE
;
KA
44 'polypeptide(L)'
;MVSLKLQKRLASSVLKCGKGKVWLDPNEVNEISMANSRQNIRKLVKDGFIIRKPQKIHSRSRARRAHEAKQKGRHSGYGK
RRGTREARLPTKILWMRRMRVLRRLLRKYREAKKIDKHMYHDMYLKVKGNMFKNKRVLMESIHKSKAEKAREKTLSDQFE
AKRAKSKASRERKHARREERLAQGPRDHAPAPAAAAPAPAPAAAAPKKAKAKK
;
LA
45 'polypeptide(L)'
;MVKYSTDPANPTKSAKAMGRDLRVHFKNTRETAFALRKMSLNKAKRYLEDVLAHKQAIPFRRYCRGVGRTAQVKNRQPNG
QGRWPAKSAKFVLDLLKNAESNAEVKGLDVDALYISHIQVNQAQKQRRRTYRAHGRINPYMSNPCHIELILSEKEEPVKK
EAESQIARKA
;
MA
46 'polypeptide(L)'
;MAPKVAVAKKGDAKAQAAKVAKAVKSGSIKKTAKKIRTSVTFHRPKTLSKARDPKYPRISTPGRNKLDQYQILKYPLTTE
SAMKKIEDNNTLVFIVDLKADKKKIKAAVKKMYDIQAKKVNTLIRPDGKKKAYVKLTPDYDALDVANKIGII
;
NA
47 'polypeptide(L)'
;MVLKTELCRFSGQKIYPGKGIRFIRSDSQVFLFANSKCKRYFHNRLKPAKLCWTAMYRKQHKKDIHAEAAKKRRRTTKKP
YSRSIVGATLEVIQKKRAEKPEVRDAAREAALREIKERIKKTKDEKKAKKAEVTKSQKSQGGKGAVQKGSKGPKIGGGGG
KR
;
OA
48 'polypeptide(L)'
;MKRNPRVTSSRRKCRKAHFTAPSSVRRVLMSAALSSELRHKYNVRSIPIRKDDEVQVVRGTYKGREGKVVQVYRRRWVIH
VERITREKVNGSTVNVGIHPSKVIVTKLKLDKDRKALLDRKARGRAADKAKGKFTAEDVAAAAGGATATGASLQEID
;
PA
49 'polypeptide(L)'
;MTTVPGSLVWELVKKNNCFLIKQFGNSNAKVQFSKEPNNLYNVHSYKFSGLANSKTVAVQPSAGEDKAVVLSTTKTKKQN
TPAKLQHKTLMRKEFRKMAKSVKNQVCDNYYRPDLTKPALARLSAVYRSLQVSKSGIKKKNRQPTKL
;
QA
50 'polypeptide(L)'
;MAPTKKAKKSGENINNKLQLVMKSGKYTLGYKTVLKTLRSSKGKLIILANNCPPLRKSEIEYYAMLAKISVHHFHGNNVD
LGTACGKYYRVCCLSILDPGDSDIISTTTTTQ
;
RA
51 'polypeptide(L)'
;MSEKKRAPGPRKDEVVTREYTVNLHKRLHGCTFKKKAPNAIKEIRKFAQKAMGTNDVRIDVKLNKHIWSSGIRSVPRRVR
VRIARKRNDEEDAKEELYSLVTVAEVPQEGLKGLGTKVVEDED
;
SA
52 'polypeptide(L)'
;MAVPLLTRKIVKKRVKHFKRAHSDRYIGLKQSWRRPKGIDSRVRRKFKGCTLMPNIGYGSDKKTRHYLPNKFKKFVVHNV
SELELLMMHNRTYCAEIAHNVSTKKRKDIVERAAQLDIVVTNKLARLRSQEDE
;
TA
53 'polypeptide(L)'
;MTKGTGSFGKRRNKTHTLCIRCGRRSFHLQKSTCSSCGYPAARIRKYNWSVKAIRRKTTGTGRMRYMRHVPRRFKSNFRE
GTEAAPRNRAAAN
;
UA
54 'polypeptide(L)' MESHPLLQRFNLPLTRFPRSLLSSSQPSHKTFRIKQKLAKKQRQNRPIPYWIRMRTDNTIRYNAKRRHWRRTKLGF VA
55 'polypeptide(L)'
;MVNVPKTKKTYCKNKECKKHTLHKVTQYKKGKDSLSAQGKRRYDRKQSGYGGQTKPVFHKKAKTTKKIVLKLQCQSCKHY
SQRAIKRCKHFEIGGDKKGKGTSLF
;
WA
56 'polypeptide(L)'
;MPFKRFVEIGRVALVNYGKDYGRLVVIVDVVDQNRALVDAPDMVRCQMNFKRLSLTDIKIDIKRIPKKATLIKAMEEADV
KTKWENSSWGKKLIVQKKRAALNDFDRFKVMLAKIKRGGAIRQELAKLKKEVAAA
;
XA
57 'polypeptide(L)'
;MVAFRFHQYQVVGRALPTPGDEQPKIYRMKLWATNEVRAKSKFWYFLRKLKKVKKSNGQMLAINEIFEKNPTTIKNYGIW
LRYQSRTGYHNMYKEYRDTTLNGAVEQMYTEMASRHRVRSPCIQIIKTATVNFKLCKRDNTKQFHNSKIKFPLVYQKVRP
PTRKLKTTYKATRPNLFM
;
YA
58 'polypeptide(L)'
;MARGTAATAAAAAKGKKKGSVSFVIDCTKPVEDKIMEIASLEKFLQERIKVAGGKAGNLGDSVTVTRDKSKVTVTSDGAF
SKRYLKYLTKKYLKKHNVRDWLRVIAANKERNVYELRYFNIAENEGEEED
;
ZA
59 'polypeptide(L)'
;MAPSQPKSGLFVGINKGHVVTKRELPPRPSDRKGKGTKRVHFVRNLIREVAGFAPYEKRITELLKVGKDKRALKVAKRKL
GTHKRAKKKREEMSSVLRKMRSAGGGAGDKKK
;
AB
60 'polypeptide(L)'
;MSSGKVKAGELWNKSKDDLTKQLAELKTELGQLRIQKVASSGSKLNRIHDIRKSIARVLTVINAKQRAQLRLFYKNKKYA
PLDLRAKQTRAIRRRLSPDEKSRVLEKTKKRTVHFPQRKFAIKA
;
BB
61 'polypeptide(L)'
;MASEAAKVAVPEKVILKRRREEVWAAEKKQKVAAEKIKAAENTKVIYARAEQYAGEYEAQDKELVQLKREARMKGGFYVS
PEAKLLFVVRIRGINAMHPKTKKILQLLRLRQIFNGVFLKVNKATINMLRRVEPYVAYGYPNLKSVRELIYKRGYGKLNK
QRIPLANNKVIEEGLGKHNIICIEDLVHEILTVGPHFKEANNFLWPFKLKAPLGGLKKKRNHYVEGGDAGNRENYINQLV
RRMN
;
CB
62 'polypeptide(L)'
;MSHRKFEHPRHGSLGFLPRKRCSRHRGKVKSFPKDDQQKPCHLTAFLGYKAGMTHIVREVEKPGSKLHKKETCEAVTIIE
TPPLVIVGLVAYVKTPRGLRTLNSVWAQHLSEDVRRRFYKNWCKSKKKAFTKYALKYDSDSGKKEIQLQLEKMKKYATIV
RVIAHTQIRKMKGLKQKKAHLMEIQINGGTIADKVDYGYKFFEKEVPVEAVFQKDEMVDIIGVTKGKGYEGVVTRWGVTR
LPRKTHRGLRKVACIGAWHPARVSYTVARAGQNGYHHRTEMNKKIYKMGKSGQESHEACTEFDRTEKDITPMGGFPHYGV
VKGDYLMIKGCCVGPKKRVVTLRQSLLKQTSRLALEEIKLKFIDTSSKFGHGRFQTTDEKQKFYGKLKA
;
DB
63 'polypeptide(L)'
;MATTARPLVSVKALDGDMATDAAGVPMPHVMKAPIRPDVITFVHRLVSCNSRQPYAVSRKAGHQTSAESWGTGRAVSRIP
RVGGGGTHRAGQGAFGNMCRGGRMFAPTRIWRKWHRRVNVRLRRVAVASALAATAVPAIVTARGHRIESVPEFPLVVSDS
AEGIEKTAQAIKVLKQLGAYADAEKAKDSVGIRPGKGKMRNRRYINRKGPLIVYGTEGSKIVKAFRNLPGVDVANVERLN
LLDLAPGGHLGRFVIWTESAFKKLDEVYGSFEASSSKKKGFVLPRPKMTNADLGRLINSDEVQSVVKPINKEVKRREARK
NPLKNAAAVLKLNPYFGTARRMAVLAEAARVKARKEKINSKRTKLSAEEASKIKAAGKAWYQTMISDSDYTEFDVFSKWL
GVSQ
;
EB
64 'polypeptide(L)'
;MVSGSGVCAKRVVVDARHHMLGRLASIVAKELLNGQRVVVVRCEEICMSGGLVRQKMKYLRFLRKRMNTKPSHGPIHFRA
PAKILWRTIRGMIPHKTARGEAALARLKAYEGVPPPYDRTKRMVIPDALKVLRLQPGHRYCLLGQLSKEVGWNYADTIRE
LEEKRKEKAKVSYDRRKQLAKLRVKAEKAAEEKLGTQLEILAPIKY
;
FB
65 'polypeptide(L)'
;MTKRTKKAGIVGKYGTRYGASLRKQIKKMEVSQHSKYFCEFCGKFAVKRKAVGIWGCKDCGKVKAGGAYTMNTASAVTVR
STIRRLREQTEA
;
GB
66 'polypeptide(L)'
;MGRRPARCYRQIKNKPYPKSRYCRGVPDPKIRIYDVGMKKKGVDEFPSCVHLVSWEKENVSSEALEAARIACNKYMTKNA
GKDAFHLRVRVHPYHVLRINKMLSCAGADRLQTGMRGAFGKPLGTCARVDIGQVLLSVRCKESNAVHADEALRRAKFKFP
GRQKIIRSRKWGFTKFNRADYIKYKSEGRIVPDGVNAKLLGVHGPIAKRAPGQAILA
;
HB
67 'polypeptide(L)' MRAKWKKKRMRRLKRKRRKMRQRSK IB
68 'polypeptide(L)'
;MQIFVKTLTGKTITLEVESSDTIDNVKAKIQDKEGIPPDQQRLIFAGKQLEDGRTLADYNIQKESTLHLVLRLRGGIIEP
SLQALARKYNQEKMICRKCYARLHPRAVNCRKKKCGHSNQLRPKKKIKN
;
JB
69 'polypeptide(L)'
;MVKHNNVIPNGHFKKHWQNYVKTWFNQPARKQRRRIARQKKAVKIFPRPTSGPLRPIVQCQTRKYNMKARAGRGFTLEEL
KSAGIPKKLAPTIGISVDHRRKNRSLEGMQSNIQRLKTYKAKLVIFPRRARKVKAGDSTPEELANATQVQGDYMPIARGE
KRSVEVVKVTEEMKEFKAYGKLRVERMNQRQLGARQKKAAEAEKEEKK
;
KB
70 'polypeptide(L)'
;MAPTSKMALGIKRASRSHTYHRRGLWAIKAKHGGALPKAEKPAAVAEPKFYPADDVKPRTVSTRKPHPTKLRSTITPGTV
LILLAGRYMGKRVVFLKQLQSGLLLITGPFKINGVPIRRVNQAYVIATSTKVDISKVNVQKFDDKYFAREKKTRAKKTEG
ELFESDKEATKNLPDFKKDDQKVIDAELIKAIDAVPDLKNYLGARFSLRDGDKPHEMTF
;
LB
71 'polypeptide(L)'
;MVKGRTGQRVRLYVRGTILGYKRSKSNQYETASLVQIEGVNTREDVAWYGGKRMAYVYKAKTKSNGTHYRCIWGKVSRPH
GNTGVVRAKFTSNLPAEAMGKKVRVFMYPSSI
;
MB
72 'polypeptide(L)' MPKQIHEIKDFLLTARRKDARSVRIKRTKDAVKFKVRCSRYLYTLCVFDADKANKLKQSLPPGLSVQEV NB
73 'polypeptide(L)' MAKSKNHTAHNQSYKAHRNGIKKPKRQRQASTKGMDPKFLRNLRYSRKHNVKAGEGEVEK OB
74 'polypeptide(L)'
;MVQRLTYRKRHSYATKSNQTRVVKTPGGKLVYQYTKKRASGPKCPVTGKKIQGIPHLRPTEYKRSRLSRNRRTVNRPYGG
VLSGPAVRERIIRAFLVEEQKIVKKVLKIQKTKEKTTKS
;
PB
75 'polyribonucleotide'
;GCGCGACCCCAGGUCAGGCGGGACUACCGCUGAGUUUAAGCAUAUAAAUAAGCGGAGGAGAAGAAACUUACAAGGAUUCC
CCUAGUAACGGCGAGCGAACCGGGAGCAGCCCAGCUUGAGAAUCGGGCGGCUGUGCCGUCCGAAUUGUAGUCUGGAGAGG
CGUCCUCAGCGACGGACCGGGCCCAAGUCCCCUGGAAAGGGGCGCCUGGGAGGGUGAGAGCCCCGUCCGGCCCGGACCCU
GUCGCCCCACGAGGCGCCGUCAACGAGUCGGGUUGUUUGGGAAUGCAGCCCAAAUCGGGCGGUAGACUCCGUCCAAGGCU
AAAUACAGGCGAGAGACCGAUAGCGAACAAGUACCGCGAGGGAAAGAUGAAAAGGACUUUGAAAAGAGAGUCAAAGAGUG
CUUGAAAUUGCCGGGAGGGAAGCGGAUGGGGGCCGGCGAUGCGCCCCGGCCGUAUGCGGAACGGCUCUUGCUGGUCCGCC
GCUCGGCUCGGGGCGUGGACUGUUGUCGGCCGCGCCGGCGGCCAAAGCCCGGGGGCUCCGCGCCCCCGGCAGCCGUCGUC
GGCACGGCCGGUACCCGCGCGCCGAAAGGCGUGCCCCUCGGGGCACUGCGCUGCAACGCCCUGCGGGCUCUCCAUCCGAC
CCGUCUUGAAACACGGACCAAGGAGUCUGACAUGCGUGCGAGUCGACGGGUUCUGAAACCUGGGAUGCGCAAGGAAGCUG
ACGAGCGGGAGGCCCUCACGGGCCGCACCGCUGGCCGACCCUGAUCUUCUGUGAAGGGUUCGAGUUGGAGCACGCCUGUC
GGGACCCGAAAGAUGGUGAACUAUGCCUGAGCGGGGCGAAGCCAGAGGAAACUCUGGUGGAGGCUCGAAGCGAUACUGAC
GUGCAAAUCGUUCGUCUGACUUGGGUAUAGGGGCGAAAGACUAAUCGAACCAUCUAGUAGCUGGUUCCCUCCGAAGUUUC
CCUCAGGAUAGCUGGAGCCCAUUACGAGUUCUAUCAGGUAAAGCCAAUGAUUAGAGGCAUUGGGGACGCAACGUCCUCGA
CCUAUUCUCAAACUUUAAAUAGGUAGGAUGGCGCGGCUGCUUCGGUGAGCCGUGCCAUGGAAUCGGGUGCUCCAAGUGGG
CCAUUUUUGGUAAGCAGAACUGGCGAUGCGGGAUGAACCGGAAGCCGGGUUACGGUGCCCAACUGCGCGCUAACCUAGAA
CCCACAAAGGGUGUUGGUCGAUUAAGACAGCAGGACGGUGGUCAUGGAAGUCGAAAUCCGCUAAGGAGUGUGUAACAACU
CACCUGCCGAAUCAACUAGCCCCGAAAAUGGAUGGCGCUGAAGCGCGCGACCCACACCCGGCCAUCUGGGCGAGUGCCAU
GCCCCGAUGAGUAGGAGGGCGCGGCGGCCGAUGCAAAACCCGGGGCGCGAGCCCGGGCGGAGCGGCCGUCGGUGCAGAUC
UUGGUGGUAGUAGCAAAUAUUCAAAUGAGAACUUUGAAGGCCGAAGAGGAGAAAGGUUCCAUGUGAACGGCACUUGCACA
UGGGUAAGCCGAUCCUAAGGGAAGGGGUAACCCCGGCAGAUAGCGCGAUCACGCGCAUCCCCGAAAGGGAAUCGGGUUAA
GAUUUCCCGAGCCGGGAUGUGGCGGUUGACGGCGACGUUAGGAAGUCCGGAGACGCCGGCGGGGGCCUCGGGAAGAGUUA
UCUUUUCUGCUUAACGGCCUGCCAACCCUGGAAACGGUUCAGCCGGAGGUAGGGUCCAGUGGCCGGAAGAGCACACGUCG
CGCGGUGUCCGGUGCGCCCCCGGCGGCCCAUGAAAAUCCGGAGGACCGAGUACCGUUCACGCCCGGUCGUACUCAUAACC
GCAUCAGGUCUCCAAGGUGAACAGCCUCUGGCCAAUGGAACAAUGUAGGCAAGGGAAGUCGGCAAAACGGAUCCGUAACU
UCGGGAAAAGGAUUGGCUCUGAGGACUGGGCUCGGGGGUCCCGGCCCCGAACCCGUCGGCUGUCGGCGGAUUGCUCGAGC
UGCUCACGCGGCGAGAGCGGGUCGCCGCGUGCCGGCCGGGGGACGGACCGGGAAUCGCCCCUUCGGGGGCUUUCCCCGAG
CAUGAAACAGUCGACUCAGAACUGGUACGGACAAGGGGAAUCCGACUGUUUAAUUAAAACAAAGCAUUGCGAUGGUCCUC
GCGGAUGCUGACGCAAUGUGAUUUCUGCCCAGUGCUCUGAAUGUCAAAGUGAAGAAAUUCAACCAAGCGCGGGUAAACGG
CGGGAGUAACUAUGACUCUCUUAAGGUAGCCAAAUGCCUCGUCAUCUAAUUAGUGACGCGCAUGAAUGAAUUAACGAGAU
UCCCACUGUCCCUGUCUACUAUCCAGCGAAACCACAGCCAAGGGAACGGGCUUGGCGGAAUCAGCGGGGAAAGAAGACCC
UGUUGAGCUUGACUCUAGUCCGACUUUGUGAAAUGACUUGAGAGGUGUAGGAUAAGUGGGAGCCCUCACGGGCGCAAGUG
AAAUACCACUACUUUUAACGUUAUUUUACUUAUUCCGUGGGUCGGAAGCGGGGCAUGCCCCUCCUUUUGGCUCCAAGGCC
CGGUCUUACCGGGCCGAUCCGGGCGGAAGACAUUGUCAGGUGGGGAGUUUGGCUGGGGCGGCCAAUCUGUUAAAAGAUAA
CGCAGGUGUCCUAAGAUGAGCUCAACGAGAACAGAAAUCUCGUGUGGAACAAAAGGGUAAAAGCUCGUUUGAUUCUGAUU
UCCAGUACGAAUACGAACCGUGAAAGCGUGGCCUAUCGAUCCUUUAGAUCUUCGGAGUUUGAAGCUAGAGGUGUCAGAAA
AGUUACCACAGGGAUUACUGGCUUGUGGCAGCCAAGCGUUCAUAGCGACGUUGCUUUUUGAUCCUUCGAUGUCGGCUCUU
CCUAUCAUUGCGAAGCAGAAUUCACCAAGUGUUGGAUUGUUCACCCACCAAUAGGGAACGUGAGCUGGGUUUAGACCGUC
GUGAGACAGGUUAGUUUUACCCUACUGAUGACAGUGUCGCGAUAGUAAUUCAACCUAGUACGAGAGGAACCGUUGAUUCA
CACAAUUGGUCAUCGCGCUUGGUUGAAAAGCCAGUGGCGCGAAGCUACCGUGUGCCGGAUUAUGACUGAACGCCUCUAAG
UCAGAAUCCAAGCUAGCAUGCGACGCCUGCGCCCGCCGCCCGCCCCGACCCACGUUAGGGGCGCUUGCGCCCCCAAGGGC
CCGUGCCAUUGGCUAAGCCGGUCCGGCCGAAGUGCCGCGGUCGGCCGCCUCGAAGCUCCCUUCCCAACGGGCGGUGGGCU
GAAUCCUUUGCAGACGACUUAAAUACGCGACGGGGCAUUGUAAGUGGCAGAGUGGCCUUGCUGCCACGAUCCACUGAGAU
CCAGUCCCCGGGUCGCACGGAUUCGU
;
RB
76 'polyribonucleotide'
;CGACUCUCGGCAACGGAUAUCUCGGCUCUCGCAUCGAUGAAGAACGUAGCGAAAUGCGAUACCUGGUGUGAAUUGCAGAA
UCCCGUGAACCAUCGAGUCUUUGAACGCAAGUUGCGCCCGAGGCCAUCCGGCCGAGGGCACGCCUGCCUGGGCGUCACGC
;
SB
77 'polyribonucleotide'
;GGAUGCGAUCAUACCAGCACUAAGGCAUCGGAUCCCGUCAGAACUCCGAAGUUAAGCGUGCUUGGGCGAGAGUAGUACAA
GGAUGGGUGACCUCUUGGGAAGUCCUCGUGUUGCAUUCCC
;
TB
78 'polyribonucleotide' AUGUAAA al
79 'polyribonucleotide'
;AUCAGAGU(1MG)(2MG)CGCAGCGGAAGCGU(2MG)G(PSU)GGGCCCAU(MIA)ACCCACAG(G7M)(H2U)(5MC)
(5MC)CAGGA(PSU)CG(1MA)AACCUGGCUCUGAUACCA
;
cl
#
loop_
_chem_comp.id
_chem_comp.type
_chem_comp.name
_chem_comp.formula
1MA RNA linking 6-HYDRO-1-METHYLADENOSINE-5'-MONOPHOSPHATE 'C11 H16 N5 O7 P'
1MG RNA linking 1N-METHYLGUANOSINE-5'-MONOPHOSPHATE 'C11 H16 N5 O8 P'
2MG RNA linking 2N-METHYLGUANOSINE-5'-MONOPHOSPHATE 'C11 H16 N5 O8 P'
3HE non-polymer 4-{(2R)-2-[(1S,3S,5S)-3,5-dimethyl-2-oxocyclohexyl]-2-hydroxyethyl}piperidine-2,6-dione 'C15 H23 N O4'
5MC RNA linking 5-METHYLCYTIDINE-5'-MONOPHOSPHATE 'C10 H16 N3 O8 P'
A RNA linking ADENOSINE-5'-MONOPHOSPHATE 'C10 H14 N5 O7 P'
C RNA linking CYTIDINE-5'-MONOPHOSPHATE 'C9 H14 N3 O8 P'
G RNA linking GUANOSINE-5'-MONOPHOSPHATE 'C10 H14 N5 O8 P'
G7M RNA linking N7-METHYL-GUANOSINE-5'-MONOPHOSPHATE 'C11 H17 N5 O8 P 1'
H2U RNA linking 5,6-DIHYDROURIDINE-5'-MONOPHOSPHATE 'C9 H15 N2 O9 P'
MG non-polymer 'MAGNESIUM ION' 'Mg 2'
MIA RNA linking 2-METHYLTHIO-N6-ISOPENTENYL-ADENOSINE-5'-MONOPHOSPHATE 'C16 H24 N5 O7 P S'
PSU RNA linking PSEUDOURIDINE-5'-MONOPHOSPHATE 'C9 H13 N2 O9 P'
U RNA linking URIDINE-5'-MONOPHOSPHATE 'C9 H13 N2 O9 P'
ZN non-polymer 'ZINC ION' 'Zn 2'
#
# COMPACT_ATOMS: atom_id res chain seq x y z
N ALA B 9 -58.16 49.49 108.61
CA ALA B 9 -59.59 49.37 108.37
C ALA B 9 -59.86 48.32 107.29
N VAL B 10 -59.45 47.08 107.56
CA VAL B 10 -59.53 46.02 106.56
C VAL B 10 -60.42 44.91 107.09
N THR B 11 -61.22 44.34 106.20
CA THR B 11 -62.22 43.36 106.56
C THR B 11 -61.90 42.01 105.94
N LEU B 12 -62.69 41.00 106.32
CA LEU B 12 -62.36 39.62 106.04
C LEU B 12 -63.64 38.81 105.94
N ARG B 13 -63.97 38.32 104.75
CA ARG B 13 -65.20 37.58 104.52
C ARG B 13 -64.90 36.29 103.79
N THR B 14 -65.60 35.23 104.17
CA THR B 14 -65.30 33.89 103.70
C THR B 14 -66.52 33.25 103.06
N ARG B 15 -66.30 32.57 101.93
CA ARG B 15 -67.37 31.93 101.20
C ARG B 15 -66.87 30.58 100.71
N LYS B 16 -67.71 29.91 99.93
CA LYS B 16 -67.43 28.57 99.45
C LYS B 16 -67.04 27.66 100.61
N PHE B 17 -67.75 27.85 101.72
CA PHE B 17 -67.36 27.29 103.01
C PHE B 17 -68.07 25.96 103.23
N MET B 18 -67.30 24.94 103.60
CA MET B 18 -67.83 23.60 103.74
C MET B 18 -67.11 22.88 104.85
N THR B 19 -67.86 22.11 105.63
CA THR B 19 -67.32 21.32 106.72
C THR B 19 -67.07 19.90 106.24
N ASN B 20 -65.91 19.35 106.57
CA ASN B 20 -65.64 17.94 106.31
C ASN B 20 -65.21 17.22 107.60
N ARG B 21 -66.18 16.59 108.24
CA ARG B 21 -65.86 15.72 109.35
C ARG B 21 -65.43 14.32 108.91
N LEU B 22 -65.09 14.15 107.64
CA LEU B 22 -64.21 13.05 107.25
C LEU B 22 -62.77 13.33 107.68
N LEU B 23 -62.28 14.55 107.39
CA LEU B 23 -61.01 15.02 107.90
C LEU B 23 -61.18 16.07 108.98
N SER B 24 -62.42 16.30 109.43
CA SER B 24 -62.73 17.17 110.56
C SER B 24 -62.03 18.52 110.43
N ARG B 25 -62.25 19.19 109.30
CA ARG B 25 -61.83 20.58 109.20
C ARG B 25 -62.95 21.39 108.57
N LYS B 26 -62.71 22.69 108.52
CA LYS B 26 -63.69 23.68 108.12
C LYS B 26 -63.00 24.43 106.98
N GLN B 27 -63.30 24.07 105.73
CA GLN B 27 -62.51 24.51 104.60
C GLN B 27 -63.27 25.53 103.77
N PHE B 28 -62.60 26.61 103.42
CA PHE B 28 -63.28 27.77 102.86
C PHE B 28 -62.31 28.60 102.02
N VAL B 29 -62.87 29.50 101.22
CA VAL B 29 -62.08 30.48 100.49
C VAL B 29 -62.35 31.84 101.11
N LEU B 30 -61.28 32.50 101.52
CA LEU B 30 -61.31 33.80 102.16
C LEU B 30 -60.97 34.89 101.16
N GLU B 31 -61.63 36.03 101.31
CA GLU B 31 -61.76 37.07 100.28
C GLU B 31 -61.41 38.42 100.89
N VAL B 32 -60.28 38.49 101.57
CA VAL B 32 -59.96 39.63 102.42
C VAL B 32 -60.01 40.92 101.62
N ILE B 33 -60.56 41.97 102.23
CA ILE B 33 -60.64 43.29 101.64
C ILE B 33 -59.70 44.19 102.43
N HIS B 34 -58.59 44.57 101.83
CA HIS B 34 -57.55 45.32 102.52
C HIS B 34 -57.15 46.55 101.71
N PRO B 35 -58.01 47.58 101.71
CA PRO B 35 -57.69 48.81 100.97
C PRO B 35 -56.61 49.63 101.67
N GLY B 36 -55.86 50.37 100.87
CA GLY B 36 -54.75 51.16 101.37
C GLY B 36 -53.57 50.29 101.73
N ARG B 37 -53.83 49.29 102.57
CA ARG B 37 -52.78 48.36 102.98
C ARG B 37 -52.25 47.59 101.78
N ALA B 38 -50.95 47.36 101.76
CA ALA B 38 -50.34 46.61 100.65
C ALA B 38 -50.94 45.21 100.57
N ASN B 39 -50.68 44.39 101.60
CA ASN B 39 -51.37 43.13 101.79
C ASN B 39 -51.17 42.70 103.23
N VAL B 40 -52.09 41.87 103.71
CA VAL B 40 -52.15 41.49 105.12
C VAL B 40 -51.48 40.14 105.29
N SER B 41 -50.49 40.09 106.19
CA SER B 41 -49.69 38.89 106.34
C SER B 41 -50.48 37.80 107.04
N LYS B 42 -50.18 36.54 106.66
CA LYS B 42 -50.94 35.41 107.18
C LYS B 42 -50.81 35.30 108.69
N ALA B 43 -49.62 35.55 109.22
CA ALA B 43 -49.45 35.53 110.67
C ALA B 43 -50.40 36.50 111.36
N ASP B 44 -50.78 37.57 110.67
CA ASP B 44 -51.74 38.53 111.22
C ASP B 44 -53.18 38.09 110.93
N LEU B 45 -53.43 37.43 109.80
CA LEU B 45 -54.76 36.84 109.60
C LEU B 45 -55.08 35.80 110.66
N LYS B 46 -54.06 35.10 111.16
CA LYS B 46 -54.31 33.95 112.03
C LYS B 46 -55.16 34.35 113.23
N GLU B 47 -54.75 35.40 113.95
CA GLU B 47 -55.44 35.69 115.19
C GLU B 47 -56.80 36.31 114.96
N ARG B 48 -56.98 37.06 113.87
CA ARG B 48 -58.31 37.58 113.55
C ARG B 48 -59.27 36.44 113.23
N LEU B 49 -58.84 35.52 112.38
CA LEU B 49 -59.71 34.42 112.01
C LEU B 49 -59.96 33.51 113.21
N ALA B 50 -58.98 33.41 114.11
CA ALA B 50 -59.19 32.68 115.35
C ALA B 50 -60.24 33.36 116.22
N LYS B 51 -60.12 34.68 116.40
CA LYS B 51 -61.00 35.39 117.32
C LYS B 51 -62.40 35.58 116.76
N ILE B 52 -62.61 35.33 115.47
CA ILE B 52 -64.00 35.38 114.99
C ILE B 52 -64.69 34.02 115.14
N TYR B 53 -63.96 32.92 114.95
CA TYR B 53 -64.54 31.58 115.02
C TYR B 53 -64.46 30.95 116.41
N GLU B 54 -63.74 31.55 117.35
CA GLU B 54 -63.56 30.98 118.68
C GLU B 54 -63.05 29.54 118.60
N VAL B 55 -61.85 29.40 118.04
CA VAL B 55 -61.25 28.07 117.86
C VAL B 55 -60.50 27.58 119.08
N LYS B 56 -60.23 28.45 120.06
CA LYS B 56 -59.58 28.12 121.33
C LYS B 56 -58.11 27.77 121.12
N ASP B 57 -57.70 27.66 119.86
CA ASP B 57 -56.32 27.29 119.52
C ASP B 57 -56.03 27.86 118.14
N SER B 58 -55.28 28.96 118.09
CA SER B 58 -55.01 29.66 116.86
C SER B 58 -53.93 29.00 116.02
N ASN B 59 -53.64 27.72 116.26
CA ASN B 59 -52.63 27.01 115.51
C ASN B 59 -53.20 25.95 114.57
N CYS B 60 -54.44 25.50 114.81
CA CYS B 60 -55.09 24.59 113.87
C CYS B 60 -55.33 25.24 112.52
N ILE B 61 -55.36 26.57 112.48
CA ILE B 61 -55.51 27.29 111.22
C ILE B 61 -54.29 27.11 110.33
N PHE B 62 -54.54 26.98 109.03
CA PHE B 62 -53.52 27.06 108.00
C PHE B 62 -54.13 27.74 106.79
N VAL B 63 -53.50 28.80 106.32
CA VAL B 63 -53.99 29.58 105.21
C VAL B 63 -52.91 29.64 104.13
N PHE B 64 -53.33 29.60 102.86
CA PHE B 64 -52.40 29.40 101.76
C PHE B 64 -53.07 29.78 100.44
N LYS B 65 -52.23 29.96 99.41
CA LYS B 65 -52.64 30.27 98.04
C LYS B 65 -53.38 31.62 97.93
N PHE B 66 -52.63 32.68 98.17
CA PHE B 66 -53.14 34.04 98.03
C PHE B 66 -52.73 34.65 96.69
N ARG B 67 -53.58 35.54 96.19
CA ARG B 67 -53.33 36.22 94.92
C ARG B 67 -53.11 37.72 95.03
N THR B 68 -53.93 38.45 95.78
CA THR B 68 -53.86 39.91 95.78
C THR B 68 -54.15 40.45 94.37
N HIS B 69 -55.43 40.43 93.98
CA HIS B 69 -55.88 40.75 92.63
C HIS B 69 -55.25 41.97 92.00
N PHE B 70 -55.21 41.98 90.68
CA PHE B 70 -54.75 43.13 89.90
C PHE B 70 -55.52 44.37 90.32
N GLY B 71 -54.80 45.45 90.60
CA GLY B 71 -55.39 46.65 91.12
C GLY B 71 -55.32 46.75 92.63
N GLY B 72 -55.09 45.65 93.32
CA GLY B 72 -54.84 45.67 94.74
C GLY B 72 -56.11 45.82 95.57
N GLY B 73 -55.93 45.69 96.88
CA GLY B 73 -57.01 45.92 97.82
C GLY B 73 -57.92 44.73 98.05
N LYS B 74 -57.78 43.65 97.29
CA LYS B 74 -58.68 42.51 97.40
C LYS B 74 -57.87 41.25 97.17
N SER B 75 -57.87 40.33 98.15
CA SER B 75 -57.02 39.15 98.06
C SER B 75 -57.81 37.89 98.38
N THR B 76 -57.52 36.82 97.65
CA THR B 76 -58.16 35.54 97.89
C THR B 76 -57.21 34.61 98.61
N GLY B 77 -57.74 33.47 99.03
CA GLY B 77 -56.92 32.45 99.63
C GLY B 77 -57.78 31.35 100.21
N PHE B 78 -57.11 30.31 100.70
CA PHE B 78 -57.79 29.19 101.31
C PHE B 78 -57.55 29.19 102.81
N GLY B 79 -58.55 28.73 103.55
CA GLY B 79 -58.42 28.59 104.98
C GLY B 79 -58.98 27.26 105.43
N LEU B 80 -58.32 26.67 106.41
CA LEU B 80 -58.64 25.31 106.87
C LEU B 80 -58.68 25.31 108.39
N ILE B 81 -59.87 25.50 108.96
CA ILE B 81 -60.03 25.46 110.42
C ILE B 81 -60.04 23.99 110.83
N TYR B 82 -58.93 23.52 111.39
CA TYR B 82 -59.00 22.21 112.02
C TYR B 82 -59.60 22.34 113.41
N ASP B 83 -60.22 21.26 113.86
CA ASP B 83 -60.85 21.25 115.17
C ASP B 83 -59.97 20.63 116.24
N ASN B 84 -59.17 19.63 115.89
CA ASN B 84 -58.20 19.03 116.79
C ASN B 84 -56.82 19.20 116.17
N LEU B 85 -55.89 19.75 116.94
CA LEU B 85 -54.52 19.83 116.44
C LEU B 85 -53.95 18.45 116.19
N GLU B 86 -54.47 17.43 116.87
CA GLU B 86 -54.08 16.06 116.55
C GLU B 86 -54.52 15.70 115.13
N ALA B 87 -55.75 16.07 114.77
CA ALA B 87 -56.23 15.84 113.41
C ALA B 87 -55.39 16.59 112.40
N ALA B 88 -55.02 17.83 112.71
CA ALA B 88 -54.15 18.58 111.82
C ALA B 88 -52.73 18.02 111.77
N LYS B 89 -52.29 17.27 112.79
CA LYS B 89 -51.04 16.55 112.68
C LYS B 89 -51.15 15.41 111.68
N LYS B 90 -52.18 14.58 111.82
CA LYS B 90 -52.20 13.36 111.03
C LYS B 90 -52.64 13.60 109.59
N PHE B 91 -53.56 14.54 109.37
CA PHE B 91 -54.26 14.64 108.09
C PHE B 91 -53.68 15.73 107.20
N GLU B 92 -52.42 16.11 107.39
CA GLU B 92 -51.89 17.32 106.79
C GLU B 92 -50.60 17.04 106.02
N PRO B 93 -50.37 17.74 104.92
CA PRO B 93 -49.04 17.74 104.31
C PRO B 93 -48.00 18.37 105.23
N LYS B 94 -46.76 17.89 105.12
CA LYS B 94 -45.72 18.29 106.05
C LYS B 94 -45.29 19.73 105.84
N TYR B 95 -45.34 20.23 104.60
CA TYR B 95 -44.62 21.45 104.30
C TYR B 95 -45.18 22.65 105.06
N ARG B 96 -46.50 22.76 105.17
CA ARG B 96 -47.05 23.93 105.83
C ARG B 96 -47.11 23.80 107.35
N LEU B 97 -47.07 22.59 107.89
CA LEU B 97 -46.69 22.46 109.29
C LEU B 97 -45.28 22.98 109.52
N ILE B 98 -44.36 22.65 108.60
CA ILE B 98 -43.01 23.18 108.72
C ILE B 98 -43.04 24.70 108.61
N ARG B 99 -43.94 25.22 107.78
CA ARG B 99 -44.07 26.66 107.59
C ARG B 99 -44.51 27.33 108.88
N ASN B 100 -45.55 26.80 109.51
CA ASN B 100 -46.04 27.34 110.77
C ASN B 100 -45.22 26.86 111.97
N GLY B 101 -44.09 26.20 111.73
CA GLY B 101 -43.16 25.87 112.79
C GLY B 101 -43.45 24.60 113.53
N LEU B 102 -44.38 23.78 113.07
CA LEU B 102 -44.76 22.57 113.78
C LEU B 102 -43.96 21.36 113.34
N ALA B 103 -43.01 21.52 112.41
CA ALA B 103 -42.08 20.48 112.02
C ALA B 103 -40.89 21.13 111.34
N THR B 104 -39.80 20.38 111.20
CA THR B 104 -38.57 20.90 110.61
C THR B 104 -38.08 20.00 109.50
N LYS B 105 -37.33 20.61 108.57
CA LYS B 105 -36.87 19.98 107.35
C LYS B 105 -35.37 19.66 107.42
N VAL B 106 -34.96 18.67 106.63
CA VAL B 106 -33.57 18.22 106.57
C VAL B 106 -33.14 18.23 105.10
N GLU B 107 -31.83 18.40 104.88
CA GLU B 107 -31.29 18.53 103.54
C GLU B 107 -30.70 17.22 103.04
N LYS B 108 -30.81 16.99 101.72
CA LYS B 108 -30.37 15.76 101.06
C LYS B 108 -29.05 15.97 100.31
N SER B 109 -28.29 14.88 100.20
CA SER B 109 -27.18 14.76 99.27
C SER B 109 -27.22 13.35 98.71
N ARG B 110 -27.69 13.21 97.47
CA ARG B 110 -28.23 11.94 97.03
C ARG B 110 -27.17 10.89 96.69
N LYS B 111 -25.89 11.24 96.66
CA LYS B 111 -24.89 10.21 96.43
C LYS B 111 -24.86 9.24 97.62
N GLN B 112 -24.84 7.95 97.32
CA GLN B 112 -24.86 6.85 98.29
C GLN B 112 -26.19 6.77 99.04
N ILE B 113 -27.15 7.63 98.72
CA ILE B 113 -28.44 7.54 99.41
C ILE B 113 -29.05 6.18 99.18
N LYS B 114 -28.90 5.64 97.95
CA LYS B 114 -29.24 4.25 97.67
C LYS B 114 -28.28 3.52 96.74
N GLU B 115 -27.57 4.20 95.84
CA GLU B 115 -26.88 3.50 94.76
C GLU B 115 -25.66 2.70 95.19
N ARG B 116 -24.62 3.37 95.69
CA ARG B 116 -23.47 2.59 96.13
C ARG B 116 -23.73 1.88 97.44
N LYS B 117 -24.87 2.15 98.08
CA LYS B 117 -25.30 1.34 99.20
C LYS B 117 -25.86 0.00 98.74
N ASN B 118 -26.48 -0.05 97.55
CA ASN B 118 -27.03 -1.30 97.02
C ASN B 118 -25.96 -2.32 96.68
N ARG B 119 -24.68 -2.02 96.85
CA ARG B 119 -23.60 -2.86 96.35
C ARG B 119 -23.02 -3.81 97.37
N THR B 120 -23.03 -3.46 98.66
CA THR B 120 -22.22 -4.20 99.63
C THR B 120 -22.91 -5.48 100.12
N LYS B 121 -24.05 -5.34 100.76
CA LYS B 121 -24.69 -6.49 101.43
C LYS B 121 -25.36 -7.43 100.44
N GLY C 2 -36.93 -18.43 67.55
CA GLY C 2 -37.18 -19.86 67.39
C GLY C 2 -38.19 -20.17 66.31
N ILE C 3 -38.70 -21.41 66.31
CA ILE C 3 -39.73 -21.78 65.36
C ILE C 3 -40.91 -20.83 65.53
N SER C 4 -41.42 -20.32 64.40
CA SER C 4 -42.43 -19.28 64.45
C SER C 4 -43.62 -19.65 63.58
N ARG C 5 -44.79 -19.23 64.04
CA ARG C 5 -46.06 -19.44 63.35
C ARG C 5 -46.55 -18.17 62.66
N ASP C 6 -45.66 -17.22 62.47
CA ASP C 6 -46.01 -15.94 61.86
C ASP C 6 -46.40 -16.13 60.41
N SER C 7 -47.29 -15.26 59.95
CA SER C 7 -47.59 -15.15 58.53
C SER C 7 -46.66 -14.16 57.83
N MET C 8 -45.69 -13.61 58.55
CA MET C 8 -44.80 -12.62 57.96
C MET C 8 -43.87 -13.24 56.93
N HIS C 9 -43.23 -14.36 57.28
CA HIS C 9 -42.22 -14.90 56.39
C HIS C 9 -42.82 -15.54 55.14
N LYS C 10 -44.13 -15.74 55.10
CA LYS C 10 -44.77 -16.21 53.89
C LYS C 10 -44.77 -15.10 52.85
N ARG C 11 -45.21 -15.44 51.65
CA ARG C 11 -45.44 -14.45 50.61
C ARG C 11 -46.76 -13.74 50.89
N ARG C 12 -47.11 -12.80 50.01
CA ARG C 12 -48.48 -12.31 50.00
C ARG C 12 -49.35 -13.19 49.13
N ALA C 13 -50.67 -13.00 49.24
CA ALA C 13 -51.61 -13.77 48.44
C ALA C 13 -51.40 -13.55 46.95
N THR C 14 -50.98 -12.34 46.56
CA THR C 14 -50.62 -12.09 45.18
C THR C 14 -49.29 -12.71 44.81
N GLY C 15 -48.48 -13.07 45.79
CA GLY C 15 -47.21 -13.72 45.54
C GLY C 15 -45.99 -12.86 45.72
N GLY C 16 -46.15 -11.60 46.15
CA GLY C 16 -45.01 -10.75 46.39
C GLY C 16 -44.39 -10.97 47.75
N LYS C 17 -43.09 -10.73 47.84
CA LYS C 17 -42.40 -10.82 49.11
C LYS C 17 -42.96 -9.77 50.07
N GLN C 18 -42.77 -10.00 51.35
CA GLN C 18 -43.27 -9.11 52.39
C GLN C 18 -42.07 -8.64 53.21
N LYS C 19 -41.61 -7.41 52.96
CA LYS C 19 -40.52 -6.85 53.74
C LYS C 19 -40.86 -6.94 55.23
N ALA C 20 -39.90 -7.42 56.01
CA ALA C 20 -40.13 -7.58 57.44
C ALA C 20 -40.18 -6.23 58.13
N TRP C 21 -41.09 -6.11 59.07
CA TRP C 21 -41.20 -4.90 59.89
C TRP C 21 -41.07 -5.15 61.38
N ARG C 22 -41.14 -6.40 61.84
CA ARG C 22 -40.92 -6.72 63.23
C ARG C 22 -39.75 -7.68 63.40
N LYS C 23 -39.24 -7.72 64.61
CA LYS C 23 -38.48 -8.86 65.10
C LYS C 23 -39.46 -9.87 65.66
N LYS C 24 -39.09 -11.15 65.61
CA LYS C 24 -40.05 -12.20 65.97
C LYS C 24 -40.54 -12.01 67.40
N ARG C 25 -41.84 -12.23 67.59
CA ARG C 25 -42.43 -12.17 68.92
C ARG C 25 -42.61 -13.56 69.54
N LYS C 26 -42.63 -13.57 70.87
CA LYS C 26 -42.82 -14.82 71.59
C LYS C 26 -44.19 -15.41 71.30
N TYR C 27 -45.21 -14.59 71.33
CA TYR C 27 -46.57 -15.11 71.16
C TYR C 27 -46.83 -15.60 69.79
N GLU C 28 -45.83 -15.70 68.92
CA GLU C 28 -45.94 -16.39 67.64
C GLU C 28 -44.93 -17.51 67.52
N LEU C 29 -44.52 -18.08 68.66
CA LEU C 29 -43.50 -19.11 68.62
C LEU C 29 -44.10 -20.44 68.20
N GLY C 30 -43.21 -21.39 67.92
CA GLY C 30 -43.54 -22.80 67.91
C GLY C 30 -42.56 -23.51 68.83
N ARG C 31 -42.80 -24.80 69.01
CA ARG C 31 -41.83 -25.65 69.70
C ARG C 31 -41.65 -26.92 68.90
N GLN C 32 -40.46 -27.50 69.02
CA GLN C 32 -40.10 -28.62 68.18
C GLN C 32 -40.98 -29.83 68.50
N PRO C 33 -41.41 -30.59 67.50
CA PRO C 33 -42.36 -31.68 67.75
C PRO C 33 -41.81 -32.71 68.72
N ALA C 34 -42.71 -33.58 69.17
CA ALA C 34 -42.39 -34.56 70.19
C ALA C 34 -41.94 -35.89 69.61
N ASN C 35 -42.51 -36.31 68.49
CA ASN C 35 -42.26 -37.62 67.91
C ASN C 35 -42.39 -38.71 68.98
N THR C 36 -43.58 -38.79 69.55
CA THR C 36 -43.84 -39.73 70.63
C THR C 36 -43.64 -41.17 70.21
N LYS C 37 -42.59 -41.81 70.74
CA LYS C 37 -42.30 -43.19 70.45
C LYS C 37 -43.25 -44.12 71.20
N LEU C 38 -43.32 -45.36 70.74
CA LEU C 38 -44.04 -46.43 71.42
C LEU C 38 -43.00 -47.31 72.07
N SER C 39 -42.79 -47.15 73.38
CA SER C 39 -41.73 -47.86 74.06
C SER C 39 -42.09 -48.05 75.53
N SER C 40 -41.42 -49.01 76.17
CA SER C 40 -41.74 -49.35 77.55
C SER C 40 -41.40 -48.22 78.51
N ASN C 41 -40.27 -47.54 78.29
CA ASN C 41 -39.76 -46.58 79.27
C ASN C 41 -40.61 -45.31 79.17
N LYS C 42 -41.82 -45.42 79.70
CA LYS C 42 -42.81 -44.34 79.62
C LYS C 42 -42.23 -43.03 80.14
N THR C 43 -42.36 -41.98 79.33
CA THR C 43 -41.70 -40.71 79.62
C THR C 43 -42.56 -39.56 79.12
N VAL C 44 -43.07 -38.74 80.05
CA VAL C 44 -43.83 -37.54 79.75
C VAL C 44 -43.24 -36.40 80.54
N ARG C 45 -42.85 -35.33 79.85
CA ARG C 45 -42.16 -34.22 80.48
C ARG C 45 -42.98 -32.94 80.42
N ARG C 46 -42.92 -32.17 81.49
CA ARG C 46 -43.62 -30.91 81.62
C ARG C 46 -43.05 -29.86 80.69
N VAL C 47 -43.93 -29.07 80.08
CA VAL C 47 -43.54 -27.84 79.39
C VAL C 47 -44.42 -26.71 79.90
N ARG C 48 -43.80 -25.57 80.19
CA ARG C 48 -44.49 -24.41 80.74
C ARG C 48 -44.78 -23.43 79.61
N VAL C 49 -46.06 -23.19 79.35
CA VAL C 49 -46.52 -22.50 78.16
C VAL C 49 -47.21 -21.20 78.54
N ARG C 50 -47.76 -20.49 77.56
CA ARG C 50 -48.39 -19.21 77.81
C ARG C 50 -49.49 -19.34 78.86
N GLY C 51 -49.63 -18.30 79.68
CA GLY C 51 -50.56 -18.33 80.77
C GLY C 51 -50.04 -19.05 81.99
N GLY C 52 -48.83 -19.60 81.91
CA GLY C 52 -48.22 -20.25 83.05
C GLY C 52 -48.71 -21.64 83.32
N ASN C 53 -49.75 -22.10 82.62
CA ASN C 53 -50.23 -23.45 82.84
C ASN C 53 -49.26 -24.42 82.19
N VAL C 54 -49.62 -25.70 82.14
CA VAL C 54 -48.68 -26.77 81.86
C VAL C 54 -49.21 -27.65 80.74
N LYS C 55 -48.32 -28.05 79.83
CA LYS C 55 -48.64 -29.05 78.81
C LYS C 55 -47.71 -30.24 78.98
N TRP C 56 -48.21 -31.41 78.61
CA TRP C 56 -47.52 -32.67 78.86
C TRP C 56 -46.95 -33.19 77.53
N ARG C 57 -45.67 -32.94 77.30
CA ARG C 57 -44.99 -33.48 76.12
C ARG C 57 -44.72 -34.95 76.36
N ALA C 58 -45.44 -35.82 75.67
CA ALA C 58 -45.27 -37.26 75.88
C ALA C 58 -44.23 -37.76 74.89
N LEU C 59 -43.02 -38.02 75.38
CA LEU C 59 -41.95 -38.44 74.50
C LEU C 59 -42.10 -39.90 74.08
N ARG C 60 -42.70 -40.73 74.94
CA ARG C 60 -42.75 -42.17 74.70
C ARG C 60 -43.71 -42.89 75.65
N LEU C 61 -44.61 -43.70 75.09
CA LEU C 61 -45.64 -44.38 75.89
C LEU C 61 -45.76 -45.83 75.44
N ASP C 62 -46.29 -46.66 76.34
CA ASP C 62 -46.58 -48.05 76.01
C ASP C 62 -48.02 -48.36 76.39
N THR C 63 -48.50 -47.76 77.48
CA THR C 63 -49.83 -48.05 78.01
C THR C 63 -50.78 -46.90 77.68
N GLY C 64 -51.90 -47.24 77.04
CA GLY C 64 -52.89 -46.26 76.63
C GLY C 64 -54.27 -46.59 77.18
N ASN C 65 -55.22 -45.75 76.82
CA ASN C 65 -56.58 -45.83 77.34
C ASN C 65 -57.54 -45.85 76.15
N PHE C 66 -58.19 -46.98 75.92
CA PHE C 66 -58.97 -47.15 74.70
C PHE C 66 -60.41 -47.50 75.04
N SER C 67 -61.33 -46.92 74.28
CA SER C 67 -62.76 -47.12 74.44
C SER C 67 -63.25 -48.15 73.44
N TRP C 68 -64.45 -48.66 73.70
CA TRP C 68 -65.13 -49.61 72.84
C TRP C 68 -66.55 -49.07 72.82
N GLY C 69 -66.85 -48.28 71.78
CA GLY C 69 -68.11 -47.56 71.75
C GLY C 69 -69.32 -48.46 71.57
N SER C 70 -69.22 -49.46 70.70
CA SER C 70 -70.38 -50.29 70.40
C SER C 70 -70.86 -51.04 71.62
N GLU C 71 -70.04 -51.12 72.67
CA GLU C 71 -70.47 -51.61 73.97
C GLU C 71 -70.20 -50.62 75.09
N ALA C 72 -69.64 -49.44 74.79
CA ALA C 72 -69.51 -48.35 75.74
C ALA C 72 -68.68 -48.74 76.96
N VAL C 73 -67.55 -49.40 76.72
CA VAL C 73 -66.63 -49.76 77.79
C VAL C 73 -65.24 -49.25 77.45
N THR C 74 -64.63 -48.52 78.39
CA THR C 74 -63.34 -47.89 78.16
C THR C 74 -62.32 -48.46 79.13
N ARG C 75 -61.36 -49.20 78.60
CA ARG C 75 -60.40 -49.95 79.38
C ARG C 75 -58.99 -49.44 79.11
N LYS C 76 -58.19 -49.36 80.16
CA LYS C 76 -56.75 -49.25 79.98
C LYS C 76 -56.23 -50.48 79.28
N THR C 77 -55.25 -50.30 78.39
CA THR C 77 -54.63 -51.41 77.69
C THR C 77 -53.19 -51.05 77.38
N ARG C 78 -52.46 -52.01 76.83
CA ARG C 78 -51.06 -51.81 76.50
C ARG C 78 -50.89 -51.86 74.99
N LEU C 79 -50.20 -50.87 74.44
CA LEU C 79 -50.08 -50.74 72.99
C LEU C 79 -49.16 -51.82 72.43
N LEU C 80 -49.54 -52.35 71.27
CA LEU C 80 -48.71 -53.34 70.58
C LEU C 80 -47.79 -52.68 69.56
N ASP C 81 -48.37 -52.03 68.56
CA ASP C 81 -47.57 -51.39 67.51
C ASP C 81 -48.46 -50.47 66.69
N VAL C 82 -47.82 -49.51 66.02
CA VAL C 82 -48.48 -48.64 65.06
C VAL C 82 -48.41 -49.31 63.70
N VAL C 83 -49.54 -49.36 63.00
CA VAL C 83 -49.59 -50.16 61.78
C VAL C 83 -50.05 -49.37 60.57
N TYR C 84 -50.64 -48.20 60.78
CA TYR C 84 -51.05 -47.38 59.66
C TYR C 84 -51.16 -45.95 60.15
N ASN C 85 -50.75 -45.00 59.31
CA ASN C 85 -50.80 -43.59 59.68
C ASN C 85 -51.06 -42.77 58.43
N SER C 86 -52.16 -42.02 58.45
CA SER C 86 -52.78 -41.48 57.25
C SER C 86 -51.93 -40.44 56.54
N SER C 87 -50.89 -39.91 57.17
CA SER C 87 -50.08 -38.87 56.53
C SER C 87 -48.79 -39.40 55.96
N ASN C 88 -48.09 -40.29 56.67
CA ASN C 88 -46.75 -40.68 56.31
C ASN C 88 -46.52 -42.14 56.65
N ASN C 89 -45.98 -42.90 55.70
CA ASN C 89 -45.53 -44.26 56.02
C ASN C 89 -44.34 -44.23 56.96
N GLU C 90 -43.50 -43.19 56.87
CA GLU C 90 -42.33 -43.11 57.73
C GLU C 90 -42.72 -43.09 59.19
N LEU C 91 -43.88 -42.51 59.52
CA LEU C 91 -44.31 -42.44 60.91
C LEU C 91 -44.66 -43.82 61.44
N VAL C 92 -45.26 -44.66 60.60
CA VAL C 92 -45.45 -46.06 60.98
C VAL C 92 -44.10 -46.72 61.17
N ARG C 93 -43.18 -46.50 60.24
CA ARG C 93 -41.89 -47.15 60.29
C ARG C 93 -41.16 -46.83 61.59
N THR C 94 -41.16 -45.58 62.00
CA THR C 94 -40.45 -45.17 63.21
C THR C 94 -41.32 -45.17 64.46
N GLN C 95 -42.57 -45.61 64.37
CA GLN C 95 -43.41 -45.89 65.53
C GLN C 95 -43.64 -44.63 66.37
N THR C 96 -44.25 -43.63 65.76
CA THR C 96 -44.59 -42.38 66.44
C THR C 96 -46.07 -42.38 66.79
N LEU C 97 -46.38 -42.16 68.06
CA LEU C 97 -47.76 -42.02 68.48
C LEU C 97 -48.27 -40.64 68.09
N VAL C 98 -49.33 -40.61 67.30
CA VAL C 98 -49.82 -39.37 66.71
C VAL C 98 -51.32 -39.52 66.48
N LYS C 99 -52.07 -38.44 66.65
CA LYS C 99 -53.52 -38.51 66.54
C LYS C 99 -53.93 -39.12 65.21
N ASN C 100 -55.08 -39.79 65.21
CA ASN C 100 -55.63 -40.48 64.04
C ASN C 100 -54.68 -41.55 63.51
N ALA C 101 -53.71 -41.98 64.31
CA ALA C 101 -52.94 -43.15 63.93
C ALA C 101 -53.68 -44.42 64.34
N ILE C 102 -53.18 -45.54 63.84
CA ILE C 102 -53.79 -46.84 64.07
C ILE C 102 -52.80 -47.68 64.83
N VAL C 103 -53.15 -48.04 66.05
CA VAL C 103 -52.31 -48.89 66.87
C VAL C 103 -53.00 -50.22 67.05
N GLN C 104 -52.33 -51.14 67.73
CA GLN C 104 -52.90 -52.43 68.07
C GLN C 104 -52.81 -52.62 69.58
N VAL C 105 -53.85 -53.22 70.16
CA VAL C 105 -54.04 -53.21 71.60
C VAL C 105 -54.29 -54.64 72.09
N ASP C 106 -54.18 -54.78 73.42
CA ASP C 106 -53.97 -56.08 74.06
C ASP C 106 -55.08 -57.07 73.75
N ALA C 107 -56.32 -56.60 73.83
CA ALA C 107 -57.54 -57.41 73.91
C ALA C 107 -57.69 -58.13 75.24
N ALA C 108 -56.78 -57.94 76.18
CA ALA C 108 -56.93 -58.64 77.44
C ALA C 108 -58.00 -58.00 78.32
N PRO C 109 -57.99 -56.68 78.53
CA PRO C 109 -59.10 -56.08 79.28
C PRO C 109 -60.43 -56.27 78.58
N PHE C 110 -60.44 -56.29 77.26
CA PHE C 110 -61.71 -56.40 76.55
C PHE C 110 -62.24 -57.82 76.57
N LYS C 111 -61.35 -58.81 76.48
CA LYS C 111 -61.76 -60.19 76.65
C LYS C 111 -62.31 -60.44 78.05
N GLN C 112 -61.59 -59.98 79.08
CA GLN C 112 -62.05 -60.29 80.43
C GLN C 112 -63.31 -59.52 80.77
N TRP C 113 -63.51 -58.35 80.16
CA TRP C 113 -64.80 -57.66 80.27
C TRP C 113 -65.89 -58.44 79.56
N TYR C 114 -65.58 -58.98 78.38
CA TYR C 114 -66.63 -59.57 77.57
C TYR C 114 -67.12 -60.88 78.15
N LEU C 115 -66.28 -61.61 78.88
CA LEU C 115 -66.79 -62.76 79.62
C LEU C 115 -67.82 -62.32 80.65
N THR C 116 -67.52 -61.26 81.39
CA THR C 116 -68.56 -60.57 82.14
C THR C 116 -69.57 -59.99 81.14
N HIS C 117 -70.77 -59.69 81.61
CA HIS C 117 -71.89 -59.37 80.72
C HIS C 117 -72.18 -60.57 79.82
N SER C 155 -76.28 -66.21 92.11
CA SER C 155 -76.52 -67.29 91.15
C SER C 155 -77.67 -66.95 90.21
N ASN C 156 -78.89 -67.36 90.59
CA ASN C 156 -80.06 -67.09 89.75
C ASN C 156 -80.14 -65.62 89.39
N ASN C 157 -79.83 -64.74 90.35
CA ASN C 157 -79.77 -63.31 90.07
C ASN C 157 -78.76 -63.02 88.96
N VAL C 158 -77.73 -63.84 88.81
CA VAL C 158 -76.72 -63.61 87.80
C VAL C 158 -77.16 -64.16 86.44
N GLN C 159 -77.46 -65.46 86.37
CA GLN C 159 -77.86 -65.99 85.06
C GLN C 159 -79.13 -65.34 84.55
N ARG C 160 -79.99 -64.83 85.43
CA ARG C 160 -81.18 -64.13 84.95
C ARG C 160 -80.80 -62.87 84.18
N LYS C 161 -79.79 -62.15 84.66
CA LYS C 161 -79.31 -60.95 84.00
C LYS C 161 -78.55 -61.29 82.72
N LEU C 162 -77.79 -62.37 82.75
CA LEU C 162 -77.12 -62.83 81.53
C LEU C 162 -78.14 -63.24 80.47
N GLU C 163 -79.23 -63.88 80.86
CA GLU C 163 -80.25 -64.27 79.87
C GLU C 163 -81.07 -63.08 79.42
N LYS C 164 -81.25 -62.08 80.30
CA LYS C 164 -81.84 -60.82 79.89
C LYS C 164 -80.98 -60.16 78.82
N ARG C 165 -79.66 -60.21 78.97
CA ARG C 165 -78.76 -59.86 77.88
C ARG C 165 -78.52 -61.10 77.02
N GLN C 166 -77.52 -61.00 76.13
CA GLN C 166 -76.98 -62.13 75.40
C GLN C 166 -78.00 -62.66 74.39
N GLN C 167 -79.21 -62.11 74.42
CA GLN C 167 -80.12 -62.26 73.29
C GLN C 167 -79.95 -61.15 72.29
N GLY C 168 -79.15 -60.14 72.63
CA GLY C 168 -78.88 -59.01 71.76
C GLY C 168 -77.43 -58.92 71.34
N ARG C 169 -76.66 -59.98 71.51
CA ARG C 169 -75.28 -59.99 71.03
C ARG C 169 -75.28 -60.02 69.51
N THR C 170 -74.59 -59.07 68.90
CA THR C 170 -74.37 -59.07 67.45
C THR C 170 -72.92 -59.34 67.11
N LEU C 171 -71.98 -58.54 67.64
CA LEU C 171 -70.56 -58.89 67.70
C LEU C 171 -70.04 -59.35 66.34
N ASP C 172 -69.92 -58.37 65.43
CA ASP C 172 -69.54 -58.64 64.05
C ASP C 172 -68.29 -59.52 63.97
N SER C 173 -68.28 -60.38 62.94
CA SER C 173 -67.18 -61.32 62.76
C SER C 173 -65.86 -60.60 62.54
N HIS C 174 -65.87 -59.40 61.97
CA HIS C 174 -64.62 -58.72 61.69
C HIS C 174 -63.87 -58.37 62.97
N ILE C 175 -64.61 -58.04 64.04
CA ILE C 175 -63.94 -57.77 65.30
C ILE C 175 -63.78 -59.06 66.12
N GLU C 176 -64.68 -60.04 65.94
CA GLU C 176 -64.52 -61.29 66.69
C GLU C 176 -63.31 -62.07 66.22
N GLU C 177 -63.05 -62.11 64.90
CA GLU C 177 -61.83 -62.74 64.41
C GLU C 177 -60.60 -62.02 64.93
N GLN C 178 -60.73 -60.74 65.23
CA GLN C 178 -59.62 -59.95 65.71
C GLN C 178 -59.34 -60.24 67.18
N PHE C 179 -60.39 -60.47 67.96
CA PHE C 179 -60.22 -61.06 69.29
C PHE C 179 -59.55 -62.42 69.21
N SER C 180 -60.00 -63.26 68.29
CA SER C 180 -59.41 -64.59 68.16
C SER C 180 -57.95 -64.51 67.73
N GLY C 181 -57.59 -63.48 66.97
CA GLY C 181 -56.19 -63.22 66.69
C GLY C 181 -55.45 -62.71 67.91
N GLY C 182 -56.15 -62.09 68.85
CA GLY C 182 -55.59 -61.74 70.14
C GLY C 182 -55.09 -60.33 70.31
N ARG C 183 -55.36 -59.43 69.36
CA ARG C 183 -54.98 -58.04 69.48
C ARG C 183 -55.84 -57.23 68.52
N LEU C 184 -56.34 -56.10 69.00
CA LEU C 184 -57.31 -55.31 68.23
C LEU C 184 -56.73 -54.04 67.63
N LEU C 185 -57.25 -53.71 66.46
CA LEU C 185 -56.98 -52.42 65.84
C LEU C 185 -57.66 -51.34 66.64
N ALA C 186 -56.99 -50.21 66.82
CA ALA C 186 -57.59 -49.10 67.53
C ALA C 186 -57.07 -47.81 66.91
N CYS C 187 -57.88 -46.76 67.00
CA CYS C 187 -57.52 -45.47 66.45
C CYS C 187 -57.22 -44.56 67.64
N ILE C 188 -55.97 -44.12 67.71
CA ILE C 188 -55.60 -43.14 68.72
C ILE C 188 -56.24 -41.80 68.39
N SER C 189 -56.89 -41.20 69.38
CA SER C 189 -57.67 -39.99 69.17
C SER C 189 -57.28 -38.88 70.14
N SER C 190 -56.18 -39.02 70.85
CA SER C 190 -55.67 -37.98 71.72
C SER C 190 -54.61 -37.20 70.97
N ARG C 191 -53.98 -36.25 71.67
CA ARG C 191 -52.84 -35.52 71.13
C ARG C 191 -51.67 -35.75 72.07
N PRO C 192 -50.92 -36.84 71.86
CA PRO C 192 -49.90 -37.22 72.86
C PRO C 192 -48.88 -36.13 73.12
N GLY C 193 -48.47 -35.39 72.12
CA GLY C 193 -47.57 -34.28 72.40
C GLY C 193 -48.24 -33.10 73.06
N GLN C 194 -49.57 -33.06 73.08
CA GLN C 194 -50.31 -31.95 73.65
C GLN C 194 -50.82 -32.25 75.05
N CYS C 195 -51.25 -33.49 75.29
CA CYS C 195 -51.83 -33.88 76.56
C CYS C 195 -51.09 -35.00 77.25
N GLY C 196 -50.24 -35.73 76.55
CA GLY C 196 -49.43 -36.75 77.19
C GLY C 196 -50.08 -38.09 77.37
N ARG C 197 -51.04 -38.45 76.52
CA ARG C 197 -51.74 -39.72 76.64
C ARG C 197 -51.94 -40.35 75.27
N ALA C 198 -52.14 -41.67 75.26
CA ALA C 198 -52.57 -42.38 74.07
C ALA C 198 -53.97 -42.94 74.33
N ASP C 199 -54.97 -42.10 74.14
CA ASP C 199 -56.36 -42.50 74.27
C ASP C 199 -56.88 -42.80 72.88
N GLY C 200 -58.00 -43.52 72.81
CA GLY C 200 -58.49 -43.86 71.48
C GLY C 200 -59.75 -44.70 71.55
N TYR C 201 -60.12 -45.25 70.40
CA TYR C 201 -61.34 -46.03 70.29
C TYR C 201 -61.12 -47.22 69.37
N ILE C 202 -61.79 -48.33 69.69
CA ILE C 202 -61.68 -49.53 68.89
C ILE C 202 -62.46 -49.34 67.59
N LEU C 203 -61.95 -49.88 66.49
CA LEU C 203 -62.57 -49.69 65.20
C LEU C 203 -63.79 -50.59 65.06
N GLU C 204 -64.83 -50.07 64.41
CA GLU C 204 -65.98 -50.87 63.99
C GLU C 204 -66.53 -50.35 62.68
N GLY C 205 -67.22 -51.24 61.97
CA GLY C 205 -68.06 -50.80 60.87
C GLY C 205 -67.26 -50.39 59.65
N LYS C 206 -67.76 -49.38 58.96
CA LYS C 206 -67.15 -48.97 57.71
C LYS C 206 -65.71 -48.51 57.92
N GLU C 207 -65.43 -47.86 59.03
CA GLU C 207 -64.06 -47.42 59.29
C GLU C 207 -63.13 -48.61 59.48
N LEU C 208 -63.60 -49.61 60.23
CA LEU C 208 -62.86 -50.86 60.37
C LEU C 208 -62.57 -51.47 59.02
N GLU C 209 -63.58 -51.60 58.19
CA GLU C 209 -63.44 -52.37 56.97
C GLU C 209 -62.63 -51.63 55.92
N PHE C 210 -62.66 -50.30 55.95
CA PHE C 210 -61.86 -49.48 55.04
C PHE C 210 -60.39 -49.52 55.43
N TYR C 211 -60.09 -49.35 56.72
CA TYR C 211 -58.69 -49.52 57.15
C TYR C 211 -58.21 -50.94 56.93
N MET C 212 -59.04 -51.94 57.21
CA MET C 212 -58.67 -53.31 56.93
C MET C 212 -58.34 -53.50 55.47
N ARG C 213 -59.23 -53.06 54.58
CA ARG C 213 -59.03 -53.21 53.15
C ARG C 213 -57.81 -52.46 52.65
N LYS C 214 -57.29 -51.51 53.42
CA LYS C 214 -55.97 -50.98 53.10
C LYS C 214 -54.82 -51.75 53.76
N LEU C 215 -55.08 -52.44 54.87
CA LEU C 215 -53.96 -53.12 55.54
C LEU C 215 -53.45 -54.32 54.76
N GLN C 216 -54.31 -55.06 54.06
CA GLN C 216 -53.78 -56.15 53.24
C GLN C 216 -53.02 -55.58 52.07
N MET D 1 -8.05 101.27 41.82
CA MET D 1 -7.98 102.22 40.73
C MET D 1 -7.26 103.48 41.20
N ILE D 2 -6.92 104.36 40.27
CA ILE D 2 -6.32 105.65 40.58
C ILE D 2 -7.23 106.74 40.05
N ILE D 3 -7.56 107.69 40.92
CA ILE D 3 -8.37 108.85 40.55
C ILE D 3 -7.86 110.04 41.34
N SER D 4 -7.87 111.20 40.69
CA SER D 4 -7.62 112.45 41.39
C SER D 4 -8.92 112.96 42.00
N LYS D 5 -8.80 113.65 43.13
CA LYS D 5 -9.97 114.32 43.68
C LYS D 5 -10.56 115.32 42.68
N LYS D 6 -9.73 115.95 41.86
CA LYS D 6 -10.27 116.85 40.85
C LYS D 6 -11.03 116.09 39.77
N ASN D 7 -10.53 114.91 39.38
CA ASN D 7 -11.27 114.06 38.45
C ASN D 7 -12.61 113.66 39.03
N ARG D 8 -12.61 113.21 40.29
CA ARG D 8 -13.84 112.75 40.91
C ARG D 8 -14.79 113.91 41.17
N ASN D 9 -14.25 115.12 41.34
CA ASN D 9 -15.06 116.31 41.48
C ASN D 9 -15.70 116.71 40.15
N GLU D 10 -14.97 116.60 39.04
CA GLU D 10 -15.61 116.91 37.78
C GLU D 10 -16.56 115.81 37.36
N ILE D 11 -16.44 114.63 37.96
CA ILE D 11 -17.49 113.62 37.85
C ILE D 11 -18.72 114.03 38.67
N CYS D 12 -18.52 114.42 39.93
CA CYS D 12 -19.64 114.72 40.81
C CYS D 12 -20.40 115.98 40.39
N LYS D 13 -19.69 117.02 40.00
CA LYS D 13 -20.34 118.24 39.52
C LYS D 13 -21.16 117.95 38.26
N TYR D 14 -20.67 117.02 37.43
CA TYR D 14 -21.37 116.69 36.21
C TYR D 14 -22.62 115.86 36.51
N LEU D 15 -22.49 114.87 37.41
CA LEU D 15 -23.61 114.00 37.72
C LEU D 15 -24.69 114.73 38.48
N PHE D 16 -24.32 115.63 39.39
CA PHE D 16 -25.32 116.40 40.11
C PHE D 16 -26.21 117.17 39.15
N GLN D 17 -25.61 117.74 38.09
CA GLN D 17 -26.35 118.53 37.13
C GLN D 17 -27.18 117.66 36.19
N GLU D 18 -26.63 116.53 35.72
CA GLU D 18 -27.29 115.77 34.67
C GLU D 18 -28.12 114.62 35.22
N GLY D 19 -27.52 113.72 35.99
CA GLY D 19 -28.20 112.56 36.50
C GLY D 19 -28.02 111.32 35.64
N VAL D 20 -27.85 111.51 34.34
CA VAL D 20 -27.52 110.42 33.45
C VAL D 20 -26.06 110.57 33.04
N LEU D 21 -25.48 109.49 32.54
CA LEU D 21 -24.19 109.58 31.90
C LEU D 21 -24.01 108.35 31.02
N TYR D 22 -23.49 108.56 29.83
CA TYR D 22 -23.24 107.48 28.90
C TYR D 22 -21.75 107.34 28.70
N ALA D 23 -21.27 106.12 28.69
CA ALA D 23 -19.89 105.84 28.32
C ALA D 23 -19.90 105.18 26.95
N LYS D 24 -18.71 104.83 26.48
CA LYS D 24 -18.58 104.05 25.27
C LYS D 24 -17.57 102.96 25.54
N LYS D 25 -17.79 101.79 24.92
CA LYS D 25 -16.81 100.72 25.07
C LYS D 25 -15.57 101.01 24.25
N ASP D 26 -15.64 101.98 23.33
CA ASP D 26 -14.46 102.43 22.60
C ASP D 26 -13.45 102.88 23.65
N TYR D 27 -12.38 102.12 23.80
CA TYR D 27 -11.48 102.25 24.93
C TYR D 27 -10.19 102.93 24.49
N ASN D 28 -9.54 103.62 25.44
CA ASN D 28 -8.31 104.38 25.21
C ASN D 28 -8.56 105.62 24.35
N LEU D 29 -9.63 106.36 24.64
CA LEU D 29 -9.88 107.60 23.93
C LEU D 29 -9.27 108.82 24.62
N ALA D 30 -9.05 108.75 25.94
CA ALA D 30 -8.51 109.80 26.79
C ALA D 30 -9.40 111.03 26.85
N LYS D 31 -10.52 111.04 26.13
CA LYS D 31 -11.47 112.15 26.17
C LYS D 31 -12.84 111.58 25.86
N HIS D 32 -13.58 111.25 26.91
CA HIS D 32 -15.00 110.97 26.75
C HIS D 32 -15.71 112.21 26.19
N PRO D 33 -16.63 112.05 25.26
CA PRO D 33 -17.46 113.19 24.89
C PRO D 33 -18.15 113.75 26.13
N GLN D 34 -18.16 115.08 26.23
CA GLN D 34 -18.85 115.88 27.24
C GLN D 34 -18.14 115.95 28.59
N ILE D 35 -17.07 115.18 28.84
CA ILE D 35 -16.23 115.35 30.02
C ILE D 35 -14.78 115.08 29.63
N ASP D 36 -13.86 115.30 30.57
CA ASP D 36 -12.44 115.08 30.31
C ASP D 36 -11.91 114.04 31.30
N VAL D 37 -11.45 112.91 30.76
CA VAL D 37 -11.09 111.73 31.54
C VAL D 37 -10.63 110.65 30.56
N PRO D 38 -9.76 109.71 30.96
CA PRO D 38 -9.31 108.68 30.01
C PRO D 38 -10.26 107.52 29.79
N ASN D 39 -11.55 107.66 30.10
CA ASN D 39 -12.60 106.67 29.84
C ASN D 39 -12.45 105.41 30.68
N LEU D 40 -11.37 105.28 31.45
CA LEU D 40 -11.28 104.17 32.40
C LEU D 40 -12.04 104.49 33.68
N GLN D 41 -11.88 105.72 34.17
CA GLN D 41 -12.67 106.11 35.33
C GLN D 41 -14.15 106.12 34.99
N VAL D 42 -14.54 106.56 33.79
CA VAL D 42 -15.96 106.62 33.47
C VAL D 42 -16.59 105.24 33.64
N ILE D 43 -16.01 104.22 33.04
CA ILE D 43 -16.55 102.88 33.19
C ILE D 43 -16.49 102.42 34.63
N LYS D 44 -15.37 102.67 35.33
CA LYS D 44 -15.13 101.92 36.55
C LYS D 44 -15.60 102.61 37.83
N LEU D 45 -15.66 103.94 37.88
CA LEU D 45 -16.25 104.58 39.04
C LEU D 45 -17.76 104.38 39.08
N MET D 46 -18.43 104.44 37.93
CA MET D 46 -19.83 104.06 37.90
C MET D 46 -20.02 102.55 38.00
N GLN D 47 -19.01 101.73 37.68
CA GLN D 47 -19.09 100.34 38.11
C GLN D 47 -19.13 100.25 39.64
N SER D 48 -18.29 101.04 40.32
CA SER D 48 -18.32 101.05 41.78
C SER D 48 -19.66 101.57 42.31
N PHE D 49 -20.19 102.63 41.69
CA PHE D 49 -21.49 103.15 42.13
C PHE D 49 -22.63 102.20 41.80
N LYS D 50 -22.47 101.36 40.78
CA LYS D 50 -23.43 100.30 40.55
C LYS D 50 -23.30 99.21 41.61
N SER D 51 -22.06 98.87 41.99
CA SER D 51 -21.85 97.91 43.06
C SER D 51 -22.46 98.40 44.37
N LYS D 52 -22.41 99.70 44.61
CA LYS D 52 -23.15 100.31 45.71
C LYS D 52 -24.56 100.71 45.32
N GLU D 53 -24.98 100.38 44.09
CA GLU D 53 -26.26 100.73 43.47
C GLU D 53 -26.74 102.13 43.79
N TYR D 54 -25.83 103.11 43.82
CA TYR D 54 -26.29 104.50 43.75
C TYR D 54 -26.88 104.82 42.39
N VAL D 55 -26.38 104.18 41.34
CA VAL D 55 -26.89 104.35 39.99
C VAL D 55 -27.30 102.98 39.47
N ARG D 56 -28.51 102.89 38.92
CA ARG D 56 -29.02 101.66 38.36
C ARG D 56 -28.84 101.73 36.85
N GLU D 57 -28.54 100.58 36.24
CA GLU D 57 -27.81 100.57 34.98
C GLU D 57 -28.50 99.67 33.96
N THR D 58 -28.48 100.11 32.70
CA THR D 58 -28.90 99.29 31.56
C THR D 58 -27.75 99.28 30.56
N PHE D 59 -27.36 98.09 30.09
CA PHE D 59 -26.07 97.96 29.44
C PHE D 59 -26.09 98.52 28.03
N SER D 60 -27.09 98.14 27.24
CA SER D 60 -27.34 98.73 25.94
C SER D 60 -26.18 98.51 24.96
N TRP D 61 -25.58 97.33 24.99
CA TRP D 61 -24.66 96.90 23.93
C TRP D 61 -23.48 97.86 23.77
N GLN D 62 -22.61 97.83 24.78
CA GLN D 62 -21.32 98.53 24.80
C GLN D 62 -21.51 100.03 24.58
N HIS D 63 -22.66 100.53 25.01
CA HIS D 63 -22.97 101.93 24.99
C HIS D 63 -23.17 102.49 26.39
N TYR D 64 -23.28 101.63 27.40
CA TYR D 64 -23.13 102.01 28.81
C TYR D 64 -23.94 103.25 29.17
N TYR D 65 -25.26 103.11 29.17
CA TYR D 65 -26.10 104.18 29.69
C TYR D 65 -26.35 103.97 31.18
N TRP D 66 -26.15 105.02 31.96
CA TRP D 66 -26.42 105.06 33.39
C TRP D 66 -27.39 106.18 33.65
N TYR D 67 -28.38 105.92 34.50
CA TYR D 67 -29.25 106.99 34.99
C TYR D 67 -29.29 106.90 36.50
N LEU D 68 -29.03 108.02 37.15
CA LEU D 68 -28.80 108.01 38.59
C LEU D 68 -30.13 107.83 39.32
N THR D 69 -30.04 107.41 40.58
CA THR D 69 -31.18 107.11 41.42
C THR D 69 -31.26 108.11 42.57
N ASN D 70 -32.45 108.18 43.17
CA ASN D 70 -32.68 109.09 44.27
C ASN D 70 -31.84 108.75 45.50
N ASP D 71 -31.30 107.53 45.56
CA ASP D 71 -30.29 107.24 46.58
C ASP D 71 -28.97 107.88 46.25
N GLY D 72 -28.58 107.86 44.98
CA GLY D 72 -27.32 108.47 44.59
C GLY D 72 -27.35 109.98 44.66
N ILE D 73 -28.51 110.60 44.45
CA ILE D 73 -28.56 112.04 44.64
C ILE D 73 -28.31 112.38 46.11
N GLU D 74 -28.82 111.57 47.04
CA GLU D 74 -28.46 111.77 48.44
C GLU D 74 -26.97 111.54 48.66
N PHE D 75 -26.41 110.53 47.98
CA PHE D 75 -24.98 110.25 48.12
C PHE D 75 -24.15 111.47 47.74
N LEU D 76 -24.51 112.10 46.62
CA LEU D 76 -23.69 113.22 46.15
C LEU D 76 -24.03 114.52 46.90
N ARG D 77 -25.28 114.68 47.34
CA ARG D 77 -25.61 115.81 48.19
C ARG D 77 -24.87 115.75 49.50
N ASN D 78 -24.61 114.54 50.00
CA ASN D 78 -23.74 114.33 51.16
C ASN D 78 -22.31 114.79 50.90
N PHE D 79 -22.02 115.27 49.70
CA PHE D 79 -20.70 115.68 49.25
C PHE D 79 -20.61 117.13 48.83
N LEU D 80 -21.58 117.62 48.05
CA LEU D 80 -21.46 118.93 47.38
C LEU D 80 -22.86 119.53 47.32
N ASN D 81 -23.14 120.42 48.27
CA ASN D 81 -24.40 121.16 48.51
C ASN D 81 -24.48 121.60 49.96
N GLY E 2 -63.57 17.49 24.05
CA GLY E 2 -63.58 18.23 25.30
C GLY E 2 -63.22 17.35 26.48
N LYS E 3 -63.64 17.75 27.68
CA LYS E 3 -63.39 16.93 28.84
C LYS E 3 -64.27 15.69 28.82
N THR E 4 -63.86 14.71 29.62
CA THR E 4 -64.70 13.56 29.90
C THR E 4 -65.47 13.85 31.19
N ARG E 5 -66.79 13.83 31.11
CA ARG E 5 -67.64 14.20 32.22
C ARG E 5 -68.65 13.12 32.57
N GLY E 6 -68.39 11.87 32.20
CA GLY E 6 -69.24 10.80 32.67
C GLY E 6 -69.22 10.70 34.18
N MET E 7 -70.34 10.26 34.75
CA MET E 7 -70.43 10.13 36.20
C MET E 7 -69.52 9.03 36.71
N GLY E 8 -69.13 8.10 35.86
CA GLY E 8 -68.22 7.03 36.23
C GLY E 8 -66.80 7.20 35.78
N ALA E 9 -66.38 8.38 35.36
CA ALA E 9 -65.06 8.61 34.79
C ALA E 9 -64.07 9.14 35.81
N GLY E 10 -64.30 8.85 37.10
CA GLY E 10 -63.37 9.32 38.11
C GLY E 10 -61.98 8.75 37.94
N ARG E 11 -61.89 7.49 37.51
CA ARG E 11 -60.58 6.89 37.30
C ARG E 11 -59.84 7.60 36.18
N LYS E 12 -60.53 7.88 35.08
CA LYS E 12 -59.90 8.54 33.95
C LYS E 12 -59.46 9.94 34.32
N LEU E 13 -60.31 10.69 35.01
CA LEU E 13 -59.91 12.05 35.34
C LEU E 13 -58.76 12.08 36.34
N LYS E 14 -58.76 11.18 37.33
CA LYS E 14 -57.68 11.24 38.29
C LYS E 14 -56.37 10.80 37.67
N THR E 15 -56.40 9.75 36.85
CA THR E 15 -55.18 9.35 36.16
C THR E 15 -54.69 10.46 35.24
N HIS E 16 -55.62 11.13 34.56
CA HIS E 16 -55.22 12.16 33.61
C HIS E 16 -54.56 13.35 34.30
N ARG E 17 -55.10 13.80 35.44
CA ARG E 17 -54.37 14.84 36.17
C ARG E 17 -53.05 14.36 36.72
N ARG E 18 -52.96 13.12 37.22
CA ARG E 18 -51.64 12.67 37.67
C ARG E 18 -50.64 12.72 36.53
N ASN E 19 -51.10 12.33 35.33
CA ASN E 19 -50.21 12.25 34.17
C ASN E 19 -49.83 13.63 33.68
N GLN E 20 -50.77 14.58 33.68
CA GLN E 20 -50.56 15.90 33.13
C GLN E 20 -50.00 16.90 34.13
N ARG E 21 -49.90 16.58 35.42
CA ARG E 21 -49.18 17.53 36.24
C ARG E 21 -47.70 17.53 35.97
N TRP E 22 -47.18 16.52 35.27
CA TRP E 22 -45.74 16.44 35.10
C TRP E 22 -45.24 17.47 34.10
N ALA E 23 -46.07 17.86 33.14
CA ALA E 23 -45.66 18.91 32.22
C ALA E 23 -45.49 20.25 32.92
N ASP E 24 -46.14 20.44 34.06
CA ASP E 24 -45.97 21.66 34.81
C ASP E 24 -44.54 21.71 35.31
N LYS E 25 -43.86 22.83 35.06
CA LYS E 25 -42.45 22.92 35.41
C LYS E 25 -42.24 22.89 36.91
N ALA E 26 -43.08 23.61 37.66
CA ALA E 26 -42.88 23.71 39.11
C ALA E 26 -43.02 22.36 39.78
N TYR E 27 -44.05 21.62 39.42
CA TYR E 27 -44.25 20.28 39.99
C TYR E 27 -43.10 19.36 39.63
N LYS E 28 -42.67 19.41 38.37
CA LYS E 28 -41.57 18.57 37.92
C LYS E 28 -40.28 18.90 38.68
N LYS E 29 -39.99 20.19 38.82
CA LYS E 29 -38.81 20.59 39.56
C LYS E 29 -38.90 20.17 41.01
N SER E 30 -40.08 20.28 41.61
CA SER E 30 -40.23 20.03 43.04
C SER E 30 -40.24 18.56 43.40
N HIS E 31 -40.66 17.68 42.50
CA HIS E 31 -40.73 16.26 42.82
C HIS E 31 -39.78 15.37 42.06
N LEU E 32 -39.02 15.90 41.11
CA LEU E 32 -38.19 15.04 40.28
C LEU E 32 -36.99 14.49 41.04
N GLY E 33 -36.66 15.08 42.18
CA GLY E 33 -35.56 14.59 42.98
C GLY E 33 -34.20 15.16 42.64
N ASN E 34 -34.12 16.07 41.67
CA ASN E 34 -32.85 16.69 41.34
C ASN E 34 -32.51 17.84 42.26
N GLU E 35 -33.47 18.31 43.04
CA GLU E 35 -33.18 19.33 44.03
C GLU E 35 -32.25 18.81 45.11
N TRP E 36 -32.20 17.50 45.31
CA TRP E 36 -31.22 16.89 46.19
C TRP E 36 -29.91 16.62 45.48
N LYS E 37 -29.83 16.90 44.19
CA LYS E 37 -28.61 16.78 43.45
C LYS E 37 -27.99 18.14 43.15
N LYS E 38 -28.73 19.22 43.40
CA LYS E 38 -28.13 20.56 43.41
C LYS E 38 -27.01 20.67 44.43
N PRO E 39 -26.23 21.76 44.43
CA PRO E 39 -25.21 21.93 45.48
C PRO E 39 -25.76 21.98 46.90
N PHE E 40 -26.78 22.79 47.19
CA PHE E 40 -27.25 22.81 48.57
C PHE E 40 -28.03 21.55 48.93
N ALA E 41 -28.66 20.92 47.95
CA ALA E 41 -29.42 19.70 48.15
C ALA E 41 -30.53 19.92 49.19
N GLY E 42 -31.46 20.80 48.81
CA GLY E 42 -32.59 21.08 49.68
C GLY E 42 -32.20 21.75 50.98
N SER E 43 -31.30 22.72 50.90
CA SER E 43 -30.91 23.50 52.06
C SER E 43 -31.12 24.97 51.76
N SER E 44 -31.44 25.74 52.80
CA SER E 44 -31.57 27.18 52.64
C SER E 44 -30.20 27.84 52.51
N HIS E 45 -29.33 27.61 53.47
CA HIS E 45 -27.99 28.16 53.48
C HIS E 45 -26.99 27.01 53.47
N ALA E 46 -25.71 27.34 53.35
CA ALA E 46 -24.67 26.32 53.41
C ALA E 46 -23.35 26.98 53.76
N LYS E 47 -22.73 26.55 54.84
CA LYS E 47 -21.42 27.06 55.19
C LYS E 47 -20.38 26.41 54.29
N GLY E 48 -19.47 27.23 53.75
CA GLY E 48 -18.46 26.72 52.84
C GLY E 48 -17.16 27.46 53.03
N ILE E 49 -16.12 26.96 52.37
CA ILE E 49 -14.80 27.57 52.42
C ILE E 49 -14.51 28.17 51.05
N VAL E 50 -14.11 29.43 51.05
CA VAL E 50 -13.79 30.12 49.80
C VAL E 50 -12.41 29.68 49.32
N LEU E 51 -12.30 29.46 48.02
CA LEU E 51 -11.01 29.15 47.42
C LEU E 51 -10.27 30.41 47.00
N GLU E 52 -10.97 31.39 46.46
CA GLU E 52 -10.32 32.59 45.96
C GLU E 52 -11.37 33.64 45.62
N LYS E 53 -10.97 34.90 45.77
CA LYS E 53 -11.73 36.03 45.30
C LYS E 53 -11.47 36.17 43.80
N ILE E 54 -12.52 36.06 42.97
CA ILE E 54 -12.33 35.92 41.52
C ILE E 54 -12.68 37.20 40.76
N GLY E 55 -13.92 37.65 40.83
CA GLY E 55 -14.37 38.75 39.98
C GLY E 55 -14.72 38.24 38.60
N ILE E 56 -15.88 38.61 38.09
CA ILE E 56 -16.38 38.10 36.82
C ILE E 56 -17.01 39.21 36.01
N GLU E 57 -17.18 38.94 34.72
CA GLU E 57 -17.70 39.90 33.76
C GLU E 57 -19.18 40.18 34.04
N ALA E 58 -19.69 41.24 33.42
CA ALA E 58 -21.13 41.51 33.44
C ALA E 58 -21.67 41.47 32.02
N LYS E 59 -22.98 41.22 31.93
CA LYS E 59 -23.63 40.87 30.67
C LYS E 59 -23.71 42.07 29.73
N GLN E 60 -24.19 41.81 28.51
CA GLN E 60 -24.13 42.74 27.39
C GLN E 60 -24.58 44.17 27.69
N PRO E 61 -25.84 44.41 28.09
CA PRO E 61 -26.26 45.82 28.26
C PRO E 61 -25.41 46.56 29.26
N ASN E 62 -25.09 45.92 30.39
CA ASN E 62 -24.21 46.52 31.36
C ASN E 62 -22.75 46.32 30.95
N SER E 63 -21.84 46.79 31.78
CA SER E 63 -20.43 46.50 31.63
C SER E 63 -19.76 46.77 32.96
N ALA E 64 -19.29 45.73 33.63
CA ALA E 64 -18.68 45.87 34.94
C ALA E 64 -18.10 44.51 35.35
N ILE E 65 -17.46 44.52 36.53
CA ILE E 65 -16.81 43.35 37.10
C ILE E 65 -17.51 43.10 38.43
N ARG E 66 -18.41 42.13 38.44
CA ARG E 66 -19.08 41.72 39.68
C ARG E 66 -18.15 40.83 40.47
N LYS E 67 -17.86 41.22 41.70
CA LYS E 67 -16.80 40.58 42.46
C LYS E 67 -17.37 39.41 43.24
N CYS E 68 -17.12 38.21 42.73
CA CYS E 68 -17.57 36.96 43.33
C CYS E 68 -16.38 36.18 43.87
N ALA E 69 -16.65 34.97 44.34
CA ALA E 69 -15.63 34.12 44.92
C ALA E 69 -15.96 32.66 44.62
N ARG E 70 -14.93 31.84 44.44
CA ARG E 70 -15.12 30.40 44.30
C ARG E 70 -15.07 29.76 45.67
N VAL E 71 -16.20 29.20 46.10
CA VAL E 71 -16.29 28.58 47.41
C VAL E 71 -16.48 27.08 47.26
N GLN E 72 -15.95 26.35 48.23
CA GLN E 72 -16.14 24.91 48.35
C GLN E 72 -17.09 24.64 49.50
N LEU E 73 -17.96 23.67 49.32
CA LEU E 73 -18.98 23.35 50.31
C LEU E 73 -18.41 22.30 51.25
N VAL E 74 -18.40 22.61 52.55
CA VAL E 74 -17.91 21.64 53.52
C VAL E 74 -18.80 20.41 53.57
N LYS E 75 -20.05 20.52 53.16
CA LYS E 75 -20.99 19.43 53.40
C LYS E 75 -20.87 18.34 52.35
N ASN E 76 -20.70 18.70 51.07
CA ASN E 76 -20.63 17.69 50.03
C ASN E 76 -19.59 17.98 48.94
N GLY E 77 -18.71 18.96 49.12
CA GLY E 77 -17.57 19.12 48.25
C GLY E 77 -17.82 19.86 46.95
N LYS E 78 -19.03 20.36 46.73
CA LYS E 78 -19.29 21.15 45.53
C LYS E 78 -18.44 22.41 45.54
N LYS E 79 -17.93 22.79 44.36
CA LYS E 79 -17.27 24.07 44.18
C LYS E 79 -18.13 24.93 43.28
N ILE E 80 -18.44 26.14 43.74
CA ILE E 80 -19.40 27.02 43.09
C ILE E 80 -18.88 28.45 43.15
N ALA E 81 -19.61 29.36 42.51
CA ALA E 81 -19.32 30.78 42.53
C ALA E 81 -20.41 31.51 43.29
N ALA E 82 -20.01 32.47 44.13
CA ALA E 82 -20.93 33.19 44.98
C ALA E 82 -20.61 34.67 44.99
N PHE E 83 -21.64 35.50 44.94
CA PHE E 83 -21.48 36.94 44.91
C PHE E 83 -21.20 37.50 46.30
N VAL E 84 -20.74 38.74 46.35
CA VAL E 84 -20.50 39.44 47.60
C VAL E 84 -21.28 40.76 47.58
N PRO E 85 -22.46 40.82 48.17
CA PRO E 85 -23.42 41.91 47.87
C PRO E 85 -23.30 43.22 48.67
N ASN E 86 -22.18 43.92 48.52
CA ASN E 86 -22.02 45.25 49.09
C ASN E 86 -20.90 45.95 48.33
N ASP E 87 -20.82 47.27 48.51
CA ASP E 87 -19.83 48.07 47.82
C ASP E 87 -18.47 47.84 48.44
N GLY E 88 -17.53 47.35 47.64
CA GLY E 88 -16.17 47.14 48.10
C GLY E 88 -16.07 46.17 49.25
N CYS E 89 -17.12 45.38 49.44
CA CYS E 89 -17.15 44.43 50.55
C CYS E 89 -16.20 43.26 50.33
N LEU E 90 -15.71 43.07 49.11
CA LEU E 90 -14.90 41.90 48.81
C LEU E 90 -13.65 41.84 49.65
N ASN E 91 -13.13 43.00 50.07
CA ASN E 91 -11.89 43.05 50.84
C ASN E 91 -12.00 42.24 52.12
N PHE E 92 -13.17 42.25 52.76
CA PHE E 92 -13.36 41.49 53.99
C PHE E 92 -13.11 40.01 53.74
N ILE E 93 -13.62 39.49 52.63
CA ILE E 93 -13.34 38.11 52.25
C ILE E 93 -11.85 37.96 52.00
N GLU E 94 -11.31 36.82 52.38
CA GLU E 94 -9.92 36.48 52.09
C GLU E 94 -9.86 34.99 51.80
N GLU E 95 -8.79 34.57 51.13
CA GLU E 95 -8.68 33.18 50.69
C GLU E 95 -8.82 32.22 51.87
N ASN E 96 -9.57 31.14 51.63
CA ASN E 96 -9.80 30.09 52.63
C ASN E 96 -10.32 30.67 53.94
N ASP E 97 -11.41 31.44 53.83
CA ASP E 97 -12.19 31.85 54.98
C ASP E 97 -13.52 31.12 54.99
N GLU E 98 -14.18 31.18 56.14
CA GLU E 98 -15.35 30.35 56.43
C GLU E 98 -16.59 31.21 56.25
N VAL E 99 -17.32 30.97 55.17
CA VAL E 99 -18.41 31.86 54.76
C VAL E 99 -19.72 31.09 54.79
N LEU E 100 -20.82 31.81 54.89
CA LEU E 100 -22.15 31.23 54.75
C LEU E 100 -22.73 31.67 53.41
N ILE E 101 -23.13 30.70 52.58
CA ILE E 101 -23.60 30.96 51.23
C ILE E 101 -25.09 30.70 51.19
N ALA E 102 -25.84 31.68 50.70
CA ALA E 102 -27.29 31.56 50.62
C ALA E 102 -27.73 31.75 49.17
N GLY E 103 -28.98 31.37 48.91
CA GLY E 103 -29.53 31.62 47.59
C GLY E 103 -29.54 33.10 47.28
N PHE E 104 -29.34 33.42 46.01
CA PHE E 104 -29.14 34.80 45.61
C PHE E 104 -30.42 35.42 45.07
N GLY E 105 -31.54 34.73 45.21
CA GLY E 105 -32.80 35.18 44.66
C GLY E 105 -33.19 34.34 43.45
N ARG E 106 -34.43 34.56 43.02
CA ARG E 106 -35.01 33.83 41.89
C ARG E 106 -34.98 32.32 42.09
N LYS E 107 -34.73 31.87 43.32
CA LYS E 107 -34.92 30.47 43.72
C LYS E 107 -34.07 29.53 42.87
N GLY E 108 -32.76 29.67 43.02
CA GLY E 108 -31.83 28.80 42.32
C GLY E 108 -31.65 29.10 40.85
N HIS E 109 -31.84 30.34 40.44
CA HIS E 109 -31.81 30.74 39.04
C HIS E 109 -31.01 32.02 38.95
N ALA E 110 -30.20 32.16 37.89
CA ALA E 110 -29.28 33.28 37.80
C ALA E 110 -30.03 34.60 37.86
N VAL E 111 -29.42 35.59 38.52
CA VAL E 111 -30.10 36.83 38.86
C VAL E 111 -29.39 38.00 38.19
N GLY E 112 -30.16 38.83 37.49
CA GLY E 112 -29.64 40.10 37.02
C GLY E 112 -28.56 39.92 35.96
N ASP E 113 -27.56 40.79 36.00
CA ASP E 113 -26.51 40.82 34.99
C ASP E 113 -25.32 39.96 35.35
N ILE E 114 -25.30 39.33 36.52
CA ILE E 114 -24.19 38.44 36.87
C ILE E 114 -24.42 37.17 36.07
N PRO E 115 -23.45 36.71 35.28
CA PRO E 115 -23.67 35.53 34.45
C PRO E 115 -23.56 34.25 35.27
N GLY E 116 -24.62 33.47 35.29
CA GLY E 116 -24.56 32.11 35.82
C GLY E 116 -24.10 31.99 37.25
N VAL E 117 -24.51 32.91 38.12
CA VAL E 117 -24.21 32.83 39.54
C VAL E 117 -25.51 32.88 40.32
N ARG E 118 -25.65 31.96 41.27
CA ARG E 118 -26.90 31.75 41.98
C ARG E 118 -26.77 31.95 43.48
N PHE E 119 -25.65 32.48 43.97
CA PHE E 119 -25.33 32.41 45.38
C PHE E 119 -24.76 33.72 45.87
N LYS E 120 -24.96 33.98 47.17
CA LYS E 120 -24.53 35.21 47.80
C LYS E 120 -23.88 34.89 49.14
N VAL E 121 -22.90 35.69 49.53
CA VAL E 121 -22.22 35.52 50.80
C VAL E 121 -22.95 36.34 51.85
N VAL E 122 -23.35 35.71 52.95
CA VAL E 122 -24.08 36.39 54.01
C VAL E 122 -23.33 36.41 55.32
N LYS E 123 -22.24 35.66 55.45
CA LYS E 123 -21.40 35.70 56.64
C LYS E 123 -19.99 35.32 56.24
N VAL E 124 -19.02 35.76 57.04
CA VAL E 124 -17.62 35.39 56.86
C VAL E 124 -16.95 35.37 58.23
N SER E 125 -16.16 34.32 58.48
CA SER E 125 -15.42 34.18 59.72
C SER E 125 -16.33 34.35 60.95
N GLY E 126 -17.60 33.99 60.79
CA GLY E 126 -18.52 34.04 61.90
C GLY E 126 -19.00 35.42 62.30
N VAL E 127 -18.88 36.40 61.42
CA VAL E 127 -19.32 37.76 61.70
C VAL E 127 -20.30 38.19 60.62
N SER E 128 -21.33 38.93 61.04
CA SER E 128 -22.34 39.42 60.10
C SER E 128 -21.70 40.34 59.08
N LEU E 129 -21.98 40.09 57.81
CA LEU E 129 -21.37 40.89 56.76
C LEU E 129 -22.04 42.26 56.63
N LEU E 130 -23.34 42.35 56.92
CA LEU E 130 -23.96 43.66 57.06
C LEU E 130 -23.32 44.45 58.17
N ALA E 131 -22.99 43.79 59.28
CA ALA E 131 -22.29 44.44 60.37
C ALA E 131 -20.90 44.91 59.94
N LEU E 132 -20.20 44.09 59.15
CA LEU E 132 -18.93 44.55 58.60
C LEU E 132 -19.10 45.80 57.75
N PHE E 133 -20.11 45.80 56.88
CA PHE E 133 -20.38 46.96 56.05
C PHE E 133 -20.70 48.19 56.90
N LYS E 134 -21.37 47.99 58.04
CA LYS E 134 -21.85 49.10 58.85
C LYS E 134 -20.99 49.35 60.09
N GLU E 135 -19.78 48.80 60.11
CA GLU E 135 -18.83 48.92 61.23
C GLU E 135 -19.45 48.59 62.58
N LYS E 136 -20.54 47.80 62.61
CA LYS E 136 -21.13 47.44 63.89
C LYS E 136 -20.23 46.50 64.67
N LYS E 137 -19.49 45.64 63.99
CA LYS E 137 -18.61 44.69 64.66
C LYS E 137 -17.59 44.19 63.66
N GLU E 138 -16.31 44.35 63.99
CA GLU E 138 -15.23 43.92 63.12
C GLU E 138 -14.73 42.55 63.53
N LYS E 139 -14.51 41.68 62.54
CA LYS E 139 -14.10 40.30 62.77
C LYS E 139 -12.72 40.19 63.39
N GLU F 6 -93.01 98.04 -50.11
CA GLU F 6 -91.79 97.59 -50.77
C GLU F 6 -90.74 97.39 -49.68
N SER F 7 -89.57 96.86 -50.03
CA SER F 7 -88.53 96.53 -49.06
C SER F 7 -87.23 97.15 -49.50
N LEU F 8 -86.15 96.78 -48.80
CA LEU F 8 -84.82 97.28 -49.06
C LEU F 8 -83.85 96.14 -49.37
N VAL F 9 -82.70 96.51 -49.93
CA VAL F 9 -81.76 95.56 -50.51
C VAL F 9 -80.41 95.71 -49.83
N TYR F 10 -79.64 94.62 -49.85
CA TYR F 10 -78.26 94.62 -49.39
C TYR F 10 -77.33 94.79 -50.58
N ALA F 11 -76.29 95.60 -50.40
CA ALA F 11 -75.38 95.92 -51.49
C ALA F 11 -73.96 95.44 -51.25
N GLY F 12 -73.37 95.77 -50.09
CA GLY F 12 -71.99 95.40 -49.84
C GLY F 12 -71.68 95.30 -48.37
N VAL F 13 -70.48 94.81 -48.09
CA VAL F 13 -70.00 94.65 -46.72
C VAL F 13 -68.60 95.26 -46.64
N MET F 14 -68.37 96.06 -45.61
CA MET F 14 -67.11 96.75 -45.43
C MET F 14 -66.45 96.33 -44.13
N ARG F 15 -65.15 96.03 -44.19
CA ARG F 15 -64.38 95.63 -43.03
C ARG F 15 -63.10 96.45 -42.95
N GLY F 16 -62.99 97.27 -41.90
CA GLY F 16 -61.75 97.96 -41.66
C GLY F 16 -61.35 97.95 -40.20
N HIS F 17 -62.22 97.44 -39.34
CA HIS F 17 -61.96 97.38 -37.91
C HIS F 17 -61.58 95.97 -37.48
N ASN F 18 -60.61 95.89 -36.58
CA ASN F 18 -60.16 94.61 -36.04
C ASN F 18 -61.29 93.92 -35.29
N ASP F 19 -61.94 94.64 -34.39
CA ASP F 19 -62.92 94.06 -33.48
C ASP F 19 -64.09 95.01 -33.29
N VAL F 20 -65.08 94.56 -32.53
CA VAL F 20 -66.45 95.07 -32.54
C VAL F 20 -66.57 96.58 -32.61
N VAL F 21 -67.46 97.05 -33.49
CA VAL F 21 -67.81 98.47 -33.57
C VAL F 21 -68.90 98.78 -32.55
N THR F 22 -68.98 100.05 -32.19
CA THR F 22 -69.96 100.49 -31.21
C THR F 22 -70.75 101.74 -31.61
N ALA F 23 -70.30 102.50 -32.60
CA ALA F 23 -71.06 103.66 -33.06
C ALA F 23 -70.72 103.98 -34.50
N ILE F 24 -71.68 104.59 -35.19
CA ILE F 24 -71.54 105.09 -36.54
C ILE F 24 -72.08 106.52 -36.55
N ALA F 25 -71.54 107.37 -37.42
CA ALA F 25 -72.06 108.72 -37.52
C ALA F 25 -71.87 109.25 -38.93
N THR F 26 -72.89 109.96 -39.42
CA THR F 26 -72.90 110.45 -40.80
C THR F 26 -73.16 111.96 -40.81
N PRO F 27 -72.40 112.70 -41.61
CA PRO F 27 -72.79 114.09 -41.87
C PRO F 27 -73.84 114.14 -42.97
N ILE F 28 -74.73 115.11 -42.85
CA ILE F 28 -75.75 115.32 -43.88
C ILE F 28 -75.31 116.39 -44.87
N ASP F 29 -74.65 117.44 -44.36
CA ASP F 29 -74.22 118.55 -45.19
C ASP F 29 -73.00 118.20 -46.04
N ASN F 30 -72.19 117.23 -45.61
CA ASN F 30 -71.10 116.66 -46.42
C ASN F 30 -71.23 115.14 -46.30
N SER F 31 -72.04 114.55 -47.18
CA SER F 31 -72.53 113.19 -46.92
C SER F 31 -71.47 112.11 -47.05
N PRO F 32 -70.72 111.98 -48.17
CA PRO F 32 -69.98 110.73 -48.38
C PRO F 32 -68.75 110.60 -47.49
N PHE F 33 -68.88 110.94 -46.20
CA PHE F 33 -67.75 111.08 -45.30
C PHE F 33 -68.14 110.40 -44.00
N ILE F 34 -67.98 109.08 -43.91
CA ILE F 34 -68.53 108.31 -42.81
C ILE F 34 -67.46 108.10 -41.74
N VAL F 35 -67.86 108.18 -40.47
CA VAL F 35 -66.98 107.87 -39.34
C VAL F 35 -67.57 106.70 -38.58
N SER F 36 -66.74 105.67 -38.38
CA SER F 36 -67.12 104.45 -37.67
C SER F 36 -66.17 104.25 -36.51
N SER F 37 -66.72 104.11 -35.31
CA SER F 37 -65.91 103.75 -34.16
C SER F 37 -65.83 102.24 -34.07
N SER F 38 -64.87 101.76 -33.30
CA SER F 38 -64.75 100.35 -33.00
C SER F 38 -64.26 100.22 -31.58
N ARG F 39 -64.31 98.99 -31.07
CA ARG F 39 -63.91 98.80 -29.68
C ARG F 39 -62.42 99.02 -29.49
N ASP F 40 -61.61 98.60 -30.46
CA ASP F 40 -60.21 99.00 -30.38
C ASP F 40 -60.09 100.52 -30.49
N LYS F 41 -58.99 101.03 -30.01
CA LYS F 41 -58.85 102.44 -29.67
C LYS F 41 -58.89 103.38 -30.85
N SER F 42 -59.12 102.97 -32.09
CA SER F 42 -59.10 103.91 -33.20
C SER F 42 -60.52 104.25 -33.65
N LEU F 43 -60.63 105.29 -34.47
CA LEU F 43 -61.89 105.75 -35.06
C LEU F 43 -61.69 105.82 -36.56
N LEU F 44 -62.11 104.80 -37.30
CA LEU F 44 -61.80 104.78 -38.72
C LEU F 44 -62.84 105.57 -39.50
N VAL F 45 -62.38 106.44 -40.38
CA VAL F 45 -63.29 107.16 -41.27
C VAL F 45 -63.09 106.65 -42.67
N TRP F 46 -64.18 106.64 -43.43
CA TRP F 46 -64.17 106.21 -44.81
C TRP F 46 -64.67 107.34 -45.70
N ASP F 47 -64.01 107.50 -46.83
CA ASP F 47 -64.47 108.37 -47.91
C ASP F 47 -65.20 107.50 -48.91
N LEU F 48 -66.39 107.94 -49.32
CA LEU F 48 -67.28 107.14 -50.14
C LEU F 48 -67.28 107.62 -51.59
N THR F 49 -67.08 106.68 -52.51
CA THR F 49 -67.33 106.90 -53.93
C THR F 49 -68.42 105.97 -54.45
N ASN F 50 -69.17 105.32 -53.56
CA ASN F 50 -70.24 104.38 -53.85
C ASN F 50 -69.78 103.23 -54.74
N PRO F 51 -68.83 102.39 -54.30
CA PRO F 51 -68.44 101.25 -55.14
C PRO F 51 -69.24 99.99 -54.85
N ILE F 52 -69.89 99.44 -55.87
CA ILE F 52 -70.44 98.09 -55.80
C ILE F 52 -69.68 97.32 -56.87
N GLN F 53 -68.55 96.74 -56.48
CA GLN F 53 -67.54 96.30 -57.44
C GLN F 53 -67.80 94.84 -57.79
N ALA F 54 -68.77 94.64 -58.69
CA ALA F 54 -69.11 93.29 -59.12
C ALA F 54 -68.15 92.81 -60.19
N THR F 55 -66.85 92.90 -59.91
CA THR F 55 -65.81 92.43 -60.82
C THR F 55 -65.18 91.12 -60.40
N GLN F 56 -65.18 90.80 -59.09
CA GLN F 56 -64.75 89.49 -58.61
C GLN F 56 -65.87 88.94 -57.70
N ASP F 57 -66.87 88.32 -58.32
CA ASP F 57 -68.03 87.76 -57.62
C ASP F 57 -68.58 88.76 -56.59
N SER F 58 -68.68 90.02 -57.02
CA SER F 58 -69.00 91.13 -56.13
C SER F 58 -68.05 91.16 -54.93
N SER F 59 -66.77 91.41 -55.24
CA SER F 59 -65.78 91.65 -54.19
C SER F 59 -66.16 92.90 -53.42
N SER F 60 -66.37 92.74 -52.11
CA SER F 60 -67.18 93.68 -51.35
C SER F 60 -66.32 94.57 -50.44
N GLU F 61 -66.15 95.82 -50.85
CA GLU F 61 -65.80 96.92 -49.96
C GLU F 61 -66.49 98.16 -50.47
N TYR F 62 -67.01 98.97 -49.54
CA TYR F 62 -67.85 100.12 -49.89
C TYR F 62 -67.26 101.44 -49.41
N GLY F 63 -65.94 101.55 -49.37
CA GLY F 63 -65.32 102.82 -49.02
C GLY F 63 -63.83 102.72 -49.17
N VAL F 64 -63.17 103.87 -48.98
CA VAL F 64 -61.73 103.93 -48.86
C VAL F 64 -61.39 104.56 -47.51
N PRO F 65 -60.64 103.89 -46.65
CA PRO F 65 -60.32 104.49 -45.35
C PRO F 65 -59.47 105.74 -45.49
N PHE F 66 -60.05 106.89 -45.16
CA PHE F 66 -59.33 108.15 -45.33
C PHE F 66 -58.37 108.40 -44.19
N ARG F 67 -58.81 108.26 -42.95
CA ARG F 67 -57.96 108.50 -41.79
C ARG F 67 -58.40 107.56 -40.67
N ARG F 68 -57.52 107.42 -39.68
CA ARG F 68 -57.91 106.81 -38.41
C ARG F 68 -57.61 107.77 -37.29
N LEU F 69 -58.61 107.96 -36.45
CA LEU F 69 -58.53 108.82 -35.29
C LEU F 69 -58.16 107.96 -34.09
N THR F 70 -56.87 107.67 -34.00
CA THR F 70 -56.33 107.02 -32.81
C THR F 70 -56.05 108.06 -31.74
N GLY F 71 -55.92 107.59 -30.51
CA GLY F 71 -55.63 108.50 -29.43
C GLY F 71 -56.26 108.13 -28.11
N HIS F 72 -57.23 107.21 -28.11
CA HIS F 72 -57.78 106.78 -26.84
C HIS F 72 -56.91 105.69 -26.23
N GLY F 73 -57.04 105.53 -24.92
CA GLY F 73 -56.32 104.50 -24.21
C GLY F 73 -57.09 103.25 -23.92
N HIS F 74 -58.38 103.21 -24.26
CA HIS F 74 -59.19 102.03 -24.04
C HIS F 74 -60.38 102.09 -25.00
N PHE F 75 -61.42 101.33 -24.71
CA PHE F 75 -62.37 100.94 -25.74
C PHE F 75 -63.24 102.13 -26.14
N VAL F 76 -63.50 102.25 -27.43
CA VAL F 76 -64.22 103.39 -27.99
C VAL F 76 -65.71 103.07 -28.02
N GLN F 77 -66.52 103.94 -27.41
CA GLN F 77 -67.92 103.64 -27.16
C GLN F 77 -68.86 104.35 -28.12
N ASP F 78 -68.78 105.68 -28.24
CA ASP F 78 -69.71 106.39 -29.11
C ASP F 78 -69.01 107.47 -29.93
N VAL F 79 -69.68 107.90 -31.00
CA VAL F 79 -69.21 108.98 -31.86
C VAL F 79 -70.37 109.89 -32.24
N VAL F 80 -70.08 111.18 -32.35
CA VAL F 80 -70.98 112.20 -32.88
C VAL F 80 -70.18 113.17 -33.73
N LEU F 81 -70.90 113.98 -34.53
CA LEU F 81 -70.28 114.91 -35.47
C LEU F 81 -70.83 116.31 -35.28
N SER F 82 -70.05 117.29 -35.71
CA SER F 82 -70.36 118.69 -35.45
C SER F 82 -71.68 119.09 -36.09
N SER F 83 -72.37 120.02 -35.43
CA SER F 83 -73.64 120.52 -35.92
C SER F 83 -73.50 121.58 -37.00
N ASP F 84 -72.31 122.16 -37.18
CA ASP F 84 -72.13 123.16 -38.22
C ASP F 84 -70.85 122.99 -39.03
N GLY F 85 -69.90 122.17 -38.60
CA GLY F 85 -68.62 122.10 -39.29
C GLY F 85 -68.23 120.71 -39.71
N GLN F 86 -66.99 120.32 -39.41
CA GLN F 86 -66.46 119.02 -39.79
C GLN F 86 -65.95 118.17 -38.64
N PHE F 87 -65.84 118.73 -37.43
CA PHE F 87 -65.26 118.00 -36.31
C PHE F 87 -66.03 116.72 -35.99
N ALA F 88 -65.30 115.72 -35.50
CA ALA F 88 -65.85 114.44 -35.11
C ALA F 88 -65.39 114.14 -33.71
N LEU F 89 -66.33 113.77 -32.84
CA LEU F 89 -66.08 113.63 -31.42
C LEU F 89 -66.43 112.21 -30.99
N SER F 90 -65.73 111.74 -29.97
CA SER F 90 -65.80 110.36 -29.55
C SER F 90 -65.77 110.26 -28.04
N GLY F 91 -66.39 109.20 -27.53
CA GLY F 91 -66.35 108.87 -26.12
C GLY F 91 -65.93 107.42 -25.96
N SER F 92 -64.98 107.19 -25.04
CA SER F 92 -64.28 105.93 -24.93
C SER F 92 -64.02 105.61 -23.46
N TRP F 93 -63.84 104.32 -23.18
CA TRP F 93 -63.78 103.87 -21.79
C TRP F 93 -62.56 104.38 -21.05
N ASP F 94 -61.65 105.06 -21.73
CA ASP F 94 -60.50 105.63 -21.04
C ASP F 94 -60.91 106.65 -19.98
N GLY F 95 -62.13 107.16 -20.05
CA GLY F 95 -62.64 108.14 -19.12
C GLY F 95 -62.64 109.57 -19.62
N GLU F 96 -62.23 109.79 -20.86
CA GLU F 96 -62.12 111.13 -21.41
C GLU F 96 -62.93 111.25 -22.69
N LEU F 97 -63.39 112.46 -22.95
CA LEU F 97 -63.95 112.83 -24.24
C LEU F 97 -62.89 113.63 -24.96
N ARG F 98 -62.87 113.60 -26.29
CA ARG F 98 -61.99 114.53 -26.97
C ARG F 98 -62.47 114.82 -28.38
N LEU F 99 -62.42 116.10 -28.73
CA LEU F 99 -62.96 116.61 -29.99
C LEU F 99 -61.87 116.55 -31.05
N TRP F 100 -62.02 115.65 -32.01
CA TRP F 100 -61.08 115.53 -33.10
C TRP F 100 -61.51 116.40 -34.29
N ASP F 101 -60.53 116.98 -34.96
CA ASP F 101 -60.76 117.63 -36.24
C ASP F 101 -60.26 116.74 -37.36
N LEU F 102 -60.94 116.79 -38.50
CA LEU F 102 -60.52 116.02 -39.66
C LEU F 102 -59.83 116.89 -40.71
N SER F 103 -59.77 118.20 -40.49
CA SER F 103 -58.95 119.08 -41.31
C SER F 103 -57.53 119.22 -40.78
N THR F 104 -57.25 118.67 -39.60
CA THR F 104 -55.92 118.71 -39.03
C THR F 104 -55.52 117.31 -38.56
N GLY F 105 -56.50 116.54 -38.09
CA GLY F 105 -56.30 115.16 -37.69
C GLY F 105 -56.09 114.95 -36.21
N VAL F 106 -55.85 116.02 -35.45
CA VAL F 106 -55.42 115.92 -34.06
C VAL F 106 -56.55 116.42 -33.16
N THR F 107 -56.50 116.03 -31.89
CA THR F 107 -57.49 116.52 -30.94
C THR F 107 -57.37 118.03 -30.79
N THR F 108 -58.52 118.69 -30.71
CA THR F 108 -58.54 120.10 -30.37
C THR F 108 -58.77 120.30 -28.88
N ARG F 109 -59.80 119.65 -28.35
CA ARG F 109 -60.12 119.76 -26.95
C ARG F 109 -60.15 118.36 -26.36
N ARG F 110 -59.88 118.27 -25.06
CA ARG F 110 -59.93 117.00 -24.35
C ARG F 110 -60.78 117.22 -23.11
N PHE F 111 -62.05 116.80 -23.19
CA PHE F 111 -63.03 116.93 -22.12
C PHE F 111 -62.74 115.88 -21.05
N VAL F 112 -61.87 116.26 -20.12
CA VAL F 112 -61.68 115.48 -18.91
C VAL F 112 -62.92 115.57 -18.04
N GLY F 113 -63.03 114.66 -17.08
CA GLY F 113 -63.91 114.91 -15.95
C GLY F 113 -64.71 113.74 -15.42
N HIS F 114 -65.10 112.79 -16.27
CA HIS F 114 -65.84 111.64 -15.76
C HIS F 114 -64.92 110.75 -14.95
N GLU F 115 -65.20 110.66 -13.64
CA GLU F 115 -64.35 109.95 -12.70
C GLU F 115 -64.27 108.46 -12.99
N LYS F 116 -65.01 107.97 -13.98
CA LYS F 116 -64.96 106.59 -14.39
C LYS F 116 -65.47 106.53 -15.83
N ASP F 117 -65.65 105.32 -16.36
CA ASP F 117 -65.89 105.11 -17.78
C ASP F 117 -67.14 105.87 -18.26
N VAL F 118 -67.18 106.13 -19.57
CA VAL F 118 -68.25 106.92 -20.20
C VAL F 118 -69.02 106.06 -21.18
N LEU F 119 -70.27 106.47 -21.45
CA LEU F 119 -71.14 105.70 -22.35
C LEU F 119 -71.90 106.50 -23.41
N SER F 120 -71.95 107.82 -23.37
CA SER F 120 -72.78 108.50 -24.37
C SER F 120 -72.31 109.92 -24.62
N VAL F 121 -72.66 110.44 -25.80
CA VAL F 121 -72.24 111.74 -26.28
C VAL F 121 -73.37 112.37 -27.08
N ALA F 122 -73.52 113.69 -26.98
CA ALA F 122 -74.56 114.40 -27.71
C ALA F 122 -74.32 115.90 -27.67
N PHE F 123 -74.47 116.56 -28.82
CA PHE F 123 -74.38 118.01 -28.96
C PHE F 123 -75.73 118.68 -28.75
N SER F 124 -75.83 119.95 -29.17
CA SER F 124 -77.06 120.71 -29.16
C SER F 124 -77.27 121.34 -30.54
N ILE F 125 -78.39 122.04 -30.69
CA ILE F 125 -78.70 122.69 -31.97
C ILE F 125 -77.63 123.71 -32.32
N ASP F 126 -77.31 124.60 -31.38
CA ASP F 126 -76.23 125.55 -31.58
C ASP F 126 -74.86 124.92 -31.39
N ASN F 127 -74.82 123.65 -31.00
CA ASN F 127 -73.62 122.86 -30.78
C ASN F 127 -72.86 123.28 -29.52
N ARG F 128 -73.30 124.34 -28.85
CA ARG F 128 -72.49 124.88 -27.75
C ARG F 128 -72.54 123.97 -26.53
N GLN F 129 -73.73 123.51 -26.17
CA GLN F 129 -73.92 122.73 -24.95
C GLN F 129 -73.93 121.25 -25.28
N ILE F 130 -72.84 120.57 -24.94
CA ILE F 130 -72.65 119.14 -25.20
C ILE F 130 -72.88 118.37 -23.91
N VAL F 131 -73.36 117.12 -24.02
CA VAL F 131 -73.67 116.30 -22.86
C VAL F 131 -73.06 114.92 -23.02
N SER F 132 -72.39 114.45 -21.97
CA SER F 132 -71.71 113.17 -21.94
C SER F 132 -72.19 112.35 -20.75
N ALA F 133 -72.31 111.04 -20.98
CA ALA F 133 -72.88 110.10 -20.01
C ALA F 133 -71.85 109.07 -19.61
N SER F 134 -71.86 108.66 -18.34
CA SER F 134 -70.75 107.88 -17.80
C SER F 134 -71.24 106.83 -16.82
N ARG F 135 -70.36 105.88 -16.52
CA ARG F 135 -70.59 104.94 -15.42
C ARG F 135 -70.45 105.61 -14.06
N ASP F 136 -70.05 106.88 -14.03
CA ASP F 136 -70.08 107.69 -12.82
C ASP F 136 -71.50 107.83 -12.26
N ARG F 137 -72.49 107.21 -12.91
CA ARG F 137 -73.92 107.36 -12.59
C ARG F 137 -74.44 108.75 -12.90
N THR F 138 -73.63 109.58 -13.54
CA THR F 138 -73.95 110.99 -13.65
C THR F 138 -73.81 111.47 -15.08
N ILE F 139 -74.61 112.49 -15.40
CA ILE F 139 -74.66 113.10 -16.73
C ILE F 139 -73.99 114.46 -16.63
N LYS F 140 -73.07 114.76 -17.53
CA LYS F 140 -72.37 116.04 -17.46
C LYS F 140 -72.64 116.87 -18.71
N LEU F 141 -72.72 118.18 -18.50
CA LEU F 141 -72.84 119.14 -19.58
C LEU F 141 -71.51 119.88 -19.70
N TRP F 142 -70.85 119.73 -20.83
CA TRP F 142 -69.64 120.44 -21.18
C TRP F 142 -69.95 121.55 -22.17
N ASN F 143 -69.06 122.53 -22.19
CA ASN F 143 -69.17 123.70 -23.04
C ASN F 143 -68.41 123.46 -24.34
N THR F 144 -68.22 124.53 -25.11
CA THR F 144 -67.41 124.44 -26.32
C THR F 144 -66.02 123.92 -26.01
N LEU F 145 -65.40 124.43 -24.94
CA LEU F 145 -63.98 124.24 -24.70
C LEU F 145 -63.69 123.41 -23.45
N GLY F 146 -64.67 122.63 -23.00
CA GLY F 146 -64.43 121.63 -21.97
C GLY F 146 -64.58 122.08 -20.53
N GLU F 147 -65.69 122.73 -20.21
CA GLU F 147 -66.06 123.04 -18.84
C GLU F 147 -67.56 122.90 -18.69
N CYS F 148 -68.02 122.85 -17.44
CA CYS F 148 -69.44 122.73 -17.15
C CYS F 148 -69.97 124.03 -16.56
N LYS F 149 -71.15 124.43 -17.02
CA LYS F 149 -71.90 125.52 -16.40
C LYS F 149 -72.99 125.02 -15.46
N TYR F 150 -73.16 123.71 -15.34
CA TYR F 150 -73.86 123.13 -14.21
C TYR F 150 -73.55 121.63 -14.20
N THR F 151 -73.85 121.00 -13.07
CA THR F 151 -73.57 119.58 -12.83
C THR F 151 -74.89 118.91 -12.46
N ILE F 152 -75.46 118.14 -13.38
CA ILE F 152 -76.73 117.45 -13.13
C ILE F 152 -76.43 116.03 -12.67
N GLY F 153 -77.08 115.61 -11.61
CA GLY F 153 -76.79 114.37 -10.93
C GLY F 153 -77.18 114.49 -9.47
N GLY F 154 -76.43 113.78 -8.62
CA GLY F 154 -76.71 113.78 -7.20
C GLY F 154 -77.50 112.56 -6.77
N ASP F 155 -77.58 112.38 -5.45
CA ASP F 155 -78.29 111.25 -4.86
C ASP F 155 -79.79 111.51 -4.91
N LEU F 156 -80.56 110.62 -4.28
CA LEU F 156 -81.98 110.88 -4.07
C LEU F 156 -82.19 112.17 -3.29
N GLY F 157 -81.40 112.38 -2.23
CA GLY F 157 -81.34 113.70 -1.62
C GLY F 157 -80.56 114.70 -2.46
N GLY F 158 -79.56 114.22 -3.19
CA GLY F 158 -78.77 115.08 -4.05
C GLY F 158 -79.47 115.49 -5.32
N GLY F 159 -80.60 114.91 -5.62
CA GLY F 159 -81.35 115.28 -6.81
C GLY F 159 -82.24 114.14 -7.27
N GLU F 160 -82.47 114.10 -8.57
CA GLU F 160 -83.23 113.04 -9.19
C GLU F 160 -82.38 112.24 -10.17
N GLY F 161 -81.06 112.35 -10.07
CA GLY F 161 -80.17 111.67 -11.00
C GLY F 161 -80.29 110.16 -10.92
N HIS F 162 -79.69 109.51 -11.92
CA HIS F 162 -79.68 108.06 -11.97
C HIS F 162 -78.96 107.47 -10.76
N THR F 163 -79.44 106.33 -10.31
CA THR F 163 -78.82 105.59 -9.22
C THR F 163 -77.92 104.46 -9.71
N GLY F 164 -78.04 104.06 -10.97
CA GLY F 164 -77.15 103.12 -11.59
C GLY F 164 -76.36 103.75 -12.72
N TRP F 165 -75.82 102.88 -13.58
CA TRP F 165 -75.13 103.37 -14.77
C TRP F 165 -76.11 104.05 -15.70
N VAL F 166 -75.58 104.89 -16.58
CA VAL F 166 -76.37 105.48 -17.64
C VAL F 166 -75.88 104.91 -18.96
N SER F 167 -76.73 104.92 -19.97
CA SER F 167 -76.37 104.26 -21.21
C SER F 167 -76.69 105.05 -22.47
N CYS F 168 -77.50 106.10 -22.41
CA CYS F 168 -77.76 106.94 -23.57
C CYS F 168 -78.26 108.29 -23.12
N VAL F 169 -77.80 109.33 -23.80
CA VAL F 169 -78.37 110.67 -23.70
C VAL F 169 -78.57 111.22 -25.10
N ARG F 170 -79.78 111.70 -25.36
CA ARG F 170 -80.16 112.34 -26.62
C ARG F 170 -80.90 113.64 -26.38
N PHE F 171 -80.52 114.67 -27.11
CA PHE F 171 -81.23 115.94 -27.00
C PHE F 171 -82.55 115.89 -27.76
N SER F 172 -83.46 116.75 -27.34
CA SER F 172 -84.71 116.96 -28.05
C SER F 172 -84.49 117.96 -29.17
N PRO F 173 -84.91 117.65 -30.40
CA PRO F 173 -84.63 118.56 -31.53
C PRO F 173 -85.58 119.75 -31.63
N ASN F 174 -86.42 120.00 -30.64
CA ASN F 174 -87.46 121.02 -30.75
C ASN F 174 -86.97 122.35 -30.22
N ASN F 175 -87.50 123.43 -30.79
CA ASN F 175 -86.90 124.75 -30.61
C ASN F 175 -87.40 125.43 -29.34
N PHE F 176 -88.72 125.55 -29.18
CA PHE F 176 -89.29 126.24 -28.02
C PHE F 176 -89.30 125.39 -26.74
N ALA F 177 -88.73 124.19 -26.75
CA ALA F 177 -88.63 123.44 -25.50
C ALA F 177 -87.60 122.33 -25.56
N PRO F 178 -86.30 122.65 -25.69
CA PRO F 178 -85.30 121.58 -25.69
C PRO F 178 -85.20 120.89 -24.35
N THR F 179 -84.86 119.60 -24.39
CA THR F 179 -84.71 118.75 -23.22
C THR F 179 -83.64 117.71 -23.52
N ILE F 180 -83.38 116.84 -22.53
CA ILE F 180 -82.45 115.73 -22.66
C ILE F 180 -83.15 114.46 -22.20
N VAL F 181 -82.84 113.35 -22.86
CA VAL F 181 -83.30 112.04 -22.44
C VAL F 181 -82.07 111.20 -22.09
N SER F 182 -82.16 110.48 -20.97
CA SER F 182 -81.07 109.65 -20.45
C SER F 182 -81.68 108.30 -20.09
N GLY F 183 -81.52 107.34 -21.00
CA GLY F 183 -81.86 105.96 -20.69
C GLY F 183 -80.70 105.30 -19.97
N SER F 184 -81.00 104.51 -18.96
CA SER F 184 -79.95 104.10 -18.02
C SER F 184 -80.05 102.63 -17.66
N TRP F 185 -78.94 102.13 -17.14
CA TRP F 185 -78.84 100.77 -16.59
C TRP F 185 -79.71 100.54 -15.38
N ASP F 186 -80.11 101.62 -14.68
CA ASP F 186 -80.82 101.49 -13.42
C ASP F 186 -82.29 101.18 -13.60
N ARG F 187 -82.67 100.62 -14.75
CA ARG F 187 -84.05 100.22 -15.01
C ARG F 187 -84.96 101.44 -15.16
N SER F 188 -84.48 102.47 -15.85
CA SER F 188 -85.25 103.70 -15.93
C SER F 188 -84.71 104.62 -17.01
N VAL F 189 -85.57 105.55 -17.40
CA VAL F 189 -85.24 106.66 -18.28
C VAL F 189 -85.65 107.94 -17.56
N LYS F 190 -84.77 108.95 -17.54
CA LYS F 190 -85.17 110.28 -17.09
C LYS F 190 -84.87 111.33 -18.13
N VAL F 191 -85.79 112.29 -18.27
CA VAL F 191 -85.63 113.43 -19.16
C VAL F 191 -85.51 114.69 -18.31
N TRP F 192 -84.51 115.50 -18.62
CA TRP F 192 -84.22 116.75 -17.95
C TRP F 192 -84.46 117.89 -18.95
N ASN F 193 -84.26 119.13 -18.50
CA ASN F 193 -84.30 120.27 -19.41
C ASN F 193 -83.03 121.09 -19.22
N LEU F 194 -82.69 121.85 -20.26
CA LEU F 194 -81.54 122.76 -20.16
C LEU F 194 -81.89 124.03 -19.41
N THR F 195 -83.14 124.51 -19.56
CA THR F 195 -83.47 125.87 -19.17
C THR F 195 -83.14 126.13 -17.71
N ASN F 196 -83.46 125.17 -16.84
CA ASN F 196 -83.10 125.28 -15.44
C ASN F 196 -82.60 123.94 -14.92
N CYS F 197 -81.88 123.21 -15.78
CA CYS F 197 -81.16 121.99 -15.44
C CYS F 197 -82.04 120.96 -14.74
N LYS F 198 -83.34 121.15 -14.82
CA LYS F 198 -84.32 120.41 -14.04
C LYS F 198 -85.02 119.40 -14.94
N LEU F 199 -85.90 118.60 -14.35
CA LEU F 199 -86.69 117.62 -15.09
C LEU F 199 -88.14 118.09 -15.25
N ARG F 200 -88.80 117.51 -16.25
CA ARG F 200 -90.24 117.66 -16.43
C ARG F 200 -91.01 116.54 -15.72
N CYS F 201 -90.57 115.29 -15.91
CA CYS F 201 -91.02 114.17 -15.07
C CYS F 201 -89.87 113.17 -14.96
N THR F 202 -90.12 112.09 -14.22
CA THR F 202 -89.24 110.92 -14.14
C THR F 202 -89.94 109.77 -14.86
N LEU F 203 -89.39 109.36 -16.00
CA LEU F 203 -90.12 108.54 -16.97
C LEU F 203 -89.81 107.07 -16.67
N ASP F 204 -90.58 106.50 -15.75
CA ASP F 204 -90.29 105.18 -15.16
C ASP F 204 -90.63 104.07 -16.17
N GLY F 205 -89.60 103.38 -16.64
CA GLY F 205 -89.76 102.45 -17.74
C GLY F 205 -89.60 100.96 -17.48
N HIS F 206 -88.58 100.37 -18.12
CA HIS F 206 -88.46 98.92 -18.31
C HIS F 206 -88.41 98.17 -16.96
N GLY F 207 -88.42 96.84 -17.06
CA GLY F 207 -88.12 95.98 -15.94
C GLY F 207 -86.71 95.43 -16.00
N GLY F 208 -86.02 95.67 -17.12
CA GLY F 208 -84.63 95.30 -17.26
C GLY F 208 -83.82 96.50 -17.69
N TYR F 209 -82.50 96.33 -17.69
CA TYR F 209 -81.64 97.47 -17.98
C TYR F 209 -81.82 97.95 -19.42
N VAL F 210 -81.68 99.26 -19.60
CA VAL F 210 -81.95 99.93 -20.86
C VAL F 210 -80.64 100.10 -21.63
N SER F 211 -80.70 99.85 -22.94
CA SER F 211 -79.53 99.94 -23.81
C SER F 211 -79.57 101.11 -24.76
N ALA F 212 -80.75 101.52 -25.24
CA ALA F 212 -80.79 102.54 -26.28
C ALA F 212 -82.09 103.32 -26.20
N VAL F 213 -82.00 104.58 -26.61
CA VAL F 213 -83.10 105.52 -26.66
C VAL F 213 -83.05 106.21 -28.01
N ALA F 214 -84.21 106.51 -28.57
CA ALA F 214 -84.31 107.23 -29.83
C ALA F 214 -85.45 108.25 -29.76
N VAL F 215 -85.12 109.51 -29.95
CA VAL F 215 -86.10 110.59 -29.99
C VAL F 215 -86.51 110.82 -31.44
N SER F 216 -87.79 111.06 -31.66
CA SER F 216 -88.32 111.11 -33.02
C SER F 216 -87.62 112.19 -33.83
N PRO F 217 -87.39 111.96 -35.13
CA PRO F 217 -86.74 113.00 -35.94
C PRO F 217 -87.49 114.32 -35.92
N ASP F 218 -88.82 114.27 -35.91
CA ASP F 218 -89.64 115.46 -35.74
C ASP F 218 -90.09 115.62 -34.30
N GLY F 219 -89.39 115.02 -33.36
CA GLY F 219 -89.53 115.29 -31.93
C GLY F 219 -90.91 115.02 -31.37
N SER F 220 -91.52 113.92 -31.77
CA SER F 220 -92.87 113.60 -31.33
C SER F 220 -92.92 112.51 -30.28
N LEU F 221 -91.88 111.68 -30.19
CA LEU F 221 -91.86 110.60 -29.23
C LEU F 221 -90.44 110.34 -28.76
N CYS F 222 -90.33 109.47 -27.76
CA CYS F 222 -89.08 109.18 -27.05
C CYS F 222 -88.92 107.67 -26.87
N ALA F 223 -88.91 106.94 -27.99
CA ALA F 223 -88.88 105.47 -27.92
C ALA F 223 -87.61 105.00 -27.23
N SER F 224 -87.69 103.82 -26.61
CA SER F 224 -86.54 103.31 -25.87
C SER F 224 -86.63 101.80 -25.76
N GLY F 225 -85.55 101.12 -26.13
CA GLY F 225 -85.54 99.67 -26.08
C GLY F 225 -84.44 99.11 -25.19
N GLY F 226 -83.99 97.90 -25.48
CA GLY F 226 -82.90 97.33 -24.70
C GLY F 226 -82.97 95.85 -24.41
N LYS F 227 -82.82 95.52 -23.12
CA LYS F 227 -82.77 94.14 -22.63
C LYS F 227 -83.97 93.29 -22.99
N ASP F 228 -85.13 93.64 -22.43
CA ASP F 228 -86.21 92.69 -22.27
C ASP F 228 -86.93 92.38 -23.57
N GLY F 229 -86.54 93.02 -24.68
CA GLY F 229 -87.25 92.89 -25.93
C GLY F 229 -88.48 93.75 -26.03
N VAL F 230 -88.80 94.50 -24.98
CA VAL F 230 -90.00 95.33 -24.94
C VAL F 230 -89.57 96.76 -25.22
N THR F 231 -89.68 97.18 -26.48
CA THR F 231 -89.37 98.55 -26.83
C THR F 231 -90.59 99.40 -26.50
N LEU F 232 -90.40 100.38 -25.62
CA LEU F 232 -91.48 101.19 -25.09
C LEU F 232 -91.42 102.57 -25.74
N LEU F 233 -92.51 102.98 -26.38
CA LEU F 233 -92.55 104.23 -27.10
C LEU F 233 -93.34 105.23 -26.26
N TRP F 234 -92.77 106.42 -26.02
CA TRP F 234 -93.26 107.33 -25.00
C TRP F 234 -93.53 108.71 -25.57
N ASP F 235 -94.42 109.44 -24.91
CA ASP F 235 -94.80 110.79 -25.31
C ASP F 235 -93.88 111.79 -24.63
N LEU F 236 -93.20 112.61 -25.44
CA LEU F 236 -92.30 113.62 -24.88
C LEU F 236 -93.07 114.66 -24.06
N THR F 237 -94.23 115.09 -24.55
CA THR F 237 -94.83 116.33 -24.06
C THR F 237 -95.15 116.26 -22.58
N GLU F 238 -95.88 115.25 -22.15
CA GLU F 238 -96.19 115.17 -20.71
C GLU F 238 -96.35 113.69 -20.33
N GLY F 239 -95.24 113.08 -19.92
CA GLY F 239 -95.20 111.84 -19.16
C GLY F 239 -96.21 110.76 -19.48
N LYS F 240 -96.23 110.27 -20.72
CA LYS F 240 -97.17 109.24 -21.11
C LYS F 240 -96.47 108.14 -21.90
N ARG F 241 -97.08 106.97 -21.89
CA ARG F 241 -96.66 105.83 -22.70
C ARG F 241 -97.59 105.72 -23.89
N LEU F 242 -97.05 105.86 -25.09
CA LEU F 242 -97.92 105.89 -26.26
C LEU F 242 -98.20 104.48 -26.80
N TYR F 243 -97.24 103.56 -26.71
CA TYR F 243 -97.57 102.13 -26.67
C TYR F 243 -96.27 101.35 -26.46
N SER F 244 -96.37 100.03 -26.61
CA SER F 244 -95.24 99.12 -26.55
C SER F 244 -95.25 98.19 -27.76
N LEU F 245 -94.07 97.85 -28.26
CA LEU F 245 -93.96 96.72 -29.17
C LEU F 245 -92.86 95.79 -28.68
N ASP F 246 -92.89 94.56 -29.18
CA ASP F 246 -92.11 93.47 -28.61
C ASP F 246 -91.15 92.93 -29.67
N ALA F 247 -89.88 93.33 -29.59
CA ALA F 247 -88.87 92.78 -30.47
C ALA F 247 -88.19 91.55 -29.88
N GLY F 248 -88.47 91.23 -28.62
CA GLY F 248 -88.14 89.94 -28.04
C GLY F 248 -86.75 89.79 -27.44
N SER F 249 -85.74 89.68 -28.29
CA SER F 249 -84.39 89.42 -27.81
C SER F 249 -83.77 90.72 -27.30
N ILE F 250 -82.45 90.75 -27.13
CA ILE F 250 -81.81 91.98 -26.69
C ILE F 250 -81.82 92.99 -27.82
N ILE F 251 -82.04 94.26 -27.49
CA ILE F 251 -81.93 95.33 -28.46
C ILE F 251 -80.85 96.29 -28.01
N ASN F 252 -79.93 96.61 -28.91
CA ASN F 252 -78.84 97.52 -28.61
C ASN F 252 -78.99 98.89 -29.26
N SER F 253 -79.69 98.98 -30.38
CA SER F 253 -79.78 100.24 -31.11
C SER F 253 -81.23 100.55 -31.45
N LEU F 254 -81.58 101.82 -31.38
CA LEU F 254 -82.87 102.29 -31.81
C LEU F 254 -82.65 103.49 -32.71
N CYS F 255 -83.24 103.45 -33.90
CA CYS F 255 -83.10 104.58 -34.81
C CYS F 255 -84.37 104.74 -35.62
N PHE F 256 -84.50 105.87 -36.29
CA PHE F 256 -85.68 106.15 -37.08
C PHE F 256 -85.30 106.42 -38.52
N SER F 257 -86.29 106.31 -39.40
CA SER F 257 -86.10 106.78 -40.76
C SER F 257 -85.92 108.30 -40.75
N PRO F 258 -85.02 108.84 -41.57
CA PRO F 258 -84.75 110.29 -41.48
C PRO F 258 -85.99 111.14 -41.66
N ASN F 259 -86.88 110.74 -42.55
CA ASN F 259 -88.18 111.38 -42.71
C ASN F 259 -89.32 110.48 -42.24
N ARG F 260 -89.31 109.22 -42.68
CA ARG F 260 -90.47 108.35 -42.52
C ARG F 260 -90.64 107.96 -41.06
N TYR F 261 -91.86 107.54 -40.73
CA TYR F 261 -92.19 107.09 -39.38
C TYR F 261 -91.84 105.61 -39.30
N TRP F 262 -90.54 105.32 -39.25
CA TRP F 262 -89.99 103.98 -39.26
C TRP F 262 -89.03 103.85 -38.10
N LEU F 263 -89.12 102.74 -37.36
CA LEU F 263 -88.25 102.48 -36.22
C LEU F 263 -87.44 101.22 -36.47
N CYS F 264 -86.12 101.35 -36.46
CA CYS F 264 -85.18 100.29 -36.78
C CYS F 264 -84.50 99.83 -35.50
N ALA F 265 -84.39 98.51 -35.33
CA ALA F 265 -83.82 97.94 -34.12
C ALA F 265 -82.93 96.76 -34.46
N ALA F 266 -81.98 96.49 -33.56
CA ALA F 266 -81.15 95.30 -33.59
C ALA F 266 -81.63 94.32 -32.52
N THR F 267 -81.76 93.05 -32.89
CA THR F 267 -82.47 92.10 -32.04
C THR F 267 -81.62 90.87 -31.70
N GLN F 268 -80.29 91.00 -31.73
CA GLN F 268 -79.36 89.91 -31.40
C GLN F 268 -79.50 88.78 -32.40
N ASP F 269 -80.40 88.93 -33.34
CA ASP F 269 -80.67 87.95 -34.37
C ASP F 269 -80.61 88.56 -35.76
N SER F 270 -81.10 89.78 -35.92
CA SER F 270 -81.24 90.41 -37.23
C SER F 270 -81.51 91.88 -36.98
N ILE F 271 -81.88 92.59 -38.05
CA ILE F 271 -82.38 93.96 -37.94
C ILE F 271 -83.86 93.91 -38.25
N LYS F 272 -84.67 94.70 -37.54
CA LYS F 272 -86.12 94.61 -37.61
C LYS F 272 -86.71 96.02 -37.53
N ILE F 273 -87.53 96.39 -38.53
CA ILE F 273 -87.96 97.78 -38.66
C ILE F 273 -89.48 97.82 -38.66
N TRP F 274 -90.03 98.58 -37.73
CA TRP F 274 -91.44 98.90 -37.57
C TRP F 274 -91.76 100.21 -38.26
N ASP F 275 -93.04 100.59 -38.21
CA ASP F 275 -93.50 101.83 -38.82
C ASP F 275 -94.86 102.21 -38.25
N LEU F 276 -95.25 103.47 -38.52
CA LEU F 276 -96.51 104.04 -38.04
C LEU F 276 -97.66 103.84 -39.00
N GLU F 277 -97.40 103.77 -40.31
CA GLU F 277 -98.48 103.73 -41.27
C GLU F 277 -99.20 102.39 -41.27
N SER F 278 -98.53 101.34 -40.82
CA SER F 278 -99.13 100.02 -40.59
C SER F 278 -98.55 99.52 -39.29
N LYS F 279 -99.27 99.71 -38.18
CA LYS F 279 -98.69 99.48 -36.88
C LYS F 279 -98.50 97.99 -36.64
N HIS F 280 -97.61 97.39 -37.43
CA HIS F 280 -97.28 95.98 -37.37
C HIS F 280 -95.97 95.80 -38.11
N ILE F 281 -95.24 94.73 -37.78
CA ILE F 281 -93.93 94.52 -38.36
C ILE F 281 -94.10 94.01 -39.79
N VAL F 282 -93.55 94.76 -40.75
CA VAL F 282 -93.67 94.42 -42.15
C VAL F 282 -92.34 94.49 -42.90
N GLN F 283 -91.24 94.82 -42.24
CA GLN F 283 -89.95 94.70 -42.90
C GLN F 283 -88.87 94.21 -41.93
N ASP F 284 -88.30 93.07 -42.29
CA ASP F 284 -87.23 92.39 -41.60
C ASP F 284 -85.94 92.49 -42.41
N LEU F 285 -84.82 92.26 -41.74
CA LEU F 285 -83.48 92.44 -42.33
C LEU F 285 -82.64 91.28 -41.80
N ARG F 286 -82.57 90.19 -42.56
CA ARG F 286 -81.92 88.94 -42.21
C ARG F 286 -80.43 89.03 -42.54
N PRO F 287 -79.55 88.74 -41.60
CA PRO F 287 -78.11 88.86 -41.88
C PRO F 287 -77.64 87.73 -42.78
N GLU F 288 -76.68 88.05 -43.64
CA GLU F 288 -76.36 87.19 -44.76
C GLU F 288 -75.66 85.90 -44.31
N VAL F 289 -74.68 86.02 -43.41
CA VAL F 289 -73.74 84.93 -43.17
C VAL F 289 -74.41 83.75 -42.48
N PRO F 290 -74.46 82.58 -43.11
CA PRO F 290 -75.00 81.37 -42.46
C PRO F 290 -73.96 80.42 -41.87
N VAL F 291 -72.68 80.81 -41.83
CA VAL F 291 -71.63 79.90 -41.36
C VAL F 291 -71.98 79.39 -39.97
N SER F 292 -71.80 78.08 -39.77
CA SER F 292 -72.30 77.39 -38.59
C SER F 292 -71.40 77.52 -37.37
N THR F 293 -70.55 78.54 -37.32
CA THR F 293 -69.77 78.79 -36.12
C THR F 293 -70.70 79.15 -34.97
N LYS F 294 -70.13 79.43 -33.81
CA LYS F 294 -70.93 79.84 -32.66
C LYS F 294 -71.71 81.11 -32.99
N GLN F 295 -72.64 81.45 -32.09
CA GLN F 295 -73.63 82.49 -32.31
C GLN F 295 -73.05 83.70 -33.01
N MET F 296 -73.62 84.02 -34.16
CA MET F 296 -72.96 84.75 -35.22
C MET F 296 -72.92 86.25 -34.96
N LEU F 297 -72.57 86.99 -36.00
CA LEU F 297 -72.46 88.44 -35.97
C LEU F 297 -73.68 89.08 -35.33
N TYR F 298 -73.45 89.83 -34.27
CA TYR F 298 -74.48 90.63 -33.60
C TYR F 298 -74.33 92.09 -33.96
N CYS F 299 -75.36 92.65 -34.57
CA CYS F 299 -75.29 94.03 -35.00
C CYS F 299 -75.53 94.92 -33.79
N THR F 300 -74.60 95.86 -33.55
CA THR F 300 -74.68 96.72 -32.39
C THR F 300 -74.95 98.19 -32.71
N CYS F 301 -74.49 98.69 -33.86
CA CYS F 301 -74.67 100.10 -34.16
C CYS F 301 -75.42 100.28 -35.48
N LEU F 302 -76.34 101.24 -35.50
CA LEU F 302 -77.12 101.53 -36.69
C LEU F 302 -77.08 103.02 -37.00
N SER F 303 -77.24 103.34 -38.28
CA SER F 303 -77.33 104.72 -38.73
C SER F 303 -78.00 104.76 -40.10
N TRP F 304 -78.51 105.94 -40.46
CA TRP F 304 -79.16 106.15 -41.74
C TRP F 304 -78.46 107.29 -42.47
N SER F 305 -78.46 107.21 -43.80
CA SER F 305 -77.87 108.26 -44.61
C SER F 305 -78.88 109.38 -44.86
N ALA F 306 -78.41 110.43 -45.53
CA ALA F 306 -79.17 111.67 -45.65
C ALA F 306 -80.55 111.41 -46.25
N ASP F 307 -80.58 110.75 -47.40
CA ASP F 307 -81.84 110.40 -48.03
C ASP F 307 -82.56 109.28 -47.28
N GLY F 308 -81.84 108.55 -46.42
CA GLY F 308 -82.36 107.31 -45.89
C GLY F 308 -82.32 106.16 -46.87
N SER F 309 -81.73 106.38 -48.04
CA SER F 309 -81.58 105.29 -48.99
C SER F 309 -80.53 104.28 -48.55
N THR F 310 -79.76 104.57 -47.51
CA THR F 310 -78.72 103.66 -47.07
C THR F 310 -78.78 103.48 -45.56
N LEU F 311 -78.76 102.22 -45.12
CA LEU F 311 -78.65 101.84 -43.72
C LEU F 311 -77.24 101.34 -43.44
N TYR F 312 -76.59 101.91 -42.43
CA TYR F 312 -75.27 101.49 -42.01
C TYR F 312 -75.45 100.67 -40.75
N ALA F 313 -75.09 99.38 -40.82
CA ALA F 313 -75.28 98.46 -39.71
C ALA F 313 -73.95 97.83 -39.36
N GLY F 314 -73.39 98.22 -38.22
CA GLY F 314 -72.13 97.67 -37.75
C GLY F 314 -72.37 96.59 -36.72
N TYR F 315 -71.71 95.45 -36.92
CA TYR F 315 -71.91 94.23 -36.17
C TYR F 315 -70.83 94.07 -35.10
N THR F 316 -70.76 92.87 -34.52
CA THR F 316 -69.84 92.57 -33.43
C THR F 316 -68.45 92.15 -33.87
N ASP F 317 -68.13 92.25 -35.16
CA ASP F 317 -66.80 91.90 -35.67
C ASP F 317 -66.01 93.11 -36.13
N GLY F 318 -66.45 94.32 -35.76
CA GLY F 318 -65.83 95.49 -36.34
C GLY F 318 -66.14 95.68 -37.80
N THR F 319 -67.19 95.04 -38.29
CA THR F 319 -67.54 95.07 -39.71
C THR F 319 -68.90 95.73 -39.89
N ILE F 320 -69.01 96.57 -40.91
CA ILE F 320 -70.21 97.36 -41.15
C ILE F 320 -70.76 97.02 -42.54
N ARG F 321 -72.08 96.84 -42.61
CA ARG F 321 -72.78 96.55 -43.85
C ARG F 321 -73.63 97.74 -44.29
N ILE F 322 -73.82 97.84 -45.59
CA ILE F 322 -74.66 98.85 -46.22
C ILE F 322 -75.93 98.18 -46.70
N TYR F 323 -77.07 98.80 -46.42
CA TYR F 323 -78.39 98.28 -46.77
C TYR F 323 -79.11 99.33 -47.59
N LYS F 324 -79.17 99.14 -48.90
CA LYS F 324 -79.69 100.18 -49.76
C LYS F 324 -81.21 100.09 -49.90
N ILE F 325 -81.76 101.09 -50.55
CA ILE F 325 -83.19 101.19 -50.83
C ILE F 325 -83.44 100.49 -52.16
N SER F 326 -84.63 99.90 -52.30
CA SER F 326 -84.97 99.19 -53.53
C SER F 326 -86.08 99.87 -54.32
N GLY F 327 -86.83 100.79 -53.70
CA GLY F 327 -87.88 101.52 -54.39
C GLY F 327 -88.67 102.42 -53.46
N GLN G 4 -23.07 118.25 6.39
CA GLN G 4 -23.85 117.87 5.23
C GLN G 4 -23.46 116.48 4.73
N ILE G 5 -24.47 115.66 4.41
CA ILE G 5 -24.28 114.28 4.01
C ILE G 5 -25.24 113.94 2.87
N SER G 6 -24.93 112.86 2.17
CA SER G 6 -25.76 112.42 1.05
C SER G 6 -27.06 111.83 1.55
N LYS G 7 -28.02 111.68 0.64
CA LYS G 7 -29.33 111.20 1.05
C LYS G 7 -29.32 109.69 1.30
N LYS G 8 -28.60 108.93 0.48
CA LYS G 8 -28.45 107.50 0.78
C LYS G 8 -27.94 107.30 2.19
N LYS G 9 -26.87 108.03 2.52
CA LYS G 9 -26.27 107.89 3.84
C LYS G 9 -27.19 108.41 4.92
N LYS G 10 -27.91 109.50 4.65
CA LYS G 10 -28.83 110.05 5.64
C LYS G 10 -29.93 109.06 5.97
N PHE G 11 -30.48 108.40 4.95
CA PHE G 11 -31.57 107.48 5.19
C PHE G 11 -31.09 106.21 5.85
N VAL G 12 -29.90 105.73 5.48
CA VAL G 12 -29.32 104.58 6.17
C VAL G 12 -29.03 104.93 7.62
N SER G 13 -28.49 106.12 7.87
CA SER G 13 -28.16 106.52 9.24
C SER G 13 -29.40 106.67 10.09
N ASP G 14 -30.50 107.19 9.51
CA ASP G 14 -31.73 107.29 10.29
C ASP G 14 -32.35 105.92 10.52
N GLY G 15 -32.22 104.99 9.56
CA GLY G 15 -32.64 103.62 9.84
C GLY G 15 -31.86 103.01 10.98
N VAL G 16 -30.54 103.21 10.98
CA VAL G 16 -29.71 102.67 12.05
C VAL G 16 -30.02 103.33 13.38
N PHE G 17 -30.25 104.64 13.38
CA PHE G 17 -30.64 105.32 14.62
C PHE G 17 -31.94 104.74 15.17
N TYR G 18 -32.97 104.62 14.31
CA TYR G 18 -34.19 103.94 14.70
C TYR G 18 -33.91 102.59 15.31
N ALA G 19 -33.03 101.82 14.67
CA ALA G 19 -32.70 100.50 15.20
C ALA G 19 -32.10 100.62 16.58
N GLU G 20 -31.23 101.60 16.79
CA GLU G 20 -30.52 101.73 18.05
C GLU G 20 -31.49 102.08 19.18
N LEU G 21 -32.40 103.02 18.96
CA LEU G 21 -33.40 103.28 20.00
C LEU G 21 -34.25 102.05 20.25
N ASN G 22 -34.82 101.49 19.17
CA ASN G 22 -35.79 100.42 19.33
C ASN G 22 -35.15 99.24 20.04
N GLU G 23 -33.84 99.06 19.89
CA GLU G 23 -33.16 98.00 20.60
C GLU G 23 -32.83 98.41 22.03
N MET G 24 -32.26 99.60 22.21
CA MET G 24 -31.79 100.04 23.52
C MET G 24 -32.93 100.16 24.52
N LEU G 25 -34.06 100.71 24.09
CA LEU G 25 -35.18 100.91 25.00
C LEU G 25 -35.74 99.60 25.53
N THR G 26 -35.23 98.48 25.05
CA THR G 26 -35.72 97.20 25.51
C THR G 26 -35.27 96.89 26.93
N ARG G 27 -34.06 97.33 27.32
CA ARG G 27 -33.62 97.10 28.70
C ARG G 27 -34.33 98.01 29.69
N GLU G 28 -34.62 99.25 29.29
CA GLU G 28 -35.35 100.13 30.19
C GLU G 28 -36.81 99.71 30.28
N LEU G 29 -37.53 99.77 29.16
CA LEU G 29 -38.97 99.51 29.21
C LEU G 29 -39.28 98.04 28.95
N ALA G 30 -38.57 97.15 29.62
CA ALA G 30 -38.94 95.74 29.56
C ALA G 30 -40.08 95.47 30.53
N GLU G 31 -39.93 95.89 31.78
CA GLU G 31 -40.98 95.78 32.78
C GLU G 31 -42.00 96.91 32.68
N ASP G 32 -42.37 97.27 31.46
CA ASP G 32 -43.51 98.13 31.20
C ASP G 32 -44.26 97.77 29.94
N GLY G 33 -43.83 96.76 29.20
CA GLY G 33 -44.46 96.48 27.94
C GLY G 33 -44.05 97.49 26.89
N TYR G 34 -42.76 97.61 26.63
CA TYR G 34 -42.33 98.34 25.46
C TYR G 34 -42.86 97.65 24.21
N SER G 35 -43.31 98.44 23.25
CA SER G 35 -43.89 97.89 22.04
C SER G 35 -43.41 98.54 20.77
N GLY G 36 -42.74 99.68 20.84
CA GLY G 36 -42.20 100.30 19.64
C GLY G 36 -42.04 101.80 19.84
N VAL G 37 -41.29 102.38 18.91
CA VAL G 37 -41.11 103.83 18.84
C VAL G 37 -41.30 104.26 17.39
N GLU G 38 -41.80 105.48 17.23
CA GLU G 38 -41.90 106.10 15.91
C GLU G 38 -41.24 107.47 15.98
N VAL G 39 -40.36 107.76 15.03
CA VAL G 39 -39.63 109.02 15.02
C VAL G 39 -40.25 109.90 13.94
N ARG G 40 -40.74 111.06 14.36
CA ARG G 40 -41.43 111.99 13.48
C ARG G 40 -40.59 113.25 13.33
N VAL G 41 -40.55 113.78 12.12
CA VAL G 41 -39.74 114.95 11.80
C VAL G 41 -40.65 116.18 11.92
N THR G 42 -40.26 117.10 12.79
CA THR G 42 -41.03 118.31 13.08
C THR G 42 -40.11 119.51 13.08
N PRO G 43 -40.61 120.69 12.70
CA PRO G 43 -39.75 121.87 12.63
C PRO G 43 -39.12 122.21 13.96
N MET G 44 -37.81 122.50 13.93
CA MET G 44 -37.10 123.08 15.07
C MET G 44 -37.33 122.30 16.36
N ARG G 45 -37.30 120.97 16.26
CA ARG G 45 -37.86 120.13 17.30
C ARG G 45 -37.68 118.69 16.83
N THR G 46 -37.62 117.75 17.76
CA THR G 46 -37.45 116.33 17.38
C THR G 46 -38.39 115.48 18.21
N GLU G 47 -39.22 114.67 17.57
CA GLU G 47 -40.29 113.95 18.24
C GLU G 47 -40.10 112.45 18.11
N ILE G 48 -40.19 111.74 19.24
CA ILE G 48 -40.06 110.29 19.31
C ILE G 48 -41.19 109.77 20.17
N ILE G 49 -42.15 109.07 19.57
CA ILE G 49 -43.29 108.53 20.28
C ILE G 49 -42.93 107.10 20.69
N ILE G 50 -42.54 106.95 21.95
CA ILE G 50 -42.51 105.62 22.57
C ILE G 50 -43.94 105.19 22.85
N ARG G 51 -44.23 103.91 22.70
CA ARG G 51 -45.54 103.39 23.06
C ARG G 51 -45.38 102.17 23.96
N ALA G 52 -46.11 102.18 25.07
CA ALA G 52 -45.94 101.18 26.12
C ALA G 52 -47.25 101.05 26.88
N THR G 53 -47.20 100.37 28.03
CA THR G 53 -48.40 99.96 28.74
C THR G 53 -48.61 100.62 30.10
N ARG G 54 -47.69 101.46 30.57
CA ARG G 54 -47.88 102.11 31.87
C ARG G 54 -47.21 103.48 31.85
N THR G 55 -48.02 104.54 31.85
CA THR G 55 -47.46 105.88 31.84
C THR G 55 -46.79 106.25 33.15
N GLN G 56 -47.43 106.02 34.30
CA GLN G 56 -46.71 106.51 35.48
C GLN G 56 -45.52 105.63 35.85
N ASN G 57 -45.37 104.44 35.28
CA ASN G 57 -44.16 103.68 35.51
C ASN G 57 -43.09 103.93 34.46
N VAL G 58 -43.47 104.28 33.23
CA VAL G 58 -42.47 104.70 32.25
C VAL G 58 -41.97 106.10 32.57
N LEU G 59 -42.89 107.01 32.94
CA LEU G 59 -42.55 108.34 33.40
C LEU G 59 -41.87 108.34 34.76
N GLY G 60 -42.22 107.40 35.64
CA GLY G 60 -41.78 107.49 37.01
C GLY G 60 -42.66 108.43 37.80
N GLU G 61 -42.04 109.34 38.54
CA GLU G 61 -42.78 110.30 39.35
C GLU G 61 -42.62 111.70 38.77
N LYS G 62 -43.75 112.33 38.47
CA LYS G 62 -43.79 113.67 37.87
C LYS G 62 -42.89 113.75 36.64
N GLY G 63 -42.89 112.69 35.86
CA GLY G 63 -42.13 112.66 34.61
C GLY G 63 -40.63 112.80 34.78
N ARG G 64 -40.08 112.20 35.82
CA ARG G 64 -38.64 112.26 36.05
C ARG G 64 -37.87 111.27 35.18
N ARG G 65 -38.44 110.09 34.94
CA ARG G 65 -37.68 109.06 34.24
C ARG G 65 -37.61 109.35 32.74
N ILE G 66 -38.68 109.89 32.18
CA ILE G 66 -38.62 110.28 30.77
C ILE G 66 -37.70 111.47 30.59
N ARG G 67 -37.61 112.35 31.58
CA ARG G 67 -36.55 113.35 31.57
C ARG G 67 -35.19 112.69 31.49
N GLU G 68 -34.97 111.67 32.32
CA GLU G 68 -33.67 110.99 32.34
C GLU G 68 -33.34 110.42 30.97
N LEU G 69 -34.29 109.68 30.38
CA LEU G 69 -34.05 109.06 29.09
C LEU G 69 -33.93 110.07 27.96
N THR G 70 -34.77 111.11 27.93
CA THR G 70 -34.60 112.09 26.87
C THR G 70 -33.26 112.80 26.99
N SER G 71 -32.78 113.03 28.22
CA SER G 71 -31.47 113.64 28.36
C SER G 71 -30.38 112.71 27.88
N VAL G 72 -30.49 111.41 28.19
CA VAL G 72 -29.41 110.52 27.79
C VAL G 72 -29.42 110.31 26.27
N VAL G 73 -30.61 110.31 25.65
CA VAL G 73 -30.66 110.23 24.19
C VAL G 73 -30.09 111.49 23.57
N GLN G 74 -30.54 112.66 24.05
CA GLN G 74 -29.90 113.93 23.73
C GLN G 74 -28.38 113.83 23.70
N LYS G 75 -27.79 113.40 24.81
CA LYS G 75 -26.36 113.52 24.99
C LYS G 75 -25.62 112.42 24.22
N ARG G 76 -26.20 111.23 24.11
CA ARG G 76 -25.59 110.15 23.36
C ARG G 76 -25.60 110.42 21.87
N PHE G 77 -26.72 110.88 21.33
CA PHE G 77 -26.86 111.08 19.90
C PHE G 77 -26.72 112.55 19.52
N ASN G 78 -26.08 113.34 20.38
CA ASN G 78 -25.63 114.70 20.11
C ASN G 78 -26.65 115.52 19.32
N PHE G 79 -27.85 115.61 19.88
CA PHE G 79 -28.87 116.48 19.33
C PHE G 79 -28.65 117.90 19.85
N LEU G 80 -29.29 118.86 19.21
CA LEU G 80 -29.29 120.20 19.78
C LEU G 80 -30.17 120.21 21.02
N GLU G 81 -29.68 120.84 22.10
CA GLU G 81 -30.41 120.82 23.36
C GLU G 81 -31.78 121.43 23.17
N ASN G 82 -32.79 120.81 23.80
CA ASN G 82 -34.21 121.09 23.62
C ASN G 82 -34.69 120.69 22.23
N GLY G 83 -33.87 119.96 21.48
CA GLY G 83 -34.28 119.44 20.18
C GLY G 83 -35.20 118.26 20.28
N VAL G 84 -34.76 117.22 20.96
CA VAL G 84 -35.53 115.99 21.12
C VAL G 84 -36.10 115.93 22.52
N GLU G 85 -37.37 115.56 22.63
CA GLU G 85 -37.89 115.05 23.88
C GLU G 85 -38.97 114.01 23.57
N LEU G 86 -39.20 113.13 24.52
CA LEU G 86 -39.90 111.87 24.28
C LEU G 86 -41.22 111.88 25.02
N TYR G 87 -42.31 111.60 24.30
CA TYR G 87 -43.58 111.28 24.94
C TYR G 87 -43.77 109.78 24.95
N ALA G 88 -44.35 109.28 26.04
CA ALA G 88 -44.57 107.85 26.24
C ALA G 88 -46.07 107.61 26.28
N GLU G 89 -46.67 107.42 25.11
CA GLU G 89 -48.12 107.30 25.02
C GLU G 89 -48.54 105.83 25.15
N LYS G 90 -49.79 105.64 25.52
CA LYS G 90 -50.36 104.32 25.74
C LYS G 90 -50.77 103.68 24.41
N VAL G 91 -50.46 102.38 24.29
CA VAL G 91 -50.98 101.61 23.17
C VAL G 91 -52.51 101.61 23.25
N VAL G 92 -53.15 101.75 22.08
CA VAL G 92 -54.61 101.74 22.04
C VAL G 92 -55.13 100.37 22.46
N ASN G 93 -54.51 99.31 22.00
CA ASN G 93 -54.86 97.96 22.40
C ASN G 93 -53.56 97.24 22.71
N ARG G 94 -53.62 96.35 23.69
CA ARG G 94 -52.43 95.69 24.20
C ARG G 94 -52.36 94.21 23.84
N GLY G 95 -53.49 93.59 23.53
CA GLY G 95 -53.52 92.16 23.27
C GLY G 95 -53.07 91.74 21.90
N LEU G 96 -52.78 92.69 21.01
CA LEU G 96 -52.38 92.40 19.65
C LEU G 96 -50.93 92.77 19.37
N CYS G 97 -50.20 93.25 20.36
CA CYS G 97 -48.80 93.62 20.21
C CYS G 97 -47.95 92.42 20.57
N ALA G 98 -47.37 91.78 19.55
CA ALA G 98 -46.57 90.59 19.78
C ALA G 98 -45.45 90.85 20.76
N ILE G 99 -44.86 92.04 20.73
CA ILE G 99 -43.80 92.37 21.68
C ILE G 99 -44.37 92.40 23.10
N ALA G 100 -45.50 93.09 23.29
CA ALA G 100 -46.12 93.15 24.60
C ALA G 100 -46.37 91.77 25.15
N GLN G 101 -46.91 90.89 24.31
CA GLN G 101 -47.16 89.51 24.74
C GLN G 101 -45.85 88.78 25.03
N ALA G 102 -44.80 89.09 24.26
CA ALA G 102 -43.53 88.40 24.45
C ALA G 102 -42.98 88.65 25.84
N GLU G 103 -42.86 89.92 26.24
CA GLU G 103 -42.36 90.16 27.60
C GLU G 103 -43.40 89.86 28.68
N SER G 104 -44.69 89.90 28.37
CA SER G 104 -45.67 89.46 29.36
C SER G 104 -45.48 88.00 29.70
N LEU G 105 -45.39 87.15 28.66
CA LEU G 105 -45.12 85.74 28.87
C LEU G 105 -43.74 85.54 29.48
N ARG G 106 -42.78 86.39 29.15
CA ARG G 106 -41.45 86.29 29.75
C ARG G 106 -41.51 86.48 31.26
N TYR G 107 -42.32 87.44 31.72
CA TYR G 107 -42.45 87.60 33.17
C TYR G 107 -43.29 86.52 33.81
N LYS G 108 -44.40 86.10 33.19
CA LYS G 108 -45.16 84.99 33.74
C LYS G 108 -44.31 83.73 33.84
N LEU G 109 -43.37 83.56 32.91
CA LEU G 109 -42.57 82.35 32.87
C LEU G 109 -41.31 82.44 33.72
N LEU G 110 -40.81 83.66 34.01
CA LEU G 110 -39.81 83.81 35.05
C LEU G 110 -40.39 83.67 36.45
N GLY G 111 -41.65 84.07 36.63
CA GLY G 111 -42.26 84.00 37.94
C GLY G 111 -42.38 82.59 38.48
N GLY G 112 -42.21 81.59 37.62
CA GLY G 112 -42.38 80.20 38.00
C GLY G 112 -43.70 79.61 37.59
N LEU G 113 -44.58 80.41 36.99
CA LEU G 113 -45.88 79.92 36.54
C LEU G 113 -45.69 78.78 35.55
N ALA G 114 -46.50 77.73 35.73
CA ALA G 114 -46.39 76.55 34.90
C ALA G 114 -46.51 76.92 33.43
N VAL G 115 -45.81 76.15 32.59
CA VAL G 115 -45.70 76.51 31.18
C VAL G 115 -47.07 76.52 30.52
N ARG G 116 -47.89 75.50 30.79
CA ARG G 116 -49.19 75.43 30.14
C ARG G 116 -50.06 76.59 30.56
N ARG G 117 -50.15 76.82 31.88
CA ARG G 117 -51.00 77.90 32.35
C ARG G 117 -50.56 79.23 31.77
N ALA G 118 -49.24 79.45 31.68
CA ALA G 118 -48.74 80.71 31.16
C ALA G 118 -49.06 80.87 29.68
N CYS G 119 -48.78 79.82 28.90
CA CYS G 119 -48.96 79.94 27.46
C CYS G 119 -50.43 80.12 27.11
N TYR G 120 -51.32 79.30 27.65
CA TYR G 120 -52.72 79.62 27.41
C TYR G 120 -53.19 80.89 28.10
N GLY G 121 -52.51 81.37 29.13
CA GLY G 121 -52.80 82.71 29.60
C GLY G 121 -52.57 83.73 28.50
N VAL G 122 -51.54 83.50 27.70
CA VAL G 122 -51.29 84.35 26.54
C VAL G 122 -52.35 84.14 25.47
N LEU G 123 -52.65 82.87 25.16
CA LEU G 123 -53.58 82.57 24.06
C LEU G 123 -54.97 83.10 24.34
N ARG G 124 -55.51 82.83 25.53
CA ARG G 124 -56.85 83.31 25.85
C ARG G 124 -56.91 84.82 25.86
N PHE G 125 -55.87 85.49 26.39
CA PHE G 125 -55.87 86.95 26.39
C PHE G 125 -55.85 87.51 24.98
N VAL G 126 -55.01 86.94 24.11
CA VAL G 126 -54.96 87.41 22.73
C VAL G 126 -56.30 87.21 22.04
N MET G 127 -56.91 86.04 22.21
CA MET G 127 -58.19 85.79 21.57
C MET G 127 -59.28 86.71 22.11
N GLU G 128 -59.38 86.88 23.43
CA GLU G 128 -60.38 87.79 23.96
C GLU G 128 -60.12 89.22 23.52
N SER G 129 -58.87 89.54 23.17
CA SER G 129 -58.58 90.83 22.57
C SER G 129 -58.91 90.88 21.09
N GLY G 130 -59.69 89.93 20.59
CA GLY G 130 -60.19 89.99 19.23
C GLY G 130 -59.13 89.86 18.15
N ALA G 131 -58.32 88.81 18.20
CA ALA G 131 -57.32 88.52 17.18
C ALA G 131 -57.77 87.33 16.35
N LYS G 132 -57.62 87.43 15.03
CA LYS G 132 -58.10 86.38 14.15
C LYS G 132 -57.33 85.07 14.33
N GLY G 133 -56.15 85.12 14.94
CA GLY G 133 -55.39 83.91 15.13
C GLY G 133 -54.06 84.15 15.80
N CYS G 134 -53.54 83.16 16.52
CA CYS G 134 -52.31 83.32 17.28
C CYS G 134 -51.64 81.98 17.51
N GLU G 135 -50.32 81.99 17.52
CA GLU G 135 -49.59 80.85 18.07
C GLU G 135 -48.41 81.30 18.90
N VAL G 136 -48.08 80.46 19.87
CA VAL G 136 -46.92 80.64 20.73
C VAL G 136 -46.07 79.38 20.67
N ILE G 137 -44.80 79.55 20.31
CA ILE G 137 -43.86 78.45 20.24
C ILE G 137 -42.80 78.67 21.29
N VAL G 138 -42.65 77.71 22.19
CA VAL G 138 -41.60 77.76 23.20
C VAL G 138 -40.63 76.64 22.86
N SER G 139 -39.35 76.93 22.91
CA SER G 139 -38.34 75.92 22.64
C SER G 139 -37.28 75.96 23.71
N GLY G 140 -36.89 74.80 24.18
CA GLY G 140 -35.79 74.78 25.12
C GLY G 140 -35.91 73.59 26.05
N LYS G 141 -35.25 73.71 27.19
CA LYS G 141 -35.14 72.62 28.15
C LYS G 141 -36.08 72.95 29.30
N LEU G 142 -37.34 72.57 29.14
CA LEU G 142 -38.34 72.79 30.18
C LEU G 142 -38.57 71.48 30.91
N ARG G 143 -38.23 71.48 32.21
CA ARG G 143 -38.49 70.40 33.15
C ARG G 143 -37.69 69.14 32.81
N ALA G 144 -36.92 69.14 31.72
CA ALA G 144 -36.17 67.97 31.29
C ALA G 144 -34.90 68.41 30.59
N GLN G 145 -33.98 67.46 30.39
CA GLN G 145 -32.67 67.78 29.81
C GLN G 145 -32.75 67.97 28.30
N ARG G 146 -33.17 66.95 27.57
CA ARG G 146 -33.20 67.01 26.12
C ARG G 146 -34.18 68.10 25.68
N ALA G 147 -33.71 69.02 24.84
CA ALA G 147 -34.52 70.16 24.45
C ALA G 147 -35.75 69.73 23.67
N LYS G 148 -36.82 70.49 23.81
CA LYS G 148 -38.05 70.19 23.10
C LYS G 148 -38.83 71.48 22.87
N SER G 149 -39.72 71.45 21.89
CA SER G 149 -40.56 72.59 21.54
C SER G 149 -42.02 72.31 21.88
N MET G 150 -42.63 73.23 22.62
CA MET G 150 -44.06 73.24 22.88
C MET G 150 -44.71 74.27 21.95
N LYS G 151 -45.51 73.81 21.00
CA LYS G 151 -46.17 74.68 20.05
C LYS G 151 -47.67 74.72 20.36
N PHE G 152 -48.22 75.92 20.45
CA PHE G 152 -49.62 76.11 20.80
C PHE G 152 -50.24 77.03 19.77
N LYS G 153 -51.37 76.61 19.20
CA LYS G 153 -52.02 77.33 18.12
C LYS G 153 -53.44 77.68 18.51
N ASP G 154 -54.01 78.64 17.78
CA ASP G 154 -55.45 78.82 17.79
C ASP G 154 -55.81 79.78 16.67
N GLY G 155 -56.97 79.55 16.07
CA GLY G 155 -57.52 80.48 15.11
C GLY G 155 -56.80 80.47 13.77
N TYR G 156 -57.13 81.48 12.97
CA TYR G 156 -56.67 81.55 11.60
C TYR G 156 -55.18 81.88 11.57
N MET G 157 -54.54 81.62 10.43
CA MET G 157 -53.11 81.89 10.32
C MET G 157 -52.61 81.82 8.88
N ILE G 158 -51.78 82.79 8.50
CA ILE G 158 -51.20 82.84 7.16
C ILE G 158 -49.70 82.89 7.33
N SER G 159 -48.98 82.22 6.42
CA SER G 159 -47.54 82.11 6.57
C SER G 159 -46.75 82.31 5.28
N SER G 160 -47.36 82.40 4.11
CA SER G 160 -46.62 82.54 2.87
C SER G 160 -47.17 83.68 2.04
N GLY G 161 -46.29 84.32 1.27
CA GLY G 161 -46.68 85.43 0.42
C GLY G 161 -46.54 86.78 1.09
N GLN G 162 -46.90 87.82 0.34
CA GLN G 162 -46.80 89.18 0.86
C GLN G 162 -47.59 89.43 2.14
N PRO G 163 -48.87 89.07 2.27
CA PRO G 163 -49.63 89.57 3.42
C PRO G 163 -49.11 89.11 4.75
N VAL G 164 -48.03 88.32 4.78
CA VAL G 164 -47.39 87.98 6.05
C VAL G 164 -46.86 89.23 6.72
N ASN G 165 -46.14 90.07 5.96
CA ASN G 165 -45.66 91.32 6.55
C ASN G 165 -46.81 92.20 6.96
N GLU G 166 -47.92 92.14 6.23
CA GLU G 166 -49.05 93.02 6.52
C GLU G 166 -49.75 92.61 7.81
N TYR G 167 -49.94 91.31 8.01
CA TYR G 167 -50.83 90.79 9.04
C TYR G 167 -50.15 90.13 10.21
N ILE G 168 -48.98 89.56 10.04
CA ILE G 168 -48.39 88.71 11.05
C ILE G 168 -47.52 89.56 11.94
N ASP G 169 -47.94 89.75 13.18
CA ASP G 169 -47.18 90.48 14.18
C ASP G 169 -46.39 89.46 14.97
N ALA G 170 -45.08 89.38 14.71
CA ALA G 170 -44.27 88.28 15.20
C ALA G 170 -43.06 88.81 15.95
N ALA G 171 -42.76 88.18 17.08
CA ALA G 171 -41.66 88.57 17.94
C ALA G 171 -40.92 87.33 18.41
N VAL G 172 -39.67 87.53 18.83
CA VAL G 172 -38.87 86.47 19.41
C VAL G 172 -38.11 87.05 20.60
N ARG G 173 -38.09 86.31 21.70
CA ARG G 173 -37.41 86.75 22.91
C ARG G 173 -36.73 85.57 23.59
N HIS G 174 -35.72 85.90 24.39
CA HIS G 174 -34.98 84.94 25.19
C HIS G 174 -35.40 85.03 26.64
N VAL G 175 -35.26 83.92 27.35
CA VAL G 175 -35.56 83.85 28.78
C VAL G 175 -34.34 83.32 29.50
N LEU G 176 -34.01 83.93 30.63
CA LEU G 176 -32.77 83.65 31.34
C LEU G 176 -33.01 82.79 32.57
N LEU G 177 -33.96 81.87 32.50
CA LEU G 177 -34.17 80.93 33.58
C LEU G 177 -32.97 79.98 33.69
N ARG G 178 -32.70 79.54 34.92
CA ARG G 178 -31.57 78.69 35.19
C ARG G 178 -31.66 77.37 34.42
N GLN G 179 -30.45 76.74 34.29
CA GLN G 179 -30.25 75.48 33.55
C GLN G 179 -30.78 75.55 32.12
N GLY G 180 -30.50 76.66 31.44
CA GLY G 180 -30.72 76.73 30.01
C GLY G 180 -31.18 78.12 29.59
N VAL G 181 -31.60 78.21 28.33
CA VAL G 181 -32.28 79.39 27.80
C VAL G 181 -33.52 78.90 27.06
N LEU G 182 -34.63 79.61 27.23
CA LEU G 182 -35.91 79.16 26.74
C LEU G 182 -36.44 80.21 25.77
N GLY G 183 -36.54 79.85 24.49
CA GLY G 183 -36.92 80.81 23.47
C GLY G 183 -38.42 80.85 23.24
N ILE G 184 -38.91 82.04 22.92
CA ILE G 184 -40.33 82.32 22.78
C ILE G 184 -40.56 82.95 21.42
N LYS G 185 -41.50 82.41 20.66
CA LYS G 185 -41.98 83.01 19.42
C LYS G 185 -43.47 83.25 19.56
N VAL G 186 -43.90 84.47 19.26
CA VAL G 186 -45.31 84.82 19.34
C VAL G 186 -45.74 85.38 17.99
N LYS G 187 -46.65 84.70 17.32
CA LYS G 187 -47.18 85.18 16.05
C LYS G 187 -48.66 85.50 16.21
N ILE G 188 -49.06 86.70 15.80
CA ILE G 188 -50.45 87.14 15.87
C ILE G 188 -50.87 87.53 14.46
N MET G 189 -51.95 86.93 13.98
CA MET G 189 -52.56 87.36 12.73
C MET G 189 -53.59 88.44 13.01
N LEU G 190 -53.51 89.52 12.25
CA LEU G 190 -54.37 90.68 12.47
C LEU G 190 -55.65 90.55 11.67
N ASP G 191 -56.63 91.37 12.05
CA ASP G 191 -57.95 91.40 11.43
C ASP G 191 -58.11 92.68 10.64
N TRP G 192 -58.92 92.61 9.59
CA TRP G 192 -59.12 93.74 8.70
C TRP G 192 -60.02 94.79 9.33
N ASP G 193 -59.42 95.90 9.75
CA ASP G 193 -60.13 97.08 10.21
C ASP G 193 -59.83 98.17 9.19
N PRO G 194 -60.69 98.37 8.20
CA PRO G 194 -60.40 99.38 7.15
C PRO G 194 -60.26 100.79 7.70
N LYS G 195 -60.78 101.06 8.89
CA LYS G 195 -60.53 102.35 9.52
C LYS G 195 -59.05 102.51 9.87
N GLY G 196 -58.37 101.41 10.20
CA GLY G 196 -56.94 101.42 10.45
C GLY G 196 -56.53 101.67 11.88
N LYS G 197 -57.47 101.99 12.76
CA LYS G 197 -57.12 102.27 14.16
C LYS G 197 -56.54 101.03 14.83
N LEU G 198 -57.19 99.89 14.66
CA LEU G 198 -56.78 98.65 15.31
C LEU G 198 -56.15 97.65 14.35
N GLY G 199 -56.86 97.26 13.29
CA GLY G 199 -56.34 96.36 12.31
C GLY G 199 -55.95 97.08 11.04
N PRO G 200 -55.12 96.45 10.21
CA PRO G 200 -54.64 97.11 8.99
C PRO G 200 -55.77 97.37 8.01
N THR G 201 -55.58 98.42 7.21
CA THR G 201 -56.66 98.92 6.38
C THR G 201 -56.94 98.00 5.20
N THR G 202 -55.92 97.55 4.52
CA THR G 202 -56.14 96.75 3.32
C THR G 202 -56.43 95.30 3.70
N PRO G 203 -57.34 94.64 2.99
CA PRO G 203 -57.74 93.28 3.38
C PRO G 203 -56.86 92.21 2.76
N LEU G 204 -56.99 91.01 3.33
CA LEU G 204 -56.24 89.86 2.87
C LEU G 204 -56.75 89.42 1.50
N PRO G 205 -55.87 89.11 0.55
CA PRO G 205 -56.30 88.97 -0.83
C PRO G 205 -56.94 87.63 -1.16
N ASP G 206 -57.37 86.89 -0.15
CA ASP G 206 -58.29 85.78 -0.35
C ASP G 206 -59.56 86.10 0.44
N LEU G 207 -60.37 86.97 -0.15
CA LEU G 207 -61.65 87.41 0.39
C LEU G 207 -62.42 88.03 -0.76
N VAL G 208 -63.69 87.67 -0.88
CA VAL G 208 -64.59 88.36 -1.80
C VAL G 208 -65.88 88.64 -1.04
N THR G 209 -66.41 89.84 -1.22
CA THR G 209 -67.63 90.27 -0.54
C THR G 209 -68.63 90.73 -1.61
N ILE G 210 -69.44 89.80 -2.10
CA ILE G 210 -70.52 90.16 -3.00
C ILE G 210 -71.54 90.99 -2.22
N HIS G 211 -71.77 92.23 -2.68
CA HIS G 211 -72.73 93.09 -2.01
C HIS G 211 -74.16 92.62 -2.27
N PRO G 212 -75.05 92.80 -1.30
CA PRO G 212 -76.44 92.37 -1.48
C PRO G 212 -77.12 93.19 -2.57
N PRO G 213 -78.04 92.59 -3.32
CA PRO G 213 -78.78 93.34 -4.35
C PRO G 213 -79.91 94.19 -3.77
N LYS G 214 -79.62 95.42 -3.37
CA LYS G 214 -80.68 96.33 -2.95
C LYS G 214 -81.65 96.55 -4.11
N GLU G 215 -82.94 96.61 -3.77
CA GLU G 215 -84.00 96.41 -4.75
C GLU G 215 -84.75 97.71 -5.03
N GLU G 216 -85.10 97.91 -6.29
CA GLU G 216 -85.99 99.00 -6.68
C GLU G 216 -86.93 98.52 -7.80
N ALA H 2 -48.15 -2.65 73.46
CA ALA H 2 -46.76 -2.87 73.84
C ALA H 2 -46.61 -4.24 74.49
N ARG H 3 -45.77 -4.33 75.52
CA ARG H 3 -45.43 -5.63 76.11
C ARG H 3 -46.14 -5.89 77.43
N GLY H 4 -47.34 -5.37 77.60
CA GLY H 4 -48.09 -5.64 78.81
C GLY H 4 -49.19 -4.62 79.01
N LEU H 5 -49.86 -4.76 80.14
CA LEU H 5 -50.97 -3.87 80.47
C LEU H 5 -50.47 -2.45 80.65
N LYS H 6 -51.28 -1.50 80.21
CA LYS H 6 -50.94 -0.09 80.30
C LYS H 6 -51.44 0.40 81.66
N LYS H 7 -50.53 0.96 82.46
CA LYS H 7 -50.86 1.29 83.83
C LYS H 7 -50.96 2.79 84.10
N HIS H 8 -50.75 3.63 83.09
CA HIS H 8 -50.92 5.07 83.20
C HIS H 8 -52.02 5.50 82.24
N LEU H 9 -52.78 6.53 82.61
CA LEU H 9 -53.79 7.07 81.72
C LEU H 9 -53.64 8.58 81.67
N LYS H 10 -53.59 9.12 80.47
CA LYS H 10 -53.31 10.54 80.25
C LYS H 10 -54.61 11.32 80.17
N ARG H 11 -54.61 12.53 80.74
CA ARG H 11 -55.87 13.21 81.00
C ARG H 11 -56.71 13.38 79.74
N LEU H 12 -56.07 13.64 78.62
CA LEU H 12 -56.85 13.81 77.40
C LEU H 12 -57.46 12.50 76.96
N ASN H 13 -56.81 11.39 77.26
CA ASN H 13 -57.33 10.08 76.91
C ASN H 13 -58.47 9.67 77.82
N ALA H 14 -58.70 10.40 78.91
CA ALA H 14 -59.73 10.04 79.87
C ALA H 14 -61.11 10.16 79.25
N PRO H 15 -62.09 9.42 79.78
CA PRO H 15 -63.46 9.53 79.28
C PRO H 15 -63.96 10.97 79.35
N SER H 16 -64.75 11.35 78.36
CA SER H 16 -65.19 12.74 78.24
C SER H 16 -66.19 13.13 79.31
N HIS H 17 -66.88 12.18 79.92
CA HIS H 17 -67.84 12.50 80.97
C HIS H 17 -67.21 12.65 82.33
N TRP H 18 -65.89 12.51 82.44
CA TRP H 18 -65.23 12.81 83.70
C TRP H 18 -65.08 14.30 83.97
N MET H 19 -65.27 15.14 82.96
CA MET H 19 -65.34 16.58 83.12
C MET H 19 -64.00 17.21 83.47
N LEU H 20 -62.98 16.39 83.72
CA LEU H 20 -61.77 16.91 84.35
C LEU H 20 -60.98 17.73 83.34
N ASP H 21 -60.31 18.76 83.86
CA ASP H 21 -59.74 19.82 83.03
C ASP H 21 -58.52 19.32 82.26
N LYS H 22 -57.88 20.25 81.54
CA LYS H 22 -56.84 19.91 80.59
C LYS H 22 -55.44 20.25 81.07
N LEU H 23 -55.23 21.41 81.68
CA LEU H 23 -53.96 21.76 82.29
C LEU H 23 -53.84 21.28 83.73
N GLY H 24 -54.72 20.39 84.16
CA GLY H 24 -54.65 19.88 85.51
C GLY H 24 -53.51 18.92 85.75
N GLY H 25 -52.84 18.49 84.71
CA GLY H 25 -51.73 17.56 84.85
C GLY H 25 -51.55 16.77 83.57
N ALA H 26 -50.61 15.83 83.64
CA ALA H 26 -50.38 14.95 82.51
C ALA H 26 -51.25 13.71 82.54
N PHE H 27 -51.54 13.19 83.74
CA PHE H 27 -52.14 11.88 83.90
C PHE H 27 -53.50 11.96 84.56
N ALA H 28 -54.30 10.92 84.36
CA ALA H 28 -55.62 10.80 84.94
C ALA H 28 -55.66 9.59 85.86
N PRO H 29 -56.69 9.46 86.70
CA PRO H 29 -56.65 8.43 87.74
C PRO H 29 -56.49 7.00 87.24
N LYS H 30 -56.75 6.70 85.97
CA LYS H 30 -56.58 5.33 85.49
C LYS H 30 -57.37 4.36 86.35
N PRO H 31 -58.69 4.29 86.19
CA PRO H 31 -59.50 3.46 87.07
C PRO H 31 -59.06 2.00 87.00
N SER H 32 -58.91 1.40 88.17
CA SER H 32 -58.44 0.02 88.24
C SER H 32 -59.45 -0.92 87.60
N SER H 33 -58.96 -2.09 87.22
CA SER H 33 -59.86 -3.15 86.80
C SER H 33 -60.85 -3.42 87.92
N GLY H 34 -62.12 -3.53 87.58
CA GLY H 34 -63.13 -3.69 88.59
C GLY H 34 -64.39 -4.32 88.04
N PRO H 35 -65.50 -4.08 88.73
CA PRO H 35 -66.77 -4.72 88.36
C PRO H 35 -67.58 -3.97 87.31
N HIS H 36 -67.07 -2.89 86.75
CA HIS H 36 -67.84 -2.13 85.80
C HIS H 36 -66.89 -1.64 84.72
N LYS H 37 -67.45 -1.26 83.57
CA LYS H 37 -66.74 -1.41 82.30
C LYS H 37 -65.48 -0.53 82.17
N ALA H 38 -65.19 0.34 83.13
CA ALA H 38 -63.90 1.04 83.23
C ALA H 38 -63.67 2.08 82.13
N ARG H 39 -64.60 2.18 81.18
CA ARG H 39 -64.76 3.38 80.36
C ARG H 39 -66.10 4.04 80.64
N GLU H 40 -66.95 3.39 81.42
CA GLU H 40 -68.27 3.86 81.80
C GLU H 40 -68.34 4.12 83.30
N CYS H 41 -67.18 4.34 83.92
CA CYS H 41 -67.07 4.33 85.36
C CYS H 41 -66.52 5.66 85.86
N LEU H 42 -66.52 5.82 87.17
CA LEU H 42 -65.85 6.94 87.80
C LEU H 42 -65.02 6.43 88.97
N PRO H 43 -63.73 6.74 89.01
CA PRO H 43 -62.95 6.42 90.19
C PRO H 43 -63.48 7.14 91.42
N LEU H 44 -63.35 6.49 92.57
CA LEU H 44 -63.75 7.14 93.80
C LEU H 44 -62.92 8.38 94.08
N ILE H 45 -61.76 8.52 93.45
CA ILE H 45 -61.03 9.78 93.56
C ILE H 45 -61.79 10.90 92.86
N LEU H 46 -62.39 10.61 91.70
CA LEU H 46 -63.25 11.62 91.08
C LEU H 46 -64.51 11.84 91.89
N ILE H 47 -65.01 10.81 92.55
CA ILE H 47 -66.18 11.03 93.41
C ILE H 47 -65.84 11.98 94.54
N LEU H 48 -64.67 11.79 95.17
CA LEU H 48 -64.32 12.59 96.33
C LEU H 48 -63.79 13.97 95.97
N ARG H 49 -62.66 14.03 95.27
CA ARG H 49 -61.96 15.31 95.15
C ARG H 49 -62.67 16.23 94.16
N ASN H 50 -63.12 15.71 93.03
CA ASN H 50 -63.59 16.60 91.96
C ASN H 50 -65.06 16.95 92.09
N ARG H 51 -65.89 16.06 92.65
CA ARG H 51 -67.30 16.40 92.83
C ARG H 51 -67.62 16.92 94.22
N LEU H 52 -67.36 16.13 95.25
CA LEU H 52 -67.74 16.52 96.60
C LEU H 52 -66.73 17.45 97.26
N LYS H 53 -65.50 17.50 96.78
CA LYS H 53 -64.47 18.41 97.28
C LYS H 53 -64.14 18.20 98.76
N TYR H 54 -64.42 17.02 99.31
CA TYR H 54 -64.06 16.77 100.71
C TYR H 54 -62.56 16.82 100.93
N ALA H 55 -61.77 16.72 99.88
CA ALA H 55 -60.32 16.83 99.96
C ALA H 55 -59.85 17.90 98.98
N LEU H 56 -58.53 18.00 98.80
CA LEU H 56 -58.00 18.88 97.77
C LEU H 56 -56.83 18.30 97.00
N THR H 57 -56.35 17.11 97.37
CA THR H 57 -55.19 16.51 96.70
C THR H 57 -55.37 14.99 96.61
N TYR H 58 -54.49 14.39 95.81
CA TYR H 58 -54.35 12.94 95.77
C TYR H 58 -54.16 12.37 97.16
N ARG H 59 -53.22 12.93 97.92
CA ARG H 59 -52.89 12.36 99.23
C ARG H 59 -54.03 12.57 100.22
N GLU H 60 -54.73 13.70 100.15
CA GLU H 60 -55.86 13.87 101.04
C GLU H 60 -57.00 12.90 100.70
N VAL H 61 -57.20 12.60 99.42
CA VAL H 61 -58.17 11.55 99.11
C VAL H 61 -57.69 10.21 99.63
N GLN H 62 -56.37 9.99 99.62
CA GLN H 62 -55.83 8.77 100.21
C GLN H 62 -56.16 8.69 101.70
N SER H 63 -56.04 9.81 102.40
CA SER H 63 -56.43 9.86 103.80
C SER H 63 -57.91 9.52 103.97
N ILE H 64 -58.76 10.14 103.15
CA ILE H 64 -60.19 9.83 103.15
C ILE H 64 -60.41 8.32 103.09
N LEU H 65 -59.85 7.67 102.08
CA LEU H 65 -60.18 6.27 101.84
C LEU H 65 -59.56 5.34 102.87
N MET H 66 -58.33 5.64 103.31
CA MET H 66 -57.67 4.76 104.28
C MET H 66 -58.26 4.92 105.68
N GLN H 67 -59.03 5.98 105.92
CA GLN H 67 -59.82 6.04 107.16
C GLN H 67 -60.92 5.00 107.21
N ARG H 68 -61.16 4.25 106.14
CA ARG H 68 -62.22 3.24 106.06
C ARG H 68 -63.62 3.83 106.11
N HIS H 69 -63.77 5.14 105.94
CA HIS H 69 -65.12 5.72 105.96
C HIS H 69 -65.89 5.39 104.68
N ILE H 70 -65.25 5.52 103.52
CA ILE H 70 -65.97 5.53 102.26
C ILE H 70 -66.41 4.11 101.94
N MET H 71 -67.70 3.83 102.08
CA MET H 71 -68.24 2.50 101.93
C MET H 71 -69.11 2.46 100.70
N VAL H 72 -68.88 1.46 99.84
CA VAL H 72 -69.56 1.34 98.56
C VAL H 72 -70.33 0.04 98.55
N ASP H 73 -71.63 0.12 98.24
CA ASP H 73 -72.45 -1.04 97.91
C ASP H 73 -72.54 -2.04 99.06
N GLY H 74 -72.45 -1.56 100.30
CA GLY H 74 -72.54 -2.41 101.46
C GLY H 74 -71.22 -2.79 102.09
N LYS H 75 -70.10 -2.44 101.47
CA LYS H 75 -68.80 -2.83 101.99
C LYS H 75 -67.74 -1.81 101.60
N VAL H 76 -66.90 -1.45 102.57
CA VAL H 76 -65.92 -0.39 102.37
C VAL H 76 -64.89 -0.80 101.32
N ARG H 77 -64.56 0.15 100.44
CA ARG H 77 -63.59 -0.08 99.37
C ARG H 77 -62.51 0.99 99.50
N THR H 78 -61.31 0.58 99.88
CA THR H 78 -60.21 1.51 100.11
C THR H 78 -59.40 1.80 98.85
N ASP H 79 -59.75 1.19 97.72
CA ASP H 79 -59.01 1.48 96.49
C ASP H 79 -59.37 2.88 96.00
N LYS H 80 -58.36 3.61 95.53
CA LYS H 80 -58.55 4.99 95.13
C LYS H 80 -58.73 5.16 93.63
N THR H 81 -58.87 4.06 92.90
CA THR H 81 -59.23 4.08 91.49
C THR H 81 -60.35 3.09 91.22
N TYR H 82 -61.21 2.88 92.21
CA TYR H 82 -62.28 1.91 92.07
C TYR H 82 -63.29 2.37 91.01
N PRO H 83 -63.63 1.53 90.04
CA PRO H 83 -64.57 1.93 88.98
C PRO H 83 -66.03 1.91 89.43
N ALA H 84 -66.39 2.86 90.29
CA ALA H 84 -67.79 3.05 90.62
C ALA H 84 -68.54 3.59 89.41
N GLY H 85 -69.74 3.06 89.18
CA GLY H 85 -70.51 3.42 88.01
C GLY H 85 -72.00 3.46 88.25
N PHE H 86 -72.76 2.93 87.29
CA PHE H 86 -74.20 3.13 87.24
C PHE H 86 -74.91 2.40 88.38
N MET H 87 -75.81 3.12 89.07
CA MET H 87 -76.44 2.69 90.33
C MET H 87 -75.51 1.97 91.28
N ASP H 88 -74.24 2.32 91.34
CA ASP H 88 -73.51 2.06 92.58
C ASP H 88 -73.91 3.08 93.63
N ILE H 89 -74.13 2.60 94.84
CA ILE H 89 -74.49 3.44 95.96
C ILE H 89 -73.26 3.62 96.83
N ILE H 90 -72.91 4.88 97.07
CA ILE H 90 -71.72 5.26 97.83
C ILE H 90 -72.19 5.89 99.13
N SER H 91 -71.89 5.25 100.24
CA SER H 91 -72.35 5.71 101.54
C SER H 91 -71.19 6.21 102.39
N ILE H 92 -71.49 7.11 103.31
CA ILE H 92 -70.48 7.60 104.24
C ILE H 92 -71.11 7.61 105.63
N PRO H 93 -70.73 6.67 106.50
CA PRO H 93 -71.32 6.66 107.85
C PRO H 93 -71.08 7.92 108.66
N LYS H 94 -69.89 8.53 108.59
CA LYS H 94 -69.62 9.68 109.46
C LYS H 94 -70.53 10.84 109.12
N THR H 95 -70.78 11.06 107.84
CA THR H 95 -71.79 12.01 107.41
C THR H 95 -73.17 11.40 107.34
N GLY H 96 -73.30 10.09 107.60
CA GLY H 96 -74.57 9.40 107.53
C GLY H 96 -75.25 9.65 106.21
N GLU H 97 -74.43 9.92 105.19
CA GLU H 97 -74.91 10.48 103.93
C GLU H 97 -74.77 9.46 102.82
N ASN H 98 -75.85 9.24 102.09
CA ASN H 98 -75.90 8.25 101.03
C ASN H 98 -75.94 8.96 99.70
N TYR H 99 -75.30 8.36 98.70
CA TYR H 99 -75.37 8.83 97.33
C TYR H 99 -75.59 7.63 96.41
N ARG H 100 -76.18 7.89 95.26
CA ARG H 100 -76.33 6.86 94.25
C ARG H 100 -75.93 7.48 92.92
N LEU H 101 -75.18 6.74 92.12
CA LEU H 101 -74.56 7.32 90.93
C LEU H 101 -75.46 7.06 89.74
N LEU H 102 -76.00 8.13 89.15
CA LEU H 102 -76.83 7.99 87.95
C LEU H 102 -76.40 8.96 86.86
N TYR H 103 -76.75 8.59 85.63
CA TYR H 103 -76.56 9.52 84.52
C TYR H 103 -77.51 10.69 84.64
N ASP H 104 -77.03 11.87 84.28
CA ASP H 104 -77.92 13.00 84.05
C ASP H 104 -78.03 13.22 82.55
N THR H 105 -79.05 13.97 82.15
CA THR H 105 -79.54 13.97 80.79
C THR H 105 -78.49 14.38 79.77
N LYS H 106 -77.45 15.11 80.17
CA LYS H 106 -76.44 15.58 79.24
C LYS H 106 -75.26 14.63 79.15
N GLY H 107 -75.39 13.42 79.67
CA GLY H 107 -74.44 12.36 79.43
C GLY H 107 -73.35 12.17 80.45
N ARG H 108 -73.56 12.64 81.67
CA ARG H 108 -72.52 12.67 82.69
C ARG H 108 -73.10 12.04 83.96
N PHE H 109 -72.33 12.05 85.03
CA PHE H 109 -72.71 11.35 86.25
C PHE H 109 -72.98 12.32 87.39
N ARG H 110 -74.18 12.24 87.95
CA ARG H 110 -74.58 12.87 89.19
C ARG H 110 -74.64 11.88 90.33
N LEU H 111 -74.44 12.43 91.52
CA LEU H 111 -74.52 11.71 92.79
C LEU H 111 -75.81 12.16 93.44
N HIS H 112 -76.87 11.39 93.25
CA HIS H 112 -78.18 11.76 93.76
C HIS H 112 -78.32 11.21 95.18
N SER H 113 -78.61 12.10 96.12
CA SER H 113 -78.81 11.67 97.49
C SER H 113 -80.08 10.81 97.59
N VAL H 114 -80.01 9.81 98.46
CA VAL H 114 -81.11 8.90 98.73
C VAL H 114 -81.16 8.69 100.23
N ARG H 115 -82.35 8.40 100.76
CA ARG H 115 -82.41 8.10 102.16
C ARG H 115 -82.08 6.62 102.39
N ASP H 116 -82.09 6.20 103.65
CA ASP H 116 -81.58 4.88 103.97
C ASP H 116 -82.39 3.77 103.33
N GLU H 117 -83.72 3.93 103.28
CA GLU H 117 -84.54 2.84 102.75
C GLU H 117 -84.25 2.61 101.27
N ASP H 118 -84.15 3.68 100.48
CA ASP H 118 -83.62 3.51 99.12
C ASP H 118 -82.12 3.77 99.08
N ALA H 119 -81.42 3.23 100.08
CA ALA H 119 -80.00 2.93 99.98
C ALA H 119 -79.65 1.57 100.54
N LYS H 120 -80.61 0.84 101.14
CA LYS H 120 -80.40 -0.51 101.62
C LYS H 120 -80.21 -1.52 100.49
N PHE H 121 -80.49 -1.12 99.25
CA PHE H 121 -80.51 -2.04 98.12
C PHE H 121 -80.03 -1.32 96.88
N LYS H 122 -79.63 -2.10 95.88
CA LYS H 122 -79.27 -1.55 94.58
C LYS H 122 -80.08 -2.27 93.51
N LEU H 123 -79.85 -1.87 92.26
CA LEU H 123 -80.65 -2.33 91.14
C LEU H 123 -79.76 -2.39 89.91
N CYS H 124 -79.74 -3.54 89.23
CA CYS H 124 -78.80 -3.74 88.13
C CYS H 124 -79.38 -4.68 87.10
N LYS H 125 -78.86 -4.62 85.88
CA LYS H 125 -79.32 -5.52 84.84
C LYS H 125 -78.43 -6.75 84.78
N VAL H 126 -78.95 -7.79 84.17
CA VAL H 126 -78.28 -9.07 84.10
C VAL H 126 -77.64 -9.19 82.73
N ARG H 127 -76.46 -9.80 82.68
CA ARG H 127 -75.84 -10.07 81.38
C ARG H 127 -76.42 -11.31 80.74
N SER H 128 -76.38 -12.45 81.44
CA SER H 128 -76.92 -13.68 80.86
C SER H 128 -77.03 -14.75 81.94
N VAL H 129 -78.01 -15.63 81.79
CA VAL H 129 -78.24 -16.72 82.73
C VAL H 129 -77.98 -18.05 82.03
N GLN H 130 -77.12 -18.87 82.62
CA GLN H 130 -76.76 -20.17 82.08
C GLN H 130 -76.36 -21.09 83.22
N PHE H 131 -76.14 -22.36 82.90
CA PHE H 131 -75.84 -23.36 83.91
C PHE H 131 -74.36 -23.31 84.31
N GLY H 132 -74.03 -24.00 85.40
CA GLY H 132 -72.66 -24.12 85.83
C GLY H 132 -72.33 -25.54 86.25
N GLN H 133 -71.38 -25.70 87.16
CA GLN H 133 -70.99 -27.04 87.61
C GLN H 133 -72.15 -27.73 88.31
N LYS H 134 -72.33 -29.01 87.98
CA LYS H 134 -73.37 -29.87 88.53
C LYS H 134 -74.77 -29.44 88.10
N GLY H 135 -74.87 -28.59 87.09
CA GLY H 135 -76.18 -28.20 86.58
C GLY H 135 -76.88 -27.13 87.37
N ILE H 136 -76.18 -26.41 88.23
CA ILE H 136 -76.79 -25.33 89.01
C ILE H 136 -76.82 -24.06 88.15
N PRO H 137 -77.98 -23.50 87.87
CA PRO H 137 -78.03 -22.28 87.05
C PRO H 137 -77.54 -21.08 87.83
N TYR H 138 -76.97 -20.13 87.10
CA TYR H 138 -76.53 -18.86 87.66
C TYR H 138 -76.67 -17.80 86.58
N LEU H 139 -76.76 -16.55 87.01
CA LEU H 139 -76.85 -15.43 86.10
C LEU H 139 -75.74 -14.42 86.38
N ASN H 140 -75.37 -13.70 85.32
CA ASN H 140 -74.28 -12.74 85.32
C ASN H 140 -74.85 -11.37 85.04
N THR H 141 -74.47 -10.40 85.86
CA THR H 141 -74.90 -9.02 85.72
C THR H 141 -73.80 -8.16 85.10
N TYR H 142 -74.20 -7.00 84.58
CA TYR H 142 -73.23 -6.04 84.07
C TYR H 142 -72.45 -5.36 85.19
N ASP H 143 -72.86 -5.54 86.44
CA ASP H 143 -72.01 -5.20 87.57
C ASP H 143 -71.02 -6.30 87.87
N GLY H 144 -71.07 -7.39 87.11
CA GLY H 144 -70.19 -8.51 87.29
C GLY H 144 -70.71 -9.57 88.25
N ARG H 145 -71.63 -9.19 89.12
CA ARG H 145 -72.10 -10.11 90.14
C ARG H 145 -72.71 -11.35 89.50
N THR H 146 -72.48 -12.49 90.14
CA THR H 146 -73.01 -13.77 89.74
C THR H 146 -73.96 -14.26 90.81
N ILE H 147 -75.15 -14.68 90.41
CA ILE H 147 -76.17 -15.12 91.35
C ILE H 147 -76.60 -16.53 90.97
N ARG H 148 -76.51 -17.44 91.93
CA ARG H 148 -76.85 -18.84 91.69
C ARG H 148 -78.27 -19.13 92.15
N TYR H 149 -78.85 -20.17 91.55
CA TYR H 149 -80.26 -20.50 91.69
C TYR H 149 -81.11 -19.28 91.33
N PRO H 150 -81.16 -18.93 90.05
CA PRO H 150 -81.99 -17.80 89.62
C PRO H 150 -83.46 -18.19 89.54
N ASP H 151 -84.30 -17.20 89.79
CA ASP H 151 -85.73 -17.42 89.68
C ASP H 151 -86.05 -17.89 88.26
N PRO H 152 -86.80 -18.98 88.09
CA PRO H 152 -86.91 -19.58 86.75
C PRO H 152 -87.50 -18.66 85.70
N LEU H 153 -87.98 -17.48 86.07
CA LEU H 153 -88.47 -16.51 85.10
C LEU H 153 -87.47 -15.42 84.77
N ILE H 154 -86.49 -15.16 85.63
CA ILE H 154 -85.53 -14.10 85.32
C ILE H 154 -84.66 -14.54 84.15
N LYS H 155 -84.64 -13.74 83.10
CA LYS H 155 -83.91 -14.06 81.89
C LYS H 155 -82.89 -12.96 81.60
N ALA H 156 -82.25 -13.06 80.45
CA ALA H 156 -81.20 -12.12 80.07
C ALA H 156 -81.78 -10.73 79.83
N ASN H 157 -80.90 -9.73 79.88
CA ASN H 157 -81.19 -8.33 79.62
C ASN H 157 -82.13 -7.73 80.66
N ASP H 158 -82.56 -8.49 81.65
CA ASP H 158 -83.57 -8.06 82.60
C ASP H 158 -82.93 -7.24 83.71
N THR H 159 -83.73 -6.84 84.69
CA THR H 159 -83.24 -6.02 85.78
C THR H 159 -83.65 -6.65 87.10
N ILE H 160 -82.81 -6.52 88.11
CA ILE H 160 -82.98 -7.22 89.38
C ILE H 160 -82.55 -6.29 90.52
N LYS H 161 -83.30 -6.33 91.62
CA LYS H 161 -82.95 -5.59 92.82
C LYS H 161 -82.23 -6.52 93.81
N LEU H 162 -81.20 -6.00 94.46
CA LEU H 162 -80.41 -6.79 95.40
C LEU H 162 -80.23 -6.00 96.69
N ASP H 163 -80.70 -6.55 97.80
CA ASP H 163 -80.38 -5.96 99.08
C ASP H 163 -78.92 -6.23 99.44
N LEU H 164 -78.43 -5.48 100.41
CA LEU H 164 -77.04 -5.59 100.84
C LEU H 164 -76.88 -6.44 102.09
N GLU H 165 -77.97 -6.99 102.62
CA GLU H 165 -77.91 -7.89 103.78
C GLU H 165 -78.29 -9.31 103.39
N THR H 166 -79.48 -9.52 102.83
CA THR H 166 -79.80 -10.82 102.24
C THR H 166 -78.98 -11.08 100.99
N ASN H 167 -78.50 -10.02 100.33
CA ASN H 167 -77.52 -10.11 99.25
C ASN H 167 -78.02 -10.99 98.11
N LYS H 168 -79.33 -11.06 97.91
CA LYS H 168 -79.89 -11.82 96.81
C LYS H 168 -81.05 -11.04 96.19
N ILE H 169 -81.78 -11.72 95.33
CA ILE H 169 -82.87 -11.09 94.59
C ILE H 169 -84.07 -10.90 95.50
N VAL H 170 -84.75 -9.76 95.35
CA VAL H 170 -86.04 -9.57 96.00
C VAL H 170 -87.13 -9.41 94.96
N ASP H 171 -86.78 -8.84 93.81
CA ASP H 171 -87.73 -8.70 92.73
C ASP H 171 -86.96 -8.31 91.48
N PHE H 172 -87.63 -8.39 90.34
CA PHE H 172 -86.99 -8.23 89.05
C PHE H 172 -87.98 -7.65 88.07
N ILE H 173 -87.47 -6.78 87.20
CA ILE H 173 -88.22 -6.21 86.10
C ILE H 173 -87.87 -6.99 84.84
N LYS H 174 -88.88 -7.50 84.16
CA LYS H 174 -88.66 -8.20 82.91
C LYS H 174 -88.51 -7.18 81.79
N PHE H 175 -87.34 -7.16 81.16
CA PHE H 175 -87.10 -6.24 80.07
C PHE H 175 -88.07 -6.56 78.94
N ASP H 176 -89.04 -5.68 78.73
CA ASP H 176 -90.08 -5.91 77.75
C ASP H 176 -90.63 -4.56 77.28
N VAL H 177 -91.62 -4.62 76.39
CA VAL H 177 -92.14 -3.41 75.79
C VAL H 177 -93.01 -2.66 76.79
N GLY H 178 -92.75 -1.36 76.94
CA GLY H 178 -93.61 -0.50 77.73
C GLY H 178 -93.13 -0.19 79.12
N ASN H 179 -91.96 -0.67 79.52
CA ASN H 179 -91.41 -0.38 80.83
C ASN H 179 -90.38 0.74 80.74
N VAL H 180 -90.36 1.59 81.76
CA VAL H 180 -89.48 2.76 81.73
C VAL H 180 -88.04 2.31 81.73
N VAL H 181 -87.24 2.94 80.87
CA VAL H 181 -85.83 2.62 80.72
C VAL H 181 -85.06 3.93 80.84
N MET H 182 -83.74 3.84 80.87
CA MET H 182 -82.92 5.03 80.65
C MET H 182 -81.62 4.59 80.01
N VAL H 183 -81.28 5.21 78.89
CA VAL H 183 -80.11 4.81 78.13
C VAL H 183 -78.85 5.17 78.91
N THR H 184 -77.87 4.26 78.88
CA THR H 184 -76.65 4.38 79.68
C THR H 184 -75.40 4.54 78.82
N GLY H 185 -75.54 4.80 77.53
CA GLY H 185 -74.38 4.99 76.68
C GLY H 185 -74.74 5.72 75.41
N GLY H 186 -73.77 6.47 74.89
CA GLY H 186 -73.94 7.17 73.63
C GLY H 186 -74.43 8.59 73.80
N ARG H 187 -75.05 9.10 72.74
CA ARG H 187 -75.57 10.46 72.79
C ARG H 187 -76.91 10.56 73.49
N ASN H 188 -77.69 9.47 73.54
CA ASN H 188 -78.97 9.46 74.23
C ASN H 188 -78.84 9.09 75.69
N THR H 189 -77.64 8.93 76.20
CA THR H 189 -77.48 8.49 77.58
C THR H 189 -77.95 9.58 78.54
N GLY H 190 -78.45 9.14 79.69
CA GLY H 190 -79.13 10.05 80.59
C GLY H 190 -80.63 10.09 80.45
N ARG H 191 -81.15 10.15 79.22
CA ARG H 191 -82.59 10.28 79.04
C ARG H 191 -83.31 9.03 79.50
N VAL H 192 -84.22 9.19 80.47
CA VAL H 192 -85.13 8.11 80.81
C VAL H 192 -86.25 8.15 79.77
N GLY H 193 -87.07 7.11 79.77
CA GLY H 193 -88.20 7.07 78.86
C GLY H 193 -88.81 5.69 78.89
N VAL H 194 -89.95 5.59 78.23
CA VAL H 194 -90.71 4.35 78.16
C VAL H 194 -90.42 3.70 76.82
N ILE H 195 -90.03 2.42 76.85
CA ILE H 195 -89.89 1.67 75.61
C ILE H 195 -91.22 1.70 74.89
N LYS H 196 -91.19 2.05 73.61
CA LYS H 196 -92.39 2.00 72.80
C LYS H 196 -92.32 0.98 71.69
N ASN H 197 -91.11 0.53 71.31
CA ASN H 197 -90.99 -0.51 70.32
C ASN H 197 -89.62 -1.16 70.47
N ARG H 198 -89.51 -2.37 69.95
CA ARG H 198 -88.27 -3.12 70.04
C ARG H 198 -88.19 -4.04 68.82
N GLU H 199 -87.35 -3.72 67.85
CA GLU H 199 -87.22 -4.59 66.70
C GLU H 199 -85.85 -5.26 66.65
N LYS H 200 -85.88 -6.52 66.25
CA LYS H 200 -84.74 -7.41 66.23
C LYS H 200 -84.38 -7.75 64.79
N HIS H 201 -83.08 -7.73 64.50
CA HIS H 201 -82.58 -8.15 63.20
C HIS H 201 -81.56 -9.26 63.40
N LYS H 202 -81.68 -10.32 62.62
CA LYS H 202 -80.91 -11.53 62.86
C LYS H 202 -79.42 -11.25 62.69
N GLY H 203 -78.68 -11.40 63.77
CA GLY H 203 -77.24 -11.30 63.71
C GLY H 203 -76.65 -9.94 64.05
N THR H 204 -77.43 -9.03 64.63
CA THR H 204 -76.92 -7.71 64.93
C THR H 204 -77.58 -7.19 66.20
N PHE H 205 -77.21 -5.97 66.58
CA PHE H 205 -77.75 -5.37 67.78
C PHE H 205 -79.25 -5.13 67.65
N GLU H 206 -79.96 -5.35 68.77
CA GLU H 206 -81.40 -5.19 68.81
C GLU H 206 -81.71 -3.73 69.08
N THR H 207 -82.66 -3.16 68.34
CA THR H 207 -82.93 -1.73 68.44
C THR H 207 -84.16 -1.47 69.28
N ILE H 208 -84.03 -0.49 70.17
CA ILE H 208 -85.03 -0.14 71.18
C ILE H 208 -85.47 1.27 70.89
N HIS H 209 -86.75 1.44 70.53
CA HIS H 209 -87.33 2.75 70.34
C HIS H 209 -88.06 3.16 71.62
N VAL H 210 -87.63 4.28 72.17
CA VAL H 210 -88.09 4.76 73.47
C VAL H 210 -88.74 6.13 73.28
N GLU H 211 -89.76 6.40 74.08
CA GLU H 211 -90.41 7.71 74.08
C GLU H 211 -90.24 8.34 75.44
N ASP H 212 -89.85 9.61 75.46
CA ASP H 212 -89.70 10.32 76.72
C ASP H 212 -91.07 10.69 77.29
N ALA H 213 -91.05 11.22 78.52
CA ALA H 213 -92.29 11.53 79.23
C ALA H 213 -93.09 12.65 78.57
N GLN H 214 -92.51 13.41 77.64
CA GLN H 214 -93.21 14.53 77.06
C GLN H 214 -93.03 14.60 75.54
N GLY H 215 -93.15 13.46 74.87
CA GLY H 215 -93.39 13.46 73.44
C GLY H 215 -92.25 13.04 72.53
N HIS H 216 -91.02 13.38 72.91
CA HIS H 216 -89.88 13.08 72.06
C HIS H 216 -89.68 11.58 71.96
N GLN H 217 -89.08 11.15 70.87
CA GLN H 217 -88.87 9.74 70.59
C GLN H 217 -87.45 9.55 70.08
N PHE H 218 -86.86 8.39 70.37
CA PHE H 218 -85.49 8.12 69.94
C PHE H 218 -85.28 6.61 69.89
N ALA H 219 -84.06 6.22 69.50
CA ALA H 219 -83.70 4.81 69.37
C ALA H 219 -82.35 4.58 70.02
N THR H 220 -82.05 3.32 70.32
CA THR H 220 -80.83 3.00 71.04
C THR H 220 -80.52 1.51 70.84
N ARG H 221 -79.25 1.15 71.03
CA ARG H 221 -78.83 -0.25 71.05
C ARG H 221 -79.10 -0.89 72.40
N LEU H 222 -79.15 -2.22 72.40
CA LEU H 222 -79.59 -2.95 73.58
C LEU H 222 -78.61 -2.83 74.75
N GLY H 223 -77.32 -2.86 74.47
CA GLY H 223 -76.34 -2.82 75.55
C GLY H 223 -76.36 -1.53 76.33
N ASN H 224 -77.07 -0.52 75.83
CA ASN H 224 -77.08 0.80 76.43
C ASN H 224 -78.34 1.08 77.24
N VAL H 225 -79.45 0.40 76.91
CA VAL H 225 -80.70 0.66 77.61
C VAL H 225 -80.71 -0.06 78.95
N PHE H 226 -81.62 0.38 79.83
CA PHE H 226 -81.66 -0.16 81.18
C PHE H 226 -83.05 0.10 81.75
N THR H 227 -83.87 -0.95 81.87
CA THR H 227 -85.14 -0.80 82.55
C THR H 227 -84.91 -0.36 83.99
N ILE H 228 -85.76 0.54 84.47
CA ILE H 228 -85.71 0.93 85.87
C ILE H 228 -86.91 0.33 86.59
N GLY H 229 -88.11 0.69 86.17
CA GLY H 229 -89.32 0.28 86.84
C GLY H 229 -90.32 -0.29 85.86
N LYS H 230 -91.28 -1.00 86.40
CA LYS H 230 -92.35 -1.57 85.59
C LYS H 230 -93.37 -0.49 85.29
N GLY H 231 -93.76 -0.37 84.03
CA GLY H 231 -94.63 0.73 83.65
C GLY H 231 -93.86 2.04 83.67
N THR H 232 -94.62 3.14 83.78
CA THR H 232 -94.00 4.45 83.77
C THR H 232 -93.28 4.76 85.07
N LYS H 233 -93.69 4.16 86.18
CA LYS H 233 -93.15 4.57 87.47
C LYS H 233 -91.77 3.97 87.68
N PRO H 234 -90.77 4.79 88.01
CA PRO H 234 -89.44 4.25 88.31
C PRO H 234 -89.38 3.69 89.71
N TRP H 235 -88.44 2.76 89.91
CA TRP H 235 -88.15 2.24 91.24
C TRP H 235 -86.88 2.87 91.80
N VAL H 236 -86.55 4.08 91.37
CA VAL H 236 -85.35 4.77 91.83
C VAL H 236 -85.62 6.28 91.74
N SER H 237 -84.96 7.02 92.62
CA SER H 237 -85.17 8.47 92.72
C SER H 237 -84.39 9.16 91.60
N LEU H 238 -85.12 9.73 90.63
CA LEU H 238 -84.49 10.36 89.49
C LEU H 238 -83.80 11.66 89.90
N PRO H 239 -82.86 12.16 89.10
CA PRO H 239 -82.20 13.43 89.44
C PRO H 239 -83.05 14.65 89.14
N LYS H 240 -82.46 15.83 89.31
CA LYS H 240 -83.22 17.08 89.24
C LYS H 240 -83.91 17.27 87.90
N GLY H 241 -83.35 16.71 86.83
CA GLY H 241 -84.04 16.60 85.57
C GLY H 241 -84.60 15.19 85.46
N LYS H 242 -85.91 15.09 85.31
CA LYS H 242 -86.55 13.78 85.44
C LYS H 242 -86.27 12.96 84.18
N GLY H 243 -85.00 12.87 83.82
CA GLY H 243 -84.57 12.11 82.67
C GLY H 243 -85.00 12.67 81.33
N ILE H 244 -85.38 13.93 81.25
CA ILE H 244 -85.70 14.54 79.96
C ILE H 244 -84.52 15.40 79.54
N LYS H 245 -83.87 15.01 78.45
CA LYS H 245 -82.90 15.89 77.82
C LYS H 245 -83.63 16.97 77.06
N LEU H 246 -83.31 18.21 77.36
CA LEU H 246 -84.01 19.35 76.81
C LEU H 246 -83.12 20.04 75.79
N THR H 247 -83.75 20.47 74.69
CA THR H 247 -83.01 21.05 73.58
C THR H 247 -82.35 22.35 74.04
N ILE H 248 -81.24 22.71 73.37
CA ILE H 248 -80.44 23.83 73.81
C ILE H 248 -81.26 25.11 73.85
N ILE H 249 -82.17 25.28 72.90
CA ILE H 249 -83.05 26.45 72.93
C ILE H 249 -83.89 26.43 74.20
N GLU H 250 -84.45 25.27 74.55
CA GLU H 250 -85.26 25.16 75.75
C GLU H 250 -84.44 25.47 77.00
N GLU H 251 -83.21 24.96 77.07
CA GLU H 251 -82.39 25.22 78.24
C GLU H 251 -81.91 26.65 78.29
N GLN H 252 -81.79 27.32 77.14
CA GLN H 252 -81.56 28.75 77.16
C GLN H 252 -82.75 29.48 77.73
N ARG H 253 -83.96 29.07 77.35
CA ARG H 253 -85.16 29.68 77.91
C ARG H 253 -85.27 29.46 79.41
N LYS H 254 -84.86 28.28 79.90
CA LYS H 254 -84.87 28.11 81.34
C LYS H 254 -84.00 29.13 82.03
N ARG H 255 -82.79 29.35 81.52
CA ARG H 255 -81.91 30.29 82.20
C ARG H 255 -82.37 31.72 82.03
N ASP H 256 -82.96 32.05 80.88
CA ASP H 256 -83.54 33.37 80.69
C ASP H 256 -84.68 33.61 81.67
N ALA H 257 -85.55 32.60 81.85
CA ALA H 257 -86.67 32.74 82.78
C ALA H 257 -86.20 32.79 84.22
N ALA H 258 -85.17 32.01 84.56
CA ALA H 258 -84.60 32.11 85.90
C ALA H 258 -83.95 33.47 86.13
N ALA H 259 -83.46 34.10 85.07
CA ALA H 259 -82.94 35.46 85.19
C ALA H 259 -84.06 36.47 85.39
N GLN H 260 -85.15 36.34 84.63
CA GLN H 260 -86.21 37.33 84.69
C GLN H 260 -87.18 37.08 85.84
N ALA H 261 -87.07 35.94 86.52
CA ALA H 261 -87.78 35.71 87.77
C ALA H 261 -87.04 36.28 88.96
N ALA H 262 -85.84 36.79 88.75
CA ALA H 262 -85.07 37.47 89.76
C ALA H 262 -84.15 38.47 89.06
N PRO I 8 -42.58 83.25 -58.31
CA PRO I 8 -43.68 84.08 -57.81
C PRO I 8 -43.24 85.53 -57.64
N GLY I 9 -43.36 86.03 -56.41
CA GLY I 9 -42.76 87.29 -56.04
C GLY I 9 -41.40 87.05 -55.41
N GLY I 10 -40.34 87.13 -56.20
CA GLY I 10 -39.04 86.73 -55.73
C GLY I 10 -37.90 87.67 -56.08
N ASP I 11 -38.17 88.97 -56.11
CA ASP I 11 -37.09 89.94 -56.33
C ASP I 11 -36.36 90.16 -55.02
N VAL I 12 -35.96 89.05 -54.39
CA VAL I 12 -35.31 89.01 -53.09
C VAL I 12 -34.14 88.05 -53.16
N LYS I 13 -32.93 88.59 -53.27
CA LYS I 13 -31.72 87.80 -53.41
C LYS I 13 -30.91 87.91 -52.12
N LEU I 14 -30.43 86.80 -51.60
CA LEU I 14 -29.58 86.89 -50.42
C LEU I 14 -28.23 87.48 -50.79
N PHE I 15 -27.79 88.45 -50.00
CA PHE I 15 -26.68 89.34 -50.33
C PHE I 15 -26.93 90.07 -51.65
N ASN I 16 -28.18 90.12 -52.10
CA ASN I 16 -28.66 90.78 -53.31
C ASN I 16 -28.20 90.12 -54.61
N ARG I 17 -27.53 88.97 -54.57
CA ARG I 17 -26.79 88.53 -55.73
C ARG I 17 -26.88 87.03 -56.04
N TRP I 18 -27.56 86.24 -55.22
CA TRP I 18 -27.68 84.80 -55.43
C TRP I 18 -29.15 84.43 -55.46
N THR I 19 -29.76 84.56 -56.63
CA THR I 19 -31.20 84.47 -56.76
C THR I 19 -31.74 83.18 -56.14
N PHE I 20 -32.71 83.34 -55.25
CA PHE I 20 -33.43 82.18 -54.73
C PHE I 20 -34.23 81.47 -55.80
N GLU I 21 -34.53 82.17 -56.89
CA GLU I 21 -35.41 81.61 -57.90
C GLU I 21 -34.73 80.43 -58.59
N ASP I 22 -35.56 79.56 -59.17
CA ASP I 22 -35.10 78.43 -59.97
C ASP I 22 -34.28 77.44 -59.15
N VAL I 23 -34.59 77.29 -57.87
CA VAL I 23 -33.99 76.26 -57.03
C VAL I 23 -35.05 75.18 -56.83
N GLN I 24 -34.66 73.93 -57.02
CA GLN I 24 -35.60 72.82 -56.99
C GLN I 24 -35.07 71.73 -56.09
N VAL I 25 -35.91 71.31 -55.15
CA VAL I 25 -35.55 70.26 -54.20
C VAL I 25 -35.95 68.91 -54.78
N SER I 26 -35.03 67.96 -54.73
CA SER I 26 -35.34 66.62 -55.23
C SER I 26 -36.31 65.89 -54.31
N ASP I 27 -36.03 65.89 -53.01
CA ASP I 27 -36.87 65.14 -52.08
C ASP I 27 -38.17 65.88 -51.82
N ILE I 28 -39.28 65.30 -52.24
CA ILE I 28 -40.58 65.75 -51.76
C ILE I 28 -40.72 65.50 -50.27
N SER I 29 -39.88 64.64 -49.70
CA SER I 29 -39.87 64.44 -48.26
C SER I 29 -39.35 65.67 -47.53
N LEU I 30 -38.18 66.17 -47.95
CA LEU I 30 -37.60 67.36 -47.35
C LEU I 30 -38.11 68.65 -47.97
N ASN I 31 -39.01 68.56 -48.95
CA ASN I 31 -39.59 69.77 -49.53
C ASN I 31 -40.26 70.62 -48.45
N ASP I 32 -40.97 69.97 -47.54
CA ASP I 32 -41.67 70.71 -46.51
C ASP I 32 -40.71 71.38 -45.53
N TYR I 33 -39.58 70.74 -45.25
CA TYR I 33 -38.70 71.20 -44.18
C TYR I 33 -37.47 71.97 -44.68
N LEU I 34 -37.33 72.16 -45.98
CA LEU I 34 -36.33 73.08 -46.52
C LEU I 34 -37.00 74.40 -46.85
N ALA I 35 -36.53 75.48 -46.21
CA ALA I 35 -37.15 76.79 -46.35
C ALA I 35 -36.50 77.54 -47.52
N VAL I 36 -36.82 77.09 -48.73
CA VAL I 36 -36.32 77.75 -49.94
C VAL I 36 -37.39 78.02 -50.97
N THR I 37 -38.57 77.42 -50.88
CA THR I 37 -39.51 77.42 -51.99
C THR I 37 -40.57 78.51 -51.90
N SER I 38 -41.24 78.61 -50.76
CA SER I 38 -42.36 79.54 -50.62
C SER I 38 -41.89 80.99 -50.69
N MET I 39 -42.78 81.85 -51.17
CA MET I 39 -42.47 83.27 -51.24
C MET I 39 -42.28 83.88 -49.84
N LYS I 40 -42.70 83.18 -48.80
CA LYS I 40 -42.54 83.66 -47.44
C LYS I 40 -41.22 83.22 -46.80
N HIS I 41 -40.53 82.25 -47.40
CA HIS I 41 -39.26 81.77 -46.86
C HIS I 41 -38.04 82.48 -47.44
N TYR I 42 -38.21 83.46 -48.31
CA TYR I 42 -37.06 84.14 -48.87
C TYR I 42 -36.60 85.25 -47.94
N THR I 43 -35.29 85.33 -47.75
CA THR I 43 -34.70 86.34 -46.90
C THR I 43 -33.44 86.87 -47.55
N PHE I 44 -33.09 88.12 -47.25
CA PHE I 44 -31.86 88.69 -47.80
C PHE I 44 -30.63 88.20 -47.06
N LEU I 45 -30.73 87.93 -45.77
CA LEU I 45 -29.53 87.63 -45.02
C LEU I 45 -29.79 86.43 -44.13
N PRO I 46 -28.83 85.53 -43.97
CA PRO I 46 -29.04 84.38 -43.10
C PRO I 46 -28.86 84.71 -41.64
N HIS I 47 -28.93 85.99 -41.30
CA HIS I 47 -29.01 86.44 -39.92
C HIS I 47 -30.42 86.94 -39.67
N SER I 48 -31.06 86.43 -38.62
CA SER I 48 -32.32 86.98 -38.16
C SER I 48 -32.47 86.66 -36.68
N ALA I 49 -32.98 87.62 -35.92
CA ALA I 49 -33.17 87.42 -34.49
C ALA I 49 -34.51 86.71 -34.28
N GLY I 50 -34.58 85.49 -34.81
CA GLY I 50 -35.82 84.77 -34.81
C GLY I 50 -36.11 84.15 -33.44
N ARG I 51 -37.38 84.26 -33.03
CA ARG I 51 -37.83 83.70 -31.76
C ARG I 51 -38.16 82.22 -31.99
N TYR I 52 -37.15 81.47 -32.37
CA TYR I 52 -37.30 80.06 -32.66
C TYR I 52 -37.03 79.24 -31.39
N SER I 53 -37.28 77.95 -31.48
CA SER I 53 -37.07 77.04 -30.36
C SER I 53 -37.94 77.40 -29.16
N ALA I 54 -38.78 78.42 -29.32
CA ALA I 54 -39.80 78.72 -28.32
C ALA I 54 -40.98 77.78 -28.41
N LYS I 55 -41.10 77.04 -29.52
CA LYS I 55 -42.18 76.10 -29.71
C LYS I 55 -41.65 74.95 -30.55
N ARG I 56 -42.35 73.82 -30.51
CA ARG I 56 -41.95 72.66 -31.28
C ARG I 56 -42.18 72.89 -32.76
N PHE I 57 -41.24 72.39 -33.58
CA PHE I 57 -41.24 72.43 -35.04
C PHE I 57 -41.11 73.83 -35.61
N ARG I 58 -41.03 74.87 -34.79
CA ARG I 58 -40.88 76.21 -35.34
C ARG I 58 -39.58 76.39 -36.10
N LYS I 59 -38.56 75.59 -35.78
CA LYS I 59 -37.32 75.68 -36.55
C LYS I 59 -37.44 75.12 -37.96
N ALA I 60 -38.51 74.37 -38.25
CA ALA I 60 -38.68 73.83 -39.59
C ALA I 60 -38.91 74.93 -40.62
N GLN I 61 -39.34 76.11 -40.19
CA GLN I 61 -39.50 77.25 -41.08
C GLN I 61 -38.35 78.24 -40.99
N CYS I 62 -37.31 77.94 -40.22
CA CYS I 62 -36.13 78.77 -40.24
C CYS I 62 -35.51 78.74 -41.63
N PRO I 63 -35.01 79.86 -42.13
CA PRO I 63 -34.31 79.84 -43.42
C PRO I 63 -33.17 78.83 -43.40
N ILE I 64 -33.09 78.01 -44.44
CA ILE I 64 -32.11 76.94 -44.45
C ILE I 64 -30.69 77.50 -44.37
N ILE I 65 -30.45 78.66 -44.98
CA ILE I 65 -29.13 79.25 -44.91
C ILE I 65 -28.85 79.74 -43.49
N GLU I 66 -29.84 80.34 -42.84
CA GLU I 66 -29.68 80.72 -41.44
C GLU I 66 -29.48 79.51 -40.54
N ARG I 67 -30.23 78.45 -40.81
CA ARG I 67 -30.16 77.27 -39.94
C ARG I 67 -28.94 76.42 -40.25
N LEU I 68 -28.23 76.73 -41.34
CA LEU I 68 -26.87 76.25 -41.52
C LEU I 68 -25.86 77.21 -40.89
N THR I 69 -26.17 78.50 -40.89
CA THR I 69 -25.28 79.49 -40.29
C THR I 69 -25.09 79.25 -38.81
N ASN I 70 -26.19 78.96 -38.10
CA ASN I 70 -26.09 78.77 -36.66
C ASN I 70 -25.17 77.61 -36.29
N SER I 71 -24.91 76.69 -37.21
CA SER I 71 -24.11 75.52 -36.87
C SER I 71 -22.61 75.74 -37.04
N LEU I 72 -22.15 76.84 -37.62
CA LEU I 72 -20.71 77.11 -37.64
C LEU I 72 -20.22 77.58 -36.28
N MET I 73 -20.99 78.44 -35.63
CA MET I 73 -20.59 79.12 -34.41
C MET I 73 -20.54 78.18 -33.20
N MET I 74 -19.57 77.26 -33.19
CA MET I 74 -19.51 76.22 -32.17
C MET I 74 -18.10 76.01 -31.65
N HIS I 75 -18.02 75.18 -30.61
CA HIS I 75 -16.80 74.85 -29.87
C HIS I 75 -16.25 76.05 -29.10
N GLY I 76 -17.10 76.64 -28.28
CA GLY I 76 -16.65 77.47 -27.19
C GLY I 76 -16.10 78.81 -27.63
N ARG I 77 -14.93 78.80 -28.26
CA ARG I 77 -14.32 80.06 -28.67
C ARG I 77 -15.17 80.76 -29.70
N ASN I 78 -16.07 80.04 -30.35
CA ASN I 78 -16.89 80.58 -31.41
C ASN I 78 -18.35 80.66 -31.02
N ASN I 79 -18.69 80.31 -29.78
CA ASN I 79 -20.07 80.39 -29.35
C ASN I 79 -20.48 81.84 -29.18
N GLY I 80 -21.61 82.20 -29.77
CA GLY I 80 -22.16 83.52 -29.60
C GLY I 80 -21.84 84.52 -30.68
N LYS I 81 -21.05 84.17 -31.68
CA LYS I 81 -20.69 85.15 -32.71
C LYS I 81 -21.23 84.69 -34.07
N LYS I 82 -22.40 85.21 -34.42
CA LYS I 82 -23.02 84.97 -35.71
C LYS I 82 -22.49 85.88 -36.81
N ILE I 83 -21.92 87.03 -36.46
CA ILE I 83 -21.40 87.91 -37.50
C ILE I 83 -20.28 87.20 -38.26
N MET I 84 -19.37 86.57 -37.51
CA MET I 84 -18.32 85.78 -38.15
C MET I 84 -18.92 84.63 -38.96
N ALA I 85 -19.97 83.99 -38.43
CA ALA I 85 -20.58 82.88 -39.13
C ALA I 85 -21.15 83.32 -40.47
N VAL I 86 -21.87 84.45 -40.48
CA VAL I 86 -22.47 84.91 -41.73
C VAL I 86 -21.39 85.40 -42.67
N ARG I 87 -20.29 85.94 -42.15
CA ARG I 87 -19.16 86.29 -43.01
C ARG I 87 -18.60 85.05 -43.70
N ILE I 88 -18.45 83.97 -42.93
CA ILE I 88 -18.02 82.71 -43.52
C ILE I 88 -19.02 82.22 -44.55
N ILE I 89 -20.31 82.33 -44.25
CA ILE I 89 -21.32 81.87 -45.20
C ILE I 89 -21.22 82.65 -46.50
N LYS I 90 -21.09 83.97 -46.40
CA LYS I 90 -20.93 84.80 -47.60
C LYS I 90 -19.75 84.35 -48.43
N HIS I 91 -18.59 84.17 -47.80
CA HIS I 91 -17.41 83.78 -48.57
C HIS I 91 -17.55 82.39 -49.17
N THR I 92 -18.05 81.42 -48.39
CA THR I 92 -18.29 80.11 -48.97
C THR I 92 -19.28 80.20 -50.10
N MET I 93 -20.29 81.03 -49.98
CA MET I 93 -21.35 81.04 -50.96
C MET I 93 -20.82 81.60 -52.26
N GLU I 94 -19.98 82.64 -52.18
CA GLU I 94 -19.39 83.22 -53.37
C GLU I 94 -18.33 82.32 -53.98
N ILE I 95 -17.62 81.55 -53.15
CA ILE I 95 -16.62 80.64 -53.74
C ILE I 95 -17.31 79.46 -54.42
N ILE I 96 -18.44 79.01 -53.90
CA ILE I 96 -19.19 77.95 -54.59
C ILE I 96 -19.56 78.42 -55.99
N HIS I 97 -20.02 79.67 -56.08
CA HIS I 97 -20.32 80.27 -57.37
C HIS I 97 -19.07 80.38 -58.23
N LEU I 98 -17.96 80.79 -57.62
CA LEU I 98 -16.75 80.99 -58.40
C LEU I 98 -16.16 79.67 -58.88
N LEU I 99 -16.64 78.54 -58.36
CA LEU I 99 -16.24 77.28 -58.98
C LEU I 99 -17.30 76.76 -59.94
N THR I 100 -18.50 76.48 -59.44
CA THR I 100 -19.47 75.78 -60.27
C THR I 100 -20.26 76.69 -61.19
N ASP I 101 -20.22 78.01 -60.98
CA ASP I 101 -20.98 78.99 -61.77
C ASP I 101 -22.46 78.64 -61.83
N ALA I 102 -22.97 77.98 -60.79
CA ALA I 102 -24.36 77.59 -60.69
C ALA I 102 -24.85 78.00 -59.30
N ASN I 103 -26.19 78.07 -59.14
CA ASN I 103 -26.77 78.62 -57.92
C ASN I 103 -26.23 77.92 -56.68
N PRO I 104 -25.35 78.59 -55.93
CA PRO I 104 -24.81 77.94 -54.74
C PRO I 104 -25.86 77.70 -53.69
N ILE I 105 -27.00 78.40 -53.75
CA ILE I 105 -28.15 78.02 -52.93
C ILE I 105 -28.60 76.61 -53.28
N GLN I 106 -28.72 76.32 -54.58
CA GLN I 106 -29.06 74.97 -55.00
C GLN I 106 -27.97 73.99 -54.60
N ILE I 107 -26.71 74.44 -54.57
CA ILE I 107 -25.64 73.57 -54.09
C ILE I 107 -25.87 73.22 -52.61
N ILE I 108 -26.19 74.22 -51.80
CA ILE I 108 -26.48 73.98 -50.38
C ILE I 108 -27.60 72.97 -50.24
N VAL I 109 -28.71 73.21 -50.95
CA VAL I 109 -29.90 72.38 -50.79
C VAL I 109 -29.62 70.96 -51.25
N ASP I 110 -28.97 70.80 -52.41
CA ASP I 110 -28.73 69.47 -52.94
C ASP I 110 -27.78 68.70 -52.04
N ALA I 111 -26.78 69.38 -51.48
CA ALA I 111 -25.90 68.72 -50.53
C ALA I 111 -26.68 68.23 -49.31
N ILE I 112 -27.58 69.07 -48.79
CA ILE I 112 -28.36 68.66 -47.62
C ILE I 112 -29.26 67.48 -47.98
N ILE I 113 -29.77 67.45 -49.20
CA ILE I 113 -30.51 66.28 -49.66
C ILE I 113 -29.64 65.04 -49.65
N ASN I 114 -28.46 65.14 -50.22
CA ASN I 114 -27.64 63.97 -50.47
C ASN I 114 -26.79 63.58 -49.29
N SER I 115 -26.88 64.29 -48.16
CA SER I 115 -26.16 63.88 -46.97
C SER I 115 -27.04 63.90 -45.73
N GLY I 116 -28.22 63.32 -45.81
CA GLY I 116 -29.06 63.15 -44.65
C GLY I 116 -29.37 61.70 -44.39
N PRO I 117 -28.91 61.15 -43.27
CA PRO I 117 -29.07 59.71 -43.03
C PRO I 117 -30.54 59.30 -42.97
N ARG I 118 -30.88 58.28 -43.78
CA ARG I 118 -32.26 57.84 -43.96
C ARG I 118 -32.66 56.73 -43.00
N GLU I 119 -31.73 56.20 -42.23
CA GLU I 119 -32.00 55.10 -41.33
C GLU I 119 -30.99 55.17 -40.19
N ASP I 120 -31.37 54.73 -39.00
CA ASP I 120 -30.43 54.80 -37.89
C ASP I 120 -30.70 53.68 -36.89
N ALA I 121 -29.66 53.22 -36.23
CA ALA I 121 -29.76 52.11 -35.29
C ALA I 121 -29.71 52.67 -33.88
N THR I 122 -30.84 52.61 -33.17
CA THR I 122 -30.91 53.09 -31.80
C THR I 122 -31.43 51.98 -30.87
N ARG I 123 -31.69 52.33 -29.61
CA ARG I 123 -31.54 51.40 -28.48
C ARG I 123 -32.92 50.97 -27.96
N ILE I 124 -33.80 50.55 -28.86
CA ILE I 124 -35.15 50.15 -28.46
C ILE I 124 -35.11 48.89 -27.61
N GLY I 125 -36.10 48.76 -26.74
CA GLY I 125 -36.36 47.51 -26.04
C GLY I 125 -37.81 47.10 -26.22
N SER I 126 -38.01 45.80 -26.45
CA SER I 126 -39.35 45.26 -26.66
C SER I 126 -39.46 43.91 -25.96
N ALA I 127 -40.70 43.52 -25.66
CA ALA I 127 -41.01 42.23 -25.05
C ALA I 127 -40.36 42.05 -23.69
N GLY I 128 -39.71 43.10 -23.19
CA GLY I 128 -38.94 43.03 -21.96
C GLY I 128 -37.45 42.95 -22.16
N VAL I 129 -36.98 42.84 -23.40
CA VAL I 129 -35.57 42.68 -23.72
C VAL I 129 -35.16 43.84 -24.61
N VAL I 130 -34.05 44.50 -24.26
CA VAL I 130 -33.61 45.72 -24.93
C VAL I 130 -32.37 45.42 -25.77
N ARG I 131 -32.44 45.77 -27.05
CA ARG I 131 -31.23 45.75 -27.88
C ARG I 131 -31.48 46.62 -29.10
N ARG I 132 -30.41 47.23 -29.60
CA ARG I 132 -30.57 48.22 -30.65
C ARG I 132 -31.06 47.59 -31.94
N GLN I 133 -31.85 48.36 -32.66
CA GLN I 133 -32.40 47.95 -33.94
C GLN I 133 -32.45 49.17 -34.85
N ALA I 134 -32.85 48.92 -36.08
CA ALA I 134 -32.92 49.96 -37.10
C ALA I 134 -34.29 50.62 -37.09
N VAL I 135 -34.29 51.94 -37.21
CA VAL I 135 -35.50 52.74 -37.28
C VAL I 135 -35.33 53.75 -38.41
N ASP I 136 -36.43 54.39 -38.77
CA ASP I 136 -36.42 55.41 -39.80
C ASP I 136 -36.09 56.77 -39.19
N ILE I 137 -35.95 57.78 -40.05
CA ILE I 137 -35.51 59.10 -39.65
C ILE I 137 -36.52 60.11 -40.18
N SER I 138 -37.19 60.80 -39.27
CA SER I 138 -38.13 61.84 -39.69
C SER I 138 -37.36 62.95 -40.40
N PRO I 139 -37.97 63.58 -41.41
CA PRO I 139 -37.20 64.50 -42.27
C PRO I 139 -36.57 65.66 -41.54
N LEU I 140 -37.17 66.12 -40.44
CA LEU I 140 -36.57 67.23 -39.72
C LEU I 140 -35.25 66.80 -39.07
N ARG I 141 -35.21 65.59 -38.52
CA ARG I 141 -33.95 65.11 -37.97
C ARG I 141 -32.96 64.73 -39.07
N ARG I 142 -33.45 64.23 -40.20
CA ARG I 142 -32.64 64.16 -41.40
C ARG I 142 -31.86 65.46 -41.62
N VAL I 143 -32.60 66.57 -41.69
CA VAL I 143 -31.96 67.87 -41.93
C VAL I 143 -31.04 68.24 -40.78
N ASN I 144 -31.46 67.98 -39.54
CA ASN I 144 -30.61 68.32 -38.41
C ASN I 144 -29.24 67.67 -38.53
N GLN I 145 -29.24 66.36 -38.72
CA GLN I 145 -27.96 65.64 -38.84
C GLN I 145 -27.20 66.08 -40.07
N ALA I 146 -27.89 66.33 -41.19
CA ALA I 146 -27.19 66.84 -42.35
C ALA I 146 -26.43 68.12 -42.02
N ILE I 147 -27.11 69.11 -41.44
CA ILE I 147 -26.45 70.36 -41.14
C ILE I 147 -25.26 70.12 -40.23
N TYR I 148 -25.49 69.39 -39.14
CA TYR I 148 -24.44 69.19 -38.13
C TYR I 148 -23.25 68.45 -38.72
N LEU I 149 -23.52 67.46 -39.55
CA LEU I 149 -22.52 66.49 -39.98
C LEU I 149 -21.75 66.99 -41.20
N LEU I 150 -22.37 67.81 -42.05
CA LEU I 150 -21.59 68.60 -42.99
C LEU I 150 -20.70 69.62 -42.28
N THR I 151 -21.22 70.27 -41.24
CA THR I 151 -20.46 71.36 -40.64
C THR I 151 -19.23 70.85 -39.89
N THR I 152 -19.39 69.83 -39.05
CA THR I 152 -18.27 69.35 -38.25
C THR I 152 -17.12 68.88 -39.12
N GLY I 153 -17.42 68.35 -40.29
CA GLY I 153 -16.36 67.96 -41.20
C GLY I 153 -15.48 69.13 -41.58
N ALA I 154 -16.12 70.25 -41.94
CA ALA I 154 -15.35 71.44 -42.27
C ALA I 154 -14.55 71.92 -41.07
N ARG I 155 -15.17 71.89 -39.89
CA ARG I 155 -14.47 72.37 -38.70
C ARG I 155 -13.18 71.59 -38.48
N GLU I 156 -13.27 70.26 -38.44
CA GLU I 156 -12.08 69.48 -38.14
C GLU I 156 -11.12 69.41 -39.31
N SER I 157 -11.61 69.47 -40.54
CA SER I 157 -10.72 69.45 -41.69
C SER I 157 -10.00 70.77 -41.88
N ALA I 158 -10.50 71.85 -41.28
CA ALA I 158 -9.79 73.12 -41.28
C ALA I 158 -9.01 73.36 -39.99
N PHE I 159 -9.23 72.57 -38.95
CA PHE I 159 -8.48 72.73 -37.71
C PHE I 159 -6.99 72.52 -37.98
N ARG I 160 -6.16 73.35 -37.35
CA ARG I 160 -4.71 73.40 -37.48
C ARG I 160 -4.28 73.26 -38.94
N ASN I 161 -4.99 73.94 -39.84
CA ASN I 161 -4.75 73.82 -41.26
C ASN I 161 -4.72 75.19 -41.90
N VAL I 162 -3.74 75.42 -42.77
CA VAL I 162 -3.60 76.73 -43.41
C VAL I 162 -4.78 77.00 -44.33
N LYS I 163 -5.31 75.97 -44.97
CA LYS I 163 -6.58 76.14 -45.67
C LYS I 163 -7.62 76.65 -44.68
N THR I 164 -8.32 77.70 -45.07
CA THR I 164 -9.21 78.37 -44.13
C THR I 164 -10.67 77.95 -44.33
N ILE I 165 -11.48 78.25 -43.32
CA ILE I 165 -12.76 77.57 -43.13
C ILE I 165 -13.70 77.80 -44.30
N ALA I 166 -13.66 78.98 -44.91
CA ALA I 166 -14.55 79.24 -46.03
C ALA I 166 -14.31 78.24 -47.16
N GLU I 167 -13.05 78.00 -47.53
CA GLU I 167 -12.74 77.03 -48.58
C GLU I 167 -12.86 75.60 -48.11
N CYS I 168 -12.62 75.32 -46.83
CA CYS I 168 -12.84 73.97 -46.34
C CYS I 168 -14.32 73.59 -46.46
N LEU I 169 -15.20 74.44 -45.94
CA LEU I 169 -16.62 74.17 -46.02
C LEU I 169 -17.12 74.22 -47.46
N ALA I 170 -16.53 75.08 -48.29
CA ALA I 170 -16.88 75.07 -49.71
C ALA I 170 -16.55 73.74 -50.35
N ASP I 171 -15.37 73.18 -50.04
CA ASP I 171 -15.00 71.89 -50.58
C ASP I 171 -15.99 70.83 -50.16
N GLU I 172 -16.34 70.82 -48.87
CA GLU I 172 -17.26 69.80 -48.39
C GLU I 172 -18.63 69.93 -49.05
N LEU I 173 -19.12 71.16 -49.21
CA LEU I 173 -20.43 71.34 -49.83
C LEU I 173 -20.41 70.94 -51.30
N ILE I 174 -19.45 71.44 -52.07
CA ILE I 174 -19.42 71.12 -53.49
C ILE I 174 -19.33 69.61 -53.67
N ASN I 175 -18.53 68.93 -52.85
CA ASN I 175 -18.29 67.54 -53.15
C ASN I 175 -19.41 66.66 -52.59
N ALA I 176 -20.01 67.02 -51.45
CA ALA I 176 -21.18 66.29 -50.97
C ALA I 176 -22.36 66.45 -51.92
N ALA I 177 -22.58 67.67 -52.41
CA ALA I 177 -23.65 67.87 -53.39
C ALA I 177 -23.37 67.10 -54.66
N LYS I 178 -22.12 67.11 -55.12
CA LYS I 178 -21.75 66.31 -56.29
C LYS I 178 -21.98 64.83 -56.03
N GLY I 179 -21.89 64.42 -54.77
CA GLY I 179 -22.18 63.06 -54.36
C GLY I 179 -20.98 62.19 -54.08
N SER I 180 -19.78 62.67 -54.40
CA SER I 180 -18.58 61.87 -54.18
C SER I 180 -18.33 61.65 -52.70
N SER I 181 -17.78 60.48 -52.37
CA SER I 181 -17.49 60.16 -50.97
C SER I 181 -16.13 60.67 -50.55
N ASN I 182 -15.87 61.95 -50.83
CA ASN I 182 -14.64 62.60 -50.42
C ASN I 182 -14.85 63.61 -49.30
N SER I 183 -16.06 63.65 -48.73
CA SER I 183 -16.38 64.55 -47.64
C SER I 183 -16.68 63.75 -46.38
N TYR I 184 -16.20 64.26 -45.25
CA TYR I 184 -16.58 63.79 -43.92
C TYR I 184 -18.07 63.53 -43.86
N ALA I 185 -18.86 64.44 -44.42
CA ALA I 185 -20.31 64.33 -44.33
C ALA I 185 -20.80 63.03 -44.92
N ILE I 186 -20.59 62.84 -46.22
CA ILE I 186 -21.14 61.67 -46.88
C ILE I 186 -20.39 60.40 -46.47
N LYS I 187 -19.18 60.51 -45.94
CA LYS I 187 -18.52 59.34 -45.36
C LYS I 187 -19.23 58.90 -44.09
N LYS I 188 -19.61 59.83 -43.23
CA LYS I 188 -20.36 59.43 -42.05
C LYS I 188 -21.76 58.95 -42.42
N LYS I 189 -22.33 59.50 -43.48
CA LYS I 189 -23.67 59.09 -43.90
C LYS I 189 -23.74 57.58 -44.11
N ASP I 190 -22.96 57.06 -45.04
CA ASP I 190 -23.06 55.64 -45.34
C ASP I 190 -22.53 54.77 -44.20
N GLU I 191 -21.69 55.30 -43.31
CA GLU I 191 -21.33 54.53 -42.13
C GLU I 191 -22.54 54.29 -41.24
N ILE I 192 -23.27 55.35 -40.91
CA ILE I 192 -24.51 55.18 -40.16
C ILE I 192 -25.47 54.28 -40.93
N GLU I 193 -25.55 54.47 -42.24
CA GLU I 193 -26.44 53.66 -43.06
C GLU I 193 -26.10 52.19 -42.95
N ARG I 194 -24.80 51.87 -42.94
CA ARG I 194 -24.40 50.47 -42.95
C ARG I 194 -24.50 49.84 -41.58
N VAL I 195 -24.27 50.61 -40.52
CA VAL I 195 -24.53 50.08 -39.18
C VAL I 195 -26.01 49.76 -39.04
N ALA I 196 -26.87 50.65 -39.52
CA ALA I 196 -28.31 50.40 -39.42
C ALA I 196 -28.75 49.26 -40.32
N LYS I 197 -28.16 49.15 -41.52
CA LYS I 197 -28.49 48.05 -42.41
C LYS I 197 -28.08 46.71 -41.81
N ALA I 198 -26.90 46.66 -41.20
CA ALA I 198 -26.48 45.43 -40.53
C ALA I 198 -27.42 45.09 -39.37
N ASN I 199 -27.83 46.10 -38.61
CA ASN I 199 -28.67 45.85 -37.46
C ASN I 199 -30.14 45.72 -37.81
N ARG I 200 -30.50 45.90 -39.08
CA ARG I 200 -31.86 45.74 -39.54
C ARG I 200 -32.51 44.48 -39.00
N PRO J 10 -48.38 118.82 -44.62
CA PRO J 10 -48.09 118.97 -43.19
C PRO J 10 -47.55 117.69 -42.57
N GLY J 11 -46.39 117.26 -43.02
CA GLY J 11 -45.78 116.04 -42.51
C GLY J 11 -44.75 116.24 -41.43
N THR J 12 -44.93 115.61 -40.27
CA THR J 12 -43.88 115.52 -39.26
C THR J 12 -44.24 114.37 -38.33
N VAL J 13 -43.46 113.30 -38.37
CA VAL J 13 -43.68 112.15 -37.50
C VAL J 13 -42.36 111.77 -36.85
N GLN J 14 -42.43 111.30 -35.61
CA GLN J 14 -41.24 110.92 -34.87
C GLN J 14 -41.57 109.59 -34.17
N CYS J 15 -41.14 108.50 -34.80
CA CYS J 15 -41.56 107.15 -34.43
C CYS J 15 -40.37 106.29 -34.07
N PHE J 16 -40.53 105.40 -33.11
CA PHE J 16 -39.40 104.67 -32.55
C PHE J 16 -39.55 103.17 -32.76
N GLY J 17 -38.47 102.47 -32.49
CA GLY J 17 -38.42 101.02 -32.56
C GLY J 17 -37.40 100.53 -31.55
N ARG J 18 -37.58 99.30 -31.07
CA ARG J 18 -36.87 98.90 -29.86
C ARG J 18 -36.34 97.48 -29.96
N LYS J 19 -35.23 97.25 -29.26
CA LYS J 19 -34.60 95.93 -29.18
C LYS J 19 -34.14 95.79 -27.73
N LYS J 20 -33.27 94.82 -27.44
CA LYS J 20 -32.89 94.46 -26.08
C LYS J 20 -32.76 95.68 -25.18
N THR J 21 -31.87 96.58 -25.53
CA THR J 21 -31.80 97.90 -24.92
C THR J 21 -31.63 99.02 -25.94
N ALA J 22 -31.38 98.71 -27.20
CA ALA J 22 -31.23 99.74 -28.21
C ALA J 22 -32.58 100.34 -28.56
N VAL J 23 -32.65 101.66 -28.59
CA VAL J 23 -33.85 102.39 -28.99
C VAL J 23 -33.50 103.29 -30.17
N ALA J 24 -34.29 103.20 -31.23
CA ALA J 24 -34.05 103.99 -32.43
C ALA J 24 -35.25 104.88 -32.69
N VAL J 25 -35.01 106.18 -32.87
CA VAL J 25 -36.07 107.15 -33.03
C VAL J 25 -35.85 107.86 -34.36
N ALA J 26 -36.87 107.87 -35.22
CA ALA J 26 -36.80 108.52 -36.52
C ALA J 26 -37.73 109.73 -36.49
N TYR J 27 -37.14 110.92 -36.53
CA TYR J 27 -37.84 112.18 -36.67
C TYR J 27 -37.75 112.65 -38.11
N CYS J 28 -38.89 113.05 -38.68
CA CYS J 28 -38.99 113.19 -40.12
C CYS J 28 -39.37 114.61 -40.56
N LYS J 29 -39.14 114.85 -41.84
CA LYS J 29 -39.52 116.03 -42.58
C LYS J 29 -40.15 115.58 -43.89
N PRO J 30 -40.94 116.44 -44.53
CA PRO J 30 -41.48 116.13 -45.85
C PRO J 30 -40.47 116.35 -46.98
N GLY J 31 -39.24 115.88 -46.75
CA GLY J 31 -38.13 116.24 -47.61
C GLY J 31 -38.07 115.52 -48.93
N ARG J 32 -36.87 115.17 -49.37
CA ARG J 32 -36.67 114.68 -50.74
C ARG J 32 -36.32 113.20 -50.81
N GLY J 33 -35.20 112.75 -50.23
CA GLY J 33 -34.97 111.33 -50.13
C GLY J 33 -34.09 110.90 -48.98
N LEU J 34 -33.73 111.85 -48.12
CA LEU J 34 -32.52 111.70 -47.33
C LEU J 34 -32.77 110.88 -46.08
N ILE J 35 -31.76 110.08 -45.70
CA ILE J 35 -31.85 109.15 -44.59
C ILE J 35 -30.50 109.17 -43.89
N LYS J 36 -30.48 109.54 -42.61
CA LYS J 36 -29.22 109.63 -41.89
C LYS J 36 -29.34 109.10 -40.48
N VAL J 37 -28.33 108.35 -40.06
CA VAL J 37 -28.20 107.83 -38.71
C VAL J 37 -27.07 108.59 -38.04
N ASN J 38 -27.41 109.37 -37.01
CA ASN J 38 -26.42 110.13 -36.27
C ASN J 38 -25.57 110.98 -37.20
N GLY J 39 -26.22 111.59 -38.19
CA GLY J 39 -25.53 112.36 -39.20
C GLY J 39 -24.85 111.56 -40.29
N ALA J 40 -24.55 110.30 -40.03
CA ALA J 40 -23.93 109.45 -41.04
C ALA J 40 -25.02 108.83 -41.92
N PRO J 41 -24.87 108.89 -43.24
CA PRO J 41 -25.82 108.20 -44.11
C PRO J 41 -26.01 106.75 -43.72
N ILE J 42 -27.23 106.25 -43.90
CA ILE J 42 -27.51 104.83 -43.72
C ILE J 42 -26.63 103.97 -44.61
N GLU J 43 -26.06 104.57 -45.68
CA GLU J 43 -25.09 103.87 -46.49
C GLU J 43 -23.85 103.48 -45.68
N LEU J 44 -23.53 104.24 -44.64
CA LEU J 44 -22.39 103.96 -43.79
C LEU J 44 -22.79 103.30 -42.47
N ILE J 45 -23.84 102.49 -42.48
CA ILE J 45 -24.13 101.69 -41.31
C ILE J 45 -23.05 100.62 -41.21
N ARG J 46 -22.50 100.43 -40.00
CA ARG J 46 -21.23 99.74 -39.98
C ARG J 46 -21.13 98.43 -39.19
N PRO J 47 -22.12 97.55 -39.25
CA PRO J 47 -21.82 96.15 -39.51
C PRO J 47 -21.94 95.90 -41.00
N GLU J 48 -20.83 95.62 -41.65
CA GLU J 48 -20.85 95.50 -43.10
C GLU J 48 -21.21 94.11 -43.57
N MET J 49 -21.70 93.27 -42.67
CA MET J 49 -22.48 92.10 -43.04
C MET J 49 -23.94 92.25 -42.67
N LEU J 50 -24.24 93.02 -41.63
CA LEU J 50 -25.60 93.42 -41.30
C LEU J 50 -25.99 94.72 -41.98
N ARG J 51 -25.37 95.03 -43.10
CA ARG J 51 -25.75 96.19 -43.89
C ARG J 51 -26.95 95.91 -44.79
N LEU J 52 -27.35 94.65 -44.92
CA LEU J 52 -28.62 94.39 -45.60
C LEU J 52 -29.80 94.80 -44.73
N LYS J 53 -29.85 94.31 -43.50
CA LYS J 53 -31.05 94.51 -42.68
C LYS J 53 -31.42 95.98 -42.53
N ALA J 54 -30.42 96.87 -42.53
CA ALA J 54 -30.72 98.29 -42.45
C ALA J 54 -31.47 98.77 -43.69
N PHE J 55 -30.99 98.41 -44.88
CA PHE J 55 -31.67 98.79 -46.10
C PHE J 55 -32.92 97.97 -46.36
N GLU J 56 -33.12 96.89 -45.62
CA GLU J 56 -34.18 95.96 -45.98
C GLU J 56 -35.57 96.58 -45.97
N PRO J 57 -35.98 97.35 -44.95
CA PRO J 57 -37.25 98.08 -45.10
C PRO J 57 -37.25 99.03 -46.30
N ILE J 58 -36.11 99.65 -46.62
CA ILE J 58 -36.03 100.42 -47.87
C ILE J 58 -36.17 99.48 -49.06
N LEU J 59 -35.43 98.37 -49.05
CA LEU J 59 -35.38 97.50 -50.22
C LEU J 59 -36.68 96.77 -50.48
N LEU J 60 -37.55 96.68 -49.47
CA LEU J 60 -38.86 96.07 -49.65
C LEU J 60 -39.87 97.08 -50.17
N ALA J 61 -39.89 98.28 -49.60
CA ALA J 61 -40.76 99.34 -50.08
C ALA J 61 -40.25 99.93 -51.39
N GLY J 62 -38.96 100.24 -51.44
CA GLY J 62 -38.36 100.86 -52.59
C GLY J 62 -38.22 102.36 -52.41
N ARG J 63 -37.24 102.93 -53.11
CA ARG J 63 -37.04 104.37 -53.02
C ARG J 63 -38.27 105.16 -53.44
N SER J 64 -39.09 104.59 -54.32
CA SER J 64 -40.30 105.27 -54.79
C SER J 64 -41.22 105.63 -53.63
N ARG J 65 -41.28 104.81 -52.59
CA ARG J 65 -41.98 105.20 -51.38
C ARG J 65 -41.15 106.12 -50.49
N PHE J 66 -40.01 106.60 -50.96
CA PHE J 66 -39.18 107.50 -50.19
C PHE J 66 -38.76 108.74 -50.96
N LYS J 67 -39.31 108.97 -52.15
CA LYS J 67 -39.02 110.28 -52.75
C LYS J 67 -39.73 111.44 -52.07
N ASP J 68 -40.29 111.39 -50.86
CA ASP J 68 -40.86 112.60 -50.29
C ASP J 68 -40.57 112.75 -48.79
N ILE J 69 -39.56 112.07 -48.27
CA ILE J 69 -39.38 111.96 -46.83
C ILE J 69 -37.90 112.05 -46.50
N ASP J 70 -37.61 112.62 -45.33
CA ASP J 70 -36.27 112.65 -44.79
C ASP J 70 -36.31 112.14 -43.37
N MET J 71 -35.32 111.34 -43.00
CA MET J 71 -35.34 110.58 -41.76
C MET J 71 -34.04 110.80 -41.00
N ARG J 72 -34.06 111.69 -40.01
CA ARG J 72 -32.88 111.96 -39.18
C ARG J 72 -32.90 111.03 -37.97
N ILE J 73 -32.75 109.75 -38.25
CA ILE J 73 -32.97 108.73 -37.24
C ILE J 73 -31.76 108.69 -36.31
N ARG J 74 -32.04 108.62 -35.00
CA ARG J 74 -31.01 108.61 -33.97
C ARG J 74 -31.15 107.35 -33.14
N VAL J 75 -30.02 106.80 -32.69
CA VAL J 75 -30.02 105.54 -31.97
C VAL J 75 -29.12 105.65 -30.76
N ARG J 76 -29.60 105.20 -29.62
CA ARG J 76 -28.91 105.34 -28.36
C ARG J 76 -29.05 104.06 -27.56
N GLY J 77 -27.99 103.69 -26.86
CA GLY J 77 -27.99 102.49 -26.05
C GLY J 77 -27.96 101.23 -26.90
N GLY J 78 -27.86 100.10 -26.21
CA GLY J 78 -27.82 98.81 -26.88
C GLY J 78 -26.43 98.29 -27.13
N GLY J 79 -26.28 97.50 -28.19
CA GLY J 79 -24.98 97.02 -28.61
C GLY J 79 -24.67 97.41 -30.03
N LYS J 80 -24.52 96.42 -30.90
CA LYS J 80 -24.33 96.65 -32.33
C LYS J 80 -25.48 96.07 -33.13
N THR J 81 -25.67 94.75 -33.08
CA THR J 81 -26.78 94.12 -33.78
C THR J 81 -28.11 94.54 -33.20
N SER J 82 -28.17 94.76 -31.88
CA SER J 82 -29.38 95.31 -31.29
C SER J 82 -29.72 96.65 -31.93
N GLN J 83 -28.73 97.53 -32.06
CA GLN J 83 -28.98 98.82 -32.68
C GLN J 83 -29.42 98.67 -34.13
N ILE J 84 -28.84 97.72 -34.85
CA ILE J 84 -29.21 97.57 -36.25
C ILE J 84 -30.65 97.11 -36.39
N TYR J 85 -31.05 96.15 -35.56
CA TYR J 85 -32.42 95.67 -35.63
C TYR J 85 -33.38 96.73 -35.15
N SER J 86 -32.92 97.60 -34.25
CA SER J 86 -33.73 98.74 -33.83
C SER J 86 -33.89 99.74 -34.97
N ILE J 87 -32.84 99.99 -35.75
CA ILE J 87 -32.97 100.73 -37.00
C ILE J 87 -34.08 100.15 -37.84
N ARG J 88 -34.01 98.85 -38.08
CA ARG J 88 -34.98 98.20 -38.94
C ARG J 88 -36.40 98.49 -38.46
N GLN J 89 -36.66 98.23 -37.18
CA GLN J 89 -37.98 98.45 -36.64
C GLN J 89 -38.38 99.92 -36.72
N ALA J 90 -37.45 100.82 -36.38
CA ALA J 90 -37.78 102.24 -36.33
C ALA J 90 -38.16 102.77 -37.70
N ILE J 91 -37.37 102.43 -38.72
CA ILE J 91 -37.71 102.95 -40.05
C ILE J 91 -38.99 102.31 -40.56
N ALA J 92 -39.20 101.03 -40.29
CA ALA J 92 -40.45 100.41 -40.74
C ALA J 92 -41.66 101.10 -40.11
N LYS J 93 -41.67 101.23 -38.78
CA LYS J 93 -42.81 101.85 -38.13
C LYS J 93 -42.93 103.32 -38.48
N SER J 94 -41.81 104.02 -38.70
CA SER J 94 -41.90 105.41 -39.08
C SER J 94 -42.54 105.57 -40.45
N LEU J 95 -42.21 104.68 -41.39
CA LEU J 95 -42.86 104.74 -42.69
C LEU J 95 -44.35 104.45 -42.56
N VAL J 96 -44.70 103.43 -41.77
CA VAL J 96 -46.13 103.10 -41.64
C VAL J 96 -46.89 104.25 -41.00
N ALA J 97 -46.34 104.85 -39.95
CA ALA J 97 -47.03 105.93 -39.24
C ALA J 97 -47.15 107.18 -40.11
N TYR J 98 -46.07 107.54 -40.80
CA TYR J 98 -46.13 108.66 -41.73
C TYR J 98 -47.21 108.45 -42.77
N TYR J 99 -47.27 107.25 -43.35
CA TYR J 99 -48.29 106.99 -44.36
C TYR J 99 -49.69 107.05 -43.75
N GLN J 100 -49.88 106.42 -42.59
CA GLN J 100 -51.21 106.36 -42.00
C GLN J 100 -51.74 107.75 -41.69
N LYS J 101 -50.90 108.61 -41.12
CA LYS J 101 -51.40 109.90 -40.67
C LYS J 101 -51.36 110.96 -41.77
N TYR J 102 -50.54 110.80 -42.80
CA TYR J 102 -50.42 111.81 -43.83
C TYR J 102 -50.71 111.35 -45.24
N VAL J 103 -50.78 110.05 -45.52
CA VAL J 103 -51.09 109.69 -46.89
C VAL J 103 -52.53 109.21 -47.02
N ASP J 104 -52.79 107.98 -46.53
CA ASP J 104 -54.03 107.23 -46.62
C ASP J 104 -53.91 105.97 -45.79
N GLU J 105 -55.00 105.52 -45.18
CA GLU J 105 -54.94 104.28 -44.40
C GLU J 105 -54.85 103.09 -45.34
N ALA J 106 -55.58 103.12 -46.46
CA ALA J 106 -55.43 102.07 -47.45
C ALA J 106 -54.04 102.09 -48.07
N ALA J 107 -53.45 103.27 -48.20
CA ALA J 107 -52.08 103.35 -48.70
C ALA J 107 -51.08 102.73 -47.74
N LYS J 108 -51.21 103.03 -46.44
CA LYS J 108 -50.30 102.42 -45.48
C LYS J 108 -50.55 100.94 -45.34
N LYS J 109 -51.77 100.47 -45.66
CA LYS J 109 -52.08 99.06 -45.52
C LYS J 109 -51.22 98.20 -46.43
N GLU J 110 -50.85 98.72 -47.60
CA GLU J 110 -49.93 98.00 -48.45
C GLU J 110 -48.56 97.87 -47.82
N VAL J 111 -48.09 98.94 -47.16
CA VAL J 111 -46.81 98.89 -46.43
C VAL J 111 -46.90 97.88 -45.30
N LYS J 112 -48.02 97.94 -44.56
CA LYS J 112 -48.29 96.97 -43.51
C LYS J 112 -48.12 95.55 -44.02
N GLU J 113 -48.73 95.24 -45.17
CA GLU J 113 -48.73 93.87 -45.65
C GLU J 113 -47.40 93.47 -46.27
N ILE J 114 -46.73 94.37 -46.98
CA ILE J 114 -45.39 94.07 -47.49
C ILE J 114 -44.44 93.76 -46.34
N PHE J 115 -44.46 94.59 -45.28
CA PHE J 115 -43.56 94.37 -44.17
C PHE J 115 -43.90 93.08 -43.43
N ALA J 116 -45.18 92.87 -43.12
CA ALA J 116 -45.59 91.73 -42.29
C ALA J 116 -45.52 90.41 -43.03
N ARG J 117 -45.69 90.40 -44.36
CA ARG J 117 -45.55 89.16 -45.10
C ARG J 117 -44.14 88.61 -44.98
N TYR J 118 -43.14 89.49 -45.16
CA TYR J 118 -41.76 89.03 -44.96
C TYR J 118 -41.51 88.70 -43.50
N ASP J 119 -41.82 89.61 -42.59
CA ASP J 119 -41.58 89.32 -41.19
C ASP J 119 -42.46 90.17 -40.31
N ARG J 120 -42.78 89.63 -39.15
CA ARG J 120 -43.57 90.36 -38.18
C ARG J 120 -42.71 91.20 -37.25
N THR J 121 -41.45 90.82 -37.06
CA THR J 121 -40.58 91.49 -36.12
C THR J 121 -40.15 92.88 -36.56
N LEU J 122 -40.44 93.29 -37.80
CA LEU J 122 -40.23 94.67 -38.18
C LEU J 122 -41.11 95.61 -37.37
N LEU J 123 -42.36 95.21 -37.14
CA LEU J 123 -43.35 96.12 -36.59
C LEU J 123 -43.61 95.90 -35.11
N VAL J 124 -43.43 94.69 -34.61
CA VAL J 124 -43.72 94.36 -33.23
C VAL J 124 -42.42 94.28 -32.44
N ALA J 125 -42.37 94.96 -31.31
CA ALA J 125 -41.19 94.92 -30.48
C ALA J 125 -40.99 93.51 -29.95
N ASP J 126 -39.73 93.18 -29.63
CA ASP J 126 -39.42 91.84 -29.20
C ASP J 126 -39.27 91.82 -27.68
N PRO J 127 -40.12 91.11 -26.96
CA PRO J 127 -40.18 91.26 -25.51
C PRO J 127 -39.08 90.53 -24.76
N ARG J 128 -38.04 90.11 -25.46
CA ARG J 128 -36.95 89.38 -24.85
C ARG J 128 -35.95 90.32 -24.19
N ARG J 129 -35.57 90.00 -22.97
CA ARG J 129 -34.56 90.73 -22.22
C ARG J 129 -33.62 89.75 -21.56
N CYS J 130 -32.39 90.19 -21.31
CA CYS J 130 -31.43 89.36 -20.60
C CYS J 130 -31.95 89.17 -19.17
N GLU J 131 -32.51 87.99 -18.91
CA GLU J 131 -33.17 87.76 -17.64
C GLU J 131 -32.14 87.50 -16.53
N PRO J 132 -32.45 87.88 -15.30
CA PRO J 132 -31.40 88.10 -14.30
C PRO J 132 -30.72 86.81 -13.87
N LYS J 133 -29.57 86.97 -13.24
CA LYS J 133 -28.74 85.85 -12.82
C LYS J 133 -29.01 85.56 -11.36
N LYS J 134 -29.24 84.28 -11.05
CA LYS J 134 -29.55 83.85 -9.69
C LYS J 134 -28.30 83.29 -9.02
N PHE J 135 -28.25 83.41 -7.70
CA PHE J 135 -27.11 82.91 -6.96
C PHE J 135 -26.98 81.40 -7.17
N GLY J 136 -25.87 80.85 -6.70
CA GLY J 136 -25.63 79.45 -6.95
C GLY J 136 -25.13 79.14 -8.33
N GLY J 137 -24.64 80.14 -9.06
CA GLY J 137 -24.04 79.91 -10.35
C GLY J 137 -23.60 81.19 -11.02
N ARG J 138 -22.67 81.10 -11.96
CA ARG J 138 -22.36 82.22 -12.85
C ARG J 138 -23.14 82.00 -14.13
N GLY J 139 -24.28 82.66 -14.23
CA GLY J 139 -25.17 82.50 -15.37
C GLY J 139 -26.60 82.49 -14.89
N ALA J 140 -27.48 83.06 -15.70
CA ALA J 140 -28.86 83.24 -15.29
C ALA J 140 -29.62 81.93 -15.19
N ARG J 141 -29.10 80.84 -15.75
CA ARG J 141 -29.78 79.56 -15.64
C ARG J 141 -28.88 78.40 -15.25
N ALA J 142 -27.58 78.48 -15.50
CA ALA J 142 -26.67 77.41 -15.15
C ALA J 142 -26.35 77.46 -13.66
N ARG J 143 -25.53 76.51 -13.20
CA ARG J 143 -25.11 76.44 -11.81
C ARG J 143 -23.61 76.25 -11.80
N PHE J 144 -23.02 76.13 -10.61
CA PHE J 144 -21.63 75.71 -10.58
C PHE J 144 -21.55 74.21 -10.79
N GLN J 145 -20.41 73.77 -11.33
CA GLN J 145 -20.15 72.35 -11.43
C GLN J 145 -20.18 71.73 -10.04
N LYS J 146 -20.82 70.57 -9.93
CA LYS J 146 -21.16 70.01 -8.64
C LYS J 146 -20.28 68.80 -8.36
N SER J 147 -19.71 68.76 -7.15
CA SER J 147 -18.80 67.71 -6.74
C SER J 147 -19.41 66.96 -5.56
N TYR J 148 -19.43 65.63 -5.64
CA TYR J 148 -19.80 64.81 -4.50
C TYR J 148 -18.58 64.38 -3.69
N ARG J 149 -17.62 63.75 -4.34
CA ARG J 149 -16.41 63.34 -3.64
C ARG J 149 -15.27 64.31 -3.92
N VAL K 24 -38.80 141.34 -5.15
CA VAL K 24 -39.67 140.98 -4.04
C VAL K 24 -40.10 139.53 -4.18
N GLN K 25 -40.45 139.14 -5.40
CA GLN K 25 -40.90 137.78 -5.70
C GLN K 25 -39.71 136.97 -6.19
N HIS K 26 -39.25 136.04 -5.37
CA HIS K 26 -38.01 135.33 -5.61
C HIS K 26 -38.31 133.87 -5.98
N ARG K 27 -37.26 133.12 -6.27
CA ARG K 27 -37.36 131.75 -6.79
C ARG K 27 -36.85 130.79 -5.73
N ILE K 28 -37.64 129.76 -5.42
CA ILE K 28 -37.35 128.85 -4.33
C ILE K 28 -37.45 127.41 -4.81
N ARG K 29 -36.57 126.56 -4.28
CA ARG K 29 -36.58 125.13 -4.52
C ARG K 29 -37.08 124.38 -3.30
N ILE K 30 -37.87 123.33 -3.54
CA ILE K 30 -38.21 122.36 -2.51
C ILE K 30 -37.87 120.97 -3.02
N THR K 31 -37.01 120.27 -2.29
CA THR K 31 -36.65 118.90 -2.60
C THR K 31 -37.19 118.01 -1.50
N LEU K 32 -37.59 116.81 -1.86
CA LEU K 32 -38.53 116.07 -1.04
C LEU K 32 -38.33 114.58 -1.32
N SER K 33 -37.82 113.85 -0.34
CA SER K 33 -37.49 112.44 -0.55
C SER K 33 -38.18 111.58 0.49
N SER K 34 -38.15 110.28 0.23
CA SER K 34 -38.80 109.37 1.15
C SER K 34 -38.33 107.94 0.97
N LYS K 35 -39.04 107.01 1.59
CA LYS K 35 -38.86 105.58 1.36
C LYS K 35 -40.05 104.93 0.67
N SER K 36 -41.25 105.50 0.80
CA SER K 36 -42.47 104.85 0.34
C SER K 36 -43.24 105.75 -0.63
N VAL K 37 -43.62 105.18 -1.75
CA VAL K 37 -44.28 105.94 -2.81
C VAL K 37 -45.66 106.39 -2.38
N LYS K 38 -46.43 105.50 -1.75
CA LYS K 38 -47.79 105.85 -1.35
C LYS K 38 -47.79 106.99 -0.35
N ASN K 39 -46.86 106.96 0.59
CA ASN K 39 -46.70 108.10 1.49
C ASN K 39 -46.28 109.35 0.75
N LEU K 40 -45.36 109.19 -0.21
CA LEU K 40 -44.69 110.34 -0.82
C LEU K 40 -45.65 111.14 -1.70
N GLU K 41 -46.42 110.43 -2.53
CA GLU K 41 -47.28 111.11 -3.48
C GLU K 41 -48.37 111.92 -2.80
N LYS K 42 -48.76 111.51 -1.59
CA LYS K 42 -49.72 112.31 -0.84
C LYS K 42 -49.17 113.68 -0.53
N VAL K 43 -47.89 113.74 -0.14
CA VAL K 43 -47.26 115.03 0.08
C VAL K 43 -47.13 115.80 -1.22
N CYS K 44 -46.83 115.10 -2.32
CA CYS K 44 -46.70 115.81 -3.60
C CYS K 44 -48.01 116.50 -3.99
N SER K 45 -49.12 115.78 -3.91
CA SER K 45 -50.41 116.40 -4.17
C SER K 45 -50.71 117.49 -3.15
N ASP K 46 -50.27 117.30 -1.91
CA ASP K 46 -50.47 118.32 -0.89
C ASP K 46 -49.85 119.64 -1.30
N LEU K 47 -48.56 119.66 -1.61
CA LEU K 47 -47.94 120.95 -1.87
C LEU K 47 -48.42 121.53 -3.18
N VAL K 48 -48.69 120.68 -4.18
CA VAL K 48 -49.14 121.26 -5.44
C VAL K 48 -50.48 121.96 -5.24
N LYS K 49 -51.40 121.34 -4.51
CA LYS K 49 -52.67 122.01 -4.27
C LYS K 49 -52.52 123.20 -3.32
N GLY K 50 -51.61 123.11 -2.36
CA GLY K 50 -51.38 124.26 -1.48
C GLY K 50 -50.93 125.48 -2.26
N ALA K 51 -50.04 125.29 -3.24
CA ALA K 51 -49.65 126.39 -4.09
C ALA K 51 -50.80 126.86 -4.98
N LYS K 52 -51.51 125.92 -5.61
CA LYS K 52 -52.49 126.31 -6.62
C LYS K 52 -53.78 126.83 -6.02
N GLU K 53 -53.98 126.70 -4.71
CA GLU K 53 -55.04 127.47 -4.08
C GLU K 53 -54.71 128.96 -4.08
N LYS K 54 -53.43 129.31 -3.95
CA LYS K 54 -53.00 130.70 -3.84
C LYS K 54 -52.32 131.21 -5.11
N GLN K 55 -52.43 130.47 -6.20
CA GLN K 55 -51.94 130.90 -7.52
C GLN K 55 -50.48 131.33 -7.46
N LEU K 56 -49.60 130.37 -7.23
CA LEU K 56 -48.18 130.58 -7.40
C LEU K 56 -47.75 130.10 -8.78
N LYS K 57 -46.54 130.49 -9.17
CA LYS K 57 -45.96 130.02 -10.43
C LYS K 57 -45.10 128.81 -10.08
N VAL K 58 -45.65 127.61 -10.29
CA VAL K 58 -45.04 126.38 -9.82
C VAL K 58 -44.68 125.55 -11.03
N LYS K 59 -43.74 124.62 -10.84
CA LYS K 59 -43.48 123.61 -11.86
C LYS K 59 -43.00 122.34 -11.17
N GLY K 60 -43.72 121.24 -11.40
CA GLY K 60 -43.44 119.98 -10.75
C GLY K 60 -44.64 119.06 -10.76
N PRO K 61 -44.59 117.99 -9.94
CA PRO K 61 -43.42 117.61 -9.14
C PRO K 61 -42.48 116.74 -9.95
N VAL K 62 -41.30 117.25 -10.31
CA VAL K 62 -40.40 116.48 -11.14
C VAL K 62 -40.05 115.19 -10.42
N ARG K 63 -40.17 114.08 -11.14
CA ARG K 63 -39.94 112.76 -10.57
C ARG K 63 -38.57 112.29 -11.01
N MET K 64 -37.71 111.96 -10.05
CA MET K 64 -36.29 111.86 -10.30
C MET K 64 -35.83 110.46 -9.94
N PRO K 65 -34.98 109.82 -10.75
CA PRO K 65 -34.98 108.36 -10.79
C PRO K 65 -34.65 107.75 -9.44
N THR K 66 -35.32 106.65 -9.14
CA THR K 66 -35.29 106.07 -7.81
C THR K 66 -33.94 105.44 -7.51
N LYS K 67 -33.39 105.78 -6.35
CA LYS K 67 -32.18 105.15 -5.88
C LYS K 67 -32.53 103.79 -5.30
N VAL K 68 -31.74 102.78 -5.62
CA VAL K 68 -32.01 101.43 -5.15
C VAL K 68 -30.81 100.99 -4.33
N LEU K 69 -30.89 101.21 -3.02
CA LEU K 69 -29.87 100.73 -2.11
C LEU K 69 -29.99 99.23 -2.01
N ASN K 70 -28.87 98.52 -2.08
CA ASN K 70 -28.95 97.08 -2.04
C ASN K 70 -27.74 96.50 -1.32
N ILE K 71 -28.00 95.53 -0.48
CA ILE K 71 -26.96 94.78 0.23
C ILE K 71 -27.31 93.31 0.13
N THR K 72 -26.37 92.50 -0.35
CA THR K 72 -26.59 91.07 -0.50
C THR K 72 -25.81 90.35 0.57
N THR K 73 -26.46 89.42 1.26
CA THR K 73 -25.86 88.77 2.41
C THR K 73 -26.11 87.27 2.36
N ARG K 74 -25.09 86.51 2.78
CA ARG K 74 -25.27 85.09 3.01
C ARG K 74 -26.16 84.92 4.23
N LYS K 75 -27.34 84.35 4.04
CA LYS K 75 -28.30 84.34 5.14
C LYS K 75 -27.92 83.37 6.25
N SER K 76 -26.93 82.53 6.06
CA SER K 76 -26.43 81.72 7.15
C SER K 76 -25.53 82.54 8.07
N PRO K 77 -25.50 82.23 9.37
CA PRO K 77 -24.61 82.93 10.28
C PRO K 77 -23.27 82.26 10.52
N CYS K 78 -23.10 81.02 10.06
CA CYS K 78 -21.87 80.29 10.27
C CYS K 78 -21.22 79.77 9.01
N GLY K 79 -21.91 79.76 7.87
CA GLY K 79 -21.33 79.28 6.65
C GLY K 79 -21.36 77.78 6.49
N GLU K 80 -22.55 77.18 6.62
CA GLU K 80 -22.77 75.77 6.38
C GLU K 80 -24.03 75.61 5.54
N GLY K 81 -24.12 74.49 4.85
CA GLY K 81 -25.26 74.25 3.99
C GLY K 81 -25.08 74.93 2.65
N THR K 82 -26.04 74.66 1.76
CA THR K 82 -25.99 75.24 0.42
C THR K 82 -25.94 76.74 0.50
N ASN K 83 -25.06 77.33 -0.30
CA ASN K 83 -24.89 78.79 -0.29
C ASN K 83 -26.19 79.46 -0.66
N THR K 84 -26.74 80.24 0.28
CA THR K 84 -27.98 80.95 0.04
C THR K 84 -27.78 82.41 0.38
N TRP K 85 -28.00 83.27 -0.59
CA TRP K 85 -27.96 84.71 -0.39
C TRP K 85 -29.34 85.31 -0.45
N ASP K 86 -29.52 86.38 0.29
CA ASP K 86 -30.71 87.22 0.21
C ASP K 86 -30.32 88.65 -0.09
N ARG K 87 -31.14 89.31 -0.90
CA ARG K 87 -30.85 90.63 -1.42
C ARG K 87 -31.79 91.63 -0.76
N PHE K 88 -31.24 92.50 0.07
CA PHE K 88 -32.00 93.53 0.73
C PHE K 88 -31.91 94.80 -0.08
N GLU K 89 -32.98 95.59 -0.10
CA GLU K 89 -32.96 96.83 -0.85
C GLU K 89 -33.88 97.87 -0.22
N MET K 90 -33.38 99.07 -0.07
CA MET K 90 -34.23 100.24 0.09
C MET K 90 -34.43 100.91 -1.25
N ARG K 91 -35.56 101.58 -1.40
CA ARG K 91 -35.81 102.42 -2.55
C ARG K 91 -36.02 103.84 -2.06
N VAL K 92 -35.11 104.74 -2.42
CA VAL K 92 -35.13 106.12 -2.01
C VAL K 92 -35.68 106.94 -3.18
N HIS K 93 -36.76 107.67 -2.93
CA HIS K 93 -37.47 108.40 -3.95
C HIS K 93 -37.26 109.89 -3.77
N LYS K 94 -36.93 110.56 -4.87
CA LYS K 94 -36.52 111.96 -4.93
C LYS K 94 -37.58 112.73 -5.72
N ARG K 95 -38.04 113.86 -5.17
CA ARG K 95 -38.97 114.70 -5.90
C ARG K 95 -38.49 116.14 -5.75
N VAL K 96 -38.66 116.96 -6.79
CA VAL K 96 -38.25 118.35 -6.72
C VAL K 96 -39.33 119.23 -7.32
N ILE K 97 -39.58 120.38 -6.68
CA ILE K 97 -40.57 121.33 -7.13
C ILE K 97 -39.95 122.72 -7.06
N ASP K 98 -40.26 123.57 -8.04
CA ASP K 98 -39.84 124.96 -8.04
C ASP K 98 -41.05 125.85 -7.80
N LEU K 99 -40.90 126.83 -6.92
CA LEU K 99 -41.95 127.80 -6.64
C LEU K 99 -41.40 129.20 -6.89
N VAL K 100 -42.25 130.09 -7.37
CA VAL K 100 -41.85 131.49 -7.48
C VAL K 100 -42.67 132.28 -6.49
N SER K 101 -42.11 132.50 -5.31
CA SER K 101 -42.80 133.26 -4.28
C SER K 101 -41.78 133.68 -3.22
N SER K 102 -42.21 134.55 -2.37
CA SER K 102 -41.28 134.96 -1.33
C SER K 102 -41.21 133.87 -0.27
N PRO K 103 -40.07 133.74 0.41
CA PRO K 103 -39.93 132.68 1.42
C PRO K 103 -40.93 132.77 2.56
N ASP K 104 -41.39 133.95 2.94
CA ASP K 104 -42.45 134.02 3.95
C ASP K 104 -43.79 133.54 3.37
N VAL K 105 -44.06 133.83 2.10
CA VAL K 105 -45.22 133.24 1.45
C VAL K 105 -45.07 131.72 1.39
N VAL K 106 -43.84 131.24 1.23
CA VAL K 106 -43.57 129.80 1.21
C VAL K 106 -43.87 129.19 2.57
N LYS K 107 -43.48 129.87 3.64
CA LYS K 107 -43.78 129.40 5.00
C LYS K 107 -45.28 129.47 5.29
N GLN K 108 -46.01 130.33 4.58
CA GLN K 108 -47.47 130.30 4.66
C GLN K 108 -48.02 128.96 4.14
N ILE K 109 -47.34 128.35 3.17
CA ILE K 109 -47.78 127.05 2.67
C ILE K 109 -47.24 125.93 3.55
N THR K 110 -45.92 125.89 3.73
CA THR K 110 -45.26 124.72 4.32
C THR K 110 -45.32 124.73 5.85
N SER K 111 -46.51 124.98 6.39
CA SER K 111 -46.84 124.68 7.77
C SER K 111 -48.02 123.73 7.84
N ILE K 112 -48.57 123.34 6.68
CA ILE K 112 -49.57 122.28 6.64
C ILE K 112 -48.94 120.97 7.09
N THR K 113 -49.79 120.03 7.47
CA THR K 113 -49.29 118.78 8.01
C THR K 113 -48.36 118.09 7.01
N ILE K 114 -47.29 117.50 7.53
CA ILE K 114 -46.36 116.75 6.71
C ILE K 114 -46.43 115.29 7.15
N GLU K 115 -46.48 114.40 6.18
CA GLU K 115 -46.76 113.01 6.48
C GLU K 115 -45.51 112.34 7.04
N PRO K 116 -45.68 111.33 7.88
CA PRO K 116 -44.52 110.68 8.50
C PRO K 116 -43.61 110.05 7.45
N GLY K 117 -42.30 110.17 7.68
CA GLY K 117 -41.29 109.55 6.85
C GLY K 117 -40.77 110.38 5.69
N VAL K 118 -41.56 111.33 5.19
CA VAL K 118 -41.13 112.16 4.08
C VAL K 118 -40.22 113.27 4.60
N GLU K 119 -39.27 113.69 3.78
CA GLU K 119 -38.36 114.77 4.13
C GLU K 119 -38.48 115.88 3.10
N VAL K 120 -38.41 117.13 3.58
CA VAL K 120 -38.49 118.31 2.74
C VAL K 120 -37.35 119.26 3.11
N GLU K 121 -36.70 119.84 2.10
CA GLU K 121 -35.48 120.61 2.32
C GLU K 121 -35.50 121.90 1.51
N VAL K 122 -36.55 122.71 1.71
CA VAL K 122 -36.65 124.02 1.03
C VAL K 122 -35.32 124.76 1.08
N THR K 123 -34.90 125.28 -0.07
CA THR K 123 -33.70 126.08 -0.20
C THR K 123 -33.98 127.27 -1.10
N ILE K 124 -33.22 128.35 -0.90
CA ILE K 124 -33.35 129.55 -1.70
C ILE K 124 -32.32 129.53 -2.81
N SER K 125 -32.78 129.54 -4.05
CA SER K 125 -31.91 129.44 -5.21
C SER K 125 -31.86 130.77 -5.95
N ASP K 126 -31.10 130.78 -7.05
CA ASP K 126 -31.01 131.92 -7.93
C ASP K 126 -32.37 132.13 -8.58
N VAL L 27 -49.95 25.16 -59.98
CA VAL L 27 -48.97 24.13 -59.59
C VAL L 27 -48.63 24.32 -58.13
N PHE L 28 -48.76 23.27 -57.34
CA PHE L 28 -48.84 23.37 -55.89
C PHE L 28 -47.63 22.75 -55.20
N GLY L 29 -47.15 23.44 -54.17
CA GLY L 29 -46.13 22.92 -53.28
C GLY L 29 -46.64 22.95 -51.85
N VAL L 30 -45.78 22.54 -50.93
CA VAL L 30 -46.12 22.52 -49.50
C VAL L 30 -45.00 23.19 -48.72
N ALA L 31 -45.32 24.25 -47.98
CA ALA L 31 -44.34 25.01 -47.21
C ALA L 31 -44.51 24.68 -45.73
N HIS L 32 -43.60 23.86 -45.22
CA HIS L 32 -43.52 23.48 -43.82
C HIS L 32 -42.82 24.62 -43.10
N ILE L 33 -43.60 25.47 -42.45
CA ILE L 33 -43.00 26.56 -41.69
C ILE L 33 -42.81 26.12 -40.25
N PHE L 34 -41.60 25.64 -39.94
CA PHE L 34 -41.20 25.33 -38.57
C PHE L 34 -40.87 26.64 -37.89
N ALA L 35 -41.77 27.14 -37.06
CA ALA L 35 -41.57 28.45 -36.45
C ALA L 35 -41.50 28.25 -34.95
N SER L 36 -40.33 27.93 -34.46
CA SER L 36 -40.05 27.82 -33.04
C SER L 36 -39.30 29.06 -32.60
N PHE L 37 -38.89 29.07 -31.34
CA PHE L 37 -37.90 30.04 -30.97
C PHE L 37 -36.52 29.55 -31.36
N ASN L 38 -35.54 30.43 -31.20
CA ASN L 38 -34.12 30.11 -31.36
C ASN L 38 -33.76 29.90 -32.83
N ASP L 39 -34.77 29.77 -33.70
CA ASP L 39 -34.53 29.54 -35.12
C ASP L 39 -35.88 29.47 -35.84
N THR L 40 -35.86 29.51 -37.17
CA THR L 40 -37.06 29.25 -37.95
C THR L 40 -36.67 28.57 -39.26
N PHE L 41 -37.43 27.56 -39.63
CA PHE L 41 -37.20 26.77 -40.82
C PHE L 41 -38.35 27.01 -41.80
N ILE L 42 -38.00 27.19 -43.07
CA ILE L 42 -38.99 27.24 -44.15
C ILE L 42 -38.61 26.14 -45.12
N HIS L 43 -39.46 25.12 -45.22
CA HIS L 43 -39.13 23.90 -45.93
C HIS L 43 -40.19 23.65 -46.99
N VAL L 44 -39.82 23.79 -48.25
CA VAL L 44 -40.78 23.61 -49.34
C VAL L 44 -40.54 22.26 -49.97
N THR L 45 -41.62 21.52 -50.18
CA THR L 45 -41.59 20.20 -50.80
C THR L 45 -42.71 20.10 -51.81
N ASP L 46 -42.71 18.98 -52.52
CA ASP L 46 -43.79 18.67 -53.43
C ASP L 46 -45.03 18.28 -52.63
N LEU L 47 -46.08 17.91 -53.32
CA LEU L 47 -47.30 17.63 -52.59
C LEU L 47 -47.22 16.31 -51.78
N SER L 48 -46.08 15.62 -51.73
CA SER L 48 -45.94 14.39 -50.99
C SER L 48 -45.03 14.49 -49.78
N GLY L 49 -44.22 15.53 -49.67
CA GLY L 49 -43.28 15.65 -48.57
C GLY L 49 -42.02 14.83 -48.71
N ARG L 50 -41.82 14.13 -49.83
CA ARG L 50 -40.68 13.25 -49.99
C ARG L 50 -39.48 13.90 -50.67
N GLU L 51 -39.64 15.06 -51.28
CA GLU L 51 -38.54 15.75 -51.95
C GLU L 51 -38.56 17.23 -51.63
N THR L 52 -37.48 17.72 -51.05
CA THR L 52 -37.37 19.13 -50.69
C THR L 52 -36.86 19.91 -51.88
N LEU L 53 -37.75 20.68 -52.50
CA LEU L 53 -37.32 21.63 -53.53
C LEU L 53 -36.36 22.65 -52.95
N VAL L 54 -36.68 23.22 -51.80
CA VAL L 54 -35.85 24.26 -51.20
C VAL L 54 -36.06 24.24 -49.71
N ARG L 55 -34.99 24.46 -48.97
CA ARG L 55 -35.05 24.55 -47.51
C ARG L 55 -34.13 25.69 -47.08
N ILE L 56 -34.70 26.87 -46.91
CA ILE L 56 -33.97 28.03 -46.46
C ILE L 56 -34.25 28.23 -44.98
N THR L 57 -33.20 28.45 -44.20
CA THR L 57 -33.30 28.53 -42.77
C THR L 57 -33.00 29.97 -42.36
N GLY L 58 -33.68 30.44 -41.31
CA GLY L 58 -33.47 31.82 -40.88
C GLY L 58 -32.02 32.09 -40.54
N GLY L 59 -31.34 31.13 -39.92
CA GLY L 59 -29.95 31.32 -39.57
C GLY L 59 -28.99 31.31 -40.74
N MET L 60 -29.45 30.89 -41.91
CA MET L 60 -28.66 30.98 -43.12
C MET L 60 -28.52 32.40 -43.62
N LYS L 61 -29.29 33.34 -43.07
CA LYS L 61 -29.43 34.67 -43.64
C LYS L 61 -29.02 35.77 -42.68
N VAL L 62 -28.33 35.44 -41.59
CA VAL L 62 -27.95 36.42 -40.58
C VAL L 62 -26.56 36.11 -40.08
N LYS L 63 -25.97 37.08 -39.38
CA LYS L 63 -24.66 36.89 -38.76
C LYS L 63 -24.75 36.48 -37.30
N ALA L 64 -25.81 36.86 -36.60
CA ALA L 64 -25.89 36.71 -35.16
C ALA L 64 -26.70 35.48 -34.77
N ASP L 65 -26.13 34.69 -33.87
CA ASP L 65 -26.80 33.53 -33.27
C ASP L 65 -27.98 33.98 -32.40
N ARG L 66 -28.16 35.28 -32.21
CA ARG L 66 -29.39 35.84 -31.67
C ARG L 66 -30.31 36.40 -32.75
N ASP L 67 -29.75 36.92 -33.85
CA ASP L 67 -30.60 37.32 -34.96
C ASP L 67 -31.23 36.13 -35.65
N GLU L 68 -30.76 34.90 -35.40
CA GLU L 68 -31.26 33.75 -36.15
C GLU L 68 -32.73 33.46 -35.89
N SER L 69 -33.33 34.06 -34.85
CA SER L 69 -34.72 33.77 -34.51
C SER L 69 -35.65 34.96 -34.69
N SER L 70 -35.12 36.14 -34.97
CA SER L 70 -35.95 37.33 -35.10
C SER L 70 -36.84 37.21 -36.35
N PRO L 71 -37.99 37.89 -36.36
CA PRO L 71 -38.86 37.80 -37.53
C PRO L 71 -38.22 38.31 -38.82
N TYR L 72 -37.26 39.21 -38.72
CA TYR L 72 -36.58 39.70 -39.93
C TYR L 72 -35.87 38.56 -40.65
N ALA L 73 -35.17 37.71 -39.90
CA ALA L 73 -34.53 36.56 -40.50
C ALA L 73 -35.52 35.76 -41.33
N ALA L 74 -36.71 35.52 -40.77
CA ALA L 74 -37.74 34.84 -41.54
C ALA L 74 -38.20 35.68 -42.72
N MET L 75 -38.24 37.01 -42.59
CA MET L 75 -38.55 37.85 -43.74
C MET L 75 -37.67 37.50 -44.93
N LEU L 76 -36.37 37.69 -44.79
CA LEU L 76 -35.56 37.53 -46.01
C LEU L 76 -35.36 36.06 -46.37
N ALA L 77 -35.28 35.17 -45.37
CA ALA L 77 -35.20 33.75 -45.67
C ALA L 77 -36.47 33.22 -46.28
N SER L 78 -37.56 33.98 -46.27
CA SER L 78 -38.74 33.63 -47.04
C SER L 78 -38.75 34.29 -48.41
N GLN L 79 -38.17 35.49 -48.52
CA GLN L 79 -38.00 36.10 -49.83
C GLN L 79 -37.18 35.19 -50.74
N ASP L 80 -36.09 34.63 -50.22
CA ASP L 80 -35.30 33.72 -51.04
C ASP L 80 -36.01 32.42 -51.34
N VAL L 81 -36.87 31.93 -50.43
CA VAL L 81 -37.72 30.79 -50.77
C VAL L 81 -38.59 31.13 -51.97
N ALA L 82 -39.20 32.31 -51.95
CA ALA L 82 -40.09 32.67 -53.06
C ALA L 82 -39.32 32.79 -54.37
N THR L 83 -38.12 33.37 -54.34
CA THR L 83 -37.38 33.49 -55.59
C THR L 83 -36.92 32.13 -56.12
N ARG L 84 -36.39 31.27 -55.24
CA ARG L 84 -36.00 29.93 -55.65
C ARG L 84 -37.19 29.03 -55.93
N CYS L 85 -38.40 29.48 -55.61
CA CYS L 85 -39.61 28.74 -55.91
C CYS L 85 -40.18 29.13 -57.27
N LYS L 86 -40.14 30.42 -57.60
CA LYS L 86 -40.39 30.84 -58.97
C LYS L 86 -39.37 30.23 -59.93
N GLU L 87 -38.11 30.18 -59.52
CA GLU L 87 -37.11 29.57 -60.40
C GLU L 87 -37.20 28.03 -60.39
N LEU L 88 -38.21 27.44 -59.78
CA LEU L 88 -38.46 26.01 -59.93
C LEU L 88 -39.83 25.68 -60.50
N GLY L 89 -40.81 26.57 -60.40
CA GLY L 89 -42.02 26.38 -61.16
C GLY L 89 -43.33 26.39 -60.39
N ILE L 90 -43.35 25.81 -59.19
CA ILE L 90 -44.61 25.73 -58.46
C ILE L 90 -45.07 27.14 -58.10
N THR L 91 -46.34 27.42 -58.38
CA THR L 91 -46.86 28.77 -58.33
C THR L 91 -47.74 29.05 -57.12
N ALA L 92 -48.35 28.02 -56.54
CA ALA L 92 -49.19 28.19 -55.37
C ALA L 92 -48.78 27.18 -54.32
N LEU L 93 -49.06 27.53 -53.07
CA LEU L 93 -48.36 26.91 -51.95
C LEU L 93 -49.33 26.62 -50.81
N HIS L 94 -49.37 25.36 -50.39
CA HIS L 94 -50.13 24.93 -49.23
C HIS L 94 -49.22 25.12 -48.02
N ILE L 95 -49.57 26.05 -47.15
CA ILE L 95 -48.77 26.30 -45.96
C ILE L 95 -49.13 25.30 -44.88
N LYS L 96 -48.14 24.90 -44.09
CA LYS L 96 -48.35 24.03 -42.93
C LYS L 96 -47.41 24.54 -41.84
N LEU L 97 -47.96 25.33 -40.93
CA LEU L 97 -47.19 25.91 -39.83
C LEU L 97 -47.04 24.91 -38.70
N ARG L 98 -45.97 25.05 -37.92
CA ARG L 98 -45.69 24.04 -36.91
C ARG L 98 -44.78 24.65 -35.84
N ALA L 99 -45.15 24.49 -34.57
CA ALA L 99 -44.32 25.00 -33.49
C ALA L 99 -43.33 23.94 -33.03
N THR L 100 -42.67 24.16 -31.89
CA THR L 100 -41.74 23.16 -31.37
C THR L 100 -42.45 21.86 -31.05
N GLY L 101 -43.65 21.96 -30.48
CA GLY L 101 -44.48 20.79 -30.30
C GLY L 101 -43.96 19.84 -29.24
N GLY L 102 -44.50 18.63 -29.26
CA GLY L 102 -44.14 17.63 -28.27
C GLY L 102 -44.47 18.14 -26.89
N ASN L 103 -43.53 17.95 -25.97
CA ASN L 103 -43.67 18.45 -24.60
C ASN L 103 -43.01 19.81 -24.44
N LYS L 104 -43.35 20.75 -25.32
CA LYS L 104 -42.73 22.07 -25.32
C LYS L 104 -43.82 23.08 -25.60
N THR L 105 -43.44 24.29 -25.97
CA THR L 105 -44.42 25.30 -26.34
C THR L 105 -45.19 24.87 -27.59
N LYS L 106 -46.46 25.27 -27.65
CA LYS L 106 -47.26 25.15 -28.85
C LYS L 106 -47.51 26.49 -29.52
N THR L 107 -46.98 27.58 -28.97
CA THR L 107 -47.13 28.90 -29.58
C THR L 107 -46.04 29.11 -30.62
N PRO L 108 -46.39 29.33 -31.88
CA PRO L 108 -45.35 29.53 -32.90
C PRO L 108 -44.36 30.60 -32.49
N GLY L 109 -43.14 30.46 -32.99
CA GLY L 109 -42.10 31.42 -32.72
C GLY L 109 -42.40 32.74 -33.40
N PRO L 110 -41.59 33.76 -33.12
CA PRO L 110 -41.86 35.06 -33.74
C PRO L 110 -41.87 35.00 -35.26
N GLY L 111 -41.13 34.07 -35.84
CA GLY L 111 -40.96 34.01 -37.27
C GLY L 111 -42.12 33.46 -38.07
N ALA L 112 -43.13 32.86 -37.44
CA ALA L 112 -44.25 32.29 -38.18
C ALA L 112 -44.99 33.36 -38.97
N GLN L 113 -45.51 34.36 -38.27
CA GLN L 113 -46.30 35.39 -38.93
C GLN L 113 -45.45 36.19 -39.90
N SER L 114 -44.18 36.44 -39.55
CA SER L 114 -43.30 37.13 -40.47
C SER L 114 -43.10 36.33 -41.74
N ALA L 115 -42.93 35.01 -41.63
CA ALA L 115 -42.75 34.17 -42.80
C ALA L 115 -43.99 34.18 -43.67
N LEU L 116 -45.18 34.03 -43.07
CA LEU L 116 -46.39 34.09 -43.87
C LEU L 116 -46.53 35.45 -44.54
N ARG L 117 -46.33 36.53 -43.78
CA ARG L 117 -46.45 37.88 -44.31
C ARG L 117 -45.53 38.10 -45.49
N ALA L 118 -44.25 37.74 -45.35
CA ALA L 118 -43.30 38.00 -46.43
C ALA L 118 -43.50 37.02 -47.58
N LEU L 119 -43.83 35.78 -47.28
CA LEU L 119 -43.99 34.73 -48.29
C LEU L 119 -45.28 34.89 -49.07
N ALA L 120 -46.21 35.71 -48.60
CA ALA L 120 -47.39 36.03 -49.40
C ALA L 120 -47.17 37.25 -50.29
N ARG L 121 -46.51 38.28 -49.77
CA ARG L 121 -46.36 39.52 -50.50
C ARG L 121 -45.10 39.60 -51.34
N SER L 122 -44.18 38.64 -51.23
CA SER L 122 -43.02 38.66 -52.10
C SER L 122 -43.37 38.28 -53.52
N GLY L 123 -44.62 37.91 -53.77
CA GLY L 123 -45.07 37.42 -55.04
C GLY L 123 -45.20 35.92 -54.96
N MET L 124 -46.41 35.44 -54.71
CA MET L 124 -46.67 34.04 -54.40
C MET L 124 -48.16 33.88 -54.17
N LYS L 125 -48.62 32.64 -54.19
CA LYS L 125 -50.00 32.30 -53.91
C LYS L 125 -50.02 31.26 -52.82
N ILE L 126 -50.84 31.49 -51.80
CA ILE L 126 -50.98 30.58 -50.67
C ILE L 126 -52.27 29.80 -50.83
N GLY L 127 -52.18 28.47 -50.77
CA GLY L 127 -53.39 27.70 -50.95
C GLY L 127 -54.19 27.49 -49.68
N ARG L 128 -53.65 26.74 -48.72
CA ARG L 128 -54.40 26.43 -47.51
C ARG L 128 -53.47 26.49 -46.31
N ILE L 129 -53.95 27.09 -45.26
CA ILE L 129 -53.20 27.22 -44.03
C ILE L 129 -53.62 26.08 -43.11
N GLU L 130 -52.69 25.57 -42.29
CA GLU L 130 -53.03 24.56 -41.31
C GLU L 130 -51.89 24.43 -40.32
N ASP L 131 -52.23 24.24 -39.04
CA ASP L 131 -51.24 24.00 -38.00
C ASP L 131 -51.07 22.50 -37.80
N VAL L 132 -49.83 22.03 -37.94
CA VAL L 132 -49.54 20.61 -37.76
C VAL L 132 -48.57 20.43 -36.61
N THR L 133 -48.65 21.31 -35.61
CA THR L 133 -47.79 21.20 -34.45
C THR L 133 -48.07 19.89 -33.72
N PRO L 134 -47.03 19.15 -33.30
CA PRO L 134 -47.24 17.92 -32.56
C PRO L 134 -47.92 18.20 -31.23
N VAL L 135 -49.09 17.63 -31.03
CA VAL L 135 -49.79 17.70 -29.76
C VAL L 135 -50.04 16.27 -29.27
N PRO L 136 -49.53 15.89 -28.12
CA PRO L 136 -49.67 14.51 -27.68
C PRO L 136 -50.99 14.26 -26.98
N THR L 137 -51.53 13.05 -27.19
CA THR L 137 -52.66 12.62 -26.39
C THR L 137 -52.29 12.63 -24.91
N ASP L 138 -51.07 12.23 -24.59
CA ASP L 138 -50.35 12.80 -23.46
C ASP L 138 -48.90 12.35 -23.58
N SER L 139 -48.00 13.25 -23.22
CA SER L 139 -46.59 13.13 -23.59
C SER L 139 -45.78 12.53 -22.46
N THR L 140 -44.52 12.26 -22.78
CA THR L 140 -43.56 11.81 -21.79
C THR L 140 -43.20 12.97 -20.86
N ARG L 141 -42.41 12.66 -19.84
CA ARG L 141 -42.02 13.66 -18.88
C ARG L 141 -41.26 14.78 -19.60
N ARG L 142 -41.43 16.01 -19.11
CA ARG L 142 -40.96 17.19 -19.81
C ARG L 142 -39.72 17.76 -19.12
N LYS L 143 -38.76 18.17 -19.93
CA LYS L 143 -37.47 18.65 -19.44
C LYS L 143 -37.63 19.80 -18.45
N GLY L 144 -36.92 19.71 -17.34
CA GLY L 144 -36.92 20.81 -16.40
C GLY L 144 -37.00 20.38 -14.94
N GLY L 145 -37.47 19.17 -14.70
CA GLY L 145 -37.66 18.72 -13.35
C GLY L 145 -38.99 19.20 -12.79
N ARG L 146 -39.20 18.87 -11.52
CA ARG L 146 -40.47 19.21 -10.89
C ARG L 146 -40.64 20.72 -10.74
N ARG L 147 -39.66 21.39 -10.15
CA ARG L 147 -39.76 22.84 -10.00
C ARG L 147 -39.49 23.58 -11.31
N GLY L 148 -38.87 22.94 -12.27
CA GLY L 148 -38.73 23.52 -13.59
C GLY L 148 -37.68 24.61 -13.64
N ARG L 149 -37.57 25.22 -14.83
CA ARG L 149 -36.55 26.22 -15.11
C ARG L 149 -36.81 27.44 -14.25
N ARG L 150 -36.03 27.63 -13.21
CA ARG L 150 -36.19 28.76 -12.30
C ARG L 150 -35.00 29.68 -12.50
N LEU L 151 -35.25 30.81 -13.16
CA LEU L 151 -34.19 31.71 -13.56
C LEU L 151 -34.60 33.17 -13.39
N ALA M 5 14.39 85.47 -55.13
CA ALA M 5 15.71 85.76 -55.69
C ALA M 5 16.78 85.61 -54.61
N GLY M 6 17.09 84.35 -54.29
CA GLY M 6 17.96 84.03 -53.18
C GLY M 6 19.30 83.47 -53.62
N GLU M 7 19.91 84.09 -54.63
CA GLU M 7 21.18 83.66 -55.20
C GLU M 7 22.15 83.18 -54.13
N GLU M 8 22.16 83.84 -52.98
CA GLU M 8 22.96 83.45 -51.82
C GLU M 8 22.07 83.28 -50.59
N PHE M 9 20.86 82.77 -50.80
CA PHE M 9 19.91 82.62 -49.72
C PHE M 9 20.47 81.69 -48.66
N GLN M 10 20.53 82.18 -47.42
CA GLN M 10 21.15 81.46 -46.33
C GLN M 10 20.08 80.85 -45.44
N HIS M 11 20.25 79.57 -45.12
CA HIS M 11 19.27 78.88 -44.29
C HIS M 11 19.53 79.03 -42.80
N ILE M 12 20.78 79.15 -42.39
CA ILE M 12 21.13 79.52 -41.02
C ILE M 12 22.29 80.51 -41.07
N LEU M 13 22.15 81.61 -40.33
CA LEU M 13 23.13 82.69 -40.37
C LEU M 13 24.22 82.56 -39.32
N ARG M 14 23.88 82.11 -38.11
CA ARG M 14 24.88 81.86 -37.07
C ARG M 14 25.57 83.15 -36.63
N VAL M 15 24.77 84.10 -36.14
CA VAL M 15 25.32 85.23 -35.41
C VAL M 15 25.19 84.96 -33.92
N LEU M 16 26.12 85.49 -33.14
CA LEU M 16 26.01 85.52 -31.68
C LEU M 16 25.89 84.14 -31.05
N ASN M 17 26.40 83.11 -31.71
CA ASN M 17 26.46 81.76 -31.12
C ASN M 17 25.06 81.22 -30.81
N THR M 18 24.17 81.36 -31.79
CA THR M 18 22.82 80.81 -31.62
C THR M 18 22.29 80.08 -32.83
N ASN M 19 22.98 80.09 -33.97
CA ASN M 19 22.42 79.61 -35.23
C ASN M 19 21.08 80.28 -35.48
N VAL M 20 21.13 81.61 -35.58
CA VAL M 20 19.92 82.35 -35.96
C VAL M 20 19.45 81.84 -37.31
N ASP M 21 18.17 81.49 -37.38
CA ASP M 21 17.70 80.80 -38.56
C ASP M 21 17.61 81.79 -39.71
N GLY M 22 17.98 81.33 -40.88
CA GLY M 22 17.89 82.13 -42.09
C GLY M 22 16.65 81.84 -42.90
N LYS M 23 15.54 81.52 -42.24
CA LYS M 23 14.35 81.13 -42.95
C LYS M 23 13.10 81.89 -42.53
N GLN M 24 13.15 82.60 -41.40
CA GLN M 24 12.03 83.35 -40.86
C GLN M 24 12.38 84.85 -40.96
N LYS M 25 11.40 85.72 -40.70
CA LYS M 25 11.68 87.15 -40.69
C LYS M 25 12.86 87.50 -39.81
N ILE M 26 13.62 88.51 -40.22
CA ILE M 26 14.68 89.05 -39.38
C ILE M 26 14.09 89.64 -38.12
N MET M 27 12.86 90.13 -38.20
CA MET M 27 12.12 90.57 -37.03
C MET M 27 12.09 89.52 -35.94
N PHE M 28 11.79 88.27 -36.30
CA PHE M 28 11.59 87.22 -35.31
C PHE M 28 12.53 86.04 -35.51
N ALA M 29 13.69 86.29 -36.12
CA ALA M 29 14.81 85.37 -36.07
C ALA M 29 15.89 85.83 -35.12
N LEU M 30 16.12 87.15 -35.07
CA LEU M 30 17.02 87.73 -34.09
C LEU M 30 16.55 87.50 -32.66
N THR M 31 15.30 87.10 -32.47
CA THR M 31 14.82 86.74 -31.14
C THR M 31 15.39 85.42 -30.66
N SER M 32 15.92 84.59 -31.57
CA SER M 32 16.48 83.31 -31.18
C SER M 32 17.69 83.46 -30.26
N ILE M 33 18.33 84.62 -30.28
CA ILE M 33 19.44 84.89 -29.38
C ILE M 33 18.91 85.06 -27.96
N LYS M 34 19.56 84.40 -27.01
CA LYS M 34 19.11 84.39 -25.62
C LYS M 34 19.57 85.67 -24.92
N GLY M 35 18.71 86.69 -24.95
CA GLY M 35 19.03 87.99 -24.39
C GLY M 35 18.41 89.10 -25.21
N VAL M 36 17.89 88.74 -26.39
CA VAL M 36 17.16 89.66 -27.26
C VAL M 36 15.82 89.02 -27.57
N GLY M 37 14.74 89.69 -27.19
CA GLY M 37 13.41 89.19 -27.37
C GLY M 37 12.65 89.87 -28.49
N ARG M 38 11.33 89.76 -28.43
CA ARG M 38 10.48 90.25 -29.51
C ARG M 38 10.58 91.75 -29.68
N ARG M 39 10.50 92.48 -28.57
CA ARG M 39 10.53 93.94 -28.63
C ARG M 39 11.91 94.44 -29.01
N PHE M 40 12.94 93.90 -28.37
CA PHE M 40 14.29 94.40 -28.58
C PHE M 40 14.79 94.03 -29.97
N SER M 41 14.29 92.94 -30.55
CA SER M 41 14.54 92.68 -31.96
C SER M 41 14.01 93.81 -32.83
N ASN M 42 12.81 94.29 -32.55
CA ASN M 42 12.25 95.38 -33.34
C ASN M 42 13.06 96.65 -33.16
N ILE M 43 13.43 96.95 -31.92
CA ILE M 43 14.16 98.21 -31.73
C ILE M 43 15.51 98.15 -32.42
N VAL M 44 16.16 96.98 -32.41
CA VAL M 44 17.41 96.84 -33.14
C VAL M 44 17.19 97.00 -34.63
N CYS M 45 16.13 96.39 -35.17
CA CYS M 45 15.86 96.55 -36.60
C CYS M 45 15.65 98.01 -36.94
N LYS M 46 14.89 98.73 -36.12
CA LYS M 46 14.66 100.15 -36.37
C LYS M 46 15.97 100.92 -36.36
N LYS M 47 16.78 100.75 -35.31
CA LYS M 47 17.96 101.58 -35.15
C LYS M 47 19.05 101.21 -36.15
N ALA M 48 19.13 99.95 -36.56
CA ALA M 48 20.07 99.54 -37.59
C ALA M 48 19.52 99.75 -38.99
N ASP M 49 18.29 100.23 -39.11
CA ASP M 49 17.76 100.79 -40.35
C ASP M 49 17.88 99.78 -41.50
N ILE M 50 17.33 98.60 -41.26
CA ILE M 50 17.31 97.53 -42.26
C ILE M 50 15.89 97.39 -42.78
N ASP M 51 15.77 96.99 -44.04
CA ASP M 51 14.46 96.85 -44.66
C ASP M 51 13.65 95.82 -43.89
N MET M 52 12.34 96.09 -43.79
CA MET M 52 11.49 95.38 -42.85
C MET M 52 10.88 94.11 -43.43
N ASN M 53 10.42 94.15 -44.68
CA ASN M 53 9.85 92.97 -45.29
C ASN M 53 10.96 92.07 -45.82
N LYS M 54 11.88 91.66 -44.94
CA LYS M 54 13.10 90.97 -45.37
C LYS M 54 13.23 89.69 -44.55
N ARG M 55 13.03 88.54 -45.19
CA ARG M 55 13.43 87.28 -44.59
C ARG M 55 14.94 87.19 -44.45
N ALA M 56 15.38 86.79 -43.26
CA ALA M 56 16.75 86.33 -43.09
C ALA M 56 17.05 85.26 -44.12
N GLY M 57 18.20 85.38 -44.78
CA GLY M 57 18.55 84.52 -45.89
C GLY M 57 18.86 85.38 -47.09
N GLU M 58 18.09 86.45 -47.25
CA GLU M 58 18.31 87.41 -48.33
C GLU M 58 19.18 88.59 -47.91
N LEU M 59 19.34 88.80 -46.60
CA LEU M 59 19.94 90.01 -46.05
C LEU M 59 21.45 90.04 -46.33
N SER M 60 22.02 91.24 -46.29
CA SER M 60 23.39 91.52 -46.74
C SER M 60 24.37 91.62 -45.56
N ALA M 61 25.66 91.57 -45.90
CA ALA M 61 26.73 91.38 -44.90
C ALA M 61 27.02 92.64 -44.10
N GLU M 62 27.03 93.82 -44.75
CA GLU M 62 27.33 95.05 -44.04
C GLU M 62 26.34 95.29 -42.90
N GLU M 63 25.10 94.88 -43.09
CA GLU M 63 24.09 95.10 -42.07
C GLU M 63 24.08 94.06 -40.96
N MET M 64 24.65 92.85 -41.14
CA MET M 64 24.95 92.07 -39.95
C MET M 64 26.02 92.77 -39.11
N ASP M 65 26.98 93.45 -39.74
CA ASP M 65 27.92 94.25 -38.97
C ASP M 65 27.20 95.37 -38.23
N ARG M 66 26.23 96.01 -38.89
CA ARG M 66 25.46 97.05 -38.19
C ARG M 66 24.70 96.48 -36.99
N LEU M 67 24.05 95.33 -37.16
CA LEU M 67 23.41 94.69 -36.02
C LEU M 67 24.41 94.34 -34.93
N MET M 68 25.59 93.86 -35.29
CA MET M 68 26.63 93.62 -34.29
C MET M 68 26.88 94.86 -33.46
N ALA M 69 27.11 95.99 -34.15
CA ALA M 69 27.44 97.23 -33.47
C ALA M 69 26.29 97.67 -32.58
N VAL M 70 25.05 97.61 -33.08
CA VAL M 70 23.91 98.10 -32.31
C VAL M 70 23.48 97.15 -31.21
N VAL M 71 23.93 95.89 -31.22
CA VAL M 71 23.59 94.99 -30.13
C VAL M 71 24.66 94.97 -29.04
N HIS M 72 25.92 95.22 -29.36
CA HIS M 72 26.91 95.31 -28.29
C HIS M 72 27.18 96.74 -27.84
N ASN M 73 26.81 97.74 -28.64
CA ASN M 73 26.84 99.13 -28.24
C ASN M 73 25.50 99.79 -28.61
N PRO M 74 24.41 99.37 -27.97
CA PRO M 74 23.11 100.01 -28.25
C PRO M 74 23.00 101.41 -27.70
N ARG M 75 23.57 101.65 -26.52
CA ARG M 75 23.34 102.89 -25.78
C ARG M 75 23.74 104.11 -26.59
N GLN M 76 24.89 104.05 -27.27
CA GLN M 76 25.39 105.16 -28.07
C GLN M 76 24.39 105.66 -29.09
N PHE M 77 23.34 104.89 -29.36
CA PHE M 77 22.26 105.29 -30.24
C PHE M 77 21.20 106.12 -29.53
N LYS M 78 21.56 106.70 -28.38
CA LYS M 78 20.68 107.49 -27.51
C LYS M 78 19.48 106.70 -27.03
N VAL M 79 19.47 105.39 -27.25
CA VAL M 79 18.37 104.54 -26.77
C VAL M 79 18.26 104.67 -25.26
N PRO M 80 17.07 104.76 -24.68
CA PRO M 80 16.98 104.98 -23.24
C PRO M 80 17.52 103.79 -22.45
N ASP M 81 17.61 104.01 -21.16
CA ASP M 81 18.18 103.04 -20.25
C ASP M 81 17.25 101.85 -20.02
N TRP M 82 16.02 101.89 -20.52
CA TRP M 82 14.96 101.01 -20.03
C TRP M 82 14.45 99.96 -21.00
N PHE M 83 15.05 99.82 -22.20
CA PHE M 83 15.03 98.50 -22.82
C PHE M 83 16.09 97.58 -22.26
N LEU M 84 17.15 98.12 -21.68
CA LEU M 84 18.28 97.30 -21.31
C LEU M 84 17.87 96.39 -20.17
N ASN M 85 18.48 95.20 -20.13
CA ASN M 85 18.06 94.16 -19.20
C ASN M 85 18.96 93.99 -17.99
N ARG M 86 20.03 94.78 -17.89
CA ARG M 86 20.88 94.84 -16.72
C ARG M 86 20.98 96.25 -16.21
N LYS M 87 19.79 96.85 -16.04
CA LYS M 87 19.66 98.16 -15.45
C LYS M 87 20.29 98.19 -14.06
N LYS M 88 21.15 99.19 -13.83
CA LYS M 88 21.72 99.51 -12.53
C LYS M 88 22.33 98.26 -11.88
N ASP M 89 23.39 97.78 -12.52
CA ASP M 89 24.17 96.67 -12.00
C ASP M 89 24.72 96.99 -10.61
N TYR M 90 24.95 95.94 -9.82
CA TYR M 90 25.74 96.02 -8.60
C TYR M 90 27.05 95.25 -8.65
N LYS M 91 27.35 94.54 -9.73
CA LYS M 91 28.73 94.13 -9.96
C LYS M 91 29.60 95.36 -10.23
N ASP M 92 29.18 96.20 -11.17
CA ASP M 92 29.83 97.48 -11.41
C ASP M 92 28.86 98.65 -11.31
N GLY M 93 27.77 98.64 -12.08
CA GLY M 93 26.81 99.73 -12.03
C GLY M 93 26.45 100.36 -13.36
N ARG M 94 26.73 99.70 -14.48
CA ARG M 94 26.42 100.26 -15.79
C ARG M 94 25.11 99.71 -16.32
N PHE M 95 24.80 100.08 -17.57
CA PHE M 95 23.58 99.70 -18.26
C PHE M 95 23.95 98.95 -19.55
N SER M 96 23.71 97.64 -19.57
CA SER M 96 24.12 96.85 -20.72
C SER M 96 23.08 95.80 -21.07
N GLN M 97 23.05 95.42 -22.34
CA GLN M 97 22.26 94.30 -22.84
C GLN M 97 23.14 93.07 -22.88
N VAL M 98 22.81 92.08 -22.05
CA VAL M 98 23.51 90.81 -22.08
C VAL M 98 23.00 90.01 -23.28
N VAL M 99 23.87 89.23 -23.89
CA VAL M 99 23.57 88.55 -25.14
C VAL M 99 23.77 87.05 -24.94
N SER M 100 23.57 86.27 -26.00
CA SER M 100 23.17 84.87 -25.93
C SER M 100 23.82 84.06 -24.82
N ASN M 101 25.14 83.89 -24.89
CA ASN M 101 25.76 82.94 -23.98
C ASN M 101 25.97 83.57 -22.61
N ALA M 102 26.21 84.88 -22.57
CA ALA M 102 26.52 85.53 -21.30
C ALA M 102 25.33 85.60 -20.36
N VAL M 103 24.10 85.36 -20.84
CA VAL M 103 22.94 85.53 -19.96
C VAL M 103 22.95 84.49 -18.86
N ASP M 104 23.32 83.24 -19.19
CA ASP M 104 23.40 82.22 -18.16
C ASP M 104 24.52 82.55 -17.17
N MET M 105 25.65 83.05 -17.67
CA MET M 105 26.73 83.45 -16.77
C MET M 105 26.28 84.56 -15.82
N LYS M 106 25.56 85.55 -16.34
CA LYS M 106 25.05 86.63 -15.49
C LYS M 106 24.07 86.09 -14.47
N LEU M 107 23.19 85.18 -14.87
CA LEU M 107 22.23 84.62 -13.93
C LEU M 107 22.95 83.83 -12.85
N ARG M 108 24.01 83.11 -13.22
CA ARG M 108 24.81 82.40 -12.24
C ARG M 108 25.51 83.38 -11.30
N ASP M 109 26.00 84.50 -11.82
CA ASP M 109 26.58 85.52 -10.95
C ASP M 109 25.57 86.01 -9.93
N ASP M 110 24.33 86.24 -10.37
CA ASP M 110 23.28 86.65 -9.44
C ASP M 110 23.06 85.59 -8.36
N LEU M 111 22.79 84.36 -8.79
CA LEU M 111 22.49 83.30 -7.84
C LEU M 111 23.71 82.95 -7.00
N GLU M 112 24.89 83.28 -7.50
CA GLU M 112 26.13 82.91 -6.85
C GLU M 112 26.49 83.94 -5.77
N ARG M 113 26.18 85.22 -6.04
CA ARG M 113 26.03 86.18 -4.93
C ARG M 113 25.08 85.65 -3.88
N LEU M 114 23.90 85.20 -4.31
CA LEU M 114 22.90 84.77 -3.35
C LEU M 114 23.38 83.59 -2.52
N LYS M 115 24.13 82.68 -3.15
CA LYS M 115 24.73 81.57 -2.42
C LYS M 115 25.74 82.06 -1.39
N LYS M 116 26.69 82.90 -1.80
CA LYS M 116 27.67 83.38 -0.82
C LYS M 116 26.98 84.09 0.33
N ILE M 117 25.89 84.80 0.06
CA ILE M 117 25.33 85.70 1.06
C ILE M 117 24.53 84.94 2.12
N ARG M 118 24.02 83.76 1.77
CA ARG M 118 23.01 83.02 2.55
C ARG M 118 21.66 83.73 2.50
N ASN M 119 21.39 84.42 1.40
CA ASN M 119 20.09 85.05 1.19
C ASN M 119 18.99 83.99 1.18
N HIS M 120 17.82 84.36 1.71
CA HIS M 120 16.69 83.45 1.67
C HIS M 120 16.43 83.01 0.24
N ARG M 121 16.51 83.95 -0.71
CA ARG M 121 16.25 83.62 -2.10
C ARG M 121 17.29 82.66 -2.65
N GLY M 122 18.57 82.88 -2.30
CA GLY M 122 19.60 81.98 -2.77
C GLY M 122 19.41 80.56 -2.28
N LEU M 123 19.14 80.42 -0.98
CA LEU M 123 18.78 79.10 -0.47
C LEU M 123 17.58 78.55 -1.23
N ARG M 124 16.51 79.34 -1.34
CA ARG M 124 15.28 78.85 -1.94
C ARG M 124 15.53 78.28 -3.32
N HIS M 125 16.44 78.90 -4.08
CA HIS M 125 16.84 78.32 -5.36
C HIS M 125 17.59 77.01 -5.16
N TYR M 126 18.59 77.00 -4.26
CA TYR M 126 19.39 75.81 -4.02
C TYR M 126 18.53 74.63 -3.54
N TRP M 127 17.47 74.93 -2.81
CA TRP M 127 16.43 74.01 -2.36
C TRP M 127 15.53 73.58 -3.50
N GLY M 128 15.36 74.44 -4.52
CA GLY M 128 14.69 74.08 -5.75
C GLY M 128 13.25 74.55 -5.85
N VAL M 129 12.60 74.84 -4.73
CA VAL M 129 11.19 75.19 -4.71
C VAL M 129 10.98 76.68 -5.03
N ARG M 130 9.71 77.05 -5.20
CA ARG M 130 9.34 78.35 -5.75
C ARG M 130 9.88 79.49 -4.89
N VAL M 131 10.35 80.55 -5.54
CA VAL M 131 11.14 81.58 -4.86
C VAL M 131 10.35 82.85 -4.55
N ARG M 132 9.15 83.01 -5.09
CA ARG M 132 8.49 84.31 -5.03
C ARG M 132 7.22 84.30 -4.19
N GLY M 133 7.28 83.69 -3.00
CA GLY M 133 6.18 83.80 -2.07
C GLY M 133 4.94 83.04 -2.47
N GLN M 134 5.10 82.03 -3.33
CA GLN M 134 3.97 81.27 -3.84
C GLN M 134 3.65 80.11 -2.91
N HIS M 135 2.41 79.65 -2.97
CA HIS M 135 2.02 78.43 -2.29
C HIS M 135 2.75 77.25 -2.91
N THR M 136 2.86 76.15 -2.15
CA THR M 136 3.43 74.95 -2.74
C THR M 136 2.71 73.68 -2.27
N LYS M 137 1.50 73.81 -1.72
CA LYS M 137 0.70 72.62 -1.46
C LYS M 137 0.44 71.85 -2.74
N THR M 138 -0.07 72.55 -3.76
CA THR M 138 -0.75 71.90 -4.88
C THR M 138 -0.14 72.21 -6.24
N THR M 139 1.04 72.82 -6.29
CA THR M 139 1.65 73.19 -7.56
C THR M 139 3.13 72.89 -7.51
N GLY M 140 3.72 72.76 -8.70
CA GLY M 140 5.14 72.44 -8.82
C GLY M 140 5.39 70.95 -8.76
N GLY N 2 -75.38 8.11 11.97
CA GLY N 2 -74.75 7.85 10.69
C GLY N 2 -74.46 6.37 10.53
N ARG N 3 -74.33 5.91 9.29
CA ARG N 3 -73.99 4.52 9.01
C ARG N 3 -72.79 4.13 9.86
N MET N 4 -72.83 2.95 10.47
CA MET N 4 -71.85 2.68 11.51
C MET N 4 -70.47 2.37 10.93
N HIS N 5 -70.39 1.94 9.67
CA HIS N 5 -69.10 1.74 9.00
C HIS N 5 -68.99 2.54 7.71
N SER N 6 -69.35 3.82 7.78
CA SER N 6 -69.04 4.82 6.76
C SER N 6 -69.44 6.16 7.32
N ARG N 7 -68.95 7.23 6.70
CA ARG N 7 -69.39 8.56 7.09
C ARG N 7 -70.64 9.00 6.34
N GLY N 8 -71.37 8.06 5.73
CA GLY N 8 -72.64 8.38 5.14
C GLY N 8 -73.68 8.69 6.20
N LYS N 9 -74.62 9.56 5.85
CA LYS N 9 -75.60 10.08 6.81
C LYS N 9 -77.00 10.06 6.24
N GLY N 10 -77.34 9.02 5.48
CA GLY N 10 -78.68 8.94 4.93
C GLY N 10 -79.73 8.72 6.00
N ILE N 11 -80.97 9.11 5.68
CA ILE N 11 -82.08 8.91 6.58
C ILE N 11 -83.26 8.28 5.85
N SER N 12 -83.02 7.80 4.64
CA SER N 12 -84.06 7.09 3.91
C SER N 12 -84.54 5.89 4.71
N SER N 13 -85.85 5.69 4.74
CA SER N 13 -86.44 4.59 5.50
C SER N 13 -87.91 4.50 5.14
N SER N 14 -88.59 3.58 5.82
CA SER N 14 -90.03 3.42 5.70
C SER N 14 -90.71 4.02 6.91
N ALA N 15 -91.67 4.90 6.68
CA ALA N 15 -92.38 5.59 7.75
C ALA N 15 -93.72 4.89 7.95
N LEU N 16 -93.90 4.32 9.13
CA LEU N 16 -95.06 3.47 9.35
C LEU N 16 -96.31 4.32 9.47
N PRO N 17 -97.46 3.83 9.00
CA PRO N 17 -98.69 4.63 9.09
C PRO N 17 -99.15 4.77 10.53
N TYR N 18 -99.86 5.86 10.78
CA TYR N 18 -100.36 6.14 12.12
C TYR N 18 -101.25 5.02 12.64
N LYS N 19 -102.29 4.68 11.89
CA LYS N 19 -103.29 3.78 12.42
C LYS N 19 -102.71 2.37 12.57
N ARG N 20 -102.63 1.91 13.81
CA ARG N 20 -102.15 0.55 14.03
C ARG N 20 -103.15 -0.47 13.50
N THR N 21 -104.44 -0.17 13.58
CA THR N 21 -105.45 -1.06 13.05
C THR N 21 -105.36 -1.12 11.53
N PRO N 22 -105.72 -2.25 10.94
CA PRO N 22 -105.61 -2.40 9.49
C PRO N 22 -106.68 -1.58 8.78
N PRO N 23 -106.47 -1.26 7.52
CA PRO N 23 -107.49 -0.52 6.77
C PRO N 23 -108.70 -1.40 6.47
N SER N 24 -109.74 -0.75 5.93
CA SER N 24 -110.99 -1.45 5.65
C SER N 24 -110.78 -2.61 4.70
N TRP N 25 -110.13 -2.36 3.56
CA TRP N 25 -110.13 -3.33 2.48
C TRP N 25 -109.30 -4.58 2.77
N VAL N 26 -108.49 -4.59 3.82
CA VAL N 26 -107.75 -5.79 4.18
C VAL N 26 -108.74 -6.71 4.89
N LYS N 27 -109.27 -7.70 4.17
CA LYS N 27 -110.33 -8.54 4.69
C LYS N 27 -110.00 -10.03 4.65
N THR N 28 -108.78 -10.39 4.26
CA THR N 28 -108.33 -11.78 4.35
C THR N 28 -108.06 -12.15 5.81
N ALA N 29 -108.39 -13.38 6.17
CA ALA N 29 -108.41 -13.81 7.56
C ALA N 29 -107.01 -14.14 8.07
N VAL N 30 -106.84 -14.00 9.40
CA VAL N 30 -105.52 -14.16 10.00
C VAL N 30 -105.01 -15.58 9.82
N ALA N 31 -105.90 -16.57 9.86
CA ALA N 31 -105.48 -17.95 9.64
C ALA N 31 -104.96 -18.15 8.22
N ASP N 32 -105.63 -17.55 7.25
CA ASP N 32 -105.19 -17.69 5.86
C ASP N 32 -103.87 -16.96 5.64
N VAL N 33 -103.71 -15.79 6.27
CA VAL N 33 -102.44 -15.08 6.18
C VAL N 33 -101.33 -15.92 6.83
N ASP N 34 -101.63 -16.55 7.95
CA ASP N 34 -100.65 -17.40 8.63
C ASP N 34 -100.25 -18.57 7.75
N GLU N 35 -101.22 -19.18 7.08
CA GLU N 35 -100.91 -20.26 6.15
C GLU N 35 -100.07 -19.76 4.98
N LEU N 36 -100.32 -18.53 4.53
CA LEU N 36 -99.47 -17.94 3.49
C LEU N 36 -98.04 -17.77 3.99
N ILE N 37 -97.90 -17.31 5.25
CA ILE N 37 -96.58 -17.15 5.87
C ILE N 37 -95.85 -18.49 5.88
N THR N 38 -96.51 -19.52 6.37
CA THR N 38 -95.84 -20.81 6.52
C THR N 38 -95.59 -21.48 5.18
N LYS N 39 -96.50 -21.29 4.22
CA LYS N 39 -96.28 -21.79 2.87
C LYS N 39 -95.00 -21.22 2.29
N ALA N 40 -94.87 -19.90 2.30
CA ALA N 40 -93.67 -19.32 1.70
C ALA N 40 -92.43 -19.59 2.54
N ALA N 41 -92.58 -19.71 3.86
CA ALA N 41 -91.42 -20.00 4.70
C ALA N 41 -90.88 -21.39 4.42
N LYS N 42 -91.73 -22.41 4.42
CA LYS N 42 -91.26 -23.75 4.08
C LYS N 42 -90.85 -23.82 2.62
N LYS N 43 -91.32 -22.90 1.78
CA LYS N 43 -90.74 -22.77 0.46
C LYS N 43 -89.37 -22.13 0.51
N GLY N 44 -89.00 -21.50 1.62
CA GLY N 44 -87.63 -21.16 1.88
C GLY N 44 -87.25 -19.69 1.88
N GLN N 45 -88.19 -18.79 2.13
CA GLN N 45 -87.90 -17.38 2.10
C GLN N 45 -87.81 -16.80 3.51
N MET N 46 -86.93 -15.83 3.67
CA MET N 46 -86.69 -15.18 4.95
C MET N 46 -87.79 -14.19 5.25
N PRO N 47 -87.89 -13.70 6.49
CA PRO N 47 -88.99 -12.77 6.82
C PRO N 47 -89.04 -11.54 5.94
N SER N 48 -87.90 -11.02 5.49
CA SER N 48 -87.92 -9.89 4.56
C SER N 48 -88.65 -10.26 3.28
N GLN N 49 -88.28 -11.38 2.67
CA GLN N 49 -88.96 -11.80 1.45
C GLN N 49 -90.43 -12.06 1.70
N ILE N 50 -90.77 -12.59 2.88
CA ILE N 50 -92.17 -12.86 3.18
C ILE N 50 -92.97 -11.56 3.20
N GLY N 51 -92.48 -10.59 3.96
CA GLY N 51 -93.18 -9.32 4.04
C GLY N 51 -93.31 -8.64 2.69
N VAL N 52 -92.23 -8.66 1.91
CA VAL N 52 -92.27 -8.05 0.59
C VAL N 52 -93.30 -8.74 -0.29
N LEU N 53 -93.30 -10.08 -0.27
CA LEU N 53 -94.22 -10.85 -1.10
C LEU N 53 -95.66 -10.48 -0.77
N LEU N 54 -96.00 -10.44 0.51
CA LEU N 54 -97.36 -10.08 0.89
C LEU N 54 -97.69 -8.65 0.49
N ARG N 55 -96.79 -7.72 0.81
CA ARG N 55 -97.00 -6.32 0.48
C ARG N 55 -97.15 -6.09 -1.01
N ASP N 56 -96.63 -6.96 -1.85
CA ASP N 56 -96.69 -6.71 -3.29
C ASP N 56 -97.84 -7.46 -3.96
N GLN N 57 -97.89 -8.79 -3.84
CA GLN N 57 -98.94 -9.51 -4.54
C GLN N 57 -100.23 -9.62 -3.74
N HIS N 58 -100.13 -9.95 -2.45
CA HIS N 58 -101.31 -10.32 -1.68
C HIS N 58 -101.91 -9.16 -0.90
N GLY N 59 -101.38 -7.95 -1.05
CA GLY N 59 -101.99 -6.77 -0.46
C GLY N 59 -102.14 -6.79 1.05
N ILE N 60 -101.08 -7.17 1.76
CA ILE N 60 -101.07 -7.14 3.21
C ILE N 60 -100.12 -6.01 3.65
N PRO N 61 -100.64 -4.89 4.15
CA PRO N 61 -99.78 -3.75 4.47
C PRO N 61 -98.71 -4.07 5.50
N LEU N 62 -99.14 -4.49 6.69
CA LEU N 62 -98.25 -4.96 7.74
C LEU N 62 -98.85 -6.19 8.39
N VAL N 63 -98.03 -7.22 8.52
CA VAL N 63 -98.54 -8.45 9.11
C VAL N 63 -98.82 -8.27 10.58
N LYS N 64 -98.08 -7.41 11.27
CA LYS N 64 -98.45 -7.09 12.64
C LYS N 64 -99.81 -6.41 12.69
N SER N 65 -100.10 -5.54 11.74
CA SER N 65 -101.39 -4.85 11.75
C SER N 65 -102.53 -5.83 11.52
N VAL N 66 -102.37 -6.74 10.56
CA VAL N 66 -103.47 -7.65 10.24
C VAL N 66 -103.59 -8.76 11.28
N THR N 67 -102.48 -9.15 11.90
CA THR N 67 -102.44 -10.32 12.77
C THR N 67 -102.16 -10.00 14.23
N GLY N 68 -101.35 -8.99 14.52
CA GLY N 68 -100.91 -8.75 15.88
C GLY N 68 -99.62 -9.46 16.26
N SER N 69 -99.06 -10.26 15.36
CA SER N 69 -97.80 -10.95 15.61
C SER N 69 -96.87 -10.76 14.42
N LYS N 70 -95.59 -10.51 14.70
CA LYS N 70 -94.62 -10.23 13.66
C LYS N 70 -94.27 -11.50 12.87
N ILE N 71 -93.79 -11.29 11.65
CA ILE N 71 -93.45 -12.40 10.76
C ILE N 71 -92.63 -13.44 11.50
N LEU N 72 -91.53 -13.00 12.11
CA LEU N 72 -90.70 -13.94 12.84
C LEU N 72 -91.46 -14.64 13.94
N ARG N 73 -92.48 -13.99 14.49
CA ARG N 73 -93.19 -14.62 15.60
C ARG N 73 -94.14 -15.70 15.10
N ILE N 74 -94.81 -15.48 13.97
CA ILE N 74 -95.56 -16.58 13.37
C ILE N 74 -94.62 -17.73 13.03
N LEU N 75 -93.44 -17.41 12.52
CA LEU N 75 -92.54 -18.46 12.09
C LEU N 75 -91.96 -19.21 13.29
N LYS N 76 -91.68 -18.49 14.36
CA LYS N 76 -91.20 -19.12 15.59
C LYS N 76 -92.26 -19.99 16.22
N ALA N 77 -93.53 -19.57 16.13
CA ALA N 77 -94.60 -20.37 16.70
C ALA N 77 -94.91 -21.60 15.87
N HIS N 78 -94.71 -21.53 14.55
CA HIS N 78 -94.89 -22.69 13.70
C HIS N 78 -93.61 -23.49 13.50
N GLY N 79 -92.51 -23.09 14.13
CA GLY N 79 -91.28 -23.83 14.02
C GLY N 79 -90.66 -23.81 12.64
N LEU N 80 -90.91 -22.76 11.86
CA LEU N 80 -90.26 -22.56 10.58
C LEU N 80 -89.21 -21.47 10.63
N ALA N 81 -88.87 -20.99 11.82
CA ALA N 81 -87.97 -19.84 11.93
C ALA N 81 -86.57 -20.22 11.48
N PRO N 82 -85.87 -19.33 10.78
CA PRO N 82 -84.48 -19.61 10.38
C PRO N 82 -83.60 -19.89 11.59
N GLU N 83 -82.75 -20.91 11.48
CA GLU N 83 -81.89 -21.30 12.59
C GLU N 83 -80.91 -20.18 12.94
N ILE N 84 -80.33 -19.54 11.95
CA ILE N 84 -79.43 -18.41 12.13
C ILE N 84 -80.17 -17.16 11.68
N PRO N 85 -80.21 -16.11 12.49
CA PRO N 85 -81.07 -14.95 12.18
C PRO N 85 -80.88 -14.37 10.78
N GLU N 86 -81.87 -13.60 10.33
CA GLU N 86 -81.85 -12.86 9.07
C GLU N 86 -80.53 -12.16 8.77
N ASP N 87 -80.21 -11.17 9.60
CA ASP N 87 -79.12 -10.28 9.30
C ASP N 87 -77.76 -10.92 9.55
N LEU N 88 -77.64 -11.78 10.54
CA LEU N 88 -76.39 -12.51 10.70
C LEU N 88 -76.17 -13.44 9.52
N TYR N 89 -77.23 -14.10 9.07
CA TYR N 89 -77.13 -14.92 7.87
C TYR N 89 -76.60 -14.12 6.71
N PHE N 90 -77.18 -12.95 6.47
CA PHE N 90 -76.76 -12.24 5.26
C PHE N 90 -75.39 -11.61 5.41
N LEU N 91 -74.99 -11.22 6.62
CA LEU N 91 -73.61 -10.77 6.80
C LEU N 91 -72.63 -11.91 6.56
N ILE N 92 -72.97 -13.13 6.99
CA ILE N 92 -72.10 -14.27 6.72
C ILE N 92 -72.03 -14.55 5.23
N LYS N 93 -73.15 -14.46 4.52
CA LYS N 93 -73.14 -14.70 3.09
C LYS N 93 -72.30 -13.66 2.37
N LYS N 94 -72.39 -12.39 2.77
CA LYS N 94 -71.57 -11.36 2.17
C LYS N 94 -70.09 -11.56 2.48
N ALA N 95 -69.77 -11.99 3.70
CA ALA N 95 -68.38 -12.28 4.03
C ALA N 95 -67.85 -13.43 3.20
N VAL N 96 -68.67 -14.45 2.97
CA VAL N 96 -68.25 -15.56 2.11
C VAL N 96 -67.99 -15.08 0.69
N ALA N 97 -68.88 -14.25 0.16
CA ALA N 97 -68.66 -13.72 -1.18
C ALA N 97 -67.36 -12.93 -1.25
N ILE N 98 -67.16 -12.02 -0.29
CA ILE N 98 -65.97 -11.16 -0.32
C ILE N 98 -64.71 -11.99 -0.18
N ARG N 99 -64.71 -12.95 0.73
CA ARG N 99 -63.51 -13.75 0.94
C ARG N 99 -63.23 -14.67 -0.24
N LYS N 100 -64.28 -15.19 -0.88
CA LYS N 100 -64.06 -15.98 -2.08
C LYS N 100 -63.44 -15.13 -3.19
N HIS N 101 -63.92 -13.90 -3.35
CA HIS N 101 -63.32 -13.02 -4.35
C HIS N 101 -61.88 -12.69 -4.00
N LEU N 102 -61.63 -12.41 -2.73
CA LEU N 102 -60.31 -11.97 -2.29
C LEU N 102 -59.29 -13.10 -2.42
N GLU N 103 -59.71 -14.34 -2.20
CA GLU N 103 -58.77 -15.46 -2.29
C GLU N 103 -58.19 -15.62 -3.69
N ARG N 104 -58.89 -15.12 -4.71
CA ARG N 104 -58.32 -15.09 -6.05
C ARG N 104 -57.70 -13.76 -6.40
N ASN N 105 -58.14 -12.67 -5.79
CA ASN N 105 -57.63 -11.34 -6.09
C ASN N 105 -56.87 -10.81 -4.89
N ARG N 106 -55.59 -11.19 -4.80
CA ARG N 106 -54.79 -10.91 -3.62
C ARG N 106 -54.39 -9.44 -3.51
N LYS N 107 -54.40 -8.71 -4.61
CA LYS N 107 -53.99 -7.32 -4.62
C LYS N 107 -55.14 -6.37 -4.33
N ASP N 108 -56.30 -6.90 -3.93
CA ASP N 108 -57.52 -6.11 -3.79
C ASP N 108 -57.59 -5.60 -2.35
N LYS N 109 -56.84 -4.52 -2.10
CA LYS N 109 -56.77 -3.98 -0.75
C LYS N 109 -58.11 -3.37 -0.33
N ASP N 110 -58.86 -2.86 -1.30
CA ASP N 110 -60.20 -2.36 -1.00
C ASP N 110 -61.09 -3.49 -0.50
N SER N 111 -61.01 -4.65 -1.16
CA SER N 111 -61.80 -5.78 -0.70
C SER N 111 -61.32 -6.30 0.65
N LYS N 112 -60.01 -6.22 0.91
CA LYS N 112 -59.52 -6.60 2.23
C LYS N 112 -60.09 -5.69 3.30
N PHE N 113 -60.14 -4.38 3.03
CA PHE N 113 -60.76 -3.45 3.97
C PHE N 113 -62.22 -3.77 4.20
N ARG N 114 -62.96 -3.94 3.12
CA ARG N 114 -64.39 -4.24 3.25
C ARG N 114 -64.60 -5.53 4.02
N LEU N 115 -63.72 -6.52 3.84
CA LEU N 115 -63.87 -7.75 4.60
C LEU N 115 -63.59 -7.52 6.08
N ILE N 116 -62.61 -6.68 6.40
CA ILE N 116 -62.42 -6.31 7.80
C ILE N 116 -63.70 -5.72 8.37
N LEU N 117 -64.34 -4.84 7.60
CA LEU N 117 -65.55 -4.18 8.08
C LEU N 117 -66.71 -5.17 8.23
N VAL N 118 -66.90 -6.04 7.25
CA VAL N 118 -68.03 -6.96 7.28
C VAL N 118 -67.87 -7.96 8.42
N GLU N 119 -66.67 -8.50 8.60
CA GLU N 119 -66.47 -9.41 9.74
C GLU N 119 -66.60 -8.68 11.06
N SER N 120 -66.20 -7.40 11.12
CA SER N 120 -66.45 -6.62 12.32
C SER N 120 -67.94 -6.55 12.61
N ARG N 121 -68.74 -6.28 11.59
CA ARG N 121 -70.18 -6.20 11.79
C ARG N 121 -70.74 -7.54 12.23
N ILE N 122 -70.24 -8.62 11.63
CA ILE N 122 -70.71 -9.95 11.99
C ILE N 122 -70.45 -10.21 13.46
N HIS N 123 -69.26 -9.88 13.92
CA HIS N 123 -68.93 -10.23 15.29
C HIS N 123 -69.66 -9.34 16.28
N ARG N 124 -69.87 -8.07 15.95
CA ARG N 124 -70.65 -7.21 16.84
C ARG N 124 -72.08 -7.71 16.97
N LEU N 125 -72.69 -8.08 15.85
CA LEU N 125 -74.06 -8.55 15.89
C LEU N 125 -74.14 -9.92 16.57
N ALA N 126 -73.13 -10.76 16.36
CA ALA N 126 -73.14 -12.08 16.95
C ALA N 126 -73.00 -12.02 18.46
N ARG N 127 -72.27 -11.05 18.98
CA ARG N 127 -72.25 -10.89 20.43
C ARG N 127 -73.64 -10.54 20.95
N TYR N 128 -74.36 -9.69 20.24
CA TYR N 128 -75.73 -9.39 20.64
C TYR N 128 -76.58 -10.64 20.68
N TYR N 129 -76.53 -11.44 19.61
CA TYR N 129 -77.37 -12.63 19.57
C TYR N 129 -76.97 -13.65 20.62
N LYS N 130 -75.69 -13.70 20.98
CA LYS N 130 -75.26 -14.56 22.09
C LYS N 130 -75.80 -14.05 23.41
N ARG N 131 -75.93 -12.74 23.57
CA ARG N 131 -76.43 -12.21 24.82
C ARG N 131 -77.94 -12.34 24.93
N THR N 132 -78.65 -12.31 23.82
CA THR N 132 -80.10 -12.50 23.83
C THR N 132 -80.50 -13.95 23.59
N LYS N 133 -79.52 -14.85 23.49
CA LYS N 133 -79.76 -16.29 23.49
C LYS N 133 -80.51 -16.76 22.25
N LYS N 134 -80.43 -16.00 21.17
CA LYS N 134 -80.99 -16.45 19.91
C LYS N 134 -80.02 -17.30 19.10
N LEU N 135 -78.77 -17.39 19.55
CA LEU N 135 -77.76 -18.28 19.01
C LEU N 135 -77.22 -19.16 20.12
N PRO N 136 -76.70 -20.34 19.78
CA PRO N 136 -76.13 -21.20 20.81
C PRO N 136 -75.02 -20.49 21.55
N PRO N 137 -74.86 -20.75 22.85
CA PRO N 137 -73.85 -20.05 23.63
C PRO N 137 -72.42 -20.38 23.24
N THR N 138 -72.21 -21.18 22.20
CA THR N 138 -70.87 -21.53 21.75
C THR N 138 -70.66 -21.16 20.29
N TRP N 139 -71.70 -20.68 19.61
CA TRP N 139 -71.61 -20.45 18.18
C TRP N 139 -70.53 -19.41 17.89
N LYS N 140 -69.48 -19.84 17.21
CA LYS N 140 -68.34 -19.00 16.87
C LYS N 140 -68.16 -18.99 15.36
N TYR N 141 -67.92 -17.81 14.82
CA TYR N 141 -67.86 -17.64 13.36
C TYR N 141 -66.48 -18.07 12.89
N GLU N 142 -66.35 -19.32 12.46
CA GLU N 142 -65.09 -19.79 11.91
C GLU N 142 -65.03 -19.39 10.45
N SER N 143 -64.02 -18.61 10.08
CA SER N 143 -63.92 -18.17 8.70
C SER N 143 -63.75 -19.34 7.75
N ALA N 144 -63.08 -20.41 8.20
CA ALA N 144 -62.79 -21.54 7.34
C ALA N 144 -64.06 -22.25 6.88
N THR N 145 -64.76 -22.90 7.80
CA THR N 145 -65.98 -23.63 7.46
C THR N 145 -67.21 -22.80 7.78
N ALA N 146 -67.28 -21.62 7.18
CA ALA N 146 -68.48 -20.80 7.24
C ALA N 146 -69.33 -20.87 5.99
N SER N 147 -68.73 -21.24 4.86
CA SER N 147 -69.47 -21.30 3.61
C SER N 147 -70.44 -22.47 3.57
N THR N 148 -70.24 -23.48 4.40
CA THR N 148 -71.23 -24.54 4.53
C THR N 148 -72.51 -24.02 5.16
N LEU N 149 -72.39 -23.08 6.09
CA LEU N 149 -73.54 -22.57 6.82
C LEU N 149 -74.57 -21.93 5.91
N VAL N 150 -74.15 -21.40 4.77
CA VAL N 150 -75.01 -20.52 3.97
C VAL N 150 -74.89 -20.89 2.50
N ALA N 151 -75.83 -20.34 1.72
CA ALA N 151 -75.79 -20.38 0.26
C ALA N 151 -75.79 -21.80 -0.30
N GLY O 2 -52.55 74.39 -17.34
CA GLY O 2 -52.10 74.88 -16.04
C GLY O 2 -52.90 76.08 -15.61
N ARG O 3 -54.12 76.18 -16.13
CA ARG O 3 -54.97 77.34 -15.96
C ARG O 3 -56.25 77.03 -15.18
N VAL O 4 -56.29 75.89 -14.48
CA VAL O 4 -57.50 75.50 -13.79
C VAL O 4 -57.80 76.48 -12.66
N ARG O 5 -59.03 76.96 -12.60
CA ARG O 5 -59.41 77.94 -11.60
C ARG O 5 -59.63 77.30 -10.24
N THR O 6 -59.19 78.00 -9.20
CA THR O 6 -59.23 77.49 -7.84
C THR O 6 -60.58 77.78 -7.20
N LYS O 7 -60.75 77.31 -5.95
CA LYS O 7 -62.05 77.48 -5.29
C LYS O 7 -62.34 78.95 -5.02
N THR O 8 -61.34 79.73 -4.65
CA THR O 8 -61.57 81.16 -4.47
C THR O 8 -62.10 81.81 -5.74
N VAL O 9 -61.80 81.23 -6.91
CA VAL O 9 -62.39 81.72 -8.14
C VAL O 9 -63.79 81.14 -8.33
N LYS O 10 -63.90 79.82 -8.33
CA LYS O 10 -65.15 79.19 -8.76
C LYS O 10 -66.28 79.41 -7.76
N LYS O 11 -65.99 79.32 -6.46
CA LYS O 11 -67.01 79.64 -5.46
C LYS O 11 -67.54 81.06 -5.68
N THR O 12 -66.64 82.02 -5.87
CA THR O 12 -67.08 83.39 -6.07
C THR O 12 -67.87 83.53 -7.37
N SER O 13 -67.43 82.87 -8.43
CA SER O 13 -68.15 82.98 -9.70
C SER O 13 -69.56 82.46 -9.57
N ARG O 14 -69.73 81.25 -9.03
CA ARG O 14 -71.07 80.74 -8.80
C ARG O 14 -71.86 81.63 -7.87
N GLN O 15 -71.22 82.17 -6.84
CA GLN O 15 -72.02 82.91 -5.87
C GLN O 15 -72.49 84.23 -6.47
N VAL O 16 -71.63 84.89 -7.25
CA VAL O 16 -72.03 86.15 -7.86
C VAL O 16 -73.04 85.91 -8.96
N ILE O 17 -72.95 84.77 -9.65
CA ILE O 17 -73.89 84.47 -10.71
C ILE O 17 -75.22 84.01 -10.14
N GLU O 18 -75.23 83.51 -8.90
CA GLU O 18 -76.48 83.37 -8.18
C GLU O 18 -77.27 84.66 -8.22
N LYS O 19 -76.66 85.69 -7.65
CA LYS O 19 -77.38 86.91 -7.30
C LYS O 19 -77.59 87.83 -8.49
N TYR O 20 -76.58 88.02 -9.31
CA TYR O 20 -76.63 88.99 -10.39
C TYR O 20 -76.63 88.26 -11.71
N TYR O 21 -77.83 88.02 -12.25
CA TYR O 21 -78.01 87.39 -13.55
C TYR O 21 -78.49 88.35 -14.63
N SER O 22 -79.65 88.97 -14.43
CA SER O 22 -80.16 89.90 -15.44
C SER O 22 -79.28 91.13 -15.57
N ARG O 23 -78.39 91.35 -14.60
CA ARG O 23 -77.55 92.53 -14.55
C ARG O 23 -76.13 92.28 -15.05
N MET O 24 -75.84 91.09 -15.57
CA MET O 24 -74.56 90.84 -16.21
C MET O 24 -74.79 89.97 -17.44
N THR O 25 -73.89 90.10 -18.41
CA THR O 25 -74.12 89.57 -19.75
C THR O 25 -72.98 88.70 -20.25
N LEU O 26 -72.94 88.47 -21.56
CA LEU O 26 -71.95 87.56 -22.11
C LEU O 26 -70.58 88.19 -22.21
N ASP O 27 -70.51 89.49 -22.54
CA ASP O 27 -69.25 90.09 -22.93
C ASP O 27 -68.32 90.20 -21.73
N PHE O 28 -67.09 89.68 -21.91
CA PHE O 28 -66.12 89.64 -20.83
C PHE O 28 -65.90 91.01 -20.21
N HIS O 29 -65.62 92.02 -21.03
CA HIS O 29 -65.29 93.34 -20.50
C HIS O 29 -66.47 93.97 -19.78
N THR O 30 -67.67 93.75 -20.30
CA THR O 30 -68.86 94.20 -19.60
C THR O 30 -68.98 93.54 -18.24
N ASN O 31 -68.68 92.24 -18.15
CA ASN O 31 -68.72 91.58 -16.84
C ASN O 31 -67.65 92.11 -15.90
N LYS O 32 -66.45 92.37 -16.42
CA LYS O 32 -65.43 93.08 -15.64
C LYS O 32 -66.02 94.30 -14.95
N LYS O 33 -66.59 95.19 -15.75
CA LYS O 33 -67.08 96.43 -15.19
C LYS O 33 -68.35 96.24 -14.37
N VAL O 34 -69.10 95.17 -14.63
CA VAL O 34 -70.20 94.79 -13.74
C VAL O 34 -69.65 94.45 -12.37
N LEU O 35 -68.59 93.65 -12.34
CA LEU O 35 -68.04 93.15 -11.09
C LEU O 35 -67.38 94.25 -10.30
N GLU O 36 -66.82 95.25 -10.99
CA GLU O 36 -66.27 96.42 -10.31
C GLU O 36 -67.27 97.03 -9.34
N GLU O 37 -68.52 97.20 -9.76
CA GLU O 37 -69.47 97.88 -8.90
C GLU O 37 -70.19 96.93 -7.94
N VAL O 38 -70.12 95.62 -8.18
CA VAL O 38 -70.89 94.68 -7.38
C VAL O 38 -70.02 93.78 -6.52
N SER O 39 -68.71 94.00 -6.49
CA SER O 39 -67.87 93.24 -5.58
C SER O 39 -66.59 94.02 -5.33
N ILE O 40 -65.95 93.71 -4.19
CA ILE O 40 -64.69 94.33 -3.83
C ILE O 40 -63.65 93.23 -3.73
N LEU O 41 -62.61 93.33 -4.55
CA LEU O 41 -61.51 92.37 -4.61
C LEU O 41 -60.22 93.13 -4.32
N GLN O 42 -59.10 92.41 -4.39
CA GLN O 42 -57.81 93.01 -4.07
C GLN O 42 -56.78 92.81 -5.17
N SER O 43 -57.22 92.47 -6.38
CA SER O 43 -56.27 92.30 -7.48
C SER O 43 -56.97 92.25 -8.82
N LYS O 44 -56.49 93.08 -9.75
CA LYS O 44 -57.11 93.12 -11.06
C LYS O 44 -56.98 91.79 -11.79
N ARG O 45 -55.92 91.02 -11.51
CA ARG O 45 -55.80 89.73 -12.18
C ARG O 45 -56.83 88.74 -11.65
N LEU O 46 -57.15 88.77 -10.37
CA LEU O 46 -58.22 87.92 -9.87
C LEU O 46 -59.57 88.38 -10.41
N ARG O 47 -59.76 89.69 -10.49
CA ARG O 47 -60.96 90.24 -11.13
C ARG O 47 -61.13 89.67 -12.53
N ASN O 48 -60.08 89.79 -13.36
CA ASN O 48 -60.15 89.24 -14.72
C ASN O 48 -60.41 87.75 -14.69
N LYS O 49 -59.79 87.06 -13.74
CA LYS O 49 -59.88 85.61 -13.67
C LYS O 49 -61.33 85.18 -13.44
N VAL O 50 -61.97 85.78 -12.45
CA VAL O 50 -63.34 85.39 -12.11
C VAL O 50 -64.31 85.88 -13.18
N ALA O 51 -64.11 87.07 -13.73
CA ALA O 51 -64.97 87.50 -14.82
C ALA O 51 -64.88 86.56 -16.01
N GLY O 52 -63.69 86.08 -16.32
CA GLY O 52 -63.53 85.14 -17.41
C GLY O 52 -64.01 83.76 -17.11
N PHE O 53 -64.23 83.43 -15.84
CA PHE O 53 -64.91 82.17 -15.58
C PHE O 53 -66.42 82.33 -15.68
N THR O 54 -66.93 83.45 -15.15
CA THR O 54 -68.36 83.72 -15.22
C THR O 54 -68.85 83.89 -16.64
N THR O 55 -68.00 84.37 -17.55
CA THR O 55 -68.48 84.57 -18.91
C THR O 55 -68.78 83.24 -19.60
N HIS O 56 -67.97 82.20 -19.39
CA HIS O 56 -68.43 80.95 -19.99
C HIS O 56 -69.44 80.26 -19.10
N LEU O 57 -69.56 80.66 -17.82
CA LEU O 57 -70.74 80.22 -17.07
C LEU O 57 -72.02 80.73 -17.73
N MET O 58 -72.04 82.01 -18.13
CA MET O 58 -73.05 82.47 -19.08
C MET O 58 -73.15 81.57 -20.29
N ARG O 59 -72.04 81.32 -20.98
CA ARG O 59 -72.21 80.64 -22.26
C ARG O 59 -72.68 79.20 -22.09
N ARG O 60 -72.65 78.66 -20.88
CA ARG O 60 -73.24 77.35 -20.63
C ARG O 60 -74.68 77.45 -20.13
N ILE O 61 -74.95 78.39 -19.22
CA ILE O 61 -76.30 78.58 -18.69
C ILE O 61 -77.26 78.96 -19.80
N GLN O 62 -76.84 79.85 -20.69
CA GLN O 62 -77.76 80.48 -21.62
C GLN O 62 -78.34 79.47 -22.59
N ARG O 63 -77.74 78.29 -22.69
CA ARG O 63 -78.17 77.24 -23.62
C ARG O 63 -78.79 76.03 -22.93
N GLY O 64 -78.35 75.69 -21.74
CA GLY O 64 -78.92 74.57 -21.03
C GLY O 64 -78.92 74.78 -19.52
N PRO O 65 -79.57 73.88 -18.79
CA PRO O 65 -79.55 73.96 -17.32
C PRO O 65 -78.14 73.72 -16.77
N VAL O 66 -78.01 73.79 -15.45
CA VAL O 66 -76.70 73.92 -14.80
C VAL O 66 -76.82 73.41 -13.38
N ARG O 67 -75.67 73.13 -12.76
CA ARG O 67 -75.65 72.46 -11.46
C ARG O 67 -76.00 73.52 -10.41
N GLY O 68 -75.77 73.23 -9.13
CA GLY O 68 -76.54 73.78 -8.02
C GLY O 68 -77.07 75.19 -8.12
N ILE O 69 -76.30 76.11 -8.69
CA ILE O 69 -76.61 77.54 -8.70
C ILE O 69 -78.06 77.79 -9.06
N SER O 70 -78.75 78.58 -8.23
CA SER O 70 -80.20 78.65 -8.21
C SER O 70 -80.63 80.08 -8.46
N LEU O 71 -81.55 80.26 -9.40
CA LEU O 71 -82.00 81.57 -9.83
C LEU O 71 -83.52 81.57 -9.88
N LYS O 72 -84.15 82.63 -9.38
CA LYS O 72 -85.61 82.69 -9.41
C LYS O 72 -86.17 82.63 -10.81
N LEU O 73 -85.54 83.30 -11.76
CA LEU O 73 -86.12 83.41 -13.10
C LEU O 73 -86.12 82.06 -13.82
N GLN O 74 -85.41 81.06 -13.29
CA GLN O 74 -85.44 79.72 -13.85
C GLN O 74 -86.11 78.70 -12.94
N GLU O 75 -86.01 78.86 -11.62
CA GLU O 75 -86.70 77.94 -10.73
C GLU O 75 -88.21 78.15 -10.80
N GLU O 76 -88.67 79.40 -10.90
CA GLU O 76 -90.12 79.60 -10.98
C GLU O 76 -90.70 78.95 -12.23
N GLU O 77 -90.03 79.09 -13.38
CA GLU O 77 -90.53 78.45 -14.58
C GLU O 77 -90.45 76.94 -14.50
N ARG O 78 -89.37 76.41 -13.91
CA ARG O 78 -89.32 74.98 -13.69
C ARG O 78 -90.40 74.51 -12.73
N GLU O 79 -90.87 75.38 -11.83
CA GLU O 79 -92.01 75.04 -10.98
C GLU O 79 -93.32 75.12 -11.75
N ARG O 80 -93.43 76.06 -12.67
CA ARG O 80 -94.65 76.21 -13.46
C ARG O 80 -94.85 74.98 -14.35
N ARG O 81 -93.75 74.42 -14.86
CA ARG O 81 -93.79 73.17 -15.63
C ARG O 81 -93.63 71.93 -14.75
N MET O 82 -93.19 72.10 -13.51
CA MET O 82 -93.41 71.14 -12.44
C MET O 82 -94.87 70.78 -12.31
N ASP O 83 -95.70 71.77 -12.00
CA ASP O 83 -97.03 71.54 -11.46
C ASP O 83 -98.10 71.61 -12.54
N PHE O 84 -98.01 70.76 -13.56
CA PHE O 84 -99.12 70.65 -14.50
C PHE O 84 -99.60 69.20 -14.50
N VAL O 85 -100.86 69.03 -14.86
CA VAL O 85 -101.48 67.70 -14.96
C VAL O 85 -102.17 67.59 -16.30
N PRO O 86 -102.42 66.38 -16.79
CA PRO O 86 -103.33 66.21 -17.91
C PRO O 86 -104.74 66.66 -17.52
N GLU O 87 -105.57 66.90 -18.53
CA GLU O 87 -106.94 67.31 -18.25
C GLU O 87 -107.69 66.27 -17.44
N LYS O 88 -107.35 65.00 -17.63
CA LYS O 88 -107.86 63.90 -16.83
C LYS O 88 -106.71 62.93 -16.63
N SER O 89 -106.78 62.15 -15.55
CA SER O 89 -105.71 61.23 -15.21
C SER O 89 -105.41 60.29 -16.37
N ALA O 90 -104.16 60.34 -16.84
CA ALA O 90 -103.80 59.62 -18.07
C ALA O 90 -103.97 58.13 -17.91
N LEU O 91 -103.61 57.59 -16.76
CA LEU O 91 -103.84 56.18 -16.47
C LEU O 91 -105.33 55.97 -16.23
N GLU O 92 -105.94 55.11 -17.05
CA GLU O 92 -107.38 54.86 -16.98
C GLU O 92 -107.62 53.48 -16.38
N VAL O 93 -108.59 53.40 -15.47
CA VAL O 93 -108.95 52.16 -14.82
C VAL O 93 -110.02 51.40 -15.58
N ASP O 94 -110.61 52.01 -16.61
CA ASP O 94 -111.72 51.39 -17.31
C ASP O 94 -111.30 50.09 -17.99
N GLU O 95 -110.02 49.90 -18.28
CA GLU O 95 -109.53 48.66 -18.86
C GLU O 95 -108.24 48.26 -18.16
N ILE O 96 -108.26 47.08 -17.54
CA ILE O 96 -107.11 46.50 -16.87
C ILE O 96 -106.99 45.07 -17.37
N ARG O 97 -105.84 44.72 -17.94
CA ARG O 97 -105.65 43.42 -18.56
C ARG O 97 -104.57 42.67 -17.79
N VAL O 98 -104.98 41.66 -17.03
CA VAL O 98 -104.07 40.90 -16.18
C VAL O 98 -104.26 39.41 -16.42
N ASP O 99 -103.51 38.58 -15.68
CA ASP O 99 -103.43 37.14 -15.90
C ASP O 99 -104.13 36.40 -14.75
N LYS O 100 -104.02 35.07 -14.76
CA LYS O 100 -104.82 34.25 -13.85
C LYS O 100 -104.48 34.53 -12.39
N GLU O 101 -103.18 34.65 -12.06
CA GLU O 101 -102.82 34.86 -10.67
C GLU O 101 -103.10 36.28 -10.22
N THR O 102 -102.98 37.26 -11.11
CA THR O 102 -103.41 38.60 -10.76
C THR O 102 -104.92 38.62 -10.54
N MET O 103 -105.66 37.71 -11.18
CA MET O 103 -107.07 37.55 -10.86
C MET O 103 -107.26 36.79 -9.55
N ASP O 104 -106.35 35.86 -9.26
CA ASP O 104 -106.42 35.12 -8.01
C ASP O 104 -106.26 36.05 -6.84
N MET O 105 -105.45 37.10 -7.00
CA MET O 105 -105.47 38.24 -6.08
C MET O 105 -106.90 38.57 -5.68
N LEU O 106 -107.68 38.98 -6.67
CA LEU O 106 -109.00 39.53 -6.39
C LEU O 106 -109.94 38.44 -5.89
N ALA O 107 -109.84 37.24 -6.45
CA ALA O 107 -110.72 36.15 -6.05
C ALA O 107 -110.47 35.74 -4.60
N PHE O 108 -109.20 35.69 -4.19
CA PHE O 108 -108.87 35.46 -2.78
C PHE O 108 -109.37 36.60 -1.91
N LEU O 109 -109.25 37.83 -2.39
CA LEU O 109 -109.89 38.94 -1.74
C LEU O 109 -111.40 38.97 -1.98
N GLY O 110 -111.96 37.89 -2.52
CA GLY O 110 -113.38 37.74 -2.73
C GLY O 110 -113.91 38.46 -3.95
N MET O 111 -113.06 39.14 -4.71
CA MET O 111 -113.50 40.05 -5.75
C MET O 111 -113.39 39.39 -7.13
N ALA O 112 -114.26 38.41 -7.35
CA ALA O 112 -114.35 37.79 -8.67
C ALA O 112 -114.86 38.76 -9.70
N ASP O 113 -115.60 39.79 -9.29
CA ASP O 113 -116.17 40.77 -10.20
C ASP O 113 -115.60 42.16 -9.89
N LEU O 114 -115.04 42.79 -10.92
CA LEU O 114 -114.52 44.14 -10.84
C LEU O 114 -114.92 44.88 -12.11
N PRO O 115 -115.10 46.19 -12.03
CA PRO O 115 -115.11 47.00 -13.25
C PRO O 115 -113.73 46.99 -13.89
N GLY O 116 -113.70 46.73 -15.20
CA GLY O 116 -112.53 46.99 -16.01
C GLY O 116 -111.38 46.02 -15.91
N VAL O 117 -111.56 44.87 -15.26
CA VAL O 117 -110.52 43.84 -15.20
C VAL O 117 -110.86 42.75 -16.19
N GLU O 118 -109.92 42.45 -17.10
CA GLU O 118 -110.19 41.55 -18.22
C GLU O 118 -109.12 40.47 -18.31
N ARG O 119 -109.51 39.33 -18.88
CA ARG O 119 -108.60 38.22 -19.11
C ARG O 119 -107.78 38.48 -20.36
N ALA O 120 -106.48 38.25 -20.27
CA ALA O 120 -105.57 38.54 -21.38
C ALA O 120 -105.96 37.81 -22.65
N THR P 18 -19.55 115.46 -46.54
CA THR P 18 -18.48 115.84 -45.62
C THR P 18 -17.96 114.62 -44.85
N VAL P 19 -17.29 114.90 -43.74
CA VAL P 19 -16.60 113.85 -43.01
C VAL P 19 -17.59 112.88 -42.37
N LYS P 20 -18.81 113.33 -42.05
CA LYS P 20 -19.82 112.37 -41.64
C LYS P 20 -20.35 111.58 -42.83
N ASP P 21 -20.21 112.10 -44.05
CA ASP P 21 -20.59 111.35 -45.24
C ASP P 21 -19.50 110.40 -45.72
N VAL P 22 -18.26 110.56 -45.26
CA VAL P 22 -17.15 109.77 -45.78
C VAL P 22 -16.96 108.55 -44.92
N ASN P 23 -16.57 107.44 -45.55
CA ASN P 23 -16.34 106.21 -44.81
C ASN P 23 -15.28 106.45 -43.74
N PRO P 24 -15.54 106.07 -42.49
CA PRO P 24 -14.66 106.49 -41.40
C PRO P 24 -13.22 106.03 -41.54
N HIS P 25 -12.96 105.02 -42.36
CA HIS P 25 -11.60 104.53 -42.51
C HIS P 25 -10.84 105.31 -43.59
N GLU P 26 -11.44 105.45 -44.77
CA GLU P 26 -10.75 106.12 -45.86
C GLU P 26 -10.51 107.59 -45.54
N PHE P 27 -11.38 108.21 -44.76
CA PHE P 27 -11.08 109.57 -44.32
C PHE P 27 -9.83 109.58 -43.46
N VAL P 28 -9.66 108.59 -42.58
CA VAL P 28 -8.46 108.51 -41.78
C VAL P 28 -7.24 108.35 -42.68
N LYS P 29 -7.33 107.48 -43.68
CA LYS P 29 -6.20 107.30 -44.60
C LYS P 29 -5.86 108.60 -45.33
N ALA P 30 -6.88 109.24 -45.90
CA ALA P 30 -6.67 110.46 -46.67
C ALA P 30 -6.09 111.56 -45.80
N TYR P 31 -6.63 111.74 -44.60
CA TYR P 31 -6.07 112.75 -43.71
C TYR P 31 -4.68 112.38 -43.24
N SER P 32 -4.38 111.10 -43.07
CA SER P 32 -3.03 110.70 -42.68
C SER P 32 -2.02 111.10 -43.76
N ALA P 33 -2.40 110.92 -45.03
CA ALA P 33 -1.53 111.41 -46.09
C ALA P 33 -1.53 112.94 -46.15
N HIS P 34 -2.66 113.55 -45.79
CA HIS P 34 -2.80 114.99 -45.86
C HIS P 34 -1.88 115.68 -44.86
N LEU P 35 -1.85 115.21 -43.61
CA LEU P 35 -0.92 115.85 -42.68
C LEU P 35 0.51 115.33 -42.86
N LYS P 36 0.77 114.58 -43.93
CA LYS P 36 2.14 114.41 -44.39
C LYS P 36 2.51 115.43 -45.45
N ARG P 37 1.70 115.55 -46.50
CA ARG P 37 2.13 116.38 -47.62
C ARG P 37 1.71 117.84 -47.47
N SER P 38 0.72 118.15 -46.65
CA SER P 38 0.32 119.52 -46.36
C SER P 38 1.25 120.07 -45.29
N GLY P 39 2.44 120.46 -45.71
CA GLY P 39 3.38 120.97 -44.75
C GLY P 39 3.87 119.91 -43.78
N LYS P 40 4.47 120.40 -42.71
CA LYS P 40 5.23 119.55 -41.80
C LYS P 40 5.30 120.29 -40.45
N MET P 41 5.88 119.63 -39.47
CA MET P 41 5.86 120.08 -38.08
C MET P 41 7.04 119.45 -37.36
N GLU P 42 7.08 119.58 -36.03
CA GLU P 42 8.08 118.86 -35.28
C GLU P 42 7.53 117.51 -34.84
N LEU P 43 8.42 116.63 -34.42
CA LEU P 43 8.01 115.28 -34.06
C LEU P 43 9.01 114.72 -33.06
N PRO P 44 8.54 114.09 -31.99
CA PRO P 44 9.45 113.66 -30.92
C PRO P 44 10.38 112.55 -31.38
N GLU P 45 11.54 112.46 -30.75
CA GLU P 45 12.55 111.48 -31.13
C GLU P 45 12.48 110.25 -30.23
N TRP P 46 11.25 109.90 -29.86
CA TRP P 46 10.91 108.63 -29.23
C TRP P 46 9.74 107.93 -29.92
N VAL P 47 9.37 108.36 -31.12
CA VAL P 47 8.22 107.79 -31.81
C VAL P 47 8.45 106.35 -32.23
N ASP P 48 9.66 106.00 -32.67
CA ASP P 48 9.96 104.66 -33.15
C ASP P 48 10.38 103.72 -32.03
N ILE P 49 10.01 104.02 -30.80
CA ILE P 49 10.32 103.18 -29.65
C ILE P 49 9.06 102.64 -28.99
N VAL P 50 8.14 103.53 -28.64
CA VAL P 50 7.11 103.19 -27.65
C VAL P 50 6.07 102.23 -28.22
N LYS P 51 5.35 101.59 -27.29
CA LYS P 51 4.27 100.66 -27.59
C LYS P 51 2.91 101.32 -27.68
N THR P 52 2.82 102.62 -27.36
CA THR P 52 1.63 103.46 -27.25
C THR P 52 0.60 102.94 -26.26
N ALA P 53 0.90 101.87 -25.55
CA ALA P 53 0.01 101.37 -24.50
C ALA P 53 0.70 100.26 -23.73
N ARG P 54 0.37 100.15 -22.46
CA ARG P 54 1.07 99.21 -21.58
C ARG P 54 0.69 97.76 -21.90
N PHE P 55 -0.56 97.53 -22.30
CA PHE P 55 -1.02 96.19 -22.64
C PHE P 55 -0.61 95.75 -24.02
N LYS P 56 -0.15 96.65 -24.88
CA LYS P 56 0.32 96.21 -26.19
C LYS P 56 1.55 95.33 -26.01
N GLU P 57 1.98 94.72 -27.10
CA GLU P 57 3.09 93.78 -27.02
C GLU P 57 4.19 94.17 -27.99
N LEU P 58 3.82 94.75 -29.13
CA LEU P 58 4.75 95.27 -30.10
C LEU P 58 4.37 96.69 -30.48
N PRO P 59 5.33 97.50 -30.92
CA PRO P 59 4.99 98.81 -31.45
C PRO P 59 4.30 98.68 -32.80
N PRO P 60 3.55 99.69 -33.22
CA PRO P 60 2.71 99.55 -34.42
C PRO P 60 3.50 99.11 -35.63
N SER P 61 2.91 98.18 -36.39
CA SER P 61 3.58 97.62 -37.55
C SER P 61 3.70 98.62 -38.69
N ASP P 62 2.88 99.67 -38.69
CA ASP P 62 3.00 100.72 -39.69
C ASP P 62 4.05 101.75 -39.27
N ALA P 63 4.71 102.33 -40.26
CA ALA P 63 5.74 103.31 -39.98
C ALA P 63 5.14 104.66 -39.59
N ASP P 64 4.18 105.15 -40.38
CA ASP P 64 3.55 106.44 -40.11
C ASP P 64 2.31 106.27 -39.21
N TRP P 65 2.51 105.50 -38.15
CA TRP P 65 1.46 105.34 -37.16
C TRP P 65 1.26 106.61 -36.36
N TYR P 66 2.31 107.41 -36.19
CA TYR P 66 2.19 108.69 -35.52
C TYR P 66 1.32 109.64 -36.31
N TYR P 67 1.09 109.34 -37.59
CA TYR P 67 0.25 110.14 -38.46
C TYR P 67 -1.17 109.56 -38.59
N ILE P 68 -1.31 108.24 -38.68
CA ILE P 68 -2.66 107.68 -38.66
C ILE P 68 -3.32 107.92 -37.31
N ARG P 69 -2.55 107.82 -36.23
CA ARG P 69 -3.06 108.17 -34.91
C ARG P 69 -3.59 109.60 -34.92
N ALA P 70 -2.80 110.53 -35.45
CA ALA P 70 -3.19 111.93 -35.45
C ALA P 70 -4.40 112.17 -36.33
N ALA P 71 -4.50 111.45 -37.43
CA ALA P 71 -5.70 111.56 -38.27
C ALA P 71 -6.94 111.12 -37.51
N SER P 72 -6.84 110.03 -36.75
CA SER P 72 -7.98 109.57 -35.95
C SER P 72 -8.33 110.59 -34.85
N MET P 73 -7.33 111.01 -34.09
CA MET P 73 -7.57 111.97 -33.01
C MET P 73 -8.02 113.32 -33.55
N ALA P 74 -7.78 113.60 -34.84
CA ALA P 74 -8.33 114.81 -35.43
C ALA P 74 -9.85 114.74 -35.44
N ARG P 75 -10.41 113.67 -35.99
CA ARG P 75 -11.85 113.58 -36.07
C ARG P 75 -12.49 113.31 -34.72
N LYS P 76 -11.74 112.82 -33.74
CA LYS P 76 -12.32 112.69 -32.41
C LYS P 76 -12.73 114.06 -31.86
N ILE P 77 -11.79 115.01 -31.84
CA ILE P 77 -12.16 116.37 -31.44
C ILE P 77 -13.10 116.99 -32.44
N TYR P 78 -13.05 116.57 -33.70
CA TYR P 78 -14.04 117.03 -34.65
C TYR P 78 -15.45 116.78 -34.15
N LEU P 79 -15.80 115.52 -33.99
CA LEU P 79 -17.18 115.14 -33.74
C LEU P 79 -17.53 115.04 -32.26
N ARG P 80 -16.60 115.38 -31.37
CA ARG P 80 -16.88 115.44 -29.95
C ARG P 80 -16.06 116.57 -29.36
N GLN P 81 -16.61 117.24 -28.35
CA GLN P 81 -15.95 118.42 -27.79
C GLN P 81 -15.56 118.17 -26.34
N GLY P 82 -14.71 119.05 -25.83
CA GLY P 82 -14.31 119.00 -24.44
C GLY P 82 -13.61 117.72 -24.04
N ILE P 83 -12.76 117.20 -24.90
CA ILE P 83 -12.06 115.95 -24.64
C ILE P 83 -10.71 116.28 -24.02
N GLY P 84 -10.39 115.62 -22.91
CA GLY P 84 -9.08 115.77 -22.31
C GLY P 84 -8.11 114.71 -22.77
N ILE P 85 -6.93 114.73 -22.15
CA ILE P 85 -5.94 113.69 -22.42
C ILE P 85 -6.42 112.35 -21.90
N GLY P 86 -7.07 112.35 -20.73
CA GLY P 86 -7.54 111.10 -20.16
C GLY P 86 -8.64 110.45 -20.98
N GLY P 87 -9.49 111.26 -21.62
CA GLY P 87 -10.49 110.70 -22.50
C GLY P 87 -9.88 109.94 -23.64
N PHE P 88 -8.77 110.44 -24.18
CA PHE P 88 -8.08 109.70 -25.23
C PHE P 88 -7.35 108.48 -24.68
N GLN P 89 -6.78 108.60 -23.48
CA GLN P 89 -6.22 107.41 -22.84
C GLN P 89 -7.26 106.30 -22.79
N LYS P 90 -8.47 106.64 -22.34
CA LYS P 90 -9.52 105.64 -22.21
C LYS P 90 -10.00 105.15 -23.57
N ILE P 91 -10.18 106.06 -24.53
CA ILE P 91 -10.73 105.65 -25.83
C ILE P 91 -9.73 104.77 -26.56
N TYR P 92 -8.44 104.94 -26.30
CA TYR P 92 -7.43 104.18 -27.01
C TYR P 92 -6.84 103.06 -26.18
N GLY P 93 -7.39 102.81 -25.00
CA GLY P 93 -7.10 101.56 -24.32
C GLY P 93 -7.67 100.38 -25.09
N GLY P 94 -7.65 99.23 -24.43
CA GLY P 94 -8.12 98.03 -25.06
C GLY P 94 -8.12 96.86 -24.11
N ARG P 95 -8.09 95.66 -24.65
CA ARG P 95 -8.08 94.45 -23.84
C ARG P 95 -6.65 94.11 -23.43
N GLN P 96 -6.43 93.98 -22.13
CA GLN P 96 -5.13 93.63 -21.57
C GLN P 96 -5.21 92.18 -21.10
N ARG P 97 -4.42 91.32 -21.72
CA ARG P 97 -4.38 89.90 -21.41
C ARG P 97 -3.33 89.69 -20.32
N ASN P 98 -3.77 89.56 -19.09
CA ASN P 98 -2.84 89.55 -17.97
C ASN P 98 -2.04 88.28 -17.87
N GLY P 99 -2.06 87.42 -18.87
CA GLY P 99 -1.48 86.10 -18.75
C GLY P 99 -2.51 85.14 -18.21
N SER P 100 -2.11 84.33 -17.22
CA SER P 100 -3.06 83.40 -16.64
C SER P 100 -4.18 84.09 -15.89
N ARG P 101 -4.07 85.38 -15.61
CA ARG P 101 -5.17 86.08 -14.99
C ARG P 101 -6.25 86.32 -16.04
N PRO P 102 -7.49 86.57 -15.60
CA PRO P 102 -8.51 87.02 -16.53
C PRO P 102 -8.11 88.33 -17.15
N PRO P 103 -8.45 88.54 -18.42
CA PRO P 103 -8.12 89.80 -19.07
C PRO P 103 -9.05 90.93 -18.62
N HIS P 104 -8.56 92.15 -18.79
CA HIS P 104 -9.33 93.33 -18.40
C HIS P 104 -9.32 94.42 -19.45
N PHE P 105 -9.85 95.59 -19.09
CA PHE P 105 -9.77 96.79 -19.91
C PHE P 105 -8.63 97.65 -19.35
N CYS P 106 -7.75 98.09 -20.24
CA CYS P 106 -6.57 98.84 -19.88
C CYS P 106 -6.48 100.12 -20.70
N LYS P 107 -6.32 101.26 -20.02
CA LYS P 107 -6.24 102.53 -20.72
C LYS P 107 -4.90 102.67 -21.42
N SER P 108 -4.89 103.48 -22.48
CA SER P 108 -3.72 103.62 -23.33
C SER P 108 -2.69 104.55 -22.68
N SER P 109 -1.69 104.97 -23.46
CA SER P 109 -0.59 105.78 -22.97
C SER P 109 -0.94 107.26 -23.00
N GLY P 110 -0.26 108.02 -22.15
CA GLY P 110 -0.53 109.44 -22.03
C GLY P 110 0.32 110.30 -22.95
N ALA P 111 1.61 110.00 -23.05
CA ALA P 111 2.52 110.86 -23.78
C ALA P 111 2.23 110.87 -25.28
N VAL P 112 1.84 109.72 -25.84
CA VAL P 112 1.59 109.66 -27.27
C VAL P 112 0.41 110.55 -27.63
N SER P 113 -0.69 110.42 -26.90
CA SER P 113 -1.84 111.27 -27.15
C SER P 113 -1.52 112.73 -26.82
N ARG P 114 -0.69 112.96 -25.81
CA ARG P 114 -0.29 114.32 -25.46
C ARG P 114 0.39 115.00 -26.65
N ASN P 115 1.34 114.31 -27.26
CA ASN P 115 2.06 114.90 -28.38
C ASN P 115 1.24 114.95 -29.66
N ILE P 116 0.28 114.04 -29.85
CA ILE P 116 -0.65 114.24 -30.97
C ILE P 116 -1.43 115.53 -30.79
N LEU P 117 -2.01 115.72 -29.60
CA LEU P 117 -2.79 116.94 -29.36
C LEU P 117 -1.91 118.18 -29.43
N GLN P 118 -0.69 118.12 -28.89
CA GLN P 118 0.20 119.28 -28.97
C GLN P 118 0.62 119.56 -30.41
N GLU P 119 0.84 118.53 -31.23
CA GLU P 119 1.15 118.75 -32.64
C GLU P 119 -0.02 119.41 -33.37
N LEU P 120 -1.23 118.88 -33.17
CA LEU P 120 -2.38 119.47 -33.83
C LEU P 120 -2.62 120.90 -33.36
N GLN P 121 -2.39 121.17 -32.07
CA GLN P 121 -2.47 122.54 -31.59
C GLN P 121 -1.42 123.40 -32.26
N LYS P 122 -0.20 122.87 -32.43
CA LYS P 122 0.88 123.63 -33.05
C LYS P 122 0.57 123.96 -34.50
N MET P 123 -0.26 123.14 -35.17
CA MET P 123 -0.81 123.59 -36.44
C MET P 123 -2.14 124.30 -36.28
N GLY P 124 -2.62 124.48 -35.06
CA GLY P 124 -3.87 125.20 -34.86
C GLY P 124 -5.10 124.49 -35.35
N ILE P 125 -5.00 123.18 -35.60
CA ILE P 125 -6.19 122.42 -35.97
C ILE P 125 -7.14 122.32 -34.77
N ILE P 126 -6.61 121.97 -33.61
CA ILE P 126 -7.39 121.92 -32.38
C ILE P 126 -6.75 122.89 -31.40
N ASP P 127 -7.47 123.15 -30.31
CA ASP P 127 -6.96 124.07 -29.31
C ASP P 127 -7.66 123.84 -27.98
N VAL P 128 -6.97 124.22 -26.90
CA VAL P 128 -7.47 123.99 -25.56
C VAL P 128 -8.48 125.08 -25.22
N ASP P 129 -9.62 124.67 -24.78
CA ASP P 129 -10.79 125.48 -24.48
C ASP P 129 -10.79 125.84 -22.99
N PRO P 130 -11.18 127.05 -22.62
CA PRO P 130 -11.60 127.29 -21.23
C PRO P 130 -12.84 126.46 -20.91
N LYS P 131 -13.02 126.22 -19.61
CA LYS P 131 -13.77 125.16 -18.92
C LYS P 131 -13.14 123.79 -19.14
N GLY P 132 -12.04 123.69 -19.86
CA GLY P 132 -11.32 122.43 -20.03
C GLY P 132 -11.75 121.67 -21.27
N GLY P 133 -10.78 120.97 -21.85
CA GLY P 133 -11.00 120.14 -23.02
C GLY P 133 -10.31 120.70 -24.26
N ARG P 134 -10.43 119.94 -25.35
CA ARG P 134 -9.90 120.34 -26.65
C ARG P 134 -11.04 120.45 -27.65
N LEU P 135 -11.10 121.58 -28.34
CA LEU P 135 -12.09 121.83 -29.38
C LEU P 135 -11.41 122.19 -30.68
N ILE P 136 -12.08 121.83 -31.78
CA ILE P 136 -11.57 122.17 -33.08
C ILE P 136 -11.64 123.68 -33.29
N THR P 137 -10.82 124.17 -34.21
CA THR P 137 -10.92 125.54 -34.69
C THR P 137 -11.60 125.54 -36.07
N SER P 138 -12.06 126.72 -36.48
CA SER P 138 -12.85 126.80 -37.71
C SER P 138 -12.02 126.45 -38.93
N GLN P 139 -10.75 126.88 -38.98
CA GLN P 139 -9.96 126.57 -40.16
C GLN P 139 -9.51 125.11 -40.15
N GLY P 140 -9.35 124.52 -38.96
CA GLY P 140 -9.20 123.07 -38.89
C GLY P 140 -10.43 122.36 -39.39
N ARG P 141 -11.61 122.91 -39.09
CA ARG P 141 -12.85 122.38 -39.62
C ARG P 141 -12.87 122.47 -41.14
N ARG P 142 -12.44 123.61 -41.68
CA ARG P 142 -12.26 123.79 -43.11
C ARG P 142 -11.38 122.70 -43.69
N ASP P 143 -10.24 122.46 -43.05
CA ASP P 143 -9.28 121.49 -43.57
C ASP P 143 -9.87 120.09 -43.58
N LEU P 144 -10.47 119.67 -42.46
CA LEU P 144 -11.05 118.35 -42.37
C LEU P 144 -12.17 118.17 -43.37
N ASP P 145 -12.99 119.21 -43.59
CA ASP P 145 -14.09 119.08 -44.54
C ASP P 145 -13.57 118.99 -45.96
N GLN P 146 -12.54 119.77 -46.30
CA GLN P 146 -11.95 119.67 -47.63
C GLN P 146 -11.40 118.26 -47.88
N VAL P 147 -10.61 117.74 -46.94
CA VAL P 147 -10.01 116.44 -47.16
C VAL P 147 -11.08 115.36 -47.18
N ALA P 148 -12.19 115.56 -46.45
CA ALA P 148 -13.29 114.63 -46.53
C ALA P 148 -13.94 114.66 -47.90
N GLY P 149 -14.14 115.87 -48.45
CA GLY P 149 -14.77 115.98 -49.75
C GLY P 149 -13.93 115.41 -50.86
N THR P 150 -12.61 115.41 -50.70
CA THR P 150 -11.73 114.86 -51.73
C THR P 150 -11.59 113.34 -51.66
N VAL P 151 -12.54 112.64 -51.04
CA VAL P 151 -12.53 111.18 -51.00
C VAL P 151 -13.72 110.62 -51.76
N PRO P 152 -13.53 109.58 -52.59
CA PRO P 152 -14.58 108.83 -53.28
C PRO P 152 -15.75 108.46 -52.37
N SER Q 38 27.76 109.32 4.17
CA SER Q 38 26.62 110.21 3.98
C SER Q 38 25.54 109.57 3.10
N THR Q 39 24.29 109.81 3.46
CA THR Q 39 23.16 109.13 2.85
C THR Q 39 22.78 109.69 1.49
N ASP Q 40 23.30 110.87 1.14
CA ASP Q 40 22.85 111.57 -0.07
C ASP Q 40 22.97 110.69 -1.31
N ASP Q 41 24.16 110.15 -1.55
CA ASP Q 41 24.34 109.25 -2.67
C ASP Q 41 23.99 107.80 -2.33
N LEU Q 42 23.92 107.47 -1.04
CA LEU Q 42 23.59 106.11 -0.65
C LEU Q 42 22.15 105.75 -1.01
N VAL Q 43 21.23 106.70 -0.86
CA VAL Q 43 19.84 106.40 -1.20
C VAL Q 43 19.69 106.17 -2.69
N GLN Q 44 20.41 106.92 -3.51
CA GLN Q 44 20.33 106.72 -4.95
C GLN Q 44 21.15 105.51 -5.42
N MET Q 45 22.11 105.03 -4.63
CA MET Q 45 22.80 103.81 -5.04
C MET Q 45 22.05 102.56 -4.61
N PHE Q 46 21.23 102.65 -3.56
CA PHE Q 46 20.31 101.56 -3.24
C PHE Q 46 19.25 101.38 -4.33
N PRO Q 47 18.60 100.21 -4.38
CA PRO Q 47 17.51 100.01 -5.33
C PRO Q 47 16.21 100.63 -4.81
N ALA Q 48 15.14 100.39 -5.58
CA ALA Q 48 13.92 101.17 -5.41
C ALA Q 48 13.32 101.01 -4.01
N ARG Q 49 13.07 99.77 -3.60
CA ARG Q 49 12.42 99.54 -2.33
C ARG Q 49 13.30 99.99 -1.17
N ALA Q 50 14.61 99.98 -1.35
CA ALA Q 50 15.48 100.45 -0.29
C ALA Q 50 15.34 101.96 -0.09
N ARG Q 51 15.40 102.73 -1.18
CA ARG Q 51 15.32 104.17 -1.00
C ARG Q 51 13.91 104.62 -0.67
N ARG Q 52 12.89 103.82 -0.96
CA ARG Q 52 11.55 104.23 -0.58
C ARG Q 52 11.41 104.38 0.92
N ARG Q 53 11.95 103.44 1.69
CA ARG Q 53 11.77 103.54 3.13
C ARG Q 53 12.50 104.75 3.69
N PHE Q 54 13.67 105.09 3.15
CA PHE Q 54 14.39 106.27 3.60
C PHE Q 54 13.68 107.55 3.17
N LYS Q 55 13.08 107.57 1.98
CA LYS Q 55 12.21 108.69 1.65
C LYS Q 55 10.97 108.71 2.52
N ARG Q 56 10.70 107.63 3.24
CA ARG Q 56 9.69 107.64 4.30
C ARG Q 56 10.28 107.89 5.69
N GLY Q 57 11.60 108.06 5.82
CA GLY Q 57 12.13 108.63 7.05
C GLY Q 57 12.15 107.79 8.32
N LEU Q 58 13.08 106.84 8.42
CA LEU Q 58 13.17 105.94 9.57
C LEU Q 58 13.25 106.68 10.89
N LYS Q 59 12.46 106.20 11.85
CA LYS Q 59 12.20 106.76 13.18
C LYS Q 59 13.03 106.11 14.29
N ARG Q 60 12.55 106.30 15.53
CA ARG Q 60 13.35 106.15 16.73
C ARG Q 60 13.85 104.73 16.91
N LYS Q 61 13.06 103.73 16.51
CA LYS Q 61 13.48 102.35 16.75
C LYS Q 61 14.65 101.92 15.89
N PRO Q 62 14.63 102.09 14.55
CA PRO Q 62 15.88 101.87 13.80
C PRO Q 62 17.01 102.76 14.27
N MET Q 63 16.70 104.01 14.67
CA MET Q 63 17.76 104.88 15.16
C MET Q 63 18.38 104.33 16.44
N ALA Q 64 17.55 103.79 17.34
CA ALA Q 64 18.05 103.20 18.57
C ALA Q 64 18.89 101.96 18.28
N LEU Q 65 18.48 101.18 17.27
CA LEU Q 65 19.30 100.03 16.89
C LEU Q 65 20.67 100.46 16.42
N VAL Q 66 20.74 101.44 15.51
CA VAL Q 66 22.04 101.87 15.03
C VAL Q 66 22.85 102.54 16.14
N LYS Q 67 22.18 103.20 17.08
CA LYS Q 67 22.88 103.77 18.23
C LYS Q 67 23.50 102.68 19.08
N LYS Q 68 22.75 101.59 19.32
CA LYS Q 68 23.32 100.46 20.04
C LYS Q 68 24.46 99.84 19.25
N LEU Q 69 24.39 99.92 17.93
CA LEU Q 69 25.44 99.39 17.08
C LEU Q 69 26.74 100.17 17.25
N ARG Q 70 26.66 101.50 17.22
CA ARG Q 70 27.87 102.29 17.44
C ARG Q 70 28.36 102.20 18.88
N LYS Q 71 27.44 102.08 19.85
CA LYS Q 71 27.87 101.79 21.21
C LYS Q 71 28.68 100.49 21.26
N ALA Q 72 28.22 99.47 20.55
CA ALA Q 72 28.94 98.21 20.51
C ALA Q 72 30.27 98.32 19.77
N LYS Q 73 30.32 99.14 18.72
CA LYS Q 73 31.58 99.36 18.03
C LYS Q 73 32.60 100.02 18.95
N LYS Q 74 32.16 101.05 19.69
CA LYS Q 74 33.09 101.83 20.50
C LYS Q 74 33.51 101.06 21.74
N ASP Q 75 32.61 100.27 22.33
CA ASP Q 75 32.99 99.42 23.45
C ASP Q 75 33.80 98.22 22.98
N ALA Q 76 33.66 97.84 21.70
CA ALA Q 76 34.28 96.62 21.20
C ALA Q 76 35.80 96.70 21.28
N PRO Q 77 36.47 95.68 21.81
CA PRO Q 77 37.93 95.66 21.83
C PRO Q 77 38.53 95.94 20.45
N ALA Q 78 39.82 96.31 20.47
CA ALA Q 78 40.50 96.79 19.28
C ALA Q 78 40.84 95.64 18.34
N GLY Q 79 40.43 95.75 17.08
CA GLY Q 79 40.69 94.71 16.11
C GLY Q 79 40.04 93.39 16.47
N GLU Q 80 38.88 93.44 17.13
CA GLU Q 80 38.27 92.28 17.72
C GLU Q 80 36.82 92.18 17.26
N LYS Q 81 36.22 91.04 17.53
CA LYS Q 81 34.85 90.80 17.14
C LYS Q 81 33.92 91.63 18.01
N PRO Q 82 33.00 92.39 17.43
CA PRO Q 82 32.14 93.26 18.23
C PRO Q 82 31.22 92.45 19.12
N GLU Q 83 30.65 93.12 20.12
CA GLU Q 83 29.64 92.47 20.93
C GLU Q 83 28.48 92.08 20.04
N PRO Q 84 28.01 90.83 20.11
CA PRO Q 84 26.90 90.45 19.24
C PRO Q 84 25.63 91.13 19.70
N VAL Q 85 25.21 92.16 18.98
CA VAL Q 85 24.06 92.95 19.41
C VAL Q 85 22.80 92.14 19.15
N ARG Q 86 22.08 91.83 20.22
CA ARG Q 86 20.95 90.91 20.16
C ARG Q 86 19.67 91.74 20.03
N THR Q 87 19.48 92.22 18.80
CA THR Q 87 18.33 93.04 18.45
C THR Q 87 17.08 92.19 18.35
N HIS Q 88 15.93 92.87 18.21
CA HIS Q 88 14.65 92.19 18.14
C HIS Q 88 13.93 92.35 16.81
N LEU Q 89 14.08 93.48 16.14
CA LEU Q 89 13.32 93.76 14.93
C LEU Q 89 13.95 93.05 13.73
N ARG Q 90 13.29 93.13 12.58
CA ARG Q 90 13.79 92.46 11.39
C ARG Q 90 13.75 93.31 10.13
N ASN Q 91 12.90 94.33 10.04
CA ASN Q 91 12.59 95.00 8.78
C ASN Q 91 13.71 95.90 8.28
N MET Q 92 14.66 96.26 9.13
CA MET Q 92 15.53 97.39 8.89
C MET Q 92 16.57 97.07 7.83
N ILE Q 93 16.63 97.89 6.78
CA ILE Q 93 17.45 97.60 5.62
C ILE Q 93 18.92 97.79 5.97
N ILE Q 94 19.77 96.91 5.43
CA ILE Q 94 21.20 96.91 5.76
C ILE Q 94 21.87 98.11 5.11
N VAL Q 95 22.53 98.94 5.91
CA VAL Q 95 23.29 100.08 5.41
C VAL Q 95 24.78 99.76 5.45
N PRO Q 96 25.62 100.47 4.69
CA PRO Q 96 27.06 100.17 4.68
C PRO Q 96 27.77 100.42 5.99
N GLU Q 97 27.19 101.16 6.94
CA GLU Q 97 27.96 101.47 8.14
C GLU Q 97 27.96 100.34 9.16
N MET Q 98 27.06 99.36 9.03
CA MET Q 98 27.02 98.23 9.94
C MET Q 98 27.82 97.04 9.44
N ILE Q 99 28.60 97.21 8.38
CA ILE Q 99 29.45 96.13 7.89
C ILE Q 99 30.48 95.76 8.96
N GLY Q 100 30.61 94.46 9.20
CA GLY Q 100 31.57 93.97 10.17
C GLY Q 100 31.00 93.61 11.53
N SER Q 101 29.70 93.75 11.75
CA SER Q 101 29.10 93.51 13.05
C SER Q 101 28.44 92.14 13.12
N LEU Q 102 28.13 91.73 14.36
CA LEU Q 102 27.44 90.48 14.68
C LEU Q 102 26.08 90.85 15.27
N ILE Q 103 25.04 90.58 14.52
CA ILE Q 103 23.69 90.99 14.88
C ILE Q 103 22.82 89.77 15.18
N GLY Q 104 21.85 89.97 16.06
CA GLY Q 104 21.12 88.90 16.72
C GLY Q 104 19.68 88.77 16.28
N VAL Q 105 19.46 88.72 14.97
CA VAL Q 105 18.12 88.82 14.38
C VAL Q 105 17.16 87.77 14.90
N TYR Q 106 15.89 88.15 15.02
CA TYR Q 106 14.85 87.30 15.57
C TYR Q 106 14.24 86.46 14.45
N ASN Q 107 13.84 85.24 14.77
CA ASN Q 107 13.21 84.36 13.79
C ASN Q 107 11.82 83.91 14.19
N GLY Q 108 11.22 84.56 15.17
CA GLY Q 108 9.96 84.17 15.74
C GLY Q 108 10.11 83.28 16.96
N LYS Q 109 11.21 82.54 17.05
CA LYS Q 109 11.43 81.57 18.11
C LYS Q 109 12.71 81.85 18.89
N THR Q 110 13.84 82.02 18.20
CA THR Q 110 15.12 82.26 18.87
C THR Q 110 15.86 83.37 18.15
N PHE Q 111 17.10 83.60 18.56
CA PHE Q 111 17.92 84.71 18.11
C PHE Q 111 19.06 84.15 17.27
N ASN Q 112 18.92 84.18 15.96
CA ASN Q 112 20.01 83.76 15.11
C ASN Q 112 20.97 84.92 14.90
N GLN Q 113 22.26 84.68 15.09
CA GLN Q 113 23.26 85.75 14.97
C GLN Q 113 24.03 85.57 13.67
N VAL Q 114 24.18 86.66 12.93
CA VAL Q 114 24.85 86.66 11.63
C VAL Q 114 25.81 87.84 11.56
N GLU Q 115 26.79 87.73 10.68
CA GLU Q 115 27.83 88.73 10.51
C GLU Q 115 27.58 89.52 9.23
N ILE Q 116 27.85 90.82 9.27
CA ILE Q 116 27.65 91.67 8.11
C ILE Q 116 28.98 91.82 7.37
N LYS Q 117 28.88 91.88 6.05
CA LYS Q 117 30.00 91.90 5.11
C LYS Q 117 29.69 92.93 4.05
N PRO Q 118 30.70 93.39 3.31
CA PRO Q 118 30.46 94.41 2.28
C PRO Q 118 29.55 93.98 1.12
N GLU Q 119 28.97 92.78 1.19
CA GLU Q 119 28.08 92.34 0.13
C GLU Q 119 26.64 92.10 0.53
N MET Q 120 26.27 92.30 1.80
CA MET Q 120 24.85 92.36 2.16
C MET Q 120 24.26 93.75 2.03
N ILE Q 121 24.81 94.57 1.14
CA ILE Q 121 24.28 95.91 0.91
C ILE Q 121 22.94 95.83 0.21
N GLY Q 122 21.96 96.58 0.72
CA GLY Q 122 20.70 96.80 0.04
C GLY Q 122 19.56 95.93 0.51
N HIS Q 123 19.81 94.66 0.85
CA HIS Q 123 18.72 93.77 1.19
C HIS Q 123 18.23 94.04 2.61
N TYR Q 124 17.05 93.50 2.91
CA TYR Q 124 16.50 93.65 4.24
C TYR Q 124 17.24 92.78 5.24
N LEU Q 125 17.15 93.17 6.50
CA LEU Q 125 17.68 92.34 7.56
C LEU Q 125 16.82 91.10 7.77
N ALA Q 126 15.50 91.26 7.65
CA ALA Q 126 14.58 90.14 7.85
C ALA Q 126 14.78 89.04 6.82
N GLU Q 127 15.33 89.36 5.66
CA GLU Q 127 15.47 88.40 4.59
C GLU Q 127 16.47 87.31 4.93
N PHE Q 128 17.10 87.38 6.10
CA PHE Q 128 18.18 86.47 6.47
C PHE Q 128 17.80 85.44 7.51
N SER Q 129 16.99 85.81 8.50
CA SER Q 129 16.69 84.94 9.62
C SER Q 129 15.48 84.11 9.25
N ILE Q 130 15.74 82.93 8.68
CA ILE Q 130 14.67 82.01 8.29
C ILE Q 130 13.81 81.74 9.51
N SER Q 131 12.54 82.13 9.42
CA SER Q 131 11.64 82.00 10.56
C SER Q 131 11.21 80.57 10.81
N TYR Q 132 11.50 79.65 9.90
CA TYR Q 132 11.01 78.28 9.97
C TYR Q 132 12.12 77.26 9.80
N LYS Q 133 11.74 76.00 9.63
CA LYS Q 133 12.68 74.94 9.34
C LYS Q 133 12.43 74.41 7.94
N PRO Q 134 13.47 74.01 7.21
CA PRO Q 134 13.27 73.45 5.88
C PRO Q 134 12.45 72.17 5.93
N VAL Q 135 11.63 71.98 4.91
CA VAL Q 135 10.80 70.79 4.84
C VAL Q 135 11.64 69.62 4.32
N LYS Q 136 11.54 68.48 4.99
CA LYS Q 136 12.24 67.28 4.57
C LYS Q 136 11.26 66.13 4.66
N HIS Q 137 10.99 65.48 3.54
CA HIS Q 137 9.86 64.60 3.41
C HIS Q 137 10.24 63.13 3.49
N GLY R 31 2.56 73.21 -47.34
CA GLY R 31 3.71 73.74 -48.04
C GLY R 31 4.50 74.70 -47.18
N LYS R 32 5.82 74.77 -47.41
CA LYS R 32 6.68 75.64 -46.62
C LYS R 32 6.67 77.04 -47.21
N GLN R 33 5.48 77.58 -47.48
CA GLN R 33 5.33 78.76 -48.32
C GLN R 33 5.09 80.05 -47.57
N LYS R 34 5.96 80.35 -46.62
CA LYS R 34 6.59 81.66 -46.57
C LYS R 34 8.07 81.54 -46.27
N GLU R 35 8.48 80.44 -45.67
CA GLU R 35 9.88 80.15 -45.51
C GLU R 35 10.59 80.07 -46.85
N LYS R 36 9.94 79.52 -47.87
CA LYS R 36 10.52 79.43 -49.20
C LYS R 36 10.37 80.69 -50.02
N VAL R 37 10.10 81.85 -49.42
CA VAL R 37 9.74 83.01 -50.22
C VAL R 37 10.93 83.50 -51.04
N ASN R 38 12.14 83.50 -50.48
CA ASN R 38 13.28 84.09 -51.18
C ASN R 38 14.01 83.12 -52.10
N ASN R 39 13.76 81.82 -51.98
CA ASN R 39 14.37 80.87 -52.92
C ASN R 39 14.00 81.24 -54.34
N ALA R 40 15.03 81.36 -55.20
CA ALA R 40 14.92 82.07 -56.46
C ALA R 40 13.91 81.45 -57.41
N VAL R 41 13.50 80.19 -57.20
CA VAL R 41 12.57 79.56 -58.13
C VAL R 41 11.23 80.31 -58.14
N LEU R 42 10.73 80.67 -56.95
CA LEU R 42 9.46 81.37 -56.86
C LEU R 42 9.55 82.76 -57.47
N PHE R 43 10.56 83.54 -57.08
CA PHE R 43 10.77 84.89 -57.62
C PHE R 43 11.35 84.89 -59.02
N ASP R 44 11.50 83.72 -59.65
CA ASP R 44 11.96 83.67 -61.03
C ASP R 44 10.90 83.15 -61.99
N GLN R 45 10.36 81.95 -61.80
CA GLN R 45 9.44 81.42 -62.82
C GLN R 45 8.18 80.77 -62.28
N ALA R 46 8.15 80.29 -61.04
CA ALA R 46 7.09 79.37 -60.60
C ALA R 46 5.69 79.95 -60.80
N THR R 47 5.38 81.01 -60.06
CA THR R 47 4.06 81.63 -60.13
C THR R 47 4.01 82.81 -61.09
N TYR R 48 5.09 83.07 -61.83
CA TYR R 48 5.07 84.05 -62.92
C TYR R 48 4.40 83.37 -64.10
N ASP R 49 3.07 83.33 -64.03
CA ASP R 49 2.17 82.67 -64.98
C ASP R 49 2.77 81.40 -65.55
N LYS R 50 3.38 80.59 -64.69
CA LYS R 50 3.78 79.25 -65.07
C LYS R 50 3.02 78.17 -64.31
N LEU R 51 2.66 78.44 -63.06
CA LEU R 51 1.87 77.52 -62.25
C LEU R 51 0.46 78.03 -62.03
N LEU R 52 0.32 79.23 -61.46
CA LEU R 52 -0.99 79.82 -61.22
C LEU R 52 -1.56 80.52 -62.43
N THR R 53 -1.07 80.18 -63.62
CA THR R 53 -1.81 80.47 -64.83
C THR R 53 -2.70 79.29 -65.21
N GLU R 54 -2.24 78.08 -64.90
CA GLU R 54 -2.97 76.85 -65.18
C GLU R 54 -3.78 76.37 -63.98
N VAL R 55 -3.32 76.66 -62.77
CA VAL R 55 -4.14 76.39 -61.58
C VAL R 55 -5.51 77.07 -61.65
N PRO R 56 -5.64 78.34 -62.06
CA PRO R 56 -6.99 78.90 -62.22
C PRO R 56 -7.80 78.19 -63.28
N LYS R 57 -7.14 77.55 -64.23
CA LYS R 57 -7.80 77.05 -65.43
C LYS R 57 -8.61 75.78 -65.21
N TYR R 58 -8.47 75.12 -64.05
CA TYR R 58 -9.27 73.92 -63.79
C TYR R 58 -10.76 74.19 -63.98
N LYS R 59 -11.25 75.30 -63.42
CA LYS R 59 -12.59 75.78 -63.71
C LYS R 59 -12.57 77.10 -64.47
N GLN R 60 -11.39 77.52 -64.94
CA GLN R 60 -11.07 78.80 -65.55
C GLN R 60 -11.06 79.91 -64.51
N ILE R 61 -11.60 79.65 -63.32
CA ILE R 61 -11.47 80.50 -62.15
C ILE R 61 -11.47 79.61 -60.90
N THR R 62 -10.29 79.45 -60.29
CA THR R 62 -10.17 78.71 -59.04
C THR R 62 -9.34 79.55 -58.08
N PRO R 63 -9.82 79.83 -56.88
CA PRO R 63 -9.24 80.91 -56.08
C PRO R 63 -7.79 80.65 -55.71
N SER R 64 -7.05 81.72 -55.46
CA SER R 64 -5.73 81.57 -54.87
C SER R 64 -5.82 81.09 -53.43
N VAL R 65 -6.82 81.55 -52.68
CA VAL R 65 -6.96 81.04 -51.31
C VAL R 65 -7.58 79.64 -51.30
N LEU R 66 -8.44 79.31 -52.25
CA LEU R 66 -8.85 77.92 -52.37
C LEU R 66 -7.69 77.02 -52.75
N SER R 67 -6.87 77.45 -53.71
CA SER R 67 -5.79 76.63 -54.21
C SER R 67 -4.54 76.70 -53.36
N GLU R 68 -4.60 77.43 -52.23
CA GLU R 68 -3.52 77.38 -51.23
C GLU R 68 -3.01 75.96 -51.01
N ARG R 69 -3.82 74.93 -51.24
CA ARG R 69 -3.36 73.55 -51.12
C ARG R 69 -3.51 72.72 -52.39
N LEU R 70 -4.28 73.15 -53.39
CA LEU R 70 -4.26 72.42 -54.64
C LEU R 70 -2.97 72.69 -55.42
N ARG R 71 -2.52 73.93 -55.46
CA ARG R 71 -1.10 74.20 -55.55
C ARG R 71 -0.67 74.28 -54.09
N ILE R 72 -0.10 73.19 -53.60
CA ILE R 72 0.02 72.91 -52.16
C ILE R 72 0.59 74.12 -51.44
N ASN R 73 1.25 75.00 -52.20
CA ASN R 73 1.97 76.13 -51.62
C ASN R 73 1.07 76.97 -50.73
N GLY R 74 1.44 77.08 -49.47
CA GLY R 74 0.66 77.81 -48.49
C GLY R 74 0.71 79.32 -48.66
N SER R 75 0.62 80.07 -47.58
CA SER R 75 0.28 81.49 -47.67
C SER R 75 1.45 82.38 -47.28
N LEU R 76 1.38 83.62 -47.76
CA LEU R 76 2.27 84.75 -47.55
C LEU R 76 3.55 84.69 -48.36
N ALA R 77 3.90 83.55 -48.93
CA ALA R 77 4.61 83.57 -50.20
C ALA R 77 3.62 83.54 -51.33
N ARG R 78 2.34 83.37 -51.00
CA ARG R 78 1.23 83.33 -51.92
C ARG R 78 0.36 84.57 -51.83
N ARG R 79 0.17 85.10 -50.61
CA ARG R 79 -0.56 86.34 -50.47
C ARG R 79 0.25 87.53 -50.96
N ALA R 80 1.57 87.38 -51.10
CA ALA R 80 2.37 88.40 -51.77
C ALA R 80 2.42 88.20 -53.27
N ILE R 81 2.52 86.96 -53.76
CA ILE R 81 2.50 86.79 -55.20
C ILE R 81 1.15 87.16 -55.79
N LYS R 82 0.08 87.06 -55.01
CA LYS R 82 -1.18 87.59 -55.52
C LYS R 82 -1.06 89.09 -55.77
N ASP R 83 -0.41 89.81 -54.85
CA ASP R 83 -0.14 91.21 -55.09
C ASP R 83 0.69 91.41 -56.34
N LEU R 84 1.67 90.53 -56.56
CA LEU R 84 2.48 90.64 -57.77
C LEU R 84 1.65 90.46 -59.03
N MET R 85 0.75 89.49 -59.02
CA MET R 85 -0.08 89.19 -60.19
C MET R 85 -1.15 90.25 -60.41
N GLU R 86 -1.50 91.01 -59.38
CA GLU R 86 -2.45 92.09 -59.59
C GLU R 86 -1.81 93.29 -60.28
N ARG R 87 -0.55 93.60 -59.95
CA ARG R 87 0.12 94.62 -60.75
C ARG R 87 0.54 94.06 -62.10
N GLY R 88 0.76 92.75 -62.18
CA GLY R 88 0.98 92.08 -63.45
C GLY R 88 -0.26 91.98 -64.30
N LEU R 89 -1.42 92.29 -63.73
CA LEU R 89 -2.65 92.51 -64.49
C LEU R 89 -3.03 91.27 -65.31
N ILE R 90 -3.38 90.21 -64.59
CA ILE R 90 -3.69 88.95 -65.23
C ILE R 90 -4.99 88.38 -64.65
N ARG R 91 -5.50 88.99 -63.59
CA ARG R 91 -6.59 88.38 -62.84
C ARG R 91 -7.24 89.44 -61.96
N MET R 92 -8.48 89.17 -61.55
CA MET R 92 -9.21 90.13 -60.73
C MET R 92 -9.05 89.78 -59.25
N VAL R 93 -9.38 90.76 -58.41
CA VAL R 93 -9.06 90.68 -56.99
C VAL R 93 -10.32 90.94 -56.18
N SER R 94 -10.44 90.23 -55.06
CA SER R 94 -11.52 90.43 -54.10
C SER R 94 -10.95 90.25 -52.71
N ILE R 95 -10.66 91.35 -52.01
CA ILE R 95 -10.01 91.32 -50.70
C ILE R 95 -11.02 91.76 -49.66
N HIS R 96 -11.16 90.96 -48.60
CA HIS R 96 -12.26 91.12 -47.67
C HIS R 96 -11.83 90.63 -46.29
N SER R 97 -12.82 90.25 -45.48
CA SER R 97 -12.72 90.22 -44.03
C SER R 97 -11.45 89.57 -43.50
N SER R 98 -11.33 88.25 -43.65
CA SER R 98 -10.14 87.52 -43.22
C SER R 98 -9.09 87.46 -44.31
N GLN R 99 -9.01 88.50 -45.14
CA GLN R 99 -8.09 88.58 -46.27
C GLN R 99 -8.40 87.49 -47.29
N GLN R 100 -9.67 87.12 -47.38
CA GLN R 100 -10.14 86.14 -48.36
C GLN R 100 -9.99 86.72 -49.75
N ILE R 101 -9.00 86.25 -50.50
CA ILE R 101 -8.69 86.81 -51.82
C ILE R 101 -8.83 85.70 -52.86
N PHE R 102 -9.03 86.10 -54.11
CA PHE R 102 -9.67 85.24 -55.11
C PHE R 102 -8.88 85.25 -56.42
N THR R 103 -9.51 84.76 -57.49
CA THR R 103 -8.81 84.46 -58.73
C THR R 103 -9.78 84.49 -59.91
N ARG R 104 -9.27 84.90 -61.08
CA ARG R 104 -10.00 84.83 -62.34
C ARG R 104 -8.99 84.81 -63.47
N ALA R 105 -9.09 83.85 -64.38
CA ALA R 105 -7.94 83.57 -65.24
C ALA R 105 -7.70 84.59 -66.35
N THR R 106 -8.61 84.69 -67.32
CA THR R 106 -8.23 85.54 -68.46
C THR R 106 -9.29 86.57 -68.85
N ASN R 107 -10.57 86.20 -68.84
CA ASN R 107 -11.62 86.98 -69.49
C ASN R 107 -11.32 87.18 -70.97
N ASP S 23 -31.07 45.17 -54.64
CA ASP S 23 -31.39 46.49 -55.19
C ASP S 23 -32.80 46.92 -54.84
N THR S 24 -32.98 47.42 -53.61
CA THR S 24 -34.26 48.00 -53.23
C THR S 24 -34.32 49.45 -53.66
N GLN S 25 -35.45 49.86 -54.22
CA GLN S 25 -35.70 51.24 -54.57
C GLN S 25 -36.44 51.89 -53.41
N VAL S 26 -35.86 52.98 -52.89
CA VAL S 26 -36.36 53.57 -51.66
C VAL S 26 -37.77 54.11 -51.87
N LYS S 27 -38.68 53.73 -50.98
CA LYS S 27 -40.09 53.97 -51.19
C LYS S 27 -40.61 54.98 -50.15
N LEU S 28 -41.74 55.60 -50.47
CA LEU S 28 -42.19 56.77 -49.75
C LEU S 28 -43.50 56.50 -49.01
N ALA S 29 -43.69 57.21 -47.90
CA ALA S 29 -44.93 57.09 -47.14
C ALA S 29 -45.26 58.42 -46.48
N VAL S 30 -46.52 58.59 -46.10
CA VAL S 30 -46.95 59.72 -45.29
C VAL S 30 -47.43 59.21 -43.94
N VAL S 31 -47.10 59.95 -42.89
CA VAL S 31 -47.51 59.57 -41.53
C VAL S 31 -48.92 60.10 -41.32
N VAL S 32 -49.90 59.18 -41.26
CA VAL S 32 -51.29 59.61 -41.09
C VAL S 32 -51.58 59.95 -39.64
N LYS S 33 -51.13 59.14 -38.69
CA LYS S 33 -51.22 59.53 -37.29
C LYS S 33 -49.99 59.00 -36.56
N VAL S 34 -49.61 59.71 -35.51
CA VAL S 34 -48.54 59.29 -34.62
C VAL S 34 -49.18 58.51 -33.49
N MET S 35 -49.02 57.18 -33.51
CA MET S 35 -49.65 56.37 -32.47
C MET S 35 -49.05 56.63 -31.10
N GLY S 36 -47.74 56.69 -31.01
CA GLY S 36 -47.16 56.84 -29.69
C GLY S 36 -45.68 57.08 -29.74
N ARG S 37 -45.05 56.91 -28.58
CA ARG S 37 -43.64 57.25 -28.41
C ARG S 37 -43.03 56.13 -27.57
N THR S 38 -42.53 55.10 -28.25
CA THR S 38 -41.97 53.92 -27.61
C THR S 38 -40.47 54.17 -27.40
N GLY S 39 -39.76 53.14 -26.98
CA GLY S 39 -38.36 53.21 -26.63
C GLY S 39 -38.18 53.07 -25.14
N SER S 40 -37.05 52.51 -24.74
CA SER S 40 -36.74 52.43 -23.32
C SER S 40 -36.71 53.83 -22.73
N ARG S 41 -36.03 54.76 -23.39
CA ARG S 41 -36.00 56.16 -22.99
C ARG S 41 -37.08 56.97 -23.69
N GLY S 42 -38.06 56.32 -24.28
CA GLY S 42 -39.18 57.01 -24.91
C GLY S 42 -38.79 57.86 -26.09
N GLN S 43 -37.96 57.34 -26.98
CA GLN S 43 -37.29 58.15 -27.99
C GLN S 43 -37.48 57.66 -29.41
N VAL S 44 -38.37 56.70 -29.64
CA VAL S 44 -38.67 56.23 -30.98
C VAL S 44 -40.17 56.39 -31.17
N THR S 45 -40.57 57.39 -31.94
CA THR S 45 -41.98 57.55 -32.25
C THR S 45 -42.44 56.32 -33.03
N GLN S 46 -43.63 55.84 -32.70
CA GLN S 46 -44.26 54.75 -33.43
C GLN S 46 -45.46 55.32 -34.16
N VAL S 47 -45.38 55.28 -35.49
CA VAL S 47 -46.30 55.97 -36.38
C VAL S 47 -46.94 54.94 -37.29
N ARG S 48 -47.93 55.41 -38.06
CA ARG S 48 -48.71 54.57 -38.96
C ARG S 48 -48.68 55.25 -40.31
N VAL S 49 -47.99 54.64 -41.27
CA VAL S 49 -47.64 55.27 -42.54
C VAL S 49 -48.51 54.70 -43.65
N LYS S 50 -48.79 55.53 -44.64
CA LYS S 50 -49.57 55.16 -45.81
C LYS S 50 -48.71 55.35 -47.04
N PHE S 51 -48.72 54.37 -47.94
CA PHE S 51 -47.76 54.36 -49.04
C PHE S 51 -48.25 55.16 -50.23
N LEU S 52 -47.38 56.06 -50.72
CA LEU S 52 -47.75 56.96 -51.81
C LEU S 52 -47.94 56.22 -53.12
N ASP S 53 -47.01 55.32 -53.45
CA ASP S 53 -47.01 54.69 -54.76
C ASP S 53 -48.22 53.80 -54.98
N ASP S 54 -48.71 53.14 -53.93
CA ASP S 54 -50.02 52.48 -53.95
C ASP S 54 -50.74 52.80 -52.66
N GLN S 55 -51.82 53.57 -52.76
CA GLN S 55 -52.43 54.20 -51.60
C GLN S 55 -53.55 53.36 -50.99
N ASN S 56 -53.23 52.11 -50.69
CA ASN S 56 -54.04 51.31 -49.78
C ASN S 56 -53.20 50.48 -48.82
N ARG S 57 -51.88 50.62 -48.86
CA ARG S 57 -50.97 49.92 -47.96
C ARG S 57 -50.64 50.84 -46.78
N LEU S 58 -51.09 50.45 -45.60
CA LEU S 58 -50.83 51.20 -44.38
C LEU S 58 -50.15 50.28 -43.37
N ILE S 59 -49.01 50.73 -42.86
CA ILE S 59 -48.08 49.93 -42.07
C ILE S 59 -47.64 50.71 -40.85
N MET S 60 -47.47 50.02 -39.73
CA MET S 60 -46.99 50.62 -38.49
C MET S 60 -45.48 50.54 -38.45
N ARG S 61 -44.83 51.69 -38.41
CA ARG S 61 -43.37 51.75 -38.36
C ARG S 61 -42.88 52.53 -37.14
N ASN S 62 -41.58 52.43 -36.92
CA ASN S 62 -40.88 53.16 -35.88
C ASN S 62 -40.11 54.31 -36.51
N VAL S 63 -40.19 55.47 -35.86
CA VAL S 63 -39.56 56.68 -36.37
C VAL S 63 -38.88 57.38 -35.21
N LYS S 64 -37.68 57.89 -35.45
CA LYS S 64 -36.90 58.57 -34.44
C LYS S 64 -36.85 60.06 -34.73
N GLY S 65 -36.89 60.87 -33.67
CA GLY S 65 -36.84 62.29 -33.82
C GLY S 65 -38.22 62.89 -33.91
N PRO S 66 -38.29 64.22 -34.06
CA PRO S 66 -39.59 64.88 -34.18
C PRO S 66 -40.26 64.51 -35.50
N VAL S 67 -41.45 63.94 -35.42
CA VAL S 67 -42.26 63.63 -36.59
C VAL S 67 -43.70 64.00 -36.29
N ARG S 68 -44.34 64.69 -37.23
CA ARG S 68 -45.72 65.11 -37.07
C ARG S 68 -46.57 64.46 -38.14
N GLU S 69 -47.86 64.76 -38.11
CA GLU S 69 -48.79 64.23 -39.09
C GLU S 69 -48.49 64.82 -40.46
N GLY S 70 -48.69 64.01 -41.50
CA GLY S 70 -48.49 64.45 -42.85
C GLY S 70 -47.04 64.52 -43.30
N ASP S 71 -46.10 64.11 -42.44
CA ASP S 71 -44.71 64.06 -42.85
C ASP S 71 -44.50 62.94 -43.87
N ILE S 72 -43.73 63.24 -44.90
CA ILE S 72 -43.33 62.23 -45.87
C ILE S 72 -42.02 61.62 -45.40
N LEU S 73 -41.98 60.30 -45.33
CA LEU S 73 -40.81 59.54 -44.95
C LEU S 73 -40.30 58.73 -46.12
N THR S 74 -39.02 58.90 -46.43
CA THR S 74 -38.31 57.92 -47.23
C THR S 74 -38.11 56.67 -46.40
N LEU S 75 -37.96 55.55 -47.09
CA LEU S 75 -38.04 54.27 -46.41
C LEU S 75 -37.28 53.26 -47.25
N LEU S 76 -36.09 52.88 -46.78
CA LEU S 76 -35.22 52.01 -47.57
C LEU S 76 -35.85 50.64 -47.79
N GLU S 77 -36.27 50.00 -46.70
CA GLU S 77 -36.73 48.63 -46.72
C GLU S 77 -38.16 48.60 -46.20
N SER S 78 -39.06 48.02 -46.98
CA SER S 78 -40.49 48.26 -46.81
C SER S 78 -41.22 47.23 -45.98
N GLU S 79 -40.96 45.95 -46.17
CA GLU S 79 -41.84 44.94 -45.60
C GLU S 79 -41.65 44.70 -44.10
N ARG S 80 -40.63 45.27 -43.47
CA ARG S 80 -40.60 45.27 -42.01
C ARG S 80 -41.68 46.19 -41.45
N GLU S 81 -42.34 45.73 -40.39
CA GLU S 81 -43.21 46.57 -39.59
C GLU S 81 -42.93 46.30 -38.12
N ALA S 82 -43.28 47.28 -37.29
CA ALA S 82 -43.18 47.11 -35.85
C ALA S 82 -44.48 46.51 -35.31
N ARG S 83 -44.53 46.32 -34.00
CA ARG S 83 -45.72 45.81 -33.34
C ARG S 83 -46.08 46.70 -32.16
N ARG S 84 -47.37 46.76 -31.86
CA ARG S 84 -47.95 47.73 -30.94
C ARG S 84 -47.20 47.76 -29.62
N LEU S 85 -46.74 48.95 -29.24
CA LEU S 85 -45.90 49.18 -28.07
C LEU S 85 -44.66 48.29 -28.09
N ARG S 86 -43.85 48.48 -29.13
CA ARG S 86 -42.68 47.66 -29.35
C ARG S 86 -41.58 47.96 -28.34
N GLY T 2 -76.05 8.86 19.20
CA GLY T 2 -76.57 8.88 20.55
C GLY T 2 -77.50 10.04 20.87
N ARG T 3 -78.32 9.87 21.90
CA ARG T 3 -79.18 10.94 22.39
C ARG T 3 -79.27 10.84 23.90
N ARG T 4 -79.19 11.99 24.58
CA ARG T 4 -79.34 12.10 26.03
C ARG T 4 -80.24 13.29 26.37
N ILE T 5 -81.46 13.24 25.84
CA ILE T 5 -82.44 14.33 25.87
C ILE T 5 -82.74 14.77 27.29
N LEU T 6 -83.47 15.88 27.39
CA LEU T 6 -83.56 16.86 28.48
C LEU T 6 -82.41 17.82 28.37
N ASN T 7 -81.43 17.56 27.53
CA ASN T 7 -80.54 18.58 27.03
C ASN T 7 -80.93 19.02 25.63
N ASP T 8 -81.32 18.06 24.80
CA ASP T 8 -81.80 18.37 23.46
C ASP T 8 -83.08 19.18 23.50
N ALA T 9 -83.80 19.14 24.61
CA ALA T 9 -84.98 19.97 24.76
C ALA T 9 -84.62 21.36 25.25
N LEU T 10 -83.83 21.44 26.33
CA LEU T 10 -83.55 22.73 26.92
C LEU T 10 -82.68 23.59 26.02
N ARG T 11 -81.72 23.01 25.31
CA ARG T 11 -80.89 23.85 24.44
C ARG T 11 -81.70 24.37 23.26
N THR T 12 -82.64 23.56 22.78
CA THR T 12 -83.59 24.05 21.80
C THR T 12 -84.41 25.20 22.35
N MET T 13 -84.86 25.09 23.60
CA MET T 13 -85.65 26.17 24.17
C MET T 13 -84.83 27.45 24.33
N VAL T 14 -83.57 27.33 24.76
CA VAL T 14 -82.74 28.52 24.88
C VAL T 14 -82.52 29.14 23.52
N ASN T 15 -82.23 28.33 22.51
CA ASN T 15 -82.01 28.89 21.19
C ASN T 15 -83.27 29.59 20.66
N ALA T 16 -84.43 28.97 20.85
CA ALA T 16 -85.67 29.58 20.40
C ALA T 16 -85.95 30.88 21.12
N GLU T 17 -85.78 30.89 22.45
CA GLU T 17 -86.00 32.11 23.21
C GLU T 17 -85.04 33.20 22.77
N ARG T 18 -83.74 32.91 22.74
CA ARG T 18 -82.75 33.90 22.38
C ARG T 18 -82.98 34.45 20.98
N ARG T 19 -83.55 33.64 20.08
CA ARG T 19 -83.97 34.21 18.81
C ARG T 19 -85.33 34.87 18.85
N GLY T 20 -86.08 34.72 19.93
CA GLY T 20 -87.38 35.34 20.02
C GLY T 20 -88.51 34.59 19.37
N LYS T 21 -88.32 33.31 19.07
CA LYS T 21 -89.36 32.52 18.45
C LYS T 21 -90.54 32.35 19.41
N ALA T 22 -91.73 32.23 18.83
CA ALA T 22 -92.93 32.15 19.66
C ALA T 22 -93.15 30.75 20.23
N THR T 23 -92.96 29.72 19.42
CA THR T 23 -93.14 28.34 19.86
C THR T 23 -91.93 27.51 19.45
N ALA T 24 -91.51 26.60 20.32
CA ALA T 24 -90.42 25.67 20.05
C ALA T 24 -90.93 24.25 20.20
N GLN T 25 -90.52 23.36 19.31
CA GLN T 25 -90.96 21.98 19.36
C GLN T 25 -89.76 21.06 19.61
N LEU T 26 -90.06 19.91 20.20
CA LEU T 26 -89.06 19.05 20.81
C LEU T 26 -89.26 17.65 20.27
N GLN T 27 -88.20 17.04 19.73
CA GLN T 27 -88.40 15.84 18.92
C GLN T 27 -88.58 14.58 19.76
N PRO T 28 -87.79 14.32 20.80
CA PRO T 28 -88.17 13.27 21.74
C PRO T 28 -88.88 13.86 22.94
N ILE T 29 -89.61 13.03 23.70
CA ILE T 29 -90.25 13.52 24.90
C ILE T 29 -89.78 12.66 26.06
N SER T 30 -90.33 12.90 27.24
CA SER T 30 -90.09 12.04 28.37
C SER T 30 -91.11 12.36 29.44
N GLY T 31 -91.44 11.38 30.27
CA GLY T 31 -92.11 11.71 31.50
C GLY T 31 -91.31 12.70 32.30
N VAL T 32 -89.98 12.54 32.28
CA VAL T 32 -89.09 13.47 32.95
C VAL T 32 -89.12 14.83 32.27
N MET T 33 -89.16 14.84 30.94
CA MET T 33 -89.19 16.11 30.21
C MET T 33 -90.45 16.90 30.55
N ILE T 34 -91.61 16.25 30.48
CA ILE T 34 -92.85 16.97 30.77
C ILE T 34 -92.93 17.33 32.25
N SER T 35 -92.33 16.52 33.13
CA SER T 35 -92.31 16.90 34.53
C SER T 35 -91.40 18.09 34.79
N PHE T 36 -90.36 18.27 33.96
CA PHE T 36 -89.54 19.47 34.01
C PHE T 36 -90.33 20.68 33.53
N LEU T 37 -91.01 20.53 32.40
CA LEU T 37 -91.82 21.63 31.88
C LEU T 37 -92.95 21.98 32.83
N ASN T 38 -93.46 21.01 33.58
CA ASN T 38 -94.43 21.33 34.62
C ASN T 38 -93.83 22.22 35.70
N ILE T 39 -92.55 22.01 36.05
CA ILE T 39 -91.90 22.91 36.99
C ILE T 39 -91.79 24.30 36.40
N MET T 40 -91.40 24.40 35.13
CA MET T 40 -91.33 25.71 34.49
C MET T 40 -92.68 26.40 34.48
N LYS T 41 -93.73 25.67 34.12
CA LYS T 41 -95.06 26.26 33.97
C LYS T 41 -95.68 26.59 35.32
N HIS T 42 -95.45 25.74 36.32
CA HIS T 42 -95.86 26.05 37.68
C HIS T 42 -95.20 27.32 38.19
N ARG T 43 -93.89 27.41 38.05
CA ARG T 43 -93.19 28.61 38.46
C ARG T 43 -93.29 29.72 37.45
N GLY T 44 -94.16 29.57 36.44
CA GLY T 44 -94.52 30.67 35.58
C GLY T 44 -93.40 31.18 34.70
N TYR T 45 -92.72 30.28 34.00
CA TYR T 45 -91.67 30.67 33.08
C TYR T 45 -91.99 30.34 31.62
N ILE T 46 -92.84 29.36 31.38
CA ILE T 46 -93.39 29.09 30.06
C ILE T 46 -94.89 28.94 30.20
N LYS T 47 -95.59 29.11 29.08
CA LYS T 47 -97.03 28.97 29.10
C LYS T 47 -97.37 27.55 28.62
N ASN T 48 -98.64 27.26 28.36
CA ASN T 48 -99.08 25.89 28.13
C ASN T 48 -98.49 25.32 26.85
N PHE T 49 -98.62 24.00 26.69
CA PHE T 49 -97.93 23.32 25.61
C PHE T 49 -98.62 22.02 25.24
N GLU T 50 -98.41 21.63 23.97
CA GLU T 50 -98.89 20.38 23.38
C GLU T 50 -97.91 19.28 23.65
N VAL T 51 -98.43 18.08 23.90
CA VAL T 51 -97.62 16.86 23.93
C VAL T 51 -98.21 15.91 22.88
N PHE T 52 -97.65 15.94 21.68
CA PHE T 52 -98.04 15.09 20.55
C PHE T 52 -97.59 13.67 20.87
N ASP T 53 -98.54 12.83 21.29
CA ASP T 53 -98.20 11.44 21.52
C ASP T 53 -99.00 10.57 20.58
N PRO T 54 -98.71 10.58 19.31
CA PRO T 54 -99.47 9.72 18.40
C PRO T 54 -99.15 8.23 18.52
N HIS T 55 -97.95 7.89 18.09
CA HIS T 55 -97.25 6.62 18.32
C HIS T 55 -95.83 6.93 17.93
N ARG T 56 -94.93 7.11 18.90
CA ARG T 56 -93.49 6.89 18.88
C ARG T 56 -92.91 7.52 20.12
N VAL T 57 -91.58 7.64 20.15
CA VAL T 57 -90.89 8.37 21.20
C VAL T 57 -91.67 9.61 21.64
N GLY T 58 -92.25 10.36 20.70
CA GLY T 58 -93.18 11.43 21.01
C GLY T 58 -92.78 12.71 20.31
N LYS T 59 -93.45 13.81 20.67
CA LYS T 59 -93.06 15.13 20.21
C LYS T 59 -93.79 16.16 21.05
N ILE T 60 -93.19 17.33 21.27
CA ILE T 60 -93.79 18.36 22.10
C ILE T 60 -93.72 19.71 21.40
N THR T 61 -94.65 20.59 21.75
CA THR T 61 -94.60 21.98 21.31
C THR T 61 -94.92 22.90 22.49
N VAL T 62 -93.94 23.69 22.92
CA VAL T 62 -94.15 24.65 23.99
C VAL T 62 -94.21 26.04 23.37
N GLU T 63 -94.99 26.91 23.98
CA GLU T 63 -95.02 28.31 23.57
C GLU T 63 -94.25 29.12 24.61
N LEU T 64 -93.25 29.86 24.15
CA LEU T 64 -92.40 30.65 25.02
C LEU T 64 -93.00 32.03 25.20
N GLN T 65 -92.99 32.51 26.43
CA GLN T 65 -93.47 33.83 26.75
C GLN T 65 -92.35 34.84 26.92
N GLY T 66 -91.13 34.48 26.53
CA GLY T 66 -90.02 35.40 26.65
C GLY T 66 -89.62 35.71 28.08
N ARG T 67 -90.27 35.08 29.05
CA ARG T 67 -90.00 35.33 30.45
C ARG T 67 -88.86 34.47 30.98
N ILE T 68 -88.51 33.41 30.27
CA ILE T 68 -87.35 32.58 30.59
C ILE T 68 -86.10 33.28 30.10
N LYS T 69 -84.99 32.96 30.72
CA LYS T 69 -83.73 33.60 30.31
C LYS T 69 -82.63 32.60 30.02
N ASP T 70 -82.59 31.49 30.75
CA ASP T 70 -81.60 30.44 30.56
C ASP T 70 -82.15 29.17 31.19
N CYS T 71 -81.90 28.04 30.55
CA CYS T 71 -82.34 26.76 31.09
C CYS T 71 -81.40 25.68 30.57
N LYS T 72 -80.98 24.80 31.46
CA LYS T 72 -79.91 23.86 31.15
C LYS T 72 -80.14 22.54 31.84
N ALA T 73 -79.38 21.55 31.39
CA ALA T 73 -79.32 20.23 31.98
C ALA T 73 -77.92 20.00 32.52
N LEU T 74 -77.83 19.40 33.70
CA LEU T 74 -76.55 18.98 34.25
C LEU T 74 -76.33 17.49 34.04
N THR T 75 -76.31 17.07 32.77
CA THR T 75 -75.88 15.71 32.48
C THR T 75 -74.46 15.54 32.99
N TYR T 76 -74.12 14.33 33.44
CA TYR T 76 -73.36 14.18 34.67
C TYR T 76 -74.22 14.62 35.84
N ARG T 77 -75.33 13.89 35.99
CA ARG T 77 -76.39 14.11 36.97
C ARG T 77 -75.86 13.84 38.37
N GLN T 78 -75.87 14.84 39.23
CA GLN T 78 -75.10 14.75 40.46
C GLN T 78 -75.82 13.90 41.50
N ASP T 79 -75.08 13.57 42.54
CA ASP T 79 -75.69 13.28 43.84
C ASP T 79 -75.87 14.60 44.57
N LEU T 80 -76.90 14.66 45.41
CA LEU T 80 -77.28 15.94 45.96
C LEU T 80 -78.06 15.76 47.26
N ARG T 81 -77.44 16.13 48.36
CA ARG T 81 -78.13 16.16 49.64
C ARG T 81 -78.87 17.48 49.84
N ALA T 82 -79.96 17.39 50.61
CA ALA T 82 -80.75 18.54 51.02
C ALA T 82 -80.07 19.37 52.08
N THR T 83 -78.85 19.00 52.46
CA THR T 83 -78.02 19.86 53.28
C THR T 83 -77.04 20.68 52.46
N GLU T 84 -76.76 20.25 51.23
CA GLU T 84 -75.75 20.88 50.40
C GLU T 84 -76.27 21.24 49.01
N ILE T 85 -77.58 21.41 48.84
CA ILE T 85 -77.98 22.23 47.69
C ILE T 85 -77.48 23.65 47.89
N GLU T 86 -77.30 24.06 49.14
CA GLU T 86 -77.12 25.46 49.47
C GLU T 86 -75.93 26.07 48.75
N LYS T 87 -74.97 25.26 48.33
CA LYS T 87 -73.86 25.75 47.52
C LYS T 87 -73.94 25.28 46.08
N TYR T 88 -75.06 24.71 45.64
CA TYR T 88 -75.40 24.71 44.23
C TYR T 88 -76.23 25.92 43.87
N ARG T 89 -77.12 26.35 44.77
CA ARG T 89 -77.94 27.49 44.44
C ARG T 89 -77.08 28.73 44.25
N THR T 90 -76.04 28.88 45.06
CA THR T 90 -75.11 29.97 44.86
C THR T 90 -74.16 29.71 43.70
N ARG T 91 -73.90 28.44 43.39
CA ARG T 91 -72.89 28.16 42.39
C ARG T 91 -73.46 28.33 40.99
N MET T 92 -74.75 28.07 40.82
CA MET T 92 -75.40 28.19 39.52
C MET T 92 -76.42 29.30 39.42
N LEU T 93 -77.18 29.57 40.43
CA LEU T 93 -78.25 30.49 40.15
C LEU T 93 -77.77 31.93 40.23
N PRO T 94 -78.41 32.84 39.49
CA PRO T 94 -77.91 34.22 39.43
C PRO T 94 -77.88 34.92 40.77
N THR T 95 -78.79 34.59 41.68
CA THR T 95 -78.86 35.26 42.97
C THR T 95 -79.72 34.43 43.90
N ARG T 96 -79.83 34.89 45.13
CA ARG T 96 -80.57 34.14 46.14
C ARG T 96 -82.05 34.46 46.15
N GLN T 97 -82.52 35.33 45.25
CA GLN T 97 -83.95 35.62 45.14
C GLN T 97 -84.64 34.78 44.07
N TRP T 98 -84.20 34.86 42.82
CA TRP T 98 -84.84 34.14 41.74
C TRP T 98 -84.00 32.94 41.31
N GLY T 99 -84.46 32.28 40.26
CA GLY T 99 -83.77 31.12 39.68
C GLY T 99 -84.08 29.84 40.43
N TYR T 100 -84.22 28.72 39.72
CA TYR T 100 -84.55 27.46 40.34
C TYR T 100 -83.67 26.35 39.81
N VAL T 101 -83.30 25.45 40.71
CA VAL T 101 -82.51 24.26 40.40
C VAL T 101 -83.44 23.07 40.54
N VAL T 102 -83.62 22.33 39.46
CA VAL T 102 -84.56 21.22 39.45
C VAL T 102 -83.81 19.93 39.71
N VAL T 103 -84.17 19.25 40.80
CA VAL T 103 -83.52 18.01 41.24
C VAL T 103 -84.58 16.92 41.32
N THR T 104 -84.31 15.80 40.68
CA THR T 104 -85.21 14.65 40.77
C THR T 104 -84.99 13.94 42.10
N THR T 105 -86.09 13.65 42.79
CA THR T 105 -86.07 13.08 44.12
C THR T 105 -87.12 11.98 44.18
N PRO T 106 -87.06 11.10 45.18
CA PRO T 106 -88.05 10.02 45.28
C PRO T 106 -89.50 10.46 45.24
N ASN T 107 -89.74 11.77 45.39
CA ASN T 107 -91.08 12.33 45.25
C ASN T 107 -91.26 12.96 43.87
N GLY T 108 -90.58 12.43 42.86
CA GLY T 108 -90.69 12.98 41.52
C GLY T 108 -89.86 14.23 41.34
N VAL T 109 -90.00 14.80 40.16
CA VAL T 109 -89.23 15.97 39.76
C VAL T 109 -89.72 17.19 40.52
N LEU T 110 -88.79 17.93 41.13
CA LEU T 110 -89.18 19.09 41.92
C LEU T 110 -87.98 20.02 42.08
N ASP T 111 -88.27 21.30 42.25
CA ASP T 111 -87.22 22.31 42.36
C ASP T 111 -86.68 22.40 43.79
N HIS T 112 -85.56 23.10 43.94
CA HIS T 112 -84.81 23.04 45.19
C HIS T 112 -85.54 23.71 46.34
N GLU T 113 -86.36 24.72 46.07
CA GLU T 113 -87.14 25.30 47.15
C GLU T 113 -88.19 24.32 47.65
N GLU T 114 -88.79 23.55 46.75
CA GLU T 114 -89.64 22.45 47.20
C GLU T 114 -88.84 21.43 47.99
N ALA T 115 -87.59 21.20 47.60
CA ALA T 115 -86.77 20.23 48.30
C ALA T 115 -86.40 20.70 49.70
N ILE T 116 -86.24 21.99 49.91
CA ILE T 116 -86.06 22.48 51.29
C ILE T 116 -87.26 22.09 52.15
N ARG T 117 -88.47 22.37 51.67
CA ARG T 117 -89.61 22.18 52.58
C ARG T 117 -89.97 20.70 52.74
N GLN T 118 -89.90 19.90 51.67
CA GLN T 118 -90.15 18.47 51.85
C GLN T 118 -88.94 17.72 52.40
N ASN T 119 -87.79 18.38 52.48
CA ASN T 119 -86.57 17.82 53.06
C ASN T 119 -86.23 16.47 52.42
N VAL T 120 -86.24 16.43 51.10
CA VAL T 120 -85.82 15.26 50.35
C VAL T 120 -84.85 15.69 49.25
N GLY T 121 -83.72 15.01 49.15
CA GLY T 121 -82.73 15.29 48.14
C GLY T 121 -82.79 14.27 47.00
N GLY T 122 -81.90 14.46 46.03
CA GLY T 122 -81.88 13.57 44.88
C GLY T 122 -80.80 13.89 43.87
N GLN T 123 -81.13 13.81 42.58
CA GLN T 123 -80.17 14.04 41.51
C GLN T 123 -80.57 15.28 40.73
N VAL T 124 -79.57 16.06 40.32
CA VAL T 124 -79.83 17.27 39.55
C VAL T 124 -80.33 16.88 38.17
N LEU T 125 -81.51 17.35 37.81
CA LEU T 125 -81.90 17.27 36.41
C LEU T 125 -81.44 18.50 35.64
N GLY T 126 -81.51 19.67 36.26
CA GLY T 126 -81.02 20.84 35.58
C GLY T 126 -81.37 22.10 36.30
N TYR T 127 -81.62 23.19 35.57
CA TYR T 127 -81.98 24.44 36.22
C TYR T 127 -82.53 25.41 35.19
N PHE T 128 -83.13 26.48 35.69
CA PHE T 128 -83.57 27.56 34.82
C PHE T 128 -83.72 28.84 35.63
N HIS T 129 -83.38 29.95 35.00
CA HIS T 129 -83.45 31.25 35.65
C HIS T 129 -83.65 32.35 34.64
N SER U 18 -9.35 97.21 13.90
CA SER U 18 -9.57 98.53 14.44
C SER U 18 -11.01 98.99 14.20
N ARG U 19 -11.77 98.18 13.48
CA ARG U 19 -13.16 98.48 13.14
C ARG U 19 -14.00 97.26 13.43
N VAL U 20 -15.16 97.47 14.06
CA VAL U 20 -16.03 96.40 14.53
C VAL U 20 -17.47 96.75 14.18
N CYS U 21 -18.39 95.88 14.59
CA CYS U 21 -19.81 96.23 14.49
C CYS U 21 -20.16 97.33 15.46
N ARG U 22 -21.09 98.19 15.04
CA ARG U 22 -21.79 99.03 16.00
C ARG U 22 -22.64 98.20 16.93
N VAL U 23 -22.99 96.98 16.52
CA VAL U 23 -24.00 96.17 17.19
C VAL U 23 -23.35 95.17 18.13
N CYS U 24 -22.50 94.30 17.60
CA CYS U 24 -21.89 93.27 18.42
C CYS U 24 -20.41 93.50 18.71
N GLY U 25 -19.75 94.38 17.96
CA GLY U 25 -18.36 94.67 18.19
C GLY U 25 -17.43 93.50 17.90
N ASN U 26 -17.64 92.82 16.79
CA ASN U 26 -16.76 91.74 16.36
C ASN U 26 -16.07 92.18 15.07
N SER U 27 -15.04 91.44 14.67
CA SER U 27 -14.09 91.90 13.67
C SER U 27 -14.25 91.24 12.31
N HIS U 28 -15.26 90.41 12.09
CA HIS U 28 -15.44 89.79 10.78
C HIS U 28 -16.80 90.13 10.17
N GLY U 29 -16.94 89.75 8.91
CA GLY U 29 -18.21 89.78 8.22
C GLY U 29 -18.85 91.14 8.14
N LEU U 30 -18.05 92.19 8.08
CA LEU U 30 -18.59 93.54 8.19
C LEU U 30 -19.28 93.97 6.90
N ILE U 31 -20.13 94.96 7.04
CA ILE U 31 -20.76 95.63 5.92
C ILE U 31 -20.34 97.09 6.01
N ARG U 32 -19.24 97.41 5.33
CA ARG U 32 -18.73 98.77 5.28
C ARG U 32 -19.59 99.68 4.40
N LYS U 33 -20.34 99.11 3.48
CA LYS U 33 -21.01 99.91 2.46
C LYS U 33 -22.17 100.68 3.08
N TYR U 34 -22.24 101.97 2.76
CA TYR U 34 -23.15 102.97 3.32
C TYR U 34 -22.81 103.34 4.76
N GLY U 35 -21.70 102.84 5.29
CA GLY U 35 -21.27 103.22 6.63
C GLY U 35 -22.01 102.54 7.76
N LEU U 36 -22.57 101.36 7.54
CA LEU U 36 -23.30 100.66 8.60
C LEU U 36 -22.39 100.34 9.78
N MET U 37 -21.24 99.74 9.50
CA MET U 37 -20.36 99.22 10.55
C MET U 37 -21.10 98.21 11.42
N CYS U 38 -21.67 97.18 10.76
CA CYS U 38 -22.27 96.04 11.43
C CYS U 38 -22.00 94.80 10.58
N CYS U 39 -21.97 93.64 11.23
CA CYS U 39 -21.55 92.43 10.53
C CYS U 39 -22.73 91.84 9.77
N ARG U 40 -22.44 90.84 8.93
CA ARG U 40 -23.50 90.23 8.13
C ARG U 40 -24.58 89.59 9.00
N GLN U 41 -24.24 89.21 10.22
CA GLN U 41 -25.21 88.58 11.10
C GLN U 41 -26.07 89.61 11.82
N CYS U 42 -25.44 90.60 12.45
CA CYS U 42 -26.18 91.67 13.10
C CYS U 42 -27.06 92.40 12.11
N PHE U 43 -26.56 92.56 10.89
CA PHE U 43 -27.29 93.30 9.87
C PHE U 43 -28.62 92.64 9.54
N ARG U 44 -28.59 91.32 9.27
CA ARG U 44 -29.86 90.63 9.06
C ARG U 44 -30.70 90.65 10.32
N SER U 45 -30.09 90.45 11.49
CA SER U 45 -30.87 90.38 12.72
C SER U 45 -31.67 91.66 12.94
N ASN U 46 -31.12 92.80 12.53
CA ASN U 46 -31.79 94.08 12.69
C ASN U 46 -32.16 94.72 11.36
N ALA U 47 -32.25 93.93 10.29
CA ALA U 47 -32.35 94.50 8.95
C ALA U 47 -33.72 95.09 8.69
N LYS U 48 -34.77 94.48 9.21
CA LYS U 48 -36.10 94.92 8.86
C LYS U 48 -36.45 96.24 9.52
N ASP U 49 -35.91 96.51 10.70
CA ASP U 49 -36.19 97.79 11.35
C ASP U 49 -35.28 98.90 10.84
N ILE U 50 -34.09 98.57 10.33
CA ILE U 50 -33.31 99.57 9.62
C ILE U 50 -34.08 100.06 8.40
N GLY U 51 -34.79 99.15 7.73
CA GLY U 51 -35.62 99.55 6.62
C GLY U 51 -35.29 98.83 5.33
N PHE U 52 -34.49 97.77 5.40
CA PHE U 52 -34.09 97.04 4.20
C PHE U 52 -35.17 96.02 3.84
N ILE U 53 -36.35 96.57 3.51
CA ILE U 53 -37.44 95.82 2.91
C ILE U 53 -36.93 94.93 1.79
N LYS U 54 -37.22 93.64 1.90
CA LYS U 54 -36.67 92.62 1.00
C LYS U 54 -37.73 92.30 -0.05
N TYR U 55 -37.88 93.20 -1.02
CA TYR U 55 -38.81 92.96 -2.11
C TYR U 55 -38.40 91.80 -3.00
N ARG U 56 -37.12 91.45 -3.04
CA ARG U 56 -36.68 90.31 -3.82
C ARG U 56 -35.30 89.90 -3.38
N GLU V 15 -101.87 23.58 1.80
CA GLU V 15 -101.08 23.24 2.98
C GLU V 15 -99.81 22.51 2.56
N LEU V 16 -98.68 22.95 3.10
CA LEU V 16 -97.37 22.44 2.73
C LEU V 16 -97.05 21.07 3.32
N GLU V 17 -97.89 20.56 4.22
CA GLU V 17 -97.56 19.30 4.89
C GLU V 17 -97.60 18.11 3.95
N LYS V 18 -97.79 18.33 2.65
CA LYS V 18 -97.69 17.26 1.67
C LYS V 18 -96.38 17.33 0.90
N LEU V 19 -95.87 18.53 0.65
CA LEU V 19 -94.53 18.68 0.09
C LEU V 19 -93.45 18.43 1.14
N LYS V 20 -93.77 18.66 2.41
CA LYS V 20 -92.80 18.51 3.47
C LYS V 20 -92.41 17.05 3.62
N HIS V 21 -91.22 16.80 4.15
CA HIS V 21 -90.64 15.46 4.11
C HIS V 21 -91.52 14.43 4.80
N LYS V 22 -91.31 13.17 4.44
CA LYS V 22 -92.13 12.09 4.95
C LYS V 22 -92.01 11.96 6.47
N LYS V 23 -90.80 12.05 7.00
CA LYS V 23 -90.57 11.86 8.42
C LYS V 23 -90.43 13.16 9.19
N LYS V 24 -90.52 14.30 8.52
CA LYS V 24 -90.48 15.58 9.20
C LYS V 24 -91.86 16.20 9.38
N ARG V 25 -92.92 15.53 8.96
CA ARG V 25 -94.26 16.03 9.25
C ARG V 25 -94.55 15.94 10.73
N LEU V 26 -95.68 16.52 11.13
CA LEU V 26 -96.03 16.54 12.55
C LEU V 26 -96.23 15.13 13.08
N VAL V 27 -97.07 14.35 12.42
CA VAL V 27 -97.19 12.92 12.70
C VAL V 27 -96.81 12.22 11.42
N GLN V 28 -95.66 11.57 11.41
CA GLN V 28 -95.08 11.12 10.16
C GLN V 28 -95.98 10.07 9.51
N SER V 29 -96.14 10.19 8.20
CA SER V 29 -97.09 9.42 7.43
C SER V 29 -96.45 8.99 6.12
N PRO V 30 -96.83 7.83 5.61
CA PRO V 30 -96.23 7.34 4.36
C PRO V 30 -96.67 8.16 3.16
N ASN V 31 -95.80 8.17 2.14
CA ASN V 31 -96.12 8.79 0.86
C ASN V 31 -96.74 7.82 -0.13
N SER V 32 -96.90 6.55 0.23
CA SER V 32 -97.35 5.54 -0.70
C SER V 32 -98.80 5.17 -0.44
N PHE V 33 -99.29 4.21 -1.22
CA PHE V 33 -100.69 3.83 -1.14
C PHE V 33 -100.88 2.53 -1.92
N PHE V 34 -101.98 1.86 -1.64
CA PHE V 34 -102.33 0.66 -2.39
C PHE V 34 -103.35 1.04 -3.45
N MET V 35 -103.08 0.61 -4.68
CA MET V 35 -103.90 0.98 -5.81
C MET V 35 -104.45 -0.30 -6.45
N ASP V 36 -105.73 -0.29 -6.73
CA ASP V 36 -106.35 -1.39 -7.47
C ASP V 36 -106.16 -1.11 -8.95
N VAL V 37 -105.42 -1.98 -9.62
CA VAL V 37 -105.13 -1.84 -11.04
C VAL V 37 -106.04 -2.79 -11.81
N LYS V 38 -106.61 -2.28 -12.90
CA LYS V 38 -107.48 -3.03 -13.79
C LYS V 38 -106.97 -2.80 -15.20
N CYS V 39 -106.74 -3.90 -15.93
CA CYS V 39 -106.09 -3.83 -17.23
C CYS V 39 -107.13 -3.68 -18.34
N GLN V 40 -106.67 -3.88 -19.58
CA GLN V 40 -107.51 -3.94 -20.77
C GLN V 40 -107.83 -5.35 -21.21
N GLY V 41 -106.90 -6.30 -21.01
CA GLY V 41 -107.10 -7.66 -21.48
C GLY V 41 -107.81 -8.57 -20.50
N CYS V 42 -107.92 -8.17 -19.23
CA CYS V 42 -108.51 -9.04 -18.21
C CYS V 42 -109.32 -8.15 -17.28
N PHE V 43 -110.64 -8.13 -17.48
CA PHE V 43 -111.47 -7.13 -16.81
C PHE V 43 -111.75 -7.52 -15.37
N ASN V 44 -110.69 -7.88 -14.64
CA ASN V 44 -110.73 -8.09 -13.21
C ASN V 44 -109.84 -7.05 -12.53
N ILE V 45 -109.83 -7.06 -11.21
CA ILE V 45 -109.13 -6.06 -10.41
C ILE V 45 -108.07 -6.76 -9.57
N THR V 46 -106.86 -6.23 -9.57
CA THR V 46 -105.80 -6.78 -8.74
C THR V 46 -105.19 -5.65 -7.92
N THR V 47 -104.92 -5.92 -6.65
CA THR V 47 -104.34 -4.91 -5.77
C THR V 47 -102.82 -4.93 -5.90
N VAL V 48 -102.24 -3.75 -6.06
CA VAL V 48 -100.81 -3.58 -6.20
C VAL V 48 -100.39 -2.43 -5.31
N PHE V 49 -99.11 -2.38 -4.97
CA PHE V 49 -98.59 -1.36 -4.08
C PHE V 49 -97.95 -0.26 -4.92
N SER V 50 -97.98 0.97 -4.41
CA SER V 50 -97.50 2.09 -5.19
C SER V 50 -96.04 1.92 -5.59
N HIS V 51 -95.21 1.49 -4.64
CA HIS V 51 -93.79 1.23 -4.88
C HIS V 51 -93.63 -0.29 -4.87
N SER V 52 -93.88 -0.90 -6.02
CA SER V 52 -94.15 -2.33 -6.06
C SER V 52 -92.91 -3.16 -5.71
N GLN V 53 -91.77 -2.81 -6.29
CA GLN V 53 -90.49 -3.49 -6.05
C GLN V 53 -90.44 -4.86 -6.69
N THR V 54 -91.56 -5.36 -7.20
CA THR V 54 -91.61 -6.66 -7.86
C THR V 54 -92.62 -6.58 -9.00
N VAL V 55 -92.28 -7.18 -10.14
CA VAL V 55 -93.28 -7.35 -11.19
C VAL V 55 -94.41 -8.23 -10.68
N VAL V 56 -95.63 -7.86 -11.02
CA VAL V 56 -96.81 -8.64 -10.65
C VAL V 56 -97.66 -8.83 -11.90
N VAL V 57 -98.23 -10.03 -12.04
CA VAL V 57 -98.93 -10.44 -13.24
C VAL V 57 -100.37 -10.78 -12.89
N CYS V 58 -101.28 -10.43 -13.78
CA CYS V 58 -102.69 -10.77 -13.58
C CYS V 58 -102.84 -12.29 -13.56
N PRO V 59 -103.56 -12.85 -12.59
CA PRO V 59 -103.63 -14.32 -12.48
C PRO V 59 -104.15 -14.99 -13.74
N GLY V 60 -105.10 -14.38 -14.43
CA GLY V 60 -105.58 -14.93 -15.68
C GLY V 60 -104.72 -14.61 -16.88
N CYS V 61 -104.62 -13.32 -17.22
CA CYS V 61 -104.02 -12.90 -18.47
C CYS V 61 -102.49 -12.94 -18.45
N GLN V 62 -101.89 -12.95 -17.27
CA GLN V 62 -100.46 -13.12 -17.06
C GLN V 62 -99.62 -11.95 -17.59
N THR V 63 -100.24 -10.84 -17.98
CA THR V 63 -99.49 -9.67 -18.37
C THR V 63 -98.93 -8.98 -17.14
N VAL V 64 -97.83 -8.22 -17.33
CA VAL V 64 -97.22 -7.50 -16.21
C VAL V 64 -98.05 -6.29 -15.86
N LEU V 65 -98.14 -6.01 -14.57
CA LEU V 65 -98.86 -4.85 -14.07
C LEU V 65 -97.95 -3.67 -13.81
N CYS V 66 -96.74 -3.94 -13.34
CA CYS V 66 -95.82 -2.90 -12.92
C CYS V 66 -94.40 -3.33 -13.23
N GLN V 67 -93.52 -2.34 -13.31
CA GLN V 67 -92.09 -2.55 -13.34
C GLN V 67 -91.46 -1.90 -12.13
N PRO V 68 -90.69 -2.63 -11.34
CA PRO V 68 -90.01 -2.02 -10.20
C PRO V 68 -89.13 -0.88 -10.66
N THR V 69 -89.10 0.18 -9.85
CA THR V 69 -88.31 1.35 -10.17
C THR V 69 -87.84 1.95 -8.84
N GLY V 70 -86.90 2.88 -8.89
CA GLY V 70 -86.45 3.46 -7.65
C GLY V 70 -87.53 4.18 -6.87
N GLY V 71 -88.63 4.53 -7.52
CA GLY V 71 -89.74 5.17 -6.85
C GLY V 71 -91.03 4.42 -7.06
N LYS V 72 -92.05 5.10 -7.59
CA LYS V 72 -93.29 4.40 -7.89
C LYS V 72 -93.09 3.48 -9.08
N ALA V 73 -93.80 2.36 -9.05
CA ALA V 73 -93.72 1.40 -10.14
C ALA V 73 -94.37 1.95 -11.40
N ARG V 74 -93.85 1.55 -12.55
CA ARG V 74 -94.36 2.02 -13.83
C ARG V 74 -95.45 1.08 -14.34
N LEU V 75 -96.57 1.67 -14.73
CA LEU V 75 -97.69 0.88 -15.22
C LEU V 75 -97.51 0.58 -16.70
N THR V 76 -98.19 -0.46 -17.16
CA THR V 76 -98.20 -0.81 -18.57
C THR V 76 -99.34 -0.04 -19.26
N GLU V 77 -99.20 0.17 -20.56
CA GLU V 77 -100.22 0.90 -21.32
C GLU V 77 -101.59 0.28 -21.13
N GLY V 78 -102.59 1.13 -20.90
CA GLY V 78 -103.95 0.69 -20.69
C GLY V 78 -104.14 -0.06 -19.39
N CYS V 79 -103.61 0.49 -18.30
CA CYS V 79 -103.82 -0.06 -16.96
C CYS V 79 -104.41 1.05 -16.10
N SER V 80 -105.74 1.05 -15.95
CA SER V 80 -106.39 2.08 -15.17
C SER V 80 -106.42 1.66 -13.71
N PHE V 81 -106.00 2.54 -12.82
CA PHE V 81 -105.88 2.20 -11.41
C PHE V 81 -106.60 3.23 -10.55
N ARG V 82 -107.21 2.74 -9.46
CA ARG V 82 -107.85 3.58 -8.46
C ARG V 82 -107.12 3.46 -7.13
N ARG V 83 -106.71 4.59 -6.59
CA ARG V 83 -106.23 4.67 -5.22
C ARG V 83 -107.23 4.02 -4.28
N LYS V 84 -106.73 3.46 -3.18
CA LYS V 84 -107.60 2.91 -2.14
C LYS V 84 -106.82 2.52 -0.90
N LEU W 8 -10.22 43.20 40.52
CA LEU W 8 -9.98 43.06 41.95
C LEU W 8 -9.20 44.25 42.49
N ALA W 9 -8.61 45.02 41.57
CA ALA W 9 -7.83 46.17 41.96
C ALA W 9 -8.69 47.28 42.53
N ARG W 10 -9.90 47.44 42.01
CA ARG W 10 -10.70 48.64 42.22
C ARG W 10 -11.75 48.49 43.31
N ALA W 11 -11.64 47.47 44.16
CA ALA W 11 -12.62 47.29 45.20
C ALA W 11 -12.56 48.42 46.22
N GLY W 12 -13.73 48.85 46.68
CA GLY W 12 -13.81 49.90 47.68
C GLY W 12 -13.57 51.30 47.16
N LYS W 13 -13.46 51.47 45.84
CA LYS W 13 -13.06 52.73 45.22
C LYS W 13 -13.94 53.88 45.66
N VAL W 14 -15.21 53.88 45.28
CA VAL W 14 -16.05 55.04 45.54
C VAL W 14 -16.37 55.17 47.02
N ARG W 15 -16.61 54.06 47.71
CA ARG W 15 -16.91 54.13 49.12
C ARG W 15 -15.75 54.70 49.92
N GLY W 16 -14.53 54.64 49.37
CA GLY W 16 -13.43 55.37 49.94
C GLY W 16 -13.31 56.79 49.40
N GLN W 17 -13.73 56.99 48.14
CA GLN W 17 -13.68 58.31 47.53
C GLN W 17 -14.53 59.32 48.28
N THR W 18 -15.68 58.87 48.79
CA THR W 18 -16.65 59.79 49.37
C THR W 18 -16.07 60.46 50.62
N PRO W 19 -16.39 61.73 50.85
CA PRO W 19 -15.97 62.39 52.08
C PRO W 19 -16.69 61.85 53.30
N LYS W 20 -16.02 61.93 54.44
CA LYS W 20 -16.63 61.55 55.71
C LYS W 20 -17.32 62.77 56.31
N VAL W 21 -18.59 62.60 56.67
CA VAL W 21 -19.38 63.65 57.29
C VAL W 21 -20.23 63.00 58.37
N ALA W 22 -20.67 63.81 59.32
CA ALA W 22 -21.35 63.31 60.50
C ALA W 22 -22.75 63.91 60.60
N LYS W 23 -23.59 63.25 61.39
CA LYS W 23 -24.95 63.71 61.59
C LYS W 23 -24.97 64.94 62.48
N GLN W 24 -26.15 65.53 62.63
CA GLN W 24 -26.40 66.47 63.71
C GLN W 24 -26.93 65.72 64.93
N ASP W 25 -27.44 66.46 65.90
CA ASP W 25 -27.87 65.90 67.17
C ASP W 25 -29.36 66.13 67.30
N LYS W 26 -30.08 65.78 66.24
CA LYS W 26 -31.52 65.98 66.10
C LYS W 26 -32.26 65.70 67.40
N LYS W 27 -33.31 66.48 67.63
CA LYS W 27 -34.26 66.15 68.67
C LYS W 27 -35.10 64.95 68.24
N LYS W 28 -35.28 64.00 69.14
CA LYS W 28 -35.96 62.76 68.79
C LYS W 28 -37.39 63.04 68.34
N GLN W 29 -37.85 62.29 67.36
CA GLN W 29 -39.28 62.42 67.13
C GLN W 29 -40.04 61.50 68.07
N PRO W 30 -41.30 61.80 68.36
CA PRO W 30 -42.07 60.93 69.25
C PRO W 30 -42.29 59.57 68.61
N ARG W 31 -42.40 58.54 69.45
CA ARG W 31 -42.63 57.19 68.98
C ARG W 31 -44.07 56.79 69.28
N GLY W 32 -44.51 55.74 68.59
CA GLY W 32 -45.80 55.14 68.89
C GLY W 32 -46.97 56.08 68.68
N ARG W 33 -47.86 56.09 69.66
CA ARG W 33 -49.07 56.90 69.58
C ARG W 33 -48.76 58.34 69.21
N ALA W 34 -47.78 58.94 69.88
CA ALA W 34 -47.49 60.34 69.61
C ALA W 34 -46.97 60.53 68.19
N HIS W 35 -46.33 59.51 67.61
CA HIS W 35 -45.86 59.64 66.23
C HIS W 35 -47.03 59.58 65.27
N LYS W 36 -47.97 58.67 65.51
CA LYS W 36 -49.18 58.71 64.69
C LYS W 36 -49.96 60.00 64.92
N ARG W 37 -49.85 60.56 66.12
CA ARG W 37 -50.47 61.86 66.39
C ARG W 37 -49.88 62.93 65.49
N ILE W 38 -48.55 63.02 65.43
CA ILE W 38 -47.93 64.06 64.60
C ILE W 38 -48.28 63.83 63.14
N GLN W 39 -48.32 62.57 62.70
CA GLN W 39 -48.71 62.29 61.32
C GLN W 39 -50.15 62.74 61.05
N TYR W 40 -51.07 62.44 61.96
CA TYR W 40 -52.45 62.83 61.82
C TYR W 40 -52.56 64.34 61.74
N ASN W 41 -52.17 65.04 62.80
CA ASN W 41 -52.34 66.48 62.89
C ASN W 41 -51.26 67.25 62.13
N ARG W 42 -50.49 66.58 61.29
CA ARG W 42 -49.65 67.22 60.31
C ARG W 42 -50.12 67.02 58.87
N ARG W 43 -50.76 65.90 58.57
CA ARG W 43 -51.20 65.71 57.20
C ARG W 43 -52.49 66.49 56.94
N PHE W 44 -53.55 66.18 57.69
CA PHE W 44 -54.86 66.76 57.41
C PHE W 44 -55.51 67.35 58.66
N VAL W 45 -54.73 68.08 59.46
CA VAL W 45 -55.31 68.97 60.47
C VAL W 45 -54.73 70.36 60.23
N THR W 46 -53.56 70.42 59.60
CA THR W 46 -52.89 71.68 59.34
C THR W 46 -53.17 72.20 57.93
N ARG X 10 -125.73 49.41 -7.06
CA ARG X 10 -124.97 49.40 -5.82
C ARG X 10 -123.77 50.34 -5.91
N ALA X 11 -122.90 50.30 -4.90
CA ALA X 11 -121.75 51.20 -4.83
C ALA X 11 -120.45 50.40 -4.82
N LEU X 12 -119.35 51.14 -4.71
CA LEU X 12 -118.02 50.57 -4.59
C LEU X 12 -117.45 50.90 -3.22
N SER X 13 -116.53 50.08 -2.76
CA SER X 13 -115.84 50.39 -1.53
C SER X 13 -114.51 51.10 -1.82
N GLN X 14 -113.93 51.65 -0.77
CA GLN X 14 -112.60 52.24 -0.88
C GLN X 14 -111.59 51.17 -1.26
N LYS X 15 -111.73 49.97 -0.67
CA LYS X 15 -111.13 48.77 -1.22
C LYS X 15 -111.23 48.71 -2.73
N GLU X 16 -112.45 48.78 -3.26
CA GLU X 16 -112.65 48.56 -4.69
C GLU X 16 -111.86 49.55 -5.51
N GLN X 17 -112.07 50.83 -5.23
CA GLN X 17 -111.43 51.87 -6.03
C GLN X 17 -109.91 51.80 -5.89
N ASP X 18 -109.42 51.61 -4.66
CA ASP X 18 -107.98 51.67 -4.44
C ASP X 18 -107.27 50.46 -5.03
N ILE X 19 -107.82 49.27 -4.87
CA ILE X 19 -107.25 48.09 -5.50
C ILE X 19 -107.27 48.25 -7.02
N GLN X 20 -108.33 48.82 -7.59
CA GLN X 20 -108.29 49.08 -9.02
C GLN X 20 -107.16 50.02 -9.38
N MET X 21 -106.96 51.06 -8.57
CA MET X 21 -105.89 52.02 -8.84
C MET X 21 -104.54 51.32 -8.84
N MET X 22 -104.32 50.39 -7.92
CA MET X 22 -103.04 49.70 -7.87
C MET X 22 -102.87 48.68 -8.99
N LEU X 23 -103.92 47.92 -9.32
CA LEU X 23 -103.87 47.11 -10.53
C LEU X 23 -103.50 47.95 -11.74
N ALA X 24 -104.00 49.18 -11.80
CA ALA X 24 -103.74 50.01 -12.96
C ALA X 24 -102.30 50.52 -12.96
N ALA X 25 -101.81 50.98 -11.81
CA ALA X 25 -100.47 51.51 -11.73
C ALA X 25 -99.42 50.42 -11.60
N ASP X 26 -99.84 49.16 -11.64
CA ASP X 26 -98.92 48.02 -11.69
C ASP X 26 -98.04 48.00 -10.44
N VAL X 27 -98.71 47.81 -9.31
CA VAL X 27 -98.06 47.80 -8.01
C VAL X 27 -97.93 46.36 -7.52
N HIS X 28 -98.85 45.51 -7.96
CA HIS X 28 -98.90 44.12 -7.50
C HIS X 28 -97.73 43.28 -7.98
N LEU X 29 -96.95 43.75 -8.94
CA LEU X 29 -95.91 42.92 -9.58
C LEU X 29 -94.58 43.14 -8.87
N GLY X 30 -94.19 42.18 -8.04
CA GLY X 30 -92.83 42.18 -7.49
C GLY X 30 -91.84 41.73 -8.54
N THR X 31 -90.71 41.16 -8.12
CA THR X 31 -89.68 40.74 -9.07
C THR X 31 -89.39 39.25 -8.93
N LYS X 32 -88.29 38.83 -9.57
CA LYS X 32 -87.95 37.41 -9.67
C LYS X 32 -87.67 36.78 -8.32
N ASN X 33 -87.17 37.53 -7.35
CA ASN X 33 -86.71 36.97 -6.09
C ASN X 33 -87.71 37.26 -4.97
N CYS X 34 -87.33 36.84 -3.77
CA CYS X 34 -88.11 37.13 -2.57
C CYS X 34 -87.20 37.03 -1.37
N ASP X 35 -87.57 37.72 -0.31
CA ASP X 35 -86.88 37.62 0.97
C ASP X 35 -87.79 36.97 1.98
N PHE X 36 -87.23 36.07 2.78
CA PHE X 36 -88.03 35.32 3.73
C PHE X 36 -88.80 36.24 4.67
N GLN X 37 -88.27 37.44 4.90
CA GLN X 37 -88.98 38.38 5.77
C GLN X 37 -90.35 38.74 5.21
N MET X 38 -90.43 39.06 3.92
CA MET X 38 -91.69 39.52 3.38
C MET X 38 -92.30 38.54 2.38
N GLU X 39 -91.91 37.27 2.42
CA GLU X 39 -92.63 36.28 1.65
C GLU X 39 -94.07 36.16 2.12
N ARG X 40 -94.36 36.61 3.35
CA ARG X 40 -95.71 36.56 3.88
C ARG X 40 -96.68 37.46 3.13
N TYR X 41 -96.19 38.36 2.29
CA TYR X 41 -97.06 39.22 1.49
C TYR X 41 -97.24 38.70 0.08
N ALA X 42 -96.18 38.24 -0.56
CA ALA X 42 -96.31 37.62 -1.87
C ALA X 42 -97.23 36.41 -1.77
N TYR X 43 -98.10 36.25 -2.77
CA TYR X 43 -99.13 35.22 -2.72
C TYR X 43 -98.79 34.02 -3.59
N LYS X 44 -98.52 34.24 -4.88
CA LYS X 44 -98.20 33.16 -5.79
C LYS X 44 -97.24 33.69 -6.85
N ARG X 45 -96.61 32.76 -7.57
CA ARG X 45 -95.66 33.09 -8.63
C ARG X 45 -96.31 32.88 -9.98
N ARG X 46 -96.02 33.77 -10.92
CA ARG X 46 -96.36 33.44 -12.29
C ARG X 46 -95.23 32.66 -12.92
N SER X 47 -95.58 31.82 -13.90
CA SER X 47 -94.62 30.90 -14.48
C SER X 47 -93.46 31.63 -15.12
N ASP X 48 -93.65 32.87 -15.55
CA ASP X 48 -92.51 33.66 -16.03
C ASP X 48 -91.46 33.83 -14.95
N GLY X 49 -91.87 33.87 -13.68
CA GLY X 49 -90.96 33.84 -12.55
C GLY X 49 -91.10 35.00 -11.57
N ILE X 50 -91.77 36.09 -11.93
CA ILE X 50 -91.89 37.20 -10.99
C ILE X 50 -93.09 36.98 -10.09
N TYR X 51 -92.93 37.42 -8.85
CA TYR X 51 -93.91 37.26 -7.80
C TYR X 51 -94.96 38.35 -7.87
N ILE X 52 -96.08 38.10 -7.21
CA ILE X 52 -97.16 39.08 -7.12
C ILE X 52 -97.64 39.15 -5.68
N ILE X 53 -98.08 40.34 -5.29
CA ILE X 53 -98.35 40.68 -3.90
C ILE X 53 -99.85 40.79 -3.69
N ASN X 54 -100.33 40.30 -2.53
CA ASN X 54 -101.72 40.51 -2.16
C ASN X 54 -101.96 41.98 -1.91
N LEU X 55 -102.58 42.64 -2.88
CA LEU X 55 -102.81 44.07 -2.75
C LEU X 55 -103.74 44.38 -1.58
N GLY X 56 -104.60 43.44 -1.20
CA GLY X 56 -105.34 43.61 0.03
C GLY X 56 -104.42 43.77 1.22
N LYS X 57 -103.38 42.94 1.30
CA LYS X 57 -102.42 43.06 2.39
C LYS X 57 -101.61 44.33 2.26
N THR X 58 -101.33 44.75 1.03
CA THR X 58 -100.69 46.04 0.82
C THR X 58 -101.52 47.16 1.41
N TRP X 59 -102.82 47.18 1.15
CA TRP X 59 -103.66 48.26 1.64
C TRP X 59 -103.86 48.16 3.15
N GLU X 60 -103.84 46.94 3.70
CA GLU X 60 -103.83 46.81 5.15
C GLU X 60 -102.60 47.49 5.75
N LYS X 61 -101.43 47.25 5.17
CA LYS X 61 -100.25 47.93 5.67
C LYS X 61 -100.31 49.42 5.39
N LEU X 62 -100.98 49.82 4.32
CA LEU X 62 -101.13 51.24 4.04
C LEU X 62 -101.95 51.93 5.12
N GLN X 63 -103.03 51.28 5.58
CA GLN X 63 -103.75 51.82 6.72
C GLN X 63 -102.87 51.84 7.97
N LEU X 64 -102.08 50.79 8.17
CA LEU X 64 -101.18 50.79 9.32
C LEU X 64 -100.27 52.00 9.30
N ALA X 65 -99.63 52.24 8.16
CA ALA X 65 -98.73 53.38 8.03
C ALA X 65 -99.48 54.68 8.19
N ALA X 66 -100.68 54.79 7.62
CA ALA X 66 -101.43 56.03 7.73
C ALA X 66 -101.77 56.35 9.17
N ARG X 67 -102.17 55.34 9.94
CA ARG X 67 -102.43 55.59 11.35
C ARG X 67 -101.16 56.01 12.07
N VAL X 68 -100.02 55.44 11.70
CA VAL X 68 -98.79 55.82 12.37
C VAL X 68 -98.42 57.26 12.02
N ILE X 69 -98.63 57.65 10.76
CA ILE X 69 -98.37 59.03 10.34
C ILE X 69 -99.26 59.99 11.11
N VAL X 70 -100.55 59.68 11.19
CA VAL X 70 -101.50 60.60 11.78
C VAL X 70 -101.27 60.75 13.28
N ALA X 71 -100.83 59.68 13.94
CA ALA X 71 -100.57 59.80 15.37
C ALA X 71 -99.44 60.78 15.69
N ILE X 72 -98.85 61.42 14.69
CA ILE X 72 -97.79 62.40 14.92
C ILE X 72 -98.43 63.76 15.17
N GLU X 73 -98.09 64.37 16.32
CA GLU X 73 -98.67 65.67 16.65
C GLU X 73 -98.27 66.73 15.62
N ASN X 74 -96.98 66.86 15.35
CA ASN X 74 -96.46 67.90 14.47
C ASN X 74 -95.89 67.25 13.21
N PRO X 75 -96.58 67.31 12.08
CA PRO X 75 -96.08 66.63 10.88
C PRO X 75 -94.81 67.24 10.31
N GLN X 76 -94.34 68.35 10.87
CA GLN X 76 -93.07 68.92 10.44
C GLN X 76 -91.89 68.07 10.86
N ASP X 77 -92.10 67.09 11.75
CA ASP X 77 -91.04 66.23 12.26
C ASP X 77 -91.00 64.87 11.58
N ILE X 78 -91.56 64.75 10.39
CA ILE X 78 -91.56 63.50 9.63
C ILE X 78 -90.76 63.76 8.36
N ILE X 79 -89.84 62.85 8.03
CA ILE X 79 -89.03 62.98 6.82
C ILE X 79 -89.26 61.81 5.91
N VAL X 80 -89.47 62.08 4.63
CA VAL X 80 -89.65 61.08 3.59
C VAL X 80 -88.57 61.25 2.54
N GLN X 81 -88.00 60.13 2.10
CA GLN X 81 -86.86 60.13 1.20
C GLN X 81 -87.04 59.16 0.05
N SER X 82 -86.44 59.52 -1.08
CA SER X 82 -86.43 58.68 -2.27
C SER X 82 -85.16 59.01 -3.05
N ALA X 83 -84.24 58.05 -3.12
CA ALA X 83 -83.01 58.25 -3.88
C ALA X 83 -83.17 57.87 -5.34
N ARG X 84 -84.07 56.96 -5.66
CA ARG X 84 -84.40 56.68 -7.05
C ARG X 84 -84.97 57.94 -7.68
N PRO X 85 -84.47 58.36 -8.84
CA PRO X 85 -85.05 59.54 -9.49
C PRO X 85 -86.47 59.34 -9.95
N TYR X 86 -86.99 58.12 -9.83
CA TYR X 86 -88.38 57.82 -10.16
C TYR X 86 -89.33 58.26 -9.06
N GLY X 87 -88.83 58.86 -7.99
CA GLY X 87 -89.65 59.14 -6.83
C GLY X 87 -89.53 60.52 -6.24
N GLN X 88 -88.65 61.38 -6.76
CA GLN X 88 -88.55 62.72 -6.21
C GLN X 88 -89.86 63.47 -6.36
N ARG X 89 -90.47 63.40 -7.55
CA ARG X 89 -91.71 64.12 -7.76
C ARG X 89 -92.84 63.53 -6.95
N ALA X 90 -92.76 62.24 -6.64
CA ALA X 90 -93.70 61.65 -5.69
C ALA X 90 -93.51 62.24 -4.30
N VAL X 91 -92.27 62.31 -3.82
CA VAL X 91 -92.06 62.64 -2.42
C VAL X 91 -92.32 64.12 -2.15
N LEU X 92 -91.98 65.03 -3.09
CA LEU X 92 -92.24 66.41 -2.71
C LEU X 92 -93.73 66.72 -2.73
N LYS X 93 -94.46 66.11 -3.69
CA LYS X 93 -95.91 66.28 -3.69
C LYS X 93 -96.54 65.65 -2.46
N PHE X 94 -96.01 64.51 -2.01
CA PHE X 94 -96.47 63.94 -0.74
C PHE X 94 -96.20 64.88 0.41
N ALA X 95 -95.03 65.52 0.40
CA ALA X 95 -94.63 66.38 1.50
C ALA X 95 -95.50 67.62 1.60
N GLN X 96 -95.72 68.30 0.47
CA GLN X 96 -96.50 69.54 0.55
C GLN X 96 -97.94 69.29 0.95
N HIS X 97 -98.44 68.06 0.73
CA HIS X 97 -99.80 67.75 1.12
C HIS X 97 -99.88 67.32 2.58
N THR X 98 -98.98 66.45 3.03
CA THR X 98 -99.06 65.98 4.40
C THR X 98 -98.41 66.90 5.40
N GLY X 99 -97.75 67.98 4.95
CA GLY X 99 -97.04 68.83 5.87
C GLY X 99 -95.72 68.27 6.36
N ALA X 100 -95.27 67.16 5.78
CA ALA X 100 -94.03 66.53 6.20
C ALA X 100 -92.86 67.32 5.62
N ASN X 101 -91.66 66.75 5.68
CA ASN X 101 -90.45 67.44 5.22
C ASN X 101 -89.66 66.44 4.36
N ALA X 102 -89.83 66.52 3.05
CA ALA X 102 -89.15 65.56 2.18
C ALA X 102 -87.71 65.97 1.94
N ILE X 103 -86.84 64.98 1.93
CA ILE X 103 -85.45 65.16 1.51
C ILE X 103 -85.27 64.28 0.28
N ALA X 104 -85.47 64.87 -0.88
CA ALA X 104 -85.31 64.17 -2.14
C ALA X 104 -83.90 64.39 -2.68
N GLY X 105 -83.45 63.44 -3.50
CA GLY X 105 -82.11 63.50 -4.03
C GLY X 105 -81.14 62.71 -3.19
N ARG X 106 -79.94 63.23 -3.03
CA ARG X 106 -78.94 62.53 -2.23
C ARG X 106 -79.13 62.78 -0.74
N HIS X 107 -78.95 61.71 0.04
CA HIS X 107 -78.99 61.78 1.50
C HIS X 107 -77.57 61.97 2.01
N THR X 108 -77.28 63.15 2.53
CA THR X 108 -75.96 63.40 3.08
C THR X 108 -75.77 62.58 4.35
N PRO X 109 -74.78 61.68 4.41
CA PRO X 109 -74.59 60.87 5.61
C PRO X 109 -74.29 61.74 6.81
N GLY X 110 -74.85 61.36 7.95
CA GLY X 110 -74.74 62.17 9.14
C GLY X 110 -75.92 63.09 9.35
N THR X 111 -76.97 62.98 8.53
CA THR X 111 -78.11 63.87 8.64
C THR X 111 -78.79 63.74 10.00
N PHE X 112 -78.73 62.57 10.61
CA PHE X 112 -79.52 62.27 11.79
C PHE X 112 -78.67 62.14 13.06
N THR X 113 -77.35 62.14 12.93
CA THR X 113 -76.46 61.95 14.08
C THR X 113 -75.54 63.13 14.35
N ASN X 114 -74.94 63.71 13.32
CA ASN X 114 -73.92 64.74 13.52
C ASN X 114 -74.63 66.01 13.97
N GLN X 115 -74.64 66.25 15.28
CA GLN X 115 -75.58 67.25 15.81
C GLN X 115 -75.27 68.66 15.30
N MET X 116 -74.01 69.05 15.23
CA MET X 116 -73.68 70.34 14.66
C MET X 116 -73.34 70.26 13.18
N GLN X 117 -73.93 69.33 12.47
CA GLN X 117 -73.96 69.41 11.02
C GLN X 117 -74.99 70.45 10.60
N THR X 118 -74.79 71.03 9.42
CA THR X 118 -75.76 72.01 8.92
C THR X 118 -77.12 71.37 8.67
N SER X 119 -77.13 70.13 8.17
CA SER X 119 -78.38 69.42 7.89
C SER X 119 -78.61 68.45 9.04
N PHE X 120 -79.07 68.98 10.16
CA PHE X 120 -79.43 68.18 11.31
C PHE X 120 -80.92 68.23 11.57
N SER X 121 -81.43 67.14 12.14
CA SER X 121 -82.85 66.95 12.37
C SER X 121 -83.01 65.79 13.34
N GLU X 122 -84.12 65.81 14.07
CA GLU X 122 -84.49 64.72 14.98
C GLU X 122 -85.88 64.28 14.59
N PRO X 123 -86.03 63.55 13.49
CA PRO X 123 -87.36 63.21 13.01
C PRO X 123 -88.07 62.23 13.91
N ARG X 124 -89.38 62.43 14.03
CA ARG X 124 -90.24 61.45 14.68
C ARG X 124 -90.42 60.20 13.85
N LEU X 125 -90.14 60.26 12.55
CA LEU X 125 -90.49 59.14 11.69
C LEU X 125 -89.85 59.33 10.34
N LEU X 126 -89.54 58.21 9.70
CA LEU X 126 -88.75 58.19 8.48
C LEU X 126 -89.43 57.29 7.47
N ILE X 127 -89.79 57.85 6.33
CA ILE X 127 -90.46 57.13 5.26
C ILE X 127 -89.49 57.01 4.12
N LEU X 128 -89.39 55.83 3.53
CA LEU X 128 -88.40 55.61 2.48
C LEU X 128 -89.01 54.85 1.32
N THR X 129 -88.68 55.27 0.10
CA THR X 129 -89.21 54.58 -1.07
C THR X 129 -88.60 53.20 -1.24
N ASP X 130 -87.45 52.95 -0.64
CA ASP X 130 -86.72 51.71 -0.86
C ASP X 130 -85.71 51.51 0.26
N PRO X 131 -85.85 50.47 1.08
CA PRO X 131 -84.77 50.18 2.04
C PRO X 131 -83.46 49.87 1.37
N ARG X 132 -83.50 49.19 0.21
CA ARG X 132 -82.29 48.84 -0.52
C ARG X 132 -81.48 50.06 -0.93
N THR X 133 -82.07 50.95 -1.71
CA THR X 133 -81.34 52.13 -2.13
C THR X 133 -81.14 53.10 -0.97
N ASP X 134 -82.19 53.36 -0.21
CA ASP X 134 -82.13 54.23 0.96
C ASP X 134 -81.71 53.45 2.20
N HIS X 135 -80.65 52.66 2.09
CA HIS X 135 -80.14 51.94 3.26
C HIS X 135 -79.32 52.83 4.19
N GLN X 136 -78.78 53.94 3.70
CA GLN X 136 -78.10 54.87 4.59
C GLN X 136 -79.04 55.48 5.63
N PRO X 137 -80.20 56.03 5.28
CA PRO X 137 -81.11 56.51 6.32
C PRO X 137 -81.54 55.41 7.26
N ILE X 138 -81.63 54.16 6.77
CA ILE X 138 -81.88 53.02 7.65
C ILE X 138 -80.84 52.96 8.75
N LYS X 139 -79.57 53.00 8.37
CA LYS X 139 -78.52 52.86 9.37
C LYS X 139 -78.51 54.02 10.34
N GLU X 140 -78.74 55.24 9.85
CA GLU X 140 -78.80 56.35 10.81
C GLU X 140 -80.03 56.27 11.71
N SER X 141 -81.15 55.77 11.18
CA SER X 141 -82.33 55.58 12.01
C SER X 141 -82.10 54.54 13.08
N ALA X 142 -81.27 53.54 12.79
CA ALA X 142 -80.92 52.54 13.80
C ALA X 142 -80.12 53.14 14.96
N LEU X 143 -79.49 54.29 14.75
CA LEU X 143 -78.79 54.99 15.82
C LEU X 143 -79.58 56.15 16.41
N GLY X 144 -80.64 56.58 15.76
CA GLY X 144 -81.35 57.75 16.24
C GLY X 144 -82.74 57.54 16.81
N ASN X 145 -83.10 56.29 17.12
CA ASN X 145 -84.43 55.95 17.64
C ASN X 145 -85.54 56.39 16.69
N ILE X 146 -85.35 56.11 15.40
CA ILE X 146 -86.22 56.70 14.40
C ILE X 146 -87.05 55.61 13.75
N PRO X 147 -88.34 55.49 14.09
CA PRO X 147 -89.20 54.51 13.43
C PRO X 147 -89.28 54.75 11.93
N THR X 148 -89.41 53.67 11.18
CA THR X 148 -89.31 53.74 9.74
C THR X 148 -90.43 52.98 9.05
N ILE X 149 -90.97 53.61 8.02
CA ILE X 149 -91.95 53.02 7.12
C ILE X 149 -91.31 53.00 5.75
N ALA X 150 -91.05 51.81 5.23
CA ALA X 150 -90.32 51.63 4.01
C ALA X 150 -91.17 50.89 2.99
N PHE X 151 -90.92 51.20 1.72
CA PHE X 151 -91.69 50.63 0.62
C PHE X 151 -90.94 49.43 0.11
N CYS X 152 -91.29 48.25 0.60
CA CYS X 152 -90.52 47.03 0.37
C CYS X 152 -91.04 46.32 -0.86
N ASP X 153 -90.15 46.08 -1.82
CA ASP X 153 -90.43 45.20 -2.94
C ASP X 153 -90.11 43.77 -2.57
N THR X 154 -90.34 42.85 -3.50
CA THR X 154 -90.01 41.44 -3.27
C THR X 154 -88.54 41.17 -3.33
N ASP X 155 -87.70 42.21 -3.24
CA ASP X 155 -86.26 42.03 -3.13
C ASP X 155 -85.70 42.79 -1.95
N SER X 156 -86.54 43.35 -1.11
CA SER X 156 -86.11 44.39 -0.19
C SER X 156 -85.45 43.75 1.02
N PRO X 157 -84.16 43.94 1.22
CA PRO X 157 -83.56 43.49 2.48
C PRO X 157 -84.01 44.42 3.60
N MET X 158 -84.94 43.94 4.41
CA MET X 158 -85.75 44.82 5.26
C MET X 158 -85.30 44.79 6.71
N ARG X 159 -83.99 44.75 6.90
CA ARG X 159 -83.43 45.02 8.21
C ARG X 159 -83.80 46.42 8.65
N TYR X 160 -84.03 46.58 9.96
CA TYR X 160 -84.33 47.88 10.57
C TYR X 160 -85.51 48.58 9.90
N VAL X 161 -86.58 47.84 9.64
CA VAL X 161 -87.79 48.41 9.06
C VAL X 161 -88.96 48.08 9.97
N ASP X 162 -89.66 49.11 10.45
CA ASP X 162 -90.80 48.89 11.33
C ASP X 162 -92.07 48.57 10.56
N ILE X 163 -92.37 49.31 9.49
CA ILE X 163 -93.56 49.05 8.69
C ILE X 163 -93.15 48.93 7.23
N GLY X 164 -93.41 47.78 6.63
CA GLY X 164 -93.01 47.60 5.25
C GLY X 164 -94.15 47.36 4.30
N ILE X 165 -94.39 48.30 3.40
CA ILE X 165 -95.48 48.17 2.43
C ILE X 165 -95.04 47.25 1.30
N PRO X 166 -95.67 46.09 1.11
CA PRO X 166 -95.28 45.17 0.03
C PRO X 166 -95.80 45.68 -1.30
N ALA X 167 -94.89 46.17 -2.13
CA ALA X 167 -95.33 46.80 -3.36
C ALA X 167 -94.16 46.98 -4.30
N ASN X 168 -94.46 47.00 -5.60
CA ASN X 168 -93.46 47.39 -6.58
C ASN X 168 -93.07 48.85 -6.35
N ASN X 169 -91.77 49.12 -6.31
CA ASN X 169 -91.30 50.48 -6.08
C ASN X 169 -90.17 50.81 -7.01
N LYS X 170 -90.24 50.29 -8.24
CA LYS X 170 -89.26 50.59 -9.26
C LYS X 170 -89.91 50.91 -10.59
N GLY X 171 -91.15 51.40 -10.57
CA GLY X 171 -91.85 51.63 -11.81
C GLY X 171 -92.17 53.08 -12.07
N ARG X 172 -92.40 53.42 -13.33
CA ARG X 172 -92.81 54.77 -13.69
C ARG X 172 -94.08 55.19 -12.97
N ASN X 173 -94.93 54.25 -12.60
CA ASN X 173 -96.25 54.54 -12.09
C ASN X 173 -96.45 54.19 -10.63
N SER X 174 -95.78 53.13 -10.16
CA SER X 174 -96.09 52.60 -8.83
C SER X 174 -95.67 53.56 -7.73
N ILE X 175 -94.49 54.17 -7.84
CA ILE X 175 -94.06 55.12 -6.81
C ILE X 175 -95.00 56.32 -6.76
N GLY X 176 -95.41 56.81 -7.92
CA GLY X 176 -96.39 57.89 -7.93
C GLY X 176 -97.71 57.48 -7.31
N CYS X 177 -98.15 56.25 -7.59
CA CYS X 177 -99.44 55.80 -7.10
C CYS X 177 -99.43 55.66 -5.59
N LEU X 178 -98.41 55.00 -5.04
CA LEU X 178 -98.43 54.61 -3.63
C LEU X 178 -98.37 55.82 -2.71
N TYR X 179 -97.49 56.78 -3.00
CA TYR X 179 -97.52 58.00 -2.22
C TYR X 179 -98.84 58.73 -2.36
N TRP X 180 -99.50 58.63 -3.50
CA TRP X 180 -100.83 59.23 -3.60
C TRP X 180 -101.85 58.51 -2.73
N LEU X 181 -101.73 57.19 -2.61
CA LEU X 181 -102.56 56.48 -1.64
C LEU X 181 -102.28 56.95 -0.23
N LEU X 182 -101.01 57.00 0.17
CA LEU X 182 -100.72 57.50 1.51
C LEU X 182 -101.23 58.92 1.69
N ALA X 183 -101.08 59.76 0.67
CA ALA X 183 -101.56 61.12 0.78
C ALA X 183 -103.06 61.14 1.06
N ARG X 184 -103.84 60.44 0.24
CA ARG X 184 -105.28 60.49 0.46
C ARG X 184 -105.65 59.86 1.79
N MET X 185 -105.01 58.76 2.16
CA MET X 185 -105.42 58.07 3.38
C MET X 185 -105.07 58.87 4.62
N VAL X 186 -103.86 59.45 4.67
CA VAL X 186 -103.52 60.31 5.79
C VAL X 186 -104.44 61.52 5.82
N LEU X 187 -104.81 62.04 4.66
CA LEU X 187 -105.67 63.22 4.67
C LEU X 187 -107.09 62.85 5.08
N GLN X 188 -107.58 61.68 4.71
CA GLN X 188 -108.86 61.21 5.24
C GLN X 188 -108.78 61.05 6.75
N MET X 189 -107.68 60.46 7.23
CA MET X 189 -107.55 60.23 8.66
C MET X 189 -107.61 61.54 9.43
N ARG X 190 -106.89 62.55 8.95
CA ARG X 190 -106.95 63.85 9.60
C ARG X 190 -108.19 64.64 9.23
N GLY X 191 -109.00 64.15 8.30
CA GLY X 191 -110.27 64.74 8.02
C GLY X 191 -110.26 65.96 7.13
N THR X 192 -109.10 66.33 6.57
CA THR X 192 -109.10 67.49 5.70
C THR X 192 -109.90 67.26 4.42
N ILE X 193 -110.10 66.01 4.03
CA ILE X 193 -111.07 65.68 2.98
C ILE X 193 -112.20 64.92 3.66
N LEU X 194 -113.33 65.60 3.80
CA LEU X 194 -114.40 65.10 4.64
C LEU X 194 -114.98 63.84 4.02
N PRO X 195 -115.61 62.97 4.82
CA PRO X 195 -116.08 61.67 4.33
C PRO X 195 -116.68 61.71 2.93
N GLY X 196 -116.16 60.86 2.05
CA GLY X 196 -116.51 60.91 0.64
C GLY X 196 -115.29 60.74 -0.24
N HIS X 197 -115.37 59.79 -1.17
CA HIS X 197 -114.24 59.36 -1.98
C HIS X 197 -113.74 60.45 -2.93
N LYS X 198 -114.39 61.61 -2.93
CA LYS X 198 -113.95 62.72 -3.75
C LYS X 198 -112.70 63.34 -3.14
N TRP X 199 -111.61 63.40 -3.91
CA TRP X 199 -110.47 64.20 -3.52
C TRP X 199 -110.00 65.00 -4.72
N ASP X 200 -109.66 66.27 -4.48
CA ASP X 200 -109.38 67.24 -5.52
C ASP X 200 -107.95 67.16 -6.08
N VAL X 201 -107.22 66.11 -5.76
CA VAL X 201 -105.88 65.89 -6.31
C VAL X 201 -105.92 64.62 -7.16
N MET X 202 -105.36 64.70 -8.36
CA MET X 202 -105.35 63.59 -9.30
C MET X 202 -103.97 62.96 -9.33
N VAL X 203 -103.93 61.66 -9.61
CA VAL X 203 -102.76 60.85 -9.29
C VAL X 203 -101.59 61.22 -10.18
N ASP X 204 -101.84 61.45 -11.46
CA ASP X 204 -100.77 61.65 -12.43
C ASP X 204 -99.88 62.83 -12.09
N LEU X 205 -100.22 63.59 -11.05
CA LEU X 205 -99.33 64.63 -10.53
C LEU X 205 -98.10 64.01 -9.86
N PHE X 206 -98.30 62.93 -9.10
CA PHE X 206 -97.20 62.28 -8.39
C PHE X 206 -96.23 61.59 -9.33
N PHE X 207 -96.67 61.16 -10.51
CA PHE X 207 -95.75 60.61 -11.49
C PHE X 207 -94.68 61.65 -11.79
N TYR X 208 -93.43 61.23 -11.89
CA TYR X 208 -92.39 62.23 -12.02
C TYR X 208 -92.38 62.74 -13.45
N ARG X 209 -92.35 64.06 -13.60
CA ARG X 209 -92.35 64.66 -14.92
C ARG X 209 -90.91 64.88 -15.35
N ASP X 210 -90.40 63.98 -16.17
CA ASP X 210 -89.04 64.06 -16.68
C ASP X 210 -88.97 65.04 -17.87
N PRO X 211 -87.86 65.79 -18.00
CA PRO X 211 -87.66 66.76 -19.08
C PRO X 211 -87.83 66.16 -20.48
N PRO Y 23 -28.84 20.56 -60.48
CA PRO Y 23 -29.15 19.53 -59.49
C PRO Y 23 -30.62 19.11 -59.56
N PHE Y 24 -31.48 20.05 -59.96
CA PHE Y 24 -32.90 19.82 -60.07
C PHE Y 24 -33.34 19.60 -61.51
N THR Y 25 -32.42 19.14 -62.37
CA THR Y 25 -32.69 19.04 -63.79
C THR Y 25 -32.98 17.61 -64.24
N LYS Y 26 -32.53 16.61 -63.48
CA LYS Y 26 -32.85 15.22 -63.71
C LYS Y 26 -34.18 14.81 -63.08
N LYS Y 27 -35.01 15.79 -62.73
CA LYS Y 27 -36.27 15.56 -62.04
C LYS Y 27 -37.38 15.69 -63.06
N GLN Y 28 -38.21 14.66 -63.18
CA GLN Y 28 -39.44 14.77 -63.95
C GLN Y 28 -40.63 14.82 -63.02
N TRP Y 29 -41.57 15.70 -63.34
CA TRP Y 29 -42.84 15.75 -62.63
C TRP Y 29 -43.73 14.61 -63.09
N TYR Y 30 -44.77 14.35 -62.32
CA TYR Y 30 -45.74 13.30 -62.59
C TYR Y 30 -47.10 13.81 -62.14
N ASP Y 31 -48.15 13.27 -62.77
CA ASP Y 31 -49.50 13.79 -62.62
C ASP Y 31 -50.30 12.86 -61.72
N ILE Y 32 -50.67 13.32 -60.53
CA ILE Y 32 -51.36 12.45 -59.58
C ILE Y 32 -52.85 12.55 -59.84
N LYS Y 33 -53.47 11.48 -60.36
CA LYS Y 33 -54.90 11.52 -60.62
C LYS Y 33 -55.62 10.55 -59.69
N ALA Y 34 -56.67 11.03 -59.04
CA ALA Y 34 -57.48 10.38 -58.02
C ALA Y 34 -58.56 9.52 -58.64
N PRO Y 35 -59.12 8.57 -57.89
CA PRO Y 35 -60.11 7.65 -58.48
C PRO Y 35 -61.39 8.35 -58.91
N LEU Y 36 -62.30 7.58 -59.51
CA LEU Y 36 -63.53 8.11 -60.05
C LEU Y 36 -64.59 8.39 -58.98
N LEU Y 37 -64.37 7.93 -57.75
CA LEU Y 37 -65.33 8.19 -56.68
C LEU Y 37 -65.22 9.61 -56.14
N PHE Y 38 -64.25 10.40 -56.59
CA PHE Y 38 -64.18 11.82 -56.31
C PHE Y 38 -64.56 12.61 -57.54
N THR Y 39 -65.21 13.74 -57.33
CA THR Y 39 -65.65 14.57 -58.45
C THR Y 39 -64.48 15.15 -59.22
N SER Y 40 -63.50 15.71 -58.50
CA SER Y 40 -62.40 16.42 -59.12
C SER Y 40 -61.19 15.50 -59.31
N ARG Y 41 -60.31 15.92 -60.22
CA ARG Y 41 -59.17 15.11 -60.65
C ARG Y 41 -57.89 15.92 -60.53
N ASN Y 42 -56.77 15.24 -60.78
CA ASN Y 42 -55.45 15.85 -60.88
C ASN Y 42 -55.15 16.70 -59.64
N VAL Y 43 -55.09 16.00 -58.50
CA VAL Y 43 -54.90 16.69 -57.24
C VAL Y 43 -53.57 17.41 -57.20
N GLY Y 44 -52.56 16.92 -57.89
CA GLY Y 44 -51.30 17.61 -57.85
C GLY Y 44 -50.25 17.04 -58.77
N LYS Y 45 -49.04 17.56 -58.59
CA LYS Y 45 -47.87 17.26 -59.40
C LYS Y 45 -46.75 16.86 -58.46
N THR Y 46 -46.18 15.69 -58.68
CA THR Y 46 -45.03 15.24 -57.90
C THR Y 46 -43.81 15.24 -58.80
N LEU Y 47 -42.66 14.88 -58.25
CA LEU Y 47 -41.45 14.81 -59.05
C LEU Y 47 -40.52 13.75 -58.50
N VAL Y 48 -39.78 13.11 -59.41
CA VAL Y 48 -38.80 12.10 -59.04
C VAL Y 48 -37.56 12.28 -59.90
N SER Y 49 -36.43 11.78 -59.38
CA SER Y 49 -35.22 11.67 -60.17
C SER Y 49 -35.47 10.80 -61.39
N ARG Y 50 -34.79 11.12 -62.49
CA ARG Y 50 -35.03 10.39 -63.73
C ARG Y 50 -34.67 8.91 -63.57
N THR Y 51 -35.50 8.06 -64.15
CA THR Y 51 -35.42 6.63 -63.94
C THR Y 51 -34.10 6.07 -64.44
N GLN Y 52 -33.24 5.68 -63.52
CA GLN Y 52 -32.09 4.86 -63.84
C GLN Y 52 -32.53 3.40 -63.72
N GLY Y 53 -31.58 2.48 -63.73
CA GLY Y 53 -31.81 1.13 -63.23
C GLY Y 53 -31.21 1.05 -61.84
N THR Y 54 -31.87 0.31 -60.95
CA THR Y 54 -31.42 0.29 -59.56
C THR Y 54 -31.47 1.70 -58.98
N LYS Y 55 -32.66 2.11 -58.49
CA LYS Y 55 -33.22 3.46 -58.41
C LYS Y 55 -34.02 3.86 -59.64
N ILE Y 56 -34.70 2.88 -60.25
CA ILE Y 56 -35.79 3.21 -61.16
C ILE Y 56 -36.81 4.04 -60.40
N ALA Y 57 -37.39 5.05 -61.07
CA ALA Y 57 -38.33 5.91 -60.37
C ALA Y 57 -39.66 5.21 -60.14
N SER Y 58 -40.19 4.53 -61.16
CA SER Y 58 -41.53 3.96 -61.13
C SER Y 58 -41.74 3.05 -59.94
N GLU Y 59 -41.01 1.93 -59.90
CA GLU Y 59 -41.08 1.06 -58.76
C GLU Y 59 -40.37 1.66 -57.56
N GLY Y 60 -39.49 2.63 -57.80
CA GLY Y 60 -38.69 3.18 -56.71
C GLY Y 60 -39.54 3.89 -55.68
N LEU Y 61 -40.46 4.74 -56.12
CA LEU Y 61 -41.26 5.43 -55.11
C LEU Y 61 -42.57 4.72 -54.84
N LYS Y 62 -43.50 4.77 -55.79
CA LYS Y 62 -44.63 3.83 -55.85
C LYS Y 62 -45.51 3.87 -54.61
N HIS Y 63 -45.12 4.62 -53.58
CA HIS Y 63 -45.89 4.60 -52.33
C HIS Y 63 -45.95 5.97 -51.68
N ARG Y 64 -45.98 7.03 -52.47
CA ARG Y 64 -46.23 8.35 -51.93
C ARG Y 64 -47.55 8.37 -51.19
N VAL Y 65 -47.60 9.09 -50.07
CA VAL Y 65 -48.84 9.30 -49.35
C VAL Y 65 -49.13 10.79 -49.40
N PHE Y 66 -50.02 11.19 -50.31
CA PHE Y 66 -50.35 12.58 -50.47
C PHE Y 66 -51.41 13.00 -49.46
N GLU Y 67 -51.31 14.25 -49.03
CA GLU Y 67 -52.17 14.82 -48.00
C GLU Y 67 -52.97 15.94 -48.62
N VAL Y 68 -54.20 15.66 -49.06
CA VAL Y 68 -54.98 16.63 -49.81
C VAL Y 68 -56.33 16.79 -49.13
N SER Y 69 -56.74 18.03 -48.90
CA SER Y 69 -58.07 18.25 -48.37
C SER Y 69 -59.11 17.81 -49.39
N LEU Y 70 -60.31 17.52 -48.90
CA LEU Y 70 -61.40 17.11 -49.78
C LEU Y 70 -62.11 18.30 -50.40
N ALA Y 71 -61.80 19.52 -49.98
CA ALA Y 71 -62.44 20.69 -50.55
C ALA Y 71 -62.14 20.83 -52.03
N ASP Y 72 -60.90 20.55 -52.44
CA ASP Y 72 -60.56 20.65 -53.85
C ASP Y 72 -60.84 19.38 -54.63
N LEU Y 73 -61.22 18.29 -53.96
CA LEU Y 73 -61.77 17.15 -54.66
C LEU Y 73 -63.27 17.18 -54.79
N GLN Y 74 -63.95 18.10 -54.10
CA GLN Y 74 -65.39 18.28 -54.32
C GLN Y 74 -65.76 19.69 -54.76
N ASN Y 75 -64.78 20.55 -55.02
CA ASN Y 75 -65.03 21.88 -55.58
C ASN Y 75 -65.96 22.70 -54.69
N ASP Y 76 -65.85 22.50 -53.38
CA ASP Y 76 -66.71 23.17 -52.42
C ASP Y 76 -65.87 23.75 -51.29
N GLU Y 77 -66.54 24.43 -50.36
CA GLU Y 77 -65.90 24.95 -49.17
C GLU Y 77 -66.55 24.47 -47.88
N ASP Y 78 -67.75 23.92 -47.94
CA ASP Y 78 -68.36 23.34 -46.74
C ASP Y 78 -67.53 22.19 -46.21
N GLN Y 79 -66.81 21.50 -47.08
CA GLN Y 79 -65.97 20.36 -46.71
C GLN Y 79 -64.50 20.75 -46.74
N ALA Y 80 -64.21 21.99 -46.31
CA ALA Y 80 -62.83 22.46 -46.25
C ALA Y 80 -62.03 21.74 -45.18
N TYR Y 81 -62.70 21.19 -44.17
CA TYR Y 81 -62.08 20.26 -43.23
C TYR Y 81 -61.98 18.91 -43.93
N ARG Y 82 -61.79 17.83 -43.17
CA ARG Y 82 -61.84 16.48 -43.71
C ARG Y 82 -60.75 16.28 -44.77
N LYS Y 83 -59.52 16.33 -44.28
CA LYS Y 83 -58.39 15.95 -45.13
C LYS Y 83 -58.49 14.47 -45.50
N ILE Y 84 -58.14 14.16 -46.74
CA ILE Y 84 -57.99 12.79 -47.20
C ILE Y 84 -56.51 12.57 -47.48
N ARG Y 85 -55.98 11.46 -46.98
CA ARG Y 85 -54.66 11.02 -47.37
C ARG Y 85 -54.81 9.90 -48.38
N LEU Y 86 -54.18 10.08 -49.54
CA LEU Y 86 -54.31 9.20 -50.69
C LEU Y 86 -52.99 8.49 -50.94
N ARG Y 87 -53.07 7.25 -51.41
CA ARG Y 87 -51.90 6.42 -51.61
C ARG Y 87 -51.62 6.31 -53.10
N ALA Y 88 -50.40 6.69 -53.50
CA ALA Y 88 -49.91 6.31 -54.80
C ALA Y 88 -49.60 4.82 -54.77
N GLU Y 89 -50.14 4.09 -55.72
CA GLU Y 89 -49.95 2.65 -55.76
C GLU Y 89 -49.56 2.12 -57.12
N ASP Y 90 -49.75 2.86 -58.19
CA ASP Y 90 -49.22 2.51 -59.50
C ASP Y 90 -49.05 3.77 -60.33
N VAL Y 91 -48.19 3.67 -61.33
CA VAL Y 91 -47.98 4.73 -62.32
C VAL Y 91 -48.18 4.12 -63.69
N GLN Y 92 -48.81 4.88 -64.58
CA GLN Y 92 -49.06 4.43 -65.96
C GLN Y 92 -48.65 5.55 -66.91
N GLY Y 93 -47.41 5.52 -67.36
CA GLY Y 93 -46.95 6.43 -68.40
C GLY Y 93 -47.08 7.89 -68.04
N MET Y 94 -46.25 8.36 -67.11
CA MET Y 94 -46.23 9.76 -66.71
C MET Y 94 -47.59 10.17 -66.15
N ASN Y 95 -48.18 9.25 -65.36
CA ASN Y 95 -49.53 9.45 -64.84
C ASN Y 95 -49.68 8.53 -63.64
N VAL Y 96 -49.74 9.11 -62.45
CA VAL Y 96 -49.71 8.35 -61.21
C VAL Y 96 -51.14 8.02 -60.76
N LEU Y 97 -51.42 6.72 -60.66
CA LEU Y 97 -52.69 6.24 -60.16
C LEU Y 97 -52.75 6.42 -58.65
N THR Y 98 -53.94 6.28 -58.09
CA THR Y 98 -54.11 6.53 -56.66
C THR Y 98 -55.37 5.82 -56.17
N ASN Y 99 -55.35 5.42 -54.91
CA ASN Y 99 -56.51 4.91 -54.22
C ASN Y 99 -56.55 5.50 -52.82
N PHE Y 100 -57.74 5.57 -52.25
CA PHE Y 100 -57.92 6.16 -50.92
C PHE Y 100 -57.12 5.37 -49.88
N TRP Y 101 -56.56 6.11 -48.93
CA TRP Y 101 -55.70 5.51 -47.91
C TRP Y 101 -56.03 5.96 -46.50
N GLY Y 102 -56.80 7.02 -46.31
CA GLY Y 102 -57.25 7.38 -44.99
C GLY Y 102 -57.81 8.78 -44.99
N MET Y 103 -58.15 9.26 -43.80
CA MET Y 103 -58.77 10.57 -43.68
C MET Y 103 -58.61 11.07 -42.25
N ASP Y 104 -58.83 12.36 -42.06
CA ASP Y 104 -58.70 12.97 -40.75
C ASP Y 104 -59.39 14.34 -40.76
N PHE Y 105 -59.55 14.89 -39.57
CA PHE Y 105 -59.90 16.28 -39.45
C PHE Y 105 -58.67 17.17 -39.53
N THR Y 106 -58.90 18.43 -39.83
CA THR Y 106 -57.90 19.44 -39.58
C THR Y 106 -57.90 19.83 -38.10
N THR Y 107 -56.70 20.09 -37.58
CA THR Y 107 -56.56 20.39 -36.16
C THR Y 107 -57.36 21.63 -35.78
N ASP Y 108 -57.45 22.62 -36.66
CA ASP Y 108 -58.29 23.77 -36.37
C ASP Y 108 -59.73 23.34 -36.16
N LYS Y 109 -60.21 22.41 -36.98
CA LYS Y 109 -61.58 21.91 -36.83
C LYS Y 109 -61.76 21.26 -35.48
N LEU Y 110 -60.89 20.30 -35.16
CA LEU Y 110 -61.10 19.53 -33.93
C LEU Y 110 -60.96 20.40 -32.69
N ARG Y 111 -59.97 21.30 -32.66
CA ARG Y 111 -59.83 22.20 -31.53
C ARG Y 111 -60.97 23.19 -31.47
N SER Y 112 -61.56 23.56 -32.61
CA SER Y 112 -62.73 24.42 -32.57
C SER Y 112 -63.92 23.69 -31.95
N LEU Y 113 -64.07 22.40 -32.25
CA LEU Y 113 -65.19 21.66 -31.69
C LEU Y 113 -65.06 21.43 -30.19
N VAL Y 114 -63.87 21.05 -29.73
CA VAL Y 114 -63.74 20.64 -28.33
C VAL Y 114 -63.66 21.89 -27.44
N ARG Y 115 -64.70 22.12 -26.66
CA ARG Y 115 -64.75 23.26 -25.75
C ARG Y 115 -65.26 22.82 -24.39
N LYS Y 116 -65.25 23.77 -23.46
CA LYS Y 116 -65.64 23.53 -22.08
C LYS Y 116 -67.15 23.34 -21.95
N TRP Y 117 -67.55 22.97 -20.73
CA TRP Y 117 -68.94 23.04 -20.29
C TRP Y 117 -69.86 22.13 -21.10
N GLN Y 118 -69.30 21.06 -21.64
CA GLN Y 118 -70.06 19.99 -22.27
C GLN Y 118 -69.25 18.71 -22.14
N THR Y 119 -69.75 17.62 -22.71
CA THR Y 119 -69.02 16.37 -22.71
C THR Y 119 -68.54 16.05 -24.12
N LEU Y 120 -67.32 15.54 -24.19
CA LEU Y 120 -66.72 15.05 -25.42
C LEU Y 120 -66.79 13.54 -25.40
N ILE Y 121 -67.39 12.96 -26.44
CA ILE Y 121 -67.66 11.54 -26.49
C ILE Y 121 -66.87 10.99 -27.67
N GLU Y 122 -66.16 9.89 -27.45
CA GLU Y 122 -65.38 9.33 -28.54
C GLU Y 122 -65.45 7.82 -28.49
N ALA Y 123 -65.22 7.21 -29.64
CA ALA Y 123 -65.28 5.76 -29.76
C ALA Y 123 -64.38 5.35 -30.92
N HIS Y 124 -64.17 4.04 -31.04
CA HIS Y 124 -63.27 3.52 -32.06
C HIS Y 124 -63.62 2.06 -32.28
N VAL Y 125 -63.45 1.61 -33.52
CA VAL Y 125 -63.85 0.25 -33.90
C VAL Y 125 -62.92 -0.25 -34.98
N ASP Y 126 -62.63 -1.55 -34.92
CA ASP Y 126 -61.98 -2.23 -36.03
C ASP Y 126 -63.05 -2.77 -36.98
N VAL Y 127 -62.78 -2.67 -38.28
CA VAL Y 127 -63.72 -3.08 -39.31
C VAL Y 127 -62.96 -3.80 -40.41
N LYS Y 128 -63.57 -4.85 -40.95
CA LYS Y 128 -63.01 -5.56 -42.11
C LYS Y 128 -64.07 -5.54 -43.20
N THR Y 129 -63.89 -4.66 -44.19
CA THR Y 129 -64.87 -4.57 -45.25
C THR Y 129 -64.77 -5.79 -46.16
N THR Y 130 -65.76 -5.94 -47.05
CA THR Y 130 -65.86 -7.15 -47.85
C THR Y 130 -64.61 -7.34 -48.71
N ASP Y 131 -64.21 -6.29 -49.43
CA ASP Y 131 -62.86 -6.28 -50.00
C ASP Y 131 -61.88 -6.41 -48.85
N ASN Y 132 -60.85 -7.23 -49.05
CA ASN Y 132 -60.07 -7.67 -47.90
C ASN Y 132 -59.23 -6.52 -47.35
N TYR Y 133 -59.90 -5.52 -46.78
CA TYR Y 133 -59.28 -4.37 -46.15
C TYR Y 133 -59.60 -4.37 -44.67
N MET Y 134 -58.59 -4.19 -43.83
CA MET Y 134 -58.77 -3.94 -42.40
C MET Y 134 -58.56 -2.46 -42.13
N LEU Y 135 -59.45 -1.87 -41.32
CA LEU Y 135 -59.35 -0.45 -41.06
C LEU Y 135 -59.96 -0.13 -39.70
N ARG Y 136 -59.74 1.10 -39.27
CA ARG Y 136 -60.19 1.57 -37.96
C ARG Y 136 -60.97 2.85 -38.10
N MET Y 137 -62.06 2.93 -37.36
CA MET Y 137 -62.98 4.06 -37.36
C MET Y 137 -62.85 4.75 -36.01
N PHE Y 138 -62.69 6.06 -36.01
CA PHE Y 138 -62.81 6.85 -34.81
C PHE Y 138 -64.00 7.79 -34.94
N ALA Y 139 -64.92 7.72 -33.98
CA ALA Y 139 -66.12 8.54 -33.94
C ALA Y 139 -66.05 9.52 -32.77
N ILE Y 140 -66.76 10.64 -32.93
CA ILE Y 140 -66.70 11.74 -31.98
C ILE Y 140 -68.06 12.40 -31.92
N GLY Y 141 -68.40 12.93 -30.74
CA GLY Y 141 -69.70 13.52 -30.52
C GLY Y 141 -69.71 14.52 -29.38
N PHE Y 142 -70.73 15.36 -29.38
CA PHE Y 142 -70.83 16.47 -28.46
C PHE Y 142 -72.31 16.73 -28.19
N THR Y 143 -72.71 16.80 -26.94
CA THR Y 143 -74.12 16.97 -26.63
C THR Y 143 -74.61 18.35 -27.08
N LYS Y 144 -75.95 18.51 -27.18
CA LYS Y 144 -76.54 19.81 -27.42
C LYS Y 144 -77.01 20.50 -26.15
N ARG Y 145 -76.97 21.83 -26.19
CA ARG Y 145 -77.83 22.66 -25.37
C ARG Y 145 -79.17 22.81 -26.08
N ARG Y 146 -80.22 22.17 -25.57
CA ARG Y 146 -81.55 22.40 -26.09
C ARG Y 146 -81.94 23.86 -25.91
N PRO Y 147 -82.70 24.43 -26.84
CA PRO Y 147 -83.24 25.77 -26.62
C PRO Y 147 -84.14 25.76 -25.40
N ASN Y 148 -84.06 26.85 -24.63
CA ASN Y 148 -84.58 27.17 -23.29
C ASN Y 148 -83.67 26.64 -22.19
N GLN Y 149 -82.59 25.94 -22.51
CA GLN Y 149 -81.72 25.41 -21.47
C GLN Y 149 -81.11 26.55 -20.68
N VAL Y 150 -81.62 26.78 -19.47
CA VAL Y 150 -81.06 27.84 -18.64
C VAL Y 150 -79.80 27.38 -17.94
N LYS Y 151 -79.63 26.07 -17.76
CA LYS Y 151 -78.46 25.58 -17.05
C LYS Y 151 -77.20 25.82 -17.88
N ARG Y 152 -76.15 26.26 -17.20
CA ARG Y 152 -74.93 26.69 -17.84
C ARG Y 152 -74.14 25.56 -18.48
N THR Y 153 -74.43 24.30 -18.15
CA THR Y 153 -73.61 23.20 -18.58
C THR Y 153 -74.48 22.11 -19.19
N CYS Y 154 -73.86 21.26 -20.01
CA CYS Y 154 -74.53 20.11 -20.61
C CYS Y 154 -73.63 18.90 -20.45
N TYR Y 155 -73.77 18.20 -19.34
CA TYR Y 155 -73.03 16.96 -19.10
C TYR Y 155 -73.97 15.76 -19.09
N ALA Y 156 -73.54 14.69 -19.72
CA ALA Y 156 -74.20 13.39 -19.61
C ALA Y 156 -73.80 12.78 -18.27
N GLN Y 157 -74.10 11.50 -18.07
CA GLN Y 157 -73.83 10.89 -16.77
C GLN Y 157 -73.19 9.51 -16.92
N ALA Y 158 -72.15 9.41 -17.76
CA ALA Y 158 -71.15 8.36 -17.65
C ALA Y 158 -71.71 6.95 -17.78
N SER Y 159 -73.00 6.85 -17.99
CA SER Y 159 -73.64 5.61 -18.40
C SER Y 159 -74.40 5.78 -19.69
N GLN Y 160 -75.04 6.94 -19.86
CA GLN Y 160 -75.51 7.33 -21.18
C GLN Y 160 -74.33 7.54 -22.13
N ILE Y 161 -73.19 7.98 -21.60
CA ILE Y 161 -71.97 8.01 -22.39
C ILE Y 161 -71.70 6.64 -22.98
N ARG Y 162 -71.73 5.62 -22.11
CA ARG Y 162 -71.40 4.26 -22.53
C ARG Y 162 -72.46 3.72 -23.48
N GLN Y 163 -73.73 4.06 -23.24
CA GLN Y 163 -74.81 3.59 -24.10
C GLN Y 163 -74.66 4.14 -25.51
N ILE Y 164 -74.36 5.43 -25.65
CA ILE Y 164 -74.27 5.94 -27.01
C ILE Y 164 -72.93 5.63 -27.64
N ARG Y 165 -71.90 5.39 -26.83
CA ARG Y 165 -70.68 4.84 -27.40
C ARG Y 165 -70.94 3.45 -27.96
N ARG Y 166 -71.80 2.68 -27.30
CA ARG Y 166 -72.14 1.35 -27.80
C ARG Y 166 -72.99 1.45 -29.06
N LYS Y 167 -73.92 2.40 -29.10
CA LYS Y 167 -74.65 2.66 -30.35
C LYS Y 167 -73.73 3.08 -31.47
N MET Y 168 -72.75 3.95 -31.20
CA MET Y 168 -71.84 4.31 -32.28
C MET Y 168 -71.10 3.08 -32.78
N VAL Y 169 -70.63 2.23 -31.87
CA VAL Y 169 -69.98 1.01 -32.31
C VAL Y 169 -70.91 0.19 -33.20
N GLU Y 170 -72.13 -0.04 -32.75
CA GLU Y 170 -73.04 -0.90 -33.50
C GLU Y 170 -73.41 -0.29 -34.85
N ILE Y 171 -73.74 1.00 -34.85
CA ILE Y 171 -74.14 1.68 -36.08
C ILE Y 171 -73.00 1.70 -37.07
N MET Y 172 -71.79 1.97 -36.59
CA MET Y 172 -70.68 2.10 -37.53
C MET Y 172 -70.31 0.75 -38.13
N VAL Y 173 -70.33 -0.32 -37.33
CA VAL Y 173 -70.09 -1.64 -37.91
C VAL Y 173 -71.23 -2.02 -38.85
N ASN Y 174 -72.46 -1.60 -38.52
CA ASN Y 174 -73.61 -1.90 -39.37
C ASN Y 174 -73.47 -1.23 -40.73
N GLN Y 175 -73.15 0.06 -40.73
CA GLN Y 175 -72.93 0.79 -41.97
C GLN Y 175 -71.73 0.22 -42.72
N ALA Y 176 -70.76 -0.29 -41.98
CA ALA Y 176 -69.65 -1.03 -42.57
C ALA Y 176 -70.11 -2.44 -42.85
N ALA Y 177 -69.19 -3.35 -43.16
CA ALA Y 177 -69.52 -4.63 -43.75
C ALA Y 177 -70.36 -4.41 -45.00
N SER Y 178 -69.84 -3.55 -45.85
CA SER Y 178 -70.40 -3.22 -47.15
C SER Y 178 -69.47 -3.79 -48.22
N CYS Y 179 -69.73 -3.43 -49.47
CA CYS Y 179 -68.96 -4.00 -50.56
C CYS Y 179 -67.48 -3.64 -50.47
N ASP Y 180 -67.18 -2.36 -50.65
CA ASP Y 180 -65.81 -1.93 -50.91
C ASP Y 180 -65.54 -0.60 -50.23
N LEU Y 181 -64.26 -0.20 -50.28
CA LEU Y 181 -63.89 1.16 -49.96
C LEU Y 181 -64.62 2.15 -50.85
N LYS Y 182 -65.01 1.75 -52.06
CA LYS Y 182 -65.77 2.66 -52.89
C LYS Y 182 -66.99 3.13 -52.14
N GLU Y 183 -67.92 2.21 -51.83
CA GLU Y 183 -69.14 2.65 -51.20
C GLU Y 183 -68.92 3.10 -49.76
N LEU Y 184 -67.90 2.57 -49.08
CA LEU Y 184 -67.63 3.07 -47.74
C LEU Y 184 -67.25 4.55 -47.79
N VAL Y 185 -66.36 4.91 -48.71
CA VAL Y 185 -65.94 6.31 -48.83
C VAL Y 185 -67.07 7.17 -49.36
N ASN Y 186 -67.94 6.63 -50.22
CA ASN Y 186 -69.09 7.43 -50.63
C ASN Y 186 -70.21 7.46 -49.60
N LYS Y 187 -70.11 6.70 -48.53
CA LYS Y 187 -70.86 7.04 -47.33
C LYS Y 187 -70.16 8.13 -46.52
N PHE Y 188 -68.82 8.13 -46.58
CA PHE Y 188 -68.07 9.18 -45.89
C PHE Y 188 -68.33 10.55 -46.50
N ILE Y 189 -68.37 10.62 -47.82
CA ILE Y 189 -68.41 11.92 -48.50
C ILE Y 189 -69.61 12.75 -48.10
N PRO Y 190 -70.84 12.23 -48.08
CA PRO Y 190 -71.98 13.07 -47.69
C PRO Y 190 -72.24 13.04 -46.21
N GLU Y 191 -71.26 12.56 -45.44
CA GLU Y 191 -71.36 12.46 -43.99
C GLU Y 191 -72.56 11.61 -43.57
N VAL Y 192 -72.68 10.43 -44.18
CA VAL Y 192 -73.74 9.50 -43.84
C VAL Y 192 -73.64 9.09 -42.38
N ILE Y 193 -72.45 8.64 -41.95
CA ILE Y 193 -72.29 8.00 -40.65
C ILE Y 193 -72.74 8.93 -39.54
N GLY Y 194 -72.24 10.16 -39.54
CA GLY Y 194 -72.62 11.11 -38.51
C GLY Y 194 -74.12 11.29 -38.46
N LYS Y 195 -74.71 11.79 -39.55
CA LYS Y 195 -76.10 12.21 -39.51
C LYS Y 195 -77.08 11.06 -39.31
N GLU Y 196 -76.68 9.80 -39.47
CA GLU Y 196 -77.51 8.75 -38.90
C GLU Y 196 -76.90 8.07 -37.68
N ILE Y 197 -75.94 8.72 -37.00
CA ILE Y 197 -75.72 8.37 -35.60
C ILE Y 197 -76.68 9.11 -34.68
N GLU Y 198 -76.90 10.41 -34.88
CA GLU Y 198 -77.87 11.05 -34.00
C GLU Y 198 -79.30 10.70 -34.34
N LYS Y 199 -79.59 10.42 -35.62
CA LYS Y 199 -80.92 9.91 -35.93
C LYS Y 199 -81.15 8.52 -35.36
N ALA Y 200 -80.10 7.85 -34.88
CA ALA Y 200 -80.23 6.63 -34.13
C ALA Y 200 -80.27 6.86 -32.63
N THR Y 201 -79.48 7.81 -32.13
CA THR Y 201 -79.52 8.21 -30.73
C THR Y 201 -79.80 9.72 -30.63
N SER Y 202 -81.07 10.07 -30.77
CA SER Y 202 -81.63 11.26 -30.17
C SER Y 202 -82.53 10.89 -29.01
N SER Y 203 -82.56 9.60 -28.67
CA SER Y 203 -83.29 9.06 -27.53
C SER Y 203 -82.47 9.03 -26.26
N ILE Y 204 -81.20 9.42 -26.33
CA ILE Y 204 -80.34 9.47 -25.15
C ILE Y 204 -79.78 10.87 -25.01
N PHE Y 205 -79.10 11.36 -26.04
CA PHE Y 205 -78.74 12.76 -26.16
C PHE Y 205 -78.73 13.23 -27.61
N PRO Y 206 -78.98 14.51 -27.82
CA PRO Y 206 -78.99 15.05 -29.19
C PRO Y 206 -77.70 14.80 -29.95
N LEU Y 207 -76.55 15.09 -29.34
CA LEU Y 207 -75.26 14.93 -29.99
C LEU Y 207 -75.09 15.76 -31.26
N GLN Y 208 -75.10 17.08 -31.14
CA GLN Y 208 -74.65 17.94 -32.22
C GLN Y 208 -73.18 17.70 -32.53
N ASN Y 209 -72.82 17.87 -33.81
CA ASN Y 209 -71.50 17.49 -34.34
C ASN Y 209 -71.12 16.05 -33.98
N VAL Y 210 -71.88 15.13 -34.54
CA VAL Y 210 -71.38 13.76 -34.68
C VAL Y 210 -70.61 13.68 -35.98
N TYR Y 211 -69.46 13.01 -35.94
CA TYR Y 211 -68.58 12.88 -37.08
C TYR Y 211 -67.89 11.53 -37.02
N VAL Y 212 -66.96 11.33 -37.95
CA VAL Y 212 -65.98 10.25 -37.91
C VAL Y 212 -64.65 10.93 -38.17
N ARG Y 213 -63.83 11.10 -37.14
CA ARG Y 213 -62.59 11.86 -37.30
C ARG Y 213 -61.66 11.16 -38.26
N LYS Y 214 -61.37 9.90 -38.00
CA LYS Y 214 -60.25 9.24 -38.65
C LYS Y 214 -60.68 7.87 -39.14
N VAL Y 215 -60.30 7.56 -40.37
CA VAL Y 215 -60.49 6.24 -40.95
C VAL Y 215 -59.12 5.76 -41.38
N LYS Y 216 -58.55 4.88 -40.58
CA LYS Y 216 -57.15 4.45 -40.70
C LYS Y 216 -57.14 3.11 -41.40
N ILE Y 217 -56.58 3.05 -42.60
CA ILE Y 217 -56.47 1.78 -43.31
C ILE Y 217 -55.27 1.04 -42.74
N LEU Y 218 -55.53 0.01 -41.94
CA LEU Y 218 -54.43 -0.68 -41.26
C LEU Y 218 -53.61 -1.52 -42.23
N LYS Y 219 -54.24 -2.50 -42.87
CA LYS Y 219 -53.50 -3.39 -43.76
C LYS Y 219 -54.31 -3.64 -45.03
N ALA Y 220 -53.80 -3.15 -46.15
CA ALA Y 220 -54.38 -3.37 -47.46
C ALA Y 220 -54.01 -4.76 -47.96
N PRO Y 221 -54.89 -5.40 -48.74
CA PRO Y 221 -54.62 -6.78 -49.16
C PRO Y 221 -53.44 -6.96 -50.11
N LYS Y 222 -53.45 -6.29 -51.26
CA LYS Y 222 -52.48 -6.60 -52.32
C LYS Y 222 -52.57 -5.48 -53.35
N PHE Y 223 -51.90 -5.67 -54.50
CA PHE Y 223 -51.88 -4.68 -55.57
C PHE Y 223 -53.16 -4.71 -56.39
N ASP Y 224 -53.39 -5.82 -57.12
CA ASP Y 224 -54.63 -6.05 -57.84
C ASP Y 224 -54.92 -4.97 -58.87
N LEU Y 225 -54.06 -4.87 -59.88
CA LEU Y 225 -54.16 -3.80 -60.86
C LEU Y 225 -55.53 -3.76 -61.51
N GLY Y 226 -56.07 -4.93 -61.84
CA GLY Y 226 -57.40 -4.96 -62.42
C GLY Y 226 -58.44 -4.35 -61.50
N LYS Y 227 -58.38 -4.70 -60.21
CA LYS Y 227 -59.29 -4.11 -59.25
C LYS Y 227 -59.09 -2.60 -59.14
N LEU Y 228 -57.85 -2.15 -59.31
CA LEU Y 228 -57.58 -0.72 -59.35
C LEU Y 228 -58.27 -0.07 -60.53
N MET Y 229 -58.30 -0.75 -61.67
CA MET Y 229 -58.53 -0.04 -62.93
C MET Y 229 -59.96 0.51 -63.04
N GLU Y 230 -60.99 -0.26 -62.66
CA GLU Y 230 -62.32 0.27 -62.90
C GLU Y 230 -62.70 1.35 -61.89
N VAL Y 231 -62.14 1.29 -60.67
CA VAL Y 231 -62.38 2.39 -59.74
C VAL Y 231 -61.56 3.61 -60.14
N HIS Y 232 -60.46 3.43 -60.87
CA HIS Y 232 -59.58 4.56 -61.16
C HIS Y 232 -59.34 4.57 -62.67
N GLY Y 233 -60.24 5.23 -63.40
CA GLY Y 233 -60.15 5.26 -64.85
C GLY Y 233 -60.13 6.65 -65.42
N MET Z 1 -87.48 45.28 43.28
CA MET Z 1 -88.30 46.47 43.15
C MET Z 1 -88.71 46.99 44.51
N GLN Z 2 -89.46 46.17 45.25
CA GLN Z 2 -90.03 46.57 46.52
C GLN Z 2 -89.04 46.33 47.66
N ASN Z 3 -88.70 47.40 48.38
CA ASN Z 3 -88.03 47.24 49.66
C ASN Z 3 -88.98 46.56 50.65
N GLU Z 4 -88.40 45.89 51.64
CA GLU Z 4 -89.23 45.18 52.62
C GLU Z 4 -90.15 46.13 53.38
N VAL Z 5 -89.77 47.40 53.50
CA VAL Z 5 -90.65 48.38 54.12
C VAL Z 5 -91.87 48.63 53.23
N GLY Z 6 -91.78 48.26 51.95
CA GLY Z 6 -92.79 48.56 50.96
C GLY Z 6 -92.38 49.66 50.02
N ASP Z 7 -91.44 50.50 50.43
CA ASP Z 7 -90.90 51.55 49.59
C ASP Z 7 -90.34 50.93 48.32
N MET Z 8 -90.38 51.69 47.23
CA MET Z 8 -89.90 51.22 45.94
C MET Z 8 -88.56 51.90 45.65
N VAL Z 9 -87.53 51.09 45.38
CA VAL Z 9 -86.16 51.58 45.37
C VAL Z 9 -85.55 51.70 43.99
N ASP Z 10 -86.01 50.92 43.01
CA ASP Z 10 -85.35 50.88 41.72
C ASP Z 10 -85.97 51.86 40.74
N LEU Z 11 -85.17 52.31 39.79
CA LEU Z 11 -85.48 53.50 39.02
C LEU Z 11 -85.65 53.16 37.55
N TYR Z 12 -86.64 53.83 36.93
CA TYR Z 12 -87.18 53.60 35.60
C TYR Z 12 -87.37 52.10 35.39
N VAL Z 13 -88.38 51.51 36.00
CA VAL Z 13 -88.77 50.16 35.59
C VAL Z 13 -88.82 50.19 34.08
N PRO Z 14 -87.86 49.58 33.38
CA PRO Z 14 -87.69 49.88 31.96
C PRO Z 14 -88.81 49.26 31.14
N ARG Z 15 -89.04 49.86 29.98
CA ARG Z 15 -90.09 49.31 29.13
C ARG Z 15 -89.58 48.06 28.44
N LYS Z 16 -90.50 47.17 28.11
CA LYS Z 16 -90.19 45.88 27.53
C LYS Z 16 -90.64 45.86 26.09
N CYS Z 17 -89.87 45.19 25.24
CA CYS Z 17 -90.31 45.00 23.86
C CYS Z 17 -91.66 44.28 23.86
N SER Z 18 -92.56 44.74 23.00
CA SER Z 18 -93.87 44.11 22.93
C SER Z 18 -93.84 42.79 22.17
N ALA Z 19 -92.81 42.55 21.37
CA ALA Z 19 -92.79 41.42 20.46
C ALA Z 19 -91.89 40.28 20.91
N THR Z 20 -90.90 40.57 21.74
CA THR Z 20 -89.99 39.53 22.22
C THR Z 20 -89.81 39.52 23.73
N ASN Z 21 -90.28 40.55 24.43
CA ASN Z 21 -90.36 40.66 25.89
C ASN Z 21 -88.98 40.81 26.53
N ARG Z 22 -87.89 40.84 25.76
CA ARG Z 22 -86.67 41.35 26.36
C ARG Z 22 -86.79 42.85 26.55
N ILE Z 23 -86.11 43.36 27.57
CA ILE Z 23 -86.29 44.76 27.94
C ILE Z 23 -85.32 45.63 27.18
N ILE Z 24 -85.80 46.81 26.78
CA ILE Z 24 -84.98 47.82 26.12
C ILE Z 24 -84.11 48.48 27.19
N THR Z 25 -82.81 48.25 27.12
CA THR Z 25 -81.91 48.91 28.05
C THR Z 25 -81.85 50.40 27.72
N ALA Z 26 -81.04 51.12 28.49
CA ALA Z 26 -81.00 52.57 28.37
C ALA Z 26 -80.13 53.05 27.22
N LYS Z 27 -79.48 52.15 26.49
CA LYS Z 27 -78.68 52.55 25.34
C LYS Z 27 -78.91 51.63 24.15
N ASP Z 28 -80.12 51.08 23.99
CA ASP Z 28 -80.52 50.42 22.76
C ASP Z 28 -81.06 51.48 21.81
N HIS Z 29 -80.15 52.25 21.22
CA HIS Z 29 -80.61 53.27 20.30
C HIS Z 29 -81.25 52.71 19.05
N ALA Z 30 -81.28 51.39 18.89
CA ALA Z 30 -82.05 50.74 17.84
C ALA Z 30 -83.41 50.30 18.32
N SER Z 31 -83.99 50.98 19.30
CA SER Z 31 -85.29 50.66 19.85
C SER Z 31 -86.26 51.77 19.47
N VAL Z 32 -87.49 51.41 19.11
CA VAL Z 32 -88.45 52.41 18.69
C VAL Z 32 -89.78 52.21 19.39
N GLN Z 33 -90.60 53.26 19.37
CA GLN Z 33 -91.90 53.29 20.05
C GLN Z 33 -92.95 53.80 19.05
N ILE Z 34 -93.64 52.86 18.42
CA ILE Z 34 -94.66 53.19 17.42
C ILE Z 34 -95.93 53.65 18.11
N ASN Z 35 -96.62 54.60 17.46
CA ASN Z 35 -97.94 55.05 17.87
C ASN Z 35 -98.88 54.82 16.69
N ILE Z 36 -99.91 54.01 16.89
CA ILE Z 36 -100.89 53.70 15.86
C ILE Z 36 -102.22 54.31 16.28
N GLY Z 37 -102.76 55.20 15.46
CA GLY Z 37 -103.96 55.92 15.83
C GLY Z 37 -105.23 55.10 15.69
N HIS Z 38 -106.29 55.59 16.33
CA HIS Z 38 -107.60 54.95 16.29
C HIS Z 38 -108.58 55.82 15.54
N VAL Z 39 -109.34 55.23 14.63
CA VAL Z 39 -110.30 55.95 13.82
C VAL Z 39 -111.71 55.48 14.17
N ASP Z 40 -112.62 56.42 14.33
CA ASP Z 40 -113.93 56.12 14.91
C ASP Z 40 -115.07 56.31 13.93
N GLU Z 41 -115.23 57.51 13.40
CA GLU Z 41 -116.41 57.89 12.63
C GLU Z 41 -116.02 59.11 11.79
N ASN Z 42 -117.01 59.87 11.33
CA ASN Z 42 -116.78 61.12 10.63
C ASN Z 42 -115.65 61.91 11.28
N GLY Z 43 -114.62 62.21 10.50
CA GLY Z 43 -113.39 62.79 11.00
C GLY Z 43 -112.26 61.77 10.99
N LEU Z 44 -112.57 60.54 11.42
CA LEU Z 44 -111.64 59.41 11.34
C LEU Z 44 -110.31 59.67 12.04
N TYR Z 45 -110.36 60.37 13.18
CA TYR Z 45 -109.25 60.37 14.12
C TYR Z 45 -109.54 61.15 15.39
N ASP Z 46 -108.97 60.71 16.51
CA ASP Z 46 -108.77 61.54 17.67
C ASP Z 46 -107.48 61.11 18.34
N GLY Z 47 -107.02 61.91 19.30
CA GLY Z 47 -105.77 61.60 19.94
C GLY Z 47 -105.84 60.39 20.85
N ARG Z 48 -106.29 59.27 20.30
CA ARG Z 48 -106.30 57.98 20.99
C ARG Z 48 -105.48 57.01 20.15
N PHE Z 49 -104.33 56.62 20.65
CA PHE Z 49 -103.41 55.78 19.93
C PHE Z 49 -102.94 54.63 20.81
N THR Z 50 -102.60 53.52 20.17
CA THR Z 50 -101.96 52.40 20.82
C THR Z 50 -100.46 52.51 20.62
N THR Z 51 -99.70 52.01 21.59
CA THR Z 51 -98.26 52.18 21.62
C THR Z 51 -97.57 50.83 21.62
N PHE Z 52 -96.52 50.72 20.82
CA PHE Z 52 -95.71 49.52 20.76
C PHE Z 52 -94.25 49.92 20.92
N ALA Z 53 -93.46 49.02 21.48
CA ALA Z 53 -92.05 49.27 21.69
C ALA Z 53 -91.25 48.07 21.22
N LEU Z 54 -90.15 48.34 20.52
CA LEU Z 54 -89.33 47.29 19.95
C LEU Z 54 -87.86 47.51 20.29
N SER Z 55 -87.21 46.43 20.71
CA SER Z 55 -85.81 46.43 21.04
C SER Z 55 -84.94 46.42 19.78
N GLY Z 56 -83.66 46.71 19.97
CA GLY Z 56 -82.72 46.65 18.87
C GLY Z 56 -82.65 45.27 18.26
N PHE Z 57 -82.80 44.24 19.08
CA PHE Z 57 -82.74 42.86 18.61
C PHE Z 57 -83.73 42.60 17.49
N VAL Z 58 -85.00 42.98 17.71
CA VAL Z 58 -86.05 42.62 16.76
C VAL Z 58 -85.87 43.37 15.45
N ARG Z 59 -85.63 44.68 15.51
CA ARG Z 59 -85.31 45.44 14.32
C ARG Z 59 -84.12 44.83 13.58
N ALA Z 60 -83.04 44.52 14.30
CA ALA Z 60 -81.83 44.05 13.64
C ALA Z 60 -82.07 42.74 12.91
N GLN Z 61 -82.87 41.84 13.49
CA GLN Z 61 -83.26 40.65 12.74
C GLN Z 61 -83.95 41.00 11.43
N GLY Z 62 -84.65 42.12 11.41
CA GLY Z 62 -85.52 42.47 10.31
C GLY Z 62 -86.97 42.14 10.56
N ASP Z 63 -87.25 41.23 11.47
CA ASP Z 63 -88.60 40.77 11.74
C ASP Z 63 -89.40 41.74 12.59
N ALA Z 64 -88.99 43.01 12.61
CA ALA Z 64 -89.77 44.02 13.32
C ALA Z 64 -91.11 44.26 12.63
N ASP Z 65 -91.14 44.19 11.30
CA ASP Z 65 -92.38 44.43 10.59
C ASP Z 65 -93.42 43.38 10.92
N GLY Z 66 -93.05 42.11 10.84
CA GLY Z 66 -93.97 41.06 11.21
C GLY Z 66 -94.46 41.23 12.63
N SER Z 67 -93.59 41.69 13.53
CA SER Z 67 -94.00 41.91 14.91
C SER Z 67 -95.08 42.99 14.99
N LEU Z 68 -94.85 44.14 14.35
CA LEU Z 68 -95.88 45.18 14.34
C LEU Z 68 -97.19 44.65 13.78
N ASP Z 69 -97.11 43.90 12.68
CA ASP Z 69 -98.33 43.36 12.09
C ASP Z 69 -99.06 42.48 13.08
N ARG Z 70 -98.41 41.40 13.51
CA ARG Z 70 -99.04 40.38 14.32
C ARG Z 70 -99.46 40.90 15.68
N LEU Z 71 -98.88 42.01 16.14
CA LEU Z 71 -99.37 42.67 17.34
C LEU Z 71 -100.45 43.70 17.04
N TRP Z 72 -100.56 44.15 15.79
CA TRP Z 72 -101.67 45.00 15.41
C TRP Z 72 -102.95 44.21 15.23
N GLN Z 73 -102.85 42.94 14.86
CA GLN Z 73 -104.03 42.08 14.99
C GLN Z 73 -104.17 41.59 16.43
N LYS Z 74 -104.52 42.56 17.27
CA LYS Z 74 -105.19 42.35 18.55
C LYS Z 74 -106.35 43.34 18.58
N ARG Z 75 -107.51 42.90 19.06
CA ARG Z 75 -108.73 43.67 18.89
C ARG Z 75 -109.31 44.14 20.22
N LYS Z 76 -110.20 45.11 20.12
CA LYS Z 76 -110.73 45.81 21.28
C LYS Z 76 -111.87 46.74 20.91
N THR AA 2 -52.20 33.79 9.88
CA THR AA 2 -52.94 34.46 8.82
C THR AA 2 -53.15 33.52 7.66
N PHE AA 3 -54.34 33.55 7.10
CA PHE AA 3 -54.67 32.78 5.92
C PHE AA 3 -55.03 33.72 4.80
N LYS AA 4 -54.24 33.67 3.72
CA LYS AA 4 -54.30 34.66 2.66
C LYS AA 4 -55.59 34.54 1.85
N ARG AA 5 -56.08 33.34 1.65
CA ARG AA 5 -57.23 33.11 0.78
C ARG AA 5 -58.12 32.04 1.39
N ARG AA 6 -59.40 32.08 1.02
CA ARG AA 6 -60.34 31.10 1.54
C ARG AA 6 -59.99 29.70 1.08
N ASN AA 7 -59.83 29.50 -0.23
CA ASN AA 7 -59.63 28.16 -0.77
C ASN AA 7 -58.16 27.79 -0.94
N GLY AA 8 -57.23 28.69 -0.58
CA GLY AA 8 -55.83 28.41 -0.70
C GLY AA 8 -55.22 28.70 -2.04
N GLY AA 9 -55.95 29.34 -2.95
CA GLY AA 9 -55.47 29.59 -4.30
C GLY AA 9 -55.78 28.49 -5.28
N ARG AA 10 -56.31 27.37 -4.80
CA ARG AA 10 -56.70 26.26 -5.64
C ARG AA 10 -58.11 25.84 -5.22
N ASN AA 11 -58.91 25.42 -6.18
CA ASN AA 11 -60.28 25.00 -5.89
C ASN AA 11 -60.31 23.49 -5.74
N LYS AA 12 -60.03 23.03 -4.53
CA LYS AA 12 -60.00 21.60 -4.21
C LYS AA 12 -60.93 21.34 -3.03
N HIS AA 13 -62.13 20.84 -3.33
CA HIS AA 13 -63.06 20.39 -2.32
C HIS AA 13 -63.62 19.03 -2.72
N GLY AA 14 -63.70 18.13 -1.75
CA GLY AA 14 -64.18 16.79 -2.04
C GLY AA 14 -63.16 15.87 -2.66
N ARG AA 15 -61.93 16.32 -2.83
CA ARG AA 15 -60.85 15.52 -3.37
C ARG AA 15 -59.73 15.41 -2.34
N GLY AA 16 -58.77 14.54 -2.64
CA GLY AA 16 -57.57 14.47 -1.85
C GLY AA 16 -56.33 14.72 -2.70
N HIS AA 17 -56.41 14.40 -3.98
CA HIS AA 17 -55.28 14.57 -4.87
C HIS AA 17 -55.77 15.04 -6.24
N VAL AA 18 -55.10 16.05 -6.79
CA VAL AA 18 -55.42 16.58 -8.11
C VAL AA 18 -54.20 16.41 -8.99
N LYS AA 19 -54.39 15.87 -10.19
CA LYS AA 19 -53.28 15.54 -11.04
C LYS AA 19 -52.52 16.81 -11.44
N TYR AA 20 -51.20 16.75 -11.39
CA TYR AA 20 -50.41 17.95 -11.64
C TYR AA 20 -50.27 18.18 -13.14
N ILE AA 21 -49.81 19.38 -13.49
CA ILE AA 21 -49.50 19.73 -14.87
C ILE AA 21 -48.22 20.56 -14.87
N ARG AA 22 -47.76 20.91 -16.06
CA ARG AA 22 -46.49 21.59 -16.25
C ARG AA 22 -46.74 23.01 -16.73
N CYS AA 23 -46.08 23.97 -16.10
CA CYS AA 23 -46.15 25.34 -16.59
C CYS AA 23 -45.67 25.39 -18.03
N SER AA 24 -46.35 26.21 -18.83
CA SER AA 24 -45.95 26.31 -20.23
C SER AA 24 -44.68 27.13 -20.42
N ASN AA 25 -44.19 27.80 -19.39
CA ASN AA 25 -43.01 28.63 -19.51
C ASN AA 25 -41.79 28.04 -18.79
N CYS AA 26 -41.94 27.67 -17.52
CA CYS AA 26 -40.83 27.13 -16.75
C CYS AA 26 -40.97 25.63 -16.49
N ALA AA 27 -42.06 25.02 -16.91
CA ALA AA 27 -42.29 23.58 -16.76
C ALA AA 27 -42.35 23.15 -15.30
N LYS AA 28 -42.76 24.05 -14.40
CA LYS AA 28 -42.91 23.67 -13.01
C LYS AA 28 -44.17 22.83 -12.84
N CYS AA 29 -44.08 21.83 -11.98
CA CYS AA 29 -45.21 20.92 -11.74
C CYS AA 29 -46.12 21.55 -10.70
N CYS AA 30 -47.25 22.09 -11.16
CA CYS AA 30 -48.23 22.63 -10.24
C CYS AA 30 -49.58 21.97 -10.47
N PRO AA 31 -50.41 21.85 -9.44
CA PRO AA 31 -51.65 21.07 -9.58
C PRO AA 31 -52.59 21.69 -10.60
N LYS AA 32 -53.37 20.84 -11.27
CA LYS AA 32 -54.21 21.30 -12.36
C LYS AA 32 -55.26 22.29 -11.89
N ASP AA 33 -55.66 22.22 -10.62
CA ASP AA 33 -56.67 23.12 -10.08
C ASP AA 33 -56.07 24.40 -9.54
N LYS AA 34 -54.75 24.55 -9.58
CA LYS AA 34 -54.10 25.75 -9.11
C LYS AA 34 -53.46 26.55 -10.22
N ALA AA 35 -53.18 25.91 -11.35
CA ALA AA 35 -52.49 26.60 -12.44
C ALA AA 35 -53.42 27.60 -13.11
N ILE AA 36 -52.87 28.75 -13.47
CA ILE AA 36 -53.60 29.75 -14.22
C ILE AA 36 -53.77 29.24 -15.65
N LYS AA 37 -54.98 28.89 -16.01
CA LYS AA 37 -55.27 28.18 -17.25
C LYS AA 37 -56.07 29.10 -18.17
N ARG AA 38 -55.47 29.54 -19.27
CA ARG AA 38 -56.20 30.35 -20.23
C ARG AA 38 -56.22 29.67 -21.60
N PHE AA 39 -57.38 29.68 -22.22
CA PHE AA 39 -57.60 29.09 -23.53
C PHE AA 39 -57.45 30.19 -24.58
N LEU AA 40 -56.21 30.42 -25.01
CA LEU AA 40 -55.92 31.47 -25.96
C LEU AA 40 -56.32 31.00 -27.35
N VAL AA 41 -57.05 31.83 -28.08
CA VAL AA 41 -57.48 31.54 -29.44
C VAL AA 41 -57.01 32.72 -30.27
N ARG AA 42 -55.87 32.57 -30.92
CA ARG AA 42 -55.27 33.70 -31.62
C ARG AA 42 -55.48 33.54 -33.11
N ASN AA 43 -55.44 34.66 -33.81
CA ASN AA 43 -55.40 34.62 -35.27
C ASN AA 43 -54.06 34.04 -35.70
N ILE AA 44 -54.03 33.48 -36.91
CA ILE AA 44 -52.75 33.05 -37.46
C ILE AA 44 -51.85 34.25 -37.71
N VAL AA 45 -52.44 35.37 -38.13
CA VAL AA 45 -51.73 36.62 -38.38
C VAL AA 45 -52.60 37.75 -37.84
N GLU AA 46 -51.95 38.83 -37.42
CA GLU AA 46 -52.71 39.94 -36.86
C GLU AA 46 -53.28 40.81 -37.99
N GLN AA 47 -54.30 41.60 -37.63
CA GLN AA 47 -55.21 42.15 -38.62
C GLN AA 47 -54.54 43.09 -39.62
N ALA AA 48 -53.29 43.47 -39.40
CA ALA AA 48 -52.57 44.27 -40.37
C ALA AA 48 -51.96 43.44 -41.48
N ALA AA 49 -52.11 42.12 -41.43
CA ALA AA 49 -51.59 41.23 -42.45
C ALA AA 49 -52.63 40.18 -42.83
N VAL AA 50 -53.91 40.57 -42.84
CA VAL AA 50 -54.98 39.66 -43.23
C VAL AA 50 -55.52 39.99 -44.61
N ARG AA 51 -55.60 41.28 -44.94
CA ARG AA 51 -55.95 41.65 -46.31
C ARG AA 51 -54.93 41.08 -47.27
N ASP AA 52 -53.65 41.14 -46.89
CA ASP AA 52 -52.56 40.66 -47.73
C ASP AA 52 -52.57 39.16 -47.93
N VAL AA 53 -53.30 38.38 -47.12
CA VAL AA 53 -53.35 36.95 -47.30
C VAL AA 53 -54.64 36.57 -48.03
N GLN AA 54 -55.70 37.38 -47.83
CA GLN AA 54 -56.85 37.23 -48.72
C GLN AA 54 -56.54 37.66 -50.14
N GLU AA 55 -55.50 38.48 -50.32
CA GLU AA 55 -54.96 38.74 -51.65
C GLU AA 55 -53.94 37.70 -52.10
N ALA AA 56 -53.86 36.57 -51.41
CA ALA AA 56 -52.99 35.48 -51.87
C ALA AA 56 -53.63 34.10 -51.81
N CYS AA 57 -54.78 33.94 -51.17
CA CYS AA 57 -55.44 32.64 -51.15
C CYS AA 57 -55.92 32.30 -52.55
N VAL AA 58 -55.56 31.10 -53.02
CA VAL AA 58 -55.84 30.75 -54.41
C VAL AA 58 -57.33 30.55 -54.63
N HIS AA 59 -58.03 29.97 -53.66
CA HIS AA 59 -59.46 29.71 -53.78
C HIS AA 59 -60.22 30.73 -52.95
N ASP AA 60 -61.18 31.41 -53.58
CA ASP AA 60 -61.90 32.49 -52.96
C ASP AA 60 -62.86 31.96 -51.90
N GLY AA 61 -63.23 32.84 -50.97
CA GLY AA 61 -64.11 32.45 -49.89
C GLY AA 61 -63.46 31.68 -48.77
N TYR AA 62 -62.13 31.64 -48.74
CA TYR AA 62 -61.40 30.86 -47.74
C TYR AA 62 -61.15 31.72 -46.51
N VAL AA 63 -61.45 31.17 -45.34
CA VAL AA 63 -61.33 31.88 -44.08
C VAL AA 63 -60.06 31.43 -43.38
N LEU AA 64 -59.40 32.36 -42.70
CA LEU AA 64 -58.15 32.03 -42.03
C LEU AA 64 -58.41 31.06 -40.89
N PRO AA 65 -57.66 29.97 -40.79
CA PRO AA 65 -57.73 29.14 -39.58
C PRO AA 65 -57.34 29.96 -38.36
N LYS AA 66 -57.61 29.38 -37.19
CA LYS AA 66 -57.33 30.04 -35.92
C LYS AA 66 -56.62 29.08 -34.97
N LEU AA 67 -55.65 29.61 -34.24
CA LEU AA 67 -54.87 28.82 -33.29
C LEU AA 67 -55.63 28.71 -31.98
N TYR AA 68 -56.10 27.51 -31.66
CA TYR AA 68 -56.73 27.23 -30.38
C TYR AA 68 -55.70 26.51 -29.52
N ALA AA 69 -55.40 27.05 -28.35
CA ALA AA 69 -54.48 26.35 -27.47
C ALA AA 69 -54.73 26.78 -26.04
N LYS AA 70 -54.76 25.81 -25.14
CA LYS AA 70 -55.07 26.04 -23.74
C LYS AA 70 -53.76 26.05 -22.98
N VAL AA 71 -53.21 27.24 -22.80
CA VAL AA 71 -51.92 27.38 -22.13
C VAL AA 71 -52.12 27.35 -20.62
N HIS AA 72 -51.14 26.77 -19.95
CA HIS AA 72 -51.09 26.68 -18.51
C HIS AA 72 -49.93 27.50 -18.00
N HIS AA 73 -50.09 28.13 -16.86
CA HIS AA 73 -48.98 28.81 -16.21
C HIS AA 73 -49.02 28.51 -14.72
N CYS AA 74 -47.85 28.55 -14.10
CA CYS AA 74 -47.85 28.53 -12.65
C CYS AA 74 -48.11 29.93 -12.14
N VAL AA 75 -48.21 30.08 -10.83
CA VAL AA 75 -48.43 31.40 -10.26
C VAL AA 75 -47.22 32.29 -10.48
N SER AA 76 -46.02 31.73 -10.36
CA SER AA 76 -44.82 32.54 -10.53
C SER AA 76 -44.77 33.17 -11.92
N CYS AA 77 -44.93 32.35 -12.95
CA CYS AA 77 -44.85 32.85 -14.31
C CYS AA 77 -46.04 33.71 -14.66
N ALA AA 78 -47.23 33.39 -14.13
CA ALA AA 78 -48.38 34.23 -14.39
C ALA AA 78 -48.15 35.65 -13.85
N ILE AA 79 -47.71 35.76 -12.59
CA ILE AA 79 -47.41 37.07 -12.03
C ILE AA 79 -46.34 37.77 -12.85
N HIS AA 80 -45.26 37.06 -13.19
CA HIS AA 80 -44.15 37.71 -13.87
C HIS AA 80 -44.53 38.20 -15.25
N ALA AA 81 -45.39 37.47 -15.96
CA ALA AA 81 -45.82 37.84 -17.30
C ALA AA 81 -47.12 38.62 -17.31
N HIS AA 82 -47.63 39.01 -16.14
CA HIS AA 82 -48.82 39.85 -16.03
C HIS AA 82 -50.06 39.17 -16.60
N ILE AA 83 -50.10 37.84 -16.55
CA ILE AA 83 -51.37 37.16 -16.76
C ILE AA 83 -52.35 37.56 -15.67
N VAL AA 84 -51.88 37.60 -14.42
CA VAL AA 84 -52.66 38.03 -13.27
C VAL AA 84 -51.80 38.99 -12.45
N ARG AA 85 -52.47 39.77 -11.59
CA ARG AA 85 -51.82 40.85 -10.87
C ARG AA 85 -52.21 40.83 -9.40
N VAL AA 86 -51.36 41.40 -8.56
CA VAL AA 86 -51.64 41.48 -7.13
C VAL AA 86 -52.76 42.50 -6.90
N ARG AA 87 -53.85 42.05 -6.32
CA ARG AA 87 -55.01 42.90 -6.11
C ARG AA 87 -55.19 43.18 -4.63
N SER AA 88 -55.96 44.22 -4.33
CA SER AA 88 -56.08 44.68 -2.96
C SER AA 88 -56.76 43.63 -2.09
N ARG AA 89 -56.67 43.83 -0.77
CA ARG AA 89 -57.28 42.89 0.17
C ARG AA 89 -58.76 42.68 -0.13
N GLU AA 90 -59.47 43.73 -0.51
CA GLU AA 90 -60.90 43.63 -0.78
C GLU AA 90 -61.20 43.19 -2.20
N ASN AA 91 -60.50 43.78 -3.19
CA ASN AA 91 -60.75 43.41 -4.58
C ASN AA 91 -60.33 41.97 -4.85
N ARG AA 92 -59.51 41.41 -3.97
CA ARG AA 92 -58.96 40.08 -4.16
C ARG AA 92 -60.05 39.03 -4.32
N ARG AA 93 -61.20 39.25 -3.69
CA ARG AA 93 -62.17 38.18 -3.51
C ARG AA 93 -63.00 37.89 -4.74
N ASN AA 94 -63.24 38.88 -5.59
CA ASN AA 94 -64.24 38.71 -6.63
C ASN AA 94 -63.72 37.82 -7.76
N ARG AA 95 -64.64 37.13 -8.42
CA ARG AA 95 -64.34 36.11 -9.41
C ARG AA 95 -64.77 36.49 -10.82
N GLU AA 96 -65.16 37.73 -11.04
CA GLU AA 96 -65.69 38.10 -12.36
C GLU AA 96 -64.58 38.23 -13.39
N HIS BA 3 -45.02 16.61 78.35
CA HIS BA 3 -44.88 17.95 78.94
C HIS BA 3 -46.14 18.78 78.82
N VAL BA 4 -46.91 18.86 79.90
CA VAL BA 4 -48.16 19.60 79.87
C VAL BA 4 -47.78 21.07 79.78
N ASN BA 5 -48.77 21.92 79.52
CA ASN BA 5 -48.67 23.34 79.17
C ASN BA 5 -48.28 23.50 77.71
N PHE BA 6 -47.90 22.41 77.02
CA PHE BA 6 -48.01 22.36 75.57
C PHE BA 6 -49.45 22.49 75.14
N TYR BA 7 -50.38 22.10 76.00
CA TYR BA 7 -51.77 21.95 75.62
C TYR BA 7 -52.56 23.24 75.75
N ARG BA 8 -51.96 24.29 76.30
CA ARG BA 8 -52.65 25.57 76.41
C ARG BA 8 -52.67 26.24 75.05
N ASN BA 9 -53.86 26.42 74.49
CA ASN BA 9 -53.98 26.95 73.15
C ASN BA 9 -53.66 28.43 73.11
N TYR BA 10 -53.39 28.91 71.91
CA TYR BA 10 -53.09 30.30 71.65
C TYR BA 10 -53.11 30.53 70.14
N GLY BA 11 -53.52 31.72 69.75
CA GLY BA 11 -53.64 32.02 68.33
C GLY BA 11 -53.30 33.44 67.98
N LYS BA 12 -53.53 33.80 66.72
CA LYS BA 12 -53.26 35.15 66.24
C LYS BA 12 -54.52 35.99 66.24
N THR BA 13 -54.35 37.30 66.39
CA THR BA 13 -55.48 38.19 66.55
C THR BA 13 -55.65 39.19 65.42
N PHE BA 14 -54.66 39.40 64.56
CA PHE BA 14 -54.84 40.29 63.42
C PHE BA 14 -54.27 39.61 62.19
N LYS BA 15 -54.25 40.35 61.09
CA LYS BA 15 -53.62 39.88 59.87
C LYS BA 15 -53.15 41.08 59.06
N LYS BA 16 -51.90 41.03 58.61
CA LYS BA 16 -51.33 42.11 57.81
C LYS BA 16 -52.06 42.19 56.48
N PRO BA 17 -52.32 43.40 55.97
CA PRO BA 17 -53.16 43.54 54.77
C PRO BA 17 -52.50 43.02 53.51
N ARG BA 18 -53.35 42.73 52.53
CA ARG BA 18 -52.92 42.04 51.31
C ARG BA 18 -52.03 42.94 50.46
N ARG BA 19 -52.46 44.17 50.22
CA ARG BA 19 -51.72 45.10 49.36
C ARG BA 19 -51.06 46.14 50.24
N PRO BA 20 -49.74 46.13 50.39
CA PRO BA 20 -49.10 46.94 51.44
C PRO BA 20 -49.21 48.43 51.22
N TYR BA 21 -49.12 48.90 49.98
CA TYR BA 21 -48.91 50.32 49.71
C TYR BA 21 -50.04 50.82 48.82
N GLU BA 22 -51.14 51.23 49.46
CA GLU BA 22 -52.29 51.81 48.78
C GLU BA 22 -52.58 53.15 49.43
N LYS BA 23 -52.70 54.20 48.62
CA LYS BA 23 -53.03 55.50 49.21
C LYS BA 23 -54.39 55.49 49.87
N GLU BA 24 -55.40 54.91 49.21
CA GLU BA 24 -56.75 54.94 49.76
C GLU BA 24 -56.81 54.28 51.12
N ARG BA 25 -56.33 53.03 51.21
CA ARG BA 25 -56.38 52.34 52.49
C ARG BA 25 -55.45 52.99 53.50
N LEU BA 26 -54.27 53.41 53.06
CA LEU BA 26 -53.32 54.02 53.99
C LEU BA 26 -53.92 55.24 54.66
N ASP BA 27 -54.49 56.15 53.88
CA ASP BA 27 -55.02 57.37 54.46
C ASP BA 27 -56.33 57.13 55.20
N ALA BA 28 -57.12 56.13 54.79
CA ALA BA 28 -58.29 55.78 55.61
C ALA BA 28 -57.88 55.24 56.97
N GLU BA 29 -56.84 54.42 57.02
CA GLU BA 29 -56.37 53.90 58.29
C GLU BA 29 -55.71 54.97 59.13
N LEU BA 30 -54.99 55.91 58.50
CA LEU BA 30 -54.52 57.06 59.28
C LEU BA 30 -55.66 57.91 59.82
N LYS BA 31 -56.70 58.13 59.00
CA LYS BA 31 -57.92 58.76 59.51
C LYS BA 31 -58.34 58.10 60.82
N LEU BA 32 -58.51 56.78 60.78
CA LEU BA 32 -59.02 56.10 61.96
C LEU BA 32 -58.05 56.12 63.12
N VAL BA 33 -56.76 55.88 62.87
CA VAL BA 33 -55.79 55.78 63.96
C VAL BA 33 -55.63 57.12 64.64
N GLY BA 34 -55.50 58.20 63.87
CA GLY BA 34 -55.40 59.52 64.48
C GLY BA 34 -56.67 59.95 65.16
N GLU BA 35 -57.82 59.62 64.58
CA GLU BA 35 -59.10 60.10 65.10
C GLU BA 35 -59.54 59.29 66.31
N TYR BA 36 -58.94 58.12 66.56
CA TYR BA 36 -59.13 57.43 67.84
C TYR BA 36 -57.87 57.36 68.70
N GLY BA 37 -56.79 58.05 68.31
CA GLY BA 37 -55.56 58.06 69.09
C GLY BA 37 -55.03 56.69 69.50
N LEU BA 38 -54.59 55.90 68.53
CA LEU BA 38 -54.15 54.53 68.78
C LEU BA 38 -52.63 54.41 68.80
N ARG BA 39 -52.16 53.31 69.39
CA ARG BA 39 -50.73 53.09 69.54
C ARG BA 39 -50.07 52.74 68.21
N CYS BA 40 -50.78 52.03 67.33
CA CYS BA 40 -50.31 51.74 65.98
C CYS BA 40 -51.49 51.17 65.21
N LYS BA 41 -51.21 50.60 64.04
CA LYS BA 41 -52.27 50.04 63.20
C LYS BA 41 -52.53 48.57 63.50
N ARG BA 42 -51.74 47.97 64.39
CA ARG BA 42 -52.05 46.63 64.88
C ARG BA 42 -53.40 46.61 65.58
N GLU BA 43 -53.69 47.61 66.40
CA GLU BA 43 -54.99 47.67 67.07
C GLU BA 43 -56.14 47.75 66.07
N LEU BA 44 -55.96 48.55 65.02
CA LEU BA 44 -56.98 48.65 63.99
C LEU BA 44 -57.17 47.31 63.30
N TRP BA 45 -56.06 46.61 63.03
CA TRP BA 45 -56.15 45.35 62.30
C TRP BA 45 -56.76 44.25 63.16
N ARG BA 46 -56.58 44.31 64.49
CA ARG BA 46 -57.35 43.44 65.36
C ARG BA 46 -58.84 43.71 65.20
N VAL BA 47 -59.23 44.96 64.98
CA VAL BA 47 -60.64 45.28 64.89
C VAL BA 47 -61.21 44.72 63.59
N GLN BA 48 -60.51 44.89 62.46
CA GLN BA 48 -61.01 44.22 61.27
C GLN BA 48 -61.00 42.71 61.43
N TYR BA 49 -60.08 42.15 62.22
CA TYR BA 49 -60.11 40.71 62.39
C TYR BA 49 -61.34 40.26 63.16
N ALA BA 50 -61.67 40.95 64.24
CA ALA BA 50 -62.88 40.60 65.00
C ALA BA 50 -64.13 40.81 64.15
N LEU BA 51 -64.18 41.91 63.41
CA LEU BA 51 -65.30 42.13 62.50
C LEU BA 51 -65.39 41.02 61.46
N SER BA 52 -64.25 40.59 60.93
CA SER BA 52 -64.26 39.53 59.94
C SER BA 52 -64.81 38.24 60.53
N ARG BA 53 -64.42 37.94 61.76
CA ARG BA 53 -64.93 36.76 62.45
C ARG BA 53 -66.45 36.82 62.61
N ILE BA 54 -66.94 37.93 63.18
CA ILE BA 54 -68.37 38.01 63.46
C ILE BA 54 -69.17 38.03 62.17
N ARG BA 55 -68.64 38.67 61.13
CA ARG BA 55 -69.36 38.72 59.87
C ARG BA 55 -69.36 37.37 59.16
N ASN BA 56 -68.27 36.60 59.27
CA ASN BA 56 -68.30 35.24 58.76
C ASN BA 56 -69.38 34.43 59.45
N ALA BA 57 -69.46 34.54 60.78
CA ALA BA 57 -70.48 33.79 61.50
C ALA BA 57 -71.88 34.23 61.08
N ALA BA 58 -72.09 35.55 61.00
CA ALA BA 58 -73.42 36.05 60.64
C ALA BA 58 -73.78 35.68 59.21
N ARG BA 59 -72.80 35.73 58.31
CA ARG BA 59 -73.02 35.31 56.94
C ARG BA 59 -73.44 33.85 56.87
N HIS BA 60 -72.75 32.98 57.61
CA HIS BA 60 -73.14 31.58 57.57
C HIS BA 60 -74.52 31.38 58.17
N LEU BA 61 -74.86 32.16 59.20
CA LEU BA 61 -76.19 32.05 59.79
C LEU BA 61 -77.27 32.50 58.82
N LEU BA 62 -77.04 33.63 58.14
CA LEU BA 62 -78.01 34.10 57.15
C LEU BA 62 -78.12 33.17 55.96
N THR BA 63 -77.09 32.37 55.69
CA THR BA 63 -77.18 31.42 54.57
C THR BA 63 -78.33 30.43 54.79
N LEU BA 64 -78.50 29.96 56.02
CA LEU BA 64 -79.53 28.98 56.34
C LEU BA 64 -80.90 29.66 56.34
N ASP BA 65 -81.93 28.90 56.69
CA ASP BA 65 -83.28 29.44 56.77
C ASP BA 65 -83.78 29.43 58.21
N GLU BA 66 -84.81 30.23 58.47
CA GLU BA 66 -85.35 30.37 59.82
C GLU BA 66 -85.97 29.06 60.28
N LYS BA 67 -86.39 29.00 61.55
CA LYS BA 67 -86.96 27.80 62.14
C LYS BA 67 -85.93 26.66 62.19
N ASN BA 68 -84.68 26.95 61.80
CA ASN BA 68 -83.61 25.99 61.94
C ASN BA 68 -82.93 26.20 63.29
N PRO BA 69 -82.99 25.22 64.20
CA PRO BA 69 -82.55 25.47 65.57
C PRO BA 69 -81.13 25.96 65.67
N ARG BA 70 -80.24 25.49 64.80
CA ARG BA 70 -78.90 26.06 64.79
C ARG BA 70 -78.94 27.54 64.44
N ARG BA 71 -79.73 27.92 63.43
CA ARG BA 71 -79.86 29.34 63.13
C ARG BA 71 -80.29 30.12 64.36
N ILE BA 72 -81.41 29.72 64.96
CA ILE BA 72 -81.94 30.52 66.05
C ILE BA 72 -80.96 30.60 67.20
N PHE BA 73 -80.34 29.48 67.57
CA PHE BA 73 -79.52 29.52 68.78
C PHE BA 73 -78.35 30.49 68.69
N GLU BA 74 -77.40 30.28 67.78
CA GLU BA 74 -76.30 31.22 67.82
C GLU BA 74 -76.61 32.53 67.10
N GLY BA 75 -77.70 32.64 66.35
CA GLY BA 75 -78.16 33.97 66.01
C GLY BA 75 -78.49 34.76 67.26
N ALA BA 76 -79.27 34.15 68.17
CA ALA BA 76 -79.60 34.81 69.43
C ALA BA 76 -78.38 35.04 70.29
N ALA BA 77 -77.44 34.09 70.28
CA ALA BA 77 -76.21 34.25 71.05
C ALA BA 77 -75.39 35.43 70.54
N LEU BA 78 -75.21 35.51 69.23
CA LEU BA 78 -74.49 36.62 68.62
C LEU BA 78 -75.19 37.94 68.89
N LEU BA 79 -76.52 37.96 68.76
CA LEU BA 79 -77.27 39.18 69.01
C LEU BA 79 -77.17 39.63 70.45
N ARG BA 80 -77.23 38.70 71.41
CA ARG BA 80 -77.08 39.12 72.80
C ARG BA 80 -75.66 39.55 73.13
N ARG BA 81 -74.67 38.95 72.48
CA ARG BA 81 -73.30 39.45 72.61
C ARG BA 81 -73.22 40.89 72.14
N MET BA 82 -73.82 41.17 70.98
CA MET BA 82 -73.78 42.52 70.43
C MET BA 82 -74.49 43.49 71.36
N ASN BA 83 -75.64 43.08 71.89
CA ASN BA 83 -76.42 43.97 72.75
C ASN BA 83 -75.73 44.20 74.09
N ARG BA 84 -75.07 43.17 74.65
CA ARG BA 84 -74.26 43.39 75.84
C ARG BA 84 -73.17 44.40 75.57
N TYR BA 85 -72.52 44.31 74.41
CA TYR BA 85 -71.56 45.35 74.10
C TYR BA 85 -72.22 46.62 73.62
N GLY BA 86 -73.55 46.66 73.59
CA GLY BA 86 -74.25 47.85 73.15
C GLY BA 86 -73.90 48.24 71.76
N LEU BA 87 -73.36 47.32 71.00
CA LEU BA 87 -72.82 47.62 69.69
C LEU BA 87 -73.91 47.70 68.65
N LEU BA 88 -75.11 47.25 69.00
CA LEU BA 88 -76.34 47.49 68.25
C LEU BA 88 -77.30 48.28 69.13
N ALA BA 89 -78.15 49.09 68.48
CA ALA BA 89 -79.12 49.90 69.19
C ALA BA 89 -80.41 49.11 69.39
N GLU BA 90 -81.34 49.72 70.12
CA GLU BA 90 -82.63 49.10 70.36
C GLU BA 90 -83.44 49.05 69.06
N GLY BA 91 -84.31 48.05 68.96
CA GLY BA 91 -85.16 47.90 67.79
C GLY BA 91 -84.38 47.62 66.52
N GLN BA 92 -83.14 47.15 66.69
CA GLN BA 92 -82.21 46.96 65.60
C GLN BA 92 -81.67 45.53 65.56
N ASP BA 93 -82.19 44.66 66.43
CA ASP BA 93 -81.81 43.25 66.46
C ASP BA 93 -82.53 42.53 65.33
N LYS BA 94 -81.80 42.31 64.23
CA LYS BA 94 -82.34 41.61 63.07
C LYS BA 94 -81.35 40.61 62.49
N LEU BA 95 -80.12 40.58 63.00
CA LEU BA 95 -79.01 39.73 62.57
C LEU BA 95 -78.45 40.17 61.23
N ASP BA 96 -79.04 41.18 60.59
CA ASP BA 96 -78.42 41.87 59.46
C ASP BA 96 -77.71 43.14 59.87
N TYR BA 97 -78.22 43.81 60.90
CA TYR BA 97 -77.52 45.00 61.37
C TYR BA 97 -76.20 44.62 62.04
N VAL BA 98 -75.97 43.33 62.26
CA VAL BA 98 -74.64 42.87 62.62
C VAL BA 98 -73.69 42.96 61.44
N LEU BA 99 -74.14 42.54 60.26
CA LEU BA 99 -73.32 42.74 59.07
C LEU BA 99 -73.14 44.22 58.79
N ALA BA 100 -74.17 45.01 59.02
CA ALA BA 100 -74.11 46.43 58.69
C ALA BA 100 -72.98 47.13 59.43
N LEU BA 101 -72.72 46.77 60.69
CA LEU BA 101 -71.78 47.54 61.50
C LEU BA 101 -70.37 47.41 60.94
N THR BA 102 -69.52 48.39 61.27
CA THR BA 102 -68.20 48.51 60.67
C THR BA 102 -67.22 48.84 61.80
N ALA BA 103 -65.92 48.87 61.47
CA ALA BA 103 -64.85 49.00 62.46
C ALA BA 103 -64.99 50.25 63.32
N GLU BA 104 -65.65 51.29 62.83
CA GLU BA 104 -65.90 52.46 63.67
C GLU BA 104 -66.68 52.06 64.91
N ASN BA 105 -67.58 51.09 64.79
CA ASN BA 105 -68.41 50.68 65.92
C ASN BA 105 -67.56 50.07 67.03
N PHE BA 106 -66.65 49.16 66.68
CA PHE BA 106 -65.75 48.61 67.69
C PHE BA 106 -64.83 49.68 68.25
N LEU BA 107 -64.26 50.51 67.39
CA LEU BA 107 -63.34 51.53 67.89
C LEU BA 107 -64.06 52.50 68.83
N ALA BA 108 -65.37 52.67 68.67
CA ALA BA 108 -66.13 53.56 69.52
C ALA BA 108 -66.40 53.00 70.90
N ARG BA 109 -66.24 51.69 71.10
CA ARG BA 109 -66.51 51.08 72.38
C ARG BA 109 -65.26 50.94 73.24
N ARG BA 110 -64.08 51.14 72.66
CA ARG BA 110 -62.86 51.02 73.43
C ARG BA 110 -62.85 52.03 74.56
N LEU BA 111 -62.16 51.67 75.63
CA LEU BA 111 -62.28 52.43 76.87
C LEU BA 111 -61.70 53.83 76.73
N GLN BA 112 -60.68 54.01 75.89
CA GLN BA 112 -60.21 55.37 75.60
C GLN BA 112 -61.34 56.24 75.12
N THR BA 113 -62.08 55.74 74.12
CA THR BA 113 -63.18 56.50 73.55
C THR BA 113 -64.22 56.81 74.60
N LEU BA 114 -64.52 55.84 75.46
CA LEU BA 114 -65.56 56.06 76.45
C LEU BA 114 -65.12 57.11 77.46
N VAL BA 115 -63.85 57.10 77.84
CA VAL BA 115 -63.32 58.15 78.71
C VAL BA 115 -63.47 59.50 78.04
N PHE BA 116 -63.05 59.59 76.77
CA PHE BA 116 -63.15 60.83 76.01
C PHE BA 116 -64.58 61.34 75.99
N LYS BA 117 -65.54 60.45 75.74
CA LYS BA 117 -66.93 60.86 75.58
C LYS BA 117 -67.62 61.09 76.91
N ALA BA 118 -67.06 60.58 78.01
CA ALA BA 118 -67.55 60.90 79.34
C ALA BA 118 -66.80 62.07 79.95
N GLY BA 119 -65.87 62.68 79.21
CA GLY BA 119 -65.17 63.86 79.69
C GLY BA 119 -63.82 63.46 80.23
N MET BA 120 -63.47 63.96 81.42
CA MET BA 120 -62.50 63.32 82.30
C MET BA 120 -61.17 63.01 81.62
N ALA BA 121 -60.95 63.54 80.42
CA ALA BA 121 -59.72 63.33 79.67
C ALA BA 121 -59.14 64.59 79.07
N LYS BA 122 -59.99 65.49 78.57
CA LYS BA 122 -59.57 66.74 77.92
C LYS BA 122 -58.82 66.48 76.62
N SER BA 123 -58.71 65.20 76.22
CA SER BA 123 -58.09 64.76 74.98
C SER BA 123 -58.19 63.24 74.91
N ILE BA 124 -58.15 62.70 73.69
CA ILE BA 124 -58.24 61.25 73.57
C ILE BA 124 -56.88 60.60 73.85
N HIS BA 125 -55.79 61.28 73.51
CA HIS BA 125 -54.47 60.78 73.89
C HIS BA 125 -54.26 60.91 75.40
N HIS BA 126 -54.77 61.99 75.98
CA HIS BA 126 -54.81 62.10 77.43
C HIS BA 126 -55.66 61.00 78.03
N ALA BA 127 -56.73 60.59 77.34
CA ALA BA 127 -57.53 59.47 77.81
C ALA BA 127 -56.72 58.19 77.83
N ARG BA 128 -55.98 57.91 76.76
CA ARG BA 128 -55.17 56.70 76.74
C ARG BA 128 -54.18 56.69 77.90
N VAL BA 129 -53.45 57.80 78.08
CA VAL BA 129 -52.44 57.78 79.14
C VAL BA 129 -53.11 57.58 80.49
N LEU BA 130 -54.17 58.34 80.77
CA LEU BA 130 -54.88 58.14 82.03
C LEU BA 130 -55.27 56.68 82.22
N ILE BA 131 -55.61 55.99 81.13
CA ILE BA 131 -55.89 54.57 81.26
C ILE BA 131 -54.64 53.84 81.72
N ARG BA 132 -53.49 54.15 81.13
CA ARG BA 132 -52.32 53.32 81.43
C ARG BA 132 -51.61 53.69 82.73
N GLN BA 133 -51.86 54.86 83.31
CA GLN BA 133 -51.32 55.13 84.65
C GLN BA 133 -52.29 54.77 85.76
N ARG BA 134 -53.08 53.71 85.60
CA ARG BA 134 -53.86 53.12 86.69
C ARG BA 134 -54.82 54.14 87.31
N HIS BA 135 -55.30 55.06 86.51
CA HIS BA 135 -56.13 56.14 87.02
C HIS BA 135 -57.61 55.82 87.00
N ILE BA 136 -58.01 54.70 86.39
CA ILE BA 136 -59.42 54.44 86.14
C ILE BA 136 -59.78 53.01 86.49
N ARG BA 137 -60.91 52.87 87.17
CA ARG BA 137 -61.57 51.60 87.47
C ARG BA 137 -62.84 51.50 86.64
N VAL BA 138 -63.53 50.37 86.79
CA VAL BA 138 -64.79 50.17 86.07
C VAL BA 138 -65.91 49.99 87.08
N GLY BA 139 -65.88 48.90 87.85
CA GLY BA 139 -66.70 48.85 89.03
C GLY BA 139 -65.90 49.18 90.27
N ARG BA 140 -64.86 48.39 90.52
CA ARG BA 140 -63.92 48.64 91.59
C ARG BA 140 -62.48 48.34 91.19
N GLN BA 141 -62.24 47.86 89.98
CA GLN BA 141 -60.95 47.31 89.59
C GLN BA 141 -60.31 48.22 88.55
N ILE BA 142 -59.10 48.69 88.83
CA ILE BA 142 -58.47 49.69 88.00
C ILE BA 142 -57.97 49.03 86.72
N VAL BA 143 -58.39 49.57 85.58
CA VAL BA 143 -58.18 48.97 84.26
C VAL BA 143 -57.14 49.79 83.53
N ASN BA 144 -56.17 49.12 82.92
CA ASN BA 144 -55.10 49.79 82.19
C ASN BA 144 -54.92 49.24 80.78
N VAL BA 145 -55.97 48.72 80.17
CA VAL BA 145 -55.92 48.21 78.81
C VAL BA 145 -56.85 49.05 77.94
N PRO BA 146 -56.30 49.96 77.14
CA PRO BA 146 -57.13 50.92 76.41
C PRO BA 146 -58.07 50.30 75.38
N SER BA 147 -58.05 48.99 75.22
CA SER BA 147 -58.96 48.30 74.31
C SER BA 147 -59.94 47.45 75.09
N PHE BA 148 -60.44 48.01 76.20
CA PHE BA 148 -61.11 47.20 77.20
C PHE BA 148 -62.50 46.76 76.74
N MET BA 149 -63.09 47.42 75.75
CA MET BA 149 -64.34 46.99 75.14
C MET BA 149 -65.46 46.91 76.19
N VAL BA 150 -65.83 48.09 76.69
CA VAL BA 150 -66.79 48.14 77.78
C VAL BA 150 -68.17 47.71 77.31
N ARG BA 151 -68.87 46.97 78.15
CA ARG BA 151 -70.27 46.65 77.95
C ARG BA 151 -71.12 47.80 78.48
N VAL BA 152 -72.35 47.91 77.98
CA VAL BA 152 -73.17 49.03 78.43
C VAL BA 152 -73.53 48.89 79.90
N GLU BA 153 -73.63 47.66 80.41
CA GLU BA 153 -73.91 47.49 81.82
C GLU BA 153 -72.77 47.96 82.71
N SER BA 154 -71.58 48.17 82.14
CA SER BA 154 -70.49 48.80 82.86
C SER BA 154 -70.25 50.23 82.41
N GLU BA 155 -70.87 50.65 81.31
CA GLU BA 155 -70.60 51.96 80.74
C GLU BA 155 -70.99 53.09 81.67
N LYS BA 156 -72.03 52.90 82.48
CA LYS BA 156 -72.60 54.01 83.23
C LYS BA 156 -71.65 54.50 84.32
N HIS BA 157 -70.91 53.59 84.96
CA HIS BA 157 -70.10 53.94 86.12
C HIS BA 157 -68.62 53.70 85.87
N ILE BA 158 -68.15 54.01 84.66
CA ILE BA 158 -66.72 54.06 84.41
C ILE BA 158 -66.18 55.33 85.05
N ASP BA 159 -65.33 55.17 86.06
CA ASP BA 159 -64.91 56.32 86.84
C ASP BA 159 -63.50 56.11 87.37
N PHE BA 160 -62.94 57.19 87.91
CA PHE BA 160 -61.58 57.19 88.43
C PHE BA 160 -61.40 56.14 89.52
N SER BA 161 -60.14 55.84 89.79
CA SER BA 161 -59.79 54.97 90.90
C SER BA 161 -59.99 55.71 92.22
N LEU BA 162 -59.88 54.95 93.31
CA LEU BA 162 -59.78 55.53 94.64
C LEU BA 162 -58.35 55.80 95.05
N THR BA 163 -57.38 55.56 94.16
CA THR BA 163 -55.98 55.84 94.44
C THR BA 163 -55.36 56.88 93.54
N SER BA 164 -55.96 57.15 92.37
CA SER BA 164 -55.43 58.18 91.49
C SER BA 164 -55.56 59.55 92.15
N PRO BA 165 -54.56 60.41 91.99
CA PRO BA 165 -54.64 61.75 92.60
C PRO BA 165 -55.83 62.56 92.13
N PHE BA 166 -56.32 62.30 90.92
CA PHE BA 166 -57.41 63.11 90.37
C PHE BA 166 -58.75 62.76 91.03
N GLY BA 167 -59.02 61.48 91.24
CA GLY BA 167 -60.33 61.09 91.72
C GLY BA 167 -60.32 60.26 92.98
N GLY BA 168 -59.13 59.88 93.45
CA GLY BA 168 -59.04 59.06 94.64
C GLY BA 168 -58.39 59.72 95.84
N GLY BA 169 -57.21 59.21 96.22
CA GLY BA 169 -56.61 59.58 97.47
C GLY BA 169 -55.38 60.45 97.32
N PRO BA 170 -54.25 59.98 97.86
CA PRO BA 170 -53.11 60.86 98.09
C PRO BA 170 -52.55 61.42 96.79
N ALA BA 171 -51.94 62.59 96.90
CA ALA BA 171 -51.34 63.25 95.75
C ALA BA 171 -50.11 62.49 95.28
N GLY BA 172 -49.78 62.67 93.99
CA GLY BA 172 -48.74 61.92 93.34
C GLY BA 172 -47.34 62.35 93.73
N ARG BA 173 -46.35 61.68 93.14
CA ARG BA 173 -44.98 61.88 93.57
C ARG BA 173 -44.46 63.26 93.17
N VAL BA 174 -44.92 63.79 92.04
CA VAL BA 174 -44.54 65.15 91.68
C VAL BA 174 -45.12 66.15 92.68
N LYS BA 175 -46.39 65.98 93.03
CA LYS BA 175 -47.00 66.74 94.11
C LYS BA 175 -46.15 66.70 95.36
N ARG BA 176 -45.76 65.50 95.79
CA ARG BA 176 -45.12 65.39 97.10
C ARG BA 176 -43.68 65.87 97.09
N LYS BA 177 -42.98 65.77 95.95
CA LYS BA 177 -41.69 66.44 95.85
C LYS BA 177 -41.83 67.95 95.93
N ASN BA 178 -42.76 68.52 95.16
CA ASN BA 178 -42.93 69.97 95.23
C ASN BA 178 -43.33 70.40 96.62
N GLN BA 179 -44.22 69.65 97.26
CA GLN BA 179 -44.68 69.98 98.59
C GLN BA 179 -43.56 69.87 99.63
N LYS BA 180 -42.74 68.82 99.55
CA LYS BA 180 -41.70 68.67 100.58
C LYS BA 180 -40.56 69.64 100.36
N LYS BA 181 -40.28 70.04 99.12
CA LYS BA 181 -39.25 71.06 98.95
C LYS BA 181 -39.79 72.45 99.24
N ALA BA 182 -41.10 72.66 99.12
CA ALA BA 182 -41.70 73.89 99.64
C ALA BA 182 -41.72 73.91 101.16
N SER BA 183 -41.78 72.73 101.78
CA SER BA 183 -41.82 72.60 103.23
C SER BA 183 -40.54 71.98 103.76
N LYS CA 43 -73.31 81.29 25.27
CA LYS CA 43 -73.60 80.42 26.39
C LYS CA 43 -73.68 78.97 25.93
N TRP CA 44 -74.91 78.53 25.64
CA TRP CA 44 -75.18 77.15 25.31
C TRP CA 44 -75.73 76.99 23.89
N VAL CA 45 -76.81 77.69 23.55
CA VAL CA 45 -77.53 77.58 22.28
C VAL CA 45 -77.60 76.11 21.84
N PRO CA 46 -78.41 75.29 22.50
CA PRO CA 46 -78.40 73.86 22.21
C PRO CA 46 -78.88 73.55 20.80
N VAL CA 47 -78.37 72.44 20.26
CA VAL CA 47 -78.67 72.03 18.89
C VAL CA 47 -79.50 70.75 18.83
N THR CA 48 -79.59 70.00 19.92
CA THR CA 48 -80.42 68.81 20.01
C THR CA 48 -81.70 69.19 20.73
N LYS CA 49 -82.85 68.71 20.22
CA LYS CA 49 -84.09 69.13 20.89
C LYS CA 49 -84.17 68.63 22.31
N LEU CA 50 -83.46 67.55 22.64
CA LEU CA 50 -83.28 67.20 24.05
C LEU CA 50 -82.59 68.34 24.77
N GLY CA 51 -81.55 68.90 24.17
CA GLY CA 51 -80.92 70.06 24.75
C GLY CA 51 -81.88 71.22 24.89
N ARG CA 52 -82.79 71.39 23.93
CA ARG CA 52 -83.74 72.48 24.01
C ARG CA 52 -84.64 72.29 25.23
N LEU CA 53 -85.25 71.11 25.34
CA LEU CA 53 -86.13 70.84 26.47
C LEU CA 53 -85.42 70.96 27.80
N VAL CA 54 -84.17 70.50 27.87
CA VAL CA 54 -83.40 70.64 29.11
C VAL CA 54 -83.16 72.10 29.42
N LYS CA 55 -82.91 72.91 28.40
CA LYS CA 55 -82.70 74.33 28.63
C LYS CA 55 -83.95 75.01 29.16
N GLU CA 56 -85.12 74.73 28.59
CA GLU CA 56 -86.28 75.30 29.30
C GLU CA 56 -86.58 74.57 30.59
N GLY CA 57 -85.88 73.48 30.88
CA GLY CA 57 -86.02 72.81 32.17
C GLY CA 57 -87.31 72.04 32.37
N ARG CA 58 -87.79 71.35 31.33
CA ARG CA 58 -88.95 70.48 31.45
C ARG CA 58 -88.57 69.03 31.68
N PHE CA 59 -87.35 68.78 32.13
CA PHE CA 59 -86.96 67.51 32.70
C PHE CA 59 -86.45 67.77 34.11
N THR CA 60 -86.39 66.70 34.89
CA THR CA 60 -85.93 66.82 36.27
C THR CA 60 -84.76 65.92 36.59
N LYS CA 61 -84.73 64.73 36.01
CA LYS CA 61 -83.71 63.74 36.33
C LYS CA 61 -83.59 62.80 35.14
N MET CA 62 -82.45 62.13 35.05
CA MET CA 62 -82.29 61.41 33.79
C MET CA 62 -83.10 60.16 33.70
N GLU CA 63 -84.05 59.96 34.62
CA GLU CA 63 -84.84 58.74 34.57
C GLU CA 63 -85.65 58.67 33.28
N GLU CA 64 -86.22 59.79 32.85
CA GLU CA 64 -87.06 59.78 31.66
C GLU CA 64 -86.24 59.55 30.40
N ILE CA 65 -85.10 60.21 30.28
CA ILE CA 65 -84.24 59.99 29.12
C ILE CA 65 -83.76 58.56 29.08
N TYR CA 66 -83.49 57.98 30.25
CA TYR CA 66 -83.06 56.59 30.27
C TYR CA 66 -84.21 55.66 29.92
N LEU CA 67 -85.38 55.95 30.46
CA LEU CA 67 -86.54 55.10 30.28
C LEU CA 67 -86.99 55.12 28.85
N HIS CA 68 -86.63 56.17 28.11
CA HIS CA 68 -86.99 56.28 26.71
C HIS CA 68 -85.81 56.06 25.77
N SER CA 69 -84.62 55.79 26.31
CA SER CA 69 -83.44 55.40 25.53
C SER CA 69 -83.12 56.44 24.47
N LEU CA 70 -83.10 57.62 24.87
CA LEU CA 70 -82.82 58.66 23.89
C LEU CA 70 -81.32 58.89 23.78
N PRO CA 71 -80.84 59.33 22.61
CA PRO CA 71 -79.42 59.63 22.47
C PRO CA 71 -79.10 60.98 23.10
N VAL CA 72 -78.23 60.97 24.11
CA VAL CA 72 -77.76 62.20 24.71
C VAL CA 72 -76.55 62.68 23.93
N LYS CA 73 -76.63 63.89 23.38
CA LYS CA 73 -75.65 64.38 22.43
C LYS CA 73 -74.97 65.67 22.85
N GLU CA 74 -75.50 66.40 23.82
CA GLU CA 74 -74.85 67.58 24.38
C GLU CA 74 -74.53 67.28 25.84
N HIS CA 75 -73.27 67.44 26.22
CA HIS CA 75 -72.90 67.06 27.58
C HIS CA 75 -73.47 68.00 28.61
N GLN CA 76 -73.96 69.16 28.21
CA GLN CA 76 -74.44 70.07 29.24
C GLN CA 76 -75.90 69.82 29.62
N ILE CA 77 -76.50 68.77 29.09
CA ILE CA 77 -77.70 68.21 29.72
C ILE CA 77 -77.37 67.67 31.10
N VAL CA 78 -76.31 66.88 31.20
CA VAL CA 78 -76.15 66.00 32.35
C VAL CA 78 -75.73 66.77 33.60
N GLU CA 79 -75.11 67.94 33.49
CA GLU CA 79 -74.86 68.68 34.72
C GLU CA 79 -76.17 69.15 35.34
N THR CA 80 -77.08 69.68 34.51
CA THR CA 80 -78.36 70.15 35.03
C THR CA 80 -79.30 69.01 35.39
N LEU CA 81 -79.07 67.79 34.91
CA LEU CA 81 -79.91 66.67 35.32
C LEU CA 81 -79.31 65.79 36.42
N CYS CA 82 -77.99 65.71 36.53
CA CYS CA 82 -77.33 65.04 37.66
C CYS CA 82 -76.41 66.04 38.34
N PRO CA 83 -76.81 66.62 39.45
CA PRO CA 83 -76.00 67.71 40.05
C PRO CA 83 -74.81 67.22 40.86
N GLY CA 84 -74.93 66.07 41.51
CA GLY CA 84 -73.88 65.62 42.43
C GLY CA 84 -72.83 64.78 41.76
N LEU CA 85 -72.30 65.23 40.63
CA LEU CA 85 -71.52 64.42 39.73
C LEU CA 85 -70.04 64.65 40.00
N LYS CA 86 -69.28 63.57 40.13
CA LYS CA 86 -67.86 63.65 40.47
C LYS CA 86 -67.08 62.92 39.39
N ASP CA 87 -65.98 63.53 38.93
CA ASP CA 87 -65.18 62.96 37.85
C ASP CA 87 -63.73 62.78 38.26
N GLU CA 88 -63.18 61.61 37.94
CA GLU CA 88 -61.76 61.34 38.17
C GLU CA 88 -61.18 60.61 36.98
N VAL CA 89 -60.02 61.05 36.53
CA VAL CA 89 -59.22 60.34 35.54
C VAL CA 89 -58.34 59.36 36.28
N MET CA 90 -58.07 58.22 35.64
CA MET CA 90 -57.19 57.23 36.27
C MET CA 90 -55.87 57.02 35.53
N LYS CA 91 -55.89 57.00 34.20
CA LYS CA 91 -54.73 56.58 33.44
C LYS CA 91 -54.53 57.51 32.25
N ILE CA 92 -53.29 57.93 32.03
CA ILE CA 92 -52.90 58.62 30.81
C ILE CA 92 -51.88 57.73 30.12
N THR CA 93 -52.32 56.98 29.13
CA THR CA 93 -51.42 56.10 28.42
C THR CA 93 -51.11 56.66 27.04
N PRO CA 94 -49.86 56.81 26.69
CA PRO CA 94 -49.53 57.45 25.42
C PRO CA 94 -49.46 56.48 24.27
N VAL CA 95 -50.26 56.72 23.25
CA VAL CA 95 -50.26 55.93 22.04
C VAL CA 95 -49.46 56.67 20.98
N GLN CA 96 -48.79 55.92 20.11
CA GLN CA 96 -47.83 56.52 19.20
C GLN CA 96 -48.05 56.01 17.80
N LYS CA 97 -48.44 56.89 16.89
CA LYS CA 97 -48.38 56.58 15.47
C LYS CA 97 -47.00 57.01 14.99
N GLN CA 98 -46.44 56.25 14.06
CA GLN CA 98 -45.10 56.52 13.57
C GLN CA 98 -45.18 56.91 12.10
N THR CA 99 -44.51 58.01 11.76
CA THR CA 99 -44.58 58.64 10.45
C THR CA 99 -43.20 58.66 9.80
N ARG CA 100 -43.10 59.35 8.67
CA ARG CA 100 -41.83 59.43 7.96
C ARG CA 100 -40.77 60.13 8.81
N ALA CA 101 -41.11 61.31 9.33
CA ALA CA 101 -40.14 62.08 10.10
C ALA CA 101 -39.75 61.36 11.37
N GLY CA 102 -40.73 60.78 12.05
CA GLY CA 102 -40.46 60.07 13.29
C GLY CA 102 -41.70 59.38 13.77
N GLN CA 103 -41.98 59.50 15.07
CA GLN CA 103 -43.14 58.89 15.69
C GLN CA 103 -43.89 59.97 16.44
N ARG CA 104 -45.19 60.10 16.15
CA ARG CA 104 -45.98 61.20 16.69
C ARG CA 104 -46.87 60.68 17.82
N THR CA 105 -46.72 61.27 18.98
CA THR CA 105 -47.30 60.79 20.23
C THR CA 105 -48.60 61.51 20.51
N ARG CA 106 -49.62 60.76 20.94
CA ARG CA 106 -50.83 61.35 21.48
C ARG CA 106 -51.12 60.73 22.83
N PHE CA 107 -51.78 61.49 23.68
CA PHE CA 107 -52.19 61.03 24.99
C PHE CA 107 -53.68 60.78 24.98
N LYS CA 108 -54.09 59.64 25.51
CA LYS CA 108 -55.50 59.31 25.59
C LYS CA 108 -55.86 59.10 27.06
N ALA CA 109 -57.02 59.65 27.44
CA ALA CA 109 -57.45 59.70 28.82
C ALA CA 109 -58.68 58.83 29.02
N PHE CA 110 -58.71 58.17 30.18
CA PHE CA 110 -59.76 57.26 30.60
C PHE CA 110 -60.35 57.84 31.87
N VAL CA 111 -61.47 58.54 31.76
CA VAL CA 111 -62.07 59.20 32.90
C VAL CA 111 -63.36 58.48 33.27
N VAL CA 112 -63.59 58.33 34.57
CA VAL CA 112 -64.86 57.86 35.09
C VAL CA 112 -65.55 59.02 35.78
N VAL CA 113 -66.79 59.26 35.39
CA VAL CA 113 -67.63 60.26 36.01
C VAL CA 113 -68.79 59.52 36.65
N GLY CA 114 -69.35 60.08 37.70
CA GLY CA 114 -70.56 59.51 38.23
C GLY CA 114 -70.86 59.86 39.66
N ASP CA 115 -72.14 60.00 39.96
CA ASP CA 115 -72.61 60.18 41.32
C ASP CA 115 -72.82 58.81 41.95
N SER CA 116 -72.69 58.76 43.28
CA SER CA 116 -72.59 57.50 43.97
C SER CA 116 -73.96 56.84 44.12
N ASN CA 117 -74.90 57.22 43.29
CA ASN CA 117 -76.27 56.73 43.36
C ASN CA 117 -76.72 56.15 42.02
N GLY CA 118 -75.91 55.25 41.47
CA GLY CA 118 -76.36 54.39 40.39
C GLY CA 118 -76.14 54.91 38.98
N HIS CA 119 -75.56 56.09 38.81
CA HIS CA 119 -75.18 56.58 37.50
C HIS CA 119 -73.66 56.66 37.42
N VAL CA 120 -73.08 55.93 36.46
CA VAL CA 120 -71.65 55.94 36.22
C VAL CA 120 -71.43 56.01 34.71
N GLY CA 121 -70.36 56.70 34.32
CA GLY CA 121 -70.06 56.88 32.92
C GLY CA 121 -68.57 56.83 32.61
N LEU CA 122 -68.22 56.17 31.51
CA LEU CA 122 -66.84 55.99 31.10
C LEU CA 122 -66.57 56.79 29.84
N GLY CA 123 -65.46 57.52 29.84
CA GLY CA 123 -65.05 58.27 28.68
C GLY CA 123 -63.62 57.98 28.30
N VAL CA 124 -63.40 57.78 27.01
CA VAL CA 124 -62.07 57.58 26.44
C VAL CA 124 -61.85 58.66 25.39
N LYS CA 125 -60.71 59.34 25.44
CA LYS CA 125 -60.49 60.40 24.47
C LYS CA 125 -59.01 60.56 24.18
N CYS CA 126 -58.64 60.53 22.90
CA CYS CA 126 -57.27 60.62 22.46
C CYS CA 126 -57.04 61.98 21.82
N ALA CA 127 -55.99 62.68 22.25
CA ALA CA 127 -55.72 64.02 21.74
C ALA CA 127 -54.23 64.31 21.88
N LYS CA 128 -53.81 65.40 21.24
CA LYS CA 128 -52.39 65.73 21.20
C LYS CA 128 -51.84 66.05 22.59
N GLU CA 129 -52.60 66.78 23.39
CA GLU CA 129 -52.11 67.29 24.66
C GLU CA 129 -52.85 66.66 25.83
N VAL CA 130 -52.14 66.52 26.95
CA VAL CA 130 -52.68 65.80 28.10
C VAL CA 130 -53.97 66.46 28.58
N ALA CA 131 -53.96 67.79 28.71
CA ALA CA 131 -55.09 68.50 29.29
C ALA CA 131 -56.30 68.44 28.38
N THR CA 132 -56.11 68.63 27.07
CA THR CA 132 -57.24 68.55 26.18
C THR CA 132 -57.77 67.13 26.06
N ALA CA 133 -56.90 66.13 26.22
CA ALA CA 133 -57.38 64.76 26.30
C ALA CA 133 -58.25 64.56 27.53
N ILE CA 134 -57.82 65.13 28.66
CA ILE CA 134 -58.65 65.09 29.87
C ILE CA 134 -60.01 65.71 29.60
N ARG CA 135 -60.02 66.89 28.99
CA ARG CA 135 -61.28 67.60 28.79
C ARG CA 135 -62.23 66.82 27.88
N GLY CA 136 -61.73 66.38 26.72
CA GLY CA 136 -62.56 65.61 25.82
C GLY CA 136 -63.04 64.32 26.43
N ALA CA 137 -62.19 63.69 27.26
CA ALA CA 137 -62.60 62.48 27.95
C ALA CA 137 -63.71 62.77 28.93
N ILE CA 138 -63.60 63.85 29.70
CA ILE CA 138 -64.65 64.16 30.66
C ILE CA 138 -65.95 64.53 29.97
N ILE CA 139 -65.86 65.18 28.80
CA ILE CA 139 -67.08 65.46 28.04
C ILE CA 139 -67.75 64.16 27.62
N LEU CA 140 -66.99 63.26 26.99
CA LEU CA 140 -67.60 62.00 26.56
C LEU CA 140 -68.07 61.17 27.74
N ALA CA 141 -67.39 61.27 28.87
CA ALA CA 141 -67.81 60.51 30.05
C ALA CA 141 -69.12 61.04 30.61
N LYS CA 142 -69.26 62.37 30.72
CA LYS CA 142 -70.55 62.85 31.18
C LYS CA 142 -71.64 62.59 30.16
N LEU CA 143 -71.27 62.40 28.89
CA LEU CA 143 -72.25 61.90 27.94
C LEU CA 143 -72.57 60.43 28.14
N SER CA 144 -71.64 59.64 28.68
CA SER CA 144 -71.84 58.21 28.79
C SER CA 144 -72.36 57.80 30.17
N ILE CA 145 -73.06 58.70 30.85
CA ILE CA 145 -73.74 58.33 32.09
C ILE CA 145 -74.79 57.28 31.76
N VAL CA 146 -74.77 56.16 32.46
CA VAL CA 146 -75.76 55.11 32.25
C VAL CA 146 -76.31 54.67 33.59
N PRO CA 147 -77.51 54.11 33.61
CA PRO CA 147 -78.13 53.71 34.88
C PRO CA 147 -77.71 52.33 35.34
N VAL CA 148 -77.30 52.22 36.61
CA VAL CA 148 -76.91 50.96 37.22
C VAL CA 148 -77.96 50.61 38.27
N ARG CA 149 -78.59 49.45 38.13
CA ARG CA 149 -79.55 49.00 39.12
C ARG CA 149 -78.86 48.19 40.19
N ARG CA 150 -79.35 48.34 41.41
CA ARG CA 150 -78.81 47.67 42.58
C ARG CA 150 -79.82 46.64 43.06
N GLY CA 151 -79.34 45.74 43.90
CA GLY CA 151 -80.19 44.71 44.45
C GLY CA 151 -79.75 44.41 45.87
N TYR CA 152 -80.50 43.52 46.51
CA TYR CA 152 -80.17 43.07 47.85
C TYR CA 152 -79.60 41.67 47.77
N TRP CA 153 -78.78 41.32 48.74
CA TRP CA 153 -78.25 39.96 48.75
C TRP CA 153 -79.34 38.95 49.07
N GLY CA 154 -79.87 39.01 50.30
CA GLY CA 154 -80.93 38.08 50.67
C GLY CA 154 -82.16 38.71 51.28
N ASN CA 155 -82.00 39.86 51.92
CA ASN CA 155 -83.05 40.41 52.77
C ASN CA 155 -83.16 41.89 52.45
N LYS CA 156 -84.36 42.33 52.08
CA LYS CA 156 -84.54 43.63 51.44
C LYS CA 156 -84.82 44.73 52.47
N ILE CA 157 -83.89 44.90 53.40
CA ILE CA 157 -83.98 45.96 54.40
C ILE CA 157 -82.82 46.93 54.18
N GLY CA 158 -83.11 48.22 54.26
CA GLY CA 158 -82.14 49.24 53.91
C GLY CA 158 -82.19 49.54 52.43
N LEU CA 159 -81.35 50.49 52.04
CA LEU CA 159 -81.26 50.80 50.62
C LEU CA 159 -80.49 49.69 49.89
N PRO CA 160 -80.76 49.48 48.61
CA PRO CA 160 -80.05 48.44 47.88
C PRO CA 160 -78.57 48.76 47.80
N HIS CA 161 -77.74 47.75 48.02
CA HIS CA 161 -76.31 47.94 48.18
C HIS CA 161 -75.48 47.19 47.17
N THR CA 162 -75.86 45.97 46.83
CA THR CA 162 -75.09 45.13 45.94
C THR CA 162 -75.77 45.02 44.58
N VAL CA 163 -75.05 44.44 43.63
CA VAL CA 163 -75.57 44.27 42.28
C VAL CA 163 -76.70 43.25 42.35
N PRO CA 164 -77.67 43.29 41.42
CA PRO CA 164 -78.84 42.42 41.59
C PRO CA 164 -78.53 40.95 41.51
N CYS CA 165 -77.58 40.58 40.67
CA CYS CA 165 -77.29 39.18 40.41
C CYS CA 165 -75.87 39.09 39.86
N LYS CA 166 -75.52 37.92 39.33
CA LYS CA 166 -74.22 37.72 38.71
C LYS CA 166 -74.26 38.33 37.32
N VAL CA 167 -73.38 39.28 37.04
CA VAL CA 167 -73.32 39.93 35.74
C VAL CA 167 -71.90 39.85 35.21
N THR CA 168 -71.81 39.64 33.89
CA THR CA 168 -70.56 39.46 33.17
C THR CA 168 -70.46 40.49 32.05
N GLY CA 169 -69.35 41.21 32.03
CA GLY CA 169 -69.06 42.14 30.95
C GLY CA 169 -67.73 41.86 30.29
N LYS CA 170 -67.71 41.85 28.96
CA LYS CA 170 -66.51 41.52 28.21
C LYS CA 170 -66.21 42.63 27.21
N CYS CA 171 -64.93 43.00 27.12
CA CYS CA 171 -64.49 43.99 26.14
C CYS CA 171 -63.14 43.54 25.60
N GLY CA 172 -63.14 42.91 24.43
CA GLY CA 172 -61.92 42.35 23.90
C GLY CA 172 -61.62 41.02 24.56
N SER CA 173 -60.55 40.95 25.35
CA SER CA 173 -60.17 39.71 26.01
C SER CA 173 -60.50 39.67 27.48
N VAL CA 174 -60.68 40.79 28.11
CA VAL CA 174 -60.92 40.84 29.55
C VAL CA 174 -62.40 40.69 29.82
N THR CA 175 -62.74 39.89 30.82
CA THR CA 175 -64.10 39.73 31.27
C THR CA 175 -64.14 39.99 32.77
N VAL CA 176 -65.19 40.64 33.23
CA VAL CA 176 -65.36 40.95 34.65
C VAL CA 176 -66.72 40.43 35.08
N ARG CA 177 -66.78 39.87 36.29
CA ARG CA 177 -68.01 39.44 36.90
C ARG CA 177 -68.19 40.17 38.21
N MET CA 178 -69.41 40.64 38.44
CA MET CA 178 -69.81 41.08 39.78
C MET CA 178 -70.79 40.06 40.33
N VAL CA 179 -70.50 39.58 41.53
CA VAL CA 179 -71.35 38.63 42.24
C VAL CA 179 -71.89 39.36 43.46
N PRO CA 180 -73.17 39.20 43.79
CA PRO CA 180 -73.73 39.93 44.92
C PRO CA 180 -72.99 39.59 46.21
N ALA CA 181 -72.93 40.57 47.09
CA ALA CA 181 -72.22 40.36 48.34
C ALA CA 181 -73.11 40.75 49.51
N PRO CA 182 -73.00 40.04 50.63
CA PRO CA 182 -73.74 40.43 51.82
C PRO CA 182 -73.30 41.78 52.33
N ARG CA 183 -74.15 42.39 53.16
CA ARG CA 183 -73.90 43.75 53.63
C ARG CA 183 -72.56 43.84 54.33
N GLY CA 184 -71.85 44.93 54.06
CA GLY CA 184 -70.59 45.18 54.74
C GLY CA 184 -69.48 44.21 54.42
N SER CA 185 -69.31 43.85 53.16
CA SER CA 185 -68.13 43.11 52.72
C SER CA 185 -67.24 43.94 51.80
N GLY CA 186 -67.64 45.16 51.46
CA GLY CA 186 -66.84 45.99 50.60
C GLY CA 186 -66.86 45.53 49.16
N ILE CA 187 -66.03 46.19 48.36
CA ILE CA 187 -65.86 45.86 46.96
C ILE CA 187 -64.55 45.11 46.81
N VAL CA 188 -64.61 43.81 46.55
CA VAL CA 188 -63.38 43.07 46.26
C VAL CA 188 -63.20 43.06 44.75
N ALA CA 189 -62.20 43.83 44.30
CA ALA CA 189 -61.89 44.02 42.90
C ALA CA 189 -60.55 44.75 42.83
N ALA CA 190 -60.00 44.84 41.64
CA ALA CA 190 -58.78 45.58 41.45
C ALA CA 190 -59.03 47.07 41.70
N ARG CA 191 -57.94 47.83 41.75
CA ARG CA 191 -58.07 49.25 42.00
C ARG CA 191 -58.94 49.94 40.96
N VAL CA 192 -58.86 49.50 39.71
CA VAL CA 192 -59.60 50.13 38.63
C VAL CA 192 -61.09 49.87 38.74
N PRO CA 193 -61.57 48.61 38.82
CA PRO CA 193 -63.01 48.42 38.91
C PRO CA 193 -63.54 48.84 40.26
N LYS CA 194 -62.70 48.84 41.29
CA LYS CA 194 -63.14 49.37 42.57
C LYS CA 194 -63.33 50.87 42.49
N LYS CA 195 -62.51 51.55 41.69
CA LYS CA 195 -62.70 52.98 41.49
C LYS CA 195 -63.87 53.28 40.57
N VAL CA 196 -64.22 52.33 39.69
CA VAL CA 196 -65.47 52.46 38.93
C VAL CA 196 -66.67 52.31 39.86
N LEU CA 197 -66.66 51.28 40.69
CA LEU CA 197 -67.84 50.95 41.47
C LEU CA 197 -68.05 51.95 42.60
N GLN CA 198 -66.98 52.49 43.19
CA GLN CA 198 -67.16 53.52 44.19
C GLN CA 198 -67.84 54.76 43.60
N PHE CA 199 -67.79 54.93 42.28
CA PHE CA 199 -68.60 55.95 41.62
C PHE CA 199 -70.00 55.43 41.33
N ALA CA 200 -70.10 54.18 40.90
CA ALA CA 200 -71.38 53.60 40.56
C ALA CA 200 -72.32 53.51 41.75
N GLY CA 201 -71.78 53.65 42.96
CA GLY CA 201 -72.56 53.57 44.16
C GLY CA 201 -72.71 52.18 44.73
N ILE CA 202 -72.24 51.15 44.02
CA ILE CA 202 -72.29 49.80 44.55
C ILE CA 202 -71.47 49.74 45.83
N ASP CA 203 -72.03 49.06 46.83
CA ASP CA 203 -71.43 49.02 48.16
C ASP CA 203 -70.70 47.73 48.46
N ASP CA 204 -71.25 46.59 48.06
CA ASP CA 204 -70.67 45.29 48.38
C ASP CA 204 -70.71 44.43 47.14
N VAL CA 205 -69.57 43.87 46.75
CA VAL CA 205 -69.56 43.07 45.53
C VAL CA 205 -68.29 42.25 45.40
N PHE CA 206 -68.43 41.09 44.75
CA PHE CA 206 -67.35 40.12 44.59
C PHE CA 206 -66.97 40.11 43.12
N THR CA 207 -65.71 40.37 42.81
CA THR CA 207 -65.33 40.56 41.42
C THR CA 207 -64.41 39.45 40.95
N SER CA 208 -64.75 38.82 39.84
CA SER CA 208 -63.91 37.78 39.26
C SER CA 208 -63.59 38.13 37.83
N SER CA 209 -62.31 38.17 37.48
CA SER CA 209 -61.90 38.68 36.18
C SER CA 209 -61.03 37.67 35.45
N ARG CA 210 -61.10 37.72 34.14
CA ARG CA 210 -60.41 36.83 33.22
C ARG CA 210 -59.78 37.67 32.12
N GLY CA 211 -58.77 37.11 31.47
CA GLY CA 211 -58.10 37.80 30.40
C GLY CA 211 -57.08 38.78 30.93
N SER CA 212 -56.46 39.50 30.01
CA SER CA 212 -55.40 40.42 30.38
C SER CA 212 -55.97 41.65 31.07
N THR CA 213 -55.99 41.63 32.40
CA THR CA 213 -56.45 42.78 33.17
C THR CA 213 -55.43 43.91 33.22
N LYS CA 214 -54.22 43.68 32.70
CA LYS CA 214 -53.22 44.73 32.71
C LYS CA 214 -53.57 45.84 31.72
N THR CA 215 -54.20 45.51 30.60
CA THR CA 215 -54.59 46.51 29.61
C THR CA 215 -55.76 47.31 30.16
N LEU CA 216 -55.46 48.47 30.73
CA LEU CA 216 -56.45 49.20 31.50
C LEU CA 216 -57.61 49.65 30.65
N GLY CA 217 -57.39 49.94 29.38
CA GLY CA 217 -58.47 50.33 28.52
C GLY CA 217 -59.57 49.30 28.49
N ASN CA 218 -59.22 48.11 28.01
CA ASN CA 218 -60.20 47.03 27.96
C ASN CA 218 -60.70 46.67 29.34
N PHE CA 219 -59.87 46.78 30.36
CA PHE CA 219 -60.30 46.34 31.69
C PHE CA 219 -61.39 47.25 32.26
N VAL CA 220 -61.18 48.57 32.22
CA VAL CA 220 -62.21 49.47 32.71
C VAL CA 220 -63.42 49.46 31.78
N LYS CA 221 -63.19 49.29 30.47
CA LYS CA 221 -64.35 49.24 29.58
C LYS CA 221 -65.18 47.99 29.79
N ALA CA 222 -64.54 46.88 30.15
CA ALA CA 222 -65.28 45.68 30.50
C ALA CA 222 -66.05 45.88 31.78
N THR CA 223 -65.44 46.53 32.78
CA THR CA 223 -66.18 46.85 33.99
C THR CA 223 -67.41 47.66 33.69
N PHE CA 224 -67.26 48.71 32.89
CA PHE CA 224 -68.40 49.57 32.56
C PHE CA 224 -69.44 48.81 31.75
N ASP CA 225 -68.99 47.96 30.83
CA ASP CA 225 -69.93 47.16 30.06
C ASP CA 225 -70.68 46.19 30.96
N CYS CA 226 -70.04 45.74 32.02
CA CYS CA 226 -70.70 44.84 32.96
C CYS CA 226 -71.68 45.57 33.85
N LEU CA 227 -71.46 46.86 34.09
CA LEU CA 227 -72.47 47.64 34.80
C LEU CA 227 -73.64 47.98 33.90
N MET CA 228 -73.38 48.69 32.80
CA MET CA 228 -74.45 49.25 32.00
C MET CA 228 -75.40 48.20 31.44
N LYS CA 229 -75.13 46.92 31.67
CA LYS CA 229 -76.02 45.85 31.28
C LYS CA 229 -76.72 45.22 32.47
N THR CA 230 -76.70 45.88 33.63
CA THR CA 230 -77.42 45.36 34.77
C THR CA 230 -78.91 45.63 34.69
N TYR CA 231 -79.34 46.59 33.86
CA TYR CA 231 -80.73 46.69 33.47
C TYR CA 231 -81.03 45.88 32.23
N GLY CA 232 -80.29 44.81 31.97
CA GLY CA 232 -80.57 43.93 30.86
C GLY CA 232 -81.15 42.59 31.27
N PHE CA 233 -81.52 42.43 32.53
CA PHE CA 233 -81.79 41.13 33.11
C PHE CA 233 -83.29 41.05 33.40
N LEU CA 234 -84.00 40.19 32.68
CA LEU CA 234 -85.43 40.01 32.94
C LEU CA 234 -85.64 39.31 34.27
N THR CA 235 -85.77 40.08 35.31
CA THR CA 235 -86.01 39.59 36.65
C THR CA 235 -87.50 39.28 36.82
N PRO CA 236 -87.84 38.33 37.67
CA PRO CA 236 -89.26 38.15 38.02
C PRO CA 236 -89.87 39.42 38.57
N ASP CA 237 -89.06 40.28 39.17
CA ASP CA 237 -89.53 41.54 39.72
C ASP CA 237 -90.05 42.48 38.64
N PHE CA 238 -89.61 42.31 37.40
CA PHE CA 238 -90.08 43.09 36.28
C PHE CA 238 -91.28 42.48 35.57
N TRP CA 239 -91.81 41.38 36.07
CA TRP CA 239 -92.62 40.53 35.21
C TRP CA 239 -93.89 41.22 34.73
N ARG CA 240 -94.45 42.10 35.55
CA ARG CA 240 -95.67 42.80 35.17
C ARG CA 240 -95.45 43.64 33.91
N GLU CA 241 -96.29 43.42 32.90
CA GLU CA 241 -96.13 44.13 31.64
C GLU CA 241 -96.28 45.62 31.86
N THR CA 242 -95.48 46.40 31.12
CA THR CA 242 -95.30 47.82 31.38
C THR CA 242 -96.39 48.65 30.74
N THR CA 243 -96.86 49.65 31.48
CA THR CA 243 -97.70 50.68 30.89
C THR CA 243 -96.82 51.76 30.29
N PHE CA 244 -97.03 52.06 29.01
CA PHE CA 244 -96.15 52.96 28.29
C PHE CA 244 -96.31 54.40 28.76
N THR CA 245 -95.29 55.20 28.47
CA THR CA 245 -95.25 56.61 28.79
C THR CA 245 -94.92 57.39 27.53
N LYS CA 246 -95.55 58.54 27.36
CA LYS CA 246 -95.32 59.34 26.16
C LYS CA 246 -93.86 59.75 26.07
N ALA CA 247 -93.29 59.61 24.87
CA ALA CA 247 -91.91 60.01 24.64
C ALA CA 247 -91.77 61.52 24.78
N PRO CA 248 -90.57 62.02 25.09
CA PRO CA 248 -90.42 63.45 25.32
C PRO CA 248 -90.83 64.27 24.12
N TYR CA 249 -90.61 63.76 22.92
CA TYR CA 249 -90.94 64.50 21.72
C TYR CA 249 -92.44 64.75 21.63
N GLN CA 250 -93.25 63.71 21.81
CA GLN CA 250 -94.68 63.87 21.65
C GLN CA 250 -95.33 64.46 22.88
N GLU CA 251 -94.66 64.45 24.02
CA GLU CA 251 -95.25 65.15 25.15
C GLU CA 251 -94.91 66.64 25.14
N PHE CA 252 -93.66 67.01 24.88
CA PHE CA 252 -93.30 68.41 24.69
C PHE CA 252 -93.20 68.75 23.21
N THR CA 253 -94.20 68.38 22.40
CA THR CA 253 -94.18 68.73 20.99
C THR CA 253 -94.40 70.22 20.76
N ASP CA 254 -95.41 70.79 21.41
CA ASP CA 254 -95.84 72.15 21.07
C ASP CA 254 -94.71 73.16 21.24
N ILE CA 255 -93.75 72.88 22.12
CA ILE CA 255 -92.59 73.77 22.27
C ILE CA 255 -91.50 73.46 21.27
N LEU CA 256 -91.75 72.58 20.30
CA LEU CA 256 -90.80 72.32 19.22
C LEU CA 256 -91.25 72.99 17.93
N MET DA 1 -2.16 -24.51 96.63
CA MET DA 1 -0.87 -24.42 97.29
C MET DA 1 -1.04 -24.14 98.78
N LYS DA 2 -1.56 -22.95 99.10
CA LYS DA 2 -2.00 -22.67 100.45
C LYS DA 2 -3.33 -23.39 100.72
N LEU DA 3 -3.41 -24.08 101.85
CA LEU DA 3 -4.60 -24.86 102.18
C LEU DA 3 -5.33 -24.29 103.38
N ASN DA 4 -6.65 -24.19 103.26
CA ASN DA 4 -7.52 -23.96 104.41
C ASN DA 4 -7.95 -25.29 104.98
N ILE DA 5 -7.75 -25.45 106.28
CA ILE DA 5 -8.32 -26.53 107.05
C ILE DA 5 -9.38 -25.93 107.96
N ALA DA 6 -10.56 -26.52 107.95
CA ALA DA 6 -11.64 -26.18 108.86
C ALA DA 6 -12.21 -27.47 109.40
N ASN DA 7 -12.71 -27.42 110.63
CA ASN DA 7 -13.28 -28.63 111.18
C ASN DA 7 -14.77 -28.45 111.43
N PRO DA 8 -15.60 -29.41 111.01
CA PRO DA 8 -17.02 -29.37 111.39
C PRO DA 8 -17.28 -29.98 112.74
N THR DA 9 -16.40 -30.85 113.23
CA THR DA 9 -16.62 -31.49 114.51
C THR DA 9 -16.61 -30.47 115.63
N THR DA 10 -15.67 -29.53 115.59
CA THR DA 10 -15.54 -28.51 116.62
C THR DA 10 -16.02 -27.15 116.13
N GLY DA 11 -15.49 -26.68 115.01
CA GLY DA 11 -15.86 -25.39 114.45
C GLY DA 11 -14.75 -24.36 114.40
N CYS DA 12 -13.51 -24.81 114.26
CA CYS DA 12 -12.37 -23.92 114.14
C CYS DA 12 -11.70 -24.12 112.78
N GLN DA 13 -11.04 -23.07 112.31
CA GLN DA 13 -10.41 -23.11 111.00
C GLN DA 13 -9.18 -22.22 110.95
N LYS DA 14 -8.16 -22.70 110.23
CA LYS DA 14 -6.92 -21.96 110.02
C LYS DA 14 -6.37 -22.34 108.66
N LYS DA 15 -5.27 -21.69 108.27
CA LYS DA 15 -4.68 -21.86 106.94
C LYS DA 15 -3.18 -22.09 107.04
N VAL DA 16 -2.67 -22.98 106.19
CA VAL DA 16 -1.26 -23.35 106.19
C VAL DA 16 -0.72 -23.37 104.77
N GLU DA 17 0.56 -23.73 104.61
CA GLU DA 17 1.28 -23.50 103.36
C GLU DA 17 2.27 -24.64 103.15
N ILE DA 18 2.16 -25.34 102.01
CA ILE DA 18 3.03 -26.47 101.71
C ILE DA 18 3.77 -26.18 100.40
N ASP DA 19 5.05 -26.56 100.34
CA ASP DA 19 5.88 -26.31 99.17
C ASP DA 19 6.80 -27.47 98.83
N ASP DA 20 6.35 -28.71 99.05
CA ASP DA 20 7.18 -29.89 98.78
C ASP DA 20 6.43 -30.82 97.83
N ASP DA 21 7.08 -31.17 96.71
CA ASP DA 21 6.45 -32.03 95.71
C ASP DA 21 6.06 -33.37 96.30
N MET DA 22 7.03 -34.19 96.73
CA MET DA 22 6.67 -35.51 97.19
C MET DA 22 5.72 -35.50 98.39
N LYS DA 23 5.36 -34.32 98.91
CA LYS DA 23 4.21 -34.19 99.80
C LYS DA 23 2.92 -33.95 99.04
N LEU DA 24 2.93 -33.06 98.04
CA LEU DA 24 1.71 -32.66 97.36
C LEU DA 24 1.43 -33.48 96.10
N ARG DA 25 2.29 -34.43 95.77
CA ARG DA 25 2.05 -35.32 94.64
C ARG DA 25 0.79 -36.12 94.86
N ASN DA 26 0.59 -36.61 96.09
CA ASN DA 26 -0.62 -37.34 96.43
C ASN DA 26 -1.79 -36.40 96.70
N LEU DA 27 -1.53 -35.10 96.82
CA LEU DA 27 -2.60 -34.12 96.83
C LEU DA 27 -3.14 -33.88 95.41
N TYR DA 28 -2.24 -33.90 94.42
CA TYR DA 28 -2.62 -33.71 93.04
C TYR DA 28 -3.44 -34.89 92.51
N ASP DA 29 -3.99 -34.69 91.31
CA ASP DA 29 -4.76 -35.71 90.59
C ASP DA 29 -5.87 -36.30 91.45
N LYS DA 30 -6.57 -35.44 92.17
CA LYS DA 30 -7.78 -35.86 92.88
C LYS DA 30 -8.89 -34.88 92.54
N ARG DA 31 -10.12 -35.36 92.66
CA ARG DA 31 -11.29 -34.55 92.37
C ARG DA 31 -11.71 -33.84 93.64
N ILE DA 32 -12.83 -33.14 93.57
CA ILE DA 32 -13.43 -32.58 94.77
C ILE DA 32 -14.12 -33.69 95.55
N SER DA 33 -14.11 -33.56 96.88
CA SER DA 33 -14.89 -34.38 97.82
C SER DA 33 -14.31 -35.77 98.07
N GLN DA 34 -13.04 -36.01 97.78
CA GLN DA 34 -12.38 -37.26 98.16
C GLN DA 34 -11.45 -37.05 99.34
N GLU DA 35 -11.42 -38.04 100.23
CA GLU DA 35 -10.52 -38.02 101.38
C GLU DA 35 -9.09 -38.29 100.93
N VAL DA 36 -8.17 -37.60 101.61
CA VAL DA 36 -6.73 -37.76 101.43
C VAL DA 36 -6.12 -38.00 102.79
N VAL DA 37 -5.29 -39.02 102.90
CA VAL DA 37 -4.63 -39.33 104.17
C VAL DA 37 -3.45 -38.37 104.36
N GLY DA 38 -3.47 -37.61 105.45
CA GLY DA 38 -2.48 -36.58 105.67
C GLY DA 38 -1.15 -37.04 106.18
N ASP DA 39 -0.98 -38.34 106.39
CA ASP DA 39 0.29 -38.88 106.89
C ASP DA 39 1.45 -38.43 106.00
N LEU DA 40 1.31 -38.67 104.70
CA LEU DA 40 2.34 -38.25 103.76
C LEU DA 40 2.33 -36.74 103.55
N LEU DA 41 1.14 -36.12 103.61
CA LEU DA 41 1.01 -34.70 103.31
C LEU DA 41 1.59 -33.84 104.42
N GLY DA 42 1.92 -34.44 105.56
CA GLY DA 42 2.61 -33.78 106.64
C GLY DA 42 2.76 -34.75 107.79
N GLU DA 43 3.95 -34.78 108.41
CA GLU DA 43 4.20 -35.75 109.47
C GLU DA 43 3.29 -35.50 110.67
N GLU DA 44 2.77 -34.28 110.82
CA GLU DA 44 1.88 -33.94 111.93
C GLU DA 44 0.42 -33.93 111.50
N PHE DA 45 0.05 -34.79 110.56
CA PHE DA 45 -1.33 -34.99 110.16
C PHE DA 45 -1.67 -36.48 110.08
N GLU DA 46 -0.96 -37.29 110.87
CA GLU DA 46 -1.26 -38.71 110.96
C GLU DA 46 -2.67 -38.90 111.52
N GLY DA 47 -3.37 -39.92 111.03
CA GLY DA 47 -4.69 -40.19 111.53
C GLY DA 47 -5.72 -39.23 110.96
N TYR DA 48 -5.34 -37.96 110.84
CA TYR DA 48 -6.20 -36.97 110.22
C TYR DA 48 -6.52 -37.38 108.80
N ILE DA 49 -7.80 -37.50 108.49
CA ILE DA 49 -8.23 -37.87 107.16
C ILE DA 49 -8.85 -36.66 106.50
N PHE DA 50 -8.06 -35.91 105.75
CA PHE DA 50 -8.61 -34.72 105.16
C PHE DA 50 -9.57 -35.08 104.03
N LYS DA 51 -10.36 -34.09 103.63
CA LYS DA 51 -11.27 -34.22 102.50
C LYS DA 51 -11.07 -32.98 101.66
N ILE DA 52 -10.58 -33.17 100.43
CA ILE DA 52 -10.38 -32.06 99.52
C ILE DA 52 -11.71 -31.71 98.87
N MET DA 53 -12.16 -30.47 99.08
CA MET DA 53 -13.47 -30.09 98.59
C MET DA 53 -13.52 -28.58 98.46
N GLY DA 54 -13.85 -28.10 97.26
CA GLY DA 54 -13.76 -26.69 96.98
C GLY DA 54 -12.34 -26.28 96.61
N GLY DA 55 -12.03 -25.03 96.91
CA GLY DA 55 -10.73 -24.46 96.58
C GLY DA 55 -10.87 -23.63 95.32
N CYS DA 56 -10.04 -22.61 95.20
CA CYS DA 56 -9.96 -21.83 93.97
C CYS DA 56 -8.51 -21.73 93.52
N ASP DA 57 -8.25 -20.91 92.51
CA ASP DA 57 -6.89 -20.73 92.02
C ASP DA 57 -6.51 -19.25 92.10
N LYS DA 58 -5.35 -18.93 91.54
CA LYS DA 58 -5.09 -17.53 91.27
C LYS DA 58 -5.88 -17.11 90.03
N GLN DA 59 -6.00 -15.80 89.86
CA GLN DA 59 -7.04 -15.18 89.03
C GLN DA 59 -8.42 -15.49 89.59
N GLY DA 60 -8.49 -16.21 90.72
CA GLY DA 60 -9.67 -16.28 91.53
C GLY DA 60 -10.80 -17.16 91.04
N PHE DA 61 -10.60 -17.95 90.00
CA PHE DA 61 -11.70 -18.72 89.44
C PHE DA 61 -11.80 -20.08 90.11
N PRO DA 62 -12.89 -20.38 90.81
CA PRO DA 62 -12.99 -21.63 91.56
C PRO DA 62 -13.04 -22.83 90.64
N MET DA 63 -12.93 -24.01 91.26
CA MET DA 63 -13.26 -25.25 90.60
C MET DA 63 -14.74 -25.55 90.81
N LYS DA 64 -15.31 -26.33 89.92
CA LYS DA 64 -16.71 -26.72 90.02
C LYS DA 64 -16.84 -28.23 89.99
N GLN DA 65 -17.77 -28.74 90.78
CA GLN DA 65 -18.02 -30.17 90.82
C GLN DA 65 -18.60 -30.63 89.49
N GLY DA 66 -18.06 -31.71 88.94
CA GLY DA 66 -18.61 -32.33 87.75
C GLY DA 66 -17.88 -32.03 86.46
N VAL DA 67 -17.01 -31.02 86.43
CA VAL DA 67 -16.26 -30.68 85.22
C VAL DA 67 -14.84 -31.22 85.36
N LEU DA 68 -14.47 -32.10 84.44
CA LEU DA 68 -13.22 -32.87 84.56
C LEU DA 68 -12.24 -32.39 83.50
N THR DA 69 -11.51 -31.33 83.82
CA THR DA 69 -10.49 -30.80 82.93
C THR DA 69 -9.56 -29.87 83.72
N PRO DA 70 -8.26 -30.01 83.59
CA PRO DA 70 -7.35 -29.19 84.40
C PRO DA 70 -7.29 -27.77 83.88
N GLY DA 71 -8.44 -27.20 83.51
CA GLY DA 71 -8.46 -26.00 82.71
C GLY DA 71 -9.53 -25.03 83.20
N ARG DA 72 -9.45 -23.83 82.63
CA ARG DA 72 -10.37 -22.74 82.93
C ARG DA 72 -11.34 -22.67 81.75
N VAL DA 73 -12.47 -23.33 81.89
CA VAL DA 73 -13.48 -23.36 80.85
C VAL DA 73 -14.61 -22.43 81.28
N ARG DA 74 -15.35 -21.93 80.29
CA ARG DA 74 -16.47 -21.03 80.54
C ARG DA 74 -17.77 -21.80 80.52
N LEU DA 75 -18.61 -21.57 81.53
CA LEU DA 75 -19.88 -22.27 81.66
C LEU DA 75 -21.02 -21.29 81.86
N LEU DA 76 -22.20 -21.69 81.36
CA LEU DA 76 -23.44 -20.96 81.60
C LEU DA 76 -24.04 -21.50 82.89
N LEU DA 77 -24.28 -20.60 83.84
CA LEU DA 77 -24.64 -21.01 85.19
C LEU DA 77 -26.01 -20.47 85.55
N HIS DA 78 -26.53 -20.96 86.67
CA HIS DA 78 -27.79 -20.50 87.22
C HIS DA 78 -27.53 -19.89 88.59
N ARG DA 79 -28.14 -18.73 88.85
CA ARG DA 79 -27.80 -17.99 90.05
C ARG DA 79 -28.22 -18.75 91.30
N GLY DA 80 -27.42 -18.62 92.36
CA GLY DA 80 -27.66 -19.28 93.61
C GLY DA 80 -26.90 -20.58 93.78
N THR DA 81 -26.49 -21.22 92.68
CA THR DA 81 -25.73 -22.45 92.76
C THR DA 81 -24.27 -22.14 93.07
N SER DA 82 -23.44 -23.18 93.08
CA SER DA 82 -22.02 -23.01 93.31
C SER DA 82 -21.41 -22.12 92.23
N CYS DA 83 -20.50 -21.25 92.65
CA CYS DA 83 -19.70 -20.37 91.80
C CYS DA 83 -20.54 -19.27 91.15
N PHE DA 84 -21.80 -19.12 91.55
CA PHE DA 84 -22.61 -18.01 91.03
C PHE DA 84 -23.75 -17.75 92.02
N ARG DA 85 -23.60 -16.69 92.80
CA ARG DA 85 -24.72 -16.13 93.56
C ARG DA 85 -24.88 -14.66 93.22
N GLY DA 86 -24.88 -14.34 91.93
CA GLY DA 86 -25.06 -12.96 91.51
C GLY DA 86 -26.23 -12.31 92.20
N HIS DA 87 -25.93 -11.41 93.14
CA HIS DA 87 -26.97 -10.81 93.96
C HIS DA 87 -27.69 -9.73 93.16
N GLY DA 88 -29.01 -9.70 93.30
CA GLY DA 88 -29.82 -8.74 92.57
C GLY DA 88 -29.67 -8.88 91.08
N ARG DA 89 -29.71 -10.12 90.60
CA ARG DA 89 -29.47 -10.44 89.20
C ARG DA 89 -30.73 -10.93 88.50
N ARG DA 90 -31.89 -10.34 88.81
CA ARG DA 90 -33.06 -10.49 87.95
C ARG DA 90 -33.39 -11.97 87.77
N VAL DA 91 -33.97 -12.57 88.81
CA VAL DA 91 -34.16 -14.02 88.93
C VAL DA 91 -34.55 -14.65 87.61
N GLY DA 92 -33.94 -15.81 87.32
CA GLY DA 92 -34.05 -16.44 86.02
C GLY DA 92 -32.92 -16.12 85.07
N GLU DA 93 -32.07 -15.15 85.40
CA GLU DA 93 -30.97 -14.75 84.53
C GLU DA 93 -29.82 -15.75 84.66
N ARG DA 94 -29.00 -15.80 83.62
CA ARG DA 94 -27.83 -16.66 83.58
C ARG DA 94 -26.63 -15.85 83.12
N ARG DA 95 -25.46 -16.17 83.66
CA ARG DA 95 -24.21 -15.61 83.16
C ARG DA 95 -23.25 -16.73 82.82
N ARG DA 96 -22.38 -16.45 81.86
CA ARG DA 96 -21.33 -17.39 81.46
C ARG DA 96 -20.07 -16.99 82.20
N LYS DA 97 -19.81 -17.68 83.30
CA LYS DA 97 -18.64 -17.46 84.13
C LYS DA 97 -17.47 -18.32 83.65
N SER DA 98 -16.31 -18.09 84.25
CA SER DA 98 -15.14 -18.90 84.02
C SER DA 98 -14.87 -19.74 85.26
N VAL DA 99 -14.59 -21.03 85.08
CA VAL DA 99 -14.41 -21.96 86.18
C VAL DA 99 -13.22 -22.87 85.89
N ARG DA 100 -12.74 -23.51 86.96
CA ARG DA 100 -11.73 -24.56 86.87
C ARG DA 100 -12.38 -25.93 86.94
N GLY DA 101 -11.66 -26.93 86.47
CA GLY DA 101 -12.15 -28.30 86.53
C GLY DA 101 -12.10 -28.88 87.92
N CYS DA 102 -12.70 -30.05 88.07
CA CYS DA 102 -12.87 -30.63 89.40
C CYS DA 102 -11.61 -31.33 89.90
N ILE DA 103 -10.71 -31.74 89.02
CA ILE DA 103 -9.50 -32.42 89.43
C ILE DA 103 -8.44 -31.38 89.77
N VAL DA 104 -7.89 -31.46 90.97
CA VAL DA 104 -6.85 -30.55 91.40
C VAL DA 104 -5.67 -30.63 90.44
N SER DA 105 -5.01 -29.49 90.24
CA SER DA 105 -3.89 -29.43 89.32
C SER DA 105 -2.95 -28.31 89.77
N GLN DA 106 -1.99 -27.97 88.90
CA GLN DA 106 -0.81 -27.22 89.32
C GLN DA 106 -1.14 -25.76 89.62
N ASP DA 107 -1.89 -25.10 88.74
CA ASP DA 107 -1.99 -23.64 88.79
C ASP DA 107 -2.81 -23.10 89.95
N LEU DA 108 -3.22 -23.87 90.95
CA LEU DA 108 -4.10 -23.33 91.98
C LEU DA 108 -3.33 -22.39 92.90
N SER DA 109 -4.09 -21.69 93.74
CA SER DA 109 -3.51 -20.92 94.83
C SER DA 109 -3.97 -21.42 96.20
N VAL DA 110 -5.27 -21.53 96.43
CA VAL DA 110 -5.78 -21.95 97.72
C VAL DA 110 -6.70 -23.14 97.55
N ILE DA 111 -6.56 -24.11 98.44
CA ILE DA 111 -7.29 -25.37 98.36
C ILE DA 111 -8.02 -25.55 99.68
N ASN DA 112 -9.33 -25.77 99.62
CA ASN DA 112 -10.14 -25.96 100.83
C ASN DA 112 -10.27 -27.45 101.14
N LEU DA 113 -10.00 -27.80 102.40
CA LEU DA 113 -10.20 -29.16 102.87
C LEU DA 113 -10.89 -29.08 104.22
N VAL DA 114 -11.55 -30.18 104.59
CA VAL DA 114 -12.07 -30.35 105.94
C VAL DA 114 -11.50 -31.66 106.49
N ILE DA 115 -11.79 -31.94 107.74
CA ILE DA 115 -11.35 -33.20 108.36
C ILE DA 115 -12.54 -34.13 108.47
N VAL DA 116 -12.29 -35.42 108.23
CA VAL DA 116 -13.26 -36.45 108.60
C VAL DA 116 -12.98 -36.98 109.99
N LYS DA 117 -11.75 -37.41 110.25
CA LYS DA 117 -11.39 -38.05 111.51
C LYS DA 117 -10.25 -37.32 112.17
N LYS DA 118 -10.43 -37.02 113.46
CA LYS DA 118 -9.37 -36.51 114.30
C LYS DA 118 -8.62 -37.69 114.92
N GLY DA 119 -7.30 -37.56 114.99
CA GLY DA 119 -6.48 -38.62 115.57
C GLY DA 119 -6.62 -38.74 117.08
N THR DA 185 -50.79 -23.78 120.57
CA THR DA 185 -51.20 -22.54 121.21
C THR DA 185 -52.70 -22.35 121.09
N PRO DA 186 -53.31 -21.65 122.06
CA PRO DA 186 -54.76 -21.40 121.97
C PRO DA 186 -55.17 -20.64 120.73
N LEU DA 187 -54.30 -19.76 120.23
CA LEU DA 187 -54.60 -19.13 118.94
C LEU DA 187 -54.73 -20.18 117.85
N THR DA 188 -53.77 -21.08 117.74
CA THR DA 188 -53.80 -22.08 116.69
C THR DA 188 -55.03 -22.98 116.83
N LEU DA 189 -55.37 -23.35 118.06
CA LEU DA 189 -56.58 -24.12 118.29
C LEU DA 189 -57.81 -23.35 117.81
N GLN DA 190 -57.84 -22.04 118.09
CA GLN DA 190 -58.93 -21.20 117.65
C GLN DA 190 -59.04 -21.19 116.14
N ARG DA 191 -57.91 -21.11 115.43
CA ARG DA 191 -57.94 -21.16 113.98
C ARG DA 191 -58.49 -22.48 113.46
N LYS DA 192 -58.05 -23.60 114.05
CA LYS DA 192 -58.56 -24.90 113.59
C LYS DA 192 -60.08 -24.97 113.71
N ARG DA 193 -60.59 -24.64 114.91
CA ARG DA 193 -62.02 -24.79 115.11
C ARG DA 193 -62.82 -23.75 114.34
N ALA DA 194 -62.24 -22.58 114.06
CA ALA DA 194 -62.93 -21.62 113.21
C ALA DA 194 -63.03 -22.13 111.78
N ARG DA 195 -61.96 -22.73 111.25
CA ARG DA 195 -62.01 -23.33 109.92
C ARG DA 195 -63.12 -24.37 109.84
N ILE DA 196 -63.16 -25.26 110.84
CA ILE DA 196 -64.19 -26.30 110.85
C ILE DA 196 -65.58 -25.67 110.85
N ALA DA 197 -65.80 -24.69 111.73
CA ALA DA 197 -67.12 -24.08 111.82
C ALA DA 197 -67.53 -23.41 110.50
N ASP DA 198 -66.59 -22.72 109.86
CA ASP DA 198 -66.92 -22.03 108.63
C ASP DA 198 -67.32 -23.01 107.53
N LYS DA 199 -66.60 -24.12 107.42
CA LYS DA 199 -66.96 -25.08 106.37
C LYS DA 199 -68.27 -25.79 106.67
N LYS DA 200 -68.52 -26.12 107.95
CA LYS DA 200 -69.78 -26.76 108.33
C LYS DA 200 -70.97 -25.82 108.30
N LYS DA 201 -70.75 -24.50 108.32
CA LYS DA 201 -71.88 -23.62 108.03
C LYS DA 201 -72.06 -23.41 106.54
N ARG DA 202 -70.98 -23.51 105.77
CA ARG DA 202 -71.12 -23.45 104.32
C ARG DA 202 -71.99 -24.59 103.81
N ILE DA 203 -71.78 -25.80 104.32
CA ILE DA 203 -72.57 -26.93 103.85
C ILE DA 203 -74.04 -26.78 104.23
N ALA DA 204 -74.31 -26.21 105.41
CA ALA DA 204 -75.69 -25.95 105.76
C ALA DA 204 -76.31 -24.90 104.84
N LYS DA 205 -75.52 -23.92 104.41
CA LYS DA 205 -76.04 -22.97 103.43
C LYS DA 205 -76.42 -23.68 102.13
N LYS DA 206 -75.55 -24.60 101.70
CA LYS DA 206 -75.87 -25.47 100.57
C LYS DA 206 -77.25 -26.10 100.75
N LYS DA 207 -77.39 -26.89 101.82
CA LYS DA 207 -78.63 -27.64 102.04
C LYS DA 207 -79.83 -26.74 102.29
N SER DA 208 -79.61 -25.48 102.65
CA SER DA 208 -80.74 -24.58 102.83
C SER DA 208 -81.24 -24.08 101.49
N GLU DA 209 -80.38 -23.37 100.76
CA GLU DA 209 -80.89 -22.66 99.59
C GLU DA 209 -81.01 -23.53 98.36
N ALA DA 210 -80.26 -24.65 98.26
CA ALA DA 210 -80.48 -25.55 97.14
C ALA DA 210 -81.88 -26.15 97.20
N ALA DA 211 -82.29 -26.63 98.37
CA ALA DA 211 -83.64 -27.18 98.51
C ALA DA 211 -84.70 -26.10 98.42
N GLU DA 212 -84.40 -24.89 98.93
CA GLU DA 212 -85.35 -23.79 98.77
C GLU DA 212 -85.63 -23.52 97.30
N TYR DA 213 -84.58 -23.60 96.46
CA TYR DA 213 -84.80 -23.51 95.02
C TYR DA 213 -85.46 -24.76 94.46
N GLN DA 214 -85.21 -25.93 95.06
CA GLN DA 214 -85.81 -27.16 94.55
C GLN DA 214 -87.34 -27.12 94.64
N LYS DA 215 -87.87 -26.66 95.77
CA LYS DA 215 -89.30 -26.90 95.99
C LYS DA 215 -90.19 -26.17 94.98
N LEU DA 216 -89.65 -25.23 94.22
CA LEU DA 216 -90.43 -24.48 93.24
C LEU DA 216 -90.90 -25.37 92.08
N PHE EA 19 -131.38 -1.18 38.00
CA PHE EA 19 -131.32 -0.93 36.56
C PHE EA 19 -131.00 -2.18 35.75
N GLU EA 20 -130.12 -3.03 36.28
CA GLU EA 20 -129.53 -4.09 35.47
C GLU EA 20 -130.60 -4.97 34.81
N ASP EA 21 -131.76 -5.11 35.44
CA ASP EA 21 -132.79 -5.97 34.87
C ASP EA 21 -133.33 -5.43 33.56
N THR EA 22 -133.54 -4.12 33.47
CA THR EA 22 -134.16 -3.59 32.25
C THR EA 22 -133.22 -3.75 31.06
N VAL EA 23 -131.93 -3.52 31.25
CA VAL EA 23 -131.00 -3.70 30.14
C VAL EA 23 -130.85 -5.18 29.80
N ALA EA 24 -130.81 -6.03 30.83
CA ALA EA 24 -130.68 -7.46 30.58
C ALA EA 24 -131.89 -7.98 29.83
N GLN EA 25 -133.08 -7.48 30.16
CA GLN EA 25 -134.28 -7.93 29.46
C GLN EA 25 -134.37 -7.32 28.07
N ALA EA 26 -133.91 -6.07 27.90
CA ALA EA 26 -133.83 -5.46 26.58
C ALA EA 26 -132.88 -6.21 25.66
N PHE EA 27 -131.94 -6.96 26.22
CA PHE EA 27 -131.12 -7.89 25.46
C PHE EA 27 -131.68 -9.30 25.47
N PHE EA 28 -132.55 -9.62 26.42
CA PHE EA 28 -133.04 -10.98 26.64
C PHE EA 28 -134.27 -11.29 25.83
N ASP EA 29 -135.07 -10.27 25.51
CA ASP EA 29 -136.26 -10.41 24.68
C ASP EA 29 -136.12 -9.39 23.55
N LEU EA 30 -135.31 -9.76 22.55
CA LEU EA 30 -135.42 -9.21 21.21
C LEU EA 30 -135.22 -10.26 20.13
N GLU EA 31 -134.67 -11.43 20.48
CA GLU EA 31 -134.48 -12.50 19.51
C GLU EA 31 -135.80 -12.93 18.89
N ASN EA 32 -136.91 -12.68 19.58
CA ASN EA 32 -138.22 -12.88 18.96
C ASN EA 32 -138.38 -11.91 17.80
N GLY EA 33 -138.77 -12.43 16.64
CA GLY EA 33 -138.71 -11.62 15.44
C GLY EA 33 -137.24 -11.30 15.15
N ASN EA 34 -137.04 -10.23 14.39
CA ASN EA 34 -135.71 -9.69 14.14
C ASN EA 34 -134.78 -10.76 13.56
N GLN EA 35 -135.25 -11.39 12.47
CA GLN EA 35 -134.58 -12.56 11.92
C GLN EA 35 -133.13 -12.28 11.57
N GLU EA 36 -132.89 -11.22 10.81
CA GLU EA 36 -131.53 -10.89 10.40
C GLU EA 36 -130.67 -10.40 11.56
N LEU EA 37 -131.27 -9.98 12.67
CA LEU EA 37 -130.52 -9.64 13.87
C LEU EA 37 -130.19 -10.86 14.72
N LYS EA 38 -130.80 -12.01 14.44
CA LYS EA 38 -130.61 -13.20 15.24
C LYS EA 38 -129.22 -13.77 15.00
N SER EA 39 -128.96 -14.95 15.58
CA SER EA 39 -127.78 -15.76 15.33
C SER EA 39 -126.52 -15.08 15.85
N ASP EA 40 -126.68 -13.88 16.41
CA ASP EA 40 -125.60 -13.21 17.11
C ASP EA 40 -125.95 -13.00 18.58
N LEU EA 41 -127.08 -12.35 18.86
CA LEU EA 41 -127.42 -11.94 20.21
C LEU EA 41 -127.97 -13.08 21.05
N LYS EA 42 -127.93 -14.31 20.53
CA LYS EA 42 -128.48 -15.44 21.27
C LYS EA 42 -127.61 -15.81 22.46
N ASP EA 43 -126.29 -15.62 22.34
CA ASP EA 43 -125.36 -16.18 23.32
C ASP EA 43 -124.26 -15.18 23.69
N LEU EA 44 -124.63 -13.91 23.88
CA LEU EA 44 -123.66 -12.88 24.25
C LEU EA 44 -124.16 -12.15 25.48
N TYR EA 45 -123.68 -12.50 26.68
CA TYR EA 45 -124.13 -11.84 27.90
C TYR EA 45 -123.13 -10.79 28.33
N ILE EA 46 -123.65 -9.67 28.81
CA ILE EA 46 -122.90 -8.46 29.06
C ILE EA 46 -122.98 -8.14 30.55
N ASN EA 47 -121.83 -7.79 31.15
CA ASN EA 47 -121.72 -7.82 32.60
C ASN EA 47 -122.54 -6.70 33.24
N THR EA 48 -122.09 -5.47 33.08
CA THR EA 48 -122.59 -4.37 33.90
C THR EA 48 -123.06 -3.22 33.02
N ALA EA 49 -123.93 -2.41 33.62
CA ALA EA 49 -124.43 -1.18 33.03
C ALA EA 49 -124.33 -0.07 34.06
N ILE EA 50 -124.06 1.14 33.59
CA ILE EA 50 -124.08 2.32 34.44
C ILE EA 50 -124.81 3.44 33.71
N GLN EA 51 -125.88 3.94 34.33
CA GLN EA 51 -126.45 5.23 33.95
C GLN EA 51 -125.57 6.37 34.46
N MET EA 52 -125.45 7.41 33.66
CA MET EA 52 -124.54 8.52 33.94
C MET EA 52 -125.24 9.82 33.61
N ASP EA 53 -124.99 10.86 34.40
CA ASP EA 53 -125.64 12.16 34.20
C ASP EA 53 -124.68 13.02 33.39
N VAL EA 54 -124.96 13.15 32.10
CA VAL EA 54 -124.12 13.94 31.19
C VAL EA 54 -124.43 15.42 31.38
N VAL EA 55 -123.53 16.26 30.86
CA VAL EA 55 -123.71 17.71 30.92
C VAL EA 55 -125.04 18.10 30.27
N GLY EA 56 -125.80 18.95 30.95
CA GLY EA 56 -127.05 19.46 30.41
C GLY EA 56 -128.31 18.81 30.94
N ASN EA 57 -128.22 18.04 32.02
CA ASN EA 57 -129.29 17.23 32.62
C ASN EA 57 -129.68 16.06 31.72
N ARG EA 58 -129.10 15.95 30.52
CA ARG EA 58 -129.21 14.73 29.74
C ARG EA 58 -128.40 13.61 30.40
N LYS EA 59 -128.61 12.39 29.95
CA LYS EA 59 -127.99 11.25 30.57
C LYS EA 59 -127.48 10.27 29.51
N ALA EA 60 -126.81 9.22 29.97
CA ALA EA 60 -126.24 8.20 29.10
C ALA EA 60 -126.12 6.90 29.88
N VAL EA 61 -125.68 5.86 29.18
CA VAL EA 61 -125.50 4.55 29.79
C VAL EA 61 -124.30 3.86 29.13
N VAL EA 62 -123.60 3.05 29.92
CA VAL EA 62 -122.40 2.37 29.49
C VAL EA 62 -122.52 0.91 29.86
N ILE EA 63 -121.94 0.05 29.03
CA ILE EA 63 -122.10 -1.39 29.10
C ILE EA 63 -120.72 -2.03 29.06
N HIS EA 64 -120.51 -3.09 29.85
CA HIS EA 64 -119.20 -3.71 29.98
C HIS EA 64 -119.24 -5.16 29.50
N VAL EA 65 -118.98 -5.36 28.20
CA VAL EA 65 -118.76 -6.72 27.71
C VAL EA 65 -117.45 -7.24 28.30
N PRO EA 66 -117.33 -8.52 28.72
CA PRO EA 66 -116.19 -8.88 29.57
C PRO EA 66 -114.81 -8.65 28.96
N TYR EA 67 -114.36 -9.52 28.05
CA TYR EA 67 -113.36 -9.15 27.06
C TYR EA 67 -113.50 -10.00 25.81
N ARG EA 68 -114.00 -11.22 26.03
CA ARG EA 68 -113.79 -12.31 25.07
C ARG EA 68 -114.49 -12.03 23.76
N LEU EA 69 -115.65 -11.39 23.84
CA LEU EA 69 -116.59 -11.27 22.73
C LEU EA 69 -116.75 -9.82 22.28
N ARG EA 70 -115.77 -8.98 22.61
CA ARG EA 70 -115.74 -7.66 22.01
C ARG EA 70 -115.53 -7.75 20.52
N LYS EA 71 -114.90 -8.82 20.04
CA LYS EA 71 -114.76 -8.98 18.60
C LYS EA 71 -116.14 -9.18 17.98
N PRO EA 72 -117.01 -10.04 18.53
CA PRO EA 72 -118.41 -10.03 18.06
C PRO EA 72 -119.06 -8.65 18.09
N PHE EA 73 -118.99 -7.95 19.23
CA PHE EA 73 -119.68 -6.66 19.29
C PHE EA 73 -119.13 -5.70 18.23
N ARG EA 74 -117.82 -5.47 18.22
CA ARG EA 74 -117.21 -4.61 17.23
C ARG EA 74 -117.44 -5.12 15.82
N LYS EA 75 -117.73 -6.42 15.66
CA LYS EA 75 -118.19 -6.93 14.38
C LYS EA 75 -119.54 -6.35 14.01
N ILE EA 76 -120.41 -6.13 14.99
CA ILE EA 76 -121.66 -5.48 14.61
C ILE EA 76 -121.80 -4.05 15.15
N HIS EA 77 -122.17 -3.89 16.41
CA HIS EA 77 -122.13 -2.64 17.17
C HIS EA 77 -122.78 -1.47 16.42
N VAL EA 78 -123.46 -1.74 15.32
CA VAL EA 78 -124.17 -0.69 14.58
C VAL EA 78 -125.61 -1.15 14.40
N ARG EA 79 -125.78 -2.37 13.89
CA ARG EA 79 -127.10 -2.97 13.87
C ARG EA 79 -127.65 -3.16 15.27
N LEU EA 80 -126.79 -3.16 16.28
CA LEU EA 80 -127.25 -3.32 17.66
C LEU EA 80 -127.40 -2.00 18.40
N VAL EA 81 -126.63 -0.97 18.04
CA VAL EA 81 -126.76 0.30 18.75
C VAL EA 81 -128.11 0.96 18.46
N ARG EA 82 -128.76 0.58 17.37
CA ARG EA 82 -130.06 1.17 17.03
C ARG EA 82 -131.17 0.71 17.96
N GLU EA 83 -131.20 -0.57 18.31
CA GLU EA 83 -132.28 -1.02 19.19
C GLU EA 83 -132.09 -0.52 20.61
N LEU EA 84 -130.87 -0.17 21.02
CA LEU EA 84 -130.74 0.44 22.33
C LEU EA 84 -131.30 1.85 22.38
N GLU EA 85 -131.57 2.47 21.23
CA GLU EA 85 -132.29 3.73 21.17
C GLU EA 85 -133.70 3.60 20.62
N LYS EA 86 -134.13 2.42 20.20
CA LYS EA 86 -135.53 2.21 19.84
C LYS EA 86 -136.25 1.18 20.71
N LYS EA 87 -135.59 0.61 21.71
CA LYS EA 87 -136.24 -0.20 22.72
C LYS EA 87 -136.03 0.35 24.12
N PHE EA 88 -134.99 1.15 24.32
CA PHE EA 88 -134.80 1.91 25.55
C PHE EA 88 -135.08 3.39 25.32
N SER EA 89 -134.48 3.98 24.28
CA SER EA 89 -134.93 5.23 23.68
C SER EA 89 -135.04 6.36 24.69
N GLY EA 90 -134.13 6.38 25.66
CA GLY EA 90 -134.11 7.49 26.60
C GLY EA 90 -132.84 8.31 26.61
N LYS EA 91 -131.71 7.67 26.32
CA LYS EA 91 -130.40 8.27 26.53
C LYS EA 91 -129.32 7.40 25.91
N ASP EA 92 -128.21 8.03 25.54
CA ASP EA 92 -127.21 7.42 24.67
C ASP EA 92 -126.58 6.20 25.32
N VAL EA 93 -126.02 5.32 24.49
CA VAL EA 93 -125.49 4.03 24.92
C VAL EA 93 -124.06 3.90 24.42
N VAL EA 94 -123.20 3.25 25.20
CA VAL EA 94 -121.82 3.01 24.77
C VAL EA 94 -121.35 1.69 25.34
N PHE EA 95 -120.47 1.01 24.58
CA PHE EA 95 -119.95 -0.31 24.92
C PHE EA 95 -118.45 -0.25 25.13
N VAL EA 96 -117.99 -0.87 26.21
CA VAL EA 96 -116.56 -1.04 26.48
C VAL EA 96 -116.34 -2.50 26.88
N ALA EA 97 -115.07 -2.87 26.98
CA ALA EA 97 -114.66 -4.18 27.46
C ALA EA 97 -113.97 -4.00 28.80
N THR EA 98 -114.37 -4.81 29.79
CA THR EA 98 -113.93 -4.61 31.17
C THR EA 98 -112.54 -5.25 31.35
N ARG EA 99 -111.53 -4.48 30.97
CA ARG EA 99 -110.14 -4.87 31.18
C ARG EA 99 -109.76 -4.67 32.65
N ARG EA 100 -108.85 -5.52 33.14
CA ARG EA 100 -108.40 -5.40 34.52
C ARG EA 100 -107.02 -4.76 34.57
N ILE EA 101 -106.85 -3.79 35.47
CA ILE EA 101 -105.60 -3.05 35.62
C ILE EA 101 -104.90 -3.58 36.86
N VAL EA 102 -103.59 -3.79 36.76
CA VAL EA 102 -102.79 -4.30 37.89
C VAL EA 102 -101.91 -3.17 38.41
N ARG EA 103 -101.85 -3.04 39.73
CA ARG EA 103 -100.99 -2.05 40.35
C ARG EA 103 -99.52 -2.39 40.08
N PRO EA 104 -98.67 -1.38 39.86
CA PRO EA 104 -97.26 -1.66 39.65
C PRO EA 104 -96.69 -2.43 40.81
N PRO EA 105 -95.78 -3.37 40.54
CA PRO EA 105 -95.23 -4.18 41.62
C PRO EA 105 -94.48 -3.33 42.62
N LYS EA 106 -94.48 -3.79 43.86
CA LYS EA 106 -93.64 -3.25 44.92
C LYS EA 106 -92.21 -3.21 44.39
N LYS EA 107 -91.36 -2.35 44.96
CA LYS EA 107 -89.99 -2.14 44.48
C LYS EA 107 -89.36 -3.47 44.11
N GLY EA 108 -88.52 -3.49 43.08
CA GLY EA 108 -88.39 -4.64 42.19
C GLY EA 108 -88.58 -6.01 42.81
N SER EA 109 -89.53 -6.78 42.27
CA SER EA 109 -89.98 -8.00 42.91
C SER EA 109 -90.23 -9.14 41.93
N ALA EA 110 -89.87 -8.99 40.67
CA ALA EA 110 -89.98 -10.05 39.66
C ALA EA 110 -91.43 -10.50 39.47
N VAL EA 111 -92.26 -9.56 39.03
CA VAL EA 111 -93.57 -9.83 38.47
C VAL EA 111 -93.67 -9.07 37.16
N GLN EA 112 -94.24 -9.73 36.14
CA GLN EA 112 -94.12 -9.22 34.78
C GLN EA 112 -95.10 -8.10 34.46
N ARG EA 113 -96.35 -8.18 34.95
CA ARG EA 113 -97.44 -7.31 34.51
C ARG EA 113 -97.41 -7.11 33.00
N PRO EA 114 -97.85 -8.11 32.21
CA PRO EA 114 -97.82 -7.99 30.75
C PRO EA 114 -98.26 -6.62 30.29
N ARG EA 115 -97.64 -6.02 29.27
CA ARG EA 115 -97.78 -4.57 29.08
C ARG EA 115 -99.21 -4.15 28.72
N THR EA 116 -100.16 -5.07 28.70
CA THR EA 116 -101.56 -4.74 28.91
C THR EA 116 -101.75 -4.60 30.41
N ARG EA 117 -102.98 -4.62 30.91
CA ARG EA 117 -103.20 -4.49 32.35
C ARG EA 117 -102.45 -3.28 32.93
N THR EA 118 -102.21 -2.28 32.09
CA THR EA 118 -101.32 -1.18 32.43
C THR EA 118 -102.10 0.10 32.20
N LEU EA 119 -102.20 0.93 33.26
CA LEU EA 119 -103.13 2.06 33.26
C LEU EA 119 -103.19 2.74 31.91
N THR EA 120 -102.02 3.01 31.31
CA THR EA 120 -102.00 3.67 30.03
C THR EA 120 -102.63 2.81 28.94
N ALA EA 121 -102.24 1.53 28.85
CA ALA EA 121 -102.78 0.69 27.78
C ALA EA 121 -104.28 0.47 27.93
N VAL EA 122 -104.76 0.34 29.16
CA VAL EA 122 -106.19 0.12 29.38
C VAL EA 122 -106.98 1.40 29.17
N HIS EA 123 -106.44 2.56 29.57
CA HIS EA 123 -107.07 3.83 29.21
C HIS EA 123 -107.18 3.99 27.69
N ASP EA 124 -106.11 3.65 26.96
CA ASP EA 124 -106.17 3.76 25.51
C ASP EA 124 -107.20 2.80 24.92
N GLY EA 125 -107.27 1.59 25.45
CA GLY EA 125 -108.28 0.65 24.97
C GLY EA 125 -109.69 1.12 25.25
N ILE EA 126 -109.92 1.67 26.45
CA ILE EA 126 -111.24 2.21 26.78
C ILE EA 126 -111.59 3.34 25.84
N LEU EA 127 -110.65 4.25 25.61
CA LEU EA 127 -110.88 5.37 24.70
C LEU EA 127 -111.17 4.88 23.30
N GLU EA 128 -110.51 3.81 22.88
CA GLU EA 128 -110.66 3.32 21.52
C GLU EA 128 -111.98 2.57 21.34
N ASP EA 129 -112.52 1.98 22.41
CA ASP EA 129 -113.80 1.28 22.29
C ASP EA 129 -115.01 2.18 22.56
N VAL EA 130 -114.85 3.24 23.34
CA VAL EA 130 -115.95 4.18 23.52
C VAL EA 130 -116.27 4.87 22.20
N VAL EA 131 -115.25 5.16 21.42
CA VAL EA 131 -115.38 6.01 20.24
C VAL EA 131 -115.58 5.17 18.97
N TYR EA 132 -115.73 3.84 19.12
CA TYR EA 132 -115.67 2.85 18.05
C TYR EA 132 -116.17 3.33 16.69
N PRO EA 133 -117.37 3.90 16.58
CA PRO EA 133 -117.86 4.31 15.25
C PRO EA 133 -116.83 5.02 14.39
N ALA EA 134 -115.95 5.79 15.01
CA ALA EA 134 -114.86 6.46 14.32
C ALA EA 134 -113.54 5.99 14.90
N GLU EA 135 -112.51 5.97 14.07
CA GLU EA 135 -111.17 5.59 14.51
C GLU EA 135 -110.34 6.84 14.73
N ILE EA 136 -109.52 6.82 15.78
CA ILE EA 136 -108.75 7.99 16.18
C ILE EA 136 -107.55 8.14 15.27
N VAL EA 137 -107.37 9.36 14.74
CA VAL EA 137 -106.32 9.63 13.77
C VAL EA 137 -105.35 10.70 14.30
N GLY EA 138 -105.25 10.79 15.62
CA GLY EA 138 -104.31 11.69 16.25
C GLY EA 138 -104.79 12.07 17.62
N LYS EA 139 -103.89 12.23 18.57
CA LYS EA 139 -104.25 12.75 19.88
C LYS EA 139 -103.21 13.77 20.31
N ARG EA 140 -103.66 14.72 21.11
CA ARG EA 140 -102.87 15.85 21.54
C ARG EA 140 -103.13 16.04 23.04
N VAL EA 141 -102.21 16.69 23.73
CA VAL EA 141 -102.46 16.93 25.15
C VAL EA 141 -102.10 18.37 25.53
N ARG EA 142 -103.12 19.21 25.69
CA ARG EA 142 -102.94 20.55 26.25
C ARG EA 142 -102.76 20.44 27.76
N TYR EA 143 -101.97 21.36 28.32
CA TYR EA 143 -101.84 21.49 29.77
C TYR EA 143 -102.39 22.85 30.19
N ARG EA 144 -103.56 22.86 30.82
CA ARG EA 144 -104.03 24.08 31.45
C ARG EA 144 -102.98 24.60 32.42
N LEU EA 145 -102.83 25.93 32.45
CA LEU EA 145 -101.78 26.53 33.26
C LEU EA 145 -101.88 26.09 34.72
N ASP EA 146 -103.09 25.93 35.22
CA ASP EA 146 -103.31 25.50 36.59
C ASP EA 146 -103.11 23.99 36.76
N GLY EA 147 -102.51 23.31 35.78
CA GLY EA 147 -102.16 21.92 35.91
C GLY EA 147 -103.08 20.95 35.19
N ALA EA 148 -104.28 21.37 34.83
CA ALA EA 148 -105.22 20.46 34.18
C ALA EA 148 -104.71 20.08 32.80
N LYS EA 149 -105.01 18.86 32.38
CA LYS EA 149 -104.58 18.30 31.11
C LYS EA 149 -105.82 17.91 30.30
N VAL EA 150 -105.92 18.38 29.07
CA VAL EA 150 -107.04 18.05 28.22
C VAL EA 150 -106.53 17.36 26.96
N ILE EA 151 -107.11 16.20 26.67
CA ILE EA 151 -106.68 15.39 25.54
C ILE EA 151 -107.57 15.71 24.35
N LYS EA 152 -106.96 16.17 23.27
CA LYS EA 152 -107.69 16.41 22.03
C LYS EA 152 -107.59 15.18 21.15
N ILE EA 153 -108.73 14.69 20.68
CA ILE EA 153 -108.78 13.53 19.81
C ILE EA 153 -109.23 13.99 18.43
N TYR EA 154 -108.52 13.56 17.41
CA TYR EA 154 -108.92 13.75 16.04
C TYR EA 154 -109.64 12.49 15.56
N LEU EA 155 -110.79 12.67 14.96
CA LEU EA 155 -111.60 11.54 14.54
C LEU EA 155 -111.72 11.53 13.02
N ASP EA 156 -111.82 10.34 12.47
CA ASP EA 156 -111.75 10.17 11.01
C ASP EA 156 -112.90 10.90 10.35
N PRO EA 157 -112.69 11.50 9.17
CA PRO EA 157 -113.82 12.16 8.48
C PRO EA 157 -114.94 11.22 8.10
N LYS EA 158 -114.64 9.97 7.76
CA LYS EA 158 -115.72 9.04 7.46
C LYS EA 158 -116.34 8.55 8.75
N GLU EA 159 -117.66 8.32 8.70
CA GLU EA 159 -118.47 8.08 9.88
C GLU EA 159 -118.27 9.20 10.90
N ARG EA 160 -118.20 10.43 10.38
CA ARG EA 160 -118.27 11.63 11.19
C ARG EA 160 -119.70 11.91 11.61
N ASN EA 161 -120.63 11.84 10.66
CA ASN EA 161 -122.03 12.11 10.94
C ASN EA 161 -122.67 11.03 11.79
N ASN EA 162 -122.00 9.89 11.96
CA ASN EA 162 -122.45 8.90 12.93
C ASN EA 162 -122.15 9.37 14.34
N THR EA 163 -121.19 10.29 14.51
CA THR EA 163 -120.79 10.74 15.83
C THR EA 163 -120.73 12.26 15.94
N GLU EA 164 -121.53 12.97 15.14
CA GLU EA 164 -121.65 14.41 15.34
C GLU EA 164 -122.15 14.79 16.73
N TYR EA 165 -122.87 13.89 17.42
CA TYR EA 165 -123.77 14.32 18.48
C TYR EA 165 -123.55 13.66 19.83
N LYS EA 166 -122.83 12.55 19.91
CA LYS EA 166 -122.58 11.94 21.20
C LYS EA 166 -121.18 12.22 21.72
N LEU EA 167 -120.46 13.17 21.10
CA LEU EA 167 -119.09 13.44 21.51
C LEU EA 167 -119.04 13.93 22.95
N GLU EA 168 -120.00 14.78 23.34
CA GLU EA 168 -120.05 15.22 24.73
C GLU EA 168 -120.34 14.06 25.68
N THR EA 169 -121.09 13.06 25.21
CA THR EA 169 -121.31 11.87 26.02
C THR EA 169 -120.03 11.05 26.14
N PHE EA 170 -119.27 10.92 25.05
CA PHE EA 170 -117.96 10.30 25.11
C PHE EA 170 -117.09 10.95 26.15
N SER EA 171 -117.02 12.29 26.11
CA SER EA 171 -116.20 13.00 27.09
C SER EA 171 -116.69 12.73 28.51
N ALA EA 172 -118.01 12.80 28.71
CA ALA EA 172 -118.55 12.63 30.05
C ALA EA 172 -118.25 11.24 30.59
N VAL EA 173 -118.41 10.20 29.78
CA VAL EA 173 -118.17 8.85 30.26
C VAL EA 173 -116.68 8.63 30.49
N TYR EA 174 -115.83 9.23 29.65
CA TYR EA 174 -114.40 9.03 29.81
C TYR EA 174 -113.91 9.68 31.11
N ARG EA 175 -114.48 10.83 31.48
CA ARG EA 175 -114.11 11.47 32.73
C ARG EA 175 -114.38 10.54 33.91
N ARG EA 176 -115.52 9.86 33.89
CA ARG EA 176 -115.87 8.91 34.94
C ARG EA 176 -114.96 7.69 34.91
N LEU EA 177 -114.77 7.11 33.73
CA LEU EA 177 -114.08 5.83 33.65
C LEU EA 177 -112.62 5.97 34.03
N CYS EA 178 -111.95 7.02 33.54
CA CYS EA 178 -110.51 7.10 33.65
C CYS EA 178 -109.99 8.37 34.30
N GLY EA 179 -110.86 9.29 34.69
CA GLY EA 179 -110.39 10.54 35.25
C GLY EA 179 -109.59 11.34 34.26
N LYS EA 180 -110.06 11.40 33.02
CA LYS EA 180 -109.43 12.16 31.95
C LYS EA 180 -110.40 13.21 31.45
N ASP EA 181 -109.86 14.33 31.00
CA ASP EA 181 -110.65 15.44 30.45
C ASP EA 181 -110.31 15.52 28.98
N VAL EA 182 -111.30 15.29 28.12
CA VAL EA 182 -111.06 15.02 26.70
C VAL EA 182 -112.03 15.80 25.85
N VAL EA 183 -111.53 16.34 24.73
CA VAL EA 183 -112.36 16.98 23.72
C VAL EA 183 -112.09 16.30 22.38
N PHE EA 184 -113.15 16.10 21.60
CA PHE EA 184 -113.08 15.38 20.34
C PHE EA 184 -113.45 16.31 19.19
N GLU EA 185 -112.73 16.18 18.08
CA GLU EA 185 -113.09 16.94 16.90
C GLU EA 185 -112.41 16.32 15.68
N TYR EA 186 -112.67 16.91 14.52
CA TYR EA 186 -112.46 16.25 13.24
C TYR EA 186 -111.50 17.05 12.39
N PRO EA 187 -110.39 16.45 11.91
CA PRO EA 187 -109.44 17.15 11.02
C PRO EA 187 -110.08 17.60 9.71
N MET FA 1 -67.42 -47.18 48.74
CA MET FA 1 -68.34 -46.07 48.54
C MET FA 1 -67.61 -44.82 48.07
N ALA FA 2 -68.36 -43.91 47.45
CA ALA FA 2 -67.76 -42.85 46.64
C ALA FA 2 -66.98 -41.84 47.48
N GLU FA 3 -67.58 -41.32 48.56
CA GLU FA 3 -67.01 -40.13 49.18
C GLU FA 3 -65.73 -40.43 49.94
N GLN FA 4 -65.57 -41.63 50.48
CA GLN FA 4 -64.29 -41.99 51.11
C GLN FA 4 -63.27 -42.17 50.00
N THR FA 5 -62.42 -41.16 49.80
CA THR FA 5 -61.56 -41.11 48.64
C THR FA 5 -60.10 -40.87 49.00
N GLU FA 6 -59.79 -40.60 50.25
CA GLU FA 6 -58.44 -40.23 50.65
C GLU FA 6 -57.79 -41.33 51.47
N LYS FA 7 -56.60 -41.03 52.00
CA LYS FA 7 -55.81 -41.99 52.76
C LYS FA 7 -56.25 -42.12 54.21
N SER FA 8 -57.16 -41.27 54.67
CA SER FA 8 -57.82 -41.46 55.94
C SER FA 8 -59.31 -41.67 55.69
N PHE FA 9 -59.99 -42.30 56.64
CA PHE FA 9 -61.43 -42.51 56.49
C PHE FA 9 -62.16 -41.27 56.95
N LEU FA 10 -62.84 -40.60 56.03
CA LEU FA 10 -63.52 -39.35 56.35
C LEU FA 10 -64.75 -39.66 57.19
N LYS FA 11 -64.93 -38.89 58.26
CA LYS FA 11 -66.05 -39.14 59.17
C LYS FA 11 -66.28 -37.91 60.03
N GLN FA 12 -67.50 -37.76 60.46
CA GLN FA 12 -67.98 -36.55 61.13
C GLN FA 12 -67.69 -36.63 62.62
N PRO FA 13 -67.06 -35.62 63.20
CA PRO FA 13 -66.68 -35.69 64.62
C PRO FA 13 -67.89 -35.83 65.53
N LYS FA 14 -67.70 -36.58 66.61
CA LYS FA 14 -68.68 -36.72 67.68
C LYS FA 14 -69.94 -37.42 67.17
N VAL FA 15 -69.92 -37.85 65.92
CA VAL FA 15 -71.00 -38.63 65.33
C VAL FA 15 -70.55 -40.08 65.25
N PHE FA 16 -71.29 -40.98 65.86
CA PHE FA 16 -70.88 -42.37 66.02
C PHE FA 16 -71.78 -43.25 65.16
N LEU FA 17 -71.17 -43.96 64.22
CA LEU FA 17 -71.91 -44.68 63.19
C LEU FA 17 -72.43 -46.04 63.67
N SER FA 18 -71.50 -46.94 64.00
CA SER FA 18 -71.86 -48.35 64.23
C SER FA 18 -72.27 -48.55 65.69
N THR FA 19 -73.45 -48.04 66.02
CA THR FA 19 -73.98 -48.12 67.36
C THR FA 19 -75.09 -49.17 67.43
N LYS FA 20 -75.31 -49.69 68.64
CA LYS FA 20 -76.32 -50.72 68.84
C LYS FA 20 -77.72 -50.12 68.78
N LYS FA 21 -78.02 -49.19 69.68
CA LYS FA 21 -79.35 -48.62 69.79
C LYS FA 21 -79.41 -47.39 68.89
N ALA FA 22 -79.78 -47.62 67.62
CA ALA FA 22 -79.92 -46.54 66.65
C ALA FA 22 -81.35 -46.47 66.14
N ASP FA 23 -81.78 -45.27 65.80
CA ASP FA 23 -83.11 -45.05 65.24
C ASP FA 23 -83.07 -43.85 64.31
N LYS FA 24 -83.89 -43.90 63.25
CA LYS FA 24 -83.81 -42.93 62.18
C LYS FA 24 -84.34 -41.56 62.57
N ALA FA 25 -85.11 -41.45 63.65
CA ALA FA 25 -85.65 -40.17 64.09
C ALA FA 25 -85.38 -40.00 65.58
N LYS FA 26 -84.19 -39.51 65.92
CA LYS FA 26 -83.94 -38.98 67.25
C LYS FA 26 -83.62 -37.50 67.20
N ARG FA 27 -82.51 -37.14 66.55
CA ARG FA 27 -82.05 -35.84 66.06
C ARG FA 27 -80.83 -36.10 65.20
N PRO FA 28 -80.64 -35.37 64.10
CA PRO FA 28 -79.44 -35.55 63.29
C PRO FA 28 -78.17 -35.23 64.07
N GLY FA 29 -77.11 -35.98 63.78
CA GLY FA 29 -75.91 -35.94 64.57
C GLY FA 29 -75.89 -36.91 65.73
N LYS FA 30 -76.93 -37.72 65.89
CA LYS FA 30 -77.03 -38.66 66.99
C LYS FA 30 -77.51 -40.01 66.51
N ALA FA 31 -77.06 -41.06 67.21
CA ALA FA 31 -77.54 -42.43 66.99
C ALA FA 31 -77.37 -42.86 65.53
N GLY FA 32 -76.21 -42.55 64.95
CA GLY FA 32 -75.88 -43.00 63.62
C GLY FA 32 -76.40 -42.13 62.48
N ASN FA 33 -77.18 -41.10 62.77
CA ASN FA 33 -77.69 -40.21 61.75
C ASN FA 33 -76.75 -39.04 61.53
N ARG FA 34 -76.66 -38.61 60.27
CA ARG FA 34 -75.67 -37.62 59.89
C ARG FA 34 -75.95 -36.28 60.54
N PHE FA 35 -74.89 -35.59 60.93
CA PHE FA 35 -75.03 -34.30 61.57
C PHE FA 35 -75.24 -33.21 60.53
N TRP FA 36 -76.05 -32.23 60.89
CA TRP FA 36 -76.12 -30.97 60.16
C TRP FA 36 -76.68 -29.90 61.08
N LYS FA 37 -76.42 -28.66 60.72
CA LYS FA 37 -76.70 -27.51 61.56
C LYS FA 37 -77.32 -26.40 60.72
N SER FA 38 -78.40 -25.83 61.20
CA SER FA 38 -79.07 -24.75 60.49
C SER FA 38 -78.26 -23.48 60.72
N VAL FA 39 -77.58 -23.02 59.68
CA VAL FA 39 -76.71 -21.85 59.83
C VAL FA 39 -77.53 -20.61 60.14
N GLY FA 40 -78.79 -20.58 59.71
CA GLY FA 40 -79.71 -19.53 60.12
C GLY FA 40 -79.68 -18.32 59.20
N LEU FA 41 -79.97 -17.14 59.77
CA LEU FA 41 -79.99 -15.89 59.02
C LEU FA 41 -80.90 -16.01 57.80
N GLY FA 42 -82.00 -16.72 57.97
CA GLY FA 42 -82.88 -17.00 56.87
C GLY FA 42 -82.32 -17.95 55.83
N PHE FA 43 -81.03 -18.25 55.86
CA PHE FA 43 -80.48 -19.22 54.95
C PHE FA 43 -81.00 -20.61 55.30
N LYS FA 44 -81.39 -21.35 54.28
CA LYS FA 44 -82.02 -22.66 54.46
C LYS FA 44 -81.02 -23.74 54.12
N THR FA 45 -80.94 -24.76 54.96
CA THR FA 45 -79.94 -25.80 54.76
C THR FA 45 -80.33 -26.64 53.54
N PRO FA 46 -79.44 -26.77 52.56
CA PRO FA 46 -79.83 -27.41 51.28
C PRO FA 46 -80.20 -28.88 51.44
N ARG FA 47 -81.05 -29.34 50.52
CA ARG FA 47 -81.60 -30.69 50.59
C ARG FA 47 -80.51 -31.74 50.46
N GLU FA 48 -79.54 -31.51 49.58
CA GLU FA 48 -78.46 -32.47 49.46
C GLU FA 48 -77.38 -32.28 50.51
N ALA FA 49 -77.35 -31.14 51.21
CA ALA FA 49 -76.57 -31.07 52.42
C ALA FA 49 -77.23 -31.86 53.54
N ILE FA 50 -78.55 -32.04 53.45
CA ILE FA 50 -79.23 -32.93 54.38
C ILE FA 50 -78.95 -34.39 54.03
N ASP FA 51 -79.36 -34.80 52.84
CA ASP FA 51 -79.14 -36.18 52.40
C ASP FA 51 -77.91 -36.33 51.53
N GLY FA 52 -76.78 -35.80 52.00
CA GLY FA 52 -75.51 -35.93 51.31
C GLY FA 52 -74.60 -36.92 52.00
N THR FA 53 -73.75 -37.57 51.22
CA THR FA 53 -72.77 -38.51 51.75
C THR FA 53 -71.41 -37.88 51.94
N TYR FA 54 -71.13 -36.76 51.27
CA TYR FA 54 -69.83 -36.14 51.37
C TYR FA 54 -69.53 -35.79 52.81
N ILE FA 55 -68.27 -35.94 53.21
CA ILE FA 55 -67.85 -35.57 54.54
C ILE FA 55 -66.81 -34.46 54.42
N ASP FA 56 -67.07 -33.36 55.11
CA ASP FA 56 -66.37 -32.11 54.81
C ASP FA 56 -66.39 -31.27 56.09
N LYS FA 57 -65.23 -31.11 56.72
CA LYS FA 57 -65.23 -30.44 58.01
C LYS FA 57 -65.34 -28.94 57.90
N LYS FA 58 -65.30 -28.39 56.70
CA LYS FA 58 -65.36 -26.95 56.50
C LYS FA 58 -66.69 -26.50 55.91
N CYS FA 59 -67.66 -27.37 55.85
CA CYS FA 59 -68.98 -27.00 55.38
C CYS FA 59 -69.74 -26.27 56.48
N PRO FA 60 -70.41 -25.16 56.16
CA PRO FA 60 -71.18 -24.46 57.20
C PRO FA 60 -72.30 -25.29 57.78
N PHE FA 61 -72.94 -26.12 56.98
CA PHE FA 61 -74.09 -26.87 57.44
C PHE FA 61 -73.71 -28.19 58.09
N THR FA 62 -72.71 -28.87 57.57
CA THR FA 62 -72.38 -30.21 58.05
C THR FA 62 -71.04 -30.26 58.77
N GLY FA 63 -70.26 -29.18 58.76
CA GLY FA 63 -68.95 -29.17 59.33
C GLY FA 63 -68.91 -28.51 60.69
N THR FA 64 -67.71 -28.04 61.05
CA THR FA 64 -67.46 -27.48 62.36
C THR FA 64 -67.16 -25.98 62.31
N VAL FA 65 -67.63 -25.29 61.28
CA VAL FA 65 -67.41 -23.87 61.13
C VAL FA 65 -68.71 -23.14 61.45
N ALA FA 66 -68.61 -22.07 62.24
CA ALA FA 66 -69.75 -21.25 62.61
C ALA FA 66 -69.69 -19.94 61.84
N ILE FA 67 -70.78 -19.58 61.19
CA ILE FA 67 -70.80 -18.40 60.34
C ILE FA 67 -71.12 -17.18 61.20
N ARG FA 68 -70.11 -16.35 61.43
CA ARG FA 68 -70.24 -15.14 62.22
C ARG FA 68 -69.33 -14.08 61.63
N GLY FA 69 -69.73 -12.82 61.81
CA GLY FA 69 -68.99 -11.73 61.22
C GLY FA 69 -69.84 -10.85 60.33
N ARG FA 70 -69.44 -10.72 59.06
CA ARG FA 70 -70.18 -9.95 58.08
C ARG FA 70 -70.50 -10.83 56.89
N ILE FA 71 -71.54 -10.43 56.15
CA ILE FA 71 -72.07 -11.20 55.03
C ILE FA 71 -71.93 -10.37 53.77
N ILE FA 72 -71.50 -11.01 52.68
CA ILE FA 72 -71.21 -10.33 51.43
C ILE FA 72 -71.94 -11.05 50.31
N ALA FA 73 -72.16 -10.33 49.21
CA ALA FA 73 -72.63 -10.93 47.97
C ALA FA 73 -71.65 -10.61 46.85
N GLY FA 74 -71.36 -11.61 46.02
CA GLY FA 74 -70.43 -11.42 44.93
C GLY FA 74 -70.76 -12.30 43.75
N THR FA 75 -69.80 -12.51 42.86
CA THR FA 75 -70.00 -13.40 41.73
C THR FA 75 -68.86 -14.40 41.66
N CYS FA 76 -69.21 -15.65 41.38
CA CYS FA 76 -68.20 -16.68 41.17
C CYS FA 76 -67.27 -16.27 40.03
N HIS FA 77 -66.00 -16.07 40.35
CA HIS FA 77 -65.03 -15.67 39.35
C HIS FA 77 -64.28 -16.85 38.75
N SER FA 78 -64.08 -17.90 39.54
CA SER FA 78 -63.47 -19.13 39.06
C SER FA 78 -63.74 -20.22 40.07
N ALA FA 79 -63.87 -21.45 39.58
CA ALA FA 79 -64.07 -22.60 40.45
C ALA FA 79 -62.99 -23.63 40.13
N LYS FA 80 -61.75 -23.18 40.07
CA LYS FA 80 -60.63 -24.01 39.64
C LYS FA 80 -59.81 -24.57 40.79
N MET FA 81 -60.39 -24.66 41.99
CA MET FA 81 -59.69 -25.32 43.07
C MET FA 81 -60.64 -26.26 43.79
N ASN FA 82 -60.06 -27.05 44.69
CA ASN FA 82 -60.78 -28.11 45.39
C ASN FA 82 -61.63 -27.48 46.49
N ARG FA 83 -62.95 -27.55 46.34
CA ARG FA 83 -63.88 -27.10 47.37
C ARG FA 83 -63.68 -25.63 47.72
N THR FA 84 -63.35 -24.80 46.73
CA THR FA 84 -63.17 -23.38 47.01
C THR FA 84 -63.33 -22.61 45.70
N ILE FA 85 -63.85 -21.39 45.80
CA ILE FA 85 -63.94 -20.48 44.68
C ILE FA 85 -63.41 -19.12 45.10
N ILE FA 86 -63.26 -18.25 44.10
CA ILE FA 86 -62.86 -16.87 44.31
C ILE FA 86 -64.02 -15.99 43.85
N VAL FA 87 -64.59 -15.23 44.77
CA VAL FA 87 -65.74 -14.38 44.47
C VAL FA 87 -65.25 -12.96 44.25
N ARG FA 88 -65.75 -12.34 43.19
CA ARG FA 88 -65.34 -11.00 42.81
C ARG FA 88 -66.40 -10.03 43.27
N ARG FA 89 -66.02 -9.12 44.16
CA ARG FA 89 -66.96 -8.19 44.76
C ARG FA 89 -66.87 -6.87 44.01
N ASN FA 90 -67.62 -6.76 42.92
CA ASN FA 90 -67.68 -5.50 42.19
C ASN FA 90 -68.38 -4.45 43.02
N TYR FA 91 -67.92 -3.22 42.94
CA TYR FA 91 -68.59 -2.10 43.59
C TYR FA 91 -68.09 -0.83 42.93
N LEU FA 92 -68.43 0.32 43.51
CA LEU FA 92 -68.00 1.62 43.03
C LEU FA 92 -67.24 2.34 44.12
N HIS FA 93 -66.31 3.20 43.71
CA HIS FA 93 -65.50 3.97 44.62
C HIS FA 93 -65.74 5.45 44.38
N PHE FA 94 -65.63 6.25 45.44
CA PHE FA 94 -65.90 7.67 45.36
C PHE FA 94 -64.59 8.46 45.39
N VAL FA 95 -64.33 9.23 44.35
CA VAL FA 95 -63.18 10.12 44.29
C VAL FA 95 -63.63 11.51 44.69
N LYS FA 96 -63.27 11.93 45.91
CA LYS FA 96 -63.89 13.11 46.49
C LYS FA 96 -63.50 14.38 45.76
N LYS FA 97 -62.28 14.43 45.20
CA LYS FA 97 -61.89 15.61 44.44
C LYS FA 97 -62.76 15.79 43.20
N TYR FA 98 -63.25 14.70 42.63
CA TYR FA 98 -63.88 14.75 41.33
C TYR FA 98 -65.38 14.50 41.39
N GLN FA 99 -65.90 14.19 42.56
CA GLN FA 99 -67.33 13.96 42.77
C GLN FA 99 -67.86 12.85 41.87
N ARG FA 100 -66.99 12.01 41.32
CA ARG FA 100 -67.42 10.94 40.44
C ARG FA 100 -67.10 9.60 41.07
N TYR FA 101 -67.53 8.54 40.38
CA TYR FA 101 -67.39 7.18 40.84
C TYR FA 101 -66.42 6.45 39.92
N GLU FA 102 -65.44 5.79 40.50
CA GLU FA 102 -64.66 4.80 39.76
C GLU FA 102 -65.00 3.43 40.31
N LYS FA 103 -65.17 2.45 39.43
CA LYS FA 103 -65.46 1.12 39.92
C LYS FA 103 -64.15 0.43 40.30
N ARG FA 104 -64.07 0.01 41.54
CA ARG FA 104 -63.01 -0.84 42.03
C ARG FA 104 -63.62 -2.22 42.28
N HIS FA 105 -62.81 -3.13 42.82
CA HIS FA 105 -63.28 -4.48 43.04
C HIS FA 105 -62.37 -5.16 44.04
N SER FA 106 -62.69 -6.40 44.35
CA SER FA 106 -61.81 -7.24 45.16
C SER FA 106 -62.17 -8.70 44.93
N ASN FA 107 -61.15 -9.53 44.72
CA ASN FA 107 -61.34 -10.97 44.66
C ASN FA 107 -61.24 -11.53 46.07
N ILE FA 108 -62.22 -12.35 46.44
CA ILE FA 108 -62.28 -12.96 47.76
C ILE FA 108 -62.32 -14.46 47.60
N PRO FA 109 -61.41 -15.22 48.21
CA PRO FA 109 -61.54 -16.67 48.20
C PRO FA 109 -62.65 -17.11 49.14
N ALA FA 110 -63.45 -18.06 48.67
CA ALA FA 110 -64.59 -18.54 49.45
C ALA FA 110 -64.70 -20.04 49.33
N HIS FA 111 -64.95 -20.70 50.45
CA HIS FA 111 -65.09 -22.15 50.49
C HIS FA 111 -66.52 -22.54 50.17
N ILE FA 112 -66.69 -23.40 49.18
CA ILE FA 112 -67.98 -23.98 48.87
C ILE FA 112 -68.05 -25.36 49.49
N SER FA 113 -69.23 -25.72 49.96
CA SER FA 113 -69.46 -27.11 50.31
C SER FA 113 -69.79 -27.90 49.06
N PRO FA 114 -69.57 -29.21 49.06
CA PRO FA 114 -70.00 -30.02 47.91
C PRO FA 114 -71.50 -30.01 47.69
N CYS FA 115 -72.28 -29.56 48.67
CA CYS FA 115 -73.72 -29.43 48.46
C CYS FA 115 -74.03 -28.43 47.35
N PHE FA 116 -73.33 -27.30 47.33
CA PHE FA 116 -73.51 -26.32 46.28
C PHE FA 116 -72.80 -26.75 45.00
N ARG FA 117 -73.17 -26.10 43.91
CA ARG FA 117 -72.62 -26.42 42.59
C ARG FA 117 -72.55 -25.13 41.80
N VAL FA 118 -71.33 -24.61 41.63
CA VAL FA 118 -71.12 -23.28 41.05
C VAL FA 118 -70.54 -23.44 39.65
N LYS FA 119 -71.09 -22.68 38.71
CA LYS FA 119 -70.48 -22.44 37.42
C LYS FA 119 -69.91 -21.03 37.41
N GLU FA 120 -69.02 -20.77 36.46
CA GLU FA 120 -68.37 -19.47 36.39
C GLU FA 120 -69.40 -18.37 36.24
N GLY FA 121 -69.21 -17.28 36.99
CA GLY FA 121 -70.10 -16.14 36.92
C GLY FA 121 -71.50 -16.40 37.44
N ASP FA 122 -71.62 -17.04 38.60
CA ASP FA 122 -72.90 -17.25 39.25
C ASP FA 122 -72.98 -16.37 40.49
N HIS FA 123 -74.12 -15.71 40.65
CA HIS FA 123 -74.30 -14.85 41.80
C HIS FA 123 -74.17 -15.69 43.06
N VAL FA 124 -73.38 -15.25 44.02
CA VAL FA 124 -73.21 -16.02 45.25
C VAL FA 124 -73.34 -15.11 46.44
N ILE FA 125 -73.71 -15.68 47.57
CA ILE FA 125 -73.80 -14.99 48.84
C ILE FA 125 -72.97 -15.78 49.83
N ILE FA 126 -72.02 -15.10 50.49
CA ILE FA 126 -71.04 -15.72 51.36
C ILE FA 126 -71.09 -15.04 52.71
N GLY FA 127 -70.61 -15.76 53.73
CA GLY FA 127 -70.61 -15.23 55.07
C GLY FA 127 -69.30 -15.52 55.77
N GLN FA 128 -68.98 -14.68 56.76
CA GLN FA 128 -67.69 -14.76 57.40
C GLN FA 128 -67.64 -15.89 58.40
N CYS FA 129 -66.48 -16.54 58.49
CA CYS FA 129 -66.25 -17.65 59.39
C CYS FA 129 -64.84 -17.57 59.97
N ARG FA 130 -64.38 -18.61 60.66
CA ARG FA 130 -63.02 -18.59 61.14
C ARG FA 130 -62.07 -18.74 59.97
N PRO FA 131 -60.81 -18.34 60.11
CA PRO FA 131 -59.87 -18.50 59.00
C PRO FA 131 -59.63 -19.95 58.64
N LEU FA 132 -60.08 -20.37 57.46
CA LEU FA 132 -59.87 -21.74 57.01
C LEU FA 132 -58.49 -21.98 56.42
N SER FA 133 -57.85 -20.96 55.88
CA SER FA 133 -56.57 -21.14 55.21
C SER FA 133 -55.82 -19.82 55.21
N LYS FA 134 -54.78 -19.74 54.37
CA LYS FA 134 -54.02 -18.51 54.26
C LYS FA 134 -54.88 -17.35 53.79
N THR FA 135 -55.78 -17.60 52.84
CA THR FA 135 -56.58 -16.55 52.24
C THR FA 135 -58.08 -16.69 52.43
N VAL FA 136 -58.58 -17.85 52.87
CA VAL FA 136 -60.01 -18.13 52.89
C VAL FA 136 -60.55 -17.83 54.27
N ARG FA 137 -61.45 -16.85 54.36
CA ARG FA 137 -62.12 -16.54 55.61
C ARG FA 137 -63.64 -16.63 55.49
N PHE FA 138 -64.16 -17.10 54.36
CA PHE FA 138 -65.58 -17.06 54.10
C PHE FA 138 -66.10 -18.40 53.62
N ASN FA 139 -67.37 -18.66 53.88
CA ASN FA 139 -68.06 -19.83 53.34
C ASN FA 139 -69.23 -19.40 52.48
N VAL FA 140 -69.45 -20.13 51.40
CA VAL FA 140 -70.58 -19.86 50.52
C VAL FA 140 -71.85 -20.39 51.16
N LEU FA 141 -72.84 -19.51 51.32
CA LEU FA 141 -74.12 -19.92 51.89
C LEU FA 141 -75.23 -19.97 50.87
N LYS FA 142 -75.12 -19.26 49.75
CA LYS FA 142 -76.19 -19.25 48.78
C LYS FA 142 -75.60 -19.12 47.39
N VAL FA 143 -76.14 -19.87 46.43
CA VAL FA 143 -75.71 -19.78 45.03
C VAL FA 143 -76.94 -19.61 44.15
N VAL FA 144 -77.01 -18.49 43.45
CA VAL FA 144 -78.05 -18.18 42.48
C VAL FA 144 -77.38 -18.14 41.11
N PRO FA 145 -77.76 -19.01 40.17
CA PRO FA 145 -77.08 -19.03 38.88
C PRO FA 145 -77.77 -18.19 37.80
N ASN GA 22 -75.69 -66.06 -46.81
CA ASN GA 22 -75.91 -64.77 -47.45
C ASN GA 22 -76.14 -63.64 -46.44
N PRO GA 23 -77.08 -63.80 -45.49
CA PRO GA 23 -77.33 -62.69 -44.56
C PRO GA 23 -76.13 -62.28 -43.73
N LEU GA 24 -75.27 -63.23 -43.34
CA LEU GA 24 -74.18 -62.91 -42.43
C LEU GA 24 -73.15 -62.00 -43.08
N PHE GA 25 -73.01 -62.07 -44.40
CA PHE GA 25 -71.97 -61.34 -45.08
C PHE GA 25 -72.27 -59.84 -45.03
N GLU GA 26 -71.23 -59.05 -44.78
CA GLU GA 26 -71.42 -57.63 -44.50
C GLU GA 26 -70.26 -56.84 -45.07
N LYS GA 27 -70.44 -55.54 -45.13
CA LYS GA 27 -69.39 -54.59 -45.50
C LYS GA 27 -68.84 -53.98 -44.23
N ARG GA 28 -67.52 -53.92 -44.14
CA ARG GA 28 -66.84 -53.22 -43.05
C ARG GA 28 -65.87 -52.22 -43.67
N PRO GA 29 -66.37 -51.06 -44.09
CA PRO GA 29 -65.48 -50.05 -44.67
C PRO GA 29 -64.43 -49.64 -43.66
N LYS GA 30 -63.18 -49.64 -44.11
CA LYS GA 30 -62.09 -49.09 -43.34
C LYS GA 30 -61.88 -47.65 -43.77
N GLN GA 31 -61.76 -46.76 -42.80
CA GLN GA 31 -61.50 -45.36 -43.09
C GLN GA 31 -59.99 -45.16 -43.08
N PHE GA 32 -59.42 -44.87 -44.25
CA PHE GA 32 -57.98 -44.68 -44.37
C PHE GA 32 -57.64 -43.20 -44.20
N GLY GA 33 -58.01 -42.66 -43.06
CA GLY GA 33 -57.76 -41.27 -42.77
C GLY GA 33 -56.31 -41.02 -42.41
N ILE GA 34 -56.05 -39.80 -41.94
CA ILE GA 34 -54.71 -39.43 -41.51
C ILE GA 34 -54.47 -39.81 -40.06
N GLY GA 35 -55.48 -40.31 -39.36
CA GLY GA 35 -55.31 -40.87 -38.05
C GLY GA 35 -56.15 -42.12 -37.89
N GLY GA 36 -56.71 -42.59 -38.99
CA GLY GA 36 -57.62 -43.72 -38.99
C GLY GA 36 -56.94 -45.07 -39.08
N ALA GA 37 -57.48 -45.95 -39.92
CA ALA GA 37 -56.97 -47.31 -40.00
C ALA GA 37 -55.54 -47.33 -40.48
N LEU GA 38 -54.87 -48.43 -40.24
CA LEU GA 38 -53.53 -48.62 -40.76
C LEU GA 38 -53.62 -48.81 -42.27
N PRO GA 39 -52.94 -47.99 -43.07
CA PRO GA 39 -53.04 -48.11 -44.51
C PRO GA 39 -52.44 -49.42 -44.98
N PRO GA 40 -52.89 -49.94 -46.11
CA PRO GA 40 -52.38 -51.22 -46.62
C PRO GA 40 -51.21 -51.10 -47.58
N LYS GA 41 -50.85 -52.24 -48.16
CA LYS GA 41 -49.71 -52.37 -49.07
C LYS GA 41 -49.95 -51.71 -50.41
N LYS GA 42 -49.63 -50.42 -50.54
CA LYS GA 42 -49.67 -49.80 -51.86
C LYS GA 42 -48.26 -49.62 -52.40
N ASP GA 43 -48.15 -48.92 -53.53
CA ASP GA 43 -46.92 -48.84 -54.29
C ASP GA 43 -46.03 -47.75 -53.71
N LEU GA 44 -44.86 -48.15 -53.21
CA LEU GA 44 -43.89 -47.21 -52.66
C LEU GA 44 -42.61 -47.22 -53.49
N HIS GA 45 -42.72 -47.54 -54.77
CA HIS GA 45 -41.53 -47.68 -55.59
C HIS GA 45 -40.78 -46.38 -55.73
N ARG GA 46 -41.48 -45.25 -55.61
CA ARG GA 46 -40.81 -43.96 -55.70
C ARG GA 46 -39.79 -43.76 -54.59
N PHE GA 47 -40.16 -44.08 -53.36
CA PHE GA 47 -39.38 -43.72 -52.19
C PHE GA 47 -38.39 -44.79 -51.75
N VAL GA 48 -38.20 -45.84 -52.54
CA VAL GA 48 -37.30 -46.91 -52.12
C VAL GA 48 -35.90 -46.35 -51.96
N LYS GA 49 -35.19 -46.79 -50.92
CA LYS GA 49 -33.80 -46.43 -50.72
C LYS GA 49 -32.94 -47.44 -51.47
N TRP GA 50 -32.36 -47.02 -52.54
CA TRP GA 50 -31.73 -47.95 -53.45
C TRP GA 50 -30.28 -48.16 -53.06
N PRO GA 51 -29.65 -49.23 -53.55
CA PRO GA 51 -28.20 -49.36 -53.37
C PRO GA 51 -27.48 -48.17 -53.96
N LYS GA 52 -26.22 -48.00 -53.59
CA LYS GA 52 -25.49 -46.87 -54.11
C LYS GA 52 -25.24 -47.02 -55.60
N VAL GA 53 -25.14 -48.26 -56.07
CA VAL GA 53 -24.96 -48.50 -57.50
C VAL GA 53 -26.16 -47.98 -58.28
N VAL GA 54 -27.37 -48.27 -57.82
CA VAL GA 54 -28.57 -47.76 -58.47
C VAL GA 54 -28.65 -46.25 -58.33
N ARG GA 55 -28.30 -45.75 -57.16
CA ARG GA 55 -28.46 -44.33 -56.88
C ARG GA 55 -27.57 -43.49 -57.80
N ILE GA 56 -26.31 -43.89 -57.97
CA ILE GA 56 -25.42 -43.08 -58.78
C ILE GA 56 -25.79 -43.18 -60.25
N GLN GA 57 -26.27 -44.34 -60.71
CA GLN GA 57 -26.58 -44.46 -62.12
C GLN GA 57 -27.86 -43.72 -62.48
N ARG GA 58 -28.80 -43.57 -61.55
CA ARG GA 58 -29.95 -42.71 -61.83
C ARG GA 58 -29.55 -41.24 -61.78
N GLN GA 59 -28.73 -40.86 -60.78
CA GLN GA 59 -28.26 -39.49 -60.75
C GLN GA 59 -27.38 -39.17 -61.94
N ARG GA 60 -26.82 -40.18 -62.60
CA ARG GA 60 -26.03 -39.97 -63.80
C ARG GA 60 -26.89 -39.39 -64.92
N ARG GA 61 -28.01 -40.04 -65.23
CA ARG GA 61 -28.86 -39.51 -66.28
C ARG GA 61 -29.48 -38.19 -65.85
N ILE GA 62 -29.76 -38.03 -64.56
CA ILE GA 62 -30.25 -36.73 -64.11
C ILE GA 62 -29.24 -35.63 -64.38
N LEU GA 63 -27.96 -35.89 -64.10
CA LEU GA 63 -26.95 -34.85 -64.28
C LEU GA 63 -26.64 -34.61 -65.75
N LYS GA 64 -26.68 -35.65 -66.57
CA LYS GA 64 -26.53 -35.47 -68.01
C LYS GA 64 -27.68 -34.69 -68.60
N GLN GA 65 -28.86 -34.76 -67.99
CA GLN GA 65 -29.95 -33.91 -68.45
C GLN GA 65 -29.76 -32.48 -68.01
N ARG GA 66 -29.40 -32.27 -66.74
CA ARG GA 66 -29.25 -30.90 -66.24
C ARG GA 66 -28.17 -30.13 -67.00
N LEU GA 67 -26.98 -30.70 -67.11
CA LEU GA 67 -25.89 -29.94 -67.69
C LEU GA 67 -26.15 -29.66 -69.17
N LYS GA 68 -25.48 -28.64 -69.70
CA LYS GA 68 -25.61 -28.31 -71.12
C LYS GA 68 -24.66 -29.17 -71.94
N VAL GA 69 -25.24 -30.17 -72.60
CA VAL GA 69 -24.48 -31.06 -73.48
C VAL GA 69 -23.97 -30.28 -74.67
N PRO GA 70 -22.70 -30.40 -75.04
CA PRO GA 70 -22.19 -29.67 -76.20
C PRO GA 70 -22.68 -30.28 -77.49
N PRO GA 71 -22.59 -29.56 -78.60
CA PRO GA 71 -23.12 -30.08 -79.87
C PRO GA 71 -22.54 -31.42 -80.27
N ALA GA 72 -21.25 -31.63 -80.01
CA ALA GA 72 -20.61 -32.87 -80.44
C ALA GA 72 -21.27 -34.08 -79.83
N LEU GA 73 -21.61 -34.01 -78.54
CA LEU GA 73 -22.31 -35.10 -77.89
C LEU GA 73 -23.81 -35.05 -78.13
N HIS GA 74 -24.35 -33.87 -78.37
CA HIS GA 74 -25.78 -33.74 -78.59
C HIS GA 74 -26.18 -34.23 -79.98
N GLN GA 75 -25.23 -34.41 -80.89
CA GLN GA 75 -25.55 -35.11 -82.13
C GLN GA 75 -26.04 -36.52 -81.86
N PHE GA 76 -25.67 -37.10 -80.73
CA PHE GA 76 -26.27 -38.35 -80.32
C PHE GA 76 -27.64 -38.06 -79.72
N THR GA 77 -28.37 -39.10 -79.33
CA THR GA 77 -29.76 -39.01 -78.89
C THR GA 77 -30.66 -38.56 -80.03
N ARG GA 78 -30.08 -38.38 -81.22
CA ARG GA 78 -30.82 -38.07 -82.44
C ARG GA 78 -30.55 -39.25 -83.36
N THR GA 79 -31.33 -40.30 -83.20
CA THR GA 79 -31.02 -41.59 -83.80
C THR GA 79 -31.87 -41.83 -85.04
N LEU GA 80 -31.55 -42.92 -85.73
CA LEU GA 80 -32.33 -43.33 -86.87
C LEU GA 80 -33.70 -43.80 -86.39
N ASP GA 81 -34.73 -43.51 -87.18
CA ASP GA 81 -36.11 -43.75 -86.76
C ASP GA 81 -36.34 -45.23 -86.46
N LYS GA 82 -37.50 -45.53 -85.88
CA LYS GA 82 -37.83 -46.92 -85.59
C LYS GA 82 -38.02 -47.72 -86.88
N ASN GA 83 -38.86 -47.23 -87.79
CA ASN GA 83 -39.09 -47.96 -89.04
C ASN GA 83 -37.82 -48.06 -89.87
N LEU GA 84 -37.07 -46.97 -89.95
CA LEU GA 84 -35.86 -46.99 -90.76
C LEU GA 84 -34.79 -47.87 -90.11
N ALA GA 85 -34.74 -47.90 -88.78
CA ALA GA 85 -33.78 -48.73 -88.08
C ALA GA 85 -34.11 -50.21 -88.25
N THR GA 86 -35.38 -50.57 -88.11
CA THR GA 86 -35.78 -51.96 -88.33
C THR GA 86 -35.53 -52.38 -89.77
N ASN GA 87 -35.85 -51.51 -90.73
CA ASN GA 87 -35.63 -51.87 -92.13
C ASN GA 87 -34.14 -52.05 -92.42
N LEU GA 88 -33.30 -51.22 -91.82
CA LEU GA 88 -31.86 -51.35 -92.02
C LEU GA 88 -31.34 -52.61 -91.35
N PHE GA 89 -31.88 -52.94 -90.17
CA PHE GA 89 -31.43 -54.11 -89.45
C PHE GA 89 -31.88 -55.39 -90.09
N LYS GA 90 -32.96 -55.37 -90.88
CA LYS GA 90 -33.28 -56.52 -91.71
C LYS GA 90 -32.10 -56.88 -92.60
N MET GA 91 -31.51 -55.88 -93.24
CA MET GA 91 -30.40 -56.13 -94.16
C MET GA 91 -29.13 -56.50 -93.41
N LEU GA 92 -28.87 -55.81 -92.29
CA LEU GA 92 -27.74 -56.19 -91.45
C LEU GA 92 -27.87 -57.61 -90.92
N LEU GA 93 -29.10 -58.08 -90.71
CA LEU GA 93 -29.28 -59.49 -90.34
C LEU GA 93 -29.05 -60.40 -91.53
N LYS GA 94 -29.38 -59.93 -92.73
CA LYS GA 94 -29.09 -60.75 -93.91
C LYS GA 94 -27.59 -60.95 -94.08
N TYR GA 95 -26.80 -59.91 -93.82
CA TYR GA 95 -25.36 -59.95 -94.07
C TYR GA 95 -24.54 -60.22 -92.80
N ARG GA 96 -24.99 -61.13 -91.94
CA ARG GA 96 -24.27 -61.44 -90.72
C ARG GA 96 -22.93 -62.09 -91.03
N PRO GA 97 -21.96 -61.97 -90.11
CA PRO GA 97 -20.69 -62.70 -90.28
C PRO GA 97 -20.83 -64.19 -90.10
N GLU GA 98 -19.68 -64.88 -90.09
CA GLU GA 98 -19.63 -66.33 -89.95
C GLU GA 98 -19.56 -66.73 -88.49
N ASP GA 99 -20.40 -67.68 -88.10
CA ASP GA 99 -20.33 -68.22 -86.74
C ASP GA 99 -19.04 -68.99 -86.54
N LYS GA 100 -18.83 -69.46 -85.31
CA LYS GA 100 -17.70 -70.35 -85.06
C LYS GA 100 -18.00 -71.76 -85.54
N ALA GA 101 -19.16 -72.30 -85.18
CA ALA GA 101 -19.58 -73.60 -85.71
C ALA GA 101 -19.78 -73.53 -87.22
N ALA GA 102 -20.17 -72.37 -87.75
CA ALA GA 102 -20.29 -72.18 -89.18
C ALA GA 102 -18.96 -71.83 -89.84
N LYS GA 103 -17.94 -71.52 -89.06
CA LYS GA 103 -16.60 -71.29 -89.59
C LYS GA 103 -15.76 -72.55 -89.57
N LYS GA 104 -16.10 -73.53 -88.74
CA LYS GA 104 -15.35 -74.77 -88.81
C LYS GA 104 -15.62 -75.51 -90.12
N GLU GA 105 -16.86 -75.51 -90.59
CA GLU GA 105 -17.18 -76.29 -91.78
C GLU GA 105 -16.50 -75.75 -93.02
N ARG GA 106 -16.38 -74.42 -93.13
CA ARG GA 106 -15.78 -73.85 -94.34
C ARG GA 106 -14.33 -74.28 -94.49
N LEU GA 107 -13.63 -74.45 -93.38
CA LEU GA 107 -12.25 -74.91 -93.44
C LEU GA 107 -12.14 -76.42 -93.43
N LEU GA 108 -13.13 -77.11 -92.88
CA LEU GA 108 -13.08 -78.56 -92.83
C LEU GA 108 -13.47 -79.21 -94.15
N LYS GA 109 -14.32 -78.56 -94.95
CA LYS GA 109 -14.73 -79.17 -96.20
C LYS GA 109 -13.84 -78.79 -97.38
N ARG GA 110 -13.02 -77.74 -97.25
CA ARG GA 110 -11.95 -77.57 -98.23
C ARG GA 110 -10.87 -78.62 -98.12
N ALA GA 111 -10.99 -79.57 -97.18
CA ALA GA 111 -9.96 -80.60 -97.04
C ALA GA 111 -9.78 -81.37 -98.33
N GLN GA 112 -10.88 -81.75 -98.98
CA GLN GA 112 -10.78 -82.49 -100.22
C GLN GA 112 -10.15 -81.64 -101.33
N ALA GA 113 -10.43 -80.33 -101.32
CA ALA GA 113 -9.86 -79.46 -102.34
C ALA GA 113 -8.38 -79.20 -102.10
N GLU GA 114 -7.92 -79.23 -100.85
CA GLU GA 114 -6.50 -78.98 -100.59
C GLU GA 114 -5.67 -80.25 -100.61
N ALA GA 115 -6.19 -81.36 -100.07
CA ALA GA 115 -5.42 -82.60 -100.04
C ALA GA 115 -5.35 -83.25 -101.40
N GLU GA 116 -6.45 -83.21 -102.17
CA GLU GA 116 -6.55 -83.90 -103.45
C GLU GA 116 -6.59 -82.96 -104.64
N GLY GA 117 -7.53 -82.02 -104.67
CA GLY GA 117 -7.69 -81.18 -105.84
C GLY GA 117 -6.52 -80.26 -106.11
N LYS GA 118 -5.84 -79.81 -105.05
CA LYS GA 118 -4.78 -78.80 -105.14
C LYS GA 118 -5.24 -77.51 -105.79
N THR GA 119 -6.54 -77.21 -105.66
CA THR GA 119 -7.13 -76.01 -106.24
C THR GA 119 -7.89 -75.25 -105.16
N VAL GA 120 -8.00 -73.94 -105.34
CA VAL GA 120 -8.84 -73.09 -104.51
C VAL GA 120 -10.02 -72.64 -105.34
N GLU GA 121 -11.22 -73.12 -105.01
CA GLU GA 121 -12.42 -72.83 -105.78
C GLU GA 121 -13.32 -71.80 -105.11
N ALA GA 122 -13.00 -71.41 -103.88
CA ALA GA 122 -13.88 -70.53 -103.13
C ALA GA 122 -13.91 -69.13 -103.74
N LYS GA 123 -14.94 -68.39 -103.38
CA LYS GA 123 -15.14 -67.03 -103.85
C LYS GA 123 -15.23 -66.07 -102.67
N LYS GA 124 -15.30 -64.78 -102.98
CA LYS GA 124 -15.40 -63.74 -101.97
C LYS GA 124 -16.78 -63.72 -101.33
N PRO GA 125 -16.90 -63.93 -100.04
CA PRO GA 125 -18.18 -63.67 -99.36
C PRO GA 125 -18.31 -62.20 -99.03
N ILE GA 126 -19.57 -61.79 -98.84
CA ILE GA 126 -19.92 -60.40 -98.53
C ILE GA 126 -20.51 -60.39 -97.14
N VAL GA 127 -19.81 -59.74 -96.21
CA VAL GA 127 -20.26 -59.63 -94.83
C VAL GA 127 -20.11 -58.20 -94.38
N VAL GA 128 -20.78 -57.88 -93.28
CA VAL GA 128 -20.65 -56.58 -92.67
C VAL GA 128 -19.32 -56.50 -91.92
N LYS GA 129 -18.69 -55.33 -91.94
CA LYS GA 129 -17.44 -55.13 -91.26
C LYS GA 129 -17.70 -54.45 -89.92
N TYR GA 130 -16.78 -54.62 -88.98
CA TYR GA 130 -16.97 -54.08 -87.65
C TYR GA 130 -15.61 -53.87 -87.00
N GLY GA 131 -15.65 -53.48 -85.73
CA GLY GA 131 -14.45 -53.10 -85.02
C GLY GA 131 -14.06 -51.66 -85.31
N LEU GA 132 -13.79 -50.89 -84.27
CA LEU GA 132 -13.55 -49.47 -84.45
C LEU GA 132 -12.35 -49.21 -85.35
N ASN GA 133 -11.25 -49.93 -85.12
CA ASN GA 133 -10.04 -49.68 -85.90
C ASN GA 133 -10.20 -50.07 -87.35
N HIS GA 134 -10.76 -51.26 -87.61
CA HIS GA 134 -10.96 -51.69 -88.99
C HIS GA 134 -11.91 -50.77 -89.72
N VAL GA 135 -12.99 -50.35 -89.07
CA VAL GA 135 -13.94 -49.48 -89.75
C VAL GA 135 -13.34 -48.10 -89.98
N THR GA 136 -12.53 -47.60 -89.05
CA THR GA 136 -11.90 -46.31 -89.29
C THR GA 136 -10.88 -46.38 -90.41
N TYR GA 137 -10.13 -47.47 -90.50
CA TYR GA 137 -9.25 -47.63 -91.65
C TYR GA 137 -10.05 -47.64 -92.94
N LEU GA 138 -11.15 -48.40 -92.97
CA LEU GA 138 -11.96 -48.42 -94.18
C LEU GA 138 -12.50 -47.04 -94.53
N ILE GA 139 -12.99 -46.31 -93.53
CA ILE GA 139 -13.59 -45.01 -93.81
C ILE GA 139 -12.54 -44.03 -94.31
N GLU GA 140 -11.32 -44.11 -93.79
CA GLU GA 140 -10.28 -43.22 -94.25
C GLU GA 140 -9.75 -43.63 -95.62
N GLN GA 141 -9.90 -44.89 -96.00
CA GLN GA 141 -9.57 -45.32 -97.36
C GLN GA 141 -10.78 -45.29 -98.29
N SER GA 142 -11.93 -44.80 -97.81
CA SER GA 142 -13.14 -44.58 -98.59
C SER GA 142 -13.72 -45.87 -99.15
N LYS GA 143 -13.41 -47.03 -98.58
CA LYS GA 143 -14.07 -48.27 -98.97
C LYS GA 143 -15.30 -48.57 -98.14
N ALA GA 144 -15.91 -47.56 -97.51
CA ALA GA 144 -17.12 -47.76 -96.73
C ALA GA 144 -18.31 -47.18 -97.46
N GLN GA 145 -19.34 -47.99 -97.66
CA GLN GA 145 -20.57 -47.55 -98.29
C GLN GA 145 -21.59 -47.02 -97.28
N LEU GA 146 -21.54 -47.51 -96.05
CA LEU GA 146 -22.42 -47.01 -95.00
C LEU GA 146 -21.81 -47.34 -93.66
N VAL GA 147 -21.96 -46.44 -92.69
CA VAL GA 147 -21.42 -46.63 -91.35
C VAL GA 147 -22.55 -46.52 -90.33
N VAL GA 148 -22.59 -47.47 -89.39
CA VAL GA 148 -23.61 -47.55 -88.36
C VAL GA 148 -22.93 -47.36 -87.02
N ILE GA 149 -23.33 -46.34 -86.28
CA ILE GA 149 -22.69 -45.95 -85.03
C ILE GA 149 -23.67 -46.19 -83.90
N ALA GA 150 -23.24 -46.88 -82.86
CA ALA GA 150 -24.09 -47.04 -81.70
C ALA GA 150 -24.13 -45.75 -80.91
N HIS GA 151 -25.33 -45.35 -80.48
CA HIS GA 151 -25.44 -44.06 -79.82
C HIS GA 151 -24.82 -44.06 -78.44
N ASP GA 152 -24.70 -45.23 -77.82
CA ASP GA 152 -24.54 -45.35 -76.37
C ASP GA 152 -23.17 -45.87 -75.95
N VAL GA 153 -22.12 -45.51 -76.70
CA VAL GA 153 -20.79 -46.02 -76.43
C VAL GA 153 -20.22 -45.34 -75.20
N ASP GA 154 -19.68 -46.13 -74.27
CA ASP GA 154 -18.99 -45.63 -73.09
C ASP GA 154 -17.60 -46.23 -73.08
N PRO GA 155 -16.52 -45.45 -73.10
CA PRO GA 155 -16.48 -43.98 -73.12
C PRO GA 155 -16.90 -43.42 -74.46
N ILE GA 156 -17.50 -42.23 -74.46
CA ILE GA 156 -18.05 -41.70 -75.68
C ILE GA 156 -16.97 -41.21 -76.64
N GLU GA 157 -15.77 -40.91 -76.14
CA GLU GA 157 -14.73 -40.38 -77.01
C GLU GA 157 -14.34 -41.34 -78.10
N LEU GA 158 -14.65 -42.62 -77.93
CA LEU GA 158 -14.41 -43.58 -79.00
C LEU GA 158 -15.25 -43.30 -80.23
N VAL GA 159 -16.38 -42.61 -80.09
CA VAL GA 159 -17.25 -42.39 -81.24
C VAL GA 159 -17.63 -40.93 -81.41
N VAL GA 160 -17.11 -40.05 -80.56
CA VAL GA 160 -17.39 -38.62 -80.74
C VAL GA 160 -16.90 -38.15 -82.10
N TRP GA 161 -15.69 -38.55 -82.47
CA TRP GA 161 -15.10 -38.00 -83.67
C TRP GA 161 -15.67 -38.63 -84.94
N LEU GA 162 -16.41 -39.74 -84.85
CA LEU GA 162 -16.91 -40.37 -86.07
C LEU GA 162 -17.75 -39.44 -86.91
N PRO GA 163 -18.79 -38.78 -86.39
CA PRO GA 163 -19.66 -38.01 -87.29
C PRO GA 163 -18.93 -37.00 -88.15
N ALA GA 164 -17.95 -36.29 -87.60
CA ALA GA 164 -17.22 -35.33 -88.43
C ALA GA 164 -16.40 -36.03 -89.49
N LEU GA 165 -15.72 -37.12 -89.12
CA LEU GA 165 -14.96 -37.90 -90.09
C LEU GA 165 -15.85 -38.39 -91.22
N CYS GA 166 -16.98 -39.01 -90.87
CA CYS GA 166 -17.92 -39.48 -91.87
C CYS GA 166 -18.37 -38.35 -92.77
N ARG GA 167 -18.81 -37.24 -92.18
CA ARG GA 167 -19.39 -36.16 -92.95
C ARG GA 167 -18.36 -35.56 -93.91
N LYS GA 168 -17.13 -35.38 -93.44
CA LYS GA 168 -16.16 -34.63 -94.23
C LYS GA 168 -15.30 -35.55 -95.10
N MET GA 169 -15.40 -36.87 -94.95
CA MET GA 169 -14.98 -37.79 -95.98
C MET GA 169 -16.16 -38.24 -96.84
N GLU GA 170 -17.34 -37.67 -96.61
CA GLU GA 170 -18.51 -37.88 -97.45
C GLU GA 170 -18.88 -39.36 -97.48
N VAL GA 171 -19.28 -39.88 -96.33
CA VAL GA 171 -19.70 -41.25 -96.16
C VAL GA 171 -21.05 -41.25 -95.47
N PRO GA 172 -22.07 -41.94 -95.98
CA PRO GA 172 -23.36 -42.00 -95.28
C PRO GA 172 -23.22 -42.73 -93.95
N TYR GA 173 -23.61 -42.05 -92.88
CA TYR GA 173 -23.49 -42.59 -91.53
C TYR GA 173 -24.79 -42.37 -90.78
N CYS GA 174 -25.12 -43.32 -89.92
CA CYS GA 174 -26.29 -43.22 -89.04
C CYS GA 174 -25.90 -43.57 -87.63
N ILE GA 175 -26.63 -43.02 -86.68
CA ILE GA 175 -26.41 -43.34 -85.27
C ILE GA 175 -27.61 -44.10 -84.77
N VAL GA 176 -27.56 -45.43 -84.85
CA VAL GA 176 -28.69 -46.22 -84.39
C VAL GA 176 -28.60 -46.46 -82.90
N LYS GA 177 -29.69 -46.96 -82.35
CA LYS GA 177 -29.86 -47.13 -80.91
C LYS GA 177 -29.53 -48.57 -80.54
N GLY GA 178 -28.53 -48.74 -79.68
CA GLY GA 178 -28.24 -50.03 -79.08
C GLY GA 178 -26.95 -50.69 -79.52
N LYS GA 179 -25.88 -50.48 -78.76
CA LYS GA 179 -24.63 -51.14 -79.06
C LYS GA 179 -24.74 -52.65 -78.84
N SER GA 180 -25.56 -53.09 -77.90
CA SER GA 180 -25.78 -54.52 -77.75
C SER GA 180 -26.49 -55.08 -78.97
N ARG GA 181 -27.45 -54.35 -79.51
CA ARG GA 181 -28.16 -54.84 -80.68
C ARG GA 181 -27.24 -54.85 -81.90
N LEU GA 182 -26.29 -53.92 -81.96
CA LEU GA 182 -25.23 -54.03 -82.97
C LEU GA 182 -24.32 -55.22 -82.70
N GLY GA 183 -23.97 -55.46 -81.44
CA GLY GA 183 -23.12 -56.58 -81.12
C GLY GA 183 -23.73 -57.90 -81.50
N SER GA 184 -25.05 -58.00 -81.40
CA SER GA 184 -25.73 -59.23 -81.78
C SER GA 184 -25.53 -59.52 -83.27
N ILE GA 185 -25.47 -58.48 -84.10
CA ILE GA 185 -25.33 -58.68 -85.54
C ILE GA 185 -24.04 -59.41 -85.86
N VAL GA 186 -23.01 -59.24 -85.03
CA VAL GA 186 -21.69 -59.80 -85.27
C VAL GA 186 -21.31 -60.82 -84.22
N HIS GA 187 -22.23 -61.15 -83.33
CA HIS GA 187 -22.12 -62.18 -82.29
C HIS GA 187 -21.15 -61.81 -81.18
N LYS GA 188 -20.77 -60.55 -81.06
CA LYS GA 188 -19.97 -60.10 -79.94
C LYS GA 188 -20.88 -59.41 -78.93
N LYS GA 189 -20.39 -59.23 -77.71
CA LYS GA 189 -21.23 -58.61 -76.70
C LYS GA 189 -21.45 -57.13 -76.98
N THR GA 190 -20.43 -56.41 -77.44
CA THR GA 190 -20.57 -55.02 -77.84
C THR GA 190 -19.83 -54.82 -79.16
N ALA GA 191 -20.39 -53.98 -80.02
CA ALA GA 191 -19.83 -53.74 -81.35
C ALA GA 191 -19.38 -52.32 -81.55
N SER GA 192 -20.23 -51.35 -81.23
CA SER GA 192 -19.88 -49.93 -81.19
C SER GA 192 -19.68 -49.30 -82.58
N VAL GA 193 -19.60 -50.10 -83.63
CA VAL GA 193 -19.56 -49.57 -84.98
C VAL GA 193 -19.69 -50.72 -85.98
N LEU GA 194 -20.39 -50.47 -87.09
CA LEU GA 194 -20.50 -51.41 -88.19
C LEU GA 194 -20.38 -50.64 -89.49
N CYS GA 195 -20.15 -51.36 -90.58
CA CYS GA 195 -20.17 -50.69 -91.87
C CYS GA 195 -20.41 -51.71 -92.96
N LEU GA 196 -21.12 -51.27 -94.00
CA LEU GA 196 -21.29 -52.03 -95.23
C LEU GA 196 -20.40 -51.43 -96.29
N THR GA 197 -19.60 -52.27 -96.93
CA THR GA 197 -18.72 -51.87 -98.03
C THR GA 197 -19.20 -52.35 -99.38
N THR GA 198 -20.02 -53.38 -99.42
CA THR GA 198 -20.47 -54.00 -100.66
C THR GA 198 -21.75 -54.76 -100.38
N VAL GA 199 -22.62 -54.81 -101.38
CA VAL GA 199 -23.88 -55.53 -101.28
C VAL GA 199 -24.03 -56.42 -102.52
N LYS GA 200 -24.76 -57.52 -102.36
CA LYS GA 200 -25.03 -58.40 -103.49
C LYS GA 200 -25.89 -57.71 -104.53
N ASN GA 201 -25.67 -58.08 -105.80
CA ASN GA 201 -26.32 -57.40 -106.92
C ASN GA 201 -27.83 -57.53 -106.89
N GLU GA 202 -28.38 -58.42 -106.07
CA GLU GA 202 -29.81 -58.62 -105.99
C GLU GA 202 -30.45 -57.73 -104.93
N ASP GA 203 -29.68 -56.82 -104.31
CA ASP GA 203 -30.26 -55.99 -103.26
C ASP GA 203 -29.76 -54.55 -103.34
N LYS GA 204 -29.30 -54.11 -104.52
CA LYS GA 204 -28.77 -52.75 -104.66
C LYS GA 204 -29.86 -51.70 -104.50
N LEU GA 205 -31.02 -51.91 -105.12
CA LEU GA 205 -32.08 -50.91 -105.04
C LEU GA 205 -32.53 -50.70 -103.60
N GLU GA 206 -32.74 -51.81 -102.88
CA GLU GA 206 -33.25 -51.72 -101.54
C GLU GA 206 -32.18 -51.26 -100.56
N PHE GA 207 -30.90 -51.42 -100.93
CA PHE GA 207 -29.85 -50.73 -100.18
C PHE GA 207 -29.86 -49.23 -100.43
N SER GA 208 -29.94 -48.83 -101.70
CA SER GA 208 -29.84 -47.41 -102.01
C SER GA 208 -31.06 -46.62 -101.55
N LYS GA 209 -32.19 -47.27 -101.30
CA LYS GA 209 -33.30 -46.55 -100.68
C LYS GA 209 -32.93 -46.12 -99.26
N ILE GA 210 -32.42 -47.05 -98.45
CA ILE GA 210 -32.01 -46.67 -97.10
C ILE GA 210 -30.82 -45.73 -97.17
N LEU GA 211 -29.98 -45.84 -98.21
CA LEU GA 211 -28.90 -44.87 -98.39
C LEU GA 211 -29.45 -43.48 -98.63
N GLU GA 212 -30.48 -43.35 -99.45
CA GLU GA 212 -31.08 -42.05 -99.68
C GLU GA 212 -31.64 -41.48 -98.38
N ALA GA 213 -32.36 -42.31 -97.63
CA ALA GA 213 -32.95 -41.83 -96.37
C ALA GA 213 -31.88 -41.42 -95.37
N ILE GA 214 -30.85 -42.24 -95.20
CA ILE GA 214 -29.78 -41.96 -94.24
C ILE GA 214 -29.03 -40.69 -94.65
N LYS GA 215 -28.70 -40.57 -95.93
CA LYS GA 215 -27.92 -39.42 -96.40
C LYS GA 215 -28.71 -38.14 -96.22
N ALA GA 216 -30.02 -38.19 -96.51
CA ALA GA 216 -30.86 -37.03 -96.24
C ALA GA 216 -30.94 -36.72 -94.76
N ASN GA 217 -30.90 -37.74 -93.90
CA ASN GA 217 -31.23 -37.49 -92.50
C ASN GA 217 -30.03 -36.98 -91.70
N PHE GA 218 -28.86 -37.62 -91.82
CA PHE GA 218 -27.72 -37.22 -91.01
C PHE GA 218 -26.67 -36.42 -91.76
N ASN GA 219 -26.21 -36.90 -92.92
CA ASN GA 219 -25.07 -36.25 -93.55
C ASN GA 219 -25.38 -34.86 -94.07
N ASP GA 220 -26.65 -34.50 -94.22
CA ASP GA 220 -27.00 -33.14 -94.62
C ASP GA 220 -27.32 -32.23 -93.45
N LYS GA 221 -27.80 -32.78 -92.35
CA LYS GA 221 -28.18 -31.99 -91.20
C LYS GA 221 -27.02 -31.80 -90.22
N PHE GA 222 -25.85 -32.37 -90.52
CA PHE GA 222 -24.67 -32.16 -89.70
C PHE GA 222 -24.33 -30.68 -89.60
N ASP GA 223 -24.33 -30.01 -90.74
CA ASP GA 223 -23.87 -28.65 -90.87
C ASP GA 223 -24.78 -27.67 -90.23
N GLU GA 224 -25.82 -28.16 -89.55
CA GLU GA 224 -26.64 -27.31 -88.69
C GLU GA 224 -26.82 -27.88 -87.29
N VAL GA 225 -26.63 -29.17 -87.08
CA VAL GA 225 -26.68 -29.70 -85.72
C VAL GA 225 -25.37 -29.48 -84.99
N ARG GA 226 -24.29 -29.16 -85.71
CA ARG GA 226 -23.05 -28.87 -85.01
C ARG GA 226 -23.11 -27.56 -84.24
N LYS GA 227 -24.22 -26.83 -84.31
CA LYS GA 227 -24.40 -25.62 -83.53
C LYS GA 227 -25.45 -25.77 -82.44
N LYS GA 228 -26.11 -26.93 -82.34
CA LYS GA 228 -27.20 -27.12 -81.41
C LYS GA 228 -26.69 -27.72 -80.10
N TRP GA 229 -26.95 -27.02 -79.01
CA TRP GA 229 -26.62 -27.49 -77.68
C TRP GA 229 -27.77 -28.29 -77.10
N GLY GA 230 -27.47 -29.51 -76.65
CA GLY GA 230 -28.42 -30.30 -75.90
C GLY GA 230 -28.36 -29.98 -74.43
N GLY GA 231 -29.15 -30.72 -73.65
CA GLY GA 231 -29.13 -30.58 -72.21
C GLY GA 231 -29.65 -29.25 -71.72
N GLY GA 232 -29.85 -29.15 -70.41
CA GLY GA 232 -30.47 -27.98 -69.83
C GLY GA 232 -31.93 -28.13 -69.51
N VAL GA 233 -32.50 -29.31 -69.73
CA VAL GA 233 -33.89 -29.56 -69.39
C VAL GA 233 -33.97 -29.86 -67.90
N MET GA 234 -34.58 -28.95 -67.14
CA MET GA 234 -34.58 -29.07 -65.70
C MET GA 234 -35.56 -30.14 -65.26
N GLY GA 235 -35.60 -30.40 -63.96
CA GLY GA 235 -36.43 -31.46 -63.43
C GLY GA 235 -37.90 -31.14 -63.55
N SER GA 236 -38.72 -32.17 -63.32
CA SER GA 236 -40.16 -32.00 -63.44
C SER GA 236 -40.67 -30.95 -62.46
N LYS GA 237 -40.20 -31.00 -61.22
CA LYS GA 237 -40.66 -30.04 -60.22
C LYS GA 237 -40.22 -28.63 -60.59
N SER GA 238 -38.96 -28.47 -61.01
CA SER GA 238 -38.48 -27.15 -61.39
C SER GA 238 -39.26 -26.60 -62.56
N GLN GA 239 -39.57 -27.44 -63.54
CA GLN GA 239 -40.40 -27.00 -64.65
C GLN GA 239 -41.79 -26.63 -64.18
N ALA GA 240 -42.32 -27.33 -63.19
CA ALA GA 240 -43.63 -26.96 -62.67
C ALA GA 240 -43.59 -25.58 -62.03
N LYS GA 241 -42.57 -25.29 -61.22
CA LYS GA 241 -42.46 -23.92 -60.68
C LYS GA 241 -42.21 -22.88 -61.75
N THR GA 242 -41.49 -23.23 -62.81
CA THR GA 242 -41.33 -22.28 -63.91
C THR GA 242 -42.68 -21.95 -64.53
N LYS GA 243 -43.41 -23.01 -64.93
CA LYS GA 243 -44.75 -22.83 -65.48
C LYS GA 243 -45.63 -22.02 -64.54
N ALA GA 244 -45.43 -22.16 -63.23
CA ALA GA 244 -46.13 -21.29 -62.29
C ALA GA 244 -45.66 -19.85 -62.42
N ARG GA 245 -44.36 -19.66 -62.65
CA ARG GA 245 -43.81 -18.31 -62.60
C ARG GA 245 -44.24 -17.49 -63.81
N GLU GA 246 -44.05 -18.02 -65.03
CA GLU GA 246 -44.43 -17.21 -66.19
C GLU GA 246 -45.92 -16.92 -66.26
N ARG GA 247 -46.79 -17.80 -65.73
CA ARG GA 247 -48.21 -17.42 -65.72
C ARG GA 247 -48.41 -16.16 -64.90
N LEU GA 248 -47.76 -16.07 -63.73
CA LEU GA 248 -47.85 -14.85 -62.95
C LEU GA 248 -47.20 -13.68 -63.69
N ILE GA 249 -46.14 -13.94 -64.45
CA ILE GA 249 -45.48 -12.87 -65.18
C ILE GA 249 -46.42 -12.28 -66.23
N ALA GA 250 -47.24 -13.12 -66.83
CA ALA GA 250 -48.25 -12.61 -67.76
C ALA GA 250 -49.29 -11.78 -67.02
N PRO HA 2 48.96 6.86 -31.64
CA PRO HA 2 48.18 5.63 -31.54
C PRO HA 2 48.54 4.86 -30.29
N ALA HA 3 47.57 4.13 -29.74
CA ALA HA 3 47.79 3.29 -28.56
C ALA HA 3 48.32 4.11 -27.37
N GLY HA 4 47.73 5.27 -27.15
CA GLY HA 4 47.91 6.01 -25.91
C GLY HA 4 48.80 7.24 -26.01
N HIS HA 5 49.60 7.38 -27.06
CA HIS HA 5 50.49 8.53 -27.16
C HIS HA 5 50.56 9.02 -28.60
N GLY HA 6 50.50 10.33 -28.77
CA GLY HA 6 50.76 10.93 -30.05
C GLY HA 6 52.24 11.11 -30.29
N LEU HA 7 52.58 11.53 -31.50
CA LEU HA 7 53.97 11.70 -31.88
C LEU HA 7 54.71 12.55 -30.86
N ARG HA 8 54.14 13.70 -30.52
CA ARG HA 8 54.85 14.70 -29.72
C ARG HA 8 54.37 14.70 -28.29
N SER HA 9 54.11 13.52 -27.74
CA SER HA 9 53.80 13.38 -26.33
C SER HA 9 55.03 13.64 -25.47
N ARG HA 10 54.79 14.01 -24.22
CA ARG HA 10 55.84 14.07 -23.21
C ARG HA 10 56.98 15.01 -23.58
N THR HA 11 56.77 15.92 -24.53
CA THR HA 11 57.81 16.83 -24.99
C THR HA 11 57.58 18.26 -24.55
N ARG HA 12 57.14 18.46 -23.31
CA ARG HA 12 56.96 19.83 -22.85
C ARG HA 12 58.29 20.57 -22.85
N ASP HA 13 59.32 19.95 -22.30
CA ASP HA 13 60.65 20.56 -22.25
C ASP HA 13 61.61 19.97 -23.26
N LEU HA 14 61.22 18.92 -23.98
CA LEU HA 14 62.12 18.35 -24.96
C LEU HA 14 62.23 19.24 -26.19
N PHE HA 15 61.11 19.73 -26.70
CA PHE HA 15 61.11 20.43 -27.97
C PHE HA 15 61.20 21.94 -27.83
N ALA HA 16 61.13 22.48 -26.62
CA ALA HA 16 61.19 23.92 -26.46
C ALA HA 16 62.56 24.46 -26.83
N ARG HA 17 62.57 25.67 -27.39
CA ARG HA 17 63.83 26.35 -27.64
C ARG HA 17 64.55 26.63 -26.33
N PRO HA 18 65.87 26.73 -26.37
CA PRO HA 18 66.59 27.21 -25.18
C PRO HA 18 66.19 28.65 -24.89
N PHE HA 19 66.37 29.02 -23.63
CA PHE HA 19 65.96 30.34 -23.17
C PHE HA 19 66.66 31.45 -23.95
N ARG HA 20 65.89 32.42 -24.40
CA ARG HA 20 66.32 33.55 -25.22
C ARG HA 20 66.93 33.12 -26.55
N LYS HA 21 66.72 31.89 -27.00
CA LYS HA 21 67.17 31.49 -28.33
C LYS HA 21 65.99 31.21 -29.25
N LYS HA 22 64.91 31.96 -29.06
CA LYS HA 22 63.68 31.80 -29.81
C LYS HA 22 63.66 32.78 -30.98
N GLY HA 23 62.91 32.43 -32.01
CA GLY HA 23 62.74 33.36 -33.11
C GLY HA 23 63.49 32.97 -34.37
N TYR HA 24 64.41 33.82 -34.82
CA TYR HA 24 65.08 33.60 -36.09
C TYR HA 24 66.08 32.46 -35.98
N ILE HA 25 66.23 31.73 -37.08
CA ILE HA 25 67.14 30.60 -37.18
C ILE HA 25 68.39 31.08 -37.91
N PRO HA 26 69.57 30.99 -37.31
CA PRO HA 26 70.78 31.49 -37.97
C PRO HA 26 71.05 30.75 -39.26
N LEU HA 27 71.68 31.45 -40.21
CA LEU HA 27 71.84 30.91 -41.56
C LEU HA 27 72.90 29.82 -41.66
N THR HA 28 73.76 29.67 -40.66
CA THR HA 28 74.73 28.58 -40.72
C THR HA 28 74.04 27.23 -40.73
N THR HA 29 72.92 27.10 -40.01
CA THR HA 29 72.19 25.84 -40.03
C THR HA 29 71.63 25.54 -41.41
N TYR HA 30 71.57 26.52 -42.28
CA TYR HA 30 71.11 26.30 -43.64
C TYR HA 30 72.26 26.19 -44.61
N LEU HA 31 73.44 26.69 -44.25
CA LEU HA 31 74.61 26.62 -45.11
C LEU HA 31 75.46 25.37 -44.92
N ARG HA 32 75.36 24.71 -43.77
CA ARG HA 32 76.15 23.51 -43.53
C ARG HA 32 75.71 22.40 -44.48
N THR HA 33 76.65 21.89 -45.27
CA THR HA 33 76.35 20.90 -46.31
C THR HA 33 76.66 19.50 -45.81
N TYR HA 34 75.82 18.56 -46.19
CA TYR HA 34 75.91 17.19 -45.66
C TYR HA 34 76.21 16.23 -46.80
N LYS HA 35 77.22 15.41 -46.59
CA LYS HA 35 77.67 14.43 -47.57
C LYS HA 35 77.41 13.04 -47.03
N VAL HA 36 77.01 12.12 -47.90
CA VAL HA 36 76.60 10.79 -47.48
C VAL HA 36 77.75 10.10 -46.75
N GLY HA 37 77.55 9.82 -45.47
CA GLY HA 37 78.56 9.20 -44.65
C GLY HA 37 78.93 10.02 -43.43
N GLU HA 38 78.73 11.33 -43.53
CA GLU HA 38 79.07 12.21 -42.42
C GLU HA 38 78.16 11.92 -41.23
N HIS HA 39 78.66 12.18 -40.05
CA HIS HA 39 77.92 11.94 -38.81
C HIS HA 39 77.20 13.22 -38.42
N VAL HA 40 75.89 13.13 -38.23
CA VAL HA 40 75.06 14.25 -37.82
C VAL HA 40 74.35 13.87 -36.53
N ASP HA 41 74.26 14.84 -35.61
CA ASP HA 41 73.50 14.68 -34.38
C ASP HA 41 72.12 15.29 -34.56
N VAL HA 42 71.10 14.48 -34.35
CA VAL HA 42 69.72 14.95 -34.48
C VAL HA 42 69.32 15.63 -33.18
N LYS HA 43 69.04 16.92 -33.25
CA LYS HA 43 68.36 17.62 -32.16
C LYS HA 43 67.26 18.46 -32.77
N VAL HA 44 66.02 18.18 -32.37
CA VAL HA 44 64.89 18.81 -33.01
C VAL HA 44 64.86 20.30 -32.71
N ASN HA 45 64.30 21.06 -33.64
CA ASN HA 45 64.01 22.47 -33.45
C ASN HA 45 62.51 22.61 -33.31
N GLY HA 46 62.09 23.32 -32.25
CA GLY HA 46 60.67 23.38 -31.96
C GLY HA 46 59.88 24.08 -33.04
N ALA HA 47 60.46 25.11 -33.64
CA ALA HA 47 59.69 26.00 -34.51
C ALA HA 47 59.38 25.35 -35.85
N VAL HA 48 60.33 24.63 -36.44
CA VAL HA 48 60.17 24.12 -37.79
C VAL HA 48 59.40 22.80 -37.68
N HIS HA 49 58.10 22.86 -37.90
CA HIS HA 49 57.20 21.74 -37.70
C HIS HA 49 57.14 20.80 -38.90
N LYS HA 50 57.76 21.14 -40.01
CA LYS HA 50 57.82 20.24 -41.14
C LYS HA 50 59.03 19.33 -40.97
N GLY HA 51 58.84 18.05 -41.28
CA GLY HA 51 59.97 17.15 -41.29
C GLY HA 51 60.58 16.83 -39.96
N MET HA 52 59.88 17.05 -38.86
CA MET HA 52 60.45 16.72 -37.56
C MET HA 52 60.59 15.20 -37.42
N PRO HA 53 61.63 14.73 -36.76
CA PRO HA 53 61.70 13.33 -36.38
C PRO HA 53 60.86 13.09 -35.14
N HIS HA 54 60.56 11.81 -34.89
CA HIS HA 54 59.89 11.48 -33.65
C HIS HA 54 60.79 11.84 -32.47
N LYS HA 55 60.17 11.98 -31.30
CA LYS HA 55 60.89 12.52 -30.15
C LYS HA 55 61.99 11.60 -29.64
N PHE HA 56 62.06 10.36 -30.12
CA PHE HA 56 63.13 9.49 -29.67
C PHE HA 56 64.46 9.87 -30.32
N TYR HA 57 64.42 10.28 -31.58
CA TYR HA 57 65.67 10.46 -32.31
C TYR HA 57 66.38 11.73 -31.89
N HIS HA 58 65.75 12.57 -31.08
CA HIS HA 58 66.43 13.74 -30.53
C HIS HA 58 67.61 13.32 -29.66
N GLY HA 59 68.72 13.99 -29.84
CA GLY HA 59 69.87 13.73 -28.98
C GLY HA 59 70.63 12.48 -29.32
N ARG HA 60 70.60 12.05 -30.57
CA ARG HA 60 71.31 10.87 -31.00
C ARG HA 60 72.18 11.23 -32.20
N THR HA 61 73.00 10.28 -32.63
CA THR HA 61 73.98 10.53 -33.67
C THR HA 61 73.84 9.45 -34.72
N GLY HA 62 74.01 9.82 -35.99
CA GLY HA 62 73.96 8.80 -37.02
C GLY HA 62 74.66 9.26 -38.26
N ARG HA 63 74.92 8.31 -39.14
CA ARG HA 63 75.51 8.64 -40.43
C ARG HA 63 74.42 8.99 -41.41
N VAL HA 64 74.65 10.03 -42.20
CA VAL HA 64 73.75 10.36 -43.30
C VAL HA 64 73.79 9.24 -44.30
N TRP HA 65 72.64 8.96 -44.92
CA TRP HA 65 72.55 7.95 -45.96
C TRP HA 65 71.86 8.44 -47.22
N ASN HA 66 71.21 9.60 -47.18
CA ASN HA 66 70.49 10.15 -48.31
C ASN HA 66 70.45 11.65 -48.12
N VAL HA 67 70.79 12.41 -49.15
CA VAL HA 67 70.75 13.86 -49.09
C VAL HA 67 69.82 14.32 -50.20
N THR HA 68 68.74 14.98 -49.83
CA THR HA 68 67.78 15.48 -50.80
C THR HA 68 67.58 16.96 -50.62
N LYS HA 69 66.83 17.56 -51.53
CA LYS HA 69 66.52 18.97 -51.44
C LYS HA 69 65.72 19.24 -50.18
N ARG HA 70 66.32 19.97 -49.25
CA ARG HA 70 65.76 20.42 -47.98
C ARG HA 70 65.78 19.32 -46.92
N ALA HA 71 66.11 18.08 -47.27
CA ALA HA 71 65.96 16.96 -46.36
C ALA HA 71 67.19 16.08 -46.36
N ILE HA 72 67.58 15.66 -45.17
CA ILE HA 72 68.72 14.77 -44.95
C ILE HA 72 68.19 13.41 -44.54
N GLY HA 73 68.75 12.36 -45.14
CA GLY HA 73 68.44 11.03 -44.69
C GLY HA 73 69.41 10.61 -43.62
N VAL HA 74 68.96 10.63 -42.39
CA VAL HA 74 69.77 10.24 -41.24
C VAL HA 74 69.47 8.78 -40.95
N GLU HA 75 70.44 8.09 -40.37
CA GLU HA 75 70.40 6.64 -40.21
C GLU HA 75 70.95 6.29 -38.83
N ILE HA 76 70.08 5.98 -37.88
CA ILE HA 76 70.56 5.76 -36.52
C ILE HA 76 70.00 4.46 -35.97
N ASN HA 77 70.67 3.96 -34.94
CA ASN HA 77 70.40 2.66 -34.37
C ASN HA 77 69.41 2.78 -33.22
N LYS HA 78 68.34 2.02 -33.28
CA LYS HA 78 67.34 1.99 -32.22
C LYS HA 78 67.30 0.60 -31.61
N GLN HA 79 67.39 0.52 -30.29
CA GLN HA 79 67.42 -0.76 -29.60
C GLN HA 79 66.01 -1.10 -29.17
N VAL HA 80 65.44 -2.12 -29.78
CA VAL HA 80 64.13 -2.62 -29.39
C VAL HA 80 64.22 -4.14 -29.27
N GLY HA 81 63.72 -4.67 -28.17
CA GLY HA 81 63.80 -6.10 -27.94
C GLY HA 81 65.22 -6.53 -27.72
N ASN HA 82 65.64 -7.55 -28.46
CA ASN HA 82 66.98 -8.10 -28.33
C ASN HA 82 67.76 -7.90 -29.61
N ARG HA 83 67.64 -6.73 -30.22
CA ARG HA 83 68.26 -6.47 -31.51
C ARG HA 83 68.29 -4.97 -31.74
N ILE HA 84 69.04 -4.57 -32.76
CA ILE HA 84 69.22 -3.17 -33.13
C ILE HA 84 68.66 -2.99 -34.52
N ILE HA 85 67.79 -2.00 -34.68
CA ILE HA 85 67.25 -1.65 -35.98
C ILE HA 85 68.00 -0.44 -36.49
N LYS HA 86 68.52 -0.54 -37.71
CA LYS HA 86 68.99 0.66 -38.38
C LYS HA 86 67.81 1.45 -38.93
N LYS HA 87 67.24 2.33 -38.10
CA LYS HA 87 66.15 3.16 -38.57
C LYS HA 87 66.67 4.22 -39.52
N ARG HA 88 66.03 4.34 -40.67
CA ARG HA 88 66.40 5.31 -41.69
C ARG HA 88 65.30 6.34 -41.78
N ILE HA 89 65.56 7.54 -41.28
CA ILE HA 89 64.57 8.60 -41.21
C ILE HA 89 65.04 9.78 -42.03
N HIS HA 90 64.11 10.65 -42.41
CA HIS HA 90 64.45 11.91 -43.07
C HIS HA 90 64.07 13.07 -42.16
N VAL HA 91 64.99 14.00 -41.99
CA VAL HA 91 64.79 15.18 -41.18
C VAL HA 91 65.22 16.39 -41.97
N ARG HA 92 64.57 17.52 -41.74
CA ARG HA 92 65.06 18.72 -42.38
C ARG HA 92 66.33 19.22 -41.71
N VAL HA 93 67.10 19.97 -42.49
CA VAL HA 93 68.40 20.46 -42.05
C VAL HA 93 68.28 21.26 -40.77
N GLU HA 94 67.11 21.81 -40.47
CA GLU HA 94 66.94 22.60 -39.25
C GLU HA 94 67.21 21.76 -38.03
N HIS HA 95 66.95 20.46 -38.11
CA HIS HA 95 66.93 19.58 -36.94
C HIS HA 95 68.23 18.83 -36.73
N VAL HA 96 69.17 18.92 -37.66
CA VAL HA 96 70.43 18.19 -37.55
C VAL HA 96 71.59 19.16 -37.66
N GLN HA 97 72.70 18.77 -37.05
CA GLN HA 97 73.95 19.49 -37.11
C GLN HA 97 75.07 18.49 -37.35
N PRO HA 98 76.18 18.92 -37.92
CA PRO HA 98 77.32 18.00 -38.05
C PRO HA 98 77.82 17.55 -36.69
N SER HA 99 78.22 16.28 -36.61
CA SER HA 99 78.74 15.70 -35.38
C SER HA 99 80.24 15.96 -35.31
N ARG HA 100 80.70 16.34 -34.13
CA ARG HA 100 82.12 16.50 -33.91
C ARG HA 100 82.71 15.30 -33.18
N CYS HA 101 82.04 14.16 -33.20
CA CYS HA 101 82.65 12.96 -32.65
C CYS HA 101 83.90 12.59 -33.43
N ASN HA 102 83.86 12.72 -34.75
CA ASN HA 102 84.96 12.31 -35.62
C ASN HA 102 85.93 13.41 -35.97
N GLU HA 103 85.78 14.62 -35.44
CA GLU HA 103 86.75 15.66 -35.78
C GLU HA 103 88.13 15.29 -35.25
N GLU HA 104 88.19 14.79 -34.01
CA GLU HA 104 89.48 14.48 -33.43
C GLU HA 104 90.05 13.21 -34.05
N PHE HA 105 89.19 12.26 -34.39
CA PHE HA 105 89.66 11.09 -35.12
C PHE HA 105 90.25 11.46 -36.47
N LEU HA 106 89.57 12.31 -37.24
CA LEU HA 106 90.12 12.68 -38.55
C LEU HA 106 91.45 13.41 -38.38
N GLN HA 107 91.53 14.32 -37.41
CA GLN HA 107 92.78 15.03 -37.18
C GLN HA 107 93.89 14.07 -36.79
N ARG HA 108 93.59 13.10 -35.93
CA ARG HA 108 94.56 12.12 -35.51
C ARG HA 108 94.90 11.14 -36.62
N LYS HA 109 93.96 10.91 -37.55
CA LYS HA 109 94.24 10.17 -38.78
C LYS HA 109 95.38 10.80 -39.55
N LEU HA 110 95.21 12.08 -39.92
CA LEU HA 110 96.25 12.72 -40.74
C LEU HA 110 97.54 12.90 -39.95
N ASN HA 111 97.45 13.19 -38.65
CA ASN HA 111 98.64 13.31 -37.83
C ASN HA 111 99.41 12.00 -37.78
N ASN HA 112 98.71 10.88 -37.59
CA ASN HA 112 99.38 9.59 -37.61
C ASN HA 112 100.03 9.33 -38.96
N ASP HA 113 99.34 9.68 -40.05
CA ASP HA 113 99.91 9.37 -41.37
C ASP HA 113 101.19 10.15 -41.62
N LYS HA 114 101.26 11.43 -41.23
CA LYS HA 114 102.52 12.12 -41.44
C LYS HA 114 103.63 11.51 -40.60
N LEU HA 115 103.33 11.13 -39.36
CA LEU HA 115 104.35 10.54 -38.50
C LEU HA 115 104.83 9.21 -39.03
N LYS HA 116 103.93 8.37 -39.55
CA LYS HA 116 104.40 7.10 -40.07
C LYS HA 116 105.18 7.28 -41.36
N ALA HA 117 104.85 8.28 -42.17
CA ALA HA 117 105.70 8.56 -43.33
C ALA HA 117 107.09 9.02 -42.88
N GLU HA 118 107.15 9.89 -41.88
CA GLU HA 118 108.43 10.38 -41.36
C GLU HA 118 109.26 9.24 -40.78
N ALA HA 119 108.61 8.34 -40.04
CA ALA HA 119 109.30 7.17 -39.51
C ALA HA 119 109.76 6.25 -40.63
N LYS HA 120 108.97 6.12 -41.69
CA LYS HA 120 109.41 5.35 -42.85
C LYS HA 120 110.69 5.93 -43.42
N VAL HA 121 110.78 7.27 -43.47
CA VAL HA 121 112.00 7.90 -43.95
C VAL HA 121 113.16 7.61 -43.02
N ARG HA 122 112.98 7.84 -41.72
CA ARG HA 122 114.05 7.63 -40.75
C ARG HA 122 114.00 6.17 -40.29
N GLY HA 123 114.64 5.87 -39.16
CA GLY HA 123 114.56 4.55 -38.56
C GLY HA 123 113.14 4.06 -38.44
N GLU HA 124 112.84 2.99 -39.17
CA GLU HA 124 111.48 2.61 -39.52
C GLU HA 124 110.74 1.85 -38.41
N VAL HA 125 110.75 2.39 -37.20
CA VAL HA 125 109.99 1.85 -36.09
C VAL HA 125 109.27 3.01 -35.40
N ILE HA 126 107.96 2.84 -35.15
CA ILE HA 126 107.16 3.85 -34.47
C ILE HA 126 105.96 3.16 -33.84
N SER HA 127 105.34 3.85 -32.88
CA SER HA 127 104.15 3.35 -32.19
C SER HA 127 103.14 4.50 -32.14
N THR HA 128 102.16 4.48 -33.04
CA THR HA 128 101.18 5.55 -33.14
C THR HA 128 99.93 5.12 -32.38
N LYS HA 129 99.98 5.30 -31.06
CA LYS HA 129 98.86 4.94 -30.21
C LYS HA 129 98.82 5.89 -29.03
N ARG HA 130 97.61 6.19 -28.57
CA ARG HA 130 97.42 6.91 -27.33
C ARG HA 130 97.38 5.91 -26.18
N GLN HA 131 98.21 6.13 -25.21
CA GLN HA 131 98.00 5.28 -24.07
C GLN HA 131 97.19 6.04 -23.04
N PRO HA 132 96.29 5.37 -22.33
CA PRO HA 132 95.52 6.06 -21.30
C PRO HA 132 96.46 6.62 -20.23
N ALA HA 133 95.94 7.58 -19.45
CA ALA HA 133 96.74 8.20 -18.41
C ALA HA 133 97.34 7.14 -17.50
N GLY HA 134 98.66 7.00 -17.53
CA GLY HA 134 99.33 5.95 -16.79
C GLY HA 134 100.01 6.44 -15.53
N PRO HA 135 100.80 5.57 -14.91
CA PRO HA 135 101.52 5.95 -13.70
C PRO HA 135 102.42 7.15 -13.93
N LYS HA 136 102.49 7.98 -12.97
CA LYS HA 136 103.40 9.08 -13.18
C LYS HA 136 104.81 8.71 -12.71
N PRO HA 137 105.84 9.23 -13.37
CA PRO HA 137 107.21 8.97 -12.91
C PRO HA 137 107.53 9.74 -11.65
N GLY HA 138 108.54 9.24 -10.93
CA GLY HA 138 108.96 9.89 -9.71
C GLY HA 138 109.77 11.14 -9.98
N PHE HA 139 109.84 12.00 -8.97
CA PHE HA 139 110.49 13.29 -9.12
C PHE HA 139 110.66 13.94 -7.77
N MET HA 140 111.52 14.95 -7.74
CA MET HA 140 111.83 15.66 -6.51
C MET HA 140 110.95 16.89 -6.38
N VAL HA 141 110.56 17.21 -5.16
CA VAL HA 141 109.81 18.41 -4.84
C VAL HA 141 110.67 19.25 -3.91
N GLU HA 142 110.95 20.48 -4.33
CA GLU HA 142 111.78 21.36 -3.52
C GLU HA 142 110.96 21.90 -2.36
N GLY HA 143 111.41 21.64 -1.14
CA GLY HA 143 110.63 21.99 0.04
C GLY HA 143 110.31 23.46 0.14
N THR HA 144 109.02 23.77 0.18
CA THR HA 144 108.51 25.13 0.24
C THR HA 144 107.88 25.36 1.62
N THR HA 145 107.31 26.55 1.79
CA THR HA 145 106.51 26.81 2.98
C THR HA 145 105.35 25.83 3.00
N ILE HA 146 105.20 25.12 4.12
CA ILE HA 146 104.19 24.09 4.24
C ILE HA 146 103.09 24.57 5.19
N GLU HA 147 101.85 24.46 4.72
CA GLU HA 147 100.69 24.94 5.45
C GLU HA 147 100.11 23.81 6.27
N THR HA 148 100.15 23.93 7.60
CA THR HA 148 99.62 22.89 8.46
C THR HA 148 98.11 23.07 8.63
N VAL HA 149 97.36 22.00 8.41
CA VAL HA 149 95.91 22.03 8.48
C VAL HA 149 95.44 20.96 9.47
N THR HA 150 94.43 21.29 10.25
CA THR HA 150 93.92 20.42 11.31
C THR HA 150 92.40 20.43 11.30
N PRO HA 151 91.78 19.40 11.85
CA PRO HA 151 90.32 19.43 12.01
C PRO HA 151 89.88 20.59 12.89
N ILE HA 152 88.69 21.10 12.60
CA ILE HA 152 88.20 22.32 13.23
C ILE HA 152 87.23 21.98 14.35
N PRO HA 153 87.25 22.71 15.47
CA PRO HA 153 86.29 22.46 16.54
C PRO HA 153 84.88 22.80 16.07
N TYR HA 154 83.90 22.13 16.67
CA TYR HA 154 82.53 22.27 16.22
C TYR HA 154 81.93 23.55 16.79
N ASP HA 155 81.51 24.46 15.92
CA ASP HA 155 80.73 25.62 16.33
C ASP HA 155 79.27 25.33 16.02
N VAL HA 156 78.43 25.33 17.06
CA VAL HA 156 77.01 25.03 16.85
C VAL HA 156 76.33 26.11 16.03
N VAL HA 157 76.92 27.29 15.95
CA VAL HA 157 76.37 28.38 15.16
C VAL HA 157 76.47 28.08 13.68
N VAL IA 2 -87.54 -44.45 -15.62
CA VAL IA 2 -87.80 -45.73 -16.24
C VAL IA 2 -86.70 -46.71 -15.86
N LYS IA 3 -87.06 -47.98 -15.75
CA LYS IA 3 -86.10 -49.03 -15.42
C LYS IA 3 -85.58 -49.64 -16.71
N PHE IA 4 -84.26 -49.79 -16.79
CA PHE IA 4 -83.58 -50.28 -17.99
C PHE IA 4 -82.95 -51.65 -17.81
N LEU IA 5 -83.14 -52.27 -16.65
CA LEU IA 5 -82.63 -53.61 -16.38
C LEU IA 5 -83.84 -54.54 -16.32
N LYS IA 6 -84.24 -55.01 -17.48
CA LYS IA 6 -85.38 -55.89 -17.69
C LYS IA 6 -84.93 -57.02 -18.61
N PRO IA 7 -85.56 -58.19 -18.52
CA PRO IA 7 -85.13 -59.30 -19.36
C PRO IA 7 -85.21 -58.93 -20.83
N GLY IA 8 -84.18 -59.32 -21.58
CA GLY IA 8 -84.11 -59.07 -23.01
C GLY IA 8 -83.09 -58.02 -23.40
N LYS IA 9 -82.58 -57.24 -22.45
CA LYS IA 9 -81.61 -56.20 -22.76
C LYS IA 9 -80.20 -56.76 -22.78
N ALA IA 10 -79.40 -56.23 -23.72
CA ALA IA 10 -78.00 -56.58 -23.80
C ALA IA 10 -77.23 -55.88 -22.70
N VAL IA 11 -76.26 -56.59 -22.13
CA VAL IA 11 -75.46 -56.15 -21.00
C VAL IA 11 -74.06 -56.68 -21.17
N ILE IA 12 -73.07 -55.82 -21.00
CA ILE IA 12 -71.67 -56.26 -21.04
C ILE IA 12 -71.25 -56.62 -19.63
N LEU IA 13 -70.87 -57.88 -19.40
CA LEU IA 13 -70.31 -58.22 -18.11
C LEU IA 13 -69.06 -57.41 -17.88
N LEU IA 14 -68.92 -56.90 -16.68
CA LEU IA 14 -67.92 -55.89 -16.43
C LEU IA 14 -66.75 -56.42 -15.61
N GLN IA 15 -66.88 -57.59 -14.99
CA GLN IA 15 -65.83 -58.01 -14.07
C GLN IA 15 -65.90 -59.50 -13.73
N GLY IA 16 -64.80 -60.22 -13.99
CA GLY IA 16 -64.59 -61.57 -13.52
C GLY IA 16 -64.79 -62.71 -14.52
N ARG IA 17 -63.69 -63.12 -15.13
CA ARG IA 17 -63.50 -64.31 -15.95
C ARG IA 17 -64.36 -64.23 -17.22
N PHE IA 18 -65.26 -63.26 -17.28
CA PHE IA 18 -65.99 -62.97 -18.50
C PHE IA 18 -66.12 -61.48 -18.74
N ALA IA 19 -65.34 -60.66 -18.04
CA ALA IA 19 -65.38 -59.24 -18.28
C ALA IA 19 -65.09 -58.95 -19.74
N GLY IA 20 -65.89 -58.07 -20.33
CA GLY IA 20 -65.78 -57.76 -21.73
C GLY IA 20 -66.68 -58.57 -22.63
N ARG IA 21 -67.18 -59.71 -22.15
CA ARG IA 21 -68.18 -60.44 -22.90
C ARG IA 21 -69.53 -59.75 -22.85
N LYS IA 22 -70.29 -59.91 -23.94
CA LYS IA 22 -71.63 -59.41 -24.05
C LYS IA 22 -72.62 -60.48 -23.63
N ALA IA 23 -73.84 -60.06 -23.31
CA ALA IA 23 -74.80 -61.00 -22.77
C ALA IA 23 -76.19 -60.38 -22.85
N VAL IA 24 -77.19 -61.17 -22.50
CA VAL IA 24 -78.57 -60.73 -22.43
C VAL IA 24 -79.12 -61.10 -21.06
N ILE IA 25 -79.83 -60.17 -20.44
CA ILE IA 25 -80.43 -60.44 -19.13
C ILE IA 25 -81.60 -61.39 -19.32
N VAL IA 26 -81.59 -62.50 -18.59
CA VAL IA 26 -82.69 -63.46 -18.71
C VAL IA 26 -83.81 -63.15 -17.74
N ARG IA 27 -83.48 -62.93 -16.47
CA ARG IA 27 -84.49 -62.52 -15.49
C ARG IA 27 -83.77 -61.81 -14.35
N VAL IA 28 -84.46 -60.85 -13.76
CA VAL IA 28 -83.86 -59.90 -12.83
C VAL IA 28 -84.35 -60.18 -11.43
N PHE IA 29 -83.43 -60.35 -10.50
CA PHE IA 29 -83.76 -60.54 -9.10
C PHE IA 29 -83.63 -59.21 -8.36
N GLU IA 30 -84.54 -58.30 -8.70
CA GLU IA 30 -84.41 -56.90 -8.29
C GLU IA 30 -84.41 -56.76 -6.77
N GLU IA 31 -85.32 -57.45 -6.09
CA GLU IA 31 -85.49 -57.29 -4.64
C GLU IA 31 -84.67 -58.33 -3.86
N GLY IA 32 -83.39 -58.44 -4.19
CA GLY IA 32 -82.51 -59.42 -3.57
C GLY IA 32 -83.05 -60.83 -3.62
N THR IA 33 -82.46 -61.74 -2.86
CA THR IA 33 -82.99 -63.08 -2.68
C THR IA 33 -82.77 -63.50 -1.23
N ARG IA 34 -83.00 -64.78 -0.97
CA ARG IA 34 -82.84 -65.33 0.37
C ARG IA 34 -81.40 -65.19 0.83
N ASP IA 35 -80.44 -65.54 -0.03
CA ASP IA 35 -79.04 -65.62 0.34
C ASP IA 35 -78.15 -64.70 -0.50
N ARG IA 36 -78.76 -63.74 -1.20
CA ARG IA 36 -78.00 -62.73 -1.95
C ARG IA 36 -78.73 -61.40 -1.75
N PRO IA 37 -78.57 -60.77 -0.58
CA PRO IA 37 -79.36 -59.58 -0.27
C PRO IA 37 -79.04 -58.40 -1.17
N TYR IA 38 -77.89 -58.41 -1.83
CA TYR IA 38 -77.64 -57.44 -2.89
C TYR IA 38 -78.51 -57.72 -4.10
N GLY IA 39 -78.79 -56.67 -4.86
CA GLY IA 39 -79.51 -56.85 -6.10
C GLY IA 39 -78.63 -57.53 -7.13
N HIS IA 40 -79.23 -58.46 -7.87
CA HIS IA 40 -78.50 -59.20 -8.88
C HIS IA 40 -79.48 -59.65 -9.95
N CYS IA 41 -78.99 -60.35 -10.96
CA CYS IA 41 -79.84 -60.75 -12.06
C CYS IA 41 -79.15 -61.84 -12.87
N LEU IA 42 -79.93 -62.83 -13.30
CA LEU IA 42 -79.39 -63.90 -14.10
C LEU IA 42 -79.16 -63.41 -15.53
N VAL IA 43 -78.05 -63.85 -16.12
CA VAL IA 43 -77.67 -63.34 -17.43
C VAL IA 43 -77.07 -64.50 -18.22
N ALA IA 44 -77.29 -64.47 -19.53
CA ALA IA 44 -76.77 -65.50 -20.43
C ALA IA 44 -75.96 -64.81 -21.52
N GLY IA 45 -74.68 -65.15 -21.59
CA GLY IA 45 -73.82 -64.52 -22.56
C GLY IA 45 -73.00 -65.46 -23.42
N LEU IA 46 -71.94 -64.92 -24.02
CA LEU IA 46 -71.13 -65.61 -25.00
C LEU IA 46 -69.70 -65.70 -24.50
N ALA IA 47 -69.28 -66.89 -24.07
CA ALA IA 47 -67.89 -67.07 -23.69
C ALA IA 47 -66.98 -67.03 -24.91
N LYS IA 48 -67.41 -67.63 -26.02
CA LYS IA 48 -66.63 -67.67 -27.24
C LYS IA 48 -67.46 -67.07 -28.36
N TYR IA 49 -67.04 -65.92 -28.86
CA TYR IA 49 -67.77 -65.23 -29.88
C TYR IA 49 -67.67 -65.99 -31.20
N PRO IA 50 -68.60 -65.76 -32.12
CA PRO IA 50 -68.43 -66.29 -33.47
C PRO IA 50 -67.24 -65.63 -34.16
N LYS IA 51 -66.46 -66.45 -34.86
CA LYS IA 51 -65.40 -65.91 -35.69
C LYS IA 51 -66.00 -65.19 -36.89
N LYS IA 52 -65.17 -64.36 -37.53
CA LYS IA 52 -65.64 -63.64 -38.72
C LYS IA 52 -66.02 -64.62 -39.82
N VAL IA 53 -67.17 -64.41 -40.41
CA VAL IA 53 -67.57 -65.13 -41.61
C VAL IA 53 -67.36 -64.21 -42.81
N ILE IA 54 -66.77 -64.77 -43.87
CA ILE IA 54 -66.59 -64.06 -45.14
C ILE IA 54 -66.96 -65.03 -46.25
N ARG IA 55 -67.13 -64.48 -47.45
CA ARG IA 55 -67.59 -65.28 -48.57
C ARG IA 55 -66.53 -66.26 -49.05
N LYS IA 56 -65.25 -65.97 -48.82
CA LYS IA 56 -64.19 -66.76 -49.44
C LYS IA 56 -64.16 -68.18 -48.91
N ASP IA 57 -64.35 -68.38 -47.62
CA ASP IA 57 -64.27 -69.71 -47.03
C ASP IA 57 -65.46 -70.56 -47.42
N SER IA 58 -65.24 -71.88 -47.46
CA SER IA 58 -66.27 -72.80 -47.86
C SER IA 58 -67.33 -72.94 -46.77
N ALA IA 59 -68.41 -73.64 -47.12
CA ALA IA 59 -69.53 -73.78 -46.19
C ALA IA 59 -69.12 -74.47 -44.92
N LYS IA 60 -68.25 -75.48 -45.01
CA LYS IA 60 -67.83 -76.19 -43.82
C LYS IA 60 -67.08 -75.28 -42.87
N LYS IA 61 -66.20 -74.41 -43.40
CA LYS IA 61 -65.50 -73.48 -42.52
C LYS IA 61 -66.39 -72.36 -42.03
N THR IA 62 -67.38 -71.92 -42.80
CA THR IA 62 -68.32 -70.94 -42.26
C THR IA 62 -69.12 -71.54 -41.10
N ALA IA 63 -69.58 -72.77 -41.24
CA ALA IA 63 -70.27 -73.45 -40.15
C ALA IA 63 -69.34 -73.63 -38.96
N LYS IA 64 -68.06 -73.93 -39.24
CA LYS IA 64 -67.06 -74.05 -38.20
C LYS IA 64 -66.91 -72.74 -37.44
N LYS IA 65 -66.87 -71.62 -38.17
CA LYS IA 65 -66.55 -70.32 -37.62
C LYS IA 65 -67.73 -69.66 -36.95
N SER IA 66 -68.95 -70.11 -37.25
CA SER IA 66 -70.14 -69.43 -36.80
C SER IA 66 -70.72 -69.99 -35.51
N ARG IA 67 -70.00 -70.84 -34.80
CA ARG IA 67 -70.57 -71.41 -33.59
C ARG IA 67 -70.19 -70.58 -32.37
N VAL IA 68 -70.98 -70.75 -31.31
CA VAL IA 68 -70.98 -69.90 -30.14
C VAL IA 68 -70.82 -70.78 -28.91
N LYS IA 69 -70.33 -70.20 -27.82
CA LYS IA 69 -70.32 -70.86 -26.52
C LYS IA 69 -70.99 -69.93 -25.52
N CYS IA 70 -72.04 -70.42 -24.86
CA CYS IA 70 -72.89 -69.61 -24.01
C CYS IA 70 -72.58 -69.90 -22.54
N PHE IA 71 -72.83 -68.91 -21.69
CA PHE IA 71 -72.59 -69.11 -20.26
C PHE IA 71 -73.70 -68.44 -19.46
N LEU IA 72 -74.13 -69.10 -18.40
CA LEU IA 72 -75.13 -68.58 -17.48
C LEU IA 72 -74.43 -68.10 -16.21
N LYS IA 73 -74.80 -66.92 -15.74
CA LYS IA 73 -74.15 -66.37 -14.56
C LYS IA 73 -75.11 -65.48 -13.82
N LEU IA 74 -75.11 -65.58 -12.50
CA LEU IA 74 -75.80 -64.61 -11.66
C LEU IA 74 -74.80 -63.49 -11.37
N VAL IA 75 -75.16 -62.27 -11.77
CA VAL IA 75 -74.26 -61.13 -11.66
C VAL IA 75 -74.89 -60.07 -10.78
N ASN IA 76 -74.08 -59.50 -9.90
CA ASN IA 76 -74.46 -58.28 -9.21
C ASN IA 76 -74.59 -57.14 -10.22
N PHE IA 77 -75.59 -56.28 -10.02
CA PHE IA 77 -75.76 -55.16 -10.93
C PHE IA 77 -74.52 -54.29 -11.01
N THR IA 78 -73.81 -54.16 -9.89
CA THR IA 78 -72.59 -53.37 -9.88
C THR IA 78 -71.55 -53.95 -10.83
N HIS IA 79 -71.66 -55.23 -11.18
CA HIS IA 79 -70.69 -55.90 -12.02
C HIS IA 79 -71.14 -55.99 -13.46
N ILE IA 80 -72.26 -55.38 -13.81
CA ILE IA 80 -72.71 -55.33 -15.20
C ILE IA 80 -72.93 -53.88 -15.57
N MET IA 81 -72.40 -53.48 -16.71
CA MET IA 81 -72.55 -52.12 -17.19
C MET IA 81 -73.49 -52.17 -18.38
N PRO IA 82 -74.75 -51.80 -18.21
CA PRO IA 82 -75.78 -52.16 -19.20
C PRO IA 82 -75.89 -51.15 -20.32
N THR IA 83 -76.65 -51.52 -21.33
CA THR IA 83 -76.62 -50.87 -22.62
C THR IA 83 -78.04 -50.77 -23.17
N ARG IA 84 -78.22 -49.89 -24.15
CA ARG IA 84 -79.53 -49.73 -24.77
C ARG IA 84 -79.94 -50.94 -25.61
N TYR IA 85 -79.00 -51.60 -26.30
CA TYR IA 85 -79.38 -52.63 -27.26
C TYR IA 85 -80.17 -53.76 -26.61
N THR IA 86 -80.81 -54.55 -27.46
CA THR IA 86 -81.71 -55.61 -27.03
C THR IA 86 -81.53 -56.84 -27.91
N LEU IA 87 -81.93 -57.98 -27.35
CA LEU IA 87 -82.05 -59.23 -28.08
C LEU IA 87 -83.51 -59.65 -28.01
N ASP IA 88 -84.15 -59.79 -29.18
CA ASP IA 88 -85.58 -60.04 -29.18
C ASP IA 88 -85.94 -61.48 -28.83
N VAL IA 89 -84.96 -62.35 -28.60
CA VAL IA 89 -85.27 -63.74 -28.27
C VAL IA 89 -85.69 -63.82 -26.81
N ASP IA 90 -87.01 -63.71 -26.58
CA ASP IA 90 -87.60 -64.00 -25.28
C ASP IA 90 -87.98 -65.47 -25.19
N PHE IA 91 -87.74 -66.24 -26.24
CA PHE IA 91 -88.11 -67.64 -26.25
C PHE IA 91 -87.21 -68.48 -25.39
N LYS IA 92 -86.34 -67.87 -24.59
CA LYS IA 92 -85.68 -68.57 -23.50
C LYS IA 92 -86.39 -68.32 -22.17
N ASP IA 93 -87.55 -67.67 -22.18
CA ASP IA 93 -88.27 -67.40 -20.94
C ASP IA 93 -88.59 -68.69 -20.22
N VAL IA 94 -89.16 -69.67 -20.93
CA VAL IA 94 -89.43 -70.97 -20.31
C VAL IA 94 -88.19 -71.85 -20.33
N ALA IA 95 -87.34 -71.68 -21.34
CA ALA IA 95 -86.16 -72.54 -21.47
C ALA IA 95 -85.23 -72.39 -20.27
N SER IA 96 -84.73 -71.18 -20.03
CA SER IA 96 -83.82 -70.91 -18.93
C SER IA 96 -84.52 -70.28 -17.73
N GLY IA 97 -85.86 -70.24 -17.72
CA GLY IA 97 -86.60 -69.65 -16.64
C GLY IA 97 -86.84 -70.60 -15.49
N GLY IA 98 -87.55 -70.09 -14.49
CA GLY IA 98 -87.78 -70.83 -13.26
C GLY IA 98 -86.57 -70.79 -12.35
N PRO IA 99 -86.79 -70.62 -11.05
CA PRO IA 99 -85.66 -70.68 -10.12
C PRO IA 99 -85.25 -72.11 -9.84
N ASP IA 100 -85.24 -72.94 -10.88
CA ASP IA 100 -84.86 -74.34 -10.76
C ASP IA 100 -83.96 -74.84 -11.89
N ALA IA 101 -83.95 -74.20 -13.05
CA ALA IA 101 -83.25 -74.71 -14.22
C ALA IA 101 -81.74 -74.48 -14.16
N LEU IA 102 -81.20 -74.09 -13.02
CA LEU IA 102 -79.79 -73.74 -12.94
C LEU IA 102 -79.10 -74.27 -11.68
N ALA IA 103 -79.82 -74.91 -10.76
CA ALA IA 103 -79.20 -75.40 -9.53
C ALA IA 103 -78.18 -76.51 -9.81
N THR IA 104 -78.52 -77.44 -10.71
CA THR IA 104 -77.73 -78.63 -10.96
C THR IA 104 -76.91 -78.48 -12.24
N ARG IA 105 -75.76 -79.15 -12.28
CA ARG IA 105 -74.85 -79.04 -13.41
C ARG IA 105 -75.44 -79.59 -14.70
N ASP IA 106 -76.03 -80.79 -14.65
CA ASP IA 106 -76.59 -81.36 -15.88
C ASP IA 106 -77.68 -80.45 -16.44
N LYS IA 107 -78.53 -79.93 -15.56
CA LYS IA 107 -79.57 -79.01 -15.98
C LYS IA 107 -78.97 -77.75 -16.60
N LYS IA 108 -77.93 -77.21 -15.96
CA LYS IA 108 -77.31 -75.99 -16.46
C LYS IA 108 -76.70 -76.20 -17.83
N VAL IA 109 -75.97 -77.30 -18.01
CA VAL IA 109 -75.32 -77.55 -19.29
C VAL IA 109 -76.35 -77.81 -20.38
N ALA IA 110 -77.46 -78.46 -20.05
CA ALA IA 110 -78.53 -78.61 -21.04
C ALA IA 110 -79.10 -77.26 -21.45
N SER IA 111 -79.32 -76.38 -20.47
CA SER IA 111 -79.83 -75.06 -20.80
C SER IA 111 -78.85 -74.33 -21.70
N CYS IA 112 -77.56 -74.45 -21.42
CA CYS IA 112 -76.56 -73.79 -22.25
C CYS IA 112 -76.54 -74.35 -23.66
N LYS IA 113 -76.76 -75.66 -23.82
CA LYS IA 113 -76.83 -76.24 -25.16
C LYS IA 113 -77.99 -75.64 -25.96
N ALA IA 114 -79.17 -75.57 -25.34
CA ALA IA 114 -80.31 -75.01 -26.05
C ALA IA 114 -80.12 -73.51 -26.33
N ALA IA 115 -79.54 -72.78 -25.38
CA ALA IA 115 -79.26 -71.37 -25.60
C ALA IA 115 -78.26 -71.19 -26.73
N LYS IA 116 -77.26 -72.06 -26.81
CA LYS IA 116 -76.37 -72.09 -27.97
C LYS IA 116 -77.15 -72.23 -29.26
N ALA IA 117 -78.06 -73.21 -29.32
CA ALA IA 117 -78.77 -73.44 -30.57
C ALA IA 117 -79.53 -72.19 -30.99
N ARG IA 118 -80.23 -71.56 -30.06
CA ARG IA 118 -81.06 -70.43 -30.47
C ARG IA 118 -80.23 -69.17 -30.74
N LEU IA 119 -79.15 -68.93 -29.98
CA LEU IA 119 -78.30 -67.80 -30.29
C LEU IA 119 -77.55 -68.01 -31.61
N GLU IA 120 -77.20 -69.24 -31.95
CA GLU IA 120 -76.63 -69.49 -33.27
C GLU IA 120 -77.65 -69.22 -34.36
N GLU IA 121 -78.92 -69.58 -34.12
CA GLU IA 121 -79.94 -69.23 -35.10
C GLU IA 121 -80.06 -67.73 -35.30
N ARG IA 122 -80.07 -66.98 -34.20
CA ARG IA 122 -80.17 -65.53 -34.36
C ARG IA 122 -78.91 -64.93 -34.98
N PHE IA 123 -77.74 -65.50 -34.72
CA PHE IA 123 -76.55 -65.06 -35.45
C PHE IA 123 -76.66 -65.37 -36.93
N LYS IA 124 -77.22 -66.52 -37.28
CA LYS IA 124 -77.46 -66.82 -38.69
C LYS IA 124 -78.37 -65.76 -39.31
N THR IA 125 -79.39 -65.31 -38.56
CA THR IA 125 -80.37 -64.41 -39.16
C THR IA 125 -79.73 -63.15 -39.70
N GLY IA 126 -78.58 -62.75 -39.15
CA GLY IA 126 -77.91 -61.55 -39.56
C GLY IA 126 -78.27 -60.32 -38.75
N LYS IA 127 -79.32 -60.38 -37.94
CA LYS IA 127 -79.67 -59.29 -37.05
C LYS IA 127 -78.75 -59.29 -35.84
N ASN IA 128 -78.78 -58.18 -35.09
CA ASN IA 128 -78.04 -58.03 -33.84
C ASN IA 128 -76.55 -58.28 -34.04
N ARG IA 129 -75.99 -57.68 -35.09
CA ARG IA 129 -74.57 -57.85 -35.35
C ARG IA 129 -73.71 -57.28 -34.24
N TRP IA 130 -74.19 -56.22 -33.58
CA TRP IA 130 -73.43 -55.67 -32.47
C TRP IA 130 -73.34 -56.66 -31.33
N PHE IA 131 -74.37 -57.46 -31.11
CA PHE IA 131 -74.33 -58.42 -30.02
C PHE IA 131 -73.30 -59.53 -30.27
N PHE IA 132 -72.89 -59.73 -31.51
CA PHE IA 132 -71.93 -60.79 -31.81
C PHE IA 132 -70.56 -60.29 -32.25
N THR IA 133 -70.37 -58.98 -32.38
CA THR IA 133 -69.02 -58.46 -32.54
C THR IA 133 -68.44 -58.17 -31.17
N LYS IA 134 -67.30 -58.76 -30.87
CA LYS IA 134 -66.76 -58.72 -29.52
C LYS IA 134 -66.28 -57.32 -29.17
N LEU IA 135 -66.46 -56.97 -27.89
CA LEU IA 135 -66.00 -55.69 -27.40
C LEU IA 135 -64.49 -55.63 -27.50
N ARG IA 136 -63.98 -54.68 -28.26
CA ARG IA 136 -62.58 -54.67 -28.64
C ARG IA 136 -61.87 -53.69 -27.70
N PHE IA 137 -61.49 -54.19 -26.53
CA PHE IA 137 -60.87 -53.38 -25.50
C PHE IA 137 -59.44 -53.80 -25.30
N GLY JA 2 5.84 -23.63 -20.82
CA GLY JA 2 4.51 -23.74 -20.27
C GLY JA 2 3.83 -25.02 -20.69
N ARG JA 3 2.72 -25.34 -20.05
CA ARG JA 3 2.00 -26.57 -20.32
C ARG JA 3 0.59 -26.25 -20.77
N VAL JA 4 -0.12 -27.30 -21.17
CA VAL JA 4 -1.48 -27.14 -21.69
C VAL JA 4 -2.40 -26.68 -20.57
N ILE JA 5 -3.29 -25.75 -20.90
CA ILE JA 5 -4.11 -25.08 -19.92
C ILE JA 5 -5.34 -25.94 -19.62
N ARG JA 6 -5.98 -25.68 -18.47
CA ARG JA 6 -7.20 -26.39 -18.15
C ARG JA 6 -8.25 -26.21 -19.24
N ALA JA 7 -8.29 -25.04 -19.87
CA ALA JA 7 -9.31 -24.79 -20.89
C ALA JA 7 -9.00 -25.53 -22.18
N GLN JA 8 -7.72 -25.74 -22.49
CA GLN JA 8 -7.40 -26.58 -23.64
C GLN JA 8 -7.63 -28.05 -23.35
N ARG JA 9 -7.42 -28.47 -22.11
CA ARG JA 9 -7.48 -29.90 -21.80
C ARG JA 9 -8.86 -30.48 -22.02
N LYS JA 10 -9.88 -29.63 -22.09
CA LYS JA 10 -11.26 -30.10 -22.20
C LYS JA 10 -11.61 -30.64 -23.57
N GLY JA 11 -10.76 -30.47 -24.57
CA GLY JA 11 -11.15 -30.93 -25.87
C GLY JA 11 -10.93 -32.40 -26.15
N ALA JA 12 -10.38 -33.13 -25.20
CA ALA JA 12 -10.13 -34.56 -25.38
C ALA JA 12 -11.28 -35.41 -24.85
N GLY JA 13 -11.90 -34.98 -23.76
CA GLY JA 13 -12.99 -35.73 -23.17
C GLY JA 13 -12.58 -36.72 -22.10
N SER JA 14 -11.28 -36.89 -21.85
CA SER JA 14 -10.81 -37.89 -20.91
C SER JA 14 -11.57 -37.83 -19.59
N VAL JA 15 -11.53 -36.68 -18.93
CA VAL JA 15 -12.27 -36.50 -17.68
C VAL JA 15 -13.30 -35.39 -17.80
N PHE JA 16 -13.60 -34.94 -19.01
CA PHE JA 16 -14.51 -33.82 -19.19
C PHE JA 16 -15.74 -34.18 -20.01
N LYS JA 17 -15.94 -35.47 -20.32
CA LYS JA 17 -17.16 -35.83 -21.03
C LYS JA 17 -18.38 -35.72 -20.12
N SER JA 18 -19.55 -35.65 -20.75
CA SER JA 18 -20.80 -35.49 -20.01
C SER JA 18 -21.16 -36.78 -19.30
N HIS JA 19 -21.61 -36.66 -18.07
CA HIS JA 19 -21.99 -37.82 -17.28
C HIS JA 19 -23.37 -38.25 -17.73
N THR JA 20 -23.42 -39.24 -18.62
CA THR JA 20 -24.64 -39.58 -19.34
C THR JA 20 -25.05 -41.03 -19.10
N HIS JA 21 -24.96 -41.49 -17.87
CA HIS JA 21 -25.31 -42.88 -17.62
C HIS JA 21 -26.78 -43.05 -17.24
N HIS JA 22 -27.30 -42.18 -16.39
CA HIS JA 22 -28.70 -42.26 -15.98
C HIS JA 22 -29.61 -41.31 -16.75
N ARG JA 23 -29.13 -40.67 -17.80
CA ARG JA 23 -30.03 -39.89 -18.62
C ARG JA 23 -30.95 -40.78 -19.44
N LYS JA 24 -32.14 -40.26 -19.73
CA LYS JA 24 -33.23 -41.04 -20.30
C LYS JA 24 -33.32 -40.95 -21.80
N GLY JA 25 -32.23 -40.59 -22.48
CA GLY JA 25 -32.25 -40.49 -23.92
C GLY JA 25 -32.49 -39.07 -24.36
N PRO JA 26 -32.43 -38.83 -25.66
CA PRO JA 26 -32.64 -37.47 -26.15
C PRO JA 26 -34.06 -37.01 -25.95
N ALA JA 27 -34.22 -35.73 -25.68
CA ALA JA 27 -35.53 -35.11 -25.55
C ALA JA 27 -35.80 -34.30 -26.80
N ARG JA 28 -36.76 -34.76 -27.60
CA ARG JA 28 -36.96 -34.20 -28.93
C ARG JA 28 -38.34 -34.57 -29.41
N PHE JA 29 -38.73 -33.97 -30.54
CA PHE JA 29 -40.06 -34.19 -31.09
C PHE JA 29 -40.16 -35.53 -31.79
N ARG JA 30 -41.24 -35.69 -32.53
CA ARG JA 30 -41.50 -36.81 -33.41
C ARG JA 30 -40.90 -36.56 -34.79
N SER JA 31 -40.63 -37.64 -35.50
CA SER JA 31 -40.21 -37.51 -36.89
C SER JA 31 -41.29 -36.84 -37.71
N LEU JA 32 -40.92 -35.80 -38.44
CA LEU JA 32 -41.91 -35.07 -39.23
C LEU JA 32 -42.31 -35.90 -40.44
N ASP JA 33 -43.61 -36.10 -40.61
CA ASP JA 33 -44.10 -37.01 -41.63
C ASP JA 33 -45.45 -36.53 -42.16
N PHE JA 34 -46.09 -37.39 -42.95
CA PHE JA 34 -47.35 -37.03 -43.60
C PHE JA 34 -48.42 -36.63 -42.59
N GLY JA 35 -48.64 -37.45 -41.58
CA GLY JA 35 -49.68 -37.14 -40.62
C GLY JA 35 -49.43 -35.84 -39.90
N GLU JA 36 -48.23 -35.68 -39.38
CA GLU JA 36 -47.86 -34.51 -38.61
C GLU JA 36 -47.74 -33.27 -39.48
N ARG JA 37 -47.75 -33.44 -40.80
CA ARG JA 37 -47.67 -32.30 -41.69
C ARG JA 37 -49.06 -31.86 -42.14
N ASN JA 38 -49.94 -32.80 -42.45
CA ASN JA 38 -51.22 -32.50 -43.07
C ASN JA 38 -52.42 -32.76 -42.17
N GLY JA 39 -52.21 -33.03 -40.88
CA GLY JA 39 -53.32 -33.30 -39.99
C GLY JA 39 -52.88 -33.26 -38.55
N TYR JA 40 -53.47 -34.10 -37.70
CA TYR JA 40 -53.04 -34.15 -36.33
C TYR JA 40 -52.97 -35.60 -35.85
N LEU JA 41 -52.14 -35.82 -34.85
CA LEU JA 41 -51.96 -37.12 -34.24
C LEU JA 41 -52.18 -36.98 -32.74
N LYS JA 42 -52.94 -37.90 -32.17
CA LYS JA 42 -53.22 -37.90 -30.74
C LYS JA 42 -52.19 -38.75 -30.04
N GLY JA 43 -51.51 -38.18 -29.07
CA GLY JA 43 -50.59 -38.92 -28.23
C GLY JA 43 -51.04 -38.78 -26.79
N VAL JA 44 -50.88 -39.84 -26.02
CA VAL JA 44 -51.25 -39.84 -24.62
C VAL JA 44 -49.99 -39.75 -23.80
N VAL JA 45 -49.96 -38.81 -22.87
CA VAL JA 45 -48.79 -38.63 -22.02
C VAL JA 45 -48.85 -39.66 -20.90
N THR JA 46 -47.83 -40.49 -20.80
CA THR JA 46 -47.86 -41.58 -19.83
C THR JA 46 -47.21 -41.24 -18.51
N ASP JA 47 -46.03 -40.62 -18.51
CA ASP JA 47 -45.45 -40.22 -17.24
C ASP JA 47 -44.48 -39.08 -17.48
N VAL JA 48 -44.41 -38.19 -16.48
CA VAL JA 48 -43.47 -37.09 -16.49
C VAL JA 48 -42.31 -37.47 -15.58
N ILE JA 49 -41.17 -37.75 -16.18
CA ILE JA 49 -40.01 -38.27 -15.47
C ILE JA 49 -39.01 -37.15 -15.27
N HIS JA 50 -38.23 -37.27 -14.20
CA HIS JA 50 -37.09 -36.37 -13.99
C HIS JA 50 -35.92 -36.91 -14.79
N ASP JA 51 -35.35 -36.08 -15.66
CA ASP JA 51 -34.18 -36.48 -16.41
C ASP JA 51 -32.94 -36.02 -15.67
N PRO JA 52 -32.08 -36.92 -15.20
CA PRO JA 52 -30.89 -36.50 -14.47
C PRO JA 52 -30.01 -35.59 -15.33
N GLY JA 53 -29.44 -34.57 -14.68
CA GLY JA 53 -28.55 -33.65 -15.34
C GLY JA 53 -29.21 -32.50 -16.06
N ARG JA 54 -30.53 -32.47 -16.13
CA ARG JA 54 -31.25 -31.42 -16.84
C ARG JA 54 -32.27 -30.80 -15.91
N GLY JA 55 -32.46 -29.48 -16.03
CA GLY JA 55 -33.35 -28.77 -15.15
C GLY JA 55 -34.83 -29.03 -15.38
N ALA JA 56 -35.20 -29.49 -16.58
CA ALA JA 56 -36.62 -29.59 -16.90
C ALA JA 56 -37.12 -31.03 -16.78
N PRO JA 57 -38.38 -31.20 -16.41
CA PRO JA 57 -38.99 -32.53 -16.49
C PRO JA 57 -39.19 -32.92 -17.95
N LEU JA 58 -39.33 -34.22 -18.16
CA LEU JA 58 -39.45 -34.77 -19.50
C LEU JA 58 -40.70 -35.63 -19.58
N ALA JA 59 -41.52 -35.41 -20.60
CA ALA JA 59 -42.84 -36.03 -20.68
C ALA JA 59 -42.78 -37.16 -21.70
N LYS JA 60 -42.93 -38.39 -21.24
CA LYS JA 60 -42.99 -39.52 -22.16
C LYS JA 60 -44.37 -39.59 -22.77
N VAL JA 61 -44.43 -39.67 -24.10
CA VAL JA 61 -45.69 -39.60 -24.82
C VAL JA 61 -45.79 -40.79 -25.77
N THR JA 62 -46.90 -41.51 -25.75
CA THR JA 62 -47.05 -42.75 -26.50
C THR JA 62 -47.99 -42.55 -27.67
N PHE JA 63 -47.43 -42.28 -28.85
CA PHE JA 63 -48.22 -42.18 -30.06
C PHE JA 63 -48.52 -43.57 -30.61
N ARG JA 64 -49.34 -43.63 -31.64
CA ARG JA 64 -49.53 -44.85 -32.41
C ARG JA 64 -48.87 -44.66 -33.76
N HIS JA 65 -48.10 -45.63 -34.20
CA HIS JA 65 -47.31 -45.46 -35.41
C HIS JA 65 -48.25 -45.31 -36.60
N PRO JA 66 -48.03 -44.29 -37.45
CA PRO JA 66 -49.03 -43.99 -38.48
C PRO JA 66 -49.28 -45.11 -39.47
N PHE JA 67 -48.26 -45.88 -39.86
CA PHE JA 67 -48.40 -46.81 -40.96
C PHE JA 67 -48.01 -48.23 -40.64
N ARG JA 68 -47.62 -48.54 -39.40
CA ARG JA 68 -47.38 -49.91 -39.00
C ARG JA 68 -47.86 -50.12 -37.58
N TYR JA 69 -48.16 -51.37 -37.26
CA TYR JA 69 -48.95 -51.69 -36.08
C TYR JA 69 -48.01 -51.82 -34.89
N LYS JA 70 -47.77 -50.70 -34.23
CA LYS JA 70 -47.02 -50.67 -32.97
C LYS JA 70 -47.16 -49.26 -32.40
N HIS JA 71 -46.77 -49.12 -31.13
CA HIS JA 71 -46.73 -47.81 -30.51
C HIS JA 71 -45.47 -47.05 -30.93
N GLN JA 72 -45.36 -45.84 -30.41
CA GLN JA 72 -44.14 -45.03 -30.48
C GLN JA 72 -44.00 -44.31 -29.15
N LYS JA 73 -43.04 -44.70 -28.32
CA LYS JA 73 -42.73 -43.90 -27.14
C LYS JA 73 -41.79 -42.79 -27.56
N GLU JA 74 -42.34 -41.61 -27.82
CA GLU JA 74 -41.55 -40.41 -27.95
C GLU JA 74 -41.32 -39.81 -26.57
N LEU JA 75 -40.39 -38.86 -26.49
CA LEU JA 75 -40.05 -38.25 -25.22
C LEU JA 75 -39.89 -36.77 -25.47
N PHE JA 76 -40.81 -35.96 -24.96
CA PHE JA 76 -40.81 -34.53 -25.19
C PHE JA 76 -40.19 -33.80 -24.00
N VAL JA 77 -39.84 -32.54 -24.22
CA VAL JA 77 -39.51 -31.66 -23.11
C VAL JA 77 -40.81 -31.15 -22.52
N ALA JA 78 -40.93 -31.24 -21.19
CA ALA JA 78 -42.20 -30.91 -20.55
C ALA JA 78 -42.48 -29.41 -20.66
N ALA JA 79 -43.66 -29.08 -21.15
CA ALA JA 79 -44.19 -27.74 -21.13
C ALA JA 79 -45.10 -27.60 -19.92
N GLU JA 80 -44.98 -26.47 -19.22
CA GLU JA 80 -45.58 -26.36 -17.90
C GLU JA 80 -47.08 -26.62 -17.98
N GLY JA 81 -47.54 -27.68 -17.34
CA GLY JA 81 -48.95 -27.94 -17.33
C GLY JA 81 -49.31 -29.35 -17.73
N MET JA 82 -48.46 -30.03 -18.49
CA MET JA 82 -48.83 -31.37 -18.91
C MET JA 82 -48.86 -32.32 -17.74
N TYR JA 83 -49.88 -33.17 -17.74
CA TYR JA 83 -50.14 -34.12 -16.70
C TYR JA 83 -50.40 -35.46 -17.36
N THR JA 84 -50.16 -36.54 -16.63
CA THR JA 84 -50.38 -37.86 -17.20
C THR JA 84 -51.84 -38.03 -17.59
N GLY JA 85 -52.04 -38.73 -18.71
CA GLY JA 85 -53.35 -38.90 -19.27
C GLY JA 85 -53.77 -37.83 -20.24
N GLN JA 86 -53.03 -36.73 -20.31
CA GLN JA 86 -53.34 -35.69 -21.26
C GLN JA 86 -53.14 -36.18 -22.69
N PHE JA 87 -54.02 -35.75 -23.58
CA PHE JA 87 -53.86 -35.98 -25.00
C PHE JA 87 -53.18 -34.75 -25.61
N VAL JA 88 -51.96 -34.93 -26.10
CA VAL JA 88 -51.26 -33.88 -26.81
C VAL JA 88 -51.40 -34.16 -28.30
N TYR JA 89 -51.67 -33.11 -29.06
CA TYR JA 89 -51.93 -33.23 -30.48
C TYR JA 89 -50.73 -32.68 -31.26
N CYS JA 90 -50.33 -33.42 -32.27
CA CYS JA 90 -49.12 -33.13 -33.03
C CYS JA 90 -49.48 -33.01 -34.50
N GLY JA 91 -49.18 -31.87 -35.11
CA GLY JA 91 -49.49 -31.71 -36.51
C GLY JA 91 -49.83 -30.26 -36.81
N ARG JA 92 -50.34 -30.04 -38.02
CA ARG JA 92 -50.66 -28.68 -38.42
C ARG JA 92 -52.01 -28.22 -37.90
N ARG JA 93 -53.07 -28.99 -38.16
CA ARG JA 93 -54.41 -28.60 -37.77
C ARG JA 93 -54.78 -29.06 -36.38
N ALA JA 94 -53.80 -29.22 -35.50
CA ALA JA 94 -54.08 -29.41 -34.10
C ALA JA 94 -54.37 -28.05 -33.47
N THR JA 95 -55.40 -28.00 -32.62
CA THR JA 95 -55.77 -26.74 -32.00
C THR JA 95 -54.63 -26.23 -31.13
N LEU JA 96 -54.67 -24.93 -30.87
CA LEU JA 96 -53.61 -24.25 -30.11
C LEU JA 96 -53.95 -24.33 -28.64
N SER JA 97 -53.37 -25.33 -27.96
CA SER JA 97 -53.48 -25.48 -26.52
C SER JA 97 -52.12 -25.89 -25.97
N VAL JA 98 -51.94 -25.65 -24.67
CA VAL JA 98 -50.64 -25.89 -24.05
C VAL JA 98 -50.32 -27.37 -24.10
N GLY JA 99 -49.12 -27.71 -24.56
CA GLY JA 99 -48.67 -29.06 -24.72
C GLY JA 99 -48.75 -29.55 -26.14
N ASN JA 100 -49.66 -29.01 -26.93
CA ASN JA 100 -49.73 -29.35 -28.34
C ASN JA 100 -48.47 -28.86 -29.04
N VAL JA 101 -48.14 -29.49 -30.16
CA VAL JA 101 -47.04 -29.00 -30.99
C VAL JA 101 -47.59 -28.69 -32.37
N LEU JA 102 -47.28 -27.50 -32.87
CA LEU JA 102 -47.83 -26.94 -34.09
C LEU JA 102 -46.69 -26.34 -34.90
N PRO JA 103 -46.88 -26.18 -36.21
CA PRO JA 103 -45.98 -25.31 -36.96
C PRO JA 103 -46.28 -23.86 -36.64
N LEU JA 104 -45.30 -23.00 -36.92
CA LEU JA 104 -45.50 -21.58 -36.67
C LEU JA 104 -46.51 -20.95 -37.62
N ARG JA 105 -46.87 -21.61 -38.72
CA ARG JA 105 -47.97 -21.15 -39.54
C ARG JA 105 -49.32 -21.26 -38.84
N SER JA 106 -49.38 -21.94 -37.70
CA SER JA 106 -50.62 -22.14 -36.97
C SER JA 106 -50.65 -21.43 -35.63
N VAL JA 107 -49.62 -20.65 -35.29
CA VAL JA 107 -49.52 -20.00 -34.00
C VAL JA 107 -49.63 -18.50 -34.22
N PRO JA 108 -50.64 -17.83 -33.67
CA PRO JA 108 -50.78 -16.38 -33.88
C PRO JA 108 -49.71 -15.57 -33.17
N GLU JA 109 -49.56 -14.33 -33.64
CA GLU JA 109 -48.60 -13.40 -33.07
C GLU JA 109 -48.84 -13.23 -31.58
N GLY JA 110 -47.76 -13.19 -30.82
CA GLY JA 110 -47.82 -13.09 -29.38
C GLY JA 110 -47.84 -14.42 -28.66
N GLY JA 111 -48.04 -15.52 -29.38
CA GLY JA 111 -48.09 -16.81 -28.74
C GLY JA 111 -46.75 -17.18 -28.12
N VAL JA 112 -46.82 -17.82 -26.97
CA VAL JA 112 -45.65 -18.26 -26.22
C VAL JA 112 -45.45 -19.74 -26.49
N ILE JA 113 -44.25 -20.11 -26.94
CA ILE JA 113 -43.96 -21.45 -27.42
C ILE JA 113 -42.63 -21.90 -26.83
N CYS JA 114 -42.33 -23.18 -27.01
CA CYS JA 114 -41.08 -23.73 -26.52
C CYS JA 114 -40.67 -24.90 -27.42
N ASN JA 115 -39.41 -25.31 -27.29
CA ASN JA 115 -38.85 -26.41 -28.06
C ASN JA 115 -39.03 -26.17 -29.56
N VAL JA 116 -38.46 -25.08 -30.02
CA VAL JA 116 -38.67 -24.62 -31.39
C VAL JA 116 -37.69 -25.33 -32.32
N GLU JA 117 -38.13 -25.66 -33.54
CA GLU JA 117 -37.18 -26.12 -34.54
C GLU JA 117 -36.52 -24.93 -35.23
N HIS JA 118 -35.38 -25.18 -35.84
CA HIS JA 118 -34.68 -24.15 -36.61
C HIS JA 118 -34.66 -24.43 -38.10
N HIS JA 119 -34.29 -25.64 -38.49
CA HIS JA 119 -34.46 -26.13 -39.84
C HIS JA 119 -35.60 -27.13 -39.78
N VAL JA 120 -36.57 -26.99 -40.67
CA VAL JA 120 -37.83 -27.69 -40.48
C VAL JA 120 -37.56 -29.20 -40.39
N GLY JA 121 -37.79 -29.75 -39.21
CA GLY JA 121 -37.50 -31.14 -38.95
C GLY JA 121 -36.30 -31.40 -38.09
N ASP JA 122 -35.57 -30.38 -37.63
CA ASP JA 122 -34.43 -30.65 -36.76
C ASP JA 122 -34.85 -30.96 -35.34
N ARG JA 123 -36.15 -31.13 -35.10
CA ARG JA 123 -36.69 -31.83 -33.94
C ARG JA 123 -36.60 -31.00 -32.67
N GLY JA 124 -36.54 -29.67 -32.79
CA GLY JA 124 -36.73 -28.79 -31.66
C GLY JA 124 -35.45 -28.39 -30.96
N VAL JA 125 -35.02 -27.13 -31.08
CA VAL JA 125 -33.74 -26.76 -30.50
C VAL JA 125 -33.79 -25.52 -29.60
N PHE JA 126 -34.72 -24.60 -29.84
CA PHE JA 126 -34.73 -23.38 -29.05
C PHE JA 126 -35.67 -23.49 -27.86
N ALA JA 127 -35.35 -22.74 -26.82
CA ALA JA 127 -36.23 -22.57 -25.67
C ALA JA 127 -36.56 -23.92 -25.04
N ARG JA 128 -35.53 -24.56 -24.49
CA ARG JA 128 -35.67 -25.86 -23.85
C ARG JA 128 -35.27 -25.89 -22.39
N ALA JA 129 -34.44 -24.96 -21.93
CA ALA JA 129 -34.02 -24.99 -20.53
C ALA JA 129 -35.21 -24.71 -19.62
N SER JA 130 -35.01 -25.01 -18.34
CA SER JA 130 -36.11 -24.92 -17.38
C SER JA 130 -36.65 -23.51 -17.32
N GLY JA 131 -37.92 -23.34 -17.69
CA GLY JA 131 -38.56 -22.06 -17.56
C GLY JA 131 -38.20 -21.03 -18.62
N ASP JA 132 -37.95 -21.49 -19.84
CA ASP JA 132 -37.64 -20.60 -20.96
C ASP JA 132 -38.64 -20.80 -22.07
N TYR JA 133 -38.98 -19.72 -22.75
CA TYR JA 133 -39.95 -19.76 -23.84
C TYR JA 133 -39.54 -18.76 -24.89
N ALA JA 134 -40.11 -18.91 -26.08
CA ALA JA 134 -39.90 -17.96 -27.16
C ALA JA 134 -41.25 -17.40 -27.57
N ILE JA 135 -41.29 -16.11 -27.86
CA ILE JA 135 -42.52 -15.43 -28.23
C ILE JA 135 -42.54 -15.24 -29.73
N VAL JA 136 -43.55 -15.79 -30.40
CA VAL JA 136 -43.65 -15.71 -31.85
C VAL JA 136 -44.17 -14.32 -32.24
N ILE JA 137 -43.34 -13.56 -32.94
CA ILE JA 137 -43.57 -12.13 -33.09
C ILE JA 137 -44.38 -11.81 -34.35
N SER JA 138 -43.96 -12.30 -35.51
CA SER JA 138 -44.66 -11.95 -36.74
C SER JA 138 -44.50 -13.07 -37.76
N HIS JA 139 -45.34 -13.03 -38.79
CA HIS JA 139 -45.34 -14.01 -39.86
C HIS JA 139 -45.31 -13.31 -41.20
N ASN JA 140 -44.40 -13.75 -42.07
CA ASN JA 140 -44.37 -13.29 -43.45
C ASN JA 140 -44.85 -14.43 -44.33
N PRO JA 141 -46.06 -14.35 -44.90
CA PRO JA 141 -46.57 -15.44 -45.73
C PRO JA 141 -46.14 -15.37 -47.19
N ASP JA 142 -45.54 -14.26 -47.62
CA ASP JA 142 -44.96 -14.19 -48.95
C ASP JA 142 -43.62 -14.92 -49.04
N ASN JA 143 -42.96 -15.14 -47.91
CA ASN JA 143 -41.78 -15.98 -47.86
C ASN JA 143 -42.04 -17.34 -47.24
N GLY JA 144 -43.16 -17.51 -46.55
CA GLY JA 144 -43.32 -18.68 -45.70
C GLY JA 144 -42.30 -18.67 -44.59
N THR JA 145 -42.16 -17.54 -43.89
CA THR JA 145 -41.21 -17.43 -42.81
C THR JA 145 -41.86 -16.74 -41.62
N SER JA 146 -41.15 -16.75 -40.49
CA SER JA 146 -41.69 -16.22 -39.24
C SER JA 146 -40.56 -15.65 -38.42
N ARG JA 147 -40.91 -14.90 -37.38
CA ARG JA 147 -39.93 -14.31 -36.48
C ARG JA 147 -40.27 -14.67 -35.05
N ILE JA 148 -39.23 -14.81 -34.22
CA ILE JA 148 -39.41 -15.17 -32.82
C ILE JA 148 -38.43 -14.41 -31.96
N LYS JA 149 -38.85 -14.12 -30.73
CA LYS JA 149 -37.99 -13.61 -29.68
C LYS JA 149 -37.58 -14.76 -28.78
N LEU JA 150 -36.28 -15.00 -28.69
CA LEU JA 150 -35.70 -16.11 -27.98
C LEU JA 150 -35.41 -15.73 -26.52
N PRO JA 151 -35.14 -16.71 -25.66
CA PRO JA 151 -34.89 -16.38 -24.26
C PRO JA 151 -33.79 -15.37 -24.06
N SER JA 152 -32.76 -15.40 -24.90
CA SER JA 152 -31.67 -14.45 -24.76
C SER JA 152 -32.06 -13.03 -25.10
N GLY JA 153 -33.28 -12.83 -25.60
CA GLY JA 153 -33.66 -11.56 -26.16
C GLY JA 153 -33.30 -11.42 -27.62
N ALA JA 154 -32.49 -12.32 -28.15
CA ALA JA 154 -32.16 -12.30 -29.57
C ALA JA 154 -33.40 -12.59 -30.40
N LYS JA 155 -33.49 -11.94 -31.54
CA LYS JA 155 -34.67 -12.00 -32.40
C LYS JA 155 -34.27 -12.69 -33.70
N LYS JA 156 -34.88 -13.84 -33.96
CA LYS JA 156 -34.46 -14.72 -35.06
C LYS JA 156 -35.57 -14.93 -36.08
N ILE JA 157 -35.18 -14.99 -37.34
CA ILE JA 157 -36.07 -15.38 -38.42
C ILE JA 157 -35.93 -16.88 -38.62
N VAL JA 158 -37.05 -17.58 -38.64
CA VAL JA 158 -37.09 -19.04 -38.74
C VAL JA 158 -38.08 -19.41 -39.84
N PRO JA 159 -37.90 -20.53 -40.53
CA PRO JA 159 -38.93 -20.97 -41.48
C PRO JA 159 -40.27 -21.16 -40.80
N SER JA 160 -41.34 -20.87 -41.53
CA SER JA 160 -42.68 -20.90 -40.98
C SER JA 160 -43.26 -22.30 -40.86
N SER JA 161 -42.67 -23.29 -41.51
CA SER JA 161 -43.15 -24.65 -41.40
C SER JA 161 -42.52 -25.39 -40.25
N CYS JA 162 -41.72 -24.72 -39.44
CA CYS JA 162 -41.06 -25.35 -38.31
C CYS JA 162 -42.03 -25.55 -37.15
N ARG JA 163 -41.92 -26.70 -36.52
CA ARG JA 163 -42.78 -27.04 -35.40
C ARG JA 163 -42.38 -26.26 -34.16
N ALA JA 164 -43.26 -26.27 -33.17
CA ALA JA 164 -43.00 -25.62 -31.90
C ALA JA 164 -44.04 -26.07 -30.88
N MET JA 165 -43.60 -26.40 -29.68
CA MET JA 165 -44.49 -26.80 -28.61
C MET JA 165 -45.12 -25.57 -27.97
N ILE JA 166 -46.43 -25.58 -27.83
CA ILE JA 166 -47.15 -24.45 -27.23
C ILE JA 166 -46.98 -24.51 -25.72
N GLY JA 167 -46.70 -23.36 -25.12
CA GLY JA 167 -46.50 -23.29 -23.69
C GLY JA 167 -45.08 -22.86 -23.37
N GLN JA 168 -44.67 -22.98 -22.12
CA GLN JA 168 -43.29 -22.74 -21.74
C GLN JA 168 -42.75 -23.99 -21.04
N VAL JA 169 -41.43 -24.12 -21.07
CA VAL JA 169 -40.81 -25.27 -20.44
C VAL JA 169 -41.10 -25.24 -18.94
N ALA JA 170 -41.34 -26.40 -18.36
CA ALA JA 170 -41.71 -26.50 -16.95
C ALA JA 170 -40.49 -26.27 -16.07
N GLY JA 171 -40.65 -26.46 -14.77
CA GLY JA 171 -39.56 -26.21 -13.85
C GLY JA 171 -39.14 -24.77 -13.74
N GLY JA 172 -40.02 -23.83 -14.08
CA GLY JA 172 -39.62 -22.44 -14.14
C GLY JA 172 -39.18 -21.92 -12.79
N GLY JA 173 -38.22 -21.00 -12.82
CA GLY JA 173 -37.71 -20.41 -11.61
C GLY JA 173 -36.78 -21.30 -10.83
N ARG JA 174 -36.24 -22.35 -11.46
CA ARG JA 174 -35.39 -23.28 -10.75
C ARG JA 174 -34.13 -22.59 -10.24
N THR JA 175 -33.55 -21.74 -11.06
CA THR JA 175 -32.30 -21.07 -10.75
C THR JA 175 -32.49 -19.94 -9.77
N GLU JA 176 -33.70 -19.74 -9.26
CA GLU JA 176 -33.98 -18.68 -8.32
C GLU JA 176 -33.49 -19.01 -6.91
N LYS JA 177 -33.23 -20.26 -6.64
CA LYS JA 177 -32.88 -20.69 -5.29
C LYS JA 177 -31.38 -20.69 -5.11
N PRO JA 178 -30.87 -19.99 -4.09
CA PRO JA 178 -29.46 -20.13 -3.78
C PRO JA 178 -29.18 -21.56 -3.36
N MET JA 179 -27.99 -22.05 -3.70
CA MET JA 179 -27.67 -23.41 -3.31
C MET JA 179 -27.06 -23.49 -1.93
N LEU JA 180 -26.46 -22.41 -1.43
CA LEU JA 180 -26.01 -22.30 -0.05
C LEU JA 180 -24.88 -23.25 0.29
N LYS JA 181 -24.52 -24.17 -0.59
CA LYS JA 181 -23.58 -25.18 -0.18
C LYS JA 181 -22.70 -25.64 -1.31
N ALA JA 182 -21.42 -25.80 -0.99
CA ALA JA 182 -20.54 -26.57 -1.85
C ALA JA 182 -21.13 -27.93 -2.12
N GLY JA 183 -21.85 -28.50 -1.15
CA GLY JA 183 -22.53 -29.74 -1.36
C GLY JA 183 -23.51 -29.68 -2.51
N ASN JA 184 -24.45 -28.75 -2.47
CA ASN JA 184 -25.44 -28.67 -3.53
C ASN JA 184 -24.79 -28.37 -4.87
N ALA JA 185 -23.74 -27.53 -4.88
CA ALA JA 185 -23.05 -27.29 -6.14
C ALA JA 185 -22.43 -28.58 -6.66
N TYR JA 186 -21.79 -29.35 -5.79
CA TYR JA 186 -21.14 -30.58 -6.21
C TYR JA 186 -22.13 -31.59 -6.73
N HIS JA 187 -23.28 -31.72 -6.08
CA HIS JA 187 -24.26 -32.66 -6.57
C HIS JA 187 -24.94 -32.17 -7.83
N LYS JA 188 -25.00 -30.85 -8.04
CA LYS JA 188 -25.45 -30.33 -9.32
C LYS JA 188 -24.51 -30.73 -10.43
N TYR JA 189 -23.21 -30.57 -10.23
CA TYR JA 189 -22.29 -30.76 -11.34
C TYR JA 189 -21.83 -32.20 -11.50
N ARG JA 190 -22.04 -33.06 -10.51
CA ARG JA 190 -21.69 -34.46 -10.65
C ARG JA 190 -22.45 -35.09 -11.80
N VAL JA 191 -23.73 -34.79 -11.93
CA VAL JA 191 -24.57 -35.39 -12.95
C VAL JA 191 -24.63 -34.55 -14.21
N LYS JA 192 -23.79 -33.52 -14.31
CA LYS JA 192 -23.65 -32.77 -15.55
C LYS JA 192 -22.30 -33.01 -16.20
N ARG JA 193 -21.20 -32.66 -15.53
CA ARG JA 193 -19.84 -32.86 -16.04
C ARG JA 193 -18.83 -32.34 -15.03
N ASN JA 194 -17.58 -32.72 -15.24
CA ASN JA 194 -16.48 -32.36 -14.35
C ASN JA 194 -16.02 -30.95 -14.71
N SER JA 195 -16.79 -29.97 -14.28
CA SER JA 195 -16.41 -28.58 -14.45
C SER JA 195 -16.62 -27.83 -13.16
N TRP JA 196 -16.23 -28.43 -12.05
CA TRP JA 196 -16.40 -27.83 -10.74
C TRP JA 196 -15.60 -28.66 -9.74
N PRO JA 197 -14.83 -28.05 -8.83
CA PRO JA 197 -14.58 -26.63 -8.59
C PRO JA 197 -13.71 -26.01 -9.65
N LYS JA 198 -13.61 -24.69 -9.66
CA LYS JA 198 -12.83 -23.95 -10.64
C LYS JA 198 -11.78 -23.14 -9.91
N VAL JA 199 -10.52 -23.32 -10.29
CA VAL JA 199 -9.43 -22.68 -9.58
C VAL JA 199 -9.08 -21.37 -10.27
N ARG JA 200 -9.01 -20.29 -9.50
CA ARG JA 200 -8.67 -18.99 -10.06
C ARG JA 200 -7.29 -19.06 -10.67
N GLY JA 201 -7.18 -18.70 -11.95
CA GLY JA 201 -5.89 -18.73 -12.61
C GLY JA 201 -4.87 -17.86 -11.91
N VAL JA 202 -5.32 -16.80 -11.25
CA VAL JA 202 -4.41 -15.94 -10.50
C VAL JA 202 -3.72 -16.69 -9.38
N ALA JA 203 -4.30 -17.80 -8.92
CA ALA JA 203 -3.67 -18.65 -7.92
C ALA JA 203 -3.00 -19.87 -8.54
N MET JA 204 -2.55 -19.75 -9.78
CA MET JA 204 -1.79 -20.80 -10.43
C MET JA 204 -0.36 -20.33 -10.66
N ASN JA 205 0.40 -21.16 -11.23
CA ASN JA 205 1.75 -20.88 -11.64
C ASN JA 205 1.80 -20.57 -13.12
N PRO JA 206 2.78 -19.77 -13.55
CA PRO JA 206 2.75 -19.30 -14.94
C PRO JA 206 2.76 -20.42 -15.94
N VAL JA 207 3.35 -21.55 -15.59
CA VAL JA 207 3.48 -22.63 -16.56
C VAL JA 207 2.13 -23.13 -17.01
N GLU JA 208 1.07 -23.00 -16.21
CA GLU JA 208 -0.22 -23.50 -16.65
C GLU JA 208 -1.29 -22.45 -16.87
N HIS JA 209 -1.08 -21.19 -16.49
CA HIS JA 209 -2.14 -20.26 -16.80
C HIS JA 209 -1.57 -18.88 -17.04
N PRO JA 210 -2.10 -18.11 -18.00
CA PRO JA 210 -1.53 -16.79 -18.28
C PRO JA 210 -1.60 -15.85 -17.11
N HIS JA 211 -2.56 -16.01 -16.22
CA HIS JA 211 -2.71 -15.13 -15.06
C HIS JA 211 -1.80 -15.48 -13.91
N GLY JA 212 -1.24 -16.68 -13.88
CA GLY JA 212 -0.55 -17.16 -12.72
C GLY JA 212 0.72 -16.39 -12.41
N GLY JA 213 1.33 -16.77 -11.28
CA GLY JA 213 2.61 -16.23 -10.89
C GLY JA 213 2.51 -14.88 -10.18
N GLY JA 214 3.67 -14.42 -9.76
CA GLY JA 214 3.80 -13.13 -9.11
C GLY JA 214 3.86 -13.25 -7.60
N ASN JA 215 4.61 -12.35 -6.97
CA ASN JA 215 4.66 -12.36 -5.52
C ASN JA 215 3.30 -12.05 -4.92
N HIS JA 216 2.52 -11.19 -5.56
CA HIS JA 216 1.12 -10.97 -5.22
C HIS JA 216 0.23 -11.65 -6.23
N GLN JA 217 -1.04 -11.75 -5.87
CA GLN JA 217 -2.05 -12.35 -6.73
C GLN JA 217 -2.67 -11.25 -7.57
N HIS JA 218 -2.27 -11.18 -8.84
CA HIS JA 218 -2.89 -10.22 -9.75
C HIS JA 218 -2.70 -10.73 -11.17
N ILE JA 219 -3.59 -10.27 -12.06
CA ILE JA 219 -3.54 -10.73 -13.45
C ILE JA 219 -2.23 -10.33 -14.11
N GLY JA 220 -1.88 -9.05 -14.03
CA GLY JA 220 -0.64 -8.61 -14.64
C GLY JA 220 -0.82 -7.82 -15.92
N HIS JA 221 -1.72 -8.24 -16.80
CA HIS JA 221 -1.99 -7.48 -18.00
C HIS JA 221 -3.49 -7.44 -18.22
N ALA JA 222 -3.93 -6.85 -19.33
CA ALA JA 222 -5.35 -6.74 -19.58
C ALA JA 222 -5.98 -8.12 -19.55
N SER JA 223 -7.08 -8.24 -18.81
CA SER JA 223 -7.76 -9.52 -18.70
C SER JA 223 -8.57 -9.86 -19.93
N THR JA 224 -8.73 -8.94 -20.87
CA THR JA 224 -9.49 -9.16 -22.08
C THR JA 224 -8.54 -9.52 -23.21
N VAL JA 225 -8.85 -10.60 -23.93
CA VAL JA 225 -7.99 -11.09 -25.00
C VAL JA 225 -8.74 -11.01 -26.32
N ARG JA 226 -7.98 -11.04 -27.41
CA ARG JA 226 -8.55 -10.87 -28.74
C ARG JA 226 -9.39 -12.09 -29.13
N ARG JA 227 -10.28 -11.88 -30.10
CA ARG JA 227 -11.02 -12.99 -30.67
C ARG JA 227 -10.10 -14.00 -31.33
N ASP JA 228 -9.00 -13.52 -31.92
CA ASP JA 228 -8.10 -14.36 -32.69
C ASP JA 228 -6.96 -14.93 -31.87
N ALA JA 229 -6.96 -14.71 -30.55
CA ALA JA 229 -5.87 -15.20 -29.74
C ALA JA 229 -5.75 -16.71 -29.88
N PRO JA 230 -4.54 -17.25 -29.98
CA PRO JA 230 -4.41 -18.69 -30.13
C PRO JA 230 -4.96 -19.41 -28.91
N PRO JA 231 -5.50 -20.60 -29.08
CA PRO JA 231 -5.97 -21.35 -27.92
C PRO JA 231 -4.84 -21.59 -26.93
N GLY JA 232 -5.16 -21.48 -25.65
CA GLY JA 232 -4.15 -21.41 -24.63
C GLY JA 232 -3.71 -20.01 -24.31
N GLN JA 233 -4.19 -19.03 -25.07
CA GLN JA 233 -4.05 -17.63 -24.74
C GLN JA 233 -5.39 -16.92 -24.75
N LYS JA 234 -6.36 -17.43 -25.50
CA LYS JA 234 -7.73 -16.93 -25.46
C LYS JA 234 -8.36 -17.38 -24.14
N VAL JA 235 -7.96 -16.76 -23.06
CA VAL JA 235 -8.46 -17.10 -21.73
C VAL JA 235 -8.68 -15.81 -20.96
N GLY JA 236 -9.81 -15.72 -20.28
CA GLY JA 236 -10.17 -14.50 -19.62
C GLY JA 236 -11.52 -14.01 -20.09
N LEU JA 237 -11.58 -12.78 -20.57
CA LEU JA 237 -12.81 -12.23 -21.14
C LEU JA 237 -12.61 -12.20 -22.66
N ILE JA 238 -13.11 -13.22 -23.34
CA ILE JA 238 -12.85 -13.36 -24.77
C ILE JA 238 -13.52 -12.22 -25.51
N ALA JA 239 -12.73 -11.41 -26.20
CA ALA JA 239 -13.22 -10.40 -27.14
C ALA JA 239 -14.30 -9.53 -26.52
N ALA JA 240 -14.02 -9.04 -25.32
CA ALA JA 240 -14.99 -8.25 -24.60
C ALA JA 240 -15.25 -6.92 -25.28
N ARG JA 241 -16.51 -6.53 -25.34
CA ARG JA 241 -16.89 -5.24 -25.91
C ARG JA 241 -16.89 -4.12 -24.88
N ARG JA 242 -16.93 -4.48 -23.60
CA ARG JA 242 -16.84 -3.56 -22.48
C ARG JA 242 -16.66 -4.41 -21.24
N THR JA 243 -16.54 -3.76 -20.10
CA THR JA 243 -16.42 -4.46 -18.83
C THR JA 243 -17.16 -3.65 -17.77
N GLY JA 244 -16.89 -3.95 -16.50
CA GLY JA 244 -17.47 -3.20 -15.42
C GLY JA 244 -18.94 -3.48 -15.22
N ARG JA 245 -19.43 -3.21 -14.00
CA ARG JA 245 -20.83 -3.47 -13.69
C ARG JA 245 -21.74 -2.71 -14.65
N LEU JA 246 -22.76 -3.40 -15.16
CA LEU JA 246 -23.62 -2.81 -16.19
C LEU JA 246 -24.60 -1.84 -15.57
N ARG JA 247 -24.70 -0.64 -16.15
CA ARG JA 247 -25.67 0.35 -15.75
C ARG JA 247 -26.41 0.89 -16.96
N GLY JA 248 -27.69 1.19 -16.75
CA GLY JA 248 -28.46 1.89 -17.77
C GLY JA 248 -28.70 1.05 -19.00
N GLN JA 249 -28.66 1.70 -20.16
CA GLN JA 249 -28.91 1.00 -21.41
C GLN JA 249 -27.91 -0.13 -21.64
N ALA JA 250 -26.75 -0.08 -20.99
CA ALA JA 250 -25.75 -1.13 -21.17
C ALA JA 250 -26.27 -2.50 -20.77
N ALA JA 251 -27.32 -2.57 -19.96
CA ALA JA 251 -27.88 -3.83 -19.53
C ALA JA 251 -29.19 -4.18 -20.24
N ALA JA 252 -29.53 -3.46 -21.30
CA ALA JA 252 -30.83 -3.64 -21.94
C ALA JA 252 -30.91 -4.90 -22.80
N GLN KA 7 69.16 74.04 -30.02
CA GLN KA 7 69.93 74.70 -31.05
C GLN KA 7 69.03 75.51 -31.99
N LEU KA 8 69.55 76.62 -32.48
CA LEU KA 8 68.83 77.52 -33.39
C LEU KA 8 68.95 77.08 -34.83
N ASN KA 9 69.17 75.79 -35.05
CA ASN KA 9 69.58 75.27 -36.33
C ASN KA 9 68.42 75.37 -37.32
N PRO KA 10 68.62 75.92 -38.51
CA PRO KA 10 67.49 76.12 -39.44
C PRO KA 10 66.84 74.84 -39.92
N MET KA 11 67.15 73.68 -39.35
CA MET KA 11 66.40 72.48 -39.61
C MET KA 11 65.37 72.17 -38.54
N ARG KA 12 65.48 72.81 -37.38
CA ARG KA 12 64.56 72.56 -36.26
C ARG KA 12 63.46 73.62 -36.24
N GLU KA 13 62.55 73.51 -37.20
CA GLU KA 13 61.33 74.30 -37.20
C GLU KA 13 60.14 73.39 -37.00
N ILE KA 14 59.18 73.87 -36.22
CA ILE KA 14 57.90 73.20 -36.10
C ILE KA 14 57.11 73.36 -37.39
N LYS KA 15 56.27 72.39 -37.70
CA LYS KA 15 55.33 72.48 -38.81
C LYS KA 15 54.28 71.41 -38.61
N VAL KA 16 53.08 71.67 -39.14
CA VAL KA 16 52.03 70.68 -38.99
C VAL KA 16 52.40 69.42 -39.75
N GLN KA 17 52.17 68.27 -39.12
CA GLN KA 17 52.14 67.04 -39.89
C GLN KA 17 50.75 66.77 -40.44
N LYS KA 18 49.73 66.84 -39.58
CA LYS KA 18 48.38 66.57 -40.05
C LYS KA 18 47.37 67.08 -39.04
N LEU KA 19 46.27 67.59 -39.57
CA LEU KA 19 45.01 67.75 -38.85
C LEU KA 19 44.18 66.50 -39.11
N VAL KA 20 43.64 65.94 -38.05
CA VAL KA 20 42.66 64.86 -38.15
C VAL KA 20 41.34 65.41 -37.67
N LEU KA 21 40.34 65.32 -38.52
CA LEU KA 21 39.00 65.82 -38.25
C LEU KA 21 38.11 64.60 -38.07
N ASN KA 22 37.77 64.30 -36.82
CA ASN KA 22 36.87 63.20 -36.52
C ASN KA 22 35.57 63.74 -35.93
N ILE KA 23 34.51 62.97 -36.11
CA ILE KA 23 33.21 63.27 -35.54
C ILE KA 23 32.65 61.96 -34.99
N SER KA 24 32.47 61.89 -33.68
CA SER KA 24 31.97 60.68 -33.05
C SER KA 24 30.45 60.76 -32.99
N VAL KA 25 29.79 60.09 -33.94
CA VAL KA 25 28.33 60.15 -34.04
C VAL KA 25 27.74 58.90 -33.40
N GLY KA 26 28.44 57.79 -33.45
CA GLY KA 26 27.95 56.58 -32.81
C GLY KA 26 26.64 56.08 -33.36
N GLU KA 27 26.32 56.38 -34.61
CA GLU KA 27 25.06 56.04 -35.24
C GLU KA 27 25.38 55.55 -36.66
N SER KA 28 24.36 55.47 -37.51
CA SER KA 28 24.61 55.02 -38.88
C SER KA 28 23.52 55.56 -39.80
N GLY KA 29 23.50 55.06 -41.02
CA GLY KA 29 22.46 55.44 -41.97
C GLY KA 29 22.71 56.81 -42.56
N ASP KA 30 21.62 57.54 -42.81
CA ASP KA 30 21.73 58.86 -43.40
C ASP KA 30 22.40 59.82 -42.44
N ARG KA 31 22.24 59.58 -41.14
CA ARG KA 31 22.95 60.36 -40.13
C ARG KA 31 24.45 60.39 -40.40
N LEU KA 32 25.05 59.22 -40.55
CA LEU KA 32 26.48 59.17 -40.74
C LEU KA 32 26.91 59.38 -42.19
N THR KA 33 26.03 59.11 -43.16
CA THR KA 33 26.35 59.49 -44.53
C THR KA 33 26.47 61.00 -44.66
N ARG KA 34 25.57 61.75 -44.02
CA ARG KA 34 25.71 63.20 -44.01
C ARG KA 34 26.86 63.66 -43.13
N ALA KA 35 27.12 62.94 -42.03
CA ALA KA 35 28.33 63.16 -41.27
C ALA KA 35 29.59 62.97 -42.10
N ALA KA 36 29.50 62.18 -43.16
CA ALA KA 36 30.63 61.96 -44.06
C ALA KA 36 30.75 63.05 -45.11
N LYS KA 37 29.63 63.37 -45.77
CA LYS KA 37 29.68 64.35 -46.83
C LYS KA 37 30.03 65.74 -46.31
N VAL KA 38 29.70 66.03 -45.06
CA VAL KA 38 30.14 67.30 -44.49
C VAL KA 38 31.66 67.36 -44.41
N LEU KA 39 32.30 66.29 -43.93
CA LEU KA 39 33.75 66.26 -43.91
C LEU KA 39 34.31 66.26 -45.31
N GLU KA 40 33.56 65.74 -46.27
CA GLU KA 40 33.95 65.91 -47.66
C GLU KA 40 34.02 67.37 -48.03
N GLN KA 41 33.01 68.15 -47.65
CA GLN KA 41 33.02 69.57 -47.99
C GLN KA 41 34.19 70.28 -47.33
N LEU KA 42 34.51 69.89 -46.09
CA LEU KA 42 35.63 70.53 -45.40
C LEU KA 42 36.97 70.15 -46.02
N SER KA 43 37.19 68.86 -46.27
CA SER KA 43 38.53 68.37 -46.61
C SER KA 43 38.82 68.47 -48.10
N GLY KA 44 37.84 68.17 -48.94
CA GLY KA 44 38.11 68.00 -50.35
C GLY KA 44 38.56 66.60 -50.72
N GLN KA 45 38.72 65.73 -49.75
CA GLN KA 45 39.16 64.35 -49.94
C GLN KA 45 38.18 63.39 -49.27
N SER KA 46 38.02 62.22 -49.85
CA SER KA 46 36.95 61.32 -49.41
C SER KA 46 37.29 60.70 -48.05
N PRO KA 47 36.39 60.79 -47.08
CA PRO KA 47 36.70 60.29 -45.73
C PRO KA 47 36.55 58.78 -45.63
N VAL KA 48 36.99 58.27 -44.48
CA VAL KA 48 36.92 56.84 -44.19
C VAL KA 48 36.11 56.63 -42.92
N PHE KA 49 35.29 55.59 -42.95
CA PHE KA 49 34.35 55.33 -41.87
C PHE KA 49 35.04 54.47 -40.81
N SER KA 50 34.81 54.81 -39.55
CA SER KA 50 35.46 54.15 -38.43
C SER KA 50 34.43 53.24 -37.79
N LYS KA 51 34.63 51.93 -37.96
CA LYS KA 51 33.73 50.93 -37.38
C LYS KA 51 33.90 50.88 -35.88
N ALA KA 52 32.94 50.22 -35.24
CA ALA KA 52 32.88 50.16 -33.79
C ALA KA 52 33.60 48.93 -33.27
N ARG KA 53 33.94 48.98 -31.99
CA ARG KA 53 34.39 47.81 -31.24
C ARG KA 53 33.71 47.78 -29.88
N TYR KA 54 33.75 46.61 -29.28
CA TYR KA 54 33.39 46.31 -27.90
C TYR KA 54 31.88 46.25 -27.69
N THR KA 55 31.08 46.62 -28.69
CA THR KA 55 29.60 46.61 -28.64
C THR KA 55 29.06 47.00 -27.26
N VAL KA 56 29.54 48.14 -26.75
CA VAL KA 56 29.04 48.65 -25.49
C VAL KA 56 27.58 49.04 -25.65
N ARG KA 57 26.71 48.42 -24.86
CA ARG KA 57 25.27 48.61 -25.05
C ARG KA 57 24.80 49.97 -24.54
N SER KA 58 25.32 50.42 -23.39
CA SER KA 58 24.82 51.65 -22.81
C SER KA 58 25.04 52.84 -23.72
N PHE KA 59 25.93 52.72 -24.70
CA PHE KA 59 26.13 53.71 -25.74
C PHE KA 59 25.27 53.45 -26.97
N GLY KA 60 24.55 52.33 -27.00
CA GLY KA 60 23.73 52.01 -28.15
C GLY KA 60 24.52 51.82 -29.43
N ILE KA 61 25.66 51.15 -29.35
CA ILE KA 61 26.48 50.86 -30.51
C ILE KA 61 26.68 49.35 -30.60
N ARG KA 62 26.48 48.81 -31.79
CA ARG KA 62 26.76 47.42 -32.09
C ARG KA 62 28.24 47.27 -32.44
N ARG KA 63 28.73 46.04 -32.44
CA ARG KA 63 30.10 45.78 -32.83
C ARG KA 63 30.23 45.76 -34.35
N ASN KA 64 31.39 46.23 -34.83
CA ASN KA 64 31.72 46.23 -36.25
C ASN KA 64 30.71 47.03 -37.07
N GLU KA 65 30.07 48.02 -36.46
CA GLU KA 65 29.25 48.95 -37.22
C GLU KA 65 29.97 50.29 -37.34
N LYS KA 66 29.86 50.90 -38.51
CA LYS KA 66 30.45 52.20 -38.76
C LYS KA 66 29.81 53.24 -37.85
N ILE KA 67 30.58 53.75 -36.88
CA ILE KA 67 30.04 54.73 -35.96
C ILE KA 67 30.76 56.07 -36.04
N ALA KA 68 31.88 56.17 -36.72
CA ALA KA 68 32.48 57.49 -36.90
C ALA KA 68 32.87 57.68 -38.34
N CYS KA 69 33.35 58.88 -38.65
CA CYS KA 69 33.84 59.21 -39.98
C CYS KA 69 34.97 60.18 -39.78
N TYR KA 70 36.17 59.84 -40.25
CA TYR KA 70 37.28 60.77 -40.11
C TYR KA 70 38.02 60.84 -41.43
N VAL KA 71 38.78 61.92 -41.58
CA VAL KA 71 39.58 62.12 -42.77
C VAL KA 71 40.77 62.98 -42.37
N THR KA 72 41.94 62.63 -42.87
CA THR KA 72 43.19 63.28 -42.50
C THR KA 72 43.54 64.33 -43.54
N ILE KA 73 43.81 65.54 -43.08
CA ILE KA 73 44.15 66.66 -43.95
C ILE KA 73 45.55 67.13 -43.55
N ARG KA 74 46.41 67.30 -44.55
CA ARG KA 74 47.77 67.74 -44.32
C ARG KA 74 48.18 68.68 -45.44
N GLY KA 75 49.05 69.62 -45.12
CA GLY KA 75 49.52 70.57 -46.08
C GLY KA 75 48.86 71.93 -45.93
N GLU KA 76 48.95 72.72 -47.01
CA GLU KA 76 48.38 74.06 -46.99
C GLU KA 76 46.88 74.02 -46.73
N LYS KA 77 46.20 72.98 -47.23
CA LYS KA 77 44.78 72.80 -46.92
C LYS KA 77 44.58 72.63 -45.42
N ALA KA 78 45.49 71.88 -44.78
CA ALA KA 78 45.41 71.68 -43.33
C ALA KA 78 45.60 72.99 -42.59
N MET KA 79 46.61 73.78 -42.97
CA MET KA 79 46.78 75.09 -42.34
C MET KA 79 45.56 75.98 -42.57
N GLN KA 80 45.04 76.01 -43.80
CA GLN KA 80 43.92 76.88 -44.12
C GLN KA 80 42.68 76.50 -43.34
N LEU KA 81 42.52 75.22 -43.01
CA LEU KA 81 41.35 74.82 -42.23
C LEU KA 81 41.62 74.85 -40.73
N LEU KA 82 42.87 74.73 -40.31
CA LEU KA 82 43.23 74.84 -38.90
C LEU KA 82 43.12 76.27 -38.41
N GLU KA 83 43.47 77.25 -39.24
CA GLU KA 83 43.34 78.63 -38.79
C GLU KA 83 41.88 79.00 -38.56
N SER KA 84 40.98 78.52 -39.41
CA SER KA 84 39.55 78.72 -39.15
C SER KA 84 39.11 77.97 -37.91
N GLY KA 85 39.62 76.76 -37.71
CA GLY KA 85 39.28 76.02 -36.50
C GLY KA 85 39.71 76.72 -35.24
N LEU KA 86 40.87 77.40 -35.28
CA LEU KA 86 41.28 78.19 -34.14
C LEU KA 86 40.50 79.48 -34.05
N LYS KA 87 40.11 80.05 -35.18
CA LYS KA 87 39.28 81.26 -35.16
C LYS KA 87 37.96 80.98 -34.48
N VAL KA 88 37.49 79.73 -34.53
CA VAL KA 88 36.33 79.35 -33.72
C VAL KA 88 36.62 79.59 -32.25
N LYS KA 89 37.71 79.03 -31.76
CA LYS KA 89 38.16 79.22 -30.38
C LYS KA 89 38.87 80.56 -30.16
N GLU KA 90 38.68 81.52 -31.06
CA GLU KA 90 39.24 82.87 -30.96
C GLU KA 90 40.72 82.85 -30.59
N TYR KA 91 41.46 81.90 -31.19
CA TYR KA 91 42.91 81.83 -31.08
C TYR KA 91 43.37 81.72 -29.62
N GLU KA 92 42.71 80.85 -28.87
CA GLU KA 92 43.09 80.63 -27.49
C GLU KA 92 42.63 79.24 -27.07
N LEU KA 93 43.53 78.46 -26.51
CA LEU KA 93 43.20 77.15 -25.94
C LEU KA 93 43.41 77.15 -24.44
N LEU KA 94 43.20 75.98 -23.84
CA LEU KA 94 42.95 75.85 -22.42
C LEU KA 94 44.22 75.59 -21.62
N ARG KA 95 45.39 75.67 -22.25
CA ARG KA 95 46.67 75.36 -21.62
C ARG KA 95 46.72 73.95 -21.08
N ARG KA 96 45.78 73.10 -21.50
CA ARG KA 96 45.79 71.67 -21.19
C ARG KA 96 45.44 70.80 -22.39
N ASN KA 97 44.89 71.36 -23.47
CA ASN KA 97 44.63 70.58 -24.67
C ASN KA 97 45.88 69.99 -25.27
N PHE KA 98 47.05 70.56 -25.00
CA PHE KA 98 48.27 70.05 -25.59
C PHE KA 98 48.63 68.72 -24.95
N SER KA 99 49.04 67.76 -25.78
CA SER KA 99 49.44 66.45 -25.31
C SER KA 99 50.93 66.43 -25.03
N ASP KA 100 51.34 65.53 -24.15
CA ASP KA 100 52.74 65.53 -23.72
C ASP KA 100 53.69 65.24 -24.86
N THR KA 101 53.27 64.43 -25.84
CA THR KA 101 54.23 64.00 -26.85
C THR KA 101 54.47 65.09 -27.89
N GLY KA 102 53.49 65.36 -28.75
CA GLY KA 102 53.73 66.31 -29.81
C GLY KA 102 52.56 67.09 -30.37
N CYS KA 103 51.43 67.11 -29.67
CA CYS KA 103 50.19 67.38 -30.39
C CYS KA 103 49.15 68.00 -29.47
N PHE KA 104 48.15 68.63 -30.08
CA PHE KA 104 47.06 69.19 -29.30
C PHE KA 104 45.78 69.16 -30.11
N GLY KA 105 44.65 69.26 -29.41
CA GLY KA 105 43.37 69.18 -30.06
C GLY KA 105 42.34 70.02 -29.36
N PHE KA 106 41.14 70.05 -29.93
CA PHE KA 106 40.02 70.82 -29.44
C PHE KA 106 38.82 70.46 -30.30
N GLY KA 107 37.64 70.87 -29.87
CA GLY KA 107 36.42 70.50 -30.57
C GLY KA 107 35.53 71.71 -30.77
N ILE KA 108 34.82 71.72 -31.90
CA ILE KA 108 34.03 72.86 -32.32
C ILE KA 108 32.67 72.35 -32.81
N GLN KA 109 31.82 73.31 -33.21
CA GLN KA 109 30.55 73.05 -33.89
C GLN KA 109 30.65 73.60 -35.31
N GLU KA 110 30.10 72.86 -36.28
CA GLU KA 110 30.54 72.99 -37.66
C GLU KA 110 30.39 74.41 -38.21
N HIS KA 111 29.19 74.96 -38.16
CA HIS KA 111 28.86 75.99 -39.15
C HIS KA 111 29.63 77.29 -38.95
N ILE KA 112 30.31 77.45 -37.82
CA ILE KA 112 31.17 78.62 -37.61
C ILE KA 112 32.43 78.48 -38.46
N ASP KA 113 32.52 77.39 -39.22
CA ASP KA 113 33.51 77.26 -40.28
C ASP KA 113 32.95 77.87 -41.57
N LEU KA 114 33.69 77.73 -42.66
CA LEU KA 114 33.32 78.34 -43.93
C LEU KA 114 32.55 77.34 -44.77
N GLY KA 115 31.50 77.83 -45.42
CA GLY KA 115 30.66 76.99 -46.24
C GLY KA 115 29.20 77.18 -45.89
N MET KA 116 28.38 77.52 -46.88
CA MET KA 116 26.95 77.61 -46.67
C MET KA 116 26.40 76.27 -46.19
N LYS KA 117 25.41 76.33 -45.32
CA LYS KA 117 25.12 75.19 -44.45
C LYS KA 117 24.37 74.08 -45.17
N TYR KA 118 23.17 74.38 -45.69
CA TYR KA 118 22.33 73.36 -46.30
C TYR KA 118 22.42 73.34 -47.83
N ASP KA 119 23.56 73.70 -48.41
CA ASP KA 119 23.70 73.16 -49.76
C ASP KA 119 23.74 71.62 -49.80
N PRO KA 120 24.12 70.90 -48.74
CA PRO KA 120 23.81 69.47 -48.70
C PRO KA 120 22.61 69.06 -47.85
N SER KA 121 21.97 70.00 -47.13
CA SER KA 121 20.89 69.68 -46.18
C SER KA 121 21.40 68.78 -45.06
N THR KA 122 22.58 69.09 -44.53
CA THR KA 122 23.15 68.33 -43.41
C THR KA 122 23.28 69.23 -42.18
N GLY KA 123 22.85 68.71 -41.03
CA GLY KA 123 22.76 69.51 -39.82
C GLY KA 123 24.09 69.95 -39.25
N ILE KA 124 24.05 70.62 -38.10
CA ILE KA 124 25.29 71.01 -37.44
C ILE KA 124 25.95 69.74 -36.91
N TYR KA 125 27.21 69.55 -37.23
CA TYR KA 125 27.98 68.44 -36.69
C TYR KA 125 29.17 68.99 -35.91
N GLY KA 126 29.19 68.72 -34.61
CA GLY KA 126 30.37 68.99 -33.84
C GLY KA 126 31.50 68.05 -34.21
N MET KA 127 32.72 68.45 -33.89
CA MET KA 127 33.85 67.78 -34.49
C MET KA 127 35.12 68.12 -33.74
N ASP KA 128 35.99 67.12 -33.56
CA ASP KA 128 37.21 67.29 -32.79
C ASP KA 128 38.39 67.44 -33.73
N PHE KA 129 38.84 68.68 -33.90
CA PHE KA 129 40.13 68.93 -34.52
C PHE KA 129 41.23 68.33 -33.67
N PHE KA 130 42.21 67.71 -34.31
CA PHE KA 130 43.36 67.27 -33.56
C PHE KA 130 44.58 67.38 -34.46
N VAL KA 131 45.51 68.27 -34.09
CA VAL KA 131 46.68 68.56 -34.90
C VAL KA 131 47.90 67.96 -34.24
N VAL KA 132 48.83 67.46 -35.05
CA VAL KA 132 50.09 66.92 -34.56
C VAL KA 132 51.24 67.76 -35.12
N LEU KA 133 52.03 68.34 -34.23
CA LEU KA 133 53.17 69.15 -34.62
C LEU KA 133 54.41 68.28 -34.78
N GLU KA 134 55.32 68.72 -35.63
CA GLU KA 134 56.55 67.98 -35.83
C GLU KA 134 57.67 68.94 -36.19
N ARG KA 135 58.89 68.52 -35.87
CA ARG KA 135 60.09 69.11 -36.42
C ARG KA 135 60.54 68.25 -37.59
N ALA KA 136 61.10 68.89 -38.60
CA ALA KA 136 61.40 68.20 -39.85
C ALA KA 136 62.37 67.04 -39.62
N GLY KA 137 61.96 65.83 -40.01
CA GLY KA 137 62.81 64.67 -39.82
C GLY KA 137 62.19 63.52 -39.08
N TYR KA 138 60.86 63.42 -39.07
CA TYR KA 138 60.18 62.27 -38.50
C TYR KA 138 60.16 61.07 -39.42
N ARG KA 139 60.60 61.22 -40.66
CA ARG KA 139 60.66 60.05 -41.53
C ARG KA 139 61.62 59.02 -40.96
N VAL KA 140 62.59 59.45 -40.15
CA VAL KA 140 63.47 58.50 -39.51
C VAL KA 140 62.74 57.68 -38.45
N SER KA 141 61.52 58.03 -38.13
CA SER KA 141 60.65 57.20 -37.31
C SER KA 141 59.48 56.62 -38.08
N ARG KA 142 59.26 57.03 -39.33
CA ARG KA 142 58.14 56.54 -40.11
C ARG KA 142 58.49 55.73 -41.36
N ARG KA 143 59.76 55.67 -41.75
CA ARG KA 143 60.08 54.92 -42.96
C ARG KA 143 60.12 53.43 -42.68
N ARG KA 144 60.28 52.66 -43.75
CA ARG KA 144 60.25 51.21 -43.62
C ARG KA 144 61.62 50.61 -43.38
N ARG KA 145 62.64 51.08 -44.10
CA ARG KA 145 64.00 50.60 -43.90
C ARG KA 145 64.72 51.52 -42.92
N CYS KA 146 65.34 50.92 -41.91
CA CYS KA 146 66.10 51.66 -40.90
C CYS KA 146 65.22 52.69 -40.19
N LYS KA 147 64.21 52.19 -39.49
CA LYS KA 147 63.35 53.05 -38.70
C LYS KA 147 63.77 52.97 -37.23
N ALA KA 148 63.87 54.13 -36.59
CA ALA KA 148 64.31 54.22 -35.21
C ALA KA 148 63.67 55.43 -34.57
N ARG KA 149 63.92 55.60 -33.28
CA ARG KA 149 63.37 56.76 -32.59
C ARG KA 149 64.01 58.05 -33.08
N VAL KA 150 63.29 59.14 -32.90
CA VAL KA 150 63.78 60.48 -33.16
C VAL KA 150 64.28 61.08 -31.85
N GLY KA 151 65.45 61.73 -31.90
CA GLY KA 151 66.08 62.19 -30.68
C GLY KA 151 65.25 63.24 -29.96
N ILE KA 152 65.50 63.35 -28.65
CA ILE KA 152 64.73 64.28 -27.85
C ILE KA 152 64.89 65.69 -28.37
N HIS KA 153 66.10 66.03 -28.82
CA HIS KA 153 66.37 67.38 -29.29
C HIS KA 153 65.56 67.74 -30.51
N GLN KA 154 64.96 66.76 -31.18
CA GLN KA 154 64.08 67.05 -32.29
C GLN KA 154 62.82 66.19 -32.19
N ARG KA 155 62.35 66.02 -30.97
CA ARG KA 155 60.95 65.71 -30.73
C ARG KA 155 60.29 66.96 -30.17
N VAL KA 156 59.27 67.46 -30.88
CA VAL KA 156 58.45 68.52 -30.32
C VAL KA 156 57.82 67.98 -29.06
N THR KA 157 57.68 68.83 -28.04
CA THR KA 157 56.97 68.48 -26.81
C THR KA 157 56.02 69.62 -26.45
N LYS KA 158 55.44 69.59 -25.25
CA LYS KA 158 54.47 70.62 -24.90
C LYS KA 158 55.08 72.01 -24.96
N GLU KA 159 56.14 72.24 -24.17
CA GLU KA 159 56.66 73.61 -24.07
C GLU KA 159 56.97 74.17 -25.44
N ASP KA 160 57.40 73.33 -26.39
CA ASP KA 160 57.54 73.79 -27.76
C ASP KA 160 56.20 74.00 -28.44
N ALA KA 161 55.17 73.22 -28.08
CA ALA KA 161 53.86 73.45 -28.69
C ALA KA 161 53.28 74.80 -28.28
N MET KA 162 53.32 75.11 -26.98
CA MET KA 162 52.95 76.45 -26.55
C MET KA 162 53.86 77.50 -27.15
N LYS KA 163 55.16 77.25 -27.17
CA LYS KA 163 56.07 78.27 -27.64
C LYS KA 163 55.97 78.46 -29.14
N TRP KA 164 55.26 77.56 -29.81
CA TRP KA 164 54.90 77.67 -31.21
C TRP KA 164 53.55 78.34 -31.39
N PHE KA 165 52.63 78.08 -30.46
CA PHE KA 165 51.27 78.59 -30.57
C PHE KA 165 51.18 80.06 -30.23
N GLN KA 166 51.92 80.52 -29.24
CA GLN KA 166 51.64 81.85 -28.71
C GLN KA 166 52.56 82.93 -29.23
N VAL KA 167 53.83 82.63 -29.52
CA VAL KA 167 54.67 83.67 -30.09
C VAL KA 167 54.37 83.83 -31.57
N LYS KA 168 53.94 82.77 -32.24
CA LYS KA 168 53.69 82.87 -33.66
C LYS KA 168 52.33 82.23 -33.94
N TYR KA 169 51.82 82.54 -35.13
CA TYR KA 169 50.61 81.97 -35.70
C TYR KA 169 49.38 82.52 -35.00
N GLU KA 170 49.58 83.37 -33.99
CA GLU KA 170 48.48 84.18 -33.51
C GLU KA 170 48.97 85.61 -33.31
N LYS LA 2 87.63 5.03 41.70
CA LYS LA 2 88.60 5.70 40.84
C LYS LA 2 89.48 6.65 41.65
N THR LA 3 89.10 6.90 42.89
CA THR LA 3 89.88 7.75 43.77
C THR LA 3 90.83 6.91 44.61
N ILE LA 4 92.11 7.28 44.58
CA ILE LA 4 93.17 6.45 45.14
C ILE LA 4 92.87 6.10 46.59
N LEU LA 5 92.38 7.06 47.36
CA LEU LA 5 92.26 6.86 48.79
C LEU LA 5 91.15 7.75 49.34
N ALA LA 6 90.48 7.25 50.37
CA ALA LA 6 89.60 8.07 51.21
C ALA LA 6 89.77 7.62 52.64
N SER LA 7 90.39 8.46 53.46
CA SER LA 7 90.74 8.11 54.84
C SER LA 7 90.05 9.09 55.78
N GLU LA 8 89.42 8.56 56.81
CA GLU LA 8 88.97 9.38 57.92
C GLU LA 8 89.35 8.71 59.22
N THR LA 9 89.42 9.52 60.27
CA THR LA 9 89.81 9.01 61.58
C THR LA 9 88.92 9.66 62.62
N MET LA 10 89.03 9.15 63.83
CA MET LA 10 88.28 9.69 64.95
C MET LA 10 89.12 9.66 66.20
N GLU LA 11 88.66 10.38 67.21
CA GLU LA 11 89.27 10.34 68.54
C GLU LA 11 88.36 9.52 69.44
N ILE LA 12 88.89 8.44 69.98
CA ILE LA 12 88.15 7.57 70.89
C ILE LA 12 88.51 7.97 72.32
N PRO LA 13 87.53 8.35 73.15
CA PRO LA 13 87.86 8.77 74.52
C PRO LA 13 88.49 7.68 75.35
N GLU LA 14 88.87 8.02 76.58
CA GLU LA 14 89.65 7.11 77.42
C GLU LA 14 88.79 6.15 78.22
N GLU LA 15 87.53 6.46 78.44
CA GLU LA 15 86.66 5.59 79.23
C GLU LA 15 86.06 4.46 78.41
N VAL LA 16 86.38 4.40 77.13
CA VAL LA 16 85.79 3.40 76.23
C VAL LA 16 86.91 2.75 75.44
N THR LA 17 86.79 1.43 75.23
CA THR LA 17 87.81 0.65 74.55
C THR LA 17 87.16 -0.08 73.37
N VAL LA 18 87.81 -0.02 72.21
CA VAL LA 18 87.27 -0.57 70.97
C VAL LA 18 88.14 -1.74 70.54
N LYS LA 19 87.53 -2.91 70.38
CA LYS LA 19 88.16 -4.08 69.79
C LYS LA 19 87.51 -4.36 68.44
N VAL LA 20 88.27 -4.17 67.37
CA VAL LA 20 87.82 -4.48 66.03
C VAL LA 20 88.35 -5.85 65.66
N SER LA 21 87.46 -6.73 65.14
CA SER LA 21 87.81 -8.09 64.76
C SER LA 21 87.30 -8.36 63.34
N ALA LA 22 88.07 -7.85 62.39
CA ALA LA 22 88.06 -8.12 60.95
C ALA LA 22 86.87 -7.57 60.18
N LYS LA 23 85.71 -7.37 60.80
CA LYS LA 23 84.82 -6.21 60.62
C LYS LA 23 83.82 -6.12 61.77
N MET LA 24 84.02 -6.93 62.80
CA MET LA 24 83.20 -6.90 64.01
C MET LA 24 83.72 -5.82 64.93
N ILE LA 25 82.97 -4.73 65.08
CA ILE LA 25 83.39 -3.62 65.91
C ILE LA 25 82.75 -3.77 67.28
N SER LA 26 83.56 -3.96 68.32
CA SER LA 26 83.05 -4.25 69.66
C SER LA 26 83.51 -3.14 70.60
N VAL LA 27 82.56 -2.38 71.11
CA VAL LA 27 82.82 -1.21 71.91
C VAL LA 27 82.47 -1.55 73.35
N THR LA 28 83.33 -1.17 74.29
CA THR LA 28 83.08 -1.47 75.70
C THR LA 28 83.29 -0.22 76.53
N GLY LA 29 82.35 0.05 77.43
CA GLY LA 29 82.41 1.21 78.28
C GLY LA 29 81.72 0.97 79.62
N PRO LA 30 81.76 1.96 80.50
CA PRO LA 30 81.12 1.82 81.81
C PRO LA 30 79.69 1.31 81.76
N ARG LA 31 78.88 1.78 80.82
CA ARG LA 31 77.47 1.40 80.80
C ARG LA 31 77.24 0.00 80.27
N GLY LA 32 78.24 -0.59 79.62
CA GLY LA 32 78.09 -1.94 79.13
C GLY LA 32 78.96 -2.22 77.92
N THR LA 33 78.38 -2.90 76.92
CA THR LA 33 79.10 -3.22 75.70
C THR LA 33 78.13 -3.18 74.52
N LEU LA 34 78.66 -2.82 73.37
CA LEU LA 34 77.93 -2.81 72.11
C LEU LA 34 78.75 -3.58 71.09
N THR LA 35 78.08 -4.09 70.06
CA THR LA 35 78.77 -4.80 69.01
C THR LA 35 78.02 -4.56 67.72
N ARG LA 36 78.75 -4.32 66.63
CA ARG LA 36 78.13 -4.11 65.34
C ARG LA 36 78.94 -4.74 64.23
N ASN LA 37 78.23 -5.32 63.26
CA ASN LA 37 78.81 -6.08 62.15
C ASN LA 37 78.91 -5.19 60.92
N PHE LA 38 80.10 -4.68 60.64
CA PHE LA 38 80.35 -3.92 59.41
C PHE LA 38 80.88 -4.79 58.30
N LYS LA 39 80.62 -6.10 58.35
CA LYS LA 39 81.21 -6.98 57.37
C LYS LA 39 80.64 -6.78 55.97
N HIS LA 40 79.61 -5.95 55.82
CA HIS LA 40 79.08 -5.64 54.51
C HIS LA 40 79.62 -4.35 53.92
N LEU LA 41 80.36 -3.55 54.69
CA LEU LA 41 80.77 -2.23 54.20
C LEU LA 41 81.90 -2.28 53.19
N ASN LA 42 82.78 -3.28 53.27
CA ASN LA 42 83.91 -3.41 52.34
C ASN LA 42 84.85 -2.21 52.45
N LEU LA 43 85.26 -1.91 53.67
CA LEU LA 43 86.20 -0.84 53.96
C LEU LA 43 87.43 -1.41 54.67
N ASP LA 44 88.28 -0.52 55.19
CA ASP LA 44 89.39 -0.88 56.05
C ASP LA 44 89.25 -0.20 57.40
N PHE LA 45 89.18 -0.99 58.45
CA PHE LA 45 89.23 -0.50 59.82
C PHE LA 45 90.58 -0.81 60.44
N GLN LA 46 91.13 0.18 61.14
CA GLN LA 46 92.46 -0.02 61.71
C GLN LA 46 92.71 0.99 62.84
N LEU LA 47 93.21 0.50 63.98
CA LEU LA 47 93.38 1.32 65.17
C LEU LA 47 94.79 1.91 65.24
N GLN LA 48 94.86 3.14 65.74
CA GLN LA 48 96.10 3.90 65.84
C GLN LA 48 96.26 4.47 67.24
N GLU LA 49 97.52 4.60 67.64
CA GLU LA 49 97.90 5.12 68.95
C GLU LA 49 97.19 4.38 70.08
N GLY LA 50 97.29 3.05 70.06
CA GLY LA 50 96.78 2.24 71.14
C GLY LA 50 95.29 2.35 71.35
N GLY LA 51 94.53 2.33 70.27
CA GLY LA 51 93.09 2.36 70.37
C GLY LA 51 92.48 3.73 70.54
N ARG LA 52 93.28 4.80 70.51
CA ARG LA 52 92.76 6.14 70.64
C ARG LA 52 92.32 6.74 69.31
N LYS LA 53 92.62 6.11 68.18
CA LYS LA 53 92.15 6.60 66.89
C LYS LA 53 91.65 5.43 66.07
N LEU LA 54 90.45 5.54 65.54
CA LEU LA 54 89.96 4.61 64.53
C LEU LA 54 90.18 5.23 63.17
N LYS LA 55 90.69 4.43 62.24
CA LYS LA 55 91.01 4.86 60.88
C LYS LA 55 90.22 4.00 59.91
N VAL LA 56 89.46 4.66 59.03
CA VAL LA 56 88.63 4.01 58.04
C VAL LA 56 89.14 4.42 56.67
N ASP LA 57 89.51 3.43 55.86
CA ASP LA 57 90.08 3.63 54.54
C ASP LA 57 89.18 3.00 53.48
N ALA LA 58 89.01 3.71 52.37
CA ALA LA 58 88.41 3.15 51.17
C ALA LA 58 89.39 3.40 50.04
N TRP LA 59 89.92 2.32 49.47
CA TRP LA 59 90.89 2.41 48.39
C TRP LA 59 90.15 2.21 47.07
N PHE LA 60 90.37 3.11 46.11
CA PHE LA 60 89.67 3.06 44.83
C PHE LA 60 88.16 3.00 45.04
N GLY LA 61 87.67 3.86 45.92
CA GLY LA 61 86.24 3.91 46.18
C GLY LA 61 85.52 4.69 45.11
N THR LA 62 84.36 4.17 44.70
CA THR LA 62 83.46 4.95 43.88
C THR LA 62 82.73 5.96 44.76
N ARG LA 63 82.05 6.92 44.11
CA ARG LA 63 81.34 7.92 44.88
C ARG LA 63 80.26 7.29 45.76
N LYS LA 64 79.77 6.12 45.36
CA LYS LA 64 78.83 5.38 46.20
C LYS LA 64 79.51 4.89 47.48
N THR LA 65 80.68 4.27 47.34
CA THR LA 65 81.37 3.72 48.50
C THR LA 65 81.92 4.82 49.39
N MET LA 66 82.31 5.96 48.81
CA MET LA 66 82.83 7.07 49.59
C MET LA 66 81.89 7.44 50.73
N ALA LA 67 80.59 7.36 50.49
CA ALA LA 67 79.63 7.75 51.51
C ALA LA 67 79.61 6.78 52.68
N ALA LA 68 80.02 5.53 52.46
CA ALA LA 68 80.05 4.58 53.56
C ALA LA 68 81.07 4.96 54.64
N ILE LA 69 82.06 5.79 54.31
CA ILE LA 69 83.05 6.17 55.30
C ILE LA 69 82.40 6.95 56.43
N ARG LA 70 81.72 8.05 56.09
CA ARG LA 70 81.08 8.85 57.12
C ARG LA 70 80.07 8.03 57.90
N THR LA 71 79.40 7.08 57.26
CA THR LA 71 78.37 6.30 57.93
C THR LA 71 79.00 5.37 58.97
N ALA LA 72 80.12 4.73 58.61
CA ALA LA 72 80.84 3.94 59.60
C ALA LA 72 81.32 4.80 60.75
N ILE LA 73 81.84 6.00 60.43
CA ILE LA 73 82.28 6.92 61.46
C ILE LA 73 81.12 7.26 62.39
N SER LA 74 79.95 7.54 61.80
CA SER LA 74 78.79 7.98 62.57
C SER LA 74 78.26 6.85 63.45
N HIS LA 75 78.14 5.66 62.88
CA HIS LA 75 77.66 4.53 63.65
C HIS LA 75 78.57 4.21 64.82
N VAL LA 76 79.89 4.21 64.60
CA VAL LA 76 80.74 3.91 65.75
C VAL LA 76 80.72 5.05 66.75
N GLN LA 77 80.55 6.30 66.30
CA GLN LA 77 80.36 7.38 67.26
C GLN LA 77 79.13 7.14 68.11
N ASN LA 78 78.06 6.62 67.50
CA ASN LA 78 76.85 6.36 68.27
C ASN LA 78 77.05 5.19 69.24
N LEU LA 79 77.80 4.16 68.84
CA LEU LA 79 78.15 3.13 69.81
C LEU LA 79 78.94 3.70 70.98
N ILE LA 80 79.90 4.58 70.69
CA ILE LA 80 80.70 5.20 71.73
C ILE LA 80 79.81 5.98 72.69
N THR LA 81 79.00 6.89 72.16
CA THR LA 81 78.21 7.74 73.03
C THR LA 81 77.13 6.94 73.75
N GLY LA 82 76.64 5.86 73.13
CA GLY LA 82 75.67 5.03 73.82
C GLY LA 82 76.27 4.30 74.99
N VAL LA 83 77.49 3.80 74.84
CA VAL LA 83 78.08 3.02 75.92
C VAL LA 83 78.73 3.91 76.96
N THR LA 84 78.95 5.18 76.64
CA THR LA 84 79.46 6.11 77.64
C THR LA 84 78.33 6.81 78.40
N LYS LA 85 77.43 7.47 77.68
CA LYS LA 85 76.31 8.15 78.31
C LYS LA 85 74.96 7.48 78.08
N GLY LA 86 74.69 7.03 76.87
CA GLY LA 86 73.41 6.41 76.58
C GLY LA 86 72.40 7.40 76.02
N PHE LA 87 71.45 6.85 75.26
CA PHE LA 87 70.46 7.66 74.55
C PHE LA 87 69.12 7.63 75.24
N ARG LA 88 68.44 8.77 75.24
CA ARG LA 88 67.24 8.99 76.04
C ARG LA 88 66.27 9.77 75.17
N TYR LA 89 65.33 9.06 74.55
CA TYR LA 89 64.26 9.71 73.80
C TYR LA 89 63.09 9.98 74.72
N LYS LA 90 62.44 11.12 74.53
CA LYS LA 90 61.19 11.42 75.20
C LYS LA 90 60.07 11.37 74.18
N MET LA 91 58.86 11.11 74.65
CA MET LA 91 57.69 11.05 73.79
C MET LA 91 56.51 11.63 74.55
N ARG LA 92 56.02 12.77 74.09
CA ARG LA 92 54.83 13.36 74.68
C ARG LA 92 53.59 12.68 74.12
N PHE LA 93 52.51 12.80 74.90
CA PHE LA 93 51.22 12.21 74.56
C PHE LA 93 50.33 13.33 74.05
N VAL LA 94 49.84 13.22 72.82
CA VAL LA 94 49.01 14.27 72.23
C VAL LA 94 47.60 13.71 72.09
N TYR LA 95 46.64 14.38 72.74
CA TYR LA 95 45.24 13.97 72.66
C TYR LA 95 44.35 15.20 72.73
N ALA LA 96 43.17 15.10 72.12
CA ALA LA 96 42.26 16.24 72.05
C ALA LA 96 41.22 16.21 73.16
N HIS LA 97 40.47 15.12 73.28
CA HIS LA 97 39.36 15.05 74.21
C HIS LA 97 39.43 13.76 75.02
N PHE LA 98 40.07 12.74 74.45
CA PHE LA 98 40.16 11.43 75.09
C PHE LA 98 41.53 11.21 75.67
N PRO LA 99 41.69 11.14 76.98
CA PRO LA 99 43.00 10.85 77.56
C PRO LA 99 43.39 9.41 77.25
N ILE LA 100 44.59 9.23 76.74
CA ILE LA 100 45.07 7.90 76.38
C ILE LA 100 45.89 7.33 77.52
N ASN LA 101 45.57 6.11 77.90
CA ASN LA 101 46.03 5.52 79.16
C ASN LA 101 47.25 4.64 78.88
N ALA LA 102 48.40 5.08 79.35
CA ALA LA 102 49.63 4.32 79.17
C ALA LA 102 49.88 3.47 80.40
N SER LA 103 50.22 2.21 80.18
CA SER LA 103 50.52 1.30 81.29
C SER LA 103 51.79 0.55 80.97
N ILE LA 104 52.82 0.76 81.77
CA ILE LA 104 54.05 -0.01 81.62
C ILE LA 104 53.80 -1.42 82.16
N THR LA 105 54.47 -2.40 81.56
CA THR LA 105 54.08 -3.80 81.83
C THR LA 105 54.85 -4.43 82.98
N ALA LA 106 56.16 -4.59 82.82
CA ALA LA 106 56.91 -5.41 83.77
C ALA LA 106 58.38 -5.04 83.68
N ALA LA 107 58.92 -4.52 84.78
CA ALA LA 107 60.31 -4.07 84.83
C ALA LA 107 60.60 -3.07 83.71
N ASN LA 108 59.58 -2.30 83.34
CA ASN LA 108 59.73 -1.22 82.36
C ASN LA 108 60.28 -1.75 81.04
N ARG LA 109 59.69 -2.83 80.56
CA ARG LA 109 60.09 -3.44 79.30
C ARG LA 109 59.02 -3.34 78.23
N GLY LA 110 58.00 -2.52 78.44
CA GLY LA 110 56.99 -2.40 77.42
C GLY LA 110 55.76 -1.62 77.85
N ILE LA 111 54.97 -1.16 76.88
CA ILE LA 111 53.81 -0.33 77.17
C ILE LA 111 52.57 -0.96 76.56
N GLU LA 112 51.43 -0.65 77.19
CA GLU LA 112 50.10 -0.89 76.66
C GLU LA 112 49.40 0.45 76.56
N ILE LA 113 48.78 0.70 75.42
CA ILE LA 113 48.10 1.95 75.11
C ILE LA 113 46.62 1.67 75.11
N ARG LA 114 45.86 2.48 75.84
CA ARG LA 114 44.46 2.22 76.09
C ARG LA 114 43.66 3.48 75.84
N ASN LA 115 42.38 3.30 75.53
CA ASN LA 115 41.43 4.42 75.38
C ASN LA 115 41.89 5.40 74.31
N PHE LA 116 42.77 4.96 73.41
CA PHE LA 116 43.28 5.84 72.36
C PHE LA 116 42.20 6.14 71.36
N LEU LA 117 41.86 7.43 71.21
CA LEU LA 117 40.67 7.86 70.49
C LEU LA 117 39.41 7.18 71.00
N GLY LA 118 39.46 6.70 72.25
CA GLY LA 118 38.35 5.96 72.80
C GLY LA 118 38.19 4.57 72.25
N GLU LA 119 39.10 4.13 71.39
CA GLU LA 119 39.05 2.77 70.89
C GLU LA 119 39.29 1.80 72.03
N LYS LA 120 38.62 0.66 71.96
CA LYS LA 120 38.75 -0.33 73.01
C LYS LA 120 39.89 -1.30 72.76
N LYS LA 121 40.53 -1.25 71.59
CA LYS LA 121 41.68 -2.09 71.33
C LYS LA 121 42.86 -1.69 72.20
N VAL LA 122 43.45 -2.66 72.88
CA VAL LA 122 44.64 -2.43 73.69
C VAL LA 122 45.86 -2.60 72.80
N ARG LA 123 46.63 -1.52 72.62
CA ARG LA 123 47.78 -1.53 71.73
C ARG LA 123 49.02 -1.88 72.55
N LYS LA 124 49.57 -3.06 72.31
CA LYS LA 124 50.65 -3.59 73.12
C LYS LA 124 51.94 -3.60 72.33
N VAL LA 125 52.98 -2.96 72.87
CA VAL LA 125 54.31 -3.04 72.28
C VAL LA 125 55.35 -3.23 73.37
N ASP LA 126 56.23 -4.19 73.16
CA ASP LA 126 57.31 -4.51 74.10
C ASP LA 126 58.61 -3.95 73.55
N MET LA 127 59.38 -3.29 74.41
CA MET LA 127 60.60 -2.65 73.99
C MET LA 127 61.69 -3.68 73.72
N LEU LA 128 62.57 -3.36 72.78
CA LEU LA 128 63.57 -4.31 72.33
C LEU LA 128 64.64 -4.45 73.41
N ASP LA 129 65.74 -5.14 73.07
CA ASP LA 129 66.67 -5.69 74.05
C ASP LA 129 67.08 -4.76 75.18
N GLY LA 130 67.79 -3.69 74.87
CA GLY LA 130 68.45 -2.94 75.91
C GLY LA 130 67.76 -1.66 76.32
N VAL LA 131 66.48 -1.52 75.97
CA VAL LA 131 65.78 -0.25 76.11
C VAL LA 131 64.68 -0.40 77.15
N THR LA 132 64.55 0.62 77.99
CA THR LA 132 63.54 0.63 79.04
C THR LA 132 62.77 1.94 78.98
N ILE LA 133 61.57 1.94 79.56
CA ILE LA 133 60.67 3.06 79.47
C ILE LA 133 60.15 3.44 80.85
N LEU LA 134 59.71 4.69 80.97
CA LEU LA 134 59.07 5.13 82.20
C LEU LA 134 58.28 6.40 81.94
N ARG LA 135 57.13 6.54 82.60
CA ARG LA 135 56.42 7.80 82.54
C ARG LA 135 57.14 8.87 83.34
N SER LA 136 57.03 10.11 82.88
CA SER LA 136 57.73 11.23 83.49
C SER LA 136 56.99 11.73 84.71
N GLU LA 137 57.75 12.11 85.74
CA GLU LA 137 57.19 12.65 86.97
C GLU LA 137 57.39 14.15 87.14
N LYS LA 138 58.36 14.74 86.44
CA LYS LA 138 58.49 16.19 86.39
C LYS LA 138 57.83 16.79 85.16
N VAL LA 139 57.27 15.98 84.27
CA VAL LA 139 56.63 16.47 83.06
C VAL LA 139 55.24 15.85 82.98
N LYS LA 140 54.33 16.55 82.29
CA LYS LA 140 52.93 16.15 82.23
C LYS LA 140 52.69 14.76 81.65
N ASP LA 141 52.97 14.55 80.36
CA ASP LA 141 52.54 13.33 79.67
C ASP LA 141 53.67 12.83 78.79
N GLU LA 142 54.59 12.08 79.38
CA GLU LA 142 55.77 11.61 78.67
C GLU LA 142 56.04 10.16 78.98
N ILE LA 143 56.33 9.39 77.95
CA ILE LA 143 57.04 8.13 78.07
C ILE LA 143 58.47 8.39 77.64
N VAL LA 144 59.42 7.89 78.44
CA VAL LA 144 60.83 8.12 78.20
C VAL LA 144 61.49 6.78 78.00
N LEU LA 145 62.18 6.62 76.87
CA LEU LA 145 62.93 5.42 76.55
C LEU LA 145 64.41 5.71 76.68
N ASP LA 146 65.09 4.91 77.48
CA ASP LA 146 66.53 5.02 77.58
C ASP LA 146 67.18 3.70 77.22
N GLY LA 147 68.35 3.81 76.60
CA GLY LA 147 69.04 2.65 76.11
C GLY LA 147 70.46 3.01 75.73
N ASN LA 148 71.14 2.04 75.13
CA ASN LA 148 72.52 2.24 74.74
C ASN LA 148 72.82 2.04 73.26
N ASP LA 149 71.85 1.60 72.45
CA ASP LA 149 72.02 1.55 71.02
C ASP LA 149 70.98 2.43 70.35
N ILE LA 150 71.43 3.32 69.46
CA ILE LA 150 70.49 4.26 68.85
C ILE LA 150 69.48 3.52 68.00
N GLU LA 151 69.93 2.49 67.26
CA GLU LA 151 68.98 1.75 66.45
C GLU LA 151 67.88 1.15 67.31
N LEU LA 152 68.24 0.58 68.45
CA LEU LA 152 67.23 -0.10 69.24
C LEU LA 152 66.30 0.90 69.94
N VAL LA 153 66.85 1.96 70.52
CA VAL LA 153 66.01 2.98 71.15
C VAL LA 153 65.08 3.61 70.14
N SER LA 154 65.64 4.03 69.01
CA SER LA 154 64.87 4.80 68.05
C SER LA 154 63.88 3.92 67.30
N ARG LA 155 64.22 2.67 67.02
CA ARG LA 155 63.20 1.73 66.56
C ARG LA 155 62.05 1.66 67.56
N SER LA 156 62.35 1.40 68.84
CA SER LA 156 61.28 1.22 69.81
C SER LA 156 60.39 2.44 69.85
N ALA LA 157 60.98 3.63 69.78
CA ALA LA 157 60.18 4.85 69.71
C ALA LA 157 59.32 4.84 68.46
N ALA LA 158 59.86 4.39 67.34
CA ALA LA 158 59.10 4.38 66.10
C ALA LA 158 57.96 3.37 66.16
N LEU LA 159 58.16 2.23 66.82
CA LEU LA 159 57.05 1.29 67.03
C LEU LA 159 55.94 1.93 67.82
N ILE LA 160 56.28 2.61 68.91
CA ILE LA 160 55.26 3.27 69.71
C ILE LA 160 54.54 4.33 68.89
N ASN LA 161 55.29 5.11 68.11
CA ASN LA 161 54.67 6.17 67.34
C ASN LA 161 53.77 5.62 66.24
N GLN LA 162 54.21 4.57 65.55
CA GLN LA 162 53.46 4.04 64.43
C GLN LA 162 52.28 3.18 64.85
N LYS LA 163 52.23 2.75 66.12
CA LYS LA 163 51.03 2.05 66.58
C LYS LA 163 50.03 3.00 67.19
N CYS LA 164 49.98 4.24 66.71
CA CYS LA 164 48.99 5.21 67.14
C CYS LA 164 48.52 6.07 65.96
N HIS LA 165 48.54 5.51 64.76
CA HIS LA 165 48.01 6.21 63.60
C HIS LA 165 46.50 6.32 63.70
N VAL LA 166 45.96 7.45 63.32
CA VAL LA 166 44.52 7.63 63.23
C VAL LA 166 44.08 7.18 61.85
N LYS LA 167 43.03 6.37 61.80
CA LYS LA 167 42.61 5.73 60.57
C LYS LA 167 41.27 6.26 60.12
N ASN LA 168 41.14 6.54 58.84
CA ASN LA 168 39.93 7.00 58.18
C ASN LA 168 39.44 8.35 58.68
N LYS LA 169 40.22 9.04 59.49
CA LYS LA 169 39.93 10.42 59.86
C LYS LA 169 40.92 11.35 59.18
N ASP LA 170 40.72 12.65 59.41
CA ASP LA 170 41.62 13.67 58.92
C ASP LA 170 42.84 13.73 59.82
N ILE LA 171 44.00 13.33 59.30
CA ILE LA 171 45.23 13.40 60.07
C ILE LA 171 45.74 14.82 60.25
N ARG LA 172 45.10 15.79 59.60
CA ARG LA 172 45.48 17.18 59.76
C ARG LA 172 44.73 17.86 60.90
N LYS LA 173 43.65 17.26 61.38
CA LYS LA 173 42.88 17.79 62.49
C LYS LA 173 42.85 16.87 63.70
N PHE LA 174 42.83 15.55 63.49
CA PHE LA 174 42.95 14.60 64.58
C PHE LA 174 44.43 14.33 64.80
N LEU LA 175 45.09 15.27 65.46
CA LEU LA 175 46.52 15.21 65.68
C LEU LA 175 46.91 14.27 66.81
N ASP LA 176 46.02 13.36 67.20
CA ASP LA 176 46.28 12.49 68.33
C ASP LA 176 47.42 11.53 68.04
N GLY LA 177 48.10 11.10 69.09
CA GLY LA 177 49.19 10.17 68.94
C GLY LA 177 50.17 10.25 70.09
N ILE LA 178 51.32 9.62 69.88
CA ILE LA 178 52.43 9.62 70.83
C ILE LA 178 53.68 9.92 70.04
N TYR LA 179 54.29 11.08 70.28
CA TYR LA 179 55.35 11.58 69.41
C TYR LA 179 56.61 11.90 70.18
N VAL LA 180 57.76 11.73 69.53
CA VAL LA 180 59.05 12.03 70.15
C VAL LA 180 59.26 13.53 70.10
N SER LA 181 59.79 14.08 71.19
CA SER LA 181 60.02 15.50 71.29
C SER LA 181 61.50 15.84 71.29
N ASP LA 182 62.26 15.26 72.20
CA ASP LA 182 63.69 15.48 72.29
C ASP LA 182 64.40 14.18 71.97
N LYS LA 183 65.36 14.27 71.06
CA LYS LA 183 65.96 13.09 70.44
C LYS LA 183 67.42 12.90 70.84
N GLY LA 184 67.92 13.71 71.77
CA GLY LA 184 69.32 13.69 72.13
C GLY LA 184 69.68 12.54 73.05
N ALA LA 185 70.82 12.68 73.71
CA ALA LA 185 71.40 11.64 74.56
C ALA LA 185 71.84 12.26 75.87
N ILE LA 186 71.11 11.98 76.93
CA ILE LA 186 71.49 12.45 78.26
C ILE LA 186 71.50 11.27 79.21
N ASN MA 12 21.69 -11.90 65.98
CA ASN MA 12 20.33 -11.40 65.90
C ASN MA 12 19.34 -12.58 65.89
N LYS MA 13 18.67 -12.80 64.77
CA LYS MA 13 17.76 -13.93 64.63
C LYS MA 13 18.49 -15.16 64.07
N PHE MA 14 17.84 -16.30 64.20
CA PHE MA 14 18.36 -17.55 63.70
C PHE MA 14 17.83 -17.88 62.31
N ARG MA 15 18.43 -18.89 61.72
CA ARG MA 15 18.14 -19.27 60.34
C ARG MA 15 16.99 -20.26 60.33
N MET MA 16 15.89 -19.89 59.68
CA MET MA 16 14.71 -20.72 59.62
C MET MA 16 14.37 -21.00 58.16
N SER MA 17 13.72 -22.14 57.93
CA SER MA 17 13.48 -22.62 56.58
C SER MA 17 12.76 -21.56 55.74
N LEU MA 18 13.35 -21.24 54.61
CA LEU MA 18 12.82 -20.20 53.73
C LEU MA 18 11.69 -20.79 52.91
N GLY MA 19 10.48 -20.29 53.13
CA GLY MA 19 9.32 -20.91 52.51
C GLY MA 19 8.65 -20.09 51.42
N LEU MA 20 8.96 -18.80 51.34
CA LEU MA 20 8.21 -17.87 50.50
C LEU MA 20 9.12 -17.26 49.45
N PRO MA 21 9.17 -17.84 48.25
CA PRO MA 21 9.98 -17.24 47.18
C PRO MA 21 9.32 -16.02 46.57
N VAL MA 22 10.00 -15.38 45.62
CA VAL MA 22 9.39 -14.29 44.88
C VAL MA 22 8.23 -14.83 44.07
N ALA MA 23 7.27 -13.95 43.77
CA ALA MA 23 6.00 -14.25 43.13
C ALA MA 23 5.06 -14.99 44.05
N ALA MA 24 5.37 -15.09 45.34
CA ALA MA 24 4.44 -15.65 46.29
C ALA MA 24 3.30 -14.69 46.53
N THR MA 25 2.14 -15.26 46.88
CA THR MA 25 0.93 -14.48 47.11
C THR MA 25 0.45 -14.85 48.50
N VAL MA 26 0.48 -13.88 49.41
CA VAL MA 26 0.24 -14.15 50.82
C VAL MA 26 -0.97 -13.34 51.27
N ASN MA 27 -1.63 -13.82 52.32
CA ASN MA 27 -2.70 -13.06 52.93
C ASN MA 27 -2.12 -11.82 53.60
N CYS MA 28 -2.91 -10.76 53.63
CA CYS MA 28 -2.49 -9.52 54.28
C CYS MA 28 -3.21 -9.45 55.62
N ALA MA 29 -2.54 -9.90 56.67
CA ALA MA 29 -3.18 -10.09 57.97
C ALA MA 29 -3.10 -8.80 58.80
N ASP MA 30 -3.84 -7.79 58.34
CA ASP MA 30 -4.08 -6.61 59.15
C ASP MA 30 -5.29 -5.87 58.60
N ASN MA 31 -5.77 -4.90 59.36
CA ASN MA 31 -6.93 -4.11 58.98
C ASN MA 31 -6.54 -2.89 58.14
N THR MA 32 -5.74 -3.12 57.10
CA THR MA 32 -5.25 -2.02 56.28
C THR MA 32 -6.07 -1.82 55.02
N GLY MA 33 -6.81 -2.83 54.58
CA GLY MA 33 -7.61 -2.78 53.38
C GLY MA 33 -7.17 -3.76 52.32
N ALA MA 34 -5.89 -4.08 52.28
CA ALA MA 34 -5.39 -5.05 51.32
C ALA MA 34 -5.77 -6.46 51.75
N LYS MA 35 -6.39 -7.21 50.84
CA LYS MA 35 -6.67 -8.61 51.08
C LYS MA 35 -5.51 -9.52 50.72
N ASN MA 36 -4.45 -8.98 50.11
CA ASN MA 36 -3.52 -9.85 49.42
C ASN MA 36 -2.22 -9.10 49.14
N LEU MA 37 -1.10 -9.74 49.43
CA LEU MA 37 0.20 -9.22 49.06
C LEU MA 37 0.87 -10.14 48.06
N TYR MA 38 1.81 -9.57 47.32
CA TYR MA 38 2.50 -10.25 46.23
C TYR MA 38 3.97 -9.92 46.41
N ILE MA 39 4.75 -10.92 46.79
CA ILE MA 39 6.16 -10.72 47.08
C ILE MA 39 6.90 -10.44 45.78
N ILE MA 40 7.70 -9.37 45.76
CA ILE MA 40 8.50 -9.08 44.59
C ILE MA 40 9.99 -9.08 44.88
N SER MA 41 10.41 -8.94 46.13
CA SER MA 41 11.80 -9.07 46.52
C SER MA 41 11.86 -9.11 48.02
N VAL MA 42 13.00 -9.56 48.54
CA VAL MA 42 13.23 -9.69 49.97
C VAL MA 42 14.39 -8.80 50.36
N LYS MA 43 14.22 -8.01 51.40
CA LYS MA 43 15.34 -7.22 51.89
C LYS MA 43 16.43 -8.16 52.39
N GLY MA 44 17.67 -7.66 52.33
CA GLY MA 44 18.78 -8.33 52.97
C GLY MA 44 19.32 -9.55 52.27
N ILE MA 45 18.83 -9.89 51.08
CA ILE MA 45 19.32 -11.07 50.39
C ILE MA 45 20.42 -10.65 49.43
N LYS MA 46 21.56 -11.34 49.52
CA LYS MA 46 22.60 -11.26 48.52
C LYS MA 46 22.47 -12.47 47.62
N GLY MA 47 22.35 -12.22 46.31
CA GLY MA 47 21.83 -13.21 45.40
C GLY MA 47 22.84 -14.28 45.03
N ARG MA 48 22.41 -15.12 44.10
CA ARG MA 48 23.18 -16.22 43.57
C ARG MA 48 22.46 -16.69 42.31
N LEU MA 49 23.23 -16.95 41.26
CA LEU MA 49 22.65 -17.21 39.95
C LEU MA 49 21.49 -18.18 40.04
N ASN MA 50 20.36 -17.78 39.46
CA ASN MA 50 19.18 -18.57 39.20
C ASN MA 50 18.35 -18.84 40.46
N ARG MA 51 18.80 -18.42 41.63
CA ARG MA 51 18.03 -18.67 42.85
C ARG MA 51 16.99 -17.59 43.05
N LEU MA 52 15.73 -17.99 43.12
CA LEU MA 52 14.65 -17.07 43.46
C LEU MA 52 14.79 -16.64 44.91
N PRO MA 53 14.86 -15.36 45.20
CA PRO MA 53 14.93 -14.92 46.60
C PRO MA 53 13.74 -15.43 47.39
N SER MA 54 14.00 -15.90 48.61
CA SER MA 54 12.98 -16.52 49.43
C SER MA 54 12.80 -15.76 50.73
N ALA MA 55 11.58 -15.76 51.24
CA ALA MA 55 11.21 -15.01 52.43
C ALA MA 55 10.77 -15.96 53.54
N CYS MA 56 11.04 -15.57 54.78
CA CYS MA 56 10.63 -16.36 55.94
C CYS MA 56 10.07 -15.41 56.99
N VAL MA 57 9.76 -15.96 58.16
CA VAL MA 57 9.10 -15.18 59.19
C VAL MA 57 10.08 -14.15 59.75
N GLY MA 58 9.67 -12.89 59.75
CA GLY MA 58 10.54 -11.80 60.13
C GLY MA 58 11.29 -11.17 58.99
N ASP MA 59 11.30 -11.81 57.82
CA ASP MA 59 11.97 -11.25 56.65
C ASP MA 59 11.16 -10.07 56.14
N MET MA 60 11.68 -8.85 56.31
CA MET MA 60 11.02 -7.70 55.73
C MET MA 60 11.23 -7.72 54.22
N VAL MA 61 10.14 -7.61 53.48
CA VAL MA 61 10.10 -7.86 52.04
C VAL MA 61 9.51 -6.64 51.36
N MET MA 62 9.56 -6.68 50.03
CA MET MA 62 8.83 -5.73 49.21
C MET MA 62 7.64 -6.45 48.61
N ALA MA 63 6.45 -5.92 48.82
CA ALA MA 63 5.24 -6.56 48.33
C ALA MA 63 4.37 -5.51 47.66
N THR MA 64 3.53 -5.98 46.75
CA THR MA 64 2.53 -5.14 46.12
C THR MA 64 1.16 -5.79 46.28
N VAL MA 65 0.13 -4.98 46.38
CA VAL MA 65 -1.22 -5.50 46.61
C VAL MA 65 -1.86 -5.79 45.27
N LYS MA 66 -2.28 -7.04 45.07
CA LYS MA 66 -2.95 -7.43 43.84
C LYS MA 66 -4.47 -7.50 43.97
N LYS MA 67 -4.99 -7.62 45.18
CA LYS MA 67 -6.44 -7.60 45.42
C LYS MA 67 -6.71 -6.89 46.73
N GLY MA 68 -7.31 -5.71 46.67
CA GLY MA 68 -7.59 -4.97 47.90
C GLY MA 68 -8.02 -3.55 47.63
N LYS MA 69 -7.72 -2.68 48.57
CA LYS MA 69 -8.15 -1.29 48.50
C LYS MA 69 -7.42 -0.57 47.36
N PRO MA 70 -8.13 0.18 46.52
CA PRO MA 70 -7.47 0.83 45.37
C PRO MA 70 -6.46 1.88 45.76
N ASP MA 71 -6.48 2.37 47.00
CA ASP MA 71 -5.53 3.38 47.45
C ASP MA 71 -4.21 2.80 47.91
N LEU MA 72 -4.07 1.48 47.90
CA LEU MA 72 -2.82 0.81 48.23
C LEU MA 72 -2.22 0.06 47.06
N ARG MA 73 -2.96 -0.10 45.97
CA ARG MA 73 -2.52 -0.94 44.87
C ARG MA 73 -1.57 -0.16 43.96
N LYS MA 74 -0.76 -0.92 43.21
CA LYS MA 74 0.12 -0.38 42.17
C LYS MA 74 1.25 0.45 42.76
N LYS MA 75 1.82 0.01 43.87
CA LYS MA 75 3.00 0.64 44.43
C LYS MA 75 3.69 -0.33 45.38
N VAL MA 76 5.01 -0.40 45.28
CA VAL MA 76 5.78 -1.30 46.11
C VAL MA 76 5.72 -0.82 47.56
N MET MA 77 5.82 -1.77 48.49
CA MET MA 77 5.77 -1.33 49.87
C MET MA 77 6.37 -2.37 50.79
N PRO MA 78 7.08 -1.96 51.84
CA PRO MA 78 7.63 -2.95 52.77
C PRO MA 78 6.55 -3.70 53.50
N ALA MA 79 6.74 -5.01 53.59
CA ALA MA 79 5.88 -5.86 54.39
C ALA MA 79 6.76 -6.72 55.28
N VAL MA 80 6.12 -7.42 56.22
CA VAL MA 80 6.80 -8.35 57.10
C VAL MA 80 6.00 -9.62 57.15
N ILE MA 81 6.66 -10.75 56.95
CA ILE MA 81 5.98 -12.04 56.99
C ILE MA 81 5.77 -12.44 58.45
N VAL MA 82 4.53 -12.77 58.79
CA VAL MA 82 4.19 -13.15 60.17
C VAL MA 82 3.65 -14.57 60.28
N ARG MA 83 3.20 -15.18 59.19
CA ARG MA 83 2.76 -16.56 59.23
C ARG MA 83 3.31 -17.29 58.01
N GLN MA 84 3.79 -18.49 58.22
CA GLN MA 84 4.42 -19.30 57.20
C GLN MA 84 3.88 -20.72 57.30
N ARG MA 85 3.53 -21.30 56.16
CA ARG MA 85 3.03 -22.67 56.16
C ARG MA 85 4.15 -23.70 56.02
N LYS MA 86 5.34 -23.29 55.62
CA LYS MA 86 6.46 -24.20 55.58
C LYS MA 86 6.91 -24.55 56.99
N PRO MA 87 6.94 -25.83 57.36
CA PRO MA 87 7.44 -26.21 58.68
C PRO MA 87 8.86 -25.74 58.87
N TRP MA 88 9.19 -25.33 60.08
CA TRP MA 88 10.56 -24.93 60.34
C TRP MA 88 10.98 -25.31 61.74
N ARG MA 89 12.28 -25.54 61.87
CA ARG MA 89 12.89 -26.23 62.99
C ARG MA 89 13.24 -25.21 64.07
N ARG MA 90 12.35 -25.04 65.04
CA ARG MA 90 12.64 -24.26 66.23
C ARG MA 90 13.90 -24.80 66.88
N LYS MA 91 14.53 -23.99 67.71
CA LYS MA 91 15.68 -24.53 68.42
C LYS MA 91 15.28 -25.56 69.47
N ASP MA 92 14.00 -25.65 69.81
CA ASP MA 92 13.55 -26.62 70.79
C ASP MA 92 13.57 -28.03 70.24
N GLY MA 93 13.59 -28.18 68.92
CA GLY MA 93 13.38 -29.45 68.27
C GLY MA 93 12.05 -29.56 67.55
N VAL MA 94 11.06 -28.79 67.97
CA VAL MA 94 9.74 -28.83 67.34
C VAL MA 94 9.81 -28.13 65.99
N PHE MA 95 9.01 -28.63 65.04
CA PHE MA 95 8.93 -28.04 63.71
C PHE MA 95 7.62 -27.26 63.63
N MET MA 96 7.67 -26.02 64.09
CA MET MA 96 6.46 -25.24 64.27
C MET MA 96 6.10 -24.48 63.01
N TYR MA 97 4.81 -24.44 62.69
CA TYR MA 97 4.36 -23.80 61.47
C TYR MA 97 2.90 -23.41 61.61
N PHE MA 98 2.38 -22.74 60.59
CA PHE MA 98 1.08 -22.09 60.66
C PHE MA 98 0.17 -22.70 59.61
N GLU MA 99 -1.01 -22.11 59.44
CA GLU MA 99 -1.96 -22.62 58.47
C GLU MA 99 -1.95 -21.88 57.15
N ASP MA 100 -1.46 -20.63 57.12
CA ASP MA 100 -1.45 -19.88 55.88
C ASP MA 100 -0.38 -18.81 55.91
N ASN MA 101 0.16 -18.50 54.74
CA ASN MA 101 1.18 -17.47 54.64
C ASN MA 101 0.52 -16.11 54.77
N ALA MA 102 1.04 -15.27 55.67
CA ALA MA 102 0.38 -14.00 55.94
C ALA MA 102 1.40 -12.98 56.39
N GLY MA 103 1.22 -11.74 55.95
CA GLY MA 103 2.16 -10.68 56.25
C GLY MA 103 1.43 -9.38 56.49
N VAL MA 104 2.17 -8.42 57.04
CA VAL MA 104 1.63 -7.14 57.47
C VAL MA 104 2.39 -6.01 56.80
N ILE MA 105 1.67 -4.96 56.39
CA ILE MA 105 2.31 -3.82 55.74
C ILE MA 105 3.02 -2.97 56.79
N VAL MA 106 4.28 -2.65 56.54
CA VAL MA 106 5.04 -1.79 57.44
C VAL MA 106 5.66 -0.64 56.66
N ASN MA 107 5.95 0.44 57.38
CA ASN MA 107 6.69 1.56 56.85
C ASN MA 107 8.16 1.17 56.71
N PRO MA 108 8.94 1.88 55.90
CA PRO MA 108 10.31 1.44 55.64
C PRO MA 108 11.17 1.30 56.88
N LYS MA 109 10.88 2.02 57.95
CA LYS MA 109 11.58 1.79 59.20
C LYS MA 109 11.02 0.61 59.97
N GLY MA 110 9.85 0.12 59.61
CA GLY MA 110 9.25 -1.02 60.26
C GLY MA 110 8.08 -0.71 61.18
N GLU MA 111 7.64 0.54 61.25
CA GLU MA 111 6.44 0.84 62.01
C GLU MA 111 5.22 0.20 61.34
N MET MA 112 4.32 -0.30 62.16
CA MET MA 112 3.11 -0.94 61.67
C MET MA 112 2.23 0.09 61.00
N LYS MA 113 1.91 -0.13 59.72
CA LYS MA 113 1.03 0.80 59.01
C LYS MA 113 -0.39 0.73 59.54
N GLY MA 114 -0.93 -0.47 59.68
CA GLY MA 114 -2.31 -0.66 60.07
C GLY MA 114 -2.52 -0.44 61.55
N SER MA 115 -3.50 -1.13 62.09
CA SER MA 115 -3.87 -0.98 63.49
C SER MA 115 -3.78 -2.27 64.28
N ALA MA 116 -4.21 -3.38 63.71
CA ALA MA 116 -4.22 -4.65 64.44
C ALA MA 116 -3.99 -5.78 63.46
N ILE MA 117 -3.65 -6.94 64.00
CA ILE MA 117 -3.28 -8.11 63.22
C ILE MA 117 -4.29 -9.21 63.48
N THR MA 118 -4.91 -9.72 62.43
CA THR MA 118 -5.84 -10.83 62.56
C THR MA 118 -5.09 -12.16 62.43
N GLY MA 119 -5.31 -13.03 63.40
CA GLY MA 119 -4.66 -14.33 63.39
C GLY MA 119 -3.41 -14.38 64.24
N PRO MA 120 -2.95 -15.58 64.55
CA PRO MA 120 -1.71 -15.74 65.31
C PRO MA 120 -0.49 -15.28 64.53
N ILE MA 121 0.57 -14.99 65.27
CA ILE MA 121 1.77 -14.35 64.76
C ILE MA 121 3.01 -15.05 65.33
N GLY MA 122 4.08 -15.07 64.56
CA GLY MA 122 5.26 -15.83 64.96
C GLY MA 122 6.10 -15.13 66.01
N LYS MA 123 6.61 -15.92 66.96
CA LYS MA 123 7.40 -15.37 68.05
C LYS MA 123 8.70 -14.76 67.56
N GLU MA 124 9.31 -15.38 66.55
CA GLU MA 124 10.56 -14.87 66.01
C GLU MA 124 10.35 -13.58 65.22
N CYS MA 125 9.15 -13.37 64.67
CA CYS MA 125 8.84 -12.08 64.07
C CYS MA 125 8.58 -11.03 65.13
N ALA MA 126 7.90 -11.41 66.21
CA ALA MA 126 7.56 -10.43 67.24
C ALA MA 126 8.81 -9.95 67.96
N ASP MA 127 9.69 -10.87 68.34
CA ASP MA 127 10.86 -10.47 69.11
C ASP MA 127 11.86 -9.69 68.29
N LEU MA 128 11.66 -9.61 66.97
CA LEU MA 128 12.50 -8.81 66.10
C LEU MA 128 11.86 -7.49 65.71
N TRP MA 129 10.54 -7.43 65.62
CA TRP MA 129 9.82 -6.20 65.32
C TRP MA 129 8.96 -5.82 66.51
N PRO MA 130 9.39 -4.87 67.33
CA PRO MA 130 8.61 -4.55 68.54
C PRO MA 130 7.21 -4.06 68.26
N ARG MA 131 7.00 -3.25 67.24
CA ARG MA 131 5.69 -2.65 67.03
C ARG MA 131 4.69 -3.63 66.43
N ILE MA 132 5.14 -4.48 65.51
CA ILE MA 132 4.32 -5.62 65.12
C ILE MA 132 4.05 -6.52 66.31
N ALA MA 133 5.04 -6.68 67.18
CA ALA MA 133 4.82 -7.44 68.41
C ALA MA 133 3.76 -6.77 69.26
N SER MA 134 3.74 -5.44 69.29
CA SER MA 134 2.77 -4.75 70.13
C SER MA 134 1.37 -4.86 69.56
N ALA MA 135 1.22 -4.65 68.25
CA ALA MA 135 -0.09 -4.75 67.63
C ALA MA 135 -0.57 -6.20 67.50
N ALA MA 136 0.30 -7.17 67.75
CA ALA MA 136 -0.10 -8.58 67.67
C ALA MA 136 -1.07 -8.93 68.79
N ASN MA 137 -1.94 -9.89 68.50
CA ASN MA 137 -2.97 -10.30 69.44
C ASN MA 137 -2.71 -11.66 70.10
N ALA MA 138 -2.13 -12.62 69.36
CA ALA MA 138 -1.89 -13.95 69.90
C ALA MA 138 -0.53 -14.43 69.40
N ILE MA 139 0.53 -14.12 70.14
CA ILE MA 139 1.87 -14.56 69.79
C ILE MA 139 2.02 -16.05 70.04
N VAL MA 140 2.63 -16.75 69.08
CA VAL MA 140 2.80 -18.18 69.16
C VAL MA 140 3.72 -18.65 68.06
N GLY NA 2 -7.44 -46.84 -88.08
CA GLY NA 2 -6.86 -46.70 -86.76
C GLY NA 2 -7.44 -45.53 -86.01
N ALA NA 3 -8.15 -45.81 -84.92
CA ALA NA 3 -8.88 -44.77 -84.21
C ALA NA 3 -8.08 -44.14 -83.09
N TYR NA 4 -7.01 -44.79 -82.64
CA TYR NA 4 -6.35 -44.31 -81.44
C TYR NA 4 -5.70 -42.95 -81.65
N LYS NA 5 -5.31 -42.60 -82.87
CA LYS NA 5 -4.81 -41.24 -83.08
C LYS NA 5 -5.94 -40.23 -82.86
N PHE NA 6 -7.12 -40.52 -83.39
CA PHE NA 6 -8.28 -39.65 -83.15
C PHE NA 6 -8.54 -39.49 -81.66
N VAL NA 7 -8.67 -40.61 -80.94
CA VAL NA 7 -9.02 -40.48 -79.54
C VAL NA 7 -7.90 -39.84 -78.74
N SER NA 8 -6.64 -40.11 -79.09
CA SER NA 8 -5.52 -39.51 -78.38
C SER NA 8 -5.52 -38.00 -78.55
N GLU NA 9 -5.77 -37.51 -79.77
CA GLU NA 9 -5.81 -36.07 -79.97
C GLU NA 9 -6.99 -35.45 -79.24
N LEU NA 10 -8.12 -36.17 -79.21
CA LEU NA 10 -9.28 -35.65 -78.49
C LEU NA 10 -9.04 -35.58 -76.99
N TRP NA 11 -8.21 -36.47 -76.45
CA TRP NA 11 -7.72 -36.32 -75.08
C TRP NA 11 -6.57 -35.34 -74.95
N ARG NA 12 -5.93 -34.96 -76.05
CA ARG NA 12 -4.97 -33.86 -75.97
C ARG NA 12 -5.67 -32.53 -75.77
N ARG NA 13 -6.83 -32.35 -76.40
CA ARG NA 13 -7.62 -31.14 -76.23
C ARG NA 13 -8.45 -31.23 -74.95
N LYS NA 14 -7.82 -30.90 -73.83
CA LYS NA 14 -8.46 -31.06 -72.52
C LYS NA 14 -9.19 -29.84 -72.03
N GLN NA 15 -9.16 -28.72 -72.74
CA GLN NA 15 -9.95 -27.57 -72.34
C GLN NA 15 -11.10 -27.29 -73.30
N SER NA 16 -11.33 -28.19 -74.26
CA SER NA 16 -12.45 -28.05 -75.17
C SER NA 16 -13.76 -28.29 -74.42
N ASP NA 17 -14.86 -27.85 -75.05
CA ASP NA 17 -16.17 -27.96 -74.42
C ASP NA 17 -16.59 -29.41 -74.22
N VAL NA 18 -16.36 -30.26 -75.22
CA VAL NA 18 -16.79 -31.64 -75.12
C VAL NA 18 -16.04 -32.36 -74.01
N MET NA 19 -14.73 -32.14 -73.91
CA MET NA 19 -13.96 -32.79 -72.86
C MET NA 19 -14.31 -32.22 -71.50
N ARG NA 20 -14.54 -30.91 -71.41
CA ARG NA 20 -14.98 -30.33 -70.16
C ARG NA 20 -16.28 -30.98 -69.68
N PHE NA 21 -17.26 -31.11 -70.57
CA PHE NA 21 -18.50 -31.78 -70.21
C PHE NA 21 -18.25 -33.19 -69.70
N VAL NA 22 -17.67 -34.03 -70.54
CA VAL NA 22 -17.57 -35.44 -70.19
C VAL NA 22 -16.66 -35.64 -68.98
N GLN NA 23 -15.67 -34.79 -68.80
CA GLN NA 23 -14.75 -34.91 -67.68
C GLN NA 23 -15.35 -34.41 -66.38
N ARG NA 24 -16.19 -33.37 -66.41
CA ARG NA 24 -16.93 -33.00 -65.21
C ARG NA 24 -17.90 -34.10 -64.79
N VAL NA 25 -18.63 -34.68 -65.75
CA VAL NA 25 -19.60 -35.69 -65.34
C VAL NA 25 -18.89 -36.96 -64.85
N ARG NA 26 -17.79 -37.34 -65.48
CA ARG NA 26 -17.01 -38.43 -64.91
C ARG NA 26 -16.44 -38.07 -63.55
N CYS NA 27 -16.04 -36.82 -63.34
CA CYS NA 27 -15.50 -36.45 -62.04
C CYS NA 27 -16.56 -36.62 -60.96
N TRP NA 28 -17.79 -36.23 -61.25
CA TRP NA 28 -18.86 -36.43 -60.27
C TRP NA 28 -19.08 -37.91 -60.00
N GLU NA 29 -19.16 -38.71 -61.06
CA GLU NA 29 -19.36 -40.15 -60.87
C GLU NA 29 -18.23 -40.75 -60.04
N TYR NA 30 -17.00 -40.33 -60.29
CA TYR NA 30 -15.86 -40.83 -59.53
C TYR NA 30 -15.94 -40.41 -58.08
N ARG NA 31 -16.33 -39.16 -57.83
CA ARG NA 31 -16.40 -38.66 -56.47
C ARG NA 31 -17.49 -39.36 -55.68
N GLN NA 32 -18.45 -39.97 -56.35
CA GLN NA 32 -19.50 -40.69 -55.64
C GLN NA 32 -19.18 -42.16 -55.36
N GLN NA 33 -17.98 -42.63 -55.62
CA GLN NA 33 -17.59 -44.00 -55.40
C GLN NA 33 -16.44 -44.11 -54.39
N PRO NA 34 -16.10 -45.32 -53.96
CA PRO NA 34 -14.94 -45.48 -53.08
C PRO NA 34 -13.65 -44.99 -53.71
N ALA NA 35 -12.61 -44.95 -52.88
CA ALA NA 35 -11.31 -44.49 -53.35
C ALA NA 35 -10.69 -45.46 -54.33
N ILE NA 36 -10.72 -46.75 -54.02
CA ILE NA 36 -10.16 -47.80 -54.86
C ILE NA 36 -11.31 -48.62 -55.38
N VAL NA 37 -11.52 -48.61 -56.70
CA VAL NA 37 -12.63 -49.35 -57.29
C VAL NA 37 -12.16 -50.08 -58.54
N ARG NA 38 -12.42 -51.38 -58.60
CA ARG NA 38 -12.26 -52.13 -59.83
C ARG NA 38 -13.12 -51.54 -60.94
N ILE NA 39 -12.54 -51.38 -62.12
CA ILE NA 39 -13.30 -51.00 -63.29
C ILE NA 39 -12.98 -51.99 -64.40
N THR NA 40 -14.01 -52.34 -65.16
CA THR NA 40 -13.88 -53.45 -66.10
C THR NA 40 -12.91 -53.14 -67.22
N ARG NA 41 -12.96 -51.94 -67.77
CA ARG NA 41 -12.20 -51.61 -68.95
C ARG NA 41 -11.67 -50.19 -68.85
N PRO NA 42 -10.52 -49.91 -69.47
CA PRO NA 42 -9.98 -48.56 -69.40
C PRO NA 42 -10.94 -47.55 -70.01
N THR NA 43 -11.03 -46.39 -69.38
CA THR NA 43 -11.73 -45.28 -70.01
C THR NA 43 -10.89 -44.61 -71.08
N ARG NA 44 -9.58 -44.85 -71.08
CA ARG NA 44 -8.65 -44.27 -72.04
C ARG NA 44 -7.95 -45.45 -72.72
N PRO NA 45 -8.62 -46.10 -73.66
CA PRO NA 45 -8.02 -47.29 -74.26
C PRO NA 45 -6.68 -47.02 -74.90
N ASP NA 46 -6.53 -45.89 -75.57
CA ASP NA 46 -5.27 -45.58 -76.24
C ASP NA 46 -4.14 -45.36 -75.24
N ARG NA 47 -4.39 -44.55 -74.21
CA ARG NA 47 -3.38 -44.30 -73.21
C ARG NA 47 -3.01 -45.57 -72.47
N ALA NA 48 -4.01 -46.39 -72.16
CA ALA NA 48 -3.74 -47.68 -71.53
C ALA NA 48 -2.88 -48.56 -72.42
N ARG NA 49 -3.19 -48.60 -73.72
CA ARG NA 49 -2.43 -49.45 -74.62
C ARG NA 49 -0.98 -49.02 -74.70
N ARG NA 50 -0.74 -47.72 -74.89
CA ARG NA 50 0.64 -47.28 -75.09
C ARG NA 50 1.52 -47.53 -73.88
N LEU NA 51 0.92 -47.75 -72.71
CA LEU NA 51 1.67 -48.11 -71.52
C LEU NA 51 1.74 -49.61 -71.27
N GLY NA 52 1.19 -50.42 -72.17
CA GLY NA 52 1.28 -51.85 -72.04
C GLY NA 52 0.04 -52.55 -71.57
N PHE NA 53 -1.13 -51.95 -71.73
CA PHE NA 53 -2.38 -52.65 -71.44
C PHE NA 53 -2.80 -53.44 -72.66
N LYS NA 54 -3.41 -54.60 -72.41
CA LYS NA 54 -3.90 -55.44 -73.50
C LYS NA 54 -5.26 -55.97 -73.12
N ALA NA 55 -6.13 -56.12 -74.11
CA ALA NA 55 -7.46 -56.66 -73.84
C ALA NA 55 -7.35 -58.15 -73.59
N LYS NA 56 -6.63 -58.52 -72.54
CA LYS NA 56 -6.30 -59.91 -72.26
C LYS NA 56 -6.55 -60.19 -70.79
N GLN NA 57 -6.92 -61.43 -70.50
CA GLN NA 57 -7.22 -61.82 -69.13
C GLN NA 57 -5.99 -61.65 -68.26
N GLY NA 58 -6.21 -61.18 -67.03
CA GLY NA 58 -5.15 -60.96 -66.09
C GLY NA 58 -4.73 -59.51 -65.97
N TYR NA 59 -4.93 -58.71 -67.00
CA TYR NA 59 -4.72 -57.27 -66.92
C TYR NA 59 -6.01 -56.66 -66.38
N VAL NA 60 -5.97 -56.18 -65.15
CA VAL NA 60 -7.13 -55.53 -64.57
C VAL NA 60 -6.85 -54.05 -64.49
N VAL NA 61 -7.91 -53.26 -64.38
CA VAL NA 61 -7.79 -51.82 -64.26
C VAL NA 61 -8.50 -51.40 -62.99
N TYR NA 62 -7.83 -50.61 -62.17
CA TYR NA 62 -8.35 -50.18 -60.88
C TYR NA 62 -8.23 -48.68 -60.79
N ARG NA 63 -9.33 -48.00 -60.49
CA ARG NA 63 -9.33 -46.56 -60.38
C ARG NA 63 -9.08 -46.16 -58.94
N ILE NA 64 -8.08 -45.29 -58.75
CA ILE NA 64 -7.55 -44.91 -57.46
C ILE NA 64 -7.75 -43.42 -57.30
N ARG NA 65 -8.23 -43.01 -56.13
CA ARG NA 65 -8.38 -41.59 -55.81
C ARG NA 65 -7.32 -41.19 -54.81
N VAL NA 66 -6.75 -40.00 -54.97
CA VAL NA 66 -5.84 -39.46 -53.97
C VAL NA 66 -6.17 -37.99 -53.73
N ARG NA 67 -5.97 -37.54 -52.50
CA ARG NA 67 -6.11 -36.13 -52.21
C ARG NA 67 -4.94 -35.35 -52.79
N ARG NA 68 -5.16 -34.05 -52.94
CA ARG NA 68 -4.21 -33.16 -53.55
C ARG NA 68 -3.49 -32.40 -52.45
N GLY NA 69 -2.72 -31.40 -52.83
CA GLY NA 69 -2.05 -30.56 -51.85
C GLY NA 69 -0.79 -31.21 -51.32
N GLY NA 70 0.01 -30.39 -50.64
CA GLY NA 70 1.30 -30.84 -50.16
C GLY NA 70 1.19 -31.68 -48.92
N ARG NA 71 2.34 -32.13 -48.44
CA ARG NA 71 2.42 -32.95 -47.25
C ARG NA 71 2.72 -32.03 -46.08
N LYS NA 72 1.76 -31.86 -45.19
CA LYS NA 72 1.92 -30.98 -44.05
C LYS NA 72 2.39 -31.81 -42.86
N ARG NA 73 3.45 -31.34 -42.21
CA ARG NA 73 4.26 -32.17 -41.32
C ARG NA 73 3.47 -32.68 -40.13
N PRO NA 74 3.40 -33.99 -39.92
CA PRO NA 74 2.61 -34.56 -38.80
C PRO NA 74 3.34 -34.53 -37.45
N VAL NA 75 3.28 -33.39 -36.79
CA VAL NA 75 3.92 -33.22 -35.48
C VAL NA 75 2.89 -32.65 -34.52
N PRO NA 76 3.06 -32.89 -33.21
CA PRO NA 76 1.88 -32.90 -32.34
C PRO NA 76 1.10 -31.59 -32.25
N LYS NA 77 1.75 -30.43 -32.35
CA LYS NA 77 0.97 -29.20 -32.44
C LYS NA 77 1.60 -28.21 -33.40
N GLY NA 78 2.30 -28.67 -34.43
CA GLY NA 78 3.15 -27.79 -35.18
C GLY NA 78 4.43 -27.47 -34.47
N ILE NA 79 4.65 -28.09 -33.32
CA ILE NA 79 5.88 -27.91 -32.56
C ILE NA 79 6.92 -28.88 -33.12
N VAL NA 80 7.99 -28.33 -33.67
CA VAL NA 80 9.10 -29.12 -34.18
C VAL NA 80 10.32 -28.75 -33.34
N TYR NA 81 10.72 -29.66 -32.46
CA TYR NA 81 11.82 -29.38 -31.55
C TYR NA 81 13.10 -29.39 -32.38
N GLY NA 82 13.76 -28.25 -32.50
CA GLY NA 82 14.98 -28.21 -33.26
C GLY NA 82 15.38 -26.78 -33.56
N LYS NA 83 16.35 -26.66 -34.46
CA LYS NA 83 16.82 -25.36 -34.87
C LYS NA 83 15.80 -24.71 -35.79
N PRO NA 84 15.80 -23.38 -35.87
CA PRO NA 84 14.75 -22.69 -36.63
C PRO NA 84 14.66 -23.10 -38.09
N LYS NA 85 15.68 -23.74 -38.63
CA LYS NA 85 15.70 -24.03 -40.06
C LYS NA 85 14.98 -25.32 -40.43
N HIS NA 86 14.47 -26.06 -39.46
CA HIS NA 86 13.66 -27.24 -39.69
C HIS NA 86 12.28 -27.09 -39.08
N GLN NA 87 11.88 -25.86 -38.81
CA GLN NA 87 10.78 -25.54 -37.92
C GLN NA 87 9.49 -25.25 -38.66
N GLY NA 88 9.49 -25.36 -39.98
CA GLY NA 88 8.30 -25.08 -40.74
C GLY NA 88 7.33 -26.24 -40.77
N ILE NA 89 6.09 -25.94 -41.14
CA ILE NA 89 5.05 -26.95 -41.22
C ILE NA 89 4.35 -26.93 -42.57
N THR NA 90 3.84 -25.77 -42.96
CA THR NA 90 2.72 -25.71 -43.89
C THR NA 90 3.09 -25.59 -45.37
N GLN NA 91 4.37 -25.44 -45.70
CA GLN NA 91 4.71 -25.33 -47.11
C GLN NA 91 5.72 -26.40 -47.53
N LEU NA 92 5.67 -27.55 -46.89
CA LEU NA 92 6.49 -28.68 -47.27
C LEU NA 92 5.77 -29.54 -48.29
N LYS NA 93 6.55 -30.14 -49.19
CA LYS NA 93 6.01 -30.94 -50.27
C LYS NA 93 6.56 -32.35 -50.23
N PHE NA 94 5.69 -33.31 -50.46
CA PHE NA 94 6.05 -34.71 -50.48
C PHE NA 94 6.92 -35.02 -51.70
N GLN NA 95 7.96 -35.81 -51.49
CA GLN NA 95 8.93 -36.09 -52.54
C GLN NA 95 8.56 -37.31 -53.37
N ARG NA 96 7.29 -37.70 -53.36
CA ARG NA 96 6.73 -38.63 -54.34
C ARG NA 96 5.50 -38.02 -54.97
N ASN NA 97 5.41 -38.10 -56.30
CA ASN NA 97 4.26 -37.57 -56.99
C ASN NA 97 3.01 -38.40 -56.74
N LYS NA 98 1.85 -37.77 -56.95
CA LYS NA 98 0.58 -38.39 -56.62
C LYS NA 98 0.31 -39.62 -57.46
N ARG NA 99 0.80 -39.65 -58.69
CA ARG NA 99 0.74 -40.87 -59.48
C ARG NA 99 1.38 -42.03 -58.73
N SER NA 100 2.55 -41.80 -58.16
CA SER NA 100 3.21 -42.84 -57.37
C SER NA 100 2.43 -43.16 -56.11
N VAL NA 101 1.85 -42.15 -55.46
CA VAL NA 101 1.07 -42.41 -54.26
C VAL NA 101 -0.10 -43.32 -54.58
N ALA NA 102 -0.78 -43.07 -55.70
CA ALA NA 102 -1.88 -43.91 -56.11
C ALA NA 102 -1.41 -45.33 -56.40
N GLU NA 103 -0.27 -45.47 -57.08
CA GLU NA 103 0.24 -46.81 -57.35
C GLU NA 103 0.56 -47.54 -56.05
N GLU NA 104 1.10 -46.82 -55.08
CA GLU NA 104 1.51 -47.41 -53.81
C GLU NA 104 0.34 -47.60 -52.85
N ARG NA 105 -0.83 -47.06 -53.19
CA ARG NA 105 -2.05 -47.42 -52.49
C ARG NA 105 -2.63 -48.70 -53.07
N ALA NA 106 -2.74 -48.74 -54.39
CA ALA NA 106 -3.28 -49.92 -55.05
C ALA NA 106 -2.40 -51.13 -54.81
N GLY NA 107 -1.08 -50.95 -54.76
CA GLY NA 107 -0.20 -52.07 -54.56
C GLY NA 107 -0.40 -52.72 -53.19
N ARG NA 108 -0.53 -51.89 -52.16
CA ARG NA 108 -0.76 -52.44 -50.82
C ARG NA 108 -2.12 -53.11 -50.71
N ARG NA 109 -3.17 -52.47 -51.22
CA ARG NA 109 -4.47 -53.10 -51.02
C ARG NA 109 -4.61 -54.35 -51.87
N LEU NA 110 -3.94 -54.39 -53.02
CA LEU NA 110 -4.05 -55.49 -53.98
C LEU NA 110 -2.77 -56.31 -53.90
N GLY NA 111 -2.72 -57.26 -52.97
CA GLY NA 111 -1.48 -58.00 -52.76
C GLY NA 111 -1.12 -58.92 -53.90
N GLY NA 112 -2.10 -59.68 -54.40
CA GLY NA 112 -1.82 -60.74 -55.34
C GLY NA 112 -1.54 -60.33 -56.76
N LEU NA 113 -1.51 -59.03 -57.03
CA LEU NA 113 -1.32 -58.50 -58.37
C LEU NA 113 -0.14 -57.54 -58.35
N ARG NA 114 0.45 -57.32 -59.52
CA ARG NA 114 1.67 -56.52 -59.62
C ARG NA 114 1.40 -55.30 -60.48
N VAL NA 115 1.89 -54.14 -60.03
CA VAL NA 115 1.55 -52.87 -60.66
C VAL NA 115 2.39 -52.69 -61.92
N LEU NA 116 1.73 -52.49 -63.05
CA LEU NA 116 2.42 -52.27 -64.31
C LEU NA 116 2.63 -50.79 -64.60
N ASN NA 117 1.54 -50.04 -64.71
CA ASN NA 117 1.60 -48.59 -64.90
C ASN NA 117 0.37 -47.96 -64.30
N SER NA 118 0.31 -46.64 -64.41
CA SER NA 118 -0.85 -45.88 -63.94
C SER NA 118 -0.86 -44.56 -64.67
N TYR NA 119 -2.06 -44.08 -65.01
CA TYR NA 119 -2.17 -42.89 -65.81
C TYR NA 119 -3.32 -42.01 -65.32
N TRP NA 120 -3.13 -40.71 -65.48
CA TRP NA 120 -4.12 -39.72 -65.08
C TRP NA 120 -5.42 -39.94 -65.84
N VAL NA 121 -6.56 -39.80 -65.17
CA VAL NA 121 -7.83 -39.90 -65.88
C VAL NA 121 -8.66 -38.64 -65.66
N ASN NA 122 -8.71 -38.14 -64.42
CA ASN NA 122 -9.50 -36.94 -64.19
C ASN NA 122 -9.00 -36.28 -62.91
N GLU NA 123 -9.38 -35.02 -62.73
CA GLU NA 123 -8.79 -34.14 -61.73
C GLU NA 123 -9.81 -33.10 -61.30
N ASP NA 124 -9.72 -32.68 -60.05
CA ASP NA 124 -10.55 -31.58 -59.58
C ASP NA 124 -9.80 -30.85 -58.46
N SER NA 125 -10.52 -30.04 -57.69
CA SER NA 125 -9.86 -29.18 -56.70
C SER NA 125 -9.25 -29.98 -55.57
N THR NA 126 -9.76 -31.18 -55.29
CA THR NA 126 -9.31 -31.89 -54.12
C THR NA 126 -8.81 -33.30 -54.40
N TYR NA 127 -9.25 -33.95 -55.48
CA TYR NA 127 -8.86 -35.33 -55.67
C TYR NA 127 -8.39 -35.55 -57.10
N LYS NA 128 -7.32 -36.31 -57.26
CA LYS NA 128 -6.88 -36.80 -58.56
C LYS NA 128 -7.25 -38.26 -58.68
N TYR NA 129 -7.72 -38.63 -59.87
CA TYR NA 129 -8.15 -39.99 -60.18
C TYR NA 129 -7.15 -40.57 -61.16
N PHE NA 130 -6.52 -41.67 -60.79
CA PHE NA 130 -5.63 -42.38 -61.67
C PHE NA 130 -6.21 -43.75 -61.96
N GLU NA 131 -5.92 -44.27 -63.14
CA GLU NA 131 -6.23 -45.65 -63.45
C GLU NA 131 -4.92 -46.44 -63.40
N VAL NA 132 -4.88 -47.44 -62.54
CA VAL NA 132 -3.70 -48.27 -62.35
C VAL NA 132 -3.95 -49.59 -63.06
N ILE NA 133 -3.03 -49.96 -63.95
CA ILE NA 133 -3.08 -51.27 -64.59
C ILE NA 133 -2.35 -52.26 -63.71
N LEU NA 134 -3.06 -53.31 -63.29
CA LEU NA 134 -2.49 -54.36 -62.49
C LEU NA 134 -2.43 -55.63 -63.33
N VAL NA 135 -1.49 -56.51 -63.00
CA VAL NA 135 -1.27 -57.73 -63.74
C VAL NA 135 -1.33 -58.90 -62.78
N ASP NA 136 -2.09 -59.93 -63.12
CA ASP NA 136 -2.20 -61.13 -62.31
C ASP NA 136 -1.14 -62.11 -62.81
N VAL NA 137 -0.09 -62.33 -62.02
CA VAL NA 137 1.04 -63.11 -62.48
C VAL NA 137 0.93 -64.59 -62.17
N ALA NA 138 -0.10 -65.01 -61.47
CA ALA NA 138 -0.37 -66.43 -61.32
C ALA NA 138 -1.26 -66.95 -62.44
N HIS NA 139 -1.71 -66.07 -63.32
CA HIS NA 139 -2.69 -66.43 -64.33
C HIS NA 139 -1.99 -66.92 -65.59
N SER NA 140 -2.42 -68.08 -66.10
CA SER NA 140 -1.70 -68.72 -67.18
C SER NA 140 -1.60 -67.84 -68.43
N ALA NA 141 -2.63 -67.04 -68.71
CA ALA NA 141 -2.57 -66.20 -69.89
C ALA NA 141 -1.52 -65.12 -69.79
N VAL NA 142 -1.02 -64.85 -68.59
CA VAL NA 142 0.13 -63.98 -68.41
C VAL NA 142 1.43 -64.79 -68.36
N ARG NA 143 1.38 -66.00 -67.80
CA ARG NA 143 2.58 -66.85 -67.86
C ARG NA 143 2.97 -67.17 -69.29
N ASN NA 144 2.03 -67.19 -70.21
CA ASN NA 144 2.31 -67.60 -71.59
C ASN NA 144 2.47 -66.44 -72.55
N ASP NA 145 2.59 -65.21 -72.05
CA ASP NA 145 2.83 -64.07 -72.93
C ASP NA 145 4.26 -63.57 -72.74
N PRO NA 146 5.15 -63.81 -73.69
CA PRO NA 146 6.57 -63.44 -73.49
C PRO NA 146 6.79 -61.98 -73.19
N ARG NA 147 5.95 -61.09 -73.73
CA ARG NA 147 6.10 -59.68 -73.47
C ARG NA 147 5.83 -59.30 -72.03
N ILE NA 148 5.28 -60.20 -71.23
CA ILE NA 148 4.90 -59.88 -69.86
C ILE NA 148 5.39 -60.91 -68.85
N ASN NA 149 6.11 -61.95 -69.28
CA ASN NA 149 6.69 -62.87 -68.32
C ASN NA 149 7.66 -62.15 -67.38
N TRP NA 150 8.45 -61.23 -67.93
CA TRP NA 150 9.44 -60.50 -67.13
C TRP NA 150 8.88 -59.98 -65.83
N LEU NA 151 7.55 -59.83 -65.75
CA LEU NA 151 6.90 -59.36 -64.55
C LEU NA 151 6.59 -60.49 -63.58
N CYS NA 152 6.75 -61.74 -63.98
CA CYS NA 152 6.50 -62.86 -63.10
C CYS NA 152 7.73 -63.29 -62.31
N LYS NA 153 8.91 -62.81 -62.68
CA LYS NA 153 10.10 -63.15 -61.94
C LYS NA 153 10.06 -62.49 -60.56
N PRO NA 154 10.63 -63.14 -59.55
CA PRO NA 154 10.46 -62.66 -58.17
C PRO NA 154 11.09 -61.30 -57.91
N VAL NA 155 11.99 -60.83 -58.77
CA VAL NA 155 12.68 -59.58 -58.49
C VAL NA 155 11.83 -58.37 -58.78
N HIS NA 156 10.61 -58.56 -59.27
CA HIS NA 156 9.72 -57.46 -59.57
C HIS NA 156 8.54 -57.45 -58.62
N LYS NA 157 8.81 -57.73 -57.34
CA LYS NA 157 7.81 -57.63 -56.30
C LYS NA 157 7.71 -56.19 -55.79
N HIS NA 158 6.49 -55.70 -55.69
CA HIS NA 158 6.19 -54.38 -55.16
C HIS NA 158 7.09 -53.31 -55.80
N ARG NA 159 7.12 -53.33 -57.13
CA ARG NA 159 7.76 -52.25 -57.87
C ARG NA 159 7.25 -50.90 -57.39
N GLU NA 160 5.94 -50.78 -57.19
CA GLU NA 160 5.38 -49.53 -56.72
C GLU NA 160 5.94 -49.16 -55.36
N LEU NA 161 6.00 -50.11 -54.43
CA LEU NA 161 6.50 -49.83 -53.09
C LEU NA 161 7.99 -49.58 -53.07
N ARG NA 162 8.69 -49.85 -54.15
CA ARG NA 162 10.14 -49.72 -54.14
C ARG NA 162 10.65 -48.70 -55.15
N GLY NA 163 9.78 -48.11 -55.95
CA GLY NA 163 10.19 -47.03 -56.84
C GLY NA 163 10.68 -47.46 -58.20
N LEU NA 164 9.91 -48.27 -58.91
CA LEU NA 164 10.38 -48.83 -60.16
C LEU NA 164 9.46 -48.59 -61.35
N THR NA 165 8.30 -47.96 -61.17
CA THR NA 165 7.36 -47.77 -62.26
C THR NA 165 7.68 -46.47 -63.00
N SER NA 166 6.77 -46.04 -63.87
CA SER NA 166 6.97 -44.78 -64.59
C SER NA 166 7.01 -43.61 -63.63
N ALA NA 167 6.01 -43.51 -62.75
CA ALA NA 167 6.03 -42.48 -61.73
C ALA NA 167 7.22 -42.65 -60.82
N GLY NA 168 7.59 -43.91 -60.55
CA GLY NA 168 8.74 -44.15 -59.70
C GLY NA 168 9.99 -43.53 -60.26
N LYS NA 169 10.25 -43.75 -61.54
CA LYS NA 169 11.47 -43.17 -62.11
C LYS NA 169 11.34 -41.67 -62.26
N LYS NA 170 10.15 -41.15 -62.53
CA LYS NA 170 10.00 -39.71 -62.59
C LYS NA 170 10.41 -39.08 -61.27
N PHE NA 171 9.84 -39.54 -60.16
CA PHE NA 171 10.18 -38.89 -58.91
C PHE NA 171 11.55 -39.29 -58.40
N ARG NA 172 12.13 -40.36 -58.91
CA ARG NA 172 13.52 -40.63 -58.59
C ARG NA 172 14.46 -39.80 -59.43
N GLY NA 173 13.93 -39.11 -60.44
CA GLY NA 173 14.77 -38.26 -61.25
C GLY NA 173 15.60 -39.00 -62.24
N LEU NA 174 15.17 -40.20 -62.62
CA LEU NA 174 15.91 -41.01 -63.58
C LEU NA 174 15.59 -40.61 -65.01
N ARG NA 175 14.68 -39.65 -65.21
CA ARG NA 175 14.39 -39.10 -66.53
C ARG NA 175 15.42 -38.04 -66.86
N GLY NA 176 16.54 -38.47 -67.39
CA GLY NA 176 17.66 -37.61 -67.72
C GLY NA 176 18.92 -38.44 -67.60
N LYS NA 177 19.94 -38.06 -68.35
CA LYS NA 177 21.16 -38.86 -68.31
C LYS NA 177 22.43 -38.06 -68.09
N GLY NA 178 22.45 -36.80 -68.51
CA GLY NA 178 23.72 -36.10 -68.50
C GLY NA 178 24.08 -35.55 -67.15
N HIS NA 179 24.73 -34.40 -67.12
CA HIS NA 179 24.67 -33.62 -65.90
C HIS NA 179 23.22 -33.25 -65.63
N ARG NA 180 22.98 -32.67 -64.46
CA ARG NA 180 21.65 -32.43 -63.92
C ARG NA 180 21.00 -33.73 -63.46
N HIS NA 181 21.59 -34.86 -63.84
CA HIS NA 181 20.99 -36.15 -63.47
C HIS NA 181 22.03 -37.21 -63.17
N HIS NA 182 23.28 -36.83 -62.94
CA HIS NA 182 24.35 -37.80 -62.77
C HIS NA 182 24.44 -38.31 -61.34
N LYS NA 183 23.88 -37.59 -60.38
CA LYS NA 183 23.90 -38.08 -59.01
C LYS NA 183 22.90 -39.20 -58.78
N ASN NA 184 21.85 -39.26 -59.59
CA ASN NA 184 20.75 -40.18 -59.35
C ASN NA 184 20.96 -41.54 -60.00
N ARG NA 185 22.21 -41.97 -60.18
CA ARG NA 185 22.53 -43.23 -60.82
C ARG NA 185 23.60 -43.92 -59.98
N PRO NA 186 23.37 -45.15 -59.50
CA PRO NA 186 22.16 -45.97 -59.52
C PRO NA 186 21.06 -45.39 -58.67
N SER NA 187 21.46 -44.70 -57.61
CA SER NA 187 20.54 -43.97 -56.76
C SER NA 187 21.28 -42.87 -56.04
N ARG NA 188 20.51 -41.92 -55.51
CA ARG NA 188 21.12 -40.84 -54.76
C ARG NA 188 21.86 -41.38 -53.55
N ARG NA 189 21.30 -42.38 -52.89
CA ARG NA 189 21.96 -42.95 -51.74
C ARG NA 189 23.17 -43.78 -52.15
N ALA NA 190 23.10 -44.47 -53.28
CA ALA NA 190 24.28 -45.19 -53.76
C ALA NA 190 25.42 -44.23 -54.06
N THR NA 191 25.12 -43.11 -54.73
CA THR NA 191 26.20 -42.19 -55.05
C THR NA 191 26.70 -41.49 -53.81
N TRP NA 192 25.84 -41.22 -52.83
CA TRP NA 192 26.33 -40.64 -51.59
C TRP NA 192 27.27 -41.60 -50.88
N LYS NA 193 26.90 -42.88 -50.80
CA LYS NA 193 27.80 -43.87 -50.20
C LYS NA 193 29.12 -43.92 -50.95
N ARG NA 194 29.07 -43.98 -52.28
CA ARG NA 194 30.30 -44.08 -53.06
C ARG NA 194 31.19 -42.87 -52.82
N ASN NA 195 30.63 -41.67 -52.90
CA ASN NA 195 31.44 -40.48 -52.72
C ASN NA 195 31.92 -40.33 -51.29
N GLN NA 196 31.27 -41.00 -50.33
CA GLN NA 196 31.74 -40.90 -48.96
C GLN NA 196 32.72 -42.00 -48.57
N THR NA 197 32.86 -43.06 -49.37
CA THR NA 197 33.79 -44.11 -48.98
C THR NA 197 35.22 -43.62 -49.06
N VAL NA 198 35.92 -43.70 -47.94
CA VAL NA 198 37.34 -43.39 -47.86
C VAL NA 198 38.08 -44.60 -48.41
N SER NA 199 38.66 -44.47 -49.59
CA SER NA 199 39.40 -45.57 -50.19
C SER NA 199 40.81 -45.57 -49.64
N LEU NA 200 41.12 -46.56 -48.80
CA LEU NA 200 42.45 -46.72 -48.25
C LEU NA 200 43.09 -47.91 -48.95
N ARG NA 201 43.82 -47.62 -50.03
CA ARG NA 201 44.46 -48.67 -50.81
C ARG NA 201 45.49 -49.41 -49.96
N ARG NA 202 45.88 -50.59 -50.40
CA ARG NA 202 46.81 -51.38 -49.61
C ARG NA 202 48.15 -50.66 -49.51
N TYR NA 203 48.72 -50.29 -50.65
CA TYR NA 203 50.00 -49.58 -50.68
C TYR NA 203 49.78 -48.08 -50.78
N ARG NA 204 49.01 -47.52 -49.88
CA ARG NA 204 48.76 -46.09 -49.88
C ARG NA 204 49.98 -45.35 -49.37
N THR OA 2 56.99 -47.29 -35.87
CA THR OA 2 58.09 -47.50 -34.94
C THR OA 2 57.77 -46.89 -33.59
N THR OA 3 56.83 -47.52 -32.87
CA THR OA 3 56.47 -47.03 -31.56
C THR OA 3 57.62 -47.14 -30.57
N ARG OA 4 58.59 -48.02 -30.83
CA ARG OA 4 59.74 -48.08 -29.95
C ARG OA 4 60.60 -46.82 -30.03
N PHE OA 5 60.34 -45.93 -30.98
CA PHE OA 5 61.09 -44.69 -31.08
C PHE OA 5 60.33 -43.46 -30.62
N LYS OA 6 59.00 -43.49 -30.56
CA LYS OA 6 58.24 -42.30 -30.26
C LYS OA 6 58.67 -41.70 -28.93
N LYS OA 7 58.80 -40.38 -28.91
CA LYS OA 7 59.33 -39.71 -27.73
C LYS OA 7 58.39 -39.78 -26.56
N ASN OA 8 57.14 -40.19 -26.75
CA ASN OA 8 56.28 -40.50 -25.63
C ASN OA 8 56.94 -41.51 -24.71
N ARG OA 9 57.66 -42.47 -25.28
CA ARG OA 9 58.23 -43.54 -24.47
C ARG OA 9 59.29 -43.00 -23.52
N LYS OA 10 60.08 -42.02 -23.96
CA LYS OA 10 61.03 -41.37 -23.06
C LYS OA 10 60.34 -40.49 -22.04
N LYS OA 11 59.13 -40.02 -22.31
CA LYS OA 11 58.40 -39.17 -21.37
C LYS OA 11 57.62 -39.98 -20.36
N ARG OA 12 57.80 -41.29 -20.34
CA ARG OA 12 57.22 -42.12 -19.29
C ARG OA 12 57.85 -41.78 -17.95
N GLY OA 13 57.02 -41.64 -16.93
CA GLY OA 13 57.49 -41.33 -15.61
C GLY OA 13 57.56 -39.87 -15.29
N HIS OA 14 57.64 -39.01 -16.31
CA HIS OA 14 57.53 -37.57 -16.11
C HIS OA 14 56.06 -37.22 -16.17
N VAL OA 15 55.51 -36.84 -15.03
CA VAL OA 15 54.08 -36.80 -14.76
C VAL OA 15 53.28 -36.20 -15.89
N SER OA 16 53.83 -35.20 -16.56
CA SER OA 16 53.03 -34.41 -17.49
C SER OA 16 53.12 -34.89 -18.93
N ALA OA 17 53.82 -35.98 -19.20
CA ALA OA 17 53.99 -36.49 -20.56
C ALA OA 17 54.46 -35.40 -21.50
N GLY OA 18 55.19 -34.43 -20.98
CA GLY OA 18 55.80 -33.41 -21.81
C GLY OA 18 54.90 -32.29 -22.27
N HIS OA 19 53.76 -32.08 -21.60
CA HIS OA 19 52.88 -30.97 -21.95
C HIS OA 19 52.69 -30.00 -20.79
N GLY OA 20 53.60 -29.97 -19.85
CA GLY OA 20 53.50 -28.87 -18.91
C GLY OA 20 52.54 -29.15 -17.78
N ARG OA 21 52.88 -28.61 -16.61
CA ARG OA 21 52.03 -28.69 -15.44
C ARG OA 21 51.06 -27.53 -15.38
N VAL OA 22 51.56 -26.31 -15.56
CA VAL OA 22 50.72 -25.13 -15.43
C VAL OA 22 49.66 -25.11 -16.53
N GLY OA 23 50.09 -24.97 -17.78
CA GLY OA 23 49.16 -25.03 -18.88
C GLY OA 23 49.03 -26.47 -19.33
N LYS OA 24 47.89 -27.08 -19.05
CA LYS OA 24 47.73 -28.52 -19.23
C LYS OA 24 47.44 -28.80 -20.70
N HIS OA 25 47.14 -30.05 -21.02
CA HIS OA 25 46.81 -30.43 -22.39
C HIS OA 25 45.33 -30.82 -22.41
N ARG OA 26 44.47 -29.82 -22.57
CA ARG OA 26 43.03 -30.04 -22.71
C ARG OA 26 42.64 -30.22 -24.17
N LYS OA 27 41.35 -30.46 -24.38
CA LYS OA 27 40.87 -30.91 -25.68
C LYS OA 27 41.24 -29.97 -26.80
N HIS OA 28 40.66 -28.78 -26.80
CA HIS OA 28 40.82 -27.84 -27.92
C HIS OA 28 40.75 -26.44 -27.36
N PRO OA 29 41.81 -25.96 -26.74
CA PRO OA 29 41.77 -24.64 -26.10
C PRO OA 29 41.76 -23.49 -27.09
N GLY OA 30 41.95 -23.76 -28.39
CA GLY OA 30 41.91 -22.70 -29.38
C GLY OA 30 40.78 -22.84 -30.38
N GLY OA 31 40.11 -23.98 -30.37
CA GLY OA 31 39.02 -24.19 -31.31
C GLY OA 31 39.38 -25.21 -32.37
N ARG OA 32 38.36 -25.86 -32.90
CA ARG OA 32 38.56 -26.91 -33.90
C ARG OA 32 39.01 -26.31 -35.22
N GLY OA 33 40.21 -26.66 -35.65
CA GLY OA 33 40.64 -26.27 -36.97
C GLY OA 33 41.03 -24.81 -37.00
N ASN OA 34 40.58 -24.11 -38.04
CA ASN OA 34 40.95 -22.72 -38.28
C ASN OA 34 40.09 -21.75 -37.52
N ALA OA 35 39.54 -22.16 -36.39
CA ALA OA 35 38.59 -21.33 -35.67
C ALA OA 35 39.20 -19.98 -35.33
N GLY OA 36 38.43 -18.93 -35.53
CA GLY OA 36 38.89 -17.59 -35.20
C GLY OA 36 40.00 -17.08 -36.07
N GLY OA 37 39.93 -17.29 -37.38
CA GLY OA 37 40.87 -16.64 -38.26
C GLY OA 37 40.78 -15.13 -38.18
N MET OA 38 39.56 -14.61 -38.22
CA MET OA 38 39.36 -13.16 -38.18
C MET OA 38 39.42 -12.60 -36.78
N HIS OA 39 39.47 -13.45 -35.74
CA HIS OA 39 39.23 -12.97 -34.39
C HIS OA 39 40.45 -13.08 -33.48
N HIS OA 40 40.96 -14.28 -33.24
CA HIS OA 40 42.08 -14.44 -32.32
C HIS OA 40 43.27 -15.16 -32.90
N HIS OA 41 43.10 -15.95 -33.95
CA HIS OA 41 44.22 -16.37 -34.78
C HIS OA 41 44.53 -15.34 -35.85
N ARG OA 42 44.06 -14.11 -35.66
CA ARG OA 42 44.26 -13.08 -36.66
C ARG OA 42 45.72 -12.84 -36.91
N ILE OA 43 46.53 -12.86 -35.85
CA ILE OA 43 47.95 -12.61 -36.00
C ILE OA 43 48.55 -13.66 -36.91
N LEU OA 44 48.18 -14.93 -36.68
CA LEU OA 44 48.67 -16.03 -37.49
C LEU OA 44 48.24 -15.89 -38.94
N PHE OA 45 46.95 -15.71 -39.18
CA PHE OA 45 46.47 -15.71 -40.56
C PHE OA 45 46.96 -14.51 -41.33
N ASP OA 46 47.17 -13.37 -40.68
CA ASP OA 46 47.63 -12.20 -41.39
C ASP OA 46 49.13 -11.99 -41.24
N LYS OA 47 49.84 -12.95 -40.67
CA LYS OA 47 51.29 -13.00 -40.74
C LYS OA 47 51.80 -14.05 -41.70
N TYR OA 48 51.24 -15.25 -41.68
CA TYR OA 48 51.77 -16.35 -42.46
C TYR OA 48 50.93 -16.73 -43.66
N HIS OA 49 49.67 -16.31 -43.71
CA HIS OA 49 48.79 -16.60 -44.85
C HIS OA 49 48.14 -15.33 -45.34
N PRO OA 50 48.91 -14.37 -45.83
CA PRO OA 50 48.31 -13.13 -46.33
C PRO OA 50 47.45 -13.44 -47.53
N GLY OA 51 46.33 -12.75 -47.62
CA GLY OA 51 45.41 -12.94 -48.71
C GLY OA 51 44.42 -14.06 -48.52
N TYR OA 52 44.29 -14.61 -47.32
CA TYR OA 52 43.43 -15.78 -47.15
C TYR OA 52 41.97 -15.42 -47.35
N PHE OA 53 41.51 -14.35 -46.72
CA PHE OA 53 40.09 -14.04 -46.65
C PHE OA 53 39.66 -13.14 -47.79
N GLY OA 54 38.59 -13.53 -48.48
CA GLY OA 54 37.92 -12.65 -49.42
C GLY OA 54 37.89 -13.22 -50.82
N LYS OA 55 37.07 -12.59 -51.65
CA LYS OA 55 36.97 -12.92 -53.07
C LYS OA 55 37.88 -12.01 -53.87
N VAL OA 56 38.55 -12.60 -54.85
CA VAL OA 56 39.18 -11.84 -55.91
C VAL OA 56 38.94 -12.57 -57.21
N GLY OA 57 38.69 -11.82 -58.27
CA GLY OA 57 38.49 -12.40 -59.58
C GLY OA 57 37.05 -12.80 -59.82
N MET OA 58 36.79 -13.20 -61.05
CA MET OA 58 35.46 -13.53 -61.53
C MET OA 58 35.30 -15.03 -61.67
N ARG OA 59 34.08 -15.51 -61.43
CA ARG OA 59 33.82 -16.93 -61.40
C ARG OA 59 33.88 -17.53 -62.79
N TYR OA 60 34.05 -18.84 -62.86
CA TYR OA 60 34.15 -19.55 -64.14
C TYR OA 60 33.40 -20.86 -63.99
N PHE OA 61 32.12 -20.86 -64.34
CA PHE OA 61 31.30 -22.05 -64.13
C PHE OA 61 31.77 -23.18 -65.03
N HIS OA 62 31.83 -24.38 -64.45
CA HIS OA 62 32.15 -25.59 -65.19
C HIS OA 62 33.46 -25.44 -65.95
N LYS OA 63 34.53 -25.28 -65.20
CA LYS OA 63 35.86 -25.30 -65.77
C LYS OA 63 36.25 -26.72 -66.10
N LEU OA 64 36.77 -26.93 -67.30
CA LEU OA 64 37.51 -28.14 -67.63
C LEU OA 64 38.97 -27.79 -67.70
N SER OA 65 39.81 -28.57 -67.02
CA SER OA 65 41.24 -28.37 -67.12
C SER OA 65 41.74 -28.67 -68.52
N ASN OA 66 40.97 -29.39 -69.33
CA ASN OA 66 41.41 -29.67 -70.69
C ASN OA 66 41.46 -28.40 -71.52
N ARG OA 67 40.50 -27.51 -71.32
CA ARG OA 67 40.42 -26.27 -72.08
C ARG OA 67 41.66 -25.41 -71.91
N PHE OA 68 42.43 -25.64 -70.85
CA PHE OA 68 43.52 -24.75 -70.49
C PHE OA 68 44.87 -25.42 -70.67
N TYR OA 69 44.93 -26.46 -71.49
CA TYR OA 69 46.09 -27.33 -71.59
C TYR OA 69 47.09 -26.74 -72.57
N THR OA 70 48.20 -26.24 -72.06
CA THR OA 70 49.32 -25.79 -72.89
C THR OA 70 50.62 -26.28 -72.29
N PRO OA 71 50.99 -27.54 -72.57
CA PRO OA 71 52.34 -27.99 -72.21
C PRO OA 71 53.38 -27.22 -73.02
N THR OA 72 54.43 -26.76 -72.35
CA THR OA 72 55.41 -25.88 -72.96
C THR OA 72 56.81 -26.47 -72.86
N VAL OA 73 57.66 -26.07 -73.80
CA VAL OA 73 59.06 -26.46 -73.80
C VAL OA 73 59.90 -25.24 -74.14
N ASN OA 74 60.98 -25.04 -73.39
CA ASN OA 74 61.91 -23.97 -73.69
C ASN OA 74 62.76 -24.31 -74.90
N VAL OA 75 63.30 -23.28 -75.54
CA VAL OA 75 64.15 -23.52 -76.71
C VAL OA 75 65.37 -24.32 -76.33
N GLU OA 76 65.91 -24.09 -75.13
CA GLU OA 76 67.16 -24.72 -74.74
C GLU OA 76 67.10 -26.24 -74.81
N ARG OA 77 65.92 -26.83 -74.67
CA ARG OA 77 65.81 -28.28 -74.61
C ARG OA 77 65.48 -28.91 -75.96
N LEU OA 78 65.24 -28.10 -77.00
CA LEU OA 78 64.80 -28.66 -78.28
C LEU OA 78 65.82 -29.63 -78.85
N TRP OA 79 67.10 -29.27 -78.80
CA TRP OA 79 68.10 -30.11 -79.44
C TRP OA 79 68.27 -31.45 -78.77
N SER OA 80 67.84 -31.60 -77.52
CA SER OA 80 67.83 -32.93 -76.92
C SER OA 80 66.81 -33.83 -77.62
N MET OA 81 65.81 -33.24 -78.27
CA MET OA 81 64.76 -34.05 -78.87
C MET OA 81 65.21 -34.75 -80.15
N VAL OA 82 66.20 -34.22 -80.85
CA VAL OA 82 66.68 -34.82 -82.09
C VAL OA 82 67.85 -35.75 -81.76
N PRO OA 83 67.83 -36.99 -82.22
CA PRO OA 83 68.92 -37.91 -81.91
C PRO OA 83 70.22 -37.49 -82.58
N SER OA 84 71.33 -37.94 -82.00
CA SER OA 84 72.65 -37.55 -82.48
C SER OA 84 72.86 -37.94 -83.93
N ASP OA 85 72.31 -39.07 -84.36
CA ASP OA 85 72.50 -39.51 -85.75
C ASP OA 85 71.92 -38.49 -86.72
N LYS OA 86 70.68 -38.06 -86.50
CA LYS OA 86 70.08 -37.07 -87.37
C LYS OA 86 70.45 -35.65 -86.97
N ALA OA 87 71.31 -35.49 -85.97
CA ALA OA 87 72.06 -34.24 -85.84
C ALA OA 87 73.30 -34.24 -86.72
N ALA OA 88 73.90 -35.42 -86.92
CA ALA OA 88 75.03 -35.54 -87.84
C ALA OA 88 74.56 -35.45 -89.28
N GLU OA 89 73.45 -36.11 -89.61
CA GLU OA 89 72.93 -36.06 -90.97
C GLU OA 89 72.37 -34.68 -91.27
N ALA OA 90 73.24 -33.67 -91.28
CA ALA OA 90 72.84 -32.28 -91.35
C ALA OA 90 74.07 -31.41 -91.58
N GLY OA 91 73.84 -30.23 -92.14
CA GLY OA 91 74.89 -29.27 -92.39
C GLY OA 91 74.38 -27.85 -92.19
N GLY OA 92 75.07 -26.89 -92.82
CA GLY OA 92 74.68 -25.51 -92.67
C GLY OA 92 73.33 -25.19 -93.29
N ASP OA 93 73.08 -25.71 -94.49
CA ASP OA 93 71.83 -25.44 -95.19
C ASP OA 93 70.74 -26.44 -94.90
N LYS OA 94 71.09 -27.61 -94.37
CA LYS OA 94 70.13 -28.68 -94.10
C LYS OA 94 70.01 -28.86 -92.60
N ALA OA 95 68.78 -28.81 -92.09
CA ALA OA 95 68.55 -28.82 -90.64
C ALA OA 95 67.36 -29.72 -90.31
N PRO OA 96 67.38 -30.36 -89.14
CA PRO OA 96 66.31 -31.29 -88.78
C PRO OA 96 65.03 -30.54 -88.43
N VAL OA 97 63.90 -31.22 -88.66
CA VAL OA 97 62.59 -30.69 -88.36
C VAL OA 97 62.02 -31.43 -87.16
N VAL OA 98 61.52 -30.66 -86.19
CA VAL OA 98 61.10 -31.18 -84.90
C VAL OA 98 59.60 -30.93 -84.77
N ASP OA 99 58.83 -32.00 -84.58
CA ASP OA 99 57.41 -31.86 -84.28
C ASP OA 99 57.24 -32.04 -82.78
N VAL OA 100 57.12 -30.93 -82.06
CA VAL OA 100 56.97 -31.00 -80.61
C VAL OA 100 55.65 -31.64 -80.24
N SER OA 101 54.59 -31.43 -81.03
CA SER OA 101 53.32 -32.09 -80.74
C SER OA 101 53.48 -33.60 -80.70
N GLN OA 102 54.40 -34.14 -81.48
CA GLN OA 102 54.75 -35.55 -81.37
C GLN OA 102 55.42 -35.87 -80.04
N PHE OA 103 56.00 -34.88 -79.38
CA PHE OA 103 56.61 -35.04 -78.07
C PHE OA 103 55.67 -34.68 -76.92
N GLY OA 104 54.49 -34.16 -77.22
CA GLY OA 104 53.56 -33.78 -76.19
C GLY OA 104 53.57 -32.32 -75.79
N TYR OA 105 54.21 -31.46 -76.58
CA TYR OA 105 54.30 -30.05 -76.28
C TYR OA 105 53.47 -29.25 -77.27
N PHE OA 106 52.71 -28.28 -76.75
CA PHE OA 106 51.90 -27.39 -77.57
C PHE OA 106 52.64 -26.11 -77.92
N LYS OA 107 53.18 -25.43 -76.92
CA LYS OA 107 53.83 -24.15 -77.12
C LYS OA 107 55.34 -24.32 -76.97
N VAL OA 108 56.09 -23.48 -77.69
CA VAL OA 108 57.55 -23.50 -77.65
C VAL OA 108 58.00 -22.15 -77.11
N LEU OA 109 58.43 -22.13 -75.85
CA LEU OA 109 58.89 -20.91 -75.20
C LEU OA 109 60.38 -20.72 -75.39
N GLY OA 110 60.85 -19.51 -75.10
CA GLY OA 110 62.15 -19.09 -75.57
C GLY OA 110 63.23 -18.88 -74.52
N LYS OA 111 63.35 -19.78 -73.56
CA LYS OA 111 64.33 -19.66 -72.51
C LYS OA 111 65.63 -20.35 -72.88
N GLY OA 112 66.74 -19.66 -72.70
CA GLY OA 112 68.05 -20.29 -72.78
C GLY OA 112 68.78 -20.06 -74.09
N MET OA 113 69.89 -20.78 -74.21
CA MET OA 113 70.76 -20.74 -75.38
C MET OA 113 70.33 -21.74 -76.44
N LEU OA 114 70.80 -21.52 -77.65
CA LEU OA 114 70.72 -22.50 -78.72
C LEU OA 114 72.09 -22.65 -79.38
N PRO OA 115 72.40 -23.83 -79.87
CA PRO OA 115 73.60 -23.98 -80.70
C PRO OA 115 73.41 -23.25 -82.02
N GLU OA 116 74.53 -22.87 -82.62
CA GLU OA 116 74.46 -22.16 -83.90
C GLU OA 116 73.85 -23.02 -84.99
N LYS OA 117 73.74 -24.31 -84.78
CA LYS OA 117 73.22 -25.21 -85.80
C LYS OA 117 71.75 -24.93 -86.06
N PRO OA 118 71.33 -24.77 -87.31
CA PRO OA 118 69.93 -24.47 -87.59
C PRO OA 118 69.02 -25.63 -87.24
N ILE OA 119 67.75 -25.29 -86.99
CA ILE OA 119 66.73 -26.26 -86.61
C ILE OA 119 65.39 -25.71 -87.04
N VAL OA 120 64.51 -26.58 -87.55
CA VAL OA 120 63.18 -26.17 -87.96
C VAL OA 120 62.23 -26.78 -86.96
N VAL OA 121 61.84 -26.02 -85.96
CA VAL OA 121 60.87 -26.51 -84.99
C VAL OA 121 59.48 -26.27 -85.54
N LYS OA 122 58.63 -27.29 -85.42
CA LYS OA 122 57.30 -27.28 -86.02
C LYS OA 122 56.31 -27.51 -84.89
N ALA OA 123 55.70 -26.43 -84.42
CA ALA OA 123 54.90 -26.43 -83.20
C ALA OA 123 53.48 -26.01 -83.51
N LYS OA 124 52.69 -25.87 -82.44
CA LYS OA 124 51.37 -25.25 -82.53
C LYS OA 124 51.37 -23.80 -82.09
N LEU OA 125 52.16 -23.46 -81.07
CA LEU OA 125 52.26 -22.09 -80.59
C LEU OA 125 53.73 -21.72 -80.46
N ILE OA 126 54.04 -20.46 -80.71
CA ILE OA 126 55.39 -19.94 -80.55
C ILE OA 126 55.30 -18.63 -79.79
N SER OA 127 56.38 -18.31 -79.07
CA SER OA 127 56.50 -16.99 -78.46
C SER OA 127 57.24 -16.05 -79.39
N LYS OA 128 57.29 -14.78 -79.02
CA LYS OA 128 58.12 -13.84 -79.76
C LYS OA 128 59.58 -14.23 -79.65
N ILE OA 129 60.01 -14.58 -78.44
CA ILE OA 129 61.43 -14.73 -78.18
C ILE OA 129 61.92 -16.06 -78.71
N ALA OA 130 61.08 -17.09 -78.69
CA ALA OA 130 61.46 -18.35 -79.31
C ALA OA 130 61.76 -18.15 -80.79
N GLU OA 131 60.88 -17.44 -81.50
CA GLU OA 131 61.15 -17.15 -82.90
C GLU OA 131 62.40 -16.30 -83.08
N LYS OA 132 62.58 -15.29 -82.24
CA LYS OA 132 63.75 -14.44 -82.43
C LYS OA 132 65.03 -15.25 -82.25
N LYS OA 133 65.04 -16.16 -81.28
CA LYS OA 133 66.23 -16.97 -81.05
C LYS OA 133 66.43 -18.01 -82.13
N ILE OA 134 65.36 -18.60 -82.64
CA ILE OA 134 65.50 -19.60 -83.70
C ILE OA 134 65.97 -18.96 -85.00
N LYS OA 135 65.34 -17.85 -85.39
CA LYS OA 135 65.81 -17.11 -86.55
C LYS OA 135 67.26 -16.70 -86.39
N ALA OA 136 67.61 -16.09 -85.25
CA ALA OA 136 69.00 -15.70 -85.03
C ALA OA 136 69.93 -16.90 -85.06
N ALA OA 137 69.45 -18.08 -84.72
CA ALA OA 137 70.25 -19.29 -84.87
C ALA OA 137 70.25 -19.82 -86.29
N GLY OA 138 69.41 -19.27 -87.17
CA GLY OA 138 69.37 -19.66 -88.56
C GLY OA 138 68.27 -20.62 -88.93
N GLY OA 139 67.51 -21.12 -87.96
CA GLY OA 139 66.42 -22.01 -88.23
C GLY OA 139 65.19 -21.27 -88.75
N ALA OA 140 64.05 -21.96 -88.65
CA ALA OA 140 62.78 -21.37 -89.02
C ALA OA 140 61.69 -22.04 -88.20
N VAL OA 141 60.47 -21.54 -88.35
CA VAL OA 141 59.31 -22.03 -87.62
C VAL OA 141 58.23 -22.42 -88.61
N VAL OA 142 57.60 -23.56 -88.38
CA VAL OA 142 56.48 -24.02 -89.19
C VAL OA 142 55.32 -24.27 -88.24
N LEU OA 143 54.26 -23.47 -88.37
CA LEU OA 143 53.11 -23.60 -87.49
C LEU OA 143 52.15 -24.64 -88.05
N VAL OA 144 51.85 -25.65 -87.25
CA VAL OA 144 50.89 -26.69 -87.60
C VAL OA 144 49.97 -26.93 -86.42
N ALA OA 145 48.97 -27.77 -86.63
CA ALA OA 145 48.01 -28.16 -85.61
C ALA OA 145 47.19 -29.34 -86.08
N GLY PA 2 81.95 -22.47 -7.36
CA GLY PA 2 81.17 -21.65 -8.27
C GLY PA 2 82.08 -20.81 -9.11
N ILE PA 3 81.91 -20.92 -10.42
CA ILE PA 3 82.70 -20.13 -11.37
C ILE PA 3 81.73 -19.56 -12.41
N ASP PA 4 81.96 -18.32 -12.81
CA ASP PA 4 81.01 -17.60 -13.66
C ASP PA 4 81.21 -18.00 -15.12
N LEU PA 5 80.59 -19.10 -15.52
CA LEU PA 5 80.64 -19.57 -16.89
C LEU PA 5 79.24 -19.89 -17.40
N VAL PA 6 79.11 -19.91 -18.71
CA VAL PA 6 77.84 -20.25 -19.36
C VAL PA 6 77.84 -21.75 -19.64
N ALA PA 7 76.95 -22.47 -18.97
CA ALA PA 7 76.85 -23.92 -19.12
C ALA PA 7 78.17 -24.59 -18.79
N GLY PA 8 78.84 -24.10 -17.75
CA GLY PA 8 80.09 -24.68 -17.30
C GLY PA 8 81.19 -24.64 -18.34
N GLY PA 9 81.03 -23.84 -19.38
CA GLY PA 9 82.01 -23.74 -20.44
C GLY PA 9 81.90 -24.79 -21.52
N ARG PA 10 81.08 -25.83 -21.34
CA ARG PA 10 81.00 -26.87 -22.35
C ARG PA 10 80.32 -26.34 -23.61
N ASN PA 11 80.93 -26.61 -24.76
CA ASN PA 11 80.48 -26.09 -26.03
C ASN PA 11 79.03 -26.44 -26.27
N LYS PA 12 78.21 -25.43 -26.53
CA LYS PA 12 76.79 -25.63 -26.76
C LYS PA 12 76.42 -25.76 -28.24
N ARG PA 13 77.34 -25.50 -29.16
CA ARG PA 13 77.04 -25.82 -30.55
C ARG PA 13 77.31 -27.29 -30.84
N THR PA 14 76.76 -27.74 -31.96
CA THR PA 14 76.96 -29.11 -32.40
C THR PA 14 77.33 -29.12 -33.88
N LYS PA 15 78.08 -30.15 -34.27
CA LYS PA 15 78.35 -30.45 -35.65
C LYS PA 15 78.42 -31.95 -35.81
N ARG PA 16 78.29 -32.42 -37.04
CA ARG PA 16 78.50 -33.83 -37.32
C ARG PA 16 79.94 -34.22 -37.08
N THR PA 17 80.12 -35.40 -36.48
CA THR PA 17 81.43 -36.01 -36.37
C THR PA 17 81.52 -37.34 -37.08
N ALA PA 18 80.41 -37.86 -37.59
CA ALA PA 18 80.36 -39.08 -38.38
C ALA PA 18 79.01 -39.11 -39.05
N PRO PA 19 78.92 -39.53 -40.30
CA PRO PA 19 77.63 -39.45 -41.01
C PRO PA 19 76.57 -40.30 -40.32
N LYS PA 20 75.36 -39.77 -40.25
CA LYS PA 20 74.24 -40.59 -39.79
C LYS PA 20 74.08 -41.81 -40.67
N SER PA 21 74.42 -41.68 -41.94
CA SER PA 21 74.34 -42.80 -42.88
C SER PA 21 75.28 -43.89 -42.44
N ASP PA 22 74.75 -45.09 -42.27
CA ASP PA 22 75.59 -46.26 -42.05
C ASP PA 22 75.84 -47.01 -43.36
N ASP PA 23 76.25 -46.26 -44.38
CA ASP PA 23 76.73 -46.83 -45.62
C ASP PA 23 78.19 -47.25 -45.44
N VAL PA 24 78.47 -48.53 -45.66
CA VAL PA 24 79.80 -49.04 -45.36
C VAL PA 24 80.85 -48.40 -46.26
N TYR PA 25 80.51 -48.13 -47.52
CA TYR PA 25 81.46 -47.48 -48.40
C TYR PA 25 81.75 -46.06 -47.92
N LEU PA 26 80.73 -45.35 -47.47
CA LEU PA 26 80.96 -44.03 -46.93
C LEU PA 26 81.80 -44.08 -45.67
N LYS PA 27 81.58 -45.08 -44.81
CA LYS PA 27 82.42 -45.22 -43.62
C LYS PA 27 83.87 -45.51 -44.01
N LEU PA 28 84.09 -46.24 -45.09
CA LEU PA 28 85.46 -46.52 -45.51
C LEU PA 28 86.13 -45.27 -46.07
N LEU PA 29 85.40 -44.47 -46.85
CA LEU PA 29 85.93 -43.16 -47.24
C LEU PA 29 86.22 -42.32 -46.02
N VAL PA 30 85.37 -42.41 -45.01
CA VAL PA 30 85.60 -41.62 -43.80
C VAL PA 30 86.90 -42.04 -43.13
N LYS PA 31 87.15 -43.34 -43.05
CA LYS PA 31 88.40 -43.80 -42.46
C LYS PA 31 89.60 -43.32 -43.27
N LEU PA 32 89.51 -43.45 -44.59
CA LEU PA 32 90.60 -42.99 -45.46
C LEU PA 32 90.91 -41.52 -45.22
N TYR PA 33 89.88 -40.69 -45.24
CA TYR PA 33 90.13 -39.27 -45.11
C TYR PA 33 90.42 -38.86 -43.68
N ARG PA 34 90.04 -39.65 -42.69
CA ARG PA 34 90.57 -39.47 -41.35
C ARG PA 34 92.08 -39.63 -41.36
N PHE PA 35 92.56 -40.72 -41.95
CA PHE PA 35 93.99 -40.92 -42.08
C PHE PA 35 94.64 -39.75 -42.80
N LEU PA 36 94.06 -39.33 -43.93
CA LEU PA 36 94.69 -38.30 -44.73
C LEU PA 36 94.74 -36.97 -43.99
N VAL PA 37 93.64 -36.56 -43.37
CA VAL PA 37 93.65 -35.28 -42.67
C VAL PA 37 94.54 -35.35 -41.44
N ARG PA 38 94.76 -36.55 -40.89
CA ARG PA 38 95.59 -36.63 -39.69
C ARG PA 38 97.07 -36.63 -40.01
N ARG PA 39 97.48 -37.43 -41.00
CA ARG PA 39 98.90 -37.58 -41.30
C ARG PA 39 99.39 -36.56 -42.34
N THR PA 40 98.48 -35.92 -43.06
CA THR PA 40 98.85 -35.08 -44.19
C THR PA 40 98.74 -33.59 -43.90
N LYS PA 41 97.83 -33.18 -43.01
CA LYS PA 41 97.64 -31.78 -42.66
C LYS PA 41 97.32 -30.91 -43.86
N SER PA 42 96.56 -31.45 -44.82
CA SER PA 42 96.10 -30.63 -45.94
C SER PA 42 94.70 -30.10 -45.66
N GLN PA 43 94.56 -28.79 -45.75
CA GLN PA 43 93.26 -28.17 -45.53
C GLN PA 43 92.23 -28.71 -46.51
N PHE PA 44 92.66 -29.10 -47.71
CA PHE PA 44 91.74 -29.71 -48.65
C PHE PA 44 91.16 -31.01 -48.10
N ASN PA 45 92.00 -31.86 -47.52
CA ASN PA 45 91.47 -33.07 -46.91
C ASN PA 45 90.55 -32.74 -45.75
N ALA PA 46 90.87 -31.67 -45.00
CA ALA PA 46 89.99 -31.29 -43.91
C ALA PA 46 88.60 -30.96 -44.42
N VAL PA 47 88.54 -30.14 -45.48
CA VAL PA 47 87.25 -29.76 -46.03
C VAL PA 47 86.52 -30.96 -46.60
N ILE PA 48 87.22 -31.83 -47.32
CA ILE PA 48 86.57 -33.03 -47.86
C ILE PA 48 85.97 -33.88 -46.75
N LEU PA 49 86.74 -34.12 -45.69
CA LEU PA 49 86.19 -34.86 -44.55
C LEU PA 49 84.93 -34.21 -44.02
N LYS PA 50 85.03 -32.92 -43.68
CA LYS PA 50 83.91 -32.23 -43.08
C LYS PA 50 82.70 -32.24 -43.99
N ARG PA 51 82.91 -32.41 -45.29
CA ARG PA 51 81.81 -32.43 -46.24
C ARG PA 51 81.29 -33.82 -46.56
N LEU PA 52 82.07 -34.87 -46.31
CA LEU PA 52 81.47 -36.19 -46.22
C LEU PA 52 80.57 -36.29 -45.01
N PHE PA 53 80.88 -35.55 -43.95
CA PHE PA 53 79.96 -35.47 -42.81
C PHE PA 53 78.86 -34.45 -43.09
N MET PA 54 78.10 -34.70 -44.16
CA MET PA 54 77.00 -33.82 -44.55
C MET PA 54 75.77 -34.65 -44.89
N SER PA 55 74.62 -33.99 -44.80
CA SER PA 55 73.36 -34.58 -45.21
C SER PA 55 73.12 -34.32 -46.69
N LYS PA 56 72.09 -34.96 -47.23
CA LYS PA 56 71.84 -34.78 -48.65
C LYS PA 56 71.19 -33.45 -48.98
N THR PA 57 70.73 -32.70 -47.98
CA THR PA 57 70.31 -31.33 -48.23
C THR PA 57 71.43 -30.34 -48.09
N ASN PA 58 72.57 -30.75 -47.55
CA ASN PA 58 73.80 -29.99 -47.61
C ASN PA 58 74.73 -30.50 -48.69
N ARG PA 59 74.30 -31.49 -49.47
CA ARG PA 59 75.03 -31.96 -50.64
C ARG PA 59 74.14 -31.93 -51.88
N PRO PA 60 73.75 -30.75 -52.34
CA PRO PA 60 72.86 -30.67 -53.49
C PRO PA 60 73.57 -31.09 -54.76
N PRO PA 61 72.83 -31.52 -55.77
CA PRO PA 61 73.46 -31.94 -57.02
C PRO PA 61 74.03 -30.76 -57.79
N LEU PA 62 75.11 -31.03 -58.52
CA LEU PA 62 75.70 -30.05 -59.42
C LEU PA 62 75.69 -30.63 -60.83
N SER PA 63 75.06 -29.94 -61.76
CA SER PA 63 74.91 -30.40 -63.13
C SER PA 63 76.05 -29.92 -64.02
N MET PA 64 76.19 -30.53 -65.20
CA MET PA 64 77.29 -30.10 -66.05
C MET PA 64 77.13 -28.66 -66.53
N ARG PA 65 75.90 -28.17 -66.69
CA ARG PA 65 75.81 -26.81 -67.23
C ARG PA 65 76.48 -25.81 -66.30
N ARG PA 66 76.65 -26.17 -65.04
CA ARG PA 66 77.40 -25.36 -64.11
C ARG PA 66 78.83 -25.87 -63.92
N LEU PA 67 79.03 -27.19 -64.03
CA LEU PA 67 80.36 -27.74 -63.92
C LEU PA 67 81.25 -27.28 -65.07
N VAL PA 68 80.69 -27.19 -66.27
CA VAL PA 68 81.44 -26.74 -67.44
C VAL PA 68 81.79 -25.27 -67.31
N ARG PA 69 80.84 -24.46 -66.82
CA ARG PA 69 81.18 -23.10 -66.43
C ARG PA 69 82.41 -23.12 -65.54
N PHE PA 70 82.41 -24.00 -64.56
CA PHE PA 70 83.49 -24.00 -63.60
C PHE PA 70 84.77 -24.60 -64.16
N MET PA 71 84.67 -25.34 -65.25
CA MET PA 71 85.83 -25.95 -65.91
C MET PA 71 86.21 -25.25 -67.20
N GLU PA 72 85.69 -24.04 -67.45
CA GLU PA 72 85.94 -23.41 -68.73
C GLU PA 72 87.31 -22.74 -68.66
N GLY PA 73 88.31 -23.39 -69.24
CA GLY PA 73 89.67 -22.90 -69.20
C GLY PA 73 90.53 -23.42 -68.06
N LYS PA 74 90.12 -24.48 -67.39
CA LYS PA 74 90.89 -25.09 -66.31
C LYS PA 74 90.90 -26.61 -66.43
N GLU PA 75 91.22 -27.11 -67.62
CA GLU PA 75 91.20 -28.55 -67.87
C GLU PA 75 92.33 -29.30 -67.20
N ASP PA 76 93.38 -28.61 -66.74
CA ASP PA 76 94.48 -29.28 -66.06
C ASP PA 76 94.09 -29.72 -64.67
N LYS PA 77 93.18 -29.02 -64.03
CA LYS PA 77 92.85 -29.24 -62.63
C LYS PA 77 91.67 -30.20 -62.54
N ILE PA 78 91.72 -31.07 -61.56
CA ILE PA 78 90.73 -32.13 -61.40
C ILE PA 78 89.55 -31.59 -60.60
N ALA PA 79 88.35 -31.72 -61.14
CA ALA PA 79 87.18 -31.20 -60.44
C ALA PA 79 86.74 -32.16 -59.35
N VAL PA 80 86.41 -31.61 -58.18
CA VAL PA 80 85.94 -32.39 -57.06
C VAL PA 80 84.61 -31.81 -56.62
N ILE PA 81 83.59 -32.66 -56.52
CA ILE PA 81 82.28 -32.30 -56.02
C ILE PA 81 81.83 -33.39 -55.06
N VAL PA 82 81.72 -33.06 -53.78
CA VAL PA 82 81.33 -34.06 -52.82
C VAL PA 82 79.81 -34.11 -52.76
N GLY PA 83 79.23 -34.81 -53.72
CA GLY PA 83 77.80 -34.75 -53.94
C GLY PA 83 77.38 -35.56 -55.14
N THR PA 84 76.59 -34.98 -56.03
CA THR PA 84 76.08 -35.71 -57.18
C THR PA 84 76.23 -34.87 -58.42
N ILE PA 85 76.56 -35.53 -59.53
CA ILE PA 85 76.63 -34.90 -60.84
C ILE PA 85 75.45 -35.38 -61.67
N THR PA 86 74.55 -34.47 -61.99
CA THR PA 86 73.42 -34.74 -62.85
C THR PA 86 73.72 -34.18 -64.23
N ASP PA 87 73.17 -34.80 -65.26
CA ASP PA 87 73.43 -34.22 -66.57
C ASP PA 87 72.58 -32.97 -66.76
N ASP PA 88 72.72 -32.33 -67.91
CA ASP PA 88 71.95 -31.13 -68.18
C ASP PA 88 71.81 -31.06 -69.69
N GLN PA 89 70.64 -31.44 -70.19
CA GLN PA 89 70.42 -31.52 -71.63
C GLN PA 89 70.44 -30.16 -72.30
N ARG PA 90 70.73 -29.10 -71.56
CA ARG PA 90 70.81 -27.75 -72.10
C ARG PA 90 72.21 -27.37 -72.57
N VAL PA 91 73.23 -28.20 -72.33
CA VAL PA 91 74.56 -27.93 -72.85
C VAL PA 91 74.86 -28.94 -73.94
N TYR PA 92 75.75 -28.56 -74.84
CA TYR PA 92 76.01 -29.33 -76.04
C TYR PA 92 77.43 -29.88 -76.09
N GLU PA 93 78.45 -29.03 -75.99
CA GLU PA 93 79.83 -29.49 -76.02
C GLU PA 93 80.45 -29.34 -74.64
N ILE PA 94 80.85 -30.46 -74.06
CA ILE PA 94 81.44 -30.56 -72.73
C ILE PA 94 82.92 -30.87 -72.91
N PRO PA 95 83.82 -30.04 -72.40
CA PRO PA 95 85.25 -30.38 -72.50
C PRO PA 95 85.55 -31.66 -71.75
N ALA PA 96 86.53 -32.40 -72.26
CA ALA PA 96 86.93 -33.63 -71.59
C ALA PA 96 87.50 -33.26 -70.22
N MET PA 97 86.76 -33.55 -69.17
CA MET PA 97 87.11 -33.10 -67.84
C MET PA 97 87.18 -34.30 -66.90
N LYS PA 98 87.97 -34.14 -65.84
CA LYS PA 98 88.17 -35.17 -64.84
C LYS PA 98 87.49 -34.71 -63.56
N VAL PA 99 86.39 -35.36 -63.19
CA VAL PA 99 85.59 -34.95 -62.06
C VAL PA 99 85.51 -36.10 -61.07
N ALA PA 100 85.69 -35.79 -59.79
CA ALA PA 100 85.55 -36.77 -58.72
C ALA PA 100 84.33 -36.40 -57.90
N ALA PA 101 83.51 -37.40 -57.60
CA ALA PA 101 82.24 -37.16 -56.91
C ALA PA 101 81.81 -38.43 -56.22
N LEU PA 102 80.79 -38.30 -55.37
CA LEU PA 102 80.14 -39.48 -54.83
C LEU PA 102 79.40 -40.25 -55.91
N ARG PA 103 78.43 -39.62 -56.55
CA ARG PA 103 77.58 -40.31 -57.49
C ARG PA 103 77.54 -39.59 -58.82
N PHE PA 104 77.28 -40.36 -59.86
CA PHE PA 104 77.06 -39.84 -61.20
C PHE PA 104 75.76 -40.43 -61.70
N THR PA 105 74.79 -39.57 -62.01
CA THR PA 105 73.60 -40.07 -62.67
C THR PA 105 74.01 -40.79 -63.94
N GLU PA 106 73.41 -41.95 -64.18
CA GLU PA 106 73.92 -42.85 -65.20
C GLU PA 106 73.94 -42.22 -66.57
N THR PA 107 73.15 -41.16 -66.78
CA THR PA 107 73.25 -40.45 -68.06
C THR PA 107 74.38 -39.44 -68.05
N ALA PA 108 74.64 -38.78 -66.90
CA ALA PA 108 75.72 -37.82 -66.84
C ALA PA 108 77.08 -38.50 -66.93
N ARG PA 109 77.23 -39.66 -66.30
CA ARG PA 109 78.48 -40.39 -66.43
C ARG PA 109 78.73 -40.80 -67.87
N ALA PA 110 77.68 -41.23 -68.57
CA ALA PA 110 77.81 -41.54 -69.98
C ALA PA 110 78.16 -40.31 -70.79
N ARG PA 111 77.54 -39.17 -70.47
CA ARG PA 111 77.88 -37.91 -71.15
C ARG PA 111 79.36 -37.60 -71.01
N ILE PA 112 79.89 -37.71 -69.80
CA ILE PA 112 81.28 -37.38 -69.56
C ILE PA 112 82.20 -38.37 -70.29
N VAL PA 113 81.88 -39.66 -70.22
CA VAL PA 113 82.73 -40.65 -70.87
C VAL PA 113 82.74 -40.43 -72.38
N ASN PA 114 81.55 -40.22 -72.96
CA ASN PA 114 81.47 -39.99 -74.39
C ASN PA 114 82.11 -38.67 -74.79
N ALA PA 115 82.22 -37.73 -73.85
CA ALA PA 115 83.00 -36.53 -74.12
C ALA PA 115 84.49 -36.76 -73.97
N GLY PA 116 84.88 -37.88 -73.35
CA GLY PA 116 86.27 -38.27 -73.30
C GLY PA 116 86.99 -37.96 -72.01
N GLY PA 117 86.31 -37.39 -71.03
CA GLY PA 117 86.90 -37.20 -69.72
C GLY PA 117 86.86 -38.49 -68.93
N GLU PA 118 87.42 -38.43 -67.73
CA GLU PA 118 87.53 -39.59 -66.86
C GLU PA 118 86.79 -39.29 -65.57
N CYS PA 119 86.00 -40.26 -65.12
CA CYS PA 119 84.93 -40.05 -64.14
C CYS PA 119 85.30 -40.80 -62.85
N LEU PA 120 85.67 -40.05 -61.82
CA LEU PA 120 86.32 -40.62 -60.65
C LEU PA 120 85.38 -40.77 -59.46
N THR PA 121 85.81 -41.59 -58.52
CA THR PA 121 85.29 -41.63 -57.17
C THR PA 121 86.36 -41.08 -56.23
N PHE PA 122 85.98 -40.89 -54.97
CA PHE PA 122 86.89 -40.23 -54.05
C PHE PA 122 88.12 -41.06 -53.71
N ASP PA 123 88.06 -42.39 -53.81
CA ASP PA 123 89.28 -43.17 -53.60
C ASP PA 123 90.24 -42.99 -54.78
N GLN PA 124 89.73 -43.02 -56.00
CA GLN PA 124 90.58 -42.73 -57.15
C GLN PA 124 91.13 -41.31 -57.08
N LEU PA 125 90.35 -40.37 -56.53
CA LEU PA 125 90.89 -39.04 -56.27
C LEU PA 125 92.01 -39.10 -55.26
N ALA PA 126 91.83 -39.86 -54.18
CA ALA PA 126 92.87 -39.97 -53.18
C ALA PA 126 94.11 -40.68 -53.70
N LEU PA 127 94.00 -41.37 -54.83
CA LEU PA 127 95.20 -41.93 -55.44
C LEU PA 127 96.08 -40.84 -56.03
N ARG PA 128 95.57 -40.04 -56.97
CA ARG PA 128 96.43 -39.11 -57.67
C ARG PA 128 96.21 -37.65 -57.27
N ALA PA 129 95.65 -37.41 -56.11
CA ALA PA 129 95.68 -36.09 -55.50
C ALA PA 129 95.43 -36.22 -54.00
N PRO PA 130 96.26 -36.97 -53.28
CA PRO PA 130 95.99 -37.16 -51.85
C PRO PA 130 96.01 -35.86 -51.07
N LEU PA 131 96.99 -35.00 -51.31
CA LEU PA 131 96.99 -33.68 -50.71
C LEU PA 131 96.15 -32.70 -51.53
N GLY PA 132 95.63 -33.15 -52.66
CA GLY PA 132 94.82 -32.31 -53.53
C GLY PA 132 95.61 -31.43 -54.47
N GLN PA 133 96.66 -31.96 -55.08
CA GLN PA 133 97.40 -31.16 -56.06
C GLN PA 133 96.47 -30.79 -57.21
N ASN PA 134 96.47 -29.51 -57.56
CA ASN PA 134 95.78 -29.03 -58.76
C ASN PA 134 94.34 -29.52 -58.82
N THR PA 135 93.62 -29.32 -57.73
CA THR PA 135 92.23 -29.72 -57.65
C THR PA 135 91.33 -28.51 -57.50
N LEU PA 136 90.09 -28.67 -57.95
CA LEU PA 136 89.10 -27.59 -57.95
C LEU PA 136 87.87 -28.09 -57.20
N LEU PA 137 87.81 -27.75 -55.92
CA LEU PA 137 86.71 -28.13 -55.06
C LEU PA 137 85.49 -27.32 -55.42
N LEU PA 138 84.31 -27.95 -55.32
CA LEU PA 138 83.07 -27.30 -55.71
C LEU PA 138 81.97 -27.66 -54.73
N ARG PA 139 80.93 -26.84 -54.71
CA ARG PA 139 79.67 -27.18 -54.07
C ARG PA 139 78.53 -26.81 -54.99
N GLY PA 140 77.49 -27.63 -54.96
CA GLY PA 140 76.27 -27.34 -55.68
C GLY PA 140 75.50 -26.24 -55.00
N PRO PA 141 74.46 -25.78 -55.66
CA PRO PA 141 73.66 -24.68 -55.10
C PRO PA 141 72.83 -25.11 -53.91
N LYS PA 142 73.18 -24.62 -52.71
CA LYS PA 142 72.49 -25.09 -51.51
C LYS PA 142 71.12 -24.45 -51.37
N ASN PA 143 71.04 -23.13 -51.49
CA ASN PA 143 69.76 -22.45 -51.30
C ASN PA 143 68.88 -22.49 -52.53
N ALA PA 144 69.17 -23.36 -53.49
CA ALA PA 144 68.31 -23.50 -54.66
C ALA PA 144 67.14 -24.44 -54.41
N ARG PA 145 67.13 -25.12 -53.28
CA ARG PA 145 66.10 -26.11 -53.00
C ARG PA 145 64.74 -25.43 -52.86
N GLU PA 146 63.70 -26.12 -53.32
CA GLU PA 146 62.36 -25.53 -53.32
C GLU PA 146 61.91 -25.17 -51.91
N ALA PA 147 62.32 -25.95 -50.92
CA ALA PA 147 61.95 -25.67 -49.55
C ALA PA 147 62.50 -24.33 -49.07
N VAL PA 148 63.67 -23.93 -49.59
CA VAL PA 148 64.27 -22.69 -49.11
C VAL PA 148 63.47 -21.49 -49.55
N ARG PA 149 62.74 -21.58 -50.65
CA ARG PA 149 61.88 -20.49 -51.07
C ARG PA 149 60.87 -20.12 -50.01
N HIS PA 150 60.66 -20.98 -49.01
CA HIS PA 150 59.72 -20.70 -47.94
C HIS PA 150 60.38 -20.10 -46.71
N PHE PA 151 61.70 -19.95 -46.67
CA PHE PA 151 62.30 -19.61 -45.39
C PHE PA 151 62.65 -18.14 -45.38
N GLY PA 152 62.97 -17.65 -44.20
CA GLY PA 152 63.17 -16.22 -43.98
C GLY PA 152 61.98 -15.61 -43.28
N LYS PA 153 61.97 -14.28 -43.26
CA LYS PA 153 60.91 -13.57 -42.56
C LYS PA 153 59.55 -13.86 -43.20
N ALA PA 154 58.50 -13.65 -42.42
CA ALA PA 154 57.21 -14.24 -42.71
C ALA PA 154 56.64 -13.72 -44.04
N PRO PA 155 55.79 -14.51 -44.70
CA PRO PA 155 55.18 -14.03 -45.94
C PRO PA 155 54.40 -12.74 -45.79
N GLY PA 156 53.80 -12.50 -44.64
CA GLY PA 156 52.90 -11.37 -44.51
C GLY PA 156 53.49 -10.13 -43.88
N VAL PA 157 54.82 -10.01 -43.89
CA VAL PA 157 55.46 -8.81 -43.39
C VAL PA 157 56.08 -8.08 -44.58
N PRO PA 158 56.28 -6.76 -44.48
CA PRO PA 158 56.79 -6.02 -45.64
C PRO PA 158 58.17 -6.51 -46.05
N HIS PA 159 58.42 -6.43 -47.35
CA HIS PA 159 59.71 -6.64 -48.00
C HIS PA 159 60.07 -8.11 -48.07
N SER PA 160 59.22 -9.01 -47.57
CA SER PA 160 59.51 -10.43 -47.59
C SER PA 160 58.99 -11.02 -48.89
N HIS PA 161 59.83 -11.79 -49.55
CA HIS PA 161 59.43 -12.44 -50.77
C HIS PA 161 59.44 -13.96 -50.60
N THR PA 162 58.88 -14.42 -49.50
CA THR PA 162 58.87 -15.85 -49.18
C THR PA 162 57.59 -16.48 -49.69
N LYS PA 163 57.71 -17.68 -50.23
CA LYS PA 163 56.57 -18.41 -50.71
C LYS PA 163 55.75 -18.91 -49.53
N PRO PA 164 54.50 -18.53 -49.39
CA PRO PA 164 53.67 -19.09 -48.33
C PRO PA 164 53.13 -20.45 -48.72
N TYR PA 165 53.03 -21.33 -47.72
CA TYR PA 165 52.54 -22.68 -47.96
C TYR PA 165 51.08 -22.62 -48.37
N VAL PA 166 50.80 -22.97 -49.62
CA VAL PA 166 49.48 -22.89 -50.20
C VAL PA 166 49.15 -24.25 -50.80
N ARG PA 167 47.93 -24.73 -50.56
CA ARG PA 167 47.65 -26.09 -51.00
C ARG PA 167 47.46 -26.19 -52.51
N SER PA 168 47.27 -25.07 -53.20
CA SER PA 168 47.19 -25.07 -54.67
C SER PA 168 47.18 -23.63 -55.16
N LYS PA 169 47.76 -23.41 -56.33
CA LYS PA 169 47.71 -22.08 -56.93
C LYS PA 169 46.35 -21.85 -57.58
N GLY PA 170 45.96 -20.58 -57.63
CA GLY PA 170 44.70 -20.19 -58.22
C GLY PA 170 44.28 -18.84 -57.69
N ARG PA 171 43.15 -18.35 -58.21
CA ARG PA 171 42.67 -17.05 -57.76
C ARG PA 171 42.16 -17.12 -56.33
N LYS PA 172 41.60 -18.25 -55.92
CA LYS PA 172 40.97 -18.34 -54.60
C LYS PA 172 41.95 -18.61 -53.48
N PHE PA 173 43.19 -18.93 -53.78
CA PHE PA 173 44.11 -19.42 -52.76
C PHE PA 173 45.10 -18.31 -52.42
N GLU PA 174 44.74 -17.54 -51.39
CA GLU PA 174 45.58 -16.49 -50.82
C GLU PA 174 45.98 -15.47 -51.88
N LYS PA 175 44.98 -14.79 -52.41
CA LYS PA 175 45.16 -13.62 -53.24
C LYS PA 175 44.39 -12.40 -52.77
N ALA PA 176 43.55 -12.53 -51.75
CA ALA PA 176 42.48 -11.54 -51.58
C ALA PA 176 42.88 -10.40 -50.64
N ARG PA 177 43.09 -10.70 -49.37
CA ARG PA 177 43.21 -9.66 -48.35
C ARG PA 177 44.57 -9.73 -47.71
N GLY PA 178 45.44 -8.80 -48.07
CA GLY PA 178 46.85 -8.89 -47.76
C GLY PA 178 47.70 -9.11 -48.97
N ARG PA 179 47.11 -9.11 -50.17
CA ARG PA 179 47.87 -9.22 -51.40
C ARG PA 179 47.44 -8.19 -52.45
N ARG PA 180 46.59 -7.24 -52.09
CA ARG PA 180 46.20 -6.18 -53.02
C ARG PA 180 45.50 -5.07 -52.25
N ASN PA 181 45.53 -3.88 -52.84
CA ASN PA 181 44.92 -2.72 -52.21
C ASN PA 181 43.41 -2.83 -52.18
N SER PA 182 42.83 -3.43 -53.21
CA SER PA 182 41.38 -3.42 -53.38
C SER PA 182 40.66 -4.35 -52.42
N ARG PA 183 41.38 -5.22 -51.70
CA ARG PA 183 40.79 -6.03 -50.63
C ARG PA 183 41.73 -5.92 -49.44
N GLY PA 184 41.53 -4.92 -48.59
CA GLY PA 184 42.35 -4.84 -47.40
C GLY PA 184 43.61 -4.02 -47.55
N PHE PA 185 44.74 -4.68 -47.81
CA PHE PA 185 46.02 -4.00 -47.96
C PHE PA 185 46.96 -4.88 -48.77
N LYS PA 186 48.06 -4.27 -49.23
CA LYS PA 186 49.03 -4.96 -50.08
C LYS PA 186 50.17 -5.46 -49.20
N VAL PA 187 49.95 -6.64 -48.62
CA VAL PA 187 50.88 -7.33 -47.72
C VAL PA 187 51.57 -6.34 -46.76
N GLN QA 7 63.46 53.32 -17.48
CA GLN QA 7 62.01 53.43 -17.64
C GLN QA 7 61.39 52.07 -17.88
N LYS QA 8 62.20 51.15 -18.41
CA LYS QA 8 61.82 49.75 -18.54
C LYS QA 8 62.33 48.97 -17.34
N THR QA 9 61.51 48.05 -16.87
CA THR QA 9 61.81 47.36 -15.63
C THR QA 9 62.93 46.34 -15.80
N ARG QA 10 63.49 45.95 -14.66
CA ARG QA 10 64.58 44.99 -14.64
C ARG QA 10 64.15 43.67 -15.26
N ALA QA 11 62.94 43.21 -14.95
CA ALA QA 11 62.46 41.95 -15.52
C ALA QA 11 62.35 42.03 -17.03
N TYR QA 12 61.88 43.16 -17.56
CA TYR QA 12 61.88 43.35 -19.00
C TYR QA 12 63.28 43.22 -19.57
N SER QA 13 64.23 43.96 -19.00
CA SER QA 13 65.58 43.92 -19.53
C SER QA 13 66.16 42.51 -19.45
N LYS QA 14 65.83 41.78 -18.39
CA LYS QA 14 66.42 40.47 -18.16
C LYS QA 14 65.81 39.39 -19.04
N ARG QA 15 64.53 39.52 -19.35
CA ARG QA 15 63.82 38.56 -20.20
C ARG QA 15 63.78 38.99 -21.66
N PHE QA 16 64.43 40.09 -22.01
CA PHE QA 16 64.48 40.53 -23.40
C PHE QA 16 65.39 39.63 -24.24
N GLN QA 17 64.95 39.36 -25.47
CA GLN QA 17 65.74 38.67 -26.48
C GLN QA 17 65.94 39.60 -27.67
N VAL QA 18 67.19 39.92 -27.98
CA VAL QA 18 67.49 40.88 -29.02
C VAL QA 18 67.42 40.20 -30.39
N LYS QA 19 66.79 40.86 -31.34
CA LYS QA 19 66.69 40.34 -32.69
C LYS QA 19 68.05 40.43 -33.37
N PHE QA 20 68.16 39.80 -34.54
CA PHE QA 20 69.42 39.80 -35.27
C PHE QA 20 69.85 41.24 -35.59
N LYS QA 21 71.16 41.47 -35.59
CA LYS QA 21 71.64 42.84 -35.72
C LYS QA 21 71.20 43.47 -37.03
N ARG QA 22 71.19 42.70 -38.09
CA ARG QA 22 70.68 43.30 -39.32
C ARG QA 22 69.22 43.47 -39.32
N ARG QA 23 68.55 43.28 -38.19
CA ARG QA 23 67.16 43.67 -38.03
C ARG QA 23 66.98 44.75 -36.99
N ARG QA 24 67.77 44.73 -35.91
CA ARG QA 24 67.81 45.88 -35.01
C ARG QA 24 68.24 47.15 -35.75
N GLN QA 25 69.10 47.01 -36.75
CA GLN QA 25 69.37 48.11 -37.66
C GLN QA 25 68.36 48.17 -38.80
N GLY QA 26 67.50 47.17 -38.94
CA GLY QA 26 66.42 47.21 -39.90
C GLY QA 26 66.86 47.30 -41.34
N LYS QA 27 67.86 46.52 -41.73
CA LYS QA 27 68.37 46.55 -43.10
C LYS QA 27 68.14 45.26 -43.87
N THR QA 28 67.74 44.19 -43.22
CA THR QA 28 67.64 42.88 -43.86
C THR QA 28 66.30 42.24 -43.53
N ASP QA 29 65.73 41.55 -44.50
CA ASP QA 29 64.53 40.75 -44.29
C ASP QA 29 64.97 39.30 -44.28
N TYR QA 30 65.03 38.70 -43.08
CA TYR QA 30 65.58 37.36 -42.99
C TYR QA 30 64.64 36.31 -43.56
N ARG QA 31 63.32 36.53 -43.51
CA ARG QA 31 62.41 35.60 -44.17
C ARG QA 31 62.75 35.49 -45.65
N ALA QA 32 63.06 36.61 -46.29
CA ALA QA 32 63.48 36.57 -47.69
C ALA QA 32 64.88 35.98 -47.84
N ARG QA 33 65.79 36.30 -46.91
CA ARG QA 33 67.17 35.88 -47.10
C ARG QA 33 67.33 34.37 -47.00
N LEU QA 34 66.66 33.73 -46.03
CA LEU QA 34 66.72 32.28 -45.98
C LEU QA 34 66.15 31.64 -47.23
N ARG QA 35 65.03 32.14 -47.73
CA ARG QA 35 64.45 31.54 -48.92
C ARG QA 35 65.26 31.84 -50.17
N LEU QA 36 66.10 32.87 -50.15
CA LEU QA 36 66.95 33.15 -51.30
C LEU QA 36 68.22 32.31 -51.28
N THR QA 37 68.87 32.18 -50.13
CA THR QA 37 70.15 31.51 -50.06
C THR QA 37 70.06 30.03 -49.72
N ASN QA 38 68.88 29.53 -49.37
CA ASN QA 38 68.72 28.10 -49.10
C ASN QA 38 68.91 27.32 -50.39
N GLN QA 39 70.05 26.66 -50.51
CA GLN QA 39 70.30 25.80 -51.64
C GLN QA 39 69.64 24.45 -51.41
N ASP QA 40 69.27 23.78 -52.50
CA ASP QA 40 68.92 22.37 -52.37
C ASP QA 40 70.12 21.63 -51.80
N LYS QA 41 69.87 20.79 -50.79
CA LYS QA 41 70.99 20.18 -50.11
C LYS QA 41 71.70 19.13 -50.94
N ASN QA 42 71.13 18.69 -52.05
CA ASN QA 42 71.79 17.72 -52.90
C ASN QA 42 72.59 18.36 -54.02
N LYS QA 43 72.97 19.62 -53.86
CA LYS QA 43 73.91 20.25 -54.77
C LYS QA 43 75.21 20.60 -54.08
N TYR QA 44 75.19 20.67 -52.75
CA TYR QA 44 76.31 20.49 -51.83
C TYR QA 44 77.29 21.64 -51.72
N ASN QA 45 77.40 22.48 -52.74
CA ASN QA 45 78.18 23.70 -52.52
C ASN QA 45 77.70 24.85 -53.37
N THR QA 46 76.95 24.56 -54.42
CA THR QA 46 76.71 25.56 -55.46
C THR QA 46 75.85 26.67 -54.89
N PRO QA 47 76.41 27.85 -54.65
CA PRO QA 47 75.62 28.94 -54.09
C PRO QA 47 74.63 29.44 -55.12
N LYS QA 48 73.55 30.02 -54.63
CA LYS QA 48 72.67 30.80 -55.49
C LYS QA 48 73.13 32.24 -55.46
N TYR QA 49 73.71 32.69 -56.57
CA TYR QA 49 74.19 34.06 -56.67
C TYR QA 49 73.00 35.01 -56.74
N ARG QA 50 73.07 36.07 -55.97
CA ARG QA 50 72.00 37.04 -55.88
C ARG QA 50 72.43 38.33 -56.55
N PHE QA 51 71.64 38.76 -57.51
CA PHE QA 51 71.65 40.12 -58.05
C PHE QA 51 70.97 41.00 -57.04
N VAL QA 52 71.76 41.61 -56.18
CA VAL QA 52 71.25 42.52 -55.16
C VAL QA 52 71.37 43.93 -55.70
N VAL QA 53 70.24 44.59 -55.89
CA VAL QA 53 70.21 45.97 -56.34
C VAL QA 53 69.61 46.83 -55.23
N ARG QA 54 70.29 47.90 -54.88
CA ARG QA 54 69.88 48.81 -53.83
C ARG QA 54 69.99 50.22 -54.36
N PHE QA 55 69.10 51.10 -53.91
CA PHE QA 55 69.20 52.51 -54.23
C PHE QA 55 69.30 53.31 -52.94
N THR QA 56 70.34 54.10 -52.84
CA THR QA 56 70.40 55.11 -51.81
C THR QA 56 69.73 56.36 -52.36
N ASN QA 57 69.90 57.50 -51.69
CA ASN QA 57 69.31 58.71 -52.23
C ASN QA 57 70.10 59.28 -53.39
N LYS QA 58 71.35 58.87 -53.58
CA LYS QA 58 72.15 59.39 -54.67
C LYS QA 58 73.01 58.34 -55.37
N ASP QA 59 72.87 57.05 -55.04
CA ASP QA 59 73.64 56.00 -55.69
C ASP QA 59 72.73 54.82 -55.99
N VAL QA 60 73.21 53.95 -56.88
CA VAL QA 60 72.55 52.71 -57.24
C VAL QA 60 73.59 51.61 -57.14
N THR QA 61 73.56 50.85 -56.06
CA THR QA 61 74.48 49.75 -55.86
C THR QA 61 73.92 48.48 -56.48
N ALA QA 62 74.79 47.74 -57.16
CA ALA QA 62 74.40 46.47 -57.77
C ALA QA 62 75.51 45.47 -57.54
N GLN QA 63 75.18 44.31 -56.99
CA GLN QA 63 76.18 43.35 -56.57
C GLN QA 63 75.72 41.94 -56.88
N ILE QA 64 76.60 41.15 -57.48
CA ILE QA 64 76.37 39.72 -57.61
C ILE QA 64 77.10 39.06 -56.45
N VAL QA 65 76.34 38.60 -55.47
CA VAL QA 65 76.93 38.15 -54.22
C VAL QA 65 76.39 36.76 -53.89
N TYR QA 66 77.20 35.97 -53.19
CA TYR QA 66 76.76 34.67 -52.73
C TYR QA 66 77.14 34.49 -51.27
N ALA QA 67 76.43 33.59 -50.60
CA ALA QA 67 76.50 33.45 -49.16
C ALA QA 67 77.48 32.37 -48.74
N THR QA 68 78.19 32.63 -47.66
CA THR QA 68 79.11 31.67 -47.06
C THR QA 68 79.11 31.92 -45.56
N ILE QA 69 79.44 30.88 -44.79
CA ILE QA 69 79.27 30.93 -43.33
C ILE QA 69 80.00 32.12 -42.75
N ALA QA 70 81.19 32.43 -43.27
CA ALA QA 70 81.93 33.60 -42.81
C ALA QA 70 81.25 34.91 -43.20
N GLY QA 71 80.43 34.90 -44.22
CA GLY QA 71 79.73 36.09 -44.65
C GLY QA 71 79.64 36.13 -46.16
N ASP QA 72 78.70 36.95 -46.65
CA ASP QA 72 78.49 37.02 -48.08
C ASP QA 72 79.74 37.53 -48.78
N ILE QA 73 79.98 37.01 -49.98
CA ILE QA 73 81.18 37.30 -50.76
C ILE QA 73 80.76 37.85 -52.11
N VAL QA 74 81.19 39.06 -52.41
CA VAL QA 74 80.86 39.74 -53.66
C VAL QA 74 81.80 39.26 -54.74
N MET QA 75 81.28 39.10 -55.95
CA MET QA 75 82.12 38.80 -57.09
C MET QA 75 82.09 39.85 -58.18
N ALA QA 76 81.14 40.79 -58.15
CA ALA QA 76 81.10 41.88 -59.09
C ALA QA 76 80.21 42.98 -58.55
N ALA QA 77 80.75 44.19 -58.46
CA ALA QA 77 80.01 45.34 -57.94
C ALA QA 77 79.88 46.40 -59.03
N ALA QA 78 78.73 47.06 -59.05
CA ALA QA 78 78.48 48.15 -59.99
C ALA QA 78 77.73 49.24 -59.26
N TYR QA 79 78.25 50.46 -59.33
CA TYR QA 79 77.62 51.60 -58.70
C TYR QA 79 77.26 52.62 -59.76
N SER QA 80 76.20 53.38 -59.53
CA SER QA 80 75.84 54.41 -60.48
C SER QA 80 76.76 55.62 -60.40
N HIS QA 81 77.50 55.78 -59.30
CA HIS QA 81 78.38 56.93 -59.19
C HIS QA 81 79.69 56.76 -59.96
N GLU QA 82 79.93 55.58 -60.53
CA GLU QA 82 81.08 55.38 -61.40
C GLU QA 82 80.72 55.52 -62.86
N LEU QA 83 79.50 55.90 -63.18
CA LEU QA 83 79.12 56.15 -64.56
C LEU QA 83 79.71 57.44 -65.12
N PRO QA 84 79.95 58.48 -64.32
CA PRO QA 84 80.74 59.61 -64.83
C PRO QA 84 82.02 59.20 -65.53
N ARG QA 85 82.58 58.04 -65.19
CA ARG QA 85 83.66 57.47 -65.97
C ARG QA 85 83.22 57.15 -67.39
N TYR QA 86 81.96 56.79 -67.58
CA TYR QA 86 81.48 56.31 -68.86
C TYR QA 86 80.75 57.37 -69.67
N GLY QA 87 80.34 58.46 -69.04
CA GLY QA 87 79.74 59.56 -69.76
C GLY QA 87 78.52 60.16 -69.11
N LEU QA 88 77.71 59.32 -68.45
CA LEU QA 88 76.54 59.82 -67.75
C LEU QA 88 76.97 60.51 -66.47
N GLU QA 89 76.74 61.82 -66.40
CA GLU QA 89 77.20 62.63 -65.28
C GLU QA 89 76.07 63.05 -64.35
N VAL QA 90 74.85 63.11 -64.84
CA VAL QA 90 73.76 63.75 -64.13
C VAL QA 90 72.54 62.83 -64.12
N GLY QA 91 71.72 62.97 -63.09
CA GLY QA 91 70.50 62.21 -62.99
C GLY QA 91 70.78 60.72 -62.94
N LEU QA 92 71.78 60.35 -62.15
CA LEU QA 92 72.26 58.99 -62.06
C LEU QA 92 71.50 58.16 -61.03
N THR QA 93 70.25 58.52 -60.74
CA THR QA 93 69.40 57.69 -59.90
C THR QA 93 67.99 57.64 -60.50
N ASN QA 94 67.90 57.62 -61.82
CA ASN QA 94 66.63 57.47 -62.51
C ASN QA 94 66.47 56.06 -63.05
N TYR QA 95 65.35 55.83 -63.73
CA TYR QA 95 65.05 54.49 -64.23
C TYR QA 95 66.08 54.06 -65.26
N ALA QA 96 66.48 54.97 -66.14
CA ALA QA 96 67.53 54.65 -67.10
C ALA QA 96 68.88 54.53 -66.44
N ALA QA 97 69.11 55.26 -65.34
CA ALA QA 97 70.37 55.12 -64.61
C ALA QA 97 70.49 53.74 -64.00
N ALA QA 98 69.40 53.21 -63.45
CA ALA QA 98 69.42 51.85 -62.94
C ALA QA 98 69.48 50.83 -64.08
N TYR QA 99 68.85 51.12 -65.21
CA TYR QA 99 69.04 50.29 -66.40
C TYR QA 99 70.53 50.17 -66.74
N CYS QA 100 71.21 51.30 -66.81
CA CYS QA 100 72.62 51.26 -67.19
C CYS QA 100 73.47 50.64 -66.10
N THR QA 101 73.10 50.79 -64.83
CA THR QA 101 73.82 50.08 -63.78
C THR QA 101 73.68 48.57 -63.96
N GLY QA 102 72.49 48.10 -64.30
CA GLY QA 102 72.31 46.68 -64.54
C GLY QA 102 73.07 46.20 -65.76
N LEU QA 103 73.06 46.99 -66.82
CA LEU QA 103 73.85 46.64 -68.01
C LEU QA 103 75.33 46.55 -67.66
N LEU QA 104 75.83 47.51 -66.90
CA LEU QA 104 77.23 47.51 -66.51
C LEU QA 104 77.58 46.29 -65.69
N LEU QA 105 76.76 45.98 -64.68
CA LEU QA 105 77.05 44.84 -63.83
C LEU QA 105 76.99 43.53 -64.63
N ALA QA 106 76.00 43.40 -65.50
CA ALA QA 106 75.92 42.19 -66.32
C ALA QA 106 77.14 42.03 -67.19
N ARG QA 107 77.55 43.11 -67.87
CA ARG QA 107 78.75 43.01 -68.70
C ARG QA 107 79.98 42.69 -67.88
N ARG QA 108 80.10 43.24 -66.69
CA ARG QA 108 81.29 42.95 -65.89
C ARG QA 108 81.30 41.49 -65.43
N VAL QA 109 80.15 40.96 -65.01
CA VAL QA 109 80.08 39.56 -64.62
C VAL QA 109 80.42 38.65 -65.79
N LEU QA 110 79.81 38.91 -66.94
CA LEU QA 110 80.04 38.06 -68.10
C LEU QA 110 81.50 38.10 -68.52
N LYS QA 111 82.11 39.29 -68.51
CA LYS QA 111 83.52 39.40 -68.87
C LYS QA 111 84.39 38.67 -67.85
N CYS QA 112 84.03 38.73 -66.58
CA CYS QA 112 84.85 38.08 -65.55
C CYS QA 112 84.76 36.57 -65.66
N ARG QA 113 83.58 36.05 -65.98
CA ARG QA 113 83.40 34.60 -66.08
C ARG QA 113 83.64 34.09 -67.50
N ASP QA 114 84.06 34.97 -68.42
CA ASP QA 114 84.64 34.57 -69.71
C ASP QA 114 83.62 33.88 -70.61
N LEU QA 115 82.43 34.47 -70.69
CA LEU QA 115 81.42 34.04 -71.65
C LEU QA 115 80.67 35.23 -72.22
N ASP QA 116 81.22 36.44 -72.07
CA ASP QA 116 80.58 37.63 -72.61
C ASP QA 116 80.48 37.56 -74.12
N GLN QA 117 81.52 37.06 -74.77
CA GLN QA 117 81.51 36.94 -76.23
C GLN QA 117 80.42 36.00 -76.70
N GLU QA 118 80.05 35.02 -75.89
CA GLU QA 118 79.06 34.05 -76.33
C GLU QA 118 77.65 34.42 -75.90
N TYR QA 119 77.52 35.31 -74.91
CA TYR QA 119 76.21 35.87 -74.54
C TYR QA 119 76.30 37.40 -74.64
N GLU QA 120 75.86 37.95 -75.77
CA GLU QA 120 75.84 39.40 -75.90
C GLU QA 120 74.46 40.02 -75.67
N GLY QA 121 73.40 39.22 -75.63
CA GLY QA 121 72.09 39.78 -75.39
C GLY QA 121 71.68 40.72 -76.53
N ASN QA 122 70.89 41.72 -76.19
CA ASN QA 122 70.63 42.81 -77.13
C ASN QA 122 71.73 43.84 -77.02
N VAL QA 123 72.42 44.10 -78.13
CA VAL QA 123 73.37 45.20 -78.19
C VAL QA 123 72.64 46.53 -77.99
N GLU QA 124 71.44 46.63 -78.55
CA GLU QA 124 70.63 47.84 -78.46
C GLU QA 124 69.45 47.56 -77.55
N ALA QA 125 69.19 48.47 -76.62
CA ALA QA 125 68.15 48.25 -75.63
C ALA QA 125 66.77 48.21 -76.27
N THR QA 126 65.93 47.29 -75.81
CA THR QA 126 64.60 47.14 -76.37
C THR QA 126 63.58 47.07 -75.24
N GLY QA 127 62.41 47.65 -75.47
CA GLY QA 127 61.39 47.65 -74.44
C GLY QA 127 60.78 46.28 -74.23
N GLU QA 128 60.77 45.46 -75.26
CA GLU QA 128 60.17 44.13 -75.14
C GLU QA 128 61.00 43.25 -74.23
N ASP QA 129 60.33 42.49 -73.37
CA ASP QA 129 61.04 41.69 -72.38
C ASP QA 129 61.87 40.62 -73.08
N PHE QA 130 63.04 40.32 -72.50
CA PHE QA 130 64.07 39.57 -73.18
C PHE QA 130 64.34 38.26 -72.44
N SER QA 131 64.35 37.16 -73.18
CA SER QA 131 64.87 35.89 -72.69
C SER QA 131 66.04 35.48 -73.58
N VAL QA 132 67.14 35.12 -72.95
CA VAL QA 132 68.37 34.80 -73.66
C VAL QA 132 68.43 33.29 -73.83
N GLU QA 133 69.10 32.84 -74.88
CA GLU QA 133 69.13 31.41 -75.13
C GLU QA 133 70.35 30.78 -74.50
N PRO QA 134 70.18 29.69 -73.76
CA PRO QA 134 71.32 28.92 -73.24
C PRO QA 134 71.95 28.02 -74.29
N ALA QA 135 71.72 28.35 -75.56
CA ALA QA 135 71.68 27.39 -76.66
C ALA QA 135 72.69 26.25 -76.60
N ASP QA 136 73.98 26.57 -76.62
CA ASP QA 136 74.98 25.56 -76.98
C ASP QA 136 76.13 25.46 -75.96
N GLU QA 137 76.16 24.35 -75.24
CA GLU QA 137 77.26 23.82 -74.43
C GLU QA 137 77.66 24.70 -73.25
N ARG QA 138 77.03 25.86 -73.10
CA ARG QA 138 77.50 26.80 -72.07
C ARG QA 138 76.31 27.68 -71.71
N ARG QA 139 75.63 27.34 -70.64
CA ARG QA 139 74.41 28.02 -70.21
C ARG QA 139 74.74 29.37 -69.58
N PRO QA 140 73.81 30.33 -69.65
CA PRO QA 140 74.11 31.68 -69.17
C PRO QA 140 74.21 31.73 -67.66
N PHE QA 141 74.99 32.70 -67.18
CA PHE QA 141 75.07 32.91 -65.73
C PHE QA 141 73.67 33.16 -65.19
N ARG QA 142 73.36 32.53 -64.07
CA ARG QA 142 72.01 32.60 -63.51
C ARG QA 142 72.08 33.20 -62.12
N ALA QA 143 71.34 34.29 -61.91
CA ALA QA 143 71.31 34.98 -60.64
C ALA QA 143 69.86 35.30 -60.27
N LEU QA 144 69.64 35.49 -58.97
CA LEU QA 144 68.31 35.70 -58.43
C LEU QA 144 68.18 37.15 -58.00
N LEU QA 145 67.08 37.80 -58.38
CA LEU QA 145 66.89 39.18 -57.99
C LEU QA 145 66.60 39.27 -56.49
N ASP QA 146 67.24 40.22 -55.82
CA ASP QA 146 67.10 40.40 -54.38
C ASP QA 146 66.78 41.88 -54.13
N VAL QA 147 65.49 42.21 -54.15
CA VAL QA 147 65.09 43.62 -54.04
C VAL QA 147 65.50 44.19 -52.70
N GLY QA 148 65.29 43.45 -51.61
CA GLY QA 148 65.58 43.96 -50.29
C GLY QA 148 64.32 44.26 -49.51
N LEU QA 149 64.19 45.48 -48.99
CA LEU QA 149 63.03 45.86 -48.20
C LEU QA 149 61.98 46.62 -48.98
N ILE QA 150 62.28 47.01 -50.22
CA ILE QA 150 61.40 47.92 -50.94
C ILE QA 150 60.14 47.20 -51.41
N ARG QA 151 59.15 47.99 -51.80
CA ARG QA 151 57.91 47.47 -52.33
C ARG QA 151 58.08 47.21 -53.82
N THR QA 152 57.70 46.02 -54.27
CA THR QA 152 57.84 45.66 -55.68
C THR QA 152 56.60 46.12 -56.45
N THR QA 153 56.62 47.40 -56.82
CA THR QA 153 55.57 48.00 -57.62
C THR QA 153 56.00 48.15 -59.07
N THR QA 154 55.02 48.25 -59.95
CA THR QA 154 55.29 48.45 -61.36
C THR QA 154 56.10 49.73 -61.58
N GLY QA 155 57.02 49.69 -62.52
CA GLY QA 155 57.82 50.85 -62.83
C GLY QA 155 59.01 51.05 -61.94
N ASN QA 156 59.30 50.12 -61.05
CA ASN QA 156 60.35 50.31 -60.06
C ASN QA 156 61.73 50.31 -60.70
N ARG QA 157 62.64 51.09 -60.12
CA ARG QA 157 64.00 51.10 -60.61
C ARG QA 157 64.70 49.77 -60.38
N VAL QA 158 64.24 48.95 -59.44
CA VAL QA 158 64.75 47.58 -59.36
C VAL QA 158 64.49 46.85 -60.66
N PHE QA 159 63.29 47.00 -61.22
CA PHE QA 159 63.01 46.32 -62.45
C PHE QA 159 63.63 47.02 -63.66
N GLY QA 160 63.97 48.30 -63.52
CA GLY QA 160 64.85 48.90 -64.51
C GLY QA 160 66.21 48.23 -64.52
N ALA QA 161 66.79 48.02 -63.35
CA ALA QA 161 68.06 47.32 -63.27
C ALA QA 161 67.91 45.89 -63.78
N LEU QA 162 66.77 45.27 -63.49
CA LEU QA 162 66.50 43.93 -63.97
C LEU QA 162 66.55 43.87 -65.49
N LYS QA 163 65.86 44.80 -66.15
CA LYS QA 163 65.93 44.82 -67.60
C LYS QA 163 67.33 45.14 -68.09
N GLY QA 164 68.07 45.97 -67.35
CA GLY QA 164 69.46 46.20 -67.71
C GLY QA 164 70.27 44.93 -67.73
N ALA QA 165 70.18 44.14 -66.65
CA ALA QA 165 70.93 42.90 -66.59
C ALA QA 165 70.47 41.89 -67.64
N LEU QA 166 69.16 41.80 -67.85
CA LEU QA 166 68.65 40.88 -68.87
C LEU QA 166 69.18 41.25 -70.24
N ASP QA 167 69.26 42.54 -70.54
CA ASP QA 167 69.87 42.94 -71.80
C ASP QA 167 71.37 42.74 -71.80
N GLY QA 168 72.00 42.80 -70.62
CA GLY QA 168 73.43 42.57 -70.53
C GLY QA 168 73.84 41.14 -70.70
N GLY QA 169 72.93 40.19 -70.53
CA GLY QA 169 73.19 38.80 -70.83
C GLY QA 169 73.01 37.83 -69.68
N LEU QA 170 72.78 38.30 -68.47
CA LEU QA 170 72.51 37.40 -67.36
C LEU QA 170 71.18 36.68 -67.59
N ASP QA 171 71.08 35.49 -67.01
CA ASP QA 171 69.81 34.78 -66.93
C ASP QA 171 69.24 35.04 -65.55
N ILE QA 172 68.18 35.82 -65.48
CA ILE QA 172 67.58 36.10 -64.19
C ILE QA 172 66.12 35.66 -64.22
N PRO QA 173 65.67 34.86 -63.26
CA PRO QA 173 64.24 34.56 -63.18
C PRO QA 173 63.44 35.84 -63.12
N HIS QA 174 62.44 35.95 -63.99
CA HIS QA 174 61.73 37.22 -64.11
C HIS QA 174 60.38 36.96 -64.76
N SER QA 175 59.49 37.91 -64.57
CA SER QA 175 58.29 38.03 -65.38
C SER QA 175 58.11 39.49 -65.73
N ASP QA 176 57.39 39.73 -66.81
CA ASP QA 176 57.19 41.07 -67.34
C ASP QA 176 56.00 41.77 -66.71
N LYS QA 177 55.63 41.40 -65.49
CA LYS QA 177 54.47 41.97 -64.82
C LYS QA 177 54.81 43.19 -63.97
N ARG QA 178 56.08 43.57 -63.89
CA ARG QA 178 56.46 44.74 -63.11
C ARG QA 178 57.45 45.65 -63.82
N PHE QA 179 57.71 45.43 -65.10
CA PHE QA 179 58.47 46.40 -65.87
C PHE QA 179 57.66 47.66 -66.05
N ALA QA 180 58.34 48.80 -66.06
CA ALA QA 180 57.67 50.07 -66.30
C ALA QA 180 56.93 50.03 -67.64
N GLY QA 181 55.72 50.55 -67.65
CA GLY QA 181 54.88 50.49 -68.83
C GLY QA 181 54.01 49.27 -68.92
N PHE QA 182 53.98 48.43 -67.89
CA PHE QA 182 53.02 47.34 -67.85
C PHE QA 182 51.60 47.90 -67.78
N LYS QA 183 50.77 47.48 -68.72
CA LYS QA 183 49.37 47.92 -68.71
C LYS QA 183 48.61 47.00 -67.76
N LYS QA 184 48.50 47.43 -66.50
CA LYS QA 184 47.90 46.59 -65.48
C LYS QA 184 46.44 46.29 -65.77
N ASP QA 185 45.82 47.04 -66.68
CA ASP QA 185 44.48 46.72 -67.13
C ASP QA 185 44.50 45.69 -68.26
N GLU QA 186 45.31 45.94 -69.29
CA GLU QA 186 45.39 45.03 -70.43
C GLU QA 186 46.34 43.86 -70.18
N LYS QA 187 47.15 43.92 -69.11
CA LYS QA 187 48.04 42.82 -68.70
C LYS QA 187 49.12 42.54 -69.74
N GLN QA 188 49.65 43.59 -70.35
CA GLN QA 188 50.78 43.44 -71.25
C GLN QA 188 51.58 44.74 -71.24
N LEU QA 189 52.87 44.64 -71.55
CA LEU QA 189 53.70 45.84 -71.60
C LEU QA 189 53.31 46.71 -72.79
N ASP QA 190 53.91 47.89 -72.84
CA ASP QA 190 54.09 48.62 -74.08
C ASP QA 190 55.59 48.72 -74.35
N ALA QA 191 56.01 48.18 -75.50
CA ALA QA 191 57.41 48.25 -75.87
C ALA QA 191 57.87 49.69 -75.99
N GLU QA 192 57.05 50.56 -76.59
CA GLU QA 192 57.44 51.96 -76.69
C GLU QA 192 57.52 52.64 -75.34
N ILE QA 193 56.59 52.33 -74.43
CA ILE QA 193 56.65 52.99 -73.14
C ILE QA 193 57.88 52.55 -72.36
N HIS QA 194 58.18 51.25 -72.38
CA HIS QA 194 59.37 50.80 -71.68
C HIS QA 194 60.63 51.35 -72.34
N ARG QA 195 60.63 51.43 -73.67
CA ARG QA 195 61.71 52.09 -74.40
C ARG QA 195 61.92 53.51 -73.90
N LYS QA 196 60.83 54.26 -73.81
CA LYS QA 196 60.90 55.62 -73.31
C LYS QA 196 61.50 55.66 -71.92
N TYR QA 197 61.06 54.74 -71.05
CA TYR QA 197 61.52 54.79 -69.67
C TYR QA 197 63.00 54.43 -69.56
N ILE QA 198 63.45 53.42 -70.31
CA ILE QA 198 64.85 53.02 -70.26
C ILE QA 198 65.75 53.99 -71.00
N TYR QA 199 65.19 54.89 -71.82
CA TYR QA 199 65.98 55.96 -72.40
C TYR QA 199 65.72 57.31 -71.74
N GLY QA 200 65.32 57.30 -70.47
CA GLY QA 200 65.13 58.54 -69.75
C GLY QA 200 64.08 59.45 -70.33
N GLY QA 201 63.15 58.92 -71.12
CA GLY QA 201 62.11 59.75 -71.68
C GLY QA 201 61.15 60.28 -70.64
N HIS QA 202 60.88 59.50 -69.59
CA HIS QA 202 59.96 59.96 -68.57
C HIS QA 202 60.51 61.17 -67.82
N VAL QA 203 61.82 61.38 -67.86
CA VAL QA 203 62.39 62.61 -67.32
C VAL QA 203 62.33 63.71 -68.36
N ALA QA 204 62.59 63.39 -69.63
CA ALA QA 204 62.66 64.40 -70.67
C ALA QA 204 61.30 65.09 -70.87
N ASP QA 205 60.23 64.31 -70.86
CA ASP QA 205 58.92 64.93 -71.05
C ASP QA 205 58.61 65.88 -69.91
N TYR QA 206 59.09 65.59 -68.70
CA TYR QA 206 58.86 66.49 -67.59
C TYR QA 206 59.80 67.67 -67.60
N MET QA 207 61.00 67.53 -68.16
CA MET QA 207 61.81 68.71 -68.41
C MET QA 207 61.08 69.66 -69.34
N LYS QA 208 60.47 69.13 -70.39
CA LYS QA 208 59.63 69.97 -71.23
C LYS QA 208 58.43 70.50 -70.45
N SER QA 209 57.86 69.69 -69.56
CA SER QA 209 56.68 70.11 -68.81
C SER QA 209 56.97 71.31 -67.93
N LEU QA 210 58.14 71.35 -67.31
CA LEU QA 210 58.49 72.55 -66.55
C LEU QA 210 58.95 73.68 -67.46
N ALA QA 211 59.68 73.37 -68.53
CA ALA QA 211 60.20 74.43 -69.39
C ALA QA 211 59.13 75.08 -70.26
N ASP QA 212 57.93 74.51 -70.35
CA ASP QA 212 56.91 75.09 -71.22
C ASP QA 212 56.35 76.40 -70.65
N GLU QA 213 55.84 76.37 -69.41
CA GLU QA 213 55.36 77.61 -68.81
C GLU QA 213 55.72 77.73 -67.33
N GLU QA 214 56.69 76.97 -66.83
CA GLU QA 214 57.13 77.07 -65.44
C GLU QA 214 58.65 77.10 -65.41
N PRO QA 215 59.25 78.19 -65.93
CA PRO QA 215 60.70 78.21 -66.08
C PRO QA 215 61.44 78.52 -64.79
N GLU QA 216 60.75 78.93 -63.72
CA GLU QA 216 61.45 79.14 -62.47
C GLU QA 216 61.63 77.82 -61.73
N LYS QA 217 60.59 77.02 -61.64
CA LYS QA 217 60.73 75.72 -61.00
C LYS QA 217 61.63 74.82 -61.81
N TYR QA 218 61.59 74.95 -63.13
CA TYR QA 218 62.50 74.20 -63.99
C TYR QA 218 63.96 74.47 -63.62
N GLN QA 219 64.32 75.74 -63.46
CA GLN QA 219 65.69 76.08 -63.09
C GLN QA 219 66.01 75.61 -61.69
N SER QA 220 65.09 75.78 -60.74
CA SER QA 220 65.38 75.41 -59.37
C SER QA 220 65.28 73.90 -59.15
N HIS QA 221 64.78 73.16 -60.13
CA HIS QA 221 64.56 71.73 -60.01
C HIS QA 221 65.60 70.91 -60.73
N PHE QA 222 66.14 71.40 -61.86
CA PHE QA 222 67.08 70.60 -62.63
C PHE QA 222 68.44 71.28 -62.77
N SER QA 223 68.98 71.78 -61.66
CA SER QA 223 70.16 72.63 -61.73
C SER QA 223 71.31 71.94 -62.45
N GLU QA 224 71.55 70.66 -62.14
CA GLU QA 224 72.72 69.99 -62.71
C GLU QA 224 72.55 69.71 -64.20
N TYR QA 225 71.33 69.38 -64.63
CA TYR QA 225 71.08 69.22 -66.06
C TYR QA 225 71.36 70.52 -66.81
N ILE QA 226 70.88 71.63 -66.26
CA ILE QA 226 71.08 72.90 -66.95
C ILE QA 226 72.56 73.22 -67.07
N LYS QA 227 73.30 73.14 -65.97
CA LYS QA 227 74.67 73.60 -66.07
C LYS QA 227 75.58 72.56 -66.72
N LYS QA 228 75.10 71.35 -66.94
CA LYS QA 228 75.79 70.42 -67.83
C LYS QA 228 75.19 70.43 -69.24
N GLY QA 229 74.21 71.29 -69.50
CA GLY QA 229 73.75 71.53 -70.85
C GLY QA 229 73.08 70.36 -71.54
N ILE QA 230 72.16 69.68 -70.86
CA ILE QA 230 71.40 68.63 -71.51
C ILE QA 230 69.95 69.08 -71.65
N GLU QA 231 69.61 69.66 -72.80
CA GLU QA 231 68.19 69.92 -73.06
C GLU QA 231 67.47 68.62 -73.36
N ALA QA 232 66.14 68.68 -73.28
CA ALA QA 232 65.33 67.47 -73.17
C ALA QA 232 65.50 66.54 -74.36
N ASP QA 233 65.80 67.07 -75.54
CA ASP QA 233 65.93 66.23 -76.72
C ASP QA 233 67.27 65.52 -76.79
N ASN QA 234 68.15 65.73 -75.83
CA ASN QA 234 69.50 65.16 -75.84
C ASN QA 234 69.67 64.14 -74.73
N MET QA 235 68.65 63.31 -74.52
CA MET QA 235 68.74 62.11 -73.70
C MET QA 235 68.93 60.85 -74.52
N GLU QA 236 68.24 60.76 -75.66
CA GLU QA 236 68.24 59.56 -76.49
C GLU QA 236 69.66 59.14 -76.85
N ALA QA 237 70.38 60.00 -77.57
CA ALA QA 237 71.73 59.65 -78.02
C ALA QA 237 72.71 59.60 -76.85
N LEU QA 238 72.44 60.34 -75.78
CA LEU QA 238 73.30 60.27 -74.61
C LEU QA 238 73.29 58.88 -74.00
N TYR QA 239 72.09 58.30 -73.87
CA TYR QA 239 72.00 56.93 -73.37
C TYR QA 239 72.46 55.92 -74.39
N LYS QA 240 72.27 56.19 -75.69
CA LYS QA 240 72.89 55.35 -76.72
C LYS QA 240 74.40 55.23 -76.48
N LYS QA 241 75.07 56.37 -76.32
CA LYS QA 241 76.52 56.34 -76.22
C LYS QA 241 76.97 55.79 -74.87
N VAL QA 242 76.20 55.98 -73.81
CA VAL QA 242 76.62 55.37 -72.55
C VAL QA 242 76.45 53.85 -72.64
N HIS QA 243 75.42 53.37 -73.32
CA HIS QA 243 75.29 51.93 -73.55
C HIS QA 243 76.52 51.41 -74.28
N ALA QA 244 76.94 52.13 -75.32
CA ALA QA 244 78.10 51.69 -76.07
C ALA QA 244 79.35 51.66 -75.20
N ALA QA 245 79.57 52.71 -74.41
CA ALA QA 245 80.76 52.79 -73.56
C ALA QA 245 80.77 51.68 -72.52
N ILE QA 246 79.62 51.40 -71.92
CA ILE QA 246 79.54 50.35 -70.92
C ILE QA 246 79.81 48.98 -71.54
N ARG QA 247 79.18 48.70 -72.68
CA ARG QA 247 79.44 47.41 -73.32
C ARG QA 247 80.83 47.35 -73.94
N ALA QA 248 81.55 48.47 -73.99
CA ALA QA 248 82.91 48.48 -74.48
C ALA QA 248 83.96 48.28 -73.39
N ASP QA 249 83.76 48.85 -72.20
CA ASP QA 249 84.74 48.75 -71.12
C ASP QA 249 84.09 48.38 -69.79
N PRO QA 250 83.76 47.11 -69.59
CA PRO QA 250 83.18 46.71 -68.29
C PRO QA 250 84.23 46.47 -67.21
N THR QA 251 84.90 47.52 -66.77
CA THR QA 251 85.90 47.34 -65.72
C THR QA 251 86.08 48.60 -64.86
N LYS QA 264 93.95 61.57 -38.39
CA LYS QA 264 93.64 60.16 -38.26
C LYS QA 264 92.62 59.91 -37.13
N ARG QA 265 92.95 60.27 -35.90
CA ARG QA 265 92.03 60.12 -34.77
C ARG QA 265 91.10 61.32 -34.68
N TYR QA 266 89.80 61.06 -34.86
CA TYR QA 266 88.76 62.07 -34.73
C TYR QA 266 87.66 61.69 -33.76
N ASN QA 267 87.65 60.47 -33.23
CA ASN QA 267 86.73 60.04 -32.20
C ASN QA 267 87.49 59.78 -30.90
N PRO QA 268 86.85 59.97 -29.76
CA PRO QA 268 87.55 59.73 -28.49
C PRO QA 268 87.79 58.25 -28.25
N LYS QA 269 88.98 57.92 -27.78
CA LYS QA 269 89.26 56.56 -27.35
C LYS QA 269 88.42 56.21 -26.12
N LYS QA 270 88.23 54.91 -25.91
CA LYS QA 270 87.66 54.44 -24.67
C LYS QA 270 88.64 54.69 -23.54
N LEU QA 271 88.32 55.63 -22.65
CA LEU QA 271 89.18 55.85 -21.50
C LEU QA 271 89.25 54.58 -20.67
N THR QA 272 90.45 54.26 -20.19
CA THR QA 272 90.73 52.97 -19.61
C THR QA 272 90.40 52.92 -18.13
N TYR QA 273 90.73 51.80 -17.51
CA TYR QA 273 90.39 51.55 -16.12
C TYR QA 273 91.02 52.60 -15.21
N GLU QA 274 92.28 52.94 -15.46
CA GLU QA 274 93.01 53.86 -14.59
C GLU QA 274 92.32 55.22 -14.54
N GLN QA 275 92.15 55.87 -15.69
CA GLN QA 275 91.50 57.17 -15.67
C GLN QA 275 90.02 57.07 -15.35
N ARG QA 276 89.39 55.92 -15.59
CA ARG QA 276 87.98 55.79 -15.23
C ARG QA 276 87.80 55.93 -13.72
N LYS QA 277 88.55 55.16 -12.94
CA LYS QA 277 88.43 55.36 -11.51
C LYS QA 277 89.19 56.56 -10.99
N ALA QA 278 90.11 57.12 -11.77
CA ALA QA 278 90.67 58.43 -11.42
C ALA QA 278 89.57 59.49 -11.41
N SER QA 279 88.69 59.45 -12.42
CA SER QA 279 87.56 60.37 -12.42
C SER QA 279 86.53 59.98 -11.37
N LEU QA 280 86.39 58.68 -11.11
CA LEU QA 280 85.38 58.24 -10.15
C LEU QA 280 85.70 58.76 -8.76
N VAL QA 281 86.96 58.66 -8.34
CA VAL QA 281 87.33 59.15 -7.01
C VAL QA 281 87.07 60.65 -6.91
N GLU QA 282 87.34 61.38 -7.98
CA GLU QA 282 87.11 62.83 -7.97
C GLU QA 282 85.63 63.13 -7.79
N ARG QA 283 84.77 62.46 -8.55
CA ARG QA 283 83.34 62.72 -8.39
C ARG QA 283 82.88 62.32 -6.99
N LEU QA 284 83.44 61.24 -6.46
CA LEU QA 284 83.03 60.76 -5.15
C LEU QA 284 83.40 61.77 -4.07
N ASN QA 285 84.64 62.27 -4.13
CA ASN QA 285 85.05 63.28 -3.18
C ASN QA 285 84.20 64.53 -3.34
N ALA QA 286 83.91 64.93 -4.58
CA ALA QA 286 83.06 66.09 -4.80
C ALA QA 286 81.73 65.93 -4.09
N LEU QA 287 81.05 64.81 -4.32
CA LEU QA 287 79.72 64.67 -3.74
C LEU QA 287 79.78 64.50 -2.23
N ASN QA 288 80.62 63.59 -1.72
CA ASN QA 288 80.57 63.32 -0.29
C ASN QA 288 81.04 64.53 0.52
N SER QA 289 82.12 65.19 0.09
CA SER QA 289 82.56 66.38 0.79
C SER QA 289 81.52 67.49 0.69
N SER QA 290 80.96 67.68 -0.50
CA SER QA 290 80.00 68.75 -0.70
C SER QA 290 78.69 68.44 0.01
N ALA QA 291 78.02 69.50 0.47
CA ALA QA 291 76.74 69.39 1.19
C ALA QA 291 76.86 68.46 2.39
N VAL RA 2 9.21 -87.57 22.43
CA VAL RA 2 8.73 -87.89 21.10
C VAL RA 2 7.56 -86.99 20.72
N SER RA 3 7.52 -86.59 19.47
CA SER RA 3 6.53 -85.62 19.02
C SER RA 3 5.16 -86.27 18.87
N LEU RA 4 4.14 -85.64 19.45
CA LEU RA 4 2.75 -86.01 19.23
C LEU RA 4 1.97 -84.86 18.63
N LYS RA 5 2.62 -84.02 17.84
CA LYS RA 5 1.87 -82.98 17.14
C LYS RA 5 0.83 -83.59 16.21
N LEU RA 6 1.20 -84.68 15.53
CA LEU RA 6 0.27 -85.35 14.64
C LEU RA 6 -0.89 -85.99 15.40
N GLN RA 7 -0.78 -86.13 16.72
CA GLN RA 7 -1.84 -86.69 17.52
C GLN RA 7 -2.59 -85.68 18.37
N LYS RA 8 -2.05 -84.49 18.59
CA LYS RA 8 -2.90 -83.38 19.04
C LYS RA 8 -3.81 -82.94 17.91
N ARG RA 9 -3.24 -82.73 16.73
CA ARG RA 9 -4.09 -82.71 15.56
C ARG RA 9 -4.51 -84.16 15.30
N LEU RA 10 -5.58 -84.33 14.54
CA LEU RA 10 -6.22 -85.62 14.31
C LEU RA 10 -6.94 -86.10 15.56
N ALA RA 11 -6.73 -85.44 16.68
CA ALA RA 11 -7.52 -85.68 17.87
C ALA RA 11 -8.46 -84.52 18.13
N SER RA 12 -7.99 -83.28 17.93
CA SER RA 12 -8.95 -82.20 17.82
C SER RA 12 -9.93 -82.45 16.68
N SER RA 13 -9.43 -82.97 15.56
CA SER RA 13 -10.29 -83.25 14.42
C SER RA 13 -11.27 -84.38 14.71
N VAL RA 14 -10.88 -85.35 15.53
CA VAL RA 14 -11.77 -86.47 15.83
C VAL RA 14 -12.76 -86.10 16.93
N LEU RA 15 -12.26 -85.66 18.08
CA LEU RA 15 -13.16 -85.28 19.17
C LEU RA 15 -14.02 -84.09 18.82
N LYS RA 16 -13.69 -83.34 17.77
CA LYS RA 16 -14.43 -82.15 17.39
C LYS RA 16 -14.34 -81.12 18.52
N CYS RA 17 -13.11 -80.88 18.96
CA CYS RA 17 -12.82 -79.96 20.05
C CYS RA 17 -11.54 -79.21 19.67
N GLY RA 18 -10.91 -78.57 20.65
CA GLY RA 18 -9.73 -77.76 20.41
C GLY RA 18 -8.45 -78.44 20.86
N LYS RA 19 -7.35 -78.08 20.20
CA LYS RA 19 -6.04 -78.58 20.59
C LYS RA 19 -5.77 -78.33 22.07
N GLY RA 20 -6.32 -77.27 22.62
CA GLY RA 20 -6.12 -77.05 24.03
C GLY RA 20 -7.02 -77.87 24.92
N LYS RA 21 -7.96 -78.61 24.34
CA LYS RA 21 -8.84 -79.49 25.11
C LYS RA 21 -8.52 -80.95 24.89
N VAL RA 22 -7.73 -81.28 23.87
CA VAL RA 22 -7.25 -82.65 23.72
C VAL RA 22 -6.32 -82.99 24.87
N TRP RA 23 -6.46 -84.20 25.40
CA TRP RA 23 -5.66 -84.65 26.53
C TRP RA 23 -5.13 -86.04 26.23
N LEU RA 24 -3.83 -86.16 26.06
CA LEU RA 24 -3.18 -87.43 25.78
C LEU RA 24 -2.53 -87.93 27.06
N ASP RA 25 -2.99 -89.07 27.57
CA ASP RA 25 -2.53 -89.57 28.86
C ASP RA 25 -1.02 -89.77 28.80
N PRO RA 26 -0.26 -89.02 29.61
CA PRO RA 26 1.20 -89.00 29.45
C PRO RA 26 1.91 -90.28 29.81
N ASN RA 27 1.21 -91.25 30.40
CA ASN RA 27 1.86 -92.46 30.88
C ASN RA 27 2.16 -93.46 29.78
N GLU RA 28 1.44 -93.39 28.65
CA GLU RA 28 1.57 -94.36 27.56
C GLU RA 28 1.67 -93.64 26.22
N VAL RA 29 2.58 -92.68 26.16
CA VAL RA 29 2.83 -91.97 24.92
C VAL RA 29 3.25 -92.93 23.81
N ASN RA 30 3.78 -94.10 24.18
CA ASN RA 30 4.28 -95.04 23.18
C ASN RA 30 3.17 -95.50 22.22
N GLU RA 31 2.04 -95.97 22.76
CA GLU RA 31 0.98 -96.45 21.88
C GLU RA 31 0.31 -95.32 21.13
N ILE RA 32 0.17 -94.16 21.75
CA ILE RA 32 -0.36 -92.99 21.05
C ILE RA 32 0.49 -92.71 19.82
N SER RA 33 1.81 -92.67 19.99
CA SER RA 33 2.70 -92.49 18.85
C SER RA 33 2.55 -93.62 17.85
N MET RA 34 2.32 -94.84 18.32
CA MET RA 34 2.23 -95.98 17.43
C MET RA 34 0.98 -95.95 16.56
N ALA RA 35 -0.06 -95.25 17.00
CA ALA RA 35 -1.30 -95.14 16.23
C ALA RA 35 -1.26 -93.87 15.38
N ASN RA 36 -1.14 -94.04 14.07
CA ASN RA 36 -0.92 -92.96 13.12
C ASN RA 36 -2.07 -92.77 12.14
N SER RA 37 -3.31 -92.81 12.62
CA SER RA 37 -4.44 -92.67 11.72
C SER RA 37 -5.65 -92.19 12.51
N ARG RA 38 -6.65 -91.67 11.81
CA ARG RA 38 -7.88 -91.25 12.49
C ARG RA 38 -8.62 -92.45 13.07
N GLN RA 39 -8.64 -93.56 12.35
CA GLN RA 39 -9.19 -94.79 12.89
C GLN RA 39 -8.51 -95.18 14.19
N ASN RA 40 -7.19 -95.18 14.19
CA ASN RA 40 -6.44 -95.60 15.36
C ASN RA 40 -6.47 -94.56 16.47
N ILE RA 41 -6.76 -93.30 16.15
CA ILE RA 41 -7.07 -92.33 17.19
C ILE RA 41 -8.42 -92.65 17.82
N ARG RA 42 -9.40 -93.06 17.00
CA ARG RA 42 -10.72 -93.31 17.55
C ARG RA 42 -10.73 -94.55 18.43
N LYS RA 43 -9.95 -95.58 18.08
CA LYS RA 43 -9.89 -96.70 19.02
C LYS RA 43 -9.23 -96.27 20.32
N LEU RA 44 -8.26 -95.35 20.26
CA LEU RA 44 -7.67 -94.84 21.50
C LEU RA 44 -8.67 -94.01 22.29
N VAL RA 45 -9.57 -93.31 21.60
CA VAL RA 45 -10.61 -92.56 22.29
C VAL RA 45 -11.52 -93.51 23.04
N LYS RA 46 -11.96 -94.58 22.39
CA LYS RA 46 -12.80 -95.54 23.08
C LYS RA 46 -12.03 -96.34 24.12
N ASP RA 47 -10.70 -96.41 24.00
CA ASP RA 47 -9.89 -97.13 24.96
C ASP RA 47 -9.49 -96.24 26.13
N GLY RA 48 -9.73 -94.93 26.04
CA GLY RA 48 -9.60 -94.04 27.17
C GLY RA 48 -8.27 -93.33 27.32
N PHE RA 49 -7.40 -93.40 26.32
CA PHE RA 49 -6.09 -92.77 26.43
C PHE RA 49 -6.07 -91.35 25.91
N ILE RA 50 -7.11 -90.93 25.22
CA ILE RA 50 -7.25 -89.58 24.70
C ILE RA 50 -8.64 -89.10 25.06
N ILE RA 51 -8.74 -88.08 25.91
CA ILE RA 51 -10.02 -87.57 26.36
C ILE RA 51 -10.09 -86.08 26.14
N ARG RA 52 -11.32 -85.59 26.04
CA ARG RA 52 -11.58 -84.16 26.04
C ARG RA 52 -11.51 -83.65 27.47
N LYS RA 53 -10.60 -82.72 27.76
CA LYS RA 53 -10.67 -82.07 29.05
C LYS RA 53 -12.00 -81.33 29.16
N PRO RA 54 -12.56 -81.25 30.36
CA PRO RA 54 -13.81 -80.52 30.51
C PRO RA 54 -13.61 -79.05 30.24
N GLN RA 55 -14.62 -78.42 29.66
CA GLN RA 55 -14.54 -77.00 29.34
C GLN RA 55 -14.33 -76.18 30.61
N LYS RA 56 -13.44 -75.19 30.53
CA LYS RA 56 -13.20 -74.34 31.69
C LYS RA 56 -14.49 -73.64 32.10
N ILE RA 57 -14.68 -73.52 33.41
CA ILE RA 57 -15.94 -73.03 33.95
C ILE RA 57 -15.97 -71.51 33.90
N HIS RA 58 -17.09 -70.98 33.41
CA HIS RA 58 -17.40 -69.55 33.48
C HIS RA 58 -18.77 -69.44 34.10
N SER RA 59 -18.82 -69.39 35.43
CA SER RA 59 -20.09 -69.39 36.12
C SER RA 59 -20.70 -68.00 36.04
N ARG RA 60 -21.99 -67.92 35.71
CA ARG RA 60 -22.72 -66.68 35.86
C ARG RA 60 -23.49 -66.61 37.15
N SER RA 61 -23.09 -67.37 38.18
CA SER RA 61 -23.76 -67.22 39.46
C SER RA 61 -23.68 -65.78 39.95
N ARG RA 62 -22.55 -65.12 39.71
CA ARG RA 62 -22.41 -63.74 40.13
C ARG RA 62 -23.25 -62.79 39.28
N ALA RA 63 -23.42 -63.09 38.00
CA ALA RA 63 -24.32 -62.29 37.18
C ALA RA 63 -25.77 -62.46 37.60
N ARG RA 64 -26.17 -63.69 37.89
CA ARG RA 64 -27.52 -63.93 38.38
C ARG RA 64 -27.77 -63.21 39.68
N ARG RA 65 -26.85 -63.32 40.64
CA ARG RA 65 -27.07 -62.66 41.92
C ARG RA 65 -26.99 -61.14 41.77
N ALA RA 66 -26.20 -60.63 40.84
CA ALA RA 66 -26.17 -59.19 40.60
C ALA RA 66 -27.52 -58.69 40.09
N HIS RA 67 -28.07 -59.38 39.09
CA HIS RA 67 -29.38 -58.95 38.58
C HIS RA 67 -30.46 -59.15 39.64
N GLU RA 68 -30.36 -60.22 40.44
CA GLU RA 68 -31.33 -60.43 41.51
C GLU RA 68 -31.23 -59.34 42.58
N ALA RA 69 -30.06 -58.75 42.75
CA ALA RA 69 -29.94 -57.59 43.63
C ALA RA 69 -30.27 -56.29 42.92
N LYS RA 70 -30.43 -56.31 41.60
CA LYS RA 70 -30.94 -55.13 40.91
C LYS RA 70 -32.47 -55.08 40.88
N GLN RA 71 -33.16 -56.21 40.75
CA GLN RA 71 -34.62 -56.15 40.83
C GLN RA 71 -35.07 -55.58 42.16
N LYS RA 72 -34.27 -55.74 43.20
CA LYS RA 72 -34.58 -55.09 44.47
C LYS RA 72 -34.15 -53.63 44.49
N GLY RA 73 -33.68 -53.10 43.35
CA GLY RA 73 -33.35 -51.71 43.21
C GLY RA 73 -31.97 -51.31 43.67
N ARG RA 74 -31.17 -52.23 44.19
CA ARG RA 74 -29.83 -51.86 44.64
C ARG RA 74 -28.94 -51.62 43.43
N HIS RA 75 -27.79 -51.02 43.68
CA HIS RA 75 -26.77 -50.76 42.65
C HIS RA 75 -27.30 -49.87 41.54
N SER RA 76 -28.53 -49.41 41.67
CA SER RA 76 -28.95 -48.21 40.97
C SER RA 76 -28.48 -47.04 41.83
N GLY RA 77 -29.02 -45.87 41.59
CA GLY RA 77 -28.51 -44.72 42.28
C GLY RA 77 -27.71 -43.85 41.33
N TYR RA 78 -26.93 -42.96 41.91
CA TYR RA 78 -26.34 -41.89 41.14
C TYR RA 78 -24.86 -42.09 40.85
N GLY RA 79 -24.22 -43.05 41.49
CA GLY RA 79 -22.80 -43.28 41.25
C GLY RA 79 -22.58 -44.44 40.31
N LYS RA 80 -23.51 -45.38 40.32
CA LYS RA 80 -23.53 -46.44 39.33
C LYS RA 80 -24.21 -46.02 38.04
N ARG RA 81 -24.63 -44.79 37.95
CA ARG RA 81 -25.37 -44.28 36.81
C ARG RA 81 -24.41 -43.47 35.96
N ARG RA 82 -24.24 -43.85 34.70
CA ARG RA 82 -23.20 -43.20 33.92
C ARG RA 82 -23.66 -42.78 32.54
N GLY RA 83 -24.81 -43.22 32.07
CA GLY RA 83 -25.39 -42.70 30.86
C GLY RA 83 -26.46 -41.68 31.17
N THR RA 84 -26.76 -40.84 30.19
CA THR RA 84 -27.79 -39.85 30.38
C THR RA 84 -29.16 -40.49 30.21
N ARG RA 85 -30.13 -39.97 30.96
CA ARG RA 85 -31.50 -40.49 31.00
C ARG RA 85 -32.02 -40.93 29.64
N GLU RA 86 -31.90 -40.07 28.64
CA GLU RA 86 -32.35 -40.38 27.30
C GLU RA 86 -31.59 -41.58 26.72
N ALA RA 87 -30.35 -41.80 27.17
CA ALA RA 87 -29.58 -42.94 26.69
C ALA RA 87 -29.94 -44.21 27.44
N ARG RA 88 -30.10 -44.12 28.76
CA ARG RA 88 -30.47 -45.29 29.53
C ARG RA 88 -31.83 -45.82 29.11
N LEU RA 89 -32.80 -44.93 28.93
CA LEU RA 89 -34.11 -45.35 28.44
C LEU RA 89 -34.76 -44.19 27.71
N PRO RA 90 -34.94 -44.30 26.40
CA PRO RA 90 -35.37 -43.14 25.62
C PRO RA 90 -36.74 -42.63 26.01
N THR RA 91 -36.86 -41.30 26.05
CA THR RA 91 -38.17 -40.70 26.23
C THR RA 91 -39.11 -41.07 25.09
N LYS RA 92 -38.57 -41.28 23.89
CA LYS RA 92 -39.42 -41.76 22.81
C LYS RA 92 -40.02 -43.11 23.13
N ILE RA 93 -39.26 -43.97 23.80
CA ILE RA 93 -39.81 -45.28 24.16
C ILE RA 93 -40.82 -45.13 25.29
N LEU RA 94 -40.56 -44.25 26.26
CA LEU RA 94 -41.58 -44.01 27.28
C LEU RA 94 -42.88 -43.53 26.66
N TRP RA 95 -42.78 -42.56 25.76
CA TRP RA 95 -43.97 -42.05 25.08
C TRP RA 95 -44.68 -43.14 24.32
N MET RA 96 -43.91 -43.98 23.61
CA MET RA 96 -44.52 -45.03 22.81
C MET RA 96 -45.24 -46.04 23.68
N ARG RA 97 -44.62 -46.45 24.79
CA ARG RA 97 -45.29 -47.37 25.70
C ARG RA 97 -46.55 -46.74 26.27
N ARG RA 98 -46.47 -45.47 26.64
CA ARG RA 98 -47.65 -44.82 27.21
C ARG RA 98 -48.76 -44.69 26.18
N MET RA 99 -48.43 -44.47 24.92
CA MET RA 99 -49.51 -44.39 23.94
C MET RA 99 -50.07 -45.76 23.59
N ARG RA 100 -49.26 -46.80 23.53
CA ARG RA 100 -49.87 -48.12 23.38
C ARG RA 100 -50.81 -48.42 24.54
N VAL RA 101 -50.38 -48.16 25.78
CA VAL RA 101 -51.23 -48.57 26.90
C VAL RA 101 -52.50 -47.73 26.96
N LEU RA 102 -52.38 -46.41 26.78
CA LEU RA 102 -53.56 -45.56 26.83
C LEU RA 102 -54.51 -45.85 25.67
N ARG RA 103 -53.98 -46.06 24.47
CA ARG RA 103 -54.85 -46.27 23.32
C ARG RA 103 -55.51 -47.63 23.38
N ARG RA 104 -54.78 -48.64 23.88
CA ARG RA 104 -55.39 -49.95 24.09
C ARG RA 104 -56.47 -49.90 25.14
N LEU RA 105 -56.25 -49.14 26.22
CA LEU RA 105 -57.29 -49.01 27.23
C LEU RA 105 -58.53 -48.32 26.66
N LEU RA 106 -58.31 -47.26 25.87
CA LEU RA 106 -59.43 -46.56 25.25
C LEU RA 106 -60.20 -47.47 24.32
N ARG RA 107 -59.52 -48.27 23.50
CA ARG RA 107 -60.24 -49.20 22.65
C ARG RA 107 -60.96 -50.25 23.47
N LYS RA 108 -60.38 -50.66 24.60
CA LYS RA 108 -61.05 -51.61 25.49
C LYS RA 108 -62.38 -51.07 25.94
N TYR RA 109 -62.41 -49.82 26.43
CA TYR RA 109 -63.70 -49.21 26.76
C TYR RA 109 -64.60 -49.08 25.53
N ARG RA 110 -64.07 -48.57 24.42
CA ARG RA 110 -64.94 -48.25 23.30
C ARG RA 110 -65.59 -49.49 22.73
N GLU RA 111 -64.98 -50.66 22.91
CA GLU RA 111 -65.63 -51.90 22.50
C GLU RA 111 -66.40 -52.57 23.63
N ALA RA 112 -66.10 -52.26 24.88
CA ALA RA 112 -66.89 -52.75 26.00
C ALA RA 112 -68.07 -51.84 26.30
N LYS RA 113 -68.31 -50.85 25.46
CA LYS RA 113 -69.49 -49.99 25.48
C LYS RA 113 -69.56 -49.09 26.71
N LYS RA 114 -68.52 -49.05 27.53
CA LYS RA 114 -68.51 -48.04 28.56
C LYS RA 114 -68.24 -46.65 28.00
N ILE RA 115 -67.82 -46.54 26.74
CA ILE RA 115 -67.56 -45.28 26.07
C ILE RA 115 -68.16 -45.31 24.67
N ASP RA 116 -68.84 -44.23 24.31
CA ASP RA 116 -69.32 -44.09 22.95
C ASP RA 116 -68.25 -43.42 22.08
N LYS RA 117 -68.51 -43.44 20.78
CA LYS RA 117 -67.52 -43.00 19.81
C LYS RA 117 -67.15 -41.53 19.97
N HIS RA 118 -68.09 -40.68 20.40
CA HIS RA 118 -67.80 -39.26 20.48
C HIS RA 118 -66.79 -38.95 21.58
N MET RA 119 -67.05 -39.42 22.79
CA MET RA 119 -66.07 -39.11 23.82
C MET RA 119 -64.86 -40.02 23.74
N TYR RA 120 -64.94 -41.13 23.01
CA TYR RA 120 -63.71 -41.84 22.68
C TYR RA 120 -62.80 -40.98 21.80
N HIS RA 121 -63.37 -40.35 20.77
CA HIS RA 121 -62.54 -39.48 19.94
C HIS RA 121 -61.97 -38.33 20.76
N ASP RA 122 -62.80 -37.69 21.57
CA ASP RA 122 -62.31 -36.59 22.40
C ASP RA 122 -61.15 -37.05 23.28
N MET RA 123 -61.35 -38.14 24.02
CA MET RA 123 -60.33 -38.56 24.96
C MET RA 123 -59.09 -39.04 24.21
N TYR RA 124 -59.26 -39.61 23.03
CA TYR RA 124 -58.14 -40.07 22.22
C TYR RA 124 -57.25 -38.90 21.83
N LEU RA 125 -57.86 -37.84 21.31
CA LEU RA 125 -57.07 -36.68 20.95
C LEU RA 125 -56.42 -36.05 22.16
N LYS RA 126 -57.08 -36.10 23.32
CA LYS RA 126 -56.44 -35.54 24.50
C LYS RA 126 -55.27 -36.41 24.96
N VAL RA 127 -55.36 -37.73 24.80
CA VAL RA 127 -54.20 -38.59 25.03
C VAL RA 127 -53.04 -38.17 24.14
N LYS RA 128 -53.28 -38.14 22.83
CA LYS RA 128 -52.25 -37.71 21.89
C LYS RA 128 -51.66 -36.37 22.30
N GLY RA 129 -52.50 -35.45 22.75
CA GLY RA 129 -52.05 -34.16 23.22
C GLY RA 129 -51.54 -34.16 24.63
N ASN RA 130 -51.42 -35.32 25.26
CA ASN RA 130 -50.71 -35.48 26.52
C ASN RA 130 -51.41 -34.69 27.61
N MET RA 131 -52.60 -35.16 27.98
CA MET RA 131 -53.23 -34.75 29.22
C MET RA 131 -53.14 -35.82 30.29
N PHE RA 132 -53.00 -37.08 29.89
CA PHE RA 132 -53.08 -38.22 30.80
C PHE RA 132 -51.76 -38.96 30.80
N LYS RA 133 -51.10 -38.98 31.94
CA LYS RA 133 -49.78 -39.60 32.07
C LYS RA 133 -49.83 -41.05 32.48
N ASN RA 134 -51.00 -41.59 32.81
CA ASN RA 134 -51.10 -43.00 33.17
C ASN RA 134 -52.57 -43.43 33.18
N LYS RA 135 -52.76 -44.75 33.11
CA LYS RA 135 -54.10 -45.26 32.91
C LYS RA 135 -55.00 -44.97 34.10
N ARG RA 136 -54.43 -44.79 35.29
CA ARG RA 136 -55.28 -44.45 36.43
C ARG RA 136 -55.93 -43.08 36.23
N VAL RA 137 -55.17 -42.08 35.80
CA VAL RA 137 -55.79 -40.78 35.63
C VAL RA 137 -56.68 -40.80 34.41
N LEU RA 138 -56.35 -41.59 33.39
CA LEU RA 138 -57.29 -41.70 32.28
C LEU RA 138 -58.62 -42.27 32.75
N MET RA 139 -58.58 -43.32 33.57
CA MET RA 139 -59.82 -43.90 34.07
C MET RA 139 -60.58 -42.92 34.95
N GLU RA 140 -59.89 -42.18 35.81
CA GLU RA 140 -60.60 -41.27 36.70
C GLU RA 140 -61.26 -40.15 35.91
N SER RA 141 -60.55 -39.57 34.95
CA SER RA 141 -61.14 -38.49 34.18
C SER RA 141 -62.25 -38.97 33.25
N ILE RA 142 -62.13 -40.19 32.71
CA ILE RA 142 -63.17 -40.70 31.83
C ILE RA 142 -64.42 -41.03 32.63
N HIS RA 143 -64.27 -41.53 33.85
CA HIS RA 143 -65.43 -41.74 34.70
C HIS RA 143 -66.08 -40.43 35.10
N LYS RA 144 -65.27 -39.40 35.39
CA LYS RA 144 -65.83 -38.07 35.61
C LYS RA 144 -66.65 -37.61 34.41
N SER RA 145 -66.12 -37.84 33.21
CA SER RA 145 -66.87 -37.46 32.02
C SER RA 145 -68.19 -38.19 31.93
N LYS RA 146 -68.19 -39.50 32.21
CA LYS RA 146 -69.45 -40.23 32.21
C LYS RA 146 -70.41 -39.69 33.27
N ALA RA 147 -69.89 -39.33 34.44
CA ALA RA 147 -70.75 -38.80 35.48
C ALA RA 147 -71.41 -37.51 35.04
N GLU RA 148 -70.65 -36.61 34.42
CA GLU RA 148 -71.22 -35.35 33.96
C GLU RA 148 -72.23 -35.57 32.86
N LYS RA 149 -71.91 -36.43 31.88
CA LYS RA 149 -72.85 -36.69 30.81
C LYS RA 149 -74.05 -37.51 31.27
N ALA RA 150 -73.94 -38.18 32.41
CA ALA RA 150 -75.11 -38.82 33.01
C ALA RA 150 -76.01 -37.79 33.65
N ARG RA 151 -75.43 -36.88 34.43
CA ARG RA 151 -76.25 -35.86 35.08
C ARG RA 151 -76.94 -34.98 34.05
N GLU RA 152 -76.22 -34.62 32.99
CA GLU RA 152 -76.82 -33.76 31.98
C GLU RA 152 -78.02 -34.43 31.32
N LYS RA 153 -77.89 -35.71 30.97
CA LYS RA 153 -79.02 -36.44 30.39
C LYS RA 153 -80.17 -36.53 31.39
N THR RA 154 -79.88 -36.88 32.65
CA THR RA 154 -80.99 -37.09 33.56
C THR RA 154 -81.62 -35.80 34.04
N LEU RA 155 -80.98 -34.65 33.83
CA LEU RA 155 -81.61 -33.36 34.09
C LEU RA 155 -82.06 -32.66 32.83
N SER RA 156 -81.90 -33.28 31.66
CA SER RA 156 -82.47 -32.75 30.44
C SER RA 156 -83.64 -33.58 29.92
N ASP RA 157 -83.58 -34.90 30.08
CA ASP RA 157 -84.64 -35.76 29.59
C ASP RA 157 -85.95 -35.50 30.34
N GLN RA 158 -85.87 -35.24 31.65
CA GLN RA 158 -87.11 -35.03 32.39
C GLN RA 158 -87.81 -33.77 31.93
N PHE RA 159 -87.07 -32.71 31.63
CA PHE RA 159 -87.71 -31.51 31.14
C PHE RA 159 -88.21 -31.69 29.71
N GLU RA 160 -87.47 -32.42 28.88
CA GLU RA 160 -87.98 -32.70 27.54
C GLU RA 160 -89.29 -33.49 27.60
N ALA RA 161 -89.35 -34.50 28.47
CA ALA RA 161 -90.58 -35.25 28.65
C ALA RA 161 -91.69 -34.37 29.20
N LYS RA 162 -91.36 -33.50 30.15
CA LYS RA 162 -92.37 -32.62 30.72
C LYS RA 162 -92.92 -31.64 29.69
N ARG RA 163 -92.14 -31.34 28.65
CA ARG RA 163 -92.67 -30.50 27.58
C ARG RA 163 -93.83 -31.19 26.88
N ALA RA 164 -93.67 -32.47 26.55
CA ALA RA 164 -94.78 -33.23 25.97
C ALA RA 164 -95.88 -33.47 26.99
N LYS RA 165 -95.53 -33.54 28.27
CA LYS RA 165 -96.54 -33.63 29.32
C LYS RA 165 -97.46 -32.41 29.30
N SER RA 166 -96.88 -31.22 29.24
CA SER RA 166 -97.68 -30.00 29.16
C SER RA 166 -98.47 -29.95 27.87
N LYS RA 167 -97.87 -30.37 26.75
CA LYS RA 167 -98.60 -30.33 25.48
C LYS RA 167 -99.74 -31.34 25.44
N ALA RA 168 -99.59 -32.47 26.13
CA ALA RA 168 -100.69 -33.42 26.27
C ALA RA 168 -101.71 -32.95 27.29
N SER RA 169 -101.33 -32.01 28.16
CA SER RA 169 -102.31 -31.40 29.03
C SER RA 169 -103.35 -30.60 28.25
N ARG RA 170 -103.14 -30.38 26.94
CA ARG RA 170 -104.17 -29.75 26.12
C ARG RA 170 -105.36 -30.69 25.96
N GLU RA 171 -105.09 -31.95 25.63
CA GLU RA 171 -106.13 -32.95 25.44
C GLU RA 171 -106.22 -33.85 26.67
N VAL SA 2 48.45 -81.78 5.55
CA VAL SA 2 48.44 -82.97 6.38
C VAL SA 2 49.65 -82.96 7.29
N LYS SA 3 50.69 -82.23 6.90
CA LYS SA 3 51.83 -82.01 7.78
C LYS SA 3 51.60 -80.74 8.58
N TYR SA 4 52.00 -80.77 9.84
CA TYR SA 4 51.71 -79.65 10.70
C TYR SA 4 52.81 -78.60 10.57
N SER SA 5 52.49 -77.40 11.04
CA SER SA 5 53.44 -76.30 10.94
C SER SA 5 54.76 -76.62 11.61
N THR SA 6 54.74 -77.39 12.70
CA THR SA 6 55.94 -77.71 13.46
C THR SA 6 56.04 -79.22 13.60
N ASP SA 7 57.21 -79.75 13.30
CA ASP SA 7 57.40 -81.19 13.40
C ASP SA 7 57.69 -81.58 14.85
N PRO SA 8 57.22 -82.75 15.29
CA PRO SA 8 57.41 -83.14 16.69
C PRO SA 8 58.89 -83.29 17.05
N ALA SA 9 59.18 -83.13 18.34
CA ALA SA 9 60.53 -83.36 18.84
C ALA SA 9 60.97 -84.81 18.60
N ASN SA 10 60.07 -85.76 18.81
CA ASN SA 10 60.27 -87.15 18.43
C ASN SA 10 59.02 -87.73 17.79
N PRO SA 11 59.06 -88.04 16.50
CA PRO SA 11 57.81 -88.36 15.78
C PRO SA 11 57.14 -89.64 16.23
N THR SA 12 57.89 -90.70 16.53
CA THR SA 12 57.26 -91.97 16.85
C THR SA 12 56.56 -91.94 18.20
N LYS SA 13 57.05 -91.11 19.13
CA LYS SA 13 56.53 -91.03 20.48
C LYS SA 13 55.74 -89.73 20.70
N SER SA 14 54.94 -89.34 19.71
CA SER SA 14 54.05 -88.20 19.84
C SER SA 14 52.82 -88.41 18.97
N ALA SA 15 51.65 -88.11 19.52
CA ALA SA 15 50.39 -88.21 18.82
C ALA SA 15 49.96 -86.84 18.34
N LYS SA 16 49.05 -86.82 17.37
CA LYS SA 16 48.74 -85.57 16.68
C LYS SA 16 47.32 -85.63 16.18
N ALA SA 17 46.65 -84.48 16.19
CA ALA SA 17 45.24 -84.40 15.85
C ALA SA 17 44.96 -83.06 15.19
N MET SA 18 43.94 -83.05 14.34
CA MET SA 18 43.69 -81.93 13.46
C MET SA 18 42.20 -81.73 13.34
N GLY SA 19 41.82 -80.51 13.01
CA GLY SA 19 40.47 -80.24 12.57
C GLY SA 19 40.52 -79.05 11.65
N ARG SA 20 39.76 -79.08 10.56
CA ARG SA 20 39.74 -77.98 9.61
C ARG SA 20 38.34 -77.42 9.49
N ASP SA 21 38.25 -76.11 9.26
CA ASP SA 21 36.99 -75.42 9.05
C ASP SA 21 36.02 -75.67 10.20
N LEU SA 22 36.52 -75.62 11.42
CA LEU SA 22 35.65 -75.71 12.59
C LEU SA 22 34.85 -74.44 12.75
N ARG SA 23 33.53 -74.58 12.89
CA ARG SA 23 32.66 -73.43 13.03
C ARG SA 23 32.69 -72.96 14.49
N VAL SA 24 33.78 -72.29 14.84
CA VAL SA 24 33.93 -71.65 16.14
C VAL SA 24 34.73 -70.39 15.90
N HIS SA 25 34.64 -69.46 16.85
CA HIS SA 25 35.32 -68.19 16.69
C HIS SA 25 36.83 -68.37 16.73
N PHE SA 26 37.49 -67.82 15.73
CA PHE SA 26 38.95 -67.92 15.67
C PHE SA 26 39.60 -67.22 16.84
N LYS SA 27 39.15 -66.00 17.17
CA LYS SA 27 39.80 -65.25 18.24
C LYS SA 27 39.64 -65.94 19.59
N ASN SA 28 38.42 -66.39 19.89
CA ASN SA 28 38.19 -67.08 21.15
C ASN SA 28 39.02 -68.35 21.24
N THR SA 29 39.06 -69.12 20.16
CA THR SA 29 39.82 -70.35 20.22
C THR SA 29 41.31 -70.08 20.30
N ARG SA 30 41.78 -69.01 19.68
CA ARG SA 30 43.19 -68.66 19.84
C ARG SA 30 43.49 -68.35 21.28
N GLU SA 31 42.59 -67.63 21.94
CA GLU SA 31 42.86 -67.26 23.32
C GLU SA 31 42.82 -68.47 24.22
N THR SA 32 42.01 -69.47 23.86
CA THR SA 32 42.05 -70.76 24.54
C THR SA 32 43.41 -71.43 24.35
N ALA SA 33 43.85 -71.58 23.11
CA ALA SA 33 45.07 -72.31 22.83
C ALA SA 33 46.27 -71.68 23.54
N PHE SA 34 46.33 -70.36 23.55
CA PHE SA 34 47.47 -69.70 24.20
C PHE SA 34 47.52 -69.95 25.69
N ALA SA 35 46.38 -70.30 26.30
CA ALA SA 35 46.41 -70.75 27.69
C ALA SA 35 46.77 -72.23 27.79
N LEU SA 36 46.40 -73.02 26.79
CA LEU SA 36 46.68 -74.45 26.86
C LEU SA 36 48.07 -74.87 26.39
N ARG SA 37 48.90 -73.98 25.84
CA ARG SA 37 50.18 -74.46 25.34
C ARG SA 37 51.04 -74.95 26.50
N LYS SA 38 51.81 -76.02 26.25
CA LYS SA 38 52.80 -76.58 27.16
C LYS SA 38 52.22 -77.10 28.48
N MET SA 39 50.92 -77.36 28.53
CA MET SA 39 50.32 -77.97 29.71
C MET SA 39 50.38 -79.49 29.63
N SER SA 40 50.38 -80.12 30.80
CA SER SA 40 50.19 -81.56 30.86
C SER SA 40 48.81 -81.89 30.31
N LEU SA 41 48.66 -83.09 29.76
CA LEU SA 41 47.39 -83.44 29.13
C LEU SA 41 46.27 -83.54 30.17
N ASN SA 42 46.53 -84.27 31.26
CA ASN SA 42 45.50 -84.43 32.29
C ASN SA 42 45.12 -83.09 32.90
N LYS SA 43 46.11 -82.26 33.21
CA LYS SA 43 45.83 -80.94 33.76
C LYS SA 43 45.14 -80.06 32.75
N ALA SA 44 45.40 -80.27 31.45
CA ALA SA 44 44.71 -79.51 30.42
C ALA SA 44 43.25 -79.91 30.35
N LYS SA 45 42.96 -81.20 30.48
CA LYS SA 45 41.55 -81.62 30.50
C LYS SA 45 40.84 -81.08 31.74
N ARG SA 46 41.46 -81.20 32.92
CA ARG SA 46 40.88 -80.62 34.12
C ARG SA 46 40.60 -79.14 33.92
N TYR SA 47 41.63 -78.40 33.49
CA TYR SA 47 41.51 -76.96 33.32
C TYR SA 47 40.42 -76.60 32.34
N LEU SA 48 40.40 -77.24 31.19
CA LEU SA 48 39.50 -76.77 30.15
C LEU SA 48 38.06 -77.17 30.46
N GLU SA 49 37.85 -78.38 30.99
CA GLU SA 49 36.51 -78.74 31.44
C GLU SA 49 36.07 -77.86 32.59
N ASP SA 50 37.02 -77.40 33.40
CA ASP SA 50 36.73 -76.51 34.50
C ASP SA 50 36.40 -75.11 33.97
N VAL SA 51 36.94 -74.77 32.81
CA VAL SA 51 36.59 -73.54 32.11
C VAL SA 51 35.16 -73.62 31.59
N LEU SA 52 34.85 -74.71 30.91
CA LEU SA 52 33.49 -74.89 30.40
C LEU SA 52 32.48 -74.94 31.53
N ALA SA 53 32.91 -75.42 32.70
CA ALA SA 53 32.09 -75.37 33.91
C ALA SA 53 32.07 -73.99 34.56
N HIS SA 54 32.57 -72.97 33.86
CA HIS SA 54 32.46 -71.58 34.30
C HIS SA 54 33.02 -71.38 35.70
N LYS SA 55 34.16 -72.02 35.98
CA LYS SA 55 34.78 -71.95 37.29
C LYS SA 55 36.22 -71.48 37.25
N GLN SA 56 36.91 -71.59 36.11
CA GLN SA 56 38.22 -70.99 35.88
C GLN SA 56 38.24 -70.36 34.49
N ALA SA 57 38.98 -69.26 34.35
CA ALA SA 57 38.84 -68.39 33.20
C ALA SA 57 40.06 -68.44 32.29
N ILE SA 58 39.79 -68.34 31.00
CA ILE SA 58 40.84 -68.33 29.97
C ILE SA 58 41.29 -66.89 29.79
N PRO SA 59 42.54 -66.54 30.09
CA PRO SA 59 42.99 -65.16 29.90
C PRO SA 59 42.90 -64.75 28.44
N PHE SA 60 42.54 -63.49 28.22
CA PHE SA 60 42.49 -62.88 26.90
C PHE SA 60 43.55 -61.79 26.84
N ARG SA 61 44.53 -61.95 25.95
CA ARG SA 61 45.66 -61.02 25.91
C ARG SA 61 45.75 -60.28 24.58
N ARG SA 62 45.78 -60.97 23.46
CA ARG SA 62 45.94 -60.30 22.18
C ARG SA 62 44.62 -59.69 21.71
N TYR SA 63 43.59 -60.53 21.58
CA TYR SA 63 42.27 -60.07 21.17
C TYR SA 63 41.46 -59.85 22.44
N CYS SA 64 41.68 -58.71 23.08
CA CYS SA 64 41.18 -58.50 24.42
C CYS SA 64 40.41 -57.22 24.61
N ARG SA 65 40.31 -56.35 23.62
CA ARG SA 65 39.86 -54.99 23.89
C ARG SA 65 38.34 -55.00 23.96
N GLY SA 66 37.81 -54.73 25.14
CA GLY SA 66 36.40 -54.84 25.43
C GLY SA 66 36.07 -55.97 26.38
N VAL SA 67 36.97 -56.94 26.50
CA VAL SA 67 36.76 -58.07 27.39
C VAL SA 67 36.75 -57.57 28.82
N GLY SA 68 35.69 -57.90 29.55
CA GLY SA 68 35.58 -57.46 30.92
C GLY SA 68 36.51 -58.22 31.83
N ARG SA 69 36.62 -57.72 33.04
CA ARG SA 69 37.58 -58.21 34.02
C ARG SA 69 36.93 -59.26 34.91
N THR SA 70 37.79 -60.13 35.45
CA THR SA 70 37.37 -61.15 36.39
C THR SA 70 38.46 -61.34 37.42
N ALA SA 71 38.07 -61.83 38.60
CA ALA SA 71 39.05 -62.21 39.60
C ALA SA 71 39.58 -63.62 39.38
N GLN SA 72 38.91 -64.40 38.56
CA GLN SA 72 39.21 -65.79 38.35
C GLN SA 72 40.52 -66.01 37.59
N VAL SA 73 41.13 -64.96 37.07
CA VAL SA 73 42.31 -65.08 36.22
C VAL SA 73 43.42 -64.18 36.75
N LYS SA 74 43.44 -63.97 38.06
CA LYS SA 74 44.49 -63.12 38.63
C LYS SA 74 45.83 -63.82 38.66
N ASN SA 75 45.84 -65.15 38.79
CA ASN SA 75 47.08 -65.86 39.02
C ASN SA 75 48.01 -65.75 37.82
N ARG SA 76 47.47 -65.48 36.65
CA ARG SA 76 48.21 -65.58 35.41
C ARG SA 76 48.12 -64.36 34.52
N GLN SA 77 47.12 -63.49 34.71
CA GLN SA 77 47.08 -62.18 34.08
C GLN SA 77 46.66 -61.19 35.14
N PRO SA 78 47.60 -60.43 35.70
CA PRO SA 78 47.30 -59.67 36.92
C PRO SA 78 46.14 -58.70 36.78
N ASN SA 79 46.00 -58.03 35.64
CA ASN SA 79 44.87 -57.12 35.52
C ASN SA 79 43.55 -57.84 35.32
N GLY SA 80 43.57 -59.17 35.29
CA GLY SA 80 42.36 -59.94 35.42
C GLY SA 80 41.38 -59.81 34.30
N GLN SA 81 41.83 -59.82 33.06
CA GLN SA 81 40.97 -59.66 31.90
C GLN SA 81 40.81 -61.02 31.22
N GLY SA 82 39.66 -61.66 31.42
CA GLY SA 82 39.48 -62.98 30.87
C GLY SA 82 38.02 -63.35 30.72
N ARG SA 83 37.80 -64.43 29.99
CA ARG SA 83 36.45 -64.92 29.70
C ARG SA 83 36.43 -66.43 29.82
N TRP SA 84 35.27 -67.00 29.51
CA TRP SA 84 35.03 -68.44 29.61
C TRP SA 84 34.47 -68.95 28.29
N PRO SA 85 35.24 -68.93 27.22
CA PRO SA 85 34.66 -69.26 25.92
C PRO SA 85 34.27 -70.73 25.83
N ALA SA 86 32.98 -70.99 26.00
CA ALA SA 86 32.51 -72.35 26.18
C ALA SA 86 32.52 -73.14 24.88
N LYS SA 87 32.08 -72.53 23.77
CA LYS SA 87 32.12 -73.25 22.49
C LYS SA 87 33.55 -73.55 22.08
N SER SA 88 34.44 -72.58 22.25
CA SER SA 88 35.85 -72.82 21.95
C SER SA 88 36.40 -73.96 22.79
N ALA SA 89 36.14 -73.91 24.09
CA ALA SA 89 36.62 -74.97 24.98
C ALA SA 89 36.05 -76.33 24.58
N LYS SA 90 34.77 -76.38 24.27
CA LYS SA 90 34.16 -77.67 23.97
C LYS SA 90 34.68 -78.23 22.65
N PHE SA 91 35.04 -77.35 21.71
CA PHE SA 91 35.67 -77.84 20.48
C PHE SA 91 37.10 -78.31 20.72
N VAL SA 92 37.84 -77.63 21.59
CA VAL SA 92 39.23 -78.03 21.81
C VAL SA 92 39.28 -79.33 22.61
N LEU SA 93 38.33 -79.54 23.53
CA LEU SA 93 38.24 -80.81 24.25
C LEU SA 93 38.18 -81.98 23.29
N ASP SA 94 37.44 -81.83 22.21
CA ASP SA 94 37.25 -82.95 21.29
C ASP SA 94 38.57 -83.33 20.64
N LEU SA 95 39.38 -82.34 20.25
CA LEU SA 95 40.69 -82.66 19.69
C LEU SA 95 41.65 -83.20 20.75
N LEU SA 96 41.61 -82.67 21.98
CA LEU SA 96 42.45 -83.26 23.01
C LEU SA 96 42.09 -84.71 23.24
N LYS SA 97 40.80 -85.06 23.19
CA LYS SA 97 40.40 -86.45 23.34
C LYS SA 97 40.79 -87.28 22.13
N ASN SA 98 40.68 -86.71 20.92
CA ASN SA 98 41.07 -87.47 19.75
C ASN SA 98 42.56 -87.74 19.72
N ALA SA 99 43.37 -86.79 20.19
CA ALA SA 99 44.81 -87.02 20.26
C ALA SA 99 45.19 -87.94 21.41
N GLU SA 100 44.44 -87.91 22.51
CA GLU SA 100 44.61 -88.94 23.53
C GLU SA 100 44.34 -90.32 22.95
N SER SA 101 43.28 -90.44 22.15
CA SER SA 101 42.97 -91.71 21.52
C SER SA 101 44.08 -92.13 20.56
N ASN SA 102 44.59 -91.19 19.77
CA ASN SA 102 45.69 -91.50 18.86
C ASN SA 102 46.89 -92.01 19.62
N ALA SA 103 47.21 -91.37 20.73
CA ALA SA 103 48.35 -91.80 21.54
C ALA SA 103 48.10 -93.14 22.19
N GLU SA 104 46.86 -93.39 22.61
CA GLU SA 104 46.52 -94.70 23.14
C GLU SA 104 46.75 -95.78 22.11
N VAL SA 105 46.29 -95.53 20.88
CA VAL SA 105 46.45 -96.51 19.81
C VAL SA 105 47.93 -96.73 19.50
N LYS SA 106 48.72 -95.67 19.50
CA LYS SA 106 50.15 -95.83 19.27
C LYS SA 106 50.83 -96.58 20.41
N GLY SA 107 50.36 -96.37 21.65
CA GLY SA 107 50.89 -97.12 22.77
C GLY SA 107 51.63 -96.28 23.80
N LEU SA 108 51.39 -94.97 23.79
CA LEU SA 108 52.12 -94.05 24.65
C LEU SA 108 51.53 -94.01 26.05
N ASP SA 109 52.23 -93.30 26.94
CA ASP SA 109 51.82 -93.11 28.32
C ASP SA 109 50.89 -91.90 28.38
N VAL SA 110 49.59 -92.16 28.23
CA VAL SA 110 48.60 -91.10 28.27
C VAL SA 110 48.58 -90.38 29.60
N ASP SA 111 49.21 -90.97 30.62
CA ASP SA 111 49.40 -90.26 31.88
C ASP SA 111 50.55 -89.26 31.81
N ALA SA 112 51.50 -89.46 30.90
CA ALA SA 112 52.67 -88.62 30.78
C ALA SA 112 52.64 -87.73 29.54
N LEU SA 113 51.58 -87.79 28.74
CA LEU SA 113 51.47 -86.89 27.61
C LEU SA 113 51.35 -85.43 28.07
N TYR SA 114 51.62 -84.51 27.15
CA TYR SA 114 51.49 -83.08 27.44
C TYR SA 114 51.31 -82.33 26.13
N ILE SA 115 50.89 -81.08 26.24
CA ILE SA 115 50.66 -80.22 25.08
C ILE SA 115 51.99 -79.74 24.54
N SER SA 116 52.55 -80.46 23.57
CA SER SA 116 53.81 -80.02 23.02
C SER SA 116 53.64 -78.91 22.00
N HIS SA 117 52.54 -78.91 21.25
CA HIS SA 117 52.39 -77.88 20.23
C HIS SA 117 50.91 -77.69 19.93
N ILE SA 118 50.39 -76.50 20.13
CA ILE SA 118 48.99 -76.22 19.82
C ILE SA 118 48.93 -74.95 18.98
N GLN SA 119 48.20 -75.01 17.88
CA GLN SA 119 48.13 -73.91 16.94
C GLN SA 119 46.72 -73.80 16.41
N VAL SA 120 46.16 -72.61 16.49
CA VAL SA 120 44.90 -72.31 15.83
C VAL SA 120 45.23 -71.35 14.71
N ASN SA 121 44.45 -71.40 13.65
CA ASN SA 121 44.79 -70.59 12.48
C ASN SA 121 43.49 -70.30 11.74
N GLN SA 122 43.46 -69.22 10.97
CA GLN SA 122 42.21 -68.83 10.32
C GLN SA 122 41.82 -69.81 9.21
N ALA SA 123 40.54 -69.74 8.82
CA ALA SA 123 40.06 -70.56 7.71
C ALA SA 123 39.20 -69.74 6.74
N GLN SA 124 38.53 -70.41 5.82
CA GLN SA 124 37.67 -69.73 4.86
C GLN SA 124 36.40 -69.26 5.54
N LYS SA 125 36.19 -67.95 5.55
CA LYS SA 125 35.02 -67.38 6.22
C LYS SA 125 33.74 -67.74 5.48
N GLN SA 126 32.65 -67.82 6.23
CA GLN SA 126 31.34 -68.11 5.69
C GLN SA 126 30.45 -66.88 5.77
N ARG SA 127 29.65 -66.68 4.72
CA ARG SA 127 29.00 -65.41 4.43
C ARG SA 127 27.52 -65.48 4.77
N ARG SA 128 27.01 -64.43 5.40
CA ARG SA 128 25.62 -64.26 5.78
C ARG SA 128 25.33 -62.78 5.60
N ARG SA 129 24.06 -62.39 5.58
CA ARG SA 129 23.76 -60.98 5.36
C ARG SA 129 22.83 -60.45 6.43
N THR SA 130 23.10 -59.22 6.87
CA THR SA 130 22.24 -58.54 7.83
C THR SA 130 21.79 -57.22 7.23
N TYR SA 131 20.59 -56.80 7.60
CA TYR SA 131 19.89 -55.70 6.94
C TYR SA 131 19.82 -54.53 7.90
N ARG SA 132 20.25 -53.35 7.43
CA ARG SA 132 20.44 -52.17 8.23
C ARG SA 132 19.42 -51.11 7.87
N ALA SA 133 19.50 -49.99 8.56
CA ALA SA 133 18.66 -48.85 8.27
C ALA SA 133 18.90 -48.37 6.84
N HIS SA 134 17.91 -47.66 6.31
CA HIS SA 134 18.04 -47.01 5.00
C HIS SA 134 18.35 -48.00 3.89
N GLY SA 135 17.80 -49.21 3.98
CA GLY SA 135 17.86 -50.14 2.88
C GLY SA 135 19.22 -50.69 2.54
N ARG SA 136 20.20 -50.58 3.44
CA ARG SA 136 21.54 -51.06 3.21
C ARG SA 136 21.68 -52.46 3.79
N ILE SA 137 22.57 -53.25 3.21
CA ILE SA 137 22.93 -54.54 3.78
C ILE SA 137 24.41 -54.52 4.16
N ASN SA 138 24.77 -55.33 5.13
CA ASN SA 138 26.18 -55.59 5.34
C ASN SA 138 26.44 -57.07 5.56
N PRO SA 139 27.64 -57.53 5.20
CA PRO SA 139 27.99 -58.92 5.45
C PRO SA 139 28.05 -59.23 6.93
N TYR SA 140 27.71 -60.46 7.24
CA TYR SA 140 27.53 -61.03 8.57
C TYR SA 140 28.26 -62.36 8.45
N MET SA 141 29.55 -62.38 8.73
CA MET SA 141 30.36 -63.53 8.37
C MET SA 141 31.01 -64.15 9.59
N SER SA 142 31.20 -65.45 9.51
CA SER SA 142 31.85 -66.18 10.59
C SER SA 142 33.36 -66.23 10.37
N ASN SA 143 34.08 -66.61 11.41
CA ASN SA 143 35.53 -66.76 11.36
C ASN SA 143 35.90 -68.18 11.79
N PRO SA 144 35.67 -69.17 10.95
CA PRO SA 144 36.04 -70.54 11.32
C PRO SA 144 37.55 -70.70 11.36
N CYS SA 145 38.00 -71.65 12.16
CA CYS SA 145 39.43 -71.84 12.37
C CYS SA 145 39.82 -73.29 12.16
N HIS SA 146 41.09 -73.47 11.79
CA HIS SA 146 41.76 -74.76 11.80
C HIS SA 146 42.46 -74.91 13.14
N ILE SA 147 42.27 -76.04 13.80
CA ILE SA 147 42.90 -76.27 15.10
C ILE SA 147 43.77 -77.51 14.99
N GLU SA 148 45.01 -77.38 15.42
CA GLU SA 148 46.07 -78.29 15.04
C GLU SA 148 46.92 -78.54 16.27
N LEU SA 149 47.00 -79.79 16.72
CA LEU SA 149 47.68 -79.96 17.99
C LEU SA 149 48.44 -81.28 18.02
N ILE SA 150 49.51 -81.27 18.80
CA ILE SA 150 50.45 -82.38 18.89
C ILE SA 150 50.78 -82.58 20.35
N LEU SA 151 50.48 -83.77 20.86
CA LEU SA 151 50.87 -84.21 22.20
C LEU SA 151 52.15 -85.01 22.07
N SER SA 152 53.08 -84.79 22.97
CA SER SA 152 54.30 -85.59 23.03
C SER SA 152 54.50 -86.10 24.44
N GLU SA 153 55.25 -87.18 24.57
CA GLU SA 153 55.57 -87.72 25.88
C GLU SA 153 56.72 -86.93 26.49
N LYS SA 154 56.52 -86.40 27.68
CA LYS SA 154 57.56 -85.64 28.34
C LYS SA 154 58.73 -86.56 28.71
N GLU SA 155 59.93 -85.97 28.79
CA GLU SA 155 61.14 -86.73 29.05
C GLU SA 155 61.96 -85.99 30.09
N GLU SA 156 62.78 -86.74 30.83
CA GLU SA 156 63.66 -86.14 31.82
C GLU SA 156 64.83 -85.41 31.16
N ARG TA 37 -42.65 -52.04 -55.24
CA ARG TA 37 -42.21 -52.27 -53.87
C ARG TA 37 -43.24 -51.77 -52.88
N THR TA 38 -43.17 -52.31 -51.67
CA THR TA 38 -44.02 -51.87 -50.57
C THR TA 38 -43.21 -51.21 -49.48
N SER TA 39 -42.23 -51.90 -48.92
CA SER TA 39 -41.34 -51.30 -47.95
C SER TA 39 -40.30 -50.45 -48.68
N VAL TA 40 -39.89 -49.36 -48.05
CA VAL TA 40 -39.02 -48.39 -48.69
C VAL TA 40 -37.56 -48.73 -48.41
N THR TA 41 -37.32 -49.94 -47.91
CA THR TA 41 -35.97 -50.40 -47.66
C THR TA 41 -35.63 -51.51 -48.63
N PHE TA 42 -34.41 -51.45 -49.18
CA PHE TA 42 -33.95 -52.44 -50.14
C PHE TA 42 -33.03 -53.43 -49.43
N HIS TA 43 -33.36 -54.71 -49.51
CA HIS TA 43 -32.60 -55.77 -48.87
C HIS TA 43 -31.95 -56.66 -49.92
N ARG TA 44 -30.84 -57.26 -49.55
CA ARG TA 44 -30.11 -58.11 -50.48
C ARG TA 44 -30.97 -59.31 -50.84
N PRO TA 45 -31.23 -59.56 -52.11
CA PRO TA 45 -32.12 -60.65 -52.50
C PRO TA 45 -31.56 -62.01 -52.11
N LYS TA 46 -32.45 -62.98 -52.00
CA LYS TA 46 -32.03 -64.33 -51.64
C LYS TA 46 -31.41 -64.97 -52.86
N THR TA 47 -30.09 -65.11 -52.84
CA THR TA 47 -29.37 -65.77 -53.91
C THR TA 47 -29.32 -67.26 -53.65
N LEU TA 48 -28.65 -67.98 -54.53
CA LEU TA 48 -28.44 -69.41 -54.34
C LEU TA 48 -26.94 -69.67 -54.42
N SER TA 49 -26.44 -70.39 -53.44
CA SER TA 49 -25.02 -70.74 -53.35
C SER TA 49 -24.89 -72.24 -53.45
N LYS TA 50 -23.69 -72.68 -53.81
CA LYS TA 50 -23.40 -74.10 -53.85
C LYS TA 50 -22.55 -74.49 -52.64
N ALA TA 51 -22.73 -75.72 -52.19
CA ALA TA 51 -21.77 -76.28 -51.26
C ALA TA 51 -20.51 -76.68 -52.02
N ARG TA 52 -19.44 -76.87 -51.26
CA ARG TA 52 -18.15 -77.16 -51.88
C ARG TA 52 -18.17 -78.48 -52.64
N ASP TA 53 -17.59 -78.47 -53.83
CA ASP TA 53 -17.43 -79.68 -54.64
C ASP TA 53 -15.99 -79.73 -55.14
N PRO TA 54 -15.04 -79.97 -54.23
CA PRO TA 54 -13.63 -79.90 -54.62
C PRO TA 54 -13.27 -80.90 -55.70
N LYS TA 55 -12.40 -80.48 -56.61
CA LYS TA 55 -11.87 -81.37 -57.64
C LYS TA 55 -10.75 -82.25 -57.14
N TYR TA 56 -10.24 -82.00 -55.95
CA TYR TA 56 -9.21 -82.80 -55.32
C TYR TA 56 -9.19 -82.49 -53.83
N PRO TA 57 -9.19 -83.52 -52.98
CA PRO TA 57 -9.25 -83.26 -51.54
C PRO TA 57 -7.97 -82.59 -51.08
N ARG TA 58 -8.12 -81.56 -50.24
CA ARG TA 58 -6.91 -80.90 -49.76
C ARG TA 58 -6.15 -81.75 -48.76
N ILE TA 59 -6.75 -82.83 -48.27
CA ILE TA 59 -6.09 -83.82 -47.45
C ILE TA 59 -6.42 -85.19 -48.03
N SER TA 60 -5.38 -85.97 -48.32
CA SER TA 60 -5.60 -87.30 -48.88
C SER TA 60 -5.71 -88.37 -47.82
N THR TA 61 -4.71 -88.44 -46.94
CA THR TA 61 -4.68 -89.46 -45.92
C THR TA 61 -5.89 -89.31 -44.99
N PRO TA 62 -6.52 -90.42 -44.59
CA PRO TA 62 -7.48 -90.34 -43.50
C PRO TA 62 -6.74 -90.15 -42.18
N GLY TA 63 -7.19 -89.18 -41.39
CA GLY TA 63 -6.52 -88.88 -40.14
C GLY TA 63 -6.66 -90.03 -39.18
N ARG TA 64 -5.53 -90.55 -38.69
CA ARG TA 64 -5.58 -91.64 -37.73
C ARG TA 64 -6.06 -91.15 -36.38
N ASN TA 65 -6.72 -92.04 -35.65
CA ASN TA 65 -7.24 -91.76 -34.32
C ASN TA 65 -6.10 -91.73 -33.33
N LYS TA 66 -5.54 -90.55 -33.08
CA LYS TA 66 -4.41 -90.46 -32.16
C LYS TA 66 -4.83 -90.44 -30.70
N LEU TA 67 -6.09 -90.20 -30.40
CA LEU TA 67 -6.63 -90.46 -29.07
C LEU TA 67 -7.33 -91.82 -29.04
N ASP TA 68 -6.57 -92.86 -29.36
CA ASP TA 68 -7.12 -94.20 -29.20
C ASP TA 68 -7.11 -94.58 -27.71
N GLN TA 69 -7.67 -95.74 -27.43
CA GLN TA 69 -7.81 -96.18 -26.05
C GLN TA 69 -6.47 -96.26 -25.32
N TYR TA 70 -5.37 -96.50 -26.04
CA TYR TA 70 -4.09 -96.71 -25.39
C TYR TA 70 -3.38 -95.40 -25.08
N GLN TA 71 -3.59 -94.37 -25.89
CA GLN TA 71 -3.15 -93.03 -25.50
C GLN TA 71 -4.07 -92.40 -24.48
N ILE TA 72 -5.32 -92.84 -24.40
CA ILE TA 72 -6.26 -92.17 -23.52
C ILE TA 72 -6.31 -92.79 -22.13
N LEU TA 73 -5.88 -94.05 -21.97
CA LEU TA 73 -5.61 -94.63 -20.65
C LEU TA 73 -4.15 -95.05 -20.60
N LYS TA 74 -3.29 -94.14 -20.14
CA LYS TA 74 -1.86 -94.43 -20.09
C LYS TA 74 -1.56 -95.59 -19.15
N TYR TA 75 -2.03 -95.51 -17.91
CA TYR TA 75 -1.77 -96.54 -16.93
C TYR TA 75 -2.56 -96.30 -15.64
N PRO TA 76 -2.98 -97.35 -14.95
CA PRO TA 76 -3.64 -97.18 -13.65
C PRO TA 76 -2.65 -96.75 -12.59
N LEU TA 77 -2.98 -95.66 -11.91
CA LEU TA 77 -2.18 -95.18 -10.80
C LEU TA 77 -2.30 -96.14 -9.63
N THR TA 78 -1.19 -96.47 -9.00
CA THR TA 78 -1.15 -97.52 -7.99
C THR TA 78 -0.60 -97.04 -6.65
N THR TA 79 -0.80 -95.77 -6.31
CA THR TA 79 -0.38 -95.35 -4.99
C THR TA 79 -1.34 -95.92 -3.95
N GLU TA 80 -0.92 -95.88 -2.69
CA GLU TA 80 -1.75 -96.46 -1.64
C GLU TA 80 -3.13 -95.79 -1.57
N SER TA 81 -3.22 -94.52 -1.94
CA SER TA 81 -4.50 -93.84 -1.92
C SER TA 81 -5.47 -94.46 -2.91
N ALA TA 82 -5.03 -94.62 -4.17
CA ALA TA 82 -5.88 -95.28 -5.15
C ALA TA 82 -6.10 -96.74 -4.78
N MET TA 83 -5.12 -97.37 -4.13
CA MET TA 83 -5.31 -98.73 -3.66
C MET TA 83 -6.49 -98.84 -2.72
N LYS TA 84 -6.54 -97.96 -1.71
CA LYS TA 84 -7.69 -97.98 -0.82
C LYS TA 84 -8.98 -97.63 -1.55
N LYS TA 85 -8.90 -96.73 -2.53
CA LYS TA 85 -10.10 -96.40 -3.30
C LYS TA 85 -10.66 -97.64 -3.98
N ILE TA 86 -9.78 -98.55 -4.38
CA ILE TA 86 -10.21 -99.74 -5.13
C ILE TA 86 -11.27 -100.52 -4.34
N GLU TA 87 -11.02 -100.76 -3.05
CA GLU TA 87 -12.01 -101.54 -2.32
C GLU TA 87 -13.06 -100.67 -1.66
N ASP TA 88 -12.69 -99.49 -1.14
CA ASP TA 88 -13.66 -98.73 -0.38
C ASP TA 88 -14.71 -98.10 -1.27
N ASN TA 89 -14.37 -97.76 -2.51
CA ASN TA 89 -15.33 -97.10 -3.38
C ASN TA 89 -15.59 -97.82 -4.71
N ASN TA 90 -14.93 -98.94 -4.96
CA ASN TA 90 -15.13 -99.70 -6.19
C ASN TA 90 -14.80 -98.85 -7.41
N THR TA 91 -13.65 -98.17 -7.35
CA THR TA 91 -13.21 -97.25 -8.39
C THR TA 91 -11.77 -97.57 -8.77
N LEU TA 92 -11.49 -97.54 -10.07
CA LEU TA 92 -10.11 -97.60 -10.55
C LEU TA 92 -9.61 -96.21 -10.89
N VAL TA 93 -8.36 -95.92 -10.52
CA VAL TA 93 -7.77 -94.61 -10.67
C VAL TA 93 -6.70 -94.69 -11.73
N PHE TA 94 -6.89 -93.96 -12.83
CA PHE TA 94 -6.00 -93.99 -13.97
C PHE TA 94 -5.32 -92.65 -14.16
N ILE TA 95 -4.15 -92.67 -14.78
CA ILE TA 95 -3.58 -91.48 -15.40
C ILE TA 95 -3.99 -91.47 -16.86
N VAL TA 96 -4.61 -90.37 -17.29
CA VAL TA 96 -5.21 -90.34 -18.61
C VAL TA 96 -4.65 -89.17 -19.39
N ASP TA 97 -4.89 -89.20 -20.71
CA ASP TA 97 -4.38 -88.16 -21.59
C ASP TA 97 -5.01 -86.82 -21.22
N LEU TA 98 -4.21 -85.77 -21.33
CA LEU TA 98 -4.68 -84.46 -20.90
C LEU TA 98 -5.81 -83.94 -21.77
N LYS TA 99 -5.93 -84.44 -22.99
CA LYS TA 99 -7.00 -84.05 -23.91
C LYS TA 99 -8.19 -84.99 -23.86
N ALA TA 100 -8.16 -85.98 -22.97
CA ALA TA 100 -9.32 -86.82 -22.77
C ALA TA 100 -10.38 -86.08 -21.97
N ASP TA 101 -11.63 -86.47 -22.17
CA ASP TA 101 -12.73 -85.97 -21.36
C ASP TA 101 -13.60 -87.14 -20.94
N LYS TA 102 -14.53 -86.88 -20.02
CA LYS TA 102 -15.27 -87.96 -19.38
C LYS TA 102 -15.96 -88.85 -20.39
N LYS TA 103 -16.44 -88.27 -21.48
CA LYS TA 103 -17.11 -89.06 -22.51
C LYS TA 103 -16.17 -90.07 -23.12
N LYS TA 104 -14.99 -89.63 -23.55
CA LYS TA 104 -14.02 -90.56 -24.12
C LYS TA 104 -13.46 -91.51 -23.09
N ILE TA 105 -13.38 -91.07 -21.83
CA ILE TA 105 -12.84 -91.94 -20.80
C ILE TA 105 -13.77 -93.12 -20.57
N LYS TA 106 -15.08 -92.86 -20.48
CA LYS TA 106 -16.00 -93.98 -20.38
C LYS TA 106 -15.98 -94.83 -21.63
N ALA TA 107 -15.98 -94.21 -22.81
CA ALA TA 107 -16.00 -94.98 -24.04
C ALA TA 107 -14.78 -95.88 -24.16
N ALA TA 108 -13.64 -95.43 -23.62
CA ALA TA 108 -12.40 -96.20 -23.68
C ALA TA 108 -12.34 -97.28 -22.63
N VAL TA 109 -12.78 -96.98 -21.41
CA VAL TA 109 -12.84 -97.99 -20.37
C VAL TA 109 -13.84 -99.07 -20.74
N LYS TA 110 -14.77 -98.78 -21.63
CA LYS TA 110 -15.64 -99.84 -22.11
C LYS TA 110 -14.93 -100.74 -23.11
N LYS TA 111 -14.15 -100.15 -24.03
CA LYS TA 111 -13.50 -100.99 -25.03
C LYS TA 111 -12.39 -101.82 -24.43
N MET TA 112 -11.55 -101.22 -23.59
CA MET TA 112 -10.65 -102.05 -22.80
C MET TA 112 -11.39 -102.67 -21.63
N TYR TA 113 -10.79 -103.70 -21.04
CA TYR TA 113 -11.23 -104.26 -19.78
C TYR TA 113 -12.61 -104.90 -19.85
N ASP TA 114 -13.30 -104.75 -20.99
CA ASP TA 114 -14.68 -105.19 -21.15
C ASP TA 114 -15.51 -104.90 -19.89
N ILE TA 115 -15.50 -103.63 -19.50
CA ILE TA 115 -16.32 -103.17 -18.38
C ILE TA 115 -17.08 -101.93 -18.81
N GLN TA 116 -17.79 -101.31 -17.87
CA GLN TA 116 -18.37 -99.99 -18.11
C GLN TA 116 -18.30 -99.20 -16.82
N ALA TA 117 -18.30 -97.88 -16.96
CA ALA TA 117 -18.17 -96.98 -15.84
C ALA TA 117 -19.54 -96.39 -15.49
N LYS TA 118 -19.93 -96.53 -14.23
CA LYS TA 118 -21.14 -95.85 -13.79
C LYS TA 118 -20.91 -94.34 -13.76
N LYS TA 119 -19.75 -93.90 -13.29
CA LYS TA 119 -19.46 -92.48 -13.23
C LYS TA 119 -17.96 -92.29 -13.38
N VAL TA 120 -17.55 -91.13 -13.86
CA VAL TA 120 -16.14 -90.80 -13.95
C VAL TA 120 -15.90 -89.37 -13.47
N ASN TA 121 -14.85 -89.18 -12.69
CA ASN TA 121 -14.43 -87.87 -12.21
C ASN TA 121 -13.01 -87.61 -12.68
N THR TA 122 -12.72 -86.40 -13.11
CA THR TA 122 -11.37 -86.10 -13.57
C THR TA 122 -10.83 -84.90 -12.82
N LEU TA 123 -9.54 -84.94 -12.52
CA LEU TA 123 -8.83 -83.80 -12.00
C LEU TA 123 -7.50 -83.74 -12.72
N ILE TA 124 -6.87 -82.57 -12.72
CA ILE TA 124 -5.53 -82.43 -13.24
C ILE TA 124 -4.57 -82.34 -12.07
N ARG TA 125 -3.67 -83.31 -11.96
CA ARG TA 125 -2.68 -83.30 -10.90
C ARG TA 125 -1.79 -82.07 -11.04
N PRO TA 126 -1.17 -81.64 -9.94
CA PRO TA 126 -0.18 -80.56 -10.06
C PRO TA 126 0.98 -80.91 -10.97
N ASP TA 127 1.36 -82.19 -11.06
CA ASP TA 127 2.51 -82.57 -11.88
C ASP TA 127 2.26 -82.41 -13.37
N GLY TA 128 1.01 -82.24 -13.80
CA GLY TA 128 0.73 -82.03 -15.20
C GLY TA 128 -0.22 -83.05 -15.79
N LYS TA 129 -0.07 -84.32 -15.39
CA LYS TA 129 -0.96 -85.34 -15.92
C LYS TA 129 -2.36 -85.20 -15.33
N LYS TA 130 -3.35 -85.59 -16.11
CA LYS TA 130 -4.71 -85.71 -15.62
C LYS TA 130 -4.91 -87.07 -14.96
N LYS TA 131 -5.56 -87.07 -13.80
CA LYS TA 131 -5.91 -88.29 -13.08
C LYS TA 131 -7.41 -88.45 -13.09
N ALA TA 132 -7.89 -89.66 -13.38
CA ALA TA 132 -9.31 -89.94 -13.49
C ALA TA 132 -9.72 -91.04 -12.52
N TYR TA 133 -10.83 -90.81 -11.83
CA TYR TA 133 -11.43 -91.78 -10.93
C TYR TA 133 -12.63 -92.39 -11.66
N VAL TA 134 -12.58 -93.69 -11.92
CA VAL TA 134 -13.60 -94.37 -12.68
C VAL TA 134 -14.36 -95.26 -11.73
N LYS TA 135 -15.61 -94.90 -11.43
CA LYS TA 135 -16.44 -95.71 -10.55
C LYS TA 135 -17.31 -96.64 -11.37
N LEU TA 136 -17.21 -97.93 -11.05
CA LEU TA 136 -17.84 -99.01 -11.78
C LEU TA 136 -19.28 -99.17 -11.36
N THR TA 137 -20.09 -99.66 -12.27
CA THR TA 137 -21.40 -100.16 -11.91
C THR TA 137 -21.22 -101.34 -10.95
N PRO TA 138 -22.18 -101.59 -10.06
CA PRO TA 138 -22.00 -102.68 -9.09
C PRO TA 138 -22.12 -104.07 -9.70
N ASP TA 139 -22.47 -104.19 -10.97
CA ASP TA 139 -22.37 -105.47 -11.67
C ASP TA 139 -20.91 -105.91 -11.77
N TYR TA 140 -19.99 -104.95 -11.88
CA TYR TA 140 -18.57 -105.22 -12.05
C TYR TA 140 -17.83 -104.94 -10.76
N ASP TA 141 -16.85 -105.77 -10.43
CA ASP TA 141 -16.10 -105.65 -9.19
C ASP TA 141 -14.71 -105.11 -9.50
N ALA TA 142 -14.35 -104.03 -8.80
CA ALA TA 142 -13.07 -103.37 -9.03
C ALA TA 142 -11.89 -104.26 -8.65
N LEU TA 143 -12.03 -105.06 -7.59
CA LEU TA 143 -10.96 -105.99 -7.25
C LEU TA 143 -10.73 -107.01 -8.37
N ASP TA 144 -11.81 -107.55 -8.93
CA ASP TA 144 -11.64 -108.52 -10.01
C ASP TA 144 -11.00 -107.87 -11.23
N VAL TA 145 -11.44 -106.66 -11.59
CA VAL TA 145 -10.82 -105.97 -12.73
C VAL TA 145 -9.35 -105.67 -12.44
N ALA TA 146 -9.05 -105.21 -11.23
CA ALA TA 146 -7.68 -104.81 -10.89
C ALA TA 146 -6.77 -106.02 -10.75
N ASN TA 147 -7.33 -107.19 -10.46
CA ASN TA 147 -6.55 -108.41 -10.48
C ASN TA 147 -6.37 -108.94 -11.90
N LYS TA 148 -7.36 -108.72 -12.76
CA LYS TA 148 -7.20 -109.14 -14.15
C LYS TA 148 -6.26 -108.23 -14.92
N ILE TA 149 -5.90 -107.07 -14.38
CA ILE TA 149 -4.87 -106.23 -14.97
C ILE TA 149 -3.56 -106.32 -14.19
N GLY TA 150 -3.64 -106.42 -12.86
CA GLY TA 150 -2.51 -106.63 -11.99
C GLY TA 150 -2.08 -105.33 -11.34
N ILE TA 151 -2.60 -105.06 -10.13
CA ILE TA 151 -2.27 -103.85 -9.39
C ILE TA 151 -1.95 -104.19 -7.95
N ILE TA 152 -2.52 -105.28 -7.44
CA ILE TA 152 -2.50 -105.55 -6.01
C ILE TA 152 -1.84 -106.90 -5.77
N LEU UA 3 11.40 -34.83 83.94
CA LEU UA 3 11.47 -34.09 82.70
C LEU UA 3 10.08 -33.61 82.30
N LYS UA 4 10.02 -32.71 81.33
CA LYS UA 4 8.77 -32.08 80.92
C LYS UA 4 8.34 -32.69 79.57
N THR UA 5 7.52 -33.72 79.63
CA THR UA 5 6.88 -34.27 78.44
C THR UA 5 5.66 -33.43 78.11
N GLU UA 6 5.07 -33.70 76.94
CA GLU UA 6 3.83 -33.03 76.58
C GLU UA 6 2.97 -34.00 75.80
N LEU UA 7 1.67 -33.76 75.76
CA LEU UA 7 0.72 -34.72 75.20
C LEU UA 7 0.36 -34.30 73.77
N CYS UA 8 0.41 -35.27 72.86
CA CYS UA 8 -0.13 -35.04 71.53
C CYS UA 8 -1.63 -34.79 71.62
N ARG UA 9 -2.13 -33.89 70.77
CA ARG UA 9 -3.54 -33.58 70.76
C ARG UA 9 -4.30 -34.30 69.65
N PHE UA 10 -3.68 -35.30 69.02
CA PHE UA 10 -4.42 -36.23 68.17
C PHE UA 10 -4.36 -37.65 68.71
N SER UA 11 -3.18 -38.16 69.01
CA SER UA 11 -3.04 -39.51 69.54
C SER UA 11 -2.92 -39.56 71.05
N GLY UA 12 -2.82 -38.41 71.71
CA GLY UA 12 -2.79 -38.38 73.15
C GLY UA 12 -1.60 -39.04 73.81
N GLN UA 13 -0.53 -39.27 73.07
CA GLN UA 13 0.66 -39.94 73.59
C GLN UA 13 1.72 -38.91 73.96
N LYS UA 14 2.57 -39.26 74.92
CA LYS UA 14 3.53 -38.28 75.43
C LYS UA 14 4.69 -38.14 74.46
N ILE UA 15 4.88 -36.91 73.99
CA ILE UA 15 6.06 -36.49 73.25
C ILE UA 15 7.14 -36.15 74.26
N TYR UA 16 8.29 -36.63 74.04
CA TYR UA 16 9.51 -36.38 74.79
C TYR UA 16 10.26 -35.23 74.13
N PRO UA 17 11.09 -34.49 74.88
CA PRO UA 17 11.72 -33.31 74.30
C PRO UA 17 12.57 -33.65 73.09
N GLY UA 18 12.60 -32.73 72.13
CA GLY UA 18 13.34 -32.93 70.91
C GLY UA 18 12.57 -33.57 69.79
N LYS UA 19 11.26 -33.75 69.92
CA LYS UA 19 10.46 -34.28 68.84
C LYS UA 19 9.10 -33.60 68.88
N GLY UA 20 8.35 -33.73 67.79
CA GLY UA 20 7.02 -33.17 67.72
C GLY UA 20 6.87 -32.15 66.61
N ILE UA 21 5.65 -32.03 66.08
CA ILE UA 21 5.31 -31.06 65.06
C ILE UA 21 4.11 -30.29 65.57
N ARG UA 22 4.24 -28.99 65.79
CA ARG UA 22 3.11 -28.21 66.27
C ARG UA 22 2.54 -27.38 65.13
N PHE UA 23 1.25 -27.58 64.87
CA PHE UA 23 0.47 -26.88 63.86
C PHE UA 23 -0.39 -25.83 64.51
N ILE UA 24 -0.29 -24.60 64.02
CA ILE UA 24 -0.96 -23.44 64.63
C ILE UA 24 -2.16 -23.13 63.76
N ARG UA 25 -3.33 -23.64 64.14
CA ARG UA 25 -4.50 -23.45 63.30
C ARG UA 25 -4.96 -22.00 63.36
N SER UA 26 -5.72 -21.60 62.33
CA SER UA 26 -6.06 -20.19 62.17
C SER UA 26 -6.92 -19.65 63.30
N ASP UA 27 -7.51 -20.51 64.12
CA ASP UA 27 -8.19 -20.05 65.33
C ASP UA 27 -7.24 -19.88 66.50
N SER UA 28 -5.93 -19.92 66.24
CA SER UA 28 -4.87 -19.65 67.22
C SER UA 28 -4.73 -20.75 68.27
N GLN UA 29 -5.22 -21.95 67.99
CA GLN UA 29 -4.97 -23.08 68.86
C GLN UA 29 -3.68 -23.78 68.43
N VAL UA 30 -3.06 -24.48 69.37
CA VAL UA 30 -1.78 -25.15 69.14
C VAL UA 30 -2.03 -26.65 69.18
N PHE UA 31 -1.70 -27.35 68.08
CA PHE UA 31 -1.89 -28.79 68.01
C PHE UA 31 -0.53 -29.46 67.87
N LEU UA 32 -0.16 -30.28 68.85
CA LEU UA 32 1.13 -30.95 68.82
C LEU UA 32 0.92 -32.39 68.38
N PHE UA 33 1.43 -32.72 67.21
CA PHE UA 33 1.45 -34.08 66.71
C PHE UA 33 2.78 -34.73 67.07
N ALA UA 34 2.73 -36.01 67.43
CA ALA UA 34 3.96 -36.69 67.80
C ALA UA 34 4.80 -37.12 66.61
N ASN UA 35 4.17 -37.45 65.49
CA ASN UA 35 4.91 -37.90 64.33
C ASN UA 35 4.13 -37.49 63.08
N SER UA 36 4.54 -38.01 61.94
CA SER UA 36 3.88 -37.65 60.68
C SER UA 36 2.50 -38.27 60.59
N LYS UA 37 2.31 -39.44 61.19
CA LYS UA 37 1.05 -40.16 61.03
C LYS UA 37 -0.10 -39.40 61.68
N CYS UA 38 0.13 -38.86 62.88
CA CYS UA 38 -0.91 -38.01 63.48
C CYS UA 38 -1.15 -36.77 62.64
N LYS UA 39 -0.09 -36.14 62.14
CA LYS UA 39 -0.27 -34.93 61.34
C LYS UA 39 -1.14 -35.19 60.14
N ARG UA 40 -0.94 -36.32 59.48
CA ARG UA 40 -1.69 -36.60 58.27
C ARG UA 40 -3.12 -37.02 58.59
N TYR UA 41 -3.32 -37.87 59.59
CA TYR UA 41 -4.69 -38.22 59.93
C TYR UA 41 -5.47 -36.99 60.38
N PHE UA 42 -4.80 -36.02 61.00
CA PHE UA 42 -5.45 -34.78 61.39
C PHE UA 42 -5.80 -33.94 60.17
N HIS UA 43 -4.84 -33.75 59.27
CA HIS UA 43 -5.07 -32.89 58.12
C HIS UA 43 -6.12 -33.48 57.20
N ASN UA 44 -6.16 -34.81 57.08
CA ASN UA 44 -7.14 -35.50 56.27
C ASN UA 44 -8.51 -35.47 56.84
N ARG UA 45 -8.76 -34.70 57.90
CA ARG UA 45 -10.11 -34.51 58.43
C ARG UA 45 -10.65 -35.79 59.06
N LEU UA 46 -9.77 -36.56 59.71
CA LEU UA 46 -10.22 -37.68 60.51
C LEU UA 46 -10.34 -37.28 61.98
N LYS UA 47 -11.19 -38.01 62.69
CA LYS UA 47 -11.50 -37.70 64.07
C LYS UA 47 -10.73 -38.64 64.96
N PRO UA 48 -9.89 -38.15 65.87
CA PRO UA 48 -9.09 -39.06 66.70
C PRO UA 48 -9.92 -40.03 67.51
N ALA UA 49 -11.11 -39.63 67.91
CA ALA UA 49 -12.00 -40.49 68.69
C ALA UA 49 -12.58 -41.63 67.90
N LYS UA 50 -12.13 -41.88 66.68
CA LYS UA 50 -12.71 -42.94 65.88
C LYS UA 50 -11.64 -43.78 65.19
N LEU UA 51 -10.37 -43.39 65.30
CA LEU UA 51 -9.25 -44.26 64.95
C LEU UA 51 -9.00 -45.18 66.12
N CYS UA 52 -9.04 -46.50 65.86
CA CYS UA 52 -9.06 -47.47 66.95
C CYS UA 52 -7.78 -47.46 67.80
N TRP UA 53 -6.70 -46.85 67.33
CA TRP UA 53 -5.45 -46.88 68.07
C TRP UA 53 -5.22 -45.66 68.94
N THR UA 54 -6.07 -44.65 68.82
CA THR UA 54 -5.83 -43.39 69.50
C THR UA 54 -6.29 -43.43 70.94
N ALA UA 55 -5.57 -42.72 71.80
CA ALA UA 55 -5.91 -42.71 73.22
C ALA UA 55 -7.29 -42.13 73.47
N MET UA 56 -7.78 -41.25 72.59
CA MET UA 56 -9.14 -40.75 72.74
C MET UA 56 -10.15 -41.86 72.56
N TYR UA 57 -9.97 -42.70 71.53
CA TYR UA 57 -10.78 -43.89 71.37
C TYR UA 57 -10.70 -44.77 72.61
N ARG UA 58 -9.49 -45.00 73.08
CA ARG UA 58 -9.33 -45.93 74.20
C ARG UA 58 -10.01 -45.43 75.46
N LYS UA 59 -9.92 -44.13 75.73
CA LYS UA 59 -10.56 -43.59 76.93
C LYS UA 59 -12.06 -43.44 76.74
N GLN UA 60 -12.52 -43.37 75.48
CA GLN UA 60 -13.96 -43.28 75.24
C GLN UA 60 -14.63 -44.63 75.42
N HIS UA 61 -13.94 -45.72 75.06
CA HIS UA 61 -14.50 -47.05 75.23
C HIS UA 61 -13.94 -47.80 76.44
N LYS UA 62 -13.12 -47.13 77.27
CA LYS UA 62 -12.62 -47.66 78.54
C LYS UA 62 -11.87 -48.98 78.32
N LYS UA 63 -10.75 -48.87 77.60
CA LYS UA 63 -9.93 -50.04 77.34
C LYS UA 63 -8.54 -49.89 77.97
N MET VA 1 54.56 -80.51 -49.28
CA MET VA 1 53.85 -80.08 -48.08
C MET VA 1 52.41 -79.82 -48.54
N LYS VA 2 51.50 -79.48 -47.63
CA LYS VA 2 50.09 -79.36 -47.97
C LYS VA 2 49.90 -78.48 -49.20
N ARG VA 3 49.09 -78.96 -50.15
CA ARG VA 3 48.81 -78.19 -51.35
C ARG VA 3 47.31 -78.08 -51.55
N ASN VA 4 46.57 -79.08 -51.08
CA ASN VA 4 45.12 -79.07 -51.19
C ASN VA 4 44.59 -77.93 -50.32
N PRO VA 5 43.91 -76.94 -50.89
CA PRO VA 5 43.37 -75.83 -50.11
C PRO VA 5 41.97 -76.10 -49.59
N ARG VA 6 41.76 -77.28 -49.03
CA ARG VA 6 40.51 -77.66 -48.40
C ARG VA 6 40.72 -78.32 -47.04
N VAL VA 7 41.93 -78.77 -46.73
CA VAL VA 7 42.24 -79.43 -45.47
C VAL VA 7 42.94 -78.41 -44.59
N THR VA 8 42.46 -78.26 -43.36
CA THR VA 8 42.98 -77.23 -42.49
C THR VA 8 44.31 -77.67 -41.90
N SER VA 9 45.17 -76.69 -41.64
CA SER VA 9 46.40 -76.91 -40.90
C SER VA 9 46.38 -76.11 -39.61
N SER VA 10 45.20 -75.94 -39.03
CA SER VA 10 45.03 -75.16 -37.83
C SER VA 10 44.89 -76.10 -36.64
N ARG VA 11 45.60 -75.79 -35.56
CA ARG VA 11 45.55 -76.65 -34.40
C ARG VA 11 44.15 -76.68 -33.81
N ARG VA 12 43.45 -75.54 -33.81
CA ARG VA 12 42.08 -75.49 -33.31
C ARG VA 12 41.15 -76.40 -34.11
N LYS VA 13 41.13 -76.22 -35.43
CA LYS VA 13 40.20 -77.00 -36.23
C LYS VA 13 40.57 -78.48 -36.24
N CYS VA 14 41.86 -78.81 -36.24
CA CYS VA 14 42.25 -80.20 -36.15
C CYS VA 14 41.82 -80.82 -34.82
N ARG VA 15 41.94 -80.06 -33.73
CA ARG VA 15 41.56 -80.64 -32.45
C ARG VA 15 40.04 -80.76 -32.32
N LYS VA 16 39.28 -79.83 -32.90
CA LYS VA 16 37.85 -80.07 -33.11
C LYS VA 16 37.61 -81.38 -33.84
N ALA VA 17 38.14 -81.50 -35.05
CA ALA VA 17 37.86 -82.69 -35.85
C ALA VA 17 38.32 -83.96 -35.15
N HIS VA 18 39.25 -83.86 -34.20
CA HIS VA 18 39.66 -85.04 -33.47
C HIS VA 18 38.72 -85.34 -32.31
N PHE VA 19 38.62 -84.42 -31.34
CA PHE VA 19 37.90 -84.72 -30.11
C PHE VA 19 36.39 -84.61 -30.25
N THR VA 20 35.89 -84.16 -31.39
CA THR VA 20 34.45 -84.04 -31.59
C THR VA 20 33.98 -85.03 -32.66
N ALA VA 21 34.84 -85.95 -33.07
CA ALA VA 21 34.50 -86.86 -34.15
C ALA VA 21 33.39 -87.80 -33.71
N PRO VA 22 32.46 -88.13 -34.60
CA PRO VA 22 31.43 -89.10 -34.28
C PRO VA 22 31.99 -90.50 -34.16
N SER VA 23 31.14 -91.48 -33.89
CA SER VA 23 31.63 -92.85 -33.71
C SER VA 23 32.13 -93.42 -35.03
N SER VA 24 31.48 -93.11 -36.14
CA SER VA 24 31.89 -93.65 -37.43
C SER VA 24 33.27 -93.17 -37.82
N VAL VA 25 33.77 -92.11 -37.19
CA VAL VA 25 35.09 -91.59 -37.47
C VAL VA 25 36.05 -92.09 -36.39
N ARG VA 26 35.54 -92.17 -35.16
CA ARG VA 26 36.35 -92.70 -34.08
C ARG VA 26 36.78 -94.12 -34.38
N ARG VA 27 35.99 -94.87 -35.14
CA ARG VA 27 36.46 -96.18 -35.56
C ARG VA 27 37.75 -96.08 -36.33
N VAL VA 28 37.81 -95.20 -37.32
CA VAL VA 28 38.99 -95.09 -38.16
C VAL VA 28 40.18 -94.60 -37.35
N LEU VA 29 39.96 -93.66 -36.43
CA LEU VA 29 41.07 -93.25 -35.57
C LEU VA 29 41.49 -94.35 -34.61
N MET VA 30 40.57 -95.21 -34.20
CA MET VA 30 40.95 -96.32 -33.32
C MET VA 30 41.65 -97.41 -34.11
N SER VA 31 42.73 -97.09 -34.79
CA SER VA 31 43.44 -98.07 -35.59
C SER VA 31 44.73 -98.45 -34.89
N ALA VA 32 45.15 -99.69 -35.12
CA ALA VA 32 46.36 -100.22 -34.53
C ALA VA 32 47.19 -100.88 -35.62
N ALA VA 33 48.50 -100.92 -35.40
CA ALA VA 33 49.39 -101.54 -36.35
C ALA VA 33 49.32 -103.06 -36.23
N LEU VA 34 49.36 -103.73 -37.35
CA LEU VA 34 49.38 -105.18 -37.29
C LEU VA 34 50.74 -105.65 -36.79
N SER VA 35 50.78 -106.90 -36.35
CA SER VA 35 52.07 -107.51 -36.03
C SER VA 35 52.90 -107.63 -37.30
N SER VA 36 54.21 -107.77 -37.13
CA SER VA 36 55.08 -107.84 -38.29
C SER VA 36 54.73 -109.02 -39.17
N GLU VA 37 54.50 -110.18 -38.56
CA GLU VA 37 54.18 -111.37 -39.35
C GLU VA 37 52.84 -111.26 -40.05
N LEU VA 38 51.83 -110.72 -39.36
CA LEU VA 38 50.52 -110.63 -40.00
C LEU VA 38 50.51 -109.51 -41.04
N ARG VA 39 51.35 -108.50 -40.86
CA ARG VA 39 51.62 -107.54 -41.92
C ARG VA 39 52.19 -108.23 -43.14
N HIS VA 40 53.18 -109.10 -42.93
CA HIS VA 40 53.76 -109.84 -44.04
C HIS VA 40 52.71 -110.66 -44.76
N LYS VA 41 51.78 -111.23 -44.00
CA LYS VA 41 50.72 -112.05 -44.59
C LYS VA 41 49.73 -111.19 -45.39
N TYR VA 42 49.21 -110.12 -44.80
CA TYR VA 42 48.06 -109.42 -45.35
C TYR VA 42 48.40 -108.14 -46.12
N ASN VA 43 49.68 -107.80 -46.24
CA ASN VA 43 50.11 -106.68 -47.08
C ASN VA 43 49.39 -105.38 -46.71
N VAL VA 44 49.22 -105.14 -45.40
CA VAL VA 44 48.69 -103.89 -44.88
C VAL VA 44 49.45 -103.55 -43.62
N ARG VA 45 49.49 -102.26 -43.30
CA ARG VA 45 50.25 -101.77 -42.16
C ARG VA 45 49.41 -101.48 -40.93
N SER VA 46 48.18 -100.99 -41.11
CA SER VA 46 47.34 -100.65 -39.98
C SER VA 46 45.90 -101.03 -40.25
N ILE VA 47 45.15 -101.27 -39.18
CA ILE VA 47 43.75 -101.63 -39.31
C ILE VA 47 42.99 -101.05 -38.11
N PRO VA 48 41.76 -100.58 -38.29
CA PRO VA 48 40.92 -100.29 -37.13
C PRO VA 48 40.52 -101.56 -36.42
N ILE VA 49 40.39 -101.47 -35.10
CA ILE VA 49 40.23 -102.66 -34.27
C ILE VA 49 38.77 -103.02 -34.02
N ARG VA 50 38.55 -104.24 -33.56
CA ARG VA 50 37.30 -104.98 -33.56
C ARG VA 50 36.99 -105.42 -32.14
N LYS VA 51 35.93 -106.19 -31.97
CA LYS VA 51 35.52 -106.61 -30.64
C LYS VA 51 36.45 -107.68 -30.08
N ASP VA 52 36.86 -108.63 -30.90
CA ASP VA 52 37.58 -109.80 -30.39
C ASP VA 52 38.93 -110.01 -31.04
N ASP VA 53 39.73 -108.96 -31.15
CA ASP VA 53 41.09 -109.09 -31.64
C ASP VA 53 42.05 -109.41 -30.51
N GLU VA 54 43.13 -110.09 -30.85
CA GLU VA 54 44.23 -110.36 -29.92
C GLU VA 54 45.29 -109.28 -30.09
N VAL VA 55 45.47 -108.46 -29.06
CA VAL VA 55 46.44 -107.39 -29.13
C VAL VA 55 47.53 -107.62 -28.11
N GLN VA 56 48.67 -106.97 -28.35
CA GLN VA 56 49.87 -107.17 -27.55
C GLN VA 56 50.47 -105.79 -27.33
N VAL VA 57 50.10 -105.16 -26.21
CA VAL VA 57 50.54 -103.81 -25.94
C VAL VA 57 52.05 -103.76 -25.91
N VAL VA 58 52.62 -102.73 -26.55
CA VAL VA 58 54.06 -102.64 -26.72
C VAL VA 58 54.69 -101.48 -25.98
N ARG VA 59 53.93 -100.47 -25.56
CA ARG VA 59 54.54 -99.27 -24.96
C ARG VA 59 53.94 -98.83 -23.64
N GLY VA 60 52.76 -99.29 -23.26
CA GLY VA 60 52.26 -98.94 -21.95
C GLY VA 60 53.14 -99.48 -20.84
N THR VA 61 52.78 -99.20 -19.59
CA THR VA 61 53.47 -99.84 -18.47
C THR VA 61 53.17 -101.32 -18.38
N TYR VA 62 52.41 -101.88 -19.32
CA TYR VA 62 52.10 -103.30 -19.35
C TYR VA 62 52.70 -103.94 -20.59
N LYS VA 63 53.91 -103.55 -20.98
CA LYS VA 63 54.53 -104.09 -22.18
C LYS VA 63 54.48 -105.61 -22.18
N GLY VA 64 54.40 -106.18 -23.37
CA GLY VA 64 54.52 -107.61 -23.55
C GLY VA 64 53.30 -108.43 -23.17
N ARG VA 65 52.24 -107.82 -22.67
CA ARG VA 65 51.09 -108.56 -22.18
C ARG VA 65 50.09 -108.73 -23.31
N GLU VA 66 49.99 -109.94 -23.84
CA GLU VA 66 49.00 -110.25 -24.86
C GLU VA 66 47.64 -110.35 -24.22
N GLY VA 67 46.62 -109.96 -24.97
CA GLY VA 67 45.27 -110.05 -24.46
C GLY VA 67 44.22 -109.79 -25.51
N LYS VA 68 43.11 -110.51 -25.44
CA LYS VA 68 42.00 -110.27 -26.34
C LYS VA 68 41.31 -108.97 -25.97
N VAL VA 69 40.91 -108.21 -26.99
CA VAL VA 69 40.13 -107.00 -26.76
C VAL VA 69 38.76 -107.40 -26.23
N VAL VA 70 38.29 -106.69 -25.20
CA VAL VA 70 37.01 -107.04 -24.60
C VAL VA 70 36.04 -105.88 -24.68
N GLN VA 71 36.56 -104.64 -24.77
CA GLN VA 71 35.65 -103.49 -24.78
C GLN VA 71 36.37 -102.31 -25.41
N VAL VA 72 36.17 -102.08 -26.70
CA VAL VA 72 36.72 -100.89 -27.34
C VAL VA 72 35.82 -99.72 -26.99
N TYR VA 73 36.31 -98.84 -26.12
CA TYR VA 73 35.46 -97.90 -25.41
C TYR VA 73 35.67 -96.54 -26.07
N ARG VA 74 34.94 -96.30 -27.15
CA ARG VA 74 35.27 -95.19 -28.04
C ARG VA 74 35.14 -93.83 -27.36
N ARG VA 75 34.34 -93.71 -26.30
CA ARG VA 75 34.22 -92.42 -25.65
C ARG VA 75 35.53 -91.97 -25.02
N ARG VA 76 36.16 -92.81 -24.19
CA ARG VA 76 37.37 -92.39 -23.52
C ARG VA 76 38.63 -92.68 -24.31
N TRP VA 77 38.51 -92.98 -25.60
CA TRP VA 77 39.69 -93.22 -26.44
C TRP VA 77 40.59 -94.30 -25.86
N VAL VA 78 39.98 -95.43 -25.48
CA VAL VA 78 40.71 -96.54 -24.89
C VAL VA 78 40.13 -97.84 -25.41
N ILE VA 79 40.82 -98.93 -25.10
CA ILE VA 79 40.28 -100.27 -25.28
C ILE VA 79 40.60 -101.09 -24.04
N HIS VA 80 39.65 -101.92 -23.66
CA HIS VA 80 39.80 -102.83 -22.54
C HIS VA 80 40.10 -104.21 -23.10
N VAL VA 81 41.09 -104.87 -22.53
CA VAL VA 81 41.54 -106.17 -23.00
C VAL VA 81 41.62 -107.13 -21.81
N GLU VA 82 41.57 -108.42 -22.14
CA GLU VA 82 41.56 -109.45 -21.10
C GLU VA 82 42.74 -109.33 -20.15
N ARG VA 83 42.44 -109.32 -18.87
CA ARG VA 83 43.42 -109.62 -17.82
C ARG VA 83 44.49 -108.56 -17.68
N ILE VA 84 44.50 -107.56 -18.56
CA ILE VA 84 45.40 -106.40 -18.39
C ILE VA 84 44.61 -105.43 -17.53
N THR VA 85 44.70 -105.64 -16.22
CA THR VA 85 43.66 -105.19 -15.32
C THR VA 85 44.31 -104.90 -13.97
N ARG VA 86 43.70 -104.00 -13.20
CA ARG VA 86 44.31 -103.64 -11.94
C ARG VA 86 43.26 -103.67 -10.84
N GLU VA 87 43.71 -103.32 -9.63
CA GLU VA 87 42.93 -103.44 -8.42
C GLU VA 87 42.74 -102.07 -7.80
N LYS VA 88 41.49 -101.72 -7.50
CA LYS VA 88 41.22 -100.52 -6.76
C LYS VA 88 41.75 -100.66 -5.34
N VAL VA 89 41.57 -99.61 -4.54
CA VAL VA 89 41.97 -99.68 -3.14
C VAL VA 89 41.16 -100.74 -2.41
N ASN VA 90 39.85 -100.77 -2.66
CA ASN VA 90 39.00 -101.73 -1.97
C ASN VA 90 39.27 -103.16 -2.39
N GLY VA 91 39.72 -103.37 -3.62
CA GLY VA 91 39.96 -104.71 -4.13
C GLY VA 91 39.11 -105.09 -5.32
N SER VA 92 38.27 -104.22 -5.82
CA SER VA 92 37.56 -104.52 -7.05
C SER VA 92 38.52 -104.47 -8.23
N THR VA 93 38.22 -105.26 -9.25
CA THR VA 93 39.09 -105.41 -10.41
C THR VA 93 38.55 -104.60 -11.58
N VAL VA 94 39.41 -103.77 -12.17
CA VAL VA 94 39.00 -102.83 -13.21
C VAL VA 94 40.00 -102.90 -14.37
N ASN VA 95 39.48 -103.04 -15.58
CA ASN VA 95 40.33 -103.00 -16.77
C ASN VA 95 40.83 -101.60 -17.01
N VAL VA 96 42.11 -101.48 -17.39
CA VAL VA 96 42.70 -100.18 -17.67
C VAL VA 96 42.58 -99.89 -19.16
N GLY VA 97 42.69 -98.61 -19.51
CA GLY VA 97 42.57 -98.19 -20.89
C GLY VA 97 43.92 -98.01 -21.53
N ILE VA 98 44.09 -98.64 -22.69
CA ILE VA 98 45.31 -98.53 -23.49
C ILE VA 98 44.92 -98.00 -24.85
N HIS VA 99 45.57 -96.93 -25.29
CA HIS VA 99 45.21 -96.33 -26.56
C HIS VA 99 45.46 -97.33 -27.69
N PRO VA 100 44.60 -97.36 -28.71
CA PRO VA 100 44.75 -98.36 -29.76
C PRO VA 100 46.06 -98.24 -30.52
N SER VA 101 46.67 -97.06 -30.56
CA SER VA 101 47.93 -96.92 -31.27
C SER VA 101 49.09 -97.55 -30.53
N LYS VA 102 48.87 -98.04 -29.32
CA LYS VA 102 49.93 -98.68 -28.55
C LYS VA 102 49.79 -100.19 -28.52
N VAL VA 103 48.85 -100.76 -29.26
CA VAL VA 103 48.69 -102.20 -29.33
C VAL VA 103 49.00 -102.63 -30.75
N ILE VA 104 49.36 -103.90 -30.89
CA ILE VA 104 49.56 -104.52 -32.19
C ILE VA 104 48.63 -105.70 -32.30
N VAL VA 105 47.95 -105.81 -33.43
CA VAL VA 105 46.94 -106.84 -33.62
C VAL VA 105 47.67 -108.13 -34.00
N THR VA 106 47.98 -108.95 -33.00
CA THR VA 106 48.70 -110.20 -33.27
C THR VA 106 47.86 -111.18 -34.07
N LYS VA 107 46.63 -111.42 -33.64
CA LYS VA 107 45.71 -112.26 -34.40
C LYS VA 107 44.44 -111.47 -34.66
N LEU VA 108 43.86 -111.70 -35.82
CA LEU VA 108 42.84 -110.82 -36.38
C LEU VA 108 41.53 -111.56 -36.48
N LYS VA 109 40.42 -110.88 -36.22
CA LYS VA 109 39.09 -111.48 -36.17
C LYS VA 109 38.48 -111.36 -37.56
N LEU VA 110 38.66 -112.38 -38.38
CA LEU VA 110 38.29 -112.29 -39.78
C LEU VA 110 36.78 -112.40 -39.95
N ASP VA 111 36.13 -111.24 -40.01
CA ASP VA 111 34.81 -111.10 -40.59
C ASP VA 111 34.96 -111.04 -42.11
N LYS VA 112 33.87 -111.32 -42.83
CA LYS VA 112 33.95 -111.25 -44.29
C LYS VA 112 34.15 -109.82 -44.75
N ASP VA 113 33.50 -108.88 -44.07
CA ASP VA 113 33.69 -107.48 -44.41
C ASP VA 113 35.10 -107.04 -44.06
N ARG VA 114 35.67 -107.60 -42.99
CA ARG VA 114 37.09 -107.37 -42.73
C ARG VA 114 37.95 -107.94 -43.85
N LYS VA 115 37.62 -109.11 -44.36
CA LYS VA 115 38.37 -109.64 -45.49
C LYS VA 115 38.33 -108.67 -46.66
N ALA VA 116 37.16 -108.13 -46.95
CA ALA VA 116 37.05 -107.14 -48.02
C ALA VA 116 37.90 -105.91 -47.72
N LEU VA 117 37.90 -105.45 -46.48
CA LEU VA 117 38.70 -104.28 -46.13
C LEU VA 117 40.19 -104.56 -46.29
N LEU VA 118 40.63 -105.74 -45.86
CA LEU VA 118 42.02 -106.13 -46.06
C LEU VA 118 42.36 -106.24 -47.54
N ASP VA 119 41.43 -106.68 -48.37
CA ASP VA 119 41.68 -106.69 -49.80
C ASP VA 119 41.90 -105.27 -50.31
N ARG VA 120 41.01 -104.34 -49.96
CA ARG VA 120 41.15 -102.99 -50.48
C ARG VA 120 42.43 -102.33 -49.99
N LYS VA 121 42.69 -102.39 -48.69
CA LYS VA 121 43.89 -101.78 -48.15
C LYS VA 121 45.14 -102.50 -48.59
N ALA VA 122 45.02 -103.74 -49.06
CA ALA VA 122 46.18 -104.45 -49.61
C ALA VA 122 46.50 -103.95 -51.00
N ARG VA 123 45.51 -103.97 -51.89
CA ARG VA 123 45.81 -103.61 -53.27
C ARG VA 123 46.09 -102.12 -53.40
N GLY VA 124 45.54 -101.30 -52.50
CA GLY VA 124 45.90 -99.89 -52.52
C GLY VA 124 47.37 -99.67 -52.24
N ARG VA 125 47.90 -100.36 -51.22
CA ARG VA 125 49.32 -100.25 -50.92
C ARG VA 125 50.16 -100.81 -52.06
N ALA VA 126 49.80 -101.98 -52.58
CA ALA VA 126 50.68 -102.66 -53.51
C ALA VA 126 50.62 -102.09 -54.92
N ALA VA 127 49.48 -101.55 -55.35
CA ALA VA 127 49.37 -100.94 -56.67
C ALA VA 127 50.15 -99.64 -56.78
N ASP VA 128 50.60 -99.07 -55.66
CA ASP VA 128 51.54 -97.97 -55.68
C ASP VA 128 52.92 -98.38 -55.22
N LYS VA 129 53.06 -99.55 -54.57
CA LYS VA 129 54.38 -100.17 -54.47
C LYS VA 129 54.94 -100.49 -55.85
N ALA VA 130 54.09 -101.01 -56.73
CA ALA VA 130 54.48 -101.29 -58.09
C ALA VA 130 53.90 -100.23 -59.02
N THR WA 2 87.13 -64.24 -49.03
CA THR WA 2 86.70 -62.87 -49.24
C THR WA 2 86.98 -62.42 -50.68
N THR WA 3 85.96 -62.49 -51.53
CA THR WA 3 86.07 -61.86 -52.84
C THR WA 3 86.19 -60.35 -52.71
N VAL WA 4 85.42 -59.77 -51.79
CA VAL WA 4 85.48 -58.35 -51.47
C VAL WA 4 86.65 -58.13 -50.51
N PRO WA 5 87.13 -56.90 -50.32
CA PRO WA 5 88.33 -56.70 -49.50
C PRO WA 5 88.04 -56.85 -48.01
N GLY WA 6 89.14 -57.01 -47.26
CA GLY WA 6 89.03 -57.31 -45.85
C GLY WA 6 88.36 -56.21 -45.06
N SER WA 7 88.66 -54.95 -45.37
CA SER WA 7 88.03 -53.87 -44.64
C SER WA 7 86.52 -53.87 -44.86
N LEU WA 8 86.10 -54.14 -46.09
CA LEU WA 8 84.67 -54.18 -46.37
C LEU WA 8 83.99 -55.33 -45.65
N VAL WA 9 84.64 -56.51 -45.60
CA VAL WA 9 84.04 -57.61 -44.86
C VAL WA 9 83.87 -57.23 -43.40
N TRP WA 10 84.84 -56.51 -42.84
CA TRP WA 10 84.75 -56.09 -41.45
C TRP WA 10 83.59 -55.12 -41.27
N GLU WA 11 83.46 -54.14 -42.14
CA GLU WA 11 82.33 -53.23 -42.01
C GLU WA 11 81.00 -53.92 -42.27
N LEU WA 12 81.01 -55.10 -42.87
CA LEU WA 12 79.79 -55.86 -43.06
C LEU WA 12 79.43 -56.73 -41.85
N VAL WA 13 80.42 -57.26 -41.14
CA VAL WA 13 80.14 -58.20 -40.07
C VAL WA 13 80.64 -57.71 -38.71
N LYS WA 14 80.89 -56.41 -38.55
CA LYS WA 14 81.38 -55.94 -37.26
C LYS WA 14 80.28 -55.86 -36.22
N LYS WA 15 79.03 -56.05 -36.60
CA LYS WA 15 77.92 -55.86 -35.66
C LYS WA 15 77.06 -57.10 -35.50
N ASN WA 16 77.03 -58.00 -36.47
CA ASN WA 16 76.37 -59.28 -36.27
C ASN WA 16 76.95 -60.35 -37.20
N ASN WA 17 77.18 -61.53 -36.63
CA ASN WA 17 77.59 -62.68 -37.40
C ASN WA 17 77.31 -63.91 -36.56
N CYS WA 18 77.38 -65.08 -37.18
CA CYS WA 18 77.03 -66.29 -36.45
C CYS WA 18 78.04 -66.63 -35.37
N PHE WA 19 79.29 -66.21 -35.52
CA PHE WA 19 80.35 -66.61 -34.60
C PHE WA 19 80.54 -65.64 -33.43
N LEU WA 20 79.69 -64.62 -33.32
CA LEU WA 20 79.87 -63.60 -32.31
C LEU WA 20 78.97 -63.89 -31.11
N ILE WA 21 79.59 -64.03 -29.94
CA ILE WA 21 78.89 -64.21 -28.68
C ILE WA 21 79.02 -62.92 -27.90
N LYS WA 22 77.91 -62.18 -27.82
CA LYS WA 22 77.86 -60.93 -27.10
C LYS WA 22 76.89 -61.09 -25.94
N GLN WA 23 77.31 -60.70 -24.74
CA GLN WA 23 76.42 -60.76 -23.59
C GLN WA 23 76.54 -59.49 -22.78
N PHE WA 24 75.57 -59.34 -21.87
CA PHE WA 24 75.46 -58.24 -20.92
C PHE WA 24 74.98 -56.96 -21.58
N GLY WA 25 74.28 -57.08 -22.70
CA GLY WA 25 73.66 -55.94 -23.33
C GLY WA 25 74.64 -55.13 -24.15
N ASN WA 26 74.20 -53.93 -24.50
CA ASN WA 26 75.02 -53.00 -25.25
C ASN WA 26 75.58 -51.86 -24.40
N SER WA 27 75.47 -51.97 -23.08
CA SER WA 27 75.92 -50.90 -22.19
C SER WA 27 77.43 -50.98 -21.99
N ASN WA 28 77.95 -50.29 -20.98
CA ASN WA 28 79.37 -50.39 -20.67
C ASN WA 28 79.78 -51.77 -20.21
N ALA WA 29 78.82 -52.63 -19.88
CA ALA WA 29 79.08 -53.97 -19.38
C ALA WA 29 79.27 -55.00 -20.48
N LYS WA 30 79.17 -54.59 -21.75
CA LYS WA 30 79.10 -55.56 -22.83
C LYS WA 30 80.37 -56.40 -22.88
N VAL WA 31 80.19 -57.70 -23.09
CA VAL WA 31 81.30 -58.65 -23.23
C VAL WA 31 81.17 -59.32 -24.59
N GLN WA 32 82.24 -59.27 -25.38
CA GLN WA 32 82.23 -59.69 -26.77
C GLN WA 32 83.32 -60.71 -27.03
N PHE WA 33 82.95 -61.87 -27.52
CA PHE WA 33 83.90 -62.84 -28.03
C PHE WA 33 83.46 -63.31 -29.39
N SER WA 34 84.40 -63.87 -30.14
CA SER WA 34 84.12 -64.44 -31.45
C SER WA 34 84.60 -65.88 -31.45
N LYS WA 35 83.72 -66.80 -31.79
CA LYS WA 35 84.01 -68.22 -31.62
C LYS WA 35 84.20 -68.95 -32.95
N GLU WA 36 84.71 -68.27 -33.97
CA GLU WA 36 85.09 -69.03 -35.15
C GLU WA 36 86.41 -69.75 -34.90
N PRO WA 37 86.65 -70.86 -35.58
CA PRO WA 37 87.84 -71.67 -35.27
C PRO WA 37 89.16 -70.96 -35.50
N ASN WA 38 89.24 -70.07 -36.49
CA ASN WA 38 90.51 -69.48 -36.91
C ASN WA 38 90.72 -68.07 -36.37
N ASN WA 39 90.15 -67.77 -35.21
CA ASN WA 39 90.45 -66.56 -34.46
C ASN WA 39 91.23 -66.98 -33.22
N LEU WA 40 92.36 -66.33 -32.97
CA LEU WA 40 93.23 -66.84 -31.90
C LEU WA 40 92.73 -66.46 -30.52
N TYR WA 41 92.77 -65.16 -30.19
CA TYR WA 41 92.28 -64.78 -28.87
C TYR WA 41 90.77 -64.82 -28.77
N ASN WA 42 90.07 -65.05 -29.88
CA ASN WA 42 88.62 -65.02 -29.92
C ASN WA 42 88.09 -63.65 -29.48
N VAL WA 43 88.96 -62.65 -29.53
CA VAL WA 43 88.57 -61.26 -29.33
C VAL WA 43 87.98 -60.75 -30.63
N HIS WA 44 86.82 -60.12 -30.55
CA HIS WA 44 86.12 -59.70 -31.76
C HIS WA 44 86.62 -58.31 -32.12
N SER WA 45 87.72 -58.26 -32.86
CA SER WA 45 88.30 -57.03 -33.36
C SER WA 45 88.82 -57.29 -34.76
N TYR WA 46 89.11 -56.22 -35.49
CA TYR WA 46 89.52 -56.40 -36.89
C TYR WA 46 90.93 -56.98 -36.98
N LYS WA 47 91.76 -56.77 -35.97
CA LYS WA 47 93.06 -57.42 -35.94
C LYS WA 47 92.91 -58.93 -35.91
N PHE WA 48 92.07 -59.45 -35.01
CA PHE WA 48 91.94 -60.88 -34.81
C PHE WA 48 90.80 -61.51 -35.58
N SER WA 49 89.94 -60.71 -36.22
CA SER WA 49 88.76 -61.27 -36.86
C SER WA 49 89.17 -62.31 -37.89
N GLY WA 50 88.56 -63.48 -37.79
CA GLY WA 50 88.86 -64.57 -38.68
C GLY WA 50 88.04 -64.62 -39.94
N LEU WA 51 87.17 -63.64 -40.14
CA LEU WA 51 86.35 -63.57 -41.33
C LEU WA 51 86.69 -62.40 -42.23
N ALA WA 52 87.20 -61.31 -41.66
CA ALA WA 52 87.50 -60.11 -42.41
C ALA WA 52 88.95 -60.07 -42.91
N ASN WA 53 89.64 -61.20 -42.94
CA ASN WA 53 91.06 -61.22 -43.21
C ASN WA 53 91.40 -62.28 -44.25
N SER WA 54 92.31 -61.94 -45.16
CA SER WA 54 92.85 -62.94 -46.07
C SER WA 54 93.79 -63.88 -45.33
N LYS WA 55 94.65 -63.32 -44.50
CA LYS WA 55 95.74 -64.04 -43.83
C LYS WA 55 95.38 -64.26 -42.38
N THR WA 56 94.89 -65.46 -42.07
CA THR WA 56 94.52 -65.84 -40.71
C THR WA 56 95.19 -67.14 -40.33
N VAL WA 57 95.49 -67.27 -39.05
CA VAL WA 57 96.14 -68.45 -38.49
C VAL WA 57 95.28 -69.01 -37.38
N ALA WA 58 95.18 -70.34 -37.35
CA ALA WA 58 94.47 -71.07 -36.30
C ALA WA 58 95.42 -72.03 -35.63
N VAL WA 59 95.30 -72.16 -34.31
CA VAL WA 59 96.11 -73.08 -33.52
C VAL WA 59 95.13 -73.86 -32.64
N GLN WA 60 94.86 -75.11 -33.01
CA GLN WA 60 93.85 -75.87 -32.30
C GLN WA 60 94.37 -77.23 -31.86
N PRO WA 61 93.96 -77.69 -30.68
CA PRO WA 61 94.15 -79.11 -30.37
C PRO WA 61 93.38 -79.96 -31.38
N SER WA 62 93.97 -81.09 -31.75
CA SER WA 62 93.40 -81.88 -32.84
C SER WA 62 92.21 -82.67 -32.33
N ALA WA 63 91.72 -83.61 -33.13
CA ALA WA 63 90.64 -84.49 -32.69
C ALA WA 63 91.17 -85.43 -31.62
N GLY WA 64 90.32 -86.35 -31.16
CA GLY WA 64 90.72 -87.20 -30.06
C GLY WA 64 91.96 -87.99 -30.39
N GLU WA 65 93.09 -87.50 -29.86
CA GLU WA 65 94.40 -88.11 -29.99
C GLU WA 65 95.35 -87.25 -29.16
N ASP WA 66 96.39 -87.85 -28.61
CA ASP WA 66 97.21 -87.13 -27.64
C ASP WA 66 98.20 -86.21 -28.31
N LYS WA 67 98.21 -84.96 -27.86
CA LYS WA 67 99.33 -84.03 -28.01
C LYS WA 67 99.61 -83.71 -29.47
N ALA WA 68 98.59 -83.72 -30.32
CA ALA WA 68 98.72 -83.31 -31.72
C ALA WA 68 98.04 -81.96 -31.90
N VAL WA 69 98.80 -80.97 -32.38
CA VAL WA 69 98.32 -79.62 -32.57
C VAL WA 69 98.22 -79.36 -34.06
N VAL WA 70 97.13 -78.74 -34.49
CA VAL WA 70 96.99 -78.28 -35.86
C VAL WA 70 97.26 -76.79 -35.90
N LEU WA 71 98.19 -76.39 -36.76
CA LEU WA 71 98.40 -75.00 -37.12
C LEU WA 71 97.93 -74.82 -38.56
N SER WA 72 96.99 -73.92 -38.77
CA SER WA 72 96.43 -73.70 -40.09
C SER WA 72 96.61 -72.24 -40.49
N THR WA 73 96.91 -72.02 -41.75
CA THR WA 73 96.97 -70.67 -42.30
C THR WA 73 96.12 -70.62 -43.55
N THR WA 74 95.37 -69.56 -43.72
CA THR WA 74 94.56 -69.46 -44.93
C THR WA 74 95.47 -69.26 -46.14
N LYS WA 75 95.13 -69.91 -47.26
CA LYS WA 75 95.81 -69.65 -48.52
C LYS WA 75 95.16 -68.41 -49.14
N THR WA 76 95.96 -67.38 -49.37
CA THR WA 76 95.42 -66.12 -49.86
C THR WA 76 94.84 -66.27 -51.26
N LYS WA 77 95.54 -66.95 -52.15
CA LYS WA 77 95.10 -67.00 -53.55
C LYS WA 77 93.94 -67.95 -53.77
N LYS WA 78 93.82 -69.02 -52.99
CA LYS WA 78 92.78 -70.02 -53.20
C LYS WA 78 91.49 -69.62 -52.49
N GLN WA 79 91.28 -68.32 -52.29
CA GLN WA 79 90.40 -67.86 -51.23
C GLN WA 79 88.93 -68.04 -51.55
N ASN WA 80 88.56 -68.10 -52.83
CA ASN WA 80 87.20 -68.39 -53.23
C ASN WA 80 86.95 -69.88 -53.41
N THR WA 81 87.77 -70.72 -52.77
CA THR WA 81 87.63 -72.17 -52.79
C THR WA 81 87.66 -72.67 -51.35
N PRO WA 82 86.49 -72.72 -50.69
CA PRO WA 82 86.47 -73.06 -49.26
C PRO WA 82 87.05 -74.43 -48.94
N ALA WA 83 86.83 -75.42 -49.80
CA ALA WA 83 87.33 -76.75 -49.52
C ALA WA 83 88.84 -76.78 -49.51
N LYS WA 84 89.48 -75.93 -50.30
CA LYS WA 84 90.92 -75.81 -50.37
C LYS WA 84 91.35 -74.42 -49.95
N LEU WA 85 90.73 -73.92 -48.88
CA LEU WA 85 90.96 -72.57 -48.40
C LEU WA 85 92.02 -72.50 -47.32
N GLN WA 86 92.12 -73.52 -46.47
CA GLN WA 86 93.06 -73.48 -45.35
C GLN WA 86 94.13 -74.55 -45.54
N HIS WA 87 95.38 -74.14 -45.36
CA HIS WA 87 96.51 -75.06 -45.24
C HIS WA 87 96.60 -75.49 -43.78
N LYS WA 88 96.17 -76.71 -43.51
CA LYS WA 88 96.20 -77.26 -42.16
C LYS WA 88 97.46 -78.09 -41.99
N THR WA 89 98.06 -78.01 -40.81
CA THR WA 89 99.37 -78.61 -40.56
C THR WA 89 99.28 -79.36 -39.23
N LEU WA 90 99.23 -80.68 -39.31
CA LEU WA 90 99.13 -81.54 -38.12
C LEU WA 90 100.54 -81.85 -37.65
N MET WA 91 100.97 -81.21 -36.55
CA MET WA 91 102.28 -81.48 -35.98
C MET WA 91 102.14 -81.99 -34.56
N ARG WA 92 103.01 -82.94 -34.21
CA ARG WA 92 102.92 -83.68 -32.96
C ARG WA 92 104.23 -83.71 -32.20
N LYS WA 93 105.21 -82.90 -32.58
CA LYS WA 93 106.51 -82.85 -31.93
C LYS WA 93 106.39 -82.05 -30.63
N GLU WA 94 107.51 -81.88 -29.93
CA GLU WA 94 107.45 -81.18 -28.66
C GLU WA 94 107.41 -79.67 -28.89
N PHE WA 95 107.39 -78.94 -27.78
CA PHE WA 95 106.95 -77.55 -27.81
C PHE WA 95 107.97 -76.63 -28.47
N ARG WA 96 109.25 -76.84 -28.22
CA ARG WA 96 110.23 -75.93 -28.78
C ARG WA 96 110.24 -76.01 -30.30
N LYS WA 97 110.17 -77.23 -30.83
CA LYS WA 97 110.05 -77.41 -32.28
C LYS WA 97 108.66 -77.05 -32.80
N MET WA 98 107.64 -76.99 -31.94
CA MET WA 98 106.39 -76.39 -32.41
C MET WA 98 106.52 -74.89 -32.53
N ALA WA 99 107.23 -74.26 -31.62
CA ALA WA 99 107.35 -72.81 -31.64
C ALA WA 99 108.22 -72.34 -32.79
N LYS WA 100 109.31 -73.07 -33.09
CA LYS WA 100 110.11 -72.71 -34.25
C LYS WA 100 109.30 -72.83 -35.53
N SER WA 101 108.50 -73.88 -35.67
CA SER WA 101 107.71 -74.05 -36.90
C SER WA 101 106.62 -72.98 -37.00
N VAL WA 102 106.01 -72.61 -35.87
CA VAL WA 102 105.00 -71.56 -35.93
C VAL WA 102 105.63 -70.23 -36.32
N LYS WA 103 106.81 -69.93 -35.78
CA LYS WA 103 107.51 -68.72 -36.21
C LYS WA 103 107.85 -68.81 -37.69
N ASN WA 104 108.18 -70.00 -38.18
CA ASN WA 104 108.45 -70.20 -39.60
C ASN WA 104 107.21 -69.88 -40.43
N GLN WA 105 106.03 -70.29 -39.98
CA GLN WA 105 104.82 -70.18 -40.77
C GLN WA 105 104.07 -68.87 -40.59
N VAL WA 106 104.39 -68.08 -39.56
CA VAL WA 106 103.62 -66.89 -39.22
C VAL WA 106 104.47 -65.62 -39.34
N CYS WA 107 105.64 -65.62 -38.72
CA CYS WA 107 106.42 -64.40 -38.62
C CYS WA 107 107.59 -64.36 -39.58
N ASP WA 108 108.30 -65.48 -39.76
CA ASP WA 108 109.57 -65.45 -40.48
C ASP WA 108 109.40 -65.32 -41.98
N ASN WA 109 108.27 -65.78 -42.53
CA ASN WA 109 108.03 -65.60 -43.95
C ASN WA 109 107.23 -64.34 -44.23
N TYR WA 110 107.01 -63.50 -43.21
CA TYR WA 110 106.23 -62.28 -43.34
C TYR WA 110 104.82 -62.57 -43.80
N TYR WA 111 104.34 -63.78 -43.50
CA TYR WA 111 102.93 -64.08 -43.70
C TYR WA 111 102.07 -63.07 -42.96
N ARG WA 112 102.19 -63.05 -41.64
CA ARG WA 112 101.48 -62.05 -40.86
C ARG WA 112 102.16 -61.87 -39.52
N PRO WA 113 103.18 -61.00 -39.45
CA PRO WA 113 103.92 -60.81 -38.19
C PRO WA 113 103.09 -60.18 -37.10
N ASP WA 114 101.91 -59.66 -37.43
CA ASP WA 114 101.03 -59.08 -36.43
C ASP WA 114 100.81 -60.05 -35.29
N LEU WA 115 100.47 -61.28 -35.65
CA LEU WA 115 100.08 -62.36 -34.76
C LEU WA 115 101.23 -63.32 -34.52
N THR WA 116 102.43 -62.77 -34.40
CA THR WA 116 103.58 -63.56 -33.97
C THR WA 116 103.43 -63.97 -32.52
N LYS WA 117 103.40 -62.98 -31.62
CA LYS WA 117 103.27 -63.29 -30.19
C LYS WA 117 101.94 -63.95 -29.86
N PRO WA 118 100.78 -63.46 -30.33
CA PRO WA 118 99.53 -64.12 -29.97
C PRO WA 118 99.42 -65.57 -30.42
N ALA WA 119 99.90 -65.89 -31.62
CA ALA WA 119 99.80 -67.28 -32.07
C ALA WA 119 100.62 -68.19 -31.17
N LEU WA 120 101.80 -67.73 -30.76
CA LEU WA 120 102.62 -68.53 -29.86
C LEU WA 120 101.98 -68.64 -28.49
N ALA WA 121 101.35 -67.57 -27.99
CA ALA WA 121 100.68 -67.67 -26.70
C ALA WA 121 99.56 -68.70 -26.75
N ARG WA 122 98.76 -68.68 -27.81
CA ARG WA 122 97.73 -69.71 -27.94
C ARG WA 122 98.36 -71.08 -28.09
N LEU WA 123 99.51 -71.17 -28.73
CA LEU WA 123 100.17 -72.47 -28.85
C LEU WA 123 100.59 -72.99 -27.48
N SER WA 124 101.11 -72.11 -26.63
CA SER WA 124 101.44 -72.49 -25.26
C SER WA 124 100.20 -72.98 -24.53
N ALA WA 125 99.09 -72.25 -24.66
CA ALA WA 125 97.88 -72.63 -23.95
C ALA WA 125 97.35 -73.97 -24.44
N VAL WA 126 97.31 -74.17 -25.75
CA VAL WA 126 96.82 -75.42 -26.32
C VAL WA 126 97.71 -76.58 -25.91
N TYR WA 127 99.03 -76.38 -25.99
CA TYR WA 127 99.97 -77.43 -25.65
C TYR WA 127 99.80 -77.86 -24.20
N ARG WA 128 99.76 -76.90 -23.27
CA ARG WA 128 99.63 -77.28 -21.88
C ARG WA 128 98.24 -77.82 -21.58
N SER WA 129 97.22 -77.40 -22.33
CA SER WA 129 95.90 -78.00 -22.20
C SER WA 129 95.96 -79.48 -22.54
N LEU WA 130 96.64 -79.82 -23.62
CA LEU WA 130 96.77 -81.22 -23.99
C LEU WA 130 97.62 -81.96 -22.96
N GLN WA 131 98.64 -81.30 -22.46
CA GLN WA 131 99.53 -81.89 -21.46
C GLN WA 131 98.76 -82.26 -20.20
N VAL WA 132 97.86 -81.38 -19.76
CA VAL WA 132 97.09 -81.68 -18.56
C VAL WA 132 95.94 -82.65 -18.87
N SER WA 133 95.41 -82.66 -20.09
CA SER WA 133 94.46 -83.71 -20.43
C SER WA 133 95.13 -85.07 -20.38
N LYS WA 134 96.43 -85.12 -20.64
CA LYS WA 134 97.16 -86.37 -20.52
C LYS WA 134 97.46 -86.72 -19.08
N SER WA 135 98.05 -85.79 -18.34
CA SER WA 135 98.56 -86.12 -17.01
C SER WA 135 97.48 -86.01 -15.94
N GLY WA 136 96.75 -84.91 -15.90
CA GLY WA 136 95.81 -84.63 -14.85
C GLY WA 136 96.14 -83.32 -14.16
N ILE WA 137 95.36 -83.03 -13.12
CA ILE WA 137 95.48 -81.75 -12.41
C ILE WA 137 96.47 -81.98 -11.28
N LYS WA 138 97.76 -81.82 -11.60
CA LYS WA 138 98.81 -81.95 -10.61
C LYS WA 138 99.11 -80.63 -9.91
N LYS WA 139 98.76 -79.52 -10.55
CA LYS WA 139 99.03 -78.19 -10.05
C LYS WA 139 97.76 -77.36 -10.02
N LYS WA 140 97.55 -76.67 -8.90
CA LYS WA 140 96.37 -75.83 -8.74
C LYS WA 140 96.50 -74.53 -9.51
N ASN WA 141 97.73 -74.13 -9.84
CA ASN WA 141 98.02 -73.01 -10.75
C ASN WA 141 97.38 -71.72 -10.25
N ARG WA 142 97.58 -71.42 -8.97
CA ARG WA 142 96.95 -70.26 -8.37
C ARG WA 142 97.92 -69.26 -7.76
N GLN WA 143 99.15 -69.65 -7.51
CA GLN WA 143 100.16 -68.67 -7.10
C GLN WA 143 100.77 -68.00 -8.32
N SER XA 10 -77.14 -18.62 -13.75
CA SER XA 10 -77.71 -18.57 -12.41
C SER XA 10 -77.11 -19.65 -11.51
N GLY XA 11 -75.78 -19.62 -11.38
CA GLY XA 11 -75.10 -20.55 -10.48
C GLY XA 11 -75.50 -20.36 -9.03
N GLU XA 12 -75.64 -19.11 -8.60
CA GLU XA 12 -76.15 -18.89 -7.26
C GLU XA 12 -77.62 -19.31 -7.14
N ASN XA 13 -78.40 -19.12 -8.19
CA ASN XA 13 -79.79 -19.57 -8.15
C ASN XA 13 -79.92 -21.08 -8.18
N ILE XA 14 -78.90 -21.82 -8.60
CA ILE XA 14 -78.97 -23.28 -8.43
C ILE XA 14 -78.39 -23.66 -7.07
N ASN XA 15 -77.42 -22.90 -6.58
CA ASN XA 15 -76.84 -23.19 -5.28
C ASN XA 15 -77.87 -23.04 -4.18
N ASN XA 16 -78.67 -21.97 -4.22
CA ASN XA 16 -79.67 -21.78 -3.18
C ASN XA 16 -80.77 -22.83 -3.25
N LYS XA 17 -81.23 -23.16 -4.46
CA LYS XA 17 -82.25 -24.20 -4.56
C LYS XA 17 -81.72 -25.52 -4.02
N LEU XA 18 -80.47 -25.85 -4.32
CA LEU XA 18 -79.94 -27.11 -3.82
C LEU XA 18 -79.78 -27.06 -2.31
N GLN XA 19 -79.41 -25.90 -1.77
CA GLN XA 19 -79.38 -25.73 -0.32
C GLN XA 19 -80.73 -26.04 0.29
N LEU XA 20 -81.81 -25.62 -0.37
CA LEU XA 20 -83.15 -25.90 0.15
C LEU XA 20 -83.54 -27.36 -0.01
N VAL XA 21 -83.10 -27.98 -1.10
CA VAL XA 21 -83.33 -29.43 -1.25
C VAL XA 21 -82.63 -30.18 -0.13
N MET XA 22 -81.47 -29.69 0.31
CA MET XA 22 -80.78 -30.36 1.41
C MET XA 22 -81.60 -30.34 2.70
N LYS XA 23 -82.29 -29.24 2.98
CA LYS XA 23 -83.12 -29.19 4.17
C LYS XA 23 -84.43 -29.93 4.03
N SER XA 24 -85.02 -29.94 2.83
CA SER XA 24 -86.37 -30.46 2.67
C SER XA 24 -86.41 -31.87 2.08
N GLY XA 25 -85.86 -32.06 0.88
CA GLY XA 25 -86.16 -33.24 0.10
C GLY XA 25 -85.24 -34.40 0.40
N LYS XA 26 -85.50 -35.49 -0.31
CA LYS XA 26 -84.64 -36.67 -0.29
C LYS XA 26 -83.55 -36.50 -1.33
N TYR XA 27 -82.32 -36.82 -0.95
CA TYR XA 27 -81.18 -36.66 -1.82
C TYR XA 27 -80.13 -37.70 -1.49
N THR XA 28 -79.27 -37.98 -2.47
CA THR XA 28 -78.25 -39.02 -2.31
C THR XA 28 -76.94 -38.54 -2.91
N LEU XA 29 -75.84 -38.84 -2.23
CA LEU XA 29 -74.53 -38.34 -2.59
C LEU XA 29 -73.58 -39.50 -2.89
N GLY XA 30 -72.76 -39.31 -3.90
CA GLY XA 30 -71.72 -40.28 -4.13
C GLY XA 30 -72.01 -41.17 -5.33
N TYR XA 31 -70.94 -41.63 -5.98
CA TYR XA 31 -71.07 -42.36 -7.23
C TYR XA 31 -71.75 -43.70 -7.04
N LYS XA 32 -71.30 -44.48 -6.07
CA LYS XA 32 -71.79 -45.85 -5.93
C LYS XA 32 -73.26 -45.89 -5.55
N THR XA 33 -73.80 -44.84 -4.95
CA THR XA 33 -75.22 -44.80 -4.61
C THR XA 33 -76.05 -44.04 -5.62
N VAL XA 34 -75.50 -43.02 -6.29
CA VAL XA 34 -76.26 -42.42 -7.38
C VAL XA 34 -76.50 -43.46 -8.46
N LEU XA 35 -75.54 -44.35 -8.69
CA LEU XA 35 -75.79 -45.43 -9.64
C LEU XA 35 -76.91 -46.33 -9.17
N LYS XA 36 -76.94 -46.67 -7.87
CA LYS XA 36 -78.01 -47.52 -7.39
C LYS XA 36 -79.36 -46.84 -7.55
N THR XA 37 -79.42 -45.53 -7.34
CA THR XA 37 -80.67 -44.82 -7.60
C THR XA 37 -81.04 -44.90 -9.07
N LEU XA 38 -80.06 -44.79 -9.97
CA LEU XA 38 -80.39 -44.89 -11.39
C LEU XA 38 -80.92 -46.28 -11.74
N ARG XA 39 -80.29 -47.34 -11.23
CA ARG XA 39 -80.79 -48.68 -11.57
C ARG XA 39 -82.18 -48.91 -10.96
N SER XA 40 -82.42 -48.42 -9.75
CA SER XA 40 -83.77 -48.47 -9.23
C SER XA 40 -84.71 -47.50 -9.93
N SER XA 41 -84.18 -46.62 -10.77
CA SER XA 41 -84.91 -45.52 -11.41
C SER XA 41 -85.53 -44.57 -10.38
N LYS XA 42 -85.13 -44.68 -9.12
CA LYS XA 42 -85.77 -43.90 -8.06
C LYS XA 42 -85.37 -42.42 -8.11
N GLY XA 43 -84.25 -42.09 -8.74
CA GLY XA 43 -83.84 -40.70 -8.80
C GLY XA 43 -84.64 -39.92 -9.81
N LYS XA 44 -84.61 -38.59 -9.67
CA LYS XA 44 -85.33 -37.69 -10.56
C LYS XA 44 -84.46 -36.65 -11.23
N LEU XA 45 -83.23 -36.46 -10.78
CA LEU XA 45 -82.32 -35.48 -11.36
C LEU XA 45 -80.92 -35.77 -10.86
N ILE XA 46 -79.93 -35.59 -11.72
CA ILE XA 46 -78.55 -35.89 -11.40
C ILE XA 46 -77.76 -34.60 -11.50
N ILE XA 47 -76.90 -34.35 -10.52
CA ILE XA 47 -76.00 -33.19 -10.53
C ILE XA 47 -74.57 -33.69 -10.50
N LEU XA 48 -73.76 -33.17 -11.41
CA LEU XA 48 -72.41 -33.68 -11.62
C LEU XA 48 -71.41 -32.55 -11.47
N ALA XA 49 -70.41 -32.75 -10.62
CA ALA XA 49 -69.37 -31.74 -10.51
C ALA XA 49 -68.56 -31.67 -11.80
N ASN XA 50 -67.94 -30.52 -12.03
CA ASN XA 50 -67.31 -30.29 -13.33
C ASN XA 50 -66.08 -31.16 -13.52
N ASN XA 51 -65.36 -31.47 -12.45
CA ASN XA 51 -64.14 -32.27 -12.56
C ASN XA 51 -64.36 -33.71 -12.16
N CYS XA 52 -65.60 -34.19 -12.18
CA CYS XA 52 -65.85 -35.60 -12.01
C CYS XA 52 -65.06 -36.36 -13.08
N PRO XA 53 -64.29 -37.38 -12.72
CA PRO XA 53 -63.39 -38.03 -13.68
C PRO XA 53 -64.13 -38.44 -14.94
N PRO XA 54 -63.58 -38.15 -16.12
CA PRO XA 54 -64.38 -38.24 -17.35
C PRO XA 54 -65.00 -39.59 -17.60
N LEU XA 55 -64.32 -40.68 -17.23
CA LEU XA 55 -64.94 -42.00 -17.34
C LEU XA 55 -66.21 -42.09 -16.49
N ARG XA 56 -66.11 -41.71 -15.22
CA ARG XA 56 -67.26 -41.76 -14.33
C ARG XA 56 -68.38 -40.86 -14.84
N LYS XA 57 -68.01 -39.64 -15.24
CA LYS XA 57 -69.01 -38.68 -15.67
C LYS XA 57 -69.73 -39.17 -16.91
N SER XA 58 -68.99 -39.71 -17.87
CA SER XA 58 -69.64 -40.18 -19.08
C SER XA 58 -70.49 -41.42 -18.82
N GLU XA 59 -70.09 -42.28 -17.89
CA GLU XA 59 -70.95 -43.44 -17.65
C GLU XA 59 -72.21 -43.04 -16.91
N ILE XA 60 -72.13 -42.08 -15.98
CA ILE XA 60 -73.34 -41.58 -15.35
C ILE XA 60 -74.24 -40.90 -16.38
N GLU XA 61 -73.64 -40.16 -17.32
CA GLU XA 61 -74.41 -39.60 -18.42
C GLU XA 61 -75.11 -40.71 -19.20
N TYR XA 62 -74.42 -41.82 -19.41
CA TYR XA 62 -75.01 -42.93 -20.14
C TYR XA 62 -76.21 -43.51 -19.41
N TYR XA 63 -76.05 -43.79 -18.12
CA TYR XA 63 -77.18 -44.34 -17.38
C TYR XA 63 -78.33 -43.35 -17.36
N ALA XA 64 -78.03 -42.06 -17.29
CA ALA XA 64 -79.08 -41.05 -17.31
C ALA XA 64 -79.84 -41.08 -18.62
N MET XA 65 -79.11 -41.19 -19.73
CA MET XA 65 -79.76 -41.30 -21.03
C MET XA 65 -80.65 -42.53 -21.08
N LEU XA 66 -80.17 -43.65 -20.53
CA LEU XA 66 -80.98 -44.86 -20.52
C LEU XA 66 -82.23 -44.72 -19.66
N ALA XA 67 -82.10 -44.06 -18.51
CA ALA XA 67 -83.19 -43.92 -17.56
C ALA XA 67 -84.04 -42.70 -17.82
N LYS XA 68 -83.79 -41.97 -18.91
CA LYS XA 68 -84.60 -40.84 -19.31
C LYS XA 68 -84.61 -39.76 -18.22
N ILE XA 69 -83.52 -39.65 -17.47
CA ILE XA 69 -83.45 -38.75 -16.33
C ILE XA 69 -82.53 -37.60 -16.67
N SER XA 70 -82.82 -36.42 -16.11
CA SER XA 70 -82.08 -35.22 -16.45
C SER XA 70 -80.74 -35.17 -15.73
N VAL XA 71 -79.77 -34.58 -16.40
CA VAL XA 71 -78.43 -34.35 -15.86
C VAL XA 71 -78.12 -32.87 -15.93
N HIS XA 72 -77.69 -32.32 -14.81
CA HIS XA 72 -77.25 -30.95 -14.69
C HIS XA 72 -75.79 -30.95 -14.29
N HIS XA 73 -75.03 -30.04 -14.87
CA HIS XA 73 -73.59 -29.97 -14.65
C HIS XA 73 -73.30 -28.77 -13.78
N PHE XA 74 -72.80 -29.02 -12.58
CA PHE XA 74 -72.59 -27.96 -11.62
C PHE XA 74 -71.49 -27.03 -12.09
N HIS XA 75 -71.59 -25.78 -11.65
CA HIS XA 75 -70.78 -24.72 -12.19
C HIS XA 75 -69.48 -24.51 -11.43
N GLY XA 76 -69.23 -25.31 -10.39
CA GLY XA 76 -68.06 -25.12 -9.54
C GLY XA 76 -67.01 -26.20 -9.69
N ASN XA 77 -66.93 -27.11 -8.72
CA ASN XA 77 -66.09 -28.31 -8.77
C ASN XA 77 -66.63 -29.24 -7.69
N ASN XA 78 -65.89 -30.31 -7.39
CA ASN XA 78 -66.43 -31.26 -6.43
C ASN XA 78 -66.45 -30.68 -5.01
N VAL XA 79 -65.42 -29.94 -4.63
CA VAL XA 79 -65.45 -29.27 -3.33
C VAL XA 79 -66.59 -28.27 -3.29
N ASP XA 80 -66.84 -27.60 -4.41
CA ASP XA 80 -67.91 -26.61 -4.45
C ASP XA 80 -69.27 -27.28 -4.36
N LEU XA 81 -69.44 -28.44 -4.97
CA LEU XA 81 -70.70 -29.16 -4.85
C LEU XA 81 -70.93 -29.61 -3.43
N GLY XA 82 -69.89 -30.12 -2.76
CA GLY XA 82 -70.03 -30.46 -1.37
C GLY XA 82 -70.44 -29.27 -0.52
N THR XA 83 -69.78 -28.13 -0.74
CA THR XA 83 -70.13 -26.93 0.02
C THR XA 83 -71.57 -26.51 -0.26
N ALA XA 84 -71.98 -26.56 -1.53
CA ALA XA 84 -73.35 -26.21 -1.89
C ALA XA 84 -74.36 -27.11 -1.20
N CYS XA 85 -74.09 -28.41 -1.17
CA CYS XA 85 -74.94 -29.30 -0.40
C CYS XA 85 -74.75 -29.13 1.09
N GLY XA 86 -73.85 -28.26 1.52
CA GLY XA 86 -73.72 -28.01 2.93
C GLY XA 86 -73.16 -29.21 3.65
N LYS XA 87 -72.27 -29.94 2.99
CA LYS XA 87 -71.58 -31.07 3.57
C LYS XA 87 -70.09 -30.76 3.59
N TYR XA 88 -69.41 -31.34 4.55
CA TYR XA 88 -68.04 -30.93 4.87
C TYR XA 88 -66.99 -31.64 4.03
N TYR XA 89 -67.39 -32.49 3.11
CA TYR XA 89 -66.48 -33.36 2.37
C TYR XA 89 -66.59 -33.11 0.87
N ARG XA 90 -65.87 -33.91 0.10
CA ARG XA 90 -65.86 -33.77 -1.35
C ARG XA 90 -66.98 -34.59 -1.94
N VAL XA 91 -67.78 -33.98 -2.82
CA VAL XA 91 -68.88 -34.66 -3.49
C VAL XA 91 -68.80 -34.34 -4.97
N CYS XA 92 -68.91 -35.36 -5.82
CA CYS XA 92 -68.95 -35.14 -7.25
C CYS XA 92 -70.21 -35.68 -7.92
N CYS XA 93 -71.04 -36.43 -7.21
CA CYS XA 93 -72.27 -36.95 -7.77
C CYS XA 93 -73.42 -36.64 -6.84
N LEU XA 94 -74.60 -36.37 -7.41
CA LEU XA 94 -75.76 -36.10 -6.59
C LEU XA 94 -77.01 -36.57 -7.32
N SER XA 95 -77.97 -37.11 -6.57
CA SER XA 95 -79.28 -37.46 -7.12
C SER XA 95 -80.36 -36.89 -6.23
N ILE XA 96 -81.36 -36.26 -6.85
CA ILE XA 96 -82.48 -35.68 -6.14
C ILE XA 96 -83.61 -36.70 -6.17
N LEU XA 97 -83.81 -37.40 -5.05
CA LEU XA 97 -84.84 -38.43 -5.00
C LEU XA 97 -86.23 -37.80 -4.98
N ASP XA 98 -86.51 -37.01 -3.94
CA ASP XA 98 -87.71 -36.21 -3.85
C ASP XA 98 -87.31 -34.74 -3.84
N PRO XA 99 -87.71 -33.96 -4.83
CA PRO XA 99 -87.32 -32.54 -4.87
C PRO XA 99 -87.69 -31.78 -3.61
N GLY XA 100 -88.68 -32.25 -2.88
CA GLY XA 100 -89.08 -31.55 -1.66
C GLY XA 100 -89.76 -30.25 -1.96
N ASP XA 101 -89.66 -29.32 -1.01
CA ASP XA 101 -90.29 -28.00 -1.13
C ASP XA 101 -89.34 -27.03 -1.82
N SER XA 102 -88.92 -27.40 -3.03
CA SER XA 102 -87.92 -26.63 -3.77
C SER XA 102 -88.30 -26.58 -5.24
N ASP XA 103 -87.46 -25.90 -6.02
CA ASP XA 103 -87.73 -25.60 -7.42
C ASP XA 103 -86.60 -26.04 -8.34
N ILE XA 104 -85.95 -27.17 -8.05
CA ILE XA 104 -84.87 -27.62 -8.92
C ILE XA 104 -85.41 -28.30 -10.17
N ILE XA 105 -86.29 -29.29 -9.99
CA ILE XA 105 -86.91 -29.93 -11.15
C ILE XA 105 -87.72 -28.93 -11.95
N SER XA 106 -88.15 -27.84 -11.32
CA SER XA 106 -88.98 -26.79 -11.89
C SER XA 106 -88.28 -25.99 -12.96
N THR XA 107 -87.06 -26.36 -13.31
CA THR XA 107 -86.43 -25.85 -14.51
C THR XA 107 -86.77 -26.76 -15.68
N GLU YA 14 24.40 -90.74 51.22
CA GLU YA 14 23.62 -90.96 52.43
C GLU YA 14 22.17 -90.54 52.23
N VAL YA 15 21.25 -91.40 52.65
CA VAL YA 15 19.83 -91.08 52.63
C VAL YA 15 19.47 -90.28 53.86
N VAL YA 16 18.73 -89.19 53.68
CA VAL YA 16 18.19 -88.45 54.81
C VAL YA 16 17.11 -87.50 54.34
N THR YA 17 16.02 -87.40 55.10
CA THR YA 17 14.94 -86.49 54.76
C THR YA 17 14.70 -85.53 55.92
N ARG YA 18 14.67 -84.23 55.61
CA ARG YA 18 14.57 -83.21 56.63
C ARG YA 18 13.55 -82.15 56.23
N GLU YA 19 12.79 -81.71 57.21
CA GLU YA 19 11.78 -80.68 57.04
C GLU YA 19 12.38 -79.32 57.37
N TYR YA 20 12.32 -78.40 56.41
CA TYR YA 20 12.81 -77.04 56.58
C TYR YA 20 11.68 -76.05 56.42
N THR YA 21 11.90 -74.86 56.98
CA THR YA 21 11.03 -73.71 56.79
C THR YA 21 11.87 -72.63 56.11
N VAL YA 22 11.58 -72.37 54.84
CA VAL YA 22 12.39 -71.47 54.03
C VAL YA 22 11.79 -70.09 54.12
N ASN YA 23 12.44 -69.17 54.83
CA ASN YA 23 11.95 -67.81 54.90
C ASN YA 23 12.17 -67.16 53.55
N LEU YA 24 11.22 -67.37 52.65
CA LEU YA 24 11.39 -67.04 51.25
C LEU YA 24 11.00 -65.61 50.96
N HIS YA 25 10.57 -64.85 51.96
CA HIS YA 25 10.37 -63.42 51.79
C HIS YA 25 11.70 -62.67 51.73
N LYS YA 26 12.63 -62.99 52.65
CA LYS YA 26 13.90 -62.25 52.61
C LYS YA 26 14.66 -62.55 51.33
N ARG YA 27 14.66 -63.81 50.90
CA ARG YA 27 15.46 -64.17 49.75
C ARG YA 27 14.92 -63.53 48.48
N LEU YA 28 13.67 -63.09 48.50
CA LEU YA 28 13.01 -62.60 47.31
C LEU YA 28 12.61 -61.14 47.44
N HIS YA 29 13.05 -60.46 48.51
CA HIS YA 29 12.85 -59.03 48.61
C HIS YA 29 13.51 -58.31 47.43
N GLY YA 30 12.79 -57.35 46.86
CA GLY YA 30 13.34 -56.51 45.82
C GLY YA 30 13.31 -57.07 44.42
N CYS YA 31 12.79 -58.27 44.23
CA CYS YA 31 12.81 -58.89 42.91
C CYS YA 31 11.72 -58.33 42.02
N THR YA 32 11.98 -58.38 40.72
CA THR YA 32 11.01 -57.95 39.73
C THR YA 32 9.78 -58.85 39.75
N PHE YA 33 8.61 -58.25 39.55
CA PHE YA 33 7.36 -58.99 39.66
C PHE YA 33 7.32 -60.16 38.68
N LYS YA 34 7.68 -59.91 37.42
CA LYS YA 34 7.65 -60.97 36.42
C LYS YA 34 8.71 -62.03 36.70
N LYS YA 35 9.42 -61.92 37.81
CA LYS YA 35 10.45 -62.87 38.13
C LYS YA 35 10.45 -63.37 39.57
N LYS YA 36 9.55 -62.89 40.43
CA LYS YA 36 9.58 -63.35 41.81
C LYS YA 36 9.31 -64.83 41.92
N ALA YA 37 8.43 -65.38 41.10
CA ALA YA 37 8.14 -66.80 41.22
C ALA YA 37 9.26 -67.65 40.61
N PRO YA 38 9.75 -67.33 39.42
CA PRO YA 38 10.91 -68.08 38.92
C PRO YA 38 12.10 -68.01 39.85
N ASN YA 39 12.36 -66.85 40.47
CA ASN YA 39 13.43 -66.79 41.44
C ASN YA 39 13.08 -67.49 42.74
N ALA YA 40 11.80 -67.65 43.06
CA ALA YA 40 11.44 -68.53 44.17
C ALA YA 40 11.86 -69.96 43.86
N ILE YA 41 11.64 -70.41 42.63
CA ILE YA 41 12.08 -71.75 42.27
C ILE YA 41 13.60 -71.86 42.31
N LYS YA 42 14.29 -70.84 41.80
CA LYS YA 42 15.75 -70.85 41.82
C LYS YA 42 16.27 -70.80 43.25
N GLU YA 43 15.58 -70.12 44.15
CA GLU YA 43 16.01 -70.08 45.54
C GLU YA 43 15.71 -71.37 46.26
N ILE YA 44 14.62 -72.04 45.91
CA ILE YA 44 14.41 -73.38 46.47
C ILE YA 44 15.54 -74.31 46.05
N ARG YA 45 15.93 -74.25 44.77
CA ARG YA 45 17.07 -75.06 44.33
C ARG YA 45 18.33 -74.69 45.09
N LYS YA 46 18.63 -73.41 45.19
CA LYS YA 46 19.87 -73.02 45.87
C LYS YA 46 19.81 -73.34 47.35
N PHE YA 47 18.64 -73.34 47.95
CA PHE YA 47 18.51 -73.71 49.34
C PHE YA 47 18.76 -75.20 49.54
N ALA YA 48 18.25 -76.02 48.63
CA ALA YA 48 18.57 -77.45 48.70
C ALA YA 48 20.06 -77.70 48.48
N GLN YA 49 20.67 -76.92 47.58
CA GLN YA 49 22.09 -77.08 47.31
C GLN YA 49 22.93 -76.69 48.52
N LYS YA 50 22.59 -75.61 49.19
CA LYS YA 50 23.28 -75.29 50.44
C LYS YA 50 22.93 -76.28 51.54
N ALA YA 51 21.74 -76.85 51.51
CA ALA YA 51 21.31 -77.75 52.59
C ALA YA 51 22.09 -79.07 52.57
N MET YA 52 22.22 -79.71 51.40
CA MET YA 52 22.94 -80.98 51.37
C MET YA 52 24.04 -81.06 50.31
N GLY YA 53 24.61 -79.94 49.89
CA GLY YA 53 25.72 -80.00 48.98
C GLY YA 53 25.49 -80.81 47.72
N THR YA 54 24.23 -81.04 47.36
CA THR YA 54 23.89 -81.87 46.23
C THR YA 54 23.66 -80.99 45.00
N ASN YA 55 24.38 -81.29 43.92
CA ASN YA 55 24.18 -80.52 42.70
C ASN YA 55 22.80 -80.76 42.12
N ASP YA 56 22.33 -82.01 42.09
CA ASP YA 56 21.11 -82.35 41.40
C ASP YA 56 19.94 -82.24 42.38
N VAL YA 57 19.05 -81.29 42.12
CA VAL YA 57 17.87 -81.04 42.93
C VAL YA 57 16.66 -81.12 42.01
N ARG YA 58 15.72 -81.99 42.35
CA ARG YA 58 14.46 -82.06 41.64
C ARG YA 58 13.35 -81.49 42.51
N ILE YA 59 12.68 -80.46 42.01
CA ILE YA 59 11.55 -79.86 42.69
C ILE YA 59 10.29 -80.58 42.24
N ASP YA 60 9.53 -81.09 43.19
CA ASP YA 60 8.32 -81.83 42.85
C ASP YA 60 7.27 -80.89 42.27
N VAL YA 61 6.48 -81.43 41.36
CA VAL YA 61 5.45 -80.62 40.69
C VAL YA 61 4.44 -80.08 41.68
N LYS YA 62 4.24 -80.74 42.81
CA LYS YA 62 3.34 -80.17 43.81
C LYS YA 62 3.95 -78.96 44.48
N LEU YA 63 5.26 -78.96 44.68
CA LEU YA 63 5.92 -77.76 45.18
C LEU YA 63 5.87 -76.64 44.17
N ASN YA 64 6.08 -76.95 42.89
CA ASN YA 64 5.93 -75.91 41.88
C ASN YA 64 4.53 -75.34 41.87
N LYS YA 65 3.53 -76.22 41.91
CA LYS YA 65 2.14 -75.77 41.90
C LYS YA 65 1.87 -74.87 43.10
N HIS YA 66 2.40 -75.24 44.27
CA HIS YA 66 2.21 -74.42 45.46
C HIS YA 66 2.83 -73.04 45.29
N ILE YA 67 4.10 -72.98 44.87
CA ILE YA 67 4.75 -71.68 44.73
C ILE YA 67 4.02 -70.82 43.72
N TRP YA 68 3.55 -71.42 42.64
CA TRP YA 68 2.94 -70.67 41.56
C TRP YA 68 1.46 -70.45 41.76
N SER YA 69 0.91 -70.89 42.90
CA SER YA 69 -0.53 -70.79 43.13
C SER YA 69 -1.00 -69.35 43.17
N SER YA 70 -0.24 -68.46 43.81
CA SER YA 70 -0.66 -67.08 44.01
C SER YA 70 -0.15 -66.15 42.92
N GLY YA 71 -0.02 -66.63 41.71
CA GLY YA 71 0.46 -65.82 40.62
C GLY YA 71 1.97 -65.77 40.55
N ILE YA 72 2.46 -64.89 39.67
CA ILE YA 72 3.88 -64.77 39.42
C ILE YA 72 4.52 -63.67 40.25
N ARG YA 73 3.72 -62.85 40.93
CA ARG YA 73 4.21 -61.65 41.57
C ARG YA 73 3.96 -61.61 43.07
N SER YA 74 3.16 -62.53 43.61
CA SER YA 74 3.03 -62.70 45.04
C SER YA 74 3.21 -64.19 45.34
N VAL YA 75 4.23 -64.51 46.12
CA VAL YA 75 4.55 -65.91 46.40
C VAL YA 75 4.32 -66.14 47.89
N PRO YA 76 4.14 -67.40 48.29
CA PRO YA 76 4.08 -67.69 49.72
C PRO YA 76 5.33 -67.20 50.41
N ARG YA 77 5.17 -66.72 51.64
CA ARG YA 77 6.26 -65.98 52.27
C ARG YA 77 7.22 -66.89 53.02
N ARG YA 78 6.70 -67.83 53.79
CA ARG YA 78 7.50 -68.93 54.32
C ARG YA 78 6.87 -70.22 53.84
N VAL YA 79 7.69 -71.12 53.34
CA VAL YA 79 7.23 -72.37 52.76
C VAL YA 79 7.84 -73.50 53.56
N ARG YA 80 7.00 -74.42 54.03
CA ARG YA 80 7.45 -75.57 54.78
C ARG YA 80 7.68 -76.69 53.78
N VAL YA 81 8.93 -77.00 53.51
CA VAL YA 81 9.25 -78.03 52.53
C VAL YA 81 9.95 -79.18 53.24
N ARG YA 82 9.96 -80.34 52.58
CA ARG YA 82 10.76 -81.46 53.03
C ARG YA 82 11.69 -81.87 51.91
N ILE YA 83 12.98 -81.93 52.21
CA ILE YA 83 13.99 -82.24 51.22
C ILE YA 83 14.52 -83.61 51.55
N ALA YA 84 14.57 -84.48 50.55
CA ALA YA 84 14.95 -85.87 50.73
C ALA YA 84 16.19 -86.14 49.89
N ARG YA 85 17.35 -86.20 50.54
CA ARG YA 85 18.56 -86.69 49.88
C ARG YA 85 18.46 -88.20 49.73
N LYS YA 86 18.39 -88.66 48.48
CA LYS YA 86 18.41 -90.07 48.16
C LYS YA 86 19.36 -90.39 47.02
N ARG YA 87 19.54 -91.69 46.81
CA ARG YA 87 20.46 -92.25 45.84
C ARG YA 87 19.93 -92.04 44.43
N ASN YA 88 20.84 -91.91 43.47
CA ASN YA 88 20.49 -91.95 42.05
C ASN YA 88 20.81 -93.34 41.51
N ASP YA 89 19.79 -94.17 41.34
CA ASP YA 89 19.99 -95.53 40.86
C ASP YA 89 20.19 -95.61 39.35
N GLU YA 90 20.03 -94.51 38.62
CA GLU YA 90 20.35 -94.48 37.20
C GLU YA 90 21.79 -94.92 36.99
N GLU YA 91 22.00 -95.88 36.09
CA GLU YA 91 23.35 -96.43 35.92
C GLU YA 91 24.32 -95.35 35.48
N ASP YA 92 23.90 -94.48 34.59
CA ASP YA 92 24.65 -93.26 34.29
C ASP YA 92 24.19 -92.14 35.22
N ALA YA 93 25.16 -91.43 35.80
CA ALA YA 93 24.83 -90.42 36.79
C ALA YA 93 26.05 -89.55 37.04
N LYS YA 94 25.81 -88.25 37.12
CA LYS YA 94 26.88 -87.33 37.46
C LYS YA 94 27.20 -87.37 38.95
N GLU YA 95 26.17 -87.44 39.79
CA GLU YA 95 26.34 -87.60 41.22
C GLU YA 95 25.72 -88.91 41.69
N GLU YA 96 26.36 -89.55 42.66
CA GLU YA 96 25.80 -90.75 43.25
C GLU YA 96 24.47 -90.47 43.96
N LEU YA 97 24.25 -89.24 44.38
CA LEU YA 97 23.17 -88.92 45.31
C LEU YA 97 22.69 -87.50 45.05
N TYR YA 98 21.37 -87.31 45.12
CA TYR YA 98 20.73 -86.06 44.76
C TYR YA 98 19.67 -85.77 45.81
N SER YA 99 18.94 -84.67 45.62
CA SER YA 99 17.91 -84.28 46.57
C SER YA 99 16.60 -83.98 45.86
N LEU YA 100 15.51 -84.45 46.45
CA LEU YA 100 14.16 -84.27 45.96
C LEU YA 100 13.41 -83.41 46.96
N VAL YA 101 13.04 -82.21 46.58
CA VAL YA 101 12.31 -81.33 47.47
C VAL YA 101 10.82 -81.40 47.14
N THR YA 102 10.00 -81.61 48.16
CA THR YA 102 8.57 -81.68 48.00
C THR YA 102 7.91 -80.77 49.02
N VAL YA 103 6.64 -80.41 48.76
CA VAL YA 103 5.91 -79.60 49.71
C VAL YA 103 5.64 -80.42 50.96
N ALA YA 104 5.58 -79.76 52.12
CA ALA YA 104 5.46 -80.47 53.37
C ALA YA 104 4.14 -80.14 54.04
N GLU YA 105 3.57 -81.14 54.71
CA GLU YA 105 2.36 -80.90 55.48
C GLU YA 105 2.64 -79.99 56.66
N VAL YA 106 1.72 -79.06 56.90
CA VAL YA 106 1.85 -78.12 58.01
C VAL YA 106 0.91 -78.56 59.13
N PRO YA 107 1.36 -78.58 60.39
CA PRO YA 107 0.43 -78.84 61.48
C PRO YA 107 -0.52 -77.67 61.64
N GLN YA 108 -1.66 -77.96 62.26
CA GLN YA 108 -2.71 -76.94 62.38
C GLN YA 108 -2.26 -75.77 63.22
N GLU YA 109 -1.18 -75.93 63.96
CA GLU YA 109 -0.59 -74.91 64.81
C GLU YA 109 -0.02 -73.73 64.03
N GLY YA 110 0.15 -73.87 62.71
CA GLY YA 110 0.89 -72.91 61.95
C GLY YA 110 2.38 -73.16 62.05
N LEU YA 111 3.14 -72.19 61.56
CA LEU YA 111 4.60 -72.25 61.57
C LEU YA 111 5.22 -71.68 62.83
N LYS YA 112 4.45 -71.55 63.90
CA LYS YA 112 4.96 -70.97 65.13
C LYS YA 112 5.86 -71.97 65.85
N GLY YA 113 7.06 -71.52 66.22
CA GLY YA 113 7.95 -72.33 67.01
C GLY YA 113 8.48 -73.57 66.33
N LEU YA 114 8.31 -73.71 65.02
CA LEU YA 114 8.68 -74.92 64.31
C LEU YA 114 10.00 -74.70 63.58
N GLY YA 115 11.05 -75.32 64.08
CA GLY YA 115 12.35 -75.29 63.45
C GLY YA 115 12.52 -76.40 62.44
N THR YA 116 13.78 -76.70 62.15
CA THR YA 116 14.10 -77.78 61.23
C THR YA 116 13.91 -79.11 61.92
N LYS YA 117 13.25 -80.05 61.25
CA LYS YA 117 13.07 -81.38 61.80
C LYS YA 117 13.70 -82.43 60.89
N VAL YA 118 13.84 -83.64 61.43
CA VAL YA 118 14.39 -84.79 60.68
C VAL YA 118 13.33 -85.87 60.68
N VAL YA 119 12.87 -86.26 59.48
CA VAL YA 119 11.76 -87.20 59.37
C VAL YA 119 12.28 -88.62 59.34
N GLU YA 120 11.72 -89.47 60.20
CA GLU YA 120 12.13 -90.86 60.31
C GLU YA 120 11.80 -91.65 59.04
N ALA ZA 2 95.07 -69.00 -13.93
CA ALA ZA 2 94.11 -68.96 -12.84
C ALA ZA 2 94.55 -68.00 -11.77
N VAL ZA 3 95.51 -67.14 -12.11
CA VAL ZA 3 96.00 -66.08 -11.22
C VAL ZA 3 95.48 -64.75 -11.76
N PRO ZA 4 94.89 -63.91 -10.92
CA PRO ZA 4 94.26 -62.69 -11.45
C PRO ZA 4 95.29 -61.73 -12.02
N LEU ZA 5 94.90 -61.07 -13.10
CA LEU ZA 5 95.77 -60.12 -13.78
C LEU ZA 5 95.64 -58.71 -13.22
N LEU ZA 6 94.49 -58.38 -12.62
CA LEU ZA 6 94.27 -57.05 -12.09
C LEU ZA 6 95.33 -56.69 -11.07
N THR ZA 7 95.97 -55.55 -11.28
CA THR ZA 7 97.05 -55.06 -10.42
C THR ZA 7 96.67 -53.71 -9.81
N ARG ZA 8 95.39 -53.51 -9.57
CA ARG ZA 8 94.91 -52.27 -8.98
C ARG ZA 8 93.80 -52.60 -8.00
N LYS ZA 9 93.88 -52.04 -6.80
CA LYS ZA 9 92.88 -52.33 -5.78
C LYS ZA 9 91.51 -51.82 -6.18
N ILE ZA 10 90.50 -52.66 -5.97
CA ILE ZA 10 89.14 -52.31 -6.34
C ILE ZA 10 88.57 -51.36 -5.29
N VAL ZA 11 88.20 -50.16 -5.73
CA VAL ZA 11 87.66 -49.13 -4.85
C VAL ZA 11 86.23 -48.85 -5.27
N LYS ZA 12 85.32 -48.82 -4.30
CA LYS ZA 12 83.90 -48.60 -4.54
C LYS ZA 12 83.47 -47.39 -3.73
N LYS ZA 13 82.96 -46.37 -4.40
CA LYS ZA 13 82.58 -45.15 -3.68
C LYS ZA 13 81.29 -45.33 -2.89
N ARG ZA 14 80.56 -46.42 -3.11
CA ARG ZA 14 79.37 -46.70 -2.31
C ARG ZA 14 78.99 -48.16 -2.52
N VAL ZA 15 78.79 -48.88 -1.42
CA VAL ZA 15 78.46 -50.29 -1.51
C VAL ZA 15 76.98 -50.48 -1.22
N LYS ZA 16 76.41 -49.61 -0.40
CA LYS ZA 16 74.98 -49.70 -0.11
C LYS ZA 16 74.17 -49.47 -1.38
N HIS ZA 17 73.02 -50.12 -1.45
CA HIS ZA 17 72.19 -50.00 -2.63
C HIS ZA 17 71.46 -48.66 -2.64
N PHE ZA 18 70.93 -48.30 -3.81
CA PHE ZA 18 70.16 -47.09 -3.98
C PHE ZA 18 68.70 -47.50 -4.00
N LYS ZA 19 68.14 -47.66 -2.81
CA LYS ZA 19 66.75 -48.08 -2.68
C LYS ZA 19 65.82 -46.93 -3.03
N ARG ZA 20 64.64 -47.26 -3.53
CA ARG ZA 20 63.70 -46.21 -3.90
C ARG ZA 20 63.24 -45.44 -2.68
N ALA ZA 21 63.08 -44.14 -2.84
CA ALA ZA 21 62.52 -43.31 -1.77
C ALA ZA 21 61.12 -43.81 -1.44
N HIS ZA 22 60.84 -43.93 -0.14
CA HIS ZA 22 59.57 -44.45 0.34
C HIS ZA 22 59.30 -45.88 -0.09
N SER ZA 23 60.35 -46.67 -0.35
CA SER ZA 23 60.15 -48.10 -0.47
C SER ZA 23 59.87 -48.73 0.89
N ASP ZA 24 60.20 -48.04 1.97
CA ASP ZA 24 60.05 -48.56 3.31
C ASP ZA 24 58.62 -48.53 3.82
N ARG ZA 25 57.88 -47.45 3.56
CA ARG ZA 25 56.56 -47.34 4.14
C ARG ZA 25 55.55 -48.24 3.46
N TYR ZA 26 55.77 -48.55 2.20
CA TYR ZA 26 54.82 -49.33 1.42
C TYR ZA 26 55.43 -50.66 1.01
N ILE ZA 27 54.55 -51.62 0.75
CA ILE ZA 27 54.96 -52.92 0.25
C ILE ZA 27 54.87 -52.98 -1.26
N GLY ZA 28 53.87 -52.32 -1.84
CA GLY ZA 28 53.69 -52.36 -3.28
C GLY ZA 28 54.83 -51.74 -4.05
N LEU ZA 29 55.51 -50.76 -3.45
CA LEU ZA 29 56.66 -50.18 -4.11
C LEU ZA 29 57.83 -51.15 -4.03
N LYS ZA 30 58.41 -51.47 -5.18
CA LYS ZA 30 59.54 -52.36 -5.18
C LYS ZA 30 60.78 -51.62 -4.71
N GLN ZA 31 61.82 -52.38 -4.39
CA GLN ZA 31 63.04 -51.76 -3.88
C GLN ZA 31 63.81 -51.04 -4.97
N SER ZA 32 63.50 -51.30 -6.23
CA SER ZA 32 64.31 -50.79 -7.33
C SER ZA 32 64.14 -49.29 -7.46
N TRP ZA 33 65.21 -48.63 -7.89
CA TRP ZA 33 65.26 -47.18 -7.87
C TRP ZA 33 64.40 -46.57 -8.97
N ARG ZA 34 63.63 -45.55 -8.59
CA ARG ZA 34 62.86 -44.74 -9.51
C ARG ZA 34 63.04 -43.30 -9.09
N ARG ZA 35 63.44 -42.45 -10.01
CA ARG ZA 35 63.74 -41.07 -9.65
C ARG ZA 35 62.48 -40.38 -9.15
N PRO ZA 36 62.52 -39.73 -8.00
CA PRO ZA 36 61.34 -39.01 -7.51
C PRO ZA 36 61.09 -37.78 -8.35
N LYS ZA 37 59.92 -37.73 -8.98
CA LYS ZA 37 59.57 -36.66 -9.91
C LYS ZA 37 58.72 -35.57 -9.26
N GLY ZA 38 58.58 -35.56 -7.94
CA GLY ZA 38 57.69 -34.63 -7.31
C GLY ZA 38 58.13 -33.19 -7.49
N ILE ZA 39 57.19 -32.27 -7.27
CA ILE ZA 39 57.54 -30.87 -7.26
C ILE ZA 39 57.99 -30.42 -5.88
N ASP ZA 40 57.54 -31.09 -4.82
CA ASP ZA 40 57.93 -30.75 -3.46
C ASP ZA 40 58.69 -31.87 -2.79
N SER ZA 41 59.30 -32.77 -3.56
CA SER ZA 41 59.88 -33.97 -2.99
C SER ZA 41 61.19 -33.64 -2.32
N ARG ZA 42 61.30 -33.95 -1.02
CA ARG ZA 42 62.56 -33.69 -0.35
C ARG ZA 42 63.69 -34.48 -0.96
N VAL ZA 43 63.40 -35.61 -1.58
CA VAL ZA 43 64.47 -36.36 -2.22
C VAL ZA 43 64.95 -35.66 -3.48
N ARG ZA 44 64.04 -35.13 -4.29
CA ARG ZA 44 64.47 -34.46 -5.50
C ARG ZA 44 65.18 -33.15 -5.19
N ARG ZA 45 64.72 -32.45 -4.16
CA ARG ZA 45 65.42 -31.24 -3.74
C ARG ZA 45 66.69 -31.53 -2.97
N LYS ZA 46 66.91 -32.78 -2.56
CA LYS ZA 46 68.16 -33.21 -1.95
C LYS ZA 46 68.41 -32.51 -0.61
N PHE ZA 47 67.38 -32.40 0.22
CA PHE ZA 47 67.63 -32.00 1.59
C PHE ZA 47 68.53 -33.02 2.26
N LYS ZA 48 69.41 -32.54 3.13
CA LYS ZA 48 70.23 -33.45 3.90
C LYS ZA 48 69.36 -34.24 4.86
N GLY ZA 49 69.69 -35.51 5.06
CA GLY ZA 49 68.90 -36.40 5.87
C GLY ZA 49 67.94 -37.27 5.09
N CYS ZA 50 67.79 -37.04 3.79
CA CYS ZA 50 66.92 -37.83 2.95
C CYS ZA 50 67.76 -38.70 2.04
N THR ZA 51 67.13 -39.72 1.45
CA THR ZA 51 67.86 -40.69 0.66
C THR ZA 51 68.73 -40.00 -0.38
N LEU ZA 52 69.83 -40.66 -0.73
CA LEU ZA 52 70.73 -40.16 -1.77
C LEU ZA 52 70.32 -40.69 -3.12
N MET ZA 53 70.38 -39.84 -4.14
CA MET ZA 53 70.13 -40.34 -5.48
C MET ZA 53 71.39 -40.83 -6.14
N PRO ZA 54 71.27 -41.71 -7.13
CA PRO ZA 54 72.41 -42.05 -7.96
C PRO ZA 54 72.75 -40.89 -8.89
N ASN ZA 55 74.00 -40.45 -8.82
CA ASN ZA 55 74.56 -39.54 -9.81
C ASN ZA 55 75.42 -40.36 -10.75
N ILE ZA 56 76.08 -39.66 -11.68
CA ILE ZA 56 77.18 -40.28 -12.40
C ILE ZA 56 78.46 -40.21 -11.59
N GLY ZA 57 78.50 -39.34 -10.57
CA GLY ZA 57 79.71 -39.17 -9.79
C GLY ZA 57 80.08 -40.38 -8.96
N TYR ZA 58 79.11 -41.22 -8.64
CA TYR ZA 58 79.38 -42.44 -7.91
C TYR ZA 58 79.99 -43.53 -8.76
N GLY ZA 59 80.27 -43.24 -10.03
CA GLY ZA 59 80.79 -44.27 -10.92
C GLY ZA 59 82.11 -44.80 -10.43
N SER ZA 60 82.39 -46.06 -10.78
CA SER ZA 60 83.63 -46.68 -10.38
C SER ZA 60 84.66 -46.60 -11.49
N ASP ZA 61 85.90 -46.86 -11.14
CA ASP ZA 61 87.00 -46.77 -12.09
C ASP ZA 61 86.75 -47.69 -13.27
N LYS ZA 62 87.07 -47.23 -14.47
CA LYS ZA 62 86.90 -48.05 -15.66
C LYS ZA 62 87.82 -49.25 -15.64
N LYS ZA 63 89.02 -49.10 -15.10
CA LYS ZA 63 89.96 -50.20 -15.09
C LYS ZA 63 89.74 -51.18 -13.95
N THR ZA 64 88.83 -50.88 -13.04
CA THR ZA 64 88.42 -51.83 -12.01
C THR ZA 64 86.92 -52.00 -12.01
N ARG ZA 65 86.32 -52.05 -13.19
CA ARG ZA 65 84.89 -52.15 -13.32
C ARG ZA 65 84.51 -53.54 -13.82
N HIS ZA 66 83.47 -54.10 -13.21
CA HIS ZA 66 82.93 -55.42 -13.51
C HIS ZA 66 83.84 -56.53 -13.03
N TYR ZA 67 84.93 -56.21 -12.34
CA TYR ZA 67 85.73 -57.23 -11.69
C TYR ZA 67 85.00 -57.74 -10.46
N LEU ZA 68 84.85 -59.05 -10.38
CA LEU ZA 68 84.25 -59.69 -9.24
C LEU ZA 68 85.18 -59.47 -8.05
N PRO ZA 69 84.78 -59.91 -6.85
CA PRO ZA 69 85.77 -59.97 -5.76
C PRO ZA 69 86.92 -60.90 -6.09
N ASN ZA 70 86.77 -61.77 -7.08
CA ASN ZA 70 87.84 -62.65 -7.51
C ASN ZA 70 88.95 -61.92 -8.25
N LYS ZA 71 88.67 -60.69 -8.71
CA LYS ZA 71 89.53 -59.92 -9.61
C LYS ZA 71 89.48 -60.47 -11.03
N PHE ZA 72 88.33 -61.02 -11.42
CA PHE ZA 72 88.08 -61.44 -12.79
C PHE ZA 72 86.74 -60.88 -13.25
N LYS ZA 73 86.63 -60.56 -14.53
CA LYS ZA 73 85.34 -60.19 -15.09
C LYS ZA 73 84.57 -61.44 -15.44
N LYS ZA 74 83.27 -61.45 -15.17
CA LYS ZA 74 82.53 -62.69 -15.36
C LYS ZA 74 81.99 -62.80 -16.79
N PHE ZA 75 81.81 -64.03 -17.22
CA PHE ZA 75 81.32 -64.35 -18.56
C PHE ZA 75 80.53 -65.63 -18.43
N VAL ZA 76 79.25 -65.59 -18.80
CA VAL ZA 76 78.36 -66.72 -18.57
C VAL ZA 76 78.39 -67.64 -19.79
N VAL ZA 77 78.61 -68.93 -19.55
CA VAL ZA 77 78.79 -69.93 -20.58
C VAL ZA 77 77.68 -70.96 -20.47
N HIS ZA 78 77.10 -71.33 -21.60
CA HIS ZA 78 76.06 -72.35 -21.60
C HIS ZA 78 76.58 -73.74 -21.93
N ASN ZA 79 77.77 -73.87 -22.51
CA ASN ZA 79 78.21 -75.16 -22.98
C ASN ZA 79 79.73 -75.18 -23.15
N VAL ZA 80 80.25 -76.37 -23.41
CA VAL ZA 80 81.69 -76.55 -23.57
C VAL ZA 80 82.19 -75.75 -24.76
N SER ZA 81 81.36 -75.59 -25.78
CA SER ZA 81 81.76 -74.90 -26.99
C SER ZA 81 82.20 -73.49 -26.69
N GLU ZA 82 81.45 -72.76 -25.88
CA GLU ZA 82 81.86 -71.41 -25.52
C GLU ZA 82 82.63 -71.34 -24.22
N LEU ZA 83 82.75 -72.44 -23.48
CA LEU ZA 83 83.76 -72.48 -22.44
C LEU ZA 83 85.15 -72.43 -23.03
N GLU ZA 84 85.39 -73.19 -24.09
CA GLU ZA 84 86.75 -73.35 -24.59
C GLU ZA 84 87.32 -72.08 -25.21
N LEU ZA 85 86.52 -71.05 -25.42
CA LEU ZA 85 87.02 -69.84 -26.05
C LEU ZA 85 87.56 -68.84 -25.04
N LEU ZA 86 87.74 -69.25 -23.79
CA LEU ZA 86 88.39 -68.44 -22.78
C LEU ZA 86 89.81 -68.91 -22.50
N MET ZA 87 90.44 -69.59 -23.45
CA MET ZA 87 91.81 -70.06 -23.24
C MET ZA 87 92.75 -68.90 -22.90
N MET ZA 88 92.74 -67.85 -23.70
CA MET ZA 88 93.63 -66.72 -23.49
C MET ZA 88 92.92 -65.56 -22.81
N HIS ZA 89 92.03 -65.87 -21.89
CA HIS ZA 89 91.47 -64.82 -21.04
C HIS ZA 89 91.35 -65.30 -19.60
N ASN ZA 90 91.85 -66.48 -19.27
CA ASN ZA 90 91.65 -67.05 -17.94
C ASN ZA 90 92.33 -66.22 -16.86
N ARG ZA 91 93.27 -65.36 -17.22
CA ARG ZA 91 93.85 -64.46 -16.24
C ARG ZA 91 92.98 -63.24 -15.99
N THR ZA 92 91.97 -63.01 -16.83
CA THR ZA 92 91.10 -61.84 -16.68
C THR ZA 92 89.62 -62.15 -16.78
N TYR ZA 93 89.21 -63.27 -17.35
CA TYR ZA 93 87.80 -63.60 -17.43
C TYR ZA 93 87.52 -64.90 -16.69
N CYS ZA 94 86.36 -64.93 -16.06
CA CYS ZA 94 85.93 -66.02 -15.20
C CYS ZA 94 84.65 -66.59 -15.77
N ALA ZA 95 84.60 -67.89 -15.96
CA ALA ZA 95 83.40 -68.51 -16.50
C ALA ZA 95 82.39 -68.69 -15.39
N GLU ZA 96 81.11 -68.53 -15.73
CA GLU ZA 96 80.01 -68.95 -14.87
C GLU ZA 96 79.06 -69.76 -15.72
N ILE ZA 97 78.82 -71.01 -15.33
CA ILE ZA 97 77.91 -71.86 -16.11
C ILE ZA 97 76.50 -71.36 -15.88
N ALA ZA 98 75.71 -71.27 -16.95
CA ALA ZA 98 74.44 -70.58 -16.87
C ALA ZA 98 73.46 -71.32 -15.97
N HIS ZA 99 72.48 -70.57 -15.46
CA HIS ZA 99 71.64 -71.07 -14.36
C HIS ZA 99 70.69 -72.17 -14.78
N ASN ZA 100 70.58 -72.47 -16.07
CA ASN ZA 100 69.56 -73.38 -16.54
C ASN ZA 100 70.14 -74.60 -17.26
N VAL ZA 101 71.44 -74.85 -17.14
CA VAL ZA 101 72.05 -76.04 -17.72
C VAL ZA 101 71.75 -77.24 -16.82
N SER ZA 102 72.00 -78.43 -17.33
CA SER ZA 102 71.85 -79.62 -16.50
C SER ZA 102 73.12 -79.92 -15.72
N THR ZA 103 72.96 -80.68 -14.64
CA THR ZA 103 74.12 -81.08 -13.85
C THR ZA 103 75.07 -81.93 -14.68
N LYS ZA 104 74.54 -82.73 -15.59
CA LYS ZA 104 75.38 -83.53 -16.45
C LYS ZA 104 76.32 -82.65 -17.26
N LYS ZA 105 75.76 -81.65 -17.94
CA LYS ZA 105 76.60 -80.77 -18.75
C LYS ZA 105 77.51 -79.93 -17.87
N ARG ZA 106 77.09 -79.63 -16.64
CA ARG ZA 106 77.98 -78.90 -15.74
C ARG ZA 106 79.21 -79.72 -15.40
N LYS ZA 107 79.04 -81.02 -15.16
CA LYS ZA 107 80.23 -81.84 -14.93
C LYS ZA 107 81.19 -81.73 -16.09
N ASP ZA 108 80.67 -81.77 -17.32
CA ASP ZA 108 81.53 -81.71 -18.50
C ASP ZA 108 82.22 -80.37 -18.61
N ILE ZA 109 81.49 -79.28 -18.41
CA ILE ZA 109 82.09 -77.96 -18.52
C ILE ZA 109 83.17 -77.79 -17.46
N VAL ZA 110 82.90 -78.22 -16.23
CA VAL ZA 110 83.88 -78.05 -15.16
C VAL ZA 110 85.11 -78.91 -15.43
N GLU ZA 111 84.91 -80.14 -15.91
CA GLU ZA 111 86.04 -80.97 -16.28
C GLU ZA 111 86.88 -80.31 -17.36
N ARG ZA 112 86.22 -79.75 -18.37
CA ARG ZA 112 86.93 -79.07 -19.45
C ARG ZA 112 87.66 -77.83 -18.94
N ALA ZA 113 87.04 -77.10 -18.03
CA ALA ZA 113 87.62 -75.86 -17.52
C ALA ZA 113 88.80 -76.15 -16.61
N ALA ZA 114 88.78 -77.27 -15.90
CA ALA ZA 114 89.93 -77.59 -15.06
C ALA ZA 114 91.18 -77.81 -15.90
N GLN ZA 115 91.03 -78.44 -17.07
CA GLN ZA 115 92.18 -78.71 -17.91
C GLN ZA 115 92.53 -77.54 -18.81
N LEU ZA 116 91.57 -76.68 -19.13
CA LEU ZA 116 91.93 -75.41 -19.75
C LEU ZA 116 92.38 -74.36 -18.75
N ASP ZA 117 92.35 -74.66 -17.45
CA ASP ZA 117 92.76 -73.73 -16.40
C ASP ZA 117 92.01 -72.42 -16.51
N ILE ZA 118 90.69 -72.51 -16.35
CA ILE ZA 118 89.82 -71.35 -16.36
C ILE ZA 118 89.14 -71.28 -15.01
N VAL ZA 119 89.24 -70.12 -14.37
CA VAL ZA 119 88.54 -69.91 -13.11
C VAL ZA 119 87.04 -69.97 -13.33
N VAL ZA 120 86.35 -70.73 -12.48
CA VAL ZA 120 84.91 -70.88 -12.52
C VAL ZA 120 84.38 -70.70 -11.11
N THR ZA 121 83.34 -69.90 -10.96
CA THR ZA 121 82.76 -69.66 -9.65
C THR ZA 121 81.61 -70.60 -9.32
N ASN ZA 122 81.24 -71.51 -10.22
CA ASN ZA 122 80.10 -72.39 -10.02
C ASN ZA 122 80.50 -73.86 -10.03
N LYS ZA 123 81.77 -74.16 -9.74
CA LYS ZA 123 82.17 -75.55 -9.85
C LYS ZA 123 81.61 -76.41 -8.72
N LEU ZA 124 80.98 -75.80 -7.72
CA LEU ZA 124 80.30 -76.56 -6.68
C LEU ZA 124 78.79 -76.41 -6.77
N ALA ZA 125 78.27 -76.20 -7.97
CA ALA ZA 125 76.85 -76.03 -8.20
C ALA ZA 125 76.22 -77.32 -8.67
N ARG ZA 126 75.01 -77.60 -8.18
CA ARG ZA 126 74.25 -78.77 -8.60
C ARG ZA 126 75.01 -80.07 -8.38
N LEU ZA 127 75.60 -80.22 -7.21
CA LEU ZA 127 76.13 -81.51 -6.78
C LEU ZA 127 76.34 -81.54 -5.28
N THR AB 2 2.56 -43.41 2.60
CA THR AB 2 3.58 -42.57 2.00
C THR AB 2 4.20 -43.26 0.82
N LYS AB 3 5.04 -42.55 0.08
CA LYS AB 3 5.80 -43.18 -0.97
C LYS AB 3 6.79 -44.15 -0.35
N GLY AB 4 7.11 -45.21 -1.07
CA GLY AB 4 8.11 -46.11 -0.56
C GLY AB 4 7.55 -47.33 0.13
N THR AB 5 7.98 -47.57 1.37
CA THR AB 5 7.64 -48.82 2.05
C THR AB 5 6.14 -48.95 2.25
N GLY AB 6 5.49 -47.86 2.66
CA GLY AB 6 4.05 -47.91 2.84
C GLY AB 6 3.31 -48.16 1.54
N SER AB 7 3.89 -47.77 0.42
CA SER AB 7 3.20 -47.82 -0.86
C SER AB 7 3.55 -49.04 -1.69
N PHE AB 8 4.62 -49.75 -1.35
CA PHE AB 8 4.93 -51.00 -2.03
C PHE AB 8 4.07 -52.15 -1.54
N GLY AB 9 3.26 -51.94 -0.52
CA GLY AB 9 2.40 -53.01 -0.07
C GLY AB 9 1.15 -53.19 -0.89
N LYS AB 10 0.85 -52.24 -1.76
CA LYS AB 10 -0.37 -52.29 -2.55
C LYS AB 10 -0.16 -52.76 -3.98
N ARG AB 11 1.02 -53.28 -4.29
CA ARG AB 11 1.18 -54.02 -5.54
C ARG AB 11 0.41 -55.31 -5.41
N ARG AB 12 -0.80 -55.34 -5.98
CA ARG AB 12 -1.69 -56.47 -5.79
C ARG AB 12 -2.27 -56.97 -7.10
N ASN AB 13 -2.46 -56.10 -8.08
CA ASN AB 13 -3.07 -56.46 -9.34
C ASN AB 13 -2.03 -56.50 -10.43
N LYS AB 14 -2.27 -57.32 -11.44
CA LYS AB 14 -1.27 -57.58 -12.47
C LYS AB 14 -1.58 -56.68 -13.67
N THR AB 15 -0.68 -55.73 -13.94
CA THR AB 15 -0.77 -54.96 -15.17
C THR AB 15 -0.43 -55.81 -16.38
N HIS AB 16 0.62 -56.62 -16.27
CA HIS AB 16 1.11 -57.43 -17.37
C HIS AB 16 0.86 -58.90 -17.07
N THR AB 17 0.52 -59.65 -18.11
CA THR AB 17 0.37 -61.09 -18.03
C THR AB 17 1.11 -61.68 -19.23
N LEU AB 18 1.14 -63.00 -19.33
CA LEU AB 18 1.89 -63.68 -20.38
C LEU AB 18 1.26 -63.43 -21.73
N CYS AB 19 2.06 -62.92 -22.66
CA CYS AB 19 1.64 -62.88 -24.05
C CYS AB 19 1.60 -64.29 -24.60
N ILE AB 20 0.79 -64.50 -25.63
CA ILE AB 20 0.74 -65.81 -26.24
C ILE AB 20 1.71 -65.93 -27.41
N ARG AB 21 2.03 -64.83 -28.05
CA ARG AB 21 2.97 -64.87 -29.16
C ARG AB 21 4.41 -65.04 -28.68
N CYS AB 22 4.76 -64.47 -27.54
CA CYS AB 22 6.15 -64.42 -27.12
C CYS AB 22 6.43 -65.05 -25.77
N GLY AB 23 5.41 -65.35 -24.97
CA GLY AB 23 5.61 -65.96 -23.69
C GLY AB 23 6.28 -65.09 -22.65
N ARG AB 24 6.57 -63.83 -22.97
CA ARG AB 24 7.05 -62.88 -21.99
C ARG AB 24 5.88 -62.39 -21.15
N ARG AB 25 6.19 -61.97 -19.92
CA ARG AB 25 5.19 -61.33 -19.08
C ARG AB 25 5.14 -59.85 -19.45
N SER AB 26 4.51 -59.57 -20.58
CA SER AB 26 4.46 -58.19 -21.05
C SER AB 26 3.12 -57.82 -21.65
N PHE AB 27 2.09 -58.63 -21.48
CA PHE AB 27 0.79 -58.34 -22.06
C PHE AB 27 0.05 -57.34 -21.17
N HIS AB 28 0.03 -56.09 -21.59
CA HIS AB 28 -0.74 -55.08 -20.89
C HIS AB 28 -2.22 -55.35 -21.09
N LEU AB 29 -2.89 -55.82 -20.04
CA LEU AB 29 -4.28 -56.25 -20.20
C LEU AB 29 -5.20 -55.09 -20.55
N GLN AB 30 -5.13 -54.00 -19.78
CA GLN AB 30 -6.04 -52.88 -20.03
C GLN AB 30 -5.94 -52.41 -21.47
N LYS AB 31 -4.73 -52.41 -22.02
CA LYS AB 31 -4.50 -51.94 -23.37
C LYS AB 31 -4.52 -53.05 -24.42
N SER AB 32 -4.45 -54.31 -23.99
CA SER AB 32 -4.53 -55.47 -24.89
C SER AB 32 -3.45 -55.40 -25.99
N THR AB 33 -2.22 -55.12 -25.58
CA THR AB 33 -1.10 -55.26 -26.49
C THR AB 33 0.13 -55.75 -25.73
N CYS AB 34 0.82 -56.73 -26.29
CA CYS AB 34 2.07 -57.16 -25.70
C CYS AB 34 3.12 -56.07 -25.85
N SER AB 35 3.87 -55.87 -24.79
CA SER AB 35 4.83 -54.76 -24.75
C SER AB 35 6.22 -55.17 -25.19
N SER AB 36 6.41 -56.41 -25.64
CA SER AB 36 7.69 -56.80 -26.21
C SER AB 36 7.58 -57.23 -27.67
N CYS AB 37 6.69 -58.16 -27.99
CA CYS AB 37 6.56 -58.60 -29.37
C CYS AB 37 5.60 -57.74 -30.16
N GLY AB 38 4.88 -56.84 -29.53
CA GLY AB 38 3.94 -55.99 -30.20
C GLY AB 38 2.58 -56.61 -30.45
N TYR AB 39 2.38 -57.86 -30.05
CA TYR AB 39 1.10 -58.53 -30.22
C TYR AB 39 -0.01 -57.66 -29.64
N PRO AB 40 -1.18 -57.59 -30.27
CA PRO AB 40 -1.66 -58.33 -31.43
C PRO AB 40 -1.41 -57.67 -32.78
N ALA AB 41 -0.37 -56.84 -32.89
CA ALA AB 41 -0.03 -56.28 -34.19
C ALA AB 41 0.34 -57.40 -35.15
N ALA AB 42 0.10 -57.16 -36.44
CA ALA AB 42 0.44 -58.16 -37.43
C ALA AB 42 1.94 -58.46 -37.43
N ARG AB 43 2.77 -57.43 -37.33
CA ARG AB 43 4.21 -57.56 -37.40
C ARG AB 43 4.83 -57.45 -36.01
N ILE AB 44 5.99 -58.07 -35.84
CA ILE AB 44 6.64 -58.12 -34.55
C ILE AB 44 7.27 -56.78 -34.22
N ARG AB 45 7.04 -56.30 -33.01
CA ARG AB 45 7.67 -55.08 -32.53
C ARG AB 45 9.17 -55.29 -32.41
N LYS AB 46 9.93 -54.58 -33.22
CA LYS AB 46 11.38 -54.66 -33.23
C LYS AB 46 11.92 -53.29 -33.57
N TYR AB 47 12.99 -52.91 -32.91
CA TYR AB 47 13.51 -51.57 -33.12
C TYR AB 47 15.03 -51.61 -33.18
N ASN AB 48 15.58 -50.76 -34.03
CA ASN AB 48 17.02 -50.71 -34.22
C ASN AB 48 17.72 -49.92 -33.15
N TRP AB 49 17.01 -49.36 -32.18
CA TRP AB 49 17.72 -48.69 -31.10
C TRP AB 49 18.17 -49.65 -30.01
N SER AB 50 18.00 -50.95 -30.19
CA SER AB 50 18.57 -51.90 -29.24
C SER AB 50 18.87 -53.19 -29.99
N VAL AB 51 20.09 -53.27 -30.55
CA VAL AB 51 20.53 -54.53 -31.12
C VAL AB 51 20.62 -55.59 -30.05
N LYS AB 52 20.83 -55.20 -28.79
CA LYS AB 52 20.80 -56.18 -27.71
C LYS AB 52 19.42 -56.79 -27.58
N ALA AB 53 18.37 -55.99 -27.71
CA ALA AB 53 17.02 -56.54 -27.66
C ALA AB 53 16.70 -57.32 -28.91
N ILE AB 54 17.31 -56.98 -30.04
CA ILE AB 54 17.04 -57.73 -31.26
C ILE AB 54 17.66 -59.12 -31.19
N ARG AB 55 18.89 -59.21 -30.68
CA ARG AB 55 19.55 -60.52 -30.68
C ARG AB 55 18.87 -61.49 -29.73
N ARG AB 56 18.18 -60.99 -28.70
CA ARG AB 56 17.52 -61.89 -27.76
C ARG AB 56 16.38 -62.66 -28.40
N LYS AB 57 15.84 -62.18 -29.53
CA LYS AB 57 14.70 -62.85 -30.13
C LYS AB 57 14.80 -62.94 -31.64
N THR AB 58 15.98 -62.79 -32.23
CA THR AB 58 16.13 -62.94 -33.67
C THR AB 58 16.02 -64.41 -34.05
N THR AB 59 16.19 -64.70 -35.34
CA THR AB 59 16.23 -66.07 -35.81
C THR AB 59 17.47 -66.79 -35.30
N GLY AB 60 17.31 -68.03 -34.89
CA GLY AB 60 18.42 -68.83 -34.42
C GLY AB 60 18.47 -69.01 -32.92
N THR AB 61 17.68 -68.24 -32.17
CA THR AB 61 17.60 -68.44 -30.73
C THR AB 61 16.61 -69.52 -30.36
N GLY AB 62 15.87 -70.07 -31.32
CA GLY AB 62 14.90 -71.10 -31.03
C GLY AB 62 15.22 -72.39 -31.74
N ARG AB 63 14.23 -73.28 -31.82
CA ARG AB 63 14.46 -74.59 -32.44
C ARG AB 63 14.81 -74.46 -33.92
N MET AB 64 14.12 -73.57 -34.63
CA MET AB 64 14.16 -73.53 -36.09
C MET AB 64 13.73 -74.87 -36.67
N ARG AB 65 12.56 -75.32 -36.24
CA ARG AB 65 12.10 -76.68 -36.54
C ARG AB 65 12.06 -76.95 -38.02
N TYR AB 66 11.91 -75.91 -38.84
CA TYR AB 66 11.83 -76.13 -40.28
C TYR AB 66 13.04 -75.60 -41.03
N MET AB 67 13.56 -74.43 -40.67
CA MET AB 67 14.71 -73.92 -41.38
C MET AB 67 16.00 -74.66 -41.08
N ARG AB 68 16.10 -75.42 -39.99
CA ARG AB 68 17.35 -76.14 -39.79
C ARG AB 68 17.58 -77.18 -40.88
N HIS AB 69 16.50 -77.67 -41.49
CA HIS AB 69 16.64 -78.66 -42.55
C HIS AB 69 16.78 -78.06 -43.94
N VAL AB 70 16.60 -76.75 -44.10
CA VAL AB 70 16.64 -76.15 -45.44
C VAL AB 70 18.02 -76.25 -46.08
N PRO AB 71 19.14 -76.00 -45.38
CA PRO AB 71 20.44 -76.22 -46.03
C PRO AB 71 20.62 -77.64 -46.54
N ARG AB 72 20.21 -78.63 -45.75
CA ARG AB 72 20.33 -80.01 -46.20
C ARG AB 72 19.49 -80.25 -47.44
N ARG AB 73 18.35 -79.59 -47.55
CA ARG AB 73 17.53 -79.80 -48.73
C ARG AB 73 18.04 -79.02 -49.93
N PHE AB 74 18.71 -77.89 -49.70
CA PHE AB 74 19.40 -77.24 -50.80
C PHE AB 74 20.48 -78.13 -51.37
N LYS AB 75 21.35 -78.65 -50.50
CA LYS AB 75 22.24 -79.72 -50.92
C LYS AB 75 21.40 -80.84 -51.52
N SER AB 76 21.78 -81.28 -52.71
CA SER AB 76 21.07 -82.24 -53.54
C SER AB 76 19.84 -81.64 -54.22
N ASN AB 77 19.55 -80.36 -54.00
CA ASN AB 77 18.61 -79.61 -54.82
C ASN AB 77 17.21 -80.23 -54.81
N PHE AB 78 16.62 -80.28 -53.62
CA PHE AB 78 15.18 -80.45 -53.43
C PHE AB 78 14.64 -81.64 -54.23
N ARG AB 79 15.11 -82.82 -53.83
CA ARG AB 79 14.87 -84.07 -54.53
C ARG AB 79 13.92 -84.94 -53.74
N GLU AB 80 12.95 -85.55 -54.45
CA GLU AB 80 11.98 -86.44 -53.85
C GLU AB 80 11.68 -87.59 -54.80
N GLY AB 81 11.78 -88.80 -54.30
CA GLY AB 81 11.54 -89.99 -55.11
C GLY AB 81 10.29 -90.72 -54.69
N PRO BB 27 -3.71 -67.61 -6.37
CA PRO BB 27 -5.16 -67.77 -6.29
C PRO BB 27 -5.57 -69.22 -6.31
N SER BB 28 -6.62 -69.56 -5.57
CA SER BB 28 -7.24 -70.86 -5.75
C SER BB 28 -7.97 -70.94 -7.09
N HIS BB 29 -8.38 -69.81 -7.64
CA HIS BB 29 -8.97 -69.73 -8.97
C HIS BB 29 -7.88 -69.31 -9.95
N LYS BB 30 -7.09 -70.29 -10.38
CA LYS BB 30 -6.04 -70.04 -11.35
C LYS BB 30 -6.50 -70.55 -12.70
N THR BB 31 -6.13 -69.83 -13.76
CA THR BB 31 -6.50 -70.30 -15.08
C THR BB 31 -5.69 -71.53 -15.45
N PHE BB 32 -6.20 -72.29 -16.42
CA PHE BB 32 -5.52 -73.51 -16.81
C PHE BB 32 -4.15 -73.24 -17.37
N ARG BB 33 -3.97 -72.11 -18.06
CA ARG BB 33 -2.65 -71.77 -18.56
C ARG BB 33 -1.65 -71.69 -17.43
N ILE BB 34 -2.00 -70.98 -16.37
CA ILE BB 34 -1.08 -70.84 -15.24
C ILE BB 34 -0.90 -72.18 -14.54
N LYS BB 35 -1.95 -73.00 -14.47
CA LYS BB 35 -1.76 -74.31 -13.84
C LYS BB 35 -0.81 -75.17 -14.65
N GLN BB 36 -0.96 -75.15 -15.98
CA GLN BB 36 -0.11 -75.96 -16.84
C GLN BB 36 1.34 -75.49 -16.76
N LYS BB 37 1.54 -74.18 -16.65
CA LYS BB 37 2.88 -73.61 -16.65
C LYS BB 37 3.51 -73.55 -15.26
N LEU BB 38 2.72 -73.73 -14.20
CA LEU BB 38 3.24 -74.02 -12.88
C LEU BB 38 3.51 -75.50 -12.67
N ALA BB 39 2.87 -76.36 -13.45
CA ALA BB 39 3.23 -77.77 -13.41
C ALA BB 39 4.69 -77.94 -13.83
N LYS BB 40 5.09 -77.29 -14.91
CA LYS BB 40 6.43 -77.51 -15.43
C LYS BB 40 7.48 -76.98 -14.48
N LYS BB 41 7.24 -75.84 -13.84
CA LYS BB 41 8.24 -75.32 -12.92
C LYS BB 41 8.31 -76.13 -11.64
N GLN BB 42 7.39 -77.08 -11.44
CA GLN BB 42 7.57 -78.09 -10.41
C GLN BB 42 8.70 -79.04 -10.80
N ARG BB 43 8.55 -79.66 -11.98
CA ARG BB 43 9.56 -80.59 -12.48
C ARG BB 43 10.89 -79.91 -12.68
N GLN BB 44 10.90 -78.63 -13.02
CA GLN BB 44 12.14 -77.90 -13.25
C GLN BB 44 12.96 -77.74 -11.99
N ASN BB 45 12.44 -78.21 -10.84
CA ASN BB 45 13.06 -77.98 -9.55
C ASN BB 45 13.29 -79.33 -8.88
N ARG BB 46 14.43 -79.95 -9.20
CA ARG BB 46 14.83 -81.19 -8.57
C ARG BB 46 16.34 -81.27 -8.62
N PRO BB 47 16.98 -81.94 -7.66
CA PRO BB 47 18.42 -82.14 -7.76
C PRO BB 47 18.74 -83.02 -8.95
N ILE BB 48 19.93 -82.84 -9.49
CA ILE BB 48 20.38 -83.60 -10.65
C ILE BB 48 20.40 -85.07 -10.28
N PRO BB 49 20.12 -85.97 -11.22
CA PRO BB 49 20.28 -87.39 -10.93
C PRO BB 49 21.72 -87.69 -10.57
N TYR BB 50 21.91 -88.58 -9.59
CA TYR BB 50 23.25 -88.87 -9.12
C TYR BB 50 24.13 -89.44 -10.22
N TRP BB 51 23.55 -90.18 -11.16
CA TRP BB 51 24.34 -90.82 -12.19
C TRP BB 51 24.80 -89.84 -13.26
N ILE BB 52 24.32 -88.60 -13.23
CA ILE BB 52 24.87 -87.58 -14.11
C ILE BB 52 26.30 -87.25 -13.71
N ARG BB 53 26.58 -87.29 -12.41
CA ARG BB 53 27.89 -86.86 -11.93
C ARG BB 53 29.00 -87.82 -12.33
N MET BB 54 28.74 -89.12 -12.31
CA MET BB 54 29.74 -90.09 -12.72
C MET BB 54 29.90 -90.20 -14.22
N ARG BB 55 29.02 -89.59 -14.99
CA ARG BB 55 29.05 -89.75 -16.44
C ARG BB 55 30.29 -89.06 -17.00
N THR BB 56 30.88 -89.68 -18.01
CA THR BB 56 32.23 -89.30 -18.43
C THR BB 56 32.25 -87.91 -19.06
N ASP BB 57 33.36 -87.22 -18.87
CA ASP BB 57 33.56 -85.86 -19.36
C ASP BB 57 32.35 -85.00 -19.03
N ASN BB 58 32.07 -84.91 -17.73
CA ASN BB 58 30.95 -84.16 -17.21
C ASN BB 58 31.46 -82.92 -16.48
N THR BB 59 30.67 -81.87 -16.52
CA THR BB 59 30.95 -80.65 -15.79
C THR BB 59 29.84 -80.27 -14.83
N ILE BB 60 28.75 -81.03 -14.78
CA ILE BB 60 27.61 -80.69 -13.95
C ILE BB 60 27.98 -80.94 -12.50
N ARG BB 61 27.97 -79.88 -11.68
CA ARG BB 61 28.29 -80.02 -10.27
C ARG BB 61 27.04 -79.98 -9.39
N TYR BB 62 26.05 -79.18 -9.75
CA TYR BB 62 24.73 -79.26 -9.16
C TYR BB 62 23.72 -78.68 -10.13
N ASN BB 63 22.46 -78.64 -9.72
CA ASN BB 63 21.44 -77.94 -10.49
C ASN BB 63 21.61 -76.45 -10.24
N ALA BB 64 22.19 -75.75 -11.20
CA ALA BB 64 22.45 -74.32 -11.04
C ALA BB 64 21.24 -73.51 -11.49
N LYS BB 65 20.07 -74.12 -11.48
CA LYS BB 65 18.85 -73.44 -11.87
C LYS BB 65 17.71 -73.78 -10.92
N ARG BB 66 18.03 -74.16 -9.68
CA ARG BB 66 17.00 -74.38 -8.68
C ARG BB 66 16.28 -73.09 -8.37
N ARG BB 67 15.06 -73.23 -7.87
CA ARG BB 67 14.24 -72.09 -7.53
C ARG BB 67 13.50 -72.39 -6.24
N HIS BB 68 13.49 -71.43 -5.33
CA HIS BB 68 12.80 -71.56 -4.06
C HIS BB 68 11.65 -70.57 -4.04
N TRP BB 69 10.54 -70.97 -3.42
CA TRP BB 69 9.31 -70.19 -3.55
C TRP BB 69 9.34 -68.90 -2.74
N ARG BB 70 10.18 -68.79 -1.72
CA ARG BB 70 10.23 -67.57 -0.94
C ARG BB 70 11.24 -66.57 -1.45
N ARG BB 71 12.15 -67.00 -2.32
CA ARG BB 71 13.26 -66.17 -2.76
C ARG BB 71 13.03 -65.61 -4.17
N THR BB 72 12.79 -66.48 -5.14
CA THR BB 72 12.60 -66.09 -6.53
C THR BB 72 11.14 -66.29 -6.91
N LYS BB 73 10.46 -65.20 -7.19
CA LYS BB 73 9.09 -65.29 -7.66
C LYS BB 73 9.09 -65.50 -9.16
N LEU BB 74 8.21 -66.39 -9.62
CA LEU BB 74 8.22 -66.77 -11.03
C LEU BB 74 7.87 -65.60 -11.95
N GLY BB 75 7.33 -64.52 -11.41
CA GLY BB 75 7.02 -63.38 -12.25
C GLY BB 75 5.89 -63.64 -13.21
N PHE BB 76 4.85 -64.32 -12.77
CA PHE BB 76 3.66 -64.58 -13.56
C PHE BB 76 2.61 -65.30 -12.72
N VAL CB 2 29.73 23.32 -44.09
CA VAL CB 2 30.84 23.27 -45.02
C VAL CB 2 30.34 23.58 -46.42
N ASN CB 3 30.99 24.53 -47.08
CA ASN CB 3 30.55 25.02 -48.38
C ASN CB 3 31.53 24.57 -49.45
N VAL CB 4 31.02 24.24 -50.63
CA VAL CB 4 31.84 23.88 -51.77
C VAL CB 4 31.44 24.72 -52.97
N PRO CB 5 32.38 25.32 -53.68
CA PRO CB 5 32.03 26.11 -54.86
C PRO CB 5 31.37 25.24 -55.90
N LYS CB 6 30.45 25.85 -56.65
CA LYS CB 6 29.75 25.08 -57.68
C LYS CB 6 30.71 24.54 -58.72
N THR CB 7 31.83 25.22 -58.92
CA THR CB 7 32.77 24.87 -59.98
C THR CB 7 34.19 25.12 -59.50
N LYS CB 8 35.07 24.15 -59.74
CA LYS CB 8 36.42 24.09 -59.19
C LYS CB 8 37.39 23.69 -60.29
N LYS CB 9 38.60 24.23 -60.27
CA LYS CB 9 39.61 23.87 -61.26
C LYS CB 9 40.49 22.78 -60.68
N THR CB 10 40.35 21.57 -61.20
CA THR CB 10 41.08 20.42 -60.67
C THR CB 10 41.58 19.54 -61.79
N TYR CB 11 42.41 18.57 -61.43
CA TYR CB 11 43.03 17.69 -62.39
C TYR CB 11 41.99 16.78 -63.01
N CYS CB 12 42.20 16.40 -64.26
CA CYS CB 12 41.35 15.43 -64.93
C CYS CB 12 42.23 14.34 -65.54
N LYS CB 13 42.12 13.12 -65.02
CA LYS CB 13 43.02 12.07 -65.44
C LYS CB 13 42.62 11.46 -66.78
N ASN CB 14 41.48 11.85 -67.35
CA ASN CB 14 41.12 11.33 -68.65
C ASN CB 14 42.20 11.68 -69.66
N LYS CB 15 42.64 10.67 -70.41
CA LYS CB 15 43.82 10.80 -71.26
C LYS CB 15 43.77 12.02 -72.17
N GLU CB 16 42.57 12.54 -72.43
CA GLU CB 16 42.42 13.68 -73.33
C GLU CB 16 42.30 15.01 -72.62
N CYS CB 17 42.37 15.03 -71.28
CA CYS CB 17 42.51 16.28 -70.55
C CYS CB 17 43.88 16.37 -69.87
N LYS CB 18 44.22 15.41 -68.99
CA LYS CB 18 45.52 15.34 -68.35
C LYS CB 18 46.01 16.68 -67.82
N LYS CB 19 45.12 17.52 -67.33
CA LYS CB 19 45.52 18.84 -66.86
C LYS CB 19 44.41 19.39 -65.97
N HIS CB 20 44.75 20.42 -65.20
CA HIS CB 20 43.70 21.07 -64.44
C HIS CB 20 42.70 21.72 -65.37
N THR CB 21 41.51 21.14 -65.44
CA THR CB 21 40.40 21.71 -66.19
C THR CB 21 39.29 22.07 -65.21
N LEU CB 22 38.16 22.47 -65.77
CA LEU CB 22 37.11 23.15 -65.02
C LEU CB 22 36.02 22.14 -64.73
N HIS CB 23 35.79 21.84 -63.46
CA HIS CB 23 34.93 20.76 -63.02
C HIS CB 23 33.69 21.30 -62.33
N LYS CB 24 32.52 20.83 -62.74
CA LYS CB 24 31.30 21.09 -62.00
C LYS CB 24 31.28 20.24 -60.74
N VAL CB 25 30.41 20.61 -59.80
CA VAL CB 25 30.30 19.87 -58.55
C VAL CB 25 28.87 19.38 -58.38
N THR CB 26 28.74 18.10 -58.03
CA THR CB 26 27.48 17.56 -57.55
C THR CB 26 27.73 16.88 -56.21
N GLN CB 27 26.74 16.22 -55.65
CA GLN CB 27 26.92 15.50 -54.41
C GLN CB 27 26.44 14.07 -54.61
N TYR CB 28 27.27 13.11 -54.21
CA TYR CB 28 27.00 11.71 -54.50
C TYR CB 28 25.80 11.20 -53.73
N LYS CB 29 24.87 10.60 -54.46
CA LYS CB 29 23.74 9.89 -53.87
C LYS CB 29 23.75 8.47 -54.41
N LYS CB 30 23.72 7.49 -53.51
CA LYS CB 30 23.73 6.10 -53.88
C LYS CB 30 22.61 5.81 -54.87
N GLY CB 31 22.96 5.16 -55.97
CA GLY CB 31 21.95 4.66 -56.88
C GLY CB 31 21.10 3.60 -56.20
N LYS CB 32 19.84 3.53 -56.59
CA LYS CB 32 18.92 2.61 -55.94
C LYS CB 32 19.35 1.18 -56.21
N ASP CB 33 19.24 0.34 -55.17
CA ASP CB 33 19.78 -1.01 -55.23
C ASP CB 33 19.09 -1.81 -56.31
N SER CB 34 19.88 -2.48 -57.14
CA SER CB 34 19.35 -3.31 -58.19
C SER CB 34 18.96 -4.67 -57.63
N LEU CB 35 17.93 -5.26 -58.23
CA LEU CB 35 17.43 -6.56 -57.80
C LEU CB 35 18.09 -7.71 -58.53
N SER CB 36 18.99 -7.43 -59.47
CA SER CB 36 19.65 -8.48 -60.23
C SER CB 36 21.11 -8.65 -59.86
N ALA CB 37 21.61 -7.92 -58.86
CA ALA CB 37 22.99 -8.12 -58.43
C ALA CB 37 23.16 -9.52 -57.88
N GLN CB 38 24.40 -10.01 -57.96
CA GLN CB 38 24.70 -11.33 -57.40
C GLN CB 38 24.42 -11.39 -55.92
N GLY CB 39 24.76 -10.33 -55.20
CA GLY CB 39 24.44 -10.33 -53.78
C GLY CB 39 22.97 -10.42 -53.49
N LYS CB 40 22.12 -9.96 -54.40
CA LYS CB 40 20.68 -10.02 -54.17
C LYS CB 40 20.07 -11.33 -54.63
N ARG CB 41 20.44 -11.85 -55.81
CA ARG CB 41 19.99 -13.20 -56.12
C ARG CB 41 20.69 -14.26 -55.29
N ARG CB 42 21.65 -13.90 -54.45
CA ARG CB 42 22.12 -14.82 -53.42
C ARG CB 42 21.40 -14.61 -52.10
N TYR CB 43 21.17 -13.36 -51.69
CA TYR CB 43 20.50 -13.13 -50.42
C TYR CB 43 19.05 -13.58 -50.48
N ASP CB 44 18.37 -13.35 -51.61
CA ASP CB 44 17.00 -13.80 -51.76
C ASP CB 44 16.91 -15.32 -51.70
N ARG CB 45 17.76 -16.01 -52.45
CA ARG CB 45 17.75 -17.47 -52.41
C ARG CB 45 18.03 -17.99 -51.02
N LYS CB 46 19.09 -17.48 -50.38
CA LYS CB 46 19.43 -17.94 -49.05
C LYS CB 46 18.30 -17.68 -48.08
N GLN CB 47 17.59 -16.57 -48.26
CA GLN CB 47 16.52 -16.17 -47.36
C GLN CB 47 15.23 -16.94 -47.60
N SER CB 48 15.07 -17.54 -48.77
CA SER CB 48 13.86 -18.30 -49.05
C SER CB 48 13.76 -19.51 -48.13
N GLY CB 49 12.53 -20.02 -48.00
CA GLY CB 49 12.30 -21.21 -47.20
C GLY CB 49 12.19 -20.92 -45.73
N TYR CB 50 12.45 -21.91 -44.89
CA TYR CB 50 12.44 -21.70 -43.44
C TYR CB 50 13.87 -21.52 -42.96
N GLY CB 51 13.99 -21.14 -41.70
CA GLY CB 51 15.25 -20.75 -41.11
C GLY CB 51 15.32 -19.28 -40.75
N GLY CB 52 14.44 -18.47 -41.32
CA GLY CB 52 14.38 -17.08 -40.94
C GLY CB 52 15.59 -16.29 -41.40
N GLN CB 53 15.89 -15.22 -40.66
CA GLN CB 53 16.98 -14.33 -41.02
C GLN CB 53 18.29 -15.10 -41.07
N THR CB 54 18.95 -15.07 -42.22
CA THR CB 54 20.19 -15.78 -42.43
C THR CB 54 21.41 -14.87 -42.40
N LYS CB 55 21.32 -13.71 -43.01
CA LYS CB 55 22.41 -12.75 -43.00
C LYS CB 55 22.18 -11.76 -41.88
N PRO CB 56 23.22 -11.35 -41.16
CA PRO CB 56 23.01 -10.45 -40.02
C PRO CB 56 22.44 -9.11 -40.46
N VAL CB 57 21.70 -8.49 -39.54
CA VAL CB 57 21.13 -7.17 -39.76
C VAL CB 57 21.68 -6.23 -38.70
N PHE CB 58 22.20 -5.09 -39.15
CA PHE CB 58 23.01 -4.22 -38.30
C PHE CB 58 22.12 -3.30 -37.49
N HIS CB 59 22.42 -3.18 -36.20
CA HIS CB 59 21.60 -2.40 -35.28
C HIS CB 59 22.35 -1.30 -34.56
N LYS CB 60 23.57 -1.55 -34.10
CA LYS CB 60 24.31 -0.60 -33.28
C LYS CB 60 24.95 0.47 -34.16
N LYS CB 61 24.12 1.37 -34.65
CA LYS CB 61 24.63 2.52 -35.39
C LYS CB 61 25.20 3.52 -34.41
N ALA CB 62 26.42 3.99 -34.67
CA ALA CB 62 27.14 4.78 -33.68
C ALA CB 62 27.64 6.10 -34.27
N LYS CB 63 27.88 6.14 -35.57
CA LYS CB 63 28.28 7.40 -36.18
C LYS CB 63 27.10 8.35 -36.26
N THR CB 64 27.40 9.61 -36.56
CA THR CB 64 26.39 10.61 -36.78
C THR CB 64 26.69 11.50 -37.97
N THR CB 65 27.71 11.17 -38.76
CA THR CB 65 28.07 11.91 -39.96
C THR CB 65 28.40 10.92 -41.06
N LYS CB 66 28.42 11.40 -42.29
CA LYS CB 66 28.73 10.58 -43.45
C LYS CB 66 29.73 11.30 -44.34
N LYS CB 67 30.78 10.60 -44.76
CA LYS CB 67 31.80 11.22 -45.60
C LYS CB 67 31.17 11.59 -46.94
N ILE CB 68 31.05 12.88 -47.20
CA ILE CB 68 30.44 13.35 -48.43
C ILE CB 68 31.39 13.07 -49.59
N VAL CB 69 30.83 12.65 -50.73
CA VAL CB 69 31.57 12.41 -51.94
C VAL CB 69 31.12 13.40 -52.99
N LEU CB 70 32.07 14.11 -53.59
CA LEU CB 70 31.80 15.09 -54.62
C LEU CB 70 32.10 14.47 -55.97
N LYS CB 71 31.11 14.47 -56.85
CA LYS CB 71 31.26 13.94 -58.20
C LYS CB 71 31.59 15.12 -59.11
N LEU CB 72 32.88 15.40 -59.30
CA LEU CB 72 33.30 16.51 -60.12
C LEU CB 72 33.28 16.10 -61.58
N GLN CB 73 32.50 16.81 -62.39
CA GLN CB 73 32.46 16.63 -63.83
C GLN CB 73 33.15 17.81 -64.48
N CYS CB 74 34.21 17.55 -65.24
CA CYS CB 74 34.82 18.60 -66.04
C CYS CB 74 34.12 18.67 -67.38
N GLN CB 75 33.93 19.89 -67.88
CA GLN CB 75 33.25 20.10 -69.15
C GLN CB 75 34.18 20.07 -70.35
N SER CB 76 35.38 19.52 -70.19
CA SER CB 76 36.26 19.34 -71.33
C SER CB 76 36.23 17.93 -71.89
N CYS CB 77 35.77 16.95 -71.11
CA CYS CB 77 35.46 15.63 -71.65
C CYS CB 77 34.15 15.05 -71.14
N LYS CB 78 33.48 15.72 -70.19
CA LYS CB 78 32.22 15.24 -69.63
C LYS CB 78 32.38 13.88 -68.94
N HIS CB 79 33.51 13.69 -68.26
CA HIS CB 79 33.76 12.51 -67.46
C HIS CB 79 33.83 12.87 -65.99
N TYR CB 80 33.03 12.19 -65.18
CA TYR CB 80 33.06 12.40 -63.75
C TYR CB 80 34.34 11.86 -63.15
N SER CB 81 34.67 12.35 -61.97
CA SER CB 81 35.63 11.72 -61.08
C SER CB 81 35.27 12.18 -59.68
N GLN CB 82 35.44 11.30 -58.70
CA GLN CB 82 34.85 11.52 -57.40
C GLN CB 82 35.91 11.68 -56.33
N ARG CB 83 35.67 12.62 -55.42
CA ARG CB 83 36.61 12.92 -54.34
C ARG CB 83 35.85 13.02 -53.03
N ALA CB 84 36.39 12.44 -51.97
CA ALA CB 84 35.72 12.41 -50.68
C ALA CB 84 36.23 13.54 -49.81
N ILE CB 85 35.30 14.28 -49.23
CA ILE CB 85 35.63 15.33 -48.28
C ILE CB 85 35.42 14.78 -46.88
N LYS CB 86 35.93 15.50 -45.89
CA LYS CB 86 35.94 14.98 -44.54
C LYS CB 86 34.52 14.91 -43.99
N ARG CB 87 34.35 14.18 -42.89
CA ARG CB 87 33.03 14.01 -42.29
C ARG CB 87 32.45 15.35 -41.89
N CYS CB 88 31.19 15.57 -42.27
CA CYS CB 88 30.55 16.85 -41.99
C CYS CB 88 29.06 16.63 -41.79
N LYS CB 89 28.46 17.51 -41.00
CA LYS CB 89 27.02 17.49 -40.78
C LYS CB 89 26.31 18.43 -41.75
N HIS CB 90 26.64 19.73 -41.68
CA HIS CB 90 26.00 20.75 -42.51
C HIS CB 90 26.85 20.95 -43.76
N PHE CB 91 26.32 20.55 -44.90
CA PHE CB 91 27.09 20.59 -46.14
C PHE CB 91 26.25 21.20 -47.24
N GLU CB 92 26.87 22.08 -48.03
CA GLU CB 92 26.18 22.89 -49.02
C GLU CB 92 27.17 23.21 -50.13
N ILE CB 93 26.73 23.08 -51.38
CA ILE CB 93 27.56 23.46 -52.53
C ILE CB 93 27.16 24.86 -52.96
N GLY CB 94 28.16 25.72 -53.13
CA GLY CB 94 27.91 27.07 -53.59
C GLY CB 94 27.03 27.90 -52.68
N GLY CB 95 27.16 27.72 -51.37
CA GLY CB 95 26.39 28.53 -50.45
C GLY CB 95 26.83 29.98 -50.47
N ASP CB 96 25.98 30.83 -49.91
CA ASP CB 96 26.33 32.24 -49.79
C ASP CB 96 27.63 32.39 -49.01
N LYS CB 97 28.58 33.11 -49.59
CA LYS CB 97 29.93 33.18 -49.06
C LYS CB 97 29.94 33.87 -47.70
N LYS CB 98 31.02 33.66 -46.95
CA LYS CB 98 31.21 34.41 -45.71
C LYS CB 98 31.31 35.90 -46.02
N GLY CB 99 30.55 36.71 -45.29
CA GLY CB 99 30.58 38.14 -45.48
C GLY CB 99 31.89 38.76 -45.00
N PRO DB 2 94.31 -3.34 58.32
CA PRO DB 2 95.74 -3.32 58.05
C PRO DB 2 96.10 -4.13 56.80
N PHE DB 3 96.93 -3.57 55.94
CA PHE DB 3 97.33 -4.22 54.71
C PHE DB 3 98.83 -4.49 54.74
N LYS DB 4 99.24 -5.64 54.21
CA LYS DB 4 100.63 -6.04 54.30
C LYS DB 4 101.41 -5.95 53.01
N ARG DB 5 100.86 -5.38 51.94
CA ARG DB 5 101.68 -5.22 50.74
C ARG DB 5 101.07 -4.16 49.83
N PHE DB 6 101.82 -3.09 49.56
CA PHE DB 6 101.33 -1.93 48.82
C PHE DB 6 102.12 -1.72 47.53
N VAL DB 7 101.46 -1.10 46.55
CA VAL DB 7 102.15 -0.63 45.35
C VAL DB 7 102.68 0.76 45.65
N GLU DB 8 104.01 0.89 45.68
CA GLU DB 8 104.65 2.17 45.88
C GLU DB 8 106.02 2.12 45.24
N ILE DB 9 106.55 3.30 44.95
CA ILE DB 9 107.79 3.39 44.20
C ILE DB 9 108.89 2.65 44.95
N GLY DB 10 109.51 1.70 44.27
CA GLY DB 10 110.56 0.92 44.88
C GLY DB 10 110.24 -0.57 44.98
N ARG DB 11 109.01 -0.91 45.36
CA ARG DB 11 108.73 -2.29 45.72
C ARG DB 11 108.93 -3.23 44.54
N VAL DB 12 109.63 -4.33 44.79
CA VAL DB 12 109.86 -5.33 43.76
C VAL DB 12 108.68 -6.28 43.75
N ALA DB 13 108.28 -6.69 42.56
CA ALA DB 13 107.16 -7.60 42.34
C ALA DB 13 107.59 -8.71 41.39
N LEU DB 14 107.12 -9.92 41.67
CA LEU DB 14 107.24 -10.99 40.70
C LEU DB 14 106.31 -10.70 39.53
N VAL DB 15 106.71 -11.11 38.34
CA VAL DB 15 105.85 -10.99 37.16
C VAL DB 15 105.21 -12.36 36.93
N ASN DB 16 103.92 -12.46 37.22
CA ASN DB 16 103.27 -13.75 37.43
C ASN DB 16 102.45 -14.21 36.23
N TYR DB 17 102.67 -13.65 35.05
CA TYR DB 17 101.91 -14.08 33.90
C TYR DB 17 102.60 -13.62 32.62
N GLY DB 18 102.53 -14.45 31.60
CA GLY DB 18 102.93 -14.07 30.27
C GLY DB 18 104.16 -14.82 29.80
N LYS DB 19 104.76 -14.28 28.73
CA LYS DB 19 105.99 -14.86 28.22
C LYS DB 19 107.11 -14.76 29.25
N ASP DB 20 107.03 -13.78 30.14
CA ASP DB 20 108.11 -13.40 31.04
C ASP DB 20 107.79 -13.76 32.48
N TYR DB 21 107.22 -14.94 32.70
CA TYR DB 21 107.06 -15.45 34.05
C TYR DB 21 108.38 -15.50 34.80
N GLY DB 22 108.34 -15.11 36.07
CA GLY DB 22 109.42 -15.34 36.99
C GLY DB 22 110.32 -14.15 37.24
N ARG DB 23 110.31 -13.15 36.36
CA ARG DB 23 111.24 -12.04 36.53
C ARG DB 23 110.80 -11.14 37.67
N LEU DB 24 111.77 -10.60 38.39
CA LEU DB 24 111.51 -9.67 39.48
C LEU DB 24 111.73 -8.25 38.96
N VAL DB 25 110.76 -7.38 39.19
CA VAL DB 25 110.79 -6.05 38.63
C VAL DB 25 110.51 -5.04 39.72
N VAL DB 26 111.17 -3.89 39.65
CA VAL DB 26 111.00 -2.81 40.60
C VAL DB 26 109.96 -1.85 40.04
N ILE DB 27 108.92 -1.57 40.82
CA ILE DB 27 107.91 -0.61 40.40
C ILE DB 27 108.51 0.78 40.61
N VAL DB 28 109.00 1.39 39.52
CA VAL DB 28 109.65 2.68 39.65
C VAL DB 28 108.70 3.85 39.48
N ASP DB 29 107.48 3.61 39.03
CA ASP DB 29 106.45 4.65 38.92
C ASP DB 29 105.12 4.01 38.59
N VAL DB 30 104.06 4.79 38.79
CA VAL DB 30 102.70 4.33 38.55
C VAL DB 30 102.11 5.13 37.41
N VAL DB 31 101.65 4.43 36.37
CA VAL DB 31 101.03 5.12 35.25
C VAL DB 31 99.64 5.61 35.63
N ASP DB 32 98.77 4.68 36.00
CA ASP DB 32 97.43 4.99 36.50
C ASP DB 32 97.01 3.87 37.43
N GLN DB 33 95.71 3.76 37.70
CA GLN DB 33 95.27 2.77 38.67
C GLN DB 33 95.36 1.33 38.17
N ASN DB 34 95.77 1.10 36.93
CA ASN DB 34 95.95 -0.25 36.42
C ASN DB 34 97.37 -0.59 36.03
N ARG DB 35 98.12 0.37 35.51
CA ARG DB 35 99.40 0.10 34.87
C ARG DB 35 100.52 0.72 35.68
N ALA DB 36 101.72 0.16 35.58
CA ALA DB 36 102.86 0.66 36.33
C ALA DB 36 104.10 0.65 35.45
N LEU DB 37 105.09 1.45 35.83
CA LEU DB 37 106.41 1.34 35.24
C LEU DB 37 107.24 0.35 36.04
N VAL DB 38 107.78 -0.64 35.36
CA VAL DB 38 108.61 -1.64 35.99
C VAL DB 38 109.98 -1.59 35.33
N ASP DB 39 111.02 -1.73 36.15
CA ASP DB 39 112.39 -1.68 35.67
C ASP DB 39 113.15 -2.85 36.29
N ALA DB 40 114.18 -3.30 35.59
CA ALA DB 40 114.96 -4.45 36.02
C ALA DB 40 116.38 -4.26 35.53
N PRO DB 41 117.36 -4.97 36.12
CA PRO DB 41 118.73 -4.82 35.62
C PRO DB 41 118.93 -5.39 34.23
N ASP DB 42 118.18 -6.41 33.83
CA ASP DB 42 118.34 -7.02 32.52
C ASP DB 42 117.35 -6.47 31.49
N MET DB 43 116.31 -5.79 31.93
CA MET DB 43 115.21 -5.40 31.05
C MET DB 43 114.98 -3.90 31.15
N VAL DB 44 114.74 -3.26 30.01
CA VAL DB 44 114.57 -1.82 29.96
C VAL DB 44 113.21 -1.46 30.55
N ARG DB 45 113.16 -0.28 31.17
CA ARG DB 45 111.94 0.17 31.85
C ARG DB 45 110.77 0.20 30.89
N CYS DB 46 109.63 -0.31 31.35
CA CYS DB 46 108.48 -0.45 30.48
C CYS DB 46 107.22 -0.47 31.33
N GLN DB 47 106.07 -0.27 30.68
CA GLN DB 47 104.82 -0.33 31.43
C GLN DB 47 104.30 -1.76 31.44
N MET DB 48 103.69 -2.13 32.55
CA MET DB 48 103.27 -3.50 32.76
C MET DB 48 102.18 -3.46 33.83
N ASN DB 49 101.20 -4.33 33.70
CA ASN DB 49 99.93 -4.13 34.37
C ASN DB 49 99.89 -4.85 35.72
N PHE DB 50 99.22 -4.20 36.68
CA PHE DB 50 99.09 -4.79 38.01
C PHE DB 50 98.50 -6.18 37.96
N LYS DB 51 97.67 -6.47 36.97
CA LYS DB 51 97.12 -7.81 36.88
C LYS DB 51 98.18 -8.82 36.48
N ARG DB 52 99.26 -8.36 35.87
CA ARG DB 52 100.39 -9.20 35.54
C ARG DB 52 101.51 -9.05 36.55
N LEU DB 53 101.31 -8.25 37.59
CA LEU DB 53 102.29 -8.10 38.66
C LEU DB 53 101.75 -8.70 39.96
N SER DB 54 102.51 -9.64 40.53
CA SER DB 54 102.30 -10.10 41.90
C SER DB 54 103.36 -9.46 42.77
N LEU DB 55 102.93 -8.56 43.64
CA LEU DB 55 103.87 -7.86 44.51
C LEU DB 55 104.53 -8.82 45.48
N THR DB 56 105.75 -8.49 45.86
CA THR DB 56 106.51 -9.25 46.84
C THR DB 56 106.63 -8.44 48.13
N ASP DB 57 107.37 -9.01 49.08
CA ASP DB 57 107.54 -8.41 50.40
C ASP DB 57 108.85 -7.63 50.53
N ILE DB 58 109.60 -7.50 49.45
CA ILE DB 58 110.87 -6.77 49.46
C ILE DB 58 110.63 -5.40 48.83
N LYS DB 59 111.06 -4.36 49.52
CA LYS DB 59 111.01 -3.00 49.00
C LYS DB 59 112.42 -2.43 49.03
N ILE DB 60 112.70 -1.51 48.11
CA ILE DB 60 114.00 -0.89 48.02
C ILE DB 60 113.84 0.62 48.05
N ASP DB 61 114.78 1.30 48.71
CA ASP DB 61 114.68 2.73 48.96
C ASP DB 61 115.33 3.46 47.80
N ILE DB 62 114.51 3.87 46.84
CA ILE DB 62 114.97 4.47 45.60
C ILE DB 62 114.18 5.73 45.30
N LYS DB 63 114.61 6.41 44.26
CA LYS DB 63 114.03 7.66 43.80
C LYS DB 63 112.72 7.34 43.08
N ARG DB 64 112.18 8.32 42.37
CA ARG DB 64 111.15 8.07 41.39
C ARG DB 64 111.79 8.01 40.01
N ILE DB 65 111.36 7.04 39.20
CA ILE DB 65 111.97 6.66 37.92
C ILE DB 65 113.48 6.84 37.98
N PRO DB 66 114.17 6.12 38.87
CA PRO DB 66 115.57 6.43 39.13
C PRO DB 66 116.47 6.01 37.98
N LYS DB 67 117.65 6.61 37.96
CA LYS DB 67 118.66 6.28 36.98
C LYS DB 67 119.05 4.82 37.13
N LYS DB 68 119.50 4.22 36.04
CA LYS DB 68 119.78 2.78 36.06
C LYS DB 68 120.87 2.44 37.07
N ALA DB 69 121.91 3.28 37.16
CA ALA DB 69 123.01 3.00 38.07
C ALA DB 69 122.57 3.01 39.52
N THR DB 70 121.80 4.03 39.91
CA THR DB 70 121.33 4.09 41.29
C THR DB 70 120.32 2.99 41.57
N LEU DB 71 119.53 2.60 40.58
CA LEU DB 71 118.60 1.49 40.79
C LEU DB 71 119.37 0.21 41.06
N ILE DB 72 120.43 -0.04 40.30
CA ILE DB 72 121.26 -1.22 40.57
C ILE DB 72 121.86 -1.14 41.96
N LYS DB 73 122.49 -0.02 42.29
CA LYS DB 73 123.19 0.04 43.56
C LYS DB 73 122.23 -0.11 44.72
N ALA DB 74 121.01 0.42 44.59
CA ALA DB 74 120.02 0.20 45.63
C ALA DB 74 119.54 -1.23 45.66
N MET DB 75 119.49 -1.90 44.50
CA MET DB 75 119.05 -3.30 44.49
C MET DB 75 120.03 -4.21 45.24
N GLU DB 76 121.33 -4.04 45.03
CA GLU DB 76 122.24 -4.79 45.91
C GLU DB 76 122.35 -4.20 47.31
N GLU DB 77 122.02 -2.92 47.49
CA GLU DB 77 121.96 -2.37 48.83
C GLU DB 77 120.89 -3.04 49.66
N ALA DB 78 119.78 -3.42 49.02
CA ALA DB 78 118.71 -4.16 49.66
C ALA DB 78 118.72 -5.64 49.31
N ASP DB 79 119.80 -6.11 48.66
CA ASP DB 79 120.08 -7.51 48.36
C ASP DB 79 118.82 -8.29 47.95
N VAL DB 80 118.14 -7.75 46.94
CA VAL DB 80 116.82 -8.25 46.56
C VAL DB 80 116.90 -9.65 45.97
N LYS DB 81 117.87 -9.91 45.10
CA LYS DB 81 117.94 -11.23 44.49
C LYS DB 81 118.26 -12.29 45.54
N THR DB 82 119.20 -12.00 46.44
CA THR DB 82 119.52 -12.95 47.50
C THR DB 82 118.33 -13.16 48.42
N LYS DB 83 117.70 -12.07 48.86
CA LYS DB 83 116.57 -12.20 49.79
C LYS DB 83 115.41 -12.93 49.15
N TRP DB 84 115.16 -12.68 47.87
CA TRP DB 84 114.16 -13.42 47.13
C TRP DB 84 114.50 -14.90 47.10
N GLU DB 85 115.76 -15.22 46.79
CA GLU DB 85 116.14 -16.62 46.66
C GLU DB 85 116.01 -17.37 47.97
N ASN DB 86 116.40 -16.76 49.08
CA ASN DB 86 116.23 -17.45 50.35
C ASN DB 86 114.81 -17.39 50.87
N SER DB 87 113.96 -16.52 50.33
CA SER DB 87 112.57 -16.51 50.78
C SER DB 87 111.91 -17.81 50.37
N SER DB 88 110.96 -18.26 51.19
CA SER DB 88 110.25 -19.48 50.85
C SER DB 88 109.46 -19.32 49.55
N TRP DB 89 108.84 -18.16 49.35
CA TRP DB 89 108.15 -17.89 48.10
C TRP DB 89 109.13 -17.92 46.94
N GLY DB 90 110.21 -17.16 47.04
CA GLY DB 90 111.18 -17.12 45.97
C GLY DB 90 111.88 -18.45 45.77
N LYS DB 91 111.95 -19.26 46.81
CA LYS DB 91 112.52 -20.58 46.63
C LYS DB 91 111.54 -21.53 45.97
N LYS DB 92 110.24 -21.26 46.07
CA LYS DB 92 109.24 -22.09 45.43
C LYS DB 92 109.45 -22.14 43.92
N LEU DB 93 109.63 -20.98 43.30
CA LEU DB 93 109.79 -20.94 41.85
C LEU DB 93 111.08 -21.61 41.42
N ILE DB 94 112.17 -21.35 42.15
CA ILE DB 94 113.46 -21.95 41.80
C ILE DB 94 113.40 -23.45 41.92
N VAL DB 95 112.74 -23.97 42.96
CA VAL DB 95 112.66 -25.41 43.16
C VAL DB 95 111.75 -26.04 42.11
N GLN DB 96 110.69 -25.34 41.68
CA GLN DB 96 109.92 -25.92 40.59
C GLN DB 96 110.70 -25.94 39.29
N LYS DB 97 111.57 -24.96 39.05
CA LYS DB 97 112.38 -25.06 37.85
C LYS DB 97 113.41 -26.17 37.95
N LYS DB 98 114.01 -26.35 39.14
CA LYS DB 98 114.97 -27.44 39.29
C LYS DB 98 114.29 -28.80 39.16
N ARG DB 99 113.11 -28.97 39.74
CA ARG DB 99 112.36 -30.20 39.49
C ARG DB 99 111.90 -30.32 38.04
N ALA DB 100 111.78 -29.21 37.33
CA ALA DB 100 111.52 -29.33 35.90
C ALA DB 100 112.77 -29.80 35.15
N ALA DB 101 113.94 -29.54 35.70
CA ALA DB 101 115.18 -29.85 34.99
C ALA DB 101 115.68 -31.28 35.19
N LEU DB 102 115.04 -32.08 36.04
CA LEU DB 102 115.55 -33.42 36.32
C LEU DB 102 115.30 -34.35 35.13
N ASN DB 103 116.31 -35.13 34.74
CA ASN DB 103 116.16 -36.15 33.73
C ASN DB 103 115.81 -37.48 34.41
N ASP DB 104 115.86 -38.57 33.64
CA ASP DB 104 115.30 -39.82 34.15
C ASP DB 104 116.20 -40.44 35.20
N PHE DB 105 117.51 -40.46 34.98
CA PHE DB 105 118.40 -41.04 35.98
C PHE DB 105 118.40 -40.23 37.27
N ASP DB 106 118.38 -38.90 37.14
CA ASP DB 106 118.28 -38.06 38.34
C ASP DB 106 116.97 -38.30 39.07
N ARG DB 107 115.88 -38.48 38.31
CA ARG DB 107 114.59 -38.73 38.95
C ARG DB 107 114.58 -40.09 39.63
N PHE DB 108 115.28 -41.07 39.07
CA PHE DB 108 115.38 -42.37 39.73
C PHE DB 108 116.20 -42.29 41.01
N LYS DB 109 117.30 -41.53 40.98
CA LYS DB 109 118.07 -41.35 42.20
C LYS DB 109 117.24 -40.60 43.25
N VAL DB 110 116.43 -39.65 42.81
CA VAL DB 110 115.55 -38.95 43.75
C VAL DB 110 114.53 -39.91 44.34
N MET DB 111 113.97 -40.79 43.51
CA MET DB 111 113.02 -41.77 44.02
C MET DB 111 113.67 -42.67 45.06
N LEU DB 112 114.86 -43.17 44.76
CA LEU DB 112 115.56 -44.02 45.72
C LEU DB 112 115.90 -43.26 47.00
N ALA DB 113 116.29 -42.00 46.86
CA ALA DB 113 116.64 -41.19 48.02
C ALA DB 113 115.41 -40.94 48.88
N LYS DB 114 114.25 -40.85 48.26
CA LYS DB 114 113.05 -40.51 49.00
C LYS DB 114 112.36 -41.74 49.59
N ILE DB 115 112.55 -42.92 49.00
CA ILE DB 115 111.99 -44.13 49.59
C ILE DB 115 112.66 -44.44 50.93
N LYS DB 116 113.99 -44.30 50.98
CA LYS DB 116 114.66 -44.52 52.26
C LYS DB 116 114.23 -43.47 53.28
N ARG DB 117 114.01 -42.24 52.84
CA ARG DB 117 113.55 -41.22 53.79
C ARG DB 117 112.17 -41.56 54.31
N GLY DB 118 111.30 -42.08 53.45
CA GLY DB 118 110.00 -42.51 53.92
C GLY DB 118 110.11 -43.61 54.96
N GLY DB 119 110.95 -44.62 54.68
CA GLY DB 119 111.15 -45.68 55.66
C GLY DB 119 111.74 -45.15 56.96
N ALA DB 120 112.64 -44.18 56.86
CA ALA DB 120 113.28 -43.61 58.04
C ALA DB 120 112.27 -42.87 58.89
N ILE DB 121 111.48 -41.98 58.28
CA ILE DB 121 110.50 -41.25 59.07
C ILE DB 121 109.43 -42.18 59.61
N ARG DB 122 109.19 -43.30 58.94
CA ARG DB 122 108.25 -44.29 59.47
C ARG DB 122 108.80 -44.94 60.73
N GLN DB 123 110.07 -45.37 60.68
CA GLN DB 123 110.73 -45.95 61.84
C GLN DB 123 110.74 -44.96 63.00
N GLU DB 124 111.14 -43.72 62.71
CA GLU DB 124 111.28 -42.71 63.74
C GLU DB 124 109.93 -42.37 64.36
N LEU DB 125 108.90 -42.22 63.53
CA LEU DB 125 107.59 -41.90 64.07
C LEU DB 125 107.07 -43.04 64.93
N ALA DB 126 107.34 -44.29 64.54
CA ALA DB 126 106.91 -45.40 65.37
C ALA DB 126 107.62 -45.39 66.72
N LYS DB 127 108.95 -45.21 66.70
CA LYS DB 127 109.68 -45.15 67.96
C LYS DB 127 109.18 -44.01 68.83
N LEU DB 128 109.02 -42.81 68.28
CA LEU DB 128 108.65 -41.69 69.13
C LEU DB 128 107.23 -41.81 69.65
N LYS DB 129 106.31 -42.34 68.84
CA LYS DB 129 104.96 -42.53 69.32
C LYS DB 129 104.92 -43.54 70.46
N LYS DB 130 105.67 -44.64 70.32
CA LYS DB 130 105.69 -45.63 71.40
C LYS DB 130 106.47 -45.13 72.60
N GLU DB 131 107.43 -44.23 72.37
CA GLU DB 131 108.13 -43.56 73.45
C GLU DB 131 107.17 -42.71 74.28
N VAL DB 132 106.42 -41.84 73.61
CA VAL DB 132 105.41 -41.06 74.30
C VAL DB 132 104.33 -42.00 74.82
N ALA DB 133 104.36 -42.26 76.13
CA ALA DB 133 103.45 -43.22 76.74
C ALA DB 133 102.08 -42.58 76.97
N VAL EB 2 105.58 -3.00 22.30
CA VAL EB 2 105.42 -3.90 21.17
C VAL EB 2 104.47 -3.29 20.14
N ALA EB 3 103.51 -4.08 19.67
CA ALA EB 3 102.59 -3.61 18.64
C ALA EB 3 101.67 -2.53 19.19
N PHE EB 4 101.49 -1.48 18.40
CA PHE EB 4 100.63 -0.36 18.73
C PHE EB 4 99.45 -0.37 17.77
N ARG EB 5 98.24 -0.28 18.29
CA ARG EB 5 97.09 -0.37 17.39
C ARG EB 5 97.01 0.86 16.50
N PHE EB 6 97.41 2.01 17.01
CA PHE EB 6 97.45 3.22 16.19
C PHE EB 6 98.90 3.58 15.90
N HIS EB 7 99.07 4.49 14.95
CA HIS EB 7 100.32 5.17 14.74
C HIS EB 7 100.00 6.59 14.33
N GLN EB 8 100.85 7.52 14.74
CA GLN EB 8 100.72 8.91 14.32
C GLN EB 8 101.63 9.14 13.13
N TYR EB 9 101.04 9.35 11.97
CA TYR EB 9 101.79 9.71 10.78
C TYR EB 9 101.72 11.20 10.55
N GLN EB 10 102.63 11.71 9.74
CA GLN EB 10 102.45 13.03 9.17
C GLN EB 10 102.50 12.87 7.67
N VAL EB 11 101.51 13.46 7.02
CA VAL EB 11 101.24 13.24 5.61
C VAL EB 11 101.32 14.59 4.91
N VAL EB 12 102.04 14.65 3.81
CA VAL EB 12 102.14 15.87 3.02
C VAL EB 12 101.60 15.57 1.62
N GLY EB 13 100.75 16.47 1.13
CA GLY EB 13 100.15 16.34 -0.17
C GLY EB 13 99.94 17.70 -0.77
N ARG EB 14 99.43 17.72 -2.00
CA ARG EB 14 99.17 18.97 -2.69
C ARG EB 14 98.22 18.71 -3.84
N ALA EB 15 97.66 19.77 -4.40
CA ALA EB 15 96.89 19.61 -5.61
C ALA EB 15 97.80 19.20 -6.77
N LEU EB 16 97.19 18.72 -7.85
CA LEU EB 16 97.95 18.51 -9.06
C LEU EB 16 98.50 19.83 -9.58
N PRO EB 17 99.66 19.81 -10.24
CA PRO EB 17 100.11 20.99 -10.97
C PRO EB 17 99.08 21.35 -12.04
N THR EB 18 98.81 22.64 -12.16
CA THR EB 18 97.82 23.16 -13.08
C THR EB 18 98.48 24.28 -13.86
N PRO EB 19 98.35 24.32 -15.19
CA PRO EB 19 99.11 25.32 -15.96
C PRO EB 19 98.75 26.75 -15.62
N GLY EB 20 97.68 26.98 -14.87
CA GLY EB 20 97.58 28.19 -14.07
C GLY EB 20 98.04 27.89 -12.67
N ASP EB 21 99.08 28.58 -12.18
CA ASP EB 21 99.70 28.32 -10.89
C ASP EB 21 100.24 26.88 -10.83
N GLU EB 22 101.29 26.67 -11.64
CA GLU EB 22 101.92 25.36 -11.78
C GLU EB 22 102.70 24.91 -10.56
N GLN EB 23 102.67 25.64 -9.45
CA GLN EB 23 103.24 25.17 -8.18
C GLN EB 23 102.17 25.27 -7.11
N PRO EB 24 101.34 24.25 -6.95
CA PRO EB 24 100.30 24.30 -5.92
C PRO EB 24 100.89 24.32 -4.52
N LYS EB 25 100.07 24.79 -3.58
CA LYS EB 25 100.49 24.90 -2.20
C LYS EB 25 100.48 23.52 -1.54
N ILE EB 26 101.34 23.37 -0.53
CA ILE EB 26 101.66 22.07 0.08
C ILE EB 26 100.97 22.01 1.43
N TYR EB 27 100.26 20.91 1.69
CA TYR EB 27 99.54 20.75 2.93
C TYR EB 27 100.12 19.59 3.75
N ARG EB 28 100.46 19.88 4.99
CA ARG EB 28 100.98 18.91 5.94
C ARG EB 28 99.96 18.66 7.03
N MET EB 29 99.78 17.40 7.41
CA MET EB 29 98.83 17.08 8.46
C MET EB 29 99.38 15.99 9.36
N LYS EB 30 99.00 16.04 10.63
CA LYS EB 30 99.37 15.03 11.61
C LYS EB 30 98.14 14.17 11.87
N LEU EB 31 98.19 12.92 11.43
CA LEU EB 31 97.05 12.03 11.46
C LEU EB 31 97.33 10.86 12.39
N TRP EB 32 96.27 10.30 12.94
CA TRP EB 32 96.29 8.99 13.55
C TRP EB 32 95.50 8.01 12.70
N ALA EB 33 96.09 6.84 12.47
CA ALA EB 33 95.42 5.77 11.77
C ALA EB 33 96.16 4.49 12.10
N THR EB 34 95.61 3.38 11.63
CA THR EB 34 96.15 2.08 11.98
C THR EB 34 97.32 1.68 11.08
N ASN EB 35 97.43 2.27 9.90
CA ASN EB 35 98.49 1.94 8.97
C ASN EB 35 98.59 3.04 7.91
N GLU EB 36 99.50 2.84 6.95
CA GLU EB 36 99.80 3.90 5.98
C GLU EB 36 98.60 4.19 5.10
N VAL EB 37 98.00 3.15 4.51
CA VAL EB 37 96.90 3.40 3.57
C VAL EB 37 95.71 4.03 4.28
N ARG EB 38 95.47 3.66 5.53
CA ARG EB 38 94.38 4.27 6.28
C ARG EB 38 94.70 5.71 6.63
N ALA EB 39 95.96 6.02 6.93
CA ALA EB 39 96.34 7.40 7.15
C ALA EB 39 96.13 8.23 5.89
N LYS EB 40 96.56 7.72 4.75
CA LYS EB 40 96.41 8.44 3.50
C LYS EB 40 94.94 8.69 3.18
N SER EB 41 94.11 7.67 3.35
CA SER EB 41 92.68 7.79 3.07
C SER EB 41 92.01 8.76 4.01
N LYS EB 42 92.45 8.84 5.26
CA LYS EB 42 91.92 9.86 6.16
C LYS EB 42 92.48 11.23 5.83
N PHE EB 43 93.66 11.30 5.23
CA PHE EB 43 94.25 12.59 4.86
C PHE EB 43 93.43 13.25 3.78
N TRP EB 44 93.07 12.49 2.75
CA TRP EB 44 92.27 13.07 1.68
C TRP EB 44 90.88 13.45 2.15
N TYR EB 45 90.36 12.77 3.17
CA TYR EB 45 89.14 13.21 3.84
C TYR EB 45 89.25 14.65 4.29
N PHE EB 46 90.27 14.95 5.07
CA PHE EB 46 90.38 16.29 5.64
C PHE EB 46 90.70 17.33 4.59
N LEU EB 47 91.59 17.03 3.65
CA LEU EB 47 91.78 18.06 2.65
C LEU EB 47 90.58 18.23 1.75
N ARG EB 48 89.73 17.23 1.58
CA ARG EB 48 88.55 17.45 0.79
C ARG EB 48 87.54 18.29 1.54
N LYS EB 49 87.40 18.10 2.85
CA LYS EB 49 86.42 18.89 3.59
C LYS EB 49 86.94 20.22 4.10
N LEU EB 50 88.23 20.50 3.96
CA LEU EB 50 88.74 21.80 4.39
C LEU EB 50 89.37 22.61 3.26
N LYS EB 51 90.23 22.00 2.46
CA LYS EB 51 90.98 22.72 1.45
C LYS EB 51 90.43 22.50 0.04
N LYS EB 52 89.28 21.82 -0.08
CA LYS EB 52 88.63 21.62 -1.37
C LYS EB 52 89.53 20.88 -2.35
N VAL EB 53 90.31 19.92 -1.85
CA VAL EB 53 91.21 19.13 -2.66
C VAL EB 53 90.79 17.67 -2.56
N LYS EB 54 90.49 17.06 -3.69
CA LYS EB 54 90.11 15.66 -3.74
C LYS EB 54 91.28 14.84 -4.27
N LYS EB 55 91.28 13.54 -3.96
CA LYS EB 55 92.42 12.72 -4.32
C LYS EB 55 92.62 12.67 -5.82
N SER EB 56 91.52 12.57 -6.57
CA SER EB 56 91.66 12.51 -8.02
C SER EB 56 92.33 13.76 -8.57
N ASN EB 57 91.93 14.93 -8.07
CA ASN EB 57 92.64 16.17 -8.34
C ASN EB 57 93.64 16.51 -7.24
N GLY EB 58 94.20 15.48 -6.61
CA GLY EB 58 95.22 15.66 -5.59
C GLY EB 58 96.38 14.72 -5.81
N GLN EB 59 97.43 14.94 -5.02
CA GLN EB 59 98.68 14.22 -5.19
C GLN EB 59 99.31 14.03 -3.83
N MET EB 60 99.68 12.78 -3.52
CA MET EB 60 100.34 12.46 -2.27
C MET EB 60 101.84 12.66 -2.43
N LEU EB 61 102.41 13.55 -1.63
CA LEU EB 61 103.84 13.78 -1.65
C LEU EB 61 104.60 12.83 -0.74
N ALA EB 62 104.17 12.68 0.51
CA ALA EB 62 104.85 11.71 1.34
C ALA EB 62 103.96 11.33 2.51
N ILE EB 63 104.16 10.10 3.00
CA ILE EB 63 103.67 9.68 4.30
C ILE EB 63 104.85 9.22 5.12
N ASN EB 64 104.98 9.77 6.32
CA ASN EB 64 106.02 9.34 7.25
C ASN EB 64 105.37 9.05 8.59
N GLU EB 65 105.98 8.17 9.36
CA GLU EB 65 105.43 7.79 10.65
C GLU EB 65 106.27 8.38 11.78
N ILE EB 66 105.62 9.11 12.66
CA ILE EB 66 106.24 9.69 13.83
C ILE EB 66 106.34 8.63 14.92
N PHE EB 67 107.45 8.61 15.64
CA PHE EB 67 107.60 7.77 16.81
C PHE EB 67 107.87 8.65 18.02
N GLU EB 68 107.84 8.03 19.19
CA GLU EB 68 107.92 8.77 20.44
C GLU EB 68 109.37 8.92 20.87
N LYS EB 69 109.71 10.10 21.38
CA LYS EB 69 111.06 10.34 21.84
C LYS EB 69 111.48 9.33 22.90
N ASN EB 70 110.81 9.33 24.04
CA ASN EB 70 111.23 8.58 25.22
C ASN EB 70 110.11 7.66 25.67
N PRO EB 71 109.98 6.48 25.05
CA PRO EB 71 108.96 5.53 25.50
C PRO EB 71 109.10 5.11 26.95
N THR EB 72 110.22 5.40 27.59
CA THR EB 72 110.47 4.90 28.94
C THR EB 72 110.08 5.88 30.03
N THR EB 73 109.45 7.00 29.69
CA THR EB 73 109.04 8.00 30.67
C THR EB 73 107.55 8.24 30.55
N ILE EB 74 106.89 8.45 31.68
CA ILE EB 74 105.45 8.68 31.72
C ILE EB 74 105.17 10.15 31.53
N LYS EB 75 104.16 10.42 30.69
CA LYS EB 75 103.88 11.76 30.20
C LYS EB 75 102.39 12.00 30.31
N ASN EB 76 102.02 13.17 30.79
CA ASN EB 76 100.63 13.56 30.87
C ASN EB 76 100.22 14.13 29.51
N TYR EB 77 99.27 13.50 28.86
CA TYR EB 77 98.86 13.86 27.52
C TYR EB 77 97.51 14.54 27.55
N GLY EB 78 97.30 15.45 26.61
CA GLY EB 78 96.02 16.10 26.42
C GLY EB 78 95.58 15.94 24.98
N ILE EB 79 94.30 15.64 24.80
CA ILE EB 79 93.73 15.45 23.47
C ILE EB 79 92.47 16.28 23.40
N TRP EB 80 92.45 17.26 22.50
CA TRP EB 80 91.26 18.01 22.19
C TRP EB 80 90.66 17.33 20.97
N LEU EB 81 89.43 16.86 21.11
CA LEU EB 81 88.85 15.97 20.11
C LEU EB 81 87.42 16.39 19.78
N ARG EB 82 87.05 16.23 18.53
CA ARG EB 82 85.72 16.52 18.05
C ARG EB 82 85.02 15.21 17.68
N TYR EB 83 83.80 15.03 18.17
CA TYR EB 83 83.12 13.76 17.92
C TYR EB 83 81.66 14.01 17.57
N GLN EB 84 81.02 12.98 17.06
CA GLN EB 84 79.62 13.02 16.67
C GLN EB 84 78.80 12.13 17.59
N SER EB 85 77.94 12.74 18.40
CA SER EB 85 77.04 12.00 19.26
C SER EB 85 75.90 11.46 18.40
N ARG EB 86 74.89 10.90 19.05
CA ARG EB 86 73.74 10.41 18.29
C ARG EB 86 72.89 11.54 17.75
N THR EB 87 73.08 12.76 18.26
CA THR EB 87 72.19 13.86 17.94
C THR EB 87 72.94 15.16 17.61
N GLY EB 88 74.21 15.07 17.25
CA GLY EB 88 74.97 16.25 16.92
C GLY EB 88 76.44 16.04 17.23
N TYR EB 89 77.19 17.14 17.20
CA TYR EB 89 78.63 17.10 17.35
C TYR EB 89 79.04 17.79 18.64
N HIS EB 90 80.21 17.42 19.15
CA HIS EB 90 80.68 17.97 20.42
C HIS EB 90 82.19 18.06 20.43
N ASN EB 91 82.70 18.87 21.36
CA ASN EB 91 84.12 19.13 21.52
C ASN EB 91 84.51 18.73 22.93
N MET EB 92 85.55 17.92 23.06
CA MET EB 92 85.96 17.40 24.36
C MET EB 92 87.46 17.58 24.56
N TYR EB 93 87.83 17.64 25.82
CA TYR EB 93 89.22 17.57 26.25
C TYR EB 93 89.40 16.35 27.12
N LYS EB 94 90.39 15.52 26.81
CA LYS EB 94 90.66 14.34 27.61
C LYS EB 94 92.14 14.30 27.94
N GLU EB 95 92.45 14.12 29.22
CA GLU EB 95 93.82 13.99 29.68
C GLU EB 95 94.09 12.55 30.08
N TYR EB 96 95.27 12.06 29.70
CA TYR EB 96 95.68 10.71 29.99
C TYR EB 96 97.08 10.76 30.56
N ARG EB 97 97.51 9.66 31.16
CA ARG EB 97 98.91 9.45 31.47
C ARG EB 97 99.37 8.22 30.73
N ASP EB 98 100.43 8.36 29.95
CA ASP EB 98 100.92 7.18 29.25
C ASP EB 98 102.31 7.44 28.73
N THR EB 99 103.07 6.35 28.59
CA THR EB 99 104.45 6.47 28.15
C THR EB 99 104.56 6.91 26.70
N THR EB 100 103.53 6.67 25.88
CA THR EB 100 103.55 7.08 24.48
C THR EB 100 102.23 7.74 24.10
N LEU EB 101 102.33 8.79 23.29
CA LEU EB 101 101.12 9.38 22.74
C LEU EB 101 100.31 8.37 21.97
N ASN EB 102 100.97 7.39 21.36
CA ASN EB 102 100.24 6.40 20.59
C ASN EB 102 99.35 5.57 21.51
N GLY EB 103 99.90 5.11 22.63
CA GLY EB 103 99.09 4.38 23.59
C GLY EB 103 98.01 5.25 24.20
N ALA EB 104 98.30 6.52 24.43
CA ALA EB 104 97.27 7.41 24.97
C ALA EB 104 96.11 7.57 23.99
N VAL EB 105 96.41 7.68 22.70
CA VAL EB 105 95.35 7.80 21.71
C VAL EB 105 94.51 6.52 21.66
N GLU EB 106 95.16 5.36 21.72
CA GLU EB 106 94.37 4.14 21.75
C GLU EB 106 93.50 4.08 23.00
N GLN EB 107 94.05 4.51 24.12
CA GLN EB 107 93.29 4.65 25.35
C GLN EB 107 92.08 5.55 25.15
N MET EB 108 92.25 6.63 24.40
CA MET EB 108 91.17 7.59 24.22
C MET EB 108 90.08 7.01 23.33
N TYR EB 109 90.45 6.33 22.25
CA TYR EB 109 89.43 5.67 21.43
C TYR EB 109 88.62 4.68 22.23
N THR EB 110 89.28 3.85 23.04
CA THR EB 110 88.51 2.91 23.85
C THR EB 110 87.64 3.64 24.87
N GLU EB 111 88.17 4.68 25.50
CA GLU EB 111 87.39 5.40 26.50
C GLU EB 111 86.20 6.12 25.88
N MET EB 112 86.36 6.68 24.70
CA MET EB 112 85.22 7.28 24.02
C MET EB 112 84.19 6.23 23.62
N ALA EB 113 84.65 5.09 23.11
CA ALA EB 113 83.71 4.05 22.72
C ALA EB 113 83.00 3.45 23.91
N SER EB 114 83.56 3.59 25.11
CA SER EB 114 82.92 3.11 26.32
C SER EB 114 82.03 4.15 26.99
N ARG EB 115 82.53 5.36 27.18
CA ARG EB 115 81.77 6.41 27.87
C ARG EB 115 80.69 7.01 27.00
N HIS EB 116 80.81 6.93 25.68
CA HIS EB 116 79.87 7.66 24.83
C HIS EB 116 79.41 6.88 23.61
N ARG EB 117 79.76 5.60 23.48
CA ARG EB 117 79.30 4.81 22.35
C ARG EB 117 79.57 5.48 21.02
N VAL EB 118 80.71 6.14 20.91
CA VAL EB 118 81.15 6.73 19.65
C VAL EB 118 82.21 5.81 19.05
N ARG EB 119 82.04 5.45 17.80
CA ARG EB 119 82.99 4.57 17.16
C ARG EB 119 84.10 5.40 16.52
N SER EB 120 85.18 4.72 16.16
CA SER EB 120 86.32 5.41 15.56
C SER EB 120 85.95 6.23 14.32
N PRO EB 121 85.07 5.77 13.41
CA PRO EB 121 84.65 6.63 12.30
C PRO EB 121 84.05 7.96 12.71
N CYS EB 122 83.84 8.20 14.00
CA CYS EB 122 83.16 9.41 14.44
C CYS EB 122 84.08 10.42 15.13
N ILE EB 123 85.31 10.04 15.45
CA ILE EB 123 86.17 10.85 16.30
C ILE EB 123 87.21 11.55 15.44
N GLN EB 124 87.35 12.86 15.64
CA GLN EB 124 88.39 13.66 14.99
C GLN EB 124 89.26 14.26 16.08
N ILE EB 125 90.55 13.98 16.04
CA ILE EB 125 91.47 14.48 17.06
C ILE EB 125 91.96 15.85 16.63
N ILE EB 126 91.44 16.89 17.28
CA ILE EB 126 91.82 18.25 16.92
C ILE EB 126 93.29 18.48 17.20
N LYS EB 127 93.71 18.17 18.43
CA LYS EB 127 95.05 18.57 18.85
C LYS EB 127 95.55 17.67 19.96
N THR EB 128 96.82 17.32 19.91
CA THR EB 128 97.47 16.51 20.94
C THR EB 128 98.65 17.28 21.51
N ALA EB 129 98.78 17.28 22.83
CA ALA EB 129 99.86 18.04 23.45
C ALA EB 129 100.26 17.42 24.78
N THR EB 130 101.56 17.24 24.96
CA THR EB 130 102.06 16.70 26.22
C THR EB 130 101.89 17.80 27.25
N VAL EB 131 100.73 17.78 27.92
CA VAL EB 131 100.43 18.80 28.92
C VAL EB 131 101.09 18.37 30.20
N ASN EB 132 102.29 18.87 30.45
CA ASN EB 132 103.03 18.47 31.64
C ASN EB 132 102.22 18.74 32.91
N PHE EB 133 102.66 18.14 34.01
CA PHE EB 133 101.96 18.31 35.27
C PHE EB 133 102.06 19.77 35.71
N LYS EB 134 101.49 20.06 36.88
CA LYS EB 134 101.17 21.39 37.39
C LYS EB 134 100.31 22.20 36.43
N LEU EB 135 99.79 21.56 35.38
CA LEU EB 135 98.83 22.20 34.48
C LEU EB 135 97.69 21.29 34.07
N CYS EB 136 97.63 20.07 34.57
CA CYS EB 136 96.53 19.18 34.22
C CYS EB 136 95.25 19.60 34.93
N LYS EB 137 94.16 19.62 34.18
CA LYS EB 137 92.89 20.15 34.65
C LYS EB 137 92.01 19.08 35.29
N ARG EB 138 92.31 17.81 35.08
CA ARG EB 138 91.38 16.72 35.31
C ARG EB 138 91.76 15.88 36.51
N ASP EB 139 90.76 15.55 37.34
CA ASP EB 139 91.01 14.94 38.64
C ASP EB 139 91.73 13.61 38.51
N ASN EB 140 91.30 12.77 37.57
CA ASN EB 140 91.84 11.42 37.52
C ASN EB 140 93.31 11.43 37.19
N THR EB 141 93.74 12.31 36.29
CA THR EB 141 95.17 12.47 36.04
C THR EB 141 95.87 13.12 37.22
N LYS EB 142 95.32 14.24 37.71
CA LYS EB 142 96.07 15.01 38.68
C LYS EB 142 96.20 14.32 40.03
N GLN EB 143 95.43 13.26 40.28
CA GLN EB 143 95.55 12.62 41.56
C GLN EB 143 96.74 11.67 41.62
N PHE EB 144 97.31 11.31 40.48
CA PHE EB 144 98.50 10.47 40.45
C PHE EB 144 99.79 11.28 40.52
N HIS EB 145 99.69 12.60 40.67
CA HIS EB 145 100.88 13.46 40.72
C HIS EB 145 101.32 13.61 42.18
N ASN EB 146 101.97 12.58 42.68
CA ASN EB 146 102.65 12.69 43.97
C ASN EB 146 103.71 11.61 44.11
N SER EB 147 104.91 12.03 44.49
CA SER EB 147 105.85 11.09 45.06
C SER EB 147 105.28 10.60 46.39
N LYS EB 148 105.82 9.49 46.88
CA LYS EB 148 105.27 8.81 48.05
C LYS EB 148 103.84 8.35 47.78
N ILE EB 149 103.53 8.03 46.52
CA ILE EB 149 102.26 7.38 46.21
C ILE EB 149 102.29 5.97 46.77
N LYS EB 150 101.14 5.49 47.22
CA LYS EB 150 101.05 4.16 47.78
C LYS EB 150 99.60 3.73 47.82
N PHE EB 151 99.35 2.47 47.45
CA PHE EB 151 98.01 1.91 47.44
C PHE EB 151 98.13 0.41 47.19
N PRO EB 152 97.13 -0.37 47.58
CA PRO EB 152 97.19 -1.81 47.35
C PRO EB 152 96.59 -2.20 46.00
N LEU EB 153 96.55 -3.49 45.72
CA LEU EB 153 95.81 -4.01 44.58
C LEU EB 153 94.47 -4.53 45.09
N VAL EB 154 93.45 -3.68 45.00
CA VAL EB 154 92.12 -4.08 45.41
C VAL EB 154 91.60 -5.20 44.53
N TYR EB 155 92.09 -5.28 43.30
CA TYR EB 155 91.57 -6.20 42.30
C TYR EB 155 92.72 -6.81 41.54
N GLN EB 156 92.94 -8.11 41.75
CA GLN EB 156 93.99 -8.85 41.09
C GLN EB 156 93.46 -10.24 40.75
N LYS EB 157 93.69 -10.67 39.52
CA LYS EB 157 93.26 -11.99 39.10
C LYS EB 157 94.18 -13.06 39.65
N VAL EB 158 93.59 -14.18 40.06
CA VAL EB 158 94.33 -15.41 40.27
C VAL EB 158 94.16 -16.29 39.05
N ARG EB 159 95.26 -16.80 38.53
CA ARG EB 159 95.30 -17.46 37.25
C ARG EB 159 96.66 -18.11 37.07
N PRO EB 160 96.71 -19.33 36.55
CA PRO EB 160 98.01 -19.98 36.38
C PRO EB 160 98.89 -19.14 35.48
N PRO EB 161 100.19 -19.12 35.74
CA PRO EB 161 101.08 -18.24 34.97
C PRO EB 161 100.98 -18.49 33.49
N THR EB 162 100.83 -19.75 33.10
CA THR EB 162 100.55 -20.15 31.74
C THR EB 162 99.33 -21.06 31.76
N ARG EB 163 98.88 -21.44 30.58
CA ARG EB 163 97.69 -22.28 30.49
C ARG EB 163 97.96 -23.71 30.94
N LYS EB 164 99.22 -24.14 30.93
CA LYS EB 164 99.52 -25.54 31.26
C LYS EB 164 99.16 -25.88 32.69
N LEU EB 165 99.25 -24.94 33.61
CA LEU EB 165 99.00 -25.25 35.01
C LEU EB 165 97.52 -25.24 35.36
N LYS EB 166 96.63 -25.09 34.37
CA LYS EB 166 95.23 -24.82 34.63
C LYS EB 166 94.50 -26.14 34.87
N THR EB 167 93.93 -26.30 36.05
CA THR EB 167 93.16 -27.48 36.39
C THR EB 167 91.75 -27.08 36.80
N THR EB 168 90.81 -27.99 36.58
CA THR EB 168 89.42 -27.72 36.93
C THR EB 168 89.21 -27.83 38.43
N TYR EB 169 89.90 -28.75 39.09
CA TYR EB 169 89.68 -29.04 40.49
C TYR EB 169 90.90 -28.67 41.29
N LYS EB 170 90.73 -27.85 42.32
CA LYS EB 170 91.83 -27.45 43.18
C LYS EB 170 91.37 -27.65 44.61
N ALA EB 171 92.04 -28.55 45.33
CA ALA EB 171 91.52 -28.99 46.61
C ALA EB 171 91.42 -27.87 47.62
N THR EB 172 92.24 -26.84 47.47
CA THR EB 172 92.39 -25.80 48.49
C THR EB 172 91.79 -24.49 48.01
N ARG EB 173 91.01 -23.86 48.87
CA ARG EB 173 90.49 -22.53 48.58
C ARG EB 173 91.64 -21.55 48.39
N PRO EB 174 91.61 -20.72 47.36
CA PRO EB 174 92.71 -19.76 47.15
C PRO EB 174 92.80 -18.75 48.29
N ASN EB 175 94.04 -18.32 48.56
CA ASN EB 175 94.33 -17.33 49.60
C ASN EB 175 94.56 -15.98 48.95
N LEU EB 176 93.58 -15.11 49.06
CA LEU EB 176 93.64 -13.77 48.50
C LEU EB 176 93.86 -12.78 49.63
N PHE EB 177 94.81 -11.87 49.46
CA PHE EB 177 95.00 -10.83 50.45
C PHE EB 177 95.67 -9.63 49.81
N MET EB 178 95.04 -8.47 49.97
CA MET EB 178 95.58 -7.19 49.55
C MET EB 178 96.12 -6.43 50.75
N GLY FB 19 -49.44 -86.51 42.79
CA GLY FB 19 -48.75 -87.57 42.06
C GLY FB 19 -47.88 -88.41 42.97
N SER FB 20 -48.18 -89.71 43.02
CA SER FB 20 -47.46 -90.61 43.91
C SER FB 20 -46.08 -90.92 43.36
N VAL FB 21 -45.19 -89.91 43.33
CA VAL FB 21 -43.85 -90.12 42.82
C VAL FB 21 -43.04 -90.94 43.83
N SER FB 22 -42.27 -91.89 43.32
CA SER FB 22 -41.52 -92.84 44.14
C SER FB 22 -40.07 -92.79 43.69
N PHE FB 23 -39.21 -92.16 44.49
CA PHE FB 23 -37.79 -92.08 44.18
C PHE FB 23 -37.10 -93.21 44.90
N VAL FB 24 -36.09 -93.81 44.26
CA VAL FB 24 -35.37 -94.93 44.84
C VAL FB 24 -33.87 -94.65 44.74
N ILE FB 25 -33.15 -94.92 45.82
CA ILE FB 25 -31.69 -94.93 45.84
C ILE FB 25 -31.25 -96.36 46.11
N ASP FB 26 -30.40 -96.89 45.25
CA ASP FB 26 -29.93 -98.26 45.35
C ASP FB 26 -28.51 -98.28 45.88
N CYS FB 27 -28.27 -99.07 46.94
CA CYS FB 27 -26.96 -99.15 47.58
C CYS FB 27 -26.58 -100.60 47.84
N THR FB 28 -26.98 -101.51 46.95
CA THR FB 28 -26.77 -102.94 47.17
C THR FB 28 -25.28 -103.28 47.18
N LYS FB 29 -24.58 -102.90 46.14
CA LYS FB 29 -23.17 -103.23 45.98
C LYS FB 29 -22.21 -102.53 46.95
N PRO FB 30 -22.52 -101.35 47.48
CA PRO FB 30 -21.73 -100.88 48.63
C PRO FB 30 -22.15 -101.49 49.95
N VAL FB 31 -23.45 -101.72 50.18
CA VAL FB 31 -23.83 -102.25 51.49
C VAL FB 31 -23.31 -103.68 51.65
N GLU FB 32 -23.19 -104.43 50.56
CA GLU FB 32 -22.62 -105.76 50.67
C GLU FB 32 -21.16 -105.70 51.11
N ASP FB 33 -20.44 -104.66 50.69
CA ASP FB 33 -19.05 -104.47 51.09
C ASP FB 33 -18.92 -103.83 52.46
N LYS FB 34 -20.02 -103.27 52.99
CA LYS FB 34 -20.01 -102.59 54.28
C LYS FB 34 -19.05 -101.41 54.25
N ILE FB 35 -19.20 -100.57 53.23
CA ILE FB 35 -18.43 -99.34 53.16
C ILE FB 35 -19.20 -98.18 53.78
N MET FB 36 -20.51 -98.31 53.93
CA MET FB 36 -21.38 -97.20 54.34
C MET FB 36 -22.44 -97.73 55.29
N GLU FB 37 -23.22 -96.81 55.85
CA GLU FB 37 -24.27 -97.16 56.80
C GLU FB 37 -25.59 -96.58 56.29
N ILE FB 38 -26.47 -97.46 55.84
CA ILE FB 38 -27.78 -97.04 55.34
C ILE FB 38 -28.59 -96.35 56.42
N ALA FB 39 -28.37 -96.71 57.69
CA ALA FB 39 -28.95 -95.92 58.77
C ALA FB 39 -28.42 -94.50 58.75
N SER FB 40 -27.11 -94.34 58.51
CA SER FB 40 -26.53 -93.01 58.44
C SER FB 40 -27.11 -92.23 57.28
N LEU FB 41 -27.35 -92.89 56.15
CA LEU FB 41 -27.97 -92.22 55.02
C LEU FB 41 -29.38 -91.78 55.35
N GLU FB 42 -30.14 -92.62 56.06
CA GLU FB 42 -31.50 -92.24 56.44
C GLU FB 42 -31.49 -91.02 57.35
N LYS FB 43 -30.60 -91.01 58.35
CA LYS FB 43 -30.49 -89.85 59.23
C LYS FB 43 -30.04 -88.62 58.44
N PHE FB 44 -29.13 -88.82 57.49
CA PHE FB 44 -28.62 -87.73 56.67
C PHE FB 44 -29.78 -87.03 55.96
N LEU FB 45 -30.58 -87.82 55.25
CA LEU FB 45 -31.72 -87.27 54.53
C LEU FB 45 -32.78 -86.74 55.48
N GLN FB 46 -32.96 -87.37 56.64
CA GLN FB 46 -33.88 -86.87 57.65
C GLN FB 46 -33.52 -85.46 58.08
N GLU FB 47 -32.23 -85.16 58.20
CA GLU FB 47 -31.82 -83.84 58.63
C GLU FB 47 -31.52 -82.88 57.47
N ARG FB 48 -31.52 -83.35 56.22
CA ARG FB 48 -31.19 -82.45 55.13
C ARG FB 48 -32.21 -82.31 53.99
N ILE FB 49 -33.26 -83.12 53.92
CA ILE FB 49 -34.31 -82.81 52.95
C ILE FB 49 -34.83 -81.40 53.21
N LYS FB 50 -35.05 -80.65 52.14
CA LYS FB 50 -35.72 -79.35 52.23
C LYS FB 50 -36.95 -79.41 51.33
N VAL FB 51 -38.11 -79.69 51.93
CA VAL FB 51 -39.34 -79.67 51.16
C VAL FB 51 -39.63 -78.24 50.72
N ALA FB 52 -40.33 -78.11 49.60
CA ALA FB 52 -40.57 -76.83 48.93
C ALA FB 52 -40.85 -75.71 49.91
N GLY FB 53 -40.05 -74.65 49.82
CA GLY FB 53 -40.13 -73.53 50.73
C GLY FB 53 -38.83 -73.36 51.50
N GLY FB 54 -38.27 -74.47 51.97
CA GLY FB 54 -36.95 -74.42 52.57
C GLY FB 54 -36.89 -74.44 54.09
N LYS FB 55 -36.38 -75.54 54.63
CA LYS FB 55 -35.96 -75.65 56.02
C LYS FB 55 -35.18 -76.94 56.17
N ALA FB 56 -34.16 -76.93 57.03
CA ALA FB 56 -33.28 -78.07 57.17
C ALA FB 56 -34.03 -79.27 57.73
N GLY FB 57 -34.15 -80.32 56.93
CA GLY FB 57 -34.73 -81.58 57.39
C GLY FB 57 -36.15 -81.49 57.88
N ASN FB 58 -37.00 -80.72 57.20
CA ASN FB 58 -38.38 -80.51 57.62
C ASN FB 58 -39.26 -81.42 56.78
N LEU FB 59 -39.75 -82.51 57.39
CA LEU FB 59 -40.49 -83.55 56.66
C LEU FB 59 -41.82 -83.80 57.37
N GLY FB 60 -42.81 -82.97 57.09
CA GLY FB 60 -44.07 -83.05 57.81
C GLY FB 60 -45.16 -83.86 57.12
N ASP FB 61 -44.89 -85.14 56.84
CA ASP FB 61 -45.80 -85.99 56.08
C ASP FB 61 -46.20 -85.33 54.76
N SER FB 62 -45.23 -84.68 54.13
CA SER FB 62 -45.31 -84.33 52.72
C SER FB 62 -44.22 -84.99 51.90
N VAL FB 63 -43.10 -85.36 52.50
CA VAL FB 63 -42.11 -86.24 51.90
C VAL FB 63 -41.65 -87.18 52.99
N THR FB 64 -41.44 -88.44 52.65
CA THR FB 64 -41.01 -89.44 53.60
C THR FB 64 -39.75 -90.14 53.11
N VAL FB 65 -38.93 -90.57 54.07
CA VAL FB 65 -37.73 -91.34 53.81
C VAL FB 65 -37.90 -92.71 54.48
N THR FB 66 -37.56 -93.76 53.76
CA THR FB 66 -37.83 -95.12 54.21
C THR FB 66 -36.68 -96.02 53.76
N ARG FB 67 -36.51 -97.14 54.45
CA ARG FB 67 -35.40 -98.04 54.20
C ARG FB 67 -35.93 -99.46 54.02
N ASP FB 68 -35.14 -100.32 53.36
CA ASP FB 68 -35.46 -101.75 53.31
C ASP FB 68 -34.24 -102.60 53.54
N LYS FB 69 -33.28 -102.07 54.31
CA LYS FB 69 -32.03 -102.73 54.68
C LYS FB 69 -31.04 -102.81 53.52
N SER FB 70 -31.47 -102.51 52.29
CA SER FB 70 -30.50 -102.36 51.21
C SER FB 70 -30.85 -101.30 50.18
N LYS FB 71 -31.96 -100.57 50.31
CA LYS FB 71 -32.39 -99.61 49.31
C LYS FB 71 -33.25 -98.56 50.00
N VAL FB 72 -33.06 -97.30 49.62
CA VAL FB 72 -33.69 -96.17 50.29
C VAL FB 72 -34.80 -95.63 49.39
N THR FB 73 -35.95 -95.35 49.97
CA THR FB 73 -37.10 -94.86 49.25
C THR FB 73 -37.47 -93.46 49.72
N VAL FB 74 -37.78 -92.58 48.78
CA VAL FB 74 -38.25 -91.24 49.08
C VAL FB 74 -39.61 -91.09 48.41
N THR FB 75 -40.62 -90.72 49.18
CA THR FB 75 -41.98 -90.61 48.65
C THR FB 75 -42.54 -89.24 49.01
N SER FB 76 -42.77 -88.42 47.99
CA SER FB 76 -43.47 -87.16 48.16
C SER FB 76 -44.88 -87.27 47.60
N ASP FB 77 -45.69 -86.27 47.92
CA ASP FB 77 -47.06 -86.19 47.44
C ASP FB 77 -47.25 -85.09 46.41
N GLY FB 78 -46.84 -83.87 46.71
CA GLY FB 78 -47.01 -82.76 45.79
C GLY FB 78 -46.05 -82.77 44.62
N ALA FB 79 -44.76 -82.58 44.91
CA ALA FB 79 -43.74 -82.51 43.86
C ALA FB 79 -42.37 -82.54 44.52
N PHE FB 80 -41.42 -83.16 43.84
CA PHE FB 80 -40.07 -83.29 44.37
C PHE FB 80 -39.14 -83.56 43.20
N SER FB 81 -37.86 -83.25 43.37
CA SER FB 81 -36.89 -83.31 42.29
C SER FB 81 -35.84 -84.37 42.59
N LYS FB 82 -35.63 -85.29 41.65
CA LYS FB 82 -34.67 -86.37 41.86
C LYS FB 82 -33.24 -85.85 41.81
N ARG FB 83 -32.99 -84.82 41.02
CA ARG FB 83 -31.66 -84.24 41.02
C ARG FB 83 -31.29 -83.70 42.39
N TYR FB 84 -32.28 -83.30 43.19
CA TYR FB 84 -32.01 -82.94 44.57
C TYR FB 84 -31.56 -84.14 45.37
N LEU FB 85 -32.06 -85.33 45.05
CA LEU FB 85 -31.54 -86.52 45.70
C LEU FB 85 -30.13 -86.83 45.26
N LYS FB 86 -29.79 -86.52 44.00
CA LYS FB 86 -28.41 -86.73 43.58
C LYS FB 86 -27.47 -85.77 44.32
N TYR FB 87 -27.91 -84.52 44.48
CA TYR FB 87 -27.17 -83.55 45.29
C TYR FB 87 -26.95 -84.07 46.69
N LEU FB 88 -28.03 -84.52 47.35
CA LEU FB 88 -27.88 -84.98 48.72
C LEU FB 88 -27.03 -86.23 48.81
N THR FB 89 -27.15 -87.14 47.85
CA THR FB 89 -26.32 -88.33 47.89
C THR FB 89 -24.86 -88.00 47.77
N LYS FB 90 -24.51 -87.03 46.91
CA LYS FB 90 -23.11 -86.67 46.80
C LYS FB 90 -22.63 -85.93 48.04
N LYS FB 91 -23.50 -85.13 48.67
CA LYS FB 91 -23.17 -84.58 49.98
C LYS FB 91 -22.86 -85.68 50.98
N TYR FB 92 -23.66 -86.74 50.98
CA TYR FB 92 -23.42 -87.88 51.85
C TYR FB 92 -22.05 -88.49 51.58
N LEU FB 93 -21.75 -88.72 50.31
CA LEU FB 93 -20.52 -89.42 49.96
C LEU FB 93 -19.30 -88.59 50.31
N LYS FB 94 -19.39 -87.27 50.22
CA LYS FB 94 -18.24 -86.46 50.60
C LYS FB 94 -18.16 -86.23 52.10
N LYS FB 95 -19.30 -86.14 52.78
CA LYS FB 95 -19.26 -86.01 54.24
C LYS FB 95 -18.67 -87.25 54.88
N HIS FB 96 -19.00 -88.43 54.35
CA HIS FB 96 -18.34 -89.66 54.78
C HIS FB 96 -17.06 -89.91 53.99
N ASN FB 97 -16.70 -88.96 53.13
CA ASN FB 97 -15.35 -88.84 52.57
C ASN FB 97 -14.91 -90.13 51.88
N VAL FB 98 -15.63 -90.48 50.83
CA VAL FB 98 -15.16 -91.58 50.00
C VAL FB 98 -14.97 -91.15 48.55
N ARG FB 99 -16.07 -90.88 47.83
CA ARG FB 99 -16.09 -90.30 46.48
C ARG FB 99 -14.86 -90.61 45.62
N ASP FB 100 -14.31 -91.80 45.76
CA ASP FB 100 -13.29 -92.27 44.83
C ASP FB 100 -13.68 -93.66 44.39
N TRP FB 101 -14.35 -94.36 45.30
CA TRP FB 101 -14.73 -95.74 45.05
C TRP FB 101 -16.10 -95.81 44.41
N LEU FB 102 -17.06 -95.04 44.90
CA LEU FB 102 -18.45 -95.19 44.47
C LEU FB 102 -19.05 -93.85 44.12
N ARG FB 103 -20.10 -93.91 43.32
CA ARG FB 103 -20.67 -92.76 42.62
C ARG FB 103 -22.06 -93.13 42.12
N VAL FB 104 -22.98 -92.17 42.23
CA VAL FB 104 -24.39 -92.44 41.95
C VAL FB 104 -24.66 -92.27 40.47
N ILE FB 105 -25.41 -93.21 39.89
CA ILE FB 105 -25.74 -93.21 38.47
C ILE FB 105 -27.22 -93.56 38.32
N ALA FB 106 -27.87 -92.96 37.34
CA ALA FB 106 -29.24 -93.32 37.03
C ALA FB 106 -29.21 -94.22 35.79
N ALA FB 107 -28.95 -95.50 36.01
CA ALA FB 107 -28.94 -96.49 34.95
C ALA FB 107 -30.23 -97.28 34.90
N ASN FB 108 -30.65 -97.79 36.05
CA ASN FB 108 -31.86 -98.58 36.20
C ASN FB 108 -33.11 -97.69 36.25
N LYS FB 109 -32.98 -96.41 35.89
CA LYS FB 109 -33.96 -95.45 36.40
C LYS FB 109 -35.39 -95.70 35.93
N GLU FB 110 -35.80 -95.20 34.76
CA GLU FB 110 -37.08 -95.50 34.13
C GLU FB 110 -38.26 -95.30 35.09
N ARG FB 111 -37.96 -95.17 36.39
CA ARG FB 111 -38.91 -95.00 37.47
C ARG FB 111 -38.30 -94.13 38.57
N ASN FB 112 -37.37 -93.25 38.21
CA ASN FB 112 -36.64 -92.42 39.16
C ASN FB 112 -35.87 -93.29 40.17
N VAL FB 113 -34.88 -93.99 39.63
CA VAL FB 113 -34.02 -94.86 40.44
C VAL FB 113 -32.58 -94.44 40.23
N TYR FB 114 -31.99 -93.79 41.24
CA TYR FB 114 -30.55 -93.71 41.38
C TYR FB 114 -30.00 -95.03 41.90
N GLU FB 115 -28.73 -95.26 41.61
CA GLU FB 115 -28.13 -96.57 41.83
C GLU FB 115 -26.63 -96.36 41.93
N LEU FB 116 -26.06 -96.59 43.12
CA LEU FB 116 -24.65 -96.30 43.33
C LEU FB 116 -23.79 -97.44 42.81
N ARG FB 117 -22.81 -97.12 41.99
CA ARG FB 117 -21.87 -98.12 41.51
C ARG FB 117 -20.45 -97.63 41.71
N TYR FB 118 -19.53 -98.58 41.66
CA TYR FB 118 -18.13 -98.36 42.01
C TYR FB 118 -17.43 -97.66 40.85
N PHE FB 119 -16.10 -97.62 40.90
CA PHE FB 119 -15.29 -97.15 39.78
C PHE FB 119 -15.45 -95.65 39.55
N SER GB 4 30.96 -28.67 -93.06
CA SER GB 4 31.28 -28.13 -94.38
C SER GB 4 32.78 -28.22 -94.65
N GLN GB 5 33.33 -27.14 -95.20
CA GLN GB 5 34.74 -27.09 -95.53
C GLN GB 5 35.57 -27.27 -94.26
N PRO GB 6 36.78 -27.83 -94.37
CA PRO GB 6 37.50 -28.23 -93.17
C PRO GB 6 38.12 -27.08 -92.39
N LYS GB 7 38.78 -27.41 -91.29
CA LYS GB 7 39.39 -26.41 -90.43
C LYS GB 7 40.53 -25.70 -91.16
N SER GB 8 41.08 -24.68 -90.52
CA SER GB 8 42.14 -23.91 -91.17
C SER GB 8 43.49 -24.60 -91.09
N GLY GB 9 43.68 -25.50 -90.12
CA GLY GB 9 44.97 -26.09 -89.91
C GLY GB 9 45.88 -25.30 -88.98
N LEU GB 10 45.42 -24.15 -88.51
CA LEU GB 10 46.18 -23.30 -87.60
C LEU GB 10 45.51 -23.36 -86.25
N PHE GB 11 46.30 -23.50 -85.19
CA PHE GB 11 45.77 -23.95 -83.91
C PHE GB 11 44.83 -22.95 -83.27
N VAL GB 12 44.88 -21.67 -83.66
CA VAL GB 12 44.05 -20.65 -83.04
C VAL GB 12 43.54 -19.72 -84.13
N GLY GB 13 42.36 -19.15 -83.90
CA GLY GB 13 41.82 -18.14 -84.79
C GLY GB 13 40.49 -18.55 -85.37
N ILE GB 14 40.07 -17.80 -86.40
CA ILE GB 14 38.83 -18.10 -87.10
C ILE GB 14 38.91 -19.51 -87.64
N ASN GB 15 37.94 -20.35 -87.27
CA ASN GB 15 37.83 -21.70 -87.81
C ASN GB 15 39.13 -22.48 -87.58
N LYS GB 16 39.62 -22.42 -86.35
CA LYS GB 16 40.87 -23.06 -85.98
C LYS GB 16 40.68 -24.56 -85.87
N GLY GB 17 41.79 -25.28 -85.88
CA GLY GB 17 41.74 -26.71 -85.72
C GLY GB 17 42.69 -27.40 -86.68
N HIS GB 18 42.49 -28.69 -86.84
CA HIS GB 18 43.38 -29.54 -87.61
C HIS GB 18 42.63 -30.07 -88.82
N VAL GB 19 43.31 -30.16 -89.96
CA VAL GB 19 42.64 -30.37 -91.24
C VAL GB 19 42.37 -31.85 -91.47
N VAL GB 20 41.10 -32.19 -91.65
CA VAL GB 20 40.68 -33.50 -92.12
C VAL GB 20 39.68 -33.27 -93.24
N THR GB 21 39.75 -34.10 -94.28
CA THR GB 21 38.89 -33.92 -95.44
C THR GB 21 37.46 -34.23 -95.01
N LYS GB 22 36.67 -33.18 -94.80
CA LYS GB 22 35.35 -33.35 -94.20
C LYS GB 22 34.43 -34.11 -95.13
N ARG GB 23 33.35 -34.61 -94.56
CA ARG GB 23 32.48 -35.58 -95.20
C ARG GB 23 31.02 -35.16 -95.01
N GLU GB 24 30.19 -35.49 -95.99
CA GLU GB 24 28.77 -35.21 -95.91
C GLU GB 24 28.03 -36.45 -95.41
N LEU GB 25 27.31 -36.30 -94.31
CA LEU GB 25 26.68 -37.42 -93.64
C LEU GB 25 25.47 -37.91 -94.44
N PRO GB 26 25.28 -39.22 -94.56
CA PRO GB 26 24.09 -39.72 -95.22
C PRO GB 26 22.86 -39.40 -94.42
N PRO GB 27 21.73 -39.16 -95.08
CA PRO GB 27 20.48 -38.97 -94.34
C PRO GB 27 20.21 -40.14 -93.41
N ARG GB 28 19.81 -39.81 -92.19
CA ARG GB 28 19.41 -40.75 -91.17
C ARG GB 28 17.91 -40.66 -90.95
N PRO GB 29 17.30 -41.65 -90.31
CA PRO GB 29 16.04 -41.39 -89.63
C PRO GB 29 16.28 -40.36 -88.54
N SER GB 30 15.20 -39.79 -88.02
CA SER GB 30 15.19 -38.74 -87.01
C SER GB 30 15.71 -37.42 -87.52
N ASP GB 31 16.14 -37.32 -88.78
CA ASP GB 31 16.25 -36.00 -89.39
C ASP GB 31 14.92 -35.53 -89.93
N ARG GB 32 14.01 -36.47 -90.20
CA ARG GB 32 12.62 -36.14 -90.42
C ARG GB 32 11.84 -36.04 -89.12
N LYS GB 33 12.52 -36.21 -88.00
CA LYS GB 33 11.84 -36.23 -86.71
C LYS GB 33 11.02 -34.96 -86.54
N GLY GB 34 9.71 -35.12 -86.43
CA GLY GB 34 8.82 -33.99 -86.31
C GLY GB 34 8.20 -33.52 -87.61
N LYS GB 35 8.78 -33.89 -88.76
CA LYS GB 35 8.15 -33.58 -90.04
C LYS GB 35 6.73 -34.12 -90.06
N GLY GB 36 5.75 -33.23 -90.09
CA GLY GB 36 4.37 -33.67 -90.03
C GLY GB 36 3.98 -34.48 -91.24
N THR GB 37 3.15 -35.49 -91.01
CA THR GB 37 2.74 -36.41 -92.06
C THR GB 37 1.29 -36.17 -92.46
N LYS GB 38 0.92 -36.78 -93.59
CA LYS GB 38 -0.40 -36.54 -94.16
C LYS GB 38 -1.50 -36.95 -93.20
N ARG GB 39 -1.42 -38.15 -92.64
CA ARG GB 39 -2.51 -38.62 -91.80
C ARG GB 39 -2.54 -37.90 -90.47
N VAL GB 40 -1.38 -37.58 -89.89
CA VAL GB 40 -1.43 -36.90 -88.61
C VAL GB 40 -1.99 -35.49 -88.78
N HIS GB 41 -1.65 -34.83 -89.88
CA HIS GB 41 -2.26 -33.53 -90.16
C HIS GB 41 -3.77 -33.67 -90.32
N PHE GB 42 -4.19 -34.70 -91.05
CA PHE GB 42 -5.62 -34.97 -91.21
C PHE GB 42 -6.31 -35.13 -89.87
N VAL GB 43 -5.73 -35.96 -89.00
CA VAL GB 43 -6.30 -36.23 -87.68
C VAL GB 43 -6.40 -34.95 -86.86
N ARG GB 44 -5.29 -34.21 -86.78
CA ARG GB 44 -5.26 -33.04 -85.91
C ARG GB 44 -6.22 -31.98 -86.41
N ASN GB 45 -6.23 -31.73 -87.72
CA ASN GB 45 -7.14 -30.73 -88.26
C ASN GB 45 -8.59 -31.14 -88.05
N LEU GB 46 -8.91 -32.42 -88.24
CA LEU GB 46 -10.28 -32.86 -87.99
C LEU GB 46 -10.68 -32.63 -86.55
N ILE GB 47 -9.87 -33.14 -85.61
CA ILE GB 47 -10.21 -33.03 -84.20
C ILE GB 47 -10.21 -31.59 -83.72
N ARG GB 48 -9.53 -30.70 -84.45
CA ARG GB 48 -9.39 -29.33 -83.97
C ARG GB 48 -10.73 -28.63 -83.84
N GLU GB 49 -11.55 -28.64 -84.91
CA GLU GB 49 -12.84 -27.97 -84.78
C GLU GB 49 -13.83 -28.80 -83.99
N VAL GB 50 -13.72 -30.13 -84.02
CA VAL GB 50 -14.63 -30.96 -83.24
C VAL GB 50 -14.49 -30.64 -81.76
N ALA GB 51 -13.26 -30.55 -81.28
CA ALA GB 51 -13.02 -30.18 -79.89
C ALA GB 51 -13.34 -28.71 -79.67
N GLY GB 52 -12.86 -27.85 -80.55
CA GLY GB 52 -12.99 -26.43 -80.38
C GLY GB 52 -11.65 -25.77 -80.16
N PHE GB 53 -11.69 -24.58 -79.60
CA PHE GB 53 -10.50 -23.81 -79.26
C PHE GB 53 -10.47 -23.56 -77.77
N ALA GB 54 -9.30 -23.71 -77.16
CA ALA GB 54 -9.17 -23.42 -75.75
C ALA GB 54 -9.41 -21.94 -75.49
N PRO GB 55 -9.89 -21.58 -74.30
CA PRO GB 55 -10.28 -20.18 -74.08
C PRO GB 55 -9.19 -19.17 -74.34
N TYR GB 56 -7.94 -19.45 -73.96
CA TYR GB 56 -6.92 -18.45 -74.22
C TYR GB 56 -6.66 -18.35 -75.71
N GLU GB 57 -6.78 -19.46 -76.42
CA GLU GB 57 -6.66 -19.42 -77.87
C GLU GB 57 -7.77 -18.60 -78.49
N LYS GB 58 -8.96 -18.65 -77.93
CA LYS GB 58 -10.02 -17.76 -78.41
C LYS GB 58 -9.67 -16.31 -78.14
N ARG GB 59 -9.08 -16.02 -76.98
CA ARG GB 59 -8.63 -14.66 -76.71
C ARG GB 59 -7.56 -14.23 -77.70
N ILE GB 60 -6.69 -15.15 -78.11
CA ILE GB 60 -5.71 -14.87 -79.16
C ILE GB 60 -6.41 -14.54 -80.47
N THR GB 61 -7.44 -15.31 -80.82
CA THR GB 61 -8.17 -15.01 -82.05
C THR GB 61 -8.76 -13.61 -81.98
N GLU GB 62 -9.32 -13.25 -80.83
CA GLU GB 62 -9.93 -11.93 -80.69
C GLU GB 62 -8.89 -10.82 -80.82
N LEU GB 63 -7.76 -10.96 -80.12
CA LEU GB 63 -6.75 -9.91 -80.20
C LEU GB 63 -6.12 -9.82 -81.57
N LEU GB 64 -5.96 -10.94 -82.28
CA LEU GB 64 -5.46 -10.87 -83.64
C LEU GB 64 -6.46 -10.23 -84.59
N LYS GB 65 -7.75 -10.60 -84.48
CA LYS GB 65 -8.71 -9.99 -85.39
C LYS GB 65 -8.96 -8.53 -85.04
N VAL GB 66 -8.55 -8.09 -83.85
CA VAL GB 66 -8.41 -6.65 -83.62
C VAL GB 66 -7.12 -6.13 -84.25
N GLY GB 67 -6.08 -6.96 -84.29
CA GLY GB 67 -4.82 -6.58 -84.89
C GLY GB 67 -3.73 -6.19 -83.92
N LYS GB 68 -3.95 -6.35 -82.63
CA LYS GB 68 -3.00 -5.93 -81.60
C LYS GB 68 -2.07 -7.11 -81.28
N ASP GB 69 -1.14 -7.34 -82.22
CA ASP GB 69 -0.33 -8.55 -82.19
C ASP GB 69 0.60 -8.59 -80.99
N LYS GB 70 1.04 -7.43 -80.49
CA LYS GB 70 1.93 -7.44 -79.34
C LYS GB 70 1.25 -8.05 -78.14
N ARG GB 71 0.06 -7.57 -77.80
CA ARG GB 71 -0.65 -8.14 -76.66
C ARG GB 71 -1.12 -9.56 -76.95
N ALA GB 72 -1.44 -9.87 -78.20
CA ALA GB 72 -1.71 -11.27 -78.52
C ALA GB 72 -0.55 -12.16 -78.12
N LEU GB 73 0.66 -11.80 -78.56
CA LEU GB 73 1.85 -12.56 -78.16
C LEU GB 73 2.04 -12.53 -76.65
N LYS GB 74 1.74 -11.40 -76.01
CA LYS GB 74 2.03 -11.29 -74.60
C LYS GB 74 1.16 -12.25 -73.79
N VAL GB 75 -0.14 -12.28 -74.07
CA VAL GB 75 -1.02 -13.18 -73.33
C VAL GB 75 -0.74 -14.63 -73.73
N ALA GB 76 -0.41 -14.87 -75.00
CA ALA GB 76 -0.05 -16.24 -75.38
C ALA GB 76 1.19 -16.71 -74.64
N LYS GB 77 2.15 -15.82 -74.43
CA LYS GB 77 3.34 -16.15 -73.66
C LYS GB 77 3.02 -16.36 -72.20
N ARG GB 78 2.08 -15.58 -71.66
CA ARG GB 78 1.81 -15.70 -70.24
C ARG GB 78 1.04 -16.98 -69.97
N LYS GB 79 0.22 -17.42 -70.91
CA LYS GB 79 -0.40 -18.74 -70.82
C LYS GB 79 0.61 -19.87 -71.02
N LEU GB 80 1.22 -19.95 -72.20
CA LEU GB 80 2.04 -21.12 -72.51
C LEU GB 80 3.31 -21.18 -71.68
N GLY GB 81 4.06 -20.09 -71.61
CA GLY GB 81 5.24 -20.09 -70.76
C GLY GB 81 6.51 -19.52 -71.33
N THR GB 82 6.82 -19.76 -72.61
CA THR GB 82 8.07 -19.30 -73.18
C THR GB 82 7.82 -18.61 -74.51
N HIS GB 83 8.74 -17.70 -74.85
CA HIS GB 83 8.60 -16.94 -76.08
C HIS GB 83 8.64 -17.84 -77.31
N LYS GB 84 9.47 -18.86 -77.28
CA LYS GB 84 9.63 -19.70 -78.47
C LYS GB 84 8.32 -20.34 -78.87
N ARG GB 85 7.54 -20.81 -77.91
CA ARG GB 85 6.26 -21.42 -78.24
C ARG GB 85 5.14 -20.39 -78.33
N ALA GB 86 5.24 -19.27 -77.60
CA ALA GB 86 4.26 -18.21 -77.76
C ALA GB 86 4.26 -17.67 -79.18
N LYS GB 87 5.45 -17.47 -79.74
CA LYS GB 87 5.54 -16.94 -81.10
C LYS GB 87 4.87 -17.86 -82.10
N LYS GB 88 5.13 -19.16 -82.01
CA LYS GB 88 4.55 -20.03 -83.02
C LYS GB 88 3.09 -20.30 -82.75
N LYS GB 89 2.64 -20.20 -81.49
CA LYS GB 89 1.20 -20.25 -81.25
C LYS GB 89 0.50 -19.05 -81.86
N ARG GB 90 1.11 -17.87 -81.76
CA ARG GB 90 0.56 -16.72 -82.44
C ARG GB 90 0.56 -16.90 -83.95
N GLU GB 91 1.62 -17.48 -84.51
CA GLU GB 91 1.62 -17.76 -85.94
C GLU GB 91 0.49 -18.72 -86.30
N GLU GB 92 0.30 -19.78 -85.52
CA GLU GB 92 -0.74 -20.75 -85.84
C GLU GB 92 -2.12 -20.12 -85.75
N MET GB 93 -2.34 -19.25 -84.77
CA MET GB 93 -3.65 -18.66 -84.66
C MET GB 93 -3.87 -17.59 -85.73
N SER GB 94 -2.81 -16.90 -86.15
CA SER GB 94 -2.92 -16.02 -87.30
C SER GB 94 -3.24 -16.81 -88.56
N SER GB 95 -2.67 -18.00 -88.69
CA SER GB 95 -3.04 -18.89 -89.79
C SER GB 95 -4.52 -19.25 -89.72
N VAL GB 96 -5.03 -19.52 -88.52
CA VAL GB 96 -6.45 -19.85 -88.41
C VAL GB 96 -7.31 -18.65 -88.78
N LEU GB 97 -6.88 -17.43 -88.44
CA LEU GB 97 -7.64 -16.27 -88.84
C LEU GB 97 -7.54 -15.96 -90.33
N ARG GB 98 -6.42 -16.21 -90.98
CA ARG GB 98 -6.43 -16.06 -92.43
C ARG GB 98 -7.27 -17.13 -93.09
N LYS GB 99 -7.26 -18.34 -92.55
CA LYS GB 99 -8.07 -19.39 -93.15
C LYS GB 99 -9.54 -19.32 -92.75
N MET GB 100 -9.93 -18.40 -91.87
CA MET GB 100 -11.35 -18.13 -91.70
C MET GB 100 -11.79 -16.78 -92.25
N ARG GB 101 -10.86 -15.89 -92.60
CA ARG GB 101 -11.21 -14.73 -93.42
C ARG GB 101 -10.94 -14.94 -94.90
N SER GB 102 -10.41 -16.09 -95.29
CA SER GB 102 -10.33 -16.41 -96.71
C SER GB 102 -11.72 -16.56 -97.30
N ALA GB 103 -12.69 -17.02 -96.50
CA ALA GB 103 -14.06 -17.16 -96.96
C ALA GB 103 -15.03 -16.63 -95.91
N VAL HB 6 10.43 -108.70 -34.47
CA VAL HB 6 10.03 -108.53 -35.86
C VAL HB 6 10.89 -107.46 -36.57
N LYS HB 7 11.13 -107.63 -37.87
CA LYS HB 7 11.96 -106.71 -38.63
C LYS HB 7 11.19 -106.10 -39.79
N ALA HB 8 11.69 -104.96 -40.29
CA ALA HB 8 10.98 -104.21 -41.31
C ALA HB 8 11.07 -104.88 -42.67
N GLY HB 9 12.18 -105.54 -42.98
CA GLY HB 9 12.27 -106.24 -44.26
C GLY HB 9 11.14 -107.22 -44.44
N GLU HB 10 10.72 -107.86 -43.36
CA GLU HB 10 9.57 -108.75 -43.34
C GLU HB 10 8.28 -108.01 -43.05
N LEU HB 11 8.38 -106.81 -42.50
CA LEU HB 11 7.20 -106.09 -42.04
C LEU HB 11 6.53 -105.34 -43.19
N TRP HB 12 7.29 -104.85 -44.17
CA TRP HB 12 6.64 -104.40 -45.40
C TRP HB 12 5.88 -105.54 -46.06
N ASN HB 13 6.45 -106.73 -46.06
CA ASN HB 13 5.87 -107.86 -46.79
C ASN HB 13 4.76 -108.50 -45.96
N LYS HB 14 3.71 -107.73 -45.74
CA LYS HB 14 2.51 -108.21 -45.07
C LYS HB 14 1.28 -107.58 -45.70
N SER HB 15 0.12 -108.09 -45.32
CA SER HB 15 -1.15 -107.54 -45.76
C SER HB 15 -1.61 -106.44 -44.80
N LYS HB 16 -2.58 -105.65 -45.27
CA LYS HB 16 -3.05 -104.51 -44.49
C LYS HB 16 -3.68 -104.96 -43.18
N ASP HB 17 -4.54 -105.96 -43.23
CA ASP HB 17 -5.19 -106.45 -42.02
C ASP HB 17 -4.19 -107.04 -41.04
N ASP HB 18 -3.27 -107.85 -41.53
CA ASP HB 18 -2.26 -108.45 -40.65
C ASP HB 18 -1.40 -107.37 -40.03
N LEU HB 19 -1.08 -106.32 -40.80
CA LEU HB 19 -0.21 -105.26 -40.31
C LEU HB 19 -0.91 -104.42 -39.23
N THR HB 20 -2.19 -104.13 -39.41
CA THR HB 20 -2.92 -103.43 -38.35
C THR HB 20 -3.20 -104.31 -37.15
N LYS HB 21 -3.43 -105.61 -37.35
CA LYS HB 21 -3.58 -106.52 -36.23
C LYS HB 21 -2.31 -106.62 -35.41
N GLN HB 22 -1.15 -106.62 -36.07
CA GLN HB 22 0.10 -106.58 -35.35
C GLN HB 22 0.29 -105.25 -34.63
N LEU HB 23 -0.16 -104.17 -35.25
CA LEU HB 23 -0.20 -102.88 -34.56
C LEU HB 23 -0.99 -102.98 -33.26
N ALA HB 24 -2.18 -103.59 -33.32
CA ALA HB 24 -3.03 -103.70 -32.13
C ALA HB 24 -2.36 -104.52 -31.05
N GLU HB 25 -1.77 -105.66 -31.42
CA GLU HB 25 -1.12 -106.49 -30.41
C GLU HB 25 0.06 -105.78 -29.78
N LEU HB 26 0.86 -105.09 -30.59
CA LEU HB 26 1.99 -104.33 -30.05
C LEU HB 26 1.51 -103.25 -29.09
N LYS HB 27 0.39 -102.60 -29.40
CA LYS HB 27 -0.09 -101.55 -28.52
C LYS HB 27 -0.61 -102.12 -27.21
N THR HB 28 -1.24 -103.29 -27.25
CA THR HB 28 -1.64 -103.92 -25.99
C THR HB 28 -0.43 -104.31 -25.15
N GLU HB 29 0.63 -104.80 -25.80
CA GLU HB 29 1.84 -105.11 -25.05
C GLU HB 29 2.42 -103.86 -24.41
N LEU HB 30 2.42 -102.75 -25.15
CA LEU HB 30 2.85 -101.50 -24.58
C LEU HB 30 2.02 -101.13 -23.36
N GLY HB 31 0.71 -101.39 -23.43
CA GLY HB 31 -0.13 -101.14 -22.27
C GLY HB 31 0.31 -101.95 -21.05
N GLN HB 32 0.56 -103.24 -21.25
CA GLN HB 32 0.90 -104.05 -20.07
C GLN HB 32 2.30 -103.73 -19.55
N LEU HB 33 3.22 -103.32 -20.41
CA LEU HB 33 4.53 -102.90 -19.91
C LEU HB 33 4.44 -101.60 -19.12
N ARG HB 34 3.61 -100.65 -19.55
CA ARG HB 34 3.42 -99.50 -18.64
C ARG HB 34 2.69 -99.93 -17.38
N ILE HB 35 1.90 -101.00 -17.44
CA ILE HB 35 1.30 -101.54 -16.22
C ILE HB 35 2.39 -101.93 -15.24
N GLN HB 36 3.35 -102.72 -15.70
CA GLN HB 36 4.36 -103.24 -14.79
C GLN HB 36 5.51 -102.27 -14.55
N LYS HB 37 5.56 -101.15 -15.28
CA LYS HB 37 6.52 -100.10 -14.97
C LYS HB 37 6.34 -99.58 -13.56
N VAL HB 38 5.09 -99.35 -13.16
CA VAL HB 38 4.83 -98.67 -11.90
C VAL HB 38 4.98 -99.62 -10.73
N ALA HB 39 4.68 -100.90 -10.94
CA ALA HB 39 4.73 -101.88 -9.87
C ALA HB 39 6.09 -102.58 -9.79
N SER HB 40 6.47 -103.27 -10.86
CA SER HB 40 7.68 -104.07 -10.87
C SER HB 40 8.80 -103.32 -11.59
N SER HB 41 9.92 -103.99 -11.83
CA SER HB 41 11.09 -103.37 -12.42
C SER HB 41 12.09 -104.45 -12.79
N GLY HB 42 13.31 -104.03 -13.12
CA GLY HB 42 14.44 -104.91 -13.33
C GLY HB 42 14.71 -105.32 -14.77
N SER HB 43 13.89 -106.22 -15.32
CA SER HB 43 14.21 -106.83 -16.61
C SER HB 43 13.20 -106.53 -17.69
N LYS HB 44 11.93 -106.34 -17.35
CA LYS HB 44 10.92 -106.03 -18.35
C LYS HB 44 10.85 -104.53 -18.62
N LEU HB 45 11.52 -103.72 -17.82
CA LEU HB 45 11.47 -102.28 -18.02
C LEU HB 45 12.16 -101.83 -19.29
N ASN HB 46 12.96 -102.68 -19.93
CA ASN HB 46 13.59 -102.30 -21.17
C ASN HB 46 12.78 -102.65 -22.39
N ARG HB 47 11.94 -103.69 -22.30
CA ARG HB 47 11.11 -104.08 -23.43
C ARG HB 47 10.18 -102.96 -23.85
N ILE HB 48 9.95 -101.97 -22.98
CA ILE HB 48 9.09 -100.85 -23.35
C ILE HB 48 9.74 -100.05 -24.46
N HIS HB 49 11.07 -99.90 -24.43
CA HIS HB 49 11.75 -99.22 -25.51
C HIS HB 49 11.54 -99.96 -26.83
N ASP HB 50 11.71 -101.29 -26.80
CA ASP HB 50 11.53 -102.09 -28.00
C ASP HB 50 10.10 -102.02 -28.52
N ILE HB 51 9.12 -102.11 -27.63
CA ILE HB 51 7.73 -102.09 -28.08
C ILE HB 51 7.40 -100.72 -28.66
N ARG HB 52 7.90 -99.66 -28.05
CA ARG HB 52 7.65 -98.32 -28.58
C ARG HB 52 8.25 -98.18 -29.98
N LYS HB 53 9.51 -98.59 -30.15
CA LYS HB 53 10.10 -98.51 -31.48
C LYS HB 53 9.38 -99.43 -32.47
N SER HB 54 8.82 -100.54 -32.00
CA SER HB 54 8.11 -101.42 -32.92
C SER HB 54 6.78 -100.82 -33.34
N ILE HB 55 6.12 -100.11 -32.43
CA ILE HB 55 4.97 -99.29 -32.82
C ILE HB 55 5.37 -98.31 -33.90
N ALA HB 56 6.50 -97.65 -33.71
CA ALA HB 56 6.97 -96.68 -34.70
C ALA HB 56 7.23 -97.36 -36.04
N ARG HB 57 7.87 -98.52 -36.03
CA ARG HB 57 8.12 -99.24 -37.28
C ARG HB 57 6.83 -99.58 -37.98
N VAL HB 58 5.87 -100.17 -37.26
CA VAL HB 58 4.68 -100.65 -37.94
C VAL HB 58 3.79 -99.49 -38.40
N LEU HB 59 3.74 -98.38 -37.65
CA LEU HB 59 3.01 -97.23 -38.15
C LEU HB 59 3.72 -96.57 -39.33
N THR HB 60 5.05 -96.57 -39.34
CA THR HB 60 5.76 -96.05 -40.49
C THR HB 60 5.47 -96.90 -41.71
N VAL HB 61 5.38 -98.22 -41.54
CA VAL HB 61 5.03 -99.07 -42.67
C VAL HB 61 3.62 -98.78 -43.13
N ILE HB 62 2.66 -98.68 -42.19
CA ILE HB 62 1.30 -98.28 -42.57
C ILE HB 62 1.33 -97.04 -43.43
N ASN HB 63 1.96 -95.97 -42.94
CA ASN HB 63 1.85 -94.69 -43.62
C ASN HB 63 2.64 -94.67 -44.93
N ALA HB 64 3.87 -95.17 -44.92
CA ALA HB 64 4.66 -95.19 -46.15
C ALA HB 64 3.95 -95.99 -47.23
N LYS HB 65 3.45 -97.17 -46.90
CA LYS HB 65 2.74 -97.97 -47.88
C LYS HB 65 1.46 -97.30 -48.34
N GLN HB 66 0.74 -96.66 -47.43
CA GLN HB 66 -0.50 -96.00 -47.82
C GLN HB 66 -0.23 -94.84 -48.77
N ARG HB 67 0.75 -94.01 -48.45
CA ARG HB 67 1.03 -92.88 -49.32
C ARG HB 67 1.63 -93.32 -50.64
N ALA HB 68 2.40 -94.41 -50.65
CA ALA HB 68 2.86 -94.95 -51.93
C ALA HB 68 1.68 -95.39 -52.79
N GLN HB 69 0.72 -96.10 -52.18
CA GLN HB 69 -0.43 -96.56 -52.95
C GLN HB 69 -1.21 -95.38 -53.49
N LEU HB 70 -1.40 -94.35 -52.67
CA LEU HB 70 -2.19 -93.22 -53.13
C LEU HB 70 -1.43 -92.36 -54.14
N ARG HB 71 -0.10 -92.35 -54.08
CA ARG HB 71 0.69 -91.76 -55.14
C ARG HB 71 0.44 -92.47 -56.45
N LEU HB 72 0.41 -93.81 -56.39
CA LEU HB 72 0.06 -94.57 -57.58
C LEU HB 72 -1.33 -94.20 -58.08
N PHE HB 73 -2.28 -94.03 -57.17
CA PHE HB 73 -3.67 -93.85 -57.57
C PHE HB 73 -3.89 -92.48 -58.21
N TYR HB 74 -3.39 -91.41 -57.58
CA TYR HB 74 -3.49 -90.07 -58.15
C TYR HB 74 -2.39 -89.75 -59.15
N LYS HB 75 -1.43 -90.63 -59.38
CA LYS HB 75 -0.34 -90.32 -60.28
C LYS HB 75 -0.65 -90.74 -61.71
N ASN HB 76 -1.94 -90.76 -62.05
CA ASN HB 76 -2.37 -90.74 -63.44
C ASN HB 76 -2.34 -89.35 -63.99
N LYS HB 77 -1.57 -88.47 -63.36
CA LYS HB 77 -1.48 -87.07 -63.75
C LYS HB 77 -2.86 -86.43 -63.77
N LYS HB 78 -3.64 -86.76 -62.74
CA LYS HB 78 -4.83 -86.04 -62.33
C LYS HB 78 -4.43 -84.82 -61.49
N TYR HB 79 -5.43 -84.15 -60.94
CA TYR HB 79 -5.16 -83.10 -59.96
C TYR HB 79 -4.54 -83.72 -58.72
N ALA HB 80 -3.42 -83.16 -58.28
CA ALA HB 80 -2.84 -83.80 -57.11
C ALA HB 80 -3.09 -82.98 -55.85
N PRO HB 81 -3.39 -83.66 -54.75
CA PRO HB 81 -3.71 -82.95 -53.50
C PRO HB 81 -2.50 -82.24 -52.91
N LEU HB 82 -2.77 -81.32 -51.97
CA LEU HB 82 -1.71 -80.51 -51.39
C LEU HB 82 -0.73 -81.35 -50.57
N ASP HB 83 -1.21 -82.35 -49.85
CA ASP HB 83 -0.30 -83.21 -49.10
C ASP HB 83 0.51 -84.14 -49.99
N LEU HB 84 0.21 -84.19 -51.29
CA LEU HB 84 0.92 -85.03 -52.24
C LEU HB 84 1.70 -84.24 -53.27
N ARG HB 85 1.37 -82.97 -53.50
CA ARG HB 85 2.14 -82.15 -54.42
C ARG HB 85 3.55 -81.93 -53.89
N ALA HB 86 4.42 -81.48 -54.78
CA ALA HB 86 5.84 -81.33 -54.45
C ALA HB 86 6.07 -80.05 -53.68
N LYS HB 87 6.46 -80.17 -52.41
CA LYS HB 87 6.93 -79.04 -51.62
C LYS HB 87 8.44 -78.94 -51.71
N GLN HB 88 8.96 -77.88 -52.33
CA GLN HB 88 10.40 -77.66 -52.34
C GLN HB 88 10.77 -76.40 -51.57
N THR HB 89 10.38 -75.22 -52.05
CA THR HB 89 10.31 -74.00 -51.28
C THR HB 89 9.27 -73.13 -51.96
N ARG HB 90 8.84 -72.08 -51.29
CA ARG HB 90 7.78 -71.27 -51.86
C ARG HB 90 8.26 -70.57 -53.12
N ALA HB 91 9.52 -70.12 -53.14
CA ALA HB 91 10.06 -69.56 -54.37
C ALA HB 91 10.10 -70.59 -55.49
N ILE HB 92 10.49 -71.82 -55.18
CA ILE HB 92 10.55 -72.86 -56.21
C ILE HB 92 9.16 -73.09 -56.78
N ARG HB 93 8.16 -73.17 -55.91
CA ARG HB 93 6.81 -73.34 -56.42
C ARG HB 93 6.33 -72.15 -57.23
N ARG HB 94 6.83 -70.94 -56.94
CA ARG HB 94 6.41 -69.77 -57.69
C ARG HB 94 7.37 -69.37 -58.80
N ARG HB 95 8.31 -70.22 -59.21
CA ARG HB 95 9.06 -69.89 -60.42
C ARG HB 95 8.26 -70.26 -61.66
N LEU HB 96 8.85 -69.98 -62.83
CA LEU HB 96 8.27 -70.34 -64.12
C LEU HB 96 8.93 -71.60 -64.67
N SER HB 97 8.13 -72.46 -65.30
CA SER HB 97 8.67 -73.68 -65.87
C SER HB 97 9.57 -73.36 -67.06
N PRO HB 98 10.44 -74.30 -67.46
CA PRO HB 98 11.41 -73.96 -68.51
C PRO HB 98 10.77 -73.56 -69.82
N ASP HB 99 9.61 -74.10 -70.16
CA ASP HB 99 8.92 -73.65 -71.37
C ASP HB 99 8.50 -72.19 -71.21
N GLU HB 100 7.99 -71.84 -70.03
CA GLU HB 100 7.59 -70.46 -69.73
C GLU HB 100 8.79 -69.53 -69.81
N LYS HB 101 9.93 -69.96 -69.29
CA LYS HB 101 11.14 -69.14 -69.34
C LYS HB 101 11.67 -69.02 -70.77
N SER HB 102 11.54 -70.09 -71.55
CA SER HB 102 12.02 -70.09 -72.92
C SER HB 102 11.12 -69.30 -73.85
N ARG HB 103 9.93 -68.92 -73.40
CA ARG HB 103 9.13 -67.98 -74.18
C ARG HB 103 9.95 -66.77 -74.57
N VAL HB 104 10.22 -66.63 -75.87
CA VAL HB 104 10.85 -65.45 -76.43
C VAL HB 104 10.05 -65.08 -77.68
N LEU HB 105 10.12 -63.82 -78.04
CA LEU HB 105 9.15 -63.28 -78.98
C LEU HB 105 9.45 -63.74 -80.39
N GLU HB 106 8.52 -63.47 -81.30
CA GLU HB 106 8.64 -63.97 -82.65
C GLU HB 106 9.81 -63.33 -83.38
N LYS HB 107 9.98 -62.02 -83.19
CA LYS HB 107 11.09 -61.33 -83.83
C LYS HB 107 12.41 -61.90 -83.33
N THR HB 108 12.47 -62.31 -82.06
CA THR HB 108 13.70 -62.86 -81.52
C THR HB 108 13.92 -64.30 -81.99
N LYS HB 109 12.84 -65.06 -82.13
CA LYS HB 109 12.97 -66.39 -82.71
C LYS HB 109 13.53 -66.30 -84.13
N LYS HB 110 13.04 -65.35 -84.92
CA LYS HB 110 13.62 -65.14 -86.25
C LYS HB 110 15.07 -64.68 -86.16
N ARG HB 111 15.37 -63.80 -85.21
CA ARG HB 111 16.73 -63.30 -85.04
C ARG HB 111 17.69 -64.35 -84.52
N THR HB 112 17.18 -65.48 -84.03
CA THR HB 112 18.04 -66.59 -83.64
C THR HB 112 18.07 -67.72 -84.67
N VAL HB 113 17.02 -67.85 -85.49
CA VAL HB 113 17.11 -68.72 -86.66
C VAL HB 113 18.08 -68.11 -87.66
N HIS HB 114 17.77 -66.93 -88.18
CA HIS HB 114 18.78 -66.14 -88.84
C HIS HB 114 19.75 -65.65 -87.79
N PHE HB 115 20.90 -65.18 -88.25
CA PHE HB 115 21.87 -64.44 -87.43
C PHE HB 115 22.11 -65.09 -86.06
N PRO HB 116 22.56 -66.34 -86.03
CA PRO HB 116 22.89 -66.97 -84.74
C PRO HB 116 24.19 -66.40 -84.22
N GLN HB 117 24.79 -67.03 -83.21
CA GLN HB 117 26.18 -66.74 -82.86
C GLN HB 117 27.06 -67.73 -83.60
N ARG HB 118 27.71 -67.27 -84.67
CA ARG HB 118 28.61 -68.15 -85.40
C ARG HB 118 29.90 -68.37 -84.60
N LYS HB 119 30.58 -69.45 -84.92
CA LYS HB 119 31.79 -69.86 -84.21
C LYS HB 119 33.00 -69.49 -85.05
N PHE HB 120 33.92 -68.73 -84.47
CA PHE HB 120 35.04 -68.19 -85.24
C PHE HB 120 36.31 -68.20 -84.42
N ALA HB 121 37.43 -68.18 -85.13
CA ALA HB 121 38.75 -67.87 -84.61
C ALA HB 121 39.39 -66.88 -85.56
N ILE HB 122 40.67 -66.56 -85.35
CA ILE HB 122 41.39 -65.72 -86.29
C ILE HB 122 42.77 -66.32 -86.54
N LYS HB 123 43.55 -65.62 -87.36
CA LYS HB 123 44.73 -66.16 -88.04
C LYS HB 123 44.35 -67.35 -88.92
N ALA HB 124 43.56 -67.06 -89.94
CA ALA HB 124 43.19 -68.05 -90.93
C ALA HB 124 43.89 -67.75 -92.24
N PRO IB 11 109.37 -58.50 -48.29
CA PRO IB 11 109.65 -58.24 -49.70
C PRO IB 11 109.93 -56.77 -49.98
N GLU IB 12 109.70 -56.38 -51.24
CA GLU IB 12 109.89 -54.99 -51.62
C GLU IB 12 109.07 -54.05 -50.75
N LYS IB 13 107.86 -54.48 -50.37
CA LYS IB 13 106.99 -53.66 -49.54
C LYS IB 13 107.63 -53.35 -48.19
N VAL IB 14 108.16 -54.37 -47.52
CA VAL IB 14 108.67 -54.13 -46.18
C VAL IB 14 110.03 -53.46 -46.24
N ILE IB 15 110.86 -53.74 -47.25
CA ILE IB 15 112.13 -53.04 -47.33
C ILE IB 15 111.91 -51.57 -47.62
N LEU IB 16 110.91 -51.27 -48.46
CA LEU IB 16 110.60 -49.88 -48.75
C LEU IB 16 110.10 -49.16 -47.50
N LYS IB 17 109.26 -49.83 -46.71
CA LYS IB 17 108.88 -49.25 -45.42
C LYS IB 17 110.10 -48.99 -44.54
N ARG IB 18 111.00 -49.96 -44.47
CA ARG IB 18 112.11 -49.85 -43.53
C ARG IB 18 113.13 -48.80 -43.96
N ARG IB 19 113.23 -48.52 -45.25
CA ARG IB 19 114.15 -47.45 -45.68
C ARG IB 19 113.74 -46.12 -45.07
N ARG IB 20 112.46 -45.76 -45.18
CA ARG IB 20 111.98 -44.55 -44.55
C ARG IB 20 112.06 -44.63 -43.04
N GLU IB 21 111.81 -45.80 -42.46
CA GLU IB 21 111.98 -45.91 -41.01
C GLU IB 21 113.40 -45.56 -40.60
N GLU IB 22 114.39 -46.00 -41.37
CA GLU IB 22 115.78 -45.65 -41.10
C GLU IB 22 116.03 -44.16 -41.28
N VAL IB 23 115.49 -43.58 -42.35
CA VAL IB 23 115.69 -42.16 -42.63
C VAL IB 23 115.14 -41.33 -41.49
N TRP IB 24 113.93 -41.66 -41.03
CA TRP IB 24 113.33 -40.93 -39.93
C TRP IB 24 114.11 -41.14 -38.64
N ALA IB 25 114.59 -42.35 -38.39
CA ALA IB 25 115.41 -42.55 -37.20
C ALA IB 25 116.61 -41.62 -37.20
N ALA IB 26 117.32 -41.56 -38.33
CA ALA IB 26 118.49 -40.71 -38.41
C ALA IB 26 118.13 -39.23 -38.25
N GLU IB 27 117.03 -38.82 -38.88
CA GLU IB 27 116.65 -37.41 -38.84
C GLU IB 27 116.26 -37.01 -37.43
N LYS IB 28 115.55 -37.89 -36.71
CA LYS IB 28 115.21 -37.62 -35.33
C LYS IB 28 116.47 -37.54 -34.47
N LYS IB 29 117.43 -38.43 -34.70
CA LYS IB 29 118.65 -38.36 -33.90
C LYS IB 29 119.37 -37.04 -34.14
N GLN IB 30 119.46 -36.60 -35.39
CA GLN IB 30 120.18 -35.36 -35.65
C GLN IB 30 119.42 -34.15 -35.13
N LYS IB 31 118.08 -34.19 -35.10
CA LYS IB 31 117.36 -33.13 -34.39
C LYS IB 31 117.68 -33.11 -32.91
N VAL IB 32 117.76 -34.28 -32.28
CA VAL IB 32 118.13 -34.32 -30.86
C VAL IB 32 119.54 -33.77 -30.67
N ALA IB 33 120.45 -34.11 -31.58
CA ALA IB 33 121.82 -33.61 -31.48
C ALA IB 33 121.87 -32.10 -31.59
N ALA IB 34 121.08 -31.53 -32.51
CA ALA IB 34 121.03 -30.08 -32.62
C ALA IB 34 120.41 -29.44 -31.39
N GLU IB 35 119.33 -30.03 -30.89
CA GLU IB 35 118.59 -29.43 -29.79
C GLU IB 35 119.35 -29.54 -28.47
N LYS IB 36 120.23 -30.53 -28.33
CA LYS IB 36 121.07 -30.54 -27.13
C LYS IB 36 121.97 -29.31 -27.09
N ILE IB 37 122.63 -28.99 -28.20
CA ILE IB 37 123.42 -27.76 -28.28
C ILE IB 37 122.53 -26.55 -28.07
N LYS IB 38 121.33 -26.58 -28.63
CA LYS IB 38 120.40 -25.46 -28.48
C LYS IB 38 120.11 -25.21 -26.99
N ALA IB 39 119.76 -26.26 -26.26
CA ALA IB 39 119.48 -26.12 -24.83
C ALA IB 39 120.73 -25.72 -24.06
N ALA IB 40 121.89 -26.27 -24.44
CA ALA IB 40 123.12 -25.98 -23.73
C ALA IB 40 123.50 -24.52 -23.84
N GLU IB 41 123.32 -23.91 -25.01
CA GLU IB 41 123.57 -22.48 -25.13
C GLU IB 41 122.44 -21.66 -24.53
N ASN IB 42 121.20 -22.14 -24.66
CA ASN IB 42 120.05 -21.40 -24.17
C ASN IB 42 120.08 -21.28 -22.66
N THR IB 43 120.56 -22.32 -21.96
CA THR IB 43 120.66 -22.22 -20.52
C THR IB 43 121.67 -21.18 -20.08
N LYS IB 44 122.75 -20.97 -20.84
CA LYS IB 44 123.67 -19.89 -20.49
C LYS IB 44 123.04 -18.53 -20.80
N VAL IB 45 122.25 -18.46 -21.86
CA VAL IB 45 121.55 -17.20 -22.15
C VAL IB 45 120.59 -16.87 -21.01
N ILE IB 46 119.82 -17.85 -20.57
CA ILE IB 46 118.92 -17.66 -19.43
C ILE IB 46 119.71 -17.27 -18.20
N TYR IB 47 120.85 -17.91 -17.98
CA TYR IB 47 121.67 -17.58 -16.81
C TYR IB 47 122.07 -16.11 -16.85
N ALA IB 48 122.51 -15.63 -18.02
CA ALA IB 48 122.90 -14.24 -18.15
C ALA IB 48 121.72 -13.31 -17.89
N ARG IB 49 120.57 -13.62 -18.48
CA ARG IB 49 119.41 -12.75 -18.31
C ARG IB 49 118.97 -12.67 -16.85
N ALA IB 50 118.93 -13.82 -16.18
CA ALA IB 50 118.52 -13.82 -14.78
C ALA IB 50 119.53 -13.07 -13.92
N GLU IB 51 120.82 -13.24 -14.20
CA GLU IB 51 121.83 -12.47 -13.47
C GLU IB 51 121.57 -10.99 -13.61
N GLN IB 52 121.30 -10.53 -14.83
CA GLN IB 52 121.16 -9.09 -14.99
C GLN IB 52 119.83 -8.58 -14.44
N TYR IB 53 118.78 -9.39 -14.53
CA TYR IB 53 117.51 -8.99 -13.92
C TYR IB 53 117.66 -8.81 -12.42
N ALA IB 54 118.32 -9.77 -11.76
CA ALA IB 54 118.56 -9.64 -10.33
C ALA IB 54 119.40 -8.40 -10.03
N GLY IB 55 120.46 -8.19 -10.82
CA GLY IB 55 121.32 -7.05 -10.59
C GLY IB 55 120.56 -5.74 -10.65
N GLU IB 56 119.65 -5.60 -11.62
CA GLU IB 56 118.88 -4.36 -11.65
C GLU IB 56 117.78 -4.34 -10.59
N TYR IB 57 117.35 -5.49 -10.07
CA TYR IB 57 116.46 -5.45 -8.90
C TYR IB 57 117.13 -4.78 -7.72
N GLU IB 58 118.35 -5.22 -7.36
CA GLU IB 58 119.04 -4.53 -6.28
C GLU IB 58 119.43 -3.11 -6.68
N ALA IB 59 119.78 -2.89 -7.93
CA ALA IB 59 120.14 -1.53 -8.34
C ALA IB 59 118.98 -0.56 -8.14
N GLN IB 60 117.77 -0.97 -8.54
CA GLN IB 60 116.60 -0.11 -8.34
C GLN IB 60 116.27 0.04 -6.88
N ASP IB 61 116.40 -1.03 -6.09
CA ASP IB 61 116.07 -0.97 -4.68
C ASP IB 61 117.00 -0.03 -3.92
N LYS IB 62 118.30 -0.08 -4.24
CA LYS IB 62 119.22 0.92 -3.67
C LYS IB 62 118.97 2.29 -4.26
N GLU IB 63 118.53 2.38 -5.51
CA GLU IB 63 118.34 3.68 -6.14
C GLU IB 63 117.22 4.46 -5.47
N LEU IB 64 116.16 3.77 -5.06
CA LEU IB 64 115.07 4.49 -4.40
C LEU IB 64 115.54 5.11 -3.08
N VAL IB 65 116.27 4.34 -2.28
CA VAL IB 65 116.79 4.85 -1.01
C VAL IB 65 117.78 5.97 -1.25
N GLN IB 66 118.65 5.80 -2.25
CA GLN IB 66 119.60 6.86 -2.60
C GLN IB 66 118.87 8.15 -2.91
N LEU IB 67 117.84 8.09 -3.77
CA LEU IB 67 117.11 9.30 -4.13
C LEU IB 67 116.41 9.93 -2.94
N LYS IB 68 115.75 9.11 -2.11
CA LYS IB 68 115.01 9.67 -0.99
C LYS IB 68 115.96 10.32 0.01
N ARG IB 69 117.08 9.66 0.30
CA ARG IB 69 118.08 10.24 1.19
C ARG IB 69 118.67 11.52 0.61
N GLU IB 70 118.91 11.53 -0.70
CA GLU IB 70 119.48 12.74 -1.31
C GLU IB 70 118.51 13.90 -1.22
N ALA IB 71 117.21 13.64 -1.43
CA ALA IB 71 116.23 14.70 -1.32
C ALA IB 71 116.16 15.25 0.09
N ARG IB 72 116.13 14.36 1.09
CA ARG IB 72 116.16 14.82 2.47
C ARG IB 72 117.41 15.65 2.75
N MET IB 73 118.55 15.22 2.21
CA MET IB 73 119.79 15.95 2.41
C MET IB 73 119.76 17.32 1.76
N LYS IB 74 119.17 17.44 0.58
CA LYS IB 74 119.21 18.67 -0.19
C LYS IB 74 118.06 19.59 0.18
N GLY IB 75 117.16 19.15 1.05
CA GLY IB 75 116.27 20.10 1.68
C GLY IB 75 114.80 19.77 1.49
N GLY IB 76 114.47 19.26 0.32
CA GLY IB 76 113.11 18.89 0.05
C GLY IB 76 112.84 17.45 0.40
N PHE IB 77 112.08 16.79 -0.45
CA PHE IB 77 111.73 15.38 -0.28
C PHE IB 77 111.40 14.80 -1.64
N TYR IB 78 111.65 13.50 -1.77
CA TYR IB 78 111.43 12.78 -3.02
C TYR IB 78 110.11 12.05 -2.98
N VAL IB 79 109.26 12.26 -3.97
CA VAL IB 79 108.00 11.54 -4.04
C VAL IB 79 108.25 10.25 -4.83
N SER IB 80 107.96 9.12 -4.21
CA SER IB 80 108.22 7.85 -4.84
C SER IB 80 107.39 7.73 -6.10
N PRO IB 81 107.87 7.01 -7.12
CA PRO IB 81 107.09 6.88 -8.35
C PRO IB 81 105.95 5.89 -8.15
N GLU IB 82 104.72 6.37 -8.38
CA GLU IB 82 103.54 5.58 -8.08
C GLU IB 82 103.55 4.27 -8.85
N ALA IB 83 103.02 3.23 -8.22
CA ALA IB 83 103.22 1.87 -8.70
C ALA IB 83 102.57 1.66 -10.06
N LYS IB 84 103.29 0.94 -10.93
CA LYS IB 84 102.85 0.63 -12.27
C LYS IB 84 102.00 -0.61 -12.35
N LEU IB 85 101.93 -1.40 -11.28
CA LEU IB 85 101.36 -2.73 -11.33
C LEU IB 85 100.47 -2.94 -10.11
N LEU IB 86 99.33 -3.58 -10.34
CA LEU IB 86 98.42 -3.96 -9.26
C LEU IB 86 98.25 -5.47 -9.27
N PHE IB 87 98.10 -6.06 -8.10
CA PHE IB 87 97.62 -7.42 -7.98
C PHE IB 87 96.21 -7.33 -7.43
N VAL IB 88 95.26 -7.89 -8.16
CA VAL IB 88 93.86 -7.89 -7.77
C VAL IB 88 93.45 -9.32 -7.46
N VAL IB 89 92.77 -9.51 -6.33
CA VAL IB 89 92.29 -10.83 -5.95
C VAL IB 89 90.83 -10.71 -5.53
N ARG IB 90 89.97 -11.48 -6.18
CA ARG IB 90 88.54 -11.39 -5.90
C ARG IB 90 88.21 -12.05 -4.56
N ILE IB 91 87.30 -11.43 -3.81
CA ILE IB 91 87.01 -11.90 -2.46
C ILE IB 91 85.52 -12.16 -2.25
N ARG IB 92 84.71 -11.99 -3.29
CA ARG IB 92 83.28 -12.23 -3.17
C ARG IB 92 82.81 -13.14 -4.29
N GLY IB 93 81.84 -13.99 -3.96
CA GLY IB 93 81.43 -15.05 -4.85
C GLY IB 93 80.58 -14.58 -6.01
N ILE IB 94 80.15 -15.54 -6.81
CA ILE IB 94 79.49 -15.28 -8.08
C ILE IB 94 78.00 -15.12 -7.90
N ASN IB 95 77.55 -15.00 -6.67
CA ASN IB 95 76.13 -14.93 -6.38
C ASN IB 95 75.71 -13.50 -6.05
N ALA IB 96 74.55 -13.10 -6.59
CA ALA IB 96 73.94 -11.80 -6.34
C ALA IB 96 74.83 -10.65 -6.80
N MET IB 97 75.08 -10.63 -8.11
CA MET IB 97 75.92 -9.61 -8.71
C MET IB 97 75.12 -8.76 -9.69
N HIS IB 98 75.28 -7.45 -9.57
CA HIS IB 98 74.77 -6.54 -10.58
C HIS IB 98 75.40 -6.92 -11.93
N PRO IB 99 74.63 -6.94 -13.02
CA PRO IB 99 75.17 -7.45 -14.28
C PRO IB 99 76.36 -6.68 -14.80
N LYS IB 100 76.40 -5.36 -14.60
CA LYS IB 100 77.56 -4.59 -15.02
C LYS IB 100 78.81 -5.03 -14.26
N THR IB 101 78.67 -5.28 -12.96
CA THR IB 101 79.78 -5.82 -12.20
C THR IB 101 80.19 -7.21 -12.70
N LYS IB 102 79.20 -8.04 -13.04
CA LYS IB 102 79.50 -9.37 -13.57
C LYS IB 102 80.34 -9.25 -14.82
N LYS IB 103 80.01 -8.28 -15.67
CA LYS IB 103 80.81 -8.05 -16.87
C LYS IB 103 82.20 -7.52 -16.53
N ILE IB 104 82.30 -6.63 -15.55
CA ILE IB 104 83.61 -6.09 -15.16
C ILE IB 104 84.54 -7.21 -14.73
N LEU IB 105 84.04 -8.12 -13.92
CA LEU IB 105 84.87 -9.23 -13.47
C LEU IB 105 85.19 -10.17 -14.62
N GLN IB 106 84.24 -10.43 -15.52
CA GLN IB 106 84.55 -11.29 -16.65
C GLN IB 106 85.63 -10.68 -17.53
N LEU IB 107 85.68 -9.35 -17.60
CA LEU IB 107 86.72 -8.68 -18.38
C LEU IB 107 88.05 -8.65 -17.66
N LEU IB 108 88.04 -8.51 -16.33
CA LEU IB 108 89.28 -8.57 -15.58
C LEU IB 108 89.82 -9.97 -15.44
N ARG IB 109 89.04 -10.99 -15.81
CA ARG IB 109 89.40 -12.39 -15.69
C ARG IB 109 89.34 -12.88 -14.25
N LEU IB 110 88.41 -12.33 -13.46
CA LEU IB 110 88.17 -12.80 -12.11
C LEU IB 110 86.78 -13.44 -12.08
N ARG IB 111 86.71 -14.70 -12.49
CA ARG IB 111 85.43 -15.36 -12.71
C ARG IB 111 85.15 -16.41 -11.64
N GLN IB 112 85.88 -16.35 -10.53
CA GLN IB 112 85.74 -17.29 -9.42
C GLN IB 112 86.38 -16.67 -8.21
N ILE IB 113 85.83 -16.95 -7.03
CA ILE IB 113 86.35 -16.35 -5.81
C ILE IB 113 87.78 -16.82 -5.57
N PHE IB 114 88.59 -15.92 -5.00
CA PHE IB 114 90.01 -16.18 -4.75
C PHE IB 114 90.74 -16.57 -6.03
N ASN IB 115 90.56 -15.75 -7.05
CA ASN IB 115 91.45 -15.68 -8.19
C ASN IB 115 92.26 -14.40 -8.11
N GLY IB 116 93.45 -14.45 -8.67
CA GLY IB 116 94.36 -13.32 -8.70
C GLY IB 116 94.74 -13.01 -10.13
N VAL IB 117 94.78 -11.73 -10.45
CA VAL IB 117 95.21 -11.25 -11.75
C VAL IB 117 96.19 -10.11 -11.52
N PHE IB 118 97.07 -9.93 -12.50
CA PHE IB 118 98.00 -8.81 -12.53
C PHE IB 118 97.43 -7.76 -13.46
N LEU IB 119 97.54 -6.49 -13.07
CA LEU IB 119 96.94 -5.42 -13.83
C LEU IB 119 97.92 -4.29 -14.05
N LYS IB 120 97.93 -3.77 -15.27
CA LYS IB 120 98.55 -2.48 -15.54
C LYS IB 120 97.83 -1.41 -14.74
N VAL IB 121 98.55 -0.42 -14.28
CA VAL IB 121 97.91 0.79 -13.78
C VAL IB 121 97.77 1.74 -14.94
N ASN IB 122 96.57 2.30 -15.08
CA ASN IB 122 96.27 3.37 -16.03
C ASN IB 122 94.85 3.80 -15.76
N LYS IB 123 94.49 4.97 -16.28
CA LYS IB 123 93.20 5.54 -15.93
C LYS IB 123 92.06 4.71 -16.49
N ALA IB 124 92.33 3.94 -17.54
CA ALA IB 124 91.30 3.06 -18.12
C ALA IB 124 90.95 1.93 -17.17
N THR IB 125 91.95 1.28 -16.59
CA THR IB 125 91.72 0.09 -15.79
C THR IB 125 91.46 0.42 -14.32
N ILE IB 126 92.10 1.46 -13.78
CA ILE IB 126 91.87 1.71 -12.36
C ILE IB 126 90.46 2.26 -12.14
N ASN IB 127 89.94 3.04 -13.08
CA ASN IB 127 88.53 3.40 -13.02
C ASN IB 127 87.62 2.23 -13.37
N MET IB 128 88.17 1.16 -13.91
CA MET IB 128 87.40 -0.08 -14.01
C MET IB 128 87.31 -0.79 -12.67
N LEU IB 129 88.40 -0.79 -11.91
CA LEU IB 129 88.34 -1.36 -10.57
C LEU IB 129 87.43 -0.55 -9.66
N ARG IB 130 87.53 0.78 -9.73
CA ARG IB 130 86.59 1.66 -9.05
C ARG IB 130 85.17 1.15 -9.10
N ARG IB 131 84.73 0.69 -10.26
CA ARG IB 131 83.35 0.24 -10.43
C ARG IB 131 83.05 -1.05 -9.70
N VAL IB 132 84.07 -1.82 -9.32
CA VAL IB 132 83.86 -3.16 -8.80
C VAL IB 132 84.63 -3.38 -7.50
N GLU IB 133 85.03 -2.32 -6.81
CA GLU IB 133 85.78 -2.50 -5.56
C GLU IB 133 85.11 -3.36 -4.50
N PRO IB 134 83.79 -3.34 -4.28
CA PRO IB 134 83.21 -4.20 -3.24
C PRO IB 134 83.52 -5.68 -3.41
N TYR IB 135 84.08 -6.09 -4.54
CA TYR IB 135 84.27 -7.49 -4.87
C TYR IB 135 85.72 -7.91 -4.97
N VAL IB 136 86.66 -6.98 -4.96
CA VAL IB 136 88.07 -7.30 -5.08
C VAL IB 136 88.84 -6.66 -3.94
N ALA IB 137 89.96 -7.27 -3.60
CA ALA IB 137 90.98 -6.65 -2.76
C ALA IB 137 92.24 -6.58 -3.59
N TYR IB 138 92.90 -5.42 -3.60
CA TYR IB 138 93.97 -5.26 -4.56
C TYR IB 138 94.99 -4.24 -4.07
N GLY IB 139 96.17 -4.32 -4.66
CA GLY IB 139 97.28 -3.49 -4.20
C GLY IB 139 98.54 -3.64 -5.01
N TYR IB 140 99.70 -3.52 -4.38
CA TYR IB 140 100.96 -3.34 -5.10
C TYR IB 140 101.85 -4.55 -4.86
N PRO IB 141 101.92 -5.50 -5.78
CA PRO IB 141 102.82 -6.64 -5.58
C PRO IB 141 104.28 -6.21 -5.64
N ASN IB 142 105.11 -6.90 -4.86
CA ASN IB 142 106.56 -6.74 -4.92
C ASN IB 142 107.19 -7.98 -5.51
N LEU IB 143 108.53 -8.00 -5.52
CA LEU IB 143 109.26 -9.04 -6.24
C LEU IB 143 108.98 -10.43 -5.69
N LYS IB 144 109.04 -10.60 -4.36
CA LYS IB 144 108.83 -11.95 -3.84
C LYS IB 144 107.44 -12.44 -4.21
N SER IB 145 106.43 -11.60 -3.99
CA SER IB 145 105.07 -12.01 -4.29
C SER IB 145 104.94 -12.40 -5.75
N VAL IB 146 105.46 -11.57 -6.66
CA VAL IB 146 105.30 -11.86 -8.08
C VAL IB 146 106.04 -13.13 -8.45
N ARG IB 147 107.29 -13.25 -8.03
CA ARG IB 147 108.07 -14.41 -8.44
C ARG IB 147 107.47 -15.70 -7.88
N GLU IB 148 107.09 -15.70 -6.61
CA GLU IB 148 106.61 -16.96 -6.07
C GLU IB 148 105.18 -17.27 -6.49
N LEU IB 149 104.38 -16.28 -6.87
CA LEU IB 149 103.16 -16.61 -7.60
C LEU IB 149 103.50 -17.32 -8.90
N ILE IB 150 104.45 -16.77 -9.65
CA ILE IB 150 104.78 -17.37 -10.95
C ILE IB 150 105.33 -18.78 -10.79
N TYR IB 151 106.20 -18.99 -9.80
CA TYR IB 151 106.73 -20.34 -9.59
C TYR IB 151 105.66 -21.27 -9.05
N LYS IB 152 105.14 -21.00 -7.86
CA LYS IB 152 104.37 -22.03 -7.18
C LYS IB 152 102.97 -22.18 -7.76
N ARG IB 153 102.42 -21.15 -8.39
CA ARG IB 153 101.08 -21.24 -8.94
C ARG IB 153 101.04 -20.76 -10.38
N GLY IB 154 102.08 -21.07 -11.14
CA GLY IB 154 102.17 -20.60 -12.50
C GLY IB 154 101.56 -21.54 -13.50
N TYR IB 155 100.54 -21.07 -14.21
CA TYR IB 155 99.94 -21.81 -15.30
C TYR IB 155 99.87 -20.92 -16.52
N GLY IB 156 99.98 -21.53 -17.69
CA GLY IB 156 99.99 -20.77 -18.92
C GLY IB 156 98.82 -21.09 -19.80
N LYS IB 157 98.21 -20.06 -20.35
CA LYS IB 157 97.15 -20.19 -21.34
C LYS IB 157 97.79 -20.58 -22.67
N LEU IB 158 98.03 -21.88 -22.81
CA LEU IB 158 98.66 -22.45 -23.99
C LEU IB 158 97.60 -23.18 -24.80
N ASN IB 159 97.31 -22.65 -25.99
CA ASN IB 159 96.30 -23.22 -26.88
C ASN IB 159 94.97 -23.39 -26.13
N LYS IB 160 94.64 -22.39 -25.31
CA LYS IB 160 93.40 -22.33 -24.54
C LYS IB 160 93.40 -23.34 -23.39
N GLN IB 161 94.43 -24.17 -23.32
CA GLN IB 161 94.56 -25.12 -22.23
C GLN IB 161 95.43 -24.53 -21.14
N ARG IB 162 95.18 -24.94 -19.90
CA ARG IB 162 95.99 -24.48 -18.77
C ARG IB 162 97.16 -25.44 -18.57
N ILE IB 163 98.31 -25.09 -19.10
CA ILE IB 163 99.50 -25.93 -19.02
C ILE IB 163 100.32 -25.48 -17.81
N PRO IB 164 100.65 -26.37 -16.88
CA PRO IB 164 101.47 -25.97 -15.73
C PRO IB 164 102.84 -25.49 -16.19
N LEU IB 165 103.34 -24.44 -15.55
CA LEU IB 165 104.64 -23.88 -15.88
C LEU IB 165 105.74 -24.58 -15.08
N ALA IB 166 105.85 -25.88 -15.30
CA ALA IB 166 106.82 -26.68 -14.57
C ALA IB 166 108.15 -26.80 -15.29
N ASN IB 167 108.26 -26.31 -16.52
CA ASN IB 167 109.50 -26.37 -17.26
C ASN IB 167 109.61 -25.16 -18.17
N ASN IB 168 110.85 -24.84 -18.54
CA ASN IB 168 111.11 -23.66 -19.34
C ASN IB 168 110.55 -23.76 -20.74
N LYS IB 169 110.18 -24.96 -21.17
CA LYS IB 169 109.84 -25.19 -22.57
C LYS IB 169 108.47 -24.64 -22.93
N VAL IB 170 107.56 -24.58 -21.96
CA VAL IB 170 106.21 -24.07 -22.21
C VAL IB 170 106.29 -22.63 -22.71
N ILE IB 171 107.19 -21.84 -22.14
CA ILE IB 171 107.34 -20.45 -22.55
C ILE IB 171 107.85 -20.37 -23.98
N GLU IB 172 108.69 -21.32 -24.41
CA GLU IB 172 109.12 -21.34 -25.80
C GLU IB 172 107.92 -21.39 -26.74
N GLU IB 173 106.82 -22.00 -26.30
CA GLU IB 173 105.64 -22.16 -27.15
C GLU IB 173 104.66 -21.00 -27.00
N GLY IB 174 104.39 -20.59 -25.76
CA GLY IB 174 103.46 -19.49 -25.55
C GLY IB 174 104.02 -18.17 -26.02
N LEU IB 175 105.31 -17.94 -25.77
CA LEU IB 175 106.02 -16.73 -26.14
C LEU IB 175 107.23 -17.15 -26.96
N GLY IB 176 108.20 -16.27 -27.11
CA GLY IB 176 109.33 -16.52 -27.98
C GLY IB 176 109.27 -15.73 -29.27
N LYS IB 177 108.07 -15.33 -29.66
CA LYS IB 177 107.92 -14.18 -30.54
C LYS IB 177 108.01 -12.87 -29.78
N HIS IB 178 108.15 -12.91 -28.45
CA HIS IB 178 108.22 -11.71 -27.63
C HIS IB 178 109.51 -11.59 -26.83
N ASN IB 179 110.53 -12.39 -27.12
CA ASN IB 179 111.82 -12.33 -26.42
C ASN IB 179 111.65 -12.56 -24.92
N ILE IB 180 110.77 -13.50 -24.56
CA ILE IB 180 110.65 -14.01 -23.21
C ILE IB 180 110.94 -15.49 -23.30
N ILE IB 181 112.00 -15.94 -22.63
CA ILE IB 181 112.44 -17.32 -22.80
C ILE IB 181 112.32 -18.11 -21.52
N CYS IB 182 112.56 -17.50 -20.35
CA CYS IB 182 112.44 -18.32 -19.15
C CYS IB 182 111.41 -17.74 -18.19
N ILE IB 183 111.25 -18.45 -17.09
CA ILE IB 183 110.37 -18.00 -16.02
C ILE IB 183 110.86 -16.67 -15.47
N GLU IB 184 112.17 -16.48 -15.38
CA GLU IB 184 112.67 -15.23 -14.87
C GLU IB 184 112.46 -14.08 -15.85
N ASP IB 185 112.51 -14.33 -17.16
CA ASP IB 185 112.08 -13.29 -18.10
C ASP IB 185 110.61 -12.96 -17.88
N LEU IB 186 109.78 -13.98 -17.68
CA LEU IB 186 108.36 -13.69 -17.52
C LEU IB 186 108.14 -12.86 -16.25
N VAL IB 187 108.83 -13.19 -15.17
CA VAL IB 187 108.67 -12.47 -13.91
C VAL IB 187 109.14 -11.03 -14.05
N HIS IB 188 110.33 -10.84 -14.62
CA HIS IB 188 110.80 -9.48 -14.83
C HIS IB 188 109.86 -8.69 -15.70
N GLU IB 189 109.44 -9.28 -16.82
CA GLU IB 189 108.74 -8.51 -17.82
C GLU IB 189 107.33 -8.17 -17.34
N ILE IB 190 106.78 -8.96 -16.41
CA ILE IB 190 105.61 -8.50 -15.68
C ILE IB 190 105.96 -7.40 -14.69
N LEU IB 191 106.82 -7.73 -13.71
CA LEU IB 191 107.00 -6.84 -12.57
C LEU IB 191 107.39 -5.43 -13.02
N THR IB 192 108.43 -5.32 -13.83
CA THR IB 192 108.75 -4.03 -14.44
C THR IB 192 107.95 -3.98 -15.73
N VAL IB 193 106.76 -3.37 -15.65
CA VAL IB 193 105.74 -3.53 -16.68
C VAL IB 193 106.35 -3.21 -18.04
N GLY IB 194 106.47 -4.23 -18.87
CA GLY IB 194 107.29 -4.15 -20.05
C GLY IB 194 106.49 -3.83 -21.29
N PRO IB 195 107.20 -3.66 -22.40
CA PRO IB 195 106.51 -3.44 -23.68
C PRO IB 195 105.64 -4.60 -24.12
N HIS IB 196 105.80 -5.78 -23.52
CA HIS IB 196 105.03 -6.96 -23.88
C HIS IB 196 104.18 -7.46 -22.73
N PHE IB 197 103.89 -6.60 -21.74
CA PHE IB 197 103.20 -7.05 -20.55
C PHE IB 197 101.82 -7.59 -20.90
N LYS IB 198 101.17 -7.01 -21.90
CA LYS IB 198 99.86 -7.49 -22.30
C LYS IB 198 99.91 -8.97 -22.65
N GLU IB 199 100.86 -9.35 -23.52
CA GLU IB 199 100.97 -10.73 -23.93
C GLU IB 199 101.45 -11.61 -22.79
N ALA IB 200 102.38 -11.13 -21.97
CA ALA IB 200 102.86 -11.97 -20.89
C ALA IB 200 101.91 -12.05 -19.71
N ASN IB 201 100.81 -11.30 -19.75
CA ASN IB 201 99.74 -11.48 -18.78
C ASN IB 201 98.60 -12.30 -19.36
N ASN IB 202 98.17 -12.01 -20.58
CA ASN IB 202 97.17 -12.84 -21.23
C ASN IB 202 97.66 -14.27 -21.41
N PHE IB 203 98.97 -14.47 -21.46
CA PHE IB 203 99.52 -15.83 -21.42
C PHE IB 203 99.23 -16.48 -20.08
N LEU IB 204 99.37 -15.72 -19.00
CA LEU IB 204 99.13 -16.28 -17.69
C LEU IB 204 97.65 -16.59 -17.53
N TRP IB 205 97.37 -17.67 -16.84
CA TRP IB 205 96.02 -18.05 -16.46
C TRP IB 205 95.71 -17.47 -15.10
N PRO IB 206 94.48 -17.02 -14.85
CA PRO IB 206 94.16 -16.43 -13.54
C PRO IB 206 94.59 -17.30 -12.38
N PHE IB 207 95.40 -16.75 -11.49
CA PHE IB 207 95.94 -17.54 -10.39
C PHE IB 207 94.81 -18.04 -9.52
N LYS IB 208 94.71 -19.35 -9.37
CA LYS IB 208 93.65 -19.98 -8.58
C LYS IB 208 94.21 -20.15 -7.18
N LEU IB 209 93.92 -19.23 -6.27
CA LEU IB 209 94.66 -19.15 -5.01
C LEU IB 209 93.97 -19.91 -3.89
N LYS IB 210 94.76 -20.17 -2.84
CA LYS IB 210 94.25 -20.80 -1.63
C LYS IB 210 93.39 -19.82 -0.86
N ALA IB 211 92.54 -20.37 -0.01
CA ALA IB 211 91.80 -19.53 0.92
C ALA IB 211 92.75 -18.95 1.96
N PRO IB 212 92.54 -17.72 2.40
CA PRO IB 212 93.56 -17.07 3.22
C PRO IB 212 93.85 -17.80 4.51
N LEU IB 213 95.08 -18.29 4.66
CA LEU IB 213 95.47 -18.90 5.92
C LEU IB 213 95.36 -17.86 7.04
N GLY IB 214 95.04 -18.33 8.22
CA GLY IB 214 94.89 -17.44 9.34
C GLY IB 214 93.62 -16.63 9.32
N GLY IB 215 92.80 -16.78 8.29
CA GLY IB 215 91.55 -16.08 8.22
C GLY IB 215 91.63 -14.83 7.37
N LEU IB 216 90.56 -14.07 7.44
CA LEU IB 216 90.37 -12.90 6.61
C LEU IB 216 89.48 -11.96 7.41
N LYS IB 217 89.79 -10.66 7.39
CA LYS IB 217 88.92 -9.71 8.06
C LYS IB 217 87.57 -9.67 7.34
N LYS IB 218 86.68 -8.83 7.83
CA LYS IB 218 85.33 -8.78 7.26
C LYS IB 218 85.38 -8.38 5.80
N LYS IB 219 84.79 -9.20 4.93
CA LYS IB 219 84.83 -8.83 3.53
C LYS IB 219 83.75 -7.83 3.15
N ARG IB 220 82.88 -7.44 4.07
CA ARG IB 220 81.79 -6.57 3.70
C ARG IB 220 82.26 -5.13 3.52
N ASN IB 221 83.23 -4.69 4.32
CA ASN IB 221 83.66 -3.30 4.34
C ASN IB 221 84.95 -3.12 3.57
N HIS IB 222 85.33 -1.87 3.40
CA HIS IB 222 86.58 -1.51 2.73
C HIS IB 222 87.75 -1.68 3.69
N TYR IB 223 88.95 -1.84 3.13
CA TYR IB 223 90.12 -2.05 3.96
C TYR IB 223 90.38 -0.87 4.86
N VAL IB 224 90.10 0.35 4.38
CA VAL IB 224 90.26 1.54 5.22
C VAL IB 224 89.34 1.47 6.44
N GLU IB 225 88.09 1.08 6.24
CA GLU IB 225 87.16 1.13 7.33
C GLU IB 225 87.29 -0.08 8.26
N GLY IB 226 88.06 -1.07 7.87
CA GLY IB 226 88.29 -2.23 8.72
C GLY IB 226 88.17 -3.52 7.96
N GLY IB 227 87.53 -3.46 6.79
CA GLY IB 227 87.28 -4.64 6.00
C GLY IB 227 88.43 -5.03 5.11
N ASP IB 228 88.13 -5.50 3.89
CA ASP IB 228 89.18 -6.03 3.03
C ASP IB 228 89.13 -5.60 1.58
N ALA IB 229 88.01 -5.10 1.06
CA ALA IB 229 87.98 -4.72 -0.34
C ALA IB 229 88.79 -3.46 -0.57
N GLY IB 230 89.09 -3.18 -1.83
CA GLY IB 230 89.73 -1.95 -2.20
C GLY IB 230 91.23 -1.95 -1.99
N ASN IB 231 91.82 -0.79 -2.20
CA ASN IB 231 93.26 -0.63 -2.06
C ASN IB 231 93.74 -1.03 -0.67
N ARG IB 232 94.78 -1.85 -0.64
CA ARG IB 232 95.64 -2.09 0.51
C ARG IB 232 97.07 -2.02 0.04
N GLU IB 233 97.41 -0.91 -0.61
CA GLU IB 233 98.45 -0.80 -1.62
C GLU IB 233 99.65 -1.70 -1.38
N ASN IB 234 100.30 -1.59 -0.23
CA ASN IB 234 101.47 -2.42 0.03
C ASN IB 234 101.11 -3.77 0.62
N TYR IB 235 99.92 -3.91 1.19
CA TYR IB 235 99.59 -5.07 2.01
C TYR IB 235 99.00 -6.23 1.23
N ILE IB 236 98.80 -6.12 -0.08
CA ILE IB 236 98.64 -7.36 -0.83
C ILE IB 236 99.86 -8.23 -0.64
N ASN IB 237 101.02 -7.63 -0.42
CA ASN IB 237 102.17 -8.44 -0.09
C ASN IB 237 101.93 -9.23 1.19
N GLN IB 238 101.42 -8.56 2.23
CA GLN IB 238 101.16 -9.26 3.48
C GLN IB 238 100.07 -10.31 3.33
N LEU IB 239 99.11 -10.10 2.44
CA LEU IB 239 98.04 -11.07 2.25
C LEU IB 239 98.48 -12.26 1.41
N VAL IB 240 99.37 -12.05 0.44
CA VAL IB 240 99.70 -13.13 -0.49
C VAL IB 240 100.38 -14.28 0.25
N ARG IB 241 101.20 -13.98 1.26
CA ARG IB 241 101.88 -15.07 1.95
C ARG IB 241 100.91 -15.97 2.68
N ARG IB 242 99.67 -15.54 2.86
CA ARG IB 242 98.64 -16.39 3.46
C ARG IB 242 97.53 -16.77 2.51
N MET IB 243 97.49 -16.21 1.30
CA MET IB 243 96.79 -16.81 0.17
C MET IB 243 97.62 -17.84 -0.57
N ASN IB 244 98.89 -18.01 -0.22
CA ASN IB 244 99.80 -18.75 -1.07
C ASN IB 244 100.90 -19.42 -0.27
N SER JB 2 32.79 -12.93 24.64
CA SER JB 2 32.76 -14.35 24.92
C SER JB 2 32.98 -14.60 26.39
N HIS JB 3 33.01 -13.53 27.15
CA HIS JB 3 33.06 -13.66 28.59
C HIS JB 3 31.75 -14.27 29.11
N ARG JB 4 31.85 -14.92 30.27
CA ARG JB 4 30.65 -15.43 30.92
C ARG JB 4 29.66 -14.28 31.12
N LYS JB 5 28.43 -14.45 30.66
CA LYS JB 5 27.45 -13.39 30.86
C LYS JB 5 27.21 -13.14 32.34
N PHE JB 6 26.90 -14.18 33.10
CA PHE JB 6 26.54 -14.05 34.50
C PHE JB 6 27.44 -14.96 35.32
N GLU JB 7 28.23 -14.35 36.21
CA GLU JB 7 29.13 -15.09 37.06
C GLU JB 7 28.33 -15.94 38.04
N HIS JB 8 28.96 -17.02 38.50
CA HIS JB 8 28.47 -17.75 39.66
C HIS JB 8 29.60 -18.59 40.19
N PRO JB 9 29.70 -18.77 41.50
CA PRO JB 9 30.84 -19.51 42.05
C PRO JB 9 30.86 -20.93 41.54
N ARG JB 10 32.06 -21.48 41.47
CA ARG JB 10 32.29 -22.87 41.10
C ARG JB 10 31.37 -23.86 41.80
N HIS JB 11 31.02 -24.95 41.12
CA HIS JB 11 30.41 -26.09 41.78
C HIS JB 11 31.52 -27.01 42.26
N GLY JB 12 31.47 -27.41 43.53
CA GLY JB 12 32.46 -28.29 44.07
C GLY JB 12 33.80 -27.60 44.30
N SER JB 13 34.63 -28.24 45.12
CA SER JB 13 35.92 -27.71 45.49
C SER JB 13 37.03 -28.49 44.83
N LEU JB 14 38.04 -27.78 44.34
CA LEU JB 14 39.21 -28.42 43.76
C LEU JB 14 40.20 -28.87 44.81
N GLY JB 15 40.01 -28.46 46.07
CA GLY JB 15 40.92 -28.85 47.12
C GLY JB 15 40.82 -30.28 47.53
N PHE JB 16 39.93 -31.05 46.90
CA PHE JB 16 39.71 -32.44 47.24
C PHE JB 16 39.93 -33.36 46.04
N LEU JB 17 40.55 -32.89 45.04
CA LEU JB 17 40.84 -33.85 44.02
C LEU JB 17 42.17 -34.54 44.28
N PRO JB 18 42.36 -35.75 43.77
CA PRO JB 18 41.34 -36.54 43.08
C PRO JB 18 40.36 -37.11 44.07
N ARG JB 19 39.10 -37.28 43.70
CA ARG JB 19 38.14 -37.98 44.55
C ARG JB 19 37.93 -39.37 43.98
N LYS JB 20 38.52 -40.35 44.65
CA LYS JB 20 38.48 -41.74 44.25
C LYS JB 20 38.25 -42.60 45.49
N ARG JB 21 38.25 -43.92 45.31
CA ARG JB 21 38.28 -44.80 46.48
C ARG JB 21 39.48 -44.45 47.32
N CYS JB 22 39.28 -44.34 48.63
CA CYS JB 22 40.42 -44.22 49.52
C CYS JB 22 41.16 -45.53 49.54
N SER JB 23 42.47 -45.49 49.38
CA SER JB 23 43.28 -46.70 49.41
C SER JB 23 43.51 -47.20 50.82
N ARG JB 24 42.69 -46.73 51.76
CA ARG JB 24 42.81 -47.02 53.18
C ARG JB 24 41.41 -47.12 53.76
N HIS JB 25 41.09 -48.22 54.41
CA HIS JB 25 39.83 -48.25 55.15
C HIS JB 25 39.91 -47.40 56.41
N ARG JB 26 41.02 -47.47 57.13
CA ARG JB 26 41.15 -46.73 58.37
C ARG JB 26 41.60 -45.31 58.09
N GLY JB 27 40.98 -44.36 58.78
CA GLY JB 27 41.38 -42.98 58.64
C GLY JB 27 42.78 -42.72 59.16
N LYS JB 28 43.71 -42.44 58.27
CA LYS JB 28 45.09 -42.21 58.66
C LYS JB 28 45.26 -40.81 59.20
N VAL JB 29 46.03 -40.67 60.27
CA VAL JB 29 46.35 -39.36 60.83
C VAL JB 29 47.49 -38.79 60.01
N LYS JB 30 47.18 -37.91 59.07
CA LYS JB 30 48.20 -37.31 58.24
C LYS JB 30 48.92 -36.15 58.92
N SER JB 31 48.57 -35.85 60.16
CA SER JB 31 49.28 -34.84 60.94
C SER JB 31 48.92 -34.97 62.41
N PHE JB 32 49.92 -35.16 63.25
CA PHE JB 32 49.71 -35.29 64.68
C PHE JB 32 49.92 -33.95 65.36
N PRO JB 33 49.36 -33.76 66.55
CA PRO JB 33 49.57 -32.50 67.27
C PRO JB 33 51.05 -32.27 67.53
N LYS JB 34 51.47 -31.01 67.40
CA LYS JB 34 52.87 -30.67 67.55
C LYS JB 34 53.35 -31.01 68.95
N ASP JB 35 54.58 -31.51 69.05
CA ASP JB 35 55.11 -31.94 70.34
C ASP JB 35 55.33 -30.76 71.26
N ASP JB 36 55.14 -31.01 72.55
CA ASP JB 36 55.28 -29.99 73.59
C ASP JB 36 55.95 -30.65 74.77
N GLN JB 37 57.27 -30.53 74.86
CA GLN JB 37 58.01 -31.24 75.91
C GLN JB 37 57.75 -30.69 77.30
N GLN JB 38 57.10 -29.53 77.42
CA GLN JB 38 56.81 -28.98 78.73
C GLN JB 38 55.65 -29.70 79.42
N LYS JB 39 54.75 -30.30 78.64
CA LYS JB 39 53.56 -30.92 79.20
C LYS JB 39 53.84 -32.33 79.69
N PRO JB 40 53.00 -32.85 80.57
CA PRO JB 40 53.11 -34.27 80.93
C PRO JB 40 52.84 -35.16 79.74
N CYS JB 41 53.44 -36.33 79.77
CA CYS JB 41 53.36 -37.26 78.66
C CYS JB 41 51.94 -37.76 78.48
N HIS JB 42 51.52 -37.88 77.22
CA HIS JB 42 50.19 -38.40 76.91
C HIS JB 42 50.16 -38.85 75.46
N LEU JB 43 49.07 -39.51 75.09
CA LEU JB 43 48.84 -39.94 73.71
C LEU JB 43 48.26 -38.78 72.92
N THR JB 44 48.16 -38.95 71.60
CA THR JB 44 47.54 -37.90 70.79
C THR JB 44 46.42 -38.37 69.86
N ALA JB 45 46.06 -39.64 69.87
CA ALA JB 45 45.03 -40.12 68.97
C ALA JB 45 44.44 -41.38 69.58
N PHE JB 46 43.36 -41.87 68.98
CA PHE JB 46 42.69 -43.01 69.58
C PHE JB 46 41.73 -43.53 68.52
N LEU JB 47 41.24 -44.75 68.69
CA LEU JB 47 40.35 -45.38 67.72
C LEU JB 47 38.98 -45.65 68.30
N GLY JB 48 37.94 -45.31 67.54
CA GLY JB 48 36.58 -45.64 67.90
C GLY JB 48 35.83 -46.25 66.73
N TYR JB 49 34.57 -46.56 66.97
CA TYR JB 49 33.68 -47.11 65.96
C TYR JB 49 32.37 -46.36 66.01
N LYS JB 50 31.96 -45.83 64.86
CA LYS JB 50 30.72 -45.05 64.80
C LYS JB 50 29.54 -45.97 65.06
N ALA JB 51 28.89 -45.82 66.21
CA ALA JB 51 27.77 -46.68 66.52
C ALA JB 51 26.50 -46.18 65.85
N GLY JB 52 26.13 -44.93 66.10
CA GLY JB 52 24.94 -44.38 65.50
C GLY JB 52 24.79 -42.93 65.92
N MET JB 53 23.62 -42.37 65.65
CA MET JB 53 23.31 -41.03 66.11
C MET JB 53 22.07 -41.05 66.98
N THR JB 54 21.98 -40.04 67.85
CA THR JB 54 20.79 -39.76 68.63
C THR JB 54 20.65 -38.24 68.67
N HIS JB 55 19.80 -37.73 69.54
CA HIS JB 55 19.84 -36.31 69.84
C HIS JB 55 19.74 -36.12 71.33
N ILE JB 56 20.09 -34.91 71.75
CA ILE JB 56 20.11 -34.49 73.13
C ILE JB 56 19.38 -33.17 73.24
N VAL JB 57 19.13 -32.73 74.47
CA VAL JB 57 18.66 -31.39 74.73
C VAL JB 57 19.47 -30.85 75.90
N ARG JB 58 19.93 -29.61 75.78
CA ARG JB 58 20.78 -29.01 76.80
C ARG JB 58 20.35 -27.58 77.09
N GLU JB 59 20.86 -27.04 78.18
CA GLU JB 59 20.63 -25.65 78.54
C GLU JB 59 21.86 -24.85 78.11
N VAL JB 60 21.67 -23.96 77.16
CA VAL JB 60 22.79 -23.19 76.63
C VAL JB 60 23.13 -22.05 77.58
N GLU JB 61 24.42 -21.85 77.82
CA GLU JB 61 24.94 -20.71 78.56
C GLU JB 61 25.82 -19.93 77.59
N LYS JB 62 25.25 -18.90 76.97
CA LYS JB 62 25.92 -18.17 75.90
C LYS JB 62 25.49 -16.72 75.97
N PRO JB 63 26.13 -15.94 76.83
CA PRO JB 63 25.73 -14.54 77.01
C PRO JB 63 25.75 -13.78 75.70
N GLY JB 64 24.61 -13.19 75.37
CA GLY JB 64 24.44 -12.47 74.12
C GLY JB 64 23.70 -13.22 73.04
N SER JB 65 23.28 -14.46 73.31
CA SER JB 65 22.56 -15.25 72.35
C SER JB 65 21.07 -15.26 72.65
N LYS JB 66 20.28 -15.56 71.61
CA LYS JB 66 18.86 -15.78 71.86
C LYS JB 66 18.63 -17.06 72.63
N LEU JB 67 19.54 -18.02 72.50
CA LEU JB 67 19.40 -19.32 73.13
C LEU JB 67 19.96 -19.34 74.54
N HIS JB 68 20.35 -18.20 75.08
CA HIS JB 68 20.94 -18.15 76.41
C HIS JB 68 19.87 -18.45 77.47
N LYS JB 69 20.26 -19.25 78.46
CA LYS JB 69 19.34 -19.82 79.46
C LYS JB 69 18.22 -20.61 78.82
N LYS JB 70 18.35 -20.99 77.55
CA LYS JB 70 17.32 -21.71 76.83
C LYS JB 70 17.81 -23.09 76.46
N GLU JB 71 16.92 -24.06 76.56
CA GLU JB 71 17.18 -25.41 76.09
C GLU JB 71 17.13 -25.50 74.57
N THR JB 72 18.06 -26.27 74.01
CA THR JB 72 18.14 -26.52 72.58
C THR JB 72 18.35 -28.01 72.33
N CYS JB 73 17.91 -28.46 71.16
CA CYS JB 73 17.99 -29.85 70.75
C CYS JB 73 19.08 -30.01 69.72
N GLU JB 74 19.99 -30.95 69.93
CA GLU JB 74 21.17 -31.09 69.09
C GLU JB 74 21.40 -32.54 68.73
N ALA JB 75 21.78 -32.78 67.48
CA ALA JB 75 22.12 -34.12 67.05
C ALA JB 75 23.50 -34.50 67.55
N VAL JB 76 23.63 -35.72 68.06
CA VAL JB 76 24.91 -36.21 68.53
C VAL JB 76 25.18 -37.56 67.91
N THR JB 77 26.44 -37.94 67.90
CA THR JB 77 26.89 -39.24 67.42
C THR JB 77 27.57 -39.98 68.56
N ILE JB 78 27.18 -41.23 68.75
CA ILE JB 78 27.82 -42.10 69.73
C ILE JB 78 28.92 -42.87 69.02
N ILE JB 79 30.11 -42.88 69.62
CA ILE JB 79 31.24 -43.61 69.09
C ILE JB 79 31.63 -44.63 70.14
N GLU JB 80 31.28 -45.90 69.92
CA GLU JB 80 31.72 -46.92 70.86
C GLU JB 80 33.21 -47.12 70.69
N THR JB 81 33.93 -47.12 71.79
CA THR JB 81 35.35 -46.80 71.79
C THR JB 81 36.02 -47.57 72.92
N PRO JB 82 36.19 -48.88 72.75
CA PRO JB 82 36.80 -49.70 73.79
C PRO JB 82 38.26 -49.33 73.95
N PRO JB 83 38.86 -49.60 75.11
CA PRO JB 83 40.24 -49.20 75.33
C PRO JB 83 41.18 -49.85 74.33
N LEU JB 84 42.18 -49.11 73.88
CA LEU JB 84 43.16 -49.70 72.98
C LEU JB 84 44.12 -50.59 73.76
N VAL JB 85 44.82 -51.45 73.01
CA VAL JB 85 45.88 -52.27 73.56
C VAL JB 85 47.19 -51.84 72.90
N ILE JB 86 48.22 -51.63 73.73
CA ILE JB 86 49.53 -51.20 73.27
C ILE JB 86 50.37 -52.44 73.01
N VAL JB 87 50.79 -52.62 71.76
CA VAL JB 87 51.53 -53.82 71.40
C VAL JB 87 52.80 -53.46 70.66
N GLY JB 88 53.29 -52.24 70.84
CA GLY JB 88 54.51 -51.86 70.16
C GLY JB 88 54.93 -50.47 70.55
N LEU JB 89 56.08 -50.07 70.02
CA LEU JB 89 56.66 -48.75 70.32
C LEU JB 89 57.63 -48.43 69.21
N VAL JB 90 57.35 -47.38 68.44
CA VAL JB 90 58.05 -47.09 67.20
C VAL JB 90 58.77 -45.76 67.35
N ALA JB 91 59.98 -45.70 66.81
CA ALA JB 91 60.85 -44.55 66.93
C ALA JB 91 61.07 -43.92 65.57
N TYR JB 92 61.18 -42.60 65.55
CA TYR JB 92 61.35 -41.85 64.32
C TYR JB 92 62.53 -40.90 64.47
N VAL JB 93 63.32 -40.78 63.42
CA VAL JB 93 64.49 -39.91 63.43
C VAL JB 93 64.42 -38.96 62.23
N LYS JB 94 64.83 -37.71 62.44
CA LYS JB 94 64.75 -36.70 61.39
C LYS JB 94 65.94 -36.82 60.44
N THR JB 95 65.65 -36.89 59.15
CA THR JB 95 66.62 -36.96 58.08
C THR JB 95 66.32 -35.85 57.08
N PRO JB 96 67.29 -35.47 56.26
CA PRO JB 96 67.01 -34.44 55.23
C PRO JB 96 65.91 -34.85 54.26
N ARG JB 97 65.48 -36.10 54.27
CA ARG JB 97 64.33 -36.50 53.47
C ARG JB 97 63.01 -36.27 54.20
N GLY JB 98 63.00 -36.48 55.51
CA GLY JB 98 61.78 -36.44 56.28
C GLY JB 98 61.95 -37.13 57.61
N LEU JB 99 61.06 -38.05 57.94
CA LEU JB 99 61.19 -38.87 59.14
C LEU JB 99 61.38 -40.32 58.75
N ARG JB 100 62.24 -41.01 59.49
CA ARG JB 100 62.47 -42.44 59.29
C ARG JB 100 61.97 -43.23 60.47
N THR JB 101 61.35 -44.36 60.19
CA THR JB 101 61.19 -45.39 61.19
C THR JB 101 62.57 -45.91 61.56
N LEU JB 102 63.04 -45.54 62.74
CA LEU JB 102 64.40 -45.92 63.14
C LEU JB 102 64.47 -47.42 63.36
N ASN JB 103 63.70 -47.93 64.31
CA ASN JB 103 63.46 -49.35 64.49
C ASN JB 103 62.31 -49.49 65.48
N SER JB 104 61.71 -50.68 65.50
CA SER JB 104 60.47 -50.90 66.22
C SER JB 104 60.58 -52.07 67.16
N VAL JB 105 59.85 -51.98 68.27
CA VAL JB 105 59.85 -52.96 69.34
C VAL JB 105 58.42 -53.43 69.57
N TRP JB 106 58.24 -54.73 69.71
CA TRP JB 106 56.91 -55.32 69.86
C TRP JB 106 56.81 -56.07 71.17
N ALA JB 107 55.61 -56.09 71.74
CA ALA JB 107 55.40 -56.68 73.05
C ALA JB 107 55.51 -58.20 72.98
N GLN JB 108 55.66 -58.83 74.14
CA GLN JB 108 55.98 -60.25 74.16
C GLN JB 108 54.79 -61.07 73.68
N HIS JB 109 53.59 -60.76 74.16
CA HIS JB 109 52.37 -61.38 73.66
C HIS JB 109 51.67 -60.42 72.71
N LEU JB 110 50.98 -60.99 71.73
CA LEU JB 110 49.99 -60.25 70.97
C LEU JB 110 48.72 -61.06 70.91
N SER JB 111 47.58 -60.38 70.94
CA SER JB 111 46.31 -61.06 71.04
C SER JB 111 46.02 -61.85 69.77
N GLU JB 112 45.16 -62.86 69.93
CA GLU JB 112 44.81 -63.78 68.86
C GLU JB 112 44.21 -63.07 67.66
N ASP JB 113 43.71 -61.86 67.86
CA ASP JB 113 43.10 -61.07 66.80
C ASP JB 113 44.02 -60.00 66.24
N VAL JB 114 44.87 -59.37 67.06
CA VAL JB 114 45.82 -58.44 66.47
C VAL JB 114 46.82 -59.19 65.61
N ARG JB 115 47.15 -60.43 65.96
CA ARG JB 115 47.97 -61.19 65.04
C ARG JB 115 47.21 -61.60 63.78
N ARG JB 116 45.90 -61.41 63.73
CA ARG JB 116 45.17 -61.61 62.48
C ARG JB 116 45.41 -60.48 61.49
N ARG JB 117 45.73 -59.28 61.99
CA ARG JB 117 45.92 -58.14 61.11
C ARG JB 117 47.06 -58.38 60.13
N PHE JB 118 47.95 -59.31 60.43
CA PHE JB 118 49.13 -59.55 59.63
C PHE JB 118 48.93 -60.61 58.55
N TYR JB 119 47.72 -61.13 58.41
CA TYR JB 119 47.43 -62.11 57.37
C TYR JB 119 46.24 -61.64 56.55
N LYS JB 120 46.13 -62.20 55.36
CA LYS JB 120 44.90 -62.04 54.59
C LYS JB 120 44.04 -63.30 54.59
N ASN JB 121 44.64 -64.46 54.82
CA ASN JB 121 43.92 -65.72 55.07
C ASN JB 121 44.43 -66.26 56.39
N TRP JB 122 43.83 -65.84 57.49
CA TRP JB 122 44.31 -66.27 58.80
C TRP JB 122 44.06 -67.76 59.02
N CYS JB 123 42.96 -68.29 58.47
CA CYS JB 123 42.59 -69.67 58.75
C CYS JB 123 43.60 -70.65 58.19
N LYS JB 124 43.78 -70.67 56.86
CA LYS JB 124 44.70 -71.61 56.28
C LYS JB 124 46.15 -71.33 56.63
N SER JB 125 46.44 -70.20 57.25
CA SER JB 125 47.77 -69.95 57.75
C SER JB 125 48.12 -70.92 58.87
N LYS JB 126 49.41 -71.02 59.15
CA LYS JB 126 49.89 -71.74 60.31
C LYS JB 126 49.98 -70.85 61.53
N LYS JB 127 49.53 -69.60 61.42
CA LYS JB 127 49.43 -68.67 62.54
C LYS JB 127 50.79 -68.42 63.19
N LYS JB 128 51.81 -68.15 62.38
CA LYS JB 128 53.16 -68.01 62.90
C LYS JB 128 53.66 -66.57 62.97
N ALA JB 129 52.80 -65.58 62.79
CA ALA JB 129 53.27 -64.20 62.89
C ALA JB 129 53.78 -63.90 64.30
N PHE JB 130 55.02 -63.46 64.37
CA PHE JB 130 55.71 -63.07 65.60
C PHE JB 130 56.03 -64.24 66.51
N THR JB 131 55.80 -65.47 66.08
CA THR JB 131 56.11 -66.62 66.92
C THR JB 131 57.60 -66.70 67.23
N LYS JB 132 58.44 -66.56 66.21
CA LYS JB 132 59.87 -66.60 66.42
C LYS JB 132 60.43 -65.28 66.92
N TYR JB 133 59.60 -64.25 67.02
CA TYR JB 133 60.03 -62.99 67.62
C TYR JB 133 59.79 -63.01 69.12
N ALA JB 134 58.60 -63.43 69.54
CA ALA JB 134 58.30 -63.54 70.96
C ALA JB 134 59.21 -64.52 71.68
N LEU JB 135 60.08 -65.22 70.95
CA LEU JB 135 61.14 -65.98 71.58
C LEU JB 135 62.34 -65.12 71.93
N LYS JB 136 62.37 -63.87 71.49
CA LYS JB 136 63.39 -62.92 71.90
C LYS JB 136 63.19 -62.45 73.33
N TYR JB 137 62.26 -63.05 74.06
CA TYR JB 137 61.91 -62.62 75.39
C TYR JB 137 62.09 -63.70 76.44
N ASP JB 138 62.20 -64.97 76.04
CA ASP JB 138 62.46 -66.06 76.96
C ASP JB 138 63.95 -66.36 77.10
N SER JB 139 64.82 -65.51 76.56
CA SER JB 139 66.24 -65.74 76.54
C SER JB 139 66.96 -64.52 77.08
N ASP JB 140 68.13 -64.74 77.70
CA ASP JB 140 68.89 -63.63 78.24
C ASP JB 140 69.45 -62.75 77.13
N SER JB 141 69.97 -63.36 76.07
CA SER JB 141 70.44 -62.58 74.94
C SER JB 141 69.30 -61.79 74.33
N GLY JB 142 68.10 -62.38 74.29
CA GLY JB 142 66.97 -61.68 73.72
C GLY JB 142 66.61 -60.42 74.48
N LYS JB 143 66.48 -60.53 75.80
CA LYS JB 143 66.19 -59.33 76.60
C LYS JB 143 67.32 -58.33 76.48
N LYS JB 144 68.56 -58.80 76.38
CA LYS JB 144 69.68 -57.89 76.17
C LYS JB 144 69.53 -57.11 74.87
N GLU JB 145 69.16 -57.80 73.80
CA GLU JB 145 68.95 -57.15 72.52
C GLU JB 145 67.80 -56.14 72.61
N ILE JB 146 66.72 -56.53 73.27
CA ILE JB 146 65.56 -55.65 73.35
C ILE JB 146 65.90 -54.37 74.10
N GLN JB 147 66.59 -54.50 75.25
CA GLN JB 147 66.96 -53.30 75.99
C GLN JB 147 67.98 -52.47 75.22
N LEU JB 148 68.83 -53.12 74.41
CA LEU JB 148 69.68 -52.36 73.51
C LEU JB 148 68.85 -51.53 72.54
N GLN JB 149 67.78 -52.13 72.02
CA GLN JB 149 66.91 -51.39 71.11
C GLN JB 149 66.19 -50.24 71.80
N LEU JB 150 65.73 -50.45 73.03
CA LEU JB 150 65.09 -49.35 73.73
C LEU JB 150 66.08 -48.23 74.06
N GLU JB 151 67.34 -48.57 74.36
CA GLU JB 151 68.31 -47.50 74.55
C GLU JB 151 68.59 -46.75 73.25
N LYS JB 152 68.69 -47.47 72.13
CA LYS JB 152 68.78 -46.80 70.84
C LYS JB 152 67.62 -45.82 70.66
N MET JB 153 66.43 -46.25 71.04
CA MET JB 153 65.25 -45.44 70.86
C MET JB 153 65.27 -44.21 71.76
N LYS JB 154 65.75 -44.37 73.00
CA LYS JB 154 65.82 -43.22 73.90
C LYS JB 154 66.88 -42.23 73.45
N LYS JB 155 68.01 -42.71 72.95
CA LYS JB 155 69.11 -41.80 72.69
C LYS JB 155 69.04 -41.16 71.31
N TYR JB 156 68.35 -41.77 70.35
CA TYR JB 156 68.35 -41.23 68.99
C TYR JB 156 67.02 -40.63 68.55
N ALA JB 157 65.89 -41.22 68.92
CA ALA JB 157 64.62 -40.84 68.34
C ALA JB 157 64.23 -39.42 68.72
N THR JB 158 63.46 -38.79 67.84
CA THR JB 158 62.82 -37.51 68.13
C THR JB 158 61.31 -37.59 68.15
N ILE JB 159 60.72 -38.54 67.42
CA ILE JB 159 59.28 -38.73 67.37
C ILE JB 159 58.99 -40.17 67.74
N VAL JB 160 58.24 -40.38 68.81
CA VAL JB 160 58.00 -41.70 69.36
C VAL JB 160 56.51 -41.98 69.27
N ARG JB 161 56.16 -43.13 68.72
CA ARG JB 161 54.78 -43.51 68.52
C ARG JB 161 54.57 -44.89 69.08
N VAL JB 162 53.36 -45.17 69.52
CA VAL JB 162 53.01 -46.49 70.05
C VAL JB 162 52.13 -47.20 69.05
N ILE JB 163 52.38 -48.49 68.87
CA ILE JB 163 51.47 -49.36 68.14
C ILE JB 163 50.31 -49.71 69.06
N ALA JB 164 49.10 -49.43 68.62
CA ALA JB 164 47.93 -49.80 69.40
C ALA JB 164 46.87 -50.37 68.48
N HIS JB 165 46.17 -51.37 68.95
CA HIS JB 165 45.07 -51.94 68.19
C HIS JB 165 43.80 -51.92 69.01
N THR JB 166 42.67 -51.90 68.32
CA THR JB 166 41.39 -52.05 68.97
C THR JB 166 41.15 -53.51 69.35
N GLN JB 167 40.28 -53.72 70.35
CA GLN JB 167 39.79 -55.06 70.64
C GLN JB 167 38.49 -55.22 69.88
N ILE JB 168 38.63 -55.61 68.62
CA ILE JB 168 37.50 -55.70 67.71
C ILE JB 168 36.53 -56.80 68.09
N ARG JB 169 36.90 -57.66 69.04
CA ARG JB 169 36.00 -58.75 69.44
C ARG JB 169 35.00 -58.33 70.51
N LYS JB 170 35.31 -57.34 71.34
CA LYS JB 170 34.40 -56.99 72.42
C LYS JB 170 33.21 -56.17 71.90
N MET JB 171 33.02 -56.16 70.58
CA MET JB 171 31.85 -55.55 69.95
C MET JB 171 31.26 -56.58 69.01
N LYS JB 172 30.40 -57.44 69.56
CA LYS JB 172 29.84 -58.54 68.78
C LYS JB 172 29.07 -58.02 67.57
N GLY JB 173 28.53 -56.81 67.65
CA GLY JB 173 27.74 -56.28 66.55
C GLY JB 173 28.51 -56.16 65.26
N LEU JB 174 29.81 -55.89 65.35
CA LEU JB 174 30.67 -56.00 64.19
C LEU JB 174 30.97 -57.45 63.91
N LYS JB 175 30.64 -57.89 62.71
CA LYS JB 175 30.91 -59.26 62.29
C LYS JB 175 32.35 -59.40 61.82
N GLN JB 176 33.27 -58.97 62.68
CA GLN JB 176 34.69 -58.87 62.35
C GLN JB 176 35.51 -59.36 63.53
N LYS JB 177 36.62 -60.04 63.22
CA LYS JB 177 37.48 -60.60 64.25
C LYS JB 177 38.89 -60.04 64.26
N LYS JB 178 39.37 -59.45 63.16
CA LYS JB 178 40.74 -59.00 63.05
C LYS JB 178 40.83 -57.52 63.35
N ALA JB 179 41.74 -57.14 64.23
CA ALA JB 179 41.71 -55.83 64.83
C ALA JB 179 42.26 -54.77 63.88
N HIS JB 180 41.96 -53.52 64.20
CA HIS JB 180 42.54 -52.37 63.53
C HIS JB 180 43.75 -51.92 64.32
N LEU JB 181 44.88 -51.78 63.63
CA LEU JB 181 46.17 -51.49 64.23
C LEU JB 181 46.68 -50.19 63.64
N MET JB 182 47.14 -49.28 64.49
CA MET JB 182 47.74 -48.05 63.99
C MET JB 182 48.81 -47.58 64.95
N GLU JB 183 49.37 -46.42 64.65
CA GLU JB 183 50.34 -45.74 65.51
C GLU JB 183 49.71 -44.47 66.05
N ILE JB 184 49.70 -44.35 67.38
CA ILE JB 184 49.28 -43.12 68.05
C ILE JB 184 50.53 -42.47 68.59
N GLN JB 185 50.75 -41.21 68.25
CA GLN JB 185 52.00 -40.58 68.64
C GLN JB 185 51.89 -40.05 70.06
N ILE JB 186 52.92 -40.31 70.85
CA ILE JB 186 53.05 -39.72 72.17
C ILE JB 186 53.52 -38.28 72.07
N ASN JB 187 52.98 -37.42 72.92
CA ASN JB 187 53.43 -36.04 73.02
C ASN JB 187 53.74 -35.73 74.47
N GLY JB 188 54.61 -34.75 74.67
CA GLY JB 188 55.00 -34.33 76.00
C GLY JB 188 56.18 -35.12 76.55
N GLY JB 189 56.91 -34.47 77.45
CA GLY JB 189 58.07 -35.09 78.07
C GLY JB 189 59.28 -35.09 77.15
N THR JB 190 60.37 -35.64 77.68
CA THR JB 190 61.56 -35.86 76.86
C THR JB 190 61.44 -37.22 76.18
N ILE JB 191 62.44 -37.52 75.34
CA ILE JB 191 62.40 -38.78 74.61
C ILE JB 191 62.49 -39.96 75.56
N ALA JB 192 63.34 -39.85 76.58
CA ALA JB 192 63.43 -40.92 77.56
C ALA JB 192 62.10 -41.11 78.28
N ASP JB 193 61.43 -40.02 78.64
CA ASP JB 193 60.14 -40.13 79.29
C ASP JB 193 59.11 -40.77 78.36
N LYS JB 194 59.12 -40.39 77.09
CA LYS JB 194 58.17 -40.95 76.14
C LYS JB 194 58.37 -42.45 75.99
N VAL JB 195 59.62 -42.87 75.82
CA VAL JB 195 59.91 -44.28 75.57
C VAL JB 195 59.64 -45.10 76.82
N ASP JB 196 60.02 -44.59 78.00
CA ASP JB 196 59.69 -45.28 79.24
C ASP JB 196 58.19 -45.39 79.40
N TYR JB 197 57.45 -44.33 79.06
CA TYR JB 197 56.00 -44.35 79.16
C TYR JB 197 55.41 -45.44 78.28
N GLY JB 198 55.87 -45.54 77.04
CA GLY JB 198 55.32 -46.55 76.15
C GLY JB 198 55.67 -47.96 76.59
N TYR JB 199 56.96 -48.20 76.85
CA TYR JB 199 57.40 -49.55 77.19
C TYR JB 199 56.69 -50.05 78.43
N LYS JB 200 56.74 -49.29 79.52
CA LYS JB 200 56.02 -49.66 80.74
C LYS JB 200 54.57 -50.00 80.45
N PHE JB 201 54.04 -49.46 79.37
CA PHE JB 201 52.60 -49.46 79.16
C PHE JB 201 52.22 -50.40 78.01
N PHE JB 202 53.18 -51.21 77.54
CA PHE JB 202 52.85 -52.34 76.68
C PHE JB 202 51.81 -53.25 77.30
N GLU JB 203 51.03 -53.88 76.43
CA GLU JB 203 50.13 -54.98 76.73
C GLU JB 203 49.02 -54.58 77.67
N LYS JB 204 48.98 -53.32 78.10
CA LYS JB 204 47.95 -52.84 79.01
C LYS JB 204 47.01 -51.91 78.27
N GLU JB 205 45.77 -51.85 78.74
CA GLU JB 205 44.72 -51.15 78.03
C GLU JB 205 44.72 -49.68 78.39
N VAL JB 206 44.61 -48.82 77.38
CA VAL JB 206 44.55 -47.38 77.57
C VAL JB 206 43.10 -46.93 77.46
N PRO JB 207 42.53 -46.32 78.48
CA PRO JB 207 41.16 -45.81 78.37
C PRO JB 207 41.09 -44.51 77.58
N VAL JB 208 39.90 -44.23 77.05
CA VAL JB 208 39.71 -43.03 76.25
C VAL JB 208 39.87 -41.77 77.07
N GLU JB 209 39.74 -41.85 78.40
CA GLU JB 209 39.93 -40.67 79.24
C GLU JB 209 41.39 -40.30 79.37
N ALA JB 210 42.29 -41.29 79.33
CA ALA JB 210 43.71 -40.97 79.32
C ALA JB 210 44.09 -40.13 78.12
N VAL JB 211 43.28 -40.16 77.07
CA VAL JB 211 43.53 -39.41 75.84
C VAL JB 211 42.78 -38.08 75.89
N PHE JB 212 41.46 -38.15 75.97
CA PHE JB 212 40.62 -36.97 75.87
C PHE JB 212 40.03 -36.59 77.22
N GLN JB 213 39.45 -35.39 77.25
CA GLN JB 213 38.71 -34.89 78.38
C GLN JB 213 37.35 -34.44 77.88
N LYS JB 214 36.40 -34.28 78.80
CA LYS JB 214 35.11 -33.77 78.39
C LYS JB 214 35.27 -32.33 77.95
N ASP JB 215 34.34 -31.88 77.10
CA ASP JB 215 34.29 -30.49 76.64
C ASP JB 215 35.41 -30.20 75.66
N GLU JB 216 36.28 -31.19 75.43
CA GLU JB 216 37.44 -31.00 74.58
C GLU JB 216 37.05 -31.14 73.11
N MET JB 217 37.81 -30.46 72.25
CA MET JB 217 37.56 -30.49 70.83
C MET JB 217 38.43 -31.58 70.19
N VAL JB 218 37.83 -32.41 69.35
CA VAL JB 218 38.53 -33.50 68.70
C VAL JB 218 38.39 -33.32 67.19
N ASP JB 219 39.05 -34.21 66.45
CA ASP JB 219 38.97 -34.21 65.00
C ASP JB 219 38.76 -35.65 64.58
N ILE JB 220 37.70 -35.91 63.84
CA ILE JB 220 37.31 -37.28 63.52
C ILE JB 220 37.72 -37.55 62.07
N ILE JB 221 38.42 -38.65 61.86
CA ILE JB 221 39.00 -38.98 60.57
C ILE JB 221 38.48 -40.34 60.16
N GLY JB 222 38.12 -40.47 58.89
CA GLY JB 222 37.62 -41.74 58.41
C GLY JB 222 37.27 -41.63 56.95
N VAL JB 223 36.77 -42.73 56.42
CA VAL JB 223 36.43 -42.82 55.01
C VAL JB 223 34.91 -42.73 54.88
N THR JB 224 34.45 -41.78 54.07
CA THR JB 224 33.04 -41.50 53.96
C THR JB 224 32.27 -42.71 53.44
N LYS JB 225 30.94 -42.61 53.46
CA LYS JB 225 30.15 -43.70 52.92
C LYS JB 225 30.40 -43.82 51.43
N GLY JB 226 30.30 -45.05 50.94
CA GLY JB 226 30.42 -45.30 49.52
C GLY JB 226 29.09 -45.05 48.85
N LYS JB 227 29.13 -44.33 47.75
CA LYS JB 227 27.93 -44.09 46.97
C LYS JB 227 28.07 -44.53 45.53
N GLY JB 228 29.23 -45.05 45.14
CA GLY JB 228 29.38 -45.71 43.86
C GLY JB 228 29.63 -44.75 42.71
N TYR JB 229 29.93 -45.33 41.56
CA TYR JB 229 30.07 -44.56 40.34
C TYR JB 229 28.79 -43.80 40.09
N GLU JB 230 28.87 -42.48 40.02
CA GLU JB 230 27.67 -41.69 40.19
C GLU JB 230 27.77 -40.43 39.35
N GLY JB 231 26.65 -40.00 38.79
CA GLY JB 231 26.66 -38.95 37.78
C GLY JB 231 27.15 -37.62 38.29
N VAL JB 232 27.31 -36.70 37.35
CA VAL JB 232 27.96 -35.42 37.67
C VAL JB 232 27.08 -34.56 38.55
N VAL JB 233 25.76 -34.55 38.30
CA VAL JB 233 24.87 -33.69 39.07
C VAL JB 233 24.92 -34.06 40.54
N THR JB 234 25.05 -35.35 40.84
CA THR JB 234 25.13 -35.80 42.21
C THR JB 234 26.53 -35.66 42.79
N ARG JB 235 27.57 -35.91 41.99
CA ARG JB 235 28.92 -35.79 42.52
C ARG JB 235 29.25 -34.35 42.88
N TRP JB 236 29.02 -33.44 41.93
CA TRP JB 236 29.58 -32.10 41.99
C TRP JB 236 28.54 -31.05 42.28
N GLY JB 237 27.29 -31.29 41.91
CA GLY JB 237 26.22 -30.35 42.15
C GLY JB 237 25.88 -29.45 40.99
N VAL JB 238 26.36 -29.74 39.79
CA VAL JB 238 26.03 -28.91 38.65
C VAL JB 238 24.52 -28.90 38.43
N THR JB 239 24.00 -27.75 38.04
CA THR JB 239 22.58 -27.62 37.78
C THR JB 239 22.19 -28.47 36.59
N ARG JB 240 20.94 -28.95 36.61
CA ARG JB 240 20.49 -29.79 35.52
C ARG JB 240 20.20 -28.93 34.28
N LEU JB 241 20.27 -29.56 33.13
CA LEU JB 241 19.89 -28.92 31.89
C LEU JB 241 18.37 -28.95 31.76
N PRO JB 242 17.79 -28.09 30.92
CA PRO JB 242 16.33 -28.01 30.83
C PRO JB 242 15.72 -29.35 30.44
N ARG JB 243 14.40 -29.44 30.60
CA ARG JB 243 13.73 -30.72 30.40
C ARG JB 243 13.89 -31.24 28.98
N LYS JB 244 13.97 -30.36 28.00
CA LYS JB 244 13.74 -30.72 26.61
C LYS JB 244 15.03 -30.93 25.83
N THR JB 245 16.07 -31.46 26.47
CA THR JB 245 17.38 -31.61 25.85
C THR JB 245 17.58 -33.01 25.30
N HIS JB 246 17.87 -33.10 24.01
CA HIS JB 246 18.20 -34.37 23.37
C HIS JB 246 19.46 -34.93 23.99
N ARG JB 247 19.49 -36.26 24.17
CA ARG JB 247 20.61 -36.95 24.80
C ARG JB 247 20.82 -36.52 26.25
N GLY JB 248 19.74 -36.52 27.01
CA GLY JB 248 19.94 -36.52 28.45
C GLY JB 248 20.03 -35.13 29.04
N LEU JB 249 19.61 -35.03 30.30
CA LEU JB 249 19.57 -33.79 31.04
C LEU JB 249 20.72 -33.66 32.02
N ARG JB 250 20.90 -34.66 32.87
CA ARG JB 250 21.78 -34.58 34.04
C ARG JB 250 23.23 -34.71 33.60
N LYS JB 251 23.78 -33.61 33.12
CA LYS JB 251 25.18 -33.61 32.71
C LYS JB 251 25.66 -32.17 32.62
N VAL JB 252 26.93 -32.01 32.34
CA VAL JB 252 27.54 -30.70 32.11
C VAL JB 252 27.52 -30.42 30.61
N ALA JB 253 27.01 -29.25 30.23
CA ALA JB 253 26.83 -28.97 28.81
C ALA JB 253 28.17 -28.77 28.12
N CYS JB 254 28.91 -27.74 28.51
CA CYS JB 254 30.21 -27.44 27.94
C CYS JB 254 31.30 -27.87 28.92
N ILE JB 255 32.23 -28.69 28.43
CA ILE JB 255 33.30 -29.19 29.29
C ILE JB 255 34.59 -28.44 29.02
N GLY JB 256 34.48 -27.23 28.50
CA GLY JB 256 35.64 -26.37 28.35
C GLY JB 256 35.62 -25.63 27.03
N ALA JB 257 36.37 -24.54 26.97
CA ALA JB 257 36.48 -23.76 25.76
C ALA JB 257 37.30 -24.52 24.73
N TRP JB 258 37.21 -24.07 23.48
CA TRP JB 258 38.01 -24.67 22.41
C TRP JB 258 39.48 -24.67 22.76
N HIS JB 259 40.01 -23.56 23.26
CA HIS JB 259 41.39 -23.56 23.67
C HIS JB 259 41.50 -23.28 25.16
N PRO JB 260 42.23 -24.12 25.92
CA PRO JB 260 43.04 -25.24 25.46
C PRO JB 260 42.23 -26.34 24.79
N ALA JB 261 42.81 -27.02 23.79
CA ALA JB 261 42.09 -28.07 23.08
C ALA JB 261 42.13 -29.36 23.86
N ARG JB 262 41.73 -29.29 25.12
CA ARG JB 262 41.81 -30.40 26.04
C ARG JB 262 40.67 -30.24 27.03
N VAL JB 263 40.34 -31.31 27.72
CA VAL JB 263 39.38 -31.22 28.81
C VAL JB 263 40.15 -30.81 30.05
N SER JB 264 39.84 -29.64 30.58
CA SER JB 264 40.53 -29.17 31.76
C SER JB 264 40.25 -30.10 32.93
N TYR JB 265 41.23 -30.22 33.81
CA TYR JB 265 41.05 -31.11 34.96
C TYR JB 265 39.96 -30.66 35.88
N THR JB 266 39.57 -29.39 35.81
CA THR JB 266 38.63 -28.79 36.74
C THR JB 266 37.19 -28.84 36.24
N VAL JB 267 36.95 -29.39 35.05
CA VAL JB 267 35.58 -29.62 34.61
C VAL JB 267 34.99 -30.78 35.40
N ALA JB 268 33.69 -30.71 35.64
CA ALA JB 268 33.00 -31.73 36.41
C ALA JB 268 32.79 -32.96 35.56
N ARG JB 269 33.25 -34.11 36.03
CA ARG JB 269 33.05 -35.36 35.32
C ARG JB 269 32.38 -36.38 36.22
N ALA JB 270 31.96 -37.48 35.62
CA ALA JB 270 31.20 -38.52 36.30
C ALA JB 270 32.12 -39.65 36.72
N GLY JB 271 32.01 -40.06 37.97
CA GLY JB 271 32.95 -41.01 38.52
C GLY JB 271 32.58 -41.37 39.94
N GLN JB 272 33.54 -41.97 40.64
CA GLN JB 272 33.33 -42.40 42.00
C GLN JB 272 32.86 -41.26 42.87
N ASN JB 273 31.84 -41.51 43.67
CA ASN JB 273 31.42 -40.60 44.71
C ASN JB 273 31.40 -41.33 46.03
N GLY JB 274 31.92 -40.70 47.07
CA GLY JB 274 31.90 -41.29 48.38
C GLY JB 274 33.03 -42.28 48.57
N TYR JB 275 33.12 -42.78 49.80
CA TYR JB 275 34.24 -43.61 50.24
C TYR JB 275 35.55 -42.88 49.99
N HIS JB 276 35.53 -41.57 50.24
CA HIS JB 276 36.71 -40.72 50.19
C HIS JB 276 37.28 -40.61 51.59
N HIS JB 277 38.55 -40.22 51.67
CA HIS JB 277 39.17 -39.94 52.95
C HIS JB 277 38.86 -38.51 53.34
N ARG JB 278 38.37 -38.30 54.55
CA ARG JB 278 38.10 -36.94 55.00
C ARG JB 278 38.46 -36.80 56.46
N THR JB 279 39.15 -35.72 56.77
CA THR JB 279 39.26 -35.22 58.12
C THR JB 279 38.24 -34.10 58.27
N GLU JB 280 37.46 -34.15 59.35
CA GLU JB 280 36.44 -33.14 59.62
C GLU JB 280 36.71 -32.66 61.04
N MET JB 281 37.11 -31.40 61.18
CA MET JB 281 37.72 -30.99 62.42
C MET JB 281 36.75 -30.23 63.33
N ASN JB 282 37.19 -30.06 64.57
CA ASN JB 282 36.51 -29.25 65.57
C ASN JB 282 35.15 -29.83 65.95
N LYS JB 283 35.11 -31.12 66.26
CA LYS JB 283 33.91 -31.74 66.82
C LYS JB 283 34.01 -31.78 68.34
N LYS JB 284 32.97 -31.33 69.02
CA LYS JB 284 33.06 -31.19 70.47
C LYS JB 284 32.67 -32.48 71.18
N ILE JB 285 33.29 -32.73 72.32
CA ILE JB 285 32.96 -33.88 73.13
C ILE JB 285 31.94 -33.46 74.17
N TYR JB 286 30.78 -34.13 74.18
CA TYR JB 286 29.75 -33.88 75.18
C TYR JB 286 29.83 -34.82 76.38
N LYS JB 287 30.01 -36.12 76.16
CA LYS JB 287 29.99 -37.03 77.28
C LYS JB 287 30.87 -38.24 76.98
N MET JB 288 31.61 -38.66 78.00
CA MET JB 288 32.34 -39.93 77.98
C MET JB 288 31.59 -40.96 78.80
N GLY JB 289 31.24 -42.06 78.17
CA GLY JB 289 30.66 -43.15 78.90
C GLY JB 289 31.72 -44.18 79.21
N LYS JB 290 32.16 -44.24 80.45
CA LYS JB 290 33.13 -45.23 80.90
C LYS JB 290 32.38 -46.34 81.61
N SER JB 291 32.48 -47.55 81.06
CA SER JB 291 31.70 -48.66 81.58
C SER JB 291 32.08 -48.96 83.02
N GLY JB 292 31.07 -49.18 83.85
CA GLY JB 292 31.29 -49.62 85.23
C GLY JB 292 30.97 -48.60 86.29
N GLN JB 293 30.41 -47.44 85.96
CA GLN JB 293 30.03 -46.51 87.01
C GLN JB 293 28.87 -45.64 86.53
N GLU JB 294 28.44 -44.74 87.43
CA GLU JB 294 27.19 -44.00 87.27
C GLU JB 294 27.20 -43.07 86.07
N SER JB 295 28.38 -42.71 85.55
CA SER JB 295 28.45 -41.81 84.42
C SER JB 295 28.23 -42.52 83.09
N HIS JB 296 28.17 -43.86 83.09
CA HIS JB 296 27.99 -44.57 81.83
C HIS JB 296 26.61 -44.33 81.23
N GLU JB 297 25.57 -44.37 82.06
CA GLU JB 297 24.22 -44.50 81.55
C GLU JB 297 23.72 -43.18 80.98
N ALA JB 298 22.59 -43.25 80.30
CA ALA JB 298 22.02 -42.10 79.61
C ALA JB 298 21.13 -41.30 80.55
N CYS JB 299 21.40 -41.40 81.84
CA CYS JB 299 20.68 -40.63 82.85
C CYS JB 299 21.40 -39.31 83.07
N THR JB 300 20.70 -38.21 82.85
CA THR JB 300 21.26 -36.90 83.12
C THR JB 300 20.96 -36.53 84.57
N GLU JB 301 21.26 -35.30 84.95
CA GLU JB 301 20.92 -34.85 86.30
C GLU JB 301 19.45 -34.47 86.42
N PHE JB 302 18.78 -34.20 85.31
CA PHE JB 302 17.36 -33.87 85.33
C PHE JB 302 16.50 -35.11 85.15
N ASP JB 303 16.70 -35.82 84.05
CA ASP JB 303 16.02 -37.08 83.81
C ASP JB 303 16.68 -38.19 84.62
N ARG JB 304 15.87 -39.09 85.17
CA ARG JB 304 16.37 -40.17 86.00
C ARG JB 304 15.81 -41.53 85.64
N THR JB 305 15.12 -41.65 84.50
CA THR JB 305 14.76 -42.97 83.99
C THR JB 305 16.03 -43.77 83.78
N GLU JB 306 16.19 -44.84 84.55
CA GLU JB 306 17.45 -45.56 84.55
C GLU JB 306 17.62 -46.35 83.26
N LYS JB 307 18.23 -45.74 82.25
CA LYS JB 307 18.36 -46.33 80.93
C LYS JB 307 19.80 -46.18 80.46
N ASP JB 308 20.23 -47.09 79.59
CA ASP JB 308 21.57 -47.04 79.05
C ASP JB 308 21.59 -46.24 77.76
N ILE JB 309 22.80 -45.95 77.28
CA ILE JB 309 22.96 -45.08 76.12
C ILE JB 309 22.33 -45.69 74.87
N THR JB 310 22.34 -47.01 74.76
CA THR JB 310 21.81 -47.65 73.57
C THR JB 310 20.30 -47.45 73.48
N PRO JB 311 19.77 -47.14 72.30
CA PRO JB 311 18.33 -47.00 72.15
C PRO JB 311 17.60 -48.32 72.24
N MET JB 312 16.27 -48.27 72.14
CA MET JB 312 15.46 -49.49 72.12
C MET JB 312 15.79 -50.30 70.88
N GLY JB 313 15.95 -51.61 71.05
CA GLY JB 313 16.26 -52.44 69.91
C GLY JB 313 17.63 -52.23 69.32
N GLY JB 314 18.56 -51.68 70.09
CA GLY JB 314 19.93 -51.55 69.63
C GLY JB 314 20.11 -50.50 68.57
N PHE JB 315 21.33 -50.05 68.40
CA PHE JB 315 21.63 -49.10 67.33
C PHE JB 315 21.44 -49.79 65.99
N PRO JB 316 20.76 -49.18 65.03
CA PRO JB 316 20.56 -49.84 63.74
C PRO JB 316 21.89 -50.15 63.08
N HIS JB 317 21.98 -51.34 62.51
CA HIS JB 317 23.16 -51.79 61.77
C HIS JB 317 24.41 -51.87 62.64
N TYR JB 318 24.30 -51.57 63.92
CA TYR JB 318 25.48 -51.63 64.76
C TYR JB 318 25.30 -52.52 65.97
N GLY JB 319 24.10 -52.53 66.53
CA GLY JB 319 23.87 -53.37 67.69
C GLY JB 319 23.81 -52.59 68.98
N VAL JB 320 24.19 -53.23 70.08
CA VAL JB 320 24.09 -52.64 71.41
C VAL JB 320 25.48 -52.23 71.85
N VAL JB 321 25.57 -51.04 72.43
CA VAL JB 321 26.83 -50.51 72.94
C VAL JB 321 27.00 -51.01 74.38
N LYS JB 322 28.03 -51.82 74.61
CA LYS JB 322 28.43 -52.23 75.95
C LYS JB 322 29.69 -51.58 76.46
N GLY JB 323 30.67 -51.33 75.59
CA GLY JB 323 31.94 -50.79 76.01
C GLY JB 323 31.86 -49.30 76.27
N ASP JB 324 33.02 -48.73 76.52
CA ASP JB 324 33.13 -47.29 76.68
C ASP JB 324 32.72 -46.61 75.38
N TYR JB 325 32.43 -45.31 75.46
CA TYR JB 325 32.03 -44.60 74.26
C TYR JB 325 32.19 -43.11 74.46
N LEU JB 326 32.17 -42.39 73.35
CA LEU JB 326 32.11 -40.94 73.34
C LEU JB 326 30.81 -40.47 72.73
N MET JB 327 30.48 -39.21 72.98
CA MET JB 327 29.33 -38.60 72.33
C MET JB 327 29.75 -37.23 71.81
N ILE JB 328 29.76 -37.09 70.48
CA ILE JB 328 30.26 -35.90 69.82
C ILE JB 328 29.10 -35.16 69.18
N LYS JB 329 29.16 -33.83 69.22
CA LYS JB 329 28.10 -33.04 68.61
C LYS JB 329 28.22 -33.10 67.10
N GLY JB 330 27.11 -33.35 66.43
CA GLY JB 330 27.12 -33.42 65.00
C GLY JB 330 27.44 -34.79 64.47
N CYS JB 331 27.56 -34.85 63.15
CA CYS JB 331 27.60 -36.11 62.43
C CYS JB 331 29.02 -36.68 62.40
N CYS JB 332 29.14 -37.88 61.83
CA CYS JB 332 30.41 -38.60 61.78
C CYS JB 332 30.57 -39.22 60.41
N VAL JB 333 31.81 -39.22 59.91
CA VAL JB 333 32.07 -39.77 58.59
C VAL JB 333 31.74 -41.26 58.58
N GLY JB 334 31.33 -41.75 57.42
CA GLY JB 334 31.15 -43.16 57.21
C GLY JB 334 29.84 -43.68 57.75
N PRO JB 335 29.47 -44.88 57.35
CA PRO JB 335 28.25 -45.48 57.84
C PRO JB 335 28.42 -45.98 59.26
N LYS JB 336 27.40 -46.66 59.77
CA LYS JB 336 27.52 -47.33 61.05
C LYS JB 336 28.57 -48.44 60.94
N LYS JB 337 29.12 -48.82 62.09
CA LYS JB 337 30.14 -49.86 62.23
C LYS JB 337 31.50 -49.45 61.70
N ARG JB 338 31.65 -48.23 61.18
CA ARG JB 338 32.91 -47.83 60.58
C ARG JB 338 33.93 -47.42 61.63
N VAL JB 339 35.16 -47.86 61.45
CA VAL JB 339 36.25 -47.41 62.30
C VAL JB 339 36.53 -45.94 62.03
N VAL JB 340 36.76 -45.17 63.09
CA VAL JB 340 37.10 -43.76 62.98
C VAL JB 340 38.30 -43.49 63.87
N THR JB 341 39.10 -42.52 63.46
CA THR JB 341 40.27 -42.09 64.22
C THR JB 341 39.97 -40.76 64.89
N LEU JB 342 40.06 -40.74 66.21
CA LEU JB 342 39.84 -39.54 66.99
C LEU JB 342 41.20 -38.92 67.25
N ARG JB 343 41.41 -37.70 66.80
CA ARG JB 343 42.70 -37.05 66.94
C ARG JB 343 42.54 -35.74 67.69
N GLN JB 344 43.46 -35.44 68.59
CA GLN JB 344 43.42 -34.17 69.27
C GLN JB 344 43.55 -33.05 68.24
N SER JB 345 42.99 -31.89 68.57
CA SER JB 345 43.01 -30.80 67.62
C SER JB 345 44.43 -30.30 67.40
N LEU JB 346 44.67 -29.78 66.20
CA LEU JB 346 45.92 -29.11 65.89
C LEU JB 346 45.90 -27.64 66.25
N LEU JB 347 44.72 -27.05 66.35
CA LEU JB 347 44.59 -25.63 66.62
C LEU JB 347 44.80 -25.39 68.10
N LYS JB 348 44.51 -24.16 68.53
CA LYS JB 348 44.53 -23.80 69.95
C LYS JB 348 43.11 -23.35 70.31
N GLN JB 349 42.38 -24.23 70.99
CA GLN JB 349 40.99 -23.95 71.30
C GLN JB 349 40.90 -22.83 72.31
N THR JB 350 40.46 -21.67 71.85
CA THR JB 350 40.31 -20.50 72.71
C THR JB 350 38.98 -19.80 72.55
N SER JB 351 38.18 -20.13 71.53
CA SER JB 351 36.93 -19.44 71.34
C SER JB 351 35.90 -19.90 72.36
N ARG JB 352 34.86 -19.09 72.51
CA ARG JB 352 33.79 -19.42 73.44
C ARG JB 352 33.20 -20.77 73.08
N LEU JB 353 32.92 -20.97 71.78
CA LEU JB 353 32.25 -22.18 71.33
C LEU JB 353 33.07 -23.43 71.64
N ALA JB 354 34.39 -23.27 71.84
CA ALA JB 354 35.21 -24.36 72.34
C ALA JB 354 35.15 -24.46 73.86
N LEU JB 355 35.05 -23.33 74.56
CA LEU JB 355 35.11 -23.36 76.02
C LEU JB 355 33.78 -23.56 76.75
N GLU JB 356 32.62 -23.63 76.08
CA GLU JB 356 31.41 -23.90 76.88
C GLU JB 356 31.53 -25.24 77.59
N GLU JB 357 31.16 -25.27 78.87
CA GLU JB 357 30.94 -26.56 79.51
C GLU JB 357 29.57 -27.06 79.10
N ILE JB 358 29.48 -28.35 78.84
CA ILE JB 358 28.26 -28.96 78.31
C ILE JB 358 27.58 -29.71 79.43
N LYS JB 359 26.33 -29.36 79.70
CA LYS JB 359 25.52 -30.03 80.69
C LYS JB 359 24.20 -30.41 80.04
N LEU JB 360 23.94 -31.72 79.97
CA LEU JB 360 22.79 -32.23 79.24
C LEU JB 360 21.54 -32.17 80.11
N LYS JB 361 20.40 -32.43 79.48
CA LYS JB 361 19.15 -32.48 80.22
C LYS JB 361 18.41 -33.78 79.91
N PHE JB 362 18.63 -34.33 78.73
CA PHE JB 362 17.87 -35.50 78.30
C PHE JB 362 18.51 -36.17 77.11
N ILE JB 363 18.70 -37.48 77.18
CA ILE JB 363 19.37 -38.25 76.15
C ILE JB 363 18.32 -39.11 75.48
N ASP JB 364 17.94 -38.75 74.27
CA ASP JB 364 16.86 -39.46 73.59
C ASP JB 364 17.23 -40.92 73.42
N THR JB 365 16.30 -41.82 73.75
CA THR JB 365 16.56 -43.25 73.66
C THR JB 365 15.54 -43.98 72.80
N SER JB 366 14.40 -43.37 72.50
CA SER JB 366 13.39 -44.02 71.67
C SER JB 366 14.02 -44.55 70.40
N SER JB 367 13.62 -45.76 70.02
CA SER JB 367 14.31 -46.49 68.96
C SER JB 367 14.43 -45.67 67.71
N LYS JB 368 15.63 -45.67 67.14
CA LYS JB 368 15.90 -44.88 65.95
C LYS JB 368 15.40 -45.57 64.70
N PHE JB 369 14.89 -46.79 64.87
CA PHE JB 369 14.32 -47.63 63.83
C PHE JB 369 12.83 -47.34 63.80
N GLY JB 370 12.39 -46.45 62.93
CA GLY JB 370 11.01 -46.03 62.94
C GLY JB 370 10.78 -44.87 63.88
N HIS JB 371 9.50 -44.51 64.05
CA HIS JB 371 9.11 -43.39 64.88
C HIS JB 371 9.05 -43.87 66.33
N GLY JB 372 10.19 -43.84 67.01
CA GLY JB 372 10.23 -44.28 68.39
C GLY JB 372 9.39 -43.39 69.29
N ARG JB 373 8.59 -44.04 70.14
CA ARG JB 373 7.65 -43.32 70.98
C ARG JB 373 7.84 -43.52 72.47
N PHE JB 374 8.63 -44.51 72.89
CA PHE JB 374 8.94 -44.71 74.29
C PHE JB 374 10.45 -44.69 74.48
N GLN JB 375 10.88 -44.35 75.69
CA GLN JB 375 12.31 -44.33 75.94
C GLN JB 375 12.85 -45.69 76.35
N THR JB 376 12.06 -46.49 77.05
CA THR JB 376 12.52 -47.76 77.55
C THR JB 376 11.51 -48.84 77.24
N THR JB 377 12.00 -50.02 76.85
CA THR JB 377 11.11 -51.16 76.69
C THR JB 377 10.31 -51.42 77.95
N ASP JB 378 10.88 -51.10 79.12
CA ASP JB 378 10.11 -51.24 80.34
C ASP JB 378 8.91 -50.32 80.33
N GLU JB 379 9.08 -49.07 79.89
CA GLU JB 379 7.94 -48.17 79.86
C GLU JB 379 6.94 -48.56 78.81
N LYS JB 380 7.40 -49.10 77.68
CA LYS JB 380 6.46 -49.60 76.67
C LYS JB 380 5.66 -50.78 77.22
N GLN JB 381 6.30 -51.66 77.98
CA GLN JB 381 5.59 -52.78 78.56
C GLN JB 381 4.57 -52.33 79.58
N LYS JB 382 4.89 -51.32 80.38
CA LYS JB 382 3.89 -50.79 81.31
C LYS JB 382 2.78 -50.05 80.57
N PHE JB 383 3.08 -49.45 79.42
CA PHE JB 383 2.03 -48.74 78.68
C PHE JB 383 1.08 -49.70 78.00
N TYR JB 384 1.56 -50.86 77.56
CA TYR JB 384 0.65 -51.80 76.92
C TYR JB 384 -0.02 -52.73 77.91
N GLY JB 385 0.72 -53.24 78.89
CA GLY JB 385 0.20 -54.23 79.82
C GLY JB 385 0.16 -55.60 79.18
N THR KB 4 90.41 -57.24 -71.46
CA THR KB 4 89.28 -58.14 -71.62
C THR KB 4 89.42 -59.33 -70.68
N ALA KB 5 88.96 -59.16 -69.44
CA ALA KB 5 89.23 -60.14 -68.40
C ALA KB 5 88.09 -60.19 -67.40
N ARG KB 6 87.51 -61.37 -67.22
CA ARG KB 6 86.60 -61.70 -66.14
C ARG KB 6 86.88 -63.14 -65.75
N PRO KB 7 86.83 -63.45 -64.46
CA PRO KB 7 87.10 -64.83 -64.04
C PRO KB 7 86.01 -65.78 -64.49
N LEU KB 8 86.38 -67.04 -64.64
CA LEU KB 8 85.45 -68.10 -64.96
C LEU KB 8 85.10 -68.88 -63.70
N VAL KB 9 83.88 -69.38 -63.63
CA VAL KB 9 83.47 -70.26 -62.55
C VAL KB 9 83.38 -71.66 -63.12
N SER KB 10 84.17 -72.58 -62.58
CA SER KB 10 84.08 -73.97 -62.99
C SER KB 10 82.79 -74.57 -62.48
N VAL KB 11 82.04 -75.20 -63.35
CA VAL KB 11 80.83 -75.92 -62.96
C VAL KB 11 81.25 -77.27 -62.38
N LYS KB 12 80.71 -77.58 -61.20
CA LYS KB 12 81.01 -78.84 -60.52
C LYS KB 12 79.99 -79.86 -60.96
N ALA KB 13 80.39 -80.74 -61.88
CA ALA KB 13 79.49 -81.77 -62.38
C ALA KB 13 79.24 -82.81 -61.30
N LEU KB 14 78.26 -83.66 -61.54
CA LEU KB 14 77.82 -84.66 -60.58
C LEU KB 14 78.29 -86.04 -61.01
N ASP KB 15 77.99 -87.03 -60.18
CA ASP KB 15 78.23 -88.41 -60.59
C ASP KB 15 77.25 -88.81 -61.69
N GLY KB 16 77.69 -89.70 -62.56
CA GLY KB 16 76.87 -90.04 -63.71
C GLY KB 16 76.65 -88.86 -64.61
N ASP KB 17 77.68 -88.06 -64.85
CA ASP KB 17 77.61 -86.90 -65.71
C ASP KB 17 78.49 -87.15 -66.93
N MET KB 18 77.99 -86.80 -68.10
CA MET KB 18 78.68 -87.11 -69.34
C MET KB 18 79.95 -86.28 -69.48
N ALA KB 19 80.96 -86.87 -70.11
CA ALA KB 19 82.19 -86.14 -70.39
C ALA KB 19 81.95 -85.12 -71.50
N THR KB 20 82.44 -83.91 -71.30
CA THR KB 20 82.34 -82.86 -72.31
C THR KB 20 83.55 -81.94 -72.18
N ASP KB 21 83.91 -81.31 -73.30
CA ASP KB 21 85.07 -80.42 -73.34
C ASP KB 21 84.70 -79.02 -72.85
N ALA KB 22 84.07 -78.94 -71.68
CA ALA KB 22 83.40 -77.73 -71.25
C ALA KB 22 84.30 -76.91 -70.32
N ALA KB 23 84.04 -75.60 -70.28
CA ALA KB 23 84.77 -74.69 -69.42
C ALA KB 23 83.80 -73.95 -68.52
N GLY KB 24 84.30 -72.93 -67.83
CA GLY KB 24 83.48 -72.24 -66.85
C GLY KB 24 82.47 -71.31 -67.46
N VAL KB 25 81.64 -70.79 -66.57
CA VAL KB 25 80.70 -69.70 -66.88
C VAL KB 25 81.35 -68.40 -66.42
N PRO KB 26 81.44 -67.37 -67.25
CA PRO KB 26 82.11 -66.15 -66.80
C PRO KB 26 81.29 -65.40 -65.76
N MET KB 27 82.00 -64.84 -64.78
CA MET KB 27 81.35 -64.31 -63.58
C MET KB 27 80.38 -63.20 -63.95
N PRO KB 28 79.15 -63.26 -63.45
CA PRO KB 28 78.18 -62.22 -63.78
C PRO KB 28 78.60 -60.87 -63.25
N HIS KB 29 78.16 -59.82 -63.94
CA HIS KB 29 78.40 -58.49 -63.40
C HIS KB 29 77.50 -58.20 -62.21
N VAL KB 30 76.35 -58.87 -62.12
CA VAL KB 30 75.48 -58.65 -60.97
C VAL KB 30 76.12 -59.15 -59.69
N MET KB 31 76.93 -60.21 -59.79
CA MET KB 31 77.62 -60.86 -58.70
C MET KB 31 78.80 -60.07 -58.21
N LYS KB 32 78.89 -58.84 -58.70
CA LYS KB 32 79.97 -57.93 -58.37
C LYS KB 32 79.43 -56.59 -57.89
N ALA KB 33 78.11 -56.43 -57.86
CA ALA KB 33 77.46 -55.19 -57.46
C ALA KB 33 77.86 -54.79 -56.04
N PRO KB 34 77.66 -53.52 -55.68
CA PRO KB 34 77.99 -53.11 -54.31
C PRO KB 34 77.13 -53.84 -53.29
N ILE KB 35 77.78 -54.37 -52.26
CA ILE KB 35 77.08 -55.01 -51.16
C ILE KB 35 76.69 -53.91 -50.18
N ARG KB 36 75.40 -53.78 -49.92
CA ARG KB 36 74.85 -52.56 -49.33
C ARG KB 36 73.92 -52.96 -48.19
N PRO KB 37 74.48 -53.34 -47.04
CA PRO KB 37 73.65 -53.97 -45.99
C PRO KB 37 72.54 -53.11 -45.45
N ASP KB 38 72.73 -51.79 -45.38
CA ASP KB 38 71.67 -50.93 -44.86
C ASP KB 38 70.46 -50.90 -45.80
N VAL KB 39 70.70 -50.77 -47.10
CA VAL KB 39 69.59 -50.88 -48.04
C VAL KB 39 68.96 -52.25 -47.95
N ILE KB 40 69.79 -53.30 -47.75
CA ILE KB 40 69.21 -54.63 -47.65
C ILE KB 40 68.27 -54.73 -46.46
N THR KB 41 68.69 -54.22 -45.31
CA THR KB 41 67.85 -54.35 -44.14
C THR KB 41 66.60 -53.48 -44.25
N PHE KB 42 66.71 -52.31 -44.89
CA PHE KB 42 65.54 -51.46 -45.06
C PHE KB 42 64.52 -52.13 -45.96
N VAL KB 43 64.97 -52.59 -47.13
CA VAL KB 43 64.06 -53.20 -48.08
C VAL KB 43 63.49 -54.49 -47.52
N HIS KB 44 64.27 -55.25 -46.75
CA HIS KB 44 63.73 -56.46 -46.18
C HIS KB 44 62.72 -56.17 -45.08
N ARG KB 45 62.97 -55.11 -44.30
CA ARG KB 45 61.97 -54.69 -43.33
C ARG KB 45 60.64 -54.41 -43.99
N LEU KB 46 60.65 -53.60 -45.03
CA LEU KB 46 59.37 -53.24 -45.63
C LEU KB 46 58.73 -54.41 -46.36
N VAL KB 47 59.51 -55.23 -47.06
CA VAL KB 47 58.89 -56.32 -47.79
C VAL KB 47 58.37 -57.41 -46.84
N SER KB 48 59.03 -57.63 -45.70
CA SER KB 48 58.48 -58.56 -44.73
C SER KB 48 57.32 -57.96 -43.96
N CYS KB 49 57.19 -56.64 -43.94
CA CYS KB 49 55.96 -56.05 -43.45
C CYS KB 49 54.86 -56.06 -44.50
N ASN KB 50 55.20 -56.41 -45.74
CA ASN KB 50 54.24 -56.37 -46.82
C ASN KB 50 53.43 -57.66 -46.95
N SER KB 51 53.55 -58.58 -45.99
CA SER KB 51 52.81 -59.83 -46.04
C SER KB 51 51.89 -60.05 -44.84
N ARG KB 52 51.61 -59.02 -44.06
CA ARG KB 52 50.83 -59.18 -42.83
C ARG KB 52 49.34 -59.35 -43.11
N GLN KB 53 48.66 -60.13 -42.25
CA GLN KB 53 47.22 -59.97 -42.36
C GLN KB 53 46.72 -59.05 -41.26
N PRO KB 54 45.67 -58.28 -41.54
CA PRO KB 54 45.17 -57.34 -40.54
C PRO KB 54 44.61 -58.04 -39.31
N TYR KB 55 44.70 -57.36 -38.18
CA TYR KB 55 44.12 -57.83 -36.94
C TYR KB 55 43.56 -56.66 -36.17
N ALA KB 56 42.41 -56.85 -35.53
CA ALA KB 56 41.78 -55.77 -34.82
C ALA KB 56 40.83 -56.32 -33.77
N VAL KB 57 40.46 -55.48 -32.83
CA VAL KB 57 39.39 -55.79 -31.91
C VAL KB 57 38.09 -55.36 -32.54
N SER KB 58 36.99 -55.86 -32.00
CA SER KB 58 35.69 -55.57 -32.58
C SER KB 58 35.36 -54.09 -32.43
N ARG KB 59 34.65 -53.56 -33.43
CA ARG KB 59 34.15 -52.19 -33.32
C ARG KB 59 33.33 -51.99 -32.08
N LYS KB 60 32.68 -53.05 -31.59
CA LYS KB 60 31.69 -52.98 -30.54
C LYS KB 60 32.20 -53.50 -29.19
N ALA KB 61 33.49 -53.70 -29.03
CA ALA KB 61 33.99 -54.17 -27.74
C ALA KB 61 33.82 -53.10 -26.67
N GLY KB 62 33.44 -53.53 -25.48
CA GLY KB 62 33.29 -52.62 -24.37
C GLY KB 62 32.05 -51.77 -24.42
N HIS KB 63 31.50 -51.56 -25.61
CA HIS KB 63 30.32 -50.71 -25.80
C HIS KB 63 29.05 -51.50 -26.04
N GLN KB 64 28.95 -52.72 -25.50
CA GLN KB 64 27.68 -53.42 -25.46
C GLN KB 64 27.14 -53.50 -24.05
N THR KB 65 27.49 -52.53 -23.22
CA THR KB 65 26.83 -52.30 -21.94
C THR KB 65 26.20 -50.92 -22.00
N SER KB 66 24.99 -50.82 -21.46
CA SER KB 66 24.31 -49.53 -21.40
C SER KB 66 24.49 -48.92 -20.02
N ALA KB 67 25.70 -48.44 -19.78
CA ALA KB 67 26.02 -47.79 -18.53
C ALA KB 67 25.95 -46.28 -18.69
N GLU KB 68 25.95 -45.59 -17.55
CA GLU KB 68 25.78 -44.15 -17.52
C GLU KB 68 26.23 -43.67 -16.16
N SER KB 69 27.09 -42.67 -16.13
CA SER KB 69 27.80 -42.33 -14.90
C SER KB 69 26.84 -41.90 -13.81
N TRP KB 70 27.18 -42.24 -12.57
CA TRP KB 70 26.37 -41.88 -11.43
C TRP KB 70 26.45 -40.39 -11.13
N GLY KB 71 27.42 -39.70 -11.69
CA GLY KB 71 27.66 -38.32 -11.32
C GLY KB 71 28.32 -38.26 -9.95
N THR KB 72 28.58 -37.04 -9.52
CA THR KB 72 29.25 -36.84 -8.25
C THR KB 72 28.24 -36.93 -7.11
N GLY KB 73 28.77 -36.97 -5.89
CA GLY KB 73 27.94 -37.00 -4.71
C GLY KB 73 27.59 -38.38 -4.18
N ARG KB 74 28.20 -39.44 -4.72
CA ARG KB 74 27.97 -40.79 -4.26
C ARG KB 74 29.22 -41.43 -3.66
N ALA KB 75 30.18 -40.62 -3.24
CA ALA KB 75 31.42 -41.08 -2.60
C ALA KB 75 32.25 -42.00 -3.49
N VAL KB 76 31.95 -42.05 -4.79
CA VAL KB 76 32.66 -42.91 -5.72
C VAL KB 76 33.11 -42.08 -6.92
N SER KB 77 34.06 -42.62 -7.66
CA SER KB 77 34.61 -41.89 -8.79
C SER KB 77 33.54 -41.65 -9.84
N ARG KB 78 33.83 -40.74 -10.76
CA ARG KB 78 32.84 -40.27 -11.72
C ARG KB 78 32.81 -41.12 -12.98
N ILE KB 79 33.45 -42.29 -12.97
CA ILE KB 79 33.52 -43.17 -14.12
C ILE KB 79 32.13 -43.71 -14.40
N PRO KB 80 31.76 -44.03 -15.64
CA PRO KB 80 30.45 -44.62 -15.89
C PRO KB 80 30.28 -45.91 -15.11
N ARG KB 81 29.03 -46.20 -14.75
CA ARG KB 81 28.72 -47.40 -14.01
C ARG KB 81 27.46 -48.03 -14.57
N VAL KB 82 27.43 -49.36 -14.56
CA VAL KB 82 26.33 -50.09 -15.18
C VAL KB 82 25.07 -49.92 -14.35
N GLY KB 83 23.93 -49.82 -15.04
CA GLY KB 83 22.66 -49.66 -14.37
C GLY KB 83 22.02 -50.99 -14.05
N GLY KB 84 20.80 -50.91 -13.53
CA GLY KB 84 20.05 -52.10 -13.21
C GLY KB 84 20.39 -52.65 -11.84
N GLY KB 85 20.05 -53.91 -11.66
CA GLY KB 85 20.31 -54.59 -10.40
C GLY KB 85 20.11 -56.07 -10.56
N GLY KB 86 20.32 -56.79 -9.47
CA GLY KB 86 20.15 -58.23 -9.46
C GLY KB 86 21.39 -59.01 -9.81
N THR KB 87 22.46 -58.37 -10.25
CA THR KB 87 23.70 -59.03 -10.62
C THR KB 87 24.85 -58.45 -9.82
N HIS KB 88 26.03 -59.06 -9.99
CA HIS KB 88 27.26 -58.39 -9.58
C HIS KB 88 27.63 -57.31 -10.59
N ARG KB 89 27.20 -57.45 -11.83
CA ARG KB 89 27.55 -56.49 -12.87
C ARG KB 89 26.97 -55.12 -12.57
N ALA KB 90 25.90 -55.07 -11.78
CA ALA KB 90 25.25 -53.80 -11.50
C ALA KB 90 26.17 -52.91 -10.67
N GLY KB 91 26.33 -51.68 -11.10
CA GLY KB 91 27.15 -50.72 -10.38
C GLY KB 91 28.63 -50.77 -10.70
N GLN KB 92 29.08 -51.71 -11.52
CA GLN KB 92 30.47 -51.82 -11.87
C GLN KB 92 30.83 -50.83 -12.97
N GLY KB 93 32.07 -50.36 -12.95
CA GLY KB 93 32.51 -49.39 -13.94
C GLY KB 93 32.52 -49.97 -15.34
N ALA KB 94 32.44 -49.09 -16.33
CA ALA KB 94 32.42 -49.49 -17.73
C ALA KB 94 32.87 -48.33 -18.60
N PHE KB 95 33.04 -48.61 -19.89
CA PHE KB 95 33.36 -47.62 -20.91
C PHE KB 95 34.75 -47.01 -20.77
N GLY KB 96 35.46 -47.37 -19.76
CA GLY KB 96 36.82 -46.95 -19.67
C GLY KB 96 37.75 -47.94 -20.29
N ASN KB 97 38.95 -47.48 -20.61
CA ASN KB 97 40.02 -48.43 -20.86
C ASN KB 97 40.65 -48.91 -19.57
N MET KB 98 40.35 -48.27 -18.43
CA MET KB 98 40.82 -48.73 -17.14
C MET KB 98 39.85 -49.67 -16.45
N CYS KB 99 38.63 -49.82 -16.97
CA CYS KB 99 37.66 -50.67 -16.33
C CYS KB 99 37.99 -52.13 -16.60
N ARG KB 100 37.35 -53.00 -15.83
CA ARG KB 100 37.29 -54.41 -16.18
C ARG KB 100 36.08 -54.62 -17.07
N GLY KB 101 36.30 -54.94 -18.33
CA GLY KB 101 35.23 -55.12 -19.26
C GLY KB 101 34.95 -53.94 -20.15
N GLY KB 102 35.77 -52.90 -20.09
CA GLY KB 102 35.64 -51.76 -20.97
C GLY KB 102 36.51 -51.90 -22.19
N ARG KB 103 36.64 -50.80 -22.92
CA ARG KB 103 37.45 -50.75 -24.12
C ARG KB 103 38.92 -51.00 -23.85
N MET KB 104 39.71 -51.02 -24.91
CA MET KB 104 41.13 -50.72 -24.83
C MET KB 104 41.33 -49.30 -25.31
N PHE KB 105 42.40 -48.68 -24.84
CA PHE KB 105 42.75 -47.35 -25.34
C PHE KB 105 43.03 -47.42 -26.83
N ALA KB 106 42.45 -46.49 -27.59
CA ALA KB 106 42.70 -46.33 -29.01
C ALA KB 106 42.65 -47.70 -29.68
N PRO KB 107 41.47 -48.29 -29.81
CA PRO KB 107 41.41 -49.70 -30.23
C PRO KB 107 42.11 -49.91 -31.55
N THR KB 108 42.69 -51.09 -31.69
CA THR KB 108 43.30 -51.48 -32.94
C THR KB 108 42.25 -51.49 -34.04
N ARG KB 109 42.63 -51.01 -35.21
CA ARG KB 109 41.72 -50.90 -36.33
C ARG KB 109 42.31 -51.55 -37.56
N ILE KB 110 41.42 -52.05 -38.44
CA ILE KB 110 41.89 -52.82 -39.58
C ILE KB 110 42.60 -51.94 -40.61
N TRP KB 111 42.40 -50.63 -40.56
CA TRP KB 111 43.01 -49.76 -41.57
C TRP KB 111 44.33 -49.16 -41.10
N ARG KB 112 45.11 -49.90 -40.33
CA ARG KB 112 46.51 -49.57 -40.16
C ARG KB 112 47.23 -49.65 -41.50
N LYS KB 113 48.48 -49.20 -41.52
CA LYS KB 113 49.32 -49.38 -42.70
C LYS KB 113 49.99 -50.74 -42.56
N TRP KB 114 49.34 -51.79 -43.09
CA TRP KB 114 49.96 -53.09 -43.02
C TRP KB 114 51.05 -53.23 -44.07
N HIS KB 115 50.71 -52.95 -45.31
CA HIS KB 115 51.64 -53.11 -46.42
C HIS KB 115 52.34 -51.78 -46.69
N ARG KB 116 53.67 -51.82 -46.74
CA ARG KB 116 54.46 -50.65 -47.06
C ARG KB 116 55.03 -50.79 -48.46
N ARG KB 117 55.28 -49.66 -49.11
CA ARG KB 117 55.74 -49.64 -50.47
C ARG KB 117 57.21 -49.26 -50.54
N VAL KB 118 57.95 -49.99 -51.36
CA VAL KB 118 59.32 -49.68 -51.71
C VAL KB 118 59.42 -49.49 -53.21
N ASN KB 119 60.25 -48.54 -53.63
CA ASN KB 119 60.42 -48.26 -55.04
C ASN KB 119 60.88 -49.51 -55.77
N VAL KB 120 60.37 -49.71 -56.98
CA VAL KB 120 60.75 -50.89 -57.76
C VAL KB 120 62.25 -50.91 -57.97
N ARG KB 121 62.84 -49.75 -58.27
CA ARG KB 121 64.27 -49.71 -58.49
C ARG KB 121 65.04 -49.96 -57.20
N LEU KB 122 64.46 -49.60 -56.05
CA LEU KB 122 65.14 -49.91 -54.81
C LEU KB 122 65.06 -51.39 -54.48
N ARG KB 123 63.95 -52.06 -54.79
CA ARG KB 123 63.92 -53.51 -54.66
C ARG KB 123 64.98 -54.15 -55.53
N ARG KB 124 65.11 -53.68 -56.76
CA ARG KB 124 66.09 -54.25 -57.68
C ARG KB 124 67.51 -54.02 -57.19
N VAL KB 125 67.80 -52.82 -56.69
CA VAL KB 125 69.12 -52.56 -56.11
C VAL KB 125 69.38 -53.50 -54.94
N ALA KB 126 68.39 -53.70 -54.07
CA ALA KB 126 68.58 -54.58 -52.94
C ALA KB 126 68.80 -56.03 -53.38
N VAL KB 127 68.10 -56.48 -54.41
CA VAL KB 127 68.33 -57.83 -54.90
C VAL KB 127 69.73 -57.93 -55.48
N ALA KB 128 70.23 -56.85 -56.09
CA ALA KB 128 71.59 -56.85 -56.59
C ALA KB 128 72.59 -56.98 -55.45
N SER KB 129 72.38 -56.23 -54.37
CA SER KB 129 73.32 -56.33 -53.25
C SER KB 129 73.26 -57.69 -52.59
N ALA KB 130 72.08 -58.29 -52.53
CA ALA KB 130 71.98 -59.62 -51.94
C ALA KB 130 72.66 -60.67 -52.81
N LEU KB 131 72.48 -60.59 -54.13
CA LEU KB 131 73.20 -61.49 -55.03
C LEU KB 131 74.69 -61.31 -54.90
N ALA KB 132 75.15 -60.07 -54.81
CA ALA KB 132 76.58 -59.85 -54.60
C ALA KB 132 77.04 -60.49 -53.32
N ALA KB 133 76.26 -60.38 -52.25
CA ALA KB 133 76.66 -60.93 -50.97
C ALA KB 133 76.60 -62.44 -50.92
N THR KB 134 75.88 -63.07 -51.84
CA THR KB 134 75.94 -64.52 -51.89
C THR KB 134 77.31 -65.01 -52.36
N ALA KB 135 78.06 -64.19 -53.08
CA ALA KB 135 79.29 -64.65 -53.71
C ALA KB 135 80.50 -64.62 -52.79
N VAL KB 136 80.40 -64.07 -51.60
CA VAL KB 136 81.57 -63.80 -50.75
C VAL KB 136 81.59 -64.85 -49.64
N PRO KB 137 82.54 -65.78 -49.64
CA PRO KB 137 82.52 -66.87 -48.66
C PRO KB 137 82.51 -66.40 -47.22
N ALA KB 138 83.18 -65.30 -46.92
CA ALA KB 138 83.18 -64.82 -45.53
C ALA KB 138 81.81 -64.33 -45.12
N ILE KB 139 81.03 -63.82 -46.06
CA ILE KB 139 79.68 -63.35 -45.72
C ILE KB 139 78.76 -64.52 -45.43
N VAL KB 140 78.82 -65.58 -46.24
CA VAL KB 140 77.98 -66.74 -45.98
C VAL KB 140 78.36 -67.36 -44.64
N THR KB 141 79.66 -67.55 -44.41
CA THR KB 141 80.12 -68.17 -43.19
C THR KB 141 79.79 -67.31 -41.96
N ALA KB 142 79.90 -65.98 -42.10
CA ALA KB 142 79.44 -65.11 -41.03
C ALA KB 142 77.94 -65.27 -40.80
N ARG KB 143 77.18 -65.36 -41.89
CA ARG KB 143 75.73 -65.42 -41.84
C ARG KB 143 75.22 -66.72 -41.26
N GLY KB 144 76.04 -67.76 -41.25
CA GLY KB 144 75.66 -68.93 -40.47
C GLY KB 144 75.51 -70.23 -41.22
N HIS KB 145 76.16 -70.36 -42.36
CA HIS KB 145 76.10 -71.60 -43.12
C HIS KB 145 77.39 -72.38 -42.96
N ARG KB 146 77.26 -73.68 -42.76
CA ARG KB 146 78.41 -74.56 -42.64
C ARG KB 146 78.96 -74.82 -44.03
N ILE KB 147 79.98 -74.06 -44.41
CA ILE KB 147 80.66 -74.24 -45.70
C ILE KB 147 82.16 -74.35 -45.43
N GLU KB 148 82.62 -75.56 -45.17
CA GLU KB 148 84.04 -75.87 -45.15
C GLU KB 148 84.40 -76.91 -46.20
N SER KB 149 83.42 -77.44 -46.94
CA SER KB 149 83.67 -78.48 -47.91
C SER KB 149 83.05 -78.20 -49.27
N VAL KB 150 82.45 -77.04 -49.48
CA VAL KB 150 81.94 -76.72 -50.81
C VAL KB 150 83.09 -76.46 -51.76
N PRO KB 151 83.03 -76.95 -53.01
CA PRO KB 151 84.19 -76.83 -53.89
C PRO KB 151 84.54 -75.39 -54.27
N GLU KB 152 83.60 -74.63 -54.83
CA GLU KB 152 83.93 -73.31 -55.37
C GLU KB 152 82.80 -72.32 -55.10
N PHE KB 153 83.17 -71.04 -54.98
CA PHE KB 153 82.15 -70.01 -54.92
C PHE KB 153 82.25 -69.09 -56.12
N PRO KB 154 81.13 -68.76 -56.77
CA PRO KB 154 79.80 -69.21 -56.38
C PRO KB 154 79.56 -70.66 -56.76
N LEU KB 155 78.92 -71.41 -55.87
CA LEU KB 155 78.76 -72.84 -56.09
C LEU KB 155 77.78 -73.09 -57.22
N VAL KB 156 78.24 -73.73 -58.28
CA VAL KB 156 77.46 -73.95 -59.49
C VAL KB 156 77.53 -75.41 -59.86
N VAL KB 157 76.37 -76.02 -60.07
CA VAL KB 157 76.31 -77.43 -60.45
C VAL KB 157 75.74 -77.55 -61.85
N SER KB 158 76.00 -78.70 -62.47
CA SER KB 158 75.64 -78.88 -63.85
C SER KB 158 74.14 -78.92 -64.03
N ASP KB 159 73.70 -78.92 -65.30
CA ASP KB 159 72.28 -79.08 -65.59
C ASP KB 159 71.78 -80.49 -65.35
N SER KB 160 72.68 -81.46 -65.16
CA SER KB 160 72.22 -82.80 -64.83
C SER KB 160 71.43 -82.81 -63.54
N ALA KB 161 71.62 -81.80 -62.69
CA ALA KB 161 70.79 -81.66 -61.49
C ALA KB 161 69.34 -81.40 -61.84
N GLU KB 162 69.08 -80.67 -62.93
CA GLU KB 162 67.71 -80.29 -63.28
C GLU KB 162 66.78 -81.49 -63.40
N GLY KB 163 67.30 -82.64 -63.81
CA GLY KB 163 66.43 -83.76 -64.07
C GLY KB 163 66.06 -84.61 -62.88
N ILE KB 164 66.59 -84.32 -61.69
CA ILE KB 164 66.36 -85.21 -60.56
C ILE KB 164 64.89 -85.14 -60.15
N GLU KB 165 64.41 -86.23 -59.54
CA GLU KB 165 63.01 -86.34 -59.16
C GLU KB 165 62.82 -86.60 -57.68
N LYS KB 166 63.63 -87.46 -57.07
CA LYS KB 166 63.38 -87.95 -55.73
C LYS KB 166 64.21 -87.22 -54.70
N THR KB 167 63.71 -87.22 -53.46
CA THR KB 167 64.39 -86.54 -52.38
C THR KB 167 65.70 -87.23 -52.02
N ALA KB 168 65.75 -88.55 -52.11
CA ALA KB 168 67.02 -89.24 -51.94
C ALA KB 168 68.02 -88.81 -53.00
N GLN KB 169 67.56 -88.61 -54.23
CA GLN KB 169 68.43 -88.11 -55.29
C GLN KB 169 68.93 -86.71 -54.97
N ALA KB 170 68.06 -85.86 -54.43
CA ALA KB 170 68.50 -84.52 -54.04
C ALA KB 170 69.54 -84.58 -52.93
N ILE KB 171 69.36 -85.47 -51.96
CA ILE KB 171 70.36 -85.65 -50.91
C ILE KB 171 71.69 -86.10 -51.51
N LYS KB 172 71.62 -87.08 -52.41
CA LYS KB 172 72.84 -87.59 -53.05
C LYS KB 172 73.54 -86.47 -53.79
N VAL KB 173 72.77 -85.59 -54.45
CA VAL KB 173 73.36 -84.45 -55.14
C VAL KB 173 74.04 -83.52 -54.16
N LEU KB 174 73.41 -83.27 -53.01
CA LEU KB 174 74.07 -82.45 -51.99
C LEU KB 174 75.33 -83.10 -51.46
N LYS KB 175 75.46 -84.42 -51.57
CA LYS KB 175 76.67 -85.06 -51.06
C LYS KB 175 77.91 -84.76 -51.90
N GLN KB 176 77.81 -84.74 -53.23
CA GLN KB 176 78.98 -84.32 -54.00
C GLN KB 176 79.40 -82.92 -53.59
N LEU KB 177 78.44 -82.02 -53.49
CA LEU KB 177 78.68 -80.67 -53.03
C LEU KB 177 79.03 -80.71 -51.54
N GLY KB 178 79.25 -79.55 -50.96
CA GLY KB 178 79.45 -79.48 -49.53
C GLY KB 178 78.20 -79.07 -48.76
N ALA KB 179 77.06 -78.98 -49.42
CA ALA KB 179 75.89 -78.37 -48.80
C ALA KB 179 75.30 -79.22 -47.69
N TYR KB 180 75.60 -80.51 -47.67
CA TYR KB 180 74.79 -81.39 -46.85
C TYR KB 180 75.09 -81.21 -45.37
N ALA KB 181 76.25 -80.65 -45.03
CA ALA KB 181 76.49 -80.25 -43.66
C ALA KB 181 75.50 -79.19 -43.22
N ASP KB 182 75.25 -78.21 -44.09
CA ASP KB 182 74.26 -77.17 -43.78
C ASP KB 182 72.85 -77.76 -43.74
N ALA KB 183 72.52 -78.61 -44.70
CA ALA KB 183 71.19 -79.19 -44.73
C ALA KB 183 70.92 -80.01 -43.47
N GLU KB 184 71.91 -80.79 -43.03
CA GLU KB 184 71.81 -81.47 -41.74
C GLU KB 184 71.71 -80.47 -40.59
N LYS KB 185 72.39 -79.32 -40.69
CA LYS KB 185 72.30 -78.37 -39.61
C LYS KB 185 70.86 -77.93 -39.42
N ALA KB 186 70.18 -77.61 -40.52
CA ALA KB 186 68.77 -77.26 -40.42
C ALA KB 186 67.94 -78.44 -39.92
N LYS KB 187 68.20 -79.63 -40.46
CA LYS KB 187 67.35 -80.78 -40.14
C LYS KB 187 67.42 -81.13 -38.67
N ASP KB 188 68.60 -81.06 -38.06
CA ASP KB 188 68.68 -81.35 -36.64
C ASP KB 188 68.48 -80.12 -35.78
N SER KB 189 68.40 -78.93 -36.36
CA SER KB 189 68.05 -77.74 -35.59
C SER KB 189 66.58 -77.41 -35.65
N VAL KB 190 65.76 -78.23 -36.31
CA VAL KB 190 64.31 -78.05 -36.22
C VAL KB 190 63.85 -78.32 -34.80
N GLY KB 191 63.05 -77.40 -34.25
CA GLY KB 191 62.57 -77.52 -32.89
C GLY KB 191 61.41 -76.57 -32.67
N ILE KB 192 60.60 -76.87 -31.65
CA ILE KB 192 59.35 -76.14 -31.48
C ILE KB 192 59.63 -74.68 -31.19
N ARG KB 193 58.87 -73.79 -31.80
CA ARG KB 193 59.05 -72.37 -31.61
C ARG KB 193 58.68 -71.99 -30.18
N PRO KB 194 59.55 -71.37 -29.42
CA PRO KB 194 59.16 -70.90 -28.09
C PRO KB 194 58.09 -69.82 -28.17
N GLY KB 195 57.24 -69.78 -27.15
CA GLY KB 195 56.30 -68.70 -27.03
C GLY KB 195 54.94 -68.99 -27.63
N LYS KB 196 54.18 -67.92 -27.81
CA LYS KB 196 52.82 -68.01 -28.32
C LYS KB 196 52.78 -68.54 -29.74
N GLY KB 197 53.90 -68.55 -30.44
CA GLY KB 197 53.91 -69.12 -31.76
C GLY KB 197 53.62 -70.60 -31.79
N LYS KB 198 53.78 -71.30 -30.68
CA LYS KB 198 53.51 -72.72 -30.68
C LYS KB 198 52.04 -73.01 -30.47
N MET KB 199 51.21 -72.00 -30.50
CA MET KB 199 49.77 -72.17 -30.50
C MET KB 199 49.08 -71.22 -31.46
N ARG KB 200 49.82 -70.33 -32.12
CA ARG KB 200 49.26 -69.52 -33.19
C ARG KB 200 49.50 -70.13 -34.57
N ASN KB 201 49.68 -71.44 -34.64
CA ASN KB 201 49.97 -72.16 -35.89
C ASN KB 201 51.34 -71.82 -36.45
N ARG KB 202 52.32 -71.68 -35.57
CA ARG KB 202 53.71 -71.51 -35.95
C ARG KB 202 54.59 -72.42 -35.10
N ARG KB 203 54.21 -73.69 -35.06
CA ARG KB 203 54.78 -74.69 -34.17
C ARG KB 203 56.29 -74.78 -34.26
N TYR KB 204 56.79 -75.22 -35.40
CA TYR KB 204 58.19 -75.62 -35.54
C TYR KB 204 58.99 -74.54 -36.25
N ILE KB 205 60.19 -74.27 -35.74
CA ILE KB 205 61.14 -73.41 -36.42
C ILE KB 205 62.35 -74.24 -36.80
N ASN KB 206 63.18 -73.69 -37.66
CA ASN KB 206 64.40 -74.36 -38.10
C ASN KB 206 65.36 -73.31 -38.60
N ARG KB 207 66.48 -73.77 -39.14
CA ARG KB 207 67.50 -72.86 -39.60
C ARG KB 207 67.20 -72.53 -41.07
N LYS KB 208 68.18 -71.98 -41.78
CA LYS KB 208 68.06 -71.79 -43.22
C LYS KB 208 69.14 -72.60 -43.91
N GLY KB 209 68.74 -73.36 -44.92
CA GLY KB 209 69.68 -74.15 -45.68
C GLY KB 209 69.96 -73.54 -47.04
N PRO KB 210 70.61 -74.30 -47.91
CA PRO KB 210 70.99 -73.74 -49.20
C PRO KB 210 69.79 -73.44 -50.06
N LEU KB 211 69.94 -72.44 -50.91
CA LEU KB 211 68.88 -71.98 -51.80
C LEU KB 211 69.28 -72.40 -53.21
N ILE KB 212 68.57 -73.37 -53.76
CA ILE KB 212 68.85 -73.83 -55.11
C ILE KB 212 68.15 -72.93 -56.11
N VAL KB 213 68.88 -72.48 -57.12
CA VAL KB 213 68.34 -71.61 -58.16
C VAL KB 213 68.43 -72.37 -59.48
N TYR KB 214 67.31 -72.46 -60.18
CA TYR KB 214 67.30 -73.19 -61.44
C TYR KB 214 66.85 -72.25 -62.55
N GLY KB 215 67.17 -72.62 -63.79
CA GLY KB 215 66.88 -71.77 -64.91
C GLY KB 215 65.81 -72.32 -65.83
N THR KB 216 65.76 -73.63 -65.97
CA THR KB 216 64.74 -74.27 -66.80
C THR KB 216 63.45 -74.32 -66.00
N GLU KB 217 62.51 -73.44 -66.34
CA GLU KB 217 61.26 -73.42 -65.61
C GLU KB 217 60.48 -74.71 -65.85
N GLY KB 218 59.70 -75.10 -64.85
CA GLY KB 218 59.03 -76.38 -64.92
C GLY KB 218 59.92 -77.57 -64.65
N SER KB 219 61.11 -77.35 -64.07
CA SER KB 219 61.97 -78.45 -63.70
C SER KB 219 61.39 -79.19 -62.50
N LYS KB 220 61.95 -80.37 -62.24
CA LYS KB 220 61.46 -81.22 -61.17
C LYS KB 220 62.33 -81.16 -59.92
N ILE KB 221 63.35 -80.30 -59.90
CA ILE KB 221 64.10 -80.13 -58.66
C ILE KB 221 63.28 -79.34 -57.66
N VAL KB 222 62.33 -78.54 -58.14
CA VAL KB 222 61.43 -77.84 -57.23
C VAL KB 222 60.66 -78.83 -56.38
N LYS KB 223 60.30 -79.97 -56.96
CA LYS KB 223 59.58 -80.99 -56.24
C LYS KB 223 60.49 -81.98 -55.55
N ALA KB 224 61.71 -82.16 -56.06
CA ALA KB 224 62.63 -83.06 -55.38
C ALA KB 224 63.17 -82.46 -54.10
N PHE KB 225 63.34 -81.14 -54.05
CA PHE KB 225 63.97 -80.48 -52.91
C PHE KB 225 62.97 -79.97 -51.88
N ARG KB 226 61.66 -80.04 -52.18
CA ARG KB 226 60.68 -79.35 -51.36
C ARG KB 226 60.64 -79.91 -49.94
N ASN KB 227 60.75 -81.22 -49.79
CA ASN KB 227 60.47 -81.85 -48.51
C ASN KB 227 61.61 -81.64 -47.52
N LEU KB 228 62.75 -81.17 -47.96
CA LEU KB 228 63.92 -81.05 -47.09
C LEU KB 228 63.77 -79.83 -46.19
N PRO KB 229 63.90 -79.98 -44.87
CA PRO KB 229 63.67 -78.85 -43.96
C PRO KB 229 64.82 -77.85 -44.03
N GLY KB 230 64.46 -76.58 -44.19
CA GLY KB 230 65.43 -75.51 -44.28
C GLY KB 230 65.93 -75.21 -45.66
N VAL KB 231 65.70 -76.09 -46.62
CA VAL KB 231 66.20 -75.93 -47.97
C VAL KB 231 65.12 -75.32 -48.84
N ASP KB 232 65.46 -74.27 -49.58
CA ASP KB 232 64.49 -73.59 -50.43
C ASP KB 232 64.96 -73.63 -51.87
N VAL KB 233 64.00 -73.54 -52.78
CA VAL KB 233 64.25 -73.60 -54.21
C VAL KB 233 63.64 -72.36 -54.85
N ALA KB 234 64.40 -71.72 -55.73
CA ALA KB 234 63.96 -70.51 -56.41
C ALA KB 234 64.12 -70.67 -57.90
N ASN KB 235 63.31 -69.94 -58.67
CA ASN KB 235 63.55 -69.79 -60.09
C ASN KB 235 64.46 -68.58 -60.31
N VAL KB 236 65.06 -68.50 -61.49
CA VAL KB 236 66.07 -67.47 -61.71
C VAL KB 236 65.48 -66.18 -62.24
N GLU KB 237 64.34 -66.23 -62.93
CA GLU KB 237 63.71 -64.98 -63.33
C GLU KB 237 63.25 -64.20 -62.10
N ARG KB 238 62.50 -64.87 -61.23
CA ARG KB 238 61.91 -64.25 -60.05
C ARG KB 238 62.66 -64.63 -58.78
N LEU KB 239 63.82 -64.03 -58.58
CA LEU KB 239 64.48 -64.14 -57.29
C LEU KB 239 63.72 -63.32 -56.25
N ASN KB 240 63.80 -63.78 -55.01
CA ASN KB 240 63.03 -63.19 -53.93
C ASN KB 240 63.97 -62.76 -52.82
N LEU KB 241 63.82 -61.51 -52.37
CA LEU KB 241 64.69 -61.02 -51.31
C LEU KB 241 64.54 -61.81 -50.03
N LEU KB 242 63.34 -62.28 -49.72
CA LEU KB 242 63.15 -63.01 -48.48
C LEU KB 242 63.99 -64.28 -48.45
N ASP KB 243 64.41 -64.77 -49.60
CA ASP KB 243 65.29 -65.93 -49.67
C ASP KB 243 66.73 -65.54 -49.85
N LEU KB 244 67.00 -64.52 -50.65
CA LEU KB 244 68.36 -64.06 -50.86
C LEU KB 244 68.95 -63.38 -49.63
N ALA KB 245 68.15 -63.04 -48.64
CA ALA KB 245 68.69 -62.43 -47.45
C ALA KB 245 67.70 -62.59 -46.30
N PRO KB 246 67.55 -63.79 -45.75
CA PRO KB 246 66.58 -63.98 -44.66
C PRO KB 246 67.00 -63.22 -43.43
N GLY KB 247 65.99 -62.74 -42.70
CA GLY KB 247 66.26 -62.02 -41.48
C GLY KB 247 66.85 -60.65 -41.66
N GLY KB 248 66.99 -60.19 -42.90
CA GLY KB 248 67.67 -58.96 -43.18
C GLY KB 248 69.17 -59.07 -43.24
N HIS KB 249 69.72 -60.27 -43.11
CA HIS KB 249 71.16 -60.46 -43.08
C HIS KB 249 71.65 -60.98 -44.43
N LEU KB 250 72.84 -60.57 -44.81
CA LEU KB 250 73.33 -60.84 -46.15
C LEU KB 250 73.94 -62.22 -46.24
N GLY KB 251 73.80 -62.83 -47.41
CA GLY KB 251 74.58 -64.01 -47.73
C GLY KB 251 73.90 -65.35 -47.56
N ARG KB 252 72.69 -65.51 -48.08
CA ARG KB 252 72.11 -66.83 -48.19
C ARG KB 252 73.02 -67.73 -49.02
N PHE KB 253 73.24 -68.95 -48.52
CA PHE KB 253 74.10 -69.89 -49.21
C PHE KB 253 73.38 -70.42 -50.43
N VAL KB 254 73.72 -69.89 -51.60
CA VAL KB 254 72.99 -70.16 -52.82
C VAL KB 254 73.75 -71.16 -53.65
N ILE KB 255 73.04 -72.16 -54.18
CA ILE KB 255 73.57 -73.13 -55.11
C ILE KB 255 72.91 -72.87 -56.46
N TRP KB 256 73.68 -72.38 -57.41
CA TRP KB 256 73.18 -72.05 -58.73
C TRP KB 256 73.29 -73.25 -59.66
N THR KB 257 72.22 -73.57 -60.36
CA THR KB 257 72.38 -74.56 -61.39
C THR KB 257 73.01 -73.91 -62.63
N GLU KB 258 73.51 -74.76 -63.52
CA GLU KB 258 74.32 -74.27 -64.63
C GLU KB 258 73.46 -73.57 -65.68
N SER KB 259 72.17 -73.89 -65.73
CA SER KB 259 71.27 -73.14 -66.60
C SER KB 259 71.02 -71.74 -66.05
N ALA KB 260 70.71 -71.64 -64.76
CA ALA KB 260 70.41 -70.35 -64.15
C ALA KB 260 71.61 -69.44 -64.16
N PHE KB 261 72.80 -70.00 -63.94
CA PHE KB 261 73.98 -69.17 -63.79
C PHE KB 261 74.28 -68.42 -65.09
N LYS KB 262 74.15 -69.08 -66.24
CA LYS KB 262 74.54 -68.41 -67.47
C LYS KB 262 73.51 -67.41 -67.96
N LYS KB 263 72.30 -67.43 -67.44
CA LYS KB 263 71.31 -66.44 -67.82
C LYS KB 263 71.09 -65.40 -66.75
N LEU KB 264 71.76 -65.53 -65.61
CA LEU KB 264 71.77 -64.44 -64.65
C LEU KB 264 72.28 -63.14 -65.28
N ASP KB 265 73.18 -63.23 -66.27
CA ASP KB 265 73.60 -62.06 -67.02
C ASP KB 265 72.48 -61.51 -67.88
N GLU KB 266 71.74 -62.40 -68.55
CA GLU KB 266 70.65 -61.94 -69.39
C GLU KB 266 69.52 -61.34 -68.56
N VAL KB 267 69.43 -61.71 -67.29
CA VAL KB 267 68.36 -61.21 -66.43
C VAL KB 267 68.73 -59.90 -65.76
N TYR KB 268 69.90 -59.80 -65.15
CA TYR KB 268 70.26 -58.57 -64.45
C TYR KB 268 71.12 -57.64 -65.26
N GLY KB 269 71.84 -58.14 -66.24
CA GLY KB 269 72.57 -57.28 -67.13
C GLY KB 269 73.82 -56.68 -66.50
N SER KB 270 74.24 -55.57 -67.07
CA SER KB 270 75.53 -54.96 -66.77
C SER KB 270 75.34 -53.46 -66.74
N PHE KB 271 76.44 -52.73 -66.83
CA PHE KB 271 76.42 -51.26 -66.78
C PHE KB 271 76.11 -50.67 -68.15
N GLU KB 272 75.01 -51.10 -68.75
CA GLU KB 272 74.64 -50.65 -70.09
C GLU KB 272 73.14 -50.49 -70.16
N ALA KB 273 72.68 -49.47 -70.88
CA ALA KB 273 71.25 -49.21 -71.00
C ALA KB 273 70.58 -50.36 -71.73
N SER KB 274 69.44 -50.81 -71.20
CA SER KB 274 68.58 -51.82 -71.80
C SER KB 274 69.25 -53.18 -71.93
N SER KB 275 70.41 -53.39 -71.31
CA SER KB 275 71.04 -54.69 -71.37
C SER KB 275 70.29 -55.70 -70.51
N SER KB 276 69.70 -55.24 -69.41
CA SER KB 276 68.98 -56.13 -68.51
C SER KB 276 67.63 -56.49 -69.11
N LYS KB 277 67.14 -57.67 -68.74
CA LYS KB 277 65.79 -58.09 -69.11
C LYS KB 277 64.74 -57.26 -68.40
N LYS KB 278 65.12 -56.57 -67.32
CA LYS KB 278 64.27 -55.63 -66.62
C LYS KB 278 64.35 -54.26 -67.29
N LYS KB 279 63.23 -53.58 -67.39
CA LYS KB 279 63.26 -52.25 -68.01
C LYS KB 279 63.73 -51.21 -67.00
N GLY KB 280 64.43 -50.20 -67.50
CA GLY KB 280 64.78 -49.07 -66.68
C GLY KB 280 65.68 -49.42 -65.52
N PHE KB 281 66.62 -50.33 -65.73
CA PHE KB 281 67.46 -50.79 -64.63
C PHE KB 281 68.88 -51.06 -65.11
N VAL KB 282 69.84 -50.48 -64.40
CA VAL KB 282 71.25 -50.82 -64.55
C VAL KB 282 71.80 -51.08 -63.15
N LEU KB 283 72.85 -51.89 -63.09
CA LEU KB 283 73.41 -52.23 -61.79
C LEU KB 283 73.92 -50.97 -61.10
N PRO KB 284 73.68 -50.83 -59.80
CA PRO KB 284 74.19 -49.66 -59.09
C PRO KB 284 75.71 -49.65 -59.11
N ARG KB 285 76.28 -48.45 -59.11
CA ARG KB 285 77.71 -48.50 -59.00
C ARG KB 285 78.14 -48.08 -57.60
N PRO KB 286 79.13 -48.74 -57.02
CA PRO KB 286 79.52 -48.42 -55.65
C PRO KB 286 80.16 -47.05 -55.56
N LYS KB 287 80.13 -46.49 -54.36
CA LYS KB 287 80.78 -45.20 -54.13
C LYS KB 287 82.30 -45.31 -54.09
N MET KB 288 82.85 -46.53 -54.13
CA MET KB 288 84.27 -46.75 -54.32
C MET KB 288 84.48 -47.88 -55.31
N THR KB 289 85.44 -47.70 -56.22
CA THR KB 289 85.80 -48.79 -57.10
C THR KB 289 86.53 -49.90 -56.34
N ASN KB 290 87.50 -49.53 -55.52
CA ASN KB 290 88.28 -50.49 -54.73
C ASN KB 290 88.19 -50.10 -53.26
N ALA KB 291 87.70 -51.03 -52.45
CA ALA KB 291 87.42 -50.78 -51.04
C ALA KB 291 88.51 -51.32 -50.12
N ASP KB 292 89.75 -51.38 -50.61
CA ASP KB 292 90.87 -51.88 -49.82
C ASP KB 292 91.57 -50.68 -49.20
N LEU KB 293 91.11 -50.29 -48.00
CA LEU KB 293 91.79 -49.21 -47.30
C LEU KB 293 93.26 -49.51 -47.11
N GLY KB 294 93.61 -50.78 -46.93
CA GLY KB 294 95.01 -51.13 -46.85
C GLY KB 294 95.78 -50.66 -48.07
N ARG KB 295 95.28 -50.97 -49.26
CA ARG KB 295 95.99 -50.60 -50.47
C ARG KB 295 95.95 -49.10 -50.73
N LEU KB 296 94.82 -48.45 -50.46
CA LEU KB 296 94.77 -47.00 -50.58
C LEU KB 296 95.79 -46.33 -49.68
N ILE KB 297 95.68 -46.55 -48.37
CA ILE KB 297 96.54 -45.88 -47.41
C ILE KB 297 97.99 -46.26 -47.59
N ASN KB 298 98.28 -47.50 -47.97
CA ASN KB 298 99.65 -47.96 -48.09
C ASN KB 298 100.17 -47.85 -49.52
N SER KB 299 99.42 -47.20 -50.41
CA SER KB 299 99.92 -47.00 -51.76
C SER KB 299 101.05 -45.98 -51.76
N ASP KB 300 101.88 -46.05 -52.80
CA ASP KB 300 103.02 -45.16 -52.90
C ASP KB 300 102.59 -43.70 -52.95
N GLU KB 301 101.52 -43.42 -53.69
CA GLU KB 301 101.04 -42.06 -53.83
C GLU KB 301 100.70 -41.45 -52.49
N VAL KB 302 99.90 -42.15 -51.69
CA VAL KB 302 99.47 -41.63 -50.41
C VAL KB 302 100.64 -41.56 -49.43
N GLN KB 303 101.51 -42.56 -49.46
CA GLN KB 303 102.56 -42.65 -48.46
C GLN KB 303 103.78 -41.81 -48.83
N SER KB 304 103.81 -41.21 -50.00
CA SER KB 304 104.92 -40.35 -50.37
C SER KB 304 104.80 -38.93 -49.81
N VAL KB 305 103.65 -38.59 -49.23
CA VAL KB 305 103.39 -37.22 -48.80
C VAL KB 305 103.18 -37.08 -47.31
N VAL KB 306 102.92 -38.18 -46.58
CA VAL KB 306 102.61 -38.07 -45.17
C VAL KB 306 103.82 -37.57 -44.39
N LYS KB 307 103.57 -36.81 -43.33
CA LYS KB 307 104.63 -36.32 -42.48
C LYS KB 307 105.07 -37.47 -41.57
N PRO KB 308 106.23 -37.36 -40.91
CA PRO KB 308 106.75 -38.51 -40.17
C PRO KB 308 105.82 -38.93 -39.04
N ILE KB 309 105.59 -40.24 -38.93
CA ILE KB 309 104.71 -40.79 -37.92
C ILE KB 309 105.18 -40.40 -36.53
N ASN KB 310 104.24 -40.24 -35.61
CA ASN KB 310 104.51 -39.73 -34.27
C ASN KB 310 103.91 -40.74 -33.28
N LYS KB 311 104.73 -41.67 -32.83
CA LYS KB 311 104.32 -42.65 -31.84
C LYS KB 311 104.59 -42.19 -30.41
N GLU KB 312 105.12 -40.97 -30.24
CA GLU KB 312 105.61 -40.51 -28.95
C GLU KB 312 104.46 -39.96 -28.11
N VAL KB 313 104.25 -40.54 -26.94
CA VAL KB 313 103.16 -40.14 -26.06
C VAL KB 313 103.73 -39.32 -24.92
N LYS KB 314 103.32 -38.06 -24.84
CA LYS KB 314 103.82 -37.16 -23.81
C LYS KB 314 102.69 -36.94 -22.80
N ARG KB 315 102.84 -37.53 -21.62
CA ARG KB 315 101.91 -37.38 -20.54
C ARG KB 315 102.24 -36.13 -19.73
N ARG KB 316 101.32 -35.75 -18.85
CA ARG KB 316 101.59 -34.67 -17.91
C ARG KB 316 102.70 -35.09 -16.97
N GLU KB 317 103.62 -34.17 -16.70
CA GLU KB 317 104.76 -34.46 -15.85
C GLU KB 317 104.39 -34.17 -14.40
N ALA KB 318 104.83 -35.05 -13.50
CA ALA KB 318 104.58 -34.86 -12.09
C ALA KB 318 105.11 -33.51 -11.65
N ARG KB 319 104.45 -32.91 -10.67
CA ARG KB 319 104.87 -31.61 -10.19
C ARG KB 319 106.11 -31.75 -9.31
N LYS KB 320 107.03 -30.82 -9.46
CA LYS KB 320 108.20 -30.71 -8.59
C LYS KB 320 108.15 -29.37 -7.90
N ASN KB 321 108.35 -29.36 -6.59
CA ASN KB 321 108.31 -28.17 -5.76
C ASN KB 321 109.18 -27.08 -6.37
N PRO KB 322 108.59 -26.02 -6.94
CA PRO KB 322 109.39 -24.99 -7.60
C PRO KB 322 110.11 -24.05 -6.65
N LEU KB 323 110.04 -24.28 -5.35
CA LEU KB 323 110.63 -23.36 -4.39
C LEU KB 323 111.63 -24.06 -3.49
N LYS KB 324 111.41 -25.36 -3.25
CA LYS KB 324 112.31 -26.13 -2.40
C LYS KB 324 112.53 -27.52 -2.98
N ASN KB 325 112.80 -27.59 -4.28
CA ASN KB 325 113.36 -28.78 -4.90
C ASN KB 325 114.54 -28.33 -5.75
N ALA KB 326 115.74 -28.71 -5.32
CA ALA KB 326 116.95 -28.17 -5.93
C ALA KB 326 117.03 -28.52 -7.40
N ALA KB 327 116.66 -29.76 -7.76
CA ALA KB 327 116.81 -30.20 -9.14
C ALA KB 327 115.94 -29.40 -10.09
N ALA KB 328 114.71 -29.11 -9.70
CA ALA KB 328 113.78 -28.42 -10.58
C ALA KB 328 113.99 -26.91 -10.59
N VAL KB 329 114.35 -26.32 -9.44
CA VAL KB 329 114.55 -24.88 -9.42
C VAL KB 329 115.74 -24.50 -10.28
N LEU KB 330 116.69 -25.41 -10.46
CA LEU KB 330 117.82 -25.16 -11.35
C LEU KB 330 117.51 -25.47 -12.81
N LYS KB 331 116.35 -26.03 -13.12
CA LYS KB 331 115.92 -26.05 -14.50
C LYS KB 331 115.01 -24.88 -14.83
N LEU KB 332 114.33 -24.31 -13.84
CA LEU KB 332 113.54 -23.13 -14.11
C LEU KB 332 114.38 -21.85 -14.07
N ASN KB 333 115.18 -21.68 -13.03
CA ASN KB 333 116.00 -20.48 -12.82
C ASN KB 333 117.43 -20.93 -12.56
N PRO KB 334 118.21 -21.16 -13.61
CA PRO KB 334 119.57 -21.70 -13.41
C PRO KB 334 120.47 -20.79 -12.60
N TYR KB 335 120.11 -19.52 -12.42
CA TYR KB 335 120.89 -18.60 -11.61
C TYR KB 335 120.62 -18.72 -10.13
N PHE KB 336 119.66 -19.57 -9.75
CA PHE KB 336 119.23 -19.69 -8.37
C PHE KB 336 120.40 -20.09 -7.48
N GLY KB 337 121.18 -21.08 -7.91
CA GLY KB 337 122.32 -21.51 -7.13
C GLY KB 337 123.37 -20.42 -6.98
N THR KB 338 123.61 -19.68 -8.06
CA THR KB 338 124.61 -18.62 -8.00
C THR KB 338 124.19 -17.51 -7.05
N ALA KB 339 122.91 -17.12 -7.09
CA ALA KB 339 122.44 -16.09 -6.17
C ALA KB 339 122.53 -16.58 -4.73
N ARG KB 340 122.15 -17.83 -4.49
CA ARG KB 340 122.22 -18.37 -3.14
C ARG KB 340 123.66 -18.42 -2.65
N ARG KB 341 124.59 -18.85 -3.51
CA ARG KB 341 125.99 -18.88 -3.11
C ARG KB 341 126.51 -17.49 -2.81
N MET KB 342 126.15 -16.51 -3.63
CA MET KB 342 126.61 -15.15 -3.37
C MET KB 342 126.08 -14.67 -2.04
N ALA KB 343 124.81 -14.91 -1.75
CA ALA KB 343 124.24 -14.46 -0.49
C ALA KB 343 124.92 -15.14 0.70
N VAL KB 344 125.14 -16.45 0.61
CA VAL KB 344 125.77 -17.17 1.71
C VAL KB 344 127.21 -16.71 1.90
N LEU KB 345 127.97 -16.60 0.80
CA LEU KB 345 129.35 -16.18 0.86
C LEU KB 345 129.48 -14.71 1.25
N ALA KB 346 128.39 -13.94 1.18
CA ALA KB 346 128.37 -12.60 1.73
C ALA KB 346 128.06 -12.62 3.23
N GLU KB 347 127.18 -13.51 3.67
CA GLU KB 347 126.94 -13.68 5.10
C GLU KB 347 128.19 -14.17 5.81
N ALA KB 348 129.01 -14.96 5.11
CA ALA KB 348 130.20 -15.55 5.71
C ALA KB 348 131.10 -14.47 6.30
N ALA KB 349 131.43 -13.44 5.51
CA ALA KB 349 132.27 -12.36 6.03
C ALA KB 349 131.53 -11.54 7.07
N ARG KB 350 130.26 -11.23 6.84
CA ARG KB 350 129.53 -10.36 7.76
C ARG KB 350 129.45 -10.97 9.16
N VAL KB 351 129.49 -12.29 9.28
CA VAL KB 351 129.55 -12.89 10.60
C VAL KB 351 131.00 -13.13 11.04
N LYS KB 352 131.82 -13.66 10.15
CA LYS KB 352 133.18 -14.07 10.46
C LYS KB 352 134.06 -12.89 10.87
N ALA KB 353 133.67 -11.66 10.51
CA ALA KB 353 134.43 -10.50 10.94
C ALA KB 353 134.37 -10.32 12.45
N ARG KB 354 133.18 -10.31 13.02
CA ARG KB 354 133.04 -10.12 14.46
C ARG KB 354 133.02 -11.44 15.24
N LYS KB 355 133.10 -12.59 14.55
CA LYS KB 355 133.36 -13.82 15.27
C LYS KB 355 134.67 -13.73 16.05
N GLU KB 356 135.69 -13.11 15.45
CA GLU KB 356 136.96 -12.85 16.12
C GLU KB 356 137.34 -11.37 16.09
N LYS KB 357 136.36 -10.48 15.86
CA LYS KB 357 136.56 -9.03 15.94
C LYS KB 357 137.64 -8.56 14.98
N ILE KB 358 137.42 -8.88 13.70
CA ILE KB 358 138.05 -8.18 12.59
C ILE KB 358 137.38 -6.81 12.53
N ASN KB 359 137.84 -5.93 11.64
CA ASN KB 359 137.44 -4.53 11.60
C ASN KB 359 136.01 -4.37 11.09
N SER KB 360 135.15 -5.34 11.42
CA SER KB 360 133.74 -5.34 11.08
C SER KB 360 133.14 -3.96 11.26
N LYS KB 361 132.10 -3.64 10.49
CA LYS KB 361 132.04 -2.39 9.72
C LYS KB 361 132.76 -1.24 10.41
N ARG KB 362 133.75 -0.73 9.70
CA ARG KB 362 134.72 0.26 10.11
C ARG KB 362 134.24 1.66 9.70
N THR KB 363 135.13 2.65 9.78
CA THR KB 363 134.84 3.97 9.26
C THR KB 363 134.29 3.89 7.84
N LYS KB 364 133.11 4.48 7.62
CA LYS KB 364 132.49 4.52 6.31
C LYS KB 364 132.30 5.91 5.74
N LEU KB 365 132.38 6.95 6.57
CA LEU KB 365 131.97 8.28 6.15
C LEU KB 365 132.67 9.29 7.04
N SER KB 366 133.04 10.43 6.48
CA SER KB 366 133.78 11.40 7.26
C SER KB 366 132.88 12.13 8.25
N ALA KB 367 133.49 12.65 9.30
CA ALA KB 367 132.72 13.26 10.38
C ALA KB 367 132.00 14.52 9.90
N GLU KB 368 132.62 15.29 9.01
CA GLU KB 368 132.04 16.56 8.61
C GLU KB 368 130.72 16.38 7.88
N GLU KB 369 130.61 15.41 6.98
CA GLU KB 369 129.30 15.18 6.38
C GLU KB 369 128.41 14.29 7.24
N ALA KB 370 129.00 13.48 8.12
CA ALA KB 370 128.21 12.73 9.08
C ALA KB 370 127.49 13.66 10.04
N SER KB 371 127.95 14.90 10.15
CA SER KB 371 127.22 15.88 10.94
C SER KB 371 126.05 16.47 10.15
N LYS KB 372 126.28 16.83 8.89
CA LYS KB 372 125.22 17.42 8.08
C LYS KB 372 124.08 16.44 7.84
N ILE KB 373 124.38 15.15 7.71
CA ILE KB 373 123.32 14.17 7.53
C ILE KB 373 122.41 14.15 8.75
N LYS KB 374 122.98 14.15 9.95
CA LYS KB 374 122.17 14.17 11.15
C LYS KB 374 121.45 15.50 11.31
N ALA KB 375 122.06 16.59 10.85
CA ALA KB 375 121.40 17.89 10.90
C ALA KB 375 120.15 17.90 10.03
N ALA KB 376 120.26 17.35 8.82
CA ALA KB 376 119.09 17.25 7.95
C ALA KB 376 118.04 16.31 8.53
N GLY KB 377 118.47 15.25 9.20
CA GLY KB 377 117.51 14.37 9.85
C GLY KB 377 116.72 15.07 10.94
N LYS KB 378 117.41 15.82 11.80
CA LYS KB 378 116.71 16.56 12.84
C LYS KB 378 115.82 17.64 12.25
N ALA KB 379 116.26 18.31 11.18
CA ALA KB 379 115.41 19.30 10.54
C ALA KB 379 114.12 18.66 10.02
N TRP KB 380 114.24 17.50 9.38
CA TRP KB 380 113.04 16.83 8.90
C TRP KB 380 112.15 16.40 10.04
N TYR KB 381 112.74 15.94 11.15
CA TYR KB 381 111.92 15.54 12.30
C TYR KB 381 111.24 16.74 12.95
N GLN KB 382 111.87 17.90 12.91
CA GLN KB 382 111.22 19.09 13.45
C GLN KB 382 110.05 19.51 12.58
N THR KB 383 110.23 19.50 11.27
CA THR KB 383 109.05 19.77 10.43
C THR KB 383 108.05 18.64 10.49
N MET KB 384 108.45 17.46 10.98
CA MET KB 384 107.55 16.33 11.12
C MET KB 384 106.68 16.42 12.36
N ILE KB 385 107.23 16.89 13.48
CA ILE KB 385 106.48 16.96 14.73
C ILE KB 385 105.97 18.35 15.03
N SER KB 386 106.32 19.35 14.23
CA SER KB 386 105.75 20.66 14.42
C SER KB 386 104.24 20.61 14.24
N ASP KB 387 103.53 21.33 15.09
CA ASP KB 387 102.08 21.41 15.02
C ASP KB 387 101.65 22.81 14.62
N SER KB 388 100.38 22.92 14.21
CA SER KB 388 99.84 24.21 13.84
C SER KB 388 99.72 25.11 15.06
N ASP KB 389 99.71 26.42 14.80
CA ASP KB 389 99.63 27.40 15.88
C ASP KB 389 98.22 27.54 16.43
N TYR KB 390 97.20 27.13 15.67
CA TYR KB 390 95.80 27.26 16.09
C TYR KB 390 95.40 28.71 16.33
N THR KB 391 96.04 29.63 15.62
CA THR KB 391 95.62 31.02 15.65
C THR KB 391 94.66 31.34 14.50
N GLU KB 392 93.63 30.50 14.34
CA GLU KB 392 92.56 30.74 13.39
C GLU KB 392 91.20 30.58 14.02
N PHE KB 393 91.14 30.08 15.25
CA PHE KB 393 89.91 29.68 15.92
C PHE KB 393 89.73 30.67 17.07
N ASP KB 394 89.14 31.83 16.75
CA ASP KB 394 89.15 32.93 17.69
C ASP KB 394 88.10 32.78 18.78
N VAL KB 395 87.21 31.80 18.69
CA VAL KB 395 86.24 31.55 19.74
C VAL KB 395 86.65 30.35 20.59
N PHE KB 396 87.48 29.45 20.07
CA PHE KB 396 87.99 28.31 20.81
C PHE KB 396 89.42 28.49 21.28
N SER KB 397 89.92 29.72 21.38
CA SER KB 397 91.29 29.91 21.83
C SER KB 397 91.46 29.44 23.26
N LYS KB 398 90.52 29.78 24.14
CA LYS KB 398 90.60 29.34 25.53
C LYS KB 398 90.54 27.83 25.63
N TRP KB 399 89.64 27.21 24.88
CA TRP KB 399 89.48 25.76 24.94
C TRP KB 399 90.70 25.05 24.38
N LEU KB 400 91.21 25.51 23.25
CA LEU KB 400 92.39 24.92 22.66
C LEU KB 400 93.65 25.21 23.44
N GLY KB 401 93.61 26.16 24.37
CA GLY KB 401 94.74 26.46 25.22
C GLY KB 401 95.58 27.63 24.76
N VAL KB 402 95.45 28.06 23.51
CA VAL KB 402 96.19 29.23 23.05
C VAL KB 402 95.23 30.22 22.41
N VAL LB 2 85.21 -24.33 28.37
CA VAL LB 2 85.06 -25.48 29.26
C VAL LB 2 85.15 -26.77 28.47
N SER LB 3 86.24 -27.50 28.63
CA SER LB 3 86.48 -28.70 27.86
C SER LB 3 86.36 -29.99 28.66
N GLY LB 4 86.58 -29.93 29.97
CA GLY LB 4 86.55 -31.13 30.79
C GLY LB 4 87.86 -31.33 31.52
N SER LB 5 87.78 -31.73 32.79
CA SER LB 5 88.98 -31.81 33.62
C SER LB 5 89.92 -32.90 33.11
N GLY LB 6 89.39 -34.05 32.74
CA GLY LB 6 90.23 -35.15 32.35
C GLY LB 6 90.80 -35.95 33.49
N VAL LB 7 90.43 -35.64 34.73
CA VAL LB 7 90.90 -36.42 35.86
C VAL LB 7 90.26 -37.81 35.81
N CYS LB 8 90.98 -38.80 36.33
CA CYS LB 8 90.56 -40.19 36.21
C CYS LB 8 89.91 -40.73 37.47
N ALA LB 9 89.52 -39.86 38.40
CA ALA LB 9 88.94 -40.30 39.66
C ALA LB 9 87.67 -41.09 39.42
N LYS LB 10 87.43 -42.08 40.28
CA LYS LB 10 86.20 -42.86 40.20
C LYS LB 10 84.98 -41.98 40.45
N ARG LB 11 85.09 -41.01 41.36
CA ARG LB 11 84.09 -39.99 41.57
C ARG LB 11 84.83 -38.73 42.00
N VAL LB 12 84.22 -37.57 41.73
CA VAL LB 12 84.78 -36.30 42.15
C VAL LB 12 83.77 -35.60 43.05
N VAL LB 13 84.15 -35.35 44.29
CA VAL LB 13 83.25 -34.74 45.26
C VAL LB 13 83.51 -33.25 45.30
N VAL LB 14 82.45 -32.46 45.26
CA VAL LB 14 82.55 -31.02 45.07
C VAL LB 14 81.93 -30.31 46.26
N ASP LB 15 82.72 -29.49 46.95
CA ASP LB 15 82.23 -28.70 48.08
C ASP LB 15 81.61 -27.42 47.53
N ALA LB 16 80.31 -27.46 47.27
CA ALA LB 16 79.67 -26.38 46.55
C ALA LB 16 79.39 -25.15 47.40
N ARG LB 17 79.97 -25.05 48.59
CA ARG LB 17 79.75 -23.85 49.37
C ARG LB 17 80.42 -22.65 48.70
N HIS LB 18 79.69 -21.53 48.66
CA HIS LB 18 80.14 -20.30 48.02
C HIS LB 18 80.73 -20.58 46.64
N HIS LB 19 79.91 -21.16 45.78
CA HIS LB 19 80.15 -21.14 44.36
C HIS LB 19 78.93 -20.58 43.65
N MET LB 20 79.08 -20.29 42.37
CA MET LB 20 78.00 -19.69 41.62
C MET LB 20 77.19 -20.77 40.94
N LEU LB 21 75.86 -20.66 41.05
CA LEU LB 21 75.00 -21.73 40.57
C LEU LB 21 75.23 -22.01 39.10
N GLY LB 22 75.13 -20.97 38.26
CA GLY LB 22 75.23 -21.18 36.83
C GLY LB 22 76.57 -21.73 36.40
N ARG LB 23 77.65 -21.21 36.98
CA ARG LB 23 78.97 -21.60 36.52
C ARG LB 23 79.41 -22.94 37.09
N LEU LB 24 79.16 -23.18 38.38
CA LEU LB 24 79.35 -24.51 38.92
C LEU LB 24 78.55 -25.53 38.13
N ALA LB 25 77.35 -25.18 37.72
CA ALA LB 25 76.52 -26.14 37.03
C ALA LB 25 76.99 -26.36 35.60
N SER LB 26 77.51 -25.33 34.93
CA SER LB 26 78.05 -25.57 33.59
C SER LB 26 79.32 -26.42 33.65
N ILE LB 27 80.18 -26.17 34.64
CA ILE LB 27 81.38 -26.99 34.78
C ILE LB 27 81.00 -28.44 35.07
N VAL LB 28 80.06 -28.64 36.01
CA VAL LB 28 79.60 -29.99 36.33
C VAL LB 28 78.94 -30.63 35.13
N ALA LB 29 78.13 -29.88 34.39
CA ALA LB 29 77.46 -30.44 33.24
C ALA LB 29 78.45 -30.92 32.20
N LYS LB 30 79.54 -30.18 32.01
CA LYS LB 30 80.52 -30.63 31.03
C LYS LB 30 81.29 -31.84 31.57
N GLU LB 31 81.55 -31.89 32.88
CA GLU LB 31 82.13 -33.10 33.47
C GLU LB 31 81.25 -34.31 33.20
N LEU LB 32 79.95 -34.17 33.44
CA LEU LB 32 79.04 -35.30 33.27
C LEU LB 32 78.97 -35.73 31.82
N LEU LB 33 78.86 -34.77 30.90
CA LEU LB 33 78.81 -35.12 29.48
C LEU LB 33 80.08 -35.81 29.03
N ASN LB 34 81.25 -35.35 29.49
CA ASN LB 34 82.47 -36.06 29.16
C ASN LB 34 82.56 -37.42 29.83
N GLY LB 35 81.77 -37.65 30.88
CA GLY LB 35 81.65 -38.97 31.45
C GLY LB 35 82.13 -39.09 32.88
N GLN LB 36 82.51 -38.00 33.53
CA GLN LB 36 83.06 -38.07 34.86
C GLN LB 36 81.96 -37.95 35.90
N ARG LB 37 81.93 -38.89 36.83
CA ARG LB 37 80.89 -38.92 37.85
C ARG LB 37 81.21 -37.91 38.94
N VAL LB 38 80.28 -36.97 39.16
CA VAL LB 38 80.46 -35.96 40.17
C VAL LB 38 79.50 -36.27 41.30
N VAL LB 39 79.81 -35.73 42.47
CA VAL LB 39 78.93 -35.76 43.63
C VAL LB 39 79.06 -34.39 44.27
N VAL LB 40 78.06 -33.54 44.09
CA VAL LB 40 78.11 -32.18 44.60
C VAL LB 40 77.43 -32.15 45.96
N VAL LB 41 78.17 -31.73 46.97
CA VAL LB 41 77.70 -31.76 48.35
C VAL LB 41 77.70 -30.33 48.89
N ARG LB 42 77.01 -30.15 50.01
CA ARG LB 42 76.72 -28.82 50.53
C ARG LB 42 76.11 -27.93 49.46
N CYS LB 43 75.19 -28.51 48.69
CA CYS LB 43 74.50 -27.76 47.65
C CYS LB 43 73.68 -26.62 48.22
N GLU LB 44 73.33 -26.65 49.50
CA GLU LB 44 72.50 -25.62 50.09
C GLU LB 44 73.20 -24.28 50.23
N GLU LB 45 74.52 -24.22 50.05
CA GLU LB 45 75.29 -23.02 50.31
C GLU LB 45 75.65 -22.26 49.04
N ILE LB 46 75.14 -22.67 47.89
CA ILE LB 46 75.52 -22.04 46.64
C ILE LB 46 75.13 -20.57 46.64
N CYS LB 47 76.07 -19.73 46.24
CA CYS LB 47 75.79 -18.31 46.09
C CYS LB 47 75.29 -18.04 44.68
N MET LB 48 74.34 -17.14 44.56
CA MET LB 48 73.80 -16.73 43.27
C MET LB 48 73.87 -15.22 43.16
N SER LB 49 74.37 -14.73 42.04
CA SER LB 49 74.31 -13.31 41.78
C SER LB 49 72.86 -12.85 41.72
N GLY LB 50 72.67 -11.53 41.73
CA GLY LB 50 71.34 -10.98 41.85
C GLY LB 50 70.87 -11.09 43.29
N GLY LB 51 70.05 -10.16 43.71
CA GLY LB 51 69.59 -10.17 45.08
C GLY LB 51 68.71 -11.36 45.38
N LEU LB 52 68.54 -11.60 46.68
CA LEU LB 52 67.56 -12.58 47.11
C LEU LB 52 66.18 -12.23 46.60
N VAL LB 53 65.87 -10.93 46.49
CA VAL LB 53 64.58 -10.51 45.95
C VAL LB 53 64.48 -10.84 44.46
N ARG LB 54 65.56 -10.64 43.72
CA ARG LB 54 65.52 -10.99 42.30
C ARG LB 54 65.34 -12.48 42.10
N GLN LB 55 66.05 -13.29 42.87
CA GLN LB 55 65.89 -14.73 42.73
C GLN LB 55 64.52 -15.19 43.20
N LYS LB 56 63.99 -14.54 44.24
CA LYS LB 56 62.62 -14.79 44.67
C LYS LB 56 61.63 -14.55 43.54
N MET LB 57 61.74 -13.39 42.90
CA MET LB 57 60.81 -13.06 41.83
C MET LB 57 60.96 -14.02 40.65
N LYS LB 58 62.20 -14.37 40.32
CA LYS LB 58 62.42 -15.36 39.26
C LYS LB 58 61.78 -16.69 39.60
N TYR LB 59 61.92 -17.13 40.84
CA TYR LB 59 61.41 -18.46 41.14
C TYR LB 59 59.89 -18.45 41.24
N LEU LB 60 59.28 -17.33 41.62
CA LEU LB 60 57.83 -17.26 41.58
C LEU LB 60 57.28 -17.10 40.17
N ARG LB 61 58.02 -16.46 39.27
CA ARG LB 61 57.61 -16.55 37.88
C ARG LB 61 57.66 -18.00 37.43
N PHE LB 62 58.70 -18.72 37.86
CA PHE LB 62 58.77 -20.14 37.57
C PHE LB 62 57.61 -20.91 38.20
N LEU LB 63 57.08 -20.44 39.33
CA LEU LB 63 55.92 -21.13 39.90
C LEU LB 63 54.65 -20.89 39.11
N ARG LB 64 54.45 -19.69 38.56
CA ARG LB 64 53.19 -19.51 37.84
C ARG LB 64 53.09 -20.48 36.66
N LYS LB 65 54.22 -20.93 36.11
CA LYS LB 65 54.21 -21.82 34.96
C LYS LB 65 53.71 -23.18 35.39
N ARG LB 66 52.47 -23.52 35.05
CA ARG LB 66 51.95 -24.86 35.31
C ARG LB 66 50.97 -25.23 34.22
N MET LB 67 50.97 -26.52 33.84
CA MET LB 67 50.07 -26.97 32.78
C MET LB 67 48.63 -26.78 33.22
N ASN LB 68 47.86 -26.06 32.40
CA ASN LB 68 46.51 -25.67 32.79
C ASN LB 68 45.62 -26.88 32.99
N THR LB 69 45.56 -27.76 32.00
CA THR LB 69 44.56 -28.83 32.01
C THR LB 69 44.95 -30.01 32.88
N LYS LB 70 46.20 -30.10 33.30
CA LYS LB 70 46.63 -31.11 34.26
C LYS LB 70 47.88 -30.61 34.96
N PRO LB 71 47.75 -29.95 36.10
CA PRO LB 71 48.92 -29.34 36.74
C PRO LB 71 50.01 -30.33 37.09
N SER LB 72 49.64 -31.56 37.43
CA SER LB 72 50.63 -32.56 37.81
C SER LB 72 51.55 -32.94 36.65
N HIS LB 73 51.20 -32.54 35.44
CA HIS LB 73 51.92 -32.94 34.24
C HIS LB 73 52.98 -31.94 33.82
N GLY LB 74 52.73 -30.65 34.01
CA GLY LB 74 53.61 -29.62 33.50
C GLY LB 74 54.86 -29.48 34.32
N PRO LB 75 55.35 -28.26 34.46
CA PRO LB 75 56.60 -28.04 35.22
C PRO LB 75 56.49 -28.60 36.62
N ILE LB 76 57.57 -29.21 37.10
CA ILE LB 76 57.64 -29.76 38.43
C ILE LB 76 58.56 -28.85 39.22
N HIS LB 77 57.99 -28.03 40.09
CA HIS LB 77 58.72 -26.97 40.77
C HIS LB 77 59.34 -27.52 42.04
N PHE LB 78 60.63 -27.82 41.99
CA PHE LB 78 61.29 -28.42 43.13
C PHE LB 78 61.67 -27.36 44.15
N ARG LB 79 61.93 -27.81 45.37
CA ARG LB 79 62.21 -26.90 46.47
C ARG LB 79 63.53 -27.18 47.16
N ALA LB 80 63.94 -28.44 47.20
CA ALA LB 80 65.21 -28.75 47.82
C ALA LB 80 66.35 -28.14 47.00
N PRO LB 81 67.39 -27.63 47.65
CA PRO LB 81 68.53 -27.11 46.88
C PRO LB 81 69.19 -28.16 46.01
N ALA LB 82 69.22 -29.42 46.46
CA ALA LB 82 69.77 -30.48 45.63
C ALA LB 82 69.00 -30.59 44.33
N LYS LB 83 67.67 -30.55 44.43
CA LYS LB 83 66.87 -30.71 43.22
C LYS LB 83 66.91 -29.46 42.36
N ILE LB 84 67.00 -28.26 42.94
CA ILE LB 84 67.09 -27.06 42.12
C ILE LB 84 68.38 -27.06 41.32
N LEU LB 85 69.49 -27.42 41.97
CA LEU LB 85 70.73 -27.55 41.21
C LEU LB 85 70.62 -28.65 40.16
N TRP LB 86 70.00 -29.77 40.50
CA TRP LB 86 69.88 -30.85 39.53
C TRP LB 86 69.09 -30.39 38.32
N ARG LB 87 68.02 -29.62 38.53
CA ARG LB 87 67.25 -29.06 37.42
C ARG LB 87 68.10 -28.09 36.61
N THR LB 88 68.89 -27.27 37.29
CA THR LB 88 69.75 -26.34 36.56
C THR LB 88 70.69 -27.08 35.63
N ILE LB 89 71.34 -28.13 36.13
CA ILE LB 89 72.25 -28.90 35.28
C ILE LB 89 71.48 -29.62 34.18
N ARG LB 90 70.27 -30.07 34.48
CA ARG LB 90 69.45 -30.65 33.42
C ARG LB 90 69.17 -29.63 32.35
N GLY LB 91 69.16 -28.35 32.71
CA GLY LB 91 69.03 -27.31 31.71
C GLY LB 91 70.17 -27.30 30.72
N MET LB 92 71.40 -27.51 31.19
CA MET LB 92 72.55 -27.54 30.30
C MET LB 92 72.79 -28.89 29.65
N ILE LB 93 72.13 -29.96 30.10
CA ILE LB 93 72.34 -31.26 29.46
C ILE LB 93 71.18 -31.59 28.54
N PRO LB 94 71.43 -32.16 27.36
CA PRO LB 94 70.33 -32.53 26.46
C PRO LB 94 69.56 -33.75 26.93
N HIS LB 95 68.62 -33.58 27.85
CA HIS LB 95 68.08 -34.69 28.62
C HIS LB 95 66.99 -35.46 27.89
N LYS LB 96 66.69 -35.13 26.64
CA LYS LB 96 65.74 -35.90 25.87
C LYS LB 96 66.41 -36.90 24.95
N THR LB 97 67.70 -37.16 25.14
CA THR LB 97 68.44 -38.16 24.40
C THR LB 97 69.01 -39.18 25.39
N ALA LB 98 69.35 -40.36 24.87
CA ALA LB 98 69.90 -41.40 25.72
C ALA LB 98 71.21 -40.95 26.33
N ARG LB 99 72.05 -40.29 25.53
CA ARG LB 99 73.26 -39.68 26.06
C ARG LB 99 72.92 -38.71 27.18
N GLY LB 100 71.83 -37.96 27.04
CA GLY LB 100 71.47 -37.00 28.07
C GLY LB 100 71.06 -37.65 29.37
N GLU LB 101 70.20 -38.67 29.30
CA GLU LB 101 69.77 -39.28 30.55
C GLU LB 101 70.89 -40.06 31.21
N ALA LB 102 71.74 -40.72 30.40
CA ALA LB 102 72.91 -41.36 30.97
C ALA LB 102 73.87 -40.34 31.56
N ALA LB 103 73.86 -39.13 31.02
CA ALA LB 103 74.66 -38.05 31.60
C ALA LB 103 74.15 -37.68 32.98
N LEU LB 104 72.85 -37.44 33.10
CA LEU LB 104 72.34 -37.10 34.43
C LEU LB 104 72.43 -38.26 35.41
N ALA LB 105 72.53 -39.48 34.91
CA ALA LB 105 72.65 -40.62 35.84
C ALA LB 105 73.92 -40.52 36.67
N ARG LB 106 74.96 -39.88 36.14
CA ARG LB 106 76.22 -39.71 36.86
C ARG LB 106 76.16 -38.64 37.93
N LEU LB 107 75.08 -37.87 38.00
CA LEU LB 107 74.98 -36.72 38.88
C LEU LB 107 74.24 -37.10 40.14
N LYS LB 108 74.92 -36.98 41.28
CA LYS LB 108 74.30 -37.11 42.59
C LYS LB 108 74.51 -35.81 43.33
N ALA LB 109 73.42 -35.15 43.71
CA ALA LB 109 73.48 -33.89 44.42
C ALA LB 109 72.85 -34.06 45.78
N TYR LB 110 73.50 -33.50 46.81
CA TYR LB 110 72.99 -33.66 48.17
C TYR LB 110 73.03 -32.31 48.86
N GLU LB 111 72.15 -32.13 49.84
CA GLU LB 111 72.34 -31.07 50.81
C GLU LB 111 73.28 -31.54 51.89
N GLY LB 112 74.09 -30.63 52.41
CA GLY LB 112 75.03 -31.06 53.41
C GLY LB 112 76.08 -31.99 52.81
N VAL LB 113 76.63 -32.86 53.66
CA VAL LB 113 77.59 -33.86 53.20
C VAL LB 113 77.24 -35.21 53.80
N PRO LB 114 76.25 -35.92 53.26
CA PRO LB 114 75.88 -37.19 53.85
C PRO LB 114 76.97 -38.22 53.64
N PRO LB 115 77.29 -39.00 54.66
CA PRO LB 115 78.31 -40.02 54.50
C PRO LB 115 77.89 -41.02 53.44
N PRO LB 116 78.86 -41.61 52.72
CA PRO LB 116 80.29 -41.65 53.01
C PRO LB 116 81.12 -40.50 52.42
N TYR LB 117 80.51 -39.36 52.18
CA TYR LB 117 81.23 -38.20 51.65
C TYR LB 117 81.76 -37.30 52.75
N ASP LB 118 81.57 -37.65 54.01
CA ASP LB 118 82.22 -36.91 55.08
C ASP LB 118 83.71 -37.16 55.10
N ARG LB 119 84.13 -38.42 54.90
CA ARG LB 119 85.54 -38.78 55.00
C ARG LB 119 86.17 -38.80 53.61
N THR LB 120 86.03 -37.67 52.92
CA THR LB 120 86.44 -37.54 51.53
C THR LB 120 86.82 -36.10 51.23
N LYS LB 121 87.99 -35.90 50.64
CA LYS LB 121 88.39 -34.54 50.30
C LYS LB 121 87.45 -33.97 49.26
N ARG LB 122 86.95 -32.78 49.52
CA ARG LB 122 85.93 -32.16 48.69
C ARG LB 122 86.58 -31.11 47.80
N MET LB 123 86.62 -31.38 46.50
CA MET LB 123 87.35 -30.57 45.54
C MET LB 123 86.49 -29.37 45.15
N VAL LB 124 87.07 -28.18 45.12
CA VAL LB 124 86.34 -27.00 44.72
C VAL LB 124 86.76 -26.60 43.32
N ILE LB 125 85.90 -25.83 42.66
CA ILE LB 125 86.09 -25.46 41.27
C ILE LB 125 86.46 -23.98 41.20
N PRO LB 126 87.73 -23.62 41.00
CA PRO LB 126 88.11 -22.21 41.10
C PRO LB 126 87.39 -21.34 40.09
N ASP LB 127 86.92 -21.91 39.00
CA ASP LB 127 86.22 -21.18 37.96
C ASP LB 127 84.86 -20.68 38.40
N ALA LB 128 84.44 -20.96 39.63
CA ALA LB 128 83.11 -20.55 40.04
C ALA LB 128 83.00 -20.03 41.47
N LEU LB 129 84.10 -19.86 42.20
CA LEU LB 129 83.96 -19.37 43.57
C LEU LB 129 83.43 -17.95 43.61
N LYS LB 130 82.66 -17.66 44.65
CA LYS LB 130 82.11 -16.32 44.80
C LYS LB 130 83.22 -15.30 44.91
N VAL LB 131 84.25 -15.60 45.71
CA VAL LB 131 85.34 -14.66 45.95
C VAL LB 131 85.99 -14.25 44.64
N LEU LB 132 86.09 -15.17 43.70
CA LEU LB 132 86.79 -14.93 42.46
C LEU LB 132 85.84 -14.61 41.33
N ARG LB 133 84.54 -14.58 41.58
CA ARG LB 133 83.64 -14.50 40.43
C ARG LB 133 82.72 -13.29 40.56
N LEU LB 134 82.38 -12.92 41.79
CA LEU LB 134 81.66 -11.68 42.06
C LEU LB 134 82.64 -10.61 42.52
N GLN LB 135 82.36 -9.38 42.18
CA GLN LB 135 83.05 -8.25 42.78
C GLN LB 135 82.53 -8.03 44.20
N PRO LB 136 83.36 -8.10 45.22
CA PRO LB 136 82.88 -7.85 46.58
C PRO LB 136 82.11 -6.55 46.66
N GLY LB 137 80.82 -6.65 46.92
CA GLY LB 137 79.98 -5.48 47.10
C GLY LB 137 78.67 -5.57 46.35
N HIS LB 138 78.55 -6.56 45.47
CA HIS LB 138 77.29 -6.79 44.78
C HIS LB 138 76.44 -7.73 45.59
N ARG LB 139 75.14 -7.46 45.60
CA ARG LB 139 74.19 -8.29 46.32
C ARG LB 139 74.08 -9.66 45.66
N TYR LB 140 73.99 -10.69 46.50
CA TYR LB 140 73.85 -12.06 46.06
C TYR LB 140 72.95 -12.78 47.06
N CYS LB 141 72.77 -14.07 46.87
CA CYS LB 141 71.99 -14.83 47.83
C CYS LB 141 72.45 -16.28 47.85
N LEU LB 142 72.07 -16.98 48.91
CA LEU LB 142 72.39 -18.38 49.09
C LEU LB 142 71.20 -19.24 48.68
N LEU LB 143 71.48 -20.30 47.92
CA LEU LB 143 70.41 -21.15 47.42
C LEU LB 143 69.58 -21.73 48.55
N GLY LB 144 70.22 -22.02 49.70
CA GLY LB 144 69.46 -22.50 50.84
C GLY LB 144 68.50 -21.47 51.37
N GLN LB 145 68.94 -20.22 51.47
CA GLN LB 145 68.06 -19.17 51.97
C GLN LB 145 66.94 -18.88 51.00
N LEU LB 146 67.18 -19.03 49.71
CA LEU LB 146 66.10 -18.95 48.73
C LEU LB 146 65.09 -20.06 48.94
N SER LB 147 65.55 -21.30 48.98
CA SER LB 147 64.62 -22.42 49.04
C SER LB 147 63.80 -22.40 50.32
N LYS LB 148 64.40 -21.96 51.43
CA LYS LB 148 63.63 -21.81 52.64
C LYS LB 148 62.44 -20.91 52.41
N GLU LB 149 62.64 -19.81 51.71
CA GLU LB 149 61.60 -18.84 51.44
C GLU LB 149 60.70 -19.26 50.28
N VAL LB 150 61.01 -20.37 49.65
CA VAL LB 150 60.20 -20.88 48.55
C VAL LB 150 59.37 -22.10 48.94
N GLY LB 151 59.71 -22.84 49.99
CA GLY LB 151 58.88 -23.97 50.35
C GLY LB 151 59.62 -25.26 50.59
N TRP LB 152 60.88 -25.16 50.98
CA TRP LB 152 61.67 -26.30 51.41
C TRP LB 152 61.66 -26.29 52.93
N ASN LB 153 61.12 -27.34 53.54
CA ASN LB 153 60.81 -27.32 54.97
C ASN LB 153 61.87 -28.04 55.80
N TYR LB 154 63.07 -28.21 55.28
CA TYR LB 154 64.11 -28.97 55.95
C TYR LB 154 65.36 -28.13 56.21
N ALA LB 155 65.22 -26.80 56.23
CA ALA LB 155 66.36 -25.94 56.49
C ALA LB 155 66.92 -26.19 57.88
N ASP LB 156 66.06 -26.26 58.89
CA ASP LB 156 66.52 -26.46 60.26
C ASP LB 156 67.22 -27.81 60.41
N THR LB 157 66.68 -28.84 59.76
CA THR LB 157 67.29 -30.16 59.85
C THR LB 157 68.71 -30.16 59.29
N ILE LB 158 68.89 -29.53 58.13
CA ILE LB 158 70.22 -29.49 57.55
C ILE LB 158 71.16 -28.68 58.42
N ARG LB 159 70.66 -27.61 59.03
CA ARG LB 159 71.49 -26.85 59.95
C ARG LB 159 71.94 -27.71 61.13
N GLU LB 160 71.02 -28.50 61.69
CA GLU LB 160 71.37 -29.38 62.81
C GLU LB 160 72.42 -30.40 62.39
N LEU LB 161 72.21 -31.02 61.23
CA LEU LB 161 73.14 -32.05 60.80
C LEU LB 161 74.51 -31.47 60.51
N GLU LB 162 74.55 -30.26 59.94
CA GLU LB 162 75.83 -29.64 59.66
C GLU LB 162 76.55 -29.17 60.91
N GLU LB 163 75.83 -28.65 61.91
CA GLU LB 163 76.54 -28.29 63.14
C GLU LB 163 77.15 -29.54 63.77
N LYS LB 164 76.42 -30.66 63.77
CA LYS LB 164 77.01 -31.89 64.30
C LYS LB 164 78.23 -32.30 63.50
N ARG LB 165 78.12 -32.26 62.17
CA ARG LB 165 79.24 -32.69 61.32
C ARG LB 165 80.45 -31.79 61.51
N LYS LB 166 80.22 -30.49 61.66
CA LYS LB 166 81.31 -29.54 61.80
C LYS LB 166 82.07 -29.76 63.11
N GLU LB 167 81.34 -29.95 64.22
CA GLU LB 167 82.07 -30.22 65.46
C GLU LB 167 82.78 -31.57 65.40
N LYS LB 168 82.13 -32.57 64.82
CA LYS LB 168 82.76 -33.88 64.73
C LYS LB 168 84.01 -33.84 63.86
N ALA LB 169 84.07 -32.90 62.91
CA ALA LB 169 85.27 -32.73 62.10
C ALA LB 169 86.31 -31.84 62.78
N LYS LB 170 85.87 -30.89 63.61
CA LYS LB 170 86.81 -30.12 64.42
C LYS LB 170 87.64 -31.03 65.30
N VAL LB 171 86.98 -32.00 65.94
CA VAL LB 171 87.71 -32.92 66.81
C VAL LB 171 88.80 -33.65 66.02
N SER LB 172 88.43 -34.17 64.84
CA SER LB 172 89.40 -34.93 64.07
C SER LB 172 90.51 -34.04 63.53
N TYR LB 173 90.20 -32.79 63.20
CA TYR LB 173 91.25 -31.91 62.71
C TYR LB 173 92.25 -31.56 63.81
N ASP LB 174 91.79 -31.40 65.06
CA ASP LB 174 92.76 -31.24 66.13
C ASP LB 174 93.60 -32.52 66.30
N ARG LB 175 92.98 -33.68 66.09
CA ARG LB 175 93.75 -34.92 66.15
C ARG LB 175 94.85 -34.91 65.09
N ARG LB 176 94.53 -34.46 63.89
CA ARG LB 176 95.54 -34.43 62.83
C ARG LB 176 96.56 -33.31 63.01
N LYS LB 177 96.22 -32.21 63.69
CA LYS LB 177 97.28 -31.29 64.10
C LYS LB 177 98.28 -31.99 65.00
N GLN LB 178 97.79 -32.74 65.99
CA GLN LB 178 98.71 -33.42 66.89
C GLN LB 178 99.60 -34.39 66.11
N LEU LB 179 98.98 -35.21 65.27
CA LEU LB 179 99.75 -36.17 64.49
C LEU LB 179 100.73 -35.48 63.56
N ALA LB 180 100.38 -34.30 63.06
CA ALA LB 180 101.25 -33.60 62.12
C ALA LB 180 102.46 -33.00 62.82
N LYS LB 181 102.29 -32.46 64.03
CA LYS LB 181 103.47 -31.97 64.73
C LYS LB 181 104.39 -33.12 65.12
N LEU LB 182 103.84 -34.26 65.54
CA LEU LB 182 104.70 -35.40 65.79
C LEU LB 182 105.40 -35.87 64.52
N ARG LB 183 104.71 -35.84 63.38
CA ARG LB 183 105.38 -36.25 62.15
C ARG LB 183 106.44 -35.24 61.71
N VAL LB 184 106.26 -33.95 62.04
CA VAL LB 184 107.30 -32.96 61.78
C VAL LB 184 108.55 -33.31 62.60
N LYS LB 185 108.34 -33.62 63.87
CA LYS LB 185 109.45 -34.09 64.69
C LYS LB 185 110.09 -35.34 64.07
N ALA LB 186 109.28 -36.23 63.50
CA ALA LB 186 109.83 -37.45 62.91
C ALA LB 186 110.63 -37.14 61.64
N GLU LB 187 110.16 -36.20 60.82
CA GLU LB 187 110.91 -35.81 59.64
C GLU LB 187 112.26 -35.24 60.01
N LYS LB 188 112.33 -34.39 61.03
CA LYS LB 188 113.66 -33.93 61.43
C LYS LB 188 114.46 -35.04 62.11
N ALA LB 189 113.79 -35.97 62.79
CA ALA LB 189 114.52 -37.10 63.37
C ALA LB 189 115.26 -37.87 62.30
N ALA LB 190 114.61 -38.09 61.15
CA ALA LB 190 115.30 -38.76 60.06
C ALA LB 190 116.29 -37.84 59.35
N GLU LB 191 115.99 -36.56 59.26
CA GLU LB 191 116.88 -35.64 58.56
C GLU LB 191 118.22 -35.51 59.28
N GLU LB 192 118.21 -35.19 60.57
CA GLU LB 192 119.48 -35.18 61.30
C GLU LB 192 120.05 -36.57 61.58
N LYS LB 193 119.37 -37.64 61.19
CA LYS LB 193 120.00 -38.96 61.25
C LYS LB 193 120.71 -39.33 59.95
N LEU LB 194 120.25 -38.82 58.82
CA LEU LB 194 120.85 -39.13 57.53
C LEU LB 194 121.41 -37.85 56.91
N GLY LB 195 122.70 -37.84 56.63
CA GLY LB 195 123.36 -36.65 56.13
C GLY LB 195 123.64 -36.69 54.64
N THR LB 196 124.87 -37.02 54.29
CA THR LB 196 125.29 -37.06 52.89
C THR LB 196 124.42 -37.99 52.06
N GLN LB 197 123.79 -38.97 52.70
CA GLN LB 197 122.92 -39.92 52.04
C GLN LB 197 121.65 -39.27 51.52
N LEU LB 198 121.37 -38.02 51.90
CA LEU LB 198 120.09 -37.39 51.58
C LEU LB 198 120.28 -35.97 51.05
N GLU LB 199 121.51 -35.61 50.66
CA GLU LB 199 121.72 -34.30 50.05
C GLU LB 199 120.90 -34.12 48.78
N ILE LB 200 120.66 -35.22 48.05
CA ILE LB 200 120.08 -35.12 46.72
C ILE LB 200 118.71 -34.48 46.77
N LEU LB 201 117.98 -34.67 47.87
CA LEU LB 201 116.65 -34.09 47.98
C LEU LB 201 116.67 -32.62 48.36
N ALA LB 202 117.81 -32.10 48.84
CA ALA LB 202 117.86 -30.72 49.28
C ALA LB 202 117.55 -29.70 48.18
N PRO LB 203 118.10 -29.80 46.97
CA PRO LB 203 117.79 -28.80 45.96
C PRO LB 203 116.40 -28.94 45.35
N ILE LB 204 115.63 -29.95 45.72
CA ILE LB 204 114.27 -30.06 45.22
C ILE LB 204 113.29 -30.24 46.38
N LYS LB 205 113.62 -29.69 47.54
CA LYS LB 205 112.78 -29.78 48.72
C LYS LB 205 112.56 -28.40 49.30
N TYR LB 206 111.42 -28.24 49.97
CA TYR LB 206 111.00 -26.96 50.52
C TYR LB 206 109.78 -27.09 51.44
N THR MB 2 -45.22 -25.17 22.40
CA THR MB 2 -44.37 -24.02 22.64
C THR MB 2 -43.85 -23.49 21.31
N LYS MB 3 -43.81 -22.18 21.16
CA LYS MB 3 -43.23 -21.59 19.95
C LYS MB 3 -41.74 -21.89 19.94
N ARG MB 4 -41.25 -22.43 18.83
CA ARG MB 4 -39.90 -22.96 18.78
C ARG MB 4 -38.92 -22.12 17.99
N THR MB 5 -39.39 -21.20 17.16
CA THR MB 5 -38.54 -20.19 16.55
C THR MB 5 -39.28 -18.87 16.55
N LYS MB 6 -38.61 -17.80 16.97
CA LYS MB 6 -39.21 -16.48 16.86
C LYS MB 6 -39.50 -16.14 15.41
N LYS MB 7 -38.50 -16.28 14.54
CA LYS MB 7 -38.65 -15.95 13.13
C LYS MB 7 -38.04 -16.95 12.16
N ALA MB 8 -37.13 -17.82 12.61
CA ALA MB 8 -36.36 -18.63 11.67
C ALA MB 8 -37.26 -19.58 10.88
N GLY MB 9 -37.90 -20.53 11.56
CA GLY MB 9 -38.81 -21.42 10.86
C GLY MB 9 -38.09 -22.47 10.05
N ILE MB 10 -38.62 -22.74 8.86
CA ILE MB 10 -38.12 -23.81 7.99
C ILE MB 10 -36.62 -23.73 7.75
N VAL MB 11 -36.04 -22.54 7.82
CA VAL MB 11 -34.61 -22.39 7.59
C VAL MB 11 -33.88 -22.50 8.91
N GLY MB 12 -34.58 -22.99 9.93
CA GLY MB 12 -33.91 -23.23 11.19
C GLY MB 12 -32.96 -24.41 11.14
N LYS MB 13 -33.14 -25.32 10.19
CA LYS MB 13 -32.25 -26.47 10.10
C LYS MB 13 -30.86 -26.07 9.64
N TYR MB 14 -30.74 -24.96 8.93
CA TYR MB 14 -29.44 -24.53 8.44
C TYR MB 14 -28.56 -24.01 9.55
N GLY MB 15 -29.08 -23.85 10.75
CA GLY MB 15 -28.26 -23.42 11.85
C GLY MB 15 -27.79 -21.99 11.66
N THR MB 16 -26.63 -21.68 12.24
CA THR MB 16 -26.10 -20.33 12.30
C THR MB 16 -25.27 -20.00 11.07
N ARG MB 17 -25.47 -20.71 9.98
CA ARG MB 17 -24.64 -20.59 8.79
C ARG MB 17 -25.40 -19.85 7.70
N TYR MB 18 -24.66 -19.52 6.65
CA TYR MB 18 -25.13 -19.12 5.34
C TYR MB 18 -25.62 -17.68 5.30
N GLY MB 19 -25.78 -17.02 6.43
CA GLY MB 19 -26.13 -15.62 6.30
C GLY MB 19 -27.61 -15.36 6.38
N ALA MB 20 -27.93 -14.23 7.00
CA ALA MB 20 -29.32 -13.87 7.24
C ALA MB 20 -30.07 -13.71 5.94
N SER MB 21 -29.48 -13.04 4.96
CA SER MB 21 -30.19 -12.75 3.73
C SER MB 21 -30.43 -14.01 2.93
N LEU MB 22 -29.43 -14.90 2.85
CA LEU MB 22 -29.64 -16.14 2.13
C LEU MB 22 -30.69 -17.00 2.80
N ARG MB 23 -30.67 -17.07 4.13
CA ARG MB 23 -31.71 -17.84 4.80
C ARG MB 23 -33.10 -17.23 4.57
N LYS MB 24 -33.20 -15.90 4.68
CA LYS MB 24 -34.51 -15.27 4.58
C LYS MB 24 -35.01 -15.23 3.14
N GLN MB 25 -34.15 -15.46 2.15
CA GLN MB 25 -34.64 -15.57 0.78
C GLN MB 25 -34.74 -17.00 0.30
N ILE MB 26 -34.19 -17.96 1.04
CA ILE MB 26 -34.45 -19.35 0.72
C ILE MB 26 -35.69 -19.84 1.46
N LYS MB 27 -36.13 -19.12 2.50
CA LYS MB 27 -37.23 -19.57 3.33
C LYS MB 27 -38.50 -19.77 2.52
N LYS MB 28 -38.79 -18.86 1.59
CA LYS MB 28 -40.07 -18.92 0.89
C LYS MB 28 -40.15 -20.12 -0.05
N MET MB 29 -39.06 -20.45 -0.73
CA MET MB 29 -39.03 -21.61 -1.59
C MET MB 29 -38.62 -22.88 -0.86
N GLU MB 30 -38.27 -22.76 0.42
CA GLU MB 30 -38.33 -23.92 1.31
C GLU MB 30 -39.77 -24.29 1.59
N VAL MB 31 -40.56 -23.35 2.08
CA VAL MB 31 -41.92 -23.68 2.47
C VAL MB 31 -42.77 -24.03 1.25
N SER MB 32 -42.55 -23.33 0.15
CA SER MB 32 -43.41 -23.54 -1.01
C SER MB 32 -43.19 -24.90 -1.65
N GLN MB 33 -41.97 -25.44 -1.63
CA GLN MB 33 -41.80 -26.74 -2.26
C GLN MB 33 -42.21 -27.88 -1.36
N HIS MB 34 -42.36 -27.64 -0.06
CA HIS MB 34 -42.80 -28.70 0.83
C HIS MB 34 -44.29 -28.68 1.13
N SER MB 35 -44.96 -27.56 0.92
CA SER MB 35 -46.37 -27.49 1.23
C SER MB 35 -47.17 -28.40 0.29
N LYS MB 36 -48.38 -28.75 0.71
CA LYS MB 36 -49.28 -29.56 -0.08
C LYS MB 36 -50.13 -28.63 -0.94
N TYR MB 37 -50.12 -28.85 -2.26
CA TYR MB 37 -50.91 -28.01 -3.15
C TYR MB 37 -52.19 -28.70 -3.59
N PHE MB 38 -53.21 -27.90 -3.83
CA PHE MB 38 -54.51 -28.41 -4.22
C PHE MB 38 -54.44 -29.04 -5.60
N CYS MB 39 -55.10 -30.20 -5.75
CA CYS MB 39 -55.16 -30.92 -7.01
C CYS MB 39 -56.46 -30.56 -7.71
N GLU MB 40 -56.37 -30.02 -8.93
CA GLU MB 40 -57.60 -29.66 -9.62
C GLU MB 40 -58.38 -30.87 -10.11
N PHE MB 41 -57.80 -32.06 -10.05
CA PHE MB 41 -58.52 -33.24 -10.53
C PHE MB 41 -59.28 -33.97 -9.44
N CYS MB 42 -58.79 -33.94 -8.20
CA CYS MB 42 -59.49 -34.63 -7.12
C CYS MB 42 -59.77 -33.75 -5.92
N GLY MB 43 -59.42 -32.48 -5.96
CA GLY MB 43 -59.84 -31.55 -4.93
C GLY MB 43 -59.21 -31.75 -3.56
N LYS MB 44 -58.32 -32.72 -3.39
CA LYS MB 44 -57.63 -32.87 -2.13
C LYS MB 44 -56.40 -31.97 -2.08
N PHE MB 45 -55.94 -31.69 -0.87
CA PHE MB 45 -54.68 -30.99 -0.68
C PHE MB 45 -53.58 -32.04 -0.55
N ALA MB 46 -53.34 -32.72 -1.67
CA ALA MB 46 -52.47 -33.90 -1.67
C ALA MB 46 -51.53 -33.92 -2.86
N VAL MB 47 -51.26 -32.80 -3.48
CA VAL MB 47 -50.18 -32.70 -4.46
C VAL MB 47 -48.92 -32.28 -3.75
N LYS MB 48 -47.86 -33.05 -3.90
CA LYS MB 48 -46.59 -32.69 -3.29
C LYS MB 48 -45.49 -32.96 -4.31
N ARG MB 49 -44.43 -32.17 -4.20
CA ARG MB 49 -43.35 -32.25 -5.18
C ARG MB 49 -42.67 -33.60 -5.13
N LYS MB 50 -42.34 -34.13 -6.30
CA LYS MB 50 -41.64 -35.38 -6.43
C LYS MB 50 -40.24 -35.22 -6.98
N ALA MB 51 -40.00 -34.14 -7.72
CA ALA MB 51 -38.69 -33.82 -8.29
C ALA MB 51 -38.75 -32.34 -8.66
N VAL MB 52 -37.62 -31.82 -9.14
CA VAL MB 52 -37.63 -30.41 -9.54
C VAL MB 52 -38.51 -30.28 -10.79
N GLY MB 53 -39.68 -29.67 -10.60
CA GLY MB 53 -40.61 -29.47 -11.69
C GLY MB 53 -41.70 -30.51 -11.84
N ILE MB 54 -41.74 -31.52 -10.98
CA ILE MB 54 -42.71 -32.60 -11.07
C ILE MB 54 -43.51 -32.64 -9.78
N TRP MB 55 -44.83 -32.68 -9.89
CA TRP MB 55 -45.71 -32.56 -8.72
C TRP MB 55 -46.70 -33.69 -8.75
N GLY MB 56 -46.60 -34.62 -7.81
CA GLY MB 56 -47.40 -35.83 -7.84
C GLY MB 56 -48.54 -35.77 -6.84
N CYS MB 57 -49.66 -36.38 -7.19
CA CYS MB 57 -50.80 -36.47 -6.31
C CYS MB 57 -50.89 -37.87 -5.73
N LYS MB 58 -51.18 -37.95 -4.44
CA LYS MB 58 -51.18 -39.24 -3.77
C LYS MB 58 -52.43 -40.07 -4.10
N ASP MB 59 -53.59 -39.42 -4.26
CA ASP MB 59 -54.82 -40.18 -4.43
C ASP MB 59 -55.10 -40.50 -5.90
N CYS MB 60 -55.27 -39.48 -6.73
CA CYS MB 60 -55.77 -39.72 -8.09
C CYS MB 60 -54.68 -40.14 -9.07
N GLY MB 61 -53.41 -40.09 -8.67
CA GLY MB 61 -52.34 -40.60 -9.51
C GLY MB 61 -51.84 -39.67 -10.59
N LYS MB 62 -52.40 -38.47 -10.72
CA LYS MB 62 -51.87 -37.50 -11.67
C LYS MB 62 -50.54 -36.95 -11.17
N VAL MB 63 -49.56 -36.88 -12.06
CA VAL MB 63 -48.36 -36.09 -11.82
C VAL MB 63 -48.31 -35.00 -12.85
N LYS MB 64 -47.97 -33.80 -12.42
CA LYS MB 64 -48.14 -32.59 -13.20
C LYS MB 64 -46.81 -31.87 -13.31
N ALA MB 65 -46.48 -31.43 -14.51
CA ALA MB 65 -45.26 -30.67 -14.70
C ALA MB 65 -45.54 -29.21 -14.36
N GLY MB 66 -44.73 -28.64 -13.50
CA GLY MB 66 -44.95 -27.28 -13.06
C GLY MB 66 -43.67 -26.58 -12.64
N GLY MB 67 -43.79 -25.51 -11.87
CA GLY MB 67 -42.63 -24.76 -11.46
C GLY MB 67 -41.74 -25.54 -10.51
N ALA MB 68 -40.48 -25.13 -10.46
CA ALA MB 68 -39.49 -25.92 -9.74
C ALA MB 68 -39.78 -25.94 -8.24
N TYR MB 69 -40.11 -24.80 -7.66
CA TYR MB 69 -40.32 -24.71 -6.22
C TYR MB 69 -41.74 -24.33 -5.83
N THR MB 70 -42.61 -24.06 -6.79
CA THR MB 70 -44.02 -23.89 -6.54
C THR MB 70 -44.77 -24.64 -7.62
N MET MB 71 -46.01 -25.05 -7.32
CA MET MB 71 -46.75 -25.88 -8.27
C MET MB 71 -47.00 -25.11 -9.56
N ASN MB 72 -47.50 -23.89 -9.44
CA ASN MB 72 -47.98 -23.13 -10.58
C ASN MB 72 -47.28 -21.77 -10.60
N THR MB 73 -46.40 -21.57 -11.57
CA THR MB 73 -45.68 -20.32 -11.66
C THR MB 73 -46.63 -19.22 -12.12
N ALA MB 74 -46.48 -18.04 -11.50
CA ALA MB 74 -47.30 -16.90 -11.89
C ALA MB 74 -47.07 -16.52 -13.35
N SER MB 75 -45.85 -16.74 -13.85
CA SER MB 75 -45.61 -16.56 -15.28
C SER MB 75 -46.41 -17.56 -16.09
N ALA MB 76 -46.53 -18.79 -15.59
CA ALA MB 76 -47.24 -19.82 -16.33
C ALA MB 76 -48.74 -19.57 -16.34
N VAL MB 77 -49.27 -18.94 -15.29
CA VAL MB 77 -50.68 -18.58 -15.33
C VAL MB 77 -50.93 -17.54 -16.40
N THR MB 78 -50.01 -16.58 -16.53
CA THR MB 78 -50.11 -15.62 -17.63
C THR MB 78 -50.07 -16.35 -18.97
N VAL MB 79 -49.18 -17.34 -19.09
CA VAL MB 79 -49.06 -18.07 -20.35
C VAL MB 79 -50.37 -18.77 -20.68
N ARG MB 80 -50.95 -19.49 -19.71
CA ARG MB 80 -52.15 -20.25 -20.00
C ARG MB 80 -53.31 -19.33 -20.34
N SER MB 81 -53.40 -18.17 -19.67
CA SER MB 81 -54.45 -17.22 -20.00
C SER MB 81 -54.27 -16.64 -21.40
N THR MB 82 -53.02 -16.28 -21.75
CA THR MB 82 -52.74 -15.76 -23.08
C THR MB 82 -53.11 -16.77 -24.15
N ILE MB 83 -52.74 -18.03 -23.95
CA ILE MB 83 -53.13 -19.09 -24.87
C ILE MB 83 -54.64 -19.22 -24.96
N ARG MB 84 -55.33 -19.12 -23.82
CA ARG MB 84 -56.78 -19.30 -23.86
C ARG MB 84 -57.40 -18.22 -24.74
N ARG MB 85 -57.04 -16.96 -24.47
CA ARG MB 85 -57.58 -15.86 -25.25
C ARG MB 85 -57.24 -16.00 -26.72
N LEU MB 86 -55.99 -16.35 -27.00
CA LEU MB 86 -55.46 -16.36 -28.35
C LEU MB 86 -56.02 -17.52 -29.15
N ARG MB 87 -56.43 -18.59 -28.47
CA ARG MB 87 -57.21 -19.62 -29.14
C ARG MB 87 -58.62 -19.12 -29.43
N GLU MB 88 -59.23 -18.42 -28.47
CA GLU MB 88 -60.61 -17.96 -28.69
C GLU MB 88 -60.72 -17.06 -29.90
N GLN MB 89 -59.84 -16.05 -29.99
CA GLN MB 89 -60.04 -15.06 -31.04
C GLN MB 89 -59.84 -15.67 -32.41
N THR MB 90 -58.86 -16.57 -32.56
CA THR MB 90 -58.59 -17.18 -33.86
C THR MB 90 -59.48 -18.38 -34.14
N GLU MB 91 -60.17 -18.93 -33.14
CA GLU MB 91 -61.26 -19.85 -33.42
C GLU MB 91 -62.49 -19.09 -33.86
N ALA MB 92 -62.61 -17.83 -33.46
CA ALA MB 92 -63.67 -16.99 -33.99
C ALA MB 92 -63.43 -16.79 -35.49
N GLY NB 2 36.69 16.08 14.95
CA GLY NB 2 36.48 15.55 13.61
C GLY NB 2 37.76 15.29 12.86
N ARG NB 3 38.75 16.15 13.09
CA ARG NB 3 40.03 16.01 12.39
C ARG NB 3 40.73 14.74 12.85
N ARG NB 4 41.58 14.22 11.98
CA ARG NB 4 42.35 13.05 12.33
C ARG NB 4 43.43 13.39 13.35
N PRO NB 5 43.94 12.39 14.06
CA PRO NB 5 45.17 12.60 14.82
C PRO NB 5 46.30 12.99 13.90
N ALA NB 6 47.16 13.88 14.38
CA ALA NB 6 48.23 14.39 13.54
C ALA NB 6 49.35 13.39 13.33
N ARG NB 7 49.39 12.28 14.08
CA ARG NB 7 50.44 11.30 13.84
C ARG NB 7 50.28 10.64 12.48
N CYS NB 8 49.06 10.65 11.93
CA CYS NB 8 48.79 9.99 10.67
C CYS NB 8 49.37 10.74 9.48
N TYR NB 9 49.73 12.01 9.67
CA TYR NB 9 50.28 12.84 8.60
C TYR NB 9 51.70 13.33 8.92
N ARG NB 10 52.47 12.52 9.64
CA ARG NB 10 53.73 13.06 10.16
C ARG NB 10 54.85 12.98 9.13
N GLN NB 11 55.10 11.80 8.58
CA GLN NB 11 56.19 11.67 7.61
C GLN NB 11 55.86 12.43 6.33
N ILE NB 12 56.88 12.99 5.70
CA ILE NB 12 56.72 13.50 4.34
C ILE NB 12 56.80 12.30 3.40
N LYS NB 13 55.68 11.96 2.78
CA LYS NB 13 55.62 10.78 1.93
C LYS NB 13 55.14 11.06 0.52
N ASN NB 14 54.52 12.20 0.26
CA ASN NB 14 53.98 12.49 -1.05
C ASN NB 14 54.48 13.86 -1.51
N LYS NB 15 54.61 14.02 -2.82
CA LYS NB 15 55.10 15.27 -3.36
C LYS NB 15 54.09 16.38 -3.06
N PRO NB 16 54.54 17.64 -2.99
CA PRO NB 16 53.65 18.71 -2.55
C PRO NB 16 52.42 18.83 -3.43
N TYR NB 17 51.29 19.10 -2.79
CA TYR NB 17 49.98 19.14 -3.41
C TYR NB 17 49.34 20.50 -3.20
N PRO NB 18 50.06 21.59 -3.45
CA PRO NB 18 49.61 22.89 -2.95
C PRO NB 18 48.39 23.38 -3.71
N LYS NB 19 47.64 24.26 -3.04
CA LYS NB 19 46.42 24.79 -3.64
C LYS NB 19 46.75 25.54 -4.93
N SER NB 20 46.03 25.21 -6.00
CA SER NB 20 46.35 25.75 -7.31
C SER NB 20 45.15 25.55 -8.22
N ARG NB 21 45.37 25.72 -9.52
CA ARG NB 21 44.35 25.58 -10.54
C ARG NB 21 43.85 24.14 -10.62
N TYR NB 22 44.39 23.27 -9.77
CA TYR NB 22 44.11 21.84 -9.78
C TYR NB 22 43.63 21.33 -8.43
N CYS NB 23 44.09 21.92 -7.33
CA CYS NB 23 43.69 21.54 -5.98
C CYS NB 23 42.64 22.54 -5.49
N ARG NB 24 41.38 22.27 -5.80
CA ARG NB 24 40.29 23.17 -5.44
C ARG NB 24 39.33 22.49 -4.47
N GLY NB 25 38.77 23.29 -3.57
CA GLY NB 25 38.05 22.80 -2.42
C GLY NB 25 38.84 22.82 -1.13
N VAL NB 26 40.05 23.36 -1.16
CA VAL NB 26 40.94 23.43 0.01
C VAL NB 26 40.29 24.30 1.07
N PRO NB 27 40.28 23.90 2.33
CA PRO NB 27 39.76 24.79 3.38
C PRO NB 27 40.80 25.81 3.79
N ASP NB 28 40.32 26.84 4.47
CA ASP NB 28 41.26 27.84 4.92
C ASP NB 28 42.04 27.30 6.13
N PRO NB 29 43.28 27.74 6.31
CA PRO NB 29 44.09 27.23 7.41
C PRO NB 29 43.71 27.86 8.76
N LYS NB 30 44.17 27.19 9.82
CA LYS NB 30 43.95 27.72 11.17
C LYS NB 30 44.69 29.02 11.38
N ILE NB 31 45.96 29.08 11.01
CA ILE NB 31 46.74 30.29 11.20
C ILE NB 31 46.46 31.27 10.09
N ARG NB 32 46.21 32.52 10.45
CA ARG NB 32 46.02 33.58 9.48
C ARG NB 32 46.85 34.82 9.80
N ILE NB 33 47.73 34.75 10.78
CA ILE NB 33 48.61 35.85 11.12
C ILE NB 33 49.97 35.27 11.50
N TYR NB 34 51.04 35.88 11.00
CA TYR NB 34 52.37 35.33 11.16
C TYR NB 34 53.31 36.21 11.96
N ASP NB 35 52.91 37.44 12.27
CA ASP NB 35 53.67 38.35 13.12
C ASP NB 35 52.80 38.83 14.26
N VAL NB 36 53.29 38.70 15.49
CA VAL NB 36 52.58 39.15 16.67
C VAL NB 36 53.57 39.92 17.53
N GLY NB 37 53.06 40.85 18.31
CA GLY NB 37 53.88 41.82 19.00
C GLY NB 37 53.92 43.12 18.23
N MET NB 38 54.88 43.97 18.58
CA MET NB 38 55.12 45.14 17.73
C MET NB 38 55.95 44.69 16.52
N LYS NB 39 55.27 44.56 15.41
CA LYS NB 39 55.89 44.33 14.12
C LYS NB 39 56.36 45.61 13.46
N LYS NB 40 56.43 46.72 14.21
CA LYS NB 40 56.70 48.02 13.64
C LYS NB 40 58.04 48.62 14.06
N LYS NB 41 58.63 48.16 15.16
CA LYS NB 41 59.91 48.72 15.60
C LYS NB 41 61.02 48.41 14.60
N GLY NB 42 61.98 49.30 14.51
CA GLY NB 42 63.09 49.14 13.61
C GLY NB 42 64.09 48.13 14.12
N VAL NB 43 65.22 48.05 13.42
CA VAL NB 43 66.22 47.04 13.75
C VAL NB 43 66.85 47.31 15.12
N ASP NB 44 67.03 48.56 15.49
CA ASP NB 44 67.91 48.86 16.62
C ASP NB 44 67.25 48.72 17.98
N GLU NB 45 65.92 48.62 18.04
CA GLU NB 45 65.27 48.45 19.33
C GLU NB 45 65.52 47.05 19.90
N PHE NB 46 65.34 46.00 19.08
CA PHE NB 46 65.51 44.63 19.54
C PHE NB 46 66.70 43.95 18.87
N PRO NB 47 67.87 43.94 19.51
CA PRO NB 47 69.02 43.23 18.93
C PRO NB 47 69.03 41.74 19.23
N SER NB 48 68.44 41.35 20.36
CA SER NB 48 68.44 39.96 20.78
C SER NB 48 67.49 39.15 19.89
N CYS NB 49 68.00 38.08 19.30
CA CYS NB 49 67.20 37.22 18.45
C CYS NB 49 67.39 35.77 18.87
N VAL NB 50 66.29 35.04 18.99
CA VAL NB 50 66.36 33.64 19.39
C VAL NB 50 65.37 32.83 18.55
N HIS NB 51 65.79 31.63 18.16
CA HIS NB 51 65.08 30.83 17.18
C HIS NB 51 64.71 29.48 17.77
N LEU NB 52 63.45 29.09 17.61
CA LEU NB 52 63.00 27.72 17.84
C LEU NB 52 63.16 26.98 16.53
N VAL NB 53 64.09 26.04 16.48
CA VAL NB 53 64.48 25.35 15.26
C VAL NB 53 64.09 23.89 15.37
N SER NB 54 63.25 23.41 14.46
CA SER NB 54 62.91 21.99 14.40
C SER NB 54 64.10 21.19 13.90
N TRP NB 55 64.18 19.92 14.32
CA TRP NB 55 65.30 19.08 13.93
C TRP NB 55 64.91 17.89 13.07
N GLU NB 56 63.65 17.73 12.72
CA GLU NB 56 63.32 16.55 11.93
C GLU NB 56 62.23 16.89 10.92
N LYS NB 57 62.29 16.23 9.77
CA LYS NB 57 61.28 16.31 8.73
C LYS NB 57 59.92 15.83 9.23
N GLU NB 58 58.93 16.71 9.29
CA GLU NB 58 57.55 16.29 9.49
C GLU NB 58 56.64 17.24 8.75
N ASN NB 59 55.37 17.18 9.10
CA ASN NB 59 54.37 18.12 8.63
C ASN NB 59 53.73 18.75 9.86
N VAL NB 60 54.35 19.80 10.38
CA VAL NB 60 53.73 20.55 11.47
C VAL NB 60 52.49 21.22 10.93
N SER NB 61 51.33 20.86 11.46
CA SER NB 61 50.10 21.33 10.87
C SER NB 61 49.87 22.80 11.21
N SER NB 62 48.94 23.40 10.48
CA SER NB 62 48.56 24.78 10.71
C SER NB 62 48.10 24.99 12.16
N GLU NB 63 47.26 24.08 12.66
CA GLU NB 63 46.79 24.20 14.03
C GLU NB 63 47.94 24.11 15.01
N ALA NB 64 48.86 23.19 14.79
CA ALA NB 64 50.00 23.07 15.70
C ALA NB 64 50.80 24.36 15.75
N LEU NB 65 51.12 24.91 14.58
CA LEU NB 65 51.98 26.07 14.53
C LEU NB 65 51.29 27.37 14.94
N GLU NB 66 49.95 27.43 14.90
CA GLU NB 66 49.28 28.58 15.52
C GLU NB 66 49.15 28.39 17.03
N ALA NB 67 48.91 27.16 17.47
CA ALA NB 67 48.91 26.90 18.90
C ALA NB 67 50.25 27.27 19.50
N ALA NB 68 51.33 27.11 18.72
CA ALA NB 68 52.64 27.53 19.20
C ALA NB 68 52.71 29.05 19.36
N ARG NB 69 52.22 29.80 18.38
CA ARG NB 69 52.29 31.25 18.48
C ARG NB 69 51.46 31.74 19.66
N ILE NB 70 50.26 31.20 19.85
CA ILE NB 70 49.46 31.64 20.98
C ILE NB 70 50.05 31.18 22.32
N ALA NB 71 50.68 29.99 22.36
CA ALA NB 71 51.22 29.51 23.62
C ALA NB 71 52.47 30.28 24.01
N CYS NB 72 53.24 30.75 23.03
CA CYS NB 72 54.36 31.62 23.32
C CYS NB 72 53.91 33.06 23.59
N ASN NB 73 52.84 33.50 22.94
CA ASN NB 73 52.40 34.88 23.00
C ASN NB 73 51.69 35.21 24.30
N LYS NB 74 50.80 34.34 24.78
CA LYS NB 74 50.17 34.62 26.06
C LYS NB 74 51.22 34.79 27.15
N TYR NB 75 52.15 33.84 27.24
CA TYR NB 75 53.25 33.98 28.19
C TYR NB 75 54.00 35.27 27.98
N MET NB 76 54.39 35.54 26.74
CA MET NB 76 55.33 36.62 26.50
C MET NB 76 54.67 37.97 26.75
N THR NB 77 53.37 38.09 26.44
CA THR NB 77 52.66 39.34 26.65
C THR NB 77 52.36 39.57 28.12
N LYS NB 78 51.97 38.52 28.86
CA LYS NB 78 51.73 38.72 30.28
C LYS NB 78 53.02 39.08 31.00
N ASN NB 79 54.13 38.47 30.62
CA ASN NB 79 55.34 38.68 31.41
C ASN NB 79 56.15 39.89 30.95
N ALA NB 80 56.50 39.96 29.67
CA ALA NB 80 57.29 41.09 29.18
C ALA NB 80 56.44 42.21 28.60
N GLY NB 81 55.13 42.13 28.74
CA GLY NB 81 54.26 43.17 28.26
C GLY NB 81 54.17 43.20 26.75
N LYS NB 82 53.19 43.92 26.22
CA LYS NB 82 53.10 44.15 24.79
C LYS NB 82 54.04 45.26 24.32
N ASP NB 83 55.12 45.49 25.07
CA ASP NB 83 56.10 46.53 24.77
C ASP NB 83 57.47 46.00 24.41
N ALA NB 84 57.71 44.69 24.46
CA ALA NB 84 59.12 44.28 24.39
C ALA NB 84 59.37 42.97 23.63
N PHE NB 85 58.53 42.59 22.65
CA PHE NB 85 58.87 41.37 21.92
C PHE NB 85 58.32 41.44 20.50
N HIS NB 86 58.97 40.73 19.59
CA HIS NB 86 58.44 40.57 18.24
C HIS NB 86 58.47 39.10 17.88
N LEU NB 87 57.29 38.53 17.66
CA LEU NB 87 57.09 37.16 17.23
C LEU NB 87 56.99 37.07 15.72
N ARG NB 88 57.71 36.12 15.13
CA ARG NB 88 57.47 35.73 13.75
C ARG NB 88 57.62 34.22 13.62
N VAL NB 89 56.56 33.56 13.16
CA VAL NB 89 56.70 32.19 12.70
C VAL NB 89 57.38 32.22 11.34
N ARG NB 90 58.36 31.34 11.15
CA ARG NB 90 59.15 31.33 9.94
C ARG NB 90 58.76 30.21 9.00
N VAL NB 91 57.53 29.72 9.11
CA VAL NB 91 57.09 28.58 8.31
C VAL NB 91 55.65 28.84 7.88
N HIS NB 92 55.30 28.37 6.70
CA HIS NB 92 54.03 28.68 6.06
C HIS NB 92 53.30 27.41 5.67
N PRO NB 93 52.06 27.25 6.08
CA PRO NB 93 51.30 26.05 5.71
C PRO NB 93 50.90 26.06 4.24
N TYR NB 94 51.76 25.59 3.36
CA TYR NB 94 51.48 25.56 1.94
C TYR NB 94 51.20 24.16 1.40
N HIS NB 95 51.38 23.12 2.20
CA HIS NB 95 51.17 21.76 1.75
C HIS NB 95 49.76 21.32 2.11
N VAL NB 96 49.10 20.61 1.20
CA VAL NB 96 47.68 20.30 1.35
C VAL NB 96 47.52 18.81 1.57
N LEU NB 97 46.84 18.43 2.65
CA LEU NB 97 46.66 17.03 2.99
C LEU NB 97 45.31 16.54 2.50
N ARG NB 98 45.24 15.23 2.23
CA ARG NB 98 44.06 14.61 1.69
C ARG NB 98 43.51 13.57 2.66
N ILE NB 99 42.26 13.16 2.41
CA ILE NB 99 41.58 12.18 3.22
C ILE NB 99 40.70 11.31 2.31
N ASN NB 100 40.49 10.07 2.71
CA ASN NB 100 39.73 9.09 1.93
C ASN NB 100 38.75 8.39 2.87
N LYS NB 101 37.53 8.90 2.96
CA LYS NB 101 36.54 8.32 3.86
C LYS NB 101 35.37 7.70 3.12
N GLN NB 112 31.14 0.08 2.62
CA GLN NB 112 30.55 0.07 1.29
C GLN NB 112 31.62 -0.03 0.21
N THR NB 113 32.08 1.13 -0.25
CA THR NB 113 33.08 1.20 -1.29
C THR NB 113 34.44 0.80 -0.76
N GLY NB 114 35.20 0.06 -1.57
CA GLY NB 114 36.57 -0.27 -1.23
C GLY NB 114 37.50 0.88 -1.55
N MET NB 115 38.60 0.61 -2.24
CA MET NB 115 39.44 1.67 -2.77
C MET NB 115 39.21 1.91 -4.26
N ARG NB 116 38.06 1.52 -4.77
CA ARG NB 116 37.61 2.02 -6.07
C ARG NB 116 37.59 3.53 -6.04
N GLY NB 117 38.40 4.16 -6.89
CA GLY NB 117 38.55 5.59 -6.87
C GLY NB 117 39.07 6.10 -5.55
N ALA NB 118 40.32 5.78 -5.24
CA ALA NB 118 40.87 5.98 -3.90
C ALA NB 118 41.48 7.36 -3.69
N PHE NB 119 41.63 8.17 -4.74
CA PHE NB 119 42.11 9.54 -4.54
C PHE NB 119 41.09 10.31 -3.72
N GLY NB 120 41.57 11.10 -2.76
CA GLY NB 120 40.66 11.72 -1.82
C GLY NB 120 40.57 13.23 -1.87
N LYS NB 121 39.46 13.76 -1.34
CA LYS NB 121 39.29 15.19 -1.25
C LYS NB 121 40.18 15.76 -0.14
N PRO NB 122 40.60 17.02 -0.25
CA PRO NB 122 41.55 17.56 0.74
C PRO NB 122 40.95 17.66 2.12
N LEU NB 123 41.81 17.50 3.13
CA LEU NB 123 41.42 17.48 4.53
C LEU NB 123 41.83 18.74 5.28
N GLY NB 124 43.09 19.09 5.23
CA GLY NB 124 43.59 20.29 5.89
C GLY NB 124 44.87 20.75 5.24
N THR NB 125 45.65 21.53 5.99
CA THR NB 125 46.87 22.10 5.47
C THR NB 125 47.96 21.94 6.50
N CYS NB 126 49.18 21.70 6.04
CA CYS NB 126 50.33 21.48 6.89
C CYS NB 126 51.56 22.06 6.21
N ALA NB 127 52.58 22.33 7.03
CA ALA NB 127 53.80 22.96 6.56
C ALA NB 127 54.96 21.99 6.69
N ARG NB 128 55.74 21.86 5.61
CA ARG NB 128 56.84 20.89 5.54
C ARG NB 128 58.10 21.54 6.10
N VAL NB 129 58.60 21.02 7.21
CA VAL NB 129 59.79 21.54 7.85
C VAL NB 129 60.99 20.67 7.46
N ASP NB 130 62.18 21.15 7.80
CA ASP NB 130 63.42 20.59 7.30
C ASP NB 130 64.34 20.32 8.49
N ILE NB 131 65.44 19.62 8.23
CA ILE NB 131 66.48 19.46 9.24
C ILE NB 131 67.15 20.80 9.47
N GLY NB 132 67.01 21.34 10.67
CA GLY NB 132 67.58 22.64 10.95
C GLY NB 132 66.96 23.78 10.18
N GLN NB 133 65.64 23.76 10.03
CA GLN NB 133 64.90 24.88 9.47
C GLN NB 133 64.30 25.67 10.62
N VAL NB 134 64.67 26.95 10.73
CA VAL NB 134 64.10 27.79 11.77
C VAL NB 134 62.59 27.77 11.64
N LEU NB 135 61.92 27.61 12.76
CA LEU NB 135 60.48 27.41 12.80
C LEU NB 135 59.76 28.57 13.46
N LEU NB 136 60.24 29.05 14.60
CA LEU NB 136 59.83 30.33 15.15
C LEU NB 136 61.04 31.18 15.44
N SER NB 137 60.84 32.49 15.45
CA SER NB 137 61.88 33.40 15.90
C SER NB 137 61.20 34.52 16.68
N VAL NB 138 61.86 34.96 17.74
CA VAL NB 138 61.44 36.16 18.43
C VAL NB 138 62.64 37.05 18.66
N ARG NB 139 62.38 38.35 18.65
CA ARG NB 139 63.42 39.35 18.88
C ARG NB 139 63.00 40.29 20.00
N CYS NB 140 63.96 40.59 20.87
CA CYS NB 140 63.73 41.28 22.13
C CYS NB 140 65.00 42.03 22.49
N LYS NB 141 64.93 42.79 23.58
CA LYS NB 141 66.11 43.46 24.11
C LYS NB 141 66.84 42.52 25.05
N GLU NB 142 68.17 42.64 25.08
CA GLU NB 142 69.00 41.66 25.77
C GLU NB 142 68.60 41.51 27.23
N SER NB 143 68.16 42.61 27.85
CA SER NB 143 67.76 42.55 29.25
C SER NB 143 66.56 41.63 29.46
N ASN NB 144 65.75 41.44 28.42
CA ASN NB 144 64.49 40.72 28.55
C ASN NB 144 64.47 39.42 27.76
N ALA NB 145 65.62 38.98 27.25
CA ALA NB 145 65.66 37.80 26.39
C ALA NB 145 65.27 36.51 27.10
N VAL NB 146 65.36 36.49 28.43
CA VAL NB 146 65.02 35.28 29.19
C VAL NB 146 63.56 34.92 28.97
N HIS NB 147 62.67 35.91 29.07
CA HIS NB 147 61.25 35.65 28.88
C HIS NB 147 60.98 35.04 27.52
N ALA NB 148 61.60 35.57 26.47
CA ALA NB 148 61.36 35.06 25.13
C ALA NB 148 61.92 33.65 24.95
N ASP NB 149 63.11 33.39 25.50
CA ASP NB 149 63.69 32.06 25.39
C ASP NB 149 62.81 31.03 26.08
N GLU NB 150 62.41 31.31 27.32
CA GLU NB 150 61.61 30.34 28.03
C GLU NB 150 60.21 30.24 27.43
N ALA NB 151 59.74 31.31 26.77
CA ALA NB 151 58.49 31.23 26.05
C ALA NB 151 58.60 30.29 24.86
N LEU NB 152 59.72 30.34 24.15
CA LEU NB 152 59.92 29.37 23.08
C LEU NB 152 59.94 27.95 23.64
N ARG NB 153 60.51 27.78 24.83
CA ARG NB 153 60.48 26.45 25.44
C ARG NB 153 59.05 26.04 25.78
N ARG NB 154 58.26 26.98 26.28
CA ARG NB 154 56.84 26.71 26.53
C ARG NB 154 56.06 26.47 25.25
N ALA NB 155 56.62 26.86 24.10
CA ALA NB 155 55.98 26.57 22.83
C ALA NB 155 56.43 25.27 22.20
N LYS NB 156 57.64 24.81 22.52
CA LYS NB 156 58.15 23.62 21.85
C LYS NB 156 57.43 22.35 22.28
N PHE NB 157 56.57 22.41 23.29
CA PHE NB 157 55.68 21.31 23.59
C PHE NB 157 54.41 21.35 22.76
N LYS NB 158 54.39 22.16 21.71
CA LYS NB 158 53.23 22.25 20.83
C LYS NB 158 53.52 21.67 19.45
N PHE NB 159 54.74 21.22 19.20
CA PHE NB 159 55.24 20.68 17.95
C PHE NB 159 55.53 19.19 18.07
N PRO NB 160 55.34 18.42 16.99
CA PRO NB 160 55.50 16.97 17.07
C PRO NB 160 56.92 16.50 17.28
N GLY NB 161 57.87 17.05 16.53
CA GLY NB 161 59.24 16.60 16.57
C GLY NB 161 60.01 17.18 17.75
N ARG NB 162 61.32 17.12 17.63
CA ARG NB 162 62.22 17.66 18.65
C ARG NB 162 62.93 18.87 18.09
N GLN NB 163 63.14 19.87 18.94
CA GLN NB 163 63.63 21.17 18.50
C GLN NB 163 64.75 21.64 19.41
N LYS NB 164 65.65 22.43 18.86
CA LYS NB 164 66.52 23.24 19.70
C LYS NB 164 65.97 24.65 19.82
N ILE NB 165 66.52 25.38 20.79
CA ILE NB 165 66.25 26.79 20.97
C ILE NB 165 67.63 27.44 20.92
N ILE NB 166 67.95 28.08 19.80
CA ILE NB 166 69.30 28.60 19.55
C ILE NB 166 69.26 30.11 19.51
N ARG NB 167 70.11 30.74 20.32
CA ARG NB 167 70.29 32.18 20.22
C ARG NB 167 71.04 32.49 18.93
N SER NB 168 70.52 33.45 18.16
CA SER NB 168 71.11 33.79 16.89
C SER NB 168 72.31 34.70 17.09
N ARG NB 169 73.24 34.62 16.15
CA ARG NB 169 74.34 35.57 16.08
C ARG NB 169 73.97 36.81 15.29
N LYS NB 170 72.74 36.92 14.81
CA LYS NB 170 72.37 38.02 13.94
C LYS NB 170 71.58 39.07 14.71
N TRP NB 171 71.47 40.26 14.10
CA TRP NB 171 70.86 41.42 14.75
C TRP NB 171 69.37 41.37 14.45
N GLY NB 172 68.58 40.86 15.38
CA GLY NB 172 67.15 40.77 15.13
C GLY NB 172 66.87 39.90 13.92
N PHE NB 173 66.07 40.41 12.99
CA PHE NB 173 65.72 39.70 11.78
C PHE NB 173 66.59 40.09 10.60
N THR NB 174 67.82 40.51 10.85
CA THR NB 174 68.73 40.92 9.80
C THR NB 174 69.71 39.81 9.46
N LYS NB 175 70.37 39.95 8.32
CA LYS NB 175 71.37 39.01 7.85
C LYS NB 175 72.77 39.33 8.36
N PHE NB 176 72.87 40.03 9.48
CA PHE NB 176 74.10 40.67 9.92
C PHE NB 176 74.61 40.04 11.20
N ASN NB 177 75.92 39.83 11.29
CA ASN NB 177 76.51 39.51 12.59
C ASN NB 177 76.43 40.72 13.51
N ARG NB 178 76.46 40.46 14.82
CA ARG NB 178 76.31 41.56 15.78
C ARG NB 178 77.45 42.58 15.66
N ALA NB 179 78.69 42.09 15.72
CA ALA NB 179 79.83 43.00 15.63
C ALA NB 179 79.88 43.71 14.29
N ASP NB 180 79.59 42.99 13.20
CA ASP NB 180 79.68 43.60 11.87
C ASP NB 180 78.57 44.60 11.64
N TYR NB 181 77.35 44.29 12.06
CA TYR NB 181 76.26 45.25 11.97
C TYR NB 181 76.55 46.50 12.79
N ILE NB 182 77.02 46.32 14.03
CA ILE NB 182 77.24 47.51 14.83
C ILE NB 182 78.41 48.30 14.26
N LYS NB 183 79.36 47.62 13.61
CA LYS NB 183 80.47 48.33 12.99
C LYS NB 183 80.00 49.15 11.80
N TYR NB 184 79.08 48.59 11.00
CA TYR NB 184 78.49 49.36 9.91
C TYR NB 184 77.66 50.52 10.44
N LYS NB 185 76.94 50.31 11.55
CA LYS NB 185 76.23 51.42 12.19
C LYS NB 185 77.21 52.51 12.60
N SER NB 186 78.38 52.12 13.09
CA SER NB 186 79.39 53.10 13.48
C SER NB 186 79.88 53.91 12.29
N GLU NB 187 80.31 53.23 11.23
CA GLU NB 187 80.82 53.97 10.08
C GLU NB 187 79.72 54.55 9.20
N GLY NB 188 78.46 54.34 9.55
CA GLY NB 188 77.37 54.88 8.76
C GLY NB 188 77.30 54.32 7.36
N ARG NB 189 77.70 53.05 7.18
CA ARG NB 189 77.63 52.41 5.88
C ARG NB 189 76.36 51.58 5.73
N ILE NB 190 75.43 51.75 6.66
CA ILE NB 190 74.20 50.96 6.72
C ILE NB 190 73.01 51.90 6.80
N VAL NB 191 71.92 51.54 6.14
CA VAL NB 191 70.66 52.26 6.21
C VAL NB 191 69.65 51.41 6.96
N PRO NB 192 68.97 51.95 7.96
CA PRO NB 192 67.85 51.25 8.60
C PRO NB 192 66.57 51.43 7.82
N ASP NB 193 66.10 50.34 7.20
CA ASP NB 193 64.87 50.37 6.43
C ASP NB 193 63.66 50.02 7.30
N GLY NB 194 63.88 49.71 8.57
CA GLY NB 194 62.79 49.28 9.42
C GLY NB 194 63.12 47.99 10.14
N VAL NB 195 62.37 46.93 9.84
CA VAL NB 195 62.65 45.64 10.45
C VAL NB 195 63.95 45.06 9.96
N ASN NB 196 64.43 45.49 8.80
CA ASN NB 196 65.65 45.02 8.19
C ASN NB 196 66.60 46.18 7.92
N ALA NB 197 67.71 45.88 7.26
CA ALA NB 197 68.77 46.85 7.05
C ALA NB 197 69.38 46.64 5.67
N LYS NB 198 70.09 47.66 5.20
CA LYS NB 198 70.68 47.63 3.87
C LYS NB 198 72.11 48.14 3.95
N LEU NB 199 73.05 47.46 3.29
CA LEU NB 199 74.33 48.13 3.13
C LEU NB 199 74.23 49.20 2.05
N LEU NB 200 75.16 50.15 2.11
CA LEU NB 200 75.47 50.88 0.91
C LEU NB 200 76.72 50.28 0.27
N GLY NB 201 76.82 50.43 -1.03
CA GLY NB 201 77.84 49.68 -1.73
C GLY NB 201 78.44 50.46 -2.88
N VAL NB 202 79.24 49.76 -3.67
CA VAL NB 202 80.09 50.37 -4.69
C VAL NB 202 79.33 50.35 -6.00
N HIS NB 203 78.02 50.17 -5.92
CA HIS NB 203 77.21 50.02 -7.12
C HIS NB 203 76.00 50.95 -7.04
N GLY NB 204 75.55 51.37 -8.22
CA GLY NB 204 74.53 52.38 -8.32
C GLY NB 204 75.16 53.68 -8.74
N PRO NB 205 74.35 54.66 -9.15
CA PRO NB 205 74.90 55.95 -9.56
C PRO NB 205 75.12 56.90 -8.40
N ILE NB 206 76.16 57.73 -8.53
CA ILE NB 206 76.55 58.65 -7.47
C ILE NB 206 75.37 59.50 -7.03
N ALA NB 207 74.55 59.95 -7.99
CA ALA NB 207 73.47 60.90 -7.69
C ALA NB 207 72.46 60.31 -6.72
N LYS NB 208 72.18 59.01 -6.83
CA LYS NB 208 71.15 58.43 -6.00
C LYS NB 208 71.53 58.36 -4.53
N ARG NB 209 72.80 58.60 -4.20
CA ARG NB 209 73.27 58.42 -2.83
C ARG NB 209 73.15 59.72 -2.04
N ALA NB 210 73.01 59.57 -0.73
CA ALA NB 210 73.06 60.72 0.16
C ALA NB 210 74.49 61.28 0.17
N PRO NB 211 74.64 62.57 0.44
CA PRO NB 211 75.99 63.14 0.46
C PRO NB 211 76.94 62.41 1.41
N GLY NB 212 76.48 62.03 2.60
CA GLY NB 212 77.36 61.39 3.54
C GLY NB 212 77.37 59.88 3.45
N GLN NB 213 76.86 59.34 2.34
CA GLN NB 213 76.62 57.91 2.20
C GLN NB 213 77.10 57.42 0.84
N ALA NB 214 78.32 57.77 0.47
CA ALA NB 214 78.91 57.30 -0.76
C ALA NB 214 80.25 56.64 -0.46
N ILE NB 215 80.41 55.39 -0.88
CA ILE NB 215 81.47 54.53 -0.40
C ILE NB 215 82.13 53.86 -1.61
N LEU NB 216 83.39 53.45 -1.45
CA LEU NB 216 84.04 52.62 -2.45
C LEU NB 216 83.79 51.14 -2.15
N MET OB 1 -35.07 26.21 4.31
CA MET OB 1 -35.55 25.04 5.05
C MET OB 1 -34.67 24.83 6.25
N ARG OB 2 -34.45 25.83 7.10
CA ARG OB 2 -33.48 25.60 8.15
C ARG OB 2 -33.94 24.48 9.08
N ALA OB 3 -35.25 24.32 9.24
CA ALA OB 3 -35.77 23.23 10.06
C ALA OB 3 -35.44 21.88 9.44
N LYS OB 4 -35.73 21.72 8.15
CA LYS OB 4 -35.44 20.46 7.49
C LYS OB 4 -33.95 20.16 7.52
N TRP OB 5 -33.10 21.16 7.29
CA TRP OB 5 -31.71 20.81 7.18
C TRP OB 5 -31.08 20.63 8.55
N LYS OB 6 -31.63 21.24 9.60
CA LYS OB 6 -31.23 20.91 10.95
C LYS OB 6 -31.59 19.47 11.27
N LYS OB 7 -32.79 19.05 10.86
CA LYS OB 7 -33.17 17.66 11.08
C LYS OB 7 -32.22 16.73 10.35
N LYS OB 8 -31.84 17.07 9.12
CA LYS OB 8 -30.90 16.24 8.37
C LYS OB 8 -29.51 16.21 9.01
N ARG OB 9 -29.06 17.33 9.57
CA ARG OB 9 -27.80 17.35 10.30
C ARG OB 9 -27.84 16.41 11.49
N MET OB 10 -28.90 16.49 12.30
CA MET OB 10 -28.99 15.57 13.43
C MET OB 10 -29.12 14.13 12.98
N ARG OB 11 -29.75 13.88 11.84
CA ARG OB 11 -29.79 12.51 11.33
C ARG OB 11 -28.39 12.00 11.04
N ARG OB 12 -27.58 12.80 10.35
CA ARG OB 12 -26.21 12.41 10.08
C ARG OB 12 -25.41 12.22 11.37
N LEU OB 13 -25.55 13.17 12.30
CA LEU OB 13 -24.78 13.11 13.54
C LEU OB 13 -25.16 11.90 14.37
N LYS OB 14 -26.44 11.57 14.40
CA LYS OB 14 -26.90 10.39 15.12
C LYS OB 14 -26.44 9.12 14.44
N ARG OB 15 -26.38 9.09 13.11
CA ARG OB 15 -25.80 7.96 12.40
C ARG OB 15 -24.34 7.75 12.81
N LYS OB 16 -23.59 8.83 12.91
CA LYS OB 16 -22.18 8.69 13.25
C LYS OB 16 -21.98 8.32 14.72
N ARG OB 17 -22.80 8.86 15.62
CA ARG OB 17 -22.78 8.40 17.00
C ARG OB 17 -23.13 6.92 17.09
N ARG OB 18 -24.06 6.45 16.26
CA ARG OB 18 -24.37 5.03 16.26
C ARG OB 18 -23.16 4.22 15.82
N LYS OB 19 -22.49 4.65 14.75
CA LYS OB 19 -21.28 3.96 14.29
C LYS OB 19 -20.23 3.86 15.39
N MET OB 20 -20.00 4.94 16.13
CA MET OB 20 -19.01 4.84 17.19
C MET OB 20 -19.43 3.80 18.24
N ARG OB 21 -20.73 3.58 18.42
CA ARG OB 21 -21.14 2.54 19.34
C ARG OB 21 -20.97 1.15 18.76
N GLN OB 22 -21.27 0.95 17.48
CA GLN OB 22 -20.92 -0.37 16.94
C GLN OB 22 -19.42 -0.59 16.86
N ARG OB 23 -18.61 0.45 17.01
CA ARG OB 23 -17.17 0.23 17.19
C ARG OB 23 -16.88 -0.20 18.63
N SER OB 24 -17.20 0.66 19.58
CA SER OB 24 -16.85 0.34 20.97
C SER OB 24 -17.80 -0.69 21.61
N LYS OB 25 -18.60 -1.38 20.81
CA LYS OB 25 -19.55 -2.38 21.31
C LYS OB 25 -18.92 -3.35 22.30
N ILE PB 77 41.41 22.17 73.57
CA ILE PB 77 41.96 21.50 74.73
C ILE PB 77 43.44 21.17 74.51
N ILE PB 78 43.82 20.96 73.25
CA ILE PB 78 45.20 20.61 72.93
C ILE PB 78 46.09 21.82 73.14
N GLU PB 79 47.22 21.62 73.80
CA GLU PB 79 48.18 22.69 74.05
C GLU PB 79 48.91 23.02 72.75
N PRO PB 80 48.96 24.29 72.33
CA PRO PB 80 49.29 24.55 70.92
C PRO PB 80 50.76 24.38 70.52
N SER PB 81 51.73 24.53 71.42
CA SER PB 81 53.09 24.15 71.05
C SER PB 81 53.17 22.65 70.79
N LEU PB 82 52.56 21.86 71.67
CA LEU PB 82 52.41 20.44 71.48
C LEU PB 82 51.53 20.10 70.28
N GLN PB 83 50.71 21.04 69.82
CA GLN PB 83 49.95 20.88 68.58
C GLN PB 83 50.84 21.07 67.37
N ALA PB 84 51.70 22.09 67.40
CA ALA PB 84 52.67 22.29 66.33
C ALA PB 84 53.65 21.14 66.27
N LEU PB 85 53.94 20.50 67.40
CA LEU PB 85 54.75 19.30 67.39
C LEU PB 85 54.09 18.21 66.54
N ALA PB 86 52.78 18.02 66.72
CA ALA PB 86 52.05 17.07 65.90
C ALA PB 86 52.00 17.50 64.44
N ARG PB 87 51.89 18.80 64.20
CA ARG PB 87 51.89 19.30 62.83
C ARG PB 87 53.23 19.03 62.17
N LYS PB 88 54.31 18.95 62.95
CA LYS PB 88 55.61 18.59 62.40
C LYS PB 88 55.61 17.19 61.79
N TYR PB 89 54.67 16.33 62.19
CA TYR PB 89 54.52 15.00 61.60
C TYR PB 89 53.38 14.88 60.61
N ASN PB 90 52.32 15.66 60.77
CA ASN PB 90 51.14 15.50 59.95
C ASN PB 90 50.96 16.61 58.92
N GLN PB 91 51.20 17.85 59.28
CA GLN PB 91 50.85 18.98 58.42
C GLN PB 91 52.03 19.42 57.56
N GLU PB 92 53.15 19.79 58.19
CA GLU PB 92 54.26 20.41 57.48
C GLU PB 92 55.07 19.32 56.80
N LYS PB 93 54.69 18.99 55.56
CA LYS PB 93 55.37 17.99 54.76
C LYS PB 93 55.16 18.35 53.29
N MET PB 94 55.93 17.70 52.43
CA MET PB 94 55.81 17.87 50.98
C MET PB 94 55.14 16.66 50.37
N ILE PB 95 54.42 16.88 49.28
CA ILE PB 95 53.66 15.84 48.59
C ILE PB 95 54.05 15.86 47.12
N CYS PB 96 54.39 14.70 46.58
CA CYS PB 96 54.64 14.59 45.15
C CYS PB 96 53.33 14.67 44.37
N ARG PB 97 53.41 15.30 43.21
CA ARG PB 97 52.22 15.57 42.40
C ARG PB 97 51.83 14.40 41.51
N LYS PB 98 52.77 13.52 41.18
CA LYS PB 98 52.44 12.32 40.42
C LYS PB 98 52.08 11.14 41.32
N CYS PB 99 52.90 10.87 42.32
CA CYS PB 99 52.73 9.68 43.15
C CYS PB 99 52.18 9.97 44.53
N TYR PB 100 51.87 11.22 44.87
CA TYR PB 100 51.18 11.55 46.11
C TYR PB 100 51.92 11.08 47.34
N ALA PB 101 53.20 10.76 47.22
CA ALA PB 101 53.94 10.33 48.39
C ALA PB 101 54.14 11.49 49.35
N ARG PB 102 54.38 11.15 50.62
CA ARG PB 102 54.55 12.12 51.68
C ARG PB 102 56.03 12.25 52.01
N LEU PB 103 56.57 13.46 51.90
CA LEU PB 103 58.00 13.69 51.98
C LEU PB 103 58.36 14.68 53.07
N HIS PB 104 59.65 14.81 53.32
CA HIS PB 104 60.14 15.76 54.31
C HIS PB 104 59.89 17.19 53.83
N PRO PB 105 59.84 18.15 54.75
CA PRO PB 105 59.57 19.53 54.34
C PRO PB 105 60.57 20.09 53.34
N ARG PB 106 61.85 19.79 53.51
CA ARG PB 106 62.90 20.35 52.65
C ARG PB 106 63.29 19.32 51.61
N ALA PB 107 62.35 19.03 50.73
CA ALA PB 107 62.53 18.03 49.67
C ALA PB 107 62.55 18.73 48.33
N VAL PB 108 63.31 18.15 47.40
CA VAL PB 108 63.38 18.69 46.04
C VAL PB 108 62.90 17.63 45.06
N ASN PB 109 63.07 16.36 45.42
CA ASN PB 109 62.67 15.26 44.55
C ASN PB 109 62.00 14.17 45.37
N CYS PB 110 61.04 13.50 44.75
CA CYS PB 110 60.39 12.40 45.43
C CYS PB 110 61.36 11.25 45.61
N ARG PB 111 60.86 10.20 46.24
CA ARG PB 111 61.69 9.09 46.66
C ARG PB 111 61.23 7.76 46.10
N LYS PB 112 60.03 7.70 45.56
CA LYS PB 112 59.45 6.45 45.11
C LYS PB 112 59.89 6.18 43.68
N LYS PB 113 60.31 4.95 43.43
CA LYS PB 113 60.72 4.56 42.08
C LYS PB 113 59.58 4.64 41.08
N LYS PB 114 58.33 4.64 41.56
CA LYS PB 114 57.19 4.63 40.65
C LYS PB 114 57.01 5.95 39.91
N CYS PB 115 57.57 7.04 40.44
CA CYS PB 115 57.42 8.34 39.82
C CYS PB 115 58.69 8.82 39.15
N GLY PB 116 59.74 8.00 39.14
CA GLY PB 116 60.99 8.42 38.55
C GLY PB 116 61.70 9.50 39.32
N HIS PB 117 61.52 9.55 40.63
CA HIS PB 117 62.18 10.53 41.49
C HIS PB 117 61.87 11.95 41.05
N SER PB 118 60.62 12.20 40.68
CA SER PB 118 60.27 13.47 40.04
C SER PB 118 60.47 14.65 40.98
N ASN PB 119 60.50 15.85 40.37
CA ASN PB 119 60.61 17.12 41.09
C ASN PB 119 59.31 17.90 41.07
N GLN PB 120 58.20 17.24 40.73
CA GLN PB 120 56.88 17.86 40.70
C GLN PB 120 56.30 17.75 42.09
N LEU PB 121 56.40 18.81 42.90
CA LEU PB 121 56.00 18.72 44.29
C LEU PB 121 55.08 19.87 44.66
N ARG PB 122 54.31 19.67 45.72
CA ARG PB 122 53.53 20.73 46.36
C ARG PB 122 53.62 20.49 47.86
N PRO PB 123 53.32 21.51 48.66
CA PRO PB 123 53.15 21.27 50.10
C PRO PB 123 51.75 20.78 50.43
N LYS PB 124 51.69 19.95 51.47
CA LYS PB 124 50.42 19.39 51.93
C LYS PB 124 49.50 20.51 52.37
N LYS PB 125 48.34 20.61 51.73
CA LYS PB 125 47.45 21.73 51.98
C LYS PB 125 46.94 21.71 53.42
N LYS PB 126 46.74 22.91 53.97
CA LYS PB 126 46.36 23.08 55.35
C LYS PB 126 44.86 23.33 55.48
N ILE PB 127 44.37 23.18 56.71
CA ILE PB 127 42.99 23.49 57.03
C ILE PB 127 42.68 24.96 56.74
N VAL QB 2 45.05 -23.81 -34.24
CA VAL QB 2 46.16 -23.86 -35.18
C VAL QB 2 47.33 -23.08 -34.64
N LYS QB 3 48.51 -23.34 -35.20
CA LYS QB 3 49.74 -22.82 -34.65
C LYS QB 3 50.72 -22.64 -35.80
N HIS QB 4 52.02 -22.83 -35.56
CA HIS QB 4 53.11 -22.40 -36.42
C HIS QB 4 52.89 -22.63 -37.90
N ASN QB 5 53.59 -21.85 -38.74
CA ASN QB 5 53.39 -21.83 -40.18
C ASN QB 5 53.19 -23.21 -40.79
N ASN QB 6 51.96 -23.47 -41.25
CA ASN QB 6 51.57 -24.71 -41.89
C ASN QB 6 50.40 -24.39 -42.81
N VAL QB 7 50.18 -25.28 -43.77
CA VAL QB 7 49.08 -25.09 -44.71
C VAL QB 7 47.75 -25.04 -43.95
N ILE QB 8 46.78 -24.35 -44.52
CA ILE QB 8 45.45 -24.31 -43.92
C ILE QB 8 44.84 -25.69 -44.11
N PRO QB 9 44.51 -26.40 -43.03
CA PRO QB 9 44.07 -27.78 -43.18
C PRO QB 9 42.75 -27.89 -43.95
N ASN QB 10 42.60 -29.00 -44.66
CA ASN QB 10 41.36 -29.30 -45.36
C ASN QB 10 40.83 -30.68 -44.99
N GLY QB 11 40.98 -31.05 -43.73
CA GLY QB 11 40.48 -32.33 -43.27
C GLY QB 11 39.00 -32.50 -43.47
N HIS QB 12 38.60 -33.34 -44.42
CA HIS QB 12 37.20 -33.68 -44.62
C HIS QB 12 36.81 -34.92 -43.82
N PHE QB 13 37.11 -34.85 -42.53
CA PHE QB 13 36.82 -35.94 -41.61
C PHE QB 13 35.98 -35.44 -40.45
N LYS QB 14 34.91 -34.72 -40.77
CA LYS QB 14 33.96 -34.30 -39.76
C LYS QB 14 32.69 -35.14 -39.79
N LYS QB 15 32.52 -35.99 -40.78
CA LYS QB 15 31.40 -36.93 -40.80
C LYS QB 15 31.80 -38.21 -40.08
N HIS QB 16 30.99 -39.25 -40.24
CA HIS QB 16 31.28 -40.57 -39.67
C HIS QB 16 32.03 -41.44 -40.68
N TRP QB 17 33.23 -40.99 -41.04
CA TRP QB 17 34.01 -41.66 -42.07
C TRP QB 17 34.47 -43.06 -41.65
N GLN QB 18 34.55 -43.33 -40.35
CA GLN QB 18 34.91 -44.67 -39.93
C GLN QB 18 33.81 -45.68 -40.18
N ASN QB 19 32.63 -45.25 -40.59
CA ASN QB 19 31.63 -46.19 -41.07
C ASN QB 19 31.75 -46.47 -42.55
N TYR QB 20 32.56 -45.69 -43.27
CA TYR QB 20 32.64 -45.82 -44.71
C TYR QB 20 34.06 -46.00 -45.21
N VAL QB 21 35.02 -46.26 -44.32
CA VAL QB 21 36.34 -46.67 -44.78
C VAL QB 21 36.21 -47.93 -45.62
N LYS QB 22 36.86 -47.93 -46.76
CA LYS QB 22 36.90 -49.07 -47.67
C LYS QB 22 38.33 -49.56 -47.73
N THR QB 23 38.58 -50.77 -47.26
CA THR QB 23 39.92 -51.34 -47.26
C THR QB 23 40.08 -52.30 -48.42
N TRP QB 24 41.32 -52.44 -48.88
CA TRP QB 24 41.62 -53.14 -50.12
C TRP QB 24 42.25 -54.50 -49.88
N PHE QB 25 42.02 -55.10 -48.71
CA PHE QB 25 42.62 -56.40 -48.43
C PHE QB 25 42.15 -57.48 -49.41
N ASN QB 26 41.04 -57.25 -50.09
CA ASN QB 26 40.56 -58.18 -51.08
C ASN QB 26 41.09 -57.88 -52.47
N GLN QB 27 42.12 -57.05 -52.59
CA GLN QB 27 42.70 -56.79 -53.90
C GLN QB 27 43.33 -58.04 -54.52
N PRO QB 28 44.17 -58.80 -53.83
CA PRO QB 28 44.64 -60.06 -54.42
C PRO QB 28 43.50 -60.98 -54.75
N ALA QB 29 42.44 -60.92 -53.94
CA ALA QB 29 41.29 -61.79 -54.17
C ALA QB 29 40.57 -61.43 -55.45
N ARG QB 30 40.37 -60.14 -55.72
CA ARG QB 30 39.75 -59.78 -56.99
C ARG QB 30 40.67 -60.10 -58.16
N LYS QB 31 41.97 -59.90 -58.00
CA LYS QB 31 42.89 -60.30 -59.06
C LYS QB 31 42.70 -61.76 -59.39
N GLN QB 32 42.70 -62.62 -58.38
CA GLN QB 32 42.62 -64.05 -58.64
C GLN QB 32 41.25 -64.45 -59.17
N ARG QB 33 40.19 -63.82 -58.68
CA ARG QB 33 38.85 -64.14 -59.15
C ARG QB 33 38.66 -63.71 -60.60
N ARG QB 34 39.16 -62.54 -60.96
CA ARG QB 34 39.08 -62.11 -62.35
C ARG QB 34 39.89 -63.04 -63.24
N ARG QB 35 41.07 -63.45 -62.79
CA ARG QB 35 41.86 -64.41 -63.55
C ARG QB 35 41.07 -65.70 -63.77
N ILE QB 36 40.44 -66.21 -62.72
CA ILE QB 36 39.64 -67.42 -62.84
C ILE QB 36 38.49 -67.22 -63.83
N ALA QB 37 37.81 -66.08 -63.73
CA ALA QB 37 36.71 -65.82 -64.66
C ALA QB 37 37.21 -65.73 -66.09
N ARG QB 38 38.41 -65.19 -66.30
CA ARG QB 38 38.94 -65.10 -67.64
C ARG QB 38 39.29 -66.47 -68.19
N GLN QB 39 39.88 -67.36 -67.38
CA GLN QB 39 40.07 -68.73 -67.85
C GLN QB 39 38.75 -69.38 -68.22
N LYS QB 40 37.74 -69.27 -67.36
CA LYS QB 40 36.53 -70.00 -67.68
C LYS QB 40 35.69 -69.33 -68.76
N LYS QB 41 35.96 -68.07 -69.11
CA LYS QB 41 35.36 -67.53 -70.32
C LYS QB 41 36.14 -67.96 -71.55
N ALA QB 42 37.47 -68.02 -71.45
CA ALA QB 42 38.27 -68.43 -72.60
C ALA QB 42 37.93 -69.85 -73.01
N VAL QB 43 37.78 -70.76 -72.04
CA VAL QB 43 37.49 -72.14 -72.39
C VAL QB 43 36.12 -72.24 -73.04
N LYS QB 44 35.17 -71.39 -72.62
CA LYS QB 44 33.83 -71.46 -73.20
C LYS QB 44 33.81 -70.87 -74.60
N ILE QB 45 34.49 -69.76 -74.83
CA ILE QB 45 34.44 -69.10 -76.12
C ILE QB 45 35.56 -69.60 -77.00
N PHE QB 46 36.18 -70.70 -76.61
CA PHE QB 46 37.15 -71.33 -77.49
C PHE QB 46 36.45 -71.74 -78.78
N PRO QB 47 36.99 -71.38 -79.96
CA PRO QB 47 38.27 -70.69 -80.16
C PRO QB 47 38.16 -69.22 -80.55
N ARG QB 48 37.22 -68.48 -79.96
CA ARG QB 48 37.10 -67.07 -80.27
C ARG QB 48 38.28 -66.30 -79.69
N PRO QB 49 38.61 -65.15 -80.27
CA PRO QB 49 39.66 -64.31 -79.68
C PRO QB 49 39.27 -63.88 -78.27
N THR QB 50 40.26 -63.87 -77.38
CA THR QB 50 39.98 -63.66 -75.97
C THR QB 50 39.77 -62.19 -75.62
N SER QB 51 40.24 -61.28 -76.46
CA SER QB 51 39.95 -59.87 -76.25
C SER QB 51 38.54 -59.49 -76.63
N GLY QB 52 37.83 -60.35 -77.36
CA GLY QB 52 36.48 -60.07 -77.77
C GLY QB 52 36.41 -59.56 -79.19
N PRO QB 53 35.29 -58.93 -79.55
CA PRO QB 53 35.10 -58.48 -80.93
C PRO QB 53 36.04 -57.34 -81.27
N LEU QB 54 36.02 -56.96 -82.54
CA LEU QB 54 36.95 -55.96 -83.04
C LEU QB 54 36.47 -54.56 -82.68
N ARG QB 55 37.43 -53.65 -82.51
CA ARG QB 55 37.16 -52.31 -82.04
C ARG QB 55 37.81 -51.29 -82.97
N PRO QB 56 37.19 -50.14 -83.18
CA PRO QB 56 37.71 -49.19 -84.16
C PRO QB 56 38.80 -48.29 -83.62
N ILE QB 57 39.67 -47.85 -84.53
CA ILE QB 57 40.59 -46.77 -84.21
C ILE QB 57 39.80 -45.47 -84.29
N VAL QB 58 39.76 -44.71 -83.19
CA VAL QB 58 39.07 -43.44 -83.16
C VAL QB 58 39.96 -42.43 -82.45
N GLN QB 59 39.63 -41.16 -82.62
CA GLN QB 59 40.30 -40.10 -81.89
C GLN QB 59 39.62 -39.84 -80.57
N CYS QB 60 40.38 -39.41 -79.59
CA CYS QB 60 39.78 -38.95 -78.35
C CYS QB 60 39.14 -37.59 -78.56
N GLN QB 61 38.41 -37.13 -77.54
CA GLN QB 61 37.82 -35.80 -77.57
C GLN QB 61 38.86 -34.78 -77.12
N THR QB 62 38.40 -33.58 -76.76
CA THR QB 62 39.08 -32.82 -75.72
C THR QB 62 40.53 -32.43 -75.99
N ARG QB 63 40.73 -31.24 -76.55
CA ARG QB 63 42.02 -30.65 -76.88
C ARG QB 63 43.25 -31.29 -76.24
N LYS QB 64 43.15 -31.66 -74.97
CA LYS QB 64 44.29 -32.28 -74.30
C LYS QB 64 44.70 -33.59 -74.99
N TYR QB 65 43.73 -34.40 -75.42
CA TYR QB 65 43.99 -35.69 -76.05
C TYR QB 65 43.46 -35.82 -77.47
N ASN QB 66 43.30 -34.74 -78.21
CA ASN QB 66 42.65 -34.88 -79.51
C ASN QB 66 43.50 -35.72 -80.47
N MET QB 67 44.82 -35.69 -80.34
CA MET QB 67 45.69 -36.36 -81.29
C MET QB 67 45.93 -37.82 -80.98
N LYS QB 68 45.41 -38.34 -79.89
CA LYS QB 68 45.83 -39.63 -79.37
C LYS QB 68 44.74 -40.65 -79.66
N ALA QB 69 45.04 -41.59 -80.54
CA ALA QB 69 44.05 -42.56 -80.99
C ALA QB 69 43.84 -43.66 -79.95
N ARG QB 70 42.61 -44.14 -79.88
CA ARG QB 70 42.27 -45.19 -78.94
C ARG QB 70 41.20 -46.08 -79.54
N ALA QB 71 41.01 -47.24 -78.93
CA ALA QB 71 39.95 -48.15 -79.35
C ALA QB 71 38.60 -47.58 -78.95
N GLY QB 72 37.69 -47.55 -79.89
CA GLY QB 72 36.36 -47.02 -79.67
C GLY QB 72 35.42 -48.10 -79.21
N ARG QB 73 34.14 -47.93 -79.54
CA ARG QB 73 33.15 -48.92 -79.15
C ARG QB 73 32.70 -49.80 -80.30
N GLY QB 74 32.56 -49.25 -81.49
CA GLY QB 74 32.11 -50.05 -82.61
C GLY QB 74 32.21 -49.32 -83.92
N PHE QB 75 32.17 -50.10 -84.99
CA PHE QB 75 32.17 -49.55 -86.34
C PHE QB 75 30.81 -48.96 -86.66
N THR QB 76 30.82 -47.85 -87.39
CA THR QB 76 29.58 -47.22 -87.78
C THR QB 76 28.91 -48.01 -88.90
N LEU QB 77 27.65 -47.67 -89.14
CA LEU QB 77 26.90 -48.29 -90.22
C LEU QB 77 27.54 -48.00 -91.57
N GLU QB 78 28.00 -46.76 -91.78
CA GLU QB 78 28.67 -46.44 -93.03
C GLU QB 78 29.85 -47.37 -93.26
N GLU QB 79 30.65 -47.58 -92.21
CA GLU QB 79 31.86 -48.37 -92.32
C GLU QB 79 31.53 -49.83 -92.60
N LEU QB 80 30.54 -50.38 -91.91
CA LEU QB 80 30.15 -51.76 -92.17
C LEU QB 80 29.66 -51.91 -93.60
N LYS QB 81 28.81 -50.98 -94.05
CA LYS QB 81 28.26 -51.06 -95.40
C LYS QB 81 29.37 -51.00 -96.44
N SER QB 82 30.30 -50.05 -96.30
CA SER QB 82 31.33 -49.89 -97.30
C SER QB 82 32.38 -50.99 -97.24
N ALA QB 83 32.53 -51.65 -96.11
CA ALA QB 83 33.37 -52.84 -96.04
C ALA QB 83 32.61 -54.09 -96.41
N GLY QB 84 31.32 -53.97 -96.71
CA GLY QB 84 30.57 -55.10 -97.20
C GLY QB 84 30.31 -56.13 -96.13
N ILE QB 85 29.64 -55.72 -95.07
CA ILE QB 85 29.29 -56.62 -93.99
C ILE QB 85 27.97 -56.16 -93.38
N PRO QB 86 26.93 -57.00 -93.43
CA PRO QB 86 25.60 -56.52 -93.05
C PRO QB 86 25.51 -56.17 -91.58
N LYS QB 87 24.60 -55.23 -91.30
CA LYS QB 87 24.38 -54.68 -89.98
C LYS QB 87 24.16 -55.78 -88.96
N LYS QB 88 23.12 -56.58 -89.14
CA LYS QB 88 22.77 -57.59 -88.15
C LYS QB 88 23.78 -58.73 -88.09
N LEU QB 89 24.63 -58.89 -89.09
CA LEU QB 89 25.61 -59.97 -89.08
C LEU QB 89 26.92 -59.56 -88.44
N ALA QB 90 27.24 -58.26 -88.43
CA ALA QB 90 28.54 -57.85 -87.90
C ALA QB 90 28.75 -58.25 -86.44
N PRO QB 91 27.82 -58.01 -85.51
CA PRO QB 91 28.07 -58.47 -84.13
C PRO QB 91 28.15 -59.98 -84.01
N THR QB 92 27.60 -60.71 -84.97
CA THR QB 92 27.64 -62.17 -84.92
C THR QB 92 29.06 -62.71 -85.00
N ILE QB 93 29.87 -62.16 -85.89
CA ILE QB 93 31.14 -62.79 -86.23
C ILE QB 93 32.30 -62.06 -85.58
N GLY QB 94 32.03 -61.40 -84.46
CA GLY QB 94 33.10 -60.77 -83.70
C GLY QB 94 33.43 -59.36 -84.12
N ILE QB 95 32.44 -58.58 -84.55
CA ILE QB 95 32.65 -57.20 -84.97
C ILE QB 95 31.64 -56.34 -84.23
N SER QB 96 32.11 -55.43 -83.39
CA SER QB 96 31.18 -54.59 -82.68
C SER QB 96 30.50 -53.62 -83.65
N VAL QB 97 29.33 -53.14 -83.26
CA VAL QB 97 28.59 -52.15 -84.04
C VAL QB 97 28.16 -51.05 -83.11
N ASP QB 98 28.43 -49.81 -83.49
CA ASP QB 98 28.05 -48.64 -82.71
C ASP QB 98 27.23 -47.76 -83.63
N HIS QB 99 25.91 -47.91 -83.57
CA HIS QB 99 25.04 -47.11 -84.42
C HIS QB 99 25.01 -45.64 -84.02
N ARG QB 100 25.60 -45.28 -82.90
CA ARG QB 100 25.58 -43.90 -82.44
C ARG QB 100 26.73 -43.05 -82.96
N ARG QB 101 27.84 -43.65 -83.38
CA ARG QB 101 28.91 -42.84 -83.93
C ARG QB 101 28.55 -42.27 -85.30
N LYS QB 102 29.18 -41.15 -85.63
CA LYS QB 102 29.07 -40.51 -86.92
C LYS QB 102 30.44 -40.46 -87.57
N ASN QB 103 30.49 -40.73 -88.86
CA ASN QB 103 31.73 -40.59 -89.62
C ASN QB 103 31.80 -39.18 -90.17
N ARG QB 104 32.76 -38.40 -89.68
CA ARG QB 104 32.94 -37.03 -90.13
C ARG QB 104 34.17 -36.85 -91.01
N SER QB 105 34.94 -37.91 -91.24
CA SER QB 105 36.18 -37.77 -92.00
C SER QB 105 36.45 -39.02 -92.83
N LEU QB 106 36.90 -38.79 -94.07
CA LEU QB 106 37.46 -39.90 -94.84
C LEU QB 106 38.68 -40.47 -94.14
N GLU QB 107 39.43 -39.62 -93.44
CA GLU QB 107 40.61 -40.08 -92.74
C GLU QB 107 40.26 -41.13 -91.70
N GLY QB 108 39.15 -40.94 -90.99
CA GLY QB 108 38.67 -41.97 -90.09
C GLY QB 108 38.08 -43.17 -90.80
N MET QB 109 37.27 -42.93 -91.85
CA MET QB 109 36.58 -44.04 -92.48
C MET QB 109 37.55 -45.03 -93.09
N GLN QB 110 38.43 -44.58 -93.98
CA GLN QB 110 39.36 -45.54 -94.56
C GLN QB 110 40.28 -46.16 -93.50
N SER QB 111 40.58 -45.43 -92.44
CA SER QB 111 41.40 -45.99 -91.37
C SER QB 111 40.72 -47.21 -90.77
N ASN QB 112 39.42 -47.12 -90.51
CA ASN QB 112 38.71 -48.28 -89.96
C ASN QB 112 38.38 -49.31 -91.03
N ILE QB 113 38.19 -48.90 -92.28
CA ILE QB 113 37.91 -49.86 -93.34
C ILE QB 113 39.08 -50.79 -93.54
N GLN QB 114 40.30 -50.27 -93.39
CA GLN QB 114 41.45 -51.16 -93.46
C GLN QB 114 41.40 -52.18 -92.34
N ARG QB 115 40.84 -51.83 -91.19
CA ARG QB 115 40.71 -52.79 -90.09
C ARG QB 115 39.65 -53.84 -90.39
N LEU QB 116 38.52 -53.42 -90.96
CA LEU QB 116 37.51 -54.40 -91.35
C LEU QB 116 38.07 -55.38 -92.37
N LYS QB 117 38.79 -54.87 -93.37
CA LYS QB 117 39.38 -55.75 -94.37
C LYS QB 117 40.43 -56.66 -93.77
N THR QB 118 41.23 -56.16 -92.83
CA THR QB 118 42.22 -57.01 -92.18
C THR QB 118 41.55 -58.12 -91.38
N TYR QB 119 40.50 -57.78 -90.64
CA TYR QB 119 39.80 -58.77 -89.84
C TYR QB 119 39.16 -59.83 -90.72
N LYS QB 120 38.50 -59.42 -91.80
CA LYS QB 120 37.94 -60.40 -92.73
C LYS QB 120 39.04 -61.19 -93.43
N ALA QB 121 40.22 -60.61 -93.61
CA ALA QB 121 41.31 -61.33 -94.22
C ALA QB 121 41.78 -62.48 -93.33
N LYS QB 122 41.95 -62.21 -92.04
CA LYS QB 122 42.45 -63.23 -91.12
C LYS QB 122 41.34 -63.73 -90.18
N LEU QB 123 40.12 -63.79 -90.70
CA LEU QB 123 39.00 -64.41 -89.99
C LEU QB 123 38.72 -65.80 -90.56
N VAL QB 124 38.35 -66.71 -89.68
CA VAL QB 124 37.85 -68.03 -90.05
C VAL QB 124 36.51 -68.25 -89.36
N ILE QB 125 35.57 -68.86 -90.05
CA ILE QB 125 34.24 -69.07 -89.49
C ILE QB 125 33.85 -70.52 -89.67
N PHE QB 126 33.59 -71.20 -88.55
CA PHE QB 126 33.09 -72.56 -88.58
C PHE QB 126 31.69 -72.61 -89.21
N PRO QB 127 31.35 -73.70 -89.88
CA PRO QB 127 29.98 -73.87 -90.34
C PRO QB 127 29.01 -74.05 -89.19
N ARG QB 128 27.78 -73.60 -89.39
CA ARG QB 128 26.73 -73.79 -88.41
C ARG QB 128 26.41 -75.26 -88.21
N ARG QB 129 26.71 -76.10 -89.20
CA ARG QB 129 26.53 -77.54 -89.11
C ARG QB 129 27.86 -78.21 -89.41
N ALA QB 130 27.88 -79.52 -89.62
CA ALA QB 130 29.15 -80.21 -89.77
C ALA QB 130 29.63 -80.23 -91.22
N ARG QB 131 28.85 -80.82 -92.12
CA ARG QB 131 29.29 -80.99 -93.50
C ARG QB 131 28.89 -79.82 -94.38
N LYS QB 132 27.77 -79.16 -94.05
CA LYS QB 132 27.23 -78.11 -94.90
C LYS QB 132 28.11 -76.87 -94.79
N VAL QB 133 28.82 -76.54 -95.86
CA VAL QB 133 29.63 -75.33 -95.90
C VAL QB 133 28.94 -74.36 -96.84
N LYS QB 134 28.34 -73.32 -96.27
CA LYS QB 134 27.58 -72.34 -97.04
C LYS QB 134 28.48 -71.19 -97.45
N ALA QB 135 27.90 -70.13 -97.99
CA ALA QB 135 28.67 -68.95 -98.34
C ALA QB 135 29.11 -68.22 -97.07
N GLY QB 136 30.34 -67.72 -97.08
CA GLY QB 136 30.91 -67.06 -95.93
C GLY QB 136 31.64 -67.96 -94.96
N ASP QB 137 31.63 -69.27 -95.20
CA ASP QB 137 32.28 -70.22 -94.32
C ASP QB 137 33.77 -70.27 -94.63
N SER QB 138 34.44 -71.33 -94.16
CA SER QB 138 35.85 -71.51 -94.41
C SER QB 138 36.14 -73.00 -94.52
N THR QB 139 37.19 -73.34 -95.27
CA THR QB 139 37.42 -74.73 -95.64
C THR QB 139 37.99 -75.53 -94.46
N PRO QB 140 37.61 -76.80 -94.35
CA PRO QB 140 38.09 -77.64 -93.23
C PRO QB 140 39.60 -77.70 -93.11
N GLU QB 141 40.31 -77.69 -94.24
CA GLU QB 141 41.74 -77.93 -94.22
C GLU QB 141 42.47 -76.84 -93.44
N GLU QB 142 41.98 -75.62 -93.52
CA GLU QB 142 42.55 -74.56 -92.70
C GLU QB 142 41.74 -74.29 -91.44
N LEU QB 143 40.51 -74.83 -91.35
CA LEU QB 143 39.80 -74.79 -90.08
C LEU QB 143 40.51 -75.65 -89.04
N ALA QB 144 41.22 -76.67 -89.48
CA ALA QB 144 41.79 -77.65 -88.57
C ALA QB 144 42.97 -77.12 -87.75
N ASN QB 145 43.56 -76.00 -88.12
CA ASN QB 145 44.68 -75.45 -87.36
C ASN QB 145 44.27 -74.26 -86.49
N ALA QB 146 42.97 -74.05 -86.28
CA ALA QB 146 42.49 -72.85 -85.62
C ALA QB 146 42.87 -72.84 -84.14
N THR QB 147 43.28 -71.68 -83.66
CA THR QB 147 43.70 -71.50 -82.28
C THR QB 147 42.93 -70.36 -81.65
N GLN QB 148 43.15 -70.18 -80.35
CA GLN QB 148 42.58 -69.06 -79.59
C GLN QB 148 43.68 -68.03 -79.40
N VAL QB 149 43.66 -66.97 -80.19
CA VAL QB 149 44.65 -65.92 -80.00
C VAL QB 149 44.41 -65.25 -78.66
N GLN QB 150 45.49 -64.87 -78.00
CA GLN QB 150 45.41 -64.39 -76.63
C GLN QB 150 46.06 -63.03 -76.54
N GLY QB 151 45.38 -62.09 -75.89
CA GLY QB 151 45.84 -60.72 -75.86
C GLY QB 151 45.21 -59.88 -76.95
N ASP QB 152 45.89 -58.78 -77.28
CA ASP QB 152 45.41 -57.85 -78.30
C ASP QB 152 45.93 -58.30 -79.66
N TYR QB 153 45.02 -58.76 -80.51
CA TYR QB 153 45.40 -59.28 -81.82
C TYR QB 153 45.49 -58.23 -82.91
N MET QB 154 45.06 -56.99 -82.65
CA MET QB 154 45.28 -55.89 -83.59
C MET QB 154 45.57 -54.61 -82.80
N PRO QB 155 46.84 -54.36 -82.50
CA PRO QB 155 47.16 -53.26 -81.59
C PRO QB 155 46.96 -51.91 -82.25
N ILE QB 156 46.71 -50.90 -81.41
CA ILE QB 156 46.47 -49.53 -81.84
C ILE QB 156 47.60 -48.66 -81.33
N ALA QB 157 48.28 -47.95 -82.22
CA ALA QB 157 49.28 -47.00 -81.81
C ALA QB 157 48.61 -45.75 -81.29
N ARG QB 158 48.98 -45.34 -80.08
CA ARG QB 158 48.29 -44.24 -79.42
C ARG QB 158 48.68 -42.89 -79.99
N GLY QB 159 49.94 -42.71 -80.38
CA GLY QB 159 50.35 -41.51 -81.07
C GLY QB 159 51.21 -41.86 -82.26
N GLU QB 160 51.15 -40.99 -83.28
CA GLU QB 160 51.99 -41.20 -84.44
C GLU QB 160 53.46 -41.11 -84.05
N LYS QB 161 54.28 -41.95 -84.68
CA LYS QB 161 55.64 -42.16 -84.20
C LYS QB 161 56.48 -40.89 -84.25
N ARG QB 162 57.38 -40.77 -83.29
CA ARG QB 162 58.36 -39.68 -83.28
C ARG QB 162 59.31 -39.86 -84.45
N SER QB 163 59.14 -39.05 -85.48
CA SER QB 163 60.04 -39.08 -86.62
C SER QB 163 60.48 -37.65 -86.92
N VAL QB 164 61.79 -37.43 -86.95
CA VAL QB 164 62.36 -36.11 -87.23
C VAL QB 164 63.36 -36.27 -88.38
N GLU QB 165 62.91 -35.96 -89.59
CA GLU QB 165 63.81 -35.97 -90.74
C GLU QB 165 64.59 -34.67 -90.77
N VAL QB 166 65.48 -34.55 -91.76
CA VAL QB 166 66.36 -33.41 -91.88
C VAL QB 166 66.12 -32.79 -93.25
N VAL QB 167 65.89 -31.48 -93.29
CA VAL QB 167 65.47 -30.79 -94.50
C VAL QB 167 66.18 -29.45 -94.61
N LYS QB 168 66.00 -28.80 -95.76
CA LYS QB 168 66.59 -27.50 -96.03
C LYS QB 168 65.83 -26.39 -95.30
N VAL QB 169 66.54 -25.30 -95.02
CA VAL QB 169 65.93 -24.10 -94.45
C VAL QB 169 65.88 -23.02 -95.53
N THR QB 170 64.71 -22.84 -96.14
CA THR QB 170 64.63 -21.98 -97.30
C THR QB 170 64.49 -20.51 -96.91
N GLU QB 171 64.80 -19.65 -97.87
CA GLU QB 171 64.80 -18.21 -97.62
C GLU QB 171 63.40 -17.70 -97.30
N GLU QB 172 62.42 -18.08 -98.13
CA GLU QB 172 61.05 -17.70 -97.86
C GLU QB 172 60.49 -18.36 -96.61
N MET QB 173 61.13 -19.44 -96.13
CA MET QB 173 60.74 -20.01 -94.86
C MET QB 173 61.30 -19.21 -93.70
N LYS QB 174 62.50 -18.64 -93.87
CA LYS QB 174 63.04 -17.74 -92.86
C LYS QB 174 62.26 -16.44 -92.79
N GLU QB 175 61.82 -15.92 -93.93
CA GLU QB 175 61.06 -14.67 -93.94
C GLU QB 175 59.71 -14.78 -93.24
N PHE QB 176 59.25 -15.99 -92.96
CA PHE QB 176 57.91 -16.17 -92.41
C PHE QB 176 57.88 -15.74 -90.95
N LYS QB 177 57.18 -14.66 -90.65
CA LYS QB 177 57.00 -14.19 -89.28
C LYS QB 177 55.86 -14.98 -88.68
N ALA QB 178 56.19 -16.12 -88.06
CA ALA QB 178 55.16 -17.02 -87.57
C ALA QB 178 54.40 -16.41 -86.40
N TYR QB 179 55.07 -15.65 -85.53
CA TYR QB 179 54.36 -15.01 -84.43
C TYR QB 179 53.43 -13.92 -84.94
N GLY QB 180 53.91 -13.09 -85.86
CA GLY QB 180 53.02 -12.12 -86.47
C GLY QB 180 51.82 -12.78 -87.12
N LYS QB 181 52.05 -13.85 -87.87
CA LYS QB 181 50.95 -14.65 -88.39
C LYS QB 181 50.01 -15.03 -87.27
N LEU QB 182 50.57 -15.60 -86.20
CA LEU QB 182 49.80 -16.20 -85.13
C LEU QB 182 49.04 -15.18 -84.31
N ARG QB 183 49.44 -13.92 -84.40
CA ARG QB 183 48.68 -12.84 -83.78
C ARG QB 183 47.60 -12.32 -84.71
N VAL QB 184 47.81 -12.41 -86.03
CA VAL QB 184 46.84 -11.82 -86.94
C VAL QB 184 45.50 -12.52 -86.83
N GLU QB 185 45.47 -13.85 -86.80
CA GLU QB 185 44.16 -14.48 -86.72
C GLU QB 185 43.54 -14.31 -85.34
N ARG QB 186 44.35 -14.17 -84.29
CA ARG QB 186 43.79 -13.84 -82.99
C ARG QB 186 43.12 -12.47 -83.03
N MET QB 187 43.73 -11.53 -83.73
CA MET QB 187 43.11 -10.24 -83.94
C MET QB 187 41.81 -10.39 -84.71
N ASN QB 188 41.80 -11.23 -85.74
CA ASN QB 188 40.60 -11.41 -86.55
C ASN QB 188 39.48 -12.04 -85.74
N GLN QB 189 39.83 -13.03 -84.90
CA GLN QB 189 38.84 -13.66 -84.04
C GLN QB 189 38.26 -12.66 -83.06
N ARG QB 190 39.10 -11.77 -82.51
CA ARG QB 190 38.56 -10.72 -81.66
C ARG QB 190 37.61 -9.81 -82.43
N GLN QB 191 38.01 -9.40 -83.63
CA GLN QB 191 37.25 -8.42 -84.39
C GLN QB 191 36.14 -9.02 -85.24
N LEU QB 192 35.86 -10.32 -85.13
CA LEU QB 192 34.96 -10.95 -86.09
C LEU QB 192 33.57 -10.31 -86.04
N GLY QB 193 33.06 -10.03 -84.84
CA GLY QB 193 31.77 -9.37 -84.76
C GLY QB 193 31.80 -7.96 -85.29
N ALA QB 194 32.80 -7.18 -84.86
CA ALA QB 194 32.88 -5.77 -85.22
C ALA QB 194 33.02 -5.56 -86.72
N ARG QB 195 33.57 -6.55 -87.43
CA ARG QB 195 33.70 -6.46 -88.87
C ARG QB 195 32.36 -6.74 -89.55
N GLN QB 196 31.75 -7.88 -89.20
CA GLN QB 196 30.52 -8.31 -89.86
C GLN QB 196 29.38 -7.37 -89.55
N LYS QB 197 29.42 -6.67 -88.42
CA LYS QB 197 28.38 -5.68 -88.16
C LYS QB 197 28.47 -4.54 -89.17
N LYS QB 198 29.66 -3.96 -89.35
CA LYS QB 198 29.77 -2.87 -90.30
C LYS QB 198 29.45 -3.34 -91.70
N ALA QB 199 29.76 -4.60 -92.02
CA ALA QB 199 29.32 -5.15 -93.30
C ALA QB 199 27.80 -5.21 -93.39
N ALA QB 200 27.14 -5.59 -92.30
CA ALA QB 200 25.69 -5.73 -92.30
C ALA QB 200 25.01 -4.39 -92.57
N GLU QB 201 25.39 -3.35 -91.82
CA GLU QB 201 24.80 -2.05 -92.17
C GLU QB 201 25.38 -1.43 -93.44
N ALA QB 202 26.53 -1.88 -93.95
CA ALA QB 202 26.93 -1.46 -95.28
C ALA QB 202 25.92 -1.94 -96.32
N GLU QB 203 25.49 -3.19 -96.21
CA GLU QB 203 24.42 -3.69 -97.08
C GLU QB 203 23.11 -2.96 -96.79
N LYS QB 204 22.76 -2.82 -95.51
CA LYS QB 204 21.46 -2.30 -95.14
C LYS QB 204 21.25 -0.87 -95.59
N GLU QB 205 22.32 -0.08 -95.68
CA GLU QB 205 22.20 1.30 -96.12
C GLU QB 205 22.55 1.48 -97.60
N GLU QB 206 23.73 1.03 -98.01
CA GLU QB 206 24.16 1.27 -99.38
C GLU QB 206 23.58 0.21 -100.31
N SER RB 5 122.09 -27.69 5.75
CA SER RB 5 121.99 -27.07 4.43
C SER RB 5 121.52 -28.08 3.38
N LYS RB 6 120.26 -28.52 3.51
CA LYS RB 6 119.72 -29.47 2.55
C LYS RB 6 119.64 -28.84 1.16
N MET RB 7 119.26 -27.58 1.07
CA MET RB 7 119.19 -26.94 -0.24
C MET RB 7 120.57 -26.83 -0.88
N ALA RB 8 121.57 -26.43 -0.09
CA ALA RB 8 122.91 -26.33 -0.65
C ALA RB 8 123.44 -27.68 -1.07
N LEU RB 9 123.15 -28.73 -0.30
CA LEU RB 9 123.49 -30.07 -0.73
C LEU RB 9 122.81 -30.42 -2.04
N GLY RB 10 121.54 -30.05 -2.17
CA GLY RB 10 120.81 -30.34 -3.40
C GLY RB 10 121.42 -29.64 -4.60
N ILE RB 11 121.79 -28.36 -4.45
CA ILE RB 11 122.42 -27.65 -5.56
C ILE RB 11 123.74 -28.28 -5.92
N LYS RB 12 124.60 -28.51 -4.92
CA LYS RB 12 125.91 -29.06 -5.22
C LYS RB 12 125.79 -30.42 -5.89
N ARG RB 13 124.81 -31.22 -5.45
CA ARG RB 13 124.58 -32.50 -6.10
C ARG RB 13 124.07 -32.32 -7.53
N ALA RB 14 123.20 -31.34 -7.74
CA ALA RB 14 122.53 -31.18 -9.03
C ALA RB 14 123.42 -30.53 -10.08
N SER RB 15 124.55 -29.94 -9.68
CA SER RB 15 125.45 -29.34 -10.67
C SER RB 15 125.93 -30.40 -11.66
N ARG RB 16 125.97 -30.01 -12.94
CA ARG RB 16 126.37 -30.94 -13.98
C ARG RB 16 127.80 -31.44 -13.77
N SER RB 17 128.73 -30.55 -13.46
CA SER RB 17 130.11 -30.96 -13.27
C SER RB 17 130.23 -31.94 -12.12
N HIS RB 18 129.55 -31.67 -11.01
CA HIS RB 18 129.64 -32.58 -9.90
C HIS RB 18 128.86 -33.87 -10.15
N THR RB 19 127.87 -33.85 -11.03
CA THR RB 19 127.26 -35.11 -11.47
C THR RB 19 128.26 -35.96 -12.23
N TYR RB 20 129.05 -35.34 -13.08
CA TYR RB 20 130.18 -36.04 -13.69
C TYR RB 20 131.10 -36.61 -12.63
N HIS RB 21 131.46 -35.80 -11.65
CA HIS RB 21 132.40 -36.24 -10.62
C HIS RB 21 131.86 -37.43 -9.84
N ARG RB 22 130.55 -37.44 -9.56
CA ARG RB 22 129.95 -38.54 -8.81
C ARG RB 22 129.82 -39.79 -9.67
N ARG RB 23 129.10 -39.69 -10.80
CA ARG RB 23 128.93 -40.85 -11.66
C ARG RB 23 130.25 -41.38 -12.20
N GLY RB 24 131.35 -40.66 -12.01
CA GLY RB 24 132.65 -41.21 -12.28
C GLY RB 24 132.86 -41.60 -13.73
N LEU RB 25 132.48 -40.72 -14.65
CA LEU RB 25 132.75 -40.98 -16.05
C LEU RB 25 134.25 -41.00 -16.32
N TRP RB 26 135.03 -40.27 -15.53
CA TRP RB 26 136.46 -40.46 -15.52
C TRP RB 26 136.75 -41.76 -14.78
N ALA RB 27 137.80 -42.45 -15.20
CA ALA RB 27 138.07 -43.86 -14.87
C ALA RB 27 137.10 -44.78 -15.58
N ILE RB 28 136.13 -44.24 -16.29
CA ILE RB 28 135.55 -44.92 -17.44
C ILE RB 28 136.16 -44.37 -18.72
N LYS RB 29 136.71 -43.16 -18.68
CA LYS RB 29 137.67 -42.69 -19.67
C LYS RB 29 139.05 -43.31 -19.50
N ALA RB 30 139.23 -44.23 -18.55
CA ALA RB 30 140.49 -44.93 -18.39
C ALA RB 30 140.45 -46.29 -19.07
N LYS RB 31 139.52 -47.14 -18.66
CA LYS RB 31 139.48 -48.51 -19.17
C LYS RB 31 139.34 -48.55 -20.69
N HIS RB 32 138.33 -47.85 -21.22
CA HIS RB 32 137.91 -48.06 -22.60
C HIS RB 32 138.46 -46.96 -23.52
N GLY RB 33 139.78 -46.90 -23.61
CA GLY RB 33 140.37 -45.84 -24.38
C GLY RB 33 140.13 -44.49 -23.73
N GLY RB 34 140.25 -43.45 -24.54
CA GLY RB 34 139.92 -42.11 -24.09
C GLY RB 34 138.54 -41.69 -24.55
N ALA RB 35 137.61 -42.65 -24.58
CA ALA RB 35 136.25 -42.38 -25.03
C ALA RB 35 135.31 -43.35 -24.33
N LEU RB 36 134.08 -42.93 -24.16
CA LEU RB 36 133.18 -43.70 -23.34
C LEU RB 36 132.76 -44.98 -24.07
N PRO RB 37 132.75 -46.11 -23.38
CA PRO RB 37 132.52 -47.39 -24.04
C PRO RB 37 131.09 -47.52 -24.57
N LYS RB 38 130.96 -48.39 -25.57
CA LYS RB 38 129.70 -48.77 -26.16
C LYS RB 38 128.99 -49.79 -25.27
N ALA RB 39 127.71 -49.99 -25.52
CA ALA RB 39 126.95 -51.11 -24.96
C ALA RB 39 126.51 -52.02 -26.10
N GLU RB 40 126.05 -53.21 -25.73
CA GLU RB 40 125.84 -54.27 -26.70
C GLU RB 40 124.43 -54.84 -26.63
N LYS RB 41 124.21 -56.00 -27.26
CA LYS RB 41 122.93 -56.68 -27.22
C LYS RB 41 123.02 -57.96 -26.39
N PRO RB 42 122.95 -57.87 -25.05
CA PRO RB 42 122.95 -59.09 -24.23
C PRO RB 42 121.65 -59.86 -24.31
N ALA RB 43 121.54 -60.90 -23.47
CA ALA RB 43 120.28 -61.59 -23.20
C ALA RB 43 119.82 -62.47 -24.36
N ALA RB 44 120.77 -63.05 -25.10
CA ALA RB 44 120.40 -63.95 -26.19
C ALA RB 44 119.93 -65.30 -25.64
N VAL RB 45 118.76 -65.31 -24.99
CA VAL RB 45 118.24 -66.54 -24.42
C VAL RB 45 117.62 -67.42 -25.51
N ALA RB 46 116.70 -66.85 -26.29
CA ALA RB 46 116.08 -67.53 -27.43
C ALA RB 46 115.47 -68.87 -27.02
N GLU RB 47 115.14 -69.03 -25.75
CA GLU RB 47 114.62 -70.30 -25.23
C GLU RB 47 113.42 -70.06 -24.32
N PRO RB 48 112.34 -69.47 -24.84
CA PRO RB 48 111.17 -69.23 -23.99
C PRO RB 48 110.38 -70.52 -23.80
N LYS RB 49 110.32 -71.01 -22.56
CA LYS RB 49 109.53 -72.20 -22.30
C LYS RB 49 108.04 -71.95 -22.47
N PHE RB 50 107.56 -70.78 -22.10
CA PHE RB 50 106.11 -70.55 -22.07
C PHE RB 50 105.82 -69.12 -22.50
N TYR RB 51 104.74 -68.98 -23.27
CA TYR RB 51 104.32 -67.69 -23.82
C TYR RB 51 103.10 -67.17 -23.09
N PRO RB 52 103.25 -66.22 -22.18
CA PRO RB 52 102.06 -65.65 -21.51
C PRO RB 52 101.16 -64.95 -22.51
N ALA RB 53 99.85 -65.06 -22.28
CA ALA RB 53 98.88 -64.52 -23.23
C ALA RB 53 98.85 -62.99 -23.20
N ASP RB 54 98.87 -62.41 -22.00
CA ASP RB 54 98.91 -60.96 -21.86
C ASP RB 54 100.31 -60.44 -22.19
N ASP RB 55 100.41 -59.12 -22.33
CA ASP RB 55 101.69 -58.51 -22.65
C ASP RB 55 102.71 -58.86 -21.59
N VAL RB 56 103.89 -59.28 -22.04
CA VAL RB 56 104.88 -59.88 -21.14
C VAL RB 56 105.62 -58.80 -20.38
N LYS RB 57 105.81 -59.03 -19.08
CA LYS RB 57 106.64 -58.18 -18.22
C LYS RB 57 107.53 -59.12 -17.41
N PRO RB 58 108.82 -58.85 -17.36
CA PRO RB 58 109.68 -59.64 -16.47
C PRO RB 58 109.86 -59.01 -15.09
N ARG RB 59 110.52 -59.74 -14.20
CA ARG RB 59 110.70 -59.33 -12.82
C ARG RB 59 111.63 -58.12 -12.72
N THR RB 60 111.44 -57.35 -11.65
CA THR RB 60 112.26 -56.18 -11.38
C THR RB 60 113.44 -56.55 -10.48
N VAL RB 61 114.64 -56.18 -10.88
CA VAL RB 61 115.72 -55.96 -9.94
C VAL RB 61 115.69 -54.49 -9.57
N SER RB 62 115.35 -54.19 -8.32
CA SER RB 62 115.15 -52.81 -7.94
C SER RB 62 116.45 -52.03 -8.12
N THR RB 63 116.49 -51.17 -9.13
CA THR RB 63 117.67 -50.37 -9.37
C THR RB 63 117.71 -49.13 -8.51
N ARG RB 64 116.68 -48.90 -7.71
CA ARG RB 64 116.63 -47.75 -6.82
C ARG RB 64 117.33 -48.08 -5.52
N LYS RB 65 118.03 -47.09 -4.95
CA LYS RB 65 118.99 -47.35 -3.89
C LYS RB 65 118.63 -46.46 -2.69
N PRO RB 66 117.69 -46.91 -1.86
CA PRO RB 66 117.15 -46.05 -0.80
C PRO RB 66 118.22 -45.60 0.18
N HIS RB 67 118.05 -44.37 0.68
CA HIS RB 67 118.91 -43.85 1.72
C HIS RB 67 118.73 -44.67 3.00
N PRO RB 68 119.82 -45.03 3.68
CA PRO RB 68 119.68 -45.66 4.99
C PRO RB 68 118.89 -44.77 5.95
N THR RB 69 118.11 -45.41 6.81
CA THR RB 69 117.37 -44.67 7.82
C THR RB 69 118.33 -43.97 8.77
N LYS RB 70 118.06 -42.70 9.05
CA LYS RB 70 118.97 -41.91 9.86
C LYS RB 70 118.70 -42.14 11.34
N LEU RB 71 119.76 -42.10 12.14
CA LEU RB 71 119.66 -42.26 13.57
C LEU RB 71 119.40 -40.91 14.22
N ARG RB 72 118.73 -40.93 15.37
CA ARG RB 72 118.45 -39.70 16.10
C ARG RB 72 119.74 -39.06 16.56
N SER RB 73 119.70 -37.74 16.73
CA SER RB 73 120.88 -37.02 17.23
C SER RB 73 121.19 -37.40 18.67
N THR RB 74 120.16 -37.59 19.49
CA THR RB 74 120.29 -37.90 20.91
C THR RB 74 120.52 -39.38 21.17
N ILE RB 75 121.00 -40.13 20.19
CA ILE RB 75 121.38 -41.53 20.37
C ILE RB 75 122.86 -41.66 20.05
N THR RB 76 123.64 -42.10 21.04
CA THR RB 76 125.05 -42.36 20.86
C THR RB 76 125.38 -43.75 21.41
N PRO RB 77 126.21 -44.52 20.72
CA PRO RB 77 126.61 -45.83 21.27
C PRO RB 77 127.07 -45.70 22.71
N GLY RB 78 126.29 -46.27 23.63
CA GLY RB 78 126.50 -46.06 25.05
C GLY RB 78 125.34 -45.40 25.78
N THR RB 79 124.19 -45.18 25.16
CA THR RB 79 123.05 -44.60 25.84
C THR RB 79 122.24 -45.67 26.55
N VAL RB 80 121.48 -45.24 27.55
CA VAL RB 80 120.44 -46.07 28.15
C VAL RB 80 119.11 -45.66 27.56
N LEU RB 81 118.42 -46.62 26.92
CA LEU RB 81 117.17 -46.38 26.25
C LEU RB 81 116.00 -46.92 27.07
N ILE RB 82 114.79 -46.61 26.61
CA ILE RB 82 113.55 -47.01 27.27
C ILE RB 82 112.77 -47.76 26.22
N LEU RB 83 112.49 -49.04 26.45
CA LEU RB 83 111.66 -49.72 25.49
C LEU RB 83 110.20 -49.34 25.69
N LEU RB 84 109.40 -49.48 24.62
CA LEU RB 84 108.03 -48.99 24.67
C LEU RB 84 106.99 -50.04 24.31
N ALA RB 85 107.32 -50.95 23.41
CA ALA RB 85 106.36 -51.92 22.93
C ALA RB 85 106.90 -53.32 23.13
N GLY RB 86 106.08 -54.30 22.84
CA GLY RB 86 106.51 -55.66 22.99
C GLY RB 86 106.48 -56.09 24.44
N ARG RB 87 107.05 -57.28 24.67
CA ARG RB 87 107.03 -57.87 26.00
C ARG RB 87 107.95 -57.16 26.96
N TYR RB 88 108.88 -56.35 26.47
CA TYR RB 88 109.86 -55.65 27.29
C TYR RB 88 109.51 -54.18 27.45
N MET RB 89 108.26 -53.80 27.27
CA MET RB 89 107.90 -52.40 27.40
C MET RB 89 108.20 -51.91 28.80
N GLY RB 90 108.83 -50.74 28.87
CA GLY RB 90 109.24 -50.16 30.13
C GLY RB 90 110.64 -50.54 30.56
N LYS RB 91 111.22 -51.59 29.98
CA LYS RB 91 112.56 -52.00 30.36
C LYS RB 91 113.56 -50.93 29.96
N ARG RB 92 114.52 -50.66 30.85
CA ARG RB 92 115.59 -49.73 30.56
C ARG RB 92 116.81 -50.52 30.11
N VAL RB 93 117.25 -50.27 28.88
CA VAL RB 93 118.29 -51.09 28.25
C VAL RB 93 119.44 -50.22 27.81
N VAL RB 94 120.43 -50.81 27.13
CA VAL RB 94 121.60 -50.08 26.66
C VAL RB 94 121.67 -50.22 25.14
N PHE RB 95 121.90 -49.10 24.47
CA PHE RB 95 122.02 -49.09 23.01
C PHE RB 95 123.47 -49.33 22.64
N LEU RB 96 123.74 -50.49 22.02
CA LEU RB 96 125.12 -50.85 21.70
C LEU RB 96 125.55 -50.17 20.40
N LYS RB 97 124.89 -50.49 19.29
CA LYS RB 97 125.12 -49.81 18.03
C LYS RB 97 123.99 -50.09 17.07
N GLN RB 98 123.84 -49.22 16.08
CA GLN RB 98 122.81 -49.37 15.07
C GLN RB 98 123.24 -50.42 14.06
N LEU RB 99 122.50 -51.52 13.97
CA LEU RB 99 122.96 -52.55 13.05
C LEU RB 99 122.66 -52.12 11.62
N GLN RB 100 123.16 -52.90 10.66
CA GLN RB 100 123.31 -52.42 9.30
C GLN RB 100 122.00 -52.30 8.56
N SER RB 101 120.97 -53.03 8.98
CA SER RB 101 119.68 -52.99 8.29
C SER RB 101 118.85 -51.77 8.67
N GLY RB 102 119.24 -51.03 9.69
CA GLY RB 102 118.51 -49.84 10.11
C GLY RB 102 117.87 -49.93 11.48
N LEU RB 103 118.00 -51.04 12.19
CA LEU RB 103 117.39 -51.15 13.50
C LEU RB 103 118.43 -51.04 14.61
N LEU RB 104 117.99 -50.58 15.76
CA LEU RB 104 118.86 -50.50 16.91
C LEU RB 104 119.12 -51.88 17.48
N LEU RB 105 120.33 -52.05 18.02
CA LEU RB 105 120.76 -53.29 18.64
C LEU RB 105 121.01 -53.00 20.10
N ILE RB 106 120.29 -53.66 21.00
CA ILE RB 106 120.32 -53.28 22.41
C ILE RB 106 120.62 -54.51 23.26
N THR RB 107 121.06 -54.23 24.48
CA THR RB 107 121.30 -55.25 25.49
C THR RB 107 120.74 -54.76 26.81
N GLY RB 108 120.42 -55.72 27.67
CA GLY RB 108 119.79 -55.42 28.94
C GLY RB 108 120.68 -54.63 29.87
N PRO RB 109 121.76 -55.25 30.37
CA PRO RB 109 122.31 -56.58 30.11
C PRO RB 109 121.38 -57.71 30.54
N PHE RB 110 121.58 -58.90 29.99
CA PHE RB 110 120.65 -59.99 30.25
C PHE RB 110 120.69 -60.49 31.68
N LYS RB 111 121.78 -60.25 32.40
CA LYS RB 111 121.83 -60.68 33.80
C LYS RB 111 120.84 -59.95 34.68
N ILE RB 112 120.56 -58.68 34.40
CA ILE RB 112 119.79 -57.84 35.31
C ILE RB 112 118.39 -57.56 34.78
N ASN RB 113 118.24 -57.32 33.49
CA ASN RB 113 116.92 -57.07 32.94
C ASN RB 113 116.26 -58.31 32.34
N GLY RB 114 117.02 -59.30 31.94
CA GLY RB 114 116.44 -60.39 31.19
C GLY RB 114 116.19 -60.06 29.74
N VAL RB 115 116.55 -58.87 29.29
CA VAL RB 115 116.47 -58.49 27.89
C VAL RB 115 117.79 -58.86 27.23
N PRO RB 116 117.82 -59.78 26.29
CA PRO RB 116 119.08 -60.19 25.67
C PRO RB 116 119.60 -59.11 24.74
N ILE RB 117 120.65 -59.39 23.98
CA ILE RB 117 120.89 -58.56 22.80
C ILE RB 117 119.75 -58.81 21.84
N ARG RB 118 119.08 -57.73 21.44
CA ARG RB 118 117.94 -57.89 20.57
C ARG RB 118 117.79 -56.67 19.68
N ARG RB 119 117.08 -56.87 18.58
CA ARG RB 119 116.87 -55.86 17.57
C ARG RB 119 115.57 -55.13 17.85
N VAL RB 120 115.63 -53.81 17.94
CA VAL RB 120 114.46 -53.00 18.25
C VAL RB 120 114.36 -51.87 17.24
N ASN RB 121 113.14 -51.56 16.83
CA ASN RB 121 112.96 -50.46 15.89
C ASN RB 121 113.21 -49.14 16.58
N GLN RB 122 113.84 -48.21 15.86
CA GLN RB 122 114.16 -46.90 16.42
C GLN RB 122 112.91 -46.14 16.84
N ALA RB 123 111.76 -46.45 16.24
CA ALA RB 123 110.54 -45.74 16.60
C ALA RB 123 110.17 -45.98 18.06
N TYR RB 124 110.28 -47.23 18.50
CA TYR RB 124 109.72 -47.66 19.78
C TYR RB 124 110.68 -47.52 20.94
N VAL RB 125 111.66 -46.62 20.86
CA VAL RB 125 112.60 -46.40 21.95
C VAL RB 125 112.69 -44.91 22.20
N ILE RB 126 113.01 -44.55 23.44
CA ILE RB 126 113.23 -43.17 23.83
C ILE RB 126 114.64 -43.05 24.37
N ALA RB 127 115.38 -42.05 23.89
CA ALA RB 127 116.70 -41.78 24.44
C ALA RB 127 116.59 -41.27 25.86
N THR RB 128 117.54 -41.67 26.70
CA THR RB 128 117.73 -41.05 27.99
C THR RB 128 119.07 -40.31 27.98
N SER RB 129 119.13 -39.22 28.74
CA SER RB 129 120.32 -38.36 28.77
C SER RB 129 121.55 -39.06 29.34
N THR RB 130 121.47 -40.32 29.74
CA THR RB 130 122.59 -41.00 30.36
C THR RB 130 123.45 -41.71 29.32
N LYS RB 131 124.74 -41.82 29.63
CA LYS RB 131 125.71 -42.49 28.78
C LYS RB 131 126.52 -43.47 29.61
N VAL RB 132 126.88 -44.58 28.98
CA VAL RB 132 127.83 -45.51 29.57
C VAL RB 132 129.04 -45.60 28.64
N ASP RB 133 130.19 -45.88 29.22
CA ASP RB 133 131.41 -46.05 28.44
C ASP RB 133 131.46 -47.50 27.96
N ILE RB 134 131.30 -47.71 26.66
CA ILE RB 134 131.36 -49.04 26.09
C ILE RB 134 132.43 -49.10 25.01
N SER RB 135 133.50 -48.34 25.19
CA SER RB 135 134.64 -48.44 24.29
C SER RB 135 135.22 -49.85 24.27
N LYS RB 136 135.12 -50.57 25.38
CA LYS RB 136 135.83 -51.83 25.59
C LYS RB 136 135.01 -53.06 25.22
N VAL RB 137 133.85 -52.88 24.59
CA VAL RB 137 132.99 -54.01 24.25
C VAL RB 137 133.19 -54.37 22.79
N ASN RB 138 133.11 -55.66 22.49
CA ASN RB 138 133.23 -56.16 21.14
C ASN RB 138 131.85 -56.45 20.59
N VAL RB 139 131.49 -55.78 19.50
CA VAL RB 139 130.17 -55.89 18.91
C VAL RB 139 130.21 -56.34 17.46
N GLN RB 140 131.36 -56.22 16.79
CA GLN RB 140 131.47 -56.49 15.36
C GLN RB 140 130.89 -57.83 14.97
N LYS RB 141 130.84 -58.79 15.90
CA LYS RB 141 130.30 -60.11 15.61
C LYS RB 141 128.80 -60.07 15.32
N PHE RB 142 128.13 -58.95 15.61
CA PHE RB 142 126.69 -58.85 15.47
C PHE RB 142 126.34 -58.33 14.09
N ASP RB 143 125.29 -58.88 13.51
CA ASP RB 143 124.86 -58.43 12.18
C ASP RB 143 123.40 -58.85 12.00
N ASP RB 144 122.91 -58.73 10.76
CA ASP RB 144 121.55 -59.13 10.47
C ASP RB 144 121.41 -60.65 10.43
N LYS RB 145 122.40 -61.33 9.85
CA LYS RB 145 122.33 -62.79 9.76
C LYS RB 145 122.34 -63.44 11.13
N TYR RB 146 122.89 -62.76 12.14
CA TYR RB 146 122.82 -63.25 13.51
C TYR RB 146 121.38 -63.42 13.95
N PHE RB 147 120.47 -62.61 13.38
CA PHE RB 147 119.07 -62.61 13.76
C PHE RB 147 118.17 -63.20 12.70
N ALA RB 148 118.69 -63.48 11.51
CA ALA RB 148 117.87 -64.02 10.42
C ALA RB 148 117.16 -65.27 10.87
N ARG RB 149 115.84 -65.30 10.66
CA ARG RB 149 115.01 -66.26 11.37
C ARG RB 149 115.19 -67.68 10.86
N GLU RB 150 115.19 -67.87 9.55
CA GLU RB 150 115.02 -69.20 8.97
C GLU RB 150 113.84 -69.90 9.62
N LYS RB 151 112.69 -69.24 9.57
CA LYS RB 151 111.45 -69.81 10.08
C LYS RB 151 111.20 -71.17 9.45
N LYS RB 152 110.76 -72.12 10.27
CA LYS RB 152 110.63 -73.50 9.86
C LYS RB 152 109.39 -73.63 8.98
N THR RB 153 108.98 -74.87 8.70
CA THR RB 153 107.84 -75.14 7.85
C THR RB 153 106.53 -74.93 8.62
N ARG RB 154 105.52 -74.40 7.92
CA ARG RB 154 104.15 -74.18 8.40
C ARG RB 154 103.35 -75.47 8.57
N ALA RB 155 103.96 -76.66 8.52
CA ALA RB 155 103.24 -77.89 8.77
C ALA RB 155 103.10 -78.21 10.26
N LYS RB 156 103.80 -77.49 11.13
CA LYS RB 156 103.65 -77.66 12.58
C LYS RB 156 102.55 -76.73 13.08
N LYS RB 157 101.48 -77.30 13.62
CA LYS RB 157 100.49 -76.57 14.37
C LYS RB 157 100.75 -76.79 15.86
N THR RB 158 100.89 -75.72 16.62
CA THR RB 158 101.17 -75.83 18.04
C THR RB 158 99.90 -76.30 18.76
N GLU RB 159 99.91 -77.55 19.23
CA GLU RB 159 98.78 -78.16 19.90
C GLU RB 159 99.03 -78.17 21.41
N GLY RB 160 98.08 -78.77 22.14
CA GLY RB 160 98.25 -78.89 23.58
C GLY RB 160 99.45 -79.74 23.96
N GLU RB 161 99.71 -80.80 23.21
CA GLU RB 161 100.81 -81.70 23.51
C GLU RB 161 102.16 -81.06 23.25
N LEU RB 162 102.23 -80.09 22.33
CA LEU RB 162 103.45 -79.36 22.07
C LEU RB 162 103.59 -78.14 22.96
N PHE RB 163 102.47 -77.65 23.50
CA PHE RB 163 102.46 -76.41 24.25
C PHE RB 163 103.49 -76.42 25.38
N GLU RB 164 103.51 -77.48 26.17
CA GLU RB 164 104.48 -77.61 27.25
C GLU RB 164 105.61 -78.59 26.94
N SER RB 165 105.55 -79.32 25.82
CA SER RB 165 106.72 -80.11 25.46
C SER RB 165 107.85 -79.19 24.97
N ASP RB 166 107.50 -78.11 24.26
CA ASP RB 166 108.52 -77.12 23.93
C ASP RB 166 109.07 -76.44 25.17
N LYS RB 167 108.22 -76.16 26.17
CA LYS RB 167 108.70 -75.52 27.39
C LYS RB 167 109.60 -76.45 28.19
N GLU RB 168 109.25 -77.73 28.28
CA GLU RB 168 110.05 -78.69 29.01
C GLU RB 168 111.22 -79.25 28.20
N ALA RB 169 111.34 -78.88 26.94
CA ALA RB 169 112.55 -79.14 26.18
C ALA RB 169 113.31 -77.83 26.00
N THR RB 170 114.58 -77.96 25.62
CA THR RB 170 115.45 -76.80 25.39
C THR RB 170 115.74 -76.57 23.93
N LYS RB 171 114.95 -77.16 23.03
CA LYS RB 171 115.14 -76.97 21.59
C LYS RB 171 114.66 -75.57 21.26
N ASN RB 172 115.53 -74.61 21.53
CA ASN RB 172 115.22 -73.20 21.53
C ASN RB 172 116.49 -72.48 21.08
N LEU RB 173 116.60 -71.20 21.41
CA LEU RB 173 117.78 -70.43 21.06
C LEU RB 173 119.04 -71.26 21.36
N PRO RB 174 119.86 -71.53 20.36
CA PRO RB 174 120.97 -72.46 20.54
C PRO RB 174 122.07 -71.88 21.42
N ASP RB 175 122.97 -72.77 21.83
CA ASP RB 175 123.86 -72.47 22.95
C ASP RB 175 124.84 -71.35 22.64
N PHE RB 176 125.14 -71.10 21.36
CA PHE RB 176 126.14 -70.06 21.11
C PHE RB 176 125.60 -68.67 21.40
N LYS RB 177 124.30 -68.44 21.23
CA LYS RB 177 123.72 -67.18 21.68
C LYS RB 177 123.78 -67.07 23.19
N LYS RB 178 123.54 -68.18 23.90
CA LYS RB 178 123.76 -68.24 25.33
C LYS RB 178 125.16 -67.78 25.68
N ASP RB 179 126.15 -68.35 24.98
CA ASP RB 179 127.54 -68.06 25.27
C ASP RB 179 127.86 -66.60 25.00
N ASP RB 180 127.30 -66.07 23.91
CA ASP RB 180 127.46 -64.68 23.52
C ASP RB 180 126.98 -63.74 24.62
N GLN RB 181 125.80 -64.01 25.15
CA GLN RB 181 125.26 -63.17 26.21
C GLN RB 181 126.24 -63.03 27.36
N LYS RB 182 126.93 -64.11 27.71
CA LYS RB 182 127.87 -64.04 28.82
C LYS RB 182 128.97 -63.02 28.56
N VAL RB 183 129.53 -63.03 27.35
CA VAL RB 183 130.67 -62.13 27.09
C VAL RB 183 130.20 -60.68 27.06
N ILE RB 184 129.09 -60.39 26.38
CA ILE RB 184 128.67 -58.99 26.36
C ILE RB 184 128.23 -58.54 27.75
N ASP RB 185 127.52 -59.40 28.48
CA ASP RB 185 127.07 -59.00 29.80
C ASP RB 185 128.25 -58.72 30.72
N ALA RB 186 129.28 -59.57 30.70
CA ALA RB 186 130.45 -59.29 31.52
C ALA RB 186 131.12 -57.99 31.08
N GLU RB 187 131.38 -57.85 29.78
CA GLU RB 187 132.13 -56.70 29.30
C GLU RB 187 131.38 -55.40 29.44
N LEU RB 188 130.08 -55.45 29.72
CA LEU RB 188 129.33 -54.23 29.95
C LEU RB 188 128.99 -53.99 31.40
N ILE RB 189 128.84 -55.05 32.20
CA ILE RB 189 128.72 -54.87 33.65
C ILE RB 189 129.98 -54.25 34.22
N LYS RB 190 131.16 -54.69 33.74
CA LYS RB 190 132.39 -54.12 34.28
C LYS RB 190 132.39 -52.60 34.17
N ALA RB 191 131.76 -52.05 33.13
CA ALA RB 191 131.66 -50.62 32.94
C ALA RB 191 130.37 -50.03 33.48
N ILE RB 192 129.40 -50.87 33.87
CA ILE RB 192 128.20 -50.32 34.49
C ILE RB 192 128.43 -50.08 35.97
N ASP RB 193 129.25 -50.90 36.63
CA ASP RB 193 129.52 -50.65 38.04
C ASP RB 193 130.30 -49.36 38.27
N ALA RB 194 130.96 -48.83 37.24
CA ALA RB 194 131.66 -47.56 37.39
C ALA RB 194 130.69 -46.42 37.68
N VAL RB 195 129.55 -46.40 37.01
CA VAL RB 195 128.51 -45.42 37.29
C VAL RB 195 127.73 -45.88 38.52
N PRO RB 196 127.62 -45.06 39.56
CA PRO RB 196 126.85 -45.48 40.73
C PRO RB 196 125.39 -45.72 40.38
N ASP RB 197 124.80 -46.73 41.02
CA ASP RB 197 123.35 -46.89 41.10
C ASP RB 197 122.81 -47.39 39.77
N LEU RB 198 123.64 -47.36 38.72
CA LEU RB 198 123.15 -47.71 37.39
C LEU RB 198 122.64 -49.14 37.31
N LYS RB 199 123.21 -50.04 38.11
CA LYS RB 199 122.69 -51.41 38.11
C LYS RB 199 121.24 -51.44 38.58
N ASN RB 200 120.94 -50.75 39.67
CA ASN RB 200 119.56 -50.65 40.13
C ASN RB 200 118.69 -49.96 39.08
N TYR RB 201 119.22 -48.89 38.50
CA TYR RB 201 118.50 -48.16 37.47
C TYR RB 201 118.08 -49.07 36.31
N LEU RB 202 119.02 -49.81 35.75
CA LEU RB 202 118.66 -50.69 34.64
C LEU RB 202 117.80 -51.85 35.10
N GLY RB 203 117.95 -52.29 36.36
CA GLY RB 203 117.05 -53.30 36.87
C GLY RB 203 115.63 -52.82 36.93
N ALA RB 204 115.43 -51.54 37.22
CA ALA RB 204 114.09 -50.99 37.27
C ALA RB 204 113.45 -50.96 35.89
N ARG RB 205 112.15 -50.75 35.87
CA ARG RB 205 111.40 -50.49 34.64
C ARG RB 205 110.68 -49.16 34.77
N PHE RB 206 110.55 -48.47 33.64
CA PHE RB 206 110.03 -47.12 33.63
C PHE RB 206 108.51 -47.15 33.67
N SER RB 207 107.92 -46.48 34.65
CA SER RB 207 106.48 -46.40 34.78
C SER RB 207 106.06 -44.94 34.88
N LEU RB 208 104.87 -44.66 34.34
CA LEU RB 208 104.34 -43.30 34.25
C LEU RB 208 103.31 -43.13 35.35
N ARG RB 209 103.79 -42.83 36.54
CA ARG RB 209 102.93 -42.79 37.72
C ARG RB 209 102.13 -41.50 37.69
N ASP RB 210 101.08 -41.44 38.50
CA ASP RB 210 100.08 -40.37 38.36
C ASP RB 210 100.73 -39.00 38.50
N GLY RB 211 100.20 -38.05 37.75
CA GLY RB 211 100.78 -36.71 37.68
C GLY RB 211 102.11 -36.65 36.99
N ASP RB 212 102.29 -37.42 35.91
CA ASP RB 212 103.49 -37.38 35.10
C ASP RB 212 103.10 -37.07 33.67
N LYS RB 213 103.54 -35.92 33.16
CA LYS RB 213 103.17 -35.48 31.83
C LYS RB 213 104.35 -35.72 30.91
N PRO RB 214 104.26 -36.66 29.96
CA PRO RB 214 105.44 -36.98 29.14
C PRO RB 214 106.07 -35.79 28.46
N HIS RB 215 105.26 -34.90 27.88
CA HIS RB 215 105.83 -33.74 27.22
C HIS RB 215 106.57 -32.85 28.21
N GLU RB 216 106.14 -32.83 29.46
CA GLU RB 216 106.89 -32.11 30.48
C GLU RB 216 108.15 -32.86 30.89
N MET RB 217 108.13 -34.19 30.82
CA MET RB 217 109.27 -34.97 31.25
C MET RB 217 110.42 -34.84 30.27
N THR RB 218 111.59 -34.47 30.79
CA THR RB 218 112.80 -34.61 30.03
C THR RB 218 113.16 -36.09 29.90
N PHE RB 219 114.15 -36.38 29.08
CA PHE RB 219 114.62 -37.73 28.95
C PHE RB 219 116.13 -37.77 28.79
N VAL SB 2 95.77 -50.09 46.92
CA VAL SB 2 96.82 -49.25 46.36
C VAL SB 2 98.17 -49.90 46.58
N LYS SB 3 98.53 -50.09 47.84
CA LYS SB 3 99.76 -50.79 48.19
C LYS SB 3 99.47 -52.29 48.20
N GLY SB 4 100.32 -53.05 47.52
CA GLY SB 4 100.03 -54.46 47.30
C GLY SB 4 98.83 -54.67 46.41
N ARG SB 5 98.75 -53.92 45.31
CA ARG SB 5 97.63 -53.93 44.39
C ARG SB 5 97.87 -54.88 43.23
N THR SB 6 96.79 -55.21 42.55
CA THR SB 6 96.83 -56.09 41.38
C THR SB 6 96.35 -55.31 40.17
N GLY SB 7 97.04 -55.51 39.05
CA GLY SB 7 96.76 -54.76 37.85
C GLY SB 7 98.06 -54.56 37.09
N GLN SB 8 97.97 -53.76 36.03
CA GLN SB 8 99.15 -53.47 35.23
C GLN SB 8 100.25 -52.89 36.11
N ARG SB 9 101.48 -53.32 35.90
CA ARG SB 9 102.57 -52.84 36.74
C ARG SB 9 103.33 -51.66 36.17
N VAL SB 10 103.22 -51.38 34.87
CA VAL SB 10 103.75 -50.17 34.29
C VAL SB 10 102.73 -49.60 33.31
N ARG SB 11 102.57 -48.29 33.35
CA ARG SB 11 101.73 -47.57 32.40
C ARG SB 11 102.66 -46.82 31.45
N LEU SB 12 102.81 -47.33 30.24
CA LEU SB 12 103.56 -46.63 29.21
C LEU SB 12 102.66 -45.84 28.28
N TYR SB 13 101.43 -45.56 28.70
CA TYR SB 13 100.47 -44.83 27.91
C TYR SB 13 99.73 -43.83 28.78
N VAL SB 14 99.49 -42.65 28.24
CA VAL SB 14 98.71 -41.64 28.93
C VAL SB 14 97.24 -41.85 28.62
N ARG SB 15 96.40 -41.80 29.64
CA ARG SB 15 94.96 -41.94 29.45
C ARG SB 15 94.39 -40.73 28.72
N GLY SB 16 93.30 -40.96 28.01
CA GLY SB 16 92.55 -39.89 27.40
C GLY SB 16 91.09 -40.27 27.37
N THR SB 17 90.24 -39.27 27.22
CA THR SB 17 88.80 -39.52 27.11
C THR SB 17 88.33 -39.16 25.72
N ILE SB 18 87.54 -40.06 25.12
CA ILE SB 18 86.89 -39.72 23.86
C ILE SB 18 85.83 -38.68 24.15
N LEU SB 19 85.71 -37.69 23.28
CA LEU SB 19 84.91 -36.54 23.61
C LEU SB 19 83.81 -36.25 22.59
N GLY SB 20 83.83 -36.87 21.43
CA GLY SB 20 82.80 -36.67 20.46
C GLY SB 20 83.34 -36.89 19.06
N TYR SB 21 82.86 -36.07 18.13
CA TYR SB 21 83.39 -36.03 16.78
C TYR SB 21 83.64 -34.59 16.38
N LYS SB 22 84.44 -34.42 15.33
CA LYS SB 22 84.53 -33.12 14.68
C LYS SB 22 83.18 -32.79 14.09
N ARG SB 23 82.49 -31.84 14.69
CA ARG SB 23 81.11 -31.55 14.33
C ARG SB 23 80.91 -30.05 14.19
N SER SB 24 80.13 -29.67 13.19
CA SER SB 24 79.59 -28.32 13.14
C SER SB 24 78.33 -28.30 13.98
N LYS SB 25 77.61 -27.18 13.96
CA LYS SB 25 76.40 -27.12 14.77
C LYS SB 25 75.33 -28.09 14.27
N SER SB 26 75.39 -28.52 13.01
CA SER SB 26 74.37 -29.42 12.50
C SER SB 26 74.93 -30.56 11.66
N ASN SB 27 76.21 -30.87 11.78
CA ASN SB 27 76.82 -31.97 11.04
C ASN SB 27 77.74 -32.73 11.99
N GLN SB 28 77.96 -34.01 11.68
CA GLN SB 28 79.08 -34.74 12.25
C GLN SB 28 79.96 -35.30 11.14
N TYR SB 29 81.25 -35.33 11.41
CA TYR SB 29 82.25 -35.86 10.49
C TYR SB 29 82.90 -37.01 11.23
N GLU SB 30 82.34 -38.20 11.03
CA GLU SB 30 82.76 -39.36 11.81
C GLU SB 30 84.17 -39.82 11.46
N THR SB 31 84.75 -39.31 10.38
CA THR SB 31 86.09 -39.74 9.99
C THR SB 31 87.10 -39.43 11.08
N ALA SB 32 86.97 -38.29 11.73
CA ALA SB 32 87.89 -37.85 12.77
C ALA SB 32 87.15 -37.70 14.09
N SER SB 33 87.72 -38.22 15.16
CA SER SB 33 87.15 -38.10 16.49
C SER SB 33 87.89 -37.04 17.28
N LEU SB 34 87.36 -36.71 18.45
CA LEU SB 34 87.96 -35.72 19.34
C LEU SB 34 88.39 -36.40 20.63
N VAL SB 35 89.60 -36.09 21.09
CA VAL SB 35 90.17 -36.77 22.24
C VAL SB 35 90.77 -35.75 23.20
N GLN SB 36 90.54 -35.95 24.49
CA GLN SB 36 91.19 -35.16 25.53
C GLN SB 36 92.25 -36.00 26.21
N ILE SB 37 93.51 -35.64 26.05
CA ILE SB 37 94.58 -36.34 26.75
C ILE SB 37 94.66 -35.82 28.18
N GLU SB 38 94.70 -36.74 29.14
CA GLU SB 38 94.78 -36.36 30.55
C GLU SB 38 96.11 -35.68 30.82
N GLY SB 39 96.05 -34.43 31.27
CA GLY SB 39 97.23 -33.69 31.62
C GLY SB 39 97.67 -32.65 30.62
N VAL SB 40 97.11 -32.65 29.43
CA VAL SB 40 97.45 -31.65 28.43
C VAL SB 40 96.39 -30.56 28.45
N ASN SB 41 96.84 -29.32 28.43
CA ASN SB 41 95.96 -28.20 28.66
C ASN SB 41 96.03 -27.14 27.57
N THR SB 42 96.92 -27.27 26.59
CA THR SB 42 97.18 -26.13 25.72
C THR SB 42 97.54 -26.63 24.33
N ARG SB 43 97.46 -25.72 23.36
CA ARG SB 43 97.63 -26.07 21.97
C ARG SB 43 99.06 -26.48 21.64
N GLU SB 44 100.05 -25.90 22.31
CA GLU SB 44 101.42 -26.29 21.98
C GLU SB 44 101.73 -27.70 22.42
N ASP SB 45 101.17 -28.13 23.55
CA ASP SB 45 101.57 -29.41 24.12
C ASP SB 45 101.05 -30.59 23.34
N VAL SB 46 99.88 -30.45 22.70
CA VAL SB 46 99.42 -31.52 21.83
C VAL SB 46 100.24 -31.64 20.56
N ALA SB 47 101.03 -30.62 20.22
CA ALA SB 47 101.96 -30.77 19.12
C ALA SB 47 102.99 -31.86 19.40
N TRP SB 48 103.22 -32.20 20.67
CA TRP SB 48 104.14 -33.28 20.98
C TRP SB 48 103.52 -34.62 20.67
N TYR SB 49 102.26 -34.81 21.08
CA TYR SB 49 101.52 -36.05 20.83
C TYR SB 49 101.06 -36.20 19.40
N GLY SB 50 101.12 -35.13 18.60
CA GLY SB 50 100.74 -35.29 17.21
C GLY SB 50 101.59 -36.36 16.59
N GLY SB 51 100.98 -37.53 16.32
CA GLY SB 51 101.67 -38.67 15.76
C GLY SB 51 101.63 -39.90 16.65
N LYS SB 52 101.67 -39.70 17.96
CA LYS SB 52 101.72 -40.82 18.88
C LYS SB 52 100.39 -41.56 18.86
N ARG SB 53 100.43 -42.84 18.51
CA ARG SB 53 99.21 -43.59 18.27
C ARG SB 53 98.47 -43.90 19.56
N MET SB 54 97.16 -44.03 19.43
CA MET SB 54 96.27 -44.39 20.52
C MET SB 54 95.51 -45.65 20.18
N ALA SB 55 94.83 -46.17 21.19
CA ALA SB 55 94.08 -47.40 21.09
C ALA SB 55 92.77 -47.23 21.84
N TYR SB 56 91.66 -47.46 21.16
CA TYR SB 56 90.38 -47.67 21.81
C TYR SB 56 90.29 -49.14 22.14
N VAL SB 57 90.33 -49.47 23.43
CA VAL SB 57 90.25 -50.86 23.88
C VAL SB 57 88.89 -51.07 24.52
N TYR SB 58 88.02 -51.81 23.83
CA TYR SB 58 86.71 -52.16 24.36
C TYR SB 58 86.64 -53.68 24.43
N LYS SB 59 85.47 -54.19 24.72
CA LYS SB 59 85.35 -55.63 24.84
C LYS SB 59 83.93 -56.08 24.56
N ALA SB 60 83.81 -57.03 23.64
CA ALA SB 60 82.54 -57.43 23.06
C ALA SB 60 81.90 -58.52 23.90
N LYS SB 61 80.88 -59.17 23.34
CA LYS SB 61 80.14 -60.20 24.05
C LYS SB 61 80.63 -61.60 23.72
N THR SB 62 81.07 -61.85 22.50
CA THR SB 62 81.58 -63.15 22.11
C THR SB 62 83.08 -63.17 22.25
N LYS SB 63 83.61 -64.32 22.62
CA LYS SB 63 85.04 -64.48 22.78
C LYS SB 63 85.65 -64.90 21.45
N SER SB 64 86.65 -64.14 21.00
CA SER SB 64 87.32 -64.38 19.73
C SER SB 64 88.81 -64.29 19.96
N ASN SB 65 89.55 -65.26 19.44
CA ASN SB 65 90.98 -65.39 19.73
C ASN SB 65 91.21 -65.48 21.24
N GLY SB 66 90.26 -66.08 21.94
CA GLY SB 66 90.42 -66.37 23.35
C GLY SB 66 90.14 -65.23 24.29
N THR SB 67 89.73 -64.07 23.77
CA THR SB 67 89.53 -62.90 24.63
C THR SB 67 88.32 -62.12 24.18
N HIS SB 68 87.64 -61.51 25.16
CA HIS SB 68 86.61 -60.52 24.87
C HIS SB 68 87.18 -59.17 24.49
N TYR SB 69 88.40 -58.86 24.92
CA TYR SB 69 88.97 -57.55 24.70
C TYR SB 69 89.13 -57.28 23.21
N ARG SB 70 88.93 -56.02 22.81
CA ARG SB 70 89.12 -55.61 21.44
C ARG SB 70 89.99 -54.37 21.42
N CYS SB 71 90.58 -54.09 20.27
CA CYS SB 71 91.39 -52.90 20.11
C CYS SB 71 91.17 -52.31 18.74
N ILE SB 72 90.82 -51.03 18.69
CA ILE SB 72 90.83 -50.26 17.45
C ILE SB 72 91.94 -49.23 17.56
N TRP SB 73 92.69 -49.07 16.47
CA TRP SB 73 93.95 -48.35 16.47
C TRP SB 73 93.78 -46.99 15.80
N GLY SB 74 94.53 -46.00 16.29
CA GLY SB 74 94.45 -44.67 15.73
C GLY SB 74 95.58 -43.81 16.25
N LYS SB 75 95.67 -42.60 15.70
CA LYS SB 75 96.75 -41.71 16.09
C LYS SB 75 96.25 -40.27 16.12
N VAL SB 76 97.00 -39.44 16.84
CA VAL SB 76 96.70 -38.03 17.04
C VAL SB 76 97.13 -37.27 15.79
N SER SB 77 96.17 -36.78 15.02
CA SER SB 77 96.52 -36.08 13.78
C SER SB 77 97.00 -34.67 14.06
N ARG SB 78 96.16 -33.84 14.67
CA ARG SB 78 96.46 -32.43 14.80
C ARG SB 78 95.70 -31.88 15.98
N PRO SB 79 96.13 -30.75 16.54
CA PRO SB 79 95.36 -30.12 17.61
C PRO SB 79 93.99 -29.66 17.14
N HIS SB 80 93.08 -29.56 18.09
CA HIS SB 80 91.71 -29.11 17.83
C HIS SB 80 91.34 -28.11 18.92
N GLY SB 81 91.67 -26.85 18.69
CA GLY SB 81 91.33 -25.82 19.65
C GLY SB 81 92.47 -25.46 20.55
N ASN SB 82 92.23 -24.45 21.37
CA ASN SB 82 93.24 -23.86 22.22
C ASN SB 82 93.41 -24.57 23.55
N THR SB 83 92.64 -25.61 23.82
CA THR SB 83 92.65 -26.25 25.12
C THR SB 83 93.03 -27.72 25.05
N GLY SB 84 94.03 -28.03 24.26
CA GLY SB 84 94.62 -29.35 24.35
C GLY SB 84 93.77 -30.49 23.87
N VAL SB 85 92.66 -30.22 23.22
CA VAL SB 85 91.89 -31.27 22.59
C VAL SB 85 92.59 -31.63 21.28
N VAL SB 86 92.58 -32.91 20.91
CA VAL SB 86 93.18 -33.32 19.66
C VAL SB 86 92.13 -33.95 18.78
N ARG SB 87 92.43 -33.97 17.48
CA ARG SB 87 91.69 -34.80 16.53
C ARG SB 87 92.43 -36.11 16.39
N ALA SB 88 91.68 -37.20 16.44
CA ALA SB 88 92.24 -38.53 16.35
C ALA SB 88 91.67 -39.22 15.12
N LYS SB 89 92.53 -39.92 14.40
CA LYS SB 89 92.15 -40.65 13.22
C LYS SB 89 92.30 -42.13 13.53
N PHE SB 90 91.25 -42.90 13.32
CA PHE SB 90 91.26 -44.33 13.58
C PHE SB 90 91.12 -45.14 12.31
N THR SB 91 91.52 -46.41 12.41
CA THR SB 91 91.44 -47.29 11.26
C THR SB 91 89.99 -47.46 10.79
N SER SB 92 89.07 -47.66 11.72
CA SER SB 92 87.64 -47.68 11.42
C SER SB 92 86.92 -46.83 12.45
N ASN SB 93 85.98 -46.04 11.98
CA ASN SB 93 85.36 -45.00 12.80
C ASN SB 93 84.77 -45.58 14.06
N LEU SB 94 84.90 -44.84 15.16
CA LEU SB 94 84.45 -45.34 16.44
C LEU SB 94 82.93 -45.44 16.51
N PRO SB 95 82.41 -46.27 17.40
CA PRO SB 95 80.99 -46.22 17.70
C PRO SB 95 80.66 -44.88 18.33
N ALA SB 96 79.43 -44.43 18.13
CA ALA SB 96 79.00 -43.23 18.84
C ALA SB 96 78.92 -43.48 20.34
N GLU SB 97 78.79 -44.73 20.77
CA GLU SB 97 78.77 -45.03 22.19
C GLU SB 97 80.13 -44.85 22.83
N ALA SB 98 81.19 -44.73 22.04
CA ALA SB 98 82.53 -44.64 22.60
C ALA SB 98 82.80 -43.32 23.29
N MET SB 99 82.03 -42.28 22.98
CA MET SB 99 82.31 -40.97 23.54
C MET SB 99 82.00 -40.97 25.02
N GLY SB 100 82.97 -40.53 25.82
CA GLY SB 100 82.92 -40.63 27.26
C GLY SB 100 83.82 -41.71 27.82
N LYS SB 101 84.26 -42.66 27.00
CA LYS SB 101 85.09 -43.75 27.47
C LYS SB 101 86.57 -43.43 27.33
N LYS SB 102 87.38 -44.26 27.98
CA LYS SB 102 88.82 -44.09 28.04
C LYS SB 102 89.49 -44.62 26.79
N VAL SB 103 90.63 -44.04 26.47
CA VAL SB 103 91.45 -44.40 25.32
C VAL SB 103 92.90 -44.33 25.78
N ARG SB 104 93.72 -45.25 25.28
CA ARG SB 104 95.13 -45.32 25.67
C ARG SB 104 95.93 -44.57 24.61
N VAL SB 105 96.84 -43.70 25.01
CA VAL SB 105 97.64 -42.97 24.04
C VAL SB 105 99.09 -43.29 24.34
N PHE SB 106 99.71 -44.14 23.52
CA PHE SB 106 101.06 -44.59 23.81
C PHE SB 106 102.05 -43.53 23.32
N MET SB 107 103.33 -43.88 23.32
CA MET SB 107 104.35 -43.01 22.74
C MET SB 107 105.13 -43.72 21.63
N TYR SB 108 104.49 -44.60 20.88
CA TYR SB 108 105.31 -45.44 20.01
C TYR SB 108 106.07 -44.59 18.99
N PRO SB 109 105.43 -43.88 18.06
CA PRO SB 109 106.24 -43.12 17.09
C PRO SB 109 106.91 -41.94 17.78
N SER SB 110 107.97 -42.20 18.54
CA SER SB 110 108.48 -41.22 19.48
C SER SB 110 109.56 -40.34 18.85
N SER SB 111 110.14 -39.48 19.68
CA SER SB 111 111.24 -38.60 19.31
C SER SB 111 111.77 -37.84 20.54
N PRO TB 2 -40.34 -87.94 0.72
CA PRO TB 2 -40.90 -86.61 0.62
C PRO TB 2 -42.37 -86.56 0.23
N LYS TB 3 -43.01 -87.71 0.07
CA LYS TB 3 -44.46 -87.75 -0.07
C LYS TB 3 -45.03 -88.68 1.00
N GLN TB 4 -46.06 -88.20 1.69
CA GLN TB 4 -46.77 -89.04 2.64
C GLN TB 4 -48.12 -89.40 2.05
N ILE TB 5 -48.36 -90.68 1.90
CA ILE TB 5 -49.61 -91.22 1.42
C ILE TB 5 -50.49 -91.49 2.62
N HIS TB 6 -51.77 -91.12 2.53
CA HIS TB 6 -52.63 -91.18 3.70
C HIS TB 6 -53.61 -92.34 3.70
N GLU TB 7 -53.93 -92.93 2.56
CA GLU TB 7 -54.81 -94.08 2.51
C GLU TB 7 -54.05 -95.32 2.06
N ILE TB 8 -54.47 -96.47 2.60
CA ILE TB 8 -53.73 -97.71 2.41
C ILE TB 8 -53.75 -98.16 0.96
N LYS TB 9 -54.92 -98.07 0.32
CA LYS TB 9 -55.06 -98.62 -1.02
C LYS TB 9 -54.18 -97.87 -2.01
N ASP TB 10 -53.96 -96.58 -1.78
CA ASP TB 10 -53.13 -95.80 -2.70
C ASP TB 10 -51.67 -96.24 -2.61
N PHE TB 11 -51.19 -96.54 -1.40
CA PHE TB 11 -49.84 -97.08 -1.27
C PHE TB 11 -49.75 -98.48 -1.87
N LEU TB 12 -50.78 -99.29 -1.69
CA LEU TB 12 -50.76 -100.61 -2.32
C LEU TB 12 -50.68 -100.48 -3.83
N LEU TB 13 -51.37 -99.49 -4.40
CA LEU TB 13 -51.28 -99.23 -5.83
C LEU TB 13 -49.89 -98.73 -6.21
N THR TB 14 -49.32 -97.82 -5.41
CA THR TB 14 -48.02 -97.24 -5.69
C THR TB 14 -46.89 -98.24 -5.50
N ALA TB 15 -47.15 -99.35 -4.81
CA ALA TB 15 -46.18 -100.43 -4.76
C ALA TB 15 -46.44 -101.51 -5.80
N ARG TB 16 -47.68 -101.70 -6.24
CA ARG TB 16 -47.95 -102.62 -7.34
C ARG TB 16 -47.69 -101.94 -8.68
N ARG TB 17 -46.51 -101.35 -8.83
CA ARG TB 17 -46.10 -100.73 -10.08
C ARG TB 17 -44.63 -101.05 -10.30
N LYS TB 18 -44.19 -100.86 -11.53
CA LYS TB 18 -42.78 -101.06 -11.83
C LYS TB 18 -41.97 -100.02 -11.09
N ASP TB 19 -40.64 -100.11 -11.19
CA ASP TB 19 -39.77 -99.00 -10.84
C ASP TB 19 -39.70 -98.83 -9.32
N ALA TB 20 -40.50 -99.59 -8.59
CA ALA TB 20 -40.42 -99.56 -7.13
C ALA TB 20 -39.20 -100.36 -6.69
N ARG TB 21 -38.16 -99.69 -6.23
CA ARG TB 21 -36.93 -100.41 -5.89
C ARG TB 21 -37.05 -101.17 -4.57
N SER TB 22 -37.71 -100.61 -3.57
CA SER TB 22 -37.75 -101.30 -2.30
C SER TB 22 -38.89 -100.77 -1.45
N VAL TB 23 -39.18 -101.53 -0.38
CA VAL TB 23 -40.13 -101.13 0.65
C VAL TB 23 -39.44 -101.30 1.99
N ARG TB 24 -39.09 -100.19 2.61
CA ARG TB 24 -38.59 -100.18 3.98
C ARG TB 24 -39.77 -100.10 4.94
N ILE TB 25 -39.62 -100.74 6.09
CA ILE TB 25 -40.66 -100.76 7.13
C ILE TB 25 -40.01 -100.47 8.46
N LYS TB 26 -40.45 -99.40 9.12
CA LYS TB 26 -39.86 -98.95 10.36
C LYS TB 26 -40.90 -99.06 11.46
N ARG TB 27 -40.66 -99.95 12.43
CA ARG TB 27 -41.51 -100.04 13.60
C ARG TB 27 -41.12 -98.98 14.62
N THR TB 28 -42.02 -98.04 14.88
CA THR TB 28 -41.75 -96.94 15.80
C THR TB 28 -42.82 -96.89 16.90
N LYS TB 29 -42.80 -95.82 17.68
CA LYS TB 29 -43.72 -95.68 18.82
C LYS TB 29 -45.11 -95.32 18.33
N ASP TB 30 -46.09 -96.19 18.60
CA ASP TB 30 -47.48 -96.01 18.18
C ASP TB 30 -47.65 -95.96 16.67
N ALA TB 31 -46.58 -96.17 15.90
CA ALA TB 31 -46.67 -96.09 14.46
C ALA TB 31 -45.81 -97.17 13.83
N VAL TB 32 -46.21 -97.56 12.63
CA VAL TB 32 -45.36 -98.32 11.72
C VAL TB 32 -45.32 -97.56 10.41
N LYS TB 33 -44.13 -97.35 9.87
CA LYS TB 33 -43.96 -96.45 8.74
C LYS TB 33 -43.50 -97.26 7.53
N PHE TB 34 -44.26 -97.15 6.45
CA PHE TB 34 -44.06 -97.96 5.25
C PHE TB 34 -43.56 -97.02 4.17
N LYS TB 35 -42.26 -97.07 3.89
CA LYS TB 35 -41.63 -96.18 2.93
C LYS TB 35 -41.30 -96.97 1.67
N VAL TB 36 -41.98 -96.68 0.59
CA VAL TB 36 -41.68 -97.27 -0.70
C VAL TB 36 -40.81 -96.30 -1.48
N ARG TB 37 -39.75 -96.82 -2.09
CA ARG TB 37 -38.75 -96.04 -2.80
C ARG TB 37 -38.97 -96.18 -4.30
N CYS TB 38 -39.64 -95.20 -4.90
CA CYS TB 38 -39.86 -95.20 -6.33
C CYS TB 38 -38.73 -94.41 -7.00
N SER TB 39 -38.92 -94.07 -8.28
CA SER TB 39 -37.87 -93.36 -9.01
C SER TB 39 -37.60 -91.99 -8.41
N ARG TB 40 -38.59 -91.10 -8.45
CA ARG TB 40 -38.37 -89.76 -7.91
C ARG TB 40 -38.62 -89.72 -6.40
N TYR TB 41 -39.74 -90.25 -5.95
CA TYR TB 41 -40.22 -89.93 -4.63
C TYR TB 41 -40.16 -91.14 -3.69
N LEU TB 42 -39.92 -90.84 -2.42
CA LEU TB 42 -40.10 -91.76 -1.33
C LEU TB 42 -41.49 -91.49 -0.76
N TYR TB 43 -42.38 -92.48 -0.89
CA TYR TB 43 -43.72 -92.38 -0.36
C TYR TB 43 -43.79 -93.11 0.96
N THR TB 44 -44.62 -92.61 1.88
CA THR TB 44 -44.62 -93.15 3.24
C THR TB 44 -46.03 -93.19 3.82
N LEU TB 45 -46.34 -94.30 4.48
CA LEU TB 45 -47.58 -94.45 5.24
C LEU TB 45 -47.27 -94.55 6.72
N CYS TB 46 -48.01 -93.81 7.53
CA CYS TB 46 -48.00 -93.98 8.98
C CYS TB 46 -49.25 -94.77 9.36
N VAL TB 47 -49.05 -96.01 9.81
CA VAL TB 47 -50.14 -96.93 10.09
C VAL TB 47 -50.13 -97.24 11.58
N PHE TB 48 -51.33 -97.48 12.13
CA PHE TB 48 -51.50 -97.54 13.57
C PHE TB 48 -52.02 -98.88 14.09
N ASP TB 49 -53.00 -99.49 13.43
CA ASP TB 49 -53.44 -100.81 13.86
C ASP TB 49 -52.33 -101.82 13.62
N ALA TB 50 -52.02 -102.63 14.63
CA ALA TB 50 -51.05 -103.70 14.43
C ALA TB 50 -51.57 -104.72 13.43
N ASP TB 51 -52.84 -105.10 13.54
CA ASP TB 51 -53.41 -106.07 12.61
C ASP TB 51 -53.42 -105.51 11.19
N LYS TB 52 -53.77 -104.23 11.03
CA LYS TB 52 -53.74 -103.62 9.72
C LYS TB 52 -52.33 -103.48 9.19
N ALA TB 53 -51.36 -103.25 10.08
CA ALA TB 53 -49.97 -103.25 9.67
C ALA TB 53 -49.55 -104.60 9.12
N ASN TB 54 -49.91 -105.67 9.81
CA ASN TB 54 -49.58 -107.01 9.33
C ASN TB 54 -50.35 -107.34 8.06
N LYS TB 55 -51.57 -106.82 7.93
CA LYS TB 55 -52.38 -107.04 6.73
C LYS TB 55 -51.71 -106.39 5.52
N LEU TB 56 -51.22 -105.17 5.67
CA LEU TB 56 -50.49 -104.58 4.55
C LEU TB 56 -49.19 -105.34 4.31
N LYS TB 57 -48.53 -105.76 5.40
CA LYS TB 57 -47.32 -106.56 5.29
C LYS TB 57 -47.53 -107.75 4.36
N GLN TB 58 -48.61 -108.50 4.58
CA GLN TB 58 -48.88 -109.61 3.66
C GLN TB 58 -49.24 -109.08 2.28
N SER TB 59 -50.01 -107.99 2.21
CA SER TB 59 -50.53 -107.56 0.92
C SER TB 59 -49.47 -106.91 0.02
N LEU TB 60 -48.23 -106.78 0.47
CA LEU TB 60 -47.19 -106.30 -0.44
C LEU TB 60 -46.97 -107.26 -1.60
N PRO TB 61 -46.68 -106.74 -2.78
CA PRO TB 61 -46.59 -107.57 -3.99
C PRO TB 61 -45.44 -108.56 -3.91
N PRO TB 62 -45.62 -109.74 -4.51
CA PRO TB 62 -44.49 -110.65 -4.73
C PRO TB 62 -43.38 -109.98 -5.52
N GLY TB 63 -42.13 -110.26 -5.13
CA GLY TB 63 -41.00 -109.82 -5.91
C GLY TB 63 -40.31 -108.57 -5.38
N LEU TB 64 -41.12 -107.62 -4.92
CA LEU TB 64 -40.59 -106.39 -4.35
C LEU TB 64 -39.76 -106.66 -3.11
N SER TB 65 -38.55 -106.11 -3.07
CA SER TB 65 -37.71 -106.27 -1.89
C SER TB 65 -38.36 -105.59 -0.70
N VAL TB 66 -38.93 -106.39 0.19
CA VAL TB 66 -39.56 -105.87 1.40
C VAL TB 66 -38.48 -105.91 2.48
N GLN TB 67 -37.66 -104.88 2.51
CA GLN TB 67 -36.63 -104.81 3.53
C GLN TB 67 -37.31 -104.50 4.87
N GLU TB 68 -36.68 -104.94 5.95
CA GLU TB 68 -37.41 -105.10 7.21
C GLU TB 68 -36.96 -104.13 8.29
N VAL TB 69 -36.22 -103.08 7.93
CA VAL TB 69 -35.95 -101.96 8.84
C VAL TB 69 -35.32 -100.77 8.12
N ALA UB 2 44.16 -10.94 -8.84
CA ALA UB 2 42.81 -10.84 -9.36
C ALA UB 2 42.70 -9.68 -10.33
N LYS UB 3 43.57 -8.69 -10.18
CA LYS UB 3 43.61 -7.55 -11.07
C LYS UB 3 44.16 -8.04 -12.40
N SER UB 4 43.29 -8.17 -13.40
CA SER UB 4 43.67 -8.83 -14.65
C SER UB 4 44.77 -8.09 -15.40
N LYS UB 5 45.00 -6.82 -15.10
CA LYS UB 5 45.96 -6.01 -15.83
C LYS UB 5 47.33 -6.12 -15.16
N ASN UB 6 48.31 -6.63 -15.89
CA ASN UB 6 49.68 -6.72 -15.42
C ASN UB 6 50.61 -6.18 -16.49
N HIS UB 7 51.68 -5.54 -16.05
CA HIS UB 7 52.67 -4.94 -16.95
C HIS UB 7 53.93 -4.67 -16.18
N THR UB 8 55.02 -5.34 -16.53
CA THR UB 8 56.31 -5.08 -15.90
C THR UB 8 57.40 -5.07 -16.95
N ALA UB 9 58.44 -4.30 -16.66
CA ALA UB 9 59.69 -4.40 -17.39
C ALA UB 9 60.68 -5.25 -16.64
N HIS UB 10 60.25 -5.87 -15.55
CA HIS UB 10 61.09 -6.81 -14.83
C HIS UB 10 61.52 -7.95 -15.74
N ASN UB 11 62.76 -8.36 -15.61
CA ASN UB 11 63.35 -9.50 -16.30
C ASN UB 11 63.53 -9.24 -17.79
N GLN UB 12 63.08 -8.10 -18.29
CA GLN UB 12 63.10 -7.88 -19.73
C GLN UB 12 64.50 -7.63 -20.27
N SER UB 13 65.32 -6.90 -19.52
CA SER UB 13 66.69 -6.75 -19.95
C SER UB 13 67.45 -8.06 -19.79
N TYR UB 14 67.11 -8.84 -18.76
CA TYR UB 14 67.77 -10.12 -18.58
C TYR UB 14 67.49 -11.03 -19.77
N LYS UB 15 66.25 -11.09 -20.25
CA LYS UB 15 65.99 -11.88 -21.44
C LYS UB 15 66.64 -11.26 -22.66
N ALA UB 16 66.66 -9.93 -22.76
CA ALA UB 16 67.22 -9.29 -23.94
C ALA UB 16 68.71 -9.61 -24.09
N HIS UB 17 69.45 -9.56 -22.99
CA HIS UB 17 70.90 -9.63 -23.07
C HIS UB 17 71.45 -11.05 -23.04
N ARG UB 18 70.61 -12.07 -22.99
CA ARG UB 18 71.12 -13.43 -22.94
C ARG UB 18 71.25 -14.07 -24.31
N ASN UB 19 70.54 -13.57 -25.32
CA ASN UB 19 70.95 -13.74 -26.70
C ASN UB 19 71.61 -12.48 -27.25
N GLY UB 20 72.17 -11.67 -26.37
CA GLY UB 20 72.85 -10.46 -26.75
C GLY UB 20 71.92 -9.41 -27.31
N ILE UB 21 72.42 -8.19 -27.45
CA ILE UB 21 71.75 -7.16 -28.23
C ILE UB 21 72.29 -7.29 -29.65
N LYS UB 22 71.57 -8.04 -30.48
CA LYS UB 22 72.05 -8.40 -31.79
C LYS UB 22 72.18 -7.20 -32.70
N LYS UB 23 73.39 -6.76 -32.94
CA LYS UB 23 73.58 -5.77 -33.99
C LYS UB 23 73.62 -6.48 -35.34
N PRO UB 24 72.87 -5.98 -36.32
CA PRO UB 24 72.98 -6.54 -37.67
C PRO UB 24 74.35 -6.28 -38.26
N LYS UB 25 74.81 -7.23 -39.07
CA LYS UB 25 76.16 -7.19 -39.62
C LYS UB 25 76.38 -5.92 -40.43
N ARG UB 26 77.48 -5.24 -40.13
CA ARG UB 26 77.90 -4.14 -40.98
C ARG UB 26 78.26 -4.67 -42.37
N GLN UB 27 77.73 -4.01 -43.39
CA GLN UB 27 77.82 -4.50 -44.76
C GLN UB 27 78.61 -3.52 -45.60
N ARG UB 28 79.56 -4.02 -46.37
CA ARG UB 28 80.07 -3.28 -47.50
C ARG UB 28 78.96 -3.13 -48.53
N GLN UB 29 78.95 -2.01 -49.25
CA GLN UB 29 77.82 -1.65 -50.11
C GLN UB 29 76.51 -1.61 -49.32
N ALA UB 30 76.43 -0.62 -48.42
CA ALA UB 30 75.19 -0.38 -47.72
C ALA UB 30 74.06 -0.11 -48.72
N SER UB 31 72.87 -0.60 -48.39
CA SER UB 31 71.80 -0.68 -49.38
C SER UB 31 71.31 0.69 -49.80
N THR UB 32 70.91 0.80 -51.06
CA THR UB 32 70.42 2.03 -51.65
C THR UB 32 68.90 2.09 -51.74
N LYS UB 33 68.19 1.15 -51.12
CA LYS UB 33 66.74 1.19 -51.15
C LYS UB 33 66.22 2.44 -50.47
N GLY UB 34 65.41 3.21 -51.18
CA GLY UB 34 64.79 4.39 -50.63
C GLY UB 34 65.54 5.67 -50.83
N MET UB 35 66.78 5.62 -51.33
CA MET UB 35 67.51 6.84 -51.62
C MET UB 35 66.81 7.63 -52.70
N ASP UB 36 67.31 8.82 -52.97
CA ASP UB 36 66.65 9.72 -53.89
C ASP UB 36 66.63 9.09 -55.28
N PRO UB 37 65.47 8.78 -55.84
CA PRO UB 37 65.44 8.13 -57.16
C PRO UB 37 66.03 8.99 -58.26
N LYS UB 38 66.03 10.31 -58.12
CA LYS UB 38 66.76 11.14 -59.07
C LYS UB 38 68.24 10.79 -59.09
N PHE UB 39 68.82 10.57 -57.91
CA PHE UB 39 70.22 10.17 -57.85
C PHE UB 39 70.40 8.73 -58.32
N LEU UB 40 69.45 7.86 -57.99
CA LEU UB 40 69.63 6.44 -58.32
C LEU UB 40 69.50 6.18 -59.82
N ARG UB 41 68.56 6.82 -60.49
CA ARG UB 41 68.48 6.69 -61.94
C ARG UB 41 69.82 7.04 -62.57
N ASN UB 42 70.38 8.18 -62.19
CA ASN UB 42 71.65 8.61 -62.76
C ASN UB 42 72.76 7.62 -62.46
N LEU UB 43 72.82 7.12 -61.24
CA LEU UB 43 73.86 6.15 -60.92
C LEU UB 43 73.71 4.90 -61.76
N ARG UB 44 72.48 4.45 -62.00
CA ARG UB 44 72.26 3.27 -62.83
C ARG UB 44 72.66 3.52 -64.27
N TYR UB 45 72.38 4.71 -64.79
CA TYR UB 45 72.80 5.02 -66.16
C TYR UB 45 74.31 5.08 -66.27
N SER UB 46 74.96 5.67 -65.26
CA SER UB 46 76.40 5.79 -65.28
C SER UB 46 77.06 4.42 -65.23
N ARG UB 47 76.55 3.52 -64.40
CA ARG UB 47 77.07 2.17 -64.42
C ARG UB 47 76.72 1.46 -65.72
N LYS UB 48 75.63 1.85 -66.37
CA LYS UB 48 75.30 1.25 -67.65
C LYS UB 48 76.36 1.58 -68.69
N HIS UB 49 76.83 2.83 -68.72
CA HIS UB 49 77.70 3.26 -69.81
C HIS UB 49 79.17 3.29 -69.46
N ASN UB 50 79.62 2.46 -68.52
CA ASN UB 50 81.05 2.35 -68.32
C ASN UB 50 81.71 1.66 -69.51
N VAL UB 51 83.03 1.74 -69.54
CA VAL UB 51 83.79 1.15 -70.63
C VAL UB 51 84.38 -0.17 -70.18
N VAL VB 2 -19.61 -68.79 20.75
CA VAL VB 2 -20.95 -69.20 20.38
C VAL VB 2 -20.96 -69.75 18.97
N GLN VB 3 -19.83 -70.37 18.60
CA GLN VB 3 -19.69 -71.10 17.35
C GLN VB 3 -19.95 -70.18 16.15
N ARG VB 4 -18.98 -69.29 15.95
CA ARG VB 4 -18.93 -68.39 14.81
C ARG VB 4 -19.03 -69.14 13.49
N LEU VB 5 -19.35 -68.44 12.41
CA LEU VB 5 -19.71 -69.06 11.15
C LEU VB 5 -18.78 -68.61 10.04
N THR VB 6 -18.92 -69.27 8.90
CA THR VB 6 -18.15 -68.99 7.70
C THR VB 6 -19.07 -69.17 6.49
N TYR VB 7 -18.70 -68.51 5.40
CA TYR VB 7 -19.40 -68.73 4.15
C TYR VB 7 -19.18 -70.15 3.66
N ARG VB 8 -20.17 -70.70 3.00
CA ARG VB 8 -20.07 -71.99 2.37
C ARG VB 8 -19.63 -71.88 0.92
N LYS VB 9 -19.36 -70.68 0.43
CA LYS VB 9 -18.92 -70.47 -0.93
C LYS VB 9 -17.63 -69.69 -0.94
N ARG VB 10 -17.19 -69.25 -2.12
CA ARG VB 10 -16.02 -68.40 -2.25
C ARG VB 10 -16.38 -66.95 -2.51
N HIS VB 11 -17.65 -66.59 -2.43
CA HIS VB 11 -18.07 -65.20 -2.60
C HIS VB 11 -17.89 -64.54 -1.25
N SER VB 12 -16.72 -63.96 -1.04
CA SER VB 12 -16.33 -63.49 0.28
C SER VB 12 -16.90 -62.12 0.62
N TYR VB 13 -17.64 -61.48 -0.27
CA TYR VB 13 -18.14 -60.14 -0.05
C TYR VB 13 -19.66 -60.16 0.13
N ALA VB 14 -20.16 -59.25 0.96
CA ALA VB 14 -21.54 -59.31 1.45
C ALA VB 14 -22.48 -58.49 0.56
N THR VB 15 -22.55 -58.88 -0.71
CA THR VB 15 -23.37 -58.16 -1.67
C THR VB 15 -24.82 -58.61 -1.58
N LYS VB 16 -25.66 -58.07 -2.48
CA LYS VB 16 -27.08 -58.39 -2.45
C LYS VB 16 -27.35 -59.85 -2.80
N SER VB 17 -26.64 -60.39 -3.78
CA SER VB 17 -26.86 -61.76 -4.21
C SER VB 17 -26.44 -62.77 -3.15
N ASN VB 18 -25.75 -62.32 -2.12
CA ASN VB 18 -25.08 -63.20 -1.17
C ASN VB 18 -25.85 -63.20 0.16
N GLN VB 19 -27.17 -63.30 0.06
CA GLN VB 19 -28.00 -63.28 1.25
C GLN VB 19 -27.89 -64.60 2.02
N THR VB 20 -27.65 -64.50 3.32
CA THR VB 20 -27.35 -65.64 4.17
C THR VB 20 -28.40 -65.79 5.26
N ARG VB 21 -28.81 -67.03 5.50
CA ARG VB 21 -29.75 -67.39 6.55
C ARG VB 21 -29.10 -68.39 7.50
N VAL VB 22 -29.15 -68.11 8.79
CA VAL VB 22 -28.55 -69.02 9.76
C VAL VB 22 -29.53 -70.14 10.06
N VAL VB 23 -29.07 -71.38 9.96
CA VAL VB 23 -29.89 -72.52 10.35
C VAL VB 23 -29.09 -73.38 11.31
N LYS VB 24 -29.81 -74.17 12.10
CA LYS VB 24 -29.23 -75.14 13.01
C LYS VB 24 -29.58 -76.53 12.50
N THR VB 25 -28.58 -77.33 12.26
CA THR VB 25 -28.70 -78.59 11.52
C THR VB 25 -28.90 -79.77 12.47
N PRO VB 26 -29.34 -80.90 11.93
CA PRO VB 26 -29.42 -82.12 12.75
C PRO VB 26 -28.13 -82.52 13.40
N GLY VB 27 -27.01 -81.93 13.03
CA GLY VB 27 -25.76 -82.19 13.70
C GLY VB 27 -25.51 -81.32 14.90
N GLY VB 28 -26.47 -80.49 15.28
CA GLY VB 28 -26.27 -79.59 16.40
C GLY VB 28 -25.34 -78.44 16.10
N LYS VB 29 -25.13 -78.14 14.83
CA LYS VB 29 -24.13 -77.18 14.40
C LYS VB 29 -24.79 -76.12 13.52
N LEU VB 30 -24.51 -74.86 13.80
CA LEU VB 30 -25.05 -73.77 13.00
C LEU VB 30 -24.31 -73.69 11.68
N VAL VB 31 -25.03 -73.32 10.62
CA VAL VB 31 -24.43 -73.07 9.32
C VAL VB 31 -25.23 -71.98 8.62
N TYR VB 32 -24.67 -71.50 7.51
CA TYR VB 32 -25.38 -70.65 6.58
C TYR VB 32 -26.12 -71.46 5.53
N GLN VB 33 -27.21 -70.90 5.07
CA GLN VB 33 -27.89 -71.29 3.85
C GLN VB 33 -27.93 -70.05 2.99
N TYR VB 34 -27.81 -70.19 1.68
CA TYR VB 34 -27.90 -69.03 0.81
C TYR VB 34 -29.31 -68.92 0.27
N THR VB 35 -29.93 -67.78 0.53
CA THR VB 35 -31.32 -67.56 0.16
C THR VB 35 -31.41 -66.90 -1.21
N LYS VB 36 -32.64 -66.75 -1.68
CA LYS VB 36 -32.90 -65.93 -2.83
C LYS VB 36 -33.06 -64.47 -2.39
N LYS VB 37 -32.74 -63.55 -3.28
CA LYS VB 37 -33.00 -62.16 -2.98
C LYS VB 37 -34.49 -61.89 -2.99
N ARG VB 38 -34.89 -60.80 -2.34
CA ARG VB 38 -36.29 -60.43 -2.32
C ARG VB 38 -36.73 -60.02 -3.73
N ALA VB 39 -37.89 -60.49 -4.16
CA ALA VB 39 -38.42 -60.14 -5.47
C ALA VB 39 -39.63 -59.24 -5.31
N SER VB 40 -39.78 -58.32 -6.26
CA SER VB 40 -40.90 -57.38 -6.19
C SER VB 40 -42.23 -58.10 -6.41
N GLY VB 41 -42.26 -59.07 -7.31
CA GLY VB 41 -43.50 -59.60 -7.80
C GLY VB 41 -44.00 -58.71 -8.92
N PRO VB 42 -45.07 -59.13 -9.59
CA PRO VB 42 -45.59 -58.33 -10.71
C PRO VB 42 -46.50 -57.22 -10.25
N LYS VB 43 -46.60 -56.19 -11.09
CA LYS VB 43 -47.38 -55.01 -10.80
C LYS VB 43 -48.20 -54.61 -12.02
N CYS VB 44 -49.32 -53.95 -11.76
CA CYS VB 44 -50.14 -53.41 -12.84
C CYS VB 44 -49.58 -52.08 -13.31
N PRO VB 45 -49.31 -51.91 -14.60
CA PRO VB 45 -48.77 -50.63 -15.07
C PRO VB 45 -49.72 -49.47 -14.82
N VAL VB 46 -51.02 -49.69 -14.96
CA VAL VB 46 -51.98 -48.58 -14.94
C VAL VB 46 -52.01 -47.91 -13.57
N THR VB 47 -52.16 -48.70 -12.52
CA THR VB 47 -52.32 -48.16 -11.18
C THR VB 47 -51.06 -48.27 -10.33
N GLY VB 48 -50.14 -49.17 -10.69
CA GLY VB 48 -48.96 -49.38 -9.88
C GLY VB 48 -49.16 -50.33 -8.72
N LYS VB 49 -50.38 -50.82 -8.52
CA LYS VB 49 -50.66 -51.74 -7.45
C LYS VB 49 -50.22 -53.16 -7.83
N LYS VB 50 -50.14 -54.01 -6.82
CA LYS VB 50 -49.78 -55.40 -7.01
C LYS VB 50 -50.85 -56.15 -7.81
N ILE VB 51 -50.42 -57.24 -8.44
CA ILE VB 51 -51.32 -58.20 -9.05
C ILE VB 51 -51.51 -59.33 -8.05
N GLN VB 52 -52.77 -59.60 -7.69
CA GLN VB 52 -53.04 -60.66 -6.73
C GLN VB 52 -53.03 -62.01 -7.41
N GLY VB 53 -52.75 -63.04 -6.63
CA GLY VB 53 -52.76 -64.39 -7.14
C GLY VB 53 -51.50 -64.81 -7.85
N ILE VB 54 -50.45 -64.01 -7.79
CA ILE VB 54 -49.17 -64.33 -8.40
C ILE VB 54 -48.10 -64.24 -7.33
N PRO VB 55 -47.47 -65.33 -6.93
CA PRO VB 55 -46.43 -65.25 -5.89
C PRO VB 55 -45.26 -64.40 -6.33
N HIS VB 56 -44.66 -63.71 -5.36
CA HIS VB 56 -43.56 -62.79 -5.61
C HIS VB 56 -42.27 -63.59 -5.63
N LEU VB 57 -41.89 -64.04 -6.82
CA LEU VB 57 -40.77 -64.94 -6.97
C LEU VB 57 -39.69 -64.31 -7.87
N ARG VB 58 -38.48 -64.82 -7.70
CA ARG VB 58 -37.38 -64.41 -8.53
C ARG VB 58 -37.62 -64.91 -9.96
N PRO VB 59 -37.42 -64.06 -10.98
CA PRO VB 59 -38.12 -64.28 -12.25
C PRO VB 59 -37.91 -65.64 -12.88
N THR VB 60 -36.72 -66.21 -12.77
CA THR VB 60 -36.46 -67.45 -13.48
C THR VB 60 -37.33 -68.60 -12.97
N GLU VB 61 -37.70 -68.57 -11.69
CA GLU VB 61 -38.49 -69.66 -11.14
C GLU VB 61 -39.98 -69.45 -11.31
N TYR VB 62 -40.37 -68.65 -12.29
CA TYR VB 62 -41.70 -68.69 -12.86
C TYR VB 62 -41.79 -69.64 -14.04
N LYS VB 63 -40.71 -70.36 -14.36
CA LYS VB 63 -40.69 -71.09 -15.61
C LYS VB 63 -41.80 -72.14 -15.62
N ARG VB 64 -42.35 -72.37 -16.82
CA ARG VB 64 -43.53 -73.23 -16.95
C ARG VB 64 -43.32 -74.56 -16.27
N SER VB 65 -42.13 -75.14 -16.41
CA SER VB 65 -41.84 -76.44 -15.82
C SER VB 65 -41.32 -76.31 -14.40
N ARG VB 66 -41.67 -75.23 -13.70
CA ARG VB 66 -41.35 -75.07 -12.28
C ARG VB 66 -42.51 -74.56 -11.43
N LEU VB 67 -43.50 -73.90 -12.03
CA LEU VB 67 -44.74 -73.55 -11.34
C LEU VB 67 -45.97 -74.08 -12.06
N SER VB 68 -47.01 -74.35 -11.28
CA SER VB 68 -48.28 -74.73 -11.84
C SER VB 68 -48.97 -73.53 -12.49
N ARG VB 69 -49.69 -73.81 -13.58
CA ARG VB 69 -50.28 -72.75 -14.38
C ARG VB 69 -51.30 -71.94 -13.59
N ASN VB 70 -52.10 -72.60 -12.76
CA ASN VB 70 -53.03 -71.89 -11.90
C ASN VB 70 -52.30 -70.97 -10.94
N ARG VB 71 -51.05 -71.29 -10.61
CA ARG VB 71 -50.25 -70.48 -9.73
C ARG VB 71 -49.52 -69.39 -10.50
N ARG VB 72 -49.51 -69.48 -11.83
CA ARG VB 72 -48.89 -68.46 -12.68
C ARG VB 72 -49.86 -67.50 -13.33
N THR VB 73 -51.15 -67.78 -13.33
CA THR VB 73 -52.10 -66.97 -14.07
C THR VB 73 -53.19 -66.45 -13.16
N VAL VB 74 -54.03 -65.58 -13.73
CA VAL VB 74 -55.29 -65.16 -13.13
C VAL VB 74 -56.35 -65.23 -14.23
N ASN VB 75 -57.45 -65.90 -13.93
CA ASN VB 75 -58.45 -66.25 -14.95
C ASN VB 75 -59.42 -65.10 -15.15
N ARG VB 76 -58.97 -64.10 -15.90
CA ARG VB 76 -59.84 -63.05 -16.42
C ARG VB 76 -59.22 -62.58 -17.71
N PRO VB 77 -59.92 -61.75 -18.48
CA PRO VB 77 -59.24 -61.00 -19.53
C PRO VB 77 -58.23 -60.03 -18.91
N TYR VB 78 -57.07 -59.94 -19.54
CA TYR VB 78 -55.98 -59.07 -19.12
C TYR VB 78 -55.42 -59.42 -17.77
N GLY VB 79 -55.80 -60.56 -17.21
CA GLY VB 79 -55.30 -60.94 -15.90
C GLY VB 79 -53.82 -61.26 -15.93
N GLY VB 80 -53.18 -61.10 -14.78
CA GLY VB 80 -51.75 -61.21 -14.70
C GLY VB 80 -51.00 -60.03 -15.25
N VAL VB 81 -51.65 -59.19 -16.05
CA VAL VB 81 -51.05 -57.99 -16.59
C VAL VB 81 -51.74 -56.74 -16.06
N LEU VB 82 -53.06 -56.76 -15.96
CA LEU VB 82 -53.84 -55.65 -15.42
C LEU VB 82 -54.73 -56.11 -14.28
N SER VB 83 -54.80 -55.28 -13.24
CA SER VB 83 -55.67 -55.56 -12.12
C SER VB 83 -57.13 -55.34 -12.52
N GLY VB 84 -58.02 -55.75 -11.62
CA GLY VB 84 -59.44 -55.65 -11.85
C GLY VB 84 -59.95 -54.24 -12.00
N PRO VB 85 -59.57 -53.34 -11.09
CA PRO VB 85 -59.99 -51.94 -11.23
C PRO VB 85 -59.52 -51.29 -12.52
N ALA VB 86 -58.40 -51.74 -13.09
CA ALA VB 86 -57.95 -51.17 -14.36
C ALA VB 86 -58.71 -51.78 -15.53
N VAL VB 87 -58.90 -53.11 -15.51
CA VAL VB 87 -59.58 -53.73 -16.62
C VAL VB 87 -61.03 -53.29 -16.67
N ARG VB 88 -61.65 -53.08 -15.52
CA ARG VB 88 -63.02 -52.59 -15.49
C ARG VB 88 -63.13 -51.24 -16.19
N GLU VB 89 -62.18 -50.35 -15.91
CA GLU VB 89 -62.21 -49.03 -16.52
C GLU VB 89 -61.92 -49.11 -18.00
N ARG VB 90 -61.03 -50.00 -18.42
CA ARG VB 90 -60.85 -50.16 -19.87
C ARG VB 90 -62.12 -50.64 -20.54
N ILE VB 91 -62.86 -51.56 -19.92
CA ILE VB 91 -64.11 -52.01 -20.50
C ILE VB 91 -65.07 -50.84 -20.64
N ILE VB 92 -65.22 -50.06 -19.58
CA ILE VB 92 -66.18 -48.96 -19.61
C ILE VB 92 -65.76 -47.92 -20.64
N ARG VB 93 -64.48 -47.57 -20.67
CA ARG VB 93 -64.00 -46.56 -21.61
C ARG VB 93 -64.15 -47.01 -23.05
N ALA VB 94 -63.81 -48.27 -23.33
CA ALA VB 94 -63.94 -48.79 -24.68
C ALA VB 94 -65.39 -48.80 -25.14
N PHE VB 95 -66.29 -49.29 -24.28
CA PHE VB 95 -67.71 -49.27 -24.62
C PHE VB 95 -68.20 -47.85 -24.88
N LEU VB 96 -67.94 -46.95 -23.95
CA LEU VB 96 -68.50 -45.60 -24.04
C LEU VB 96 -67.99 -44.89 -25.28
N VAL VB 97 -66.70 -45.02 -25.59
CA VAL VB 97 -66.16 -44.31 -26.74
C VAL VB 97 -66.66 -44.95 -28.03
N GLU VB 98 -66.79 -46.28 -28.04
CA GLU VB 98 -67.42 -46.93 -29.19
C GLU VB 98 -68.84 -46.39 -29.42
N GLU VB 99 -69.57 -46.13 -28.34
CA GLU VB 99 -70.89 -45.53 -28.48
C GLU VB 99 -70.80 -44.12 -29.04
N GLN VB 100 -69.82 -43.35 -28.59
CA GLN VB 100 -69.71 -41.98 -29.10
C GLN VB 100 -69.31 -41.94 -30.57
N LYS VB 101 -68.59 -42.95 -31.05
CA LYS VB 101 -68.28 -43.00 -32.48
C LYS VB 101 -69.57 -42.94 -33.31
N ILE VB 102 -70.55 -43.75 -32.95
CA ILE VB 102 -71.76 -43.80 -33.75
C ILE VB 102 -72.73 -42.68 -33.42
N VAL VB 103 -72.73 -42.16 -32.18
CA VAL VB 103 -73.57 -40.98 -31.98
C VAL VB 103 -72.99 -39.81 -32.78
N LYS VB 104 -71.67 -39.77 -32.95
CA LYS VB 104 -71.06 -38.72 -33.77
C LYS VB 104 -71.37 -38.94 -35.24
N LYS VB 105 -71.39 -40.19 -35.70
CA LYS VB 105 -71.80 -40.40 -37.08
C LYS VB 105 -73.25 -40.00 -37.30
N VAL VB 106 -74.13 -40.29 -36.34
CA VAL VB 106 -75.52 -39.88 -36.47
C VAL VB 106 -75.64 -38.36 -36.42
N LEU VB 107 -74.83 -37.69 -35.60
CA LEU VB 107 -74.76 -36.23 -35.68
C LEU VB 107 -74.32 -35.76 -37.05
N LYS VB 108 -73.53 -36.55 -37.76
CA LYS VB 108 -73.18 -36.22 -39.14
C LYS VB 108 -74.37 -36.49 -40.06
N ILE VB 109 -75.28 -35.52 -40.09
CA ILE VB 109 -76.34 -35.49 -41.10
C ILE VB 109 -76.37 -34.11 -41.71
P 1MG AC 9 11.67 36.16 -7.89
OP1 1MG AC 9 12.04 36.71 -6.53
OP2 1MG AC 9 10.88 34.88 -7.99
O5' 1MG AC 9 10.88 37.30 -8.66
C5' 1MG AC 9 11.47 38.57 -8.89
C4' 1MG AC 9 10.61 39.66 -8.31
O4' 1MG AC 9 9.99 40.40 -9.39
C3' 1MG AC 9 9.48 39.18 -7.42
O3' 1MG AC 9 9.21 40.16 -6.43
C2' 1MG AC 9 8.32 39.12 -8.41
O2' 1MG AC 9 7.04 39.15 -7.80
C1' 1MG AC 9 8.59 40.36 -9.25
N9 1MG AC 9 7.97 40.33 -10.57
C8 1MG AC 9 7.05 39.39 -10.79
N7 1MG AC 9 6.62 39.55 -12.05
C5 1MG AC 9 7.27 40.56 -12.59
C6 1MG AC 9 7.19 41.18 -14.00
O6 1MG AC 9 6.44 40.73 -14.80
N1 1MG AC 9 8.02 42.28 -14.33
CM1 1MG AC 9 7.95 42.86 -15.66
C2 1MG AC 9 8.93 42.81 -13.33
N2 1MG AC 9 9.78 43.94 -13.66
N3 1MG AC 9 9.00 42.22 -12.00
C4 1MG AC 9 8.13 41.06 -11.67
P 2MG AC 10 10.29 40.45 -5.28
OP1 2MG AC 10 11.12 41.63 -5.72
OP2 2MG AC 10 10.98 39.14 -4.94
O5' 2MG AC 10 9.41 40.87 -4.03
C5' 2MG AC 10 9.52 40.19 -2.78
C4' 2MG AC 10 8.16 39.95 -2.17
O4' 2MG AC 10 7.23 40.93 -2.66
C3' 2MG AC 10 7.53 38.61 -2.49
O3' 2MG AC 10 7.96 37.58 -1.62
C2' 2MG AC 10 6.03 38.90 -2.36
O2' 2MG AC 10 5.63 38.86 -1.00
C1' 2MG AC 10 5.96 40.36 -2.83
N9 2MG AC 10 5.58 40.48 -4.25
C8 2MG AC 10 6.20 41.22 -5.18
N7 2MG AC 10 5.52 41.06 -6.34
C5 2MG AC 10 4.49 40.24 -6.11
C6 2MG AC 10 3.39 39.69 -7.04
O6 2MG AC 10 3.35 40.00 -8.19
N1 2MG AC 10 2.40 38.81 -6.52
C2 2MG AC 10 2.43 38.42 -5.13
N2 2MG AC 10 1.43 37.52 -4.59
CM2 2MG AC 10 1.48 37.14 -3.18
N3 2MG AC 10 3.49 38.95 -4.26
C4 2MG AC 10 4.53 39.87 -4.79
P 2MG AC 25 -5.17 40.14 -6.29
OP1 2MG AC 25 -6.32 40.01 -5.30
OP2 2MG AC 25 -5.31 41.02 -7.50
O5' 2MG AC 25 -3.92 40.65 -5.44
C5' 2MG AC 25 -3.43 39.89 -4.35
C4' 2MG AC 25 -2.03 40.33 -3.98
O4' 2MG AC 25 -1.11 39.93 -5.03
C3' 2MG AC 25 -1.82 41.82 -3.86
O3' 2MG AC 25 -2.30 42.35 -2.63
C2' 2MG AC 25 -0.31 41.93 -4.03
O2' 2MG AC 25 0.36 41.51 -2.86
C1' 2MG AC 25 -0.07 40.89 -5.12
N9 2MG AC 25 -0.10 41.48 -6.47
C8 2MG AC 25 -0.95 41.27 -7.48
N7 2MG AC 25 -0.57 42.08 -8.49
C5 2MG AC 25 0.48 42.77 -8.10
C6 2MG AC 25 1.33 43.84 -8.81
O6 2MG AC 25 1.07 44.17 -9.92
N1 2MG AC 25 2.43 44.45 -8.12
C2 2MG AC 25 2.74 44.04 -6.77
N2 2MG AC 25 3.85 44.64 -6.04
CM2 2MG AC 25 4.15 44.23 -4.68
N3 2MG AC 25 1.92 43.03 -6.10
C4 2MG AC 25 0.77 42.41 -6.82
N1 PSU AC 27 -1.99 49.46 -6.37
C2 PSU AC 27 -2.29 49.80 -7.67
N3 PSU AC 27 -1.62 50.81 -8.30
C4 PSU AC 27 -0.62 51.48 -7.62
C5 PSU AC 27 -0.32 51.13 -6.32
C6 PSU AC 27 -1.02 50.11 -5.70
O2 PSU AC 27 -3.18 49.20 -8.26
O4 PSU AC 27 -0.01 52.39 -8.17
C1' PSU AC 27 0.78 51.88 -5.61
C2' PSU AC 27 0.23 53.21 -5.13
O2' PSU AC 27 1.29 54.14 -5.09
C3' PSU AC 27 -0.23 52.85 -3.72
C4' PSU AC 27 0.87 51.90 -3.26
O3' PSU AC 27 -0.40 53.96 -2.86
O4' PSU AC 27 1.19 51.16 -4.47
C5' PSU AC 27 0.47 50.95 -2.17
O5' PSU AC 27 -0.73 50.28 -2.50
P PSU AC 27 -1.38 49.22 -1.52
OP1 PSU AC 27 -1.52 49.86 -0.19
OP2 PSU AC 27 -2.56 48.64 -2.21
P MIA AC 36 -11.49 48.43 -0.67
OP1 MIA AC 36 -10.24 47.58 -0.54
OP2 MIA AC 36 -11.42 49.75 -1.36
O5' MIA AC 36 -12.61 47.56 -1.40
C5' MIA AC 36 -12.25 46.42 -2.17
C4' MIA AC 36 -13.07 45.22 -1.78
O4' MIA AC 36 -14.43 45.60 -1.46
C3' MIA AC 36 -13.26 44.17 -2.87
O3' MIA AC 36 -12.11 43.39 -3.09
C2' MIA AC 36 -14.47 43.40 -2.36
O2' MIA AC 36 -14.09 42.52 -1.31
C1' MIA AC 36 -15.30 44.52 -1.75
N9 MIA AC 36 -16.35 44.99 -2.68
C8 MIA AC 36 -16.19 46.30 -2.63
N7 MIA AC 36 -17.11 46.82 -3.45
C5 MIA AC 36 -17.82 45.82 -3.99
C6 MIA AC 36 -18.89 45.79 -4.91
N6 MIA AC 36 -18.96 47.25 -5.07
N1 MIA AC 36 -19.43 44.66 -5.29
C2 MIA AC 36 -18.94 43.50 -4.79
N3 MIA AC 36 -17.90 43.50 -3.90
C4 MIA AC 36 -17.35 44.68 -3.51
S10 MIA AC 36 -19.78 42.01 -5.41
C11 MIA AC 36 -20.73 42.48 -6.90
C12 MIA AC 36 -20.25 47.92 -5.08
C13 MIA AC 36 -20.92 47.86 -6.48
C14 MIA AC 36 -21.91 47.00 -6.75
C15 MIA AC 36 -22.40 46.05 -5.69
C16 MIA AC 36 -22.55 46.98 -8.12
P G7M AC 45 12.75 46.80 -8.22
OP1 G7M AC 45 12.81 46.19 -6.86
OP2 G7M AC 45 13.02 48.27 -8.39
O5' G7M AC 45 13.77 46.00 -9.15
C5' G7M AC 45 14.75 45.14 -8.59
C4' G7M AC 45 14.22 43.74 -8.38
O4' G7M AC 45 13.21 43.45 -9.38
C3' G7M AC 45 15.26 42.63 -8.47
O3' G7M AC 45 15.11 41.73 -7.38
C2' G7M AC 45 14.95 41.94 -9.80
O2' G7M AC 45 15.25 40.56 -9.81
C1' G7M AC 45 13.46 42.19 -9.96
N9 G7M AC 45 13.05 42.28 -11.36
C8 G7M AC 45 13.30 43.35 -12.14
N7 G7M AC 45 12.78 43.10 -13.36
CN7 G7M AC 45 12.89 44.06 -14.45
C5 G7M AC 45 12.21 41.89 -13.34
C6 G7M AC 45 11.48 41.08 -14.43
O6 G7M AC 45 11.33 41.52 -15.52
N1 G7M AC 45 10.95 39.78 -14.12
C2 G7M AC 45 11.14 39.22 -12.79
N2 G7M AC 45 10.61 37.87 -12.47
N3 G7M AC 45 11.84 40.01 -11.76
C4 G7M AC 45 12.37 41.36 -12.09
P H2U AC 46 16.02 41.90 -6.07
OP1 H2U AC 46 15.15 41.89 -4.85
OP2 H2U AC 46 16.93 43.08 -6.33
O5' H2U AC 46 16.94 40.60 -6.04
C5' H2U AC 46 17.55 40.10 -7.23
C4' H2U AC 46 18.78 40.88 -7.60
O4' H2U AC 46 19.46 41.29 -6.40
C3' H2U AC 46 19.85 40.11 -8.38
O3' H2U AC 46 19.73 40.30 -9.78
C1' H2U AC 46 20.79 41.55 -6.71
C2' H2U AC 46 21.20 40.58 -7.82
O2' H2U AC 46 21.93 41.28 -8.81
N1 H2U AC 46 21.61 41.37 -5.50
C2 H2U AC 46 22.49 42.46 -5.03
O2 H2U AC 46 22.55 43.48 -5.64
N3 H2U AC 46 23.32 42.26 -3.81
C4 H2U AC 46 23.24 41.01 -3.07
O4 H2U AC 46 23.90 40.86 -2.09
C5 H2U AC 46 22.35 39.92 -3.54
C6 H2U AC 46 21.54 40.12 -4.77
P 5MC AC 47 20.31 39.17 -10.77
OP1 5MC AC 47 21.82 39.19 -10.64
OP2 5MC AC 47 19.65 39.35 -12.11
O5' 5MC AC 47 19.79 37.82 -10.11
C5' 5MC AC 47 19.91 36.58 -10.80
C4' 5MC AC 47 18.58 36.08 -11.29
O4' 5MC AC 47 18.07 37.00 -12.28
C3' 5MC AC 47 18.61 34.70 -11.96
O3' 5MC AC 47 17.86 33.78 -11.17
C2' 5MC AC 47 17.92 34.91 -13.33
O2' 5MC AC 47 16.98 33.91 -13.66
C1' 5MC AC 47 17.27 36.29 -13.19
N1 5MC AC 47 17.25 37.05 -14.45
C2 5MC AC 47 16.36 36.65 -15.56
O2 5MC AC 47 15.64 35.71 -15.46
N3 5MC AC 47 16.35 37.45 -16.84
C4 5MC AC 47 17.22 38.62 -16.97
N4 5MC AC 47 17.21 39.38 -18.21
C5 5MC AC 47 18.12 39.01 -15.86
C6 5MC AC 47 18.12 38.21 -14.59
CM5 5MC AC 47 19.05 40.25 -16.00
P 5MC AC 48 18.60 32.52 -10.51
OP1 5MC AC 48 20.04 32.56 -10.96
OP2 5MC AC 48 17.77 31.29 -10.77
O5' 5MC AC 48 18.56 32.83 -8.96
C5' 5MC AC 48 19.50 33.71 -8.36
C4' 5MC AC 48 19.95 33.20 -7.02
O4' 5MC AC 48 19.83 31.77 -6.97
C3' 5MC AC 48 21.40 33.46 -6.67
O3' 5MC AC 48 21.60 34.76 -6.14
C2' 5MC AC 48 21.72 32.36 -5.67
O2' 5MC AC 48 21.29 32.73 -4.37
C1' 5MC AC 48 20.83 31.22 -6.15
N1 5MC AC 48 21.55 30.18 -6.93
C2 5MC AC 48 22.85 29.57 -6.53
O2 5MC AC 48 23.43 29.90 -5.54
N3 5MC AC 48 23.47 28.53 -7.41
C4 5MC AC 48 22.81 28.08 -8.64
N4 5MC AC 48 23.42 27.07 -9.47
C5 5MC AC 48 21.51 28.68 -9.03
C6 5MC AC 48 20.89 29.73 -8.16
CM5 5MC AC 48 20.79 28.23 -10.34
N1 PSU AC 54 32.60 36.08 -23.88
C2 PSU AC 54 31.67 36.15 -22.86
N3 PSU AC 54 30.45 35.51 -23.01
C4 PSU AC 54 30.17 34.82 -24.16
C5 PSU AC 54 31.11 34.76 -25.19
C6 PSU AC 54 32.33 35.41 -25.02
O2 PSU AC 54 31.93 36.76 -21.82
O4 PSU AC 54 29.09 34.25 -24.28
C1' PSU AC 54 30.80 33.98 -26.46
C2' PSU AC 54 30.46 34.88 -27.66
O2' PSU AC 54 29.51 34.20 -28.46
C3' PSU AC 54 31.81 34.97 -28.38
C4' PSU AC 54 32.44 33.61 -28.11
O3' PSU AC 54 31.71 35.27 -29.76
O4' PSU AC 54 31.94 33.23 -26.80
C5' PSU AC 54 33.94 33.61 -28.10
O5' PSU AC 54 34.42 34.73 -27.35
P PSU AC 54 35.91 34.82 -26.84
OP1 PSU AC 54 36.86 34.81 -27.97
OP2 PSU AC 54 35.97 35.94 -25.88
P 1MA AC 57 26.45 38.49 -23.03
OP1 1MA AC 57 26.59 39.18 -21.70
OP2 1MA AC 57 27.54 37.57 -23.52
O5' 1MA AC 57 25.07 37.69 -23.05
C5' 1MA AC 57 23.86 38.30 -22.59
C4' 1MA AC 57 23.26 37.53 -21.43
O4' 1MA AC 57 23.43 36.11 -21.67
C3' 1MA AC 57 23.91 37.81 -20.07
O3' 1MA AC 57 22.96 37.60 -19.03
C2' 1MA AC 57 24.98 36.73 -20.01
O2' 1MA AC 57 25.41 36.40 -18.71
C1' 1MA AC 57 24.28 35.55 -20.70
N9 1MA AC 57 25.22 34.63 -21.36
C8 1MA AC 57 26.52 34.33 -21.48
N7 1MA AC 57 26.63 33.28 -22.32
C5 1MA AC 57 25.41 32.95 -22.72
C6 1MA AC 57 24.92 31.83 -23.66
N6 1MA AC 57 25.75 31.07 -24.21
N1 1MA AC 57 23.53 31.68 -23.93
CM1 1MA AC 57 23.04 30.64 -24.82
C2 1MA AC 57 22.58 32.56 -23.29
N3 1MA AC 57 23.06 33.62 -22.39
C4 1MA AC 57 24.52 33.78 -22.12
MG MG BC . -64.20 59.80 16.50
MG MG CC . -46.21 7.29 70.87
MG MG DC . -38.05 6.39 56.86
MG MG EC . -30.14 3.16 78.52
MG MG FC . -26.37 5.88 68.95
MG MG GC . -35.65 11.08 59.12
MG MG HC . -38.86 -3.29 72.87
MG MG IC . -33.70 -7.04 72.07
MG MG JC . -48.08 35.55 4.00
MG MG KC . -52.72 15.64 0.10
MG MG LC . -67.35 3.46 15.63
MG MG MC . -57.33 14.92 10.32
MG MG NC . -45.92 13.47 12.48
MG MG OC . -51.87 17.72 11.83
MG MG PC . -49.18 24.91 15.82
MG MG QC . -47.63 38.30 12.81
MG MG RC . -37.95 45.07 16.16
MG MG SC . -42.27 39.85 19.93
MG MG TC . -42.37 24.18 27.38
MG MG UC . -53.80 28.49 29.55
MG MG VC . -28.07 44.43 3.06
MG MG WC . -42.04 34.81 0.66
MG MG XC . -26.43 62.09 -22.47
MG MG YC . -26.13 62.61 -12.45
MG MG ZC . -31.55 13.91 -43.30
MG MG AD . -55.17 -28.42 60.37
MG MG BD . -67.82 13.82 -13.11
MG MG CD . -58.66 11.02 -23.00
MG MG DD . -79.14 11.21 11.20
MG MG ED . -67.18 12.77 -1.67
MG MG FD . -81.62 17.06 -9.21
MG MG GD . -79.73 21.12 -0.44
MG MG HD . -32.28 54.38 57.50
MG MG ID . -30.12 52.48 49.94
MG MG JD . -34.71 51.34 43.81
MG MG KD . -30.08 57.90 48.80
MG MG LD . -45.23 56.94 44.57
MG MG MD . -43.17 34.26 41.97
MG MG ND . -58.73 32.33 44.74
MG MG OD . -67.06 -1.84 23.83
MG MG PD . -44.68 2.22 75.94
MG MG QD . -29.50 12.83 76.16
MG MG RD . 0.62 90.21 18.29
MG MG SD . -3.74 89.99 2.22
MG MG TD . -13.56 84.58 -0.64
MG MG UD . -0.57 88.35 12.55
MG MG VD . -5.97 79.30 4.95
MG MG WD . -11.80 75.69 -20.03
MG MG XD . -18.14 76.90 -5.59
MG MG YD . -12.24 94.48 -6.35
MG MG ZD . -8.13 92.46 -33.31
MG MG AE . 1.73 85.68 -27.72
MG MG BE . -44.33 82.68 -10.84
MG MG CE . -66.27 53.46 19.46
MG MG DE . -62.52 61.44 13.43
MG MG EE . -31.21 67.54 -2.14
MG MG FE . -29.80 74.91 16.44
MG MG GE . -27.73 69.68 16.38
MG MG HE . -39.22 49.27 24.13
MG MG IE . -17.75 39.94 6.02
MG MG JE . -26.16 18.59 -11.18
MG MG KE . -25.43 18.92 -6.48
MG MG LE . -34.33 32.42 -2.15
MG MG ME . -30.65 35.40 -0.01
MG MG NE . -31.36 42.00 29.80
MG MG OE . -8.44 77.52 -41.63
MG MG PE . -33.14 43.36 46.51
MG MG QE . -45.34 27.59 37.32
ZN ZN RE . -22.11 92.03 14.36
ZN ZN SE . -43.87 28.85 -14.70
MG MG TE . -12.79 -31.65 -10.49
MG MG UE . 0.16 -14.01 -12.44
MG MG VE . 18.96 -17.42 35.11
ZN ZN WE . 38.34 15.89 -68.60
MG MG XE . 32.39 -10.83 34.80
MG MG YE . 15.30 -43.87 61.97
ZN ZN ZE . -55.33 -35.48 -7.26
MG MG AF . 31.40 -36.59 -34.56
MG MG BF . -54.04 -67.86 -9.74
MG MG CF . 17.10 -11.52 0.33
MG MG DF . -4.29 -50.66 -14.65
MG MG EF . -5.93 -47.28 -11.13
MG MG FF . 2.08 -41.50 14.50
MG MG GF . 21.40 -43.31 19.15
MG MG HF . 29.35 -39.95 23.86
MG MG IF . 30.06 -50.51 26.05
MG MG JF . 28.79 -55.58 24.45
MG MG KF . 21.56 -69.36 14.21
MG MG LF . 4.17 -78.91 8.03
MG MG MF . -9.75 -75.58 0.44
MG MG NF . -11.75 -78.64 -2.88
MG MG OF . -13.43 -80.66 -12.39
MG MG PF . -24.46 -88.88 -4.18
MG MG QF . -41.13 -71.62 4.51
MG MG RF . 17.45 -51.60 20.60
MG MG SF . 11.88 -35.20 16.33
MG MG TF . 15.03 -32.28 20.58
MG MG UF . 14.93 -15.31 32.59
MG MG VF . 46.52 -2.73 37.89
MG MG WF . 43.17 2.65 17.36
MG MG XF . 41.56 7.06 17.86
MG MG YF . 33.60 -3.54 -6.79
MG MG ZF . 47.60 -24.00 8.80
MG MG AG . 47.06 -32.50 12.33
MG MG BG . 32.72 -31.42 8.74
MG MG CG . 34.62 -29.02 14.17
MG MG DG . 31.51 -28.66 19.59
MG MG EG . 35.34 -33.82 20.26
MG MG FG . 50.88 -26.75 20.45
MG MG GG . 61.12 -31.68 20.53
MG MG HG . 77.90 -53.37 11.54
MG MG IG . 86.32 -31.18 3.43
MG MG JG . 82.35 -27.42 23.24
MG MG KG . 94.79 -23.38 11.71
MG MG LG . 107.88 -35.51 3.41
MG MG MG . 83.04 -26.52 -9.19
MG MG NG . 55.97 -37.84 -66.38
MG MG OG . 46.82 -31.94 -58.28
MG MG PG . 14.99 -51.96 -65.27
MG MG QG . 17.50 -55.97 -62.10
MG MG RG . 17.96 -46.32 -40.44
MG MG SG . 13.40 -51.82 2.71
MG MG TG . 11.33 -56.69 -5.49
MG MG UG . 8.26 -61.15 0.12
MG MG VG . -19.10 -62.14 -22.42
MG MG WG . -22.45 -62.08 -9.09
MG MG XG . -20.23 -62.28 -12.76
MG MG YG . -6.94 -65.45 11.07
MG MG ZG . -5.92 -48.83 -5.00
MG MG AH . -40.43 -44.18 -0.15
MG MG BH . -28.71 -53.95 -9.68
MG MG CH . -22.87 -55.25 8.43
MG MG DH . -18.58 -56.35 13.33
MG MG EH . -16.31 -53.77 24.78
MG MG FH . -26.56 -51.62 32.76
MG MG GH . -37.81 -35.87 22.05
MG MG HH . -62.62 -53.18 6.28
MG MG IH . -39.60 -53.12 -15.40
MG MG JH . -18.68 -27.34 -32.89
MG MG KH . 8.51 -18.13 -47.48
MG MG LH . 13.37 -21.90 -54.49
MG MG MH . 14.88 -25.30 -56.63
MG MG NH . 13.35 -34.53 -46.55
MG MG OH . 26.73 -31.54 -47.48
MG MG PH . 45.92 -35.42 -32.14
MG MG QH . 37.33 -40.13 -24.48
MG MG RH . 30.45 -38.95 -21.51
MG MG SH . 43.48 -23.63 -12.21
MG MG TH . 48.50 -32.43 -15.10
MG MG UH . 61.77 -32.98 -16.18
MG MG VH . 50.79 -53.22 -13.20
MG MG WH . 48.51 -50.71 -8.27
MG MG XH . 48.59 -49.25 -22.52
MG MG YH . 46.48 -19.06 -3.18
MG MG ZH . 42.46 -15.67 -1.19
MG MG AI . 47.38 -20.32 -16.77
MG MG BI . 55.10 -22.75 -10.98
MG MG CI . 57.83 -26.07 -5.57
MG MG DI . 52.73 -40.83 -10.43
MG MG EI . 41.08 -39.49 2.31
MG MG FI . 37.77 -29.57 3.42
MG MG GI . 33.03 -27.50 -6.49
MG MG HI . 40.31 -29.72 -5.40
MG MG II . 34.25 -22.79 2.42
MG MG JI . 71.42 11.86 32.73
MG MG KI . 51.70 -26.16 46.70
MG MG LI . 25.45 -32.30 49.33
MG MG MI . 12.29 -41.75 55.94
MG MG NI . 8.73 -39.45 57.24
MG MG OI . -14.33 -60.64 61.65
MG MG PI . -32.55 -44.66 44.50
MG MG QI . 56.66 20.32 -55.36
MG MG RI . 59.02 39.77 -49.26
MG MG SI . 54.22 38.16 -44.62
MG MG TI . 46.18 29.12 -41.01
MG MG UI . 50.39 21.17 -41.74
MG MG VI . 58.87 16.14 -17.61
MG MG WI . 61.38 10.08 -20.49
MG MG XI . 64.89 21.60 -22.41
MG MG YI . 78.80 9.81 -22.43
MG MG ZI . 62.98 20.32 -6.00
MG MG AJ . 68.61 28.31 -9.45
MG MG BJ . 58.48 34.00 -8.40
MG MG CJ . 50.56 -20.07 -26.66
MG MG DJ . 48.09 -11.23 -16.11
MG MG EJ . 19.42 -22.13 -23.55
MG MG FJ . 17.00 -17.76 -20.10
MG MG GJ . 10.46 -19.00 -25.08
MG MG HJ . 25.93 -22.97 -26.54
MG MG IJ . 28.93 -24.21 -30.97
MG MG JJ . 33.69 -24.73 -27.37
MG MG KJ . 32.37 -9.39 -15.34
MG MG LJ . 35.68 -15.35 -21.66
MG MG MJ . 39.21 -4.48 -30.05
MG MG NJ . 35.93 -9.41 -31.85
MG MG OJ . 52.62 1.86 -42.00
MG MG PJ . 56.04 -19.07 -29.70
MG MG QJ . 55.54 -31.55 -26.31
MG MG RJ . 9.53 -9.00 -30.74
MG MG SJ . 2.54 -18.52 -19.89
MG MG TJ . -3.38 -3.21 -2.97
MG MG UJ . 1.68 -2.78 -9.00
MG MG VJ . 6.72 -21.47 -5.97
MG MG WJ . 1.04 -19.78 -5.67
MG MG XJ . 9.95 -18.91 1.70
MG MG YJ . -10.24 -17.65 -0.41
MG MG ZJ . 5.24 -32.38 3.55
MG MG AK . 6.99 -39.84 -6.95
MG MG BK . 38.72 -46.62 26.73
MG MG CK . 51.36 -45.02 28.50
MG MG DK . 57.75 -63.43 20.70
MG MG EK . 68.69 -45.57 10.80
MG MG FK . 50.70 -82.70 -11.19
MG MG GK . 47.67 -75.81 -5.60
MG MG HK . 53.09 -63.10 3.53
MG MG IK . 51.00 -81.78 -15.98
MG MG JK . 35.34 1.81 -45.98
MG MG KK . 30.78 -6.43 -56.81
MG MG LK . -7.91 -1.35 -45.94
MG MG MK . 0.33 -6.24 -56.49
MG MG NK . 38.82 -35.07 4.94
MG MG OK . 33.92 -41.12 2.93
MG MG PK . 3.11 -31.87 8.93
MG MG QK . -8.32 3.05 -24.10
MG MG RK . -6.71 5.76 -19.06
MG MG SK . -13.22 1.06 -8.18
MG MG TK . 12.03 -20.59 12.68
MG MG UK . 9.39 -12.80 26.28
MG MG VK . 9.27 -14.57 32.16
MG MG WK . 4.06 -10.31 28.89
MG MG XK . -17.87 -17.88 25.14
MG MG YK . 5.70 -17.94 31.05
MG MG ZK . 5.62 -29.96 44.11
MG MG AL . 0.65 -28.75 26.17
MG MG BL . -3.28 -0.44 18.11
MG MG CL . -0.65 4.42 9.70
MG MG DL . -8.99 10.43 3.39
MG MG EL . -20.15 -32.22 10.70
MG MG FL . -16.98 -33.49 15.08
MG MG GL . -10.99 -22.01 7.00
MG MG HL . -12.91 -19.96 -7.37
MG MG IL . 53.14 -84.43 -32.34
MG MG JL . 50.89 -94.09 -42.40
MG MG KL . 63.57 -93.75 -29.02
MG MG LL . 20.55 -26.49 -27.28
MG MG ML . 48.98 -58.19 -29.33
MG MG NL . 36.61 -56.84 -23.40
MG MG OL . 35.76 -62.49 -19.96
MG MG PL . 28.84 -16.31 25.86
MG MG QL . 84.58 -12.99 9.90
MG MG RL . 11.94 -10.10 2.83
MG MG SL . -12.36 -46.25 -6.06
MG MG TL . -10.25 -46.61 -8.14
MG MG UL . 30.17 -62.43 25.00
MG MG VL . -26.03 -56.35 3.87
MG MG WL . 81.74 -13.24 -56.27
MG MG XL . 49.67 -23.50 -23.96
MG MG YL . 44.91 0.67 -31.92
MG MG ZL . 44.76 -1.61 -28.72
MG MG AM . 52.24 1.67 -25.02
MG MG BM . 52.06 -1.32 -46.56
MG MG CM . -2.37 2.58 -3.78
MG MG DM . -0.87 4.67 -1.36
MG MG EM . -18.08 -20.51 -9.39
MG MG FM . 66.08 8.43 -16.81
MG MG GM . 27.65 -21.41 -72.69
C1 3HE HM . 25.84 -2.26 -44.55
C2 3HE HM . 26.86 -1.15 -44.50
C3 3HE HM . 28.21 -1.63 -44.01
C4 3HE HM . 28.41 -3.12 -44.30
C5 3HE HM . 27.40 -3.97 -43.51
C6 3HE HM . 26.02 -3.30 -43.47
O2 3HE HM . 27.75 -11.13 -43.82
C12 3HE HM . 28.20 -10.14 -43.38
N 3HE HM . 29.56 -9.95 -43.09
C11 3HE HM . 29.96 -8.71 -42.56
O1 3HE HM . 30.61 -8.58 -41.58
C10 3HE HM . 29.45 -7.56 -43.41
C13 3HE HM . 27.39 -8.89 -43.07
C9 3HE HM . 27.95 -7.63 -43.73
C8 3HE HM . 27.29 -6.42 -43.17
C7 3HE HM . 27.34 -5.31 -44.21
O3 3HE HM . 26.21 -5.38 -45.01
O 3HE HM . 29.22 -3.57 -45.02
C14 3HE HM . 29.29 -0.87 -44.78
C 3HE HM . 24.44 -1.60 -44.37
MG MG IM . 75.39 -7.17 0.97
MG MG JM . -5.96 51.06 -4.89
MG MG KM . -14.06 50.76 -3.43
#